data_9PWO
#
_entry.id   9PWO
#
_cell.length_a   1.00
_cell.length_b   1.00
_cell.length_c   1.00
_cell.angle_alpha   90.00
_cell.angle_beta   90.00
_cell.angle_gamma   90.00
#
_symmetry.space_group_name_H-M   'P 1'
#
loop_
_entity.id
_entity.type
_entity.pdbx_description
1 polymer 'Ryanodine receptor 1'
2 polymer 'Peptidyl-prolyl cis-trans isomerase FKBP1B'
3 non-polymer CAFFEINE
4 non-polymer 'CALCIUM ION'
5 non-polymer '7-[2-(4-FLUORO-PHENYL)-5-ISOPROPYL-3-PHENYL-4-PHENYLCARBAMOYL-PYRROL-1-YL]- 3,5-DIHYDROXY-HEPTANOIC ACID'
6 non-polymer 'ZINC ION'
#
loop_
_entity_poly.entity_id
_entity_poly.type
_entity_poly.pdbx_seq_one_letter_code
_entity_poly.pdbx_strand_id
1 'polypeptide(L)'
;MGDGGEGEDEVQFLRTDDEVVLQCNATVLKEQLKLCLAAEGFGNRLCFLEPTSNAQNVPPDLAICCFVLEQSLSVRALQE
MLANTVEAGVESSQGGGHRTLLYGHAILLRHAHSGMYLSCLTTSRSMTDKLAFDVGLQEDATGEACWWTTHPASKQRSEG
EKVRVGDDLILVSVSSERYLHLSTASGELQVDASFMQTLWNMNPICSGCEEGYVTGGHVLRLFHGHMDECLTISPADSDD
QRRLVYYEGGSVCTHARSLWRLEPLRISWSGSHLRWGQPLRIRHVTTGRYLALIEDQGLVVVDASKAHTKATSFCFRISK
EKLDTAPKRDVEGMGPPEIKYGESLCFVQHVASGLWLTYAAPDPKALRLGVLKKKAILHQEGHMDDALSLTRCQQEESQA
ARMIYSTAGLYNHFIKGLDSFSGKPRGSGAPAGTALPLEGVILSLQDLIGYFEPPSEELQHEEKQSKLRSLRNRQSLFQE
EGMLSLVLNCIDRLNVYTTAAHFAEFAGEEAAESWKEIVNLLYEILASLIRGNRANCALFSNNLDWLVSKLDRLEASSGI
LEVLYCVLIESPEVLNIIQENHIKSIISLLDKHGRNHKVLDVLCSLCVCNGVAVCSNQDLITENLLPGRELLLQTNLINY
VTSIRPNIFVGRAEGTTQYSKWYFEVMVDEVVPFLTAQATHLRVGWALTEGYSPYPGGGEGWGGNGVGDDLYSYGFDGLH
LWTGHVPRLVTSPGQHLLAPEDVVSCCLDLSVPSISFRINGCPVQGVFEAFNLNGLFFPVVSFSAGVKVRFLLGGRHGEF
KFLPPPGYAPCHEAVLPRERLRLEPIKEYRREGPRGPHLVGPSRCLSHTDFVPCPVDTVQIVLPPHLERIREKLAENIHE
LWALTRIEQGWTYGPVRDDNKRLHPCLVDFHSLPEPERNYNLQMSGETLKTLLALGCHVGMADEKAEDNLRKTKLPKTYM
MSNGYKPAPLDLSHVRLTPAQTTLVDRLAENGHNVWARDRVAQGWSYSAVQDIPARRNPRLVPYRLLDEATKRSNRDSLC
QAVRTLLGYGYNIEPPDQEPSQVESQSRWDRVRIFRAEKSYAVQSGRWYFEFEAVTTGEMRVGWARPELRPDVELGADEL
AYVFNGHRGQRWHLGSELFGRPWQSGDVVGCMIDLTENTIIFTLNGEVLMSDSGSETAFRDIEVGDGFLPVCSLGPGQVG
HLNLGQDVSSLRFFAICGLQEGFEPFAINMQRPVTTWFSKSLPQFEAVPLEHPHYEVSRVDGTVDTPPCLRLTHRTWGSQ
NSLVEMLFLRLSLPVQFHQHFRCTAGATPLAPPGLQPPAEDEARAAEPDPDYENLRRSAGRWGEAEGGKEGTAKEGAPGG
TAQAGVEAQPPRAENEKDATTEKNKKRGFLFKAKKAAMMTQPPATPTLPRLPHEVVPADDRDDPDIILNTTTYYYSVRVF
AGQEPSCVWVGWVTPDYHQHDMNFDLTKVRAVTVTMGDEQGNIHSSLKCSNCYMVWGGDFVSPGQQGRISHTDLVIGCLV
DLATGLMTFTANGKESNTFFQVEPNTKLFPAVFVLPTHQNVIQFELGKQKNIMPLSAAMFLSERKNPAPQCPPRLEMQML
MPVSWSRMPNHFLRVETRRAGERLGWAVQCQEPLTMMALHIPEENRCMDILELSERLDLQQFHSHTLRLYRAVCALGNNR
VAHALCSHVDQAQLLHALEDAHLPGPLRAGYYDLLISIHLESACRSRRSMLSEYIVPLTPETRAITLFPPGKRTENGPRR
HGLPGVGVTTSLRPPHHFSAPCFVAALPAVGAAEAPARLSPSIPLEALRDKALRMLGEAVRDGGQHARDPVGGSVEFQFV
PVLKLVSTLLVMGIFGDEDVKQILKMIEPEVFTEEEEEEEEEEEEEEEDEEEKEEDEEEEAREKEDEEKEEEETAEGEKE
EYLEEGLLQMKLPESVKLQMCNLLEYFCDQELQHRVESLAAFAERYVDKLQANQRDRYGILMKAFTMTAAETARRTREFR
SPPQEQINMLLHFKDGEDEEDCPLPDEIRQDLLEFHQDLLTHCGIQLEGEEEEPEEEATLGSRLMSLLEKVRLVKKKEEK
SEEEPPAEESKAQSLQELVSHTVVRWAQEDFVQSPELVRAMFSLLHRQYDGLGELLRALPRAYTISPSSVEDTMSLLECL
GQIRSLLIVQMGPQEENLMIQSIGNIMNNKVFYQHPNLMRALGMHETVMEVMVNVLGGGESKEIRFPKMVTSCCRFLCYF
CRISRQNQRSMFDHLSYLLENSGIGLGMQGSTPLDVAAASVIDNNELALALQEQDLEKVVSYLAGCGLQSCPMLLAKGYP
DIGWNPCGGERYLDFLRFAVFVNGESVEENANVVVRLLIRKPECFGPALRGEGGSGLLATIEEAIRISEDPARDGPGVRR
DRRREHFGEEPPEENRVHLGHAIMSFYAALIDLLGRCAPEMHLIQAGKGEALRIRAILRSLVPLDDLVGIISLPLQIPTL
GKDGALVQPKMSASFVPDHKASMVLFLDRVYGIENQDFLLHVLDVGFLPDMRAAASLDTATFSTTEMALALNRYLCLAVL
PLITKCAPLFAGTEHRAIMVDSMLHTVYRLSRGRSLTKAQRDVIEECLMALCRYIRPSMLQHLLRRLVFDVPILNEFAKM
PLKLLTNHYERCWKYYCLPTGWANFGVTSEEELHLTRKLFWGIFDSLAHKKYDPELYRMAMPCLCAIAGALPPDYVDASY
SSKAEKKATVDAEGNFDPRPVETLNVIIPEKLDSFINKFAEYTHEKWAFDKIQNNWSYGENIDEELKTHPMLRPYKTFSE
KDKEIYRWPIKESLKAMIAWEWTIEKAREGEEEKTEKKKTRKISQSAQTYDAREGYNPQPPDLSGVTLSRELQAMAEQLA
ENYHNTWGRKKKQELEAKGGGTHPLLVPYDTLTAKEKARDREKAQELLKFLQMNGYAVTRGLKDMELDTSSIEKRFAFGF
LQQLLRWMDISQEFIAHLEAVVSSGRVEKSPHEQEIKFFAKILLPLINQYFTNHCLYFLSTPAKVLGSGGHASNKEKEMI
TSLFCKLAALVRHRVSLFGTDAPAVVNCLHILARSLDARTVMKSGPEIVKAGLRSFFESASEDIEKMVENLRLGKVSQAR
TQVKGVGQNLTYTTVALLPVLTTLFQHIAQHQFGDDVILDDVQVSCYRTLCSIYSLGTTRNPYVEKLRPALGECLARLAA
AMPVAFLEPQLNEYNACSVYTTKSPRERAILGLPNSVEEMCPDIPVLERLMADIGGLAESGARYTEMPHVIEITLPMLCS
YLPRWWERGPEAPPPALPAGAPPPCTAVTSDHLNSLLGNILRIIVNNLGIDEASWMKRLAVFAQPIVSRARPELLHSHFI
PTIGRLRKRAGKVVAEEEQLRLEAKAEAEEGELLVRDEFSVLCRDLYALYPLLIRYVDNNRAHWLTEPNPSAEELFRMVG
EIFIYWSKSHNFKREEQNFVVQNEINNMSFLTADNKSKMAKSGGSDQERTKKKRLGDRYSVQTSLIVATLKKMLPIGLNM
CAPTDQELITLAKTRYALKDTDEEVREFLQNNLHLQGKVEGSPSLRWQMALYRGLPGREEDADDPEKIVRRVQEVSAVLY
HLEQMEHPYKSKKAVWHKLLSKQRRRAVVACFRMTPLYNLPTHRACNMFLESYKAAWILTEDHSFEDRMIDDLSKAGEQE
EEEEEVEEKKPDPLHQLVLHFSRTALTEKSKLDEDYLYMAYADIMAKSCHLEEGGENGEAQEEVEVSFEEKEMEKQRLLY
QQARLHNRGAAEMVLQMISACKGETGAMVSSTLKLGISILNGGNADVQQKMLDYLKDKKEVGFFQSIQALMQTCSVLDLN
AFERQNKAEGLGMVNEDGTVINRQNGEKVMADDEFTQDLFRFLQLLCEGHNNDFQNYLRTQTGNTTTINIIICTVDYLLR
LQESISDFYWYYSGKDVIEEQGKRNFSKAMSVAKQVFNSLTEYIQGPCTGNQQSLAHSRLWDAVVGFLHVFAHMMMKLAQ
DSSQIELLKELLDLQKDMVVMLLSLLEGNVVNGMIARQMVDMLVESSSNVEMILKFFDMFLKLKDIVGSEAFQDYVTDPR
GLISKKDFQKAMDSQKQFTGPEIQFLLSCSEADENEMIDCEEFANRFQEPARDIGFNVAVLLTNLSEHVPHDPRLRNFLE
LAESILEYFRPYLGRIEIMGASRRIERIYFEISETNRAQWEMPQVKESKRQFIFDVVNEGGESEKMELFVSFCEDTIFEM
QIAAQISEPEGEPEEDEDEGAGLAEAGAEGAEEGAVGPEGAAGTAAAGLTARLAAATSRALRGLSYRSLRRRVRRLRRLT
AREAATALAALLWAALAHAGAAGAGAAAGALRLLWGSLFGGGLVEGAKKVTVTELLAGMPDPTGDEVHGEQPAGPGGEAD
GEGAGEGAGEAWEGAGDEEVAVQEAGPGGADGAVAVAEGGPFRPEGAGGLGDMGDTTPAEPPTPEGSPIIKRKLGVDGEE
EELPPEPEPEPEPEPEKADAENGEKEEVPKPPPEPPKKTAPPPPPPKKEEGGSGGLEFWGELEVQRVKFLNYLSRNFYTL
RFLALFLAFAINFILLFYKVSDSPPGEDDMEGSAAGDLSGAGSGGGSGWGSGAGEEVEGDEDENMVYYFLEESTGYMEPA
LRCLSLLHTLVAFLCIIGYNCLKVPLVIFKREKELARKLEFDGLYITEQPEDDDVKGQWDRLVLNTPSFPSNYWDKFVKR
KVLDKHGDIYGRERIAELLGMDLATLEITAHNERKPEPPPGLLTWLMSIDVKYQIWKFGVIFTDNSFLYLGWYMVMSLLG
HYNNFFFAAHLLDIAMGVKTLRTILSSVTHNGKQLVMTVGLLAVVVYLYTVVAFNFFRKFYNKSEDEDEPDMKCDDMMTC
YLFHMYVGVRAGGGIGDEIEDPAGDEYELYRVVFDITFFFFVIVILLAIIQGLIIDAFGELRDQQEQVREDMETKCFICG
IGSDYFDTTPHRFETHTLEEHNLANYMFFLMYLINKDETEHTGQESYVWKMYQERCWDFFPAGDCFRKQYEDQLS
;
A,G,M,S
2 'polypeptide(L)'
;SNAMGVEIETISPGDGRTFPKKGQTCVVHYTGMLQNGKKFDSSRDRNKPFKFRIGKQEVIKGFEEGAAQMSLGQRAKLTC
TPDVAYGATGHPGVIPPNATLIFDVELLNLE
;
B,H,N,T
#
loop_
_chem_comp.id
_chem_comp.type
_chem_comp.name
_chem_comp.formula
117 non-polymer '7-[2-(4-FLUORO-PHENYL)-5-ISOPROPYL-3-PHENYL-4-PHENYLCARBAMOYL-PYRROL-1-YL]- 3,5-DIHYDROXY-HEPTANOIC ACID' 'C33 H35 F N2 O5'
CA non-polymer 'CALCIUM ION' 'Ca 2'
CFF non-polymer CAFFEINE 'C8 H10 N4 O2'
ZN non-polymer 'ZINC ION' 'Zn 2'
#
# COMPACT_ATOMS: atom_id res chain seq x y z
N VAL A 11 -8.25 -30.37 16.73
CA VAL A 11 -8.42 -31.36 17.79
C VAL A 11 -8.00 -32.74 17.29
N GLN A 12 -7.08 -33.38 18.01
CA GLN A 12 -6.58 -34.69 17.63
C GLN A 12 -6.64 -35.73 18.74
N PHE A 13 -6.57 -35.35 20.01
CA PHE A 13 -6.51 -36.29 21.12
C PHE A 13 -7.77 -36.18 21.96
N LEU A 14 -8.30 -37.33 22.37
CA LEU A 14 -9.52 -37.36 23.16
C LEU A 14 -9.26 -36.87 24.58
N ARG A 15 -10.35 -36.41 25.22
CA ARG A 15 -10.27 -35.85 26.55
C ARG A 15 -11.57 -36.16 27.29
N THR A 16 -11.51 -36.04 28.61
CA THR A 16 -12.70 -36.29 29.42
C THR A 16 -13.75 -35.22 29.19
N ASP A 17 -14.97 -35.50 29.66
CA ASP A 17 -16.13 -34.62 29.52
C ASP A 17 -16.44 -34.28 28.06
N ASP A 18 -16.27 -35.25 27.15
CA ASP A 18 -16.58 -35.06 25.75
C ASP A 18 -17.63 -36.08 25.30
N GLU A 19 -18.55 -35.62 24.46
CA GLU A 19 -19.61 -36.47 23.95
C GLU A 19 -19.10 -37.30 22.79
N VAL A 20 -19.20 -38.64 22.92
CA VAL A 20 -18.58 -39.59 22.01
C VAL A 20 -19.60 -40.66 21.66
N VAL A 21 -19.39 -41.31 20.52
CA VAL A 21 -20.27 -42.35 20.01
C VAL A 21 -19.46 -43.63 19.80
N LEU A 22 -20.00 -44.75 20.25
CA LEU A 22 -19.36 -46.05 20.10
C LEU A 22 -19.90 -46.76 18.87
N GLN A 23 -18.98 -47.16 17.98
CA GLN A 23 -19.33 -47.64 16.64
C GLN A 23 -18.59 -48.94 16.35
N CYS A 24 -19.14 -49.70 15.41
CA CYS A 24 -18.56 -50.96 14.98
C CYS A 24 -18.94 -51.20 13.52
N ASN A 25 -18.26 -52.16 12.90
CA ASN A 25 -18.46 -52.48 11.50
C ASN A 25 -18.72 -53.97 11.35
N ALA A 26 -19.58 -54.33 10.39
CA ALA A 26 -19.93 -55.72 10.14
C ALA A 26 -20.23 -55.89 8.65
N THR A 27 -20.33 -57.15 8.23
CA THR A 27 -20.62 -57.48 6.84
C THR A 27 -21.80 -58.45 6.78
N VAL A 28 -22.78 -58.12 5.92
CA VAL A 28 -23.92 -58.98 5.64
C VAL A 28 -24.20 -58.93 4.15
N LEU A 29 -24.26 -60.11 3.51
CA LEU A 29 -24.52 -60.22 2.08
C LEU A 29 -23.53 -59.39 1.27
N LYS A 30 -22.25 -59.48 1.64
CA LYS A 30 -21.16 -58.76 0.97
C LYS A 30 -21.33 -57.25 1.07
N GLU A 31 -22.22 -56.80 1.95
CA GLU A 31 -22.42 -55.37 2.16
C GLU A 31 -21.94 -54.97 3.55
N GLN A 32 -21.21 -53.86 3.61
CA GLN A 32 -20.59 -53.40 4.85
C GLN A 32 -21.53 -52.42 5.55
N LEU A 33 -21.82 -52.71 6.82
CA LEU A 33 -22.71 -51.90 7.63
C LEU A 33 -21.97 -51.35 8.85
N LYS A 34 -22.29 -50.12 9.22
CA LYS A 34 -21.74 -49.46 10.39
C LYS A 34 -22.84 -49.31 11.43
N LEU A 35 -22.61 -49.83 12.63
CA LEU A 35 -23.61 -49.87 13.68
C LEU A 35 -23.14 -49.05 14.87
N CYS A 36 -24.08 -48.42 15.57
CA CYS A 36 -23.79 -47.62 16.75
C CYS A 36 -24.44 -48.25 17.97
N LEU A 37 -23.72 -48.27 19.08
CA LEU A 37 -24.29 -48.79 20.32
C LEU A 37 -25.33 -47.81 20.87
N ALA A 38 -26.44 -48.33 21.40
CA ALA A 38 -27.50 -47.47 21.88
C ALA A 38 -28.25 -48.16 23.01
N ALA A 39 -28.97 -47.36 23.80
CA ALA A 39 -29.79 -47.85 24.90
C ALA A 39 -30.86 -46.82 25.21
N GLU A 40 -31.91 -47.27 25.91
CA GLU A 40 -33.03 -46.40 26.22
C GLU A 40 -33.00 -45.93 27.68
N GLY A 41 -32.74 -46.83 28.61
CA GLY A 41 -32.67 -46.47 30.02
C GLY A 41 -34.00 -46.55 30.74
N PHE A 42 -34.91 -45.62 30.44
CA PHE A 42 -36.21 -45.60 31.10
C PHE A 42 -37.13 -46.64 30.48
N GLY A 43 -37.49 -47.66 31.27
CA GLY A 43 -38.35 -48.73 30.80
C GLY A 43 -37.63 -49.87 30.12
N ASN A 44 -36.34 -49.76 29.88
CA ASN A 44 -35.57 -50.83 29.24
C ASN A 44 -34.09 -50.56 29.50
N ARG A 45 -33.40 -51.55 30.04
CA ARG A 45 -31.99 -51.40 30.39
C ARG A 45 -31.04 -52.01 29.37
N LEU A 46 -31.50 -52.98 28.58
CA LEU A 46 -30.63 -53.68 27.65
C LEU A 46 -30.23 -52.79 26.49
N CYS A 47 -28.98 -52.93 26.06
CA CYS A 47 -28.46 -52.15 24.95
C CYS A 47 -28.65 -52.91 23.64
N PHE A 48 -28.62 -52.17 22.54
CA PHE A 48 -28.79 -52.75 21.21
C PHE A 48 -28.00 -51.93 20.20
N LEU A 49 -28.19 -52.27 18.93
CA LEU A 49 -27.42 -51.70 17.83
C LEU A 49 -28.33 -50.93 16.88
N GLU A 50 -27.92 -49.72 16.51
CA GLU A 50 -28.65 -48.89 15.58
C GLU A 50 -27.88 -48.77 14.28
N PRO A 51 -28.45 -49.16 13.14
CA PRO A 51 -27.75 -48.97 11.86
C PRO A 51 -27.61 -47.50 11.51
N THR A 52 -26.52 -47.18 10.81
CA THR A 52 -26.23 -45.81 10.41
C THR A 52 -25.74 -45.70 8.96
N SER A 53 -25.67 -46.82 8.23
CA SER A 53 -25.13 -46.76 6.87
C SER A 53 -26.07 -46.04 5.91
N ASN A 54 -27.38 -46.13 6.14
CA ASN A 54 -28.38 -45.60 5.23
C ASN A 54 -28.88 -44.22 5.66
N ALA A 55 -28.00 -43.39 6.22
CA ALA A 55 -28.39 -42.07 6.70
C ALA A 55 -28.92 -41.17 5.60
N GLN A 56 -28.55 -41.43 4.34
CA GLN A 56 -29.00 -40.59 3.24
C GLN A 56 -30.49 -40.75 2.95
N ASN A 57 -31.10 -41.84 3.41
CA ASN A 57 -32.51 -42.09 3.17
C ASN A 57 -33.33 -42.17 4.45
N VAL A 58 -32.86 -42.92 5.45
CA VAL A 58 -33.56 -43.03 6.73
C VAL A 58 -32.63 -42.53 7.84
N PRO A 59 -32.85 -41.34 8.37
CA PRO A 59 -31.97 -40.82 9.43
C PRO A 59 -32.04 -41.70 10.67
N PRO A 60 -30.92 -41.90 11.35
CA PRO A 60 -30.93 -42.68 12.59
C PRO A 60 -31.28 -41.82 13.79
N ASP A 61 -31.31 -42.47 14.96
CA ASP A 61 -31.69 -41.81 16.21
C ASP A 61 -30.43 -41.62 17.05
N LEU A 62 -29.83 -40.43 16.92
CA LEU A 62 -28.58 -40.14 17.60
C LEU A 62 -28.80 -39.68 19.05
N ALA A 63 -30.04 -39.41 19.45
CA ALA A 63 -30.29 -38.87 20.78
C ALA A 63 -29.91 -39.86 21.87
N ILE A 64 -30.19 -41.15 21.63
CA ILE A 64 -29.96 -42.18 22.65
C ILE A 64 -28.63 -42.90 22.46
N CYS A 65 -27.72 -42.35 21.66
CA CYS A 65 -26.43 -42.99 21.42
C CYS A 65 -25.26 -42.25 22.05
N CYS A 66 -25.47 -41.01 22.49
CA CYS A 66 -24.37 -40.20 23.01
C CYS A 66 -23.99 -40.66 24.42
N PHE A 67 -22.69 -40.76 24.67
CA PHE A 67 -22.15 -41.08 25.98
C PHE A 67 -21.14 -40.01 26.39
N VAL A 68 -20.98 -39.84 27.70
CA VAL A 68 -20.09 -38.83 28.26
C VAL A 68 -19.00 -39.54 29.07
N LEU A 69 -17.75 -39.19 28.80
CA LEU A 69 -16.62 -39.75 29.52
C LEU A 69 -16.53 -39.06 30.88
N GLU A 70 -16.94 -39.77 31.93
CA GLU A 70 -16.99 -39.18 33.27
C GLU A 70 -15.61 -39.11 33.90
N GLN A 71 -14.95 -40.26 34.05
CA GLN A 71 -13.67 -40.30 34.75
C GLN A 71 -12.75 -41.32 34.10
N SER A 72 -11.45 -41.06 34.21
CA SER A 72 -10.41 -41.97 33.76
C SER A 72 -9.32 -42.03 34.83
N LEU A 73 -8.94 -43.24 35.22
CA LEU A 73 -8.00 -43.43 36.32
C LEU A 73 -7.11 -44.64 36.03
N SER A 74 -6.03 -44.73 36.78
CA SER A 74 -5.14 -45.89 36.69
C SER A 74 -5.75 -47.07 37.48
N VAL A 75 -5.24 -48.26 37.17
CA VAL A 75 -5.76 -49.47 37.80
C VAL A 75 -5.50 -49.45 39.30
N ARG A 76 -4.28 -49.07 39.70
CA ARG A 76 -3.96 -49.02 41.12
C ARG A 76 -4.81 -48.00 41.87
N ALA A 77 -5.00 -46.82 41.27
CA ALA A 77 -5.82 -45.80 41.91
C ALA A 77 -7.26 -46.26 42.05
N LEU A 78 -7.80 -46.91 41.01
CA LEU A 78 -9.16 -47.43 41.08
C LEU A 78 -9.29 -48.48 42.17
N GLN A 79 -8.31 -49.38 42.25
CA GLN A 79 -8.34 -50.42 43.28
C GLN A 79 -8.29 -49.82 44.68
N GLU A 80 -7.43 -48.81 44.87
CA GLU A 80 -7.33 -48.17 46.19
C GLU A 80 -8.62 -47.43 46.53
N MET A 81 -9.24 -46.77 45.54
CA MET A 81 -10.48 -46.06 45.80
C MET A 81 -11.60 -47.01 46.19
N LEU A 82 -11.71 -48.15 45.49
CA LEU A 82 -12.71 -49.14 45.90
C LEU A 82 -12.36 -49.78 47.23
N ALA A 83 -11.07 -49.85 47.57
CA ALA A 83 -10.66 -50.37 48.87
C ALA A 83 -10.96 -49.40 50.01
N ASN A 84 -11.29 -48.15 49.71
CA ASN A 84 -11.60 -47.16 50.73
C ASN A 84 -12.89 -47.52 51.46
N HIS A 98 -10.38 -32.84 32.87
CA HIS A 98 -9.85 -32.51 31.56
C HIS A 98 -8.52 -33.23 31.28
N ARG A 99 -8.31 -34.32 31.99
CA ARG A 99 -7.11 -35.14 31.75
C ARG A 99 -7.26 -35.92 30.44
N THR A 100 -6.18 -35.96 29.67
CA THR A 100 -6.14 -36.84 28.51
C THR A 100 -5.99 -38.28 28.97
N LEU A 101 -6.55 -39.20 28.18
CA LEU A 101 -6.63 -40.60 28.57
C LEU A 101 -5.52 -41.40 27.93
N LEU A 102 -5.03 -42.41 28.64
CA LEU A 102 -3.95 -43.27 28.20
C LEU A 102 -4.48 -44.68 27.96
N TYR A 103 -3.76 -45.42 27.13
CA TYR A 103 -4.06 -46.83 26.96
C TYR A 103 -3.81 -47.57 28.27
N GLY A 104 -4.61 -48.60 28.52
CA GLY A 104 -4.49 -49.36 29.74
C GLY A 104 -5.11 -48.74 30.97
N HIS A 105 -5.78 -47.60 30.82
CA HIS A 105 -6.47 -46.97 31.94
C HIS A 105 -7.92 -47.44 32.00
N ALA A 106 -8.56 -47.18 33.13
CA ALA A 106 -9.94 -47.54 33.35
C ALA A 106 -10.82 -46.30 33.29
N ILE A 107 -11.90 -46.38 32.51
CA ILE A 107 -12.77 -45.25 32.24
C ILE A 107 -14.19 -45.60 32.66
N LEU A 108 -14.97 -44.55 32.91
CA LEU A 108 -16.38 -44.65 33.28
C LEU A 108 -17.20 -43.81 32.31
N LEU A 109 -18.28 -44.39 31.79
CA LEU A 109 -19.14 -43.74 30.80
C LEU A 109 -20.51 -43.51 31.40
N ARG A 110 -21.08 -42.34 31.13
CA ARG A 110 -22.41 -41.97 31.58
C ARG A 110 -23.32 -41.73 30.39
N HIS A 111 -24.53 -42.30 30.43
CA HIS A 111 -25.50 -42.07 29.37
C HIS A 111 -25.96 -40.62 29.40
N ALA A 112 -25.98 -39.98 28.23
CA ALA A 112 -26.29 -38.55 28.17
C ALA A 112 -27.73 -38.27 28.57
N HIS A 113 -28.66 -39.11 28.11
CA HIS A 113 -30.09 -38.83 28.34
C HIS A 113 -30.54 -39.29 29.71
N SER A 114 -30.45 -40.60 29.97
CA SER A 114 -30.99 -41.16 31.20
C SER A 114 -30.13 -40.87 32.42
N GLY A 115 -28.85 -40.56 32.23
CA GLY A 115 -27.96 -40.33 33.35
C GLY A 115 -27.45 -41.59 34.02
N MET A 116 -27.72 -42.77 33.45
CA MET A 116 -27.21 -44.02 33.99
C MET A 116 -25.84 -44.33 33.39
N TYR A 117 -25.24 -45.41 33.89
CA TYR A 117 -23.89 -45.79 33.49
C TYR A 117 -23.89 -47.15 32.83
N LEU A 118 -23.13 -47.28 31.75
CA LEU A 118 -22.99 -48.57 31.06
C LEU A 118 -22.28 -49.56 31.97
N SER A 119 -22.76 -50.80 31.99
CA SER A 119 -22.20 -51.81 32.88
C SER A 119 -22.49 -53.20 32.32
N CYS A 120 -21.83 -54.19 32.92
CA CYS A 120 -22.01 -55.59 32.57
C CYS A 120 -22.98 -56.24 33.56
N LEU A 121 -23.97 -56.94 33.05
CA LEU A 121 -25.00 -57.54 33.88
C LEU A 121 -24.69 -59.00 34.17
N THR A 122 -25.37 -59.54 35.18
CA THR A 122 -25.17 -60.94 35.56
C THR A 122 -26.06 -61.90 34.79
N THR A 123 -27.20 -61.43 34.28
CA THR A 123 -28.08 -62.29 33.49
C THR A 123 -27.51 -62.51 32.10
N SER A 124 -27.92 -63.62 31.49
CA SER A 124 -27.43 -63.99 30.17
C SER A 124 -28.60 -64.54 29.36
N ARG A 125 -28.92 -63.86 28.26
CA ARG A 125 -29.97 -64.33 27.34
C ARG A 125 -29.45 -65.32 26.32
N SER A 126 -28.14 -65.51 26.23
CA SER A 126 -27.56 -66.36 25.20
C SER A 126 -27.88 -67.83 25.45
N MET A 127 -27.96 -68.58 24.36
CA MET A 127 -28.18 -70.02 24.42
C MET A 127 -27.07 -70.83 23.76
N THR A 128 -26.20 -70.20 22.97
CA THR A 128 -25.10 -70.91 22.32
C THR A 128 -23.78 -70.73 23.05
N ASP A 129 -23.64 -69.67 23.85
CA ASP A 129 -22.44 -69.42 24.63
C ASP A 129 -22.80 -69.51 26.10
N LYS A 130 -22.09 -70.37 26.84
CA LYS A 130 -22.39 -70.57 28.25
C LYS A 130 -21.69 -69.55 29.14
N LEU A 131 -20.57 -69.00 28.69
CA LEU A 131 -19.77 -68.07 29.49
C LEU A 131 -20.09 -66.62 29.20
N ALA A 132 -21.08 -66.33 28.37
CA ALA A 132 -21.37 -64.96 27.98
C ALA A 132 -22.25 -64.26 29.01
N PHE A 133 -22.20 -62.93 29.01
CA PHE A 133 -22.99 -62.10 29.90
C PHE A 133 -23.66 -60.99 29.10
N ASP A 134 -24.74 -60.46 29.64
CA ASP A 134 -25.42 -59.35 29.00
C ASP A 134 -24.88 -58.01 29.50
N VAL A 135 -25.03 -56.98 28.68
CA VAL A 135 -24.53 -55.65 28.98
C VAL A 135 -25.71 -54.67 28.96
N GLY A 136 -25.80 -53.86 30.01
CA GLY A 136 -26.92 -52.95 30.12
C GLY A 136 -26.54 -51.67 30.83
N LEU A 137 -27.54 -51.05 31.44
CA LEU A 137 -27.38 -49.79 32.16
C LEU A 137 -27.57 -50.02 33.65
N GLN A 138 -26.97 -49.13 34.44
CA GLN A 138 -26.98 -49.22 35.90
C GLN A 138 -27.25 -47.84 36.46
N GLU A 139 -28.13 -47.78 37.48
CA GLU A 139 -28.59 -46.51 38.01
C GLU A 139 -27.57 -45.84 38.93
N ASP A 140 -26.60 -46.59 39.46
CA ASP A 140 -25.64 -46.05 40.41
C ASP A 140 -24.23 -46.37 39.95
N ALA A 141 -23.31 -45.41 40.14
CA ALA A 141 -21.92 -45.59 39.80
C ALA A 141 -21.17 -46.47 40.79
N THR A 142 -21.81 -46.85 41.90
CA THR A 142 -21.15 -47.71 42.88
C THR A 142 -20.87 -49.09 42.31
N GLY A 143 -19.85 -49.73 42.84
CA GLY A 143 -19.42 -51.03 42.37
C GLY A 143 -18.40 -50.93 41.24
N GLU A 144 -17.75 -52.07 40.97
CA GLU A 144 -16.72 -52.11 39.96
C GLU A 144 -17.25 -52.47 38.58
N ALA A 145 -18.53 -52.81 38.46
CA ALA A 145 -19.07 -53.27 37.19
C ALA A 145 -19.17 -52.16 36.15
N CYS A 146 -18.99 -50.90 36.55
CA CYS A 146 -19.19 -49.79 35.64
C CYS A 146 -17.91 -49.32 34.96
N TRP A 147 -16.76 -49.88 35.30
CA TRP A 147 -15.48 -49.41 34.78
C TRP A 147 -14.98 -50.32 33.68
N TRP A 148 -14.38 -49.72 32.64
CA TRP A 148 -13.88 -50.48 31.50
C TRP A 148 -12.46 -50.07 31.16
N THR A 149 -11.61 -51.05 30.88
CA THR A 149 -10.23 -50.81 30.51
C THR A 149 -10.07 -50.91 29.00
N THR A 150 -9.16 -50.12 28.45
CA THR A 150 -8.95 -50.03 27.00
C THR A 150 -7.57 -50.56 26.64
N HIS A 151 -7.48 -51.24 25.51
CA HIS A 151 -6.23 -51.80 25.01
C HIS A 151 -6.09 -51.51 23.53
N PRO A 152 -4.86 -51.35 23.03
CA PRO A 152 -4.66 -51.07 21.60
C PRO A 152 -4.89 -52.29 20.73
N ALA A 153 -5.16 -52.03 19.45
CA ALA A 153 -5.47 -53.11 18.52
C ALA A 153 -4.24 -53.92 18.13
N SER A 154 -3.12 -53.25 17.85
CA SER A 154 -1.95 -53.94 17.34
C SER A 154 -0.70 -53.39 18.01
N LYS A 155 0.46 -53.83 17.52
CA LYS A 155 1.74 -53.49 18.12
C LYS A 155 2.19 -52.07 17.80
N GLN A 156 1.52 -51.37 16.89
CA GLN A 156 1.94 -50.01 16.54
C GLN A 156 1.72 -49.02 17.66
N ARG A 157 0.98 -49.38 18.71
CA ARG A 157 0.73 -48.51 19.85
C ARG A 157 1.29 -49.13 21.11
N SER A 158 1.71 -48.28 22.04
CA SER A 158 2.34 -48.73 23.27
C SER A 158 1.31 -48.88 24.38
N GLU A 159 1.73 -49.55 25.46
CA GLU A 159 0.83 -49.78 26.59
C GLU A 159 0.44 -48.47 27.27
N GLY A 160 1.41 -47.59 27.47
CA GLY A 160 1.18 -46.29 28.09
C GLY A 160 0.97 -45.15 27.13
N GLU A 161 0.76 -45.43 25.85
CA GLU A 161 0.62 -44.38 24.85
C GLU A 161 -0.70 -43.63 25.00
N LYS A 162 -0.72 -42.41 24.51
CA LYS A 162 -1.96 -41.64 24.47
C LYS A 162 -2.89 -42.18 23.38
N VAL A 163 -4.17 -41.91 23.54
CA VAL A 163 -5.18 -42.38 22.59
C VAL A 163 -5.55 -41.25 21.65
N ARG A 164 -5.58 -41.54 20.37
CA ARG A 164 -5.89 -40.57 19.33
C ARG A 164 -7.19 -40.96 18.62
N VAL A 165 -7.78 -39.99 17.93
CA VAL A 165 -9.02 -40.24 17.21
C VAL A 165 -8.74 -41.15 16.02
N GLY A 166 -9.76 -41.91 15.61
CA GLY A 166 -9.65 -42.81 14.49
C GLY A 166 -9.01 -44.15 14.77
N ASP A 167 -8.61 -44.41 16.02
CA ASP A 167 -7.98 -45.67 16.35
C ASP A 167 -9.03 -46.76 16.58
N ASP A 168 -8.55 -47.97 16.79
CA ASP A 168 -9.39 -49.12 17.12
C ASP A 168 -8.94 -49.68 18.48
N LEU A 169 -9.92 -49.99 19.33
CA LEU A 169 -9.64 -50.33 20.72
C LEU A 169 -10.32 -51.64 21.09
N ILE A 170 -9.84 -52.23 22.17
CA ILE A 170 -10.46 -53.41 22.79
C ILE A 170 -10.85 -53.03 24.21
N LEU A 171 -12.09 -53.32 24.59
CA LEU A 171 -12.62 -52.96 25.89
C LEU A 171 -12.78 -54.21 26.75
N VAL A 172 -12.34 -54.12 28.00
CA VAL A 172 -12.34 -55.23 28.93
C VAL A 172 -13.04 -54.79 30.21
N SER A 173 -13.98 -55.60 30.69
CA SER A 173 -14.61 -55.33 31.98
C SER A 173 -13.64 -55.65 33.11
N VAL A 174 -13.65 -54.81 34.15
CA VAL A 174 -12.75 -55.03 35.27
C VAL A 174 -13.38 -55.96 36.30
N SER A 175 -14.66 -56.29 36.16
CA SER A 175 -15.35 -57.17 37.09
C SER A 175 -15.48 -58.58 36.53
N SER A 176 -15.82 -58.71 35.25
CA SER A 176 -16.05 -60.01 34.63
C SER A 176 -14.90 -60.47 33.75
N GLU A 177 -13.95 -59.60 33.44
CA GLU A 177 -12.76 -59.93 32.64
C GLU A 177 -13.14 -60.45 31.26
N ARG A 178 -14.06 -59.79 30.57
CA ARG A 178 -14.52 -60.22 29.26
C ARG A 178 -14.51 -59.05 28.29
N TYR A 179 -14.42 -59.38 27.00
CA TYR A 179 -14.45 -58.40 25.93
C TYR A 179 -15.89 -58.12 25.50
N LEU A 180 -16.09 -56.96 24.87
CA LEU A 180 -17.35 -56.65 24.23
C LEU A 180 -17.43 -57.39 22.90
N HIS A 181 -18.41 -58.27 22.77
CA HIS A 181 -18.53 -59.15 21.63
C HIS A 181 -19.80 -58.87 20.85
N LEU A 182 -19.67 -58.89 19.52
CA LEU A 182 -20.80 -58.76 18.60
C LEU A 182 -21.24 -60.15 18.19
N SER A 183 -22.49 -60.50 18.48
CA SER A 183 -23.00 -61.84 18.27
C SER A 183 -23.99 -61.86 17.10
N THR A 184 -23.83 -62.86 16.22
CA THR A 184 -24.72 -63.07 15.09
C THR A 184 -25.17 -64.52 14.98
N ALA A 185 -25.15 -65.28 16.09
CA ALA A 185 -25.48 -66.70 16.02
C ALA A 185 -26.93 -66.92 15.62
N SER A 186 -27.85 -66.12 16.16
CA SER A 186 -29.27 -66.30 15.93
C SER A 186 -29.75 -65.61 14.66
N GLY A 187 -28.85 -64.99 13.90
CA GLY A 187 -29.22 -64.23 12.73
C GLY A 187 -29.45 -62.75 12.97
N GLU A 188 -29.61 -62.34 14.22
CA GLU A 188 -29.71 -60.92 14.55
C GLU A 188 -28.42 -60.44 15.17
N LEU A 189 -28.09 -59.18 14.89
CA LEU A 189 -26.85 -58.58 15.36
C LEU A 189 -27.06 -58.02 16.77
N GLN A 190 -26.33 -58.58 17.74
CA GLN A 190 -26.53 -58.24 19.13
C GLN A 190 -25.18 -57.98 19.79
N VAL A 191 -25.23 -57.44 21.01
CA VAL A 191 -24.04 -57.11 21.78
C VAL A 191 -24.07 -57.89 23.09
N ASP A 192 -22.91 -58.37 23.53
CA ASP A 192 -22.81 -59.05 24.81
C ASP A 192 -21.38 -58.95 25.30
N ALA A 193 -21.09 -59.67 26.39
CA ALA A 193 -19.75 -59.78 26.92
C ALA A 193 -19.31 -61.24 26.82
N SER A 194 -18.17 -61.47 26.18
CA SER A 194 -17.70 -62.82 25.94
C SER A 194 -16.18 -62.81 25.79
N PHE A 195 -15.62 -63.99 25.56
CA PHE A 195 -14.17 -64.14 25.45
C PHE A 195 -13.67 -64.05 24.01
N MET A 196 -14.52 -63.60 23.08
CA MET A 196 -14.10 -63.30 21.72
C MET A 196 -14.03 -61.79 21.55
N GLN A 197 -12.91 -61.31 21.04
CA GLN A 197 -12.67 -59.87 20.94
C GLN A 197 -13.27 -59.30 19.65
N THR A 198 -13.53 -58.00 19.69
CA THR A 198 -14.05 -57.28 18.54
C THR A 198 -13.53 -55.85 18.59
N LEU A 199 -13.34 -55.26 17.41
CA LEU A 199 -12.74 -53.94 17.29
C LEU A 199 -13.83 -52.88 17.36
N TRP A 200 -13.60 -51.85 18.18
CA TRP A 200 -14.53 -50.74 18.35
C TRP A 200 -13.85 -49.43 17.98
N ASN A 201 -14.58 -48.56 17.29
CA ASN A 201 -14.10 -47.24 16.92
C ASN A 201 -14.75 -46.19 17.82
N MET A 202 -13.92 -45.40 18.50
CA MET A 202 -14.38 -44.36 19.41
C MET A 202 -14.39 -43.04 18.65
N ASN A 203 -15.56 -42.64 18.19
CA ASN A 203 -15.71 -41.44 17.38
C ASN A 203 -16.31 -40.33 18.23
N PRO A 204 -15.58 -39.27 18.51
CA PRO A 204 -16.15 -38.15 19.27
C PRO A 204 -17.11 -37.34 18.40
N ILE A 205 -18.15 -36.80 19.04
CA ILE A 205 -19.13 -35.98 18.35
C ILE A 205 -19.20 -34.56 18.90
N CYS A 206 -18.78 -34.33 20.14
CA CYS A 206 -18.84 -32.98 20.69
C CYS A 206 -17.80 -32.81 21.78
N SER A 207 -17.27 -31.59 21.89
CA SER A 207 -16.32 -31.20 22.93
C SER A 207 -16.80 -29.89 23.56
N GLY A 208 -15.94 -29.27 24.36
CA GLY A 208 -16.26 -28.00 24.97
C GLY A 208 -16.48 -26.90 23.97
N CYS A 209 -17.70 -26.36 23.92
CA CYS A 209 -18.03 -25.30 22.99
C CYS A 209 -18.12 -23.96 23.70
N GLU A 210 -18.10 -22.88 22.91
CA GLU A 210 -18.15 -21.54 23.45
C GLU A 210 -19.52 -21.26 24.06
N GLU A 211 -19.52 -20.54 25.18
CA GLU A 211 -20.77 -20.21 25.86
C GLU A 211 -21.59 -19.23 25.04
N GLY A 212 -22.90 -19.40 25.06
CA GLY A 212 -23.81 -18.51 24.37
C GLY A 212 -23.87 -18.68 22.87
N TYR A 213 -23.28 -19.74 22.33
CA TYR A 213 -23.23 -19.97 20.89
C TYR A 213 -23.95 -21.27 20.56
N VAL A 214 -24.71 -21.25 19.47
CA VAL A 214 -25.55 -22.39 19.10
C VAL A 214 -24.70 -23.49 18.50
N THR A 215 -25.06 -24.74 18.80
CA THR A 215 -24.39 -25.92 18.25
C THR A 215 -25.44 -26.94 17.83
N GLY A 216 -25.04 -27.82 16.92
CA GLY A 216 -25.94 -28.85 16.46
C GLY A 216 -26.24 -29.90 17.52
N GLY A 217 -27.35 -30.60 17.33
CA GLY A 217 -27.78 -31.60 18.28
C GLY A 217 -28.43 -31.06 19.54
N HIS A 218 -28.91 -29.83 19.51
CA HIS A 218 -29.50 -29.20 20.68
C HIS A 218 -31.00 -29.10 20.55
N VAL A 219 -31.66 -28.79 21.67
CA VAL A 219 -33.10 -28.57 21.71
C VAL A 219 -33.34 -27.10 22.05
N LEU A 220 -34.22 -26.46 21.29
CA LEU A 220 -34.38 -25.02 21.39
C LEU A 220 -35.74 -24.62 20.84
N ARG A 221 -36.11 -23.36 21.11
CA ARG A 221 -37.36 -22.79 20.65
C ARG A 221 -37.10 -21.70 19.62
N LEU A 222 -38.00 -21.60 18.64
CA LEU A 222 -37.94 -20.59 17.60
C LEU A 222 -39.03 -19.55 17.86
N PHE A 223 -38.63 -18.28 17.95
CA PHE A 223 -39.55 -17.20 18.26
C PHE A 223 -39.65 -16.25 17.08
N HIS A 224 -40.86 -15.78 16.82
CA HIS A 224 -41.13 -14.84 15.73
C HIS A 224 -41.37 -13.45 16.29
N GLY A 225 -40.69 -12.46 15.72
CA GLY A 225 -40.87 -11.10 16.20
C GLY A 225 -40.29 -10.92 17.60
N HIS A 226 -41.01 -10.13 18.41
CA HIS A 226 -40.54 -9.82 19.76
C HIS A 226 -40.97 -10.89 20.75
N MET A 227 -40.63 -12.14 20.46
CA MET A 227 -40.87 -13.29 21.33
C MET A 227 -42.35 -13.50 21.66
N ASP A 228 -43.25 -12.88 20.91
CA ASP A 228 -44.68 -13.03 21.17
C ASP A 228 -45.30 -14.20 20.42
N GLU A 229 -44.53 -14.90 19.59
CA GLU A 229 -45.05 -16.02 18.82
C GLU A 229 -43.97 -17.08 18.69
N CYS A 230 -44.40 -18.31 18.45
CA CYS A 230 -43.50 -19.45 18.34
C CYS A 230 -44.07 -20.45 17.35
N LEU A 231 -43.22 -21.36 16.90
CA LEU A 231 -43.56 -22.29 15.84
C LEU A 231 -43.97 -23.63 16.47
N THR A 232 -45.24 -23.99 16.33
CA THR A 232 -45.78 -25.17 17.00
C THR A 232 -46.62 -25.99 16.04
N ILE A 233 -47.24 -27.03 16.58
CA ILE A 233 -48.19 -27.86 15.85
C ILE A 233 -49.48 -27.95 16.66
N SER A 234 -50.48 -28.64 16.09
CA SER A 234 -51.77 -28.76 16.73
C SER A 234 -51.67 -29.68 17.96
N PRO A 235 -52.58 -29.53 18.92
CA PRO A 235 -52.57 -30.43 20.08
C PRO A 235 -52.93 -31.86 19.71
N ALA A 236 -52.95 -32.71 20.74
CA ALA A 236 -53.10 -34.15 20.52
C ALA A 236 -54.44 -34.52 19.91
N ASP A 237 -55.52 -33.88 20.37
CA ASP A 237 -56.87 -34.29 19.95
C ASP A 237 -57.33 -33.64 18.66
N SER A 238 -56.47 -32.87 17.99
CA SER A 238 -56.88 -32.19 16.77
C SER A 238 -57.18 -33.19 15.65
N ASP A 239 -58.10 -32.82 14.77
CA ASP A 239 -58.54 -33.69 13.69
C ASP A 239 -57.61 -33.66 12.48
N ASP A 240 -56.61 -32.79 12.47
CA ASP A 240 -55.68 -32.69 11.35
C ASP A 240 -54.57 -33.74 11.40
N GLN A 241 -54.74 -34.79 12.20
CA GLN A 241 -53.75 -35.85 12.39
C GLN A 241 -52.43 -35.32 12.93
N ARG A 242 -52.45 -34.13 13.53
CA ARG A 242 -51.26 -33.51 14.12
C ARG A 242 -50.11 -33.44 13.12
N ARG A 243 -50.41 -33.02 11.90
CA ARG A 243 -49.41 -32.95 10.84
C ARG A 243 -49.30 -31.59 10.18
N LEU A 244 -49.94 -30.56 10.71
CA LEU A 244 -49.81 -29.20 10.20
C LEU A 244 -48.97 -28.36 11.15
N VAL A 245 -48.50 -27.22 10.64
CA VAL A 245 -47.55 -26.36 11.35
C VAL A 245 -48.17 -24.97 11.47
N TYR A 246 -48.04 -24.37 12.64
CA TYR A 246 -48.73 -23.11 12.94
C TYR A 246 -47.82 -22.17 13.70
N TYR A 247 -48.17 -20.89 13.66
CA TYR A 247 -47.59 -19.86 14.52
C TYR A 247 -48.57 -19.59 15.66
N GLU A 248 -48.08 -19.62 16.89
CA GLU A 248 -48.98 -19.45 18.03
C GLU A 248 -48.25 -18.75 19.17
N GLY A 249 -49.01 -17.97 19.94
CA GLY A 249 -48.48 -17.25 21.08
C GLY A 249 -49.23 -17.58 22.36
N GLY A 250 -48.68 -17.06 23.46
CA GLY A 250 -49.27 -17.29 24.77
C GLY A 250 -48.59 -18.40 25.56
N SER A 251 -49.38 -19.11 26.38
CA SER A 251 -48.81 -20.14 27.25
C SER A 251 -48.17 -21.27 26.47
N VAL A 252 -48.48 -21.39 25.18
CA VAL A 252 -47.83 -22.41 24.35
C VAL A 252 -46.33 -22.20 24.30
N CYS A 253 -45.86 -21.00 24.65
CA CYS A 253 -44.42 -20.74 24.72
C CYS A 253 -43.73 -21.55 25.81
N THR A 254 -44.48 -22.14 26.75
CA THR A 254 -43.91 -22.94 27.81
C THR A 254 -44.35 -24.39 27.78
N HIS A 255 -45.05 -24.83 26.73
CA HIS A 255 -45.48 -26.22 26.63
C HIS A 255 -44.45 -27.05 25.87
N ALA A 256 -44.65 -28.37 25.90
CA ALA A 256 -43.66 -29.29 25.33
C ALA A 256 -43.71 -29.32 23.81
N ARG A 257 -44.88 -29.06 23.22
CA ARG A 257 -45.02 -29.20 21.77
C ARG A 257 -44.37 -28.06 20.99
N SER A 258 -43.62 -27.18 21.65
CA SER A 258 -42.93 -26.09 20.96
C SER A 258 -41.42 -26.30 20.90
N LEU A 259 -40.93 -27.53 21.02
CA LEU A 259 -39.51 -27.81 21.06
C LEU A 259 -39.07 -28.52 19.79
N TRP A 260 -37.93 -28.10 19.24
CA TRP A 260 -37.36 -28.69 18.04
C TRP A 260 -35.90 -29.05 18.28
N ARG A 261 -35.40 -29.99 17.48
CA ARG A 261 -34.03 -30.46 17.55
C ARG A 261 -33.38 -30.32 16.18
N LEU A 262 -32.13 -29.87 16.16
CA LEU A 262 -31.40 -29.63 14.92
C LEU A 262 -30.37 -30.73 14.72
N GLU A 263 -30.42 -31.38 13.55
CA GLU A 263 -29.51 -32.47 13.24
C GLU A 263 -28.75 -32.16 11.96
N PRO A 264 -27.44 -31.95 12.02
CA PRO A 264 -26.66 -31.80 10.78
C PRO A 264 -26.55 -33.11 10.03
N LEU A 265 -26.29 -33.00 8.73
CA LEU A 265 -26.10 -34.17 7.89
C LEU A 265 -24.78 -34.89 8.18
N ARG A 266 -23.85 -34.25 8.89
CA ARG A 266 -22.61 -34.89 9.28
C ARG A 266 -22.85 -35.78 10.49
N ILE A 267 -22.07 -36.86 10.57
CA ILE A 267 -22.19 -37.80 11.69
C ILE A 267 -21.10 -37.52 12.72
N SER A 268 -19.84 -37.52 12.29
CA SER A 268 -18.75 -37.18 13.17
C SER A 268 -18.68 -35.67 13.37
N TRP A 269 -18.37 -35.26 14.60
CA TRP A 269 -18.34 -33.84 14.97
C TRP A 269 -19.67 -33.15 14.67
N SER A 270 -20.78 -33.86 14.94
CA SER A 270 -22.10 -33.29 14.68
C SER A 270 -22.42 -32.15 15.63
N GLY A 271 -21.65 -31.99 16.71
CA GLY A 271 -21.82 -30.89 17.63
C GLY A 271 -21.09 -29.63 17.26
N SER A 272 -20.54 -29.56 16.05
CA SER A 272 -19.81 -28.38 15.61
C SER A 272 -20.75 -27.20 15.45
N HIS A 273 -20.18 -26.00 15.54
CA HIS A 273 -20.95 -24.78 15.35
C HIS A 273 -21.51 -24.72 13.92
N LEU A 274 -22.73 -24.19 13.80
CA LEU A 274 -23.41 -24.20 12.51
C LEU A 274 -22.84 -23.13 11.59
N ARG A 275 -22.50 -23.54 10.37
CA ARG A 275 -22.11 -22.61 9.32
C ARG A 275 -23.34 -22.02 8.66
N TRP A 276 -23.21 -20.79 8.16
CA TRP A 276 -24.29 -20.21 7.37
C TRP A 276 -24.44 -20.98 6.07
N GLY A 277 -25.69 -21.30 5.73
CA GLY A 277 -25.95 -22.11 4.56
C GLY A 277 -25.74 -23.59 4.73
N GLN A 278 -25.42 -24.04 5.94
CA GLN A 278 -25.20 -25.47 6.17
C GLN A 278 -26.52 -26.22 6.13
N PRO A 279 -26.60 -27.33 5.40
CA PRO A 279 -27.83 -28.13 5.39
C PRO A 279 -28.10 -28.75 6.76
N LEU A 280 -29.39 -28.87 7.08
CA LEU A 280 -29.81 -29.36 8.39
C LEU A 280 -31.14 -30.10 8.27
N ARG A 281 -31.47 -30.86 9.30
CA ARG A 281 -32.78 -31.44 9.50
C ARG A 281 -33.34 -30.91 10.81
N ILE A 282 -34.66 -30.69 10.86
CA ILE A 282 -35.34 -30.24 12.07
C ILE A 282 -36.33 -31.31 12.47
N ARG A 283 -36.29 -31.71 13.74
CA ARG A 283 -37.08 -32.81 14.27
C ARG A 283 -37.96 -32.34 15.41
N HIS A 284 -39.18 -32.84 15.46
CA HIS A 284 -40.07 -32.57 16.58
C HIS A 284 -39.79 -33.58 17.69
N VAL A 285 -39.50 -33.09 18.89
CA VAL A 285 -39.04 -33.96 19.96
C VAL A 285 -40.14 -34.91 20.42
N THR A 286 -41.35 -34.38 20.65
CA THR A 286 -42.41 -35.19 21.26
C THR A 286 -43.01 -36.19 20.27
N THR A 287 -43.10 -35.83 18.99
CA THR A 287 -43.73 -36.71 18.01
C THR A 287 -42.73 -37.50 17.17
N GLY A 288 -41.46 -37.09 17.15
CA GLY A 288 -40.46 -37.80 16.37
C GLY A 288 -40.67 -37.74 14.88
N ARG A 289 -41.04 -36.58 14.35
CA ARG A 289 -41.27 -36.40 12.92
C ARG A 289 -40.45 -35.23 12.41
N TYR A 290 -40.09 -35.29 11.13
CA TYR A 290 -39.27 -34.27 10.49
C TYR A 290 -40.13 -33.46 9.54
N LEU A 291 -39.98 -32.13 9.57
CA LEU A 291 -40.71 -31.29 8.65
C LEU A 291 -40.02 -31.31 7.29
N ALA A 292 -40.82 -31.19 6.23
CA ALA A 292 -40.31 -31.31 4.88
C ALA A 292 -41.31 -30.73 3.89
N LEU A 293 -40.92 -30.76 2.62
CA LEU A 293 -41.72 -30.28 1.50
C LEU A 293 -42.11 -31.48 0.65
N ILE A 294 -43.41 -31.62 0.37
CA ILE A 294 -43.93 -32.65 -0.51
C ILE A 294 -44.74 -31.96 -1.59
N GLU A 295 -44.72 -32.54 -2.80
CA GLU A 295 -45.36 -31.90 -3.94
C GLU A 295 -46.86 -31.77 -3.75
N ASP A 296 -47.50 -32.79 -3.17
CA ASP A 296 -48.96 -32.79 -3.06
C ASP A 296 -49.44 -31.83 -1.98
N GLN A 297 -49.01 -32.05 -0.73
CA GLN A 297 -49.55 -31.31 0.40
C GLN A 297 -48.80 -30.01 0.69
N GLY A 298 -47.55 -29.90 0.27
CA GLY A 298 -46.78 -28.71 0.57
C GLY A 298 -45.85 -28.89 1.76
N LEU A 299 -45.83 -27.92 2.67
CA LEU A 299 -44.99 -28.01 3.86
C LEU A 299 -45.72 -28.81 4.94
N VAL A 300 -45.18 -29.97 5.28
CA VAL A 300 -45.80 -30.88 6.24
C VAL A 300 -44.73 -31.45 7.16
N VAL A 301 -45.15 -32.33 8.06
CA VAL A 301 -44.24 -33.10 8.89
C VAL A 301 -44.51 -34.58 8.63
N VAL A 302 -43.45 -35.34 8.39
CA VAL A 302 -43.55 -36.73 7.98
C VAL A 302 -42.68 -37.59 8.89
N ASP A 303 -42.98 -38.88 8.91
CA ASP A 303 -42.23 -39.81 9.73
C ASP A 303 -40.82 -40.00 9.19
N ALA A 304 -39.94 -40.56 10.03
CA ALA A 304 -38.55 -40.77 9.63
C ALA A 304 -38.42 -41.78 8.50
N SER A 305 -39.42 -42.64 8.31
CA SER A 305 -39.35 -43.64 7.24
C SER A 305 -39.38 -42.98 5.86
N LYS A 306 -40.22 -41.97 5.67
CA LYS A 306 -40.39 -41.32 4.38
C LYS A 306 -39.44 -40.15 4.16
N ALA A 307 -38.67 -39.77 5.18
CA ALA A 307 -37.89 -38.53 5.12
C ALA A 307 -36.56 -38.77 4.42
N HIS A 308 -36.60 -38.69 3.09
CA HIS A 308 -35.38 -38.73 2.31
C HIS A 308 -34.69 -37.36 2.34
N THR A 309 -33.44 -37.35 1.90
CA THR A 309 -32.59 -36.17 2.10
C THR A 309 -33.12 -34.95 1.35
N LYS A 310 -33.66 -35.16 0.15
CA LYS A 310 -34.04 -34.03 -0.70
C LYS A 310 -35.14 -33.19 -0.06
N ALA A 311 -36.14 -33.84 0.53
CA ALA A 311 -37.32 -33.11 1.00
C ALA A 311 -37.05 -32.36 2.29
N THR A 312 -36.23 -32.92 3.18
CA THR A 312 -36.08 -32.39 4.53
C THR A 312 -34.76 -31.64 4.73
N SER A 313 -34.13 -31.17 3.65
CA SER A 313 -32.88 -30.43 3.78
C SER A 313 -33.17 -28.93 3.85
N PHE A 314 -32.72 -28.29 4.93
CA PHE A 314 -32.94 -26.88 5.16
C PHE A 314 -31.62 -26.22 5.57
N CYS A 315 -31.54 -24.91 5.37
CA CYS A 315 -30.31 -24.18 5.67
C CYS A 315 -30.64 -22.81 6.26
N PHE A 316 -29.69 -22.27 7.02
CA PHE A 316 -29.78 -20.95 7.60
C PHE A 316 -29.05 -19.95 6.72
N ARG A 317 -29.62 -18.77 6.56
CA ARG A 317 -29.02 -17.68 5.81
C ARG A 317 -29.23 -16.37 6.53
N ILE A 318 -28.32 -15.42 6.30
CA ILE A 318 -28.44 -14.11 6.91
C ILE A 318 -28.99 -13.06 5.94
N SER A 319 -28.82 -13.26 4.63
CA SER A 319 -29.33 -12.36 3.62
C SER A 319 -30.13 -13.14 2.59
N LYS A 320 -31.26 -12.58 2.18
CA LYS A 320 -32.13 -13.26 1.22
C LYS A 320 -31.68 -13.02 -0.21
N GLU A 321 -31.34 -11.77 -0.55
CA GLU A 321 -31.03 -11.44 -1.94
C GLU A 321 -29.64 -11.93 -2.33
N LYS A 322 -28.73 -12.08 -1.38
CA LYS A 322 -27.35 -12.45 -1.69
C LYS A 322 -27.29 -13.83 -2.34
N LEU A 323 -26.53 -13.94 -3.42
CA LEU A 323 -26.35 -15.21 -4.09
C LEU A 323 -25.42 -16.12 -3.29
N ASP A 324 -25.73 -17.41 -3.28
CA ASP A 324 -24.93 -18.37 -2.54
C ASP A 324 -23.59 -18.61 -3.21
N THR A 325 -22.53 -18.71 -2.40
CA THR A 325 -21.20 -19.00 -2.92
C THR A 325 -20.88 -20.48 -2.73
N ALA A 326 -19.63 -20.85 -3.02
CA ALA A 326 -19.23 -22.23 -2.87
C ALA A 326 -19.22 -22.61 -1.39
N PRO A 327 -19.82 -23.74 -1.02
CA PRO A 327 -19.85 -24.13 0.39
C PRO A 327 -18.47 -24.45 0.92
N LYS A 328 -18.25 -24.15 2.19
CA LYS A 328 -16.97 -24.44 2.83
C LYS A 328 -16.83 -25.93 3.08
N ARG A 329 -15.60 -26.43 2.96
CA ARG A 329 -15.33 -27.84 3.22
C ARG A 329 -15.53 -28.14 4.70
N ASP A 330 -15.99 -29.36 4.98
CA ASP A 330 -16.23 -29.76 6.36
C ASP A 330 -14.90 -29.90 7.10
N VAL A 331 -14.80 -29.25 8.25
CA VAL A 331 -13.56 -29.28 9.03
C VAL A 331 -13.63 -30.40 10.05
N GLU A 332 -12.47 -30.94 10.41
CA GLU A 332 -12.37 -32.00 11.41
C GLU A 332 -12.17 -31.36 12.79
N GLY A 333 -13.16 -30.59 13.20
CA GLY A 333 -13.09 -29.90 14.47
C GLY A 333 -14.35 -29.09 14.70
N MET A 334 -14.35 -28.40 15.85
CA MET A 334 -15.52 -27.59 16.22
C MET A 334 -15.73 -26.42 15.27
N GLY A 335 -14.65 -25.75 14.86
CA GLY A 335 -14.76 -24.63 13.97
C GLY A 335 -15.08 -23.33 14.68
N PRO A 336 -15.21 -22.24 13.93
CA PRO A 336 -15.48 -20.94 14.54
C PRO A 336 -16.97 -20.76 14.79
N PRO A 337 -17.35 -20.07 15.86
CA PRO A 337 -18.76 -19.83 16.14
C PRO A 337 -19.29 -18.62 15.39
N GLU A 338 -20.54 -18.73 14.94
CA GLU A 338 -21.12 -17.67 14.11
C GLU A 338 -22.47 -17.15 14.62
N ILE A 339 -23.31 -18.04 15.15
CA ILE A 339 -24.70 -17.70 15.45
C ILE A 339 -24.91 -17.73 16.95
N LYS A 340 -25.40 -16.61 17.49
CA LYS A 340 -25.60 -16.44 18.93
C LYS A 340 -27.06 -16.66 19.29
N TYR A 341 -27.31 -17.13 20.51
CA TYR A 341 -28.67 -17.35 20.96
C TYR A 341 -29.37 -16.02 21.25
N GLY A 342 -30.58 -15.88 20.69
CA GLY A 342 -31.43 -14.74 20.99
C GLY A 342 -30.90 -13.39 20.52
N GLU A 343 -29.88 -13.36 19.67
CA GLU A 343 -29.33 -12.10 19.20
C GLU A 343 -29.20 -12.09 17.68
N SER A 344 -28.99 -13.26 17.09
CA SER A 344 -28.75 -13.38 15.65
C SER A 344 -30.06 -13.71 14.94
N LEU A 345 -30.65 -12.71 14.29
CA LEU A 345 -31.81 -12.95 13.45
C LEU A 345 -31.39 -13.74 12.21
N CYS A 346 -32.20 -14.71 11.82
CA CYS A 346 -31.83 -15.61 10.73
C CYS A 346 -33.04 -15.90 9.86
N PHE A 347 -32.76 -16.36 8.64
CA PHE A 347 -33.75 -16.84 7.71
C PHE A 347 -33.49 -18.31 7.41
N VAL A 348 -34.54 -19.04 7.05
CA VAL A 348 -34.44 -20.46 6.74
C VAL A 348 -34.87 -20.66 5.30
N GLN A 349 -34.09 -21.45 4.55
CA GLN A 349 -34.37 -21.70 3.15
C GLN A 349 -34.29 -23.20 2.86
N HIS A 350 -35.23 -23.67 2.05
CA HIS A 350 -35.22 -25.05 1.57
C HIS A 350 -34.22 -25.15 0.42
N VAL A 351 -33.14 -25.90 0.64
CA VAL A 351 -32.04 -25.91 -0.32
C VAL A 351 -32.43 -26.53 -1.65
N ALA A 352 -33.48 -27.34 -1.69
CA ALA A 352 -33.90 -27.99 -2.91
C ALA A 352 -34.85 -27.14 -3.75
N SER A 353 -35.38 -26.04 -3.21
CA SER A 353 -36.30 -25.22 -3.96
C SER A 353 -35.97 -23.74 -3.84
N GLY A 354 -35.28 -23.36 -2.77
CA GLY A 354 -34.94 -21.97 -2.53
C GLY A 354 -36.05 -21.13 -1.95
N LEU A 355 -37.21 -21.72 -1.65
CA LEU A 355 -38.32 -20.96 -1.10
C LEU A 355 -38.03 -20.53 0.34
N TRP A 356 -38.80 -19.56 0.80
CA TRP A 356 -38.65 -18.99 2.13
C TRP A 356 -39.94 -19.16 2.92
N LEU A 357 -39.79 -19.40 4.22
CA LEU A 357 -40.96 -19.61 5.07
C LEU A 357 -41.54 -18.27 5.52
N THR A 358 -42.85 -18.24 5.69
CA THR A 358 -43.54 -17.03 6.15
C THR A 358 -44.90 -17.43 6.69
N TYR A 359 -45.72 -16.43 6.98
CA TYR A 359 -47.08 -16.64 7.47
C TYR A 359 -48.09 -16.14 6.44
N ALA A 360 -49.17 -16.89 6.27
CA ALA A 360 -50.20 -16.53 5.30
C ALA A 360 -51.08 -15.40 5.84
N LYS A 374 -52.64 -18.87 12.70
CA LYS A 374 -51.84 -18.33 11.61
C LYS A 374 -50.91 -19.41 11.05
N LYS A 375 -51.38 -20.08 10.00
CA LYS A 375 -50.66 -21.20 9.41
C LYS A 375 -49.39 -20.71 8.71
N ALA A 376 -48.31 -21.47 8.87
CA ALA A 376 -47.06 -21.18 8.19
C ALA A 376 -47.06 -21.76 6.78
N ILE A 377 -46.43 -21.04 5.86
CA ILE A 377 -46.40 -21.42 4.45
C ILE A 377 -45.00 -21.21 3.90
N LEU A 378 -44.76 -21.80 2.73
CA LEU A 378 -43.55 -21.57 1.96
C LEU A 378 -43.90 -20.77 0.72
N HIS A 379 -43.09 -19.74 0.43
CA HIS A 379 -43.35 -18.83 -0.67
C HIS A 379 -42.07 -18.61 -1.46
N GLN A 380 -42.24 -18.42 -2.77
CA GLN A 380 -41.09 -18.09 -3.62
C GLN A 380 -40.48 -16.76 -3.21
N GLU A 381 -41.33 -15.76 -2.92
CA GLU A 381 -40.86 -14.47 -2.43
C GLU A 381 -40.87 -14.47 -0.90
N GLY A 382 -40.20 -13.47 -0.33
CA GLY A 382 -40.17 -13.29 1.11
C GLY A 382 -41.38 -12.53 1.61
N HIS A 383 -41.18 -11.82 2.71
CA HIS A 383 -42.25 -11.01 3.30
C HIS A 383 -41.61 -9.88 4.09
N MET A 384 -42.46 -9.08 4.74
CA MET A 384 -41.98 -7.93 5.50
C MET A 384 -41.07 -8.37 6.65
N ASP A 385 -41.45 -9.43 7.37
CA ASP A 385 -40.64 -9.95 8.46
C ASP A 385 -40.63 -11.47 8.38
N ASP A 386 -39.41 -12.04 8.30
CA ASP A 386 -39.28 -13.49 8.31
C ASP A 386 -38.12 -13.96 9.18
N ALA A 387 -37.59 -13.09 10.04
CA ALA A 387 -36.49 -13.47 10.91
C ALA A 387 -37.00 -14.21 12.15
N LEU A 388 -36.17 -15.10 12.68
CA LEU A 388 -36.52 -15.89 13.84
C LEU A 388 -35.40 -15.83 14.86
N SER A 389 -35.77 -15.91 16.13
CA SER A 389 -34.81 -15.87 17.24
C SER A 389 -34.76 -17.26 17.89
N LEU A 390 -33.55 -17.66 18.28
CA LEU A 390 -33.34 -18.99 18.84
C LEU A 390 -33.13 -18.88 20.35
N THR A 391 -33.88 -19.68 21.11
CA THR A 391 -33.81 -19.63 22.57
C THR A 391 -33.49 -21.02 23.11
N ARG A 392 -32.50 -21.10 23.99
CA ARG A 392 -32.14 -22.36 24.61
C ARG A 392 -33.11 -22.71 25.73
N CYS A 393 -33.40 -24.01 25.85
CA CYS A 393 -34.30 -24.52 26.87
C CYS A 393 -33.54 -25.41 27.85
N GLN A 394 -34.12 -25.57 29.04
CA GLN A 394 -33.48 -26.37 30.07
C GLN A 394 -33.51 -27.86 29.71
N GLN A 395 -32.53 -28.60 30.25
CA GLN A 395 -32.42 -30.02 29.95
C GLN A 395 -33.59 -30.82 30.51
N GLU A 396 -34.21 -30.33 31.58
CA GLU A 396 -35.34 -31.04 32.19
C GLU A 396 -36.49 -31.19 31.20
N GLU A 397 -36.80 -30.12 30.47
CA GLU A 397 -37.89 -30.18 29.49
C GLU A 397 -37.57 -31.15 28.36
N SER A 398 -36.33 -31.17 27.88
CA SER A 398 -35.95 -32.11 26.82
C SER A 398 -36.07 -33.55 27.31
N GLN A 399 -35.60 -33.83 28.53
CA GLN A 399 -35.73 -35.16 29.08
C GLN A 399 -37.20 -35.56 29.20
N ALA A 400 -38.04 -34.65 29.68
CA ALA A 400 -39.46 -34.93 29.79
C ALA A 400 -40.07 -35.22 28.43
N ALA A 401 -39.70 -34.45 27.41
CA ALA A 401 -40.25 -34.66 26.08
C ALA A 401 -39.85 -36.03 25.52
N ARG A 402 -38.58 -36.43 25.70
CA ARG A 402 -38.15 -37.73 25.22
C ARG A 402 -38.90 -38.86 25.94
N MET A 403 -39.04 -38.74 27.26
CA MET A 403 -39.80 -39.75 28.01
C MET A 403 -41.24 -39.80 27.52
N ILE A 404 -41.84 -38.65 27.25
CA ILE A 404 -43.22 -38.60 26.76
C ILE A 404 -43.33 -39.32 25.43
N TYR A 405 -42.39 -39.05 24.51
CA TYR A 405 -42.41 -39.72 23.21
C TYR A 405 -42.38 -41.23 23.36
N SER A 406 -41.40 -41.74 24.11
CA SER A 406 -41.26 -43.19 24.26
C SER A 406 -42.48 -43.80 24.94
N THR A 407 -42.93 -43.19 26.03
CA THR A 407 -44.05 -43.74 26.80
C THR A 407 -45.34 -43.73 25.99
N ALA A 408 -45.59 -42.64 25.25
CA ALA A 408 -46.79 -42.57 24.42
C ALA A 408 -46.78 -43.65 23.35
N GLY A 409 -45.63 -43.84 22.69
CA GLY A 409 -45.54 -44.90 21.70
C GLY A 409 -45.84 -46.27 22.30
N LEU A 410 -45.20 -46.57 23.44
CA LEU A 410 -45.39 -47.88 24.06
C LEU A 410 -46.83 -48.11 24.48
N TYR A 411 -47.46 -47.09 25.08
CA TYR A 411 -48.82 -47.29 25.58
C TYR A 411 -49.84 -47.32 24.45
N ASN A 412 -49.61 -46.58 23.36
CA ASN A 412 -50.49 -46.73 22.20
C ASN A 412 -50.39 -48.12 21.62
N HIS A 413 -49.17 -48.68 21.54
CA HIS A 413 -49.04 -50.06 21.08
C HIS A 413 -49.76 -51.03 22.01
N PHE A 414 -49.65 -50.81 23.32
CA PHE A 414 -50.34 -51.67 24.27
C PHE A 414 -51.86 -51.60 24.10
N ILE A 415 -52.39 -50.38 23.91
CA ILE A 415 -53.83 -50.23 23.73
C ILE A 415 -54.30 -50.93 22.47
N LYS A 416 -53.55 -50.78 21.38
CA LYS A 416 -53.92 -51.49 20.14
C LYS A 416 -53.89 -53.00 20.34
N GLY A 417 -52.86 -53.51 21.01
CA GLY A 417 -52.79 -54.94 21.27
C GLY A 417 -53.95 -55.43 22.11
N LEU A 418 -54.35 -54.66 23.12
CA LEU A 418 -55.51 -55.01 23.92
C LEU A 418 -56.78 -55.03 23.06
N ASP A 419 -56.95 -54.03 22.20
CA ASP A 419 -58.13 -53.97 21.35
C ASP A 419 -58.13 -55.02 20.25
N SER A 420 -57.00 -55.69 20.01
CA SER A 420 -56.93 -56.69 18.95
C SER A 420 -57.93 -57.82 19.17
N PHE A 421 -57.91 -58.44 20.36
CA PHE A 421 -58.69 -59.63 20.62
C PHE A 421 -59.97 -59.36 21.41
N SER A 422 -60.58 -58.19 21.24
CA SER A 422 -61.80 -57.86 21.96
C SER A 422 -62.97 -58.70 21.48
N GLY A 423 -63.43 -59.64 22.32
CA GLY A 423 -64.59 -60.44 21.99
C GLY A 423 -64.33 -61.66 21.14
N LYS A 424 -63.07 -62.10 21.03
CA LYS A 424 -62.71 -63.28 20.26
C LYS A 424 -62.00 -64.27 21.18
N PRO A 425 -62.73 -65.20 21.79
CA PRO A 425 -62.10 -66.13 22.75
C PRO A 425 -61.18 -67.12 22.03
N ARG A 426 -59.91 -67.10 22.42
CA ARG A 426 -58.92 -68.01 21.85
C ARG A 426 -57.73 -68.07 22.80
N GLY A 427 -56.91 -69.09 22.62
CA GLY A 427 -55.75 -69.29 23.46
C GLY A 427 -54.50 -68.53 23.06
N SER A 428 -54.58 -67.69 22.02
CA SER A 428 -53.41 -66.96 21.55
C SER A 428 -53.80 -65.53 21.25
N GLY A 429 -52.82 -64.64 21.27
CA GLY A 429 -53.06 -63.24 21.00
C GLY A 429 -51.80 -62.44 21.25
N ALA A 430 -51.93 -61.13 20.99
CA ALA A 430 -50.84 -60.18 21.19
C ALA A 430 -51.32 -59.03 22.07
N PRO A 431 -51.24 -59.16 23.40
CA PRO A 431 -51.66 -58.04 24.26
C PRO A 431 -50.86 -56.77 24.02
N ALA A 432 -49.58 -56.90 23.70
CA ALA A 432 -48.76 -55.77 23.30
C ALA A 432 -48.87 -55.55 21.80
N GLY A 433 -48.23 -54.47 21.33
CA GLY A 433 -48.25 -54.11 19.92
C GLY A 433 -47.95 -55.25 18.97
N THR A 434 -46.78 -55.88 19.14
CA THR A 434 -46.39 -57.05 18.37
C THR A 434 -45.99 -58.21 19.28
N ALA A 435 -46.83 -58.49 20.28
CA ALA A 435 -46.58 -59.55 21.26
C ALA A 435 -45.26 -59.34 22.01
N LEU A 436 -45.00 -58.09 22.40
CA LEU A 436 -43.86 -57.80 23.23
C LEU A 436 -44.09 -58.36 24.63
N PRO A 437 -43.01 -58.67 25.36
CA PRO A 437 -43.18 -59.13 26.75
C PRO A 437 -43.84 -58.06 27.61
N LEU A 438 -44.68 -58.52 28.54
CA LEU A 438 -45.43 -57.61 29.39
C LEU A 438 -44.59 -57.03 30.53
N GLU A 439 -43.34 -57.46 30.68
CA GLU A 439 -42.48 -56.89 31.72
C GLU A 439 -42.06 -55.46 31.37
N GLY A 440 -42.05 -55.11 30.09
CA GLY A 440 -41.65 -53.76 29.71
C GLY A 440 -42.57 -52.69 30.23
N VAL A 441 -43.88 -52.91 30.11
CA VAL A 441 -44.84 -51.93 30.61
C VAL A 441 -44.78 -51.85 32.14
N ILE A 442 -44.55 -52.98 32.80
CA ILE A 442 -44.41 -52.98 34.25
C ILE A 442 -43.21 -52.15 34.68
N LEU A 443 -42.07 -52.35 34.01
CA LEU A 443 -40.87 -51.58 34.33
C LEU A 443 -41.08 -50.09 34.04
N SER A 444 -41.74 -49.77 32.93
CA SER A 444 -42.00 -48.38 32.60
C SER A 444 -42.89 -47.73 33.65
N LEU A 445 -43.93 -48.44 34.09
CA LEU A 445 -44.81 -47.91 35.12
C LEU A 445 -44.06 -47.70 36.44
N GLN A 446 -43.21 -48.65 36.82
CA GLN A 446 -42.43 -48.47 38.04
C GLN A 446 -41.48 -47.28 37.93
N ASP A 447 -40.84 -47.12 36.78
CA ASP A 447 -39.95 -45.97 36.58
C ASP A 447 -40.73 -44.66 36.65
N LEU A 448 -41.92 -44.61 36.04
CA LEU A 448 -42.74 -43.41 36.11
C LEU A 448 -43.18 -43.12 37.54
N ILE A 449 -43.49 -44.16 38.30
CA ILE A 449 -43.82 -44.00 39.71
C ILE A 449 -42.64 -43.39 40.46
N GLY A 450 -41.44 -43.91 40.22
CA GLY A 450 -40.25 -43.34 40.86
C GLY A 450 -40.00 -41.91 40.43
N TYR A 451 -40.40 -41.55 39.21
CA TYR A 451 -40.13 -40.22 38.68
C TYR A 451 -40.92 -39.14 39.41
N PHE A 452 -42.13 -39.46 39.87
CA PHE A 452 -43.05 -38.47 40.43
C PHE A 452 -43.10 -38.49 41.95
N GLU A 453 -42.02 -38.91 42.61
CA GLU A 453 -42.05 -38.99 44.06
C GLU A 453 -42.06 -37.60 44.68
N PRO A 454 -42.85 -37.37 45.73
CA PRO A 454 -42.84 -36.07 46.39
C PRO A 454 -41.55 -35.89 47.20
N PRO A 455 -41.16 -34.65 47.46
CA PRO A 455 -39.91 -34.42 48.21
C PRO A 455 -40.04 -34.84 49.66
N SER A 456 -38.88 -35.13 50.27
CA SER A 456 -38.84 -35.53 51.67
C SER A 456 -39.26 -34.39 52.57
N GLU A 457 -39.98 -34.72 53.64
CA GLU A 457 -40.49 -33.71 54.56
C GLU A 457 -39.44 -33.16 55.50
N GLU A 458 -38.24 -33.76 55.54
CA GLU A 458 -37.19 -33.33 56.45
C GLU A 458 -36.26 -32.29 55.85
N LEU A 459 -36.47 -31.89 54.59
CA LEU A 459 -35.59 -30.93 53.95
C LEU A 459 -35.90 -29.51 54.43
N GLN A 460 -35.05 -28.57 53.98
CA GLN A 460 -35.22 -27.17 54.33
C GLN A 460 -36.43 -26.58 53.61
N HIS A 461 -36.82 -25.38 54.05
CA HIS A 461 -38.02 -24.74 53.52
C HIS A 461 -37.85 -24.38 52.04
N GLU A 462 -36.77 -23.68 51.70
CA GLU A 462 -36.58 -23.22 50.33
C GLU A 462 -36.38 -24.39 49.37
N GLU A 463 -35.61 -25.40 49.78
CA GLU A 463 -35.42 -26.57 48.94
C GLU A 463 -36.73 -27.30 48.70
N LYS A 464 -37.55 -27.42 49.75
CA LYS A 464 -38.86 -28.06 49.59
C LYS A 464 -39.74 -27.28 48.63
N GLN A 465 -39.71 -25.95 48.73
CA GLN A 465 -40.51 -25.11 47.82
C GLN A 465 -40.05 -25.31 46.37
N SER A 466 -38.74 -25.33 46.15
CA SER A 466 -38.21 -25.52 44.79
C SER A 466 -38.59 -26.90 44.25
N LYS A 467 -38.47 -27.93 45.07
CA LYS A 467 -38.83 -29.27 44.64
C LYS A 467 -40.30 -29.35 44.29
N LEU A 468 -41.16 -28.74 45.11
CA LEU A 468 -42.59 -28.72 44.81
C LEU A 468 -42.88 -27.99 43.51
N ARG A 469 -42.19 -26.87 43.27
CA ARG A 469 -42.37 -26.13 42.03
C ARG A 469 -42.00 -26.99 40.82
N SER A 470 -40.86 -27.68 40.90
CA SER A 470 -40.44 -28.54 39.79
C SER A 470 -41.42 -29.68 39.56
N LEU A 471 -41.90 -30.29 40.64
CA LEU A 471 -42.87 -31.38 40.52
C LEU A 471 -44.15 -30.89 39.87
N ARG A 472 -44.63 -29.71 40.28
CA ARG A 472 -45.84 -29.16 39.69
C ARG A 472 -45.65 -28.89 38.20
N ASN A 473 -44.50 -28.34 37.82
CA ASN A 473 -44.23 -28.07 36.40
C ASN A 473 -44.22 -29.37 35.60
N ARG A 474 -43.56 -30.41 36.12
CA ARG A 474 -43.49 -31.67 35.40
C ARG A 474 -44.88 -32.30 35.27
N GLN A 475 -45.68 -32.25 36.33
CA GLN A 475 -47.04 -32.76 36.27
C GLN A 475 -47.86 -32.01 35.22
N SER A 476 -47.73 -30.68 35.18
CA SER A 476 -48.46 -29.90 34.20
C SER A 476 -48.05 -30.26 32.78
N LEU A 477 -46.75 -30.44 32.54
CA LEU A 477 -46.29 -30.82 31.21
C LEU A 477 -46.86 -32.18 30.80
N PHE A 478 -46.75 -33.17 31.69
CA PHE A 478 -47.24 -34.50 31.35
C PHE A 478 -48.75 -34.50 31.12
N GLN A 479 -49.51 -33.75 31.92
CA GLN A 479 -50.94 -33.67 31.70
C GLN A 479 -51.25 -32.99 30.37
N GLU A 480 -50.52 -31.92 30.04
CA GLU A 480 -50.78 -31.20 28.79
C GLU A 480 -50.53 -32.08 27.58
N GLU A 481 -49.46 -32.88 27.60
CA GLU A 481 -49.20 -33.72 26.43
C GLU A 481 -50.22 -34.84 26.27
N GLY A 482 -50.97 -35.19 27.31
CA GLY A 482 -52.08 -36.10 27.19
C GLY A 482 -51.86 -37.52 27.67
N MET A 483 -51.15 -37.72 28.78
CA MET A 483 -50.97 -39.06 29.31
C MET A 483 -52.16 -39.52 30.14
N LEU A 484 -52.89 -38.56 30.72
CA LEU A 484 -54.02 -38.90 31.58
C LEU A 484 -55.09 -39.68 30.83
N SER A 485 -55.43 -39.22 29.62
CA SER A 485 -56.41 -39.91 28.81
C SER A 485 -55.92 -41.30 28.42
N LEU A 486 -54.61 -41.44 28.16
CA LEU A 486 -54.06 -42.75 27.84
C LEU A 486 -54.21 -43.71 29.01
N VAL A 487 -53.90 -43.25 30.23
CA VAL A 487 -54.03 -44.10 31.41
C VAL A 487 -55.49 -44.48 31.63
N LEU A 488 -56.40 -43.50 31.48
CA LEU A 488 -57.82 -43.78 31.66
C LEU A 488 -58.31 -44.79 30.63
N ASN A 489 -57.86 -44.67 29.38
CA ASN A 489 -58.25 -45.61 28.34
C ASN A 489 -57.73 -47.01 28.66
N CYS A 490 -56.49 -47.12 29.14
CA CYS A 490 -55.94 -48.42 29.51
C CYS A 490 -56.78 -49.05 30.62
N ILE A 491 -57.14 -48.25 31.63
CA ILE A 491 -57.96 -48.77 32.73
C ILE A 491 -59.31 -49.22 32.20
N ASP A 492 -59.92 -48.44 31.31
CA ASP A 492 -61.21 -48.79 30.75
C ASP A 492 -61.14 -50.10 29.97
N ARG A 493 -60.08 -50.27 29.18
CA ARG A 493 -59.92 -51.53 28.43
C ARG A 493 -59.76 -52.71 29.37
N LEU A 494 -58.98 -52.56 30.44
CA LEU A 494 -58.73 -53.68 31.33
C LEU A 494 -59.90 -53.96 32.26
N ASN A 495 -60.81 -53.00 32.44
CA ASN A 495 -61.87 -53.15 33.43
C ASN A 495 -62.88 -54.23 33.08
N VAL A 496 -62.96 -54.64 31.81
CA VAL A 496 -64.04 -55.56 31.41
C VAL A 496 -63.80 -56.98 31.91
N TYR A 497 -62.60 -57.30 32.39
CA TYR A 497 -62.29 -58.63 32.90
C TYR A 497 -62.27 -58.60 34.42
N THR A 498 -62.92 -59.60 35.04
CA THR A 498 -63.11 -59.63 36.48
C THR A 498 -62.07 -60.45 37.23
N THR A 499 -61.37 -61.35 36.55
CA THR A 499 -60.41 -62.21 37.24
C THR A 499 -59.34 -62.66 36.25
N ALA A 500 -58.27 -63.23 36.80
CA ALA A 500 -57.13 -63.63 35.98
C ALA A 500 -57.51 -64.73 34.99
N ALA A 501 -58.33 -65.69 35.42
CA ALA A 501 -58.74 -66.76 34.51
C ALA A 501 -59.59 -66.22 33.37
N HIS A 502 -60.49 -65.28 33.67
CA HIS A 502 -61.31 -64.67 32.63
C HIS A 502 -60.45 -63.92 31.62
N PHE A 503 -59.34 -63.33 32.08
CA PHE A 503 -58.42 -62.66 31.15
C PHE A 503 -57.62 -63.66 30.34
N ALA A 504 -57.18 -64.75 30.98
CA ALA A 504 -56.42 -65.78 30.27
C ALA A 504 -57.28 -66.48 29.23
N GLU A 505 -58.60 -66.48 29.42
CA GLU A 505 -59.50 -67.04 28.41
C GLU A 505 -59.41 -66.30 27.08
N PHE A 506 -58.91 -65.07 27.09
CA PHE A 506 -58.78 -64.27 25.88
C PHE A 506 -57.34 -63.93 25.51
N ALA A 507 -56.41 -63.97 26.45
CA ALA A 507 -55.03 -63.61 26.19
C ALA A 507 -54.04 -64.74 26.43
N GLY A 508 -54.50 -65.90 26.88
CA GLY A 508 -53.62 -67.02 27.14
C GLY A 508 -53.04 -66.99 28.54
N GLU A 509 -52.57 -68.16 28.98
CA GLU A 509 -52.03 -68.28 30.33
C GLU A 509 -50.67 -67.61 30.46
N GLU A 510 -49.97 -67.40 29.34
CA GLU A 510 -48.63 -66.84 29.41
C GLU A 510 -48.64 -65.36 29.75
N ALA A 511 -49.76 -64.69 29.50
CA ALA A 511 -49.86 -63.25 29.73
C ALA A 511 -50.72 -62.87 30.93
N ALA A 512 -51.32 -63.85 31.61
CA ALA A 512 -52.25 -63.56 32.69
C ALA A 512 -51.58 -63.37 34.04
N GLU A 513 -50.26 -63.54 34.13
CA GLU A 513 -49.59 -63.43 35.42
C GLU A 513 -49.31 -61.99 35.82
N SER A 514 -49.46 -61.03 34.90
CA SER A 514 -49.15 -59.64 35.18
C SER A 514 -50.38 -58.74 35.29
N TRP A 515 -51.58 -59.32 35.19
CA TRP A 515 -52.81 -58.52 35.14
C TRP A 515 -53.01 -57.71 36.41
N LYS A 516 -52.95 -58.37 37.57
CA LYS A 516 -53.19 -57.69 38.84
C LYS A 516 -52.14 -56.61 39.08
N GLU A 517 -50.87 -56.92 38.82
CA GLU A 517 -49.80 -55.95 39.02
C GLU A 517 -49.97 -54.75 38.10
N ILE A 518 -50.36 -54.98 36.84
CA ILE A 518 -50.56 -53.88 35.91
C ILE A 518 -51.70 -52.98 36.38
N VAL A 519 -52.80 -53.58 36.85
CA VAL A 519 -53.92 -52.78 37.33
C VAL A 519 -53.51 -51.94 38.53
N ASN A 520 -52.79 -52.56 39.49
CA ASN A 520 -52.35 -51.83 40.67
C ASN A 520 -51.42 -50.68 40.29
N LEU A 521 -50.49 -50.93 39.38
CA LEU A 521 -49.56 -49.88 38.96
C LEU A 521 -50.28 -48.76 38.23
N LEU A 522 -51.29 -49.09 37.42
CA LEU A 522 -52.05 -48.06 36.73
C LEU A 522 -52.79 -47.16 37.71
N TYR A 523 -53.43 -47.77 38.72
CA TYR A 523 -54.10 -46.94 39.72
C TYR A 523 -53.10 -46.09 40.50
N GLU A 524 -51.94 -46.65 40.84
CA GLU A 524 -50.93 -45.89 41.56
C GLU A 524 -50.41 -44.71 40.73
N ILE A 525 -50.18 -44.93 39.44
CA ILE A 525 -49.64 -43.85 38.62
C ILE A 525 -50.70 -42.77 38.40
N LEU A 526 -51.96 -43.15 38.28
CA LEU A 526 -53.03 -42.14 38.21
C LEU A 526 -53.05 -41.29 39.48
N ALA A 527 -52.99 -41.95 40.64
CA ALA A 527 -53.01 -41.23 41.90
C ALA A 527 -51.81 -40.30 42.02
N SER A 528 -50.63 -40.77 41.60
CA SER A 528 -49.44 -39.93 41.67
C SER A 528 -49.53 -38.77 40.69
N LEU A 529 -50.17 -38.96 39.54
CA LEU A 529 -50.29 -37.89 38.57
C LEU A 529 -51.21 -36.78 39.07
N ILE A 530 -52.36 -37.14 39.66
CA ILE A 530 -53.34 -36.13 40.02
C ILE A 530 -53.14 -35.52 41.40
N ARG A 531 -52.19 -36.04 42.19
CA ARG A 531 -52.04 -35.57 43.57
C ARG A 531 -51.51 -34.14 43.60
N GLY A 532 -52.18 -33.29 44.40
CA GLY A 532 -51.72 -31.95 44.68
C GLY A 532 -51.93 -30.93 43.59
N ASN A 533 -52.58 -31.32 42.49
CA ASN A 533 -52.78 -30.43 41.35
C ASN A 533 -54.29 -30.28 41.14
N ARG A 534 -54.84 -29.16 41.62
CA ARG A 534 -56.28 -28.94 41.53
C ARG A 534 -56.73 -28.79 40.08
N ALA A 535 -55.87 -28.27 39.20
CA ALA A 535 -56.21 -28.17 37.79
C ALA A 535 -56.45 -29.56 37.19
N ASN A 536 -55.58 -30.52 37.52
CA ASN A 536 -55.79 -31.88 37.06
C ASN A 536 -56.99 -32.52 37.74
N CYS A 537 -57.18 -32.26 39.03
CA CYS A 537 -58.30 -32.87 39.76
C CYS A 537 -59.64 -32.35 39.27
N ALA A 538 -59.67 -31.16 38.65
CA ALA A 538 -60.91 -30.61 38.15
C ALA A 538 -61.49 -31.42 36.99
N LEU A 539 -60.68 -32.28 36.37
CA LEU A 539 -61.17 -33.06 35.23
C LEU A 539 -62.18 -34.11 35.64
N PHE A 540 -62.18 -34.52 36.92
CA PHE A 540 -63.03 -35.60 37.39
C PHE A 540 -64.41 -35.12 37.83
N SER A 541 -64.72 -33.82 37.66
CA SER A 541 -65.97 -33.28 38.19
C SER A 541 -67.19 -33.92 37.54
N ASN A 542 -67.09 -34.29 36.26
CA ASN A 542 -68.24 -34.82 35.52
C ASN A 542 -68.24 -36.34 35.40
N ASN A 543 -67.22 -37.02 35.93
CA ASN A 543 -67.13 -38.48 35.85
C ASN A 543 -67.04 -39.10 37.23
N LEU A 544 -67.79 -38.57 38.20
CA LEU A 544 -67.72 -39.10 39.56
C LEU A 544 -68.31 -40.51 39.66
N ASP A 545 -69.37 -40.79 38.90
CA ASP A 545 -69.95 -42.13 38.94
C ASP A 545 -68.98 -43.19 38.44
N TRP A 546 -68.21 -42.88 37.39
CA TRP A 546 -67.23 -43.81 36.86
C TRP A 546 -66.20 -44.20 37.92
N LEU A 547 -65.91 -43.29 38.85
CA LEU A 547 -64.95 -43.59 39.91
C LEU A 547 -65.63 -44.28 41.09
N VAL A 548 -66.84 -43.88 41.42
CA VAL A 548 -67.52 -44.42 42.60
C VAL A 548 -67.93 -45.87 42.36
N SER A 549 -68.40 -46.19 41.15
CA SER A 549 -68.91 -47.52 40.88
C SER A 549 -67.85 -48.60 40.93
N LYS A 550 -66.56 -48.23 40.92
CA LYS A 550 -65.48 -49.20 40.91
C LYS A 550 -64.99 -49.56 42.31
N LEU A 551 -65.58 -48.99 43.37
CA LEU A 551 -65.16 -49.32 44.72
C LEU A 551 -65.46 -50.78 45.07
N ASP A 552 -66.44 -51.40 44.40
CA ASP A 552 -66.75 -52.79 44.66
C ASP A 552 -65.63 -53.72 44.24
N ARG A 553 -64.89 -53.36 43.18
CA ARG A 553 -63.83 -54.21 42.66
C ARG A 553 -62.81 -54.52 43.75
N LEU A 554 -62.39 -55.78 43.82
CA LEU A 554 -61.57 -56.26 44.92
C LEU A 554 -60.13 -56.56 44.52
N GLU A 555 -59.68 -56.11 43.34
CA GLU A 555 -58.29 -56.34 42.96
C GLU A 555 -57.39 -55.19 43.39
N ALA A 556 -57.88 -53.95 43.28
CA ALA A 556 -57.07 -52.77 43.56
C ALA A 556 -57.87 -51.74 44.36
N SER A 557 -58.56 -52.20 45.41
CA SER A 557 -59.45 -51.32 46.16
C SER A 557 -58.71 -50.14 46.79
N SER A 558 -57.52 -50.38 47.34
CA SER A 558 -56.79 -49.32 48.02
C SER A 558 -56.41 -48.18 47.07
N GLY A 559 -56.01 -48.51 45.85
CA GLY A 559 -55.67 -47.47 44.89
C GLY A 559 -56.87 -46.59 44.54
N ILE A 560 -58.04 -47.22 44.33
CA ILE A 560 -59.24 -46.45 44.03
C ILE A 560 -59.61 -45.57 45.20
N LEU A 561 -59.51 -46.10 46.43
CA LEU A 561 -59.82 -45.29 47.61
C LEU A 561 -58.87 -44.11 47.73
N GLU A 562 -57.58 -44.32 47.47
CA GLU A 562 -56.60 -43.24 47.52
C GLU A 562 -56.89 -42.18 46.46
N VAL A 563 -57.25 -42.60 45.26
CA VAL A 563 -57.58 -41.66 44.20
C VAL A 563 -58.78 -40.82 44.60
N LEU A 564 -59.81 -41.47 45.15
CA LEU A 564 -61.00 -40.73 45.59
C LEU A 564 -60.66 -39.75 46.70
N TYR A 565 -59.82 -40.16 47.65
CA TYR A 565 -59.41 -39.27 48.73
C TYR A 565 -58.67 -38.05 48.18
N CYS A 566 -57.74 -38.26 47.24
CA CYS A 566 -57.02 -37.15 46.66
C CYS A 566 -57.96 -36.19 45.92
N VAL A 567 -58.90 -36.75 45.15
CA VAL A 567 -59.84 -35.91 44.41
C VAL A 567 -60.68 -35.09 45.38
N LEU A 568 -61.18 -35.72 46.45
CA LEU A 568 -62.01 -35.00 47.40
C LEU A 568 -61.23 -33.92 48.14
N ILE A 569 -59.96 -34.18 48.48
CA ILE A 569 -59.18 -33.19 49.20
C ILE A 569 -58.84 -32.01 48.31
N GLU A 570 -58.42 -32.26 47.08
CA GLU A 570 -57.89 -31.18 46.24
C GLU A 570 -58.97 -30.25 45.70
N SER A 571 -60.14 -30.77 45.33
CA SER A 571 -61.19 -29.99 44.68
C SER A 571 -62.46 -30.03 45.51
N PRO A 572 -62.61 -29.11 46.46
CA PRO A 572 -63.82 -29.08 47.30
C PRO A 572 -65.10 -28.81 46.54
N GLU A 573 -65.03 -28.22 45.34
CA GLU A 573 -66.24 -27.91 44.59
C GLU A 573 -67.05 -29.17 44.30
N VAL A 574 -66.38 -30.29 44.06
CA VAL A 574 -67.06 -31.55 43.78
C VAL A 574 -67.98 -31.97 44.93
N LEU A 575 -67.81 -31.37 46.11
CA LEU A 575 -68.69 -31.67 47.23
C LEU A 575 -70.13 -31.23 46.96
N ASN A 576 -70.36 -30.39 45.95
CA ASN A 576 -71.70 -29.90 45.70
C ASN A 576 -72.51 -30.81 44.78
N ILE A 577 -71.91 -31.88 44.25
CA ILE A 577 -72.62 -32.81 43.39
C ILE A 577 -72.77 -34.20 44.00
N ILE A 578 -72.29 -34.40 45.24
CA ILE A 578 -72.45 -35.69 45.90
C ILE A 578 -73.91 -35.94 46.21
N GLN A 579 -74.38 -37.15 45.94
CA GLN A 579 -75.77 -37.53 46.20
C GLN A 579 -75.80 -38.66 47.21
N GLU A 580 -77.03 -39.10 47.52
CA GLU A 580 -77.23 -40.08 48.58
C GLU A 580 -76.64 -41.43 48.21
N ASN A 581 -76.77 -41.85 46.95
CA ASN A 581 -76.34 -43.18 46.56
C ASN A 581 -74.83 -43.35 46.69
N HIS A 582 -74.07 -42.29 46.43
CA HIS A 582 -72.61 -42.37 46.60
C HIS A 582 -72.25 -42.61 48.07
N ILE A 583 -72.92 -41.89 48.97
CA ILE A 583 -72.65 -42.06 50.40
C ILE A 583 -73.04 -43.47 50.85
N LYS A 584 -74.18 -43.96 50.36
CA LYS A 584 -74.59 -45.32 50.71
C LYS A 584 -73.61 -46.36 50.16
N SER A 585 -73.06 -46.11 48.97
CA SER A 585 -72.05 -47.00 48.41
C SER A 585 -70.79 -47.01 49.27
N ILE A 586 -70.36 -45.84 49.74
CA ILE A 586 -69.18 -45.79 50.61
C ILE A 586 -69.44 -46.52 51.92
N ILE A 587 -70.62 -46.34 52.50
CA ILE A 587 -70.94 -47.03 53.74
C ILE A 587 -71.02 -48.54 53.52
N SER A 588 -71.57 -48.97 52.39
CA SER A 588 -71.59 -50.38 52.06
C SER A 588 -70.19 -50.94 51.86
N LEU A 589 -69.28 -50.14 51.29
CA LEU A 589 -67.88 -50.56 51.19
C LEU A 589 -67.29 -50.76 52.59
N LEU A 590 -67.58 -49.84 53.51
CA LEU A 590 -67.13 -50.00 54.88
C LEU A 590 -67.68 -51.29 55.49
N ASP A 591 -68.95 -51.58 55.23
CA ASP A 591 -69.57 -52.80 55.75
C ASP A 591 -68.92 -54.06 55.17
N LYS A 592 -68.64 -54.04 53.87
CA LYS A 592 -68.18 -55.26 53.19
C LYS A 592 -66.70 -55.54 53.39
N HIS A 593 -65.86 -54.51 53.48
CA HIS A 593 -64.42 -54.72 53.50
C HIS A 593 -63.80 -54.71 54.89
N GLY A 594 -64.59 -54.52 55.93
CA GLY A 594 -64.08 -54.52 57.28
C GLY A 594 -63.88 -53.12 57.83
N ARG A 595 -63.33 -53.07 59.05
CA ARG A 595 -63.13 -51.81 59.75
C ARG A 595 -61.83 -51.19 59.30
N ASN A 596 -61.92 -50.12 58.52
CA ASN A 596 -60.76 -49.40 58.00
C ASN A 596 -60.97 -47.91 58.22
N HIS A 597 -59.93 -47.24 58.75
CA HIS A 597 -60.06 -45.82 59.09
C HIS A 597 -59.92 -44.91 57.89
N LYS A 598 -59.41 -45.40 56.76
CA LYS A 598 -59.35 -44.58 55.55
C LYS A 598 -60.74 -44.21 55.08
N VAL A 599 -61.70 -45.13 55.19
CA VAL A 599 -63.08 -44.82 54.86
C VAL A 599 -63.62 -43.75 55.79
N LEU A 600 -63.24 -43.81 57.07
CA LEU A 600 -63.68 -42.78 58.01
C LEU A 600 -63.10 -41.42 57.63
N ASP A 601 -61.84 -41.38 57.21
CA ASP A 601 -61.26 -40.12 56.75
C ASP A 601 -61.99 -39.58 55.52
N VAL A 602 -62.31 -40.48 54.58
CA VAL A 602 -63.03 -40.08 53.38
C VAL A 602 -64.39 -39.50 53.75
N LEU A 603 -65.09 -40.13 54.69
CA LEU A 603 -66.38 -39.62 55.13
C LEU A 603 -66.22 -38.27 55.84
N CYS A 604 -65.15 -38.11 56.62
CA CYS A 604 -64.91 -36.84 57.29
C CYS A 604 -64.67 -35.72 56.29
N SER A 605 -64.03 -36.04 55.16
CA SER A 605 -63.68 -35.01 54.20
C SER A 605 -64.89 -34.43 53.48
N LEU A 606 -66.07 -35.01 53.66
CA LEU A 606 -67.26 -34.60 52.91
C LEU A 606 -68.14 -33.61 53.66
N CYS A 607 -67.69 -33.02 54.76
CA CYS A 607 -68.57 -32.22 55.58
C CYS A 607 -68.34 -30.72 55.46
N VAL A 608 -67.10 -30.28 55.24
CA VAL A 608 -66.75 -28.87 55.24
C VAL A 608 -66.11 -28.51 53.91
N CYS A 609 -66.57 -27.41 53.31
CA CYS A 609 -66.05 -26.93 52.03
C CYS A 609 -65.36 -25.58 52.26
N ASN A 610 -64.03 -25.63 52.40
CA ASN A 610 -63.16 -24.44 52.52
C ASN A 610 -63.75 -23.37 53.43
N GLY A 611 -64.28 -23.77 54.58
CA GLY A 611 -64.74 -22.85 55.60
C GLY A 611 -66.24 -22.83 55.84
N VAL A 612 -67.05 -23.40 54.94
CA VAL A 612 -68.50 -23.48 55.12
C VAL A 612 -68.89 -24.94 55.24
N ALA A 613 -69.87 -25.17 56.12
CA ALA A 613 -70.29 -26.55 56.41
C ALA A 613 -71.42 -26.92 55.46
N VAL A 614 -71.30 -28.08 54.83
CA VAL A 614 -72.31 -28.51 53.84
C VAL A 614 -73.28 -29.45 54.56
N CYS A 615 -74.40 -28.92 55.08
CA CYS A 615 -75.36 -29.70 55.91
C CYS A 615 -75.79 -31.02 55.25
N SER A 616 -76.51 -30.97 54.13
CA SER A 616 -77.05 -32.21 53.50
C SER A 616 -76.12 -33.39 53.77
N ASN A 617 -74.88 -33.30 53.30
CA ASN A 617 -73.90 -34.38 53.49
C ASN A 617 -73.90 -34.84 54.94
N GLN A 618 -73.83 -33.90 55.88
CA GLN A 618 -73.82 -34.25 57.30
C GLN A 618 -75.12 -34.95 57.69
N ASP A 619 -76.26 -34.43 57.21
CA ASP A 619 -77.54 -35.04 57.56
C ASP A 619 -77.63 -36.46 57.02
N LEU A 620 -77.21 -36.67 55.77
CA LEU A 620 -77.28 -38.00 55.18
C LEU A 620 -76.36 -38.98 55.90
N ILE A 621 -75.14 -38.54 56.23
CA ILE A 621 -74.22 -39.43 56.94
C ILE A 621 -74.80 -39.81 58.31
N THR A 622 -75.34 -38.82 59.03
CA THR A 622 -75.92 -39.11 60.35
C THR A 622 -77.10 -40.05 60.24
N GLU A 623 -77.96 -39.85 59.23
CA GLU A 623 -79.16 -40.67 59.09
C GLU A 623 -78.83 -42.09 58.64
N ASN A 624 -77.79 -42.27 57.83
CA ASN A 624 -77.51 -43.58 57.26
C ASN A 624 -76.51 -44.41 58.06
N LEU A 625 -75.66 -43.78 58.87
CA LEU A 625 -74.63 -44.53 59.59
C LEU A 625 -74.97 -44.78 61.06
N LEU A 626 -75.55 -43.80 61.74
CA LEU A 626 -75.72 -43.85 63.19
C LEU A 626 -76.87 -44.74 63.68
N PRO A 627 -78.11 -44.56 63.20
CA PRO A 627 -79.25 -45.18 63.91
C PRO A 627 -79.15 -46.70 64.03
N GLY A 628 -78.64 -47.38 63.02
CA GLY A 628 -78.46 -48.82 63.14
C GLY A 628 -77.12 -49.15 63.78
N ARG A 629 -77.15 -49.42 65.08
CA ARG A 629 -75.91 -49.59 65.85
C ARG A 629 -75.29 -50.94 65.58
N GLU A 630 -74.73 -51.13 64.39
CA GLU A 630 -74.16 -52.41 64.00
C GLU A 630 -72.72 -52.32 63.48
N LEU A 631 -72.24 -51.12 63.15
CA LEU A 631 -70.91 -50.99 62.56
C LEU A 631 -69.89 -50.45 63.56
N LEU A 632 -70.17 -49.30 64.16
CA LEU A 632 -69.24 -48.69 65.09
C LEU A 632 -69.33 -49.33 66.46
N LEU A 633 -68.20 -49.34 67.17
CA LEU A 633 -68.15 -49.91 68.51
C LEU A 633 -68.95 -49.05 69.47
N GLN A 634 -69.59 -49.68 70.45
CA GLN A 634 -70.45 -48.98 71.38
C GLN A 634 -69.75 -48.80 72.72
N THR A 635 -70.22 -47.85 73.53
CA THR A 635 -69.67 -47.59 74.86
C THR A 635 -70.79 -47.35 75.85
N ASN A 636 -70.52 -47.70 77.11
CA ASN A 636 -71.49 -47.44 78.17
C ASN A 636 -70.79 -47.53 79.53
N LEU A 637 -71.57 -47.33 80.58
CA LEU A 637 -71.11 -47.44 81.96
C LEU A 637 -71.89 -48.54 82.66
N ILE A 638 -71.18 -49.46 83.30
CA ILE A 638 -71.80 -50.63 83.92
C ILE A 638 -71.25 -50.84 85.32
N ASN A 639 -71.98 -51.62 86.12
CA ASN A 639 -71.59 -51.92 87.48
C ASN A 639 -70.83 -53.23 87.56
N TYR A 640 -70.12 -53.43 88.66
CA TYR A 640 -69.50 -54.72 88.96
C TYR A 640 -70.46 -55.59 89.75
N VAL A 641 -70.43 -56.89 89.48
CA VAL A 641 -71.22 -57.87 90.22
C VAL A 641 -70.30 -58.99 90.67
N THR A 642 -70.74 -59.75 91.67
CA THR A 642 -69.95 -60.83 92.23
C THR A 642 -70.87 -61.90 92.81
N SER A 643 -70.30 -63.08 93.02
CA SER A 643 -71.06 -64.25 93.46
C SER A 643 -70.45 -64.83 94.74
N ILE A 644 -71.31 -65.46 95.54
CA ILE A 644 -70.92 -66.06 96.80
C ILE A 644 -71.62 -67.41 96.95
N ARG A 645 -70.88 -68.40 97.43
CA ARG A 645 -71.34 -69.76 97.61
C ARG A 645 -70.84 -70.30 98.93
N PRO A 646 -71.52 -71.31 99.49
CA PRO A 646 -70.91 -72.14 100.52
C PRO A 646 -70.14 -73.28 99.88
N ASN A 647 -69.51 -74.09 100.73
CA ASN A 647 -68.63 -75.18 100.27
C ASN A 647 -69.33 -76.52 100.27
N ILE A 648 -70.64 -76.55 99.97
CA ILE A 648 -71.41 -77.78 99.88
C ILE A 648 -71.48 -78.21 98.42
N PHE A 649 -71.12 -79.45 98.14
CA PHE A 649 -71.11 -79.98 96.78
C PHE A 649 -71.94 -81.26 96.73
N VAL A 650 -72.75 -81.39 95.67
CA VAL A 650 -73.67 -82.50 95.51
C VAL A 650 -73.67 -82.92 94.05
N GLY A 651 -73.67 -84.24 93.80
CA GLY A 651 -73.68 -84.75 92.45
C GLY A 651 -74.39 -86.10 92.38
N ARG A 652 -74.43 -86.65 91.17
CA ARG A 652 -75.06 -87.93 90.91
C ARG A 652 -74.23 -88.72 89.93
N ALA A 653 -74.12 -90.03 90.17
CA ALA A 653 -73.39 -90.93 89.29
C ALA A 653 -73.85 -92.35 89.56
N GLU A 654 -73.29 -93.29 88.79
CA GLU A 654 -73.63 -94.70 88.97
C GLU A 654 -72.87 -95.26 90.16
N GLY A 655 -73.60 -95.81 91.13
CA GLY A 655 -72.99 -96.36 92.32
C GLY A 655 -72.50 -95.32 93.30
N THR A 656 -72.99 -94.09 93.21
CA THR A 656 -72.53 -93.03 94.10
C THR A 656 -73.09 -93.22 95.51
N THR A 657 -72.47 -92.56 96.47
CA THR A 657 -72.85 -92.66 97.87
C THR A 657 -73.64 -91.46 98.37
N GLN A 658 -74.14 -90.61 97.47
CA GLN A 658 -74.78 -89.36 97.84
C GLN A 658 -76.29 -89.44 97.69
N TYR A 659 -76.99 -88.63 98.50
CA TYR A 659 -78.44 -88.56 98.43
C TYR A 659 -78.85 -87.70 97.23
N SER A 660 -80.14 -87.71 96.92
CA SER A 660 -80.61 -87.21 95.63
C SER A 660 -81.44 -85.93 95.71
N LYS A 661 -81.90 -85.53 96.88
CA LYS A 661 -82.79 -84.37 96.98
C LYS A 661 -82.27 -83.40 98.04
N TRP A 662 -82.33 -82.10 97.73
CA TRP A 662 -81.76 -81.09 98.62
C TRP A 662 -82.60 -79.82 98.59
N TYR A 663 -82.40 -78.99 99.61
CA TYR A 663 -83.25 -77.83 99.87
C TYR A 663 -82.48 -76.82 100.71
N PHE A 664 -82.67 -75.52 100.41
CA PHE A 664 -82.03 -74.48 101.22
C PHE A 664 -82.82 -73.18 101.06
N GLU A 665 -82.49 -72.18 101.89
CA GLU A 665 -83.26 -70.94 101.89
C GLU A 665 -82.36 -69.71 102.01
N VAL A 666 -82.87 -68.59 101.50
CA VAL A 666 -82.18 -67.31 101.54
C VAL A 666 -83.17 -66.24 102.01
N MET A 667 -82.71 -65.35 102.88
CA MET A 667 -83.52 -64.25 103.39
C MET A 667 -82.87 -62.93 103.03
N VAL A 668 -83.68 -61.94 102.65
CA VAL A 668 -83.21 -60.63 102.23
C VAL A 668 -83.51 -59.63 103.34
N ASP A 669 -82.51 -58.83 103.72
CA ASP A 669 -82.67 -57.85 104.78
C ASP A 669 -82.77 -56.42 104.27
N GLU A 670 -81.95 -56.03 103.30
CA GLU A 670 -81.90 -54.65 102.83
C GLU A 670 -81.45 -54.62 101.39
N VAL A 671 -82.03 -53.71 100.61
CA VAL A 671 -81.64 -53.51 99.22
C VAL A 671 -82.00 -52.10 98.78
N VAL A 672 -81.08 -51.44 98.10
CA VAL A 672 -81.30 -50.09 97.57
C VAL A 672 -81.64 -50.21 96.09
N PRO A 673 -82.85 -49.84 95.66
CA PRO A 673 -83.23 -50.07 94.26
C PRO A 673 -82.32 -49.39 93.25
N PHE A 674 -81.87 -48.17 93.51
CA PHE A 674 -81.01 -47.43 92.60
C PHE A 674 -79.90 -46.74 93.38
N LEU A 675 -78.80 -47.46 93.60
CA LEU A 675 -77.62 -46.83 94.18
C LEU A 675 -76.86 -46.00 93.15
N THR A 676 -76.88 -46.43 91.89
CA THR A 676 -76.24 -45.72 90.79
C THR A 676 -77.30 -45.57 89.70
N ALA A 677 -76.93 -45.08 88.51
CA ALA A 677 -77.92 -44.91 87.45
C ALA A 677 -78.43 -46.24 86.90
N GLN A 678 -77.82 -47.36 87.27
CA GLN A 678 -78.24 -48.68 86.82
C GLN A 678 -78.84 -49.45 87.99
N ALA A 679 -79.82 -50.31 87.68
CA ALA A 679 -80.56 -51.00 88.72
C ALA A 679 -79.69 -52.02 89.44
N THR A 680 -80.05 -52.30 90.70
CA THR A 680 -79.31 -53.23 91.51
C THR A 680 -79.55 -54.67 91.06
N HIS A 681 -78.51 -55.49 91.15
CA HIS A 681 -78.56 -56.88 90.70
C HIS A 681 -78.61 -57.81 91.92
N LEU A 682 -79.50 -58.80 91.87
CA LEU A 682 -79.63 -59.77 92.95
C LEU A 682 -80.33 -61.01 92.40
N ARG A 683 -79.63 -62.14 92.36
CA ARG A 683 -80.18 -63.40 91.88
C ARG A 683 -79.71 -64.54 92.77
N VAL A 684 -80.53 -65.59 92.85
CA VAL A 684 -80.25 -66.74 93.72
C VAL A 684 -80.50 -68.02 92.92
N GLY A 685 -79.63 -69.01 93.08
CA GLY A 685 -79.89 -70.26 92.37
C GLY A 685 -78.81 -71.30 92.58
N TRP A 686 -78.70 -72.20 91.61
CA TRP A 686 -77.77 -73.32 91.64
C TRP A 686 -76.73 -73.15 90.53
N ALA A 687 -75.56 -73.73 90.74
CA ALA A 687 -74.48 -73.63 89.77
C ALA A 687 -73.70 -74.95 89.74
N LEU A 688 -72.92 -75.12 88.67
CA LEU A 688 -72.17 -76.33 88.42
C LEU A 688 -70.67 -75.99 88.45
N THR A 689 -69.87 -76.92 88.96
CA THR A 689 -68.46 -76.62 89.22
C THR A 689 -67.63 -76.57 87.96
N GLU A 690 -68.02 -77.30 86.91
CA GLU A 690 -67.13 -77.48 85.77
C GLU A 690 -67.06 -76.25 84.87
N GLY A 691 -68.15 -75.52 84.69
CA GLY A 691 -68.16 -74.47 83.70
C GLY A 691 -68.46 -73.08 84.21
N TYR A 692 -69.05 -72.96 85.40
CA TYR A 692 -69.42 -71.64 85.94
C TYR A 692 -68.16 -70.97 86.46
N SER A 693 -67.74 -69.89 85.80
CA SER A 693 -66.52 -69.18 86.17
C SER A 693 -66.64 -67.73 85.71
N PRO A 694 -67.26 -66.88 86.51
CA PRO A 694 -67.37 -65.47 86.15
C PRO A 694 -66.19 -64.66 86.65
N TYR A 695 -65.68 -63.79 85.77
CA TYR A 695 -64.58 -62.90 86.10
C TYR A 695 -65.06 -61.46 86.16
N PRO A 696 -64.50 -60.64 87.04
CA PRO A 696 -64.91 -59.23 87.10
C PRO A 696 -64.61 -58.51 85.79
N GLY A 697 -65.52 -57.62 85.41
CA GLY A 697 -65.32 -56.82 84.22
C GLY A 697 -66.20 -57.22 83.04
N GLY A 698 -65.58 -57.48 81.89
CA GLY A 698 -66.33 -57.78 80.70
C GLY A 698 -66.83 -59.21 80.64
N GLY A 699 -67.59 -59.49 79.59
CA GLY A 699 -68.17 -60.82 79.42
C GLY A 699 -69.17 -60.83 78.29
N GLU A 700 -70.16 -61.71 78.44
CA GLU A 700 -71.22 -61.80 77.44
C GLU A 700 -72.14 -60.60 77.51
N GLY A 701 -72.71 -60.25 76.35
CA GLY A 701 -73.65 -59.14 76.31
C GLY A 701 -73.01 -57.83 76.72
N TRP A 702 -73.61 -57.18 77.72
CA TRP A 702 -73.12 -55.91 78.24
C TRP A 702 -72.44 -56.06 79.59
N GLY A 703 -71.79 -57.20 79.84
CA GLY A 703 -71.09 -57.41 81.09
C GLY A 703 -72.03 -57.64 82.26
N GLY A 704 -71.44 -57.60 83.45
CA GLY A 704 -72.19 -57.83 84.68
C GLY A 704 -72.78 -59.22 84.75
N ASN A 705 -71.98 -60.23 84.44
CA ASN A 705 -72.46 -61.60 84.37
C ASN A 705 -72.61 -62.19 85.77
N GLY A 706 -73.77 -62.80 86.03
CA GLY A 706 -74.08 -63.41 87.31
C GLY A 706 -74.65 -64.80 87.11
N VAL A 707 -75.62 -65.14 87.95
CA VAL A 707 -76.26 -66.45 87.89
C VAL A 707 -77.27 -66.46 86.75
N GLY A 708 -77.16 -67.45 85.87
CA GLY A 708 -78.07 -67.59 84.76
C GLY A 708 -77.63 -66.94 83.47
N ASP A 709 -76.37 -66.51 83.37
CA ASP A 709 -75.86 -65.87 82.17
C ASP A 709 -75.06 -66.82 81.29
N ASP A 710 -75.12 -68.12 81.57
CA ASP A 710 -74.55 -69.13 80.70
C ASP A 710 -75.43 -70.38 80.82
N LEU A 711 -74.91 -71.51 80.32
CA LEU A 711 -75.62 -72.78 80.42
C LEU A 711 -75.04 -73.68 81.52
N TYR A 712 -74.49 -73.07 82.58
CA TYR A 712 -73.97 -73.81 83.71
C TYR A 712 -74.59 -73.38 85.03
N SER A 713 -75.53 -72.44 84.99
CA SER A 713 -76.15 -71.95 86.22
C SER A 713 -77.64 -71.73 85.96
N TYR A 714 -78.42 -71.79 87.03
CA TYR A 714 -79.87 -71.64 86.96
C TYR A 714 -80.32 -70.79 88.14
N GLY A 715 -80.91 -69.63 87.86
CA GLY A 715 -81.17 -68.64 88.88
C GLY A 715 -82.56 -68.05 88.78
N PHE A 716 -82.91 -67.31 89.84
CA PHE A 716 -84.22 -66.69 90.00
C PHE A 716 -84.04 -65.34 90.67
N ASP A 717 -84.92 -64.40 90.33
CA ASP A 717 -84.79 -63.04 90.84
C ASP A 717 -86.10 -62.39 91.29
N GLY A 718 -87.23 -63.10 91.24
CA GLY A 718 -88.51 -62.58 91.68
C GLY A 718 -89.53 -62.44 90.57
N LEU A 719 -89.08 -62.20 89.34
CA LEU A 719 -90.00 -62.02 88.22
C LEU A 719 -89.67 -62.96 87.07
N HIS A 720 -88.39 -63.27 86.88
CA HIS A 720 -87.93 -64.00 85.72
C HIS A 720 -87.14 -65.24 86.12
N LEU A 721 -87.16 -66.24 85.26
CA LEU A 721 -86.23 -67.35 85.31
C LEU A 721 -85.13 -67.07 84.29
N TRP A 722 -83.88 -67.10 84.73
CA TRP A 722 -82.74 -66.71 83.92
C TRP A 722 -81.93 -67.94 83.53
N THR A 723 -81.67 -68.09 82.24
CA THR A 723 -80.75 -69.13 81.78
C THR A 723 -80.29 -68.79 80.37
N GLY A 724 -79.04 -69.14 80.08
CA GLY A 724 -78.46 -68.84 78.79
C GLY A 724 -78.45 -67.36 78.44
N HIS A 725 -78.31 -66.49 79.44
CA HIS A 725 -78.40 -65.04 79.28
C HIS A 725 -79.76 -64.60 78.76
N VAL A 726 -80.80 -65.38 79.01
CA VAL A 726 -82.16 -65.10 78.56
C VAL A 726 -83.09 -65.15 79.76
N PRO A 727 -83.91 -64.13 80.01
CA PRO A 727 -84.97 -64.22 81.02
C PRO A 727 -86.30 -64.63 80.43
N ARG A 728 -87.09 -65.33 81.24
CA ARG A 728 -88.43 -65.74 80.86
C ARG A 728 -89.38 -65.47 82.02
N LEU A 729 -90.52 -64.84 81.71
CA LEU A 729 -91.45 -64.40 82.75
C LEU A 729 -92.21 -65.57 83.35
N VAL A 730 -92.47 -65.49 84.66
CA VAL A 730 -93.21 -66.52 85.38
C VAL A 730 -94.33 -65.84 86.16
N THR A 731 -95.34 -66.64 86.53
CA THR A 731 -96.50 -66.14 87.26
C THR A 731 -96.42 -66.56 88.72
N SER A 732 -96.66 -65.62 89.62
CA SER A 732 -96.65 -65.86 91.05
C SER A 732 -97.66 -64.93 91.71
N PRO A 733 -98.28 -65.34 92.82
CA PRO A 733 -99.22 -64.45 93.51
C PRO A 733 -98.52 -63.25 94.13
N GLY A 734 -98.78 -62.05 93.61
CA GLY A 734 -98.14 -60.87 94.10
C GLY A 734 -96.74 -60.68 93.55
N GLN A 735 -96.63 -60.64 92.22
CA GLN A 735 -95.32 -60.53 91.57
C GLN A 735 -94.67 -59.19 91.90
N HIS A 736 -93.39 -59.25 92.25
CA HIS A 736 -92.58 -58.05 92.44
C HIS A 736 -91.11 -58.47 92.47
N LEU A 737 -90.24 -57.51 92.19
CA LEU A 737 -88.81 -57.76 92.32
C LEU A 737 -88.46 -58.00 93.77
N LEU A 738 -87.33 -58.68 94.00
CA LEU A 738 -86.94 -59.05 95.35
C LEU A 738 -86.84 -57.83 96.24
N ALA A 739 -87.47 -57.91 97.40
CA ALA A 739 -87.66 -56.80 98.33
C ALA A 739 -87.28 -57.26 99.73
N PRO A 740 -87.04 -56.33 100.65
CA PRO A 740 -86.72 -56.72 102.02
C PRO A 740 -87.84 -57.54 102.65
N GLU A 741 -87.46 -58.42 103.58
CA GLU A 741 -88.32 -59.34 104.30
C GLU A 741 -88.84 -60.48 103.43
N ASP A 742 -88.22 -60.72 102.28
CA ASP A 742 -88.60 -61.83 101.42
C ASP A 742 -87.77 -63.06 101.75
N VAL A 743 -88.38 -64.23 101.60
CA VAL A 743 -87.73 -65.52 101.83
C VAL A 743 -87.88 -66.36 100.57
N VAL A 744 -86.76 -66.89 100.09
CA VAL A 744 -86.74 -67.71 98.88
C VAL A 744 -86.21 -69.09 99.24
N SER A 745 -86.94 -70.13 98.84
CA SER A 745 -86.56 -71.51 99.11
C SER A 745 -86.30 -72.22 97.79
N CYS A 746 -85.16 -72.90 97.71
CA CYS A 746 -84.76 -73.61 96.50
C CYS A 746 -84.69 -75.10 96.77
N CYS A 747 -85.23 -75.88 95.84
CA CYS A 747 -85.28 -77.34 95.93
C CYS A 747 -84.66 -77.94 94.68
N LEU A 748 -83.80 -78.94 94.87
CA LEU A 748 -83.12 -79.63 93.77
C LEU A 748 -83.38 -81.12 93.87
N ASP A 749 -83.71 -81.74 92.74
CA ASP A 749 -83.85 -83.22 92.71
C ASP A 749 -82.90 -83.78 91.66
N LEU A 750 -81.81 -84.43 92.10
CA LEU A 750 -80.86 -85.05 91.14
C LEU A 750 -81.65 -86.04 90.29
N SER A 751 -82.40 -86.94 90.93
CA SER A 751 -83.28 -87.85 90.16
C SER A 751 -84.13 -87.01 89.21
N VAL A 752 -84.30 -87.44 87.96
CA VAL A 752 -85.03 -86.63 86.93
C VAL A 752 -84.69 -85.13 87.12
N PRO A 753 -83.51 -84.67 86.64
CA PRO A 753 -83.07 -83.28 86.81
C PRO A 753 -84.22 -82.28 86.99
N SER A 754 -84.41 -81.76 88.21
CA SER A 754 -85.52 -80.82 88.47
C SER A 754 -85.09 -79.75 89.49
N ILE A 755 -85.34 -78.48 89.18
CA ILE A 755 -85.06 -77.40 90.10
C ILE A 755 -86.34 -76.59 90.29
N SER A 756 -86.69 -76.32 91.54
CA SER A 756 -87.94 -75.64 91.85
C SER A 756 -87.70 -74.55 92.88
N PHE A 757 -88.55 -73.53 92.86
CA PHE A 757 -88.44 -72.38 93.73
C PHE A 757 -89.77 -72.14 94.43
N ARG A 758 -89.70 -71.59 95.64
CA ARG A 758 -90.87 -71.09 96.34
C ARG A 758 -90.54 -69.74 96.95
N ILE A 759 -91.51 -68.83 96.93
CA ILE A 759 -91.35 -67.49 97.48
C ILE A 759 -92.45 -67.28 98.53
N ASN A 760 -92.04 -67.03 99.77
CA ASN A 760 -92.97 -66.79 100.88
C ASN A 760 -93.96 -67.94 101.05
N GLY A 761 -93.53 -69.15 100.69
CA GLY A 761 -94.36 -70.33 100.79
C GLY A 761 -95.25 -70.60 99.60
N CYS A 762 -95.43 -69.62 98.73
CA CYS A 762 -96.26 -69.80 97.54
C CYS A 762 -95.39 -70.28 96.38
N PRO A 763 -95.73 -71.41 95.76
CA PRO A 763 -94.89 -71.93 94.68
C PRO A 763 -94.95 -71.08 93.43
N VAL A 764 -93.87 -71.12 92.66
CA VAL A 764 -93.81 -70.45 91.37
C VAL A 764 -94.07 -71.46 90.28
N GLN A 765 -94.68 -71.01 89.20
CA GLN A 765 -95.16 -71.89 88.13
C GLN A 765 -94.18 -72.00 86.97
N GLY A 766 -92.98 -72.51 87.24
CA GLY A 766 -92.00 -72.75 86.19
C GLY A 766 -90.90 -73.64 86.69
N VAL A 767 -90.34 -74.45 85.79
CA VAL A 767 -89.33 -75.43 86.17
C VAL A 767 -88.26 -75.56 85.10
N PHE A 768 -87.03 -75.80 85.56
CA PHE A 768 -85.94 -76.25 84.71
C PHE A 768 -85.91 -77.78 84.74
N GLU A 769 -85.48 -78.39 83.63
CA GLU A 769 -85.39 -79.85 83.58
C GLU A 769 -84.52 -80.27 82.41
N ALA A 770 -84.20 -81.57 82.40
CA ALA A 770 -83.47 -82.22 81.30
C ALA A 770 -82.13 -81.56 81.03
N PHE A 771 -81.38 -81.24 82.07
CA PHE A 771 -80.06 -80.66 81.89
C PHE A 771 -78.98 -81.71 82.11
N ASN A 772 -77.74 -81.34 81.79
CA ASN A 772 -76.62 -82.26 81.93
C ASN A 772 -76.34 -82.56 83.39
N LEU A 773 -75.71 -83.71 83.63
CA LEU A 773 -75.51 -84.21 84.99
C LEU A 773 -74.05 -84.40 85.37
N ASN A 774 -73.10 -84.12 84.48
CA ASN A 774 -71.70 -84.22 84.84
C ASN A 774 -71.28 -83.06 85.74
N GLY A 775 -70.44 -83.36 86.72
CA GLY A 775 -70.01 -82.35 87.66
C GLY A 775 -70.86 -82.32 88.92
N LEU A 776 -70.51 -81.38 89.79
CA LEU A 776 -71.18 -81.22 91.08
C LEU A 776 -71.95 -79.90 91.10
N PHE A 777 -72.98 -79.85 91.93
CA PHE A 777 -73.85 -78.69 92.06
C PHE A 777 -73.63 -78.01 93.41
N PHE A 778 -73.75 -76.68 93.42
CA PHE A 778 -73.66 -75.94 94.66
C PHE A 778 -74.60 -74.75 94.61
N PRO A 779 -75.12 -74.30 95.76
CA PRO A 779 -75.92 -73.06 95.77
C PRO A 779 -75.04 -71.85 95.56
N VAL A 780 -75.66 -70.77 95.07
CA VAL A 780 -74.93 -69.56 94.73
C VAL A 780 -75.89 -68.38 94.78
N VAL A 781 -75.37 -67.23 95.18
CA VAL A 781 -76.10 -65.96 95.13
C VAL A 781 -75.21 -64.91 94.50
N SER A 782 -75.75 -64.17 93.54
CA SER A 782 -75.00 -63.14 92.84
C SER A 782 -75.64 -61.78 93.10
N PHE A 783 -74.82 -60.75 93.21
CA PHE A 783 -75.31 -59.45 93.62
C PHE A 783 -74.33 -58.37 93.18
N SER A 784 -74.78 -57.13 93.30
CA SER A 784 -73.97 -55.94 93.14
C SER A 784 -73.95 -55.18 94.46
N ALA A 785 -73.37 -53.98 94.43
CA ALA A 785 -73.18 -53.22 95.66
C ALA A 785 -74.52 -52.77 96.24
N GLY A 786 -74.63 -52.86 97.56
CA GLY A 786 -75.79 -52.33 98.26
C GLY A 786 -76.83 -53.35 98.64
N VAL A 787 -76.41 -54.53 99.13
CA VAL A 787 -77.34 -55.58 99.49
C VAL A 787 -76.91 -56.21 100.82
N LYS A 788 -77.89 -56.82 101.50
CA LYS A 788 -77.66 -57.62 102.70
C LYS A 788 -78.57 -58.83 102.67
N VAL A 789 -77.97 -60.02 102.73
CA VAL A 789 -78.73 -61.28 102.68
C VAL A 789 -78.19 -62.23 103.74
N ARG A 790 -78.97 -63.27 104.01
CA ARG A 790 -78.59 -64.31 104.94
C ARG A 790 -78.91 -65.69 104.36
N PHE A 791 -77.95 -66.59 104.48
CA PHE A 791 -78.10 -67.98 104.11
C PHE A 791 -78.68 -68.78 105.28
N LEU A 792 -79.68 -69.61 104.99
CA LEU A 792 -80.29 -70.53 105.94
C LEU A 792 -80.16 -71.94 105.37
N LEU A 793 -79.45 -72.80 106.10
CA LEU A 793 -79.12 -74.14 105.64
C LEU A 793 -79.71 -75.23 106.53
N GLY A 794 -80.42 -74.88 107.58
CA GLY A 794 -80.99 -75.86 108.49
C GLY A 794 -80.06 -76.22 109.63
N GLY A 795 -80.56 -77.08 110.51
CA GLY A 795 -79.79 -77.49 111.67
C GLY A 795 -79.48 -76.31 112.57
N ARG A 796 -78.22 -76.23 113.00
CA ARG A 796 -77.72 -75.11 113.79
C ARG A 796 -77.06 -74.04 112.93
N HIS A 797 -77.36 -74.01 111.64
CA HIS A 797 -76.84 -72.98 110.75
C HIS A 797 -77.98 -72.18 110.15
N GLY A 798 -78.95 -71.82 110.99
CA GLY A 798 -80.11 -71.07 110.52
C GLY A 798 -81.36 -71.92 110.46
N GLU A 799 -82.42 -71.49 111.15
CA GLU A 799 -83.65 -72.25 111.16
C GLU A 799 -84.51 -71.92 109.94
N PHE A 800 -85.05 -72.95 109.30
CA PHE A 800 -85.94 -72.74 108.17
C PHE A 800 -87.23 -72.06 108.62
N LYS A 801 -87.76 -71.18 107.78
CA LYS A 801 -89.04 -70.52 108.05
C LYS A 801 -90.22 -71.31 107.50
N PHE A 802 -89.98 -72.39 106.76
CA PHE A 802 -91.05 -73.19 106.17
C PHE A 802 -90.62 -74.65 106.17
N LEU A 803 -91.62 -75.53 106.12
CA LEU A 803 -91.36 -76.96 106.13
C LEU A 803 -90.86 -77.41 104.76
N PRO A 804 -89.72 -78.08 104.69
CA PRO A 804 -89.23 -78.59 103.40
C PRO A 804 -90.16 -79.67 102.86
N PRO A 805 -90.17 -79.87 101.55
CA PRO A 805 -91.00 -80.93 100.95
C PRO A 805 -90.66 -82.29 101.55
N PRO A 806 -91.56 -83.28 101.42
CA PRO A 806 -91.43 -84.49 102.25
C PRO A 806 -90.10 -85.22 102.10
N GLY A 807 -89.55 -85.31 100.89
CA GLY A 807 -88.37 -86.11 100.66
C GLY A 807 -87.05 -85.36 100.55
N TYR A 808 -87.03 -84.08 100.90
CA TYR A 808 -85.84 -83.26 100.71
C TYR A 808 -85.08 -83.08 102.01
N ALA A 809 -83.74 -83.16 101.93
CA ALA A 809 -82.88 -83.09 103.10
C ALA A 809 -82.25 -81.70 103.24
N PRO A 810 -81.97 -81.26 104.46
CA PRO A 810 -81.29 -79.99 104.66
C PRO A 810 -79.87 -80.03 104.11
N CYS A 811 -79.37 -78.84 103.74
CA CYS A 811 -78.07 -78.76 103.09
C CYS A 811 -76.92 -79.01 104.05
N HIS A 812 -77.09 -78.64 105.33
CA HIS A 812 -75.99 -78.75 106.29
C HIS A 812 -75.55 -80.19 106.51
N GLU A 813 -76.37 -81.17 106.10
CA GLU A 813 -75.99 -82.57 106.21
C GLU A 813 -74.94 -82.98 105.19
N ALA A 814 -74.64 -82.13 104.21
CA ALA A 814 -73.75 -82.50 103.11
C ALA A 814 -72.29 -82.12 103.37
N VAL A 815 -71.96 -81.62 104.55
CA VAL A 815 -70.59 -81.23 104.84
C VAL A 815 -69.72 -82.48 104.96
N LEU A 816 -68.57 -82.46 104.29
CA LEU A 816 -67.66 -83.58 104.33
C LEU A 816 -67.01 -83.69 105.71
N PRO A 817 -66.61 -84.91 106.13
CA PRO A 817 -66.05 -85.07 107.47
C PRO A 817 -64.78 -84.27 107.71
N ARG A 818 -63.95 -84.05 106.69
CA ARG A 818 -62.68 -83.37 106.88
C ARG A 818 -62.79 -81.86 106.78
N GLU A 819 -63.96 -81.30 106.47
CA GLU A 819 -64.11 -79.88 106.22
C GLU A 819 -64.99 -79.23 107.28
N ARG A 820 -65.06 -77.91 107.22
CA ARG A 820 -65.92 -77.10 108.08
C ARG A 820 -66.67 -76.10 107.21
N LEU A 821 -67.90 -75.79 107.62
CA LEU A 821 -68.76 -74.91 106.82
C LEU A 821 -68.21 -73.49 106.83
N ARG A 822 -68.26 -72.84 105.67
CA ARG A 822 -67.78 -71.47 105.53
C ARG A 822 -68.30 -70.90 104.22
N LEU A 823 -68.04 -69.61 104.02
CA LEU A 823 -68.43 -68.90 102.81
C LEU A 823 -67.18 -68.42 102.07
N GLU A 824 -67.18 -68.59 100.76
CA GLU A 824 -65.99 -68.34 99.95
C GLU A 824 -66.42 -67.84 98.59
N PRO A 825 -65.55 -67.10 97.89
CA PRO A 825 -65.82 -66.74 96.49
C PRO A 825 -65.51 -67.90 95.56
N ILE A 826 -65.79 -67.67 94.28
CA ILE A 826 -65.67 -68.71 93.25
C ILE A 826 -64.54 -68.33 92.29
N LYS A 827 -63.51 -69.18 92.25
CA LYS A 827 -62.43 -69.07 91.26
C LYS A 827 -61.80 -67.68 91.25
N GLU A 828 -61.18 -67.31 92.36
CA GLU A 828 -60.51 -66.02 92.44
C GLU A 828 -59.05 -66.14 92.02
N TYR A 829 -58.49 -65.02 91.60
CA TYR A 829 -57.07 -64.93 91.28
C TYR A 829 -56.35 -63.85 92.08
N ARG A 830 -56.99 -63.32 93.13
CA ARG A 830 -56.42 -62.25 93.94
C ARG A 830 -57.02 -62.32 95.32
N ARG A 831 -56.24 -61.91 96.32
CA ARG A 831 -56.69 -61.94 97.71
C ARG A 831 -56.09 -60.75 98.46
N GLU A 832 -56.71 -60.41 99.58
CA GLU A 832 -56.21 -59.35 100.44
C GLU A 832 -55.34 -59.93 101.54
N GLY A 833 -54.18 -59.32 101.76
CA GLY A 833 -53.23 -59.81 102.72
C GLY A 833 -52.79 -58.74 103.70
N PRO A 834 -51.92 -59.11 104.65
CA PRO A 834 -51.50 -58.14 105.66
C PRO A 834 -50.59 -57.04 105.11
N ARG A 835 -49.58 -57.41 104.33
CA ARG A 835 -48.65 -56.44 103.76
C ARG A 835 -49.04 -55.98 102.36
N GLY A 836 -50.14 -56.50 101.82
CA GLY A 836 -50.56 -56.15 100.49
C GLY A 836 -51.31 -57.29 99.81
N PRO A 837 -51.68 -57.10 98.55
CA PRO A 837 -52.43 -58.14 97.84
C PRO A 837 -51.59 -59.38 97.58
N HIS A 838 -52.27 -60.52 97.56
CA HIS A 838 -51.67 -61.80 97.24
C HIS A 838 -52.24 -62.31 95.91
N LEU A 839 -51.37 -62.95 95.12
CA LEU A 839 -51.80 -63.58 93.88
C LEU A 839 -52.03 -65.07 94.12
N VAL A 840 -53.12 -65.59 93.55
CA VAL A 840 -53.57 -66.94 93.81
C VAL A 840 -53.61 -67.71 92.50
N GLY A 841 -53.11 -68.95 92.53
CA GLY A 841 -53.16 -69.81 91.37
C GLY A 841 -54.45 -70.59 91.31
N PRO A 842 -54.53 -71.50 90.34
CA PRO A 842 -55.74 -72.33 90.19
C PRO A 842 -55.96 -73.22 91.41
N SER A 843 -57.22 -73.56 91.64
CA SER A 843 -57.61 -74.34 92.80
C SER A 843 -58.04 -75.74 92.38
N ARG A 844 -57.57 -76.75 93.12
CA ARG A 844 -57.99 -78.12 92.87
C ARG A 844 -59.41 -78.32 93.34
N CYS A 845 -60.17 -79.12 92.59
CA CYS A 845 -61.57 -79.36 92.88
C CYS A 845 -61.90 -80.84 92.73
N LEU A 846 -62.94 -81.27 93.44
CA LEU A 846 -63.38 -82.65 93.38
C LEU A 846 -64.22 -82.90 92.12
N SER A 847 -64.45 -84.16 91.82
CA SER A 847 -65.28 -84.59 90.70
C SER A 847 -66.33 -85.57 91.21
N HIS A 848 -67.42 -85.69 90.43
CA HIS A 848 -68.52 -86.54 90.84
C HIS A 848 -68.16 -88.02 90.79
N THR A 849 -67.01 -88.37 90.21
CA THR A 849 -66.55 -89.76 90.22
C THR A 849 -65.69 -90.08 91.44
N ASP A 850 -65.49 -89.13 92.34
CA ASP A 850 -64.74 -89.37 93.56
C ASP A 850 -65.61 -89.90 94.70
N PHE A 851 -66.92 -90.04 94.48
CA PHE A 851 -67.84 -90.52 95.50
C PHE A 851 -68.36 -91.92 95.23
N VAL A 852 -67.79 -92.62 94.26
CA VAL A 852 -68.16 -93.99 93.95
C VAL A 852 -67.00 -94.91 94.35
N PRO A 853 -67.21 -95.86 95.25
CA PRO A 853 -66.11 -96.74 95.66
C PRO A 853 -65.82 -97.79 94.60
N CYS A 854 -64.53 -98.01 94.36
CA CYS A 854 -64.06 -98.96 93.35
C CYS A 854 -63.07 -99.92 94.01
N PRO A 855 -63.54 -101.08 94.48
CA PRO A 855 -62.63 -102.05 95.09
C PRO A 855 -61.89 -102.86 94.03
N VAL A 856 -60.97 -103.71 94.51
CA VAL A 856 -60.18 -104.53 93.60
C VAL A 856 -60.98 -105.70 93.05
N ASP A 857 -62.13 -106.02 93.67
CA ASP A 857 -63.04 -107.07 93.19
C ASP A 857 -62.33 -108.43 93.05
N THR A 858 -61.54 -108.81 94.05
CA THR A 858 -60.83 -110.09 94.02
C THR A 858 -61.69 -111.20 94.64
N VAL A 859 -62.82 -111.46 93.99
CA VAL A 859 -63.71 -112.53 94.45
C VAL A 859 -63.21 -113.88 93.96
N GLN A 860 -63.12 -114.03 92.65
CA GLN A 860 -62.66 -115.32 92.06
C GLN A 860 -61.38 -115.79 92.73
N ILE A 861 -60.53 -114.86 93.19
CA ILE A 861 -59.23 -115.25 93.82
C ILE A 861 -59.49 -116.32 94.89
N VAL A 862 -58.66 -117.35 94.93
CA VAL A 862 -58.81 -118.43 95.95
C VAL A 862 -57.46 -118.63 96.63
N LEU A 863 -57.45 -118.66 97.96
CA LEU A 863 -56.17 -118.81 98.71
C LEU A 863 -55.46 -120.08 98.21
N PRO A 864 -54.17 -119.99 97.83
CA PRO A 864 -53.38 -121.17 97.46
C PRO A 864 -53.44 -122.30 98.48
N PRO A 865 -53.31 -123.59 98.10
CA PRO A 865 -53.21 -124.67 99.09
C PRO A 865 -52.08 -124.49 100.12
N HIS A 866 -50.92 -123.97 99.71
CA HIS A 866 -49.79 -123.84 100.63
C HIS A 866 -50.00 -122.74 101.68
N LEU A 867 -51.10 -121.98 101.57
CA LEU A 867 -51.40 -120.97 102.59
C LEU A 867 -52.55 -121.36 103.52
N GLU A 868 -53.06 -122.57 103.40
CA GLU A 868 -54.17 -123.01 104.24
C GLU A 868 -53.78 -123.17 105.71
N ARG A 869 -52.58 -123.68 106.01
CA ARG A 869 -52.16 -123.82 107.41
C ARG A 869 -52.03 -122.45 108.05
N ILE A 870 -51.41 -121.52 107.33
CA ILE A 870 -51.18 -120.23 107.94
C ILE A 870 -52.54 -119.51 108.09
N ARG A 871 -53.52 -119.79 107.23
CA ARG A 871 -54.86 -119.21 107.41
C ARG A 871 -55.40 -119.54 108.82
N GLU A 872 -55.27 -120.81 109.19
CA GLU A 872 -55.72 -121.28 110.52
C GLU A 872 -54.94 -120.60 111.67
N LYS A 873 -53.61 -120.61 111.57
CA LYS A 873 -52.81 -120.01 112.63
C LYS A 873 -53.04 -118.51 112.74
N LEU A 874 -53.24 -117.82 111.59
CA LEU A 874 -53.55 -116.42 111.60
C LEU A 874 -54.88 -116.16 112.32
N ALA A 875 -55.90 -116.95 111.98
CA ALA A 875 -57.21 -116.75 112.63
C ALA A 875 -57.08 -116.95 114.14
N GLU A 876 -56.30 -117.93 114.55
CA GLU A 876 -56.12 -118.20 115.99
C GLU A 876 -55.48 -116.99 116.67
N ASN A 877 -54.43 -116.42 116.09
CA ASN A 877 -53.81 -115.31 116.77
C ASN A 877 -54.66 -114.05 116.75
N ILE A 878 -55.39 -113.83 115.66
CA ILE A 878 -56.30 -112.70 115.61
C ILE A 878 -57.36 -112.79 116.73
N HIS A 879 -57.83 -114.01 116.99
CA HIS A 879 -58.78 -114.23 118.09
C HIS A 879 -58.17 -113.90 119.46
N GLU A 880 -56.95 -114.37 119.69
CA GLU A 880 -56.27 -114.08 120.94
C GLU A 880 -56.09 -112.59 121.14
N LEU A 881 -55.72 -111.87 120.07
CA LEU A 881 -55.56 -110.44 120.17
C LEU A 881 -56.88 -109.72 120.44
N TRP A 882 -57.93 -110.19 119.77
CA TRP A 882 -59.27 -109.62 119.96
C TRP A 882 -59.72 -109.81 121.38
N ALA A 883 -59.54 -111.03 121.89
CA ALA A 883 -59.98 -111.32 123.25
C ALA A 883 -59.21 -110.47 124.27
N LEU A 884 -57.90 -110.34 124.08
CA LEU A 884 -57.11 -109.46 124.94
C LEU A 884 -57.66 -108.02 124.95
N THR A 885 -58.01 -107.47 123.80
CA THR A 885 -58.54 -106.10 123.79
C THR A 885 -59.84 -106.00 124.59
N ARG A 886 -60.75 -106.94 124.36
CA ARG A 886 -62.00 -106.98 125.10
C ARG A 886 -61.76 -107.05 126.60
N ILE A 887 -60.86 -107.94 127.00
CA ILE A 887 -60.62 -108.17 128.43
C ILE A 887 -59.98 -106.94 129.07
N GLU A 888 -59.08 -106.28 128.34
CA GLU A 888 -58.54 -105.00 128.83
C GLU A 888 -59.62 -103.97 129.10
N GLN A 889 -60.66 -103.99 128.27
CA GLN A 889 -61.78 -103.06 128.43
C GLN A 889 -62.91 -103.57 129.33
N GLY A 890 -62.61 -104.53 130.19
CA GLY A 890 -63.54 -104.93 131.23
C GLY A 890 -64.52 -106.03 130.80
N TRP A 891 -64.36 -106.58 129.60
CA TRP A 891 -65.24 -107.67 129.17
C TRP A 891 -64.85 -108.97 129.86
N THR A 892 -65.87 -109.75 130.17
CA THR A 892 -65.71 -111.06 130.78
C THR A 892 -66.63 -112.06 130.10
N TYR A 893 -66.44 -113.34 130.38
CA TYR A 893 -67.26 -114.37 129.72
C TYR A 893 -68.68 -114.46 130.24
N GLY A 894 -69.60 -114.58 129.29
CA GLY A 894 -70.91 -115.09 129.65
C GLY A 894 -71.56 -115.72 128.42
N PRO A 895 -72.52 -116.64 128.64
CA PRO A 895 -73.03 -117.39 127.48
C PRO A 895 -73.93 -116.58 126.58
N VAL A 896 -74.46 -115.47 127.08
CA VAL A 896 -75.28 -114.58 126.27
C VAL A 896 -74.67 -113.19 126.35
N ARG A 897 -74.44 -112.59 125.20
CA ARG A 897 -73.87 -111.26 125.16
C ARG A 897 -74.70 -110.25 125.94
N ASP A 898 -74.01 -109.39 126.70
CA ASP A 898 -74.67 -108.30 127.44
C ASP A 898 -73.73 -107.13 127.38
N ASP A 899 -74.07 -106.09 126.63
CA ASP A 899 -73.13 -105.00 126.42
C ASP A 899 -73.06 -104.03 127.61
N ASN A 900 -74.06 -104.03 128.48
CA ASN A 900 -74.01 -103.21 129.70
C ASN A 900 -73.09 -103.84 130.76
N LYS A 901 -73.27 -105.13 131.00
CA LYS A 901 -72.39 -105.89 131.91
C LYS A 901 -71.05 -106.32 131.26
N ARG A 902 -70.91 -106.08 129.95
CA ARG A 902 -69.76 -106.44 129.15
C ARG A 902 -69.45 -107.93 129.27
N LEU A 903 -70.47 -108.73 128.98
CA LEU A 903 -70.35 -110.18 128.92
C LEU A 903 -70.34 -110.61 127.46
N HIS A 904 -69.44 -111.52 127.08
CA HIS A 904 -69.35 -111.95 125.68
C HIS A 904 -69.05 -113.43 125.62
N PRO A 905 -69.79 -114.17 124.80
CA PRO A 905 -69.56 -115.63 124.72
C PRO A 905 -68.34 -116.03 123.93
N CYS A 906 -67.69 -115.10 123.20
CA CYS A 906 -66.53 -115.51 122.41
C CYS A 906 -65.27 -115.48 123.23
N LEU A 907 -65.34 -115.16 124.50
CA LEU A 907 -64.13 -115.17 125.35
C LEU A 907 -63.88 -116.58 125.86
N VAL A 908 -63.49 -117.42 124.91
CA VAL A 908 -63.27 -118.85 125.02
C VAL A 908 -62.07 -119.19 124.13
N ASP A 909 -61.51 -120.37 124.31
CA ASP A 909 -60.50 -120.87 123.36
C ASP A 909 -61.04 -120.86 121.95
N PHE A 910 -60.19 -120.54 120.97
CA PHE A 910 -60.62 -120.52 119.58
C PHE A 910 -61.35 -121.80 119.17
N HIS A 911 -60.79 -122.93 119.54
CA HIS A 911 -61.30 -124.26 119.20
C HIS A 911 -62.64 -124.55 119.88
N SER A 912 -62.96 -123.74 120.89
CA SER A 912 -64.23 -123.88 121.61
C SER A 912 -65.35 -122.95 121.11
N LEU A 913 -65.04 -122.07 120.18
CA LEU A 913 -66.08 -121.30 119.53
C LEU A 913 -67.04 -122.20 118.78
N PRO A 914 -68.31 -121.78 118.67
CA PRO A 914 -69.26 -122.45 117.76
C PRO A 914 -68.70 -122.54 116.35
N GLU A 915 -69.02 -123.62 115.63
CA GLU A 915 -68.42 -123.87 114.32
C GLU A 915 -68.65 -122.70 113.37
N PRO A 916 -69.86 -122.11 113.36
CA PRO A 916 -70.07 -121.00 112.41
C PRO A 916 -69.19 -119.77 112.70
N GLU A 917 -68.86 -119.54 113.97
CA GLU A 917 -68.03 -118.42 114.36
C GLU A 917 -66.58 -118.72 113.99
N ARG A 918 -66.14 -119.95 114.25
CA ARG A 918 -64.80 -120.38 113.82
C ARG A 918 -64.69 -120.23 112.29
N ASN A 919 -65.71 -120.66 111.58
CA ASN A 919 -65.67 -120.62 110.12
C ASN A 919 -65.62 -119.15 109.62
N TYR A 920 -66.41 -118.27 110.22
CA TYR A 920 -66.33 -116.86 109.87
C TYR A 920 -64.91 -116.30 110.10
N ASN A 921 -64.29 -116.64 111.22
CA ASN A 921 -62.96 -116.17 111.52
C ASN A 921 -61.94 -116.69 110.50
N LEU A 922 -62.09 -117.94 110.10
CA LEU A 922 -61.20 -118.53 109.11
C LEU A 922 -61.44 -117.87 107.76
N GLN A 923 -62.69 -117.57 107.44
CA GLN A 923 -62.97 -116.88 106.17
C GLN A 923 -62.31 -115.51 106.15
N MET A 924 -62.37 -114.78 107.26
CA MET A 924 -61.80 -113.43 107.33
C MET A 924 -60.26 -113.46 107.23
N SER A 925 -59.63 -114.41 107.93
CA SER A 925 -58.19 -114.62 107.81
C SER A 925 -57.80 -114.94 106.36
N GLY A 926 -58.57 -115.81 105.72
CA GLY A 926 -58.33 -116.17 104.33
C GLY A 926 -58.50 -114.97 103.44
N GLU A 927 -59.45 -114.09 103.74
CA GLU A 927 -59.63 -112.94 102.86
C GLU A 927 -58.54 -111.88 103.10
N THR A 928 -57.91 -111.83 104.28
CA THR A 928 -56.72 -110.98 104.42
C THR A 928 -55.62 -111.49 103.49
N LEU A 929 -55.43 -112.80 103.51
CA LEU A 929 -54.42 -113.42 102.68
C LEU A 929 -54.74 -113.23 101.20
N LYS A 930 -55.99 -113.45 100.79
CA LYS A 930 -56.36 -113.29 99.38
C LYS A 930 -56.23 -111.84 98.94
N THR A 931 -56.50 -110.91 99.83
CA THR A 931 -56.38 -109.48 99.45
C THR A 931 -54.88 -109.11 99.32
N LEU A 932 -54.03 -109.64 100.19
CA LEU A 932 -52.58 -109.46 99.98
C LEU A 932 -52.17 -109.96 98.61
N LEU A 933 -52.62 -111.14 98.22
CA LEU A 933 -52.27 -111.68 96.92
C LEU A 933 -52.85 -110.83 95.77
N ALA A 934 -54.06 -110.28 95.95
CA ALA A 934 -54.69 -109.48 94.90
C ALA A 934 -53.92 -108.18 94.74
N LEU A 935 -53.32 -107.70 95.82
CA LEU A 935 -52.47 -106.51 95.78
C LEU A 935 -51.10 -106.81 95.21
N GLY A 936 -50.88 -108.06 94.80
CA GLY A 936 -49.64 -108.42 94.13
C GLY A 936 -48.51 -108.89 95.04
N CYS A 937 -48.77 -109.05 96.36
CA CYS A 937 -47.73 -109.53 97.25
C CYS A 937 -47.32 -110.94 96.91
N HIS A 938 -46.04 -111.20 97.12
CA HIS A 938 -45.46 -112.55 97.09
C HIS A 938 -45.41 -113.01 98.54
N VAL A 939 -46.09 -114.10 98.88
CA VAL A 939 -46.16 -114.59 100.26
C VAL A 939 -45.69 -116.03 100.27
N GLY A 940 -44.62 -116.30 100.99
CA GLY A 940 -44.01 -117.63 100.97
C GLY A 940 -43.13 -117.91 102.16
N MET A 941 -42.98 -119.17 102.52
CA MET A 941 -42.15 -119.53 103.67
C MET A 941 -40.70 -119.17 103.40
N ALA A 942 -40.07 -118.49 104.37
CA ALA A 942 -38.66 -118.12 104.27
C ALA A 942 -37.80 -118.66 105.43
N ASP A 943 -38.36 -118.73 106.63
CA ASP A 943 -37.60 -119.17 107.80
C ASP A 943 -38.38 -120.29 108.47
N GLU A 944 -38.01 -121.53 108.16
CA GLU A 944 -38.73 -122.68 108.71
C GLU A 944 -38.53 -122.85 110.21
N LYS A 945 -37.54 -122.16 110.78
CA LYS A 945 -37.29 -122.24 112.23
C LYS A 945 -38.12 -121.25 113.04
N ALA A 946 -38.72 -120.27 112.38
CA ALA A 946 -39.35 -119.20 113.11
C ALA A 946 -40.51 -119.66 113.99
N GLU A 947 -41.33 -120.55 113.46
CA GLU A 947 -42.53 -120.96 114.21
C GLU A 947 -42.15 -121.61 115.57
N ASP A 948 -41.20 -122.53 115.62
CA ASP A 948 -40.93 -123.17 116.90
C ASP A 948 -40.11 -122.30 117.83
N ASN A 949 -39.68 -121.14 117.34
CA ASN A 949 -39.07 -120.13 118.23
C ASN A 949 -40.06 -119.09 118.73
N LEU A 950 -41.29 -119.09 118.24
CA LEU A 950 -42.31 -118.17 118.75
C LEU A 950 -42.66 -118.46 120.21
N ARG A 951 -42.90 -117.41 120.95
CA ARG A 951 -43.42 -117.49 122.31
C ARG A 951 -44.72 -116.72 122.43
N LYS A 952 -45.52 -117.12 123.38
CA LYS A 952 -46.75 -116.41 123.63
C LYS A 952 -46.58 -115.42 124.77
N THR A 953 -47.33 -114.32 124.70
CA THR A 953 -47.40 -113.36 125.81
C THR A 953 -48.06 -114.01 127.01
N LYS A 954 -47.41 -113.90 128.17
CA LYS A 954 -47.92 -114.48 129.42
C LYS A 954 -48.57 -113.42 130.28
N LEU A 955 -49.89 -113.41 130.27
CA LEU A 955 -50.66 -112.41 131.01
C LEU A 955 -50.90 -112.84 132.43
N PRO A 956 -51.06 -111.88 133.37
CA PRO A 956 -51.39 -112.29 134.73
C PRO A 956 -52.80 -112.85 134.88
N LYS A 957 -53.08 -113.45 136.03
CA LYS A 957 -54.32 -114.20 136.25
C LYS A 957 -55.54 -113.29 136.21
N THR A 958 -55.30 -111.99 136.30
CA THR A 958 -56.37 -110.99 136.18
C THR A 958 -56.95 -110.92 134.78
N TYR A 959 -56.34 -111.63 133.82
CA TYR A 959 -56.85 -111.74 132.47
C TYR A 959 -57.58 -113.06 132.20
N MET A 960 -57.75 -113.84 133.26
CA MET A 960 -58.42 -115.14 133.22
C MET A 960 -59.94 -115.02 133.29
N MET A 961 -60.64 -115.71 132.39
CA MET A 961 -62.10 -115.74 132.46
C MET A 961 -62.57 -116.87 133.36
N SER A 962 -63.85 -116.85 133.69
CA SER A 962 -64.41 -117.82 134.63
C SER A 962 -64.43 -119.24 134.10
N ASN A 963 -64.27 -119.37 132.79
CA ASN A 963 -64.24 -120.68 132.13
C ASN A 963 -62.82 -121.19 131.95
N GLY A 964 -61.85 -120.49 132.55
CA GLY A 964 -60.45 -120.89 132.46
C GLY A 964 -59.67 -120.36 131.26
N TYR A 965 -60.35 -119.69 130.35
CA TYR A 965 -59.70 -119.12 129.18
C TYR A 965 -58.93 -117.87 129.55
N LYS A 966 -57.66 -117.84 129.16
CA LYS A 966 -56.83 -116.64 129.24
C LYS A 966 -56.16 -116.45 127.90
N PRO A 967 -56.31 -115.27 127.30
CA PRO A 967 -55.67 -115.11 126.00
C PRO A 967 -54.18 -115.19 126.07
N ALA A 968 -53.58 -115.65 124.96
CA ALA A 968 -52.13 -115.79 124.88
C ALA A 968 -51.69 -115.47 123.45
N PRO A 969 -51.81 -114.22 123.06
CA PRO A 969 -51.36 -113.87 121.73
C PRO A 969 -49.87 -114.04 121.59
N LEU A 970 -49.44 -114.23 120.34
CA LEU A 970 -48.01 -114.32 120.10
C LEU A 970 -47.26 -113.06 120.52
N ASP A 971 -46.07 -113.25 121.08
CA ASP A 971 -45.15 -112.14 121.30
C ASP A 971 -44.44 -111.86 119.98
N LEU A 972 -44.90 -110.79 119.32
CA LEU A 972 -44.33 -110.39 118.05
C LEU A 972 -43.43 -109.17 118.20
N SER A 973 -42.92 -108.94 119.41
CA SER A 973 -42.15 -107.72 119.64
C SER A 973 -40.88 -107.60 118.79
N HIS A 974 -40.35 -108.73 118.33
CA HIS A 974 -39.17 -108.75 117.50
C HIS A 974 -39.43 -108.47 116.02
N VAL A 975 -40.69 -108.51 115.61
CA VAL A 975 -41.04 -108.35 114.20
C VAL A 975 -41.02 -106.87 113.82
N ARG A 976 -40.40 -106.58 112.70
CA ARG A 976 -40.36 -105.23 112.16
C ARG A 976 -40.79 -105.23 110.69
N LEU A 977 -41.92 -104.59 110.37
CA LEU A 977 -42.35 -104.44 108.96
C LEU A 977 -41.29 -103.70 108.17
N THR A 978 -40.98 -104.21 106.96
CA THR A 978 -40.15 -103.49 105.99
C THR A 978 -40.99 -102.35 105.40
N PRO A 979 -40.35 -101.42 104.68
CA PRO A 979 -41.17 -100.37 104.02
C PRO A 979 -42.23 -100.93 103.07
N ALA A 980 -41.88 -101.92 102.27
CA ALA A 980 -42.86 -102.52 101.35
C ALA A 980 -44.00 -103.17 102.12
N GLN A 981 -43.71 -103.77 103.28
CA GLN A 981 -44.75 -104.38 104.08
C GLN A 981 -45.68 -103.35 104.76
N THR A 982 -45.11 -102.25 105.23
CA THR A 982 -45.89 -101.17 105.76
C THR A 982 -46.85 -100.66 104.69
N THR A 983 -46.33 -100.54 103.47
CA THR A 983 -47.15 -100.08 102.37
C THR A 983 -48.25 -101.06 102.07
N LEU A 984 -47.95 -102.37 102.12
CA LEU A 984 -49.01 -103.34 101.94
C LEU A 984 -50.07 -103.27 103.03
N VAL A 985 -49.65 -103.03 104.29
CA VAL A 985 -50.68 -102.85 105.36
C VAL A 985 -51.59 -101.70 104.94
N ASP A 986 -50.99 -100.57 104.59
CA ASP A 986 -51.75 -99.34 104.25
C ASP A 986 -52.71 -99.62 103.08
N ARG A 987 -52.23 -100.36 102.07
CA ARG A 987 -53.07 -100.68 100.92
C ARG A 987 -54.16 -101.67 101.25
N LEU A 988 -53.90 -102.63 102.14
CA LEU A 988 -54.90 -103.68 102.50
C LEU A 988 -56.14 -103.00 103.08
N ALA A 989 -55.95 -102.07 104.02
CA ALA A 989 -57.10 -101.42 104.71
C ALA A 989 -58.05 -100.75 103.71
N GLU A 990 -57.55 -99.82 102.89
CA GLU A 990 -58.45 -99.06 101.99
C GLU A 990 -59.39 -100.01 101.23
N ASN A 991 -58.83 -101.05 100.61
CA ASN A 991 -59.63 -102.00 99.83
C ASN A 991 -60.76 -102.58 100.65
N GLY A 992 -60.49 -102.94 101.92
CA GLY A 992 -61.54 -103.47 102.76
C GLY A 992 -62.65 -102.46 103.01
N HIS A 993 -62.28 -101.22 103.33
CA HIS A 993 -63.31 -100.20 103.55
C HIS A 993 -64.10 -99.94 102.28
N ASN A 994 -63.43 -99.92 101.12
CA ASN A 994 -64.14 -99.68 99.87
C ASN A 994 -65.13 -100.79 99.56
N VAL A 995 -64.73 -102.04 99.76
CA VAL A 995 -65.66 -103.13 99.47
C VAL A 995 -66.82 -103.12 100.47
N TRP A 996 -66.57 -102.80 101.73
CA TRP A 996 -67.67 -102.68 102.69
C TRP A 996 -68.63 -101.57 102.28
N ALA A 997 -68.09 -100.43 101.85
CA ALA A 997 -68.93 -99.31 101.44
C ALA A 997 -69.76 -99.66 100.22
N ARG A 998 -69.17 -100.36 99.25
CA ARG A 998 -69.92 -100.78 98.07
C ARG A 998 -71.04 -101.74 98.45
N ASP A 999 -70.76 -102.69 99.35
CA ASP A 999 -71.79 -103.61 99.79
C ASP A 999 -72.93 -102.88 100.48
N ARG A 1000 -72.61 -101.91 101.35
CA ARG A 1000 -73.65 -101.15 102.01
C ARG A 1000 -74.46 -100.32 101.02
N VAL A 1001 -73.79 -99.71 100.04
CA VAL A 1001 -74.49 -98.89 99.05
C VAL A 1001 -75.42 -99.75 98.21
N ALA A 1002 -75.03 -100.98 97.92
CA ALA A 1002 -75.89 -101.87 97.13
C ALA A 1002 -77.24 -102.11 97.77
N GLN A 1003 -77.36 -101.92 99.09
CA GLN A 1003 -78.61 -102.11 99.81
C GLN A 1003 -79.41 -100.82 99.97
N GLY A 1004 -78.91 -99.70 99.45
CA GLY A 1004 -79.67 -98.47 99.46
C GLY A 1004 -79.29 -97.47 100.54
N TRP A 1005 -78.14 -97.63 101.20
CA TRP A 1005 -77.72 -96.68 102.20
C TRP A 1005 -77.09 -95.45 101.55
N SER A 1006 -76.90 -94.40 102.35
CA SER A 1006 -76.37 -93.14 101.85
C SER A 1006 -75.59 -92.45 102.96
N TYR A 1007 -74.88 -91.39 102.58
CA TYR A 1007 -74.10 -90.61 103.51
C TYR A 1007 -74.93 -89.46 104.09
N SER A 1008 -74.59 -89.10 105.33
CA SER A 1008 -75.22 -87.97 106.00
C SER A 1008 -74.34 -87.55 107.17
N ALA A 1009 -74.29 -86.24 107.44
CA ALA A 1009 -73.49 -85.75 108.55
C ALA A 1009 -74.06 -86.13 109.91
N VAL A 1010 -75.33 -86.51 109.97
CA VAL A 1010 -75.97 -86.95 111.21
C VAL A 1010 -76.55 -88.34 110.99
N GLN A 1011 -76.44 -89.19 112.00
CA GLN A 1011 -76.86 -90.59 111.87
C GLN A 1011 -78.37 -90.70 111.96
N ASP A 1012 -78.95 -91.55 111.12
CA ASP A 1012 -80.39 -91.83 111.12
C ASP A 1012 -80.58 -93.28 110.69
N ILE A 1013 -80.70 -94.18 111.67
CA ILE A 1013 -80.80 -95.60 111.36
C ILE A 1013 -82.06 -95.92 110.56
N PRO A 1014 -83.26 -95.47 110.93
CA PRO A 1014 -84.42 -95.78 110.08
C PRO A 1014 -84.32 -95.20 108.68
N ALA A 1015 -83.66 -94.05 108.52
CA ALA A 1015 -83.47 -93.46 107.20
C ALA A 1015 -82.31 -94.07 106.43
N ARG A 1016 -81.54 -94.96 107.06
CA ARG A 1016 -80.42 -95.66 106.42
C ARG A 1016 -79.37 -94.67 105.89
N ARG A 1017 -78.92 -93.78 106.77
CA ARG A 1017 -77.88 -92.80 106.44
C ARG A 1017 -76.82 -92.85 107.53
N ASN A 1018 -75.55 -92.98 107.13
CA ASN A 1018 -74.47 -93.23 108.06
C ASN A 1018 -73.37 -92.19 107.86
N PRO A 1019 -72.76 -91.69 108.95
CA PRO A 1019 -71.74 -90.65 108.81
C PRO A 1019 -70.38 -91.13 108.30
N ARG A 1020 -70.24 -92.40 107.89
CA ARG A 1020 -68.97 -92.88 107.39
C ARG A 1020 -69.12 -93.65 106.09
N LEU A 1021 -70.16 -93.38 105.31
CA LEU A 1021 -70.37 -94.07 104.03
C LEU A 1021 -69.77 -93.26 102.88
N VAL A 1022 -68.45 -93.10 102.94
CA VAL A 1022 -67.70 -92.41 101.89
C VAL A 1022 -66.49 -93.26 101.55
N PRO A 1023 -65.90 -93.10 100.36
CA PRO A 1023 -64.67 -93.85 100.05
C PRO A 1023 -63.57 -93.53 101.04
N TYR A 1024 -62.61 -94.46 101.13
CA TYR A 1024 -61.59 -94.39 102.18
C TYR A 1024 -60.75 -93.12 102.10
N ARG A 1025 -60.64 -92.53 100.91
CA ARG A 1025 -59.80 -91.35 100.75
C ARG A 1025 -60.34 -90.16 101.53
N LEU A 1026 -61.66 -90.04 101.66
CA LEU A 1026 -62.28 -88.89 102.29
C LEU A 1026 -62.52 -89.07 103.78
N LEU A 1027 -62.09 -90.17 104.37
CA LEU A 1027 -62.37 -90.43 105.78
C LEU A 1027 -61.51 -89.55 106.69
N ASP A 1028 -61.88 -89.55 107.97
CA ASP A 1028 -61.12 -88.82 108.97
C ASP A 1028 -59.90 -89.64 109.42
N GLU A 1029 -58.90 -88.93 109.96
CA GLU A 1029 -57.66 -89.59 110.33
C GLU A 1029 -57.86 -90.63 111.43
N ALA A 1030 -58.69 -90.31 112.43
CA ALA A 1030 -58.90 -91.24 113.53
C ALA A 1030 -59.53 -92.54 113.04
N THR A 1031 -60.55 -92.44 112.19
CA THR A 1031 -61.20 -93.64 111.66
C THR A 1031 -60.23 -94.46 110.81
N LYS A 1032 -59.41 -93.79 110.00
CA LYS A 1032 -58.44 -94.49 109.17
C LYS A 1032 -57.43 -95.25 110.03
N ARG A 1033 -56.93 -94.60 111.09
CA ARG A 1033 -55.98 -95.27 111.98
C ARG A 1033 -56.63 -96.42 112.72
N SER A 1034 -57.87 -96.25 113.16
CA SER A 1034 -58.58 -97.32 113.85
C SER A 1034 -58.78 -98.54 112.95
N ASN A 1035 -59.12 -98.30 111.69
CA ASN A 1035 -59.26 -99.40 110.74
C ASN A 1035 -57.91 -100.03 110.40
N ARG A 1036 -56.85 -99.21 110.40
CA ARG A 1036 -55.52 -99.71 110.03
C ARG A 1036 -54.90 -100.54 111.13
N ASP A 1037 -55.28 -100.30 112.39
CA ASP A 1037 -54.63 -100.96 113.52
C ASP A 1037 -54.76 -102.48 113.44
N SER A 1038 -55.96 -102.98 113.19
CA SER A 1038 -56.18 -104.44 113.16
C SER A 1038 -55.41 -105.08 112.02
N LEU A 1039 -55.43 -104.47 110.84
CA LEU A 1039 -54.69 -105.02 109.72
C LEU A 1039 -53.19 -105.02 109.99
N CYS A 1040 -52.67 -103.97 110.62
CA CYS A 1040 -51.26 -103.93 110.96
C CYS A 1040 -50.91 -105.02 111.96
N GLN A 1041 -51.78 -105.25 112.95
CA GLN A 1041 -51.58 -106.34 113.89
C GLN A 1041 -51.52 -107.68 113.16
N ALA A 1042 -52.45 -107.90 112.23
CA ALA A 1042 -52.44 -109.15 111.46
C ALA A 1042 -51.16 -109.28 110.64
N VAL A 1043 -50.65 -108.16 110.12
CA VAL A 1043 -49.42 -108.21 109.34
C VAL A 1043 -48.23 -108.59 110.20
N ARG A 1044 -48.13 -108.02 111.41
CA ARG A 1044 -47.05 -108.45 112.30
C ARG A 1044 -47.19 -109.93 112.64
N THR A 1045 -48.43 -110.39 112.88
CA THR A 1045 -48.63 -111.80 113.19
C THR A 1045 -48.18 -112.69 112.03
N LEU A 1046 -48.53 -112.30 110.80
CA LEU A 1046 -48.12 -113.08 109.64
C LEU A 1046 -46.61 -113.09 109.48
N LEU A 1047 -45.95 -111.95 109.69
CA LEU A 1047 -44.50 -111.91 109.60
C LEU A 1047 -43.85 -112.70 110.73
N GLY A 1048 -44.57 -112.93 111.83
CA GLY A 1048 -44.03 -113.72 112.93
C GLY A 1048 -43.73 -115.15 112.55
N TYR A 1049 -44.51 -115.70 111.62
CA TYR A 1049 -44.35 -117.09 111.20
C TYR A 1049 -43.27 -117.29 110.15
N GLY A 1050 -42.38 -116.32 109.97
CA GLY A 1050 -41.26 -116.50 109.06
C GLY A 1050 -41.58 -116.31 107.60
N TYR A 1051 -42.79 -115.89 107.27
CA TYR A 1051 -43.13 -115.61 105.88
C TYR A 1051 -42.49 -114.32 105.41
N ASN A 1052 -42.19 -114.26 104.11
CA ASN A 1052 -41.63 -113.08 103.48
C ASN A 1052 -42.59 -112.58 102.41
N ILE A 1053 -42.91 -111.28 102.48
CA ILE A 1053 -43.83 -110.65 101.55
C ILE A 1053 -43.11 -109.52 100.84
N GLU A 1054 -43.18 -109.50 99.51
CA GLU A 1054 -42.47 -108.49 98.72
C GLU A 1054 -43.35 -107.94 97.60
N ARG A 1068 -50.54 -75.28 80.44
CA ARG A 1068 -51.73 -74.50 80.11
C ARG A 1068 -52.99 -75.18 80.62
N TRP A 1069 -54.12 -74.83 80.02
CA TRP A 1069 -55.44 -75.41 80.31
C TRP A 1069 -55.67 -75.52 81.82
N ASP A 1070 -55.76 -74.33 82.44
CA ASP A 1070 -56.08 -74.13 83.86
C ASP A 1070 -55.20 -74.93 84.81
N ARG A 1071 -54.03 -75.39 84.35
CA ARG A 1071 -53.07 -76.03 85.24
C ARG A 1071 -52.01 -75.07 85.74
N VAL A 1072 -52.00 -73.82 85.25
CA VAL A 1072 -51.03 -72.81 85.64
C VAL A 1072 -51.61 -71.45 85.30
N ARG A 1073 -51.12 -70.42 85.99
CA ARG A 1073 -51.54 -69.05 85.74
C ARG A 1073 -50.34 -68.14 85.66
N ILE A 1074 -50.34 -67.21 84.71
CA ILE A 1074 -49.21 -66.34 84.43
C ILE A 1074 -49.63 -64.90 84.66
N PHE A 1075 -48.82 -64.15 85.41
CA PHE A 1075 -49.01 -62.73 85.62
C PHE A 1075 -47.78 -62.00 85.10
N ARG A 1076 -47.98 -60.82 84.52
CA ARG A 1076 -46.86 -60.05 83.99
C ARG A 1076 -47.18 -58.58 84.03
N ALA A 1077 -46.12 -57.76 83.93
CA ALA A 1077 -46.32 -56.33 83.83
C ALA A 1077 -46.87 -55.96 82.45
N GLU A 1078 -47.31 -54.71 82.32
CA GLU A 1078 -47.89 -54.26 81.06
C GLU A 1078 -46.77 -53.91 80.07
N LYS A 1079 -47.14 -53.88 78.78
CA LYS A 1079 -46.15 -53.70 77.73
C LYS A 1079 -45.51 -52.32 77.78
N SER A 1080 -46.23 -51.31 78.27
CA SER A 1080 -45.72 -49.95 78.23
C SER A 1080 -44.57 -49.73 79.20
N TYR A 1081 -44.30 -50.67 80.09
CA TYR A 1081 -43.27 -50.51 81.11
C TYR A 1081 -41.96 -51.20 80.74
N ALA A 1082 -41.79 -51.62 79.49
CA ALA A 1082 -40.56 -52.29 79.07
C ALA A 1082 -39.37 -51.37 79.23
N VAL A 1083 -38.27 -51.92 79.75
CA VAL A 1083 -37.05 -51.16 80.00
C VAL A 1083 -35.97 -51.62 79.02
N GLN A 1084 -35.21 -50.67 78.48
CA GLN A 1084 -34.16 -50.96 77.52
C GLN A 1084 -32.78 -50.51 77.98
N SER A 1085 -32.66 -49.95 79.19
CA SER A 1085 -31.37 -49.52 79.71
C SER A 1085 -31.47 -49.42 81.22
N GLY A 1086 -30.30 -49.38 81.86
CA GLY A 1086 -30.25 -49.23 83.30
C GLY A 1086 -30.10 -50.55 84.03
N ARG A 1087 -30.26 -50.46 85.35
CA ARG A 1087 -30.15 -51.61 86.25
C ARG A 1087 -31.36 -51.62 87.15
N TRP A 1088 -32.05 -52.75 87.23
CA TRP A 1088 -33.35 -52.81 87.90
C TRP A 1088 -33.44 -54.01 88.84
N TYR A 1089 -34.34 -53.90 89.81
CA TYR A 1089 -34.48 -54.83 90.92
C TYR A 1089 -35.93 -54.93 91.35
N PHE A 1090 -36.34 -56.13 91.76
CA PHE A 1090 -37.67 -56.31 92.37
C PHE A 1090 -37.67 -57.58 93.20
N GLU A 1091 -38.76 -57.80 93.96
CA GLU A 1091 -38.80 -58.87 94.95
C GLU A 1091 -40.05 -59.72 94.81
N PHE A 1092 -39.91 -61.00 95.18
CA PHE A 1092 -40.99 -61.97 95.15
C PHE A 1092 -40.95 -62.81 96.42
N GLU A 1093 -42.09 -62.94 97.08
CA GLU A 1093 -42.19 -63.72 98.31
C GLU A 1093 -43.09 -64.92 98.09
N ALA A 1094 -42.62 -66.09 98.51
CA ALA A 1094 -43.37 -67.33 98.37
C ALA A 1094 -44.09 -67.62 99.68
N VAL A 1095 -45.42 -67.52 99.66
CA VAL A 1095 -46.21 -67.84 100.85
C VAL A 1095 -46.31 -69.35 101.03
N THR A 1096 -46.39 -70.09 99.94
CA THR A 1096 -46.42 -71.55 99.98
C THR A 1096 -45.26 -72.10 99.16
N THR A 1097 -44.85 -73.32 99.49
CA THR A 1097 -43.76 -74.00 98.79
C THR A 1097 -44.35 -74.93 97.74
N GLY A 1098 -43.99 -74.71 96.48
CA GLY A 1098 -44.55 -75.51 95.42
C GLY A 1098 -44.02 -75.07 94.07
N GLU A 1099 -44.77 -75.44 93.03
CA GLU A 1099 -44.37 -75.15 91.66
C GLU A 1099 -44.67 -73.69 91.34
N MET A 1100 -43.67 -72.83 91.47
CA MET A 1100 -43.79 -71.42 91.13
C MET A 1100 -42.54 -70.99 90.38
N ARG A 1101 -42.69 -70.00 89.51
CA ARG A 1101 -41.58 -69.52 88.69
C ARG A 1101 -41.59 -68.00 88.65
N VAL A 1102 -40.41 -67.39 88.54
CA VAL A 1102 -40.32 -65.94 88.55
C VAL A 1102 -39.15 -65.48 87.68
N GLY A 1103 -39.33 -64.37 86.98
CA GLY A 1103 -38.20 -63.85 86.22
C GLY A 1103 -38.62 -62.72 85.29
N TRP A 1104 -37.89 -62.63 84.17
CA TRP A 1104 -38.05 -61.55 83.20
C TRP A 1104 -38.54 -62.13 81.87
N ALA A 1105 -39.31 -61.32 81.14
CA ALA A 1105 -39.94 -61.78 79.91
C ALA A 1105 -39.90 -60.71 78.83
N ARG A 1106 -40.05 -61.16 77.58
CA ARG A 1106 -40.15 -60.27 76.43
C ARG A 1106 -41.58 -59.76 76.29
N PRO A 1107 -41.75 -58.60 75.64
CA PRO A 1107 -43.11 -58.06 75.47
C PRO A 1107 -44.04 -58.96 74.68
N GLU A 1108 -43.52 -59.76 73.74
CA GLU A 1108 -44.33 -60.59 72.89
C GLU A 1108 -44.51 -62.01 73.43
N LEU A 1109 -44.50 -62.17 74.76
CA LEU A 1109 -44.67 -63.49 75.36
C LEU A 1109 -46.03 -64.09 75.01
N ARG A 1110 -46.06 -65.41 74.87
CA ARG A 1110 -47.27 -66.16 74.53
C ARG A 1110 -47.92 -66.72 75.80
N PRO A 1111 -49.25 -66.80 75.83
CA PRO A 1111 -49.93 -67.23 77.06
C PRO A 1111 -50.10 -68.73 77.21
N ASP A 1112 -49.97 -69.51 76.13
CA ASP A 1112 -50.25 -70.94 76.19
C ASP A 1112 -49.00 -71.81 76.26
N VAL A 1113 -47.83 -71.21 76.43
CA VAL A 1113 -46.57 -71.95 76.51
C VAL A 1113 -46.04 -71.88 77.94
N GLU A 1114 -45.49 -72.99 78.42
CA GLU A 1114 -44.91 -73.03 79.75
C GLU A 1114 -43.79 -72.00 79.84
N LEU A 1115 -43.73 -71.32 80.99
CA LEU A 1115 -42.81 -70.21 81.18
C LEU A 1115 -41.37 -70.71 81.15
N GLY A 1116 -40.56 -70.14 80.26
CA GLY A 1116 -39.17 -70.51 80.13
C GLY A 1116 -38.89 -71.63 79.16
N ALA A 1117 -39.91 -72.28 78.62
CA ALA A 1117 -39.69 -73.37 77.67
C ALA A 1117 -39.21 -72.88 76.31
N ASP A 1118 -39.31 -71.58 76.03
CA ASP A 1118 -38.83 -71.02 74.78
C ASP A 1118 -37.88 -69.86 75.04
N GLU A 1119 -37.50 -69.15 73.98
CA GLU A 1119 -36.48 -68.10 74.07
C GLU A 1119 -37.03 -66.75 74.50
N LEU A 1120 -38.27 -66.68 74.97
CA LEU A 1120 -38.89 -65.40 75.28
C LEU A 1120 -38.87 -65.05 76.76
N ALA A 1121 -38.23 -65.86 77.61
CA ALA A 1121 -38.22 -65.57 79.04
C ALA A 1121 -36.97 -66.14 79.68
N TYR A 1122 -36.60 -65.55 80.82
CA TYR A 1122 -35.51 -66.03 81.67
C TYR A 1122 -36.08 -66.18 83.06
N VAL A 1123 -36.11 -67.40 83.59
CA VAL A 1123 -36.94 -67.72 84.74
C VAL A 1123 -36.16 -68.56 85.74
N PHE A 1124 -36.44 -68.36 87.02
CA PHE A 1124 -35.96 -69.21 88.10
C PHE A 1124 -37.12 -69.96 88.73
N ASN A 1125 -36.91 -71.25 88.99
CA ASN A 1125 -37.96 -72.07 89.64
C ASN A 1125 -37.42 -72.50 91.01
N GLY A 1126 -38.22 -72.31 92.06
CA GLY A 1126 -37.71 -72.59 93.41
C GLY A 1126 -38.15 -73.94 93.97
N HIS A 1127 -39.31 -74.43 93.55
CA HIS A 1127 -39.72 -75.80 93.98
C HIS A 1127 -38.52 -76.72 93.92
N ARG A 1128 -37.87 -76.81 92.76
CA ARG A 1128 -36.64 -77.61 92.62
C ARG A 1128 -35.62 -76.70 91.96
N GLY A 1129 -34.63 -76.21 92.72
CA GLY A 1129 -33.67 -75.24 92.17
C GLY A 1129 -33.37 -75.48 90.70
N GLN A 1130 -33.94 -74.65 89.81
CA GLN A 1130 -33.65 -74.76 88.39
C GLN A 1130 -33.71 -73.37 87.75
N ARG A 1131 -33.02 -73.25 86.63
CA ARG A 1131 -33.12 -72.06 85.78
C ARG A 1131 -33.62 -72.47 84.40
N TRP A 1132 -34.52 -71.66 83.85
CA TRP A 1132 -35.22 -71.97 82.61
C TRP A 1132 -35.00 -70.84 81.60
N HIS A 1133 -34.36 -71.20 80.48
CA HIS A 1133 -34.39 -70.39 79.27
C HIS A 1133 -34.06 -71.33 78.12
N LEU A 1134 -35.05 -71.66 77.30
CA LEU A 1134 -34.95 -72.63 76.22
C LEU A 1134 -34.55 -74.01 76.72
N GLY A 1135 -34.80 -74.29 77.99
CA GLY A 1135 -34.40 -75.55 78.59
C GLY A 1135 -34.30 -75.40 80.10
N SER A 1136 -33.95 -76.51 80.74
CA SER A 1136 -33.85 -76.56 82.19
C SER A 1136 -32.42 -76.87 82.60
N GLU A 1137 -31.91 -76.14 83.59
CA GLU A 1137 -30.58 -76.39 84.13
C GLU A 1137 -30.64 -76.35 85.66
N LEU A 1138 -29.78 -77.13 86.30
CA LEU A 1138 -29.73 -77.13 87.76
C LEU A 1138 -29.07 -75.85 88.25
N PHE A 1139 -29.59 -75.31 89.35
CA PHE A 1139 -29.17 -74.00 89.85
C PHE A 1139 -29.73 -73.78 91.24
N GLY A 1140 -28.97 -73.07 92.07
CA GLY A 1140 -29.48 -72.65 93.36
C GLY A 1140 -29.84 -73.81 94.27
N ARG A 1141 -30.74 -73.53 95.20
CA ARG A 1141 -31.23 -74.49 96.18
C ARG A 1141 -32.71 -74.26 96.42
N PRO A 1142 -33.44 -75.27 96.89
CA PRO A 1142 -34.87 -75.11 97.14
C PRO A 1142 -35.15 -74.11 98.25
N TRP A 1143 -36.33 -73.51 98.19
CA TRP A 1143 -36.74 -72.47 99.14
C TRP A 1143 -37.67 -73.05 100.20
N GLN A 1144 -38.09 -72.18 101.12
CA GLN A 1144 -39.04 -72.53 102.17
C GLN A 1144 -40.08 -71.43 102.28
N SER A 1145 -41.09 -71.68 103.11
CA SER A 1145 -42.16 -70.71 103.31
C SER A 1145 -41.61 -69.43 103.90
N GLY A 1146 -42.03 -68.29 103.34
CA GLY A 1146 -41.57 -67.00 103.79
C GLY A 1146 -40.28 -66.51 103.16
N ASP A 1147 -39.65 -67.32 102.30
CA ASP A 1147 -38.41 -66.90 101.65
C ASP A 1147 -38.68 -65.79 100.65
N VAL A 1148 -37.68 -64.94 100.44
CA VAL A 1148 -37.77 -63.80 99.53
C VAL A 1148 -36.70 -63.94 98.46
N VAL A 1149 -37.10 -63.82 97.20
CA VAL A 1149 -36.21 -63.89 96.07
C VAL A 1149 -36.13 -62.51 95.44
N GLY A 1150 -34.91 -62.01 95.28
CA GLY A 1150 -34.67 -60.71 94.65
C GLY A 1150 -34.10 -60.92 93.26
N CYS A 1151 -34.73 -60.28 92.28
CA CYS A 1151 -34.32 -60.36 90.89
C CYS A 1151 -33.69 -59.05 90.46
N MET A 1152 -32.51 -59.14 89.83
CA MET A 1152 -31.77 -57.98 89.35
C MET A 1152 -31.40 -58.18 87.90
N ILE A 1153 -31.54 -57.14 87.10
CA ILE A 1153 -31.14 -57.15 85.70
C ILE A 1153 -30.21 -55.97 85.46
N ASP A 1154 -29.14 -56.22 84.70
CA ASP A 1154 -28.15 -55.21 84.32
C ASP A 1154 -28.08 -55.18 82.80
N LEU A 1155 -28.50 -54.07 82.21
CA LEU A 1155 -28.52 -53.92 80.76
C LEU A 1155 -27.26 -53.25 80.21
N THR A 1156 -26.32 -52.89 81.09
CA THR A 1156 -25.02 -52.42 80.62
C THR A 1156 -24.03 -53.57 80.43
N GLU A 1157 -24.03 -54.53 81.34
CA GLU A 1157 -23.27 -55.76 81.18
C GLU A 1157 -24.10 -56.91 80.63
N ASN A 1158 -25.42 -56.73 80.48
CA ASN A 1158 -26.33 -57.74 79.97
C ASN A 1158 -26.26 -59.02 80.80
N THR A 1159 -26.66 -58.88 82.07
CA THR A 1159 -26.62 -60.00 83.00
C THR A 1159 -27.88 -60.02 83.85
N ILE A 1160 -28.21 -61.19 84.39
CA ILE A 1160 -29.36 -61.39 85.26
C ILE A 1160 -28.88 -62.12 86.50
N ILE A 1161 -29.28 -61.63 87.67
CA ILE A 1161 -28.82 -62.17 88.95
C ILE A 1161 -30.02 -62.43 89.85
N PHE A 1162 -30.00 -63.58 90.53
CA PHE A 1162 -31.01 -63.94 91.50
C PHE A 1162 -30.37 -64.06 92.88
N THR A 1163 -31.08 -63.57 93.90
CA THR A 1163 -30.61 -63.67 95.27
C THR A 1163 -31.72 -64.24 96.15
N LEU A 1164 -31.33 -65.02 97.15
CA LEU A 1164 -32.26 -65.65 98.08
C LEU A 1164 -31.91 -65.21 99.50
N ASN A 1165 -32.82 -64.46 100.12
CA ASN A 1165 -32.63 -63.96 101.49
C ASN A 1165 -31.34 -63.18 101.62
N GLY A 1166 -31.01 -62.40 100.59
CA GLY A 1166 -29.82 -61.59 100.58
C GLY A 1166 -28.56 -62.31 100.17
N GLU A 1167 -28.63 -63.61 99.89
CA GLU A 1167 -27.47 -64.38 99.47
C GLU A 1167 -27.53 -64.64 97.97
N VAL A 1168 -26.41 -64.41 97.30
CA VAL A 1168 -26.35 -64.58 95.85
C VAL A 1168 -26.32 -66.08 95.54
N LEU A 1169 -27.18 -66.50 94.63
CA LEU A 1169 -27.20 -67.89 94.20
C LEU A 1169 -26.21 -68.10 93.06
N MET A 1170 -25.48 -69.21 93.12
CA MET A 1170 -24.44 -69.52 92.15
C MET A 1170 -24.61 -70.95 91.66
N SER A 1171 -24.12 -71.19 90.45
CA SER A 1171 -24.24 -72.50 89.82
C SER A 1171 -23.10 -73.41 90.28
N ASP A 1172 -23.02 -74.60 89.68
CA ASP A 1172 -21.95 -75.53 90.03
C ASP A 1172 -20.58 -75.00 89.63
N SER A 1173 -20.50 -74.30 88.49
CA SER A 1173 -19.24 -73.71 88.06
C SER A 1173 -18.77 -72.57 88.95
N GLY A 1174 -19.61 -72.09 89.85
CA GLY A 1174 -19.25 -70.98 90.71
C GLY A 1174 -19.48 -69.61 90.12
N SER A 1175 -20.11 -69.54 88.95
CA SER A 1175 -20.40 -68.25 88.33
C SER A 1175 -21.46 -67.50 89.14
N GLU A 1176 -21.25 -66.18 89.28
CA GLU A 1176 -22.20 -65.37 90.03
C GLU A 1176 -23.47 -65.09 89.24
N THR A 1177 -23.36 -64.89 87.94
CA THR A 1177 -24.52 -64.57 87.11
C THR A 1177 -25.23 -65.85 86.67
N ALA A 1178 -26.56 -65.79 86.62
CA ALA A 1178 -27.35 -66.91 86.13
C ALA A 1178 -27.42 -66.93 84.61
N PHE A 1179 -27.52 -65.77 83.99
CA PHE A 1179 -27.55 -65.66 82.53
C PHE A 1179 -26.65 -64.53 82.08
N ARG A 1180 -26.08 -64.67 80.89
CA ARG A 1180 -25.20 -63.66 80.32
C ARG A 1180 -25.31 -63.68 78.82
N ASP A 1181 -24.85 -62.60 78.19
CA ASP A 1181 -24.89 -62.42 76.74
C ASP A 1181 -26.36 -62.51 76.30
N ILE A 1182 -27.12 -61.49 76.69
CA ILE A 1182 -28.53 -61.37 76.34
C ILE A 1182 -28.70 -60.14 75.45
N GLU A 1183 -29.37 -60.33 74.32
CA GLU A 1183 -29.59 -59.24 73.38
C GLU A 1183 -30.78 -58.40 73.85
N VAL A 1184 -30.63 -57.08 73.80
CA VAL A 1184 -31.61 -56.18 74.41
C VAL A 1184 -32.97 -56.31 73.72
N GLY A 1185 -32.97 -56.21 72.39
CA GLY A 1185 -34.23 -56.33 71.66
C GLY A 1185 -35.17 -55.20 72.00
N ASP A 1186 -36.39 -55.55 72.39
CA ASP A 1186 -37.43 -54.58 72.69
C ASP A 1186 -37.49 -54.20 74.16
N GLY A 1187 -36.94 -55.02 75.05
CA GLY A 1187 -36.98 -54.77 76.48
C GLY A 1187 -37.40 -56.00 77.26
N PHE A 1188 -37.59 -55.80 78.56
CA PHE A 1188 -37.94 -56.88 79.46
C PHE A 1188 -38.96 -56.40 80.48
N LEU A 1189 -39.76 -57.34 80.98
CA LEU A 1189 -40.83 -57.06 81.93
C LEU A 1189 -40.81 -58.09 83.06
N PRO A 1190 -41.25 -57.71 84.25
CA PRO A 1190 -41.40 -58.69 85.33
C PRO A 1190 -42.53 -59.65 85.02
N VAL A 1191 -42.28 -60.94 85.30
CA VAL A 1191 -43.25 -61.99 85.04
C VAL A 1191 -43.15 -63.05 86.14
N CYS A 1192 -44.30 -63.63 86.50
CA CYS A 1192 -44.35 -64.71 87.48
C CYS A 1192 -45.41 -65.71 87.04
N SER A 1193 -45.26 -66.94 87.52
CA SER A 1193 -46.16 -68.03 87.17
C SER A 1193 -46.44 -68.87 88.40
N LEU A 1194 -47.72 -69.17 88.63
CA LEU A 1194 -48.17 -69.90 89.82
C LEU A 1194 -48.90 -71.15 89.40
N GLY A 1195 -48.63 -72.25 90.11
CA GLY A 1195 -49.27 -73.51 89.84
C GLY A 1195 -50.54 -73.69 90.65
N PRO A 1196 -51.08 -74.90 90.65
CA PRO A 1196 -52.33 -75.15 91.38
C PRO A 1196 -52.13 -75.06 92.88
N GLY A 1197 -52.97 -74.23 93.53
CA GLY A 1197 -52.98 -74.13 94.97
C GLY A 1197 -51.90 -73.27 95.57
N GLN A 1198 -51.11 -72.57 94.77
CA GLN A 1198 -50.00 -71.78 95.27
C GLN A 1198 -50.43 -70.32 95.50
N VAL A 1199 -49.71 -69.66 96.42
CA VAL A 1199 -49.94 -68.26 96.75
C VAL A 1199 -48.59 -67.55 96.80
N GLY A 1200 -48.53 -66.35 96.22
CA GLY A 1200 -47.31 -65.59 96.21
C GLY A 1200 -47.59 -64.10 96.32
N HIS A 1201 -46.53 -63.35 96.62
CA HIS A 1201 -46.61 -61.90 96.77
C HIS A 1201 -45.52 -61.26 95.92
N LEU A 1202 -45.85 -60.16 95.27
CA LEU A 1202 -44.92 -59.47 94.36
C LEU A 1202 -44.72 -58.04 94.83
N ASN A 1203 -43.48 -57.57 94.82
CA ASN A 1203 -43.15 -56.21 95.23
C ASN A 1203 -42.26 -55.57 94.18
N LEU A 1204 -42.76 -54.52 93.54
CA LEU A 1204 -42.02 -53.77 92.55
C LEU A 1204 -41.34 -52.53 93.12
N GLY A 1205 -41.49 -52.29 94.42
CA GLY A 1205 -40.76 -51.22 95.06
C GLY A 1205 -41.31 -49.83 94.89
N GLN A 1206 -42.63 -49.67 94.98
CA GLN A 1206 -43.19 -48.31 95.01
C GLN A 1206 -42.75 -47.57 96.26
N ASP A 1207 -42.75 -48.26 97.41
CA ASP A 1207 -42.24 -47.73 98.66
C ASP A 1207 -40.94 -48.44 98.98
N VAL A 1208 -39.85 -47.68 99.07
CA VAL A 1208 -38.55 -48.27 99.30
C VAL A 1208 -38.47 -48.93 100.66
N SER A 1209 -39.13 -48.36 101.67
CA SER A 1209 -39.08 -48.92 103.01
C SER A 1209 -39.73 -50.30 103.10
N SER A 1210 -40.61 -50.64 102.15
CA SER A 1210 -41.28 -51.94 102.18
C SER A 1210 -40.35 -53.08 101.79
N LEU A 1211 -39.32 -52.81 100.99
CA LEU A 1211 -38.37 -53.84 100.61
C LEU A 1211 -37.55 -54.28 101.83
N ARG A 1212 -37.23 -55.57 101.89
CA ARG A 1212 -36.58 -56.15 103.06
C ARG A 1212 -35.10 -56.42 102.86
N PHE A 1213 -34.67 -56.82 101.66
CA PHE A 1213 -33.28 -57.15 101.41
C PHE A 1213 -32.65 -56.27 100.34
N PHE A 1214 -33.26 -55.12 100.02
CA PHE A 1214 -32.68 -54.23 99.03
C PHE A 1214 -31.37 -53.63 99.52
N ALA A 1215 -31.34 -53.19 100.78
CA ALA A 1215 -30.13 -52.56 101.31
C ALA A 1215 -28.99 -53.56 101.48
N ILE A 1216 -29.32 -54.81 101.81
CA ILE A 1216 -28.29 -55.82 102.04
C ILE A 1216 -27.50 -56.09 100.77
N CYS A 1217 -28.18 -56.22 99.63
CA CYS A 1217 -27.52 -56.51 98.36
C CYS A 1217 -28.28 -55.83 97.24
N GLY A 1218 -27.65 -54.86 96.59
CA GLY A 1218 -28.28 -54.19 95.47
C GLY A 1218 -28.21 -52.68 95.53
N LEU A 1219 -28.27 -52.12 96.74
CA LEU A 1219 -28.25 -50.66 96.89
C LEU A 1219 -26.90 -50.09 96.47
N GLN A 1220 -25.81 -50.65 97.00
CA GLN A 1220 -24.49 -50.12 96.71
C GLN A 1220 -24.02 -50.45 95.30
N GLU A 1221 -24.54 -51.52 94.70
CA GLU A 1221 -24.15 -51.87 93.34
C GLU A 1221 -24.75 -50.94 92.29
N GLY A 1222 -25.67 -50.07 92.67
CA GLY A 1222 -26.26 -49.13 91.74
C GLY A 1222 -27.56 -49.58 91.11
N PHE A 1223 -28.30 -50.47 91.76
CA PHE A 1223 -29.58 -50.94 91.25
C PHE A 1223 -30.72 -50.12 91.84
N GLU A 1224 -31.80 -50.01 91.06
CA GLU A 1224 -32.95 -49.21 91.45
C GLU A 1224 -34.22 -50.06 91.48
N PRO A 1225 -35.16 -49.75 92.37
CA PRO A 1225 -36.46 -50.45 92.33
C PRO A 1225 -37.19 -50.16 91.03
N PHE A 1226 -37.96 -51.15 90.58
CA PHE A 1226 -38.60 -51.05 89.26
C PHE A 1226 -39.62 -49.91 89.22
N ALA A 1227 -40.46 -49.80 90.26
CA ALA A 1227 -41.56 -48.86 90.27
C ALA A 1227 -41.27 -47.60 91.08
N ILE A 1228 -40.02 -47.13 91.09
CA ILE A 1228 -39.69 -45.93 91.85
C ILE A 1228 -40.15 -44.68 91.08
N ASN A 1229 -40.50 -43.64 91.84
CA ASN A 1229 -40.94 -42.37 91.29
C ASN A 1229 -42.15 -42.55 90.37
N MET A 1230 -43.13 -43.33 90.83
CA MET A 1230 -44.37 -43.54 90.09
C MET A 1230 -45.54 -43.14 90.97
N GLN A 1231 -46.51 -42.43 90.37
CA GLN A 1231 -47.64 -41.91 91.12
C GLN A 1231 -48.68 -42.99 91.42
N ARG A 1232 -48.84 -43.97 90.53
CA ARG A 1232 -49.87 -44.98 90.64
C ARG A 1232 -49.28 -46.37 90.52
N PRO A 1233 -49.93 -47.37 91.11
CA PRO A 1233 -49.41 -48.74 91.03
C PRO A 1233 -49.36 -49.25 89.60
N VAL A 1234 -48.41 -50.14 89.33
CA VAL A 1234 -48.20 -50.65 87.99
C VAL A 1234 -49.34 -51.57 87.60
N THR A 1235 -49.83 -51.41 86.37
CA THR A 1235 -50.90 -52.25 85.87
C THR A 1235 -50.37 -53.64 85.53
N THR A 1236 -51.17 -54.67 85.79
CA THR A 1236 -50.77 -56.05 85.62
C THR A 1236 -51.74 -56.77 84.70
N TRP A 1237 -51.22 -57.65 83.85
CA TRP A 1237 -52.04 -58.50 82.99
C TRP A 1237 -51.83 -59.95 83.37
N PHE A 1238 -52.85 -60.77 83.09
CA PHE A 1238 -52.78 -62.18 83.47
C PHE A 1238 -53.37 -63.05 82.37
N SER A 1239 -53.04 -64.33 82.43
CA SER A 1239 -53.48 -65.30 81.43
C SER A 1239 -54.87 -65.81 81.79
N LYS A 1240 -55.80 -65.68 80.86
CA LYS A 1240 -57.19 -66.06 81.07
C LYS A 1240 -57.48 -67.33 80.25
N SER A 1241 -57.96 -68.37 80.93
CA SER A 1241 -58.21 -69.65 80.30
C SER A 1241 -59.70 -69.80 79.94
N LEU A 1242 -60.12 -69.03 78.94
CA LEU A 1242 -61.46 -69.11 78.39
C LEU A 1242 -61.35 -69.17 76.87
N PRO A 1243 -61.72 -70.29 76.22
CA PRO A 1243 -61.52 -70.40 74.78
C PRO A 1243 -62.30 -69.33 74.01
N GLN A 1244 -61.67 -68.83 72.94
CA GLN A 1244 -62.28 -67.81 72.09
C GLN A 1244 -61.95 -68.11 70.64
N PHE A 1245 -62.80 -67.63 69.74
CA PHE A 1245 -62.57 -67.85 68.31
C PHE A 1245 -61.69 -66.74 67.75
N GLU A 1246 -60.64 -67.13 67.03
CA GLU A 1246 -59.70 -66.18 66.46
C GLU A 1246 -59.34 -66.61 65.05
N ALA A 1247 -58.92 -65.63 64.24
CA ALA A 1247 -58.57 -65.90 62.86
C ALA A 1247 -57.30 -66.74 62.77
N VAL A 1248 -57.25 -67.59 61.76
CA VAL A 1248 -56.10 -68.47 61.52
C VAL A 1248 -54.91 -67.63 61.05
N PRO A 1249 -53.75 -67.76 61.68
CA PRO A 1249 -52.59 -66.98 61.25
C PRO A 1249 -52.16 -67.35 59.84
N LEU A 1250 -51.61 -66.36 59.13
CA LEU A 1250 -51.21 -66.56 57.75
C LEU A 1250 -50.00 -67.48 57.61
N GLU A 1251 -49.27 -67.72 58.71
CA GLU A 1251 -48.08 -68.56 58.68
C GLU A 1251 -48.14 -69.63 59.78
N HIS A 1252 -49.29 -70.30 59.89
CA HIS A 1252 -49.41 -71.36 60.87
C HIS A 1252 -48.59 -72.57 60.45
N PRO A 1253 -47.91 -73.23 61.39
CA PRO A 1253 -47.05 -74.37 61.02
C PRO A 1253 -47.78 -75.53 60.37
N HIS A 1254 -49.04 -75.79 60.74
CA HIS A 1254 -49.69 -77.03 60.35
C HIS A 1254 -50.90 -76.86 59.43
N TYR A 1255 -51.63 -75.76 59.52
CA TYR A 1255 -52.89 -75.60 58.82
C TYR A 1255 -52.78 -74.51 57.76
N GLU A 1256 -53.49 -74.69 56.65
CA GLU A 1256 -53.51 -73.71 55.57
C GLU A 1256 -54.93 -73.52 55.08
N VAL A 1257 -55.33 -72.26 54.89
CA VAL A 1257 -56.66 -71.90 54.43
C VAL A 1257 -56.53 -71.25 53.06
N SER A 1258 -57.35 -71.69 52.10
CA SER A 1258 -57.29 -71.19 50.74
C SER A 1258 -58.67 -70.70 50.30
N ARG A 1259 -58.68 -69.64 49.50
CA ARG A 1259 -59.90 -69.09 48.92
C ARG A 1259 -59.95 -69.49 47.45
N VAL A 1260 -61.07 -70.06 47.02
CA VAL A 1260 -61.23 -70.54 45.65
C VAL A 1260 -62.37 -69.76 45.00
N ASP A 1261 -62.09 -69.19 43.83
CA ASP A 1261 -63.07 -68.41 43.10
C ASP A 1261 -64.09 -69.33 42.42
N GLY A 1262 -65.22 -68.74 42.04
CA GLY A 1262 -66.29 -69.53 41.45
C GLY A 1262 -66.13 -69.61 39.94
N THR A 1263 -66.21 -70.83 39.40
CA THR A 1263 -66.16 -71.06 37.97
C THR A 1263 -67.57 -71.06 37.39
N VAL A 1264 -67.68 -71.49 36.13
CA VAL A 1264 -68.98 -71.50 35.46
C VAL A 1264 -69.91 -72.53 36.09
N ASP A 1265 -69.36 -73.51 36.79
CA ASP A 1265 -70.16 -74.58 37.38
C ASP A 1265 -69.93 -74.75 38.88
N THR A 1266 -69.09 -73.93 39.49
CA THR A 1266 -68.80 -74.07 40.91
C THR A 1266 -68.95 -72.72 41.61
N PRO A 1267 -69.33 -72.75 42.89
CA PRO A 1267 -69.40 -71.50 43.66
C PRO A 1267 -68.09 -71.21 44.35
N PRO A 1268 -67.90 -70.01 44.88
CA PRO A 1268 -66.69 -69.73 45.66
C PRO A 1268 -66.64 -70.60 46.91
N CYS A 1269 -65.42 -70.95 47.31
CA CYS A 1269 -65.23 -71.91 48.39
C CYS A 1269 -64.08 -71.50 49.29
N LEU A 1270 -64.13 -72.00 50.52
CA LEU A 1270 -63.04 -71.85 51.47
C LEU A 1270 -62.54 -73.23 51.88
N ARG A 1271 -61.30 -73.54 51.53
CA ARG A 1271 -60.77 -74.89 51.63
C ARG A 1271 -59.72 -74.96 52.73
N LEU A 1272 -59.74 -76.03 53.52
CA LEU A 1272 -58.76 -76.23 54.58
C LEU A 1272 -57.85 -77.39 54.19
N THR A 1273 -56.55 -77.25 54.46
CA THR A 1273 -55.59 -78.29 54.15
C THR A 1273 -54.53 -78.41 55.24
N HIS A 1274 -53.96 -79.61 55.35
CA HIS A 1274 -52.95 -79.94 56.34
C HIS A 1274 -51.58 -79.93 55.70
N ARG A 1275 -50.61 -79.29 56.36
CA ARG A 1275 -49.30 -79.07 55.74
C ARG A 1275 -48.34 -80.21 56.00
N THR A 1276 -48.40 -80.83 57.18
CA THR A 1276 -47.39 -81.82 57.60
C THR A 1276 -48.03 -83.14 57.98
N TRP A 1277 -48.91 -83.66 57.12
CA TRP A 1277 -49.67 -84.86 57.46
C TRP A 1277 -48.78 -86.06 57.69
N GLY A 1278 -47.75 -86.24 56.85
CA GLY A 1278 -46.95 -87.44 56.90
C GLY A 1278 -45.62 -87.32 57.62
N SER A 1279 -45.24 -86.12 58.06
CA SER A 1279 -43.93 -85.94 58.69
C SER A 1279 -43.91 -86.54 60.08
N GLN A 1280 -42.70 -86.56 60.67
CA GLN A 1280 -42.54 -87.10 62.02
C GLN A 1280 -43.14 -86.18 63.08
N ASN A 1281 -43.09 -84.86 62.85
CA ASN A 1281 -43.59 -83.88 63.80
C ASN A 1281 -45.03 -83.48 63.52
N SER A 1282 -45.84 -84.39 62.98
CA SER A 1282 -47.23 -84.07 62.69
C SER A 1282 -48.02 -83.89 63.97
N LEU A 1283 -48.99 -82.98 63.93
CA LEU A 1283 -49.89 -82.72 65.05
C LEU A 1283 -51.31 -83.07 64.62
N VAL A 1284 -51.94 -83.97 65.38
CA VAL A 1284 -53.30 -84.44 65.08
C VAL A 1284 -54.15 -84.25 66.32
N GLU A 1285 -55.19 -83.42 66.21
CA GLU A 1285 -56.11 -83.19 67.31
C GLU A 1285 -57.37 -82.54 66.75
N MET A 1286 -58.38 -82.42 67.61
CA MET A 1286 -59.67 -81.89 67.19
C MET A 1286 -59.55 -80.43 66.78
N LEU A 1287 -60.38 -80.03 65.81
CA LEU A 1287 -60.40 -78.67 65.32
C LEU A 1287 -61.84 -78.16 65.35
N PHE A 1288 -62.03 -76.96 65.91
CA PHE A 1288 -63.31 -76.29 65.98
C PHE A 1288 -63.23 -75.02 65.14
N LEU A 1289 -63.92 -75.01 63.99
CA LEU A 1289 -63.84 -73.92 63.04
C LEU A 1289 -65.22 -73.31 62.84
N ARG A 1290 -65.25 -72.01 62.61
CA ARG A 1290 -66.49 -71.29 62.37
C ARG A 1290 -66.25 -70.18 61.36
N LEU A 1291 -67.34 -69.62 60.85
CA LEU A 1291 -67.25 -68.46 59.97
C LEU A 1291 -67.33 -67.17 60.78
N SER A 1292 -67.03 -66.06 60.10
CA SER A 1292 -66.80 -64.81 60.81
C SER A 1292 -68.07 -63.99 61.05
N LEU A 1293 -69.10 -64.16 60.24
CA LEU A 1293 -70.26 -63.29 60.37
C LEU A 1293 -71.53 -64.12 60.56
N PRO A 1294 -72.45 -63.64 61.38
CA PRO A 1294 -73.66 -64.41 61.70
C PRO A 1294 -74.84 -64.06 60.80
N VAL A 1295 -75.90 -64.85 60.96
CA VAL A 1295 -77.21 -64.53 60.41
C VAL A 1295 -78.17 -64.31 61.58
N GLN A 1296 -79.21 -63.50 61.35
CA GLN A 1296 -80.12 -63.10 62.40
C GLN A 1296 -81.56 -63.37 61.98
N PHE A 1297 -82.34 -63.88 62.91
CA PHE A 1297 -83.76 -64.13 62.66
C PHE A 1297 -84.57 -62.86 62.89
N HIS A 1298 -85.79 -62.86 62.35
CA HIS A 1298 -86.64 -61.68 62.42
C HIS A 1298 -87.20 -61.51 63.84
N GLN A 1299 -87.80 -60.34 64.07
CA GLN A 1299 -88.41 -60.06 65.37
C GLN A 1299 -89.75 -60.77 65.53
N HIS A 1300 -90.50 -60.93 64.45
CA HIS A 1300 -91.80 -61.59 64.50
C HIS A 1300 -91.80 -62.82 63.59
N PHE A 1301 -92.57 -63.82 63.98
CA PHE A 1301 -92.74 -65.04 63.20
C PHE A 1301 -94.15 -65.10 62.64
N ARG A 1302 -94.25 -65.34 61.34
CA ARG A 1302 -95.55 -65.42 60.67
C ARG A 1302 -95.46 -66.27 59.41
N ARG A 1421 -82.91 -71.13 36.33
CA ARG A 1421 -84.21 -71.77 36.27
C ARG A 1421 -85.16 -71.20 37.32
N ASP A 1422 -84.68 -70.20 38.06
CA ASP A 1422 -85.49 -69.60 39.11
C ASP A 1422 -86.44 -68.56 38.53
N ASP A 1423 -87.68 -68.60 38.97
CA ASP A 1423 -88.64 -67.56 38.60
C ASP A 1423 -88.56 -66.41 39.59
N PRO A 1424 -88.44 -65.17 39.11
CA PRO A 1424 -88.19 -64.05 40.04
C PRO A 1424 -89.28 -63.85 41.07
N ASP A 1425 -90.54 -64.15 40.75
CA ASP A 1425 -91.63 -63.88 41.67
C ASP A 1425 -91.47 -64.65 42.98
N ILE A 1426 -91.07 -65.92 42.88
CA ILE A 1426 -90.83 -66.71 44.09
C ILE A 1426 -89.55 -66.25 44.79
N ILE A 1427 -88.48 -66.02 44.03
CA ILE A 1427 -87.17 -65.85 44.65
C ILE A 1427 -86.98 -64.47 45.25
N LEU A 1428 -87.84 -63.50 44.89
CA LEU A 1428 -87.68 -62.17 45.47
C LEU A 1428 -88.21 -62.06 46.89
N ASN A 1429 -89.02 -63.02 47.35
CA ASN A 1429 -89.57 -62.95 48.71
C ASN A 1429 -89.51 -64.33 49.37
N THR A 1430 -88.38 -65.02 49.23
CA THR A 1430 -88.31 -66.40 49.70
C THR A 1430 -87.97 -66.50 51.19
N THR A 1431 -86.99 -65.72 51.65
CA THR A 1431 -86.53 -65.71 53.05
C THR A 1431 -86.05 -67.08 53.53
N THR A 1432 -85.49 -67.89 52.64
CA THR A 1432 -84.88 -69.17 53.00
C THR A 1432 -83.46 -69.21 52.45
N TYR A 1433 -82.51 -69.69 53.26
CA TYR A 1433 -81.10 -69.60 52.91
C TYR A 1433 -80.42 -70.95 53.08
N TYR A 1434 -79.37 -71.15 52.27
CA TYR A 1434 -78.73 -72.45 52.09
C TYR A 1434 -77.22 -72.31 52.20
N TYR A 1435 -76.57 -73.41 52.59
CA TYR A 1435 -75.13 -73.44 52.84
C TYR A 1435 -74.65 -74.87 52.72
N SER A 1436 -73.39 -75.08 52.30
CA SER A 1436 -72.96 -76.44 52.03
C SER A 1436 -71.55 -76.69 52.54
N VAL A 1437 -71.26 -77.96 52.81
CA VAL A 1437 -69.94 -78.41 53.24
C VAL A 1437 -69.58 -79.67 52.45
N ARG A 1438 -68.36 -79.72 51.93
CA ARG A 1438 -67.86 -80.87 51.18
C ARG A 1438 -66.71 -81.51 51.94
N VAL A 1439 -66.80 -82.83 52.12
CA VAL A 1439 -65.77 -83.65 52.75
C VAL A 1439 -65.16 -84.52 51.66
N PHE A 1440 -63.85 -84.41 51.48
CA PHE A 1440 -63.14 -85.10 50.42
C PHE A 1440 -62.97 -86.58 50.74
N ALA A 1441 -62.78 -87.38 49.69
CA ALA A 1441 -62.47 -88.79 49.87
C ALA A 1441 -61.13 -88.96 50.55
N GLY A 1442 -61.06 -89.87 51.52
CA GLY A 1442 -59.89 -90.06 52.36
C GLY A 1442 -60.10 -89.58 53.79
N GLN A 1443 -60.85 -88.51 53.97
CA GLN A 1443 -61.23 -88.05 55.30
C GLN A 1443 -62.43 -88.86 55.77
N GLU A 1444 -62.31 -89.46 56.95
CA GLU A 1444 -63.36 -90.34 57.45
C GLU A 1444 -64.60 -89.53 57.77
N PRO A 1445 -65.77 -89.86 57.19
CA PRO A 1445 -66.99 -89.14 57.55
C PRO A 1445 -67.45 -89.39 58.97
N SER A 1446 -66.85 -90.34 59.69
CA SER A 1446 -67.23 -90.62 61.07
C SER A 1446 -66.63 -89.62 62.05
N CYS A 1447 -65.78 -88.70 61.59
CA CYS A 1447 -65.12 -87.74 62.47
C CYS A 1447 -65.43 -86.29 62.09
N VAL A 1448 -66.63 -86.02 61.59
CA VAL A 1448 -67.01 -84.68 61.16
C VAL A 1448 -68.39 -84.36 61.72
N TRP A 1449 -68.52 -83.18 62.31
CA TRP A 1449 -69.80 -82.65 62.76
C TRP A 1449 -70.02 -81.30 62.09
N VAL A 1450 -71.23 -81.08 61.57
CA VAL A 1450 -71.52 -79.91 60.75
C VAL A 1450 -72.77 -79.21 61.29
N GLY A 1451 -72.71 -77.87 61.38
CA GLY A 1451 -73.92 -77.16 61.77
C GLY A 1451 -73.76 -75.70 62.12
N TRP A 1452 -74.45 -75.27 63.17
CA TRP A 1452 -74.45 -73.87 63.60
C TRP A 1452 -74.14 -73.79 65.09
N VAL A 1453 -73.55 -72.66 65.47
CA VAL A 1453 -73.23 -72.38 66.86
C VAL A 1453 -73.74 -70.99 67.22
N THR A 1454 -73.92 -70.75 68.51
CA THR A 1454 -74.34 -69.46 69.01
C THR A 1454 -73.13 -68.66 69.46
N PRO A 1455 -73.28 -67.37 69.75
CA PRO A 1455 -72.11 -66.57 70.14
C PRO A 1455 -71.44 -67.02 71.42
N ASP A 1456 -72.08 -67.85 72.24
CA ASP A 1456 -71.57 -68.19 73.56
C ASP A 1456 -71.08 -69.64 73.65
N TYR A 1457 -70.43 -70.15 72.61
CA TYR A 1457 -69.83 -71.48 72.67
C TYR A 1457 -68.38 -71.36 73.13
N HIS A 1458 -68.02 -72.09 74.19
CA HIS A 1458 -66.68 -71.94 74.76
C HIS A 1458 -66.10 -73.29 75.20
N GLN A 1459 -66.42 -74.37 74.50
CA GLN A 1459 -65.97 -75.71 74.89
C GLN A 1459 -64.83 -76.16 74.01
N HIS A 1460 -63.63 -76.24 74.59
CA HIS A 1460 -62.45 -76.81 73.93
C HIS A 1460 -62.23 -78.23 74.44
N ASP A 1461 -63.04 -79.15 73.92
CA ASP A 1461 -63.04 -80.54 74.40
C ASP A 1461 -62.33 -81.43 73.37
N MET A 1462 -61.39 -82.24 73.85
CA MET A 1462 -60.63 -83.10 72.95
C MET A 1462 -61.30 -84.45 72.73
N ASN A 1463 -62.40 -84.74 73.43
CA ASN A 1463 -63.14 -85.98 73.25
C ASN A 1463 -64.59 -85.67 72.89
N PHE A 1464 -64.78 -84.76 71.94
CA PHE A 1464 -66.11 -84.25 71.64
C PHE A 1464 -67.04 -85.36 71.15
N ASP A 1465 -68.31 -85.23 71.51
CA ASP A 1465 -69.36 -86.14 71.08
C ASP A 1465 -70.68 -85.40 71.19
N LEU A 1466 -71.69 -85.87 70.45
CA LEU A 1466 -72.97 -85.18 70.42
C LEU A 1466 -73.69 -85.26 71.76
N THR A 1467 -73.22 -86.10 72.68
CA THR A 1467 -73.78 -86.16 74.02
C THR A 1467 -73.16 -85.15 74.97
N LYS A 1468 -72.13 -84.42 74.54
CA LYS A 1468 -71.48 -83.42 75.36
C LYS A 1468 -72.11 -82.03 75.22
N VAL A 1469 -73.12 -81.88 74.36
CA VAL A 1469 -73.68 -80.57 74.09
C VAL A 1469 -74.57 -80.14 75.25
N ARG A 1470 -74.37 -78.90 75.72
CA ARG A 1470 -75.21 -78.36 76.77
C ARG A 1470 -76.64 -78.19 76.28
N ALA A 1471 -77.60 -78.55 77.14
CA ALA A 1471 -79.00 -78.41 76.80
C ALA A 1471 -79.82 -78.29 78.08
N VAL A 1472 -80.99 -77.66 77.95
CA VAL A 1472 -81.90 -77.49 79.08
C VAL A 1472 -83.31 -77.30 78.53
N THR A 1473 -84.31 -77.54 79.40
CA THR A 1473 -85.70 -77.33 79.04
C THR A 1473 -86.37 -76.51 80.13
N VAL A 1474 -87.09 -75.47 79.71
CA VAL A 1474 -87.82 -74.60 80.63
C VAL A 1474 -89.31 -74.81 80.37
N THR A 1475 -90.05 -75.16 81.42
CA THR A 1475 -91.46 -75.49 81.31
C THR A 1475 -92.28 -74.54 82.17
N MET A 1476 -93.34 -73.98 81.60
CA MET A 1476 -94.26 -73.09 82.30
C MET A 1476 -95.59 -73.80 82.45
N GLY A 1477 -96.22 -73.62 83.62
CA GLY A 1477 -97.47 -74.28 83.93
C GLY A 1477 -98.46 -73.33 84.58
N ASP A 1478 -99.67 -73.85 84.80
CA ASP A 1478 -100.74 -73.13 85.44
C ASP A 1478 -100.93 -73.59 86.87
N GLU A 1479 -101.84 -72.92 87.58
CA GLU A 1479 -102.11 -73.27 88.97
C GLU A 1479 -102.75 -74.66 89.08
N GLN A 1480 -103.57 -75.04 88.11
CA GLN A 1480 -104.26 -76.33 88.15
C GLN A 1480 -103.41 -77.49 87.64
N GLY A 1481 -102.18 -77.21 87.19
CA GLY A 1481 -101.31 -78.25 86.70
C GLY A 1481 -101.21 -78.37 85.20
N ASN A 1482 -101.92 -77.52 84.46
CA ASN A 1482 -101.81 -77.55 83.00
C ASN A 1482 -100.60 -76.75 82.55
N ILE A 1483 -99.79 -77.35 81.67
CA ILE A 1483 -98.57 -76.75 81.19
C ILE A 1483 -98.87 -75.95 79.93
N HIS A 1484 -98.36 -74.72 79.86
CA HIS A 1484 -98.60 -73.85 78.72
C HIS A 1484 -97.55 -74.04 77.63
N SER A 1485 -96.27 -74.00 78.00
CA SER A 1485 -95.20 -74.06 77.02
C SER A 1485 -94.00 -74.78 77.61
N SER A 1486 -93.19 -75.37 76.72
CA SER A 1486 -91.93 -75.98 77.08
C SER A 1486 -90.93 -75.67 75.98
N LEU A 1487 -89.84 -75.01 76.35
CA LEU A 1487 -88.84 -74.56 75.39
C LEU A 1487 -87.50 -75.23 75.67
N LYS A 1488 -86.77 -75.52 74.60
CA LYS A 1488 -85.47 -76.16 74.70
C LYS A 1488 -84.38 -75.15 74.35
N CYS A 1489 -83.36 -75.07 75.20
CA CYS A 1489 -82.26 -74.14 75.02
C CYS A 1489 -80.95 -74.90 74.90
N SER A 1490 -80.12 -74.46 73.94
CA SER A 1490 -78.82 -75.06 73.68
C SER A 1490 -77.95 -74.01 72.99
N ASN A 1491 -76.71 -74.40 72.70
CA ASN A 1491 -75.78 -73.52 72.02
C ASN A 1491 -75.04 -74.19 70.87
N CYS A 1492 -75.54 -75.31 70.36
CA CYS A 1492 -74.90 -76.03 69.26
C CYS A 1492 -75.96 -76.87 68.55
N TYR A 1493 -76.12 -76.64 67.25
CA TYR A 1493 -77.11 -77.37 66.45
C TYR A 1493 -76.35 -78.03 65.31
N MET A 1494 -76.03 -79.32 65.45
CA MET A 1494 -75.15 -79.99 64.52
C MET A 1494 -75.68 -81.37 64.17
N VAL A 1495 -75.12 -81.92 63.10
CA VAL A 1495 -75.38 -83.29 62.67
C VAL A 1495 -74.04 -84.00 62.51
N TRP A 1496 -74.08 -85.32 62.68
CA TRP A 1496 -72.89 -86.15 62.65
C TRP A 1496 -72.79 -86.87 61.31
N GLY A 1497 -71.58 -86.94 60.76
CA GLY A 1497 -71.36 -87.58 59.49
C GLY A 1497 -71.68 -89.07 59.47
N GLY A 1498 -71.46 -89.75 60.59
CA GLY A 1498 -71.69 -91.19 60.64
C GLY A 1498 -73.13 -91.60 60.36
N ASP A 1499 -74.07 -90.66 60.50
CA ASP A 1499 -75.46 -90.97 60.18
C ASP A 1499 -75.68 -91.14 58.69
N PHE A 1500 -74.78 -90.64 57.85
CA PHE A 1500 -74.96 -90.70 56.40
C PHE A 1500 -74.02 -91.67 55.71
N VAL A 1501 -73.28 -92.49 56.47
CA VAL A 1501 -72.43 -93.49 55.85
C VAL A 1501 -73.29 -94.63 55.33
N SER A 1502 -72.82 -95.29 54.28
CA SER A 1502 -73.55 -96.41 53.71
C SER A 1502 -73.57 -97.57 54.69
N PRO A 1503 -74.68 -98.30 54.81
CA PRO A 1503 -74.72 -99.45 55.71
C PRO A 1503 -73.70 -100.50 55.31
N GLY A 1504 -73.04 -101.09 56.31
CA GLY A 1504 -72.04 -102.10 56.05
C GLY A 1504 -70.82 -101.63 55.30
N GLN A 1505 -70.54 -100.32 55.30
CA GLN A 1505 -69.39 -99.80 54.58
C GLN A 1505 -68.09 -100.29 55.21
N GLN A 1506 -67.14 -100.66 54.36
CA GLN A 1506 -65.85 -101.16 54.82
C GLN A 1506 -64.84 -100.03 55.00
N GLY A 1507 -65.16 -99.07 55.85
CA GLY A 1507 -64.23 -97.99 56.13
C GLY A 1507 -64.07 -97.05 54.94
N ARG A 1508 -62.89 -96.46 54.86
CA ARG A 1508 -62.59 -95.46 53.83
C ARG A 1508 -62.19 -96.11 52.51
N ILE A 1509 -62.54 -97.39 52.33
CA ILE A 1509 -62.22 -98.09 51.09
C ILE A 1509 -62.86 -97.41 49.90
N SER A 1510 -64.10 -96.92 50.06
CA SER A 1510 -64.80 -96.23 48.98
C SER A 1510 -64.27 -94.80 48.90
N HIS A 1511 -63.79 -94.42 47.71
CA HIS A 1511 -63.21 -93.09 47.50
C HIS A 1511 -64.28 -92.20 46.84
N THR A 1512 -65.20 -91.73 47.67
CA THR A 1512 -66.27 -90.84 47.22
C THR A 1512 -66.42 -89.68 48.19
N ASP A 1513 -66.67 -88.49 47.64
CA ASP A 1513 -66.84 -87.30 48.45
C ASP A 1513 -68.26 -87.24 49.02
N LEU A 1514 -68.40 -86.50 50.11
CA LEU A 1514 -69.69 -86.33 50.78
C LEU A 1514 -70.05 -84.86 50.82
N VAL A 1515 -71.31 -84.54 50.51
CA VAL A 1515 -71.79 -83.16 50.49
C VAL A 1515 -72.98 -83.07 51.44
N ILE A 1516 -72.90 -82.14 52.39
CA ILE A 1516 -73.96 -81.92 53.37
C ILE A 1516 -74.45 -80.49 53.25
N GLY A 1517 -75.76 -80.31 53.13
CA GLY A 1517 -76.36 -79.00 52.97
C GLY A 1517 -77.24 -78.65 54.15
N CYS A 1518 -77.24 -77.37 54.51
CA CYS A 1518 -78.04 -76.85 55.61
C CYS A 1518 -78.94 -75.74 55.10
N LEU A 1519 -80.20 -75.77 55.53
CA LEU A 1519 -81.20 -74.79 55.15
C LEU A 1519 -81.80 -74.16 56.40
N VAL A 1520 -82.00 -72.84 56.37
CA VAL A 1520 -82.58 -72.11 57.47
C VAL A 1520 -83.68 -71.19 56.94
N ASP A 1521 -84.77 -71.08 57.69
CA ASP A 1521 -85.86 -70.16 57.38
C ASP A 1521 -85.86 -69.06 58.44
N LEU A 1522 -85.52 -67.85 58.04
CA LEU A 1522 -85.40 -66.74 58.97
C LEU A 1522 -86.74 -66.18 59.43
N ALA A 1523 -87.85 -66.58 58.80
CA ALA A 1523 -89.16 -66.07 59.14
C ALA A 1523 -89.95 -67.00 60.05
N THR A 1524 -89.60 -68.29 60.11
CA THR A 1524 -90.28 -69.24 60.96
C THR A 1524 -89.39 -69.89 62.01
N GLY A 1525 -88.07 -69.75 61.90
CA GLY A 1525 -87.16 -70.33 62.87
C GLY A 1525 -86.90 -71.80 62.70
N LEU A 1526 -86.99 -72.34 61.49
CA LEU A 1526 -86.83 -73.76 61.24
C LEU A 1526 -85.51 -74.02 60.52
N MET A 1527 -84.75 -75.00 61.01
CA MET A 1527 -83.47 -75.39 60.43
C MET A 1527 -83.51 -76.86 60.07
N THR A 1528 -83.09 -77.18 58.84
CA THR A 1528 -83.13 -78.55 58.33
C THR A 1528 -81.82 -78.86 57.61
N PHE A 1529 -81.60 -80.16 57.39
CA PHE A 1529 -80.36 -80.66 56.79
C PHE A 1529 -80.67 -81.65 55.68
N THR A 1530 -79.80 -81.71 54.68
CA THR A 1530 -79.88 -82.67 53.60
C THR A 1530 -78.50 -83.26 53.34
N ALA A 1531 -78.48 -84.50 52.85
CA ALA A 1531 -77.24 -85.20 52.53
C ALA A 1531 -77.36 -85.87 51.18
N ASN A 1532 -76.45 -85.52 50.27
CA ASN A 1532 -76.41 -86.10 48.92
C ASN A 1532 -77.74 -85.96 48.20
N GLY A 1533 -78.42 -84.85 48.42
CA GLY A 1533 -79.72 -84.62 47.82
C GLY A 1533 -80.88 -85.30 48.51
N LYS A 1534 -80.64 -86.01 49.62
CA LYS A 1534 -81.69 -86.70 50.34
C LYS A 1534 -82.02 -85.97 51.63
N GLU A 1535 -83.28 -86.04 52.03
CA GLU A 1535 -83.72 -85.39 53.26
C GLU A 1535 -83.20 -86.14 54.48
N SER A 1536 -83.29 -85.47 55.63
CA SER A 1536 -82.92 -86.06 56.90
C SER A 1536 -84.04 -85.84 57.91
N ASN A 1537 -84.11 -86.71 58.91
CA ASN A 1537 -85.19 -86.65 59.89
C ASN A 1537 -84.93 -85.60 60.97
N THR A 1538 -83.70 -85.11 61.11
CA THR A 1538 -83.39 -84.15 62.14
C THR A 1538 -83.81 -82.74 61.73
N PHE A 1539 -84.29 -81.97 62.69
CA PHE A 1539 -84.69 -80.59 62.45
C PHE A 1539 -84.59 -79.83 63.76
N PHE A 1540 -84.51 -78.50 63.65
CA PHE A 1540 -84.37 -77.66 64.84
C PHE A 1540 -85.29 -76.44 64.73
N GLN A 1541 -85.72 -75.96 65.90
CA GLN A 1541 -86.58 -74.81 66.03
C GLN A 1541 -85.98 -73.84 67.03
N VAL A 1542 -85.95 -72.55 66.68
CA VAL A 1542 -85.32 -71.53 67.51
C VAL A 1542 -86.27 -70.36 67.70
N GLU A 1543 -85.95 -69.52 68.69
CA GLU A 1543 -86.75 -68.37 69.04
C GLU A 1543 -86.36 -67.15 68.21
N PRO A 1544 -87.21 -66.13 68.13
CA PRO A 1544 -86.87 -64.93 67.35
C PRO A 1544 -85.68 -64.20 67.94
N ASN A 1545 -85.02 -63.41 67.08
CA ASN A 1545 -83.88 -62.57 67.46
C ASN A 1545 -82.68 -63.40 67.90
N THR A 1546 -82.31 -64.41 67.12
CA THR A 1546 -81.19 -65.28 67.45
C THR A 1546 -80.09 -65.15 66.41
N LYS A 1547 -78.84 -65.23 66.87
CA LYS A 1547 -77.68 -65.16 66.00
C LYS A 1547 -77.07 -66.56 65.85
N LEU A 1548 -76.67 -66.92 64.64
CA LEU A 1548 -76.08 -68.22 64.36
C LEU A 1548 -74.85 -68.06 63.47
N PHE A 1549 -73.84 -68.89 63.74
CA PHE A 1549 -72.60 -68.95 62.98
C PHE A 1549 -72.44 -70.34 62.36
N PRO A 1550 -72.16 -70.42 61.06
CA PRO A 1550 -71.79 -71.72 60.47
C PRO A 1550 -70.51 -72.25 61.09
N ALA A 1551 -70.49 -73.56 61.36
CA ALA A 1551 -69.39 -74.15 62.09
C ALA A 1551 -69.22 -75.61 61.73
N VAL A 1552 -67.97 -76.07 61.82
CA VAL A 1552 -67.59 -77.46 61.55
C VAL A 1552 -66.59 -77.90 62.61
N PHE A 1553 -66.80 -79.08 63.17
CA PHE A 1553 -65.86 -79.70 64.08
C PHE A 1553 -65.28 -80.94 63.40
N VAL A 1554 -63.96 -81.06 63.38
CA VAL A 1554 -63.32 -82.08 62.56
C VAL A 1554 -62.14 -82.68 63.30
N LEU A 1555 -61.72 -83.87 62.86
CA LEU A 1555 -60.48 -84.50 63.29
C LEU A 1555 -59.75 -84.99 62.06
N PRO A 1556 -58.62 -84.38 61.69
CA PRO A 1556 -57.99 -84.69 60.40
C PRO A 1556 -57.51 -86.13 60.33
N THR A 1557 -57.72 -86.74 59.16
CA THR A 1557 -57.21 -88.08 58.85
C THR A 1557 -56.62 -88.16 57.46
N HIS A 1558 -56.45 -87.04 56.76
CA HIS A 1558 -55.99 -87.05 55.38
C HIS A 1558 -55.41 -85.68 55.06
N GLN A 1559 -54.70 -85.61 53.92
CA GLN A 1559 -54.08 -84.36 53.51
C GLN A 1559 -55.13 -83.28 53.24
N ASN A 1560 -56.22 -83.62 52.58
CA ASN A 1560 -57.29 -82.70 52.28
C ASN A 1560 -58.47 -83.03 53.20
N VAL A 1561 -59.00 -82.03 53.89
CA VAL A 1561 -59.98 -82.30 54.94
C VAL A 1561 -61.39 -81.85 54.58
N ILE A 1562 -61.62 -80.54 54.42
CA ILE A 1562 -62.97 -80.01 54.27
C ILE A 1562 -62.97 -78.75 53.41
N GLN A 1563 -64.15 -78.41 52.89
CA GLN A 1563 -64.38 -77.23 52.07
C GLN A 1563 -65.73 -76.63 52.38
N PHE A 1564 -65.75 -75.35 52.73
CA PHE A 1564 -66.98 -74.57 52.88
C PHE A 1564 -67.43 -74.11 51.50
N GLU A 1565 -68.71 -74.35 51.18
CA GLU A 1565 -69.28 -73.97 49.88
C GLU A 1565 -70.46 -73.04 50.11
N LEU A 1566 -70.32 -71.82 49.60
CA LEU A 1566 -71.36 -70.79 49.66
C LEU A 1566 -72.22 -70.81 48.41
N GLY A 1567 -72.80 -71.98 48.11
CA GLY A 1567 -73.53 -72.17 46.88
C GLY A 1567 -74.94 -71.63 46.94
N LYS A 1568 -75.81 -72.22 46.12
CA LYS A 1568 -77.19 -71.77 46.00
C LYS A 1568 -78.00 -72.88 45.34
N GLN A 1569 -79.22 -73.07 45.84
CA GLN A 1569 -80.16 -74.04 45.30
C GLN A 1569 -81.25 -73.31 44.52
N LYS A 1570 -82.15 -74.10 43.91
CA LYS A 1570 -83.25 -73.52 43.16
C LYS A 1570 -84.22 -72.83 44.09
N ASN A 1571 -84.59 -71.60 43.74
CA ASN A 1571 -85.54 -70.77 44.49
C ASN A 1571 -85.09 -70.49 45.92
N ILE A 1572 -83.79 -70.58 46.20
CA ILE A 1572 -83.24 -70.33 47.52
C ILE A 1572 -82.03 -69.41 47.36
N MET A 1573 -82.01 -68.32 48.15
CA MET A 1573 -80.93 -67.34 48.05
C MET A 1573 -79.67 -67.85 48.75
N PRO A 1574 -78.50 -67.37 48.33
CA PRO A 1574 -77.26 -67.79 48.99
C PRO A 1574 -77.08 -67.09 50.33
N LEU A 1575 -76.00 -67.45 51.01
CA LEU A 1575 -75.73 -66.90 52.34
C LEU A 1575 -75.39 -65.43 52.29
N SER A 1576 -74.73 -64.97 51.20
CA SER A 1576 -74.32 -63.58 51.12
C SER A 1576 -75.51 -62.63 51.16
N ALA A 1577 -76.68 -63.08 50.72
CA ALA A 1577 -77.87 -62.22 50.75
C ALA A 1577 -78.40 -62.02 52.16
N ALA A 1578 -77.93 -62.79 53.13
CA ALA A 1578 -78.39 -62.66 54.50
C ALA A 1578 -77.41 -61.91 55.39
N MET A 1579 -76.12 -61.91 55.03
CA MET A 1579 -75.11 -61.29 55.88
C MET A 1579 -74.99 -59.79 55.63
N PHE A 1580 -75.10 -59.36 54.38
CA PHE A 1580 -74.86 -57.98 54.00
C PHE A 1580 -76.16 -57.33 53.56
N LEU A 1581 -76.40 -56.11 54.04
CA LEU A 1581 -77.65 -55.42 53.76
C LEU A 1581 -77.75 -55.00 52.30
N SER A 1582 -76.64 -54.57 51.69
CA SER A 1582 -76.70 -54.08 50.32
C SER A 1582 -76.99 -55.20 49.33
N GLU A 1583 -76.72 -56.45 49.70
CA GLU A 1583 -76.96 -57.59 48.84
C GLU A 1583 -78.24 -58.34 49.19
N ARG A 1584 -79.23 -57.65 49.78
CA ARG A 1584 -80.44 -58.32 50.23
C ARG A 1584 -81.24 -58.92 49.09
N LYS A 1585 -81.17 -58.30 47.90
CA LYS A 1585 -81.94 -58.76 46.74
C LYS A 1585 -81.05 -59.26 45.61
N ASN A 1586 -79.79 -59.58 45.88
CA ASN A 1586 -78.88 -60.03 44.83
C ASN A 1586 -78.74 -61.55 44.91
N PRO A 1587 -79.24 -62.30 43.93
CA PRO A 1587 -79.14 -63.76 43.98
C PRO A 1587 -77.82 -64.33 43.49
N ALA A 1588 -76.80 -63.50 43.28
CA ALA A 1588 -75.52 -64.00 42.84
C ALA A 1588 -74.59 -64.26 44.03
N PRO A 1589 -74.14 -65.49 44.23
CA PRO A 1589 -73.26 -65.78 45.37
C PRO A 1589 -71.92 -65.07 45.24
N GLN A 1590 -71.36 -64.69 46.38
CA GLN A 1590 -70.07 -64.01 46.43
C GLN A 1590 -69.47 -64.16 47.81
N CYS A 1591 -68.17 -63.89 47.89
CA CYS A 1591 -67.41 -64.02 49.15
C CYS A 1591 -66.57 -62.77 49.36
N PRO A 1592 -67.10 -61.77 50.04
CA PRO A 1592 -66.35 -60.54 50.28
C PRO A 1592 -65.17 -60.79 51.20
N PRO A 1593 -64.18 -59.88 51.22
CA PRO A 1593 -62.98 -60.10 52.04
C PRO A 1593 -63.24 -60.17 53.53
N ARG A 1594 -64.35 -59.62 54.02
CA ARG A 1594 -64.61 -59.64 55.45
C ARG A 1594 -64.97 -61.03 55.97
N LEU A 1595 -65.34 -61.94 55.08
CA LEU A 1595 -65.73 -63.30 55.47
C LEU A 1595 -64.50 -64.19 55.45
N GLU A 1596 -64.14 -64.72 56.61
CA GLU A 1596 -62.96 -65.57 56.74
C GLU A 1596 -63.21 -66.62 57.84
N MET A 1597 -62.36 -67.64 57.84
CA MET A 1597 -62.51 -68.78 58.74
C MET A 1597 -61.75 -68.51 60.04
N GLN A 1598 -62.33 -68.96 61.15
CA GLN A 1598 -61.73 -68.79 62.47
C GLN A 1598 -61.72 -70.12 63.21
N MET A 1599 -60.76 -70.28 64.11
CA MET A 1599 -60.61 -71.49 64.90
C MET A 1599 -60.59 -71.15 66.38
N LEU A 1600 -60.93 -72.15 67.19
CA LEU A 1600 -60.99 -71.95 68.63
C LEU A 1600 -59.60 -72.02 69.26
N MET A 1601 -59.32 -71.10 70.23
CA MET A 1601 -58.10 -70.94 71.01
C MET A 1601 -58.39 -71.14 72.50
N PRO A 1602 -57.45 -71.75 73.23
CA PRO A 1602 -57.74 -72.09 74.64
C PRO A 1602 -57.57 -70.93 75.63
N VAL A 1603 -56.55 -70.10 75.46
CA VAL A 1603 -56.22 -69.08 76.45
C VAL A 1603 -55.93 -67.76 75.74
N SER A 1604 -55.93 -66.68 76.53
CA SER A 1604 -55.65 -65.34 76.01
C SER A 1604 -55.11 -64.48 77.15
N TRP A 1605 -54.92 -63.19 76.88
CA TRP A 1605 -54.48 -62.23 77.86
C TRP A 1605 -55.64 -61.37 78.33
N SER A 1606 -55.60 -60.94 79.59
CA SER A 1606 -56.65 -60.09 80.14
C SER A 1606 -56.04 -59.10 81.13
N ARG A 1607 -56.74 -57.98 81.30
CA ARG A 1607 -56.26 -56.91 82.16
C ARG A 1607 -56.91 -57.01 83.54
N MET A 1608 -56.11 -56.82 84.57
CA MET A 1608 -56.60 -56.86 85.94
C MET A 1608 -57.16 -55.50 86.34
N PRO A 1609 -58.33 -55.45 86.97
CA PRO A 1609 -58.89 -54.15 87.39
C PRO A 1609 -58.03 -53.53 88.50
N ASN A 1610 -58.26 -52.23 88.71
CA ASN A 1610 -57.50 -51.50 89.71
C ASN A 1610 -58.14 -51.60 91.09
N HIS A 1611 -59.46 -51.69 91.14
CA HIS A 1611 -60.19 -51.78 92.41
C HIS A 1611 -61.17 -52.93 92.36
N PHE A 1612 -61.50 -53.46 93.54
CA PHE A 1612 -62.39 -54.60 93.66
C PHE A 1612 -63.43 -54.32 94.75
N LEU A 1613 -64.55 -55.04 94.65
CA LEU A 1613 -65.63 -54.87 95.61
C LEU A 1613 -65.23 -55.39 96.98
N ARG A 1614 -65.70 -54.72 98.03
CA ARG A 1614 -65.47 -55.19 99.39
C ARG A 1614 -66.71 -55.91 99.89
N VAL A 1615 -66.57 -57.19 100.22
CA VAL A 1615 -67.67 -58.01 100.70
C VAL A 1615 -67.26 -58.62 102.04
N GLU A 1616 -68.15 -58.54 103.02
CA GLU A 1616 -67.88 -59.02 104.37
C GLU A 1616 -68.83 -60.17 104.69
N THR A 1617 -68.27 -61.27 105.20
CA THR A 1617 -69.05 -62.44 105.57
C THR A 1617 -68.73 -62.82 107.00
N ARG A 1618 -69.76 -63.27 107.73
CA ARG A 1618 -69.59 -63.71 109.11
C ARG A 1618 -70.77 -64.61 109.46
N ARG A 1619 -70.60 -65.38 110.53
CA ARG A 1619 -71.69 -66.20 111.05
C ARG A 1619 -72.64 -65.32 111.83
N ALA A 1620 -73.79 -65.00 111.23
CA ALA A 1620 -74.74 -64.11 111.89
C ALA A 1620 -75.24 -64.70 113.20
N GLY A 1621 -75.52 -65.99 113.22
CA GLY A 1621 -75.91 -66.62 114.47
C GLY A 1621 -76.39 -68.03 114.26
N GLU A 1622 -76.61 -68.71 115.40
CA GLU A 1622 -77.13 -70.06 115.37
C GLU A 1622 -78.55 -70.11 114.83
N ARG A 1623 -79.37 -69.12 115.15
CA ARG A 1623 -80.72 -69.01 114.62
C ARG A 1623 -80.78 -68.15 113.36
N LEU A 1624 -79.95 -67.11 113.29
CA LEU A 1624 -80.01 -66.18 112.18
C LEU A 1624 -79.37 -66.74 110.90
N GLY A 1625 -78.40 -67.64 111.04
CA GLY A 1625 -77.75 -68.20 109.88
C GLY A 1625 -76.46 -67.48 109.55
N TRP A 1626 -76.13 -67.39 108.25
CA TRP A 1626 -74.90 -66.72 107.79
C TRP A 1626 -75.26 -65.44 107.07
N ALA A 1627 -74.38 -64.45 107.13
CA ALA A 1627 -74.67 -63.11 106.62
C ALA A 1627 -73.70 -62.70 105.52
N VAL A 1628 -74.23 -62.02 104.50
CA VAL A 1628 -73.44 -61.45 103.40
C VAL A 1628 -73.91 -60.02 103.20
N GLN A 1629 -72.97 -59.10 102.97
CA GLN A 1629 -73.26 -57.68 102.90
C GLN A 1629 -72.30 -56.97 101.96
N CYS A 1630 -72.83 -56.06 101.15
CA CYS A 1630 -72.02 -55.23 100.25
C CYS A 1630 -72.59 -53.82 100.20
N GLN A 1631 -71.71 -52.82 100.26
CA GLN A 1631 -72.14 -51.43 100.41
C GLN A 1631 -71.57 -50.46 99.39
N GLU A 1632 -70.29 -50.60 99.01
CA GLU A 1632 -69.63 -49.55 98.26
C GLU A 1632 -69.76 -49.81 96.75
N PRO A 1633 -70.25 -48.83 96.00
CA PRO A 1633 -70.44 -49.03 94.56
C PRO A 1633 -69.16 -48.87 93.76
N LEU A 1634 -69.12 -49.55 92.62
CA LEU A 1634 -68.02 -49.43 91.66
C LEU A 1634 -68.60 -49.43 90.25
N THR A 1635 -67.93 -48.73 89.33
CA THR A 1635 -68.41 -48.58 87.98
C THR A 1635 -67.23 -48.68 87.01
N MET A 1636 -67.51 -49.13 85.79
CA MET A 1636 -66.51 -49.22 84.76
C MET A 1636 -67.10 -48.82 83.42
N MET A 1637 -66.23 -48.42 82.50
CA MET A 1637 -66.62 -48.03 81.15
C MET A 1637 -66.37 -49.21 80.21
N ALA A 1638 -67.43 -49.66 79.55
CA ALA A 1638 -67.39 -50.87 78.74
C ALA A 1638 -67.53 -50.54 77.26
N LEU A 1639 -66.71 -51.22 76.45
CA LEU A 1639 -66.75 -51.13 75.00
C LEU A 1639 -67.36 -52.42 74.44
N HIS A 1640 -68.32 -52.27 73.55
CA HIS A 1640 -69.14 -53.37 73.06
C HIS A 1640 -68.94 -53.57 71.56
N ILE A 1641 -68.64 -54.81 71.19
CA ILE A 1641 -68.56 -55.23 69.79
C ILE A 1641 -69.90 -55.87 69.43
N PRO A 1642 -70.64 -55.31 68.46
CA PRO A 1642 -72.02 -55.78 68.24
C PRO A 1642 -72.12 -57.12 67.54
N GLU A 1643 -71.34 -57.36 66.48
CA GLU A 1643 -71.55 -58.56 65.68
C GLU A 1643 -71.22 -59.82 66.46
N GLU A 1644 -70.23 -59.75 67.35
CA GLU A 1644 -69.90 -60.86 68.23
C GLU A 1644 -70.71 -60.83 69.52
N ASN A 1645 -71.51 -59.80 69.74
CA ASN A 1645 -72.30 -59.64 70.96
C ASN A 1645 -71.42 -59.74 72.20
N ARG A 1646 -70.33 -58.97 72.20
CA ARG A 1646 -69.32 -59.12 73.23
C ARG A 1646 -68.97 -57.77 73.84
N CYS A 1647 -68.41 -57.80 75.05
CA CYS A 1647 -68.04 -56.60 75.78
C CYS A 1647 -66.64 -56.76 76.37
N MET A 1648 -65.98 -55.63 76.59
CA MET A 1648 -64.63 -55.60 77.15
C MET A 1648 -64.41 -54.27 77.84
N ASP A 1649 -63.34 -54.20 78.63
CA ASP A 1649 -62.95 -52.94 79.25
C ASP A 1649 -62.29 -52.04 78.22
N ILE A 1650 -62.61 -50.75 78.26
CA ILE A 1650 -62.05 -49.81 77.28
C ILE A 1650 -60.56 -49.61 77.49
N LEU A 1651 -60.08 -49.68 78.74
CA LEU A 1651 -58.65 -49.53 79.02
C LEU A 1651 -57.82 -50.60 78.33
N GLU A 1652 -58.41 -51.74 77.96
CA GLU A 1652 -57.70 -52.77 77.24
C GLU A 1652 -57.22 -52.27 75.89
N LEU A 1653 -57.75 -51.16 75.39
CA LEU A 1653 -57.23 -50.56 74.18
C LEU A 1653 -55.81 -50.01 74.35
N SER A 1654 -55.22 -50.15 75.53
CA SER A 1654 -53.82 -49.76 75.70
C SER A 1654 -52.88 -50.69 74.94
N GLU A 1655 -53.33 -51.91 74.63
CA GLU A 1655 -52.51 -52.88 73.93
C GLU A 1655 -53.11 -53.35 72.61
N ARG A 1656 -54.36 -52.97 72.32
CA ARG A 1656 -55.01 -53.34 71.05
C ARG A 1656 -55.02 -52.09 70.18
N LEU A 1657 -53.99 -51.96 69.35
CA LEU A 1657 -53.74 -50.70 68.65
C LEU A 1657 -54.74 -50.46 67.52
N ASP A 1658 -55.14 -51.50 66.80
CA ASP A 1658 -56.06 -51.32 65.68
C ASP A 1658 -57.41 -50.78 66.16
N LEU A 1659 -57.96 -51.36 67.23
CA LEU A 1659 -59.22 -50.87 67.77
C LEU A 1659 -59.07 -49.44 68.28
N GLN A 1660 -57.93 -49.12 68.89
CA GLN A 1660 -57.69 -47.77 69.38
C GLN A 1660 -57.70 -46.76 68.23
N GLN A 1661 -57.00 -47.10 67.14
CA GLN A 1661 -56.98 -46.22 65.98
C GLN A 1661 -58.38 -46.03 65.39
N PHE A 1662 -59.12 -47.13 65.27
CA PHE A 1662 -60.47 -47.05 64.71
C PHE A 1662 -61.38 -46.19 65.59
N HIS A 1663 -61.29 -46.36 66.91
CA HIS A 1663 -62.14 -45.59 67.80
C HIS A 1663 -61.76 -44.11 67.81
N SER A 1664 -60.46 -43.80 67.74
CA SER A 1664 -60.05 -42.41 67.66
C SER A 1664 -60.58 -41.74 66.40
N HIS A 1665 -60.49 -42.45 65.26
CA HIS A 1665 -61.02 -41.88 64.03
C HIS A 1665 -62.54 -41.79 64.07
N THR A 1666 -63.20 -42.70 64.79
CA THR A 1666 -64.64 -42.60 64.98
C THR A 1666 -65.02 -41.35 65.77
N LEU A 1667 -64.26 -41.04 66.82
CA LEU A 1667 -64.49 -39.80 67.55
C LEU A 1667 -64.24 -38.59 66.67
N ARG A 1668 -63.21 -38.65 65.82
CA ARG A 1668 -62.96 -37.55 64.89
C ARG A 1668 -64.15 -37.35 63.95
N LEU A 1669 -64.73 -38.45 63.45
CA LEU A 1669 -65.91 -38.34 62.60
C LEU A 1669 -67.10 -37.75 63.38
N TYR A 1670 -67.27 -38.17 64.63
CA TYR A 1670 -68.32 -37.58 65.47
C TYR A 1670 -68.16 -36.07 65.54
N ARG A 1671 -66.93 -35.60 65.76
CA ARG A 1671 -66.70 -34.15 65.77
C ARG A 1671 -66.97 -33.53 64.41
N ALA A 1672 -66.59 -34.22 63.34
CA ALA A 1672 -66.72 -33.67 61.99
C ALA A 1672 -68.18 -33.44 61.62
N VAL A 1673 -69.06 -34.39 61.94
CA VAL A 1673 -70.46 -34.26 61.53
C VAL A 1673 -71.22 -33.21 62.34
N CYS A 1674 -70.59 -32.61 63.34
CA CYS A 1674 -71.25 -31.62 64.18
C CYS A 1674 -70.71 -30.20 63.99
N ALA A 1675 -69.78 -30.01 63.06
CA ALA A 1675 -69.04 -28.76 62.97
C ALA A 1675 -69.91 -27.62 62.44
N LEU A 1676 -69.64 -26.42 62.96
CA LEU A 1676 -70.17 -25.17 62.41
C LEU A 1676 -71.70 -25.12 62.44
N GLY A 1677 -72.25 -25.18 63.65
CA GLY A 1677 -73.66 -24.92 63.85
C GLY A 1677 -74.60 -26.08 63.62
N ASN A 1678 -74.11 -27.32 63.61
CA ASN A 1678 -74.98 -28.49 63.52
C ASN A 1678 -75.57 -28.81 64.89
N ASN A 1679 -76.56 -27.99 65.28
CA ASN A 1679 -77.17 -28.14 66.59
C ASN A 1679 -78.12 -29.32 66.65
N ARG A 1680 -78.87 -29.57 65.57
CA ARG A 1680 -79.74 -30.74 65.53
C ARG A 1680 -78.92 -32.03 65.58
N VAL A 1681 -77.80 -32.06 64.85
CA VAL A 1681 -76.93 -33.24 64.89
C VAL A 1681 -76.29 -33.37 66.27
N ALA A 1682 -76.00 -32.26 66.95
CA ALA A 1682 -75.52 -32.34 68.32
C ALA A 1682 -76.55 -32.95 69.24
N HIS A 1683 -77.81 -32.54 69.08
CA HIS A 1683 -78.88 -33.12 69.89
C HIS A 1683 -79.01 -34.61 69.61
N ALA A 1684 -78.89 -35.02 68.35
CA ALA A 1684 -78.91 -36.44 68.03
C ALA A 1684 -77.72 -37.18 68.64
N LEU A 1685 -76.54 -36.57 68.61
CA LEU A 1685 -75.34 -37.20 69.14
C LEU A 1685 -75.40 -37.34 70.65
N CYS A 1686 -76.16 -36.47 71.32
CA CYS A 1686 -76.26 -36.53 72.77
C CYS A 1686 -76.85 -37.85 73.28
N SER A 1687 -77.32 -38.73 72.40
CA SER A 1687 -77.83 -40.02 72.79
C SER A 1687 -76.83 -41.15 72.60
N HIS A 1688 -75.75 -40.92 71.85
CA HIS A 1688 -74.73 -41.95 71.66
C HIS A 1688 -73.60 -41.83 72.67
N VAL A 1689 -73.25 -40.61 73.06
CA VAL A 1689 -72.26 -40.34 74.10
C VAL A 1689 -72.93 -39.42 75.10
N ASP A 1690 -73.48 -39.99 76.17
CA ASP A 1690 -74.27 -39.21 77.11
C ASP A 1690 -73.38 -38.45 78.09
N GLN A 1691 -74.03 -37.69 78.97
CA GLN A 1691 -73.32 -36.78 79.87
C GLN A 1691 -72.44 -37.53 80.87
N ALA A 1692 -72.94 -38.64 81.41
CA ALA A 1692 -72.19 -39.37 82.42
C ALA A 1692 -70.89 -39.92 81.86
N GLN A 1693 -70.91 -40.41 80.62
CA GLN A 1693 -69.70 -40.94 80.00
C GLN A 1693 -68.64 -39.85 79.86
N LEU A 1694 -69.04 -38.66 79.41
CA LEU A 1694 -68.10 -37.56 79.26
C LEU A 1694 -67.52 -37.14 80.60
N LEU A 1695 -68.39 -36.99 81.61
CA LEU A 1695 -67.90 -36.56 82.91
C LEU A 1695 -67.00 -37.62 83.56
N HIS A 1696 -67.25 -38.90 83.28
CA HIS A 1696 -66.38 -39.95 83.78
C HIS A 1696 -65.04 -39.96 83.06
N ALA A 1697 -65.07 -39.78 81.73
CA ALA A 1697 -63.84 -39.80 80.95
C ALA A 1697 -62.96 -38.58 81.18
N LEU A 1698 -63.54 -37.47 81.65
CA LEU A 1698 -62.72 -36.30 81.98
C LEU A 1698 -61.73 -36.59 83.10
N GLU A 1699 -62.07 -37.50 84.01
CA GLU A 1699 -61.26 -37.73 85.21
C GLU A 1699 -60.46 -39.02 85.16
N ASP A 1700 -60.64 -39.86 84.14
CA ASP A 1700 -59.94 -41.13 84.10
C ASP A 1700 -58.46 -40.93 83.83
N ALA A 1701 -57.63 -41.45 84.74
CA ALA A 1701 -56.18 -41.25 84.65
C ALA A 1701 -55.46 -42.36 83.88
N HIS A 1702 -56.16 -43.41 83.47
CA HIS A 1702 -55.53 -44.53 82.80
C HIS A 1702 -55.87 -44.60 81.31
N LEU A 1703 -56.59 -43.62 80.79
CA LEU A 1703 -56.96 -43.65 79.37
C LEU A 1703 -55.71 -43.41 78.50
N PRO A 1704 -55.66 -44.03 77.33
CA PRO A 1704 -54.61 -43.66 76.37
C PRO A 1704 -54.78 -42.21 75.91
N GLY A 1705 -53.66 -41.59 75.55
CA GLY A 1705 -53.63 -40.19 75.20
C GLY A 1705 -54.58 -39.76 74.09
N PRO A 1706 -54.56 -40.47 72.95
CA PRO A 1706 -55.48 -40.11 71.86
C PRO A 1706 -56.93 -40.12 72.27
N LEU A 1707 -57.36 -41.11 73.07
CA LEU A 1707 -58.75 -41.15 73.51
C LEU A 1707 -59.07 -40.01 74.46
N ARG A 1708 -58.14 -39.68 75.35
CA ARG A 1708 -58.32 -38.55 76.26
C ARG A 1708 -58.52 -37.25 75.48
N ALA A 1709 -57.63 -36.97 74.53
CA ALA A 1709 -57.76 -35.77 73.72
C ALA A 1709 -59.04 -35.78 72.91
N GLY A 1710 -59.40 -36.93 72.33
CA GLY A 1710 -60.61 -37.02 71.55
C GLY A 1710 -61.85 -36.76 72.37
N TYR A 1711 -61.91 -37.27 73.60
CA TYR A 1711 -63.08 -37.06 74.43
C TYR A 1711 -63.18 -35.62 74.90
N TYR A 1712 -62.04 -35.00 75.25
CA TYR A 1712 -62.08 -33.58 75.60
C TYR A 1712 -62.58 -32.74 74.42
N ASP A 1713 -62.05 -33.00 73.22
CA ASP A 1713 -62.47 -32.27 72.04
C ASP A 1713 -63.94 -32.52 71.72
N LEU A 1714 -64.40 -33.75 71.91
CA LEU A 1714 -65.81 -34.06 71.65
C LEU A 1714 -66.73 -33.30 72.60
N LEU A 1715 -66.37 -33.24 73.88
CA LEU A 1715 -67.16 -32.46 74.83
C LEU A 1715 -67.22 -31.00 74.39
N ILE A 1716 -66.06 -30.42 74.07
CA ILE A 1716 -66.00 -29.02 73.69
C ILE A 1716 -66.84 -28.77 72.45
N SER A 1717 -66.71 -29.64 71.44
CA SER A 1717 -67.43 -29.43 70.19
C SER A 1717 -68.93 -29.61 70.34
N ILE A 1718 -69.36 -30.58 71.16
CA ILE A 1718 -70.79 -30.82 71.31
C ILE A 1718 -71.45 -29.69 72.09
N HIS A 1719 -70.82 -29.24 73.18
CA HIS A 1719 -71.55 -28.39 74.11
C HIS A 1719 -71.17 -26.92 74.08
N LEU A 1720 -69.92 -26.56 73.77
CA LEU A 1720 -69.44 -25.22 74.07
C LEU A 1720 -68.95 -24.42 72.87
N GLU A 1721 -68.97 -24.98 71.66
CA GLU A 1721 -68.30 -24.30 70.55
C GLU A 1721 -69.06 -23.07 70.07
N SER A 1722 -70.38 -23.19 69.88
CA SER A 1722 -71.13 -22.12 69.21
C SER A 1722 -71.23 -20.87 70.08
N ALA A 1723 -71.56 -21.03 71.36
CA ALA A 1723 -71.66 -19.88 72.25
C ALA A 1723 -70.33 -19.17 72.39
N CYS A 1724 -69.24 -19.95 72.50
CA CYS A 1724 -67.91 -19.35 72.57
C CYS A 1724 -67.60 -18.59 71.29
N ARG A 1725 -67.94 -19.16 70.14
CA ARG A 1725 -67.69 -18.45 68.87
C ARG A 1725 -68.44 -17.14 68.82
N SER A 1726 -69.72 -17.14 69.21
CA SER A 1726 -70.50 -15.90 69.17
C SER A 1726 -69.93 -14.86 70.14
N ARG A 1727 -69.65 -15.27 71.38
CA ARG A 1727 -69.13 -14.33 72.37
C ARG A 1727 -67.81 -13.75 71.92
N ARG A 1728 -66.93 -14.59 71.37
CA ARG A 1728 -65.64 -14.10 70.86
C ARG A 1728 -65.86 -13.15 69.69
N SER A 1729 -66.81 -13.45 68.81
CA SER A 1729 -67.09 -12.56 67.68
C SER A 1729 -67.61 -11.21 68.14
N MET A 1730 -68.27 -11.14 69.30
CA MET A 1730 -68.74 -9.87 69.82
C MET A 1730 -67.98 -9.40 71.06
N LEU A 1731 -66.66 -9.58 71.08
CA LEU A 1731 -65.83 -9.08 72.18
C LEU A 1731 -65.00 -7.87 71.79
N SER A 1732 -65.04 -7.43 70.53
CA SER A 1732 -64.19 -6.34 70.07
C SER A 1732 -64.80 -4.96 70.26
N GLU A 1733 -65.99 -4.87 70.86
CA GLU A 1733 -66.69 -3.60 71.02
C GLU A 1733 -67.07 -3.39 72.48
N TYR A 1734 -66.97 -2.14 72.93
CA TYR A 1734 -67.29 -1.74 74.30
C TYR A 1734 -68.48 -0.79 74.26
N ILE A 1735 -69.55 -1.16 74.96
CA ILE A 1735 -70.72 -0.30 75.15
C ILE A 1735 -70.97 -0.20 76.65
N VAL A 1736 -70.93 1.01 77.18
CA VAL A 1736 -71.04 1.25 78.62
C VAL A 1736 -72.33 2.02 78.87
N PRO A 1737 -73.22 1.52 79.72
CA PRO A 1737 -74.41 2.30 80.09
C PRO A 1737 -74.11 3.21 81.26
N LEU A 1738 -74.73 4.40 81.23
CA LEU A 1738 -74.53 5.39 82.28
C LEU A 1738 -75.42 5.02 83.47
N THR A 1739 -74.85 4.31 84.42
CA THR A 1739 -75.56 3.78 85.57
C THR A 1739 -74.78 4.12 86.84
N PRO A 1740 -75.43 4.09 87.99
CA PRO A 1740 -74.69 4.31 89.25
C PRO A 1740 -73.55 3.34 89.45
N GLU A 1741 -73.69 2.10 88.96
CA GLU A 1741 -72.60 1.14 89.06
C GLU A 1741 -71.38 1.60 88.26
N THR A 1742 -71.61 2.26 87.12
CA THR A 1742 -70.50 2.73 86.31
C THR A 1742 -69.72 3.84 87.02
N ARG A 1743 -70.42 4.70 87.76
CA ARG A 1743 -69.76 5.85 88.38
C ARG A 1743 -68.71 5.44 89.40
N ALA A 1744 -68.87 4.27 90.02
CA ALA A 1744 -67.98 3.87 91.10
C ALA A 1744 -66.67 3.27 90.60
N ILE A 1745 -66.52 3.07 89.29
CA ILE A 1745 -65.32 2.44 88.76
C ILE A 1745 -64.14 3.40 88.84
N THR A 1746 -63.02 2.92 89.36
CA THR A 1746 -61.80 3.69 89.46
C THR A 1746 -60.62 2.85 88.97
N LEU A 1747 -59.57 3.53 88.52
CA LEU A 1747 -58.40 2.82 87.98
C LEU A 1747 -57.72 1.97 89.04
N PHE A 1748 -57.57 2.50 90.25
CA PHE A 1748 -56.88 1.81 91.32
C PHE A 1748 -57.84 1.46 92.45
N PRO A 1749 -57.54 0.41 93.22
CA PRO A 1749 -58.37 0.11 94.38
C PRO A 1749 -58.37 1.24 95.36
N PRO A 1750 -59.47 1.45 96.09
CA PRO A 1750 -59.61 2.68 96.91
C PRO A 1750 -58.58 2.82 98.01
N GLY A 1751 -57.96 1.74 98.48
CA GLY A 1751 -57.05 1.81 99.60
C GLY A 1751 -55.87 2.72 99.30
N LYS A 1752 -55.65 3.73 100.14
CA LYS A 1752 -54.54 4.66 99.99
C LYS A 1752 -53.47 4.47 101.04
N ARG A 1753 -53.54 3.41 101.84
CA ARG A 1753 -52.56 3.21 102.90
C ARG A 1753 -51.17 2.98 102.35
N THR A 1754 -51.06 2.38 101.17
CA THR A 1754 -49.79 2.16 100.51
C THR A 1754 -49.55 3.31 99.52
N GLU A 1755 -48.51 4.09 99.77
CA GLU A 1755 -48.17 5.23 98.92
C GLU A 1755 -46.85 5.04 98.17
N ASN A 1756 -46.35 3.81 98.09
CA ASN A 1756 -45.14 3.54 97.34
C ASN A 1756 -45.40 3.64 95.85
N GLY A 1757 -44.33 3.50 95.07
CA GLY A 1757 -44.40 3.57 93.63
C GLY A 1757 -45.44 2.67 92.99
N PRO A 1758 -45.31 1.35 93.20
CA PRO A 1758 -46.27 0.41 92.60
C PRO A 1758 -47.69 0.59 93.11
N ARG A 1759 -47.88 1.19 94.29
CA ARG A 1759 -49.20 1.29 94.94
C ARG A 1759 -49.78 -0.13 95.04
N ARG A 1760 -51.06 -0.34 94.70
CA ARG A 1760 -51.64 -1.67 94.58
C ARG A 1760 -52.32 -1.73 93.22
N HIS A 1761 -51.73 -2.48 92.29
CA HIS A 1761 -52.22 -2.48 90.93
C HIS A 1761 -53.58 -3.17 90.81
N GLY A 1762 -53.77 -4.26 91.54
CA GLY A 1762 -55.00 -5.01 91.45
C GLY A 1762 -54.85 -6.20 90.51
N LEU A 1763 -55.62 -7.25 90.80
CA LEU A 1763 -55.53 -8.47 90.01
C LEU A 1763 -56.30 -8.32 88.70
N PRO A 1764 -55.73 -8.79 87.58
CA PRO A 1764 -56.45 -8.71 86.30
C PRO A 1764 -57.68 -9.59 86.31
N GLY A 1765 -58.73 -9.11 85.64
CA GLY A 1765 -59.95 -9.86 85.50
C GLY A 1765 -60.81 -9.94 86.74
N VAL A 1766 -60.48 -9.23 87.81
CA VAL A 1766 -61.23 -9.23 89.05
C VAL A 1766 -61.78 -7.83 89.29
N GLY A 1767 -63.10 -7.73 89.45
CA GLY A 1767 -63.76 -6.46 89.67
C GLY A 1767 -65.10 -6.40 88.96
N VAL A 1768 -65.62 -5.19 88.88
CA VAL A 1768 -66.93 -4.96 88.26
C VAL A 1768 -66.73 -4.48 86.83
N THR A 1769 -67.47 -5.07 85.90
CA THR A 1769 -67.49 -4.64 84.50
C THR A 1769 -68.92 -4.45 84.06
N THR A 1770 -69.16 -3.44 83.23
CA THR A 1770 -70.50 -3.08 82.81
C THR A 1770 -70.72 -3.10 81.31
N SER A 1771 -69.75 -3.53 80.52
CA SER A 1771 -69.93 -3.60 79.08
C SER A 1771 -71.01 -4.61 78.73
N LEU A 1772 -71.84 -4.27 77.74
CA LEU A 1772 -72.98 -5.10 77.39
C LEU A 1772 -72.53 -6.33 76.61
N ARG A 1773 -73.03 -7.50 77.02
CA ARG A 1773 -72.79 -8.75 76.32
C ARG A 1773 -74.04 -9.60 76.49
N PRO A 1774 -74.64 -10.09 75.41
CA PRO A 1774 -75.86 -10.88 75.53
C PRO A 1774 -75.54 -12.23 76.19
N PRO A 1775 -76.51 -12.83 76.85
CA PRO A 1775 -76.29 -14.10 77.53
C PRO A 1775 -76.32 -15.27 76.56
N HIS A 1776 -76.23 -16.48 77.12
CA HIS A 1776 -76.24 -17.72 76.35
C HIS A 1776 -77.59 -18.39 76.46
N HIS A 1777 -77.92 -19.21 75.47
CA HIS A 1777 -79.18 -19.93 75.43
C HIS A 1777 -78.91 -21.40 75.12
N PHE A 1778 -79.55 -22.30 75.87
CA PHE A 1778 -79.37 -23.73 75.70
C PHE A 1778 -80.73 -24.43 75.83
N SER A 1779 -80.76 -25.69 75.40
CA SER A 1779 -81.94 -26.53 75.50
C SER A 1779 -81.58 -27.87 76.12
N ALA A 1780 -82.53 -28.46 76.82
CA ALA A 1780 -82.30 -29.75 77.47
C ALA A 1780 -82.64 -30.88 76.50
N PRO A 1781 -81.74 -31.85 76.32
CA PRO A 1781 -82.03 -32.96 75.42
C PRO A 1781 -83.16 -33.84 75.97
N CYS A 1782 -83.97 -34.36 75.05
CA CYS A 1782 -85.07 -35.25 75.41
C CYS A 1782 -85.52 -36.00 74.16
N PHE A 1783 -85.66 -37.31 74.28
CA PHE A 1783 -85.97 -38.16 73.13
C PHE A 1783 -87.33 -38.83 73.24
N VAL A 1784 -88.23 -38.30 74.07
CA VAL A 1784 -89.60 -38.77 74.14
C VAL A 1784 -90.59 -37.64 73.88
N ALA A 1785 -90.11 -36.48 73.46
CA ALA A 1785 -91.00 -35.36 73.15
C ALA A 1785 -91.79 -35.65 71.88
N ALA A 1786 -92.99 -35.06 71.81
CA ALA A 1786 -93.85 -35.27 70.65
C ALA A 1786 -93.21 -34.67 69.40
N LEU A 1787 -93.45 -35.32 68.28
CA LEU A 1787 -92.92 -34.84 67.00
C LEU A 1787 -93.56 -33.51 66.63
N PRO A 1788 -92.80 -32.55 66.11
CA PRO A 1788 -93.39 -31.25 65.75
C PRO A 1788 -94.14 -31.34 64.42
N ALA A 1789 -94.62 -30.18 63.97
CA ALA A 1789 -95.31 -30.08 62.69
C ALA A 1789 -94.38 -30.53 61.57
N VAL A 1790 -94.74 -31.63 60.90
CA VAL A 1790 -93.89 -32.21 59.87
C VAL A 1790 -93.84 -31.28 58.66
N GLY A 1791 -92.63 -30.97 58.21
CA GLY A 1791 -92.46 -30.12 57.05
C GLY A 1791 -92.73 -28.65 57.27
N ALA A 1792 -92.87 -28.22 58.51
CA ALA A 1792 -93.17 -26.82 58.80
C ALA A 1792 -91.95 -25.95 58.52
N ALA A 1793 -92.08 -25.07 57.53
CA ALA A 1793 -91.00 -24.14 57.23
C ALA A 1793 -90.95 -23.02 58.26
N GLU A 1794 -89.82 -22.30 58.26
CA GLU A 1794 -89.58 -21.19 59.18
C GLU A 1794 -89.62 -21.66 60.63
N ALA A 1795 -89.23 -22.90 60.88
CA ALA A 1795 -89.16 -23.38 62.25
C ALA A 1795 -88.03 -22.67 62.99
N PRO A 1796 -88.15 -22.46 64.30
CA PRO A 1796 -87.11 -21.74 65.03
C PRO A 1796 -85.79 -22.50 65.04
N ALA A 1797 -84.74 -21.80 65.47
CA ALA A 1797 -83.42 -22.40 65.53
C ALA A 1797 -83.40 -23.51 66.57
N ARG A 1798 -82.45 -24.44 66.41
CA ARG A 1798 -82.42 -25.63 67.24
C ARG A 1798 -81.75 -25.39 68.60
N LEU A 1799 -81.20 -24.21 68.83
CA LEU A 1799 -80.58 -23.83 70.11
C LEU A 1799 -79.37 -24.73 70.32
N SER A 1800 -79.14 -25.28 71.52
CA SER A 1800 -77.94 -26.07 71.76
C SER A 1800 -78.17 -26.96 72.96
N PRO A 1801 -77.52 -28.13 73.03
CA PRO A 1801 -77.70 -29.00 74.20
C PRO A 1801 -77.16 -28.34 75.47
N SER A 1802 -77.74 -28.72 76.60
CA SER A 1802 -77.41 -28.11 77.88
C SER A 1802 -76.56 -29.05 78.72
N ILE A 1803 -75.79 -28.45 79.64
CA ILE A 1803 -74.96 -29.21 80.59
C ILE A 1803 -74.69 -28.34 81.80
N PRO A 1804 -74.72 -28.94 82.99
CA PRO A 1804 -74.42 -28.17 84.21
C PRO A 1804 -73.04 -27.52 84.15
N LEU A 1805 -72.99 -26.24 84.48
CA LEU A 1805 -71.77 -25.47 84.28
C LEU A 1805 -70.96 -25.30 85.56
N GLU A 1806 -71.62 -25.16 86.70
CA GLU A 1806 -70.89 -24.97 87.96
C GLU A 1806 -70.08 -26.22 88.31
N ALA A 1807 -70.69 -27.41 88.19
CA ALA A 1807 -69.96 -28.64 88.42
C ALA A 1807 -68.83 -28.80 87.41
N LEU A 1808 -69.07 -28.42 86.15
CA LEU A 1808 -68.03 -28.53 85.13
C LEU A 1808 -66.83 -27.66 85.46
N ARG A 1809 -67.07 -26.42 85.90
CA ARG A 1809 -65.96 -25.53 86.19
C ARG A 1809 -65.23 -25.96 87.47
N ASP A 1810 -65.97 -26.46 88.47
CA ASP A 1810 -65.30 -27.00 89.66
C ASP A 1810 -64.42 -28.18 89.30
N LYS A 1811 -64.94 -29.09 88.46
CA LYS A 1811 -64.15 -30.24 88.02
C LYS A 1811 -62.91 -29.79 87.24
N ALA A 1812 -63.06 -28.79 86.36
CA ALA A 1812 -61.92 -28.30 85.60
C ALA A 1812 -60.85 -27.72 86.50
N LEU A 1813 -61.26 -26.93 87.49
CA LEU A 1813 -60.29 -26.36 88.43
C LEU A 1813 -59.56 -27.47 89.19
N ARG A 1814 -60.32 -28.47 89.66
CA ARG A 1814 -59.70 -29.56 90.40
C ARG A 1814 -58.72 -30.33 89.54
N MET A 1815 -59.08 -30.62 88.29
CA MET A 1815 -58.19 -31.35 87.40
C MET A 1815 -56.94 -30.55 87.07
N LEU A 1816 -57.08 -29.24 86.87
CA LEU A 1816 -55.89 -28.42 86.59
C LEU A 1816 -54.95 -28.40 87.78
N GLY A 1817 -55.49 -28.25 89.00
CA GLY A 1817 -54.64 -28.30 90.17
C GLY A 1817 -53.95 -29.65 90.33
N GLU A 1818 -54.68 -30.73 90.08
CA GLU A 1818 -54.10 -32.06 90.16
C GLU A 1818 -52.98 -32.22 89.14
N ALA A 1819 -53.18 -31.73 87.92
CA ALA A 1819 -52.16 -31.83 86.89
C ALA A 1819 -50.92 -31.03 87.25
N VAL A 1820 -51.11 -29.83 87.83
CA VAL A 1820 -49.96 -29.03 88.24
C VAL A 1820 -49.17 -29.76 89.32
N ARG A 1821 -49.87 -30.31 90.32
CA ARG A 1821 -49.18 -31.05 91.37
C ARG A 1821 -48.44 -32.26 90.79
N ASP A 1822 -49.08 -32.97 89.86
CA ASP A 1822 -48.47 -34.15 89.26
C ASP A 1822 -47.20 -33.78 88.50
N GLY A 1823 -47.25 -32.68 87.74
CA GLY A 1823 -46.08 -32.25 87.00
C GLY A 1823 -44.98 -31.67 87.86
N GLY A 1824 -45.32 -31.21 89.08
CA GLY A 1824 -44.30 -30.66 89.94
C GLY A 1824 -43.33 -31.69 90.51
N GLN A 1825 -43.71 -32.96 90.54
CA GLN A 1825 -42.91 -33.99 91.18
C GLN A 1825 -42.01 -34.77 90.23
N HIS A 1826 -42.05 -34.48 88.93
CA HIS A 1826 -41.25 -35.18 87.92
C HIS A 1826 -41.49 -36.69 87.97
N ALA A 1827 -42.77 -37.07 87.89
CA ALA A 1827 -43.12 -38.48 87.89
C ALA A 1827 -42.70 -39.13 86.57
N ARG A 1828 -42.49 -40.45 86.63
CA ARG A 1828 -42.08 -41.20 85.44
C ARG A 1828 -43.25 -41.73 84.63
N ASP A 1829 -44.49 -41.53 85.09
CA ASP A 1829 -45.68 -42.02 84.40
C ASP A 1829 -46.68 -40.88 84.26
N PRO A 1830 -46.45 -39.96 83.32
CA PRO A 1830 -47.40 -38.87 83.12
C PRO A 1830 -48.74 -39.39 82.59
N VAL A 1831 -49.81 -38.68 82.94
CA VAL A 1831 -51.14 -39.06 82.50
C VAL A 1831 -51.21 -38.91 80.99
N GLY A 1832 -51.66 -39.97 80.31
CA GLY A 1832 -51.71 -39.98 78.86
C GLY A 1832 -50.44 -40.42 78.18
N GLY A 1833 -49.36 -40.68 78.94
CA GLY A 1833 -48.12 -41.14 78.37
C GLY A 1833 -47.09 -40.07 78.11
N SER A 1834 -47.46 -38.79 78.16
CA SER A 1834 -46.53 -37.70 77.91
C SER A 1834 -47.06 -36.44 78.56
N VAL A 1835 -46.17 -35.44 78.66
CA VAL A 1835 -46.54 -34.16 79.26
C VAL A 1835 -47.58 -33.43 78.40
N GLU A 1836 -47.42 -33.47 77.08
CA GLU A 1836 -48.35 -32.78 76.19
C GLU A 1836 -49.77 -33.32 76.34
N PHE A 1837 -49.91 -34.65 76.34
CA PHE A 1837 -51.22 -35.25 76.53
C PHE A 1837 -51.77 -34.97 77.92
N GLN A 1838 -50.89 -34.75 78.90
CA GLN A 1838 -51.34 -34.43 80.25
C GLN A 1838 -51.89 -33.02 80.31
N PHE A 1839 -51.26 -32.08 79.62
CA PHE A 1839 -51.53 -30.67 79.87
C PHE A 1839 -52.46 -30.01 78.85
N VAL A 1840 -52.35 -30.36 77.57
CA VAL A 1840 -53.05 -29.58 76.53
C VAL A 1840 -54.57 -29.58 76.71
N PRO A 1841 -55.25 -30.72 76.87
CA PRO A 1841 -56.72 -30.67 76.95
C PRO A 1841 -57.26 -29.84 78.10
N VAL A 1842 -56.62 -29.93 79.27
CA VAL A 1842 -57.10 -29.19 80.44
C VAL A 1842 -56.97 -27.68 80.20
N LEU A 1843 -55.83 -27.26 79.63
CA LEU A 1843 -55.65 -25.85 79.32
C LEU A 1843 -56.65 -25.38 78.27
N LYS A 1844 -56.93 -26.20 77.26
CA LYS A 1844 -57.93 -25.83 76.25
C LYS A 1844 -59.30 -25.64 76.88
N LEU A 1845 -59.72 -26.57 77.73
CA LEU A 1845 -61.02 -26.46 78.38
C LEU A 1845 -61.08 -25.23 79.29
N VAL A 1846 -60.00 -24.99 80.04
CA VAL A 1846 -59.98 -23.83 80.93
C VAL A 1846 -60.06 -22.54 80.14
N SER A 1847 -59.33 -22.46 79.03
CA SER A 1847 -59.38 -21.25 78.20
C SER A 1847 -60.76 -21.03 77.63
N THR A 1848 -61.42 -22.10 77.16
CA THR A 1848 -62.77 -21.94 76.63
C THR A 1848 -63.73 -21.46 77.72
N LEU A 1849 -63.65 -22.06 78.91
CA LEU A 1849 -64.55 -21.66 79.99
C LEU A 1849 -64.28 -20.23 80.44
N LEU A 1850 -63.02 -19.80 80.42
CA LEU A 1850 -62.67 -18.43 80.78
C LEU A 1850 -63.23 -17.45 79.77
N VAL A 1851 -63.05 -17.75 78.48
CA VAL A 1851 -63.56 -16.86 77.44
C VAL A 1851 -65.08 -16.76 77.50
N MET A 1852 -65.76 -17.88 77.75
CA MET A 1852 -67.21 -17.83 77.81
C MET A 1852 -67.73 -17.07 79.03
N GLY A 1853 -66.89 -16.79 80.01
CA GLY A 1853 -67.30 -15.98 81.14
C GLY A 1853 -68.03 -16.73 82.24
N ILE A 1854 -67.53 -17.90 82.63
CA ILE A 1854 -68.22 -18.71 83.62
C ILE A 1854 -67.61 -18.52 85.01
N PHE A 1855 -66.30 -18.37 85.10
CA PHE A 1855 -65.62 -18.34 86.39
C PHE A 1855 -65.94 -17.07 87.17
N GLY A 1856 -65.85 -17.18 88.49
CA GLY A 1856 -66.04 -16.05 89.38
C GLY A 1856 -64.70 -15.49 89.87
N ASP A 1857 -64.80 -14.60 90.86
CA ASP A 1857 -63.61 -13.94 91.38
C ASP A 1857 -62.67 -14.93 92.06
N GLU A 1858 -63.21 -15.81 92.90
CA GLU A 1858 -62.37 -16.77 93.60
C GLU A 1858 -61.69 -17.74 92.64
N ASP A 1859 -62.42 -18.20 91.62
CA ASP A 1859 -61.83 -19.10 90.63
C ASP A 1859 -60.73 -18.41 89.85
N VAL A 1860 -60.93 -17.15 89.49
CA VAL A 1860 -59.90 -16.39 88.79
C VAL A 1860 -58.66 -16.22 89.68
N LYS A 1861 -58.88 -15.96 90.97
CA LYS A 1861 -57.75 -15.86 91.89
C LYS A 1861 -57.00 -17.18 91.98
N GLN A 1862 -57.72 -18.30 92.03
CA GLN A 1862 -57.06 -19.60 92.08
C GLN A 1862 -56.25 -19.87 90.82
N ILE A 1863 -56.81 -19.53 89.65
CA ILE A 1863 -56.09 -19.73 88.40
C ILE A 1863 -54.84 -18.87 88.37
N LEU A 1864 -54.96 -17.61 88.80
CA LEU A 1864 -53.82 -16.71 88.81
C LEU A 1864 -52.73 -17.23 89.75
N LYS A 1865 -53.12 -17.72 90.93
CA LYS A 1865 -52.15 -18.31 91.84
C LYS A 1865 -51.49 -19.54 91.25
N MET A 1866 -52.24 -20.32 90.47
CA MET A 1866 -51.64 -21.46 89.79
C MET A 1866 -50.64 -21.03 88.73
N ILE A 1867 -50.90 -19.90 88.06
CA ILE A 1867 -50.00 -19.44 87.01
C ILE A 1867 -48.64 -19.05 87.59
N GLU A 1868 -48.64 -18.23 88.64
CA GLU A 1868 -47.41 -17.77 89.27
C GLU A 1868 -47.71 -17.37 90.70
N PRO A 1869 -47.40 -18.23 91.68
CA PRO A 1869 -47.76 -17.91 93.06
C PRO A 1869 -47.09 -16.66 93.61
N GLU A 1870 -45.86 -16.36 93.20
CA GLU A 1870 -45.12 -15.25 93.81
C GLU A 1870 -45.70 -13.89 93.41
N VAL A 1871 -45.96 -13.71 92.11
CA VAL A 1871 -46.40 -12.40 91.63
C VAL A 1871 -47.79 -12.05 92.14
N PHE A 1872 -48.73 -12.99 92.04
CA PHE A 1872 -50.12 -12.74 92.43
C PHE A 1872 -50.38 -13.15 93.87
N THR A 1873 -49.74 -12.44 94.81
CA THR A 1873 -49.88 -12.70 96.25
C THR A 1873 -49.56 -14.15 96.60
N GLU A 1925 -44.89 -24.40 92.95
CA GLU A 1925 -43.69 -24.40 92.12
C GLU A 1925 -43.89 -23.52 90.89
N GLY A 1926 -45.15 -23.21 90.59
CA GLY A 1926 -45.47 -22.37 89.45
C GLY A 1926 -45.63 -23.14 88.16
N LEU A 1927 -46.34 -22.57 87.20
CA LEU A 1927 -46.55 -23.24 85.92
C LEU A 1927 -45.71 -22.63 84.81
N LEU A 1928 -45.43 -21.33 84.87
CA LEU A 1928 -44.67 -20.67 83.83
C LEU A 1928 -43.18 -21.00 83.85
N GLN A 1929 -42.66 -21.44 84.99
CA GLN A 1929 -41.23 -21.70 85.13
C GLN A 1929 -40.87 -23.17 85.01
N MET A 1930 -41.81 -24.00 84.57
CA MET A 1930 -41.49 -25.39 84.27
C MET A 1930 -40.92 -25.52 82.86
N LYS A 1931 -40.46 -26.71 82.53
CA LYS A 1931 -39.94 -27.00 81.20
C LYS A 1931 -41.03 -27.68 80.38
N LEU A 1932 -41.43 -27.05 79.29
CA LEU A 1932 -42.59 -27.49 78.52
C LEU A 1932 -42.25 -27.51 77.03
N PRO A 1933 -42.96 -28.32 76.25
CA PRO A 1933 -42.87 -28.22 74.79
C PRO A 1933 -43.67 -27.04 74.26
N GLU A 1934 -43.72 -26.95 72.93
CA GLU A 1934 -44.35 -25.80 72.28
C GLU A 1934 -45.87 -25.82 72.42
N SER A 1935 -46.47 -27.01 72.42
CA SER A 1935 -47.92 -27.12 72.44
C SER A 1935 -48.50 -26.51 73.71
N VAL A 1936 -47.86 -26.74 74.86
CA VAL A 1936 -48.32 -26.14 76.10
C VAL A 1936 -48.11 -24.64 76.08
N LYS A 1937 -47.02 -24.18 75.47
CA LYS A 1937 -46.72 -22.77 75.42
C LYS A 1937 -47.75 -22.00 74.62
N LEU A 1938 -48.32 -22.63 73.58
CA LEU A 1938 -49.39 -21.97 72.83
C LEU A 1938 -50.58 -21.66 73.73
N GLN A 1939 -51.02 -22.64 74.52
CA GLN A 1939 -52.15 -22.42 75.43
C GLN A 1939 -51.82 -21.38 76.49
N MET A 1940 -50.58 -21.40 76.98
CA MET A 1940 -50.15 -20.37 77.94
C MET A 1940 -50.28 -18.98 77.32
N CYS A 1941 -49.85 -18.84 76.06
CA CYS A 1941 -49.99 -17.57 75.36
C CYS A 1941 -51.46 -17.16 75.24
N ASN A 1942 -52.34 -18.12 74.98
CA ASN A 1942 -53.77 -17.81 74.90
C ASN A 1942 -54.29 -17.25 76.22
N LEU A 1943 -53.91 -17.88 77.34
CA LEU A 1943 -54.35 -17.40 78.64
C LEU A 1943 -53.86 -15.99 78.91
N LEU A 1944 -52.57 -15.73 78.62
CA LEU A 1944 -52.02 -14.40 78.83
C LEU A 1944 -52.74 -13.37 77.96
N GLU A 1945 -53.10 -13.75 76.74
CA GLU A 1945 -53.84 -12.85 75.86
C GLU A 1945 -55.18 -12.48 76.46
N TYR A 1946 -55.89 -13.47 77.03
CA TYR A 1946 -57.16 -13.18 77.68
C TYR A 1946 -56.99 -12.17 78.81
N PHE A 1947 -55.98 -12.38 79.66
CA PHE A 1947 -55.80 -11.46 80.78
C PHE A 1947 -55.44 -10.04 80.32
N CYS A 1948 -54.62 -9.92 79.27
CA CYS A 1948 -54.30 -8.60 78.73
C CYS A 1948 -55.56 -7.91 78.18
N ASP A 1949 -56.42 -8.66 77.49
CA ASP A 1949 -57.67 -8.07 77.01
C ASP A 1949 -58.51 -7.56 78.16
N GLN A 1950 -58.55 -8.31 79.27
CA GLN A 1950 -59.29 -7.83 80.44
C GLN A 1950 -58.71 -6.53 80.98
N GLU A 1951 -57.38 -6.41 81.03
CA GLU A 1951 -56.76 -5.17 81.47
C GLU A 1951 -57.20 -3.99 80.60
N LEU A 1952 -57.16 -4.17 79.28
CA LEU A 1952 -57.55 -3.10 78.37
C LEU A 1952 -59.00 -2.69 78.58
N GLN A 1953 -59.88 -3.67 78.75
CA GLN A 1953 -61.30 -3.36 78.97
C GLN A 1953 -61.49 -2.55 80.25
N HIS A 1954 -60.75 -2.92 81.31
CA HIS A 1954 -60.85 -2.17 82.56
C HIS A 1954 -60.42 -0.72 82.37
N ARG A 1955 -59.33 -0.50 81.64
CA ARG A 1955 -58.90 0.87 81.39
C ARG A 1955 -59.96 1.67 80.66
N VAL A 1956 -60.57 1.08 79.63
CA VAL A 1956 -61.60 1.78 78.87
C VAL A 1956 -62.78 2.15 79.76
N GLU A 1957 -63.23 1.21 80.60
CA GLU A 1957 -64.37 1.49 81.46
C GLU A 1957 -64.07 2.59 82.47
N SER A 1958 -62.86 2.59 83.04
CA SER A 1958 -62.50 3.65 83.97
C SER A 1958 -62.50 5.02 83.28
N LEU A 1959 -61.98 5.08 82.05
CA LEU A 1959 -62.02 6.34 81.32
C LEU A 1959 -63.46 6.81 81.10
N ALA A 1960 -64.35 5.90 80.74
CA ALA A 1960 -65.76 6.30 80.53
C ALA A 1960 -66.39 6.83 81.81
N ALA A 1961 -66.13 6.17 82.95
CA ALA A 1961 -66.70 6.64 84.21
C ALA A 1961 -66.20 8.04 84.56
N PHE A 1962 -64.90 8.28 84.41
CA PHE A 1962 -64.39 9.62 84.68
C PHE A 1962 -65.00 10.64 83.74
N ALA A 1963 -65.21 10.27 82.48
CA ALA A 1963 -65.85 11.18 81.53
C ALA A 1963 -67.24 11.58 82.01
N GLU A 1964 -68.03 10.60 82.46
CA GLU A 1964 -69.37 10.90 82.95
C GLU A 1964 -69.32 11.88 84.11
N ARG A 1965 -68.49 11.59 85.12
CA ARG A 1965 -68.44 12.46 86.30
C ARG A 1965 -67.98 13.87 85.91
N TYR A 1966 -66.96 13.97 85.06
CA TYR A 1966 -66.42 15.26 84.68
C TYR A 1966 -67.44 16.10 83.94
N VAL A 1967 -68.18 15.49 83.01
CA VAL A 1967 -69.20 16.23 82.27
C VAL A 1967 -70.29 16.72 83.20
N ASP A 1968 -70.74 15.85 84.12
CA ASP A 1968 -71.77 16.25 85.07
C ASP A 1968 -71.31 17.43 85.91
N LYS A 1969 -70.05 17.41 86.35
CA LYS A 1969 -69.54 18.54 87.12
C LYS A 1969 -69.43 19.81 86.28
N LEU A 1970 -69.01 19.67 85.02
CA LEU A 1970 -68.65 20.85 84.22
C LEU A 1970 -69.88 21.62 83.73
N GLN A 1971 -70.94 20.89 83.32
CA GLN A 1971 -72.04 21.59 82.67
C GLN A 1971 -72.80 22.51 83.63
N ALA A 1972 -72.92 22.13 84.90
CA ALA A 1972 -73.55 23.01 85.87
C ALA A 1972 -72.75 24.29 86.07
N ASN A 1973 -71.42 24.18 86.11
CA ASN A 1973 -70.59 25.37 86.21
C ASN A 1973 -70.75 26.26 85.00
N GLN A 1974 -70.84 25.67 83.81
CA GLN A 1974 -71.09 26.47 82.61
C GLN A 1974 -72.42 27.21 82.71
N ARG A 1975 -73.46 26.52 83.18
CA ARG A 1975 -74.77 27.16 83.32
C ARG A 1975 -74.71 28.33 84.31
N ASP A 1976 -74.04 28.13 85.44
CA ASP A 1976 -73.91 29.20 86.43
C ASP A 1976 -73.14 30.39 85.86
N ARG A 1977 -72.05 30.12 85.14
CA ARG A 1977 -71.26 31.19 84.55
C ARG A 1977 -72.06 31.98 83.52
N TYR A 1978 -72.86 31.29 82.70
CA TYR A 1978 -73.72 32.01 81.77
C TYR A 1978 -74.78 32.82 82.51
N GLY A 1979 -75.29 32.28 83.62
CA GLY A 1979 -76.26 33.02 84.40
C GLY A 1979 -75.70 34.31 84.98
N ILE A 1980 -74.43 34.27 85.41
CA ILE A 1980 -73.80 35.47 85.95
C ILE A 1980 -73.68 36.58 84.91
N LEU A 1981 -73.25 36.26 83.69
CA LEU A 1981 -73.08 37.27 82.64
C LEU A 1981 -74.42 37.87 82.23
N GLU A 1998 -68.49 33.45 71.52
CA GLU A 1998 -68.51 32.89 72.87
C GLU A 1998 -69.47 31.71 72.95
N PHE A 1999 -70.76 32.00 73.02
CA PHE A 1999 -71.79 30.96 73.07
C PHE A 1999 -72.39 30.66 71.70
N ARG A 2000 -71.91 31.32 70.64
CA ARG A 2000 -72.43 31.08 69.31
C ARG A 2000 -71.78 29.87 68.63
N SER A 2001 -70.71 29.35 69.19
CA SER A 2001 -70.01 28.22 68.60
C SER A 2001 -70.78 26.92 68.84
N PRO A 2002 -70.60 25.93 67.97
CA PRO A 2002 -71.24 24.64 68.20
C PRO A 2002 -70.67 23.98 69.44
N PRO A 2003 -71.43 23.06 70.05
CA PRO A 2003 -70.97 22.47 71.33
C PRO A 2003 -69.62 21.77 71.24
N GLN A 2004 -69.29 21.17 70.09
CA GLN A 2004 -67.98 20.53 69.94
C GLN A 2004 -66.85 21.55 70.10
N GLU A 2005 -67.00 22.73 69.49
CA GLU A 2005 -66.02 23.78 69.67
C GLU A 2005 -65.96 24.25 71.11
N GLN A 2006 -67.10 24.32 71.79
CA GLN A 2006 -67.11 24.70 73.20
C GLN A 2006 -66.31 23.72 74.03
N ILE A 2007 -66.55 22.41 73.85
CA ILE A 2007 -65.84 21.42 74.65
C ILE A 2007 -64.37 21.37 74.27
N ASN A 2008 -64.04 21.69 73.02
CA ASN A 2008 -62.64 21.79 72.64
C ASN A 2008 -61.96 22.97 73.34
N MET A 2009 -62.66 24.11 73.42
CA MET A 2009 -62.07 25.30 74.03
C MET A 2009 -61.94 25.15 75.54
N LEU A 2010 -62.90 24.47 76.19
CA LEU A 2010 -62.87 24.35 77.64
C LEU A 2010 -61.70 23.50 78.12
N LEU A 2011 -61.17 22.62 77.27
CA LEU A 2011 -60.12 21.69 77.65
C LEU A 2011 -58.73 22.14 77.25
N HIS A 2012 -58.56 23.37 76.77
CA HIS A 2012 -57.27 23.83 76.24
C HIS A 2012 -56.42 24.41 77.37
N PHE A 2013 -55.99 23.52 78.27
CA PHE A 2013 -55.00 23.91 79.27
C PHE A 2013 -53.97 22.82 79.52
N LYS A 2014 -53.68 21.96 78.53
CA LYS A 2014 -52.71 20.89 78.71
C LYS A 2014 -51.30 21.44 78.92
N ASP A 2015 -51.00 22.60 78.34
CA ASP A 2015 -49.65 23.16 78.41
C ASP A 2015 -49.24 23.55 79.83
N GLY A 2016 -50.17 23.61 80.76
CA GLY A 2016 -49.85 23.94 82.14
C GLY A 2016 -49.91 25.41 82.48
N GLU A 2017 -50.16 26.28 81.49
CA GLU A 2017 -50.29 27.71 81.75
C GLU A 2017 -51.75 28.09 81.92
N ASP A 2018 -51.99 29.17 82.67
CA ASP A 2018 -53.33 29.66 82.93
C ASP A 2018 -53.86 30.44 81.73
N GLU A 2019 -54.20 29.70 80.67
CA GLU A 2019 -54.74 30.29 79.46
C GLU A 2019 -56.03 31.04 79.74
N GLU A 2020 -56.03 32.36 79.53
CA GLU A 2020 -57.23 33.15 79.72
C GLU A 2020 -58.33 32.78 78.74
N ASP A 2021 -57.98 32.10 77.64
CA ASP A 2021 -58.99 31.65 76.68
C ASP A 2021 -59.97 30.66 77.29
N CYS A 2022 -59.59 29.99 78.38
CA CYS A 2022 -60.49 29.06 79.06
C CYS A 2022 -60.87 29.61 80.42
N PRO A 2023 -62.17 29.67 80.74
CA PRO A 2023 -62.63 30.20 82.03
C PRO A 2023 -62.69 29.16 83.15
N LEU A 2024 -62.05 28.02 83.01
CA LEU A 2024 -62.19 26.95 83.99
C LEU A 2024 -61.55 27.35 85.32
N PRO A 2025 -62.23 27.17 86.44
CA PRO A 2025 -61.60 27.40 87.74
C PRO A 2025 -60.49 26.40 88.02
N ASP A 2026 -59.83 26.59 89.17
CA ASP A 2026 -58.64 25.80 89.47
C ASP A 2026 -58.98 24.34 89.78
N GLU A 2027 -60.07 24.10 90.52
CA GLU A 2027 -60.35 22.75 91.01
C GLU A 2027 -60.70 21.78 89.88
N ILE A 2028 -61.41 22.24 88.85
CA ILE A 2028 -61.74 21.38 87.73
C ILE A 2028 -60.46 20.95 87.00
N ARG A 2029 -59.56 21.90 86.77
CA ARG A 2029 -58.27 21.58 86.17
C ARG A 2029 -57.48 20.63 87.06
N GLN A 2030 -57.56 20.81 88.37
CA GLN A 2030 -56.86 19.92 89.29
C GLN A 2030 -57.38 18.49 89.17
N ASP A 2031 -58.69 18.34 89.10
CA ASP A 2031 -59.27 17.01 88.92
C ASP A 2031 -58.79 16.36 87.63
N LEU A 2032 -58.84 17.12 86.52
CA LEU A 2032 -58.42 16.56 85.24
C LEU A 2032 -56.94 16.17 85.25
N LEU A 2033 -56.09 17.04 85.82
CA LEU A 2033 -54.66 16.74 85.86
C LEU A 2033 -54.37 15.53 86.73
N GLU A 2034 -55.06 15.40 87.86
CA GLU A 2034 -54.86 14.23 88.72
C GLU A 2034 -55.26 12.96 87.99
N PHE A 2035 -56.39 12.98 87.29
CA PHE A 2035 -56.81 11.80 86.55
C PHE A 2035 -55.80 11.46 85.45
N HIS A 2036 -55.28 12.49 84.75
CA HIS A 2036 -54.31 12.23 83.70
C HIS A 2036 -53.03 11.62 84.27
N GLN A 2037 -52.57 12.11 85.42
CA GLN A 2037 -51.39 11.54 86.06
C GLN A 2037 -51.63 10.09 86.45
N ASP A 2038 -52.82 9.79 87.00
CA ASP A 2038 -53.14 8.42 87.37
C ASP A 2038 -53.18 7.51 86.15
N LEU A 2039 -53.76 7.98 85.05
CA LEU A 2039 -53.79 7.19 83.82
C LEU A 2039 -52.39 6.94 83.31
N LEU A 2040 -51.52 7.95 83.36
CA LEU A 2040 -50.14 7.78 82.90
C LEU A 2040 -49.40 6.76 83.75
N THR A 2041 -49.55 6.83 85.08
CA THR A 2041 -48.80 5.89 85.93
C THR A 2041 -49.40 4.49 85.89
N HIS A 2042 -50.67 4.36 85.50
CA HIS A 2042 -51.26 3.03 85.39
C HIS A 2042 -50.66 2.25 84.24
N CYS A 2043 -50.30 2.95 83.15
CA CYS A 2043 -49.72 2.29 81.99
C CYS A 2043 -48.22 2.05 82.13
N GLY A 2044 -47.61 2.49 83.22
CA GLY A 2044 -46.21 2.20 83.46
C GLY A 2044 -45.22 3.06 82.71
N ILE A 2045 -45.68 4.17 82.11
CA ILE A 2045 -44.76 5.04 81.40
C ILE A 2045 -43.86 5.79 82.38
N GLN A 2046 -44.41 6.28 83.48
CA GLN A 2046 -43.64 7.04 84.45
C GLN A 2046 -42.62 6.16 85.17
N GLN A 2093 -42.94 -8.47 89.25
CA GLN A 2093 -43.62 -7.60 90.20
C GLN A 2093 -45.01 -7.25 89.70
N SER A 2094 -45.17 -7.18 88.38
CA SER A 2094 -46.45 -6.87 87.76
C SER A 2094 -46.64 -7.79 86.56
N LEU A 2095 -47.80 -7.65 85.91
CA LEU A 2095 -48.13 -8.50 84.78
C LEU A 2095 -47.22 -8.24 83.58
N GLN A 2096 -46.98 -6.97 83.26
CA GLN A 2096 -46.20 -6.63 82.08
C GLN A 2096 -44.77 -7.15 82.19
N GLU A 2097 -44.14 -6.93 83.35
CA GLU A 2097 -42.77 -7.40 83.56
C GLU A 2097 -42.70 -8.92 83.46
N LEU A 2098 -43.66 -9.61 84.08
CA LEU A 2098 -43.68 -11.06 84.04
C LEU A 2098 -43.79 -11.58 82.62
N VAL A 2099 -44.73 -11.01 81.85
CA VAL A 2099 -44.93 -11.49 80.48
C VAL A 2099 -43.70 -11.22 79.63
N SER A 2100 -43.13 -10.02 79.74
CA SER A 2100 -41.97 -9.68 78.94
C SER A 2100 -40.78 -10.58 79.28
N HIS A 2101 -40.52 -10.79 80.58
CA HIS A 2101 -39.41 -11.63 80.98
C HIS A 2101 -39.61 -13.07 80.53
N THR A 2102 -40.83 -13.59 80.66
CA THR A 2102 -41.10 -14.96 80.25
C THR A 2102 -40.89 -15.14 78.75
N VAL A 2103 -41.40 -14.20 77.95
CA VAL A 2103 -41.26 -14.31 76.50
C VAL A 2103 -39.79 -14.22 76.09
N VAL A 2104 -39.06 -13.27 76.69
CA VAL A 2104 -37.65 -13.12 76.35
C VAL A 2104 -36.86 -14.37 76.72
N ARG A 2105 -37.13 -14.93 77.91
CA ARG A 2105 -36.43 -16.14 78.32
C ARG A 2105 -36.75 -17.32 77.41
N TRP A 2106 -38.03 -17.46 77.03
CA TRP A 2106 -38.40 -18.52 76.10
C TRP A 2106 -37.67 -18.38 74.77
N ALA A 2107 -37.60 -17.16 74.25
CA ALA A 2107 -36.90 -16.95 72.99
C ALA A 2107 -35.41 -17.23 73.12
N GLN A 2108 -34.80 -16.85 74.26
CA GLN A 2108 -33.37 -17.08 74.44
C GLN A 2108 -33.05 -18.57 74.56
N GLU A 2109 -33.90 -19.33 75.25
CA GLU A 2109 -33.53 -20.70 75.60
C GLU A 2109 -33.37 -21.60 74.37
N ASP A 2110 -34.27 -21.48 73.40
CA ASP A 2110 -34.27 -22.44 72.30
C ASP A 2110 -34.67 -21.76 71.00
N PHE A 2111 -34.40 -22.44 69.89
CA PHE A 2111 -34.76 -21.98 68.56
C PHE A 2111 -36.15 -22.47 68.23
N VAL A 2112 -37.13 -21.56 68.26
CA VAL A 2112 -38.52 -21.93 68.07
C VAL A 2112 -38.75 -22.37 66.63
N GLN A 2113 -39.61 -23.38 66.45
CA GLN A 2113 -39.85 -23.96 65.13
C GLN A 2113 -41.22 -23.62 64.56
N SER A 2114 -42.27 -23.62 65.38
CA SER A 2114 -43.61 -23.39 64.86
C SER A 2114 -43.85 -21.90 64.65
N PRO A 2115 -44.25 -21.49 63.45
CA PRO A 2115 -44.48 -20.05 63.21
C PRO A 2115 -45.56 -19.44 64.09
N GLU A 2116 -46.62 -20.18 64.40
CA GLU A 2116 -47.73 -19.62 65.17
C GLU A 2116 -47.29 -19.22 66.57
N LEU A 2117 -46.45 -20.03 67.21
CA LEU A 2117 -45.93 -19.67 68.53
C LEU A 2117 -45.12 -18.39 68.47
N VAL A 2118 -44.28 -18.25 67.45
CA VAL A 2118 -43.48 -17.03 67.30
C VAL A 2118 -44.39 -15.82 67.15
N ARG A 2119 -45.39 -15.94 66.28
CA ARG A 2119 -46.30 -14.81 66.04
C ARG A 2119 -47.03 -14.44 67.32
N ALA A 2120 -47.54 -15.43 68.05
CA ALA A 2120 -48.29 -15.15 69.28
C ALA A 2120 -47.41 -14.48 70.33
N MET A 2121 -46.20 -15.01 70.55
CA MET A 2121 -45.36 -14.47 71.60
C MET A 2121 -44.89 -13.06 71.25
N PHE A 2122 -44.58 -12.79 69.97
CA PHE A 2122 -44.16 -11.45 69.61
C PHE A 2122 -45.32 -10.46 69.65
N SER A 2123 -46.53 -10.90 69.32
CA SER A 2123 -47.69 -10.04 69.51
C SER A 2123 -47.89 -9.70 70.98
N LEU A 2124 -47.73 -10.69 71.85
CA LEU A 2124 -47.84 -10.44 73.29
C LEU A 2124 -46.79 -9.43 73.76
N LEU A 2125 -45.54 -9.61 73.30
CA LEU A 2125 -44.48 -8.68 73.70
C LEU A 2125 -44.77 -7.26 73.22
N HIS A 2126 -45.22 -7.12 71.97
CA HIS A 2126 -45.53 -5.80 71.44
C HIS A 2126 -46.66 -5.15 72.22
N ARG A 2127 -47.69 -5.93 72.56
CA ARG A 2127 -48.77 -5.38 73.38
C ARG A 2127 -48.26 -4.93 74.74
N GLN A 2128 -47.39 -5.72 75.35
CA GLN A 2128 -46.87 -5.37 76.68
C GLN A 2128 -46.02 -4.11 76.66
N TYR A 2129 -45.16 -3.94 75.65
CA TYR A 2129 -44.26 -2.79 75.69
C TYR A 2129 -44.99 -1.47 75.44
N ASP A 2130 -45.90 -1.42 74.47
CA ASP A 2130 -46.59 -0.16 74.13
C ASP A 2130 -47.99 -0.16 74.75
N GLY A 2131 -48.03 0.25 76.01
CA GLY A 2131 -49.30 0.26 76.73
C GLY A 2131 -50.27 1.32 76.24
N LEU A 2132 -49.78 2.54 76.04
CA LEU A 2132 -50.68 3.66 75.74
C LEU A 2132 -51.19 3.63 74.31
N GLY A 2133 -50.38 3.16 73.36
CA GLY A 2133 -50.83 3.11 71.97
C GLY A 2133 -52.02 2.19 71.77
N GLU A 2134 -52.05 1.08 72.51
CA GLU A 2134 -53.17 0.15 72.41
C GLU A 2134 -54.47 0.80 72.89
N LEU A 2135 -54.41 1.52 74.01
CA LEU A 2135 -55.59 2.25 74.48
C LEU A 2135 -55.99 3.33 73.50
N LEU A 2136 -55.01 4.01 72.89
CA LEU A 2136 -55.32 5.02 71.89
C LEU A 2136 -56.05 4.42 70.70
N ARG A 2137 -55.60 3.25 70.24
CA ARG A 2137 -56.23 2.60 69.11
C ARG A 2137 -57.58 1.97 69.45
N ALA A 2138 -57.81 1.63 70.73
CA ALA A 2138 -59.06 0.99 71.10
C ALA A 2138 -60.20 1.98 71.30
N LEU A 2139 -59.88 3.25 71.59
CA LEU A 2139 -60.92 4.23 71.87
C LEU A 2139 -61.93 4.44 70.74
N PRO A 2140 -61.55 4.51 69.46
CA PRO A 2140 -62.55 4.82 68.42
C PRO A 2140 -63.75 3.88 68.36
N ARG A 2141 -63.77 2.83 69.18
CA ARG A 2141 -64.90 1.90 69.19
C ARG A 2141 -65.85 2.15 70.34
N ALA A 2142 -65.34 2.60 71.49
CA ALA A 2142 -66.14 2.75 72.70
C ALA A 2142 -67.31 3.68 72.46
N TYR A 2143 -68.38 3.47 73.24
CA TYR A 2143 -69.62 4.21 73.07
C TYR A 2143 -70.41 4.16 74.38
N THR A 2144 -71.16 5.23 74.63
CA THR A 2144 -71.98 5.35 75.84
C THR A 2144 -73.44 5.56 75.44
N ILE A 2145 -74.35 4.97 76.21
CA ILE A 2145 -75.79 5.06 75.97
C ILE A 2145 -76.50 5.38 77.27
N SER A 2146 -77.71 5.89 77.14
CA SER A 2146 -78.55 6.15 78.30
C SER A 2146 -79.02 4.82 78.89
N PRO A 2147 -79.21 4.74 80.21
CA PRO A 2147 -79.68 3.48 80.81
C PRO A 2147 -81.07 3.06 80.36
N SER A 2148 -81.87 3.99 79.83
CA SER A 2148 -83.22 3.66 79.40
C SER A 2148 -83.27 2.88 78.09
N SER A 2149 -82.19 2.88 77.32
CA SER A 2149 -82.16 2.22 76.02
C SER A 2149 -81.57 0.82 76.07
N VAL A 2150 -81.14 0.36 77.24
CA VAL A 2150 -80.37 -0.89 77.34
C VAL A 2150 -81.17 -2.05 76.76
N GLU A 2151 -82.42 -2.20 77.20
CA GLU A 2151 -83.25 -3.31 76.74
C GLU A 2151 -83.43 -3.28 75.22
N ASP A 2152 -83.42 -2.09 74.63
CA ASP A 2152 -83.54 -2.00 73.17
C ASP A 2152 -82.25 -2.42 72.48
N THR A 2153 -81.09 -2.12 73.09
CA THR A 2153 -79.83 -2.44 72.45
C THR A 2153 -79.59 -3.95 72.42
N MET A 2154 -79.80 -4.62 73.56
CA MET A 2154 -79.51 -6.04 73.66
C MET A 2154 -80.20 -6.83 72.56
N SER A 2155 -81.50 -6.61 72.38
CA SER A 2155 -82.24 -7.29 71.32
C SER A 2155 -81.56 -7.11 69.96
N LEU A 2156 -81.19 -5.88 69.62
CA LEU A 2156 -80.51 -5.64 68.35
C LEU A 2156 -79.25 -6.49 68.26
N LEU A 2157 -78.46 -6.54 69.34
CA LEU A 2157 -77.27 -7.38 69.33
C LEU A 2157 -77.64 -8.83 69.07
N GLU A 2158 -78.70 -9.33 69.74
CA GLU A 2158 -79.10 -10.72 69.53
C GLU A 2158 -79.53 -10.94 68.08
N CYS A 2159 -80.02 -9.90 67.42
CA CYS A 2159 -80.28 -10.02 65.99
C CYS A 2159 -78.98 -10.11 65.21
N LEU A 2160 -78.02 -9.23 65.49
CA LEU A 2160 -76.77 -9.21 64.74
C LEU A 2160 -76.03 -10.53 64.88
N GLY A 2161 -75.88 -11.01 66.11
CA GLY A 2161 -75.21 -12.29 66.32
C GLY A 2161 -75.91 -13.44 65.61
N GLN A 2162 -77.20 -13.27 65.29
CA GLN A 2162 -77.88 -14.27 64.48
C GLN A 2162 -77.29 -14.33 63.07
N ILE A 2163 -77.17 -13.17 62.42
CA ILE A 2163 -76.74 -13.14 61.03
C ILE A 2163 -75.34 -13.70 60.89
N ARG A 2164 -74.43 -13.30 61.78
CA ARG A 2164 -73.05 -13.80 61.74
C ARG A 2164 -73.01 -15.31 61.89
N SER A 2165 -74.00 -15.90 62.55
CA SER A 2165 -74.02 -17.35 62.70
C SER A 2165 -74.40 -18.04 61.41
N LEU A 2166 -75.14 -17.36 60.53
CA LEU A 2166 -75.61 -17.98 59.29
C LEU A 2166 -74.71 -17.66 58.10
N LEU A 2167 -73.60 -16.96 58.30
CA LEU A 2167 -72.67 -16.70 57.20
C LEU A 2167 -71.67 -17.83 56.99
N ILE A 2168 -71.49 -18.70 57.98
CA ILE A 2168 -70.58 -19.83 57.86
C ILE A 2168 -71.31 -21.12 57.51
N VAL A 2169 -72.52 -21.01 56.96
CA VAL A 2169 -73.37 -22.16 56.70
C VAL A 2169 -73.83 -22.09 55.25
N GLN A 2170 -74.01 -23.27 54.64
CA GLN A 2170 -74.47 -23.31 53.26
C GLN A 2170 -75.92 -22.85 53.16
N MET A 2171 -76.24 -22.21 52.04
CA MET A 2171 -77.47 -21.43 51.96
C MET A 2171 -78.66 -22.30 51.62
N GLY A 2172 -79.81 -21.99 52.23
CA GLY A 2172 -81.02 -22.76 52.00
C GLY A 2172 -82.29 -21.96 52.25
N PRO A 2173 -83.44 -22.60 52.06
CA PRO A 2173 -84.72 -21.87 52.23
C PRO A 2173 -84.96 -21.41 53.65
N GLN A 2174 -84.76 -22.28 54.64
CA GLN A 2174 -84.93 -21.89 56.03
C GLN A 2174 -83.93 -20.80 56.41
N GLU A 2175 -82.69 -20.91 55.91
CA GLU A 2175 -81.72 -19.85 56.12
C GLU A 2175 -82.19 -18.53 55.51
N GLU A 2176 -82.81 -18.61 54.32
CA GLU A 2176 -83.36 -17.41 53.69
C GLU A 2176 -84.43 -16.77 54.56
N ASN A 2177 -85.34 -17.60 55.09
CA ASN A 2177 -86.40 -17.08 55.95
C ASN A 2177 -85.81 -16.42 57.19
N LEU A 2178 -84.82 -17.06 57.81
CA LEU A 2178 -84.21 -16.49 59.01
C LEU A 2178 -83.50 -15.19 58.71
N MET A 2179 -82.77 -15.11 57.59
CA MET A 2179 -82.13 -13.87 57.20
C MET A 2179 -83.13 -12.75 57.01
N ILE A 2180 -84.22 -13.04 56.28
CA ILE A 2180 -85.21 -12.00 56.00
C ILE A 2180 -85.85 -11.52 57.30
N GLN A 2181 -86.19 -12.46 58.19
CA GLN A 2181 -86.82 -12.09 59.46
C GLN A 2181 -85.87 -11.25 60.31
N SER A 2182 -84.60 -11.65 60.37
CA SER A 2182 -83.63 -10.90 61.17
C SER A 2182 -83.42 -9.49 60.63
N ILE A 2183 -83.31 -9.36 59.30
CA ILE A 2183 -83.12 -8.04 58.72
C ILE A 2183 -84.34 -7.17 58.94
N GLY A 2184 -85.53 -7.74 58.82
CA GLY A 2184 -86.74 -6.98 59.12
C GLY A 2184 -86.79 -6.53 60.57
N ASN A 2185 -86.42 -7.42 61.49
CA ASN A 2185 -86.40 -7.06 62.91
C ASN A 2185 -85.42 -5.94 63.17
N ILE A 2186 -84.24 -5.99 62.55
CA ILE A 2186 -83.26 -4.92 62.72
C ILE A 2186 -83.81 -3.61 62.17
N MET A 2187 -84.46 -3.66 61.01
CA MET A 2187 -85.04 -2.45 60.42
C MET A 2187 -86.14 -1.87 61.30
N ASN A 2188 -86.87 -2.72 62.03
CA ASN A 2188 -88.01 -2.24 62.81
C ASN A 2188 -87.60 -1.62 64.14
N ASN A 2189 -86.36 -1.84 64.59
CA ASN A 2189 -85.90 -1.28 65.85
C ASN A 2189 -85.76 0.24 65.72
N LYS A 2190 -86.02 0.96 66.81
CA LYS A 2190 -86.00 2.41 66.75
C LYS A 2190 -84.60 2.99 66.93
N VAL A 2191 -83.77 2.38 67.79
CA VAL A 2191 -82.42 2.91 68.01
C VAL A 2191 -81.61 2.90 66.73
N PHE A 2192 -82.02 2.11 65.73
CA PHE A 2192 -81.33 2.08 64.45
C PHE A 2192 -81.29 3.47 63.81
N TYR A 2193 -82.30 4.30 64.09
CA TYR A 2193 -82.29 5.68 63.59
C TYR A 2193 -82.07 6.71 64.70
N GLN A 2194 -81.53 6.30 65.85
CA GLN A 2194 -81.20 7.24 66.91
C GLN A 2194 -79.70 7.32 67.20
N HIS A 2195 -78.96 6.26 66.91
CA HIS A 2195 -77.51 6.21 67.15
C HIS A 2195 -76.80 5.68 65.91
N PRO A 2196 -76.82 6.44 64.81
CA PRO A 2196 -76.17 5.94 63.58
C PRO A 2196 -74.68 5.70 63.73
N ASN A 2197 -73.99 6.49 64.56
CA ASN A 2197 -72.56 6.31 64.75
C ASN A 2197 -72.25 4.94 65.34
N LEU A 2198 -73.06 4.49 66.30
CA LEU A 2198 -72.89 3.16 66.86
C LEU A 2198 -73.11 2.08 65.79
N MET A 2199 -74.12 2.28 64.95
CA MET A 2199 -74.38 1.30 63.89
C MET A 2199 -73.20 1.22 62.92
N ARG A 2200 -72.63 2.37 62.56
CA ARG A 2200 -71.44 2.35 61.71
C ARG A 2200 -70.25 1.69 62.40
N ALA A 2201 -70.09 1.94 63.70
CA ALA A 2201 -68.98 1.35 64.43
C ALA A 2201 -69.10 -0.17 64.48
N LEU A 2202 -70.32 -0.69 64.65
CA LEU A 2202 -70.51 -2.13 64.65
C LEU A 2202 -70.27 -2.74 63.27
N GLY A 2203 -70.35 -1.94 62.20
CA GLY A 2203 -70.06 -2.42 60.87
C GLY A 2203 -71.02 -3.46 60.34
N MET A 2204 -72.33 -3.27 60.54
CA MET A 2204 -73.32 -4.22 60.03
C MET A 2204 -73.56 -4.04 58.53
N HIS A 2205 -73.36 -2.83 57.99
CA HIS A 2205 -73.49 -2.67 56.54
C HIS A 2205 -72.46 -3.52 55.80
N GLU A 2206 -71.27 -3.69 56.38
CA GLU A 2206 -70.29 -4.60 55.80
C GLU A 2206 -70.82 -6.03 55.79
N THR A 2207 -71.48 -6.45 56.87
CA THR A 2207 -72.05 -7.79 56.92
C THR A 2207 -73.13 -7.99 55.86
N VAL A 2208 -74.00 -7.00 55.71
CA VAL A 2208 -75.06 -7.10 54.70
C VAL A 2208 -74.46 -7.13 53.30
N MET A 2209 -73.43 -6.31 53.06
CA MET A 2209 -72.75 -6.35 51.76
C MET A 2209 -72.09 -7.69 51.53
N GLU A 2210 -71.53 -8.30 52.58
CA GLU A 2210 -70.95 -9.64 52.44
C GLU A 2210 -72.02 -10.66 52.08
N VAL A 2211 -73.20 -10.57 52.71
CA VAL A 2211 -74.29 -11.46 52.38
C VAL A 2211 -74.68 -11.31 50.91
N MET A 2212 -74.80 -10.06 50.47
CA MET A 2212 -75.16 -9.80 49.08
C MET A 2212 -74.11 -10.32 48.11
N VAL A 2213 -72.83 -10.13 48.45
CA VAL A 2213 -71.75 -10.62 47.60
C VAL A 2213 -71.79 -12.14 47.51
N ASN A 2214 -72.01 -12.81 48.65
CA ASN A 2214 -72.10 -14.27 48.63
C ASN A 2214 -73.27 -14.75 47.79
N VAL A 2215 -74.41 -14.06 47.89
CA VAL A 2215 -75.59 -14.48 47.13
C VAL A 2215 -75.37 -14.28 45.64
N LEU A 2216 -74.90 -13.10 45.24
CA LEU A 2216 -74.74 -12.79 43.82
C LEU A 2216 -73.65 -13.63 43.18
N GLY A 2217 -72.54 -13.86 43.88
CA GLY A 2217 -71.45 -14.62 43.32
C GLY A 2217 -71.77 -16.10 43.11
N GLU A 2223 -78.86 -16.12 36.56
CA GLU A 2223 -78.84 -17.50 37.01
C GLU A 2223 -78.84 -17.58 38.53
N ILE A 2224 -79.20 -16.46 39.18
CA ILE A 2224 -79.20 -16.41 40.64
C ILE A 2224 -80.23 -17.39 41.19
N ARG A 2225 -79.97 -17.90 42.40
CA ARG A 2225 -80.83 -18.93 42.96
C ARG A 2225 -81.87 -18.35 43.90
N PHE A 2226 -81.50 -17.34 44.69
CA PHE A 2226 -82.38 -16.76 45.70
C PHE A 2226 -82.62 -15.29 45.35
N PRO A 2227 -83.75 -14.97 44.71
CA PRO A 2227 -84.00 -13.57 44.31
C PRO A 2227 -84.53 -12.67 45.41
N LYS A 2228 -85.13 -13.24 46.47
CA LYS A 2228 -85.77 -12.40 47.49
C LYS A 2228 -84.73 -11.71 48.36
N MET A 2229 -83.63 -12.41 48.66
CA MET A 2229 -82.59 -11.85 49.52
C MET A 2229 -81.95 -10.63 48.88
N VAL A 2230 -81.82 -10.64 47.55
CA VAL A 2230 -81.23 -9.48 46.88
C VAL A 2230 -82.08 -8.24 47.13
N THR A 2231 -83.40 -8.37 46.97
CA THR A 2231 -84.30 -7.25 47.22
C THR A 2231 -84.24 -6.82 48.69
N SER A 2232 -84.22 -7.79 49.61
CA SER A 2232 -84.16 -7.44 51.03
C SER A 2232 -82.90 -6.64 51.35
N CYS A 2233 -81.74 -7.13 50.91
CA CYS A 2233 -80.49 -6.43 51.17
C CYS A 2233 -80.47 -5.06 50.51
N CYS A 2234 -80.98 -4.97 49.28
CA CYS A 2234 -81.00 -3.68 48.58
C CYS A 2234 -81.84 -2.66 49.33
N ARG A 2235 -83.03 -3.07 49.79
CA ARG A 2235 -83.88 -2.12 50.49
C ARG A 2235 -83.30 -1.76 51.86
N PHE A 2236 -82.66 -2.71 52.54
CA PHE A 2236 -82.01 -2.39 53.81
C PHE A 2236 -80.89 -1.37 53.60
N LEU A 2237 -80.07 -1.58 52.56
CA LEU A 2237 -78.97 -0.65 52.29
C LEU A 2237 -79.48 0.73 51.88
N CYS A 2238 -80.57 0.79 51.09
CA CYS A 2238 -81.14 2.09 50.76
C CYS A 2238 -81.64 2.81 52.01
N TYR A 2239 -82.34 2.09 52.90
CA TYR A 2239 -82.80 2.70 54.13
C TYR A 2239 -81.64 3.17 54.99
N PHE A 2240 -80.56 2.38 55.05
CA PHE A 2240 -79.37 2.79 55.79
C PHE A 2240 -78.76 4.06 55.19
N CYS A 2241 -78.71 4.13 53.86
CA CYS A 2241 -78.14 5.31 53.21
C CYS A 2241 -79.00 6.56 53.43
N ARG A 2242 -80.32 6.37 53.57
CA ARG A 2242 -81.21 7.51 53.73
C ARG A 2242 -81.13 8.18 55.09
N ILE A 2243 -80.25 7.74 55.97
CA ILE A 2243 -80.22 8.21 57.35
C ILE A 2243 -79.32 9.44 57.51
N SER A 2244 -78.02 9.30 57.26
CA SER A 2244 -77.09 10.37 57.57
C SER A 2244 -76.05 10.50 56.47
N ARG A 2245 -75.39 11.66 56.45
CA ARG A 2245 -74.38 11.93 55.43
C ARG A 2245 -73.18 10.99 55.56
N GLN A 2246 -72.77 10.71 56.79
CA GLN A 2246 -71.62 9.81 57.00
C GLN A 2246 -71.91 8.41 56.48
N ASN A 2247 -73.13 7.90 56.69
CA ASN A 2247 -73.49 6.61 56.13
C ASN A 2247 -73.44 6.63 54.60
N GLN A 2248 -73.90 7.74 54.00
CA GLN A 2248 -73.83 7.88 52.54
C GLN A 2248 -72.39 7.83 52.06
N ARG A 2249 -71.50 8.56 52.73
CA ARG A 2249 -70.10 8.56 52.34
C ARG A 2249 -69.46 7.19 52.52
N SER A 2250 -69.84 6.49 53.60
CA SER A 2250 -69.31 5.14 53.83
C SER A 2250 -69.76 4.18 52.75
N MET A 2251 -71.03 4.28 52.33
CA MET A 2251 -71.53 3.40 51.27
C MET A 2251 -71.03 3.79 49.89
N PHE A 2252 -70.56 5.04 49.73
CA PHE A 2252 -70.12 5.50 48.42
C PHE A 2252 -68.93 4.72 47.88
N ASP A 2253 -68.16 4.05 48.77
CA ASP A 2253 -66.92 3.43 48.33
C ASP A 2253 -67.13 2.11 47.60
N HIS A 2254 -68.35 1.57 47.59
CA HIS A 2254 -68.65 0.34 46.87
C HIS A 2254 -69.34 0.59 45.54
N LEU A 2255 -69.25 1.81 45.02
CA LEU A 2255 -69.97 2.19 43.82
C LEU A 2255 -69.51 1.38 42.60
N SER A 2256 -68.20 1.16 42.48
CA SER A 2256 -67.70 0.40 41.34
C SER A 2256 -68.25 -1.02 41.33
N TYR A 2257 -68.23 -1.69 42.47
CA TYR A 2257 -68.79 -3.05 42.55
C TYR A 2257 -70.29 -3.04 42.28
N LEU A 2258 -71.02 -2.08 42.85
CA LEU A 2258 -72.46 -2.03 42.65
C LEU A 2258 -72.81 -1.83 41.18
N LEU A 2259 -72.08 -0.95 40.49
CA LEU A 2259 -72.33 -0.76 39.07
C LEU A 2259 -71.88 -1.96 38.25
N GLU A 2260 -70.83 -2.65 38.71
CA GLU A 2260 -70.39 -3.86 38.01
C GLU A 2260 -71.47 -4.94 38.04
N ASN A 2261 -72.14 -5.09 39.18
CA ASN A 2261 -73.20 -6.10 39.29
C ASN A 2261 -74.58 -5.59 38.93
N SER A 2262 -74.70 -4.33 38.48
CA SER A 2262 -76.02 -3.78 38.19
C SER A 2262 -76.52 -4.13 36.79
N GLY A 2263 -75.68 -4.73 35.95
CA GLY A 2263 -76.05 -4.99 34.57
C GLY A 2263 -76.92 -6.22 34.35
N ILE A 2264 -77.70 -6.61 35.37
CA ILE A 2264 -78.54 -7.78 35.22
C ILE A 2264 -79.63 -7.53 34.18
N GLY A 2265 -80.03 -8.61 33.50
CA GLY A 2265 -81.01 -8.50 32.42
C GLY A 2265 -82.45 -8.53 32.87
N LEU A 2266 -82.70 -8.87 34.15
CA LEU A 2266 -84.08 -8.98 34.62
C LEU A 2266 -84.61 -7.64 35.12
N GLY A 2267 -83.97 -7.07 36.15
CA GLY A 2267 -84.32 -5.74 36.61
C GLY A 2267 -85.59 -5.66 37.43
N MET A 2268 -86.64 -6.38 37.01
CA MET A 2268 -87.96 -6.23 37.59
C MET A 2268 -88.14 -7.09 38.84
N GLN A 2269 -87.04 -7.49 39.47
CA GLN A 2269 -87.12 -8.28 40.69
C GLN A 2269 -87.68 -7.47 41.86
N GLY A 2270 -87.69 -6.14 41.75
CA GLY A 2270 -88.07 -5.30 42.86
C GLY A 2270 -87.02 -4.22 43.09
N SER A 2271 -86.34 -4.29 44.24
CA SER A 2271 -85.19 -3.42 44.46
C SER A 2271 -83.94 -4.04 43.85
N THR A 2272 -83.05 -3.19 43.36
CA THR A 2272 -81.87 -3.60 42.62
C THR A 2272 -80.70 -2.76 43.09
N PRO A 2273 -79.47 -3.27 42.96
CA PRO A 2273 -78.29 -2.50 43.40
C PRO A 2273 -78.15 -1.16 42.72
N LEU A 2274 -78.74 -0.97 41.53
CA LEU A 2274 -78.75 0.35 40.91
C LEU A 2274 -79.48 1.37 41.80
N ASP A 2275 -80.55 0.94 42.46
CA ASP A 2275 -81.21 1.81 43.43
C ASP A 2275 -80.29 2.14 44.59
N VAL A 2276 -79.48 1.17 45.04
CA VAL A 2276 -78.52 1.44 46.10
C VAL A 2276 -77.52 2.50 45.66
N ALA A 2277 -77.01 2.39 44.44
CA ALA A 2277 -76.08 3.38 43.93
C ALA A 2277 -76.72 4.76 43.83
N ALA A 2278 -77.96 4.81 43.33
CA ALA A 2278 -78.66 6.09 43.19
C ALA A 2278 -78.88 6.74 44.55
N ALA A 2279 -79.24 5.94 45.56
CA ALA A 2279 -79.38 6.48 46.91
C ALA A 2279 -78.04 6.92 47.47
N SER A 2280 -76.96 6.23 47.11
CA SER A 2280 -75.64 6.62 47.57
C SER A 2280 -75.21 7.97 47.00
N VAL A 2281 -75.57 8.25 45.75
CA VAL A 2281 -75.11 9.47 45.09
C VAL A 2281 -76.03 10.66 45.29
N ILE A 2282 -77.34 10.44 45.50
CA ILE A 2282 -78.34 11.49 45.35
C ILE A 2282 -78.07 12.68 46.26
N ASP A 2283 -78.32 13.88 45.73
CA ASP A 2283 -78.40 15.16 46.44
C ASP A 2283 -77.20 15.43 47.36
N ASN A 2284 -76.01 14.98 46.98
CA ASN A 2284 -74.80 15.27 47.75
C ASN A 2284 -73.79 15.95 46.82
N ASN A 2285 -73.57 17.25 47.05
CA ASN A 2285 -72.67 18.02 46.19
C ASN A 2285 -71.26 17.48 46.23
N GLU A 2286 -70.73 17.25 47.44
CA GLU A 2286 -69.36 16.75 47.58
C GLU A 2286 -69.21 15.38 46.95
N LEU A 2287 -70.19 14.50 47.19
CA LEU A 2287 -70.12 13.16 46.62
C LEU A 2287 -70.31 13.19 45.11
N ALA A 2288 -71.19 14.06 44.60
CA ALA A 2288 -71.37 14.18 43.16
C ALA A 2288 -70.11 14.66 42.47
N LEU A 2289 -69.43 15.65 43.07
CA LEU A 2289 -68.21 16.18 42.45
C LEU A 2289 -67.07 15.17 42.45
N ALA A 2290 -67.12 14.15 43.31
CA ALA A 2290 -66.07 13.15 43.38
C ALA A 2290 -66.28 11.98 42.44
N LEU A 2291 -67.33 12.02 41.62
CA LEU A 2291 -67.62 10.90 40.73
C LEU A 2291 -66.55 10.75 39.65
N GLN A 2292 -66.16 9.51 39.38
CA GLN A 2292 -65.18 9.22 38.34
C GLN A 2292 -65.88 9.01 37.00
N GLU A 2293 -65.09 9.13 35.93
CA GLU A 2293 -65.66 9.01 34.58
C GLU A 2293 -65.83 7.56 34.14
N GLN A 2294 -65.10 6.62 34.75
CA GLN A 2294 -65.23 5.22 34.37
C GLN A 2294 -66.61 4.68 34.67
N ASP A 2295 -67.19 5.06 35.82
CA ASP A 2295 -68.54 4.63 36.15
C ASP A 2295 -69.56 5.15 35.14
N LEU A 2296 -69.42 6.43 34.75
CA LEU A 2296 -70.32 6.99 33.75
C LEU A 2296 -70.17 6.26 32.43
N GLU A 2297 -68.93 5.94 32.05
CA GLU A 2297 -68.71 5.22 30.80
C GLU A 2297 -69.33 3.83 30.85
N LYS A 2298 -69.24 3.16 32.01
CA LYS A 2298 -69.87 1.85 32.18
C LYS A 2298 -71.39 1.97 32.02
N VAL A 2299 -71.98 2.98 32.64
CA VAL A 2299 -73.42 3.18 32.54
C VAL A 2299 -73.84 3.45 31.10
N VAL A 2300 -73.05 4.26 30.40
CA VAL A 2300 -73.37 4.58 29.00
C VAL A 2300 -73.27 3.33 28.13
N SER A 2301 -72.27 2.48 28.41
CA SER A 2301 -72.16 1.22 27.66
C SER A 2301 -73.35 0.32 27.93
N TYR A 2302 -73.80 0.24 29.19
CA TYR A 2302 -75.02 -0.51 29.49
C TYR A 2302 -76.21 0.05 28.72
N LEU A 2303 -76.34 1.37 28.66
CA LEU A 2303 -77.46 1.98 27.96
C LEU A 2303 -77.42 1.67 26.47
N ALA A 2304 -76.23 1.73 25.86
CA ALA A 2304 -76.11 1.39 24.45
C ALA A 2304 -76.47 -0.07 24.20
N GLY A 2305 -75.96 -0.98 25.04
CA GLY A 2305 -76.31 -2.38 24.90
C GLY A 2305 -77.80 -2.61 25.01
N CYS A 2306 -78.46 -1.90 25.95
CA CYS A 2306 -79.91 -1.99 26.06
C CYS A 2306 -80.60 -1.46 24.82
N GLY A 2307 -80.08 -0.38 24.23
CA GLY A 2307 -80.69 0.20 23.05
C GLY A 2307 -80.43 -0.55 21.76
N LEU A 2308 -79.52 -1.52 21.78
CA LEU A 2308 -79.24 -2.32 20.58
C LEU A 2308 -79.99 -3.64 20.53
N GLN A 2309 -80.45 -4.17 21.67
CA GLN A 2309 -81.00 -5.52 21.72
C GLN A 2309 -82.42 -5.51 22.27
N SER A 2310 -83.17 -6.55 21.93
CA SER A 2310 -84.54 -6.70 22.38
C SER A 2310 -84.59 -7.15 23.84
N CYS A 2311 -85.75 -6.94 24.46
CA CYS A 2311 -85.94 -7.32 25.86
C CYS A 2311 -86.17 -8.82 25.96
N PRO A 2312 -85.38 -9.55 26.75
CA PRO A 2312 -85.56 -11.01 26.79
C PRO A 2312 -86.83 -11.44 27.51
N MET A 2313 -87.13 -10.85 28.66
CA MET A 2313 -88.29 -11.28 29.44
C MET A 2313 -89.60 -10.96 28.72
N LEU A 2314 -89.65 -9.84 27.99
CA LEU A 2314 -90.85 -9.52 27.22
C LEU A 2314 -91.07 -10.54 26.11
N LEU A 2315 -89.99 -10.93 25.42
CA LEU A 2315 -90.09 -11.93 24.37
C LEU A 2315 -90.50 -13.29 24.95
N ALA A 2316 -89.98 -13.63 26.13
CA ALA A 2316 -90.33 -14.90 26.76
C ALA A 2316 -91.82 -14.96 27.11
N LYS A 2317 -92.47 -13.81 27.29
CA LYS A 2317 -93.88 -13.78 27.62
C LYS A 2317 -94.79 -13.74 26.40
N GLY A 2318 -94.24 -13.87 25.20
CA GLY A 2318 -95.04 -13.80 23.99
C GLY A 2318 -95.45 -12.39 23.63
N TYR A 2319 -94.48 -11.55 23.32
CA TYR A 2319 -94.70 -10.17 22.94
C TYR A 2319 -94.20 -9.96 21.51
N PRO A 2320 -94.74 -8.98 20.80
CA PRO A 2320 -94.23 -8.68 19.45
C PRO A 2320 -92.76 -8.28 19.50
N ASP A 2321 -92.02 -8.69 18.48
CA ASP A 2321 -90.59 -8.44 18.44
C ASP A 2321 -90.32 -6.96 18.16
N ILE A 2322 -89.39 -6.38 18.93
CA ILE A 2322 -88.96 -5.00 18.76
C ILE A 2322 -87.45 -4.97 18.78
N GLY A 2323 -86.86 -4.16 17.90
CA GLY A 2323 -85.42 -4.16 17.70
C GLY A 2323 -84.61 -3.57 18.85
N TRP A 2324 -85.29 -3.04 19.86
CA TRP A 2324 -84.61 -2.42 20.99
C TRP A 2324 -85.42 -2.66 22.25
N ASN A 2325 -84.84 -2.26 23.39
CA ASN A 2325 -85.39 -2.53 24.71
C ASN A 2325 -85.74 -1.22 25.39
N PRO A 2326 -86.99 -0.75 25.30
CA PRO A 2326 -87.33 0.55 25.92
C PRO A 2326 -87.49 0.47 27.42
N CYS A 2327 -87.96 -0.65 27.96
CA CYS A 2327 -88.23 -0.72 29.40
C CYS A 2327 -86.94 -0.83 30.22
N GLY A 2328 -85.80 -1.02 29.57
CA GLY A 2328 -84.55 -1.20 30.28
C GLY A 2328 -83.72 0.05 30.44
N GLY A 2329 -83.62 0.85 29.39
CA GLY A 2329 -82.72 2.00 29.42
C GLY A 2329 -83.20 3.13 30.32
N GLU A 2330 -84.48 3.09 30.71
CA GLU A 2330 -85.02 4.15 31.55
C GLU A 2330 -84.33 4.21 32.91
N ARG A 2331 -83.97 3.05 33.46
CA ARG A 2331 -83.28 3.02 34.74
C ARG A 2331 -81.91 3.70 34.65
N TYR A 2332 -81.15 3.39 33.61
CA TYR A 2332 -79.85 4.02 33.43
C TYR A 2332 -79.99 5.51 33.16
N LEU A 2333 -81.02 5.90 32.40
CA LEU A 2333 -81.25 7.31 32.16
C LEU A 2333 -81.58 8.05 33.44
N ASP A 2334 -82.39 7.45 34.32
CA ASP A 2334 -82.72 8.11 35.57
C ASP A 2334 -81.52 8.18 36.50
N PHE A 2335 -80.66 7.16 36.50
CA PHE A 2335 -79.44 7.22 37.29
C PHE A 2335 -78.54 8.35 36.80
N LEU A 2336 -78.40 8.49 35.48
CA LEU A 2336 -77.61 9.60 34.94
C LEU A 2336 -78.24 10.94 35.30
N ARG A 2337 -79.56 11.03 35.28
CA ARG A 2337 -80.25 12.26 35.67
C ARG A 2337 -79.95 12.62 37.12
N PHE A 2338 -79.96 11.63 38.01
CA PHE A 2338 -79.57 11.87 39.39
C PHE A 2338 -78.10 12.29 39.47
N ALA A 2339 -77.24 11.74 38.61
CA ALA A 2339 -75.83 12.07 38.65
C ALA A 2339 -75.56 13.50 38.18
N VAL A 2340 -76.41 14.03 37.30
CA VAL A 2340 -76.12 15.32 36.69
C VAL A 2340 -76.73 16.50 37.45
N PHE A 2341 -77.93 16.33 38.01
CA PHE A 2341 -78.70 17.45 38.57
C PHE A 2341 -78.68 17.36 40.09
N VAL A 2342 -78.34 18.45 40.76
CA VAL A 2342 -78.24 18.51 42.21
C VAL A 2342 -78.89 19.79 42.72
N ASN A 2343 -79.90 19.64 43.59
CA ASN A 2343 -80.46 20.75 44.37
C ASN A 2343 -80.93 21.91 43.49
N GLY A 2344 -81.40 21.59 42.29
CA GLY A 2344 -81.93 22.61 41.41
C GLY A 2344 -80.91 23.29 40.51
N GLU A 2345 -79.64 22.92 40.60
CA GLU A 2345 -78.62 23.47 39.73
C GLU A 2345 -77.82 22.33 39.11
N SER A 2346 -77.20 22.62 37.97
CA SER A 2346 -76.43 21.63 37.23
C SER A 2346 -74.95 21.75 37.57
N VAL A 2347 -74.24 20.62 37.51
CA VAL A 2347 -72.80 20.58 37.66
C VAL A 2347 -72.20 20.47 36.27
N GLU A 2348 -71.34 21.43 35.90
CA GLU A 2348 -70.89 21.54 34.52
C GLU A 2348 -70.05 20.34 34.10
N GLU A 2349 -69.17 19.87 34.98
CA GLU A 2349 -68.23 18.81 34.60
C GLU A 2349 -68.95 17.53 34.23
N ASN A 2350 -69.86 17.08 35.09
CA ASN A 2350 -70.59 15.84 34.83
C ASN A 2350 -71.45 15.96 33.59
N ALA A 2351 -72.10 17.11 33.40
CA ALA A 2351 -72.93 17.31 32.21
C ALA A 2351 -72.10 17.23 30.94
N ASN A 2352 -70.95 17.90 30.93
CA ASN A 2352 -70.09 17.87 29.75
C ASN A 2352 -69.60 16.44 29.47
N VAL A 2353 -69.19 15.73 30.52
CA VAL A 2353 -68.70 14.37 30.35
C VAL A 2353 -69.80 13.48 29.78
N VAL A 2354 -71.02 13.60 30.33
CA VAL A 2354 -72.12 12.75 29.90
C VAL A 2354 -72.47 13.04 28.44
N VAL A 2355 -72.54 14.33 28.08
CA VAL A 2355 -72.89 14.68 26.70
C VAL A 2355 -71.83 14.16 25.73
N ARG A 2356 -70.56 14.37 26.06
CA ARG A 2356 -69.49 13.92 25.18
C ARG A 2356 -69.48 12.40 25.04
N LEU A 2357 -69.77 11.69 26.13
CA LEU A 2357 -69.85 10.23 26.05
C LEU A 2357 -71.04 9.79 25.20
N LEU A 2358 -72.16 10.49 25.33
CA LEU A 2358 -73.37 10.09 24.62
C LEU A 2358 -73.25 10.32 23.12
N ILE A 2359 -72.70 11.46 22.70
CA ILE A 2359 -72.69 11.80 21.28
C ILE A 2359 -71.85 10.83 20.47
N ARG A 2360 -70.91 10.13 21.10
CA ARG A 2360 -70.05 9.20 20.37
C ARG A 2360 -70.63 7.81 20.24
N LYS A 2361 -71.79 7.54 20.84
CA LYS A 2361 -72.53 6.29 20.69
C LYS A 2361 -73.98 6.63 20.36
N PRO A 2362 -74.26 6.95 19.09
CA PRO A 2362 -75.60 7.43 18.74
C PRO A 2362 -76.72 6.44 19.00
N GLU A 2363 -76.41 5.14 19.03
CA GLU A 2363 -77.46 4.14 19.22
C GLU A 2363 -78.13 4.23 20.58
N CYS A 2364 -77.55 4.99 21.52
CA CYS A 2364 -78.21 5.24 22.79
C CYS A 2364 -79.48 6.07 22.63
N PHE A 2365 -79.63 6.77 21.50
CA PHE A 2365 -80.78 7.64 21.32
C PHE A 2365 -82.02 6.93 20.80
N GLY A 2366 -81.93 5.64 20.47
CA GLY A 2366 -83.06 4.92 19.97
C GLY A 2366 -83.27 5.13 18.48
N PRO A 2367 -84.26 4.43 17.91
CA PRO A 2367 -84.47 4.51 16.47
C PRO A 2367 -84.85 5.91 15.97
N ALA A 2368 -85.51 6.72 16.79
CA ALA A 2368 -86.07 7.98 16.31
C ALA A 2368 -84.97 8.94 15.84
N LEU A 2369 -83.90 9.07 16.62
CA LEU A 2369 -82.85 10.04 16.32
C LEU A 2369 -81.74 9.45 15.45
N ARG A 2370 -81.97 8.29 14.82
CA ARG A 2370 -81.00 7.77 13.87
C ARG A 2370 -80.95 8.65 12.64
N GLY A 2371 -79.75 8.83 12.09
CA GLY A 2371 -79.60 9.62 10.88
C GLY A 2371 -79.92 8.86 9.62
N GLU A 2372 -79.85 7.53 9.66
CA GLU A 2372 -80.08 6.69 8.49
C GLU A 2372 -81.54 6.31 8.30
N GLY A 2373 -82.41 7.29 8.04
CA GLY A 2373 -83.81 7.02 7.78
C GLY A 2373 -84.71 7.02 8.99
N GLY A 2374 -84.22 7.38 10.16
CA GLY A 2374 -85.06 7.39 11.34
C GLY A 2374 -85.95 8.61 11.38
N SER A 2375 -87.26 8.38 11.51
CA SER A 2375 -88.22 9.47 11.58
C SER A 2375 -88.13 10.20 12.91
N GLY A 2376 -88.55 11.46 12.91
CA GLY A 2376 -88.41 12.32 14.07
C GLY A 2376 -89.20 11.90 15.29
N LEU A 2377 -89.10 12.70 16.36
CA LEU A 2377 -89.79 12.36 17.60
C LEU A 2377 -91.29 12.39 17.44
N LEU A 2378 -91.82 13.37 16.70
CA LEU A 2378 -93.26 13.50 16.58
C LEU A 2378 -93.88 12.28 15.91
N ALA A 2379 -93.25 11.79 14.83
CA ALA A 2379 -93.80 10.65 14.12
C ALA A 2379 -93.82 9.40 14.98
N THR A 2380 -92.74 9.14 15.72
CA THR A 2380 -92.71 7.94 16.56
C THR A 2380 -93.63 8.06 17.75
N ILE A 2381 -93.82 9.28 18.29
CA ILE A 2381 -94.78 9.46 19.38
C ILE A 2381 -96.20 9.20 18.87
N GLU A 2382 -96.53 9.71 17.68
CA GLU A 2382 -97.84 9.44 17.11
C GLU A 2382 -98.03 7.95 16.84
N GLU A 2383 -96.98 7.28 16.36
CA GLU A 2383 -97.06 5.85 16.13
C GLU A 2383 -97.29 5.09 17.43
N ALA A 2384 -96.61 5.50 18.51
CA ALA A 2384 -96.83 4.86 19.80
C ALA A 2384 -98.26 5.09 20.29
N ILE A 2385 -98.78 6.31 20.09
CA ILE A 2385 -100.16 6.60 20.47
C ILE A 2385 -101.12 5.69 19.72
N ARG A 2386 -100.89 5.51 18.41
CA ARG A 2386 -101.72 4.59 17.64
C ARG A 2386 -101.57 3.16 18.15
N ILE A 2387 -100.35 2.76 18.53
CA ILE A 2387 -100.11 1.41 19.03
C ILE A 2387 -100.92 1.17 20.30
N SER A 2388 -100.96 2.15 21.19
CA SER A 2388 -101.69 1.99 22.44
C SER A 2388 -103.19 1.79 22.22
N GLU A 2389 -103.70 2.13 21.05
CA GLU A 2389 -105.11 1.91 20.74
C GLU A 2389 -105.41 0.51 20.23
N ASP A 2390 -104.40 -0.27 19.88
CA ASP A 2390 -104.60 -1.60 19.32
C ASP A 2390 -104.13 -2.65 20.31
N PRO A 2391 -105.03 -3.44 20.91
CA PRO A 2391 -104.59 -4.52 21.80
C PRO A 2391 -103.73 -5.57 21.12
N ALA A 2392 -103.89 -5.77 19.81
CA ALA A 2392 -103.11 -6.79 19.12
C ALA A 2392 -101.62 -6.45 19.12
N ARG A 2393 -101.27 -5.19 18.85
CA ARG A 2393 -99.88 -4.77 18.87
C ARG A 2393 -99.38 -4.46 20.27
N ASP A 2394 -100.26 -4.46 21.27
CA ASP A 2394 -99.87 -4.35 22.66
C ASP A 2394 -99.94 -5.73 23.30
N GLY A 2395 -99.62 -5.82 24.59
CA GLY A 2395 -99.70 -7.07 25.32
C GLY A 2395 -98.87 -8.21 24.73
N ARG A 2416 -98.35 -5.53 34.66
CA ARG A 2416 -98.14 -5.75 33.24
C ARG A 2416 -97.40 -4.57 32.61
N VAL A 2417 -96.92 -4.76 31.38
CA VAL A 2417 -96.16 -3.75 30.65
C VAL A 2417 -96.82 -3.54 29.30
N HIS A 2418 -97.02 -2.27 28.93
CA HIS A 2418 -97.59 -1.90 27.64
C HIS A 2418 -96.52 -1.25 26.79
N LEU A 2419 -96.56 -1.53 25.48
CA LEU A 2419 -95.49 -1.09 24.59
C LEU A 2419 -95.49 0.43 24.42
N GLY A 2420 -96.66 1.01 24.15
CA GLY A 2420 -96.73 2.44 23.89
C GLY A 2420 -96.29 3.27 25.07
N HIS A 2421 -96.71 2.88 26.26
CA HIS A 2421 -96.32 3.62 27.46
C HIS A 2421 -94.82 3.59 27.67
N ALA A 2422 -94.21 2.42 27.49
CA ALA A 2422 -92.76 2.32 27.65
C ALA A 2422 -92.02 3.15 26.61
N ILE A 2423 -92.50 3.11 25.35
CA ILE A 2423 -91.86 3.88 24.30
C ILE A 2423 -91.95 5.37 24.60
N MET A 2424 -93.11 5.83 25.09
CA MET A 2424 -93.26 7.23 25.45
C MET A 2424 -92.35 7.61 26.61
N SER A 2425 -92.29 6.75 27.64
CA SER A 2425 -91.53 7.05 28.84
C SER A 2425 -90.04 7.13 28.56
N PHE A 2426 -89.52 6.25 27.70
CA PHE A 2426 -88.10 6.29 27.35
C PHE A 2426 -87.71 7.65 26.80
N TYR A 2427 -88.47 8.14 25.81
CA TYR A 2427 -88.12 9.40 25.18
C TYR A 2427 -88.37 10.57 26.13
N ALA A 2428 -89.40 10.48 26.98
CA ALA A 2428 -89.61 11.53 27.98
C ALA A 2428 -88.42 11.65 28.91
N ALA A 2429 -87.93 10.51 29.40
CA ALA A 2429 -86.76 10.53 30.30
C ALA A 2429 -85.52 11.03 29.58
N LEU A 2430 -85.31 10.62 28.33
CA LEU A 2430 -84.15 11.08 27.58
C LEU A 2430 -84.18 12.59 27.37
N ILE A 2431 -85.35 13.13 27.01
CA ILE A 2431 -85.47 14.57 26.82
C ILE A 2431 -85.26 15.31 28.13
N ASP A 2432 -85.76 14.75 29.23
CA ASP A 2432 -85.55 15.38 30.54
C ASP A 2432 -84.07 15.44 30.87
N LEU A 2433 -83.35 14.33 30.65
CA LEU A 2433 -81.91 14.33 30.93
C LEU A 2433 -81.17 15.33 30.06
N LEU A 2434 -81.48 15.36 28.76
CA LEU A 2434 -80.80 16.28 27.87
C LEU A 2434 -81.09 17.73 28.26
N GLY A 2435 -82.33 18.03 28.66
CA GLY A 2435 -82.65 19.36 29.13
C GLY A 2435 -81.91 19.74 30.40
N ARG A 2436 -81.74 18.76 31.31
CA ARG A 2436 -80.97 19.03 32.52
C ARG A 2436 -79.48 19.16 32.26
N CYS A 2437 -78.99 18.65 31.13
CA CYS A 2437 -77.57 18.79 30.81
C CYS A 2437 -77.22 20.17 30.24
N ALA A 2438 -78.21 21.03 30.03
CA ALA A 2438 -77.96 22.31 29.39
C ALA A 2438 -77.16 23.22 30.33
N PRO A 2439 -76.36 24.15 29.78
CA PRO A 2439 -75.58 25.05 30.64
C PRO A 2439 -76.43 26.14 31.25
N GLU A 2440 -75.85 26.82 32.25
CA GLU A 2440 -76.53 27.91 32.92
C GLU A 2440 -76.49 29.18 32.08
N MET A 2441 -77.33 30.15 32.47
CA MET A 2441 -77.47 31.36 31.68
C MET A 2441 -76.27 32.29 31.84
N HIS A 2442 -75.74 32.43 33.06
CA HIS A 2442 -74.64 33.36 33.27
C HIS A 2442 -73.36 32.94 32.56
N LEU A 2443 -73.16 31.63 32.36
CA LEU A 2443 -72.04 31.19 31.54
C LEU A 2443 -72.18 31.66 30.10
N ILE A 2444 -73.40 31.61 29.55
CA ILE A 2444 -73.64 32.13 28.20
C ILE A 2444 -73.43 33.64 28.19
N GLN A 2445 -73.84 34.33 29.26
CA GLN A 2445 -73.63 35.77 29.34
C GLN A 2445 -72.14 36.11 29.32
N ALA A 2446 -71.33 35.32 30.04
CA ALA A 2446 -69.89 35.49 30.02
C ALA A 2446 -69.27 35.17 28.68
N GLY A 2447 -69.97 34.42 27.81
CA GLY A 2447 -69.47 34.14 26.49
C GLY A 2447 -68.42 33.04 26.42
N LYS A 2448 -68.44 32.10 27.35
CA LYS A 2448 -67.50 30.98 27.30
C LYS A 2448 -67.81 30.09 26.10
N GLY A 2449 -66.76 29.66 25.40
CA GLY A 2449 -66.94 28.86 24.20
C GLY A 2449 -67.54 27.49 24.45
N GLU A 2450 -67.17 26.85 25.57
CA GLU A 2450 -67.63 25.50 25.84
C GLU A 2450 -69.15 25.44 25.98
N ALA A 2451 -69.73 26.39 26.71
CA ALA A 2451 -71.18 26.41 26.88
C ALA A 2451 -71.89 26.63 25.55
N LEU A 2452 -71.36 27.55 24.73
CA LEU A 2452 -71.97 27.79 23.42
C LEU A 2452 -71.90 26.55 22.54
N ARG A 2453 -70.75 25.84 22.58
CA ARG A 2453 -70.60 24.63 21.79
C ARG A 2453 -71.59 23.56 22.24
N ILE A 2454 -71.73 23.37 23.55
CA ILE A 2454 -72.65 22.36 24.07
C ILE A 2454 -74.08 22.72 23.70
N ARG A 2455 -74.45 23.99 23.85
CA ARG A 2455 -75.81 24.41 23.51
C ARG A 2455 -76.09 24.25 22.03
N ALA A 2456 -75.09 24.53 21.18
CA ALA A 2456 -75.26 24.33 19.75
C ALA A 2456 -75.49 22.85 19.42
N ILE A 2457 -74.73 21.97 20.07
CA ILE A 2457 -74.93 20.53 19.87
C ILE A 2457 -76.35 20.13 20.29
N LEU A 2458 -76.79 20.60 21.46
CA LEU A 2458 -78.12 20.24 21.96
C LEU A 2458 -79.21 20.76 21.02
N ARG A 2459 -79.05 21.99 20.53
CA ARG A 2459 -80.02 22.54 19.58
C ARG A 2459 -80.04 21.74 18.28
N SER A 2460 -78.87 21.33 17.80
CA SER A 2460 -78.82 20.55 16.57
C SER A 2460 -79.47 19.17 16.75
N LEU A 2461 -79.42 18.63 17.97
CA LEU A 2461 -80.00 17.30 18.19
C LEU A 2461 -81.53 17.33 18.08
N VAL A 2462 -82.18 18.27 18.75
CA VAL A 2462 -83.64 18.29 18.83
C VAL A 2462 -84.19 19.56 18.22
N PRO A 2463 -84.91 19.48 17.09
CA PRO A 2463 -85.52 20.67 16.50
C PRO A 2463 -86.68 21.20 17.33
N LEU A 2464 -86.92 22.50 17.19
CA LEU A 2464 -87.97 23.18 17.95
C LEU A 2464 -89.37 22.74 17.52
N ASP A 2465 -89.57 22.53 16.21
CA ASP A 2465 -90.89 22.15 15.71
C ASP A 2465 -91.36 20.85 16.31
N ASP A 2466 -90.44 19.91 16.57
CA ASP A 2466 -90.83 18.65 17.20
C ASP A 2466 -91.38 18.89 18.61
N LEU A 2467 -90.71 19.75 19.38
CA LEU A 2467 -91.19 20.07 20.73
C LEU A 2467 -92.55 20.73 20.67
N VAL A 2468 -92.73 21.68 19.75
CA VAL A 2468 -94.00 22.40 19.64
C VAL A 2468 -95.12 21.44 19.24
N GLY A 2469 -94.83 20.52 18.32
CA GLY A 2469 -95.83 19.54 17.94
C GLY A 2469 -96.18 18.58 19.07
N ILE A 2470 -95.17 18.16 19.83
CA ILE A 2470 -95.42 17.26 20.97
C ILE A 2470 -96.30 17.94 22.00
N ILE A 2471 -96.02 19.21 22.29
CA ILE A 2471 -96.80 19.92 23.31
C ILE A 2471 -98.26 20.07 22.88
N SER A 2472 -98.52 20.13 21.57
CA SER A 2472 -99.85 20.41 21.05
C SER A 2472 -100.72 19.17 20.89
N LEU A 2473 -100.23 17.99 21.27
CA LEU A 2473 -101.04 16.78 21.12
C LEU A 2473 -102.19 16.79 22.13
N PRO A 2474 -103.34 16.23 21.76
CA PRO A 2474 -104.50 16.24 22.66
C PRO A 2474 -104.38 15.21 23.77
N LEU A 2475 -105.30 15.33 24.73
CA LEU A 2475 -105.35 14.43 25.88
C LEU A 2475 -106.76 13.90 26.06
N GLN A 2476 -106.87 12.76 26.73
CA GLN A 2476 -108.17 12.10 26.97
C GLN A 2476 -108.65 12.47 28.36
N ILE A 2477 -109.60 13.40 28.42
CA ILE A 2477 -110.15 13.86 29.70
C ILE A 2477 -111.29 12.94 30.12
N PRO A 2478 -111.57 12.82 31.42
CA PRO A 2478 -112.69 11.98 31.85
C PRO A 2478 -114.02 12.53 31.38
N THR A 2479 -114.98 11.63 31.18
CA THR A 2479 -116.31 12.00 30.71
C THR A 2479 -117.34 11.08 31.32
N LEU A 2480 -118.59 11.52 31.32
CA LEU A 2480 -119.70 10.78 31.89
C LEU A 2480 -120.56 10.23 30.76
N GLY A 2481 -120.94 8.95 30.85
CA GLY A 2481 -121.72 8.31 29.82
C GLY A 2481 -123.21 8.61 29.87
N LYS A 2482 -123.67 9.33 30.91
CA LYS A 2482 -125.06 9.74 31.07
C LYS A 2482 -126.00 8.56 31.24
N ASP A 2483 -125.46 7.35 31.28
CA ASP A 2483 -126.24 6.14 31.52
C ASP A 2483 -125.79 5.40 32.78
N GLY A 2484 -124.48 5.31 32.98
CA GLY A 2484 -123.90 4.69 34.15
C GLY A 2484 -122.87 5.59 34.80
N ALA A 2485 -121.77 4.99 35.25
CA ALA A 2485 -120.71 5.75 35.87
C ALA A 2485 -119.89 6.48 34.81
N LEU A 2486 -119.02 7.37 35.27
CA LEU A 2486 -118.17 8.14 34.37
C LEU A 2486 -117.10 7.24 33.75
N VAL A 2487 -116.68 7.59 32.53
CA VAL A 2487 -115.63 6.86 31.83
C VAL A 2487 -114.30 7.49 32.18
N GLN A 2488 -113.32 6.67 32.55
CA GLN A 2488 -112.04 7.13 33.04
C GLN A 2488 -110.91 6.47 32.26
N PRO A 2489 -109.91 7.22 31.82
CA PRO A 2489 -108.80 6.62 31.08
C PRO A 2489 -107.89 5.81 31.99
N LYS A 2490 -107.16 4.87 31.37
CA LYS A 2490 -106.18 4.06 32.10
C LYS A 2490 -104.86 4.82 32.15
N MET A 2491 -104.41 5.16 33.37
CA MET A 2491 -103.25 6.02 33.52
C MET A 2491 -101.96 5.33 33.11
N SER A 2492 -101.89 4.00 33.25
CA SER A 2492 -100.67 3.26 32.98
C SER A 2492 -100.51 2.84 31.53
N ALA A 2493 -101.48 3.17 30.67
CA ALA A 2493 -101.37 2.79 29.26
C ALA A 2493 -101.80 3.89 28.31
N SER A 2494 -101.51 5.16 28.58
CA SER A 2494 -101.95 6.25 27.73
C SER A 2494 -101.03 7.44 27.90
N PHE A 2495 -101.30 8.49 27.11
CA PHE A 2495 -100.53 9.72 27.18
C PHE A 2495 -100.78 10.44 28.51
N VAL A 2496 -99.72 10.99 29.09
CA VAL A 2496 -99.79 11.58 30.42
C VAL A 2496 -99.11 12.96 30.39
N PRO A 2497 -99.63 13.96 31.11
CA PRO A 2497 -98.98 15.28 31.12
C PRO A 2497 -97.54 15.26 31.60
N ASP A 2498 -97.15 14.28 32.43
CA ASP A 2498 -95.76 14.16 32.84
C ASP A 2498 -94.82 14.00 31.67
N HIS A 2499 -95.33 13.52 30.53
CA HIS A 2499 -94.51 13.46 29.31
C HIS A 2499 -94.31 14.85 28.74
N LYS A 2500 -95.34 15.70 28.82
CA LYS A 2500 -95.24 17.06 28.27
C LYS A 2500 -94.38 17.95 29.17
N ALA A 2501 -94.30 17.61 30.46
CA ALA A 2501 -93.49 18.42 31.37
C ALA A 2501 -92.03 18.42 30.98
N SER A 2502 -91.49 17.27 30.57
CA SER A 2502 -90.09 17.21 30.15
C SER A 2502 -89.84 18.06 28.91
N MET A 2503 -90.77 18.02 27.95
CA MET A 2503 -90.63 18.87 26.76
C MET A 2503 -90.65 20.34 27.13
N VAL A 2504 -91.54 20.72 28.06
CA VAL A 2504 -91.59 22.11 28.50
C VAL A 2504 -90.27 22.51 29.15
N LEU A 2505 -89.71 21.64 30.00
CA LEU A 2505 -88.45 21.94 30.64
C LEU A 2505 -87.32 22.10 29.62
N PHE A 2506 -87.26 21.21 28.64
CA PHE A 2506 -86.22 21.31 27.61
C PHE A 2506 -86.36 22.60 26.82
N LEU A 2507 -87.59 22.94 26.43
CA LEU A 2507 -87.83 24.17 25.68
C LEU A 2507 -87.43 25.39 26.48
N ASP A 2508 -87.72 25.39 27.78
CA ASP A 2508 -87.35 26.53 28.62
C ASP A 2508 -85.84 26.66 28.74
N ARG A 2509 -85.15 25.55 29.03
CA ARG A 2509 -83.73 25.64 29.35
C ARG A 2509 -82.84 25.81 28.13
N VAL A 2510 -83.21 25.24 26.99
CA VAL A 2510 -82.35 25.27 25.81
C VAL A 2510 -82.68 26.43 24.89
N TYR A 2511 -83.89 26.45 24.35
CA TYR A 2511 -84.25 27.48 23.37
C TYR A 2511 -84.64 28.80 24.01
N GLY A 2512 -85.52 28.76 25.01
CA GLY A 2512 -85.98 29.99 25.64
C GLY A 2512 -87.01 30.72 24.80
N ILE A 2513 -87.59 31.77 25.34
CA ILE A 2513 -88.59 32.58 24.64
C ILE A 2513 -88.08 34.02 24.58
N GLU A 2514 -88.05 34.57 23.36
CA GLU A 2514 -87.48 35.90 23.16
C GLU A 2514 -88.41 36.78 22.35
N ASN A 2515 -89.29 36.17 21.55
CA ASN A 2515 -90.17 36.92 20.66
C ASN A 2515 -91.60 36.92 21.19
N GLN A 2516 -92.28 38.05 21.01
CA GLN A 2516 -93.70 38.14 21.35
C GLN A 2516 -94.53 37.22 20.48
N ASP A 2517 -94.22 37.16 19.18
CA ASP A 2517 -95.00 36.34 18.26
C ASP A 2517 -94.87 34.85 18.59
N PHE A 2518 -93.66 34.39 18.90
CA PHE A 2518 -93.49 32.98 19.26
C PHE A 2518 -94.24 32.64 20.53
N LEU A 2519 -94.20 33.52 21.54
CA LEU A 2519 -94.95 33.28 22.76
C LEU A 2519 -96.45 33.23 22.49
N LEU A 2520 -96.94 34.14 21.64
CA LEU A 2520 -98.36 34.14 21.29
C LEU A 2520 -98.75 32.85 20.57
N HIS A 2521 -97.90 32.38 19.66
CA HIS A 2521 -98.18 31.13 18.96
C HIS A 2521 -98.22 29.95 19.92
N VAL A 2522 -97.25 29.89 20.84
CA VAL A 2522 -97.20 28.79 21.80
C VAL A 2522 -98.43 28.82 22.69
N LEU A 2523 -98.83 30.00 23.15
CA LEU A 2523 -100.05 30.12 23.94
C LEU A 2523 -101.27 29.72 23.13
N ASP A 2524 -101.28 30.05 21.84
CA ASP A 2524 -102.41 29.71 20.98
C ASP A 2524 -102.60 28.21 20.86
N VAL A 2525 -101.51 27.48 20.63
CA VAL A 2525 -101.65 26.06 20.31
C VAL A 2525 -101.28 25.18 21.51
N GLY A 2526 -100.39 25.67 22.37
CA GLY A 2526 -99.85 24.84 23.43
C GLY A 2526 -100.65 24.67 24.70
N PHE A 2527 -100.85 25.77 25.43
CA PHE A 2527 -101.23 25.68 26.84
C PHE A 2527 -102.71 25.98 27.10
N LEU A 2528 -103.32 26.85 26.31
CA LEU A 2528 -104.69 27.30 26.54
C LEU A 2528 -105.69 26.14 26.54
N PRO A 2529 -105.61 25.19 25.59
CA PRO A 2529 -106.52 24.03 25.68
C PRO A 2529 -106.39 23.25 26.97
N ASP A 2530 -105.18 23.07 27.49
CA ASP A 2530 -105.01 22.33 28.75
C ASP A 2530 -105.55 23.12 29.93
N MET A 2531 -105.32 24.43 29.95
CA MET A 2531 -105.90 25.26 31.00
C MET A 2531 -107.42 25.22 30.97
N ARG A 2532 -108.00 25.28 29.79
CA ARG A 2532 -109.46 25.18 29.66
C ARG A 2532 -109.95 23.82 30.12
N ALA A 2533 -109.22 22.75 29.80
CA ALA A 2533 -109.61 21.42 30.22
C ALA A 2533 -109.60 21.30 31.75
N ALA A 2534 -108.56 21.84 32.39
CA ALA A 2534 -108.52 21.81 33.85
C ALA A 2534 -109.66 22.63 34.45
N ALA A 2535 -109.92 23.82 33.90
CA ALA A 2535 -111.02 24.64 34.41
C ALA A 2535 -112.35 23.93 34.27
N SER A 2536 -112.56 23.23 33.15
CA SER A 2536 -113.79 22.46 32.98
C SER A 2536 -113.85 21.29 33.97
N LEU A 2537 -112.73 20.63 34.21
CA LEU A 2537 -112.67 19.50 35.14
C LEU A 2537 -112.79 19.93 36.60
N ASP A 2538 -112.73 21.24 36.88
CA ASP A 2538 -112.90 21.72 38.25
C ASP A 2538 -114.24 21.32 38.88
N THR A 2539 -115.17 20.75 38.10
CA THR A 2539 -116.48 20.41 38.63
C THR A 2539 -116.38 19.37 39.74
N ALA A 2540 -117.41 19.32 40.59
CA ALA A 2540 -117.36 18.46 41.77
C ALA A 2540 -117.27 16.98 41.42
N THR A 2541 -118.01 16.53 40.40
CA THR A 2541 -117.99 15.12 40.04
C THR A 2541 -116.63 14.68 39.50
N PHE A 2542 -115.82 15.60 39.00
CA PHE A 2542 -114.52 15.28 38.43
C PHE A 2542 -113.35 15.85 39.22
N SER A 2543 -113.61 16.51 40.35
CA SER A 2543 -112.57 17.25 41.06
C SER A 2543 -111.44 16.35 41.56
N THR A 2544 -111.78 15.19 42.12
CA THR A 2544 -110.81 14.33 42.78
C THR A 2544 -110.27 13.23 41.88
N THR A 2545 -110.63 13.22 40.59
CA THR A 2545 -110.14 12.19 39.70
C THR A 2545 -108.64 12.34 39.47
N GLU A 2546 -108.02 11.25 39.02
CA GLU A 2546 -106.57 11.21 38.87
C GLU A 2546 -106.07 12.20 37.82
N MET A 2547 -106.78 12.28 36.69
CA MET A 2547 -106.33 13.16 35.61
C MET A 2547 -106.39 14.62 36.01
N ALA A 2548 -107.37 15.00 36.83
CA ALA A 2548 -107.45 16.37 37.30
C ALA A 2548 -106.24 16.73 38.16
N LEU A 2549 -105.85 15.81 39.06
CA LEU A 2549 -104.67 16.05 39.89
C LEU A 2549 -103.40 16.11 39.04
N ALA A 2550 -103.29 15.22 38.05
CA ALA A 2550 -102.13 15.26 37.17
C ALA A 2550 -102.05 16.56 36.40
N LEU A 2551 -103.19 17.05 35.89
CA LEU A 2551 -103.21 18.32 35.17
C LEU A 2551 -102.86 19.48 36.10
N ASN A 2552 -103.34 19.44 37.35
CA ASN A 2552 -103.00 20.48 38.30
C ASN A 2552 -101.50 20.52 38.55
N ARG A 2553 -100.88 19.34 38.76
CA ARG A 2553 -99.44 19.30 38.98
C ARG A 2553 -98.68 19.80 37.76
N TYR A 2554 -99.11 19.38 36.57
CA TYR A 2554 -98.44 19.80 35.34
C TYR A 2554 -98.52 21.30 35.15
N LEU A 2555 -99.69 21.89 35.40
CA LEU A 2555 -99.84 23.32 35.23
C LEU A 2555 -99.04 24.09 36.28
N CYS A 2556 -99.04 23.61 37.53
CA CYS A 2556 -98.41 24.38 38.59
C CYS A 2556 -96.91 24.19 38.66
N LEU A 2557 -96.37 23.18 37.98
CA LEU A 2557 -94.93 22.96 38.04
C LEU A 2557 -94.18 23.48 36.82
N ALA A 2558 -94.80 23.49 35.64
CA ALA A 2558 -94.08 23.80 34.41
C ALA A 2558 -94.62 25.03 33.69
N VAL A 2559 -95.92 25.09 33.43
CA VAL A 2559 -96.45 26.09 32.50
C VAL A 2559 -96.48 27.47 33.16
N LEU A 2560 -97.16 27.59 34.30
CA LEU A 2560 -97.42 28.88 34.92
C LEU A 2560 -96.14 29.64 35.30
N PRO A 2561 -95.13 28.98 35.90
CA PRO A 2561 -93.87 29.72 36.12
C PRO A 2561 -93.23 30.23 34.85
N LEU A 2562 -93.30 29.46 33.76
CA LEU A 2562 -92.74 29.91 32.49
C LEU A 2562 -93.49 31.11 31.96
N ILE A 2563 -94.83 31.10 32.08
CA ILE A 2563 -95.61 32.26 31.64
C ILE A 2563 -95.30 33.47 32.52
N THR A 2564 -95.12 33.25 33.81
CA THR A 2564 -94.81 34.35 34.73
C THR A 2564 -93.47 34.98 34.39
N LYS A 2565 -92.47 34.17 34.07
CA LYS A 2565 -91.16 34.72 33.73
C LYS A 2565 -91.21 35.56 32.46
N CYS A 2566 -92.14 35.28 31.56
CA CYS A 2566 -92.23 35.99 30.29
C CYS A 2566 -93.30 37.06 30.28
N ALA A 2567 -93.69 37.59 31.44
CA ALA A 2567 -94.72 38.63 31.50
C ALA A 2567 -94.37 39.90 30.74
N PRO A 2568 -93.16 40.49 30.86
CA PRO A 2568 -92.92 41.77 30.19
C PRO A 2568 -93.08 41.74 28.69
N LEU A 2569 -93.15 40.56 28.08
CA LEU A 2569 -93.37 40.45 26.64
C LEU A 2569 -94.79 40.82 26.23
N PHE A 2570 -95.69 41.03 27.18
CA PHE A 2570 -97.11 41.25 26.87
C PHE A 2570 -97.44 42.70 26.58
N ALA A 2571 -96.46 43.60 26.54
CA ALA A 2571 -96.74 45.00 26.24
C ALA A 2571 -96.96 45.19 24.75
N GLY A 2572 -98.01 45.93 24.40
CA GLY A 2572 -98.29 46.23 23.01
C GLY A 2572 -98.91 45.12 22.20
N THR A 2573 -99.72 44.25 22.83
CA THR A 2573 -100.34 43.14 22.11
C THR A 2573 -101.78 43.47 21.71
N GLU A 2574 -102.01 44.73 21.31
CA GLU A 2574 -103.37 45.18 21.01
C GLU A 2574 -103.99 44.41 19.86
N HIS A 2575 -103.17 43.77 19.02
CA HIS A 2575 -103.70 43.08 17.84
C HIS A 2575 -104.27 41.70 18.14
N ARG A 2576 -104.11 41.18 19.36
CA ARG A 2576 -104.56 39.85 19.70
C ARG A 2576 -105.50 39.87 20.91
N ALA A 2577 -106.25 40.97 21.08
CA ALA A 2577 -107.02 41.19 22.29
C ALA A 2577 -107.93 40.01 22.61
N ILE A 2578 -108.60 39.46 21.58
CA ILE A 2578 -109.57 38.39 21.80
C ILE A 2578 -108.91 37.22 22.52
N MET A 2579 -107.67 36.88 22.15
CA MET A 2579 -106.97 35.81 22.84
C MET A 2579 -106.69 36.18 24.29
N VAL A 2580 -106.21 37.40 24.53
CA VAL A 2580 -105.70 37.75 25.85
C VAL A 2580 -106.80 37.61 26.91
N ASP A 2581 -107.99 38.14 26.62
CA ASP A 2581 -109.10 38.00 27.54
C ASP A 2581 -109.38 36.54 27.86
N SER A 2582 -109.36 35.69 26.83
CA SER A 2582 -109.63 34.26 27.05
C SER A 2582 -108.63 33.67 28.03
N MET A 2583 -107.40 34.18 28.06
CA MET A 2583 -106.45 33.74 29.07
C MET A 2583 -106.84 34.26 30.45
N LEU A 2584 -107.12 35.56 30.54
CA LEU A 2584 -107.27 36.20 31.85
C LEU A 2584 -108.44 35.61 32.62
N HIS A 2585 -109.51 35.24 31.91
CA HIS A 2585 -110.62 34.55 32.57
C HIS A 2585 -110.15 33.20 33.11
N THR A 2586 -109.53 32.38 32.25
CA THR A 2586 -109.29 30.98 32.61
C THR A 2586 -108.42 30.86 33.85
N VAL A 2587 -107.27 31.55 33.87
CA VAL A 2587 -106.40 31.51 35.03
C VAL A 2587 -107.16 31.98 36.27
N TYR A 2588 -107.99 33.02 36.13
CA TYR A 2588 -108.77 33.48 37.27
C TYR A 2588 -109.65 32.36 37.81
N ARG A 2589 -110.31 31.62 36.92
CA ARG A 2589 -111.12 30.50 37.37
C ARG A 2589 -110.26 29.45 38.07
N LEU A 2590 -109.04 29.23 37.56
CA LEU A 2590 -108.13 28.28 38.20
C LEU A 2590 -107.79 28.72 39.62
N SER A 2591 -107.85 30.03 39.88
CA SER A 2591 -107.56 30.52 41.23
C SER A 2591 -108.65 30.15 42.22
N ARG A 2592 -109.84 29.76 41.74
CA ARG A 2592 -110.96 29.45 42.61
C ARG A 2592 -111.29 27.96 42.64
N GLY A 2593 -110.31 27.11 42.35
CA GLY A 2593 -110.55 25.67 42.42
C GLY A 2593 -110.75 25.21 43.85
N ARG A 2594 -111.40 24.05 43.99
CA ARG A 2594 -111.70 23.52 45.32
C ARG A 2594 -110.59 22.60 45.82
N SER A 2595 -110.15 21.65 45.00
CA SER A 2595 -109.17 20.65 45.42
C SER A 2595 -107.77 21.07 44.97
N LEU A 2596 -107.26 22.11 45.62
CA LEU A 2596 -105.92 22.62 45.36
C LEU A 2596 -105.18 22.84 46.67
N THR A 2597 -103.90 22.50 46.70
CA THR A 2597 -103.07 22.79 47.86
C THR A 2597 -102.74 24.27 47.92
N LYS A 2598 -102.17 24.68 49.05
CA LYS A 2598 -101.89 26.10 49.27
C LYS A 2598 -100.82 26.60 48.30
N ALA A 2599 -99.78 25.80 48.06
CA ALA A 2599 -98.69 26.22 47.19
C ALA A 2599 -99.17 26.46 45.76
N GLN A 2600 -100.04 25.58 45.26
CA GLN A 2600 -100.56 25.76 43.91
C GLN A 2600 -101.40 27.03 43.80
N ARG A 2601 -102.22 27.31 44.83
CA ARG A 2601 -102.99 28.54 44.84
C ARG A 2601 -102.08 29.76 44.87
N ASP A 2602 -101.01 29.69 45.67
CA ASP A 2602 -100.06 30.80 45.71
C ASP A 2602 -99.42 31.02 44.35
N VAL A 2603 -99.04 29.94 43.67
CA VAL A 2603 -98.42 30.05 42.35
C VAL A 2603 -99.40 30.69 41.36
N ILE A 2604 -100.65 30.24 41.37
CA ILE A 2604 -101.64 30.79 40.44
C ILE A 2604 -101.88 32.27 40.71
N GLU A 2605 -102.03 32.64 41.98
CA GLU A 2605 -102.26 34.04 42.33
C GLU A 2605 -101.07 34.90 41.92
N GLU A 2606 -99.85 34.41 42.15
CA GLU A 2606 -98.66 35.14 41.75
C GLU A 2606 -98.59 35.33 40.24
N CYS A 2607 -98.94 34.28 39.50
CA CYS A 2607 -98.93 34.37 38.04
C CYS A 2607 -99.94 35.42 37.57
N LEU A 2608 -101.15 35.41 38.15
CA LEU A 2608 -102.15 36.40 37.75
C LEU A 2608 -101.68 37.82 38.08
N MET A 2609 -101.12 38.01 39.28
CA MET A 2609 -100.68 39.34 39.70
C MET A 2609 -99.56 39.84 38.81
N ALA A 2610 -98.64 38.95 38.43
CA ALA A 2610 -97.57 39.33 37.50
C ALA A 2610 -98.13 39.68 36.13
N LEU A 2611 -99.12 38.91 35.67
CA LEU A 2611 -99.70 39.16 34.35
C LEU A 2611 -100.38 40.53 34.30
N CYS A 2612 -101.10 40.89 35.37
CA CYS A 2612 -101.88 42.12 35.34
C CYS A 2612 -101.01 43.37 35.40
N ARG A 2613 -99.70 43.24 35.66
CA ARG A 2613 -98.85 44.40 35.85
C ARG A 2613 -98.40 45.03 34.53
N TYR A 2614 -98.49 44.32 33.42
CA TYR A 2614 -97.95 44.81 32.15
C TYR A 2614 -98.99 44.98 31.05
N ILE A 2615 -100.22 44.51 31.24
CA ILE A 2615 -101.24 44.66 30.22
C ILE A 2615 -101.72 46.12 30.19
N ARG A 2616 -102.12 46.57 29.01
CA ARG A 2616 -102.66 47.92 28.89
C ARG A 2616 -103.94 48.04 29.70
N PRO A 2617 -104.20 49.21 30.30
CA PRO A 2617 -105.40 49.35 31.14
C PRO A 2617 -106.70 49.13 30.39
N SER A 2618 -106.75 49.44 29.09
CA SER A 2618 -107.99 49.29 28.34
C SER A 2618 -108.32 47.83 28.05
N MET A 2619 -107.40 46.90 28.31
CA MET A 2619 -107.63 45.49 28.02
C MET A 2619 -108.15 44.70 29.21
N LEU A 2620 -108.33 45.34 30.36
CA LEU A 2620 -108.75 44.64 31.59
C LEU A 2620 -110.20 44.88 31.94
N GLN A 2621 -111.03 45.30 30.98
CA GLN A 2621 -112.40 45.69 31.29
C GLN A 2621 -113.25 44.49 31.73
N HIS A 2622 -113.15 43.37 31.02
CA HIS A 2622 -113.98 42.22 31.35
C HIS A 2622 -113.61 41.61 32.70
N LEU A 2623 -112.32 41.55 33.00
CA LEU A 2623 -111.89 41.08 34.32
C LEU A 2623 -112.43 42.00 35.41
N LEU A 2624 -112.42 43.31 35.16
CA LEU A 2624 -113.02 44.24 36.12
C LEU A 2624 -114.51 44.00 36.27
N ARG A 2625 -115.19 43.67 35.17
CA ARG A 2625 -116.62 43.38 35.23
C ARG A 2625 -116.89 42.17 36.12
N ARG A 2626 -116.07 41.11 35.96
CA ARG A 2626 -116.22 39.94 36.83
C ARG A 2626 -115.90 40.27 38.28
N LEU A 2627 -114.85 41.07 38.51
CA LEU A 2627 -114.43 41.42 39.85
C LEU A 2627 -115.50 42.25 40.56
N VAL A 2628 -116.20 43.11 39.83
CA VAL A 2628 -117.26 43.92 40.42
C VAL A 2628 -118.34 43.03 41.01
N PHE A 2629 -118.67 41.93 40.34
CA PHE A 2629 -119.63 40.99 40.91
C PHE A 2629 -119.04 40.21 42.06
N ASP A 2630 -117.79 39.74 41.92
CA ASP A 2630 -117.25 38.81 42.90
C ASP A 2630 -116.89 39.48 44.23
N VAL A 2631 -116.21 40.62 44.20
CA VAL A 2631 -115.54 41.19 45.37
C VAL A 2631 -116.48 41.59 46.51
N PRO A 2632 -117.53 42.39 46.28
CA PRO A 2632 -118.19 43.07 47.41
C PRO A 2632 -118.88 42.15 48.40
N ILE A 2633 -118.82 40.83 48.22
CA ILE A 2633 -119.38 39.93 49.23
C ILE A 2633 -118.44 39.80 50.43
N LEU A 2634 -117.13 39.98 50.23
CA LEU A 2634 -116.15 39.93 51.31
C LEU A 2634 -116.15 38.58 52.01
N ASN A 2635 -116.00 37.51 51.24
CA ASN A 2635 -115.88 36.18 51.82
C ASN A 2635 -114.42 35.91 52.18
N GLU A 2636 -114.14 34.65 52.53
CA GLU A 2636 -112.76 34.25 52.80
C GLU A 2636 -111.93 34.18 51.53
N PHE A 2637 -112.58 34.14 50.36
CA PHE A 2637 -111.88 34.06 49.09
C PHE A 2637 -111.49 35.43 48.54
N ALA A 2638 -111.84 36.51 49.23
CA ALA A 2638 -111.62 37.85 48.71
C ALA A 2638 -110.29 38.45 49.11
N LYS A 2639 -109.43 37.70 49.80
CA LYS A 2639 -108.14 38.24 50.22
C LYS A 2639 -107.27 38.59 49.01
N MET A 2640 -107.28 37.74 47.99
CA MET A 2640 -106.41 37.98 46.83
C MET A 2640 -106.94 39.07 45.91
N PRO A 2641 -108.23 39.06 45.51
CA PRO A 2641 -108.69 40.07 44.54
C PRO A 2641 -108.44 41.51 44.98
N LEU A 2642 -108.66 41.82 46.26
CA LEU A 2642 -108.50 43.21 46.71
C LEU A 2642 -107.12 43.74 46.39
N LYS A 2643 -106.08 43.00 46.77
CA LYS A 2643 -104.71 43.41 46.46
C LYS A 2643 -104.56 43.72 44.98
N LEU A 2644 -105.12 42.88 44.10
CA LEU A 2644 -105.03 43.12 42.67
C LEU A 2644 -105.54 44.51 42.33
N LEU A 2645 -106.75 44.84 42.79
CA LEU A 2645 -107.31 46.16 42.52
C LEU A 2645 -106.41 47.24 43.10
N THR A 2646 -105.87 46.99 44.29
CA THR A 2646 -105.00 47.98 44.92
C THR A 2646 -103.80 48.29 44.04
N ASN A 2647 -103.26 47.27 43.36
CA ASN A 2647 -102.11 47.50 42.51
C ASN A 2647 -102.52 48.12 41.18
N HIS A 2648 -103.78 47.98 40.79
CA HIS A 2648 -104.20 48.49 39.49
C HIS A 2648 -104.39 49.99 39.52
N TYR A 2649 -105.31 50.46 40.37
CA TYR A 2649 -105.66 51.88 40.38
C TYR A 2649 -104.49 52.74 40.84
N GLU A 2650 -103.59 52.19 41.65
CA GLU A 2650 -102.40 52.94 42.04
C GLU A 2650 -101.46 53.17 40.85
N ARG A 2651 -101.49 52.26 39.87
CA ARG A 2651 -100.58 52.39 38.73
C ARG A 2651 -101.19 53.24 37.62
N CYS A 2652 -102.50 53.10 37.40
CA CYS A 2652 -103.17 53.72 36.26
C CYS A 2652 -104.12 54.84 36.66
N TRP A 2653 -103.74 55.66 37.65
CA TRP A 2653 -104.64 56.73 38.10
C TRP A 2653 -104.75 57.84 37.07
N LYS A 2654 -103.68 58.10 36.31
CA LYS A 2654 -103.75 59.11 35.25
C LYS A 2654 -104.71 58.70 34.15
N TYR A 2655 -104.87 57.40 33.92
CA TYR A 2655 -105.76 56.93 32.86
C TYR A 2655 -107.21 57.28 33.16
N TYR A 2656 -107.57 57.37 34.44
CA TYR A 2656 -108.94 57.65 34.83
C TYR A 2656 -109.17 59.10 35.25
N CYS A 2657 -108.13 59.78 35.74
CA CYS A 2657 -108.33 61.10 36.35
C CYS A 2657 -108.20 62.23 35.34
N LEU A 2658 -107.04 62.35 34.69
CA LEU A 2658 -106.74 63.51 33.87
C LEU A 2658 -107.62 63.52 32.61
N PRO A 2659 -108.09 64.70 32.17
CA PRO A 2659 -108.86 64.76 30.92
C PRO A 2659 -108.07 64.31 29.71
N THR A 2660 -106.76 64.57 29.66
CA THR A 2660 -105.93 64.11 28.55
C THR A 2660 -105.51 62.66 28.71
N GLY A 2661 -105.72 62.06 29.89
CA GLY A 2661 -105.39 60.68 30.09
C GLY A 2661 -103.90 60.43 30.21
N TRP A 2662 -103.53 59.16 30.08
CA TRP A 2662 -102.15 58.73 30.18
C TRP A 2662 -101.52 58.72 28.79
N ALA A 2663 -100.25 59.11 28.73
CA ALA A 2663 -99.56 59.21 27.44
C ALA A 2663 -99.46 57.83 26.78
N ASN A 2664 -99.86 57.78 25.52
CA ASN A 2664 -99.86 56.59 24.66
C ASN A 2664 -100.86 55.53 25.10
N PHE A 2665 -101.70 55.81 26.10
CA PHE A 2665 -102.72 54.86 26.53
C PHE A 2665 -104.14 55.38 26.35
N GLY A 2666 -104.32 56.65 26.00
CA GLY A 2666 -105.65 57.17 25.77
C GLY A 2666 -106.35 57.58 27.05
N VAL A 2667 -107.68 57.63 26.97
CA VAL A 2667 -108.53 58.04 28.08
C VAL A 2667 -109.57 56.96 28.33
N THR A 2668 -110.13 56.98 29.54
CA THR A 2668 -111.12 55.98 29.92
C THR A 2668 -112.46 56.27 29.26
N SER A 2669 -113.35 55.28 29.34
CA SER A 2669 -114.70 55.44 28.82
C SER A 2669 -115.69 55.57 29.99
N GLU A 2670 -116.96 55.79 29.63
CA GLU A 2670 -117.99 55.98 30.65
C GLU A 2670 -118.23 54.71 31.46
N GLU A 2671 -118.23 53.56 30.78
CA GLU A 2671 -118.55 52.30 31.46
C GLU A 2671 -117.52 51.95 32.53
N GLU A 2672 -116.24 52.21 32.26
CA GLU A 2672 -115.22 51.93 33.26
C GLU A 2672 -115.40 52.78 34.50
N LEU A 2673 -115.71 54.07 34.33
CA LEU A 2673 -115.96 54.93 35.48
C LEU A 2673 -117.19 54.48 36.25
N HIS A 2674 -118.24 54.07 35.53
CA HIS A 2674 -119.44 53.56 36.19
C HIS A 2674 -119.12 52.32 37.02
N LEU A 2675 -118.34 51.40 36.45
CA LEU A 2675 -117.95 50.20 37.18
C LEU A 2675 -117.13 50.54 38.41
N THR A 2676 -116.20 51.49 38.28
CA THR A 2676 -115.39 51.89 39.43
C THR A 2676 -116.24 52.48 40.55
N ARG A 2677 -117.18 53.35 40.19
CA ARG A 2677 -118.07 53.95 41.20
C ARG A 2677 -118.92 52.88 41.87
N LYS A 2678 -119.47 51.95 41.10
CA LYS A 2678 -120.26 50.87 41.68
C LYS A 2678 -119.43 50.03 42.63
N LEU A 2679 -118.20 49.69 42.23
CA LEU A 2679 -117.32 48.89 43.08
C LEU A 2679 -117.02 49.62 44.39
N PHE A 2680 -116.69 50.90 44.30
CA PHE A 2680 -116.38 51.67 45.50
C PHE A 2680 -117.57 51.70 46.46
N TRP A 2681 -118.75 52.05 45.96
CA TRP A 2681 -119.90 52.16 46.85
C TRP A 2681 -120.31 50.80 47.40
N GLY A 2682 -120.22 49.74 46.60
CA GLY A 2682 -120.53 48.42 47.09
C GLY A 2682 -119.60 47.99 48.21
N ILE A 2683 -118.29 48.20 48.02
CA ILE A 2683 -117.33 47.83 49.05
C ILE A 2683 -117.58 48.63 50.33
N PHE A 2684 -117.83 49.94 50.19
CA PHE A 2684 -118.08 50.78 51.36
C PHE A 2684 -119.32 50.30 52.13
N ASP A 2685 -120.42 50.07 51.41
CA ASP A 2685 -121.64 49.63 52.07
C ASP A 2685 -121.47 48.27 52.72
N SER A 2686 -120.78 47.35 52.06
CA SER A 2686 -120.57 46.02 52.62
C SER A 2686 -119.71 46.09 53.88
N LEU A 2687 -118.65 46.90 53.86
CA LEU A 2687 -117.77 47.00 55.02
C LEU A 2687 -118.41 47.78 56.15
N ALA A 2688 -119.44 48.58 55.87
CA ALA A 2688 -120.08 49.35 56.92
C ALA A 2688 -120.69 48.44 58.00
N HIS A 2689 -121.33 47.34 57.59
CA HIS A 2689 -122.08 46.52 58.52
C HIS A 2689 -121.28 45.35 59.11
N LYS A 2690 -120.13 45.02 58.52
CA LYS A 2690 -119.40 43.83 58.96
C LYS A 2690 -118.82 44.02 60.35
N LYS A 2691 -118.69 42.90 61.07
CA LYS A 2691 -118.09 42.92 62.39
C LYS A 2691 -116.58 43.16 62.28
N TYR A 2692 -115.97 43.53 63.40
CA TYR A 2692 -114.56 43.90 63.40
C TYR A 2692 -113.68 42.68 63.12
N ASP A 2693 -112.67 42.89 62.27
CA ASP A 2693 -111.65 41.90 61.96
C ASP A 2693 -110.39 42.64 61.51
N PRO A 2694 -109.29 42.58 62.28
CA PRO A 2694 -108.11 43.38 61.91
C PRO A 2694 -107.57 43.07 60.51
N GLU A 2695 -107.53 41.80 60.13
CA GLU A 2695 -107.00 41.45 58.81
C GLU A 2695 -107.87 42.01 57.70
N LEU A 2696 -109.20 41.92 57.85
CA LEU A 2696 -110.10 42.44 56.83
C LEU A 2696 -109.92 43.95 56.65
N TYR A 2697 -109.84 44.68 57.77
CA TYR A 2697 -109.65 46.13 57.68
C TYR A 2697 -108.30 46.47 57.05
N ARG A 2698 -107.24 45.77 57.45
CA ARG A 2698 -105.91 46.04 56.89
C ARG A 2698 -105.88 45.76 55.40
N MET A 2699 -106.61 44.75 54.94
CA MET A 2699 -106.64 44.44 53.51
C MET A 2699 -107.54 45.40 52.75
N ALA A 2700 -108.59 45.92 53.38
CA ALA A 2700 -109.60 46.68 52.65
C ALA A 2700 -109.30 48.17 52.59
N MET A 2701 -108.63 48.73 53.60
CA MET A 2701 -108.44 50.18 53.63
C MET A 2701 -107.65 50.70 52.43
N PRO A 2702 -106.47 50.14 52.07
CA PRO A 2702 -105.75 50.67 50.91
C PRO A 2702 -106.53 50.59 49.61
N CYS A 2703 -107.35 49.54 49.44
CA CYS A 2703 -108.15 49.43 48.23
C CYS A 2703 -109.14 50.57 48.11
N LEU A 2704 -109.82 50.90 49.22
CA LEU A 2704 -110.74 52.03 49.21
C LEU A 2704 -110.01 53.33 48.92
N CYS A 2705 -108.84 53.54 49.54
CA CYS A 2705 -108.09 54.76 49.28
C CYS A 2705 -107.69 54.88 47.81
N ALA A 2706 -107.20 53.79 47.22
CA ALA A 2706 -106.78 53.82 45.82
C ALA A 2706 -107.97 54.08 44.90
N ILE A 2707 -109.09 53.39 45.13
CA ILE A 2707 -110.25 53.60 44.28
C ILE A 2707 -110.76 55.03 44.38
N ALA A 2708 -110.80 55.57 45.60
CA ALA A 2708 -111.24 56.95 45.78
C ALA A 2708 -110.30 57.92 45.08
N GLY A 2709 -108.99 57.69 45.18
CA GLY A 2709 -108.04 58.58 44.54
C GLY A 2709 -107.99 58.48 43.04
N ALA A 2710 -108.44 57.36 42.47
CA ALA A 2710 -108.39 57.19 41.03
C ALA A 2710 -109.61 57.75 40.31
N LEU A 2711 -110.58 58.32 41.04
CA LEU A 2711 -111.82 58.75 40.41
C LEU A 2711 -111.90 60.27 40.37
N PRO A 2712 -112.33 60.87 39.26
CA PRO A 2712 -112.49 62.33 39.21
C PRO A 2712 -113.52 62.80 40.21
N PRO A 2713 -113.31 63.98 40.81
CA PRO A 2713 -114.24 64.44 41.85
C PRO A 2713 -115.57 64.94 41.29
N ASP A 2714 -115.60 65.41 40.05
CA ASP A 2714 -116.80 65.99 39.47
C ASP A 2714 -117.52 65.04 38.51
N TYR A 2715 -117.17 63.75 38.52
CA TYR A 2715 -117.82 62.81 37.62
C TYR A 2715 -119.30 62.65 37.96
N VAL A 2716 -120.12 62.61 36.91
CA VAL A 2716 -121.57 62.44 37.05
C VAL A 2716 -121.96 61.19 36.26
N ASP A 2717 -122.62 60.26 36.94
CA ASP A 2717 -123.04 59.03 36.29
C ASP A 2717 -124.31 59.27 35.47
N ALA A 2718 -124.32 58.76 34.24
CA ALA A 2718 -125.46 58.92 33.37
C ALA A 2718 -126.63 58.05 33.83
N ASN A 2735 -125.23 38.06 38.87
CA ASN A 2735 -126.51 37.63 39.44
C ASN A 2735 -127.70 38.17 38.59
N PHE A 2736 -127.60 38.05 37.23
CA PHE A 2736 -128.55 38.55 36.22
C PHE A 2736 -129.98 37.98 36.32
N ASP A 2737 -130.90 38.83 36.77
CA ASP A 2737 -132.32 38.51 36.86
C ASP A 2737 -133.07 39.49 35.92
N PRO A 2738 -133.15 39.20 34.59
CA PRO A 2738 -133.84 40.13 33.68
C PRO A 2738 -135.35 40.21 33.94
N ARG A 2739 -135.82 41.42 34.24
CA ARG A 2739 -137.23 41.65 34.49
C ARG A 2739 -137.74 42.68 33.45
N PRO A 2740 -138.06 42.24 32.21
CA PRO A 2740 -138.60 43.19 31.23
C PRO A 2740 -140.01 43.61 31.65
N VAL A 2741 -140.47 44.77 31.17
CA VAL A 2741 -141.79 45.30 31.52
C VAL A 2741 -142.88 44.31 31.02
N GLU A 2742 -143.96 44.12 31.80
CA GLU A 2742 -145.04 43.20 31.43
C GLU A 2742 -145.89 43.83 30.32
N THR A 2743 -145.95 43.15 29.17
CA THR A 2743 -146.68 43.63 27.99
C THR A 2743 -147.91 42.78 27.59
N LEU A 2744 -148.04 41.53 28.09
CA LEU A 2744 -149.13 40.60 27.72
C LEU A 2744 -150.56 41.17 27.79
N ASN A 2745 -150.87 41.98 28.80
CA ASN A 2745 -152.20 42.55 28.97
C ASN A 2745 -152.31 44.00 28.41
N VAL A 2746 -151.23 44.51 27.74
CA VAL A 2746 -151.18 45.86 27.19
C VAL A 2746 -151.92 45.92 25.86
N ILE A 2747 -152.92 46.81 25.75
CA ILE A 2747 -153.72 47.02 24.54
C ILE A 2747 -153.15 48.22 23.77
N ILE A 2748 -152.84 48.03 22.48
CA ILE A 2748 -152.37 49.13 21.63
C ILE A 2748 -153.62 49.80 21.04
N PRO A 2749 -153.78 51.15 21.10
CA PRO A 2749 -154.96 51.78 20.47
C PRO A 2749 -154.94 51.49 18.96
N GLU A 2750 -156.13 51.19 18.42
CA GLU A 2750 -156.39 50.88 17.02
C GLU A 2750 -155.88 51.96 16.07
N LYS A 2751 -155.85 53.25 16.53
CA LYS A 2751 -155.37 54.37 15.73
C LYS A 2751 -153.86 54.24 15.36
N LEU A 2752 -153.11 53.33 16.04
CA LEU A 2752 -151.70 53.05 15.76
C LEU A 2752 -151.50 51.94 14.69
N ASP A 2753 -152.59 51.24 14.26
CA ASP A 2753 -152.52 50.14 13.27
C ASP A 2753 -151.89 50.55 11.94
N SER A 2754 -152.17 51.78 11.47
CA SER A 2754 -151.64 52.31 10.21
C SER A 2754 -150.16 52.54 10.35
N PHE A 2755 -149.73 53.09 11.55
CA PHE A 2755 -148.32 53.31 11.87
C PHE A 2755 -147.58 51.96 11.87
N ILE A 2756 -148.15 50.92 12.54
CA ILE A 2756 -147.60 49.55 12.64
C ILE A 2756 -147.34 48.97 11.22
N ASN A 2757 -148.36 49.07 10.34
CA ASN A 2757 -148.33 48.62 8.94
C ASN A 2757 -147.25 49.34 8.13
N LYS A 2758 -147.13 50.71 8.28
CA LYS A 2758 -146.13 51.55 7.57
C LYS A 2758 -144.73 51.18 8.01
N PHE A 2759 -144.52 51.02 9.34
CA PHE A 2759 -143.21 50.68 9.90
C PHE A 2759 -142.82 49.25 9.54
N ALA A 2760 -143.80 48.31 9.47
CA ALA A 2760 -143.56 46.90 9.08
C ALA A 2760 -143.07 46.84 7.63
N GLU A 2761 -143.73 47.60 6.73
CA GLU A 2761 -143.35 47.68 5.33
C GLU A 2761 -141.95 48.30 5.23
N TYR A 2762 -141.69 49.37 6.01
CA TYR A 2762 -140.38 50.03 6.02
C TYR A 2762 -139.28 49.04 6.42
N THR A 2763 -139.48 48.31 7.55
CA THR A 2763 -138.57 47.30 8.11
C THR A 2763 -138.24 46.25 7.03
N HIS A 2764 -139.27 45.75 6.31
CA HIS A 2764 -139.13 44.79 5.21
C HIS A 2764 -138.28 45.37 4.09
N GLU A 2765 -138.65 46.58 3.61
CA GLU A 2765 -137.98 47.30 2.55
C GLU A 2765 -136.51 47.52 2.86
N LYS A 2766 -136.16 47.86 4.14
CA LYS A 2766 -134.78 48.07 4.60
C LYS A 2766 -134.01 46.74 4.57
N TRP A 2767 -134.62 45.65 5.10
CA TRP A 2767 -134.03 44.31 5.07
C TRP A 2767 -133.82 43.84 3.62
N ALA A 2768 -134.83 44.07 2.75
CA ALA A 2768 -134.78 43.69 1.34
C ALA A 2768 -133.73 44.49 0.58
N PHE A 2769 -133.66 45.83 0.80
CA PHE A 2769 -132.69 46.75 0.18
C PHE A 2769 -131.25 46.27 0.44
N ASP A 2770 -130.90 46.02 1.73
CA ASP A 2770 -129.57 45.58 2.15
C ASP A 2770 -129.15 44.29 1.45
N LYS A 2771 -130.08 43.32 1.33
CA LYS A 2771 -129.89 42.03 0.67
C LYS A 2771 -129.69 42.18 -0.86
N ILE A 2772 -130.61 42.91 -1.55
CA ILE A 2772 -130.61 43.17 -2.99
C ILE A 2772 -129.32 43.92 -3.43
N GLN A 2773 -128.80 44.83 -2.57
CA GLN A 2773 -127.55 45.57 -2.81
C GLN A 2773 -126.33 44.67 -2.55
N ASN A 2774 -126.55 43.61 -1.75
CA ASN A 2774 -125.50 42.60 -1.52
C ASN A 2774 -125.69 41.50 -2.58
N ASN A 2775 -126.51 41.77 -3.61
CA ASN A 2775 -126.75 40.88 -4.80
C ASN A 2775 -127.66 39.67 -4.52
N TRP A 2776 -128.56 39.79 -3.53
CA TRP A 2776 -129.53 38.70 -3.26
C TRP A 2776 -130.78 38.90 -4.11
N SER A 2777 -131.41 37.81 -4.55
CA SER A 2777 -132.60 37.91 -5.43
C SER A 2777 -133.69 36.91 -4.99
N TYR A 2778 -134.92 37.08 -5.52
CA TYR A 2778 -136.04 36.19 -5.21
C TYR A 2778 -135.80 34.79 -5.80
N GLY A 2779 -136.35 33.79 -5.12
CA GLY A 2779 -136.29 32.37 -5.48
C GLY A 2779 -136.94 31.57 -4.37
N GLU A 2780 -137.59 30.46 -4.75
CA GLU A 2780 -138.34 29.54 -3.87
C GLU A 2780 -137.64 29.19 -2.54
N ASN A 2781 -136.31 28.99 -2.56
CA ASN A 2781 -135.48 28.58 -1.42
C ASN A 2781 -134.62 29.68 -0.79
N ILE A 2782 -134.21 29.46 0.48
CA ILE A 2782 -133.25 30.26 1.23
C ILE A 2782 -131.86 29.71 1.09
N ASP A 2783 -131.10 30.17 0.07
CA ASP A 2783 -129.76 29.65 -0.23
C ASP A 2783 -128.68 30.72 -0.07
N GLU A 2784 -127.77 30.48 0.90
CA GLU A 2784 -126.63 31.33 1.27
C GLU A 2784 -125.60 31.44 0.15
N GLU A 2785 -125.38 30.34 -0.60
CA GLU A 2785 -124.41 30.26 -1.69
C GLU A 2785 -124.90 31.00 -2.95
N LEU A 2786 -126.11 30.65 -3.45
CA LEU A 2786 -126.71 31.22 -4.66
C LEU A 2786 -127.33 32.62 -4.46
N LYS A 2787 -127.35 33.14 -3.20
CA LYS A 2787 -127.91 34.45 -2.77
C LYS A 2787 -129.42 34.56 -3.13
N THR A 2788 -130.21 33.60 -2.65
CA THR A 2788 -131.64 33.59 -2.94
C THR A 2788 -132.48 33.49 -1.63
N HIS A 2789 -133.64 34.17 -1.60
CA HIS A 2789 -134.57 34.22 -0.47
C HIS A 2789 -136.01 34.43 -0.98
N PRO A 2790 -137.02 33.62 -0.55
CA PRO A 2790 -138.39 33.80 -1.07
C PRO A 2790 -139.12 35.05 -0.55
N MET A 2791 -138.54 35.76 0.44
CA MET A 2791 -139.16 36.96 1.01
C MET A 2791 -138.70 38.24 0.31
N LEU A 2792 -137.78 38.11 -0.68
CA LEU A 2792 -137.29 39.24 -1.46
C LEU A 2792 -138.30 39.58 -2.55
N ARG A 2793 -139.47 40.06 -2.10
CA ARG A 2793 -140.63 40.44 -2.91
C ARG A 2793 -141.38 41.62 -2.25
N PRO A 2794 -142.32 42.35 -2.93
CA PRO A 2794 -143.00 43.47 -2.24
C PRO A 2794 -143.80 43.03 -1.02
N TYR A 2795 -143.84 43.89 0.03
CA TYR A 2795 -144.56 43.66 1.29
C TYR A 2795 -146.06 43.44 1.05
N LYS A 2796 -146.59 44.02 -0.05
CA LYS A 2796 -147.97 43.93 -0.53
C LYS A 2796 -148.31 42.50 -0.94
N THR A 2797 -147.31 41.70 -1.35
CA THR A 2797 -147.48 40.31 -1.78
C THR A 2797 -147.54 39.33 -0.60
N PHE A 2798 -147.29 39.82 0.64
CA PHE A 2798 -147.34 38.98 1.84
C PHE A 2798 -148.76 38.88 2.34
N SER A 2799 -149.11 37.75 2.96
CA SER A 2799 -150.42 37.56 3.56
C SER A 2799 -150.39 38.29 4.92
N GLU A 2800 -151.55 38.50 5.57
CA GLU A 2800 -151.62 39.16 6.88
C GLU A 2800 -150.82 38.40 7.95
N LYS A 2801 -150.89 37.05 7.96
CA LYS A 2801 -150.14 36.18 8.87
C LYS A 2801 -148.63 36.31 8.62
N ASP A 2802 -148.20 36.36 7.33
CA ASP A 2802 -146.80 36.58 6.95
C ASP A 2802 -146.27 37.96 7.38
N LYS A 2803 -147.13 39.00 7.30
CA LYS A 2803 -146.79 40.37 7.72
C LYS A 2803 -146.48 40.43 9.22
N GLU A 2804 -146.92 39.42 10.01
CA GLU A 2804 -146.65 39.32 11.45
C GLU A 2804 -145.18 39.11 11.75
N ILE A 2805 -144.37 38.59 10.78
CA ILE A 2805 -142.91 38.48 10.93
C ILE A 2805 -142.38 39.90 11.30
N TYR A 2806 -142.99 40.97 10.71
CA TYR A 2806 -142.57 42.35 10.99
C TYR A 2806 -143.41 43.06 12.07
N ARG A 2807 -144.72 42.84 12.06
CA ARG A 2807 -145.62 43.54 13.02
C ARG A 2807 -145.41 43.05 14.46
N TRP A 2808 -145.21 41.75 14.67
CA TRP A 2808 -145.06 41.19 16.05
C TRP A 2808 -143.91 41.84 16.83
N PRO A 2809 -142.69 42.03 16.27
CA PRO A 2809 -141.64 42.75 17.00
C PRO A 2809 -142.01 44.21 17.27
N ILE A 2810 -142.70 44.87 16.34
CA ILE A 2810 -143.05 46.33 16.46
C ILE A 2810 -144.08 46.52 17.58
N LYS A 2811 -145.12 45.70 17.59
CA LYS A 2811 -146.18 45.83 18.63
C LYS A 2811 -145.56 45.68 20.02
N GLU A 2812 -144.71 44.66 20.19
CA GLU A 2812 -143.98 44.39 21.43
C GLU A 2812 -143.26 45.64 21.90
N SER A 2813 -142.62 46.37 20.96
CA SER A 2813 -141.94 47.63 21.25
C SER A 2813 -142.97 48.65 21.71
N LEU A 2814 -144.06 48.80 20.95
CA LEU A 2814 -145.15 49.75 21.25
C LEU A 2814 -145.80 49.45 22.59
N LYS A 2815 -146.02 48.16 22.90
CA LYS A 2815 -146.59 47.70 24.18
C LYS A 2815 -145.72 48.12 25.35
N ALA A 2816 -144.38 47.98 25.21
CA ALA A 2816 -143.40 48.38 26.24
C ALA A 2816 -143.50 49.89 26.53
N MET A 2817 -143.60 50.71 25.46
CA MET A 2817 -143.73 52.17 25.53
C MET A 2817 -145.03 52.55 26.26
N ILE A 2818 -146.14 51.84 25.94
CA ILE A 2818 -147.44 52.07 26.55
C ILE A 2818 -147.44 51.62 28.03
N ALA A 2819 -146.81 50.45 28.36
CA ALA A 2819 -146.72 50.00 29.76
C ALA A 2819 -145.96 51.03 30.64
N TRP A 2820 -144.96 51.74 30.05
CA TRP A 2820 -144.20 52.78 30.75
C TRP A 2820 -144.94 54.12 30.80
N GLU A 2821 -146.18 54.17 30.26
CA GLU A 2821 -147.06 55.36 30.20
C GLU A 2821 -146.41 56.51 29.42
N TRP A 2822 -145.68 56.13 28.35
CA TRP A 2822 -145.11 57.10 27.42
C TRP A 2822 -146.27 57.49 26.52
N THR A 2823 -146.25 58.73 26.02
CA THR A 2823 -147.29 59.22 25.11
C THR A 2823 -146.79 59.10 23.67
N ILE A 2824 -147.69 58.65 22.77
CA ILE A 2824 -147.45 58.51 21.33
C ILE A 2824 -148.66 59.21 20.67
N GLU A 2825 -148.44 60.42 20.13
CA GLU A 2825 -149.53 61.20 19.53
C GLU A 2825 -149.11 61.83 18.22
N LYS A 2826 -149.95 61.68 17.19
CA LYS A 2826 -149.72 62.28 15.87
C LYS A 2826 -149.90 63.80 16.02
N ALA A 2827 -148.89 64.59 15.63
CA ALA A 2827 -148.90 66.05 15.80
C ALA A 2827 -148.57 66.83 14.52
N ARG A 2828 -148.01 66.15 13.49
CA ARG A 2828 -147.61 66.77 12.21
C ARG A 2828 -147.99 65.82 11.09
N GLU A 2829 -147.85 66.28 9.83
CA GLU A 2829 -148.08 65.47 8.63
C GLU A 2829 -147.00 64.37 8.57
N GLY A 2830 -147.38 63.17 8.12
CA GLY A 2830 -146.42 62.05 8.07
C GLY A 2830 -145.33 62.26 7.05
N GLU A 2831 -144.46 63.25 7.26
CA GLU A 2831 -143.35 63.55 6.31
C GLU A 2831 -142.55 62.27 6.06
N ALA A 2852 -130.12 49.93 -10.21
CA ALA A 2852 -131.44 49.32 -10.28
C ALA A 2852 -131.36 47.89 -10.76
N ARG A 2853 -131.62 46.91 -9.85
CA ARG A 2853 -131.54 45.48 -10.10
C ARG A 2853 -132.77 44.95 -10.86
N GLU A 2854 -132.71 43.66 -11.24
CA GLU A 2854 -133.74 42.91 -11.95
C GLU A 2854 -134.89 42.55 -10.97
N GLY A 2855 -136.08 43.05 -11.27
CA GLY A 2855 -137.28 42.79 -10.48
C GLY A 2855 -137.56 43.76 -9.35
N TYR A 2856 -137.75 43.23 -8.13
CA TYR A 2856 -138.05 43.99 -6.91
C TYR A 2856 -136.91 44.93 -6.54
N ASN A 2857 -137.22 46.24 -6.46
CA ASN A 2857 -136.24 47.26 -6.09
C ASN A 2857 -136.81 48.20 -5.03
N PRO A 2858 -136.74 47.79 -3.74
CA PRO A 2858 -137.27 48.67 -2.69
C PRO A 2858 -136.32 49.84 -2.45
N GLN A 2859 -136.87 51.05 -2.34
CA GLN A 2859 -136.07 52.25 -2.06
C GLN A 2859 -136.61 52.86 -0.76
N PRO A 2860 -136.26 52.29 0.42
CA PRO A 2860 -136.80 52.84 1.68
C PRO A 2860 -136.21 54.22 1.99
N PRO A 2861 -136.93 55.11 2.72
CA PRO A 2861 -136.33 56.40 3.07
C PRO A 2861 -135.10 56.23 3.96
N ASP A 2862 -134.14 57.15 3.84
CA ASP A 2862 -132.91 57.15 4.62
C ASP A 2862 -133.21 57.80 5.97
N LEU A 2863 -132.97 57.05 7.06
CA LEU A 2863 -133.22 57.50 8.44
C LEU A 2863 -131.96 58.08 9.11
N SER A 2864 -130.86 58.24 8.33
CA SER A 2864 -129.59 58.84 8.78
C SER A 2864 -129.71 60.38 8.95
N GLY A 2865 -130.65 60.99 8.22
CA GLY A 2865 -130.94 62.43 8.28
C GLY A 2865 -131.94 62.79 9.36
N VAL A 2866 -132.58 61.78 9.99
CA VAL A 2866 -133.56 61.97 11.08
C VAL A 2866 -132.74 62.06 12.37
N THR A 2867 -132.87 63.20 13.06
CA THR A 2867 -132.16 63.52 14.29
C THR A 2867 -133.05 63.30 15.51
N LEU A 2868 -132.51 62.61 16.50
CA LEU A 2868 -133.19 62.37 17.77
C LEU A 2868 -132.63 63.34 18.81
N SER A 2869 -133.53 63.92 19.62
CA SER A 2869 -133.14 64.81 20.73
C SER A 2869 -132.45 63.93 21.79
N ARG A 2870 -131.85 64.57 22.83
CA ARG A 2870 -131.22 63.88 23.96
C ARG A 2870 -132.25 62.99 24.63
N GLU A 2871 -133.49 63.51 24.77
CA GLU A 2871 -134.61 62.82 25.39
C GLU A 2871 -134.99 61.54 24.63
N LEU A 2872 -135.13 61.60 23.30
CA LEU A 2872 -135.50 60.45 22.48
C LEU A 2872 -134.38 59.42 22.45
N GLN A 2873 -133.12 59.86 22.51
CA GLN A 2873 -131.96 58.95 22.57
C GLN A 2873 -131.94 58.21 23.90
N ALA A 2874 -132.34 58.89 25.02
CA ALA A 2874 -132.45 58.29 26.36
C ALA A 2874 -133.59 57.25 26.32
N MET A 2875 -134.69 57.56 25.60
CA MET A 2875 -135.85 56.66 25.40
C MET A 2875 -135.46 55.45 24.58
N ALA A 2876 -134.62 55.64 23.54
CA ALA A 2876 -134.11 54.55 22.69
C ALA A 2876 -133.28 53.59 23.56
N GLU A 2877 -132.45 54.13 24.48
CA GLU A 2877 -131.59 53.38 25.41
C GLU A 2877 -132.45 52.54 26.35
N GLN A 2878 -133.56 53.11 26.84
CA GLN A 2878 -134.52 52.38 27.70
C GLN A 2878 -135.22 51.24 26.90
N LEU A 2879 -135.61 51.48 25.63
CA LEU A 2879 -136.22 50.43 24.79
C LEU A 2879 -135.19 49.31 24.53
N ALA A 2880 -133.94 49.70 24.18
CA ALA A 2880 -132.82 48.80 23.91
C ALA A 2880 -132.55 47.85 25.10
N GLU A 2881 -132.54 48.41 26.34
CA GLU A 2881 -132.37 47.66 27.58
C GLU A 2881 -133.50 46.65 27.73
N ASN A 2882 -134.74 47.06 27.39
CA ASN A 2882 -135.88 46.18 27.46
C ASN A 2882 -135.78 45.04 26.44
N TYR A 2883 -135.19 45.29 25.24
CA TYR A 2883 -134.99 44.25 24.21
C TYR A 2883 -134.00 43.22 24.75
N HIS A 2884 -132.97 43.71 25.45
CA HIS A 2884 -131.93 42.91 26.10
C HIS A 2884 -132.53 42.05 27.21
N ASN A 2885 -133.41 42.64 28.03
CA ASN A 2885 -134.06 41.94 29.15
C ASN A 2885 -135.08 40.91 28.69
N THR A 2886 -135.80 41.22 27.56
CA THR A 2886 -136.81 40.35 26.93
C THR A 2886 -136.12 39.09 26.43
N TRP A 2887 -135.06 39.29 25.61
CA TRP A 2887 -134.24 38.22 25.07
C TRP A 2887 -133.57 37.45 26.22
N GLY A 2888 -133.04 38.17 27.23
CA GLY A 2888 -132.36 37.58 28.39
C GLY A 2888 -133.23 36.65 29.20
N ARG A 2889 -134.47 37.08 29.50
CA ARG A 2889 -135.46 36.27 30.26
C ARG A 2889 -135.84 35.03 29.46
N LYS A 2890 -136.07 35.20 28.14
CA LYS A 2890 -136.42 34.09 27.23
C LYS A 2890 -135.27 33.09 27.18
N LYS A 2891 -134.02 33.58 26.99
CA LYS A 2891 -132.82 32.75 26.90
C LYS A 2891 -132.56 31.97 28.23
N LYS A 2892 -132.65 32.65 29.39
CA LYS A 2892 -132.45 32.06 30.72
C LYS A 2892 -133.47 30.92 30.93
N GLN A 2893 -134.76 31.15 30.58
CA GLN A 2893 -135.84 30.15 30.71
C GLN A 2893 -135.59 28.93 29.78
N GLU A 2894 -135.17 29.21 28.51
CA GLU A 2894 -134.83 28.19 27.52
C GLU A 2894 -133.71 27.32 28.04
N LEU A 2895 -132.58 27.93 28.49
CA LEU A 2895 -131.43 27.19 29.02
C LEU A 2895 -131.79 26.35 30.24
N GLU A 2896 -132.63 26.89 31.15
CA GLU A 2896 -133.09 26.22 32.38
C GLU A 2896 -133.93 24.99 32.09
N ALA A 2897 -134.82 25.11 31.10
CA ALA A 2897 -135.72 24.06 30.64
C ALA A 2897 -134.98 23.00 29.83
N LYS A 2898 -134.14 23.44 28.87
CA LYS A 2898 -133.43 22.56 27.95
C LYS A 2898 -132.05 22.09 28.49
N GLY A 2899 -131.81 22.36 29.78
CA GLY A 2899 -130.60 21.98 30.52
C GLY A 2899 -129.29 22.51 29.99
N GLY A 2900 -129.39 23.55 29.14
CA GLY A 2900 -128.26 24.21 28.47
C GLY A 2900 -127.26 24.87 29.40
N GLY A 2901 -126.13 25.24 28.82
CA GLY A 2901 -125.05 25.89 29.53
C GLY A 2901 -125.30 27.36 29.83
N THR A 2902 -124.40 28.21 29.32
CA THR A 2902 -124.45 29.65 29.53
C THR A 2902 -124.37 30.45 28.20
N HIS A 2903 -124.40 31.79 28.33
CA HIS A 2903 -124.36 32.74 27.24
C HIS A 2903 -123.72 34.06 27.69
N PRO A 2904 -122.73 34.59 26.93
CA PRO A 2904 -122.08 35.86 27.32
C PRO A 2904 -123.00 37.09 27.39
N LEU A 2905 -124.19 37.03 26.78
CA LEU A 2905 -125.13 38.15 26.82
C LEU A 2905 -126.05 38.06 28.03
N LEU A 2906 -125.93 37.00 28.85
CA LEU A 2906 -126.76 36.88 30.06
C LEU A 2906 -126.06 37.57 31.20
N VAL A 2907 -126.04 38.90 31.09
CA VAL A 2907 -125.40 39.86 32.02
C VAL A 2907 -126.26 41.13 32.00
N PRO A 2908 -126.22 42.02 33.03
CA PRO A 2908 -127.05 43.24 32.94
C PRO A 2908 -126.64 44.11 31.75
N TYR A 2909 -127.64 44.79 31.13
CA TYR A 2909 -127.45 45.71 30.00
C TYR A 2909 -126.42 46.79 30.33
N ASP A 2910 -126.41 47.32 31.56
CA ASP A 2910 -125.49 48.39 31.96
C ASP A 2910 -124.00 47.92 32.11
N THR A 2911 -123.71 46.60 31.91
CA THR A 2911 -122.33 46.09 31.96
C THR A 2911 -121.74 45.97 30.53
N LEU A 2912 -122.57 46.23 29.49
CA LEU A 2912 -122.19 46.10 28.07
C LEU A 2912 -121.54 47.40 27.54
N THR A 2913 -120.66 47.26 26.52
CA THR A 2913 -120.01 48.43 25.89
C THR A 2913 -120.98 49.04 24.86
N ALA A 2914 -120.66 50.24 24.31
CA ALA A 2914 -121.47 50.89 23.27
C ALA A 2914 -121.66 49.98 22.05
N LYS A 2915 -120.58 49.27 21.63
CA LYS A 2915 -120.58 48.35 20.50
C LYS A 2915 -121.42 47.09 20.78
N GLU A 2916 -121.35 46.53 22.01
CA GLU A 2916 -122.15 45.36 22.38
C GLU A 2916 -123.65 45.70 22.44
N LYS A 2917 -123.99 46.99 22.72
CA LYS A 2917 -125.36 47.51 22.80
C LYS A 2917 -125.92 47.93 21.46
N ALA A 2918 -125.05 48.18 20.47
CA ALA A 2918 -125.37 48.74 19.14
C ALA A 2918 -126.59 48.13 18.46
N ARG A 2919 -126.69 46.79 18.36
CA ARG A 2919 -127.82 46.08 17.73
C ARG A 2919 -129.19 46.47 18.32
N ASP A 2920 -129.32 46.43 19.66
CA ASP A 2920 -130.57 46.78 20.33
C ASP A 2920 -130.81 48.28 20.28
N ARG A 2921 -129.74 49.10 20.39
CA ARG A 2921 -129.81 50.57 20.32
C ARG A 2921 -130.33 51.02 18.94
N GLU A 2922 -129.78 50.45 17.86
CA GLU A 2922 -130.17 50.75 16.48
C GLU A 2922 -131.61 50.36 16.21
N LYS A 2923 -132.09 49.22 16.77
CA LYS A 2923 -133.48 48.78 16.62
C LYS A 2923 -134.43 49.84 17.26
N ALA A 2924 -134.11 50.26 18.49
CA ALA A 2924 -134.90 51.24 19.23
C ALA A 2924 -134.89 52.61 18.53
N GLN A 2925 -133.70 53.06 18.08
CA GLN A 2925 -133.50 54.32 17.36
C GLN A 2925 -134.29 54.37 16.04
N GLU A 2926 -134.26 53.27 15.26
CA GLU A 2926 -134.99 53.16 13.99
C GLU A 2926 -136.51 53.40 14.20
N LEU A 2927 -137.06 52.87 15.31
CA LEU A 2927 -138.47 52.99 15.66
C LEU A 2927 -138.83 54.44 16.00
N LEU A 2928 -138.04 55.09 16.87
CA LEU A 2928 -138.30 56.48 17.29
C LEU A 2928 -138.07 57.47 16.14
N LYS A 2929 -137.13 57.17 15.22
CA LYS A 2929 -136.86 57.99 14.03
C LYS A 2929 -138.04 57.91 13.05
N PHE A 2930 -138.55 56.70 12.80
CA PHE A 2930 -139.70 56.49 11.92
C PHE A 2930 -140.96 57.14 12.52
N LEU A 2931 -141.19 56.98 13.85
CA LEU A 2931 -142.30 57.64 14.56
C LEU A 2931 -142.20 59.16 14.30
N GLN A 2932 -141.00 59.76 14.54
CA GLN A 2932 -140.75 61.21 14.34
C GLN A 2932 -140.97 61.63 12.87
N MET A 2933 -140.39 60.87 11.92
CA MET A 2933 -140.50 61.11 10.48
C MET A 2933 -141.97 61.17 10.04
N ASN A 2934 -142.81 60.35 10.68
CA ASN A 2934 -144.25 60.23 10.40
C ASN A 2934 -145.14 61.16 11.24
N GLY A 2935 -144.55 62.18 11.83
CA GLY A 2935 -145.26 63.23 12.58
C GLY A 2935 -145.74 62.92 13.98
N TYR A 2936 -145.23 61.85 14.61
CA TYR A 2936 -145.60 61.49 15.97
C TYR A 2936 -144.68 62.17 16.98
N ALA A 2937 -145.30 62.71 18.03
CA ALA A 2937 -144.66 63.33 19.19
C ALA A 2937 -144.70 62.22 20.25
N VAL A 2938 -143.51 61.76 20.69
CA VAL A 2938 -143.31 60.70 21.66
C VAL A 2938 -142.61 61.27 22.89
N THR A 2939 -143.19 61.08 24.08
CA THR A 2939 -142.61 61.62 25.32
C THR A 2939 -142.71 60.58 26.44
N ARG A 2940 -141.84 60.69 27.45
CA ARG A 2940 -141.82 59.82 28.64
C ARG A 2940 -142.86 60.23 29.66
N GLY A 2941 -143.58 61.32 29.37
CA GLY A 2941 -144.64 61.89 30.19
C GLY A 2941 -144.18 62.48 31.52
N GLU A 2953 -125.74 68.90 41.76
CA GLU A 2953 -125.56 67.73 42.61
C GLU A 2953 -125.16 66.51 41.77
N LYS A 2954 -125.40 65.32 42.33
CA LYS A 2954 -125.10 64.04 41.68
C LYS A 2954 -123.61 63.83 41.49
N ARG A 2955 -122.78 64.78 41.93
CA ARG A 2955 -121.35 64.60 41.85
C ARG A 2955 -120.87 63.62 42.92
N PHE A 2956 -119.74 62.97 42.64
CA PHE A 2956 -119.18 61.99 43.58
C PHE A 2956 -118.82 62.66 44.90
N ALA A 2957 -118.17 63.83 44.84
CA ALA A 2957 -117.77 64.52 46.05
C ALA A 2957 -118.96 64.93 46.90
N PHE A 2958 -120.08 65.27 46.26
CA PHE A 2958 -121.27 65.67 47.01
C PHE A 2958 -121.75 64.54 47.93
N GLY A 2959 -121.95 63.35 47.36
CA GLY A 2959 -122.37 62.22 48.17
C GLY A 2959 -121.32 61.81 49.19
N PHE A 2960 -120.04 61.83 48.79
CA PHE A 2960 -118.97 61.50 49.73
C PHE A 2960 -119.01 62.43 50.94
N LEU A 2961 -119.11 63.74 50.71
CA LEU A 2961 -119.11 64.70 51.79
C LEU A 2961 -120.34 64.58 52.68
N GLN A 2962 -121.51 64.36 52.07
CA GLN A 2962 -122.72 64.25 52.90
C GLN A 2962 -122.70 62.97 53.73
N GLN A 2963 -122.18 61.87 53.19
CA GLN A 2963 -122.02 60.66 53.99
C GLN A 2963 -121.03 60.90 55.13
N LEU A 2964 -119.95 61.62 54.85
CA LEU A 2964 -118.98 61.95 55.90
C LEU A 2964 -119.63 62.77 57.01
N LEU A 2965 -120.45 63.75 56.64
CA LEU A 2965 -121.14 64.56 57.64
C LEU A 2965 -122.10 63.73 58.47
N ARG A 2966 -122.84 62.82 57.84
CA ARG A 2966 -123.73 61.95 58.58
C ARG A 2966 -122.97 61.10 59.59
N TRP A 2967 -121.86 60.49 59.14
CA TRP A 2967 -121.05 59.71 60.06
C TRP A 2967 -120.44 60.56 61.16
N MET A 2968 -120.13 61.83 60.84
CA MET A 2968 -119.60 62.73 61.87
C MET A 2968 -120.62 62.99 62.96
N ASP A 2969 -121.88 63.24 62.60
CA ASP A 2969 -122.88 63.44 63.66
C ASP A 2969 -123.17 62.16 64.42
N ILE A 2970 -123.15 61.01 63.74
CA ILE A 2970 -123.29 59.74 64.45
C ILE A 2970 -122.18 59.55 65.46
N SER A 2971 -120.93 59.84 65.06
CA SER A 2971 -119.81 59.70 65.97
C SER A 2971 -119.88 60.70 67.11
N GLN A 2972 -120.39 61.91 66.85
CA GLN A 2972 -120.59 62.88 67.92
C GLN A 2972 -121.57 62.35 68.96
N GLU A 2973 -122.68 61.76 68.50
CA GLU A 2973 -123.63 61.17 69.42
C GLU A 2973 -123.01 60.01 70.20
N PHE A 2974 -122.24 59.16 69.52
CA PHE A 2974 -121.60 58.03 70.19
C PHE A 2974 -120.62 58.50 71.26
N ILE A 2975 -119.83 59.53 70.95
CA ILE A 2975 -118.91 60.09 71.94
C ILE A 2975 -119.65 60.74 73.09
N ALA A 2976 -120.77 61.40 72.82
CA ALA A 2976 -121.59 61.95 73.90
C ALA A 2976 -122.11 60.84 74.81
N HIS A 2977 -122.40 59.67 74.23
CA HIS A 2977 -122.85 58.55 75.05
C HIS A 2977 -121.79 58.11 76.06
N LEU A 2978 -120.52 58.21 75.71
CA LEU A 2978 -119.43 57.83 76.61
C LEU A 2978 -119.29 58.82 77.75
N GLN A 2994 -118.55 49.40 68.28
CA GLN A 2994 -118.20 48.93 66.94
C GLN A 2994 -117.99 50.09 65.98
N GLU A 2995 -118.94 51.03 65.99
CA GLU A 2995 -118.84 52.18 65.09
C GLU A 2995 -117.61 53.01 65.36
N ILE A 2996 -117.14 53.05 66.61
CA ILE A 2996 -115.92 53.77 66.94
C ILE A 2996 -114.73 53.17 66.22
N LYS A 2997 -114.65 51.84 66.19
CA LYS A 2997 -113.55 51.18 65.49
C LYS A 2997 -113.56 51.51 64.00
N PHE A 2998 -114.73 51.39 63.36
CA PHE A 2998 -114.82 51.69 61.94
C PHE A 2998 -114.45 53.14 61.67
N PHE A 2999 -114.98 54.06 62.47
CA PHE A 2999 -114.63 55.47 62.35
C PHE A 2999 -113.11 55.66 62.39
N ALA A 3000 -112.49 55.29 63.51
CA ALA A 3000 -111.07 55.60 63.72
C ALA A 3000 -110.17 54.84 62.76
N LYS A 3001 -110.62 53.70 62.24
CA LYS A 3001 -109.75 52.88 61.40
C LYS A 3001 -109.97 53.08 59.91
N ILE A 3002 -111.06 53.73 59.50
CA ILE A 3002 -111.35 53.92 58.09
C ILE A 3002 -111.44 55.39 57.72
N LEU A 3003 -112.27 56.15 58.45
CA LEU A 3003 -112.64 57.49 57.98
C LEU A 3003 -111.44 58.44 57.97
N LEU A 3004 -110.61 58.38 59.01
CA LEU A 3004 -109.48 59.32 59.09
C LEU A 3004 -108.47 59.13 57.96
N PRO A 3005 -107.94 57.94 57.70
CA PRO A 3005 -107.01 57.81 56.56
C PRO A 3005 -107.65 58.13 55.22
N LEU A 3006 -108.92 57.81 55.04
CA LEU A 3006 -109.59 58.11 53.78
C LEU A 3006 -109.69 59.61 53.56
N ILE A 3007 -110.12 60.35 54.58
CA ILE A 3007 -110.17 61.80 54.50
C ILE A 3007 -108.79 62.36 54.21
N ASN A 3008 -107.79 61.90 54.97
CA ASN A 3008 -106.40 62.29 54.77
C ASN A 3008 -106.01 62.18 53.29
N GLN A 3009 -106.07 60.97 52.75
CA GLN A 3009 -105.59 60.72 51.40
C GLN A 3009 -106.40 61.50 50.37
N TYR A 3010 -107.73 61.46 50.49
CA TYR A 3010 -108.58 62.08 49.48
C TYR A 3010 -108.35 63.59 49.40
N PHE A 3011 -108.35 64.27 50.56
CA PHE A 3011 -108.16 65.71 50.50
C PHE A 3011 -106.73 66.12 50.21
N THR A 3012 -105.73 65.34 50.65
CA THR A 3012 -104.36 65.61 50.22
C THR A 3012 -104.24 65.52 48.71
N ASN A 3013 -104.95 64.58 48.09
CA ASN A 3013 -104.90 64.47 46.64
C ASN A 3013 -105.66 65.60 45.95
N HIS A 3014 -106.83 65.98 46.47
CA HIS A 3014 -107.75 66.84 45.73
C HIS A 3014 -107.93 68.23 46.34
N CYS A 3015 -106.95 68.74 47.10
CA CYS A 3015 -107.06 70.10 47.61
C CYS A 3015 -107.23 71.13 46.50
N LEU A 3016 -106.50 70.98 45.39
CA LEU A 3016 -106.52 72.00 44.34
C LEU A 3016 -107.90 72.16 43.72
N TYR A 3017 -108.65 71.06 43.56
CA TYR A 3017 -109.98 71.16 42.98
C TYR A 3017 -110.90 72.02 43.86
N PHE A 3018 -110.79 71.86 45.18
CA PHE A 3018 -111.60 72.68 46.08
C PHE A 3018 -111.11 74.11 46.17
N LEU A 3019 -109.80 74.35 45.99
CA LEU A 3019 -109.29 75.71 46.09
C LEU A 3019 -109.50 76.52 44.82
N SER A 3020 -109.90 75.89 43.73
CA SER A 3020 -110.05 76.62 42.47
C SER A 3020 -111.30 77.51 42.50
N THR A 3021 -111.28 78.54 41.67
CA THR A 3021 -112.37 79.48 41.51
C THR A 3021 -112.69 79.65 40.03
N PRO A 3022 -113.93 79.99 39.69
CA PRO A 3022 -114.26 80.24 38.27
C PRO A 3022 -113.43 81.35 37.65
N ALA A 3023 -113.10 82.39 38.42
CA ALA A 3023 -112.30 83.49 37.90
C ALA A 3023 -110.81 83.21 37.90
N LYS A 3024 -110.37 82.15 38.60
CA LYS A 3024 -108.95 81.82 38.67
C LYS A 3024 -108.86 80.32 38.94
N VAL A 3025 -108.48 79.57 37.92
CA VAL A 3025 -108.38 78.11 38.01
C VAL A 3025 -106.95 77.74 38.39
N LEU A 3026 -106.81 76.84 39.36
CA LEU A 3026 -105.51 76.41 39.85
C LEU A 3026 -105.08 75.05 39.31
N GLY A 3027 -105.99 74.08 39.27
CA GLY A 3027 -105.65 72.72 38.89
C GLY A 3027 -105.78 72.47 37.40
N SER A 3028 -105.88 71.19 37.06
CA SER A 3028 -106.00 70.81 35.64
C SER A 3028 -107.32 71.25 35.06
N GLY A 3029 -108.41 71.16 35.82
CA GLY A 3029 -109.71 71.58 35.33
C GLY A 3029 -110.82 71.41 36.34
N GLY A 3030 -111.92 72.13 36.14
CA GLY A 3030 -113.05 72.04 37.05
C GLY A 3030 -112.83 72.76 38.36
N HIS A 3031 -113.93 73.11 39.03
CA HIS A 3031 -113.85 73.78 40.32
C HIS A 3031 -115.09 73.43 41.12
N ALA A 3032 -114.92 73.34 42.44
CA ALA A 3032 -116.01 72.94 43.32
C ALA A 3032 -117.08 74.01 43.37
N SER A 3033 -118.32 73.57 43.60
CA SER A 3033 -119.43 74.50 43.78
C SER A 3033 -119.41 75.08 45.19
N ASN A 3034 -120.24 76.11 45.40
CA ASN A 3034 -120.30 76.76 46.71
C ASN A 3034 -120.79 75.80 47.78
N LYS A 3035 -121.71 74.91 47.43
CA LYS A 3035 -122.24 73.97 48.42
C LYS A 3035 -121.15 73.06 48.96
N GLU A 3036 -120.25 72.59 48.08
CA GLU A 3036 -119.16 71.74 48.52
C GLU A 3036 -118.22 72.48 49.48
N LYS A 3037 -117.93 73.74 49.19
CA LYS A 3037 -117.09 74.54 50.09
C LYS A 3037 -117.77 74.74 51.44
N GLU A 3038 -119.07 75.00 51.44
CA GLU A 3038 -119.80 75.12 52.69
C GLU A 3038 -119.75 73.81 53.48
N MET A 3039 -119.92 72.67 52.79
CA MET A 3039 -119.87 71.37 53.45
C MET A 3039 -118.50 71.10 54.06
N ILE A 3040 -117.43 71.42 53.33
CA ILE A 3040 -116.10 71.15 53.88
C ILE A 3040 -115.80 72.07 55.05
N THR A 3041 -116.24 73.33 54.99
CA THR A 3041 -116.06 74.22 56.14
C THR A 3041 -116.83 73.72 57.35
N SER A 3042 -118.07 73.27 57.15
CA SER A 3042 -118.86 72.74 58.25
C SER A 3042 -118.22 71.48 58.83
N LEU A 3043 -117.67 70.62 57.98
CA LEU A 3043 -116.99 69.42 58.45
C LEU A 3043 -115.78 69.77 59.30
N PHE A 3044 -114.97 70.73 58.84
CA PHE A 3044 -113.82 71.16 59.63
C PHE A 3044 -114.24 71.72 60.97
N CYS A 3045 -115.28 72.56 60.99
CA CYS A 3045 -115.75 73.14 62.25
C CYS A 3045 -116.26 72.06 63.19
N LYS A 3046 -117.01 71.09 62.65
CA LYS A 3046 -117.55 70.02 63.49
C LYS A 3046 -116.46 69.17 64.09
N LEU A 3047 -115.45 68.81 63.28
CA LEU A 3047 -114.35 68.02 63.81
C LEU A 3047 -113.57 68.78 64.88
N ALA A 3048 -113.31 70.07 64.63
CA ALA A 3048 -112.60 70.88 65.61
C ALA A 3048 -113.38 70.98 66.91
N ALA A 3049 -114.70 71.15 66.83
CA ALA A 3049 -115.52 71.20 68.03
C ALA A 3049 -115.50 69.86 68.76
N LEU A 3050 -115.55 68.75 68.00
CA LEU A 3050 -115.58 67.43 68.63
C LEU A 3050 -114.29 67.13 69.37
N VAL A 3051 -113.14 67.50 68.79
CA VAL A 3051 -111.87 67.10 69.38
C VAL A 3051 -111.52 67.91 70.64
N ARG A 3052 -112.25 68.99 70.92
CA ARG A 3052 -111.88 69.89 72.00
C ARG A 3052 -111.93 69.19 73.35
N HIS A 3053 -110.87 69.40 74.15
CA HIS A 3053 -110.75 68.97 75.54
C HIS A 3053 -110.92 67.47 75.72
N ARG A 3054 -110.72 66.67 74.67
CA ARG A 3054 -110.84 65.22 74.75
C ARG A 3054 -109.72 64.51 73.99
N VAL A 3055 -108.51 65.08 73.99
CA VAL A 3055 -107.39 64.46 73.28
C VAL A 3055 -107.05 63.11 73.90
N SER A 3056 -107.02 63.04 75.23
CA SER A 3056 -106.67 61.78 75.89
C SER A 3056 -107.73 60.71 75.66
N LEU A 3057 -109.00 61.12 75.53
CA LEU A 3057 -110.08 60.16 75.34
C LEU A 3057 -109.93 59.36 74.05
N PHE A 3058 -109.19 59.88 73.07
CA PHE A 3058 -108.95 59.16 71.83
C PHE A 3058 -107.73 58.24 71.91
N GLY A 3059 -106.95 58.34 72.99
CA GLY A 3059 -105.82 57.43 73.18
C GLY A 3059 -104.85 57.48 72.03
N THR A 3060 -104.45 56.31 71.54
CA THR A 3060 -103.49 56.22 70.45
C THR A 3060 -104.04 56.78 69.15
N ASP A 3061 -105.36 57.01 69.07
CA ASP A 3061 -105.93 57.64 67.88
C ASP A 3061 -105.78 59.15 67.91
N ALA A 3062 -105.25 59.71 69.00
CA ALA A 3062 -105.14 61.16 69.12
C ALA A 3062 -104.28 61.81 68.04
N PRO A 3063 -103.08 61.31 67.70
CA PRO A 3063 -102.28 62.02 66.69
C PRO A 3063 -102.95 62.09 65.32
N ALA A 3064 -103.46 60.97 64.82
CA ALA A 3064 -104.00 60.93 63.46
C ALA A 3064 -105.08 61.98 63.26
N VAL A 3065 -106.00 62.13 64.22
CA VAL A 3065 -107.04 63.13 64.10
C VAL A 3065 -106.44 64.50 63.87
N VAL A 3066 -105.42 64.86 64.65
CA VAL A 3066 -104.77 66.15 64.49
C VAL A 3066 -104.29 66.32 63.05
N ASN A 3067 -103.65 65.27 62.51
CA ASN A 3067 -103.17 65.34 61.13
C ASN A 3067 -104.30 65.72 60.18
N CYS A 3068 -105.46 65.07 60.33
CA CYS A 3068 -106.58 65.35 59.46
C CYS A 3068 -106.92 66.84 59.49
N LEU A 3069 -106.93 67.44 60.69
CA LEU A 3069 -107.25 68.85 60.80
C LEU A 3069 -106.33 69.68 59.92
N HIS A 3070 -105.03 69.41 59.98
CA HIS A 3070 -104.08 70.13 59.13
C HIS A 3070 -104.51 70.07 57.68
N ILE A 3071 -104.79 68.86 57.18
CA ILE A 3071 -105.12 68.70 55.78
C ILE A 3071 -106.43 69.40 55.45
N LEU A 3072 -107.34 69.47 56.42
CA LEU A 3072 -108.55 70.25 56.21
C LEU A 3072 -108.24 71.75 56.21
N ALA A 3073 -107.39 72.20 57.14
CA ALA A 3073 -107.10 73.62 57.25
C ALA A 3073 -106.44 74.15 55.98
N ARG A 3074 -105.65 73.31 55.33
CA ARG A 3074 -104.98 73.67 54.09
C ARG A 3074 -105.90 73.61 52.87
N SER A 3075 -107.21 73.44 53.05
CA SER A 3075 -108.13 73.34 51.92
C SER A 3075 -109.36 74.22 52.04
N LEU A 3076 -109.40 75.13 53.01
CA LEU A 3076 -110.56 75.99 53.17
C LEU A 3076 -110.52 77.16 52.20
N ASP A 3077 -111.64 77.37 51.50
CA ASP A 3077 -111.83 78.57 50.69
C ASP A 3077 -112.69 79.57 51.47
N ALA A 3078 -112.03 80.22 52.42
CA ALA A 3078 -112.74 81.07 53.37
C ALA A 3078 -113.34 82.30 52.69
N ARG A 3079 -112.69 82.83 51.66
CA ARG A 3079 -113.16 84.05 51.03
C ARG A 3079 -114.55 83.87 50.43
N THR A 3080 -114.75 82.80 49.68
CA THR A 3080 -116.03 82.59 49.01
C THR A 3080 -117.16 82.36 50.01
N VAL A 3081 -116.91 81.55 51.03
CA VAL A 3081 -117.97 81.25 52.00
C VAL A 3081 -118.28 82.47 52.85
N MET A 3082 -117.28 83.25 53.22
CA MET A 3082 -117.53 84.45 54.02
C MET A 3082 -118.21 85.55 53.20
N LYS A 3083 -117.88 85.66 51.91
CA LYS A 3083 -118.52 86.67 51.08
C LYS A 3083 -120.01 86.39 50.92
N SER A 3084 -120.38 85.11 50.78
CA SER A 3084 -121.78 84.74 50.59
C SER A 3084 -121.96 83.31 51.07
N GLY A 3085 -122.82 83.11 52.05
CA GLY A 3085 -123.08 81.79 52.58
C GLY A 3085 -124.14 81.79 53.67
N PRO A 3086 -124.58 80.61 54.08
CA PRO A 3086 -125.56 80.52 55.17
C PRO A 3086 -124.96 81.02 56.48
N GLU A 3087 -125.85 81.51 57.35
CA GLU A 3087 -125.39 82.06 58.62
C GLU A 3087 -124.82 80.98 59.54
N ILE A 3088 -125.22 79.72 59.33
CA ILE A 3088 -124.80 78.65 60.23
C ILE A 3088 -123.30 78.45 60.18
N VAL A 3089 -122.72 78.36 58.98
CA VAL A 3089 -121.29 78.11 58.86
C VAL A 3089 -120.47 79.30 59.37
N LYS A 3090 -120.94 80.52 59.08
CA LYS A 3090 -120.26 81.70 59.59
C LYS A 3090 -120.29 81.74 61.11
N ALA A 3091 -121.43 81.41 61.71
CA ALA A 3091 -121.51 81.34 63.15
C ALA A 3091 -120.57 80.28 63.71
N GLY A 3092 -120.49 79.13 63.05
CA GLY A 3092 -119.58 78.08 63.50
C GLY A 3092 -118.13 78.52 63.47
N LEU A 3093 -117.72 79.18 62.37
CA LEU A 3093 -116.34 79.64 62.27
C LEU A 3093 -116.03 80.71 63.31
N ARG A 3094 -116.95 81.66 63.51
CA ARG A 3094 -116.75 82.68 64.53
C ARG A 3094 -116.67 82.08 65.92
N SER A 3095 -117.52 81.09 66.21
CA SER A 3095 -117.45 80.41 67.49
C SER A 3095 -116.14 79.66 67.66
N PHE A 3096 -115.62 79.06 66.60
CA PHE A 3096 -114.33 78.39 66.68
C PHE A 3096 -113.22 79.38 67.03
N PHE A 3097 -113.20 80.53 66.36
CA PHE A 3097 -112.18 81.52 66.66
C PHE A 3097 -112.31 82.04 68.10
N GLU A 3098 -113.55 82.30 68.55
CA GLU A 3098 -113.76 82.78 69.91
C GLU A 3098 -113.31 81.74 70.93
N SER A 3099 -113.63 80.46 70.68
CA SER A 3099 -113.22 79.41 71.60
C SER A 3099 -111.70 79.28 71.66
N ALA A 3100 -111.03 79.40 70.51
CA ALA A 3100 -109.58 79.36 70.50
C ALA A 3100 -108.99 80.50 71.32
N SER A 3101 -109.54 81.71 71.14
CA SER A 3101 -109.05 82.86 71.90
C SER A 3101 -109.27 82.65 73.40
N GLU A 3102 -110.45 82.14 73.78
CA GLU A 3102 -110.74 81.90 75.19
C GLU A 3102 -109.80 80.85 75.77
N ASP A 3103 -109.52 79.79 75.02
CA ASP A 3103 -108.59 78.76 75.50
C ASP A 3103 -107.20 79.33 75.69
N ILE A 3104 -106.74 80.17 74.75
CA ILE A 3104 -105.42 80.79 74.91
C ILE A 3104 -105.38 81.67 76.14
N GLU A 3105 -106.43 82.49 76.34
CA GLU A 3105 -106.47 83.37 77.51
C GLU A 3105 -106.48 82.58 78.80
N LYS A 3106 -107.21 81.47 78.84
CA LYS A 3106 -107.20 80.62 80.02
C LYS A 3106 -105.83 79.97 80.22
N MET A 3107 -105.14 79.63 79.13
CA MET A 3107 -103.84 78.97 79.25
C MET A 3107 -102.77 79.92 79.80
N VAL A 3108 -102.75 81.16 79.32
CA VAL A 3108 -101.67 82.06 79.74
C VAL A 3108 -101.79 82.40 81.22
N GLU A 3109 -102.97 82.29 81.79
CA GLU A 3109 -103.18 82.59 83.21
C GLU A 3109 -102.44 81.59 84.10
N THR A 3131 -101.80 71.53 78.46
CA THR A 3131 -101.96 70.08 78.31
C THR A 3131 -102.60 69.75 76.96
N TYR A 3132 -103.60 70.54 76.57
CA TYR A 3132 -104.30 70.36 75.31
C TYR A 3132 -103.95 71.41 74.27
N THR A 3133 -103.81 72.67 74.68
CA THR A 3133 -103.49 73.73 73.73
C THR A 3133 -102.10 73.53 73.14
N THR A 3134 -101.17 72.94 73.89
CA THR A 3134 -99.81 72.77 73.41
C THR A 3134 -99.72 71.65 72.36
N VAL A 3135 -100.69 70.74 72.34
CA VAL A 3135 -100.60 69.58 71.45
C VAL A 3135 -101.44 69.76 70.20
N ALA A 3136 -102.66 70.29 70.33
CA ALA A 3136 -103.62 70.32 69.24
C ALA A 3136 -103.91 71.72 68.71
N LEU A 3137 -104.16 72.68 69.60
CA LEU A 3137 -104.65 73.98 69.16
C LEU A 3137 -103.59 74.76 68.38
N LEU A 3138 -102.38 74.83 68.94
CA LEU A 3138 -101.36 75.70 68.35
C LEU A 3138 -100.96 75.31 66.93
N PRO A 3139 -100.64 74.03 66.63
CA PRO A 3139 -100.27 73.72 65.24
C PRO A 3139 -101.38 73.97 64.25
N VAL A 3140 -102.62 73.64 64.60
CA VAL A 3140 -103.75 73.86 63.70
C VAL A 3140 -103.95 75.35 63.45
N LEU A 3141 -103.89 76.15 64.52
CA LEU A 3141 -104.05 77.59 64.38
C LEU A 3141 -102.94 78.19 63.52
N THR A 3142 -101.70 77.73 63.74
CA THR A 3142 -100.58 78.23 62.95
C THR A 3142 -100.75 77.88 61.48
N THR A 3143 -101.16 76.64 61.19
CA THR A 3143 -101.37 76.24 59.81
C THR A 3143 -102.48 77.05 59.15
N LEU A 3144 -103.57 77.28 59.87
CA LEU A 3144 -104.68 78.06 59.33
C LEU A 3144 -104.25 79.50 59.03
N PHE A 3145 -103.51 80.11 59.96
CA PHE A 3145 -103.03 81.47 59.74
C PHE A 3145 -102.07 81.54 58.57
N GLN A 3146 -101.18 80.56 58.45
CA GLN A 3146 -100.24 80.53 57.35
C GLN A 3146 -100.97 80.40 56.01
N HIS A 3147 -101.98 79.53 55.96
CA HIS A 3147 -102.76 79.36 54.74
C HIS A 3147 -103.47 80.65 54.37
N ILE A 3148 -104.09 81.30 55.35
CA ILE A 3148 -104.81 82.55 55.10
C ILE A 3148 -103.86 83.62 54.59
N ALA A 3149 -102.69 83.76 55.24
CA ALA A 3149 -101.73 84.78 54.83
C ALA A 3149 -101.17 84.50 53.44
N GLN A 3150 -100.87 83.23 53.14
CA GLN A 3150 -100.25 82.90 51.86
C GLN A 3150 -101.23 83.06 50.71
N HIS A 3151 -102.49 82.67 50.91
CA HIS A 3151 -103.47 82.82 49.84
C HIS A 3151 -104.12 84.20 49.81
N GLN A 3152 -103.72 85.10 50.73
CA GLN A 3152 -104.19 86.49 50.73
C GLN A 3152 -105.70 86.58 50.92
N PHE A 3153 -106.22 85.90 51.93
CA PHE A 3153 -107.61 86.02 52.33
C PHE A 3153 -107.80 86.94 53.54
N GLY A 3154 -106.73 87.61 53.98
CA GLY A 3154 -106.82 88.38 55.21
C GLY A 3154 -107.81 89.53 55.14
N ASP A 3155 -107.85 90.22 54.00
CA ASP A 3155 -108.71 91.39 53.88
C ASP A 3155 -110.19 91.03 53.83
N ASP A 3156 -110.54 89.75 53.68
CA ASP A 3156 -111.92 89.32 53.52
C ASP A 3156 -112.43 88.44 54.65
N VAL A 3157 -111.56 87.87 55.47
CA VAL A 3157 -111.97 86.92 56.49
C VAL A 3157 -111.91 87.53 57.89
N ILE A 3158 -110.78 88.13 58.25
CA ILE A 3158 -110.59 88.64 59.63
C ILE A 3158 -111.26 90.01 59.67
N LEU A 3159 -112.55 90.00 60.02
CA LEU A 3159 -113.35 91.21 60.13
C LEU A 3159 -114.30 91.10 61.32
N ASP A 3160 -114.75 92.24 61.80
CA ASP A 3160 -115.75 92.36 62.87
C ASP A 3160 -115.21 91.66 64.12
N ASP A 3161 -115.97 90.78 64.77
CA ASP A 3161 -115.54 90.16 66.02
C ASP A 3161 -114.32 89.28 65.85
N VAL A 3162 -114.05 88.78 64.64
CA VAL A 3162 -112.83 88.03 64.40
C VAL A 3162 -111.61 88.89 64.70
N GLN A 3163 -111.66 90.17 64.34
CA GLN A 3163 -110.58 91.08 64.67
C GLN A 3163 -110.45 91.24 66.18
N VAL A 3164 -111.56 91.26 66.91
CA VAL A 3164 -111.51 91.34 68.37
C VAL A 3164 -110.81 90.10 68.93
N SER A 3165 -111.16 88.92 68.42
CA SER A 3165 -110.52 87.70 68.88
C SER A 3165 -109.02 87.72 68.58
N CYS A 3166 -108.65 88.21 67.40
CA CYS A 3166 -107.23 88.30 67.05
C CYS A 3166 -106.50 89.29 67.96
N TYR A 3167 -107.15 90.40 68.32
CA TYR A 3167 -106.54 91.35 69.25
C TYR A 3167 -106.34 90.70 70.61
N ARG A 3168 -107.33 89.94 71.08
CA ARG A 3168 -107.18 89.23 72.36
C ARG A 3168 -106.02 88.26 72.29
N THR A 3169 -105.90 87.52 71.20
CA THR A 3169 -104.78 86.57 71.05
C THR A 3169 -103.44 87.30 71.05
N LEU A 3170 -103.37 88.42 70.33
CA LEU A 3170 -102.13 89.21 70.30
C LEU A 3170 -101.72 89.65 71.69
N CYS A 3171 -102.65 90.25 72.42
CA CYS A 3171 -102.33 90.74 73.76
C CYS A 3171 -101.94 89.60 74.69
N SER A 3172 -102.69 88.48 74.64
CA SER A 3172 -102.38 87.36 75.52
C SER A 3172 -101.01 86.78 75.22
N ILE A 3173 -100.66 86.65 73.94
CA ILE A 3173 -99.37 86.10 73.57
C ILE A 3173 -98.24 87.03 73.99
N TYR A 3174 -98.38 88.32 73.73
CA TYR A 3174 -97.32 89.26 74.07
C TYR A 3174 -97.24 89.51 75.58
N SER A 3175 -98.27 89.11 76.34
CA SER A 3175 -98.26 89.36 77.78
C SER A 3175 -97.26 88.52 78.54
N LEU A 3176 -96.61 87.55 77.87
CA LEU A 3176 -95.62 86.72 78.57
C LEU A 3176 -94.51 87.58 79.18
N GLY A 3177 -93.96 88.51 78.39
CA GLY A 3177 -93.05 89.53 78.87
C GLY A 3177 -91.96 89.10 79.82
N THR A 3178 -91.98 89.67 81.03
CA THR A 3178 -90.93 89.46 82.01
C THR A 3178 -91.06 88.18 82.81
N THR A 3179 -92.14 87.42 82.61
CA THR A 3179 -92.31 86.16 83.33
C THR A 3179 -91.21 85.17 82.93
N ARG A 3180 -90.62 84.52 83.94
CA ARG A 3180 -89.54 83.58 83.72
C ARG A 3180 -89.87 82.26 84.42
N ASN A 3181 -89.78 81.17 83.68
CA ASN A 3181 -90.09 79.83 84.18
C ASN A 3181 -89.61 78.82 83.15
N PRO A 3182 -89.22 77.62 83.59
CA PRO A 3182 -88.80 76.60 82.63
C PRO A 3182 -89.88 76.22 81.63
N TYR A 3183 -91.15 76.25 82.05
CA TYR A 3183 -92.24 75.95 81.13
C TYR A 3183 -92.28 76.96 79.98
N VAL A 3184 -92.12 78.24 80.30
CA VAL A 3184 -92.07 79.27 79.26
C VAL A 3184 -90.87 79.07 78.37
N GLU A 3185 -89.74 78.68 78.95
CA GLU A 3185 -88.54 78.42 78.16
C GLU A 3185 -88.76 77.31 77.16
N LYS A 3186 -89.49 76.26 77.57
CA LYS A 3186 -89.79 75.17 76.63
C LYS A 3186 -90.87 75.56 75.64
N LEU A 3187 -91.77 76.49 76.01
CA LEU A 3187 -92.94 76.77 75.19
C LEU A 3187 -92.71 77.91 74.20
N ARG A 3188 -91.65 78.70 74.38
CA ARG A 3188 -91.48 79.92 73.58
C ARG A 3188 -91.49 79.72 72.07
N PRO A 3189 -90.79 78.76 71.47
CA PRO A 3189 -90.72 78.72 69.99
C PRO A 3189 -92.07 78.60 69.30
N ALA A 3190 -92.97 77.77 69.84
CA ALA A 3190 -94.29 77.63 69.21
C ALA A 3190 -95.07 78.93 69.27
N LEU A 3191 -95.02 79.62 70.41
CA LEU A 3191 -95.68 80.91 70.52
C LEU A 3191 -95.09 81.92 69.54
N GLY A 3192 -93.76 81.92 69.39
CA GLY A 3192 -93.14 82.82 68.43
C GLY A 3192 -93.58 82.55 67.01
N GLU A 3193 -93.62 81.29 66.60
CA GLU A 3193 -94.07 80.95 65.25
C GLU A 3193 -95.52 81.34 65.03
N CYS A 3194 -96.38 81.05 66.02
CA CYS A 3194 -97.79 81.42 65.89
C CYS A 3194 -97.96 82.92 65.78
N LEU A 3195 -97.24 83.69 66.60
CA LEU A 3195 -97.33 85.14 66.55
C LEU A 3195 -96.83 85.67 65.21
N ALA A 3196 -95.76 85.08 64.67
CA ALA A 3196 -95.26 85.51 63.37
C ALA A 3196 -96.30 85.28 62.28
N ARG A 3197 -96.91 84.09 62.26
CA ARG A 3197 -97.95 83.82 61.26
C ARG A 3197 -99.14 84.75 61.43
N LEU A 3198 -99.57 84.99 62.66
CA LEU A 3198 -100.73 85.86 62.90
C LEU A 3198 -100.43 87.29 62.46
N ALA A 3199 -99.22 87.78 62.76
CA ALA A 3199 -98.83 89.11 62.29
C ALA A 3199 -98.76 89.16 60.78
N ALA A 3200 -98.40 88.05 60.14
CA ALA A 3200 -98.45 87.98 58.68
C ALA A 3200 -99.88 88.10 58.18
N ALA A 3201 -100.84 87.49 58.88
CA ALA A 3201 -102.21 87.40 58.39
C ALA A 3201 -103.09 88.58 58.80
N MET A 3202 -102.66 89.37 59.78
CA MET A 3202 -103.52 90.44 60.29
C MET A 3202 -103.71 91.52 59.23
N PRO A 3203 -104.92 92.05 59.06
CA PRO A 3203 -105.16 93.08 58.03
C PRO A 3203 -105.00 94.51 58.50
N VAL A 3204 -104.82 94.76 59.78
CA VAL A 3204 -104.75 96.12 60.32
C VAL A 3204 -103.37 96.33 60.94
N ALA A 3205 -102.77 97.48 60.64
CA ALA A 3205 -101.43 97.83 61.14
C ALA A 3205 -101.54 98.23 62.61
N PHE A 3206 -101.53 97.20 63.47
CA PHE A 3206 -101.69 97.42 64.90
C PHE A 3206 -100.49 98.09 65.53
N LEU A 3207 -99.34 98.11 64.86
CA LEU A 3207 -98.15 98.75 65.41
C LEU A 3207 -98.08 100.24 65.15
N GLU A 3208 -98.96 100.77 64.30
CA GLU A 3208 -99.00 102.21 63.98
C GLU A 3208 -100.42 102.72 64.13
N PRO A 3209 -100.88 102.91 65.37
CA PRO A 3209 -102.26 103.36 65.57
C PRO A 3209 -102.55 104.75 65.02
N GLN A 3210 -101.53 105.59 64.86
CA GLN A 3210 -101.75 106.99 64.50
C GLN A 3210 -102.46 107.12 63.16
N LEU A 3211 -102.05 106.31 62.17
CA LEU A 3211 -102.67 106.35 60.86
C LEU A 3211 -103.88 105.45 60.76
N ASN A 3212 -104.38 104.92 61.88
CA ASN A 3212 -105.49 103.98 61.85
C ASN A 3212 -106.75 104.56 61.22
N GLU A 3213 -106.87 105.89 61.18
CA GLU A 3213 -108.03 106.52 60.56
C GLU A 3213 -108.08 106.28 59.05
N TYR A 3214 -106.95 105.96 58.43
CA TYR A 3214 -106.90 105.78 56.98
C TYR A 3214 -107.17 104.35 56.54
N ASN A 3215 -107.32 103.41 57.48
CA ASN A 3215 -107.55 102.01 57.13
C ASN A 3215 -109.03 101.79 56.89
N ALA A 3216 -109.36 101.21 55.73
CA ALA A 3216 -110.76 100.96 55.39
C ALA A 3216 -111.29 99.64 55.94
N CYS A 3217 -110.41 98.76 56.43
CA CYS A 3217 -110.82 97.46 56.96
C CYS A 3217 -110.87 97.43 58.48
N SER A 3218 -110.57 98.55 59.14
CA SER A 3218 -110.59 98.58 60.60
C SER A 3218 -112.02 98.51 61.12
N VAL A 3219 -112.17 97.92 62.31
CA VAL A 3219 -113.49 97.81 62.93
C VAL A 3219 -114.03 99.18 63.32
N TYR A 3220 -113.14 100.12 63.67
CA TYR A 3220 -113.58 101.44 64.11
C TYR A 3220 -114.17 102.26 62.97
N THR A 3221 -113.93 101.89 61.71
CA THR A 3221 -114.55 102.53 60.57
C THR A 3221 -115.79 101.80 60.08
N THR A 3222 -116.19 100.73 60.76
CA THR A 3222 -117.37 99.96 60.36
C THR A 3222 -118.24 99.64 61.58
N PRO A 3242 -103.37 97.44 72.94
CA PRO A 3242 -103.39 98.65 73.76
C PRO A 3242 -102.28 98.68 74.81
N ASP A 3243 -101.40 97.67 74.76
CA ASP A 3243 -100.24 97.68 75.65
C ASP A 3243 -98.95 97.28 74.94
N ILE A 3244 -98.96 97.13 73.62
CA ILE A 3244 -97.77 96.82 72.84
C ILE A 3244 -97.14 98.14 72.40
N PRO A 3245 -95.84 98.34 72.62
CA PRO A 3245 -95.23 99.62 72.28
C PRO A 3245 -95.21 99.87 70.78
N VAL A 3246 -95.07 101.15 70.43
CA VAL A 3246 -95.15 101.57 69.03
C VAL A 3246 -93.91 101.08 68.26
N LEU A 3247 -94.00 101.15 66.94
CA LEU A 3247 -92.95 100.63 66.08
C LEU A 3247 -91.63 101.37 66.28
N GLU A 3248 -91.69 102.70 66.42
CA GLU A 3248 -90.46 103.48 66.59
C GLU A 3248 -89.74 103.09 67.86
N ARG A 3249 -90.49 102.88 68.96
CA ARG A 3249 -89.87 102.43 70.20
C ARG A 3249 -89.23 101.06 70.03
N LEU A 3250 -89.89 100.16 69.31
CA LEU A 3250 -89.33 98.83 69.09
C LEU A 3250 -88.03 98.91 68.31
N MET A 3251 -88.00 99.71 67.24
CA MET A 3251 -86.80 99.84 66.44
C MET A 3251 -85.67 100.49 67.25
N ALA A 3252 -86.00 101.51 68.04
CA ALA A 3252 -84.98 102.15 68.87
C ALA A 3252 -84.42 101.19 69.91
N ASP A 3253 -85.29 100.38 70.52
CA ASP A 3253 -84.82 99.40 71.50
C ASP A 3253 -83.93 98.35 70.85
N ILE A 3254 -84.31 97.88 69.66
CA ILE A 3254 -83.48 96.90 68.95
C ILE A 3254 -82.12 97.49 68.62
N GLY A 3255 -82.10 98.74 68.13
CA GLY A 3255 -80.84 99.36 67.79
C GLY A 3255 -79.96 99.57 69.00
N GLY A 3256 -80.54 100.04 70.11
CA GLY A 3256 -79.76 100.26 71.32
C GLY A 3256 -79.34 98.99 72.03
N LEU A 3257 -80.05 97.89 71.82
CA LEU A 3257 -79.68 96.61 72.42
C LEU A 3257 -78.73 95.79 71.57
N ALA A 3258 -78.67 96.07 70.26
CA ALA A 3258 -77.69 95.39 69.41
C ALA A 3258 -76.27 95.76 69.84
N GLU A 3259 -76.02 97.04 70.12
CA GLU A 3259 -74.73 97.47 70.62
C GLU A 3259 -74.66 97.31 72.13
N SER A 3260 -73.50 96.88 72.62
CA SER A 3260 -73.27 96.66 74.06
C SER A 3260 -74.25 95.65 74.63
N GLY A 3261 -74.62 94.66 73.81
CA GLY A 3261 -75.46 93.57 74.24
C GLY A 3261 -74.69 92.26 74.26
N ALA A 3262 -74.85 91.46 73.21
CA ALA A 3262 -74.04 90.28 72.91
C ALA A 3262 -74.24 89.14 73.89
N ARG A 3263 -75.47 88.94 74.39
CA ARG A 3263 -75.79 87.80 75.24
C ARG A 3263 -77.20 87.33 74.92
N TYR A 3264 -77.32 86.07 74.47
CA TYR A 3264 -78.64 85.49 74.26
C TYR A 3264 -79.39 85.39 75.57
N THR A 3265 -78.71 85.01 76.65
CA THR A 3265 -79.30 85.06 77.98
C THR A 3265 -79.56 86.50 78.37
N GLU A 3266 -80.51 86.67 79.30
CA GLU A 3266 -80.94 87.99 79.78
C GLU A 3266 -81.65 88.79 78.69
N MET A 3267 -81.87 88.16 77.53
CA MET A 3267 -82.67 88.75 76.45
C MET A 3267 -83.26 87.66 75.55
N PRO A 3268 -83.98 86.69 76.14
CA PRO A 3268 -84.55 85.63 75.30
C PRO A 3268 -85.87 86.02 74.65
N HIS A 3269 -86.65 86.88 75.31
CA HIS A 3269 -87.96 87.26 74.79
C HIS A 3269 -87.84 88.03 73.48
N VAL A 3270 -86.86 88.94 73.41
CA VAL A 3270 -86.69 89.75 72.20
C VAL A 3270 -86.32 88.85 71.02
N ILE A 3271 -85.38 87.92 71.24
CA ILE A 3271 -84.89 87.09 70.15
C ILE A 3271 -85.97 86.09 69.70
N GLU A 3272 -86.63 85.44 70.67
CA GLU A 3272 -87.48 84.30 70.33
C GLU A 3272 -88.88 84.70 69.89
N ILE A 3273 -89.31 85.93 70.16
CA ILE A 3273 -90.68 86.36 69.88
C ILE A 3273 -90.72 87.61 69.01
N THR A 3274 -90.07 88.69 69.46
CA THR A 3274 -90.22 89.98 68.80
C THR A 3274 -89.63 89.98 67.39
N LEU A 3275 -88.43 89.42 67.22
CA LEU A 3275 -87.77 89.47 65.92
C LEU A 3275 -88.55 88.77 64.82
N PRO A 3276 -89.06 87.56 64.99
CA PRO A 3276 -89.91 86.98 63.94
C PRO A 3276 -91.15 87.80 63.66
N MET A 3277 -91.75 88.39 64.70
CA MET A 3277 -92.94 89.21 64.50
C MET A 3277 -92.63 90.41 63.61
N LEU A 3278 -91.51 91.09 63.87
CA LEU A 3278 -91.13 92.23 63.03
C LEU A 3278 -90.77 91.77 61.62
N CYS A 3279 -90.03 90.67 61.50
CA CYS A 3279 -89.62 90.18 60.19
C CYS A 3279 -90.81 89.74 59.35
N SER A 3280 -91.92 89.38 60.00
CA SER A 3280 -93.12 89.05 59.25
C SER A 3280 -94.00 90.28 59.02
N TYR A 3281 -93.94 91.26 59.92
CA TYR A 3281 -94.78 92.44 59.83
C TYR A 3281 -94.32 93.38 58.73
N LEU A 3282 -93.01 93.65 58.66
CA LEU A 3282 -92.49 94.69 57.78
C LEU A 3282 -92.73 94.43 56.29
N PRO A 3283 -92.40 93.24 55.76
CA PRO A 3283 -92.60 93.03 54.32
C PRO A 3283 -94.04 93.16 53.86
N ARG A 3284 -95.01 92.78 54.70
CA ARG A 3284 -96.41 92.90 54.30
C ARG A 3284 -96.80 94.36 54.09
N TRP A 3285 -96.36 95.24 54.99
CA TRP A 3285 -96.77 96.63 54.93
C TRP A 3285 -95.86 97.50 54.06
N TRP A 3286 -94.69 96.97 53.65
CA TRP A 3286 -93.85 97.74 52.75
C TRP A 3286 -94.53 97.92 51.39
N GLU A 3287 -95.24 96.89 50.93
CA GLU A 3287 -95.87 96.91 49.62
C GLU A 3287 -96.89 98.03 49.46
N ARG A 3288 -97.58 98.41 50.52
CA ARG A 3288 -98.66 99.39 50.45
C ARG A 3288 -98.29 100.62 51.28
N GLY A 3289 -97.04 101.06 51.13
CA GLY A 3289 -96.58 102.26 51.82
C GLY A 3289 -96.19 103.38 50.87
N VAL A 3308 -93.76 103.39 56.47
CA VAL A 3308 -92.69 102.40 56.40
C VAL A 3308 -91.96 102.52 55.06
N THR A 3309 -90.70 102.06 55.03
CA THR A 3309 -89.88 102.14 53.83
C THR A 3309 -88.75 101.13 53.95
N SER A 3310 -87.95 101.04 52.88
CA SER A 3310 -86.85 100.08 52.84
C SER A 3310 -85.78 100.35 53.89
N ASP A 3311 -85.71 101.59 54.41
CA ASP A 3311 -84.73 101.91 55.43
C ASP A 3311 -84.93 101.06 56.68
N HIS A 3312 -86.19 100.85 57.07
CA HIS A 3312 -86.47 100.00 58.22
C HIS A 3312 -85.98 98.57 57.98
N LEU A 3313 -86.20 98.04 56.78
CA LEU A 3313 -85.75 96.69 56.47
C LEU A 3313 -84.23 96.60 56.51
N ASN A 3314 -83.54 97.60 55.96
CA ASN A 3314 -82.08 97.59 55.99
C ASN A 3314 -81.56 97.64 57.42
N SER A 3315 -82.14 98.50 58.25
CA SER A 3315 -81.72 98.59 59.64
C SER A 3315 -81.97 97.28 60.39
N LEU A 3316 -83.13 96.65 60.14
CA LEU A 3316 -83.44 95.39 60.79
C LEU A 3316 -82.47 94.30 60.38
N LEU A 3317 -82.14 94.22 59.09
CA LEU A 3317 -81.18 93.21 58.63
C LEU A 3317 -79.81 93.43 59.26
N GLY A 3318 -79.36 94.70 59.32
CA GLY A 3318 -78.09 94.98 59.96
C GLY A 3318 -78.07 94.61 61.43
N ASN A 3319 -79.14 94.93 62.15
CA ASN A 3319 -79.23 94.57 63.56
C ASN A 3319 -79.25 93.06 63.75
N ILE A 3320 -79.95 92.34 62.87
CA ILE A 3320 -79.99 90.88 62.98
C ILE A 3320 -78.60 90.30 62.76
N LEU A 3321 -77.88 90.81 61.77
CA LEU A 3321 -76.52 90.33 61.52
C LEU A 3321 -75.62 90.61 62.71
N ARG A 3322 -75.72 91.80 63.30
CA ARG A 3322 -74.91 92.12 64.48
C ARG A 3322 -75.24 91.19 65.65
N ILE A 3323 -76.53 90.93 65.87
CA ILE A 3323 -76.93 90.04 66.96
C ILE A 3323 -76.39 88.64 66.73
N ILE A 3324 -76.45 88.15 65.48
CA ILE A 3324 -75.95 86.81 65.19
C ILE A 3324 -74.44 86.75 65.42
N VAL A 3325 -73.71 87.77 64.98
CA VAL A 3325 -72.26 87.74 65.11
C VAL A 3325 -71.84 87.93 66.56
N ASN A 3326 -72.68 88.53 67.39
CA ASN A 3326 -72.30 88.78 68.79
C ASN A 3326 -72.25 87.51 69.63
N ASN A 3327 -72.82 86.40 69.16
CA ASN A 3327 -72.88 85.17 69.93
C ASN A 3327 -72.12 84.02 69.26
N LEU A 3328 -70.92 84.28 68.75
CA LEU A 3328 -70.18 83.24 68.04
C LEU A 3328 -69.59 82.20 69.00
N GLY A 3329 -69.12 82.64 70.16
CA GLY A 3329 -68.44 81.75 71.09
C GLY A 3329 -69.35 80.89 71.95
N ILE A 3330 -70.66 81.12 71.92
CA ILE A 3330 -71.58 80.35 72.73
C ILE A 3330 -71.60 78.90 72.28
N ASP A 3331 -71.87 77.99 73.20
CA ASP A 3331 -71.89 76.57 72.90
C ASP A 3331 -73.28 76.10 72.47
N GLU A 3332 -74.28 76.33 73.32
CA GLU A 3332 -75.65 75.93 73.01
C GLU A 3332 -76.38 77.12 72.41
N ALA A 3333 -76.47 77.16 71.09
CA ALA A 3333 -77.08 78.28 70.38
C ALA A 3333 -78.01 77.75 69.29
N SER A 3334 -78.87 76.78 69.64
CA SER A 3334 -79.77 76.20 68.66
C SER A 3334 -80.69 77.23 68.03
N TRP A 3335 -81.09 78.25 68.80
CA TRP A 3335 -82.05 79.24 68.31
C TRP A 3335 -81.61 79.90 67.01
N MET A 3336 -80.29 80.04 66.80
CA MET A 3336 -79.80 80.63 65.57
C MET A 3336 -80.34 79.91 64.34
N LYS A 3337 -80.38 78.57 64.37
CA LYS A 3337 -80.88 77.81 63.23
C LYS A 3337 -82.29 78.25 62.85
N ARG A 3338 -83.10 78.63 63.84
CA ARG A 3338 -84.43 79.15 63.55
C ARG A 3338 -84.36 80.56 62.99
N LEU A 3339 -83.54 81.41 63.61
CA LEU A 3339 -83.58 82.84 63.30
C LEU A 3339 -83.23 83.11 61.84
N ALA A 3340 -82.19 82.44 61.33
CA ALA A 3340 -81.79 82.65 59.95
C ALA A 3340 -82.91 82.31 58.98
N VAL A 3341 -83.83 81.44 59.39
CA VAL A 3341 -84.98 81.12 58.53
C VAL A 3341 -85.93 82.30 58.46
N PHE A 3342 -86.16 82.97 59.58
CA PHE A 3342 -87.18 84.02 59.62
C PHE A 3342 -86.73 85.28 58.90
N ALA A 3343 -85.42 85.53 58.83
CA ALA A 3343 -84.91 86.75 58.22
C ALA A 3343 -84.72 86.64 56.71
N GLN A 3344 -84.95 85.47 56.13
CA GLN A 3344 -84.69 85.28 54.70
C GLN A 3344 -85.51 86.20 53.80
N PRO A 3345 -86.83 86.35 53.97
CA PRO A 3345 -87.58 87.24 53.05
C PRO A 3345 -87.13 88.69 53.09
N ILE A 3346 -86.50 89.14 54.18
CA ILE A 3346 -86.06 90.53 54.27
C ILE A 3346 -84.92 90.80 53.29
N VAL A 3347 -84.00 89.84 53.12
CA VAL A 3347 -82.76 90.09 52.41
C VAL A 3347 -82.98 90.50 50.95
N SER A 3348 -84.18 90.30 50.42
CA SER A 3348 -84.45 90.70 49.03
C SER A 3348 -84.46 92.22 48.87
N ARG A 3349 -84.66 92.96 49.96
CA ARG A 3349 -84.76 94.42 49.90
C ARG A 3349 -83.52 95.12 50.43
N ALA A 3350 -82.39 94.42 50.57
CA ALA A 3350 -81.20 95.01 51.14
C ALA A 3350 -80.59 96.03 50.17
N ARG A 3351 -79.89 97.02 50.74
CA ARG A 3351 -79.19 98.04 49.98
C ARG A 3351 -77.72 97.69 49.84
N PRO A 3352 -77.06 98.16 48.78
CA PRO A 3352 -75.67 97.74 48.52
C PRO A 3352 -74.69 98.09 49.63
N GLU A 3353 -74.87 99.22 50.32
CA GLU A 3353 -73.93 99.64 51.35
C GLU A 3353 -73.72 98.58 52.43
N LEU A 3354 -74.76 97.80 52.74
CA LEU A 3354 -74.64 96.77 53.77
C LEU A 3354 -73.57 95.75 53.43
N LEU A 3355 -73.18 95.63 52.17
CA LEU A 3355 -72.07 94.74 51.81
C LEU A 3355 -70.78 95.17 52.51
N HIS A 3356 -70.49 96.47 52.49
CA HIS A 3356 -69.22 96.94 53.03
C HIS A 3356 -69.24 96.96 54.55
N SER A 3357 -70.36 97.38 55.15
CA SER A 3357 -70.37 97.65 56.58
C SER A 3357 -70.44 96.39 57.42
N HIS A 3358 -71.18 95.38 56.98
CA HIS A 3358 -71.56 94.27 57.86
C HIS A 3358 -70.98 92.94 57.45
N PHE A 3359 -71.16 92.52 56.19
CA PHE A 3359 -70.79 91.16 55.81
C PHE A 3359 -69.28 90.93 55.90
N ILE A 3360 -68.48 91.91 55.48
CA ILE A 3360 -67.03 91.73 55.47
C ILE A 3360 -66.46 91.48 56.85
N PRO A 3361 -66.77 92.28 57.89
CA PRO A 3361 -66.22 91.96 59.23
C PRO A 3361 -66.62 90.59 59.75
N THR A 3362 -67.87 90.17 59.52
CA THR A 3362 -68.31 88.88 60.01
C THR A 3362 -67.57 87.74 59.31
N ILE A 3363 -67.45 87.82 57.99
CA ILE A 3363 -66.73 86.79 57.26
C ILE A 3363 -65.25 86.79 57.66
N GLY A 3364 -64.68 87.97 57.91
CA GLY A 3364 -63.30 88.03 58.37
C GLY A 3364 -63.10 87.35 59.72
N ARG A 3365 -64.03 87.60 60.64
CA ARG A 3365 -63.96 86.93 61.94
C ARG A 3365 -64.09 85.42 61.79
N LEU A 3366 -65.01 84.96 60.95
CA LEU A 3366 -65.15 83.53 60.71
C LEU A 3366 -63.88 82.94 60.13
N ARG A 3367 -63.26 83.63 59.18
CA ARG A 3367 -62.03 83.14 58.57
C ARG A 3367 -60.89 83.10 59.58
N LYS A 3368 -60.79 84.11 60.43
CA LYS A 3368 -59.75 84.12 61.46
C LYS A 3368 -59.94 82.96 62.44
N ARG A 3369 -61.17 82.71 62.87
CA ARG A 3369 -61.43 81.58 63.76
C ARG A 3369 -61.08 80.26 63.09
N ALA A 3370 -61.47 80.09 61.83
CA ALA A 3370 -61.16 78.85 61.11
C ALA A 3370 -59.65 78.66 60.97
N GLY A 3371 -58.93 79.74 60.66
CA GLY A 3371 -57.49 79.65 60.53
C GLY A 3371 -56.82 79.26 61.84
N LYS A 3372 -57.25 79.88 62.95
CA LYS A 3372 -56.69 79.52 64.24
C LYS A 3372 -56.97 78.05 64.57
N VAL A 3373 -58.19 77.60 64.30
CA VAL A 3373 -58.56 76.21 64.61
C VAL A 3373 -57.72 75.24 63.78
N VAL A 3374 -57.57 75.53 62.49
CA VAL A 3374 -56.81 74.61 61.64
C VAL A 3374 -55.32 74.64 61.99
N ALA A 3375 -54.79 75.80 62.40
CA ALA A 3375 -53.41 75.85 62.85
C ALA A 3375 -53.21 75.01 64.11
N GLU A 3376 -54.14 75.10 65.06
CA GLU A 3376 -54.06 74.27 66.25
C GLU A 3376 -54.13 72.80 65.90
N GLU A 3377 -55.02 72.43 64.97
CA GLU A 3377 -55.13 71.04 64.55
C GLU A 3377 -53.84 70.54 63.92
N GLU A 3378 -53.22 71.35 63.05
CA GLU A 3378 -51.97 70.96 62.44
C GLU A 3378 -50.87 70.80 63.48
N GLN A 3379 -50.79 71.72 64.43
CA GLN A 3379 -49.78 71.63 65.49
C GLN A 3379 -49.98 70.37 66.32
N LEU A 3380 -51.23 70.04 66.64
CA LEU A 3380 -51.50 68.82 67.41
C LEU A 3380 -51.15 67.58 66.61
N ARG A 3381 -51.51 67.54 65.33
CA ARG A 3381 -51.25 66.36 64.51
C ARG A 3381 -49.76 66.20 64.19
N LEU A 3382 -48.98 67.27 64.32
CA LEU A 3382 -47.54 67.16 64.07
C LEU A 3382 -46.88 66.17 65.01
N GLU A 3383 -47.31 66.12 66.28
CA GLU A 3383 -46.69 65.23 67.25
C GLU A 3383 -46.87 63.76 66.86
N ALA A 3384 -48.08 63.38 66.46
CA ALA A 3384 -48.39 62.02 66.01
C ALA A 3384 -48.06 60.98 67.06
N LYS A 3385 -48.11 61.37 68.34
CA LYS A 3385 -47.83 60.44 69.42
C LYS A 3385 -49.10 59.75 69.88
N ALA A 3386 -48.96 58.85 70.86
CA ALA A 3386 -50.10 58.15 71.42
C ALA A 3386 -51.03 59.10 72.18
N GLU A 3387 -50.55 60.27 72.59
CA GLU A 3387 -51.37 61.23 73.28
C GLU A 3387 -52.30 62.01 72.35
N ALA A 3388 -52.16 61.81 71.03
CA ALA A 3388 -52.99 62.55 70.08
C ALA A 3388 -54.47 62.29 70.30
N GLU A 3389 -54.83 61.10 70.80
CA GLU A 3389 -56.23 60.80 71.09
C GLU A 3389 -56.82 61.78 72.10
N GLU A 3390 -56.00 62.33 73.00
CA GLU A 3390 -56.49 63.36 73.91
C GLU A 3390 -56.82 64.63 73.16
N GLY A 3391 -55.98 65.01 72.18
CA GLY A 3391 -56.19 66.27 71.48
C GLY A 3391 -57.21 66.21 70.37
N GLU A 3392 -57.35 65.04 69.72
CA GLU A 3392 -58.22 64.94 68.55
C GLU A 3392 -59.66 65.34 68.89
N LEU A 3393 -60.22 64.73 69.92
CA LEU A 3393 -61.57 65.11 70.35
C LEU A 3393 -61.67 66.61 70.58
N LEU A 3394 -60.61 67.21 71.13
CA LEU A 3394 -60.63 68.64 71.40
C LEU A 3394 -60.92 69.44 70.14
N VAL A 3395 -60.32 69.06 69.00
CA VAL A 3395 -60.63 69.79 67.78
C VAL A 3395 -61.93 69.29 67.18
N ARG A 3396 -62.28 68.02 67.43
CA ARG A 3396 -63.53 67.49 66.91
C ARG A 3396 -64.73 68.26 67.44
N ASP A 3397 -64.63 68.77 68.67
CA ASP A 3397 -65.64 69.69 69.18
C ASP A 3397 -65.62 70.99 68.38
N GLU A 3398 -64.43 71.60 68.27
CA GLU A 3398 -64.34 72.96 67.73
C GLU A 3398 -64.93 73.05 66.34
N PHE A 3399 -64.51 72.15 65.44
CA PHE A 3399 -65.04 72.14 64.09
C PHE A 3399 -66.57 72.15 64.10
N SER A 3400 -67.17 71.30 64.94
CA SER A 3400 -68.62 71.24 65.02
C SER A 3400 -69.22 72.62 65.29
N VAL A 3401 -68.66 73.34 66.27
CA VAL A 3401 -69.16 74.67 66.57
C VAL A 3401 -69.08 75.56 65.33
N LEU A 3402 -67.94 75.52 64.63
CA LEU A 3402 -67.80 76.29 63.41
C LEU A 3402 -68.84 75.84 62.39
N CYS A 3403 -69.04 74.52 62.25
CA CYS A 3403 -69.99 74.00 61.28
C CYS A 3403 -71.39 74.50 61.59
N ARG A 3404 -71.63 74.94 62.82
CA ARG A 3404 -72.89 75.60 63.14
C ARG A 3404 -72.91 77.01 62.59
N ASP A 3405 -71.92 77.83 62.96
CA ASP A 3405 -72.03 79.27 62.76
C ASP A 3405 -72.14 79.61 61.28
N LEU A 3406 -71.30 79.00 60.44
CA LEU A 3406 -71.37 79.27 59.00
C LEU A 3406 -72.73 78.88 58.44
N TYR A 3407 -73.29 77.76 58.91
CA TYR A 3407 -74.60 77.35 58.41
C TYR A 3407 -75.71 78.30 58.84
N ALA A 3408 -75.43 79.23 59.74
CA ALA A 3408 -76.40 80.28 60.07
C ALA A 3408 -76.21 81.49 59.16
N LEU A 3409 -74.97 81.75 58.74
CA LEU A 3409 -74.69 82.96 57.96
C LEU A 3409 -74.76 82.68 56.47
N TYR A 3410 -74.21 81.55 56.04
CA TYR A 3410 -74.06 81.29 54.61
C TYR A 3410 -75.37 81.26 53.84
N PRO A 3411 -76.45 80.60 54.30
CA PRO A 3411 -77.71 80.69 53.57
C PRO A 3411 -78.26 82.10 53.47
N LEU A 3412 -77.92 82.98 54.43
CA LEU A 3412 -78.35 84.36 54.34
C LEU A 3412 -77.54 85.12 53.31
N LEU A 3413 -76.26 84.77 53.16
CA LEU A 3413 -75.39 85.49 52.23
C LEU A 3413 -75.66 85.11 50.78
N ILE A 3414 -75.94 83.82 50.54
CA ILE A 3414 -76.03 83.33 49.17
C ILE A 3414 -77.19 83.99 48.43
N ARG A 3415 -78.28 84.28 49.14
CA ARG A 3415 -79.40 84.98 48.52
C ARG A 3415 -79.04 86.42 48.16
N TYR A 3416 -78.12 87.02 48.91
CA TYR A 3416 -77.75 88.41 48.64
C TYR A 3416 -77.06 88.55 47.28
N VAL A 3417 -76.02 87.75 47.04
CA VAL A 3417 -75.22 87.93 45.83
C VAL A 3417 -76.04 87.64 44.58
N ASP A 3418 -76.97 86.69 44.66
CA ASP A 3418 -77.80 86.37 43.50
C ASP A 3418 -78.62 87.57 43.04
N ASN A 3419 -78.80 88.56 43.92
CA ASN A 3419 -79.53 89.77 43.52
C ASN A 3419 -78.57 90.84 43.00
N ASN A 3420 -77.32 90.83 43.43
CA ASN A 3420 -76.41 91.93 43.14
C ASN A 3420 -75.32 91.58 42.13
N ARG A 3421 -75.06 90.29 41.90
CA ARG A 3421 -73.88 89.88 41.15
C ARG A 3421 -73.78 90.57 39.79
N ALA A 3422 -74.90 90.71 39.08
CA ALA A 3422 -74.89 91.34 37.77
C ALA A 3422 -74.23 92.71 37.82
N HIS A 3423 -74.63 93.55 38.79
CA HIS A 3423 -74.01 94.86 38.90
C HIS A 3423 -72.51 94.75 39.11
N TRP A 3424 -72.08 93.82 39.96
CA TRP A 3424 -70.66 93.62 40.20
C TRP A 3424 -69.93 93.24 38.92
N LEU A 3425 -70.60 92.54 38.00
CA LEU A 3425 -69.98 92.23 36.71
C LEU A 3425 -69.99 93.44 35.79
N THR A 3426 -70.99 94.30 35.91
CA THR A 3426 -71.05 95.48 35.03
C THR A 3426 -69.99 96.51 35.44
N GLU A 3427 -69.85 96.75 36.74
CA GLU A 3427 -68.85 97.68 37.26
C GLU A 3427 -68.00 96.96 38.29
N PRO A 3428 -66.68 96.89 38.11
CA PRO A 3428 -65.84 96.18 39.08
C PRO A 3428 -65.89 96.84 40.45
N ASN A 3429 -65.84 96.01 41.49
CA ASN A 3429 -65.89 96.46 42.88
C ASN A 3429 -64.87 95.69 43.71
N PRO A 3430 -63.93 96.38 44.37
CA PRO A 3430 -62.92 95.68 45.17
C PRO A 3430 -63.49 94.84 46.32
N SER A 3431 -64.59 95.26 46.93
CA SER A 3431 -65.17 94.53 48.05
C SER A 3431 -65.59 93.12 47.62
N ALA A 3432 -66.15 92.99 46.42
CA ALA A 3432 -66.51 91.66 45.93
C ALA A 3432 -65.29 90.78 45.77
N GLU A 3433 -64.19 91.32 45.27
CA GLU A 3433 -62.95 90.55 45.15
C GLU A 3433 -62.44 90.12 46.52
N GLU A 3434 -62.48 91.02 47.51
CA GLU A 3434 -62.03 90.67 48.85
C GLU A 3434 -62.89 89.55 49.44
N LEU A 3435 -64.21 89.66 49.30
CA LEU A 3435 -65.09 88.63 49.86
C LEU A 3435 -64.90 87.32 49.13
N PHE A 3436 -64.62 87.38 47.83
CA PHE A 3436 -64.25 86.17 47.09
C PHE A 3436 -62.98 85.54 47.65
N ARG A 3437 -61.99 86.37 48.00
CA ARG A 3437 -60.77 85.85 48.60
C ARG A 3437 -61.08 85.12 49.90
N MET A 3438 -61.92 85.73 50.74
CA MET A 3438 -62.30 85.09 52.00
C MET A 3438 -63.00 83.75 51.76
N VAL A 3439 -63.94 83.73 50.82
CA VAL A 3439 -64.67 82.49 50.52
C VAL A 3439 -63.73 81.42 50.00
N GLY A 3440 -62.77 81.80 49.15
CA GLY A 3440 -61.81 80.84 48.65
C GLY A 3440 -60.92 80.28 49.75
N GLU A 3441 -60.51 81.13 50.69
CA GLU A 3441 -59.73 80.65 51.83
C GLU A 3441 -60.53 79.63 52.64
N ILE A 3442 -61.81 79.94 52.89
CA ILE A 3442 -62.65 78.99 53.63
C ILE A 3442 -62.79 77.69 52.85
N PHE A 3443 -62.93 77.78 51.52
CA PHE A 3443 -63.11 76.58 50.71
C PHE A 3443 -61.87 75.69 50.75
N ILE A 3444 -60.68 76.29 50.63
CA ILE A 3444 -59.47 75.47 50.65
C ILE A 3444 -59.24 74.87 52.03
N TYR A 3445 -59.55 75.64 53.09
CA TYR A 3445 -59.50 75.06 54.43
C TYR A 3445 -60.43 73.86 54.56
N TRP A 3446 -61.65 73.97 54.03
CA TRP A 3446 -62.58 72.85 54.07
C TRP A 3446 -62.05 71.67 53.27
N SER A 3447 -61.41 71.94 52.13
CA SER A 3447 -60.96 70.85 51.27
C SER A 3447 -59.77 70.11 51.86
N LYS A 3448 -58.91 70.79 52.62
CA LYS A 3448 -57.71 70.14 53.12
C LYS A 3448 -58.03 69.04 54.13
N SER A 3449 -58.85 69.33 55.12
CA SER A 3449 -59.04 68.44 56.27
C SER A 3449 -60.22 67.52 56.04
N HIS A 3450 -60.10 66.27 56.53
CA HIS A 3450 -61.19 65.32 56.47
C HIS A 3450 -62.11 65.41 57.67
N ASN A 3451 -61.59 65.83 58.83
CA ASN A 3451 -62.43 66.03 60.00
C ASN A 3451 -63.49 67.10 59.73
N PHE A 3452 -63.14 68.10 58.93
CA PHE A 3452 -64.13 69.11 58.53
C PHE A 3452 -65.30 68.47 57.79
N LYS A 3453 -65.00 67.61 56.81
CA LYS A 3453 -66.06 66.96 56.05
C LYS A 3453 -66.88 66.03 56.94
N ARG A 3454 -66.21 65.29 57.83
CA ARG A 3454 -66.95 64.39 58.73
C ARG A 3454 -67.88 65.16 59.65
N GLU A 3455 -67.40 66.26 60.23
CA GLU A 3455 -68.23 67.08 61.10
C GLU A 3455 -69.40 67.70 60.33
N GLU A 3456 -69.14 68.17 59.11
CA GLU A 3456 -70.20 68.76 58.31
C GLU A 3456 -71.28 67.74 57.99
N GLN A 3457 -70.86 66.52 57.60
CA GLN A 3457 -71.83 65.47 57.31
C GLN A 3457 -72.63 65.09 58.55
N ASN A 3458 -71.96 64.98 59.69
CA ASN A 3458 -72.66 64.64 60.93
C ASN A 3458 -73.67 65.72 61.31
N PHE A 3459 -73.28 66.99 61.17
CA PHE A 3459 -74.20 68.08 61.49
C PHE A 3459 -75.39 68.10 60.54
N VAL A 3460 -75.13 67.88 59.24
CA VAL A 3460 -76.23 67.86 58.27
C VAL A 3460 -77.20 66.72 58.57
N VAL A 3461 -76.66 65.54 58.91
CA VAL A 3461 -77.52 64.40 59.22
C VAL A 3461 -78.33 64.67 60.49
N GLN A 3462 -77.68 65.20 61.53
CA GLN A 3462 -78.37 65.39 62.81
C GLN A 3462 -79.42 66.49 62.74
N ASN A 3463 -79.08 67.64 62.17
CA ASN A 3463 -79.99 68.78 62.16
C ASN A 3463 -81.14 68.60 61.16
N GLU A 3464 -81.04 67.63 60.25
CA GLU A 3464 -82.07 67.37 59.24
C GLU A 3464 -82.36 68.62 58.41
N ILE A 3465 -81.32 69.39 58.08
CA ILE A 3465 -81.48 70.59 57.28
C ILE A 3465 -81.52 70.20 55.81
N ASN A 3466 -81.96 71.12 54.95
CA ASN A 3466 -82.03 70.85 53.51
C ASN A 3466 -81.28 71.92 52.72
N THR A 3509 -69.00 73.77 47.25
CA THR A 3509 -70.22 74.13 47.97
C THR A 3509 -70.93 75.30 47.29
N LEU A 3510 -70.56 76.52 47.65
CA LEU A 3510 -71.14 77.74 47.09
C LEU A 3510 -70.05 78.43 46.26
N LYS A 3511 -70.07 78.16 44.95
CA LYS A 3511 -69.14 78.76 44.01
C LYS A 3511 -69.85 79.64 42.98
N LYS A 3512 -70.94 80.30 43.38
CA LYS A 3512 -71.59 81.25 42.49
C LYS A 3512 -70.75 82.50 42.28
N MET A 3513 -69.71 82.69 43.09
CA MET A 3513 -68.87 83.87 43.01
C MET A 3513 -67.58 83.66 42.20
N LEU A 3514 -67.40 82.48 41.60
CA LEU A 3514 -66.20 82.26 40.80
C LEU A 3514 -66.06 83.24 39.63
N PRO A 3515 -67.12 83.60 38.88
CA PRO A 3515 -66.93 84.62 37.83
C PRO A 3515 -66.42 85.95 38.34
N ILE A 3516 -66.79 86.34 39.57
CA ILE A 3516 -66.30 87.60 40.10
C ILE A 3516 -64.79 87.55 40.26
N GLY A 3517 -64.25 86.44 40.76
CA GLY A 3517 -62.80 86.29 40.85
C GLY A 3517 -62.15 86.21 39.49
N LEU A 3518 -62.77 85.49 38.55
CA LEU A 3518 -62.20 85.35 37.22
C LEU A 3518 -62.14 86.68 36.49
N ASN A 3519 -63.08 87.60 36.77
CA ASN A 3519 -63.08 88.90 36.12
C ASN A 3519 -61.88 89.75 36.53
N MET A 3520 -61.18 89.39 37.60
CA MET A 3520 -60.09 90.23 38.09
C MET A 3520 -58.86 90.15 37.21
N CYS A 3521 -58.66 89.03 36.51
CA CYS A 3521 -57.44 88.78 35.76
C CYS A 3521 -57.66 89.02 34.26
N ALA A 3522 -56.74 89.76 33.65
CA ALA A 3522 -56.82 90.02 32.22
C ALA A 3522 -56.57 88.72 31.44
N PRO A 3523 -57.07 88.63 30.21
CA PRO A 3523 -56.87 87.40 29.42
C PRO A 3523 -55.41 87.07 29.15
N THR A 3524 -54.53 88.08 29.11
CA THR A 3524 -53.12 87.84 28.82
C THR A 3524 -52.49 86.89 29.83
N ASP A 3525 -52.93 86.95 31.08
CA ASP A 3525 -52.41 86.08 32.14
C ASP A 3525 -52.91 84.64 32.02
N GLN A 3526 -53.71 84.32 31.00
CA GLN A 3526 -54.29 82.99 30.89
C GLN A 3526 -53.20 81.92 30.83
N GLU A 3527 -52.15 82.15 30.04
CA GLU A 3527 -51.06 81.19 29.94
C GLU A 3527 -50.41 80.94 31.29
N LEU A 3528 -50.41 81.94 32.18
CA LEU A 3528 -49.90 81.74 33.52
C LEU A 3528 -50.79 80.78 34.32
N ILE A 3529 -52.11 80.91 34.16
CA ILE A 3529 -53.05 80.23 35.05
C ILE A 3529 -52.86 78.72 34.99
N THR A 3530 -52.72 78.17 33.77
CA THR A 3530 -52.47 76.74 33.65
C THR A 3530 -51.12 76.34 34.24
N LEU A 3531 -50.10 77.16 34.05
CA LEU A 3531 -48.75 76.78 34.49
C LEU A 3531 -48.71 76.55 36.00
N ALA A 3532 -49.18 77.53 36.77
CA ALA A 3532 -49.26 77.35 38.21
C ALA A 3532 -50.18 76.20 38.57
N LYS A 3533 -51.19 75.93 37.75
CA LYS A 3533 -52.07 74.80 38.02
C LYS A 3533 -51.31 73.48 38.01
N THR A 3534 -50.21 73.42 37.26
CA THR A 3534 -49.37 72.23 37.31
C THR A 3534 -48.54 72.18 38.59
N ARG A 3535 -48.11 73.33 39.11
CA ARG A 3535 -47.28 73.34 40.30
C ARG A 3535 -48.03 72.78 41.50
N TYR A 3536 -49.30 73.17 41.66
CA TYR A 3536 -50.12 72.60 42.72
C TYR A 3536 -50.38 71.11 42.51
N ALA A 3537 -50.23 70.62 41.27
CA ALA A 3537 -50.30 69.19 41.04
C ALA A 3537 -49.13 68.45 41.67
N LEU A 3538 -48.03 69.14 41.96
CA LEU A 3538 -46.86 68.54 42.59
C LEU A 3538 -46.85 68.75 44.10
N LYS A 3539 -47.98 69.16 44.68
CA LYS A 3539 -48.10 69.38 46.12
C LYS A 3539 -47.12 70.44 46.63
N ASP A 3540 -46.80 71.42 45.79
CA ASP A 3540 -45.91 72.50 46.20
C ASP A 3540 -46.62 73.45 47.16
N THR A 3541 -45.83 74.12 47.98
CA THR A 3541 -46.37 75.10 48.92
C THR A 3541 -46.71 76.40 48.20
N ASP A 3542 -47.58 77.18 48.82
CA ASP A 3542 -48.03 78.43 48.21
C ASP A 3542 -46.88 79.42 48.05
N GLU A 3543 -45.99 79.50 49.05
CA GLU A 3543 -44.89 80.45 48.99
C GLU A 3543 -43.95 80.16 47.82
N GLU A 3544 -43.63 78.88 47.59
CA GLU A 3544 -42.76 78.53 46.47
C GLU A 3544 -43.40 78.88 45.14
N VAL A 3545 -44.70 78.57 44.99
CA VAL A 3545 -45.40 78.89 43.76
C VAL A 3545 -45.44 80.39 43.53
N ARG A 3546 -45.62 81.16 44.60
CA ARG A 3546 -45.53 82.62 44.48
C ARG A 3546 -44.14 83.05 44.04
N GLU A 3547 -43.09 82.42 44.59
CA GLU A 3547 -41.74 82.73 44.16
C GLU A 3547 -41.44 82.16 42.78
N PHE A 3548 -41.89 80.94 42.50
CA PHE A 3548 -41.67 80.31 41.21
C PHE A 3548 -42.42 81.06 40.13
N LEU A 3549 -41.69 81.72 39.23
CA LEU A 3549 -42.30 82.50 38.16
C LEU A 3549 -41.55 82.31 36.85
N TRP A 3567 -59.95 89.86 20.32
CA TRP A 3567 -61.21 90.53 20.61
C TRP A 3567 -61.48 90.55 22.11
N GLN A 3568 -60.93 89.56 22.82
CA GLN A 3568 -61.08 89.51 24.26
C GLN A 3568 -60.43 90.72 24.93
N MET A 3569 -59.24 91.09 24.47
CA MET A 3569 -58.58 92.27 25.03
C MET A 3569 -59.36 93.55 24.75
N ALA A 3570 -59.95 93.66 23.55
CA ALA A 3570 -60.73 94.85 23.21
C ALA A 3570 -61.92 95.01 24.14
N LEU A 3571 -62.62 93.92 24.44
CA LEU A 3571 -63.74 93.97 25.36
C LEU A 3571 -63.28 94.21 26.80
N TYR A 3572 -62.16 93.61 27.18
CA TYR A 3572 -61.65 93.79 28.54
C TYR A 3572 -61.26 95.24 28.79
N ARG A 3573 -60.61 95.88 27.81
CA ARG A 3573 -60.19 97.27 27.96
C ARG A 3573 -61.35 98.25 27.99
N GLY A 3574 -62.56 97.82 27.60
CA GLY A 3574 -63.70 98.72 27.60
C GLY A 3574 -64.23 99.06 28.98
N LEU A 3575 -63.95 98.22 29.98
CA LEU A 3575 -64.41 98.49 31.33
C LEU A 3575 -63.60 99.62 31.96
N PRO A 3576 -64.21 100.37 32.89
CA PRO A 3576 -63.52 101.46 33.61
C PRO A 3576 -62.30 100.97 34.38
N GLN A 3593 -52.90 82.93 39.58
CA GLN A 3593 -52.26 82.96 40.88
C GLN A 3593 -53.12 82.28 41.93
N GLU A 3594 -53.77 83.08 42.78
CA GLU A 3594 -54.62 82.53 43.83
C GLU A 3594 -55.82 81.79 43.25
N VAL A 3595 -56.25 82.16 42.04
CA VAL A 3595 -57.40 81.49 41.44
C VAL A 3595 -57.06 80.06 41.07
N SER A 3596 -55.83 79.84 40.58
CA SER A 3596 -55.43 78.52 40.12
C SER A 3596 -55.53 77.48 41.23
N ALA A 3597 -55.26 77.88 42.48
CA ALA A 3597 -55.46 76.97 43.60
C ALA A 3597 -56.92 76.56 43.70
N VAL A 3598 -57.84 77.51 43.51
CA VAL A 3598 -59.27 77.20 43.60
C VAL A 3598 -59.67 76.23 42.51
N LEU A 3599 -59.23 76.48 41.27
CA LEU A 3599 -59.59 75.56 40.19
C LEU A 3599 -58.97 74.18 40.41
N TYR A 3600 -57.73 74.13 40.88
CA TYR A 3600 -57.07 72.85 41.11
C TYR A 3600 -57.81 72.05 42.19
N HIS A 3601 -58.19 72.73 43.27
CA HIS A 3601 -58.94 72.05 44.34
C HIS A 3601 -60.30 71.58 43.84
N LEU A 3602 -60.99 72.41 43.05
CA LEU A 3602 -62.32 72.04 42.56
C LEU A 3602 -62.25 70.99 41.46
N GLU A 3603 -61.07 70.76 40.87
CA GLU A 3603 -60.96 69.79 39.79
C GLU A 3603 -61.23 68.37 40.28
N GLN A 3604 -61.07 68.12 41.58
CA GLN A 3604 -61.30 66.80 42.13
C GLN A 3604 -62.78 66.46 42.16
N ASN A 3639 -78.94 21.21 79.28
CA ASN A 3639 -78.31 21.86 78.13
C ASN A 3639 -78.19 20.89 76.96
N LEU A 3640 -77.82 19.65 77.26
CA LEU A 3640 -77.60 18.63 76.25
C LEU A 3640 -77.71 17.27 76.91
N PRO A 3641 -78.12 16.23 76.19
CA PRO A 3641 -78.14 14.88 76.76
C PRO A 3641 -76.75 14.45 77.20
N THR A 3642 -76.70 13.71 78.31
CA THR A 3642 -75.43 13.39 78.96
C THR A 3642 -74.55 12.51 78.08
N HIS A 3643 -75.14 11.51 77.42
CA HIS A 3643 -74.34 10.54 76.68
C HIS A 3643 -73.63 11.18 75.49
N ARG A 3644 -74.31 12.08 74.77
CA ARG A 3644 -73.66 12.80 73.68
C ARG A 3644 -72.50 13.64 74.19
N ALA A 3645 -72.71 14.34 75.32
CA ALA A 3645 -71.65 15.14 75.91
C ALA A 3645 -70.46 14.27 76.29
N CYS A 3646 -70.72 13.08 76.83
CA CYS A 3646 -69.64 12.17 77.15
C CYS A 3646 -68.90 11.72 75.90
N ASN A 3647 -69.62 11.48 74.80
CA ASN A 3647 -68.95 11.06 73.56
C ASN A 3647 -68.06 12.17 73.01
N MET A 3648 -68.56 13.41 72.96
CA MET A 3648 -67.70 14.51 72.55
C MET A 3648 -66.53 14.73 73.50
N PHE A 3649 -66.74 14.54 74.80
CA PHE A 3649 -65.62 14.66 75.73
C PHE A 3649 -64.57 13.59 75.45
N LEU A 3650 -65.01 12.37 75.18
CA LEU A 3650 -64.07 11.29 74.87
C LEU A 3650 -63.25 11.62 73.63
N GLU A 3651 -63.92 12.06 72.56
CA GLU A 3651 -63.19 12.35 71.33
C GLU A 3651 -62.24 13.54 71.52
N SER A 3652 -62.68 14.58 72.24
CA SER A 3652 -61.83 15.73 72.47
C SER A 3652 -60.63 15.38 73.34
N TYR A 3653 -60.83 14.57 74.39
CA TYR A 3653 -59.72 14.16 75.23
C TYR A 3653 -58.73 13.30 74.46
N LYS A 3654 -59.23 12.43 73.59
CA LYS A 3654 -58.34 11.64 72.74
C LYS A 3654 -57.52 12.54 71.83
N ALA A 3655 -58.18 13.55 71.23
CA ALA A 3655 -57.48 14.41 70.28
C ALA A 3655 -56.44 15.31 70.96
N ALA A 3656 -56.76 15.81 72.15
CA ALA A 3656 -55.96 16.87 72.76
C ALA A 3656 -54.85 16.36 73.65
N TRP A 3657 -55.16 15.49 74.61
CA TRP A 3657 -54.23 15.12 75.67
C TRP A 3657 -53.44 13.86 75.38
N ILE A 3658 -54.07 12.82 74.82
CA ILE A 3658 -53.37 11.55 74.63
C ILE A 3658 -52.31 11.65 73.55
N LEU A 3659 -52.62 12.30 72.42
CA LEU A 3659 -51.67 12.38 71.31
C LEU A 3659 -50.47 13.24 71.65
N THR A 3660 -50.61 14.15 72.61
CA THR A 3660 -49.51 15.05 72.95
C THR A 3660 -48.37 14.31 73.65
N GLU A 3661 -48.68 13.23 74.35
CA GLU A 3661 -47.67 12.50 75.11
C GLU A 3661 -46.67 11.83 74.16
N ASP A 3662 -45.48 11.56 74.70
CA ASP A 3662 -44.39 10.97 73.93
C ASP A 3662 -43.83 9.74 74.64
N HIS A 3663 -43.32 8.80 73.85
CA HIS A 3663 -42.70 7.59 74.36
C HIS A 3663 -41.43 7.30 73.58
N SER A 3664 -40.48 6.65 74.24
CA SER A 3664 -39.17 6.33 73.66
C SER A 3664 -38.78 4.89 73.97
N PHE A 3665 -39.72 3.96 73.77
CA PHE A 3665 -39.47 2.57 74.14
C PHE A 3665 -38.77 1.78 73.05
N GLU A 3666 -38.56 2.37 71.87
CA GLU A 3666 -38.01 1.62 70.74
C GLU A 3666 -36.59 1.15 71.02
N ASP A 3667 -35.74 2.07 71.46
CA ASP A 3667 -34.34 1.72 71.72
C ASP A 3667 -34.24 0.70 72.85
N ARG A 3668 -35.02 0.87 73.91
CA ARG A 3668 -35.00 -0.08 75.02
C ARG A 3668 -35.46 -1.46 74.56
N MET A 3669 -36.51 -1.52 73.75
CA MET A 3669 -36.99 -2.81 73.25
C MET A 3669 -35.95 -3.49 72.39
N ILE A 3670 -35.31 -2.75 71.49
CA ILE A 3670 -34.28 -3.35 70.63
C ILE A 3670 -33.10 -3.83 71.47
N ASP A 3671 -32.67 -3.03 72.45
CA ASP A 3671 -31.56 -3.43 73.30
C ASP A 3671 -31.89 -4.69 74.07
N ASP A 3672 -33.12 -4.78 74.60
CA ASP A 3672 -33.53 -5.97 75.32
C ASP A 3672 -33.57 -7.20 74.42
N LEU A 3673 -34.06 -7.02 73.19
CA LEU A 3673 -34.14 -8.14 72.24
C LEU A 3673 -32.79 -8.54 71.67
N SER A 3674 -31.76 -7.70 71.80
CA SER A 3674 -30.46 -8.00 71.23
C SER A 3674 -29.50 -8.69 72.21
N LYS A 3675 -29.98 -9.12 73.38
CA LYS A 3675 -29.07 -9.59 74.41
C LYS A 3675 -28.51 -10.98 74.08
N ALA A 3676 -29.39 -11.98 73.98
CA ALA A 3676 -29.01 -13.38 73.77
C ALA A 3676 -28.09 -13.90 74.87
N GLY A 3677 -28.30 -13.47 76.11
CA GLY A 3677 -27.49 -13.94 77.22
C GLY A 3677 -27.94 -15.29 77.75
N GLU A 3678 -27.20 -15.79 78.73
CA GLU A 3678 -27.53 -17.04 79.39
C GLU A 3678 -27.02 -17.06 80.82
N LYS A 3690 -26.81 -20.71 67.37
CA LYS A 3690 -28.20 -20.45 67.71
C LYS A 3690 -28.48 -18.96 67.74
N PRO A 3691 -29.46 -18.52 66.97
CA PRO A 3691 -29.70 -17.08 66.80
C PRO A 3691 -30.41 -16.46 68.00
N ASP A 3692 -30.27 -15.13 68.10
CA ASP A 3692 -30.95 -14.34 69.11
C ASP A 3692 -32.38 -14.05 68.66
N PRO A 3693 -33.26 -13.63 69.58
CA PRO A 3693 -34.67 -13.44 69.21
C PRO A 3693 -34.89 -12.47 68.05
N LEU A 3694 -34.11 -11.39 67.96
CA LEU A 3694 -34.26 -10.46 66.85
C LEU A 3694 -33.93 -11.15 65.52
N HIS A 3695 -32.92 -12.02 65.53
CA HIS A 3695 -32.60 -12.80 64.35
C HIS A 3695 -33.77 -13.68 63.94
N GLN A 3696 -34.43 -14.30 64.92
CA GLN A 3696 -35.58 -15.15 64.62
C GLN A 3696 -36.75 -14.34 64.06
N LEU A 3697 -36.99 -13.13 64.59
CA LEU A 3697 -38.02 -12.27 64.06
C LEU A 3697 -37.74 -11.91 62.60
N VAL A 3698 -36.50 -11.52 62.32
CA VAL A 3698 -36.13 -11.16 60.96
C VAL A 3698 -36.27 -12.36 60.02
N LEU A 3699 -35.85 -13.55 60.48
CA LEU A 3699 -35.98 -14.75 59.66
C LEU A 3699 -37.44 -15.09 59.40
N HIS A 3700 -38.31 -14.92 60.40
CA HIS A 3700 -39.73 -15.19 60.20
C HIS A 3700 -40.32 -14.24 59.17
N PHE A 3701 -39.98 -12.96 59.25
CA PHE A 3701 -40.49 -12.01 58.25
C PHE A 3701 -39.94 -12.32 56.87
N SER A 3702 -38.68 -12.72 56.76
CA SER A 3702 -38.13 -13.11 55.46
C SER A 3702 -38.85 -14.32 54.89
N ARG A 3703 -39.13 -15.31 55.74
CA ARG A 3703 -39.87 -16.50 55.29
C ARG A 3703 -41.26 -16.11 54.80
N THR A 3704 -41.92 -15.21 55.53
CA THR A 3704 -43.23 -14.74 55.08
C THR A 3704 -43.15 -14.03 53.73
N ALA A 3705 -42.09 -13.23 53.54
CA ALA A 3705 -41.92 -12.52 52.28
C ALA A 3705 -41.62 -13.44 51.11
N LEU A 3706 -40.86 -14.51 51.32
CA LEU A 3706 -40.39 -15.33 50.22
C LEU A 3706 -41.43 -16.33 49.71
N THR A 3707 -42.58 -16.45 50.36
CA THR A 3707 -43.57 -17.42 49.93
C THR A 3707 -44.14 -17.04 48.57
N GLU A 3708 -44.62 -18.04 47.83
CA GLU A 3708 -45.16 -17.83 46.49
C GLU A 3708 -46.66 -17.57 46.60
N LYS A 3709 -47.08 -16.36 46.24
CA LYS A 3709 -48.49 -15.99 46.29
C LYS A 3709 -48.74 -14.92 45.23
N SER A 3710 -50.02 -14.82 44.81
CA SER A 3710 -50.38 -13.87 43.79
C SER A 3710 -50.44 -12.43 44.31
N LYS A 3711 -50.61 -12.24 45.62
CA LYS A 3711 -50.76 -10.91 46.18
C LYS A 3711 -50.17 -10.89 47.58
N LEU A 3712 -49.73 -9.70 48.00
CA LEU A 3712 -49.17 -9.50 49.33
C LEU A 3712 -50.26 -8.97 50.26
N ASP A 3713 -50.76 -9.84 51.14
CA ASP A 3713 -51.78 -9.43 52.08
C ASP A 3713 -51.18 -8.57 53.19
N GLU A 3714 -52.02 -7.72 53.77
CA GLU A 3714 -51.56 -6.82 54.84
C GLU A 3714 -51.20 -7.63 56.09
N ASP A 3715 -50.25 -7.11 56.85
CA ASP A 3715 -49.78 -7.75 58.08
C ASP A 3715 -49.41 -6.65 59.06
N TYR A 3716 -50.28 -6.41 60.05
CA TYR A 3716 -50.08 -5.31 60.98
C TYR A 3716 -48.88 -5.52 61.88
N LEU A 3717 -48.57 -6.77 62.24
CA LEU A 3717 -47.40 -7.06 63.05
C LEU A 3717 -46.13 -6.60 62.34
N TYR A 3718 -46.02 -6.90 61.04
CA TYR A 3718 -44.85 -6.46 60.28
C TYR A 3718 -44.75 -4.95 60.25
N MET A 3719 -45.87 -4.25 60.03
CA MET A 3719 -45.82 -2.80 59.97
C MET A 3719 -45.38 -2.20 61.31
N ALA A 3720 -45.94 -2.69 62.41
CA ALA A 3720 -45.57 -2.18 63.73
C ALA A 3720 -44.10 -2.42 64.02
N TYR A 3721 -43.61 -3.64 63.75
CA TYR A 3721 -42.23 -3.94 64.10
C TYR A 3721 -41.27 -3.22 63.16
N ALA A 3722 -41.64 -3.03 61.90
CA ALA A 3722 -40.82 -2.24 61.00
C ALA A 3722 -40.74 -0.79 61.45
N ASP A 3723 -41.86 -0.24 61.93
CA ASP A 3723 -41.84 1.11 62.48
C ASP A 3723 -40.91 1.20 63.68
N ILE A 3724 -40.97 0.20 64.56
CA ILE A 3724 -40.11 0.19 65.74
C ILE A 3724 -38.64 0.14 65.33
N MET A 3725 -38.31 -0.75 64.40
CA MET A 3725 -36.92 -0.86 63.94
C MET A 3725 -36.44 0.44 63.28
N ALA A 3726 -37.30 1.05 62.46
CA ALA A 3726 -36.92 2.30 61.80
C ALA A 3726 -36.68 3.41 62.81
N LYS A 3727 -37.55 3.52 63.83
CA LYS A 3727 -37.36 4.55 64.83
C LYS A 3727 -36.18 4.25 65.76
N SER A 3728 -35.75 3.00 65.85
CA SER A 3728 -34.64 2.67 66.73
C SER A 3728 -33.31 3.27 66.26
N CYS A 3729 -33.19 3.62 64.99
CA CYS A 3729 -31.92 4.07 64.43
C CYS A 3729 -31.78 5.59 64.39
N HIS A 3730 -32.72 6.34 64.94
CA HIS A 3730 -32.64 7.79 64.93
C HIS A 3730 -31.48 8.29 65.79
N SER A 3747 -18.29 21.19 67.01
CA SER A 3747 -17.19 20.43 67.60
C SER A 3747 -16.92 19.15 66.81
N PHE A 3748 -15.67 18.96 66.42
CA PHE A 3748 -15.29 17.81 65.62
C PHE A 3748 -15.52 16.49 66.36
N GLU A 3749 -15.15 16.46 67.64
CA GLU A 3749 -15.30 15.23 68.42
C GLU A 3749 -16.76 14.82 68.55
N GLU A 3750 -17.65 15.80 68.74
CA GLU A 3750 -19.08 15.49 68.83
C GLU A 3750 -19.60 14.89 67.54
N LYS A 3751 -19.18 15.45 66.40
CA LYS A 3751 -19.61 14.91 65.11
C LYS A 3751 -19.12 13.48 64.93
N GLU A 3752 -17.86 13.21 65.30
CA GLU A 3752 -17.33 11.85 65.18
C GLU A 3752 -18.09 10.89 66.09
N MET A 3753 -18.40 11.32 67.32
CA MET A 3753 -19.16 10.48 68.23
C MET A 3753 -20.54 10.17 67.69
N GLU A 3754 -21.21 11.17 67.11
CA GLU A 3754 -22.53 10.95 66.53
C GLU A 3754 -22.44 9.95 65.37
N LYS A 3755 -21.43 10.10 64.52
CA LYS A 3755 -21.25 9.16 63.41
C LYS A 3755 -21.05 7.74 63.92
N GLN A 3756 -20.21 7.57 64.93
CA GLN A 3756 -19.95 6.23 65.46
C GLN A 3756 -21.20 5.63 66.10
N ARG A 3757 -21.97 6.44 66.83
CA ARG A 3757 -23.20 5.94 67.44
C ARG A 3757 -24.19 5.49 66.37
N LEU A 3758 -24.35 6.29 65.31
CA LEU A 3758 -25.25 5.91 64.23
C LEU A 3758 -24.79 4.64 63.55
N LEU A 3759 -23.48 4.51 63.32
CA LEU A 3759 -22.95 3.30 62.69
C LEU A 3759 -23.21 2.07 63.55
N TYR A 3760 -23.01 2.19 64.86
CA TYR A 3760 -23.28 1.06 65.76
C TYR A 3760 -24.76 0.67 65.73
N GLN A 3761 -25.65 1.67 65.77
CA GLN A 3761 -27.08 1.37 65.75
C GLN A 3761 -27.49 0.71 64.44
N GLN A 3762 -26.95 1.17 63.31
CA GLN A 3762 -27.27 0.54 62.03
C GLN A 3762 -26.69 -0.86 61.95
N ALA A 3763 -25.50 -1.07 62.51
CA ALA A 3763 -24.90 -2.40 62.53
C ALA A 3763 -25.75 -3.39 63.31
N ARG A 3764 -26.35 -2.93 64.40
CA ARG A 3764 -27.21 -3.81 65.20
C ARG A 3764 -28.25 -4.50 64.33
N LEU A 3765 -28.83 -3.78 63.39
CA LEU A 3765 -29.86 -4.35 62.52
C LEU A 3765 -29.27 -5.05 61.29
N HIS A 3766 -28.25 -4.47 60.66
CA HIS A 3766 -27.81 -5.05 59.40
C HIS A 3766 -26.89 -6.25 59.61
N ASN A 3767 -26.54 -6.56 60.86
CA ASN A 3767 -25.82 -7.81 61.11
C ASN A 3767 -26.76 -9.00 61.22
N ARG A 3768 -28.07 -8.79 61.16
CA ARG A 3768 -29.03 -9.86 61.34
C ARG A 3768 -29.90 -10.11 60.11
N GLY A 3769 -29.65 -9.40 59.00
CA GLY A 3769 -30.35 -9.69 57.76
C GLY A 3769 -31.51 -8.78 57.42
N ALA A 3770 -31.41 -7.49 57.75
CA ALA A 3770 -32.52 -6.57 57.46
C ALA A 3770 -32.57 -6.18 55.99
N ALA A 3771 -31.40 -6.03 55.35
CA ALA A 3771 -31.37 -5.54 53.96
C ALA A 3771 -32.00 -6.54 53.00
N GLU A 3772 -31.71 -7.82 53.16
CA GLU A 3772 -32.33 -8.83 52.32
C GLU A 3772 -33.84 -8.86 52.53
N MET A 3773 -34.28 -8.70 53.78
CA MET A 3773 -35.71 -8.64 54.04
C MET A 3773 -36.35 -7.45 53.34
N VAL A 3774 -35.69 -6.29 53.38
CA VAL A 3774 -36.23 -5.09 52.73
C VAL A 3774 -36.34 -5.32 51.22
N LEU A 3775 -35.29 -5.88 50.61
CA LEU A 3775 -35.32 -6.14 49.17
C LEU A 3775 -36.42 -7.14 48.82
N GLN A 3776 -36.57 -8.20 49.61
CA GLN A 3776 -37.60 -9.20 49.33
C GLN A 3776 -39.00 -8.60 49.46
N MET A 3777 -39.22 -7.79 50.50
CA MET A 3777 -40.53 -7.17 50.68
C MET A 3777 -40.84 -6.20 49.54
N ILE A 3778 -39.83 -5.45 49.09
CA ILE A 3778 -40.05 -4.54 47.96
C ILE A 3778 -40.38 -5.34 46.69
N SER A 3779 -39.67 -6.44 46.46
CA SER A 3779 -39.91 -7.24 45.27
C SER A 3779 -41.27 -7.94 45.32
N ALA A 3780 -41.76 -8.24 46.52
CA ALA A 3780 -42.99 -9.01 46.65
C ALA A 3780 -44.24 -8.17 46.48
N CYS A 3781 -44.13 -6.84 46.49
CA CYS A 3781 -45.32 -6.00 46.35
C CYS A 3781 -45.83 -5.95 44.92
N LYS A 3782 -44.97 -6.22 43.93
CA LYS A 3782 -45.35 -6.25 42.52
C LYS A 3782 -45.96 -4.94 42.04
N GLY A 3783 -45.45 -3.82 42.53
CA GLY A 3783 -45.84 -2.52 42.03
C GLY A 3783 -47.13 -1.96 42.58
N GLU A 3784 -47.69 -2.55 43.63
CA GLU A 3784 -48.93 -2.05 44.20
C GLU A 3784 -48.64 -1.17 45.40
N THR A 3785 -49.10 0.08 45.35
CA THR A 3785 -48.87 1.03 46.43
C THR A 3785 -49.73 0.69 47.63
N GLY A 3786 -49.24 1.07 48.81
CA GLY A 3786 -49.94 0.78 50.04
C GLY A 3786 -49.09 1.12 51.24
N ALA A 3787 -49.55 0.64 52.40
CA ALA A 3787 -48.84 0.89 53.65
C ALA A 3787 -47.59 0.04 53.81
N MET A 3788 -47.64 -1.22 53.35
CA MET A 3788 -46.49 -2.11 53.52
C MET A 3788 -45.26 -1.60 52.79
N VAL A 3789 -45.43 -1.13 51.56
CA VAL A 3789 -44.29 -0.62 50.79
C VAL A 3789 -43.75 0.65 51.42
N SER A 3790 -44.64 1.50 51.96
CA SER A 3790 -44.18 2.71 52.64
C SER A 3790 -43.35 2.37 53.86
N SER A 3791 -43.82 1.41 54.68
CA SER A 3791 -43.05 1.01 55.85
C SER A 3791 -41.71 0.41 55.45
N THR A 3792 -41.70 -0.41 54.40
CA THR A 3792 -40.44 -0.99 53.93
C THR A 3792 -39.46 0.09 53.47
N LEU A 3793 -39.96 1.07 52.72
CA LEU A 3793 -39.10 2.16 52.26
C LEU A 3793 -38.55 2.96 53.43
N LYS A 3794 -39.40 3.23 54.43
CA LYS A 3794 -38.93 3.98 55.60
C LYS A 3794 -37.86 3.20 56.35
N LEU A 3795 -38.03 1.89 56.51
CA LEU A 3795 -37.01 1.08 57.17
C LEU A 3795 -35.70 1.08 56.38
N GLY A 3796 -35.80 0.97 55.05
CA GLY A 3796 -34.60 1.00 54.22
C GLY A 3796 -33.87 2.33 54.34
N ILE A 3797 -34.62 3.43 54.30
CA ILE A 3797 -34.00 4.74 54.47
C ILE A 3797 -33.36 4.86 55.85
N SER A 3798 -34.02 4.31 56.88
CA SER A 3798 -33.48 4.37 58.23
C SER A 3798 -32.15 3.64 58.33
N ILE A 3799 -32.04 2.46 57.71
CA ILE A 3799 -30.80 1.70 57.81
C ILE A 3799 -29.74 2.13 56.80
N LEU A 3800 -30.11 2.90 55.78
CA LEU A 3800 -29.14 3.35 54.78
C LEU A 3800 -28.65 4.78 55.01
N ASN A 3801 -29.11 5.45 56.06
CA ASN A 3801 -28.79 6.86 56.26
C ASN A 3801 -27.30 7.06 56.44
N GLY A 3802 -26.78 8.13 55.82
CA GLY A 3802 -25.38 8.48 55.91
C GLY A 3802 -24.49 7.83 54.88
N GLY A 3803 -25.01 6.94 54.05
CA GLY A 3803 -24.20 6.27 53.05
C GLY A 3803 -23.39 5.12 53.62
N ASN A 3804 -24.08 4.15 54.23
CA ASN A 3804 -23.42 3.00 54.83
C ASN A 3804 -22.91 2.07 53.73
N ALA A 3805 -21.60 1.82 53.73
CA ALA A 3805 -21.01 1.02 52.65
C ALA A 3805 -21.33 -0.46 52.79
N ASP A 3806 -21.38 -0.97 54.02
CA ASP A 3806 -21.64 -2.39 54.22
C ASP A 3806 -23.03 -2.79 53.73
N VAL A 3807 -24.03 -1.96 54.02
CA VAL A 3807 -25.39 -2.24 53.57
C VAL A 3807 -25.46 -2.23 52.05
N GLN A 3808 -24.81 -1.25 51.42
CA GLN A 3808 -24.78 -1.19 49.96
C GLN A 3808 -24.12 -2.43 49.37
N GLN A 3809 -22.99 -2.86 49.94
CA GLN A 3809 -22.29 -4.03 49.45
C GLN A 3809 -23.16 -5.28 49.58
N LYS A 3810 -23.82 -5.45 50.73
CA LYS A 3810 -24.66 -6.62 50.92
C LYS A 3810 -25.84 -6.61 49.95
N MET A 3811 -26.48 -5.46 49.76
CA MET A 3811 -27.61 -5.37 48.84
C MET A 3811 -27.18 -5.69 47.42
N LEU A 3812 -26.04 -5.13 46.99
CA LEU A 3812 -25.56 -5.38 45.63
C LEU A 3812 -25.21 -6.85 45.43
N ASP A 3813 -24.57 -7.47 46.42
CA ASP A 3813 -24.22 -8.87 46.31
C ASP A 3813 -25.47 -9.73 46.21
N TYR A 3814 -26.48 -9.46 47.04
CA TYR A 3814 -27.72 -10.23 46.99
C TYR A 3814 -28.41 -10.07 45.64
N LEU A 3815 -28.48 -8.82 45.14
CA LEU A 3815 -29.14 -8.57 43.86
C LEU A 3815 -28.43 -9.26 42.72
N LYS A 3816 -27.09 -9.20 42.69
CA LYS A 3816 -26.37 -9.86 41.61
C LYS A 3816 -26.41 -11.38 41.73
N ASP A 3817 -26.56 -11.91 42.94
CA ASP A 3817 -26.65 -13.35 43.10
C ASP A 3817 -28.01 -13.89 42.67
N LYS A 3818 -29.09 -13.20 43.03
CA LYS A 3818 -30.42 -13.77 42.79
C LYS A 3818 -30.83 -13.72 41.32
N LYS A 3819 -30.35 -12.75 40.55
CA LYS A 3819 -30.67 -12.62 39.14
C LYS A 3819 -32.18 -12.49 38.89
N GLU A 3820 -32.91 -11.86 39.80
CA GLU A 3820 -34.36 -11.71 39.64
C GLU A 3820 -34.70 -10.40 38.96
N VAL A 3821 -35.77 -10.43 38.16
CA VAL A 3821 -36.21 -9.24 37.45
C VAL A 3821 -37.39 -8.54 38.12
N GLY A 3822 -37.94 -9.12 39.19
CA GLY A 3822 -39.11 -8.52 39.83
C GLY A 3822 -38.81 -7.19 40.50
N PHE A 3823 -37.58 -7.04 41.03
CA PHE A 3823 -37.25 -5.85 41.81
C PHE A 3823 -37.37 -4.57 40.98
N PHE A 3824 -36.70 -4.54 39.83
CA PHE A 3824 -36.70 -3.32 39.04
C PHE A 3824 -38.02 -3.09 38.34
N GLN A 3825 -38.73 -4.16 37.97
CA GLN A 3825 -40.07 -4.01 37.43
C GLN A 3825 -41.01 -3.39 38.46
N SER A 3826 -40.92 -3.85 39.71
CA SER A 3826 -41.73 -3.25 40.76
C SER A 3826 -41.36 -1.80 40.99
N ILE A 3827 -40.06 -1.48 40.96
CA ILE A 3827 -39.64 -0.09 41.13
C ILE A 3827 -40.20 0.78 40.02
N GLN A 3828 -40.12 0.31 38.77
CA GLN A 3828 -40.64 1.07 37.65
C GLN A 3828 -42.15 1.26 37.75
N ALA A 3829 -42.86 0.21 38.14
CA ALA A 3829 -44.31 0.31 38.29
C ALA A 3829 -44.68 1.29 39.39
N LEU A 3830 -43.93 1.30 40.48
CA LEU A 3830 -44.17 2.26 41.55
C LEU A 3830 -43.90 3.69 41.07
N MET A 3831 -42.83 3.87 40.30
CA MET A 3831 -42.51 5.20 39.77
C MET A 3831 -43.59 5.70 38.82
N GLN A 3832 -44.14 4.83 37.98
CA GLN A 3832 -45.09 5.27 36.97
C GLN A 3832 -46.42 5.74 37.55
N THR A 3833 -46.67 5.51 38.84
CA THR A 3833 -47.94 5.88 39.45
C THR A 3833 -47.84 7.07 40.38
N CYS A 3834 -46.68 7.72 40.48
CA CYS A 3834 -46.56 8.92 41.29
C CYS A 3834 -47.34 10.06 40.65
N SER A 3835 -48.04 10.83 41.49
CA SER A 3835 -48.94 11.86 41.00
C SER A 3835 -48.25 13.20 40.87
N VAL A 3836 -48.91 14.12 40.17
CA VAL A 3836 -48.43 15.49 39.98
C VAL A 3836 -49.61 16.44 40.22
N LEU A 3837 -49.34 17.73 40.02
CA LEU A 3837 -50.38 18.74 40.20
C LEU A 3837 -51.48 18.56 39.16
N ASP A 3838 -52.73 18.64 39.62
CA ASP A 3838 -53.89 18.54 38.74
C ASP A 3838 -54.72 19.80 38.90
N LEU A 3839 -55.11 20.41 37.78
CA LEU A 3839 -55.81 21.69 37.82
C LEU A 3839 -57.32 21.52 37.95
N ASN A 3840 -57.90 20.54 37.25
CA ASN A 3840 -59.34 20.31 37.34
C ASN A 3840 -59.75 19.90 38.76
N ALA A 3841 -58.96 19.03 39.39
CA ALA A 3841 -59.24 18.67 40.77
C ALA A 3841 -59.10 19.87 41.70
N PHE A 3842 -58.13 20.74 41.43
CA PHE A 3842 -57.99 21.97 42.23
C PHE A 3842 -59.23 22.84 42.09
N GLU A 3843 -59.75 23.01 40.87
CA GLU A 3843 -60.96 23.79 40.68
C GLU A 3843 -62.15 23.15 41.39
N ARG A 3844 -62.27 21.82 41.28
CA ARG A 3844 -63.37 21.12 41.96
C ARG A 3844 -63.33 21.33 43.46
N GLN A 3845 -62.13 21.21 44.06
CA GLN A 3845 -62.00 21.45 45.49
C GLN A 3845 -62.26 22.91 45.84
N ASN A 3846 -61.84 23.83 44.97
CA ASN A 3846 -62.07 25.25 45.22
C ASN A 3846 -63.55 25.60 45.23
N LYS A 3847 -64.33 24.99 44.33
CA LYS A 3847 -65.76 25.26 44.32
C LYS A 3847 -66.46 24.82 45.60
N ALA A 3848 -65.88 23.87 46.34
CA ALA A 3848 -66.47 23.41 47.59
C ALA A 3848 -66.32 24.47 48.68
N LYS A 3868 -56.21 16.96 48.44
CA LYS A 3868 -56.58 15.99 47.41
C LYS A 3868 -55.91 16.31 46.08
N VAL A 3869 -55.13 17.39 46.06
CA VAL A 3869 -54.42 17.78 44.85
C VAL A 3869 -53.20 16.89 44.65
N MET A 3870 -52.31 16.86 45.65
CA MET A 3870 -51.13 15.98 45.64
C MET A 3870 -51.10 15.26 46.99
N ALA A 3871 -51.70 14.07 47.02
CA ALA A 3871 -51.87 13.34 48.27
C ALA A 3871 -50.73 12.39 48.58
N ASP A 3872 -49.95 11.98 47.58
CA ASP A 3872 -48.91 10.98 47.76
C ASP A 3872 -47.51 11.57 47.58
N ASP A 3873 -47.29 12.79 48.09
CA ASP A 3873 -45.98 13.42 47.95
C ASP A 3873 -44.94 12.76 48.84
N GLU A 3874 -45.34 12.37 50.05
CA GLU A 3874 -44.41 11.75 50.98
C GLU A 3874 -43.86 10.43 50.45
N PHE A 3875 -44.72 9.63 49.81
CA PHE A 3875 -44.27 8.37 49.22
C PHE A 3875 -43.26 8.61 48.10
N THR A 3876 -43.51 9.63 47.26
CA THR A 3876 -42.58 9.97 46.21
C THR A 3876 -41.23 10.39 46.78
N GLN A 3877 -41.25 11.24 47.81
CA GLN A 3877 -40.01 11.67 48.44
C GLN A 3877 -39.26 10.47 49.03
N ASP A 3878 -39.99 9.55 49.67
CA ASP A 3878 -39.36 8.37 50.23
C ASP A 3878 -38.71 7.52 49.15
N LEU A 3879 -39.41 7.32 48.02
CA LEU A 3879 -38.86 6.50 46.94
C LEU A 3879 -37.59 7.11 46.38
N PHE A 3880 -37.61 8.41 46.07
CA PHE A 3880 -36.43 9.02 45.48
C PHE A 3880 -35.30 9.16 46.48
N ARG A 3881 -35.61 9.36 47.77
CA ARG A 3881 -34.59 9.34 48.80
C ARG A 3881 -33.94 7.97 48.91
N PHE A 3882 -34.73 6.90 48.81
CA PHE A 3882 -34.18 5.55 48.83
C PHE A 3882 -33.23 5.34 47.67
N LEU A 3883 -33.62 5.77 46.47
CA LEU A 3883 -32.73 5.63 45.32
C LEU A 3883 -31.44 6.43 45.50
N GLN A 3884 -31.56 7.67 45.99
CA GLN A 3884 -30.37 8.50 46.19
C GLN A 3884 -29.43 7.86 47.21
N LEU A 3885 -29.97 7.35 48.32
CA LEU A 3885 -29.15 6.67 49.31
C LEU A 3885 -28.55 5.39 48.74
N LEU A 3886 -29.24 4.76 47.78
CA LEU A 3886 -28.65 3.62 47.09
C LEU A 3886 -27.41 4.04 46.30
N CYS A 3887 -27.46 5.22 45.67
CA CYS A 3887 -26.30 5.71 44.92
C CYS A 3887 -25.34 6.57 45.75
N GLU A 3888 -25.63 6.78 47.03
CA GLU A 3888 -24.85 7.72 47.82
C GLU A 3888 -23.42 7.24 48.03
N GLY A 3889 -22.49 8.20 48.06
CA GLY A 3889 -21.10 7.92 48.35
C GLY A 3889 -20.20 7.70 47.16
N HIS A 3890 -20.63 8.07 45.95
CA HIS A 3890 -19.90 7.81 44.72
C HIS A 3890 -19.60 6.32 44.55
N ASN A 3891 -20.61 5.49 44.77
CA ASN A 3891 -20.48 4.05 44.59
C ASN A 3891 -20.65 3.72 43.11
N ASN A 3892 -19.55 3.53 42.40
CA ASN A 3892 -19.60 3.35 40.95
C ASN A 3892 -20.35 2.08 40.56
N ASP A 3893 -20.15 0.99 41.31
CA ASP A 3893 -20.75 -0.28 40.94
C ASP A 3893 -22.28 -0.19 40.93
N PHE A 3894 -22.86 0.46 41.95
CA PHE A 3894 -24.31 0.54 42.01
C PHE A 3894 -24.86 1.49 40.96
N GLN A 3895 -24.13 2.55 40.63
CA GLN A 3895 -24.54 3.41 39.53
C GLN A 3895 -24.60 2.65 38.21
N ASN A 3896 -23.54 1.90 37.91
CA ASN A 3896 -23.53 1.12 36.68
C ASN A 3896 -24.62 0.05 36.68
N TYR A 3897 -24.86 -0.59 37.84
CA TYR A 3897 -25.92 -1.58 37.93
C TYR A 3897 -27.30 -0.94 37.75
N LEU A 3898 -27.51 0.26 38.27
CA LEU A 3898 -28.77 0.96 38.05
C LEU A 3898 -28.97 1.32 36.60
N ARG A 3899 -27.89 1.66 35.88
CA ARG A 3899 -28.09 1.96 34.46
C ARG A 3899 -28.39 0.71 33.65
N THR A 3900 -27.71 -0.41 33.95
CA THR A 3900 -27.84 -1.61 33.13
C THR A 3900 -27.57 -2.84 33.99
N GLN A 3901 -28.46 -3.82 33.92
CA GLN A 3901 -28.27 -5.10 34.60
C GLN A 3901 -27.69 -6.09 33.59
N THR A 3902 -26.42 -6.44 33.77
CA THR A 3902 -25.73 -7.26 32.78
C THR A 3902 -26.23 -8.71 32.79
N GLY A 3903 -26.34 -9.31 33.96
CA GLY A 3903 -26.62 -10.73 34.04
C GLY A 3903 -28.07 -11.14 33.90
N ASN A 3904 -29.00 -10.19 33.90
CA ASN A 3904 -30.41 -10.53 33.83
C ASN A 3904 -30.82 -10.79 32.39
N THR A 3905 -32.02 -11.37 32.25
CA THR A 3905 -32.55 -11.62 30.91
C THR A 3905 -33.09 -10.36 30.26
N THR A 3906 -33.51 -9.38 31.07
CA THR A 3906 -34.01 -8.11 30.57
C THR A 3906 -33.41 -6.98 31.40
N THR A 3907 -33.47 -5.77 30.85
CA THR A 3907 -32.82 -4.62 31.45
C THR A 3907 -33.79 -3.45 31.52
N ILE A 3908 -33.66 -2.64 32.57
CA ILE A 3908 -34.48 -1.45 32.78
C ILE A 3908 -33.56 -0.29 33.14
N ASN A 3909 -33.81 0.88 32.57
CA ASN A 3909 -32.99 2.07 32.79
C ASN A 3909 -33.76 3.02 33.72
N ILE A 3910 -33.30 3.12 34.97
CA ILE A 3910 -33.97 3.94 35.97
C ILE A 3910 -33.80 5.43 35.70
N ILE A 3911 -32.65 5.83 35.15
CA ILE A 3911 -32.37 7.25 34.93
C ILE A 3911 -33.41 7.87 34.01
N ILE A 3912 -33.77 7.14 32.96
CA ILE A 3912 -34.76 7.66 32.01
C ILE A 3912 -36.13 7.78 32.67
N CYS A 3913 -36.46 6.85 33.56
CA CYS A 3913 -37.72 6.94 34.29
C CYS A 3913 -37.75 8.17 35.17
N THR A 3914 -36.64 8.46 35.86
CA THR A 3914 -36.57 9.68 36.66
C THR A 3914 -36.73 10.92 35.79
N VAL A 3915 -36.11 10.92 34.62
CA VAL A 3915 -36.24 12.06 33.71
C VAL A 3915 -37.68 12.24 33.25
N ASP A 3916 -38.37 11.13 32.96
CA ASP A 3916 -39.77 11.22 32.54
C ASP A 3916 -40.64 11.81 33.64
N TYR A 3917 -40.44 11.36 34.89
CA TYR A 3917 -41.22 11.93 35.99
C TYR A 3917 -40.93 13.41 36.15
N LEU A 3918 -39.66 13.80 36.01
CA LEU A 3918 -39.31 15.21 36.10
C LEU A 3918 -40.01 16.03 35.02
N LEU A 3919 -40.09 15.48 33.80
CA LEU A 3919 -40.78 16.17 32.71
C LEU A 3919 -42.26 16.37 33.04
N ARG A 3920 -42.90 15.32 33.55
CA ARG A 3920 -44.32 15.44 33.89
C ARG A 3920 -44.54 16.49 34.96
N LEU A 3921 -43.70 16.49 36.00
CA LEU A 3921 -43.84 17.46 37.08
C LEU A 3921 -43.63 18.88 36.56
N GLN A 3922 -42.65 19.07 35.68
CA GLN A 3922 -42.38 20.40 35.13
C GLN A 3922 -43.58 20.89 34.32
N GLU A 3923 -44.18 20.02 33.51
CA GLU A 3923 -45.35 20.42 32.73
C GLU A 3923 -46.50 20.81 33.65
N SER A 3924 -46.72 20.04 34.73
CA SER A 3924 -47.78 20.39 35.67
C SER A 3924 -47.53 21.76 36.31
N ILE A 3925 -46.29 22.03 36.70
CA ILE A 3925 -45.97 23.32 37.32
C ILE A 3925 -46.18 24.46 36.32
N SER A 3926 -45.80 24.25 35.06
CA SER A 3926 -46.01 25.27 34.04
C SER A 3926 -47.50 25.56 33.86
N ASP A 3927 -48.33 24.51 33.83
CA ASP A 3927 -49.77 24.72 33.73
C ASP A 3927 -50.31 25.51 34.91
N PHE A 3928 -49.82 25.20 36.12
CA PHE A 3928 -50.26 25.95 37.29
C PHE A 3928 -49.90 27.43 37.17
N TYR A 3929 -48.67 27.73 36.74
CA TYR A 3929 -48.29 29.12 36.58
C TYR A 3929 -49.14 29.81 35.53
N TRP A 3930 -49.41 29.13 34.41
CA TRP A 3930 -50.29 29.70 33.40
C TRP A 3930 -51.67 30.01 33.98
N TYR A 3931 -52.19 29.13 34.84
CA TYR A 3931 -53.47 29.42 35.48
C TYR A 3931 -53.38 30.67 36.35
N TYR A 3932 -52.30 30.82 37.11
CA TYR A 3932 -52.23 31.93 38.07
C TYR A 3932 -51.58 33.19 37.51
N SER A 3933 -51.30 33.25 36.20
CA SER A 3933 -50.64 34.42 35.65
C SER A 3933 -51.51 35.67 35.74
N GLY A 3934 -52.80 35.54 35.43
CA GLY A 3934 -53.66 36.71 35.34
C GLY A 3934 -54.00 37.38 36.65
N LYS A 3935 -54.06 36.61 37.75
CA LYS A 3935 -54.45 37.17 39.03
C LYS A 3935 -53.38 38.11 39.57
N ASP A 3936 -53.81 39.00 40.47
CA ASP A 3936 -52.88 39.96 41.08
C ASP A 3936 -52.27 39.43 42.37
N VAL A 3937 -52.99 38.60 43.12
CA VAL A 3937 -52.48 38.00 44.34
C VAL A 3937 -52.81 36.52 44.33
N ILE A 3938 -52.09 35.76 45.15
CA ILE A 3938 -52.20 34.31 45.19
C ILE A 3938 -52.79 33.89 46.53
N GLU A 3939 -53.80 33.03 46.48
CA GLU A 3939 -54.45 32.55 47.70
C GLU A 3939 -53.57 31.48 48.37
N GLU A 3940 -53.91 31.17 49.63
CA GLU A 3940 -53.05 30.31 50.44
C GLU A 3940 -52.91 28.91 49.85
N GLN A 3941 -54.00 28.36 49.32
CA GLN A 3941 -53.97 26.99 48.81
C GLN A 3941 -52.97 26.85 47.66
N GLY A 3942 -52.95 27.83 46.75
CA GLY A 3942 -51.96 27.81 45.69
C GLY A 3942 -50.55 27.86 46.24
N LYS A 3943 -50.32 28.65 47.29
CA LYS A 3943 -49.00 28.74 47.88
C LYS A 3943 -48.55 27.40 48.44
N ARG A 3944 -49.45 26.71 49.16
CA ARG A 3944 -49.07 25.43 49.74
C ARG A 3944 -48.86 24.37 48.67
N ASN A 3945 -49.67 24.40 47.60
CA ASN A 3945 -49.46 23.46 46.49
C ASN A 3945 -48.12 23.70 45.83
N PHE A 3946 -47.76 24.97 45.58
CA PHE A 3946 -46.47 25.29 45.01
C PHE A 3946 -45.34 24.81 45.91
N SER A 3947 -45.50 25.02 47.22
CA SER A 3947 -44.45 24.61 48.16
C SER A 3947 -44.21 23.11 48.13
N LYS A 3948 -45.29 22.32 48.12
CA LYS A 3948 -45.08 20.87 48.11
C LYS A 3948 -44.53 20.39 46.77
N ALA A 3949 -44.96 21.00 45.66
CA ALA A 3949 -44.42 20.61 44.36
C ALA A 3949 -42.92 20.90 44.29
N MET A 3950 -42.49 22.07 44.76
CA MET A 3950 -41.07 22.38 44.74
C MET A 3950 -40.29 21.52 45.72
N SER A 3951 -40.91 21.12 46.83
CA SER A 3951 -40.26 20.20 47.75
C SER A 3951 -39.99 18.85 47.07
N VAL A 3952 -40.91 18.39 46.22
CA VAL A 3952 -40.67 17.16 45.48
C VAL A 3952 -39.57 17.36 44.42
N ALA A 3953 -39.61 18.51 43.74
CA ALA A 3953 -38.63 18.76 42.68
C ALA A 3953 -37.21 18.81 43.23
N LYS A 3954 -37.04 19.36 44.43
CA LYS A 3954 -35.71 19.37 45.06
C LYS A 3954 -35.14 17.97 45.18
N GLN A 3955 -35.96 17.03 45.70
CA GLN A 3955 -35.50 15.66 45.86
C GLN A 3955 -35.19 15.00 44.53
N VAL A 3956 -35.99 15.27 43.50
CA VAL A 3956 -35.70 14.69 42.19
C VAL A 3956 -34.36 15.18 41.67
N PHE A 3957 -34.10 16.48 41.80
CA PHE A 3957 -32.82 17.03 41.35
C PHE A 3957 -31.66 16.44 42.12
N ASN A 3958 -31.82 16.28 43.43
CA ASN A 3958 -30.75 15.68 44.24
C ASN A 3958 -30.49 14.24 43.82
N SER A 3959 -31.54 13.49 43.51
CA SER A 3959 -31.35 12.11 43.05
C SER A 3959 -30.57 12.07 41.74
N LEU A 3960 -30.89 12.94 40.80
CA LEU A 3960 -30.12 12.98 39.55
C LEU A 3960 -28.66 13.34 39.81
N THR A 3961 -28.43 14.35 40.66
CA THR A 3961 -27.07 14.75 40.98
C THR A 3961 -26.27 13.60 41.57
N GLU A 3962 -26.89 12.86 42.49
CA GLU A 3962 -26.21 11.69 43.05
C GLU A 3962 -26.00 10.60 42.00
N TYR A 3963 -26.88 10.53 41.00
CA TYR A 3963 -26.65 9.59 39.90
C TYR A 3963 -25.37 9.92 39.13
N ILE A 3964 -25.13 11.20 38.83
CA ILE A 3964 -24.01 11.55 37.95
C ILE A 3964 -22.81 12.15 38.68
N GLN A 3965 -22.65 11.89 39.97
CA GLN A 3965 -21.61 12.58 40.75
C GLN A 3965 -20.28 11.83 40.78
N GLY A 3966 -20.15 10.72 40.06
CA GLY A 3966 -18.98 9.86 40.17
C GLY A 3966 -17.63 10.54 40.04
N PRO A 3967 -17.29 11.03 38.84
CA PRO A 3967 -18.07 11.03 37.59
C PRO A 3967 -18.23 9.63 36.98
N CYS A 3968 -19.47 9.24 36.73
CA CYS A 3968 -19.79 7.99 36.02
C CYS A 3968 -20.07 8.38 34.58
N THR A 3969 -19.10 8.12 33.69
CA THR A 3969 -19.19 8.61 32.33
C THR A 3969 -20.40 8.04 31.60
N GLY A 3970 -20.73 6.78 31.85
CA GLY A 3970 -21.89 6.19 31.21
C GLY A 3970 -23.18 6.91 31.55
N ASN A 3971 -23.35 7.28 32.82
CA ASN A 3971 -24.55 8.01 33.23
C ASN A 3971 -24.59 9.39 32.59
N GLN A 3972 -23.44 10.07 32.51
CA GLN A 3972 -23.39 11.37 31.86
C GLN A 3972 -23.79 11.27 30.39
N GLN A 3973 -23.25 10.26 29.69
CA GLN A 3973 -23.60 10.08 28.29
C GLN A 3973 -25.08 9.73 28.12
N SER A 3974 -25.63 8.92 29.02
CA SER A 3974 -27.04 8.58 28.96
C SER A 3974 -27.91 9.81 29.18
N LEU A 3975 -27.54 10.66 30.14
CA LEU A 3975 -28.34 11.85 30.42
C LEU A 3975 -28.23 12.88 29.30
N ALA A 3976 -27.05 12.98 28.67
CA ALA A 3976 -26.85 14.02 27.66
C ALA A 3976 -27.73 13.81 26.43
N HIS A 3977 -28.14 12.56 26.17
CA HIS A 3977 -28.94 12.24 25.00
C HIS A 3977 -30.42 12.10 25.31
N SER A 3978 -30.85 12.43 26.54
CA SER A 3978 -32.23 12.27 26.94
C SER A 3978 -33.01 13.56 26.70
N ARG A 3979 -34.23 13.61 27.24
CA ARG A 3979 -35.10 14.77 27.14
C ARG A 3979 -34.80 15.84 28.18
N LEU A 3980 -33.82 15.59 29.05
CA LEU A 3980 -33.58 16.45 30.21
C LEU A 3980 -33.47 17.92 29.82
N TRP A 3981 -32.76 18.21 28.74
CA TRP A 3981 -32.58 19.61 28.32
C TRP A 3981 -33.92 20.32 28.23
N ASP A 3982 -34.89 19.72 27.55
CA ASP A 3982 -36.19 20.36 27.41
C ASP A 3982 -36.76 20.75 28.77
N ALA A 3983 -36.73 19.81 29.72
CA ALA A 3983 -37.24 20.10 31.06
C ALA A 3983 -36.60 21.35 31.63
N VAL A 3984 -35.27 21.44 31.54
CA VAL A 3984 -34.57 22.58 32.11
C VAL A 3984 -35.13 23.87 31.51
N VAL A 3985 -35.32 23.89 30.20
CA VAL A 3985 -35.82 25.10 29.54
C VAL A 3985 -37.13 25.52 30.19
N GLY A 3986 -38.05 24.57 30.38
CA GLY A 3986 -39.33 24.91 30.97
C GLY A 3986 -39.17 25.58 32.32
N PHE A 3987 -38.28 25.04 33.15
CA PHE A 3987 -38.07 25.63 34.47
C PHE A 3987 -37.58 27.07 34.33
N LEU A 3988 -36.66 27.31 33.40
CA LEU A 3988 -36.13 28.65 33.23
C LEU A 3988 -37.22 29.63 32.82
N HIS A 3989 -38.29 29.12 32.19
CA HIS A 3989 -39.40 29.99 31.84
C HIS A 3989 -40.16 30.42 33.09
N VAL A 3990 -40.39 29.49 34.01
CA VAL A 3990 -41.19 29.80 35.19
C VAL A 3990 -40.44 30.75 36.11
N PHE A 3991 -39.20 30.40 36.44
CA PHE A 3991 -38.43 31.16 37.43
C PHE A 3991 -38.37 32.63 37.06
N ALA A 3992 -37.96 32.94 35.84
CA ALA A 3992 -37.83 34.33 35.41
C ALA A 3992 -39.13 35.09 35.57
N HIS A 3993 -40.26 34.42 35.33
CA HIS A 3993 -41.54 35.10 35.45
C HIS A 3993 -42.05 35.12 36.89
N MET A 3994 -41.59 34.18 37.73
CA MET A 3994 -42.17 34.06 39.05
C MET A 3994 -41.66 35.14 40.00
N MET A 3995 -40.33 35.29 40.09
CA MET A 3995 -39.77 36.23 41.07
C MET A 3995 -40.27 37.65 40.82
N MET A 3996 -40.26 38.08 39.55
CA MET A 3996 -40.77 39.41 39.22
C MET A 3996 -42.18 39.60 39.74
N LYS A 3997 -43.00 38.53 39.70
CA LYS A 3997 -44.34 38.63 40.26
C LYS A 3997 -44.32 38.60 41.78
N LEU A 3998 -43.46 37.75 42.36
CA LEU A 3998 -43.47 37.58 43.80
C LEU A 3998 -42.77 38.73 44.52
N ALA A 3999 -41.80 39.37 43.87
CA ALA A 3999 -41.05 40.45 44.51
C ALA A 3999 -41.90 41.69 44.75
N GLN A 4000 -43.04 41.82 44.07
CA GLN A 4000 -43.85 43.02 44.18
C GLN A 4000 -44.73 43.04 45.43
N ASP A 4001 -44.85 41.92 46.14
CA ASP A 4001 -45.64 41.84 47.36
C ASP A 4001 -44.81 41.21 48.46
N SER A 4002 -44.83 41.83 49.65
CA SER A 4002 -44.05 41.30 50.76
C SER A 4002 -44.70 40.06 51.37
N SER A 4003 -46.03 39.95 51.29
CA SER A 4003 -46.73 38.87 51.97
C SER A 4003 -46.31 37.49 51.46
N GLN A 4004 -45.72 37.41 50.27
CA GLN A 4004 -45.30 36.15 49.69
C GLN A 4004 -43.80 35.90 49.84
N ILE A 4005 -43.12 36.67 50.69
CA ILE A 4005 -41.66 36.59 50.76
C ILE A 4005 -41.21 35.18 51.09
N GLU A 4006 -41.87 34.52 52.06
CA GLU A 4006 -41.48 33.19 52.46
C GLU A 4006 -41.55 32.20 51.30
N LEU A 4007 -42.46 32.43 50.35
CA LEU A 4007 -42.48 31.59 49.17
C LEU A 4007 -41.27 31.85 48.28
N LEU A 4008 -40.96 33.12 48.04
CA LEU A 4008 -39.90 33.48 47.09
C LEU A 4008 -38.58 32.83 47.46
N LYS A 4009 -38.21 32.89 48.76
CA LYS A 4009 -36.98 32.26 49.21
C LYS A 4009 -36.92 30.80 48.77
N GLU A 4010 -38.01 30.06 49.00
CA GLU A 4010 -38.04 28.66 48.59
C GLU A 4010 -37.73 28.53 47.11
N LEU A 4011 -38.36 29.36 46.28
CA LEU A 4011 -38.11 29.30 44.85
C LEU A 4011 -36.63 29.44 44.55
N LEU A 4012 -35.97 30.41 45.20
CA LEU A 4012 -34.54 30.59 44.96
C LEU A 4012 -33.76 29.36 45.38
N ASP A 4013 -34.12 28.75 46.52
CA ASP A 4013 -33.43 27.55 46.95
C ASP A 4013 -33.60 26.42 45.94
N LEU A 4014 -34.70 26.43 45.18
CA LEU A 4014 -34.84 25.46 44.11
C LEU A 4014 -33.82 25.71 43.00
N GLN A 4015 -33.65 26.97 42.60
CA GLN A 4015 -32.81 27.28 41.44
C GLN A 4015 -31.39 26.78 41.64
N LYS A 4016 -30.81 27.06 42.81
CA LYS A 4016 -29.46 26.56 43.11
C LYS A 4016 -29.38 25.05 42.91
N ASP A 4017 -30.38 24.31 43.41
CA ASP A 4017 -30.34 22.86 43.31
C ASP A 4017 -30.32 22.41 41.86
N MET A 4018 -30.90 23.19 40.95
CA MET A 4018 -30.77 22.86 39.54
C MET A 4018 -29.35 23.15 39.05
N VAL A 4019 -28.82 24.33 39.37
CA VAL A 4019 -27.56 24.76 38.79
C VAL A 4019 -26.44 23.82 39.18
N VAL A 4020 -26.43 23.36 40.44
CA VAL A 4020 -25.42 22.43 40.89
C VAL A 4020 -25.40 21.19 40.00
N MET A 4021 -26.58 20.66 39.67
CA MET A 4021 -26.64 19.48 38.82
C MET A 4021 -25.99 19.76 37.48
N LEU A 4022 -26.21 20.95 36.93
CA LEU A 4022 -25.56 21.32 35.68
C LEU A 4022 -24.04 21.27 35.81
N LEU A 4023 -23.51 21.77 36.92
CA LEU A 4023 -22.08 21.69 37.16
C LEU A 4023 -21.62 20.24 37.23
N SER A 4024 -22.47 19.37 37.78
CA SER A 4024 -22.12 17.96 37.86
C SER A 4024 -21.97 17.34 36.47
N LEU A 4025 -22.59 17.95 35.46
CA LEU A 4025 -22.45 17.44 34.11
C LEU A 4025 -21.14 17.88 33.46
N LEU A 4026 -20.42 18.82 34.07
CA LEU A 4026 -19.19 19.34 33.48
C LEU A 4026 -17.93 18.77 34.13
N GLU A 4027 -18.06 17.77 34.99
CA GLU A 4027 -16.88 17.15 35.58
C GLU A 4027 -16.09 16.40 34.52
N GLY A 4028 -14.77 16.56 34.55
CA GLY A 4028 -13.94 15.90 33.56
C GLY A 4028 -14.16 16.33 32.13
N ASN A 4029 -14.57 17.57 31.90
CA ASN A 4029 -14.88 18.03 30.56
C ASN A 4029 -13.65 18.66 29.93
N VAL A 4030 -13.30 18.20 28.73
CA VAL A 4030 -12.16 18.72 27.99
C VAL A 4030 -12.56 20.00 27.27
N VAL A 4031 -11.58 20.74 26.76
CA VAL A 4031 -11.88 21.95 26.00
C VAL A 4031 -12.63 21.57 24.73
N ASN A 4032 -13.67 22.34 24.41
CA ASN A 4032 -14.54 22.09 23.27
C ASN A 4032 -15.24 20.73 23.35
N GLY A 4033 -15.63 20.32 24.54
CA GLY A 4033 -16.40 19.09 24.67
C GLY A 4033 -17.81 19.26 24.14
N MET A 4034 -18.45 18.13 23.83
CA MET A 4034 -19.79 18.19 23.25
C MET A 4034 -20.84 18.59 24.26
N ILE A 4035 -20.67 18.21 25.52
CA ILE A 4035 -21.66 18.53 26.55
C ILE A 4035 -21.71 20.04 26.79
N ALA A 4036 -20.54 20.69 26.80
CA ALA A 4036 -20.51 22.13 26.99
C ALA A 4036 -21.17 22.86 25.82
N ARG A 4037 -20.95 22.38 24.59
CA ARG A 4037 -21.60 22.98 23.43
C ARG A 4037 -23.11 22.79 23.49
N GLN A 4038 -23.56 21.62 23.93
CA GLN A 4038 -25.00 21.41 24.11
C GLN A 4038 -25.57 22.35 25.17
N MET A 4039 -24.83 22.56 26.26
CA MET A 4039 -25.27 23.50 27.28
C MET A 4039 -25.37 24.92 26.74
N VAL A 4040 -24.39 25.32 25.92
CA VAL A 4040 -24.42 26.66 25.32
C VAL A 4040 -25.64 26.79 24.40
N ASP A 4041 -25.93 25.76 23.60
CA ASP A 4041 -27.11 25.80 22.76
C ASP A 4041 -28.39 25.91 23.59
N MET A 4042 -28.47 25.16 24.69
CA MET A 4042 -29.63 25.23 25.56
C MET A 4042 -29.79 26.63 26.15
N LEU A 4043 -28.69 27.26 26.56
CA LEU A 4043 -28.76 28.61 27.09
C LEU A 4043 -29.18 29.61 26.02
N VAL A 4044 -28.69 29.43 24.79
CA VAL A 4044 -29.09 30.31 23.70
C VAL A 4044 -30.58 30.20 23.45
N GLU A 4045 -31.13 29.00 23.62
CA GLU A 4045 -32.57 28.80 23.41
C GLU A 4045 -33.42 29.58 24.41
N SER A 4046 -32.94 29.81 25.64
CA SER A 4046 -33.71 30.51 26.68
C SER A 4046 -33.05 31.84 27.06
N SER A 4047 -32.23 32.37 26.15
CA SER A 4047 -31.61 33.69 26.31
C SER A 4047 -32.51 34.72 26.98
N SER A 4048 -33.79 34.78 26.58
CA SER A 4048 -34.67 35.82 27.11
C SER A 4048 -34.84 35.70 28.62
N ASN A 4049 -35.21 34.52 29.09
CA ASN A 4049 -35.38 34.31 30.52
C ASN A 4049 -34.06 34.44 31.27
N VAL A 4050 -32.96 33.98 30.66
CA VAL A 4050 -31.66 34.13 31.30
C VAL A 4050 -31.33 35.61 31.50
N GLU A 4051 -31.60 36.42 30.48
CA GLU A 4051 -31.36 37.87 30.56
C GLU A 4051 -32.24 38.49 31.63
N MET A 4052 -33.51 38.06 31.73
CA MET A 4052 -34.38 38.59 32.76
C MET A 4052 -33.84 38.28 34.15
N ILE A 4053 -33.36 37.05 34.38
CA ILE A 4053 -32.81 36.68 35.67
C ILE A 4053 -31.57 37.51 36.00
N LEU A 4054 -30.68 37.67 35.00
CA LEU A 4054 -29.47 38.45 35.22
C LEU A 4054 -29.81 39.90 35.57
N LYS A 4055 -30.79 40.48 34.87
CA LYS A 4055 -31.23 41.83 35.20
C LYS A 4055 -31.79 41.90 36.61
N PHE A 4056 -32.57 40.89 37.01
CA PHE A 4056 -33.14 40.87 38.35
C PHE A 4056 -32.03 40.91 39.41
N PHE A 4057 -30.97 40.13 39.21
CA PHE A 4057 -29.86 40.17 40.17
C PHE A 4057 -29.15 41.52 40.14
N ASP A 4058 -28.85 42.02 38.93
CA ASP A 4058 -28.04 43.23 38.82
C ASP A 4058 -28.74 44.45 39.41
N MET A 4059 -30.06 44.55 39.23
CA MET A 4059 -30.80 45.70 39.73
C MET A 4059 -30.61 45.86 41.24
N PHE A 4060 -30.83 44.78 41.99
CA PHE A 4060 -30.69 44.87 43.44
C PHE A 4060 -29.23 44.99 43.88
N LEU A 4061 -28.31 44.34 43.16
CA LEU A 4061 -26.90 44.50 43.50
C LEU A 4061 -26.47 45.95 43.37
N LYS A 4062 -26.97 46.66 42.35
CA LYS A 4062 -26.63 48.06 42.19
C LYS A 4062 -27.37 48.94 43.19
N LEU A 4063 -28.63 48.58 43.50
CA LEU A 4063 -29.41 49.38 44.44
C LEU A 4063 -28.78 49.38 45.83
N LYS A 4064 -28.26 48.22 46.26
CA LYS A 4064 -27.65 48.13 47.59
C LYS A 4064 -26.49 49.11 47.72
N ASP A 4065 -25.67 49.24 46.69
CA ASP A 4065 -24.55 50.18 46.74
C ASP A 4065 -25.01 51.63 46.56
N ILE A 4066 -26.05 51.85 45.73
CA ILE A 4066 -26.49 53.21 45.46
C ILE A 4066 -27.12 53.84 46.70
N VAL A 4067 -27.91 53.05 47.44
CA VAL A 4067 -28.61 53.60 48.61
C VAL A 4067 -27.60 54.11 49.64
N GLY A 4068 -26.49 53.41 49.82
CA GLY A 4068 -25.49 53.81 50.79
C GLY A 4068 -24.58 54.93 50.35
N SER A 4069 -24.74 55.42 49.12
CA SER A 4069 -23.89 56.51 48.63
C SER A 4069 -24.19 57.80 49.39
N GLU A 4070 -23.16 58.62 49.58
CA GLU A 4070 -23.33 59.88 50.29
C GLU A 4070 -24.22 60.85 49.53
N ALA A 4071 -24.19 60.80 48.19
CA ALA A 4071 -25.04 61.67 47.40
C ALA A 4071 -26.52 61.39 47.65
N PHE A 4072 -26.88 60.11 47.76
CA PHE A 4072 -28.27 59.76 48.04
C PHE A 4072 -28.69 60.23 49.43
N GLN A 4073 -27.76 60.21 50.39
CA GLN A 4073 -28.06 60.64 51.74
C GLN A 4073 -28.40 62.13 51.82
N ASP A 4074 -28.10 62.91 50.79
CA ASP A 4074 -28.47 64.31 50.78
C ASP A 4074 -29.98 64.49 50.67
N TYR A 4075 -30.64 63.64 49.89
CA TYR A 4075 -32.08 63.80 49.64
C TYR A 4075 -32.94 63.41 50.83
N VAL A 4076 -32.51 62.47 51.66
CA VAL A 4076 -33.29 62.09 52.82
C VAL A 4076 -33.15 63.17 53.89
N THR A 4077 -34.29 63.69 54.35
CA THR A 4077 -34.29 64.79 55.30
C THR A 4077 -35.16 64.57 56.52
N ASP A 4078 -36.13 63.66 56.49
CA ASP A 4078 -36.95 63.41 57.67
C ASP A 4078 -36.09 62.87 58.81
N PRO A 4079 -36.35 63.31 60.05
CA PRO A 4079 -35.55 62.80 61.18
C PRO A 4079 -35.69 61.29 61.37
N ARG A 4080 -36.83 60.71 61.03
CA ARG A 4080 -37.02 59.28 61.16
C ARG A 4080 -36.25 58.47 60.12
N GLY A 4081 -35.75 59.12 59.08
CA GLY A 4081 -34.95 58.45 58.07
C GLY A 4081 -35.71 57.94 56.86
N LEU A 4082 -37.03 58.17 56.79
CA LEU A 4082 -37.81 57.73 55.64
C LEU A 4082 -37.82 58.81 54.56
N ILE A 4083 -38.06 58.37 53.32
CA ILE A 4083 -37.95 59.22 52.14
C ILE A 4083 -39.24 59.13 51.34
N SER A 4084 -39.67 60.25 50.77
CA SER A 4084 -40.88 60.27 49.97
C SER A 4084 -40.65 59.60 48.62
N LYS A 4085 -41.75 59.13 48.02
CA LYS A 4085 -41.66 58.50 46.71
C LYS A 4085 -41.18 59.49 45.65
N LYS A 4086 -41.69 60.72 45.70
CA LYS A 4086 -41.24 61.74 44.76
C LYS A 4086 -39.76 62.04 44.94
N ASP A 4087 -39.30 62.14 46.19
CA ASP A 4087 -37.89 62.35 46.44
C ASP A 4087 -37.06 61.15 45.97
N PHE A 4088 -37.57 59.94 46.18
CA PHE A 4088 -36.88 58.75 45.70
C PHE A 4088 -36.72 58.77 44.19
N GLN A 4089 -37.80 59.09 43.47
CA GLN A 4089 -37.72 59.17 42.01
C GLN A 4089 -36.77 60.27 41.57
N LYS A 4090 -36.80 61.42 42.24
CA LYS A 4090 -35.90 62.51 41.89
C LYS A 4090 -34.45 62.11 42.07
N ALA A 4091 -34.14 61.44 43.19
CA ALA A 4091 -32.76 61.00 43.43
C ALA A 4091 -32.33 59.96 42.41
N MET A 4092 -33.21 59.01 42.10
CA MET A 4092 -32.86 57.97 41.13
C MET A 4092 -32.62 58.59 39.75
N ASP A 4093 -33.44 59.55 39.35
CA ASP A 4093 -33.24 60.21 38.06
C ASP A 4093 -31.98 61.05 38.07
N SER A 4094 -31.67 61.69 39.20
CA SER A 4094 -30.45 62.48 39.30
C SER A 4094 -29.20 61.62 39.18
N GLN A 4095 -29.20 60.43 39.78
CA GLN A 4095 -28.06 59.54 39.65
C GLN A 4095 -27.86 59.09 38.21
N LYS A 4096 -28.94 58.84 37.48
CA LYS A 4096 -28.92 58.51 36.05
C LYS A 4096 -28.19 57.18 35.79
N GLN A 4097 -28.63 56.12 36.47
CA GLN A 4097 -28.13 54.78 36.21
C GLN A 4097 -29.21 53.81 35.77
N PHE A 4098 -30.47 54.09 36.07
CA PHE A 4098 -31.59 53.23 35.71
C PHE A 4098 -32.46 53.91 34.66
N THR A 4099 -33.17 53.09 33.89
CA THR A 4099 -34.19 53.61 32.99
C THR A 4099 -35.49 53.85 33.78
N GLY A 4100 -36.43 54.50 33.10
CA GLY A 4100 -37.71 54.81 33.69
C GLY A 4100 -38.48 53.61 34.20
N PRO A 4101 -38.68 52.60 33.33
CA PRO A 4101 -39.36 51.38 33.79
C PRO A 4101 -38.69 50.71 34.96
N GLU A 4102 -37.36 50.73 35.02
CA GLU A 4102 -36.66 50.13 36.16
C GLU A 4102 -37.00 50.87 37.45
N ILE A 4103 -36.99 52.20 37.41
CA ILE A 4103 -37.33 52.98 38.60
C ILE A 4103 -38.78 52.73 39.00
N GLN A 4104 -39.67 52.61 38.02
CA GLN A 4104 -41.06 52.29 38.32
C GLN A 4104 -41.18 50.93 38.97
N PHE A 4105 -40.37 49.96 38.52
CA PHE A 4105 -40.39 48.63 39.12
C PHE A 4105 -39.90 48.67 40.57
N LEU A 4106 -38.84 49.44 40.84
CA LEU A 4106 -38.41 49.63 42.22
C LEU A 4106 -39.50 50.25 43.06
N LEU A 4107 -40.19 51.26 42.52
CA LEU A 4107 -41.30 51.87 43.26
C LEU A 4107 -42.40 50.87 43.55
N SER A 4108 -42.72 50.01 42.57
CA SER A 4108 -43.72 48.98 42.78
C SER A 4108 -43.29 47.99 43.85
N CYS A 4109 -42.01 47.61 43.87
CA CYS A 4109 -41.51 46.70 44.89
C CYS A 4109 -41.36 47.38 46.25
N SER A 4110 -41.32 48.71 46.29
CA SER A 4110 -41.21 49.41 47.55
C SER A 4110 -42.48 49.25 48.38
N GLU A 4111 -42.30 49.03 49.67
CA GLU A 4111 -43.44 48.85 50.58
C GLU A 4111 -43.83 50.17 51.23
N ALA A 4112 -44.21 51.12 50.37
CA ALA A 4112 -44.62 52.43 50.84
C ALA A 4112 -45.91 52.33 51.65
N ASP A 4113 -45.97 53.07 52.75
CA ASP A 4113 -47.15 53.06 53.61
C ASP A 4113 -48.22 54.00 53.06
N GLU A 4114 -49.26 54.23 53.86
CA GLU A 4114 -50.31 55.16 53.49
C GLU A 4114 -49.81 56.60 53.37
N ASN A 4115 -48.66 56.92 53.97
CA ASN A 4115 -48.08 58.26 53.90
C ASN A 4115 -47.04 58.40 52.81
N GLU A 4116 -46.95 57.43 51.90
CA GLU A 4116 -45.95 57.44 50.84
C GLU A 4116 -44.53 57.53 51.40
N MET A 4117 -44.30 56.90 52.55
CA MET A 4117 -43.01 56.94 53.24
C MET A 4117 -42.26 55.64 52.96
N ILE A 4118 -41.01 55.75 52.55
CA ILE A 4118 -40.21 54.59 52.16
C ILE A 4118 -39.05 54.42 53.13
N ASP A 4119 -38.90 53.21 53.66
CA ASP A 4119 -37.80 52.83 54.55
C ASP A 4119 -36.70 52.23 53.68
N CYS A 4120 -35.71 53.06 53.34
CA CYS A 4120 -34.63 52.60 52.46
C CYS A 4120 -33.75 51.55 53.13
N GLU A 4121 -33.54 51.68 54.44
CA GLU A 4121 -32.65 50.74 55.13
C GLU A 4121 -33.18 49.31 55.06
N GLU A 4122 -34.48 49.12 55.25
CA GLU A 4122 -35.06 47.79 55.13
C GLU A 4122 -35.18 47.37 53.66
N PHE A 4123 -35.44 48.34 52.78
CA PHE A 4123 -35.60 48.02 51.36
C PHE A 4123 -34.31 47.47 50.76
N ALA A 4124 -33.16 48.05 51.13
CA ALA A 4124 -31.90 47.64 50.53
C ALA A 4124 -31.49 46.23 50.94
N ASN A 4125 -31.80 45.84 52.17
CA ASN A 4125 -31.29 44.59 52.73
C ASN A 4125 -32.27 43.41 52.58
N ARG A 4126 -33.37 43.59 51.88
CA ARG A 4126 -34.39 42.55 51.82
C ARG A 4126 -33.92 41.32 51.06
N PHE A 4127 -33.22 41.52 49.94
CA PHE A 4127 -32.87 40.44 49.02
C PHE A 4127 -31.38 40.15 48.98
N GLN A 4128 -30.69 40.13 50.12
CA GLN A 4128 -29.24 39.98 50.12
C GLN A 4128 -28.84 38.50 50.05
N GLU A 4129 -29.19 37.73 51.08
CA GLU A 4129 -28.64 36.40 51.29
C GLU A 4129 -29.02 35.37 50.21
N PRO A 4130 -30.31 35.19 49.89
CA PRO A 4130 -30.64 34.18 48.88
C PRO A 4130 -30.15 34.53 47.50
N ALA A 4131 -30.27 35.81 47.11
CA ALA A 4131 -29.74 36.24 45.84
C ALA A 4131 -28.23 36.03 45.78
N ARG A 4132 -27.52 36.29 46.88
CA ARG A 4132 -26.10 35.98 46.94
C ARG A 4132 -25.84 34.50 46.69
N ASP A 4133 -26.59 33.64 47.38
CA ASP A 4133 -26.33 32.20 47.28
C ASP A 4133 -26.54 31.69 45.87
N ILE A 4134 -27.60 32.14 45.20
CA ILE A 4134 -27.84 31.67 43.84
C ILE A 4134 -26.86 32.32 42.85
N GLY A 4135 -26.57 33.61 43.05
CA GLY A 4135 -25.73 34.32 42.10
C GLY A 4135 -24.31 33.83 42.09
N PHE A 4136 -23.79 33.38 43.23
CA PHE A 4136 -22.44 32.83 43.25
C PHE A 4136 -22.33 31.62 42.32
N ASN A 4137 -23.31 30.70 42.42
CA ASN A 4137 -23.30 29.53 41.56
C ASN A 4137 -23.50 29.92 40.10
N VAL A 4138 -24.35 30.91 39.84
CA VAL A 4138 -24.56 31.36 38.46
C VAL A 4138 -23.24 31.89 37.87
N ALA A 4139 -22.52 32.69 38.65
CA ALA A 4139 -21.24 33.23 38.19
C ALA A 4139 -20.22 32.12 37.97
N VAL A 4140 -20.20 31.12 38.86
CA VAL A 4140 -19.28 30.00 38.69
C VAL A 4140 -19.57 29.27 37.38
N LEU A 4141 -20.85 29.02 37.12
CA LEU A 4141 -21.23 28.34 35.87
C LEU A 4141 -20.81 29.14 34.66
N LEU A 4142 -21.07 30.46 34.68
CA LEU A 4142 -20.71 31.30 33.53
C LEU A 4142 -19.20 31.31 33.31
N THR A 4143 -18.43 31.43 34.39
CA THR A 4143 -16.97 31.43 34.26
C THR A 4143 -16.46 30.11 33.68
N ASN A 4144 -16.99 28.99 34.18
CA ASN A 4144 -16.56 27.69 33.67
C ASN A 4144 -16.87 27.55 32.19
N LEU A 4145 -18.10 27.90 31.79
CA LEU A 4145 -18.48 27.79 30.38
C LEU A 4145 -17.62 28.70 29.52
N SER A 4146 -17.34 29.92 29.99
CA SER A 4146 -16.50 30.84 29.23
C SER A 4146 -15.10 30.27 29.04
N GLU A 4147 -14.51 29.70 30.10
CA GLU A 4147 -13.14 29.23 30.00
C GLU A 4147 -13.02 27.95 29.20
N HIS A 4148 -14.07 27.13 29.15
CA HIS A 4148 -13.97 25.87 28.43
C HIS A 4148 -14.50 25.91 27.01
N VAL A 4149 -15.21 26.95 26.63
CA VAL A 4149 -15.69 27.08 25.25
C VAL A 4149 -15.32 28.46 24.70
N PRO A 4150 -14.06 28.69 24.34
CA PRO A 4150 -13.68 30.00 23.79
C PRO A 4150 -14.17 30.16 22.36
N HIS A 4151 -14.14 31.41 21.90
CA HIS A 4151 -14.45 31.83 20.53
C HIS A 4151 -15.93 31.68 20.18
N ASP A 4152 -16.84 31.81 21.16
CA ASP A 4152 -18.26 31.80 20.88
C ASP A 4152 -18.86 33.15 21.22
N PRO A 4153 -19.36 33.91 20.23
CA PRO A 4153 -19.88 35.25 20.51
C PRO A 4153 -21.11 35.30 21.42
N ARG A 4154 -21.97 34.28 21.38
CA ARG A 4154 -23.18 34.28 22.20
C ARG A 4154 -22.85 34.20 23.69
N LEU A 4155 -21.93 33.31 24.06
CA LEU A 4155 -21.47 33.26 25.44
C LEU A 4155 -20.79 34.56 25.84
N ARG A 4156 -20.10 35.21 24.89
CA ARG A 4156 -19.51 36.51 25.15
C ARG A 4156 -20.57 37.56 25.47
N ASN A 4157 -21.69 37.54 24.73
CA ASN A 4157 -22.78 38.47 25.01
C ASN A 4157 -23.38 38.18 26.39
N PHE A 4158 -23.57 36.91 26.72
CA PHE A 4158 -24.09 36.56 28.04
C PHE A 4158 -23.14 37.04 29.14
N LEU A 4159 -21.84 36.89 28.94
CA LEU A 4159 -20.87 37.39 29.90
C LEU A 4159 -20.94 38.91 30.03
N GLU A 4160 -21.10 39.60 28.89
CA GLU A 4160 -21.20 41.05 28.91
C GLU A 4160 -22.42 41.51 29.70
N LEU A 4161 -23.53 40.78 29.61
CA LEU A 4161 -24.72 41.15 30.35
C LEU A 4161 -24.52 40.99 31.86
N ALA A 4162 -23.58 40.13 32.27
CA ALA A 4162 -23.39 39.83 33.68
C ALA A 4162 -22.10 40.40 34.25
N GLU A 4163 -21.70 41.61 33.84
CA GLU A 4163 -20.46 42.20 34.33
C GLU A 4163 -20.53 42.50 35.83
N SER A 4164 -21.68 43.01 36.30
CA SER A 4164 -21.79 43.44 37.69
C SER A 4164 -21.63 42.27 38.65
N ILE A 4165 -22.26 41.14 38.34
CA ILE A 4165 -22.19 39.98 39.23
C ILE A 4165 -20.76 39.47 39.33
N LEU A 4166 -20.08 39.36 38.19
CA LEU A 4166 -18.69 38.90 38.19
C LEU A 4166 -17.79 39.88 38.95
N GLU A 4167 -17.99 41.18 38.75
CA GLU A 4167 -17.19 42.17 39.46
C GLU A 4167 -17.41 42.08 40.96
N TYR A 4168 -18.66 41.87 41.39
CA TYR A 4168 -18.93 41.75 42.82
C TYR A 4168 -18.33 40.48 43.40
N PHE A 4169 -18.44 39.35 42.70
CA PHE A 4169 -18.03 38.07 43.26
C PHE A 4169 -16.58 37.71 42.95
N ARG A 4170 -15.83 38.57 42.26
CA ARG A 4170 -14.42 38.27 41.98
C ARG A 4170 -13.58 37.94 43.21
N PRO A 4171 -13.64 38.68 44.32
CA PRO A 4171 -12.77 38.34 45.46
C PRO A 4171 -13.06 36.99 46.10
N TYR A 4172 -14.25 36.42 45.89
CA TYR A 4172 -14.64 35.20 46.55
C TYR A 4172 -14.51 33.95 45.69
N LEU A 4173 -13.97 34.07 44.48
CA LEU A 4173 -13.82 32.93 43.58
C LEU A 4173 -12.40 32.39 43.70
N GLY A 4174 -12.27 31.16 44.19
CA GLY A 4174 -10.97 30.51 44.25
C GLY A 4174 -10.82 29.48 43.15
N ARG A 4175 -9.70 29.55 42.45
CA ARG A 4175 -9.42 28.69 41.30
C ARG A 4175 -8.10 27.99 41.50
N ILE A 4176 -8.09 26.67 41.34
CA ILE A 4176 -6.86 25.89 41.42
C ILE A 4176 -6.82 24.89 40.28
N GLU A 4177 -5.66 24.29 40.08
CA GLU A 4177 -5.48 23.22 39.11
C GLU A 4177 -4.91 22.00 39.81
N ILE A 4178 -5.50 20.83 39.52
CA ILE A 4178 -5.09 19.58 40.12
C ILE A 4178 -4.75 18.58 39.03
N MET A 4179 -4.10 17.50 39.43
CA MET A 4179 -3.62 16.46 38.54
C MET A 4179 -4.50 15.23 38.75
N GLY A 4180 -5.41 14.98 37.81
CA GLY A 4180 -6.41 13.96 38.00
C GLY A 4180 -5.91 12.55 37.79
N ALA A 4181 -6.77 11.59 38.13
CA ALA A 4181 -6.44 10.18 37.94
C ALA A 4181 -6.42 9.80 36.47
N SER A 4182 -7.11 10.57 35.63
CA SER A 4182 -7.16 10.35 34.18
C SER A 4182 -5.89 10.80 33.47
N ARG A 4183 -4.82 11.08 34.22
CA ARG A 4183 -3.55 11.54 33.67
C ARG A 4183 -3.70 12.85 32.90
N ARG A 4184 -4.55 13.75 33.39
CA ARG A 4184 -4.77 15.04 32.77
C ARG A 4184 -4.94 16.10 33.85
N ILE A 4185 -4.75 17.36 33.45
CA ILE A 4185 -4.85 18.48 34.37
C ILE A 4185 -6.28 19.00 34.36
N GLU A 4186 -6.83 19.25 35.55
CA GLU A 4186 -8.19 19.75 35.68
C GLU A 4186 -8.18 21.04 36.48
N ARG A 4187 -9.20 21.88 36.25
CA ARG A 4187 -9.34 23.14 36.95
C ARG A 4187 -10.57 23.07 37.86
N ILE A 4188 -10.43 23.58 39.08
CA ILE A 4188 -11.45 23.47 40.11
C ILE A 4188 -11.75 24.86 40.66
N TYR A 4189 -13.04 25.17 40.78
CA TYR A 4189 -13.52 26.44 41.32
C TYR A 4189 -14.22 26.19 42.65
N PHE A 4190 -14.08 27.14 43.57
CA PHE A 4190 -14.72 27.02 44.87
C PHE A 4190 -14.88 28.42 45.48
N GLU A 4191 -15.44 28.45 46.68
CA GLU A 4191 -15.75 29.69 47.38
C GLU A 4191 -14.76 29.92 48.50
N ILE A 4192 -14.36 31.18 48.68
CA ILE A 4192 -13.48 31.60 49.77
C ILE A 4192 -14.29 32.45 50.73
N SER A 4193 -14.32 32.04 52.00
CA SER A 4193 -15.11 32.77 53.00
C SER A 4193 -14.47 34.11 53.33
N GLU A 4194 -15.31 35.05 53.76
CA GLU A 4194 -14.82 36.38 54.11
C GLU A 4194 -13.91 36.34 55.33
N THR A 4195 -14.27 35.56 56.34
CA THR A 4195 -13.48 35.50 57.57
C THR A 4195 -12.08 34.97 57.31
N ASN A 4196 -11.96 33.96 56.44
CA ASN A 4196 -10.65 33.42 56.11
C ASN A 4196 -9.76 34.46 55.45
N ARG A 4197 -10.31 35.21 54.48
CA ARG A 4197 -9.55 36.26 53.82
C ARG A 4197 -9.15 37.35 54.80
N ALA A 4198 -10.04 37.70 55.73
CA ALA A 4198 -9.72 38.70 56.74
C ALA A 4198 -8.59 38.22 57.65
N GLN A 4199 -8.63 36.94 58.06
CA GLN A 4199 -7.61 36.41 58.95
C GLN A 4199 -6.28 36.21 58.25
N TRP A 4200 -6.31 36.09 56.92
CA TRP A 4200 -5.08 35.81 56.18
C TRP A 4200 -4.05 36.95 56.27
N GLU A 4201 -4.44 38.13 56.73
CA GLU A 4201 -3.60 39.31 56.63
C GLU A 4201 -2.94 39.72 57.95
N MET A 4202 -2.95 38.86 58.96
CA MET A 4202 -2.35 39.23 60.24
C MET A 4202 -0.82 39.25 60.14
N PRO A 4203 -0.16 40.08 60.95
CA PRO A 4203 1.32 40.18 60.85
C PRO A 4203 2.05 38.90 61.19
N GLN A 4204 1.60 38.13 62.17
CA GLN A 4204 2.33 36.92 62.55
C GLN A 4204 2.34 35.89 61.43
N VAL A 4205 1.24 35.77 60.70
CA VAL A 4205 1.24 34.84 59.57
C VAL A 4205 2.17 35.36 58.46
N LYS A 4206 2.32 36.68 58.34
CA LYS A 4206 3.29 37.23 57.40
C LYS A 4206 4.71 36.86 57.81
N GLU A 4207 5.02 36.95 59.10
CA GLU A 4207 6.33 36.53 59.58
C GLU A 4207 6.55 35.05 59.33
N SER A 4208 5.52 34.23 59.56
CA SER A 4208 5.62 32.80 59.29
C SER A 4208 5.87 32.52 57.81
N LYS A 4209 5.19 33.26 56.93
CA LYS A 4209 5.42 33.11 55.50
C LYS A 4209 6.85 33.47 55.13
N ARG A 4210 7.36 34.56 55.71
CA ARG A 4210 8.75 34.95 55.44
C ARG A 4210 9.72 33.87 55.92
N GLN A 4211 9.48 33.32 57.10
CA GLN A 4211 10.36 32.29 57.62
C GLN A 4211 10.30 31.03 56.77
N PHE A 4212 9.10 30.69 56.28
CA PHE A 4212 8.96 29.54 55.39
C PHE A 4212 9.73 29.75 54.09
N ILE A 4213 9.61 30.96 53.51
CA ILE A 4213 10.38 31.28 52.32
C ILE A 4213 11.86 31.16 52.59
N PHE A 4214 12.27 31.55 53.80
CA PHE A 4214 13.68 31.43 54.18
C PHE A 4214 14.14 29.97 54.18
N ASP A 4215 13.41 29.08 54.86
CA ASP A 4215 14.01 27.78 55.14
C ASP A 4215 13.63 26.71 54.11
N VAL A 4216 12.60 26.93 53.29
CA VAL A 4216 12.11 25.86 52.43
C VAL A 4216 13.16 25.47 51.40
N VAL A 4217 13.94 26.42 50.91
CA VAL A 4217 14.91 26.12 49.86
C VAL A 4217 16.34 26.08 50.40
N ASN A 4218 16.57 26.62 51.60
CA ASN A 4218 17.93 26.66 52.14
C ASN A 4218 18.48 25.28 52.44
N GLU A 4219 17.67 24.38 52.99
CA GLU A 4219 18.16 23.06 53.38
C GLU A 4219 17.26 21.94 52.85
N GLY A 4220 16.00 22.24 52.60
CA GLY A 4220 15.07 21.22 52.19
C GLY A 4220 15.39 20.65 50.82
N GLY A 4221 15.17 19.35 50.66
CA GLY A 4221 15.40 18.71 49.38
C GLY A 4221 14.22 18.91 48.43
N GLU A 4222 14.49 18.68 47.14
CA GLU A 4222 13.45 18.88 46.13
C GLU A 4222 12.37 17.82 46.22
N SER A 4223 12.70 16.62 46.73
CA SER A 4223 11.73 15.53 46.77
C SER A 4223 10.63 15.76 47.80
N GLU A 4224 10.92 16.47 48.88
CA GLU A 4224 9.96 16.68 49.97
C GLU A 4224 9.41 18.09 50.01
N LYS A 4225 9.68 18.92 49.00
CA LYS A 4225 9.29 20.33 49.04
C LYS A 4225 7.79 20.49 49.28
N MET A 4226 6.98 19.65 48.62
CA MET A 4226 5.53 19.72 48.83
C MET A 4226 5.18 19.38 50.27
N GLU A 4227 5.78 18.31 50.81
CA GLU A 4227 5.40 17.84 52.15
C GLU A 4227 5.55 18.96 53.18
N LEU A 4228 6.72 19.60 53.22
CA LEU A 4228 6.92 20.73 54.12
C LEU A 4228 5.81 21.75 53.96
N PHE A 4229 5.52 22.13 52.71
CA PHE A 4229 4.46 23.10 52.45
C PHE A 4229 3.17 22.67 53.13
N VAL A 4230 2.77 21.41 52.94
CA VAL A 4230 1.54 20.93 53.55
C VAL A 4230 1.58 21.11 55.06
N SER A 4231 2.70 20.73 55.68
CA SER A 4231 2.83 20.91 57.11
C SER A 4231 2.65 22.37 57.49
N PHE A 4232 3.27 23.28 56.72
CA PHE A 4232 3.08 24.70 56.98
C PHE A 4232 1.61 25.07 56.95
N CYS A 4233 0.88 24.57 55.94
CA CYS A 4233 -0.53 24.91 55.82
C CYS A 4233 -1.30 24.47 57.06
N GLU A 4234 -0.87 23.37 57.70
CA GLU A 4234 -1.53 22.98 58.94
C GLU A 4234 -1.25 23.99 60.04
N ASP A 4235 0.02 24.32 60.26
CA ASP A 4235 0.39 25.13 61.41
C ASP A 4235 -0.30 26.49 61.37
N THR A 4236 -0.21 27.17 60.22
CA THR A 4236 -0.88 28.46 60.08
C THR A 4236 -2.34 28.38 60.49
N ILE A 4237 -3.03 27.32 60.09
CA ILE A 4237 -4.45 27.21 60.44
C ILE A 4237 -4.61 27.30 61.94
N PHE A 4238 -3.84 26.50 62.69
CA PHE A 4238 -3.93 26.54 64.14
C PHE A 4238 -3.66 27.95 64.65
N GLU A 4239 -2.62 28.60 64.12
CA GLU A 4239 -2.33 29.97 64.53
C GLU A 4239 -3.56 30.85 64.35
N MET A 4240 -4.17 30.80 63.16
CA MET A 4240 -5.33 31.65 62.91
C MET A 4240 -6.42 31.38 63.94
N GLN A 4241 -6.62 30.11 64.29
CA GLN A 4241 -7.64 29.78 65.26
C GLN A 4241 -7.37 30.47 66.59
N ILE A 4242 -6.13 30.41 67.07
CA ILE A 4242 -5.82 31.09 68.33
C ILE A 4242 -5.85 32.59 68.12
N ALA A 4243 -5.58 33.06 66.90
CA ALA A 4243 -5.73 34.48 66.61
C ALA A 4243 -7.17 34.92 66.75
N ALA A 4244 -8.11 33.99 66.59
CA ALA A 4244 -9.52 34.34 66.80
C ALA A 4244 -9.83 34.56 68.26
N GLN A 4245 -8.95 34.13 69.17
CA GLN A 4245 -9.19 34.35 70.59
C GLN A 4245 -8.99 35.79 71.02
N ILE A 4246 -8.42 36.64 70.16
CA ILE A 4246 -8.19 38.04 70.50
C ILE A 4246 -8.95 38.95 69.54
N LEU A 4542 -12.27 40.89 88.23
CA LEU A 4542 -10.96 41.45 87.90
C LEU A 4542 -10.24 40.60 86.86
N GLU A 4543 -10.75 39.38 86.64
CA GLU A 4543 -10.15 38.50 85.66
C GLU A 4543 -10.26 39.06 84.25
N VAL A 4544 -11.30 39.84 83.98
CA VAL A 4544 -11.45 40.46 82.66
C VAL A 4544 -10.29 41.41 82.39
N GLN A 4545 -9.90 42.20 83.39
CA GLN A 4545 -8.78 43.10 83.23
C GLN A 4545 -7.49 42.34 82.94
N ARG A 4546 -7.27 41.24 83.66
CA ARG A 4546 -6.07 40.43 83.41
C ARG A 4546 -6.07 39.84 82.02
N VAL A 4547 -7.23 39.35 81.56
CA VAL A 4547 -7.32 38.77 80.22
C VAL A 4547 -7.03 39.83 79.16
N LYS A 4548 -7.60 41.04 79.34
CA LYS A 4548 -7.35 42.12 78.40
C LYS A 4548 -5.88 42.51 78.39
N PHE A 4549 -5.26 42.56 79.57
CA PHE A 4549 -3.84 42.90 79.66
C PHE A 4549 -2.99 41.86 78.94
N LEU A 4550 -3.29 40.57 79.13
CA LEU A 4550 -2.53 39.51 78.47
C LEU A 4550 -2.72 39.57 76.95
N ASN A 4551 -3.95 39.83 76.50
CA ASN A 4551 -4.18 39.95 75.05
C ASN A 4551 -3.42 41.12 74.47
N TYR A 4552 -3.42 42.27 75.18
CA TYR A 4552 -2.68 43.42 74.70
C TYR A 4552 -1.19 43.13 74.63
N LEU A 4553 -0.66 42.43 75.63
CA LEU A 4553 0.75 42.04 75.61
C LEU A 4553 1.04 41.13 74.43
N SER A 4554 0.16 40.16 74.18
CA SER A 4554 0.39 39.21 73.10
C SER A 4554 0.31 39.88 71.74
N ARG A 4555 -0.46 40.97 71.63
CA ARG A 4555 -0.65 41.60 70.33
C ARG A 4555 0.57 42.39 69.87
N ASN A 4556 1.42 42.84 70.80
CA ASN A 4556 2.51 43.76 70.46
C ASN A 4556 3.89 43.22 70.83
N PHE A 4557 4.11 41.93 70.62
CA PHE A 4557 5.38 41.30 70.98
C PHE A 4557 6.55 41.91 70.20
N TYR A 4558 6.39 42.06 68.88
CA TYR A 4558 7.50 42.56 68.07
C TYR A 4558 7.75 44.04 68.32
N THR A 4559 6.69 44.81 68.61
CA THR A 4559 6.87 46.20 69.00
C THR A 4559 7.66 46.30 70.31
N LEU A 4560 7.33 45.43 71.27
CA LEU A 4560 8.09 45.42 72.52
C LEU A 4560 9.56 45.08 72.26
N ARG A 4561 9.81 44.12 71.35
CA ARG A 4561 11.18 43.78 71.01
C ARG A 4561 11.92 44.97 70.39
N PHE A 4562 11.25 45.69 69.48
CA PHE A 4562 11.84 46.89 68.90
C PHE A 4562 12.20 47.91 69.97
N LEU A 4563 11.28 48.15 70.91
CA LEU A 4563 11.53 49.11 71.97
C LEU A 4563 12.72 48.67 72.84
N ALA A 4564 12.79 47.37 73.15
CA ALA A 4564 13.90 46.87 73.94
C ALA A 4564 15.23 47.11 73.25
N LEU A 4565 15.31 46.81 71.95
CA LEU A 4565 16.54 47.04 71.22
C LEU A 4565 16.89 48.52 71.17
N PHE A 4566 15.89 49.39 70.99
CA PHE A 4566 16.16 50.82 70.96
C PHE A 4566 16.72 51.31 72.28
N LEU A 4567 16.13 50.86 73.40
CA LEU A 4567 16.63 51.26 74.71
C LEU A 4567 18.05 50.75 74.93
N ALA A 4568 18.32 49.51 74.53
CA ALA A 4568 19.67 48.96 74.67
C ALA A 4568 20.68 49.77 73.87
N PHE A 4569 20.31 50.18 72.66
CA PHE A 4569 21.19 51.02 71.87
C PHE A 4569 21.40 52.38 72.53
N ALA A 4570 20.35 52.93 73.15
CA ALA A 4570 20.46 54.25 73.76
C ALA A 4570 21.36 54.23 74.99
N ILE A 4571 21.38 53.11 75.72
CA ILE A 4571 22.15 53.04 76.96
C ILE A 4571 23.65 53.23 76.69
N ASN A 4572 24.16 52.56 75.66
CA ASN A 4572 25.62 52.53 75.46
C ASN A 4572 26.17 53.89 75.06
N PHE A 4573 25.38 54.71 74.36
CA PHE A 4573 25.84 56.05 74.01
C PHE A 4573 26.12 56.86 75.27
N ILE A 4574 25.23 56.78 76.26
CA ILE A 4574 25.47 57.42 77.55
C ILE A 4574 26.66 56.78 78.25
N LEU A 4575 26.76 55.46 78.17
CA LEU A 4575 27.90 54.76 78.77
C LEU A 4575 29.23 55.25 78.22
N LEU A 4576 29.26 55.72 76.97
CA LEU A 4576 30.50 56.17 76.34
C LEU A 4576 31.09 57.41 76.99
N PHE A 4577 30.48 57.97 78.03
CA PHE A 4577 30.96 59.19 78.67
C PHE A 4577 31.57 58.95 80.05
N TYR A 4578 31.88 57.70 80.39
CA TYR A 4578 32.39 57.41 81.72
C TYR A 4578 33.80 57.95 81.90
N LYS A 4579 34.21 58.04 83.16
CA LYS A 4579 35.53 58.53 83.52
C LYS A 4579 35.92 57.96 84.88
N VAL A 4580 37.23 57.84 85.10
CA VAL A 4580 37.76 57.29 86.34
C VAL A 4580 38.65 58.32 87.00
N SER A 4581 38.74 58.24 88.33
CA SER A 4581 39.62 59.13 89.08
C SER A 4581 39.98 58.47 90.40
N ASP A 4582 41.10 58.92 90.98
CA ASP A 4582 41.55 58.42 92.27
C ASP A 4582 40.86 59.10 93.45
N SER A 4583 40.62 60.40 93.34
CA SER A 4583 39.92 61.13 94.38
C SER A 4583 38.42 60.97 94.23
N PRO A 4584 37.65 61.19 95.30
CA PRO A 4584 36.19 61.17 95.19
C PRO A 4584 35.71 62.26 94.26
N PRO A 4585 34.56 62.06 93.60
CA PRO A 4585 34.07 63.06 92.65
C PRO A 4585 33.84 64.41 93.30
N GLY A 4586 34.13 65.47 92.57
CA GLY A 4586 33.98 66.82 93.08
C GLY A 4586 32.55 67.25 93.27
N ASN A 4624 40.91 53.19 96.39
CA ASN A 4624 39.92 52.62 95.47
C ASN A 4624 39.56 53.63 94.39
N MET A 4625 39.40 53.13 93.16
CA MET A 4625 39.06 53.99 92.04
C MET A 4625 37.59 54.41 92.10
N VAL A 4626 37.31 55.57 91.53
CA VAL A 4626 35.96 56.12 91.46
C VAL A 4626 35.55 56.31 90.01
N TYR A 4627 34.40 55.78 89.64
CA TYR A 4627 33.84 55.91 88.30
C TYR A 4627 32.70 56.93 88.34
N TYR A 4628 32.66 57.82 87.36
CA TYR A 4628 31.65 58.86 87.31
C TYR A 4628 31.54 59.41 85.90
N PHE A 4629 30.82 60.51 85.76
CA PHE A 4629 30.52 61.10 84.47
C PHE A 4629 31.25 62.43 84.29
N LEU A 4630 31.40 62.84 83.03
CA LEU A 4630 32.00 64.12 82.67
C LEU A 4630 31.10 64.93 81.75
N GLU A 4631 29.79 64.79 81.90
CA GLU A 4631 28.85 65.51 81.06
C GLU A 4631 28.87 67.01 81.35
N GLU A 4632 28.82 67.82 80.29
CA GLU A 4632 28.80 69.27 80.47
C GLU A 4632 27.51 69.74 81.10
N SER A 4633 26.37 69.28 80.61
CA SER A 4633 25.07 69.62 81.18
C SER A 4633 24.91 68.82 82.48
N THR A 4634 25.19 69.48 83.59
CA THR A 4634 25.21 68.81 84.89
C THR A 4634 23.85 68.22 85.22
N GLY A 4635 23.87 66.96 85.65
CA GLY A 4635 22.66 66.26 86.07
C GLY A 4635 21.74 65.82 84.96
N TYR A 4636 22.15 65.95 83.69
CA TYR A 4636 21.27 65.60 82.59
C TYR A 4636 21.26 64.09 82.35
N MET A 4637 22.39 63.42 82.53
CA MET A 4637 22.54 62.03 82.14
C MET A 4637 22.42 61.05 83.30
N GLU A 4638 22.76 61.49 84.52
CA GLU A 4638 22.77 60.59 85.66
C GLU A 4638 21.41 59.99 85.97
N PRO A 4639 20.30 60.76 86.01
CA PRO A 4639 18.99 60.11 86.21
C PRO A 4639 18.43 59.46 84.96
N ALA A 4640 18.81 59.96 83.78
CA ALA A 4640 18.37 59.33 82.53
C ALA A 4640 18.88 57.90 82.44
N LEU A 4641 20.11 57.65 82.91
CA LEU A 4641 20.62 56.29 82.95
C LEU A 4641 19.72 55.37 83.76
N ARG A 4642 19.35 55.80 84.97
CA ARG A 4642 18.49 54.98 85.82
C ARG A 4642 17.14 54.74 85.18
N CYS A 4643 16.53 55.79 84.62
CA CYS A 4643 15.22 55.65 84.00
C CYS A 4643 15.26 54.66 82.84
N LEU A 4644 16.28 54.79 81.97
CA LEU A 4644 16.38 53.90 80.82
C LEU A 4644 16.65 52.46 81.24
N SER A 4645 17.48 52.26 82.28
CA SER A 4645 17.73 50.90 82.75
C SER A 4645 16.45 50.25 83.29
N LEU A 4646 15.68 51.00 84.09
CA LEU A 4646 14.42 50.46 84.60
C LEU A 4646 13.47 50.11 83.46
N LEU A 4647 13.37 51.00 82.48
CA LEU A 4647 12.50 50.74 81.33
C LEU A 4647 12.95 49.49 80.58
N HIS A 4648 14.25 49.33 80.40
CA HIS A 4648 14.78 48.17 79.69
C HIS A 4648 14.41 46.87 80.41
N THR A 4649 14.59 46.85 81.74
CA THR A 4649 14.24 45.65 82.50
C THR A 4649 12.75 45.34 82.40
N LEU A 4650 11.91 46.37 82.52
CA LEU A 4650 10.47 46.15 82.41
C LEU A 4650 10.08 45.61 81.04
N VAL A 4651 10.69 46.16 79.99
CA VAL A 4651 10.37 45.70 78.63
C VAL A 4651 10.81 44.26 78.44
N ALA A 4652 11.96 43.87 79.02
CA ALA A 4652 12.39 42.49 78.92
C ALA A 4652 11.39 41.55 79.59
N PHE A 4653 10.91 41.93 80.79
CA PHE A 4653 9.89 41.11 81.46
C PHE A 4653 8.62 40.99 80.60
N LEU A 4654 8.17 42.11 80.03
CA LEU A 4654 6.96 42.07 79.21
C LEU A 4654 7.17 41.20 77.97
N CYS A 4655 8.36 41.24 77.37
CA CYS A 4655 8.64 40.39 76.22
C CYS A 4655 8.58 38.93 76.59
N ILE A 4656 9.14 38.56 77.75
CA ILE A 4656 9.07 37.17 78.19
C ILE A 4656 7.61 36.74 78.36
N ILE A 4657 6.81 37.58 79.01
CA ILE A 4657 5.41 37.23 79.23
C ILE A 4657 4.67 37.08 77.89
N GLY A 4658 4.91 38.00 76.96
CA GLY A 4658 4.25 37.92 75.67
C GLY A 4658 4.62 36.67 74.89
N TYR A 4659 5.91 36.32 74.89
CA TYR A 4659 6.33 35.10 74.19
C TYR A 4659 5.72 33.86 74.83
N ASN A 4660 5.62 33.84 76.17
CA ASN A 4660 4.95 32.73 76.82
C ASN A 4660 3.49 32.65 76.39
N CYS A 4661 2.82 33.80 76.26
CA CYS A 4661 1.40 33.79 75.94
C CYS A 4661 1.11 33.57 74.46
N LEU A 4662 2.12 33.67 73.59
CA LEU A 4662 1.86 33.63 72.15
C LEU A 4662 2.36 32.36 71.48
N LYS A 4663 3.64 32.02 71.59
CA LYS A 4663 4.26 31.02 70.73
C LYS A 4663 4.34 29.62 71.33
N VAL A 4664 4.14 29.48 72.64
CA VAL A 4664 4.23 28.15 73.26
C VAL A 4664 3.21 27.16 72.70
N PRO A 4665 1.93 27.52 72.53
CA PRO A 4665 0.98 26.52 72.00
C PRO A 4665 1.36 25.96 70.65
N LEU A 4666 1.98 26.77 69.79
CA LEU A 4666 2.41 26.25 68.49
C LEU A 4666 3.50 25.19 68.66
N VAL A 4667 4.43 25.41 69.59
CA VAL A 4667 5.47 24.42 69.84
C VAL A 4667 4.86 23.13 70.36
N ILE A 4668 3.92 23.24 71.31
CA ILE A 4668 3.26 22.06 71.84
C ILE A 4668 2.52 21.31 70.74
N PHE A 4669 1.84 22.07 69.88
CA PHE A 4669 1.09 21.49 68.76
C PHE A 4669 2.01 20.71 67.84
N LYS A 4670 3.14 21.32 67.46
CA LYS A 4670 4.06 20.62 66.57
C LYS A 4670 4.65 19.38 67.21
N ARG A 4671 5.00 19.45 68.49
CA ARG A 4671 5.54 18.28 69.18
C ARG A 4671 4.52 17.14 69.20
N GLU A 4672 3.27 17.45 69.57
CA GLU A 4672 2.24 16.42 69.61
C GLU A 4672 1.97 15.85 68.22
N LYS A 4673 1.94 16.71 67.20
CA LYS A 4673 1.70 16.24 65.84
C LYS A 4673 2.78 15.27 65.40
N GLU A 4674 4.04 15.64 65.61
CA GLU A 4674 5.15 14.77 65.21
C GLU A 4674 5.08 13.44 65.95
N LEU A 4675 4.85 13.49 67.27
CA LEU A 4675 4.81 12.25 68.06
C LEU A 4675 3.69 11.34 67.58
N ALA A 4676 2.49 11.90 67.38
CA ALA A 4676 1.36 11.08 66.96
C ALA A 4676 1.58 10.50 65.57
N ARG A 4677 2.08 11.30 64.64
CA ARG A 4677 2.32 10.82 63.29
C ARG A 4677 3.34 9.68 63.28
N LYS A 4678 4.46 9.87 63.98
CA LYS A 4678 5.48 8.83 64.01
C LYS A 4678 4.96 7.57 64.67
N LEU A 4679 4.25 7.71 65.79
CA LEU A 4679 3.75 6.53 66.51
C LEU A 4679 2.75 5.76 65.66
N GLU A 4680 1.85 6.45 64.96
CA GLU A 4680 0.86 5.75 64.15
C GLU A 4680 1.50 5.09 62.94
N PHE A 4681 2.32 5.82 62.19
CA PHE A 4681 2.79 5.29 60.92
C PHE A 4681 3.94 4.30 61.07
N ASP A 4682 4.78 4.45 62.09
CA ASP A 4682 5.94 3.57 62.23
C ASP A 4682 5.92 2.71 63.49
N GLY A 4683 5.07 3.01 64.46
CA GLY A 4683 5.05 2.22 65.68
C GLY A 4683 6.38 2.21 66.41
N LEU A 4684 7.00 3.38 66.58
CA LEU A 4684 8.35 3.45 67.11
C LEU A 4684 8.42 2.97 68.56
N TYR A 4685 7.31 3.00 69.29
CA TYR A 4685 7.25 2.41 70.62
C TYR A 4685 6.61 1.03 70.63
N ILE A 4686 6.29 0.48 69.47
CA ILE A 4686 5.63 -0.81 69.35
C ILE A 4686 6.55 -1.86 68.74
N THR A 4687 6.99 -1.64 67.50
CA THR A 4687 7.88 -2.59 66.82
C THR A 4687 9.35 -2.23 67.04
N GLU A 4688 9.74 -1.02 66.64
CA GLU A 4688 11.11 -0.57 66.82
C GLU A 4688 11.26 0.02 68.22
N GLN A 4689 12.42 0.60 68.51
CA GLN A 4689 12.67 1.27 69.77
C GLN A 4689 13.53 2.50 69.51
N PRO A 4690 13.39 3.54 70.32
CA PRO A 4690 14.24 4.72 70.14
C PRO A 4690 15.70 4.43 70.49
N GLU A 4691 16.59 5.13 69.80
CA GLU A 4691 18.01 4.99 70.08
C GLU A 4691 18.35 5.55 71.46
N ASP A 4692 19.40 5.00 72.06
CA ASP A 4692 19.82 5.45 73.38
C ASP A 4692 20.33 6.89 73.38
N ASP A 4693 20.84 7.37 72.24
CA ASP A 4693 21.35 8.73 72.17
C ASP A 4693 20.26 9.76 71.90
N ASP A 4694 19.06 9.32 71.51
CA ASP A 4694 17.96 10.23 71.19
C ASP A 4694 17.18 10.55 72.45
N VAL A 4695 17.59 11.62 73.14
CA VAL A 4695 16.89 12.05 74.34
C VAL A 4695 15.48 12.50 74.04
N LYS A 4696 15.20 12.89 72.79
CA LYS A 4696 13.88 13.33 72.39
C LYS A 4696 12.82 12.28 72.70
N GLY A 4697 12.95 11.10 72.09
CA GLY A 4697 12.00 10.03 72.33
C GLY A 4697 12.00 9.53 73.75
N GLN A 4698 13.16 9.52 74.41
CA GLN A 4698 13.23 9.07 75.79
C GLN A 4698 12.40 9.97 76.69
N TRP A 4699 12.47 11.28 76.48
CA TRP A 4699 11.63 12.20 77.25
C TRP A 4699 10.17 12.09 76.83
N ASP A 4700 9.91 11.90 75.54
CA ASP A 4700 8.54 11.81 75.05
C ASP A 4700 7.83 10.56 75.56
N ARG A 4701 8.59 9.53 75.94
CA ARG A 4701 7.98 8.28 76.40
C ARG A 4701 7.11 8.48 77.64
N LEU A 4702 7.33 9.55 78.40
CA LEU A 4702 6.56 9.76 79.63
C LEU A 4702 5.10 10.08 79.34
N VAL A 4703 4.80 10.71 78.21
CA VAL A 4703 3.47 11.26 77.98
C VAL A 4703 2.48 10.24 77.42
N LEU A 4704 2.95 9.06 77.01
CA LEU A 4704 2.06 8.09 76.38
C LEU A 4704 0.96 7.62 77.33
N ASN A 4705 1.26 7.52 78.62
CA ASN A 4705 0.26 7.06 79.59
C ASN A 4705 -0.76 8.15 79.91
N THR A 4706 -0.49 9.39 79.55
CA THR A 4706 -1.30 10.52 80.00
C THR A 4706 -2.73 10.40 79.47
N PRO A 4707 -3.74 10.58 80.33
CA PRO A 4707 -5.13 10.55 79.84
C PRO A 4707 -5.45 11.64 78.84
N SER A 4708 -4.79 12.80 78.96
CA SER A 4708 -5.09 13.97 78.14
C SER A 4708 -3.98 14.27 77.14
N PHE A 4709 -3.43 13.23 76.52
CA PHE A 4709 -2.26 13.35 75.65
C PHE A 4709 -2.50 14.30 74.47
N PRO A 4710 -3.58 14.13 73.67
CA PRO A 4710 -3.72 15.07 72.54
C PRO A 4710 -4.49 16.33 72.92
N SER A 4711 -3.85 17.19 73.71
CA SER A 4711 -4.53 18.40 74.19
C SER A 4711 -4.67 19.45 73.09
N ASN A 4712 -3.63 19.66 72.28
CA ASN A 4712 -3.66 20.66 71.23
C ASN A 4712 -3.87 20.09 69.85
N TYR A 4713 -3.33 18.90 69.58
CA TYR A 4713 -3.56 18.25 68.30
C TYR A 4713 -5.04 17.90 68.14
N TRP A 4714 -5.55 18.08 66.93
CA TRP A 4714 -6.99 17.91 66.71
C TRP A 4714 -7.42 16.45 66.78
N ASP A 4715 -6.59 15.53 66.31
CA ASP A 4715 -6.97 14.12 66.20
C ASP A 4715 -6.96 13.49 67.59
N LYS A 4716 -8.16 13.39 68.17
CA LYS A 4716 -8.33 12.80 69.49
C LYS A 4716 -8.72 11.33 69.44
N PHE A 4717 -8.41 10.63 68.35
CA PHE A 4717 -8.64 9.20 68.24
C PHE A 4717 -7.40 8.46 67.77
N VAL A 4718 -6.22 9.02 67.98
CA VAL A 4718 -4.99 8.38 67.50
C VAL A 4718 -4.74 7.09 68.25
N LYS A 4719 -4.99 7.08 69.56
CA LYS A 4719 -4.78 5.87 70.35
C LYS A 4719 -5.70 4.74 69.90
N ARG A 4720 -6.97 5.05 69.62
CA ARG A 4720 -7.90 4.03 69.16
C ARG A 4720 -7.43 3.39 67.86
N LYS A 4721 -7.05 4.23 66.89
CA LYS A 4721 -6.67 3.69 65.58
C LYS A 4721 -5.33 2.96 65.64
N VAL A 4722 -4.39 3.44 66.45
CA VAL A 4722 -3.12 2.72 66.56
C VAL A 4722 -3.33 1.37 67.27
N LEU A 4723 -4.24 1.33 68.25
CA LEU A 4723 -4.60 0.05 68.86
C LEU A 4723 -5.22 -0.89 67.84
N ASP A 4724 -6.11 -0.37 67.00
CA ASP A 4724 -6.74 -1.21 65.99
C ASP A 4724 -5.71 -1.72 64.98
N LYS A 4725 -4.77 -0.87 64.58
CA LYS A 4725 -3.81 -1.25 63.55
C LYS A 4725 -2.78 -2.25 64.10
N HIS A 4726 -2.22 -1.99 65.27
CA HIS A 4726 -1.13 -2.81 65.80
C HIS A 4726 -1.57 -3.79 66.87
N GLY A 4727 -2.87 -3.93 67.14
CA GLY A 4727 -3.34 -4.85 68.14
C GLY A 4727 -3.53 -6.27 67.67
N ASP A 4728 -3.31 -6.57 66.39
CA ASP A 4728 -3.56 -7.90 65.87
C ASP A 4728 -2.36 -8.83 66.13
N ILE A 4729 -1.20 -8.48 65.59
CA ILE A 4729 -0.02 -9.33 65.68
C ILE A 4729 0.63 -9.22 67.05
N TYR A 4730 0.11 -8.32 67.88
CA TYR A 4730 0.68 -8.07 69.19
C TYR A 4730 -0.43 -8.10 70.24
N GLY A 4731 -0.05 -8.40 71.48
CA GLY A 4731 -1.02 -8.54 72.54
C GLY A 4731 -1.79 -7.26 72.78
N ARG A 4732 -3.13 -7.37 72.82
CA ARG A 4732 -3.97 -6.19 73.00
C ARG A 4732 -3.86 -5.65 74.42
N GLU A 4733 -3.77 -6.52 75.41
CA GLU A 4733 -3.77 -6.07 76.80
C GLU A 4733 -2.54 -5.21 77.11
N ARG A 4734 -1.37 -5.64 76.65
CA ARG A 4734 -0.16 -4.87 76.91
C ARG A 4734 -0.16 -3.56 76.13
N ILE A 4735 -0.76 -3.57 74.93
CA ILE A 4735 -0.91 -2.32 74.17
C ILE A 4735 -1.80 -1.35 74.94
N ALA A 4736 -2.91 -1.84 75.49
CA ALA A 4736 -3.80 -0.98 76.27
C ALA A 4736 -3.09 -0.46 77.51
N GLU A 4737 -2.28 -1.30 78.14
CA GLU A 4737 -1.50 -0.85 79.30
C GLU A 4737 -0.51 0.23 78.90
N LEU A 4738 0.11 0.09 77.73
CA LEU A 4738 1.09 1.07 77.28
C LEU A 4738 0.46 2.44 77.05
N LEU A 4739 -0.72 2.47 76.42
CA LEU A 4739 -1.42 3.72 76.18
C LEU A 4739 -2.28 4.17 77.36
N GLY A 4740 -2.46 3.30 78.36
CA GLY A 4740 -3.24 3.67 79.54
C GLY A 4740 -4.69 3.97 79.24
N MET A 4741 -5.35 3.13 78.45
CA MET A 4741 -6.75 3.31 78.10
C MET A 4741 -7.57 2.14 78.63
N ASP A 4742 -8.82 2.41 78.97
CA ASP A 4742 -9.72 1.41 79.53
C ASP A 4742 -10.20 0.50 78.41
N LEU A 4743 -9.76 -0.75 78.42
CA LEU A 4743 -10.13 -1.71 77.38
C LEU A 4743 -11.59 -2.14 77.48
N ALA A 4744 -12.27 -1.86 78.58
CA ALA A 4744 -13.65 -2.28 78.76
C ALA A 4744 -14.67 -1.29 78.20
N THR A 4745 -14.23 -0.18 77.62
CA THR A 4745 -15.13 0.84 77.10
C THR A 4745 -15.16 0.76 75.58
N LEU A 4746 -16.36 0.91 75.01
CA LEU A 4746 -16.55 0.86 73.58
C LEU A 4746 -17.71 1.77 73.21
N GLU A 4747 -17.78 2.12 71.93
CA GLU A 4747 -18.84 3.01 71.43
C GLU A 4747 -20.17 2.26 71.46
N ILE A 4748 -21.09 2.74 72.29
CA ILE A 4748 -22.41 2.12 72.42
C ILE A 4748 -23.34 3.13 73.10
N THR A 4749 -24.61 3.09 72.71
CA THR A 4749 -25.64 3.97 73.28
C THR A 4749 -25.26 5.44 73.18
N SER A 4768 -7.04 15.98 89.43
CA SER A 4768 -7.78 16.93 88.63
C SER A 4768 -6.85 17.88 87.90
N ILE A 4769 -5.55 17.61 87.97
CA ILE A 4769 -4.55 18.49 87.38
C ILE A 4769 -3.72 17.71 86.36
N ASP A 4770 -3.61 16.40 86.56
CA ASP A 4770 -2.85 15.51 85.66
C ASP A 4770 -1.39 15.98 85.56
N VAL A 4771 -0.70 15.86 86.70
CA VAL A 4771 0.60 16.48 86.88
C VAL A 4771 1.64 15.94 85.90
N LYS A 4772 1.46 14.70 85.42
CA LYS A 4772 2.44 14.14 84.48
C LYS A 4772 2.47 14.95 83.19
N TYR A 4773 1.30 15.34 82.67
CA TYR A 4773 1.26 16.15 81.47
C TYR A 4773 1.92 17.51 81.69
N GLN A 4774 1.71 18.11 82.85
CA GLN A 4774 2.35 19.39 83.16
C GLN A 4774 3.87 19.24 83.23
N ILE A 4775 4.34 18.14 83.81
CA ILE A 4775 5.78 17.89 83.87
C ILE A 4775 6.36 17.77 82.46
N TRP A 4776 5.68 17.00 81.61
CA TRP A 4776 6.14 16.85 80.23
C TRP A 4776 6.14 18.18 79.50
N LYS A 4777 5.10 18.98 79.71
CA LYS A 4777 5.01 20.28 79.04
C LYS A 4777 6.13 21.21 79.49
N PHE A 4778 6.41 21.25 80.78
CA PHE A 4778 7.51 22.09 81.26
C PHE A 4778 8.85 21.59 80.75
N GLY A 4779 9.03 20.27 80.68
CA GLY A 4779 10.28 19.74 80.16
C GLY A 4779 10.49 20.08 78.70
N VAL A 4780 9.44 20.00 77.89
CA VAL A 4780 9.58 20.32 76.48
C VAL A 4780 9.70 21.83 76.27
N ILE A 4781 9.11 22.62 77.18
CA ILE A 4781 9.21 24.07 77.06
C ILE A 4781 10.62 24.54 77.38
N PHE A 4782 11.22 24.00 78.45
CA PHE A 4782 12.52 24.48 78.90
C PHE A 4782 13.68 24.05 78.02
N THR A 4783 13.42 23.46 76.85
CA THR A 4783 14.45 23.14 75.89
C THR A 4783 14.31 23.94 74.60
N ASP A 4784 13.44 24.94 74.57
CA ASP A 4784 13.27 25.75 73.38
C ASP A 4784 14.34 26.84 73.34
N ASN A 4785 14.89 27.07 72.15
CA ASN A 4785 16.00 28.03 72.01
C ASN A 4785 15.55 29.45 72.31
N SER A 4786 14.37 29.84 71.81
CA SER A 4786 13.91 31.22 71.99
C SER A 4786 13.64 31.53 73.45
N PHE A 4787 13.03 30.59 74.19
CA PHE A 4787 12.75 30.81 75.61
C PHE A 4787 14.05 30.97 76.39
N LEU A 4788 15.05 30.13 76.12
CA LEU A 4788 16.34 30.26 76.78
C LEU A 4788 17.03 31.57 76.43
N TYR A 4789 16.94 32.00 75.17
CA TYR A 4789 17.54 33.27 74.78
C TYR A 4789 16.88 34.43 75.51
N LEU A 4790 15.55 34.42 75.63
CA LEU A 4790 14.86 35.47 76.36
C LEU A 4790 15.25 35.45 77.84
N GLY A 4791 15.39 34.26 78.42
CA GLY A 4791 15.85 34.17 79.80
C GLY A 4791 17.24 34.75 79.99
N TRP A 4792 18.15 34.45 79.06
CA TRP A 4792 19.49 35.02 79.11
C TRP A 4792 19.46 36.54 78.97
N TYR A 4793 18.61 37.05 78.08
CA TYR A 4793 18.43 38.49 77.95
C TYR A 4793 17.99 39.11 79.26
N MET A 4794 17.00 38.50 79.92
CA MET A 4794 16.51 39.01 81.20
C MET A 4794 17.60 38.97 82.26
N VAL A 4795 18.37 37.88 82.31
CA VAL A 4795 19.41 37.76 83.32
C VAL A 4795 20.47 38.84 83.12
N MET A 4796 20.89 39.07 81.87
CA MET A 4796 21.87 40.11 81.59
C MET A 4796 21.32 41.49 81.95
N SER A 4797 20.06 41.75 81.62
CA SER A 4797 19.46 43.04 81.96
C SER A 4797 19.41 43.25 83.47
N LEU A 4798 19.07 42.19 84.22
CA LEU A 4798 19.07 42.29 85.67
C LEU A 4798 20.46 42.53 86.23
N LEU A 4799 21.46 41.82 85.71
CA LEU A 4799 22.83 42.02 86.16
C LEU A 4799 23.34 43.41 85.81
N GLY A 4800 22.74 44.05 84.80
CA GLY A 4800 23.17 45.39 84.43
C GLY A 4800 23.06 46.41 85.56
N HIS A 4801 22.16 46.17 86.52
CA HIS A 4801 22.00 47.10 87.63
C HIS A 4801 23.14 47.03 88.64
N TYR A 4802 23.77 45.87 88.79
CA TYR A 4802 24.92 45.74 89.69
C TYR A 4802 26.17 46.36 89.10
N ASN A 4803 26.33 46.30 87.78
CA ASN A 4803 27.42 46.95 87.07
C ASN A 4803 26.91 47.34 85.70
N ASN A 4804 27.03 48.63 85.36
CA ASN A 4804 26.35 49.17 84.19
C ASN A 4804 26.85 48.54 82.89
N PHE A 4805 28.16 48.28 82.80
CA PHE A 4805 28.74 47.86 81.52
C PHE A 4805 28.18 46.55 81.00
N PHE A 4806 27.53 45.75 81.86
CA PHE A 4806 26.89 44.53 81.40
C PHE A 4806 25.86 44.79 80.31
N PHE A 4807 25.24 45.98 80.32
CA PHE A 4807 24.28 46.30 79.27
C PHE A 4807 24.90 46.20 77.88
N ALA A 4808 26.21 46.41 77.76
CA ALA A 4808 26.87 46.30 76.46
C ALA A 4808 26.63 44.95 75.82
N ALA A 4809 26.46 43.89 76.61
CA ALA A 4809 26.21 42.57 76.04
C ALA A 4809 24.99 42.57 75.13
N HIS A 4810 23.96 43.35 75.47
CA HIS A 4810 22.76 43.37 74.66
C HIS A 4810 23.03 43.86 73.24
N LEU A 4811 24.14 44.58 73.02
CA LEU A 4811 24.47 45.01 71.67
C LEU A 4811 24.64 43.82 70.72
N LEU A 4812 24.98 42.64 71.24
CA LEU A 4812 25.10 41.48 70.38
C LEU A 4812 23.80 41.14 69.65
N ASP A 4813 22.66 41.65 70.13
CA ASP A 4813 21.41 41.40 69.43
C ASP A 4813 21.41 42.00 68.03
N ILE A 4814 22.25 43.01 67.78
CA ILE A 4814 22.28 43.58 66.44
C ILE A 4814 23.07 42.69 65.49
N ALA A 4815 23.88 41.78 66.03
CA ALA A 4815 24.72 40.94 65.18
C ALA A 4815 23.89 39.98 64.35
N MET A 4816 22.85 39.39 64.94
CA MET A 4816 22.02 38.41 64.25
C MET A 4816 20.79 39.02 63.59
N GLY A 4817 20.67 40.35 63.60
CA GLY A 4817 19.47 41.00 63.12
C GLY A 4817 19.25 40.96 61.62
N VAL A 4818 20.31 40.80 60.84
CA VAL A 4818 20.20 40.85 59.38
C VAL A 4818 20.94 39.66 58.78
N LYS A 4819 20.63 39.38 57.51
CA LYS A 4819 21.15 38.17 56.86
C LYS A 4819 22.64 38.24 56.63
N THR A 4820 23.16 39.40 56.21
CA THR A 4820 24.56 39.49 55.82
C THR A 4820 25.49 39.26 57.00
N LEU A 4821 25.19 39.86 58.15
CA LEU A 4821 26.01 39.66 59.33
C LEU A 4821 25.94 38.22 59.82
N ARG A 4822 24.77 37.59 59.71
CA ARG A 4822 24.64 36.19 60.05
C ARG A 4822 25.50 35.32 59.14
N THR A 4823 25.53 35.64 57.85
CA THR A 4823 26.39 34.91 56.92
C THR A 4823 27.86 35.09 57.29
N ILE A 4824 28.26 36.31 57.63
CA ILE A 4824 29.63 36.57 58.04
C ILE A 4824 29.99 35.74 59.27
N LEU A 4825 29.08 35.69 60.24
CA LEU A 4825 29.33 34.91 61.45
C LEU A 4825 29.40 33.42 61.15
N SER A 4826 28.53 32.93 60.27
CA SER A 4826 28.51 31.50 59.95
C SER A 4826 29.70 31.07 59.11
N SER A 4827 30.32 32.00 58.39
CA SER A 4827 31.49 31.65 57.59
C SER A 4827 32.61 31.09 58.44
N VAL A 4828 32.71 31.51 59.71
CA VAL A 4828 33.75 31.00 60.59
C VAL A 4828 33.50 29.54 60.93
N THR A 4829 32.26 29.21 61.29
CA THR A 4829 31.95 27.85 61.75
C THR A 4829 31.60 26.91 60.61
N HIS A 4830 31.59 27.39 59.36
CA HIS A 4830 31.27 26.52 58.23
C HIS A 4830 32.27 25.39 58.09
N ASN A 4831 33.56 25.69 58.32
CA ASN A 4831 34.65 24.74 58.13
C ASN A 4831 35.48 24.52 59.40
N GLY A 4832 34.81 24.28 60.53
CA GLY A 4832 35.51 24.29 61.81
C GLY A 4832 36.59 23.22 61.94
N LYS A 4833 36.28 21.99 61.49
CA LYS A 4833 37.17 20.86 61.74
C LYS A 4833 38.54 21.07 61.08
N GLN A 4834 38.54 21.48 59.81
CA GLN A 4834 39.80 21.72 59.11
C GLN A 4834 40.58 22.85 59.77
N LEU A 4835 39.89 23.90 60.21
CA LEU A 4835 40.54 25.01 60.88
C LEU A 4835 41.24 24.55 62.15
N VAL A 4836 40.55 23.74 62.96
CA VAL A 4836 41.14 23.26 64.21
C VAL A 4836 42.35 22.38 63.93
N MET A 4837 42.24 21.49 62.95
CA MET A 4837 43.39 20.64 62.63
C MET A 4837 44.57 21.47 62.12
N THR A 4838 44.30 22.52 61.33
CA THR A 4838 45.37 23.36 60.83
C THR A 4838 46.07 24.10 61.97
N VAL A 4839 45.31 24.64 62.92
CA VAL A 4839 45.97 25.34 64.02
C VAL A 4839 46.75 24.36 64.90
N GLY A 4840 46.26 23.12 65.04
CA GLY A 4840 47.05 22.12 65.75
C GLY A 4840 48.37 21.83 65.07
N LEU A 4841 48.35 21.70 63.73
CA LEU A 4841 49.58 21.50 62.99
C LEU A 4841 50.54 22.67 63.16
N LEU A 4842 50.01 23.89 63.14
CA LEU A 4842 50.84 25.08 63.38
C LEU A 4842 51.50 25.02 64.75
N ALA A 4843 50.73 24.62 65.77
CA ALA A 4843 51.28 24.51 67.11
C ALA A 4843 52.40 23.48 67.17
N VAL A 4844 52.22 22.35 66.48
CA VAL A 4844 53.25 21.31 66.48
C VAL A 4844 54.54 21.84 65.85
N VAL A 4845 54.42 22.53 64.70
CA VAL A 4845 55.61 23.05 64.04
C VAL A 4845 56.33 24.06 64.93
N VAL A 4846 55.56 24.95 65.57
CA VAL A 4846 56.18 25.93 66.46
C VAL A 4846 56.86 25.24 67.64
N TYR A 4847 56.29 24.14 68.13
CA TYR A 4847 56.93 23.39 69.21
C TYR A 4847 58.27 22.82 68.76
N LEU A 4848 58.34 22.28 67.55
CA LEU A 4848 59.62 21.75 67.06
C LEU A 4848 60.66 22.87 66.95
N TYR A 4849 60.25 24.03 66.43
CA TYR A 4849 61.17 25.16 66.36
C TYR A 4849 61.64 25.58 67.75
N THR A 4850 60.73 25.57 68.72
CA THR A 4850 61.10 25.92 70.09
C THR A 4850 62.12 24.94 70.65
N VAL A 4851 61.94 23.64 70.36
CA VAL A 4851 62.90 22.65 70.84
C VAL A 4851 64.28 22.95 70.29
N VAL A 4852 64.36 23.21 68.98
CA VAL A 4852 65.67 23.48 68.37
C VAL A 4852 66.29 24.74 68.97
N ALA A 4853 65.49 25.80 69.11
CA ALA A 4853 66.01 27.06 69.65
C ALA A 4853 66.50 26.89 71.08
N PHE A 4854 65.74 26.19 71.91
CA PHE A 4854 66.15 25.96 73.29
C PHE A 4854 67.43 25.14 73.37
N ASN A 4855 67.61 24.19 72.46
CA ASN A 4855 68.83 23.38 72.53
C ASN A 4855 70.05 24.15 72.04
N PHE A 4856 69.93 24.99 71.02
CA PHE A 4856 71.13 25.54 70.40
C PHE A 4856 71.31 27.05 70.50
N PHE A 4857 70.23 27.84 70.46
CA PHE A 4857 70.36 29.29 70.29
C PHE A 4857 69.92 30.08 71.52
N ARG A 4858 70.36 29.69 72.72
CA ARG A 4858 69.89 30.38 73.92
C ARG A 4858 70.49 31.78 74.05
N LYS A 4859 71.69 32.00 73.53
CA LYS A 4859 72.40 33.24 73.80
C LYS A 4859 71.79 34.43 73.08
N PHE A 4860 70.92 34.19 72.10
CA PHE A 4860 70.39 35.27 71.29
C PHE A 4860 69.06 35.81 71.78
N TYR A 4861 68.55 35.35 72.91
CA TYR A 4861 67.21 35.70 73.38
C TYR A 4861 67.24 36.68 74.56
N ASN A 4862 68.16 37.62 74.57
CA ASN A 4862 68.24 38.63 75.62
C ASN A 4862 67.37 39.82 75.22
N LYS A 4863 66.33 40.08 75.99
CA LYS A 4863 65.40 41.17 75.72
C LYS A 4863 65.61 42.37 76.63
N SER A 4864 66.72 42.43 77.36
CA SER A 4864 67.01 43.51 78.28
C SER A 4864 68.01 44.47 77.66
N GLU A 4865 67.63 45.75 77.60
CA GLU A 4865 68.51 46.77 77.04
C GLU A 4865 69.45 47.37 78.07
N ASP A 4866 69.31 47.03 79.35
CA ASP A 4866 70.15 47.55 80.41
C ASP A 4866 71.02 46.41 80.96
N GLU A 4867 72.33 46.65 81.04
CA GLU A 4867 73.24 45.66 81.56
C GLU A 4867 73.00 45.43 83.05
N ASP A 4868 73.56 44.34 83.55
CA ASP A 4868 73.46 43.90 84.94
C ASP A 4868 72.03 43.57 85.35
N GLU A 4869 71.11 43.43 84.39
CA GLU A 4869 69.73 43.03 84.66
C GLU A 4869 69.19 42.29 83.44
N PRO A 4870 69.73 41.11 83.15
CA PRO A 4870 69.32 40.40 81.93
C PRO A 4870 67.92 39.83 82.06
N ASP A 4871 67.27 39.65 80.90
CA ASP A 4871 65.93 39.06 80.82
C ASP A 4871 65.98 37.95 79.77
N MET A 4872 66.35 36.75 80.21
CA MET A 4872 66.39 35.59 79.32
C MET A 4872 64.97 35.15 78.99
N LYS A 4873 64.74 34.80 77.72
CA LYS A 4873 63.42 34.34 77.30
C LYS A 4873 63.36 32.84 77.06
N CYS A 4874 64.51 32.18 76.91
CA CYS A 4874 64.53 30.76 76.62
C CYS A 4874 65.47 30.01 77.57
N ASP A 4875 65.40 30.35 78.85
CA ASP A 4875 66.03 29.51 79.87
C ASP A 4875 65.08 28.43 80.38
N ASP A 4876 63.80 28.49 80.00
CA ASP A 4876 62.83 27.45 80.27
C ASP A 4876 62.15 27.08 78.95
N MET A 4877 61.64 25.85 78.89
CA MET A 4877 60.94 25.43 77.69
C MET A 4877 59.59 26.12 77.58
N MET A 4878 58.90 26.29 78.70
CA MET A 4878 57.57 26.92 78.68
C MET A 4878 57.66 28.38 78.27
N THR A 4879 58.62 29.12 78.84
CA THR A 4879 58.76 30.54 78.49
C THR A 4879 59.14 30.71 77.03
N CYS A 4880 60.08 29.89 76.54
CA CYS A 4880 60.47 29.95 75.14
C CYS A 4880 59.30 29.62 74.22
N TYR A 4881 58.51 28.61 74.58
CA TYR A 4881 57.38 28.21 73.76
C TYR A 4881 56.32 29.31 73.70
N LEU A 4882 56.03 29.92 74.85
CA LEU A 4882 55.09 31.04 74.87
C LEU A 4882 55.61 32.23 74.08
N PHE A 4883 56.91 32.51 74.18
CA PHE A 4883 57.50 33.59 73.40
C PHE A 4883 57.38 33.33 71.91
N HIS A 4884 57.63 32.09 71.49
CA HIS A 4884 57.54 31.78 70.07
C HIS A 4884 56.11 31.87 69.55
N MET A 4885 55.14 31.39 70.34
CA MET A 4885 53.76 31.41 69.86
C MET A 4885 53.16 32.82 69.94
N TYR A 4886 53.64 33.66 70.85
CA TYR A 4886 52.99 34.94 71.08
C TYR A 4886 53.59 36.05 70.23
N VAL A 4887 54.91 36.12 70.17
CA VAL A 4887 55.59 37.21 69.47
C VAL A 4887 55.93 36.83 68.03
N GLY A 4888 56.40 35.59 67.83
CA GLY A 4888 56.87 35.21 66.51
C GLY A 4888 55.79 35.16 65.45
N VAL A 4889 54.61 34.68 65.80
CA VAL A 4889 53.54 34.53 64.81
C VAL A 4889 53.06 35.88 64.31
N ARG A 4890 52.93 36.86 65.19
CA ARG A 4890 52.42 38.18 64.82
C ARG A 4890 53.49 39.12 64.30
N ALA A 4891 54.75 38.66 64.20
CA ALA A 4891 55.83 39.56 63.81
C ALA A 4891 55.68 40.08 62.39
N GLY A 4892 55.21 39.23 61.47
CA GLY A 4892 55.08 39.63 60.09
C GLY A 4892 56.32 39.32 59.27
N GLY A 4893 57.49 39.44 59.90
CA GLY A 4893 58.74 39.06 59.30
C GLY A 4893 59.38 37.82 59.90
N GLY A 4894 58.66 37.06 60.72
CA GLY A 4894 59.23 35.90 61.37
C GLY A 4894 59.91 36.26 62.68
N ILE A 4895 60.44 35.23 63.32
CA ILE A 4895 61.13 35.41 64.60
C ILE A 4895 62.46 36.12 64.43
N GLY A 4896 62.94 36.26 63.20
CA GLY A 4896 64.27 36.80 62.96
C GLY A 4896 64.42 38.27 63.29
N ASP A 4897 63.33 39.03 63.35
CA ASP A 4897 63.40 40.46 63.60
C ASP A 4897 63.10 40.82 65.06
N GLU A 4898 63.05 39.84 65.96
CA GLU A 4898 62.80 40.09 67.35
C GLU A 4898 63.92 39.62 68.28
N ILE A 4899 64.99 39.05 67.72
CA ILE A 4899 66.11 38.55 68.51
C ILE A 4899 67.39 39.20 68.02
N GLU A 4900 68.51 38.83 68.64
CA GLU A 4900 69.76 39.51 68.40
C GLU A 4900 70.30 39.21 67.01
N ASP A 4901 71.13 40.13 66.51
CA ASP A 4901 71.74 40.00 65.19
C ASP A 4901 72.82 38.92 65.23
N PRO A 4902 72.75 37.88 64.39
CA PRO A 4902 73.77 36.83 64.42
C PRO A 4902 75.04 37.15 63.65
N ALA A 4903 75.30 38.41 63.32
CA ALA A 4903 76.49 38.75 62.56
C ALA A 4903 77.75 38.52 63.38
N GLY A 4904 78.76 37.94 62.74
CA GLY A 4904 80.05 37.72 63.39
C GLY A 4904 80.13 36.50 64.28
N ASP A 4905 79.06 35.73 64.40
CA ASP A 4905 79.07 34.57 65.29
C ASP A 4905 79.48 33.31 64.54
N GLU A 4906 79.88 32.30 65.32
CA GLU A 4906 80.24 31.01 64.74
C GLU A 4906 79.04 30.32 64.10
N TYR A 4907 77.85 30.52 64.66
CA TYR A 4907 76.63 29.87 64.19
C TYR A 4907 75.80 30.76 63.26
N GLU A 4908 76.45 31.60 62.45
CA GLU A 4908 75.73 32.58 61.66
C GLU A 4908 74.84 31.93 60.60
N LEU A 4909 75.42 30.99 59.84
CA LEU A 4909 74.66 30.36 58.75
C LEU A 4909 73.47 29.55 59.29
N TYR A 4910 73.67 28.85 60.41
CA TYR A 4910 72.57 28.11 61.00
C TYR A 4910 71.44 29.05 61.41
N ARG A 4911 71.79 30.20 62.00
CA ARG A 4911 70.78 31.19 62.37
C ARG A 4911 70.05 31.72 61.15
N VAL A 4912 70.78 31.97 60.06
CA VAL A 4912 70.16 32.48 58.85
C VAL A 4912 69.16 31.48 58.30
N VAL A 4913 69.56 30.20 58.23
CA VAL A 4913 68.67 29.16 57.76
C VAL A 4913 67.46 29.02 58.67
N PHE A 4914 67.68 29.09 59.98
CA PHE A 4914 66.59 29.04 60.94
C PHE A 4914 65.56 30.13 60.69
N ASP A 4915 66.03 31.37 60.57
CA ASP A 4915 65.11 32.50 60.36
C ASP A 4915 64.37 32.37 59.04
N ILE A 4916 65.09 32.03 57.97
CA ILE A 4916 64.45 31.95 56.65
C ILE A 4916 63.41 30.84 56.63
N THR A 4917 63.74 29.67 57.19
CA THR A 4917 62.81 28.56 57.17
C THR A 4917 61.58 28.84 58.02
N PHE A 4918 61.77 29.47 59.19
CA PHE A 4918 60.62 29.88 59.99
C PHE A 4918 59.72 30.83 59.22
N PHE A 4919 60.32 31.85 58.60
CA PHE A 4919 59.53 32.82 57.85
C PHE A 4919 58.76 32.17 56.73
N PHE A 4920 59.39 31.23 56.01
CA PHE A 4920 58.72 30.59 54.88
C PHE A 4920 57.60 29.67 55.35
N PHE A 4921 57.86 28.81 56.32
CA PHE A 4921 56.89 27.79 56.67
C PHE A 4921 55.73 28.33 57.52
N VAL A 4922 56.00 29.24 58.45
CA VAL A 4922 54.97 29.66 59.38
C VAL A 4922 54.17 30.84 58.85
N ILE A 4923 54.84 31.88 58.37
CA ILE A 4923 54.15 33.12 58.02
C ILE A 4923 53.52 33.00 56.63
N VAL A 4924 54.29 32.55 55.64
CA VAL A 4924 53.84 32.61 54.26
C VAL A 4924 52.73 31.61 53.99
N ILE A 4925 52.86 30.39 54.52
CA ILE A 4925 52.00 29.29 54.08
C ILE A 4925 50.80 29.09 54.99
N LEU A 4926 51.04 28.79 56.27
CA LEU A 4926 49.98 28.31 57.15
C LEU A 4926 48.94 29.39 57.42
N LEU A 4927 49.39 30.62 57.70
CA LEU A 4927 48.45 31.70 57.96
C LEU A 4927 47.60 32.00 56.74
N ALA A 4928 48.20 31.94 55.55
CA ALA A 4928 47.45 32.16 54.32
C ALA A 4928 46.37 31.10 54.13
N ILE A 4929 46.70 29.84 54.42
CA ILE A 4929 45.70 28.77 54.32
C ILE A 4929 44.56 29.00 55.31
N ILE A 4930 44.91 29.38 56.54
CA ILE A 4930 43.89 29.59 57.57
C ILE A 4930 42.93 30.70 57.16
N GLN A 4931 43.49 31.81 56.63
CA GLN A 4931 42.65 32.90 56.17
C GLN A 4931 41.81 32.49 54.96
N GLY A 4932 42.42 31.76 54.03
CA GLY A 4932 41.73 31.42 52.79
C GLY A 4932 40.56 30.49 53.03
N LEU A 4933 40.66 29.60 54.01
CA LEU A 4933 39.53 28.73 54.33
C LEU A 4933 38.27 29.55 54.63
N ILE A 4934 38.39 30.52 55.54
CA ILE A 4934 37.24 31.32 55.93
C ILE A 4934 36.77 32.18 54.76
N ILE A 4935 37.70 32.77 54.01
CA ILE A 4935 37.29 33.62 52.89
C ILE A 4935 36.52 32.82 51.85
N ASP A 4936 37.01 31.63 51.51
CA ASP A 4936 36.33 30.78 50.54
C ASP A 4936 34.98 30.32 51.05
N ALA A 4937 34.87 30.02 52.34
CA ALA A 4937 33.56 29.66 52.90
C ALA A 4937 32.56 30.80 52.75
N PHE A 4938 33.00 32.04 53.04
CA PHE A 4938 32.12 33.20 52.89
C PHE A 4938 31.67 33.36 51.44
N GLY A 4939 32.61 33.24 50.49
CA GLY A 4939 32.25 33.36 49.09
C GLY A 4939 31.28 32.29 48.64
N GLU A 4940 31.49 31.05 49.07
CA GLU A 4940 30.59 29.96 48.69
C GLU A 4940 29.20 30.17 49.26
N LEU A 4941 29.11 30.64 50.51
CA LEU A 4941 27.80 30.93 51.08
C LEU A 4941 27.07 32.00 50.30
N ARG A 4942 27.77 33.08 49.93
CA ARG A 4942 27.12 34.12 49.14
C ARG A 4942 26.66 33.60 47.80
N ASP A 4943 27.48 32.78 47.14
CA ASP A 4943 27.09 32.23 45.84
C ASP A 4943 25.84 31.35 45.96
N GLN A 4944 25.78 30.52 47.00
CA GLN A 4944 24.61 29.67 47.20
C GLN A 4944 23.36 30.51 47.42
N GLN A 4945 23.46 31.55 48.25
CA GLN A 4945 22.30 32.40 48.50
C GLN A 4945 21.81 33.08 47.23
N GLU A 4946 22.75 33.61 46.44
CA GLU A 4946 22.37 34.27 45.18
C GLU A 4946 21.70 33.29 44.22
N GLN A 4947 22.24 32.08 44.10
CA GLN A 4947 21.64 31.08 43.22
C GLN A 4947 20.23 30.74 43.67
N VAL A 4948 20.04 30.56 44.97
CA VAL A 4948 18.71 30.23 45.51
C VAL A 4948 17.73 31.35 45.20
N ARG A 4949 18.14 32.60 45.41
CA ARG A 4949 17.24 33.72 45.16
C ARG A 4949 16.88 33.82 43.68
N GLU A 4950 17.86 33.63 42.79
CA GLU A 4950 17.57 33.71 41.36
C GLU A 4950 16.61 32.59 40.94
N ASP A 4951 16.85 31.38 41.41
CA ASP A 4951 15.97 30.27 41.05
C ASP A 4951 14.56 30.50 41.55
N MET A 4952 14.43 31.05 42.77
CA MET A 4952 13.10 31.36 43.29
C MET A 4952 12.41 32.42 42.44
N GLU A 4953 13.17 33.43 42.01
CA GLU A 4953 12.56 34.55 41.29
C GLU A 4953 12.35 34.29 39.81
N THR A 4954 12.89 33.20 39.26
CA THR A 4954 12.78 32.98 37.82
C THR A 4954 11.93 31.78 37.41
N LYS A 4955 11.36 31.03 38.37
CA LYS A 4955 10.57 29.85 38.04
C LYS A 4955 9.32 29.80 38.89
N CYS A 4956 8.31 29.10 38.37
CA CYS A 4956 7.06 28.90 39.12
C CYS A 4956 7.30 27.90 40.24
N PHE A 4957 6.74 28.17 41.41
CA PHE A 4957 7.03 27.37 42.59
C PHE A 4957 6.47 25.96 42.47
N ILE A 4958 5.28 25.81 41.88
CA ILE A 4958 4.57 24.53 41.95
C ILE A 4958 4.97 23.62 40.81
N CYS A 4959 4.69 24.02 39.57
CA CYS A 4959 4.95 23.15 38.43
C CYS A 4959 6.39 23.21 37.95
N GLY A 4960 7.16 24.19 38.40
CA GLY A 4960 8.57 24.26 38.04
C GLY A 4960 8.83 24.50 36.57
N ILE A 4961 8.13 25.45 35.96
CA ILE A 4961 8.34 25.81 34.56
C ILE A 4961 8.87 27.23 34.51
N GLY A 4962 9.91 27.43 33.72
CA GLY A 4962 10.57 28.72 33.68
C GLY A 4962 9.71 29.81 33.08
N SER A 4963 10.08 31.05 33.37
CA SER A 4963 9.34 32.22 32.92
C SER A 4963 9.57 32.51 31.43
N ASP A 4964 10.28 31.64 30.72
CA ASP A 4964 10.48 31.82 29.28
C ASP A 4964 9.39 31.17 28.44
N TYR A 4965 8.80 30.07 28.91
CA TYR A 4965 7.61 29.54 28.25
C TYR A 4965 6.46 30.54 28.33
N PHE A 4966 6.20 31.05 29.53
CA PHE A 4966 5.36 32.23 29.65
C PHE A 4966 6.11 33.46 29.17
N ASP A 4967 5.44 34.61 29.22
CA ASP A 4967 5.90 35.91 28.74
C ASP A 4967 5.99 35.95 27.22
N THR A 4968 5.66 34.85 26.54
CA THR A 4968 5.42 34.92 25.10
C THR A 4968 4.24 35.83 24.78
N THR A 4969 3.34 36.01 25.74
CA THR A 4969 2.30 37.01 25.75
C THR A 4969 2.56 37.95 26.92
N PRO A 4970 2.13 39.21 26.82
CA PRO A 4970 2.47 40.18 27.87
C PRO A 4970 1.98 39.74 29.24
N HIS A 4971 2.85 39.87 30.25
CA HIS A 4971 2.54 39.61 31.65
C HIS A 4971 2.04 38.20 31.89
N ARG A 4972 2.47 37.23 31.09
CA ARG A 4972 1.95 35.87 31.22
C ARG A 4972 2.40 35.22 32.53
N PHE A 4973 3.67 35.39 32.89
CA PHE A 4973 4.16 34.77 34.12
C PHE A 4973 3.46 35.32 35.35
N GLU A 4974 3.23 36.63 35.38
CA GLU A 4974 2.53 37.24 36.52
C GLU A 4974 1.12 36.69 36.64
N THR A 4975 0.41 36.57 35.52
CA THR A 4975 -0.94 36.00 35.56
C THR A 4975 -0.91 34.53 35.98
N HIS A 4976 0.08 33.77 35.51
CA HIS A 4976 0.18 32.37 35.91
C HIS A 4976 0.39 32.24 37.41
N THR A 4977 1.23 33.12 37.97
CA THR A 4977 1.52 33.02 39.40
C THR A 4977 0.41 33.61 40.25
N LEU A 4978 -0.40 34.52 39.71
CA LEU A 4978 -1.40 35.20 40.51
C LEU A 4978 -2.80 34.58 40.38
N GLU A 4979 -3.09 33.87 39.31
CA GLU A 4979 -4.43 33.33 39.07
C GLU A 4979 -4.47 31.82 39.00
N GLU A 4980 -3.57 31.20 38.23
CA GLU A 4980 -3.64 29.76 37.98
C GLU A 4980 -2.83 28.94 38.98
N HIS A 4981 -1.81 29.54 39.58
CA HIS A 4981 -0.87 28.82 40.44
C HIS A 4981 -0.70 29.50 41.80
N ASN A 4982 -1.67 30.30 42.22
CA ASN A 4982 -1.53 31.05 43.46
C ASN A 4982 -1.42 30.10 44.65
N LEU A 4983 -0.47 30.40 45.56
CA LEU A 4983 -0.16 29.48 46.64
C LEU A 4983 -1.21 29.50 47.76
N ALA A 4984 -1.77 30.67 48.06
CA ALA A 4984 -2.73 30.76 49.16
C ALA A 4984 -4.03 30.05 48.83
N ASN A 4985 -4.32 29.88 47.53
CA ASN A 4985 -5.56 29.22 47.14
C ASN A 4985 -5.61 27.77 47.58
N TYR A 4986 -4.45 27.10 47.61
CA TYR A 4986 -4.43 25.71 48.08
C TYR A 4986 -4.76 25.61 49.57
N MET A 4987 -4.22 26.53 50.38
CA MET A 4987 -4.57 26.55 51.80
C MET A 4987 -6.04 26.89 52.01
N PHE A 4988 -6.56 27.84 51.23
CA PHE A 4988 -7.99 28.14 51.30
C PHE A 4988 -8.82 26.93 50.93
N PHE A 4989 -8.39 26.18 49.91
CA PHE A 4989 -9.09 24.96 49.51
C PHE A 4989 -9.05 23.92 50.61
N LEU A 4990 -7.92 23.78 51.30
CA LEU A 4990 -7.83 22.82 52.39
C LEU A 4990 -8.80 23.18 53.51
N MET A 4991 -8.84 24.45 53.91
CA MET A 4991 -9.79 24.85 54.95
C MET A 4991 -11.23 24.69 54.49
N TYR A 4992 -11.50 24.98 53.21
CA TYR A 4992 -12.84 24.79 52.67
C TYR A 4992 -13.27 23.33 52.72
N LEU A 4993 -12.35 22.42 52.38
CA LEU A 4993 -12.63 21.00 52.52
C LEU A 4993 -12.85 20.60 53.96
N ILE A 4994 -12.09 21.19 54.89
CA ILE A 4994 -12.28 20.88 56.31
C ILE A 4994 -13.68 21.29 56.77
N ASN A 4995 -14.14 22.47 56.36
CA ASN A 4995 -15.43 22.96 56.86
C ASN A 4995 -16.61 22.19 56.27
N LYS A 4996 -16.51 21.78 55.01
CA LYS A 4996 -17.67 21.19 54.33
C LYS A 4996 -17.99 19.80 54.87
N ASP A 4997 -19.24 19.40 54.70
CA ASP A 4997 -19.68 18.07 55.13
C ASP A 4997 -19.23 17.03 54.12
N GLU A 4998 -19.04 15.79 54.61
CA GLU A 4998 -18.56 14.72 53.74
C GLU A 4998 -19.60 14.31 52.70
N THR A 4999 -20.89 14.36 53.06
CA THR A 4999 -21.92 13.93 52.13
C THR A 4999 -22.14 14.92 51.00
N GLU A 5000 -21.67 16.16 51.14
CA GLU A 5000 -21.83 17.18 50.12
C GLU A 5000 -20.59 17.34 49.24
N HIS A 5001 -19.56 16.55 49.46
CA HIS A 5001 -18.36 16.63 48.62
C HIS A 5001 -18.67 16.17 47.21
N THR A 5002 -18.12 16.90 46.23
CA THR A 5002 -18.20 16.47 44.84
C THR A 5002 -17.13 15.40 44.57
N GLY A 5003 -17.09 14.92 43.33
CA GLY A 5003 -16.16 13.86 43.01
C GLY A 5003 -14.71 14.28 43.16
N GLN A 5004 -14.36 15.45 42.61
CA GLN A 5004 -12.99 15.94 42.71
C GLN A 5004 -12.62 16.26 44.15
N GLU A 5005 -13.54 16.88 44.89
CA GLU A 5005 -13.27 17.22 46.29
C GLU A 5005 -13.06 15.96 47.12
N SER A 5006 -13.90 14.94 46.91
CA SER A 5006 -13.72 13.69 47.63
C SER A 5006 -12.43 12.99 47.23
N TYR A 5007 -12.07 13.05 45.95
CA TYR A 5007 -10.80 12.49 45.48
C TYR A 5007 -9.62 13.15 46.20
N VAL A 5008 -9.61 14.48 46.26
CA VAL A 5008 -8.51 15.19 46.89
C VAL A 5008 -8.50 14.91 48.39
N TRP A 5009 -9.68 14.87 49.02
CA TRP A 5009 -9.77 14.57 50.44
C TRP A 5009 -9.22 13.19 50.76
N LYS A 5010 -9.59 12.20 49.94
CA LYS A 5010 -9.12 10.83 50.14
C LYS A 5010 -7.61 10.75 50.02
N MET A 5011 -7.05 11.35 48.96
CA MET A 5011 -5.59 11.27 48.82
C MET A 5011 -4.87 12.09 49.88
N TYR A 5012 -5.50 13.15 50.40
CA TYR A 5012 -4.90 13.90 51.50
C TYR A 5012 -4.85 13.06 52.77
N GLN A 5013 -5.93 12.33 53.07
CA GLN A 5013 -5.95 11.53 54.29
C GLN A 5013 -4.95 10.38 54.25
N GLU A 5014 -4.52 9.98 53.06
CA GLU A 5014 -3.49 8.97 52.91
C GLU A 5014 -2.09 9.57 52.82
N ARG A 5015 -1.97 10.90 52.91
CA ARG A 5015 -0.69 11.59 52.80
C ARG A 5015 0.04 11.22 51.50
N CYS A 5016 -0.69 11.26 50.40
CA CYS A 5016 -0.13 11.10 49.06
C CYS A 5016 -0.31 12.40 48.30
N TRP A 5017 0.78 12.91 47.74
CA TRP A 5017 0.80 14.24 47.13
C TRP A 5017 0.89 14.18 45.61
N ASP A 5018 0.21 13.21 44.98
CA ASP A 5018 0.26 13.08 43.53
C ASP A 5018 -0.69 14.04 42.81
N PHE A 5019 -1.56 14.76 43.52
CA PHE A 5019 -2.50 15.66 42.85
C PHE A 5019 -1.88 17.00 42.52
N PHE A 5020 -0.69 17.29 43.02
CA PHE A 5020 -0.01 18.53 42.66
C PHE A 5020 0.56 18.40 41.24
N PRO A 5021 0.37 19.41 40.39
CA PRO A 5021 0.97 19.33 39.05
C PRO A 5021 2.49 19.28 39.12
N ALA A 5022 3.07 18.49 38.24
CA ALA A 5022 4.53 18.28 38.20
C ALA A 5022 5.01 18.43 36.76
N GLY A 5023 5.55 19.60 36.43
CA GLY A 5023 6.00 19.86 35.09
C GLY A 5023 4.90 19.91 34.05
N ASP A 5024 3.72 20.42 34.43
CA ASP A 5024 2.60 20.51 33.50
C ASP A 5024 1.70 21.64 33.94
N CYS A 5025 0.87 22.11 33.01
CA CYS A 5025 -0.06 23.20 33.29
C CYS A 5025 -1.21 23.14 32.31
N PHE A 5026 -2.25 23.93 32.60
CA PHE A 5026 -3.44 23.96 31.76
C PHE A 5026 -3.11 24.47 30.37
N ARG A 5027 -2.29 25.52 30.28
CA ARG A 5027 -1.96 26.10 28.98
C ARG A 5027 -1.17 25.13 28.12
N LYS A 5028 -0.19 24.44 28.72
CA LYS A 5028 0.63 23.51 27.96
C LYS A 5028 -0.19 22.34 27.43
N GLN A 5029 -1.11 21.82 28.26
CA GLN A 5029 -1.93 20.68 27.83
C GLN A 5029 -2.82 21.06 26.66
N TYR A 5030 -3.39 22.26 26.67
CA TYR A 5030 -4.30 22.72 25.62
C TYR A 5030 -3.68 23.82 24.76
N GLU A 5031 -2.40 23.70 24.43
CA GLU A 5031 -1.75 24.69 23.59
C GLU A 5031 -2.37 24.74 22.20
N ASP A 5032 -2.77 23.59 21.65
CA ASP A 5032 -3.40 23.52 20.35
C ASP A 5032 -4.90 23.79 20.41
N GLN A 5033 -5.46 24.02 21.59
CA GLN A 5033 -6.88 24.28 21.78
C GLN A 5033 -7.73 23.14 21.21
N GLY B 5 -102.27 -50.92 71.09
CA GLY B 5 -102.16 -50.02 72.21
C GLY B 5 -100.84 -50.17 72.94
N VAL B 6 -100.89 -50.12 74.28
CA VAL B 6 -99.70 -50.26 75.11
C VAL B 6 -99.95 -51.35 76.14
N GLU B 7 -98.90 -52.11 76.43
CA GLU B 7 -98.95 -53.16 77.45
C GLU B 7 -98.14 -52.71 78.66
N ILE B 8 -98.68 -52.93 79.84
CA ILE B 8 -98.06 -52.50 81.10
C ILE B 8 -97.90 -53.73 81.99
N GLU B 9 -96.68 -53.91 82.52
CA GLU B 9 -96.39 -54.96 83.47
C GLU B 9 -95.77 -54.35 84.71
N THR B 10 -96.19 -54.82 85.88
CA THR B 10 -95.76 -54.25 87.15
C THR B 10 -94.44 -54.84 87.59
N ILE B 11 -93.49 -53.98 87.96
CA ILE B 11 -92.22 -54.40 88.53
C ILE B 11 -92.22 -54.25 90.04
N SER B 12 -92.70 -53.10 90.54
CA SER B 12 -92.78 -52.83 91.96
C SER B 12 -94.10 -52.12 92.23
N PRO B 13 -94.91 -52.62 93.18
CA PRO B 13 -96.21 -52.01 93.44
C PRO B 13 -96.09 -50.66 94.12
N GLY B 14 -97.12 -49.83 93.93
CA GLY B 14 -97.16 -48.51 94.47
C GLY B 14 -98.28 -48.30 95.47
N ASP B 15 -98.77 -47.07 95.53
CA ASP B 15 -99.83 -46.72 96.48
C ASP B 15 -101.10 -47.50 96.15
N GLY B 16 -101.55 -47.43 94.90
CA GLY B 16 -102.77 -48.10 94.49
C GLY B 16 -104.04 -47.28 94.64
N ARG B 17 -103.96 -46.10 95.23
CA ARG B 17 -105.13 -45.23 95.42
C ARG B 17 -105.02 -43.95 94.60
N THR B 18 -103.89 -43.25 94.70
CA THR B 18 -103.71 -41.98 94.01
C THR B 18 -103.37 -42.23 92.55
N PHE B 19 -104.04 -41.53 91.64
CA PHE B 19 -103.79 -41.62 90.22
C PHE B 19 -103.68 -40.22 89.63
N PRO B 20 -102.94 -40.06 88.53
CA PRO B 20 -102.83 -38.73 87.92
C PRO B 20 -104.16 -38.27 87.36
N LYS B 21 -104.55 -37.05 87.73
CA LYS B 21 -105.80 -36.45 87.29
C LYS B 21 -105.54 -35.30 86.34
N LYS B 22 -106.61 -34.79 85.74
CA LYS B 22 -106.50 -33.73 84.75
C LYS B 22 -105.95 -32.45 85.39
N GLY B 23 -105.03 -31.81 84.67
CA GLY B 23 -104.44 -30.56 85.12
C GLY B 23 -103.23 -30.69 86.02
N GLN B 24 -102.80 -31.91 86.34
CA GLN B 24 -101.65 -32.12 87.21
C GLN B 24 -100.39 -32.28 86.37
N THR B 25 -99.25 -32.28 87.07
CA THR B 25 -97.94 -32.46 86.47
C THR B 25 -97.28 -33.70 87.07
N CYS B 26 -96.74 -34.57 86.23
CA CYS B 26 -96.10 -35.79 86.67
C CYS B 26 -94.59 -35.64 86.62
N VAL B 27 -93.92 -36.14 87.66
CA VAL B 27 -92.47 -36.19 87.74
C VAL B 27 -92.06 -37.65 87.76
N VAL B 28 -91.30 -38.07 86.75
CA VAL B 28 -90.97 -39.47 86.54
C VAL B 28 -89.48 -39.63 86.27
N HIS B 29 -88.98 -40.83 86.49
CA HIS B 29 -87.67 -41.27 86.05
C HIS B 29 -87.85 -42.45 85.09
N TYR B 30 -87.20 -42.38 83.93
CA TYR B 30 -87.46 -43.35 82.87
C TYR B 30 -86.15 -43.78 82.23
N THR B 31 -86.23 -44.89 81.49
CA THR B 31 -85.13 -45.41 80.70
C THR B 31 -85.72 -46.12 79.48
N GLY B 32 -85.27 -45.73 78.30
CA GLY B 32 -85.85 -46.25 77.07
C GLY B 32 -84.82 -46.90 76.18
N MET B 33 -85.18 -48.08 75.68
CA MET B 33 -84.31 -48.88 74.83
C MET B 33 -85.14 -49.47 73.70
N LEU B 34 -84.45 -49.84 72.63
CA LEU B 34 -85.12 -50.44 71.48
C LEU B 34 -85.51 -51.89 71.77
N GLN B 35 -86.28 -52.46 70.85
CA GLN B 35 -86.72 -53.85 71.03
C GLN B 35 -85.56 -54.82 70.98
N ASN B 36 -84.52 -54.52 70.19
CA ASN B 36 -83.35 -55.38 70.10
C ASN B 36 -82.53 -55.41 71.38
N GLY B 37 -82.80 -54.52 72.34
CA GLY B 37 -82.06 -54.50 73.58
C GLY B 37 -81.00 -53.42 73.68
N LYS B 38 -81.04 -52.41 72.83
CA LYS B 38 -80.05 -51.35 72.81
C LYS B 38 -80.64 -50.09 73.44
N LYS B 39 -79.99 -49.59 74.48
CA LYS B 39 -80.47 -48.41 75.16
C LYS B 39 -80.28 -47.17 74.28
N PHE B 40 -81.27 -46.29 74.28
CA PHE B 40 -81.18 -45.04 73.54
C PHE B 40 -81.46 -43.79 74.38
N ASP B 41 -82.05 -43.92 75.57
CA ASP B 41 -82.26 -42.74 76.40
C ASP B 41 -82.39 -43.16 77.86
N SER B 42 -82.03 -42.23 78.75
CA SER B 42 -82.14 -42.45 80.18
C SER B 42 -82.07 -41.11 80.89
N SER B 43 -83.06 -40.81 81.72
CA SER B 43 -83.06 -39.57 82.48
C SER B 43 -82.21 -39.64 83.74
N ARG B 44 -81.85 -40.85 84.18
CA ARG B 44 -81.01 -40.97 85.36
C ARG B 44 -79.56 -40.62 85.07
N ASP B 45 -79.15 -40.71 83.80
CA ASP B 45 -77.80 -40.30 83.43
C ASP B 45 -77.60 -38.79 83.62
N ARG B 46 -78.61 -37.99 83.30
CA ARG B 46 -78.55 -36.55 83.48
C ARG B 46 -78.85 -36.13 84.93
N ASN B 47 -79.24 -37.07 85.78
CA ASN B 47 -79.47 -36.81 87.21
C ASN B 47 -80.51 -35.72 87.42
N LYS B 48 -81.58 -35.73 86.63
CA LYS B 48 -82.66 -34.77 86.76
C LYS B 48 -83.97 -35.43 86.34
N PRO B 49 -84.95 -35.49 87.22
CA PRO B 49 -86.23 -36.13 86.87
C PRO B 49 -86.94 -35.37 85.76
N PHE B 50 -87.72 -36.12 84.98
CA PHE B 50 -88.48 -35.57 83.87
C PHE B 50 -89.86 -35.13 84.35
N LYS B 51 -90.32 -33.98 83.86
CA LYS B 51 -91.55 -33.37 84.33
C LYS B 51 -92.43 -33.06 83.13
N PHE B 52 -93.68 -33.49 83.16
CA PHE B 52 -94.56 -33.20 82.04
C PHE B 52 -96.01 -33.10 82.51
N ARG B 53 -96.80 -32.35 81.74
CA ARG B 53 -98.21 -32.11 82.03
C ARG B 53 -99.07 -32.99 81.14
N ILE B 54 -100.06 -33.64 81.73
CA ILE B 54 -100.86 -34.66 81.05
C ILE B 54 -101.98 -33.97 80.28
N GLY B 55 -102.20 -34.40 79.04
CA GLY B 55 -103.29 -33.91 78.23
C GLY B 55 -102.95 -32.74 77.31
N LYS B 56 -101.70 -32.29 77.30
CA LYS B 56 -101.29 -31.13 76.51
C LYS B 56 -100.40 -31.51 75.34
N GLN B 57 -100.56 -32.73 74.78
CA GLN B 57 -99.71 -33.27 73.72
C GLN B 57 -98.25 -32.82 73.87
N GLU B 58 -97.65 -33.13 75.03
CA GLU B 58 -96.25 -32.79 75.24
C GLU B 58 -95.31 -33.94 74.86
N VAL B 59 -95.76 -35.19 75.02
CA VAL B 59 -94.95 -36.37 74.74
C VAL B 59 -95.73 -37.26 73.78
N ILE B 60 -95.08 -38.37 73.41
CA ILE B 60 -95.73 -39.33 72.51
C ILE B 60 -96.91 -39.97 73.23
N LYS B 61 -97.81 -40.58 72.45
CA LYS B 61 -99.05 -41.10 72.98
C LYS B 61 -98.82 -42.20 74.01
N GLY B 62 -97.95 -43.17 73.66
CA GLY B 62 -97.79 -44.34 74.50
C GLY B 62 -97.26 -44.03 75.89
N PHE B 63 -96.32 -43.10 75.99
CA PHE B 63 -95.81 -42.70 77.30
C PHE B 63 -96.93 -42.15 78.18
N GLU B 64 -97.77 -41.29 77.61
CA GLU B 64 -98.87 -40.70 78.38
C GLU B 64 -99.90 -41.74 78.78
N GLU B 65 -100.28 -42.63 77.86
CA GLU B 65 -101.26 -43.66 78.18
C GLU B 65 -100.73 -44.60 79.24
N GLY B 66 -99.44 -44.96 79.18
CA GLY B 66 -98.87 -45.80 80.21
C GLY B 66 -98.81 -45.11 81.56
N ALA B 67 -98.42 -43.84 81.57
CA ALA B 67 -98.32 -43.12 82.84
C ALA B 67 -99.69 -42.83 83.44
N ALA B 68 -100.74 -42.80 82.61
CA ALA B 68 -102.08 -42.51 83.13
C ALA B 68 -102.60 -43.64 84.02
N GLN B 69 -102.12 -44.87 83.81
CA GLN B 69 -102.64 -46.02 84.53
C GLN B 69 -101.81 -46.41 85.75
N MET B 70 -100.78 -45.64 86.08
CA MET B 70 -99.90 -46.01 87.19
C MET B 70 -100.22 -45.20 88.43
N SER B 71 -100.06 -45.83 89.58
CA SER B 71 -100.28 -45.20 90.87
C SER B 71 -99.00 -44.52 91.37
N LEU B 72 -99.13 -43.82 92.49
CA LEU B 72 -97.99 -43.10 93.05
C LEU B 72 -96.97 -44.09 93.62
N GLY B 73 -95.71 -43.93 93.21
CA GLY B 73 -94.65 -44.78 93.68
C GLY B 73 -94.49 -46.09 92.94
N GLN B 74 -95.39 -46.40 92.01
CA GLN B 74 -95.30 -47.65 91.26
C GLN B 74 -94.14 -47.61 90.27
N ARG B 75 -93.56 -48.78 90.01
CA ARG B 75 -92.51 -48.94 89.02
C ARG B 75 -92.95 -50.02 88.03
N ALA B 76 -93.01 -49.68 86.75
CA ALA B 76 -93.58 -50.57 85.77
C ALA B 76 -92.81 -50.49 84.45
N LYS B 77 -93.22 -51.33 83.52
CA LYS B 77 -92.62 -51.40 82.18
C LYS B 77 -93.72 -51.22 81.13
N LEU B 78 -93.42 -50.43 80.10
CA LEU B 78 -94.37 -50.13 79.04
C LEU B 78 -93.79 -50.54 77.69
N THR B 79 -94.67 -50.96 76.78
CA THR B 79 -94.30 -51.31 75.42
C THR B 79 -95.16 -50.53 74.45
N CYS B 80 -94.53 -49.93 73.44
CA CYS B 80 -95.20 -49.07 72.48
C CYS B 80 -94.94 -49.56 71.06
N THR B 81 -96.01 -49.70 70.28
CA THR B 81 -95.94 -50.12 68.89
C THR B 81 -95.55 -48.95 68.00
N PRO B 82 -95.05 -49.22 66.79
CA PRO B 82 -94.59 -48.12 65.93
C PRO B 82 -95.67 -47.09 65.61
N ASP B 83 -96.92 -47.52 65.41
CA ASP B 83 -97.96 -46.55 65.06
C ASP B 83 -98.28 -45.58 66.18
N VAL B 84 -97.80 -45.86 67.40
CA VAL B 84 -97.99 -44.95 68.53
C VAL B 84 -96.80 -44.02 68.74
N ALA B 85 -95.58 -44.48 68.45
CA ALA B 85 -94.37 -43.72 68.71
C ALA B 85 -93.59 -43.54 67.42
N TYR B 86 -93.61 -42.33 66.88
CA TYR B 86 -92.75 -41.89 65.77
C TYR B 86 -93.08 -42.55 64.43
N GLY B 87 -94.04 -43.47 64.43
CA GLY B 87 -94.56 -44.01 63.18
C GLY B 87 -93.50 -44.59 62.28
N ALA B 88 -93.62 -44.30 60.98
CA ALA B 88 -92.70 -44.80 59.96
C ALA B 88 -91.59 -43.81 59.63
N THR B 89 -91.57 -42.64 60.26
CA THR B 89 -90.52 -41.67 60.01
C THR B 89 -89.37 -41.80 61.01
N GLY B 90 -89.66 -42.16 62.25
CA GLY B 90 -88.61 -42.33 63.24
C GLY B 90 -88.06 -40.99 63.70
N HIS B 91 -86.98 -41.08 64.46
CA HIS B 91 -86.27 -39.89 64.94
C HIS B 91 -84.93 -39.84 64.23
N PRO B 92 -84.71 -38.86 63.33
CA PRO B 92 -83.49 -38.86 62.49
C PRO B 92 -82.20 -38.94 63.29
N GLY B 93 -81.47 -40.02 63.10
CA GLY B 93 -80.20 -40.23 63.76
C GLY B 93 -80.28 -40.93 65.10
N VAL B 94 -81.48 -41.22 65.59
CA VAL B 94 -81.63 -41.84 66.90
C VAL B 94 -82.41 -43.15 66.79
N ILE B 95 -83.61 -43.09 66.21
CA ILE B 95 -84.52 -44.22 66.16
C ILE B 95 -84.78 -44.55 64.70
N PRO B 96 -84.56 -45.79 64.27
CA PRO B 96 -84.86 -46.18 62.88
C PRO B 96 -86.35 -46.26 62.64
N PRO B 97 -86.79 -46.22 61.39
CA PRO B 97 -88.23 -46.28 61.11
C PRO B 97 -88.82 -47.62 61.52
N ASN B 98 -90.11 -47.58 61.89
CA ASN B 98 -90.88 -48.77 62.25
C ASN B 98 -90.25 -49.49 63.45
N ALA B 99 -90.05 -48.78 64.55
CA ALA B 99 -89.42 -49.37 65.72
C ALA B 99 -90.41 -49.49 66.88
N THR B 100 -90.29 -50.58 67.62
CA THR B 100 -91.09 -50.82 68.81
C THR B 100 -90.26 -50.44 70.04
N LEU B 101 -90.86 -49.68 70.95
CA LEU B 101 -90.12 -49.07 72.06
C LEU B 101 -90.50 -49.74 73.38
N ILE B 102 -89.53 -49.83 74.28
CA ILE B 102 -89.72 -50.40 75.61
C ILE B 102 -89.22 -49.38 76.63
N PHE B 103 -90.04 -49.08 77.62
CA PHE B 103 -89.73 -48.07 78.63
C PHE B 103 -89.83 -48.69 80.01
N ASP B 104 -88.99 -48.22 80.94
CA ASP B 104 -89.05 -48.60 82.35
C ASP B 104 -89.31 -47.32 83.14
N VAL B 105 -90.51 -47.20 83.70
CA VAL B 105 -90.99 -45.93 84.25
C VAL B 105 -91.25 -46.08 85.75
N GLU B 106 -90.82 -45.07 86.50
CA GLU B 106 -91.12 -44.93 87.92
C GLU B 106 -91.78 -43.57 88.13
N LEU B 107 -92.92 -43.57 88.82
CA LEU B 107 -93.68 -42.35 89.08
C LEU B 107 -93.30 -41.84 90.46
N LEU B 108 -92.76 -40.63 90.51
CA LEU B 108 -92.21 -40.09 91.75
C LEU B 108 -93.20 -39.16 92.46
N ASN B 109 -93.71 -38.15 91.75
CA ASN B 109 -94.54 -37.14 92.41
C ASN B 109 -95.54 -36.58 91.41
N LEU B 110 -96.64 -36.06 91.95
CA LEU B 110 -97.73 -35.48 91.16
C LEU B 110 -97.85 -34.01 91.49
N GLU B 111 -97.90 -33.17 90.45
CA GLU B 111 -98.01 -31.72 90.59
C GLU B 111 -96.89 -31.15 91.46
N VAL C 11 22.13 -19.71 -19.81
CA VAL C 11 23.32 -20.41 -20.25
C VAL C 11 23.51 -20.21 -21.76
N GLN C 12 24.68 -19.72 -22.14
CA GLN C 12 24.99 -19.47 -23.55
C GLN C 12 26.29 -20.08 -24.04
N PHE C 13 27.29 -20.28 -23.18
CA PHE C 13 28.60 -20.76 -23.59
C PHE C 13 28.85 -22.14 -23.01
N LEU C 14 29.42 -23.02 -23.82
CA LEU C 14 29.69 -24.38 -23.40
C LEU C 14 30.84 -24.43 -22.39
N ARG C 15 30.86 -25.49 -21.60
CA ARG C 15 31.85 -25.67 -20.55
C ARG C 15 32.15 -27.15 -20.39
N THR C 16 33.28 -27.44 -19.75
CA THR C 16 33.65 -28.82 -19.52
C THR C 16 32.71 -29.48 -18.51
N ASP C 17 32.78 -30.81 -18.44
CA ASP C 17 31.95 -31.63 -17.57
C ASP C 17 30.46 -31.43 -17.82
N ASP C 18 30.05 -31.26 -19.07
CA ASP C 18 28.66 -31.11 -19.43
C ASP C 18 28.25 -32.21 -20.42
N GLU C 19 27.04 -32.71 -20.25
CA GLU C 19 26.52 -33.77 -21.09
C GLU C 19 25.97 -33.17 -22.39
N VAL C 20 26.51 -33.63 -23.52
CA VAL C 20 26.27 -33.03 -24.83
C VAL C 20 25.97 -34.14 -25.82
N VAL C 21 25.27 -33.78 -26.90
CA VAL C 21 24.88 -34.71 -27.95
C VAL C 21 25.42 -34.21 -29.28
N LEU C 22 26.01 -35.11 -30.06
CA LEU C 22 26.56 -34.78 -31.38
C LEU C 22 25.53 -35.10 -32.46
N GLN C 23 25.22 -34.12 -33.28
CA GLN C 23 24.10 -34.18 -34.21
C GLN C 23 24.55 -33.73 -35.60
N CYS C 24 23.81 -34.17 -36.60
CA CYS C 24 24.06 -33.80 -37.99
C CYS C 24 22.75 -33.81 -38.76
N ASN C 25 22.78 -33.23 -39.97
CA ASN C 25 21.60 -33.11 -40.80
C ASN C 25 21.89 -33.67 -42.18
N ALA C 26 20.88 -34.30 -42.79
CA ALA C 26 21.02 -34.88 -44.12
C ALA C 26 19.68 -34.79 -44.84
N THR C 27 19.70 -35.07 -46.14
CA THR C 27 18.51 -35.04 -46.97
C THR C 27 18.37 -36.35 -47.73
N VAL C 28 17.17 -36.93 -47.68
CA VAL C 28 16.82 -38.13 -48.44
C VAL C 28 15.41 -37.96 -48.97
N LEU C 29 15.24 -38.12 -50.29
CA LEU C 29 13.94 -37.99 -50.94
C LEU C 29 13.29 -36.65 -50.62
N LYS C 30 14.10 -35.58 -50.70
CA LYS C 30 13.65 -34.21 -50.45
C LYS C 30 13.15 -34.03 -49.01
N GLU C 31 13.45 -34.99 -48.15
CA GLU C 31 13.07 -34.89 -46.75
C GLU C 31 14.31 -34.73 -45.88
N GLN C 32 14.24 -33.80 -44.93
CA GLN C 32 15.38 -33.46 -44.08
C GLN C 32 15.32 -34.29 -42.80
N LEU C 33 16.42 -34.98 -42.51
CA LEU C 33 16.53 -35.84 -41.34
C LEU C 33 17.67 -35.35 -40.44
N LYS C 34 17.45 -35.47 -39.13
CA LYS C 34 18.44 -35.11 -38.14
C LYS C 34 18.90 -36.40 -37.44
N LEU C 35 20.20 -36.63 -37.45
CA LEU C 35 20.78 -37.88 -36.95
C LEU C 35 21.70 -37.57 -35.78
N CYS C 36 21.76 -38.48 -34.82
CA CYS C 36 22.62 -38.34 -33.65
C CYS C 36 23.67 -39.45 -33.65
N LEU C 37 24.91 -39.09 -33.30
CA LEU C 37 25.96 -40.10 -33.20
C LEU C 37 25.73 -40.97 -31.96
N ALA C 38 25.98 -42.27 -32.10
CA ALA C 38 25.73 -43.20 -31.00
C ALA C 38 26.69 -44.37 -31.08
N ALA C 39 26.85 -45.06 -29.95
CA ALA C 39 27.69 -46.25 -29.86
C ALA C 39 27.22 -47.08 -28.67
N GLU C 40 27.62 -48.36 -28.68
CA GLU C 40 27.20 -49.28 -27.63
C GLU C 40 28.31 -49.54 -26.62
N GLY C 41 29.53 -49.78 -27.09
CA GLY C 41 30.65 -50.03 -26.19
C GLY C 41 30.84 -51.48 -25.83
N PHE C 42 29.94 -52.01 -25.00
CA PHE C 42 30.05 -53.41 -24.56
C PHE C 42 29.55 -54.33 -25.65
N GLY C 43 30.45 -55.14 -26.21
CA GLY C 43 30.11 -56.07 -27.27
C GLY C 43 30.17 -55.49 -28.66
N ASN C 44 30.38 -54.19 -28.81
CA ASN C 44 30.46 -53.56 -30.12
C ASN C 44 31.11 -52.19 -29.95
N ARG C 45 32.17 -51.94 -30.72
CA ARG C 45 32.91 -50.69 -30.59
C ARG C 45 32.57 -49.67 -31.68
N LEU C 46 32.05 -50.12 -32.81
CA LEU C 46 31.80 -49.22 -33.93
C LEU C 46 30.62 -48.30 -33.64
N CYS C 47 30.74 -47.05 -34.09
CA CYS C 47 29.68 -46.07 -33.89
C CYS C 47 28.73 -46.08 -35.08
N PHE C 48 27.53 -45.56 -34.86
CA PHE C 48 26.52 -45.48 -35.92
C PHE C 48 25.63 -44.27 -35.67
N LEU C 49 24.57 -44.17 -36.47
CA LEU C 49 23.69 -43.01 -36.48
C LEU C 49 22.28 -43.41 -36.06
N GLU C 50 21.69 -42.62 -35.17
CA GLU C 50 20.33 -42.85 -34.70
C GLU C 50 19.43 -41.74 -35.21
N PRO C 51 18.36 -42.05 -35.96
CA PRO C 51 17.44 -40.99 -36.39
C PRO C 51 16.68 -40.41 -35.22
N THR C 52 16.34 -39.13 -35.33
CA THR C 52 15.62 -38.41 -34.29
C THR C 52 14.49 -37.53 -34.83
N SER C 53 14.27 -37.53 -36.15
CA SER C 53 13.25 -36.63 -36.71
C SER C 53 11.84 -37.06 -36.34
N ASN C 54 11.61 -38.36 -36.19
CA ASN C 54 10.28 -38.91 -35.95
C ASN C 54 10.01 -39.16 -34.47
N ALA C 55 10.52 -38.29 -33.59
CA ALA C 55 10.34 -38.48 -32.15
C ALA C 55 8.89 -38.43 -31.73
N GLN C 56 8.01 -37.80 -32.52
CA GLN C 56 6.61 -37.71 -32.14
C GLN C 56 5.89 -39.05 -32.24
N ASN C 57 6.45 -40.01 -32.97
CA ASN C 57 5.83 -41.32 -33.13
C ASN C 57 6.68 -42.45 -32.59
N VAL C 58 7.97 -42.48 -32.91
CA VAL C 58 8.88 -43.51 -32.42
C VAL C 58 10.00 -42.84 -31.63
N PRO C 59 9.98 -42.90 -30.30
CA PRO C 59 11.03 -42.25 -29.50
C PRO C 59 12.39 -42.88 -29.78
N PRO C 60 13.44 -42.08 -29.82
CA PRO C 60 14.79 -42.62 -30.03
C PRO C 60 15.41 -43.07 -28.71
N ASP C 61 16.65 -43.59 -28.83
CA ASP C 61 17.38 -44.13 -27.68
C ASP C 61 18.48 -43.14 -27.32
N LEU C 62 18.16 -42.27 -26.35
CA LEU C 62 19.11 -41.23 -25.96
C LEU C 62 20.13 -41.71 -24.94
N ALA C 63 19.93 -42.91 -24.38
CA ALA C 63 20.83 -43.38 -23.32
C ALA C 63 22.25 -43.58 -23.83
N ILE C 64 22.40 -44.09 -25.07
CA ILE C 64 23.72 -44.40 -25.61
C ILE C 64 24.26 -43.29 -26.49
N CYS C 65 23.70 -42.09 -26.43
CA CYS C 65 24.16 -40.98 -27.25
C CYS C 65 24.86 -39.89 -26.46
N CYS C 66 24.75 -39.90 -25.13
CA CYS C 66 25.32 -38.83 -24.32
C CYS C 66 26.83 -38.98 -24.20
N PHE C 67 27.54 -37.86 -24.34
CA PHE C 67 28.98 -37.81 -24.15
C PHE C 67 29.32 -36.73 -23.14
N VAL C 68 30.47 -36.90 -22.48
CA VAL C 68 30.92 -35.98 -21.44
C VAL C 68 32.24 -35.37 -21.87
N LEU C 69 32.33 -34.05 -21.81
CA LEU C 69 33.55 -33.33 -22.16
C LEU C 69 34.52 -33.47 -20.99
N GLU C 70 35.54 -34.30 -21.17
CA GLU C 70 36.48 -34.58 -20.08
C GLU C 70 37.50 -33.46 -19.92
N GLN C 71 38.26 -33.17 -20.98
CA GLN C 71 39.32 -32.19 -20.88
C GLN C 71 39.43 -31.40 -22.17
N SER C 72 39.90 -30.15 -22.04
CA SER C 72 40.19 -29.28 -23.18
C SER C 72 41.52 -28.60 -22.91
N LEU C 73 42.41 -28.64 -23.89
CA LEU C 73 43.76 -28.12 -23.73
C LEU C 73 44.23 -27.51 -25.05
N SER C 74 45.31 -26.73 -24.96
CA SER C 74 45.94 -26.17 -26.14
C SER C 74 46.81 -27.24 -26.82
N VAL C 75 47.14 -26.97 -28.09
CA VAL C 75 47.92 -27.93 -28.87
C VAL C 75 49.31 -28.10 -28.27
N ARG C 76 49.96 -26.99 -27.90
CA ARG C 76 51.29 -27.06 -27.33
C ARG C 76 51.29 -27.81 -26.00
N ALA C 77 50.30 -27.54 -25.15
CA ALA C 77 50.21 -28.24 -23.87
C ALA C 77 49.99 -29.73 -24.06
N LEU C 78 49.12 -30.09 -25.01
CA LEU C 78 48.87 -31.50 -25.29
C LEU C 78 50.14 -32.18 -25.79
N GLN C 79 50.87 -31.51 -26.69
CA GLN C 79 52.11 -32.09 -27.21
C GLN C 79 53.14 -32.27 -26.11
N GLU C 80 53.27 -31.28 -25.22
CA GLU C 80 54.22 -31.41 -24.11
C GLU C 80 53.81 -32.52 -23.15
N MET C 81 52.51 -32.66 -22.88
CA MET C 81 52.05 -33.71 -21.98
C MET C 81 52.32 -35.09 -22.57
N LEU C 82 52.06 -35.28 -23.86
CA LEU C 82 52.41 -36.55 -24.49
C LEU C 82 53.92 -36.76 -24.57
N ALA C 83 54.69 -35.67 -24.63
CA ALA C 83 56.14 -35.79 -24.63
C ALA C 83 56.70 -36.14 -23.25
N ASN C 84 55.89 -36.06 -22.21
CA ASN C 84 56.33 -36.40 -20.86
C ASN C 84 56.63 -37.88 -20.73
N HIS C 98 36.28 -26.79 -15.26
CA HIS C 98 35.21 -25.86 -15.55
C HIS C 98 35.68 -24.73 -16.46
N ARG C 99 36.75 -24.98 -17.20
CA ARG C 99 37.24 -24.01 -18.17
C ARG C 99 36.32 -23.97 -19.39
N THR C 100 36.04 -22.76 -19.86
CA THR C 100 35.35 -22.61 -21.14
C THR C 100 36.30 -22.95 -22.27
N LEU C 101 35.73 -23.48 -23.36
CA LEU C 101 36.52 -24.00 -24.46
C LEU C 101 36.63 -22.98 -25.58
N LEU C 102 37.77 -22.97 -26.26
CA LEU C 102 38.06 -22.06 -27.34
C LEU C 102 38.16 -22.83 -28.66
N TYR C 103 37.94 -22.10 -29.76
CA TYR C 103 38.18 -22.67 -31.07
C TYR C 103 39.66 -22.98 -31.24
N GLY C 104 39.95 -24.05 -31.97
CA GLY C 104 41.32 -24.46 -32.19
C GLY C 104 41.95 -25.24 -31.04
N HIS C 105 41.19 -25.54 -30.00
CA HIS C 105 41.71 -26.33 -28.90
C HIS C 105 41.41 -27.82 -29.13
N ALA C 106 42.08 -28.66 -28.36
CA ALA C 106 41.91 -30.10 -28.44
C ALA C 106 41.12 -30.59 -27.24
N ILE C 107 40.10 -31.39 -27.51
CA ILE C 107 39.16 -31.85 -26.49
C ILE C 107 39.15 -33.37 -26.47
N LEU C 108 38.72 -33.92 -25.32
CA LEU C 108 38.59 -35.35 -25.11
C LEU C 108 37.17 -35.64 -24.64
N LEU C 109 36.54 -36.64 -25.26
CA LEU C 109 35.15 -37.00 -24.97
C LEU C 109 35.11 -38.40 -24.35
N ARG C 110 34.27 -38.56 -23.33
CA ARG C 110 34.07 -39.84 -22.66
C ARG C 110 32.63 -40.29 -22.82
N HIS C 111 32.44 -41.56 -23.18
CA HIS C 111 31.10 -42.11 -23.30
C HIS C 111 30.46 -42.19 -21.91
N ALA C 112 29.21 -41.72 -21.81
CA ALA C 112 28.56 -41.65 -20.51
C ALA C 112 28.31 -43.03 -19.92
N HIS C 113 27.86 -43.98 -20.75
CA HIS C 113 27.47 -45.29 -20.25
C HIS C 113 28.67 -46.21 -20.06
N SER C 114 29.37 -46.52 -21.15
CA SER C 114 30.45 -47.51 -21.09
C SER C 114 31.71 -46.97 -20.44
N GLY C 115 31.88 -45.65 -20.38
CA GLY C 115 33.10 -45.10 -19.82
C GLY C 115 34.29 -45.10 -20.76
N MET C 116 34.11 -45.48 -22.02
CA MET C 116 35.19 -45.46 -22.99
C MET C 116 35.25 -44.10 -23.69
N TYR C 117 36.27 -43.94 -24.53
CA TYR C 117 36.53 -42.66 -25.18
C TYR C 117 36.42 -42.81 -26.69
N LEU C 118 35.80 -41.83 -27.34
CA LEU C 118 35.69 -41.83 -28.79
C LEU C 118 37.07 -41.66 -29.41
N SER C 119 37.35 -42.42 -30.47
CA SER C 119 38.66 -42.39 -31.09
C SER C 119 38.56 -42.85 -32.53
N CYS C 120 39.65 -42.64 -33.27
CA CYS C 120 39.76 -43.04 -34.66
C CYS C 120 40.51 -44.37 -34.74
N LEU C 121 39.96 -45.33 -35.47
CA LEU C 121 40.52 -46.67 -35.55
C LEU C 121 41.39 -46.80 -36.80
N THR C 122 42.22 -47.85 -36.81
CA THR C 122 43.09 -48.12 -37.94
C THR C 122 42.44 -48.97 -39.01
N THR C 123 41.43 -49.77 -38.66
CA THR C 123 40.74 -50.57 -39.66
C THR C 123 39.81 -49.70 -40.50
N SER C 124 39.51 -50.19 -41.70
CA SER C 124 38.66 -49.45 -42.63
C SER C 124 37.74 -50.45 -43.32
N ARG C 125 36.43 -50.27 -43.11
CA ARG C 125 35.43 -51.11 -43.78
C ARG C 125 35.06 -50.58 -45.16
N SER C 126 35.51 -49.38 -45.52
CA SER C 126 35.11 -48.77 -46.77
C SER C 126 35.71 -49.49 -47.97
N MET C 127 35.00 -49.44 -49.09
CA MET C 127 35.47 -50.01 -50.34
C MET C 127 35.56 -48.99 -51.47
N THR C 128 34.97 -47.82 -51.32
CA THR C 128 35.03 -46.78 -52.35
C THR C 128 36.07 -45.71 -52.05
N ASP C 129 36.45 -45.54 -50.78
CA ASP C 129 37.47 -44.59 -50.38
C ASP C 129 38.65 -45.36 -49.82
N LYS C 130 39.84 -45.12 -50.38
CA LYS C 130 41.02 -45.84 -49.95
C LYS C 130 41.70 -45.19 -48.75
N LEU C 131 41.51 -43.88 -48.57
CA LEU C 131 42.17 -43.14 -47.49
C LEU C 131 41.31 -43.00 -46.25
N ALA C 132 40.13 -43.62 -46.21
CA ALA C 132 39.22 -43.45 -45.09
C ALA C 132 39.57 -44.39 -43.94
N PHE C 133 39.13 -44.01 -42.75
CA PHE C 133 39.34 -44.80 -41.53
C PHE C 133 38.03 -44.92 -40.78
N ASP C 134 37.93 -45.96 -39.95
CA ASP C 134 36.75 -46.14 -39.12
C ASP C 134 36.92 -45.44 -37.78
N VAL C 135 35.80 -45.10 -37.15
CA VAL C 135 35.77 -44.40 -35.88
C VAL C 135 35.01 -45.25 -34.87
N GLY C 136 35.61 -45.43 -33.69
CA GLY C 136 34.99 -46.28 -32.70
C GLY C 136 35.30 -45.81 -31.29
N LEU C 137 35.27 -46.77 -30.36
CA LEU C 137 35.53 -46.50 -28.95
C LEU C 137 36.82 -47.16 -28.52
N GLN C 138 37.43 -46.60 -27.48
CA GLN C 138 38.72 -47.04 -26.97
C GLN C 138 38.64 -47.12 -25.45
N GLU C 139 39.19 -48.19 -24.89
CA GLU C 139 39.06 -48.47 -23.47
C GLU C 139 39.99 -47.62 -22.60
N ASP C 140 41.04 -47.05 -23.18
CA ASP C 140 42.02 -46.29 -22.42
C ASP C 140 42.23 -44.92 -23.06
N ALA C 141 42.39 -43.90 -22.21
CA ALA C 141 42.65 -42.54 -22.68
C ALA C 141 44.08 -42.35 -23.16
N THR C 142 44.95 -43.33 -22.99
CA THR C 142 46.33 -43.22 -23.43
C THR C 142 46.40 -43.12 -24.95
N GLY C 143 47.45 -42.48 -25.44
CA GLY C 143 47.63 -42.27 -26.85
C GLY C 143 46.98 -40.98 -27.34
N GLU C 144 47.36 -40.58 -28.55
CA GLU C 144 46.86 -39.34 -29.13
C GLU C 144 45.60 -39.54 -29.95
N ALA C 145 45.16 -40.78 -30.15
CA ALA C 145 44.02 -41.04 -31.03
C ALA C 145 42.70 -40.57 -30.43
N CYS C 146 42.68 -40.21 -29.15
CA CYS C 146 41.43 -39.87 -28.48
C CYS C 146 41.13 -38.38 -28.47
N TRP C 147 42.02 -37.54 -28.98
CA TRP C 147 41.86 -36.10 -28.91
C TRP C 147 41.38 -35.54 -30.25
N TRP C 148 40.49 -34.55 -30.20
CA TRP C 148 39.93 -33.96 -31.40
C TRP C 148 40.00 -32.44 -31.33
N THR C 149 40.39 -31.81 -32.44
CA THR C 149 40.46 -30.36 -32.53
C THR C 149 39.24 -29.83 -33.24
N THR C 150 38.81 -28.63 -32.86
CA THR C 150 37.59 -28.01 -33.38
C THR C 150 37.94 -26.75 -34.17
N HIS C 151 37.22 -26.52 -35.26
CA HIS C 151 37.42 -25.35 -36.11
C HIS C 151 36.08 -24.74 -36.47
N PRO C 152 36.02 -23.43 -36.67
CA PRO C 152 34.76 -22.78 -37.01
C PRO C 152 34.34 -23.04 -38.45
N ALA C 153 33.04 -22.87 -38.70
CA ALA C 153 32.49 -23.16 -40.02
C ALA C 153 32.87 -22.10 -41.05
N SER C 154 32.79 -20.82 -40.70
CA SER C 154 33.00 -19.76 -41.67
C SER C 154 33.82 -18.65 -41.03
N LYS C 155 33.96 -17.54 -41.77
CA LYS C 155 34.81 -16.43 -41.36
C LYS C 155 34.20 -15.58 -40.26
N GLN C 156 32.93 -15.79 -39.90
CA GLN C 156 32.30 -14.97 -38.87
C GLN C 156 32.87 -15.24 -37.48
N ARG C 157 33.64 -16.31 -37.31
CA ARG C 157 34.24 -16.65 -36.03
C ARG C 157 35.75 -16.63 -36.14
N SER C 158 36.42 -16.29 -35.05
CA SER C 158 37.86 -16.16 -35.02
C SER C 158 38.52 -17.47 -34.59
N GLU C 159 39.84 -17.54 -34.80
CA GLU C 159 40.59 -18.74 -34.46
C GLU C 159 40.59 -18.97 -32.95
N GLY C 160 40.80 -17.92 -32.17
CA GLY C 160 40.81 -18.00 -30.72
C GLY C 160 39.51 -17.64 -30.05
N GLU C 161 38.41 -17.55 -30.80
CA GLU C 161 37.14 -17.14 -30.24
C GLU C 161 36.55 -18.24 -29.35
N LYS C 162 35.69 -17.82 -28.43
CA LYS C 162 34.95 -18.77 -27.61
C LYS C 162 33.87 -19.45 -28.44
N VAL C 163 33.46 -20.63 -27.98
CA VAL C 163 32.45 -21.42 -28.67
C VAL C 163 31.10 -21.23 -27.98
N ARG C 164 30.08 -20.95 -28.77
CA ARG C 164 28.73 -20.73 -28.27
C ARG C 164 27.79 -21.82 -28.77
N VAL C 165 26.65 -21.95 -28.09
CA VAL C 165 25.67 -22.96 -28.47
C VAL C 165 25.05 -22.59 -29.81
N GLY C 166 24.60 -23.61 -30.55
CA GLY C 166 23.97 -23.40 -31.83
C GLY C 166 24.90 -23.22 -33.00
N ASP C 167 26.21 -23.26 -32.78
CA ASP C 167 27.16 -23.07 -33.87
C ASP C 167 27.36 -24.38 -34.63
N ASP C 168 28.14 -24.28 -35.71
CA ASP C 168 28.53 -25.44 -36.52
C ASP C 168 30.05 -25.54 -36.52
N LEU C 169 30.56 -26.76 -36.35
CA LEU C 169 31.98 -26.97 -36.12
C LEU C 169 32.52 -28.01 -37.09
N ILE C 170 33.83 -28.03 -37.24
CA ILE C 170 34.56 -29.05 -37.98
C ILE C 170 35.53 -29.72 -37.02
N LEU C 171 35.52 -31.05 -36.99
CA LEU C 171 36.35 -31.82 -36.07
C LEU C 171 37.47 -32.51 -36.83
N VAL C 172 38.68 -32.43 -36.30
CA VAL C 172 39.87 -32.97 -36.93
C VAL C 172 40.58 -33.85 -35.93
N SER C 173 40.95 -35.06 -36.37
CA SER C 173 41.76 -35.94 -35.53
C SER C 173 43.19 -35.44 -35.46
N VAL C 174 43.80 -35.53 -34.27
CA VAL C 174 45.18 -35.07 -34.12
C VAL C 174 46.18 -36.16 -34.49
N SER C 175 45.71 -37.39 -34.69
CA SER C 175 46.58 -38.49 -35.04
C SER C 175 46.54 -38.81 -36.53
N SER C 176 45.34 -38.80 -37.12
CA SER C 176 45.18 -39.15 -38.53
C SER C 176 44.97 -37.95 -39.43
N GLU C 177 44.73 -36.77 -38.88
CA GLU C 177 44.57 -35.53 -39.64
C GLU C 177 43.41 -35.61 -40.63
N ARG C 178 42.26 -36.13 -40.20
CA ARG C 178 41.11 -36.29 -41.06
C ARG C 178 39.87 -35.72 -40.40
N TYR C 179 38.89 -35.36 -41.24
CA TYR C 179 37.60 -34.85 -40.77
C TYR C 179 36.63 -36.00 -40.53
N LEU C 180 35.62 -35.72 -39.71
CA LEU C 180 34.50 -36.65 -39.54
C LEU C 180 33.57 -36.53 -40.75
N HIS C 181 33.42 -37.63 -41.48
CA HIS C 181 32.69 -37.62 -42.74
C HIS C 181 31.46 -38.52 -42.64
N LEU C 182 30.36 -38.04 -43.22
CA LEU C 182 29.12 -38.80 -43.33
C LEU C 182 29.09 -39.42 -44.73
N SER C 183 29.02 -40.75 -44.78
CA SER C 183 29.12 -41.49 -46.02
C SER C 183 27.76 -42.09 -46.39
N THR C 184 27.40 -41.94 -47.67
CA THR C 184 26.17 -42.51 -48.22
C THR C 184 26.42 -43.24 -49.53
N ALA C 185 27.65 -43.72 -49.77
CA ALA C 185 27.96 -44.35 -51.04
C ALA C 185 27.18 -45.65 -51.24
N SER C 186 27.06 -46.45 -50.19
CA SER C 186 26.41 -47.76 -50.28
C SER C 186 24.90 -47.68 -50.11
N GLY C 187 24.34 -46.48 -49.97
CA GLY C 187 22.93 -46.31 -49.71
C GLY C 187 22.56 -46.22 -48.25
N GLU C 188 23.44 -46.63 -47.35
CA GLU C 188 23.21 -46.47 -45.92
C GLU C 188 24.03 -45.32 -45.38
N LEU C 189 23.47 -44.64 -44.38
CA LEU C 189 24.11 -43.47 -43.79
C LEU C 189 25.07 -43.91 -42.69
N GLN C 190 26.36 -43.65 -42.89
CA GLN C 190 27.39 -44.14 -41.99
C GLN C 190 28.35 -43.01 -41.64
N VAL C 191 29.20 -43.26 -40.65
CA VAL C 191 30.18 -42.29 -40.18
C VAL C 191 31.58 -42.88 -40.35
N ASP C 192 32.53 -42.04 -40.74
CA ASP C 192 33.92 -42.47 -40.85
C ASP C 192 34.81 -41.24 -40.73
N ALA C 193 36.11 -41.46 -40.97
CA ALA C 193 37.09 -40.39 -41.01
C ALA C 193 37.65 -40.31 -42.42
N SER C 194 37.57 -39.13 -43.02
CA SER C 194 38.00 -38.95 -44.40
C SER C 194 38.39 -37.50 -44.63
N PHE C 195 38.80 -37.19 -45.85
CA PHE C 195 39.26 -35.85 -46.21
C PHE C 195 38.16 -34.97 -46.77
N MET C 196 36.90 -35.38 -46.64
CA MET C 196 35.76 -34.55 -46.97
C MET C 196 35.11 -34.07 -45.67
N GLN C 197 34.90 -32.77 -45.58
CA GLN C 197 34.40 -32.17 -44.34
C GLN C 197 32.87 -32.22 -44.28
N THR C 198 32.36 -32.15 -43.05
CA THR C 198 30.93 -32.15 -42.81
C THR C 198 30.67 -31.33 -41.55
N LEU C 199 29.50 -30.69 -41.51
CA LEU C 199 29.15 -29.77 -40.43
C LEU C 199 28.46 -30.54 -39.32
N TRP C 200 28.91 -30.30 -38.08
CA TRP C 200 28.34 -30.95 -36.90
C TRP C 200 27.81 -29.90 -35.93
N ASN C 201 26.65 -30.18 -35.34
CA ASN C 201 26.05 -29.30 -34.36
C ASN C 201 26.24 -29.89 -32.96
N MET C 202 26.85 -29.12 -32.07
CA MET C 202 27.12 -29.56 -30.70
C MET C 202 26.00 -29.03 -29.81
N ASN C 203 25.05 -29.90 -29.50
CA ASN C 203 23.88 -29.52 -28.71
C ASN C 203 24.03 -30.05 -27.30
N PRO C 204 24.16 -29.18 -26.30
CA PRO C 204 24.23 -29.66 -24.91
C PRO C 204 22.86 -30.11 -24.42
N ILE C 205 22.87 -31.12 -23.55
CA ILE C 205 21.64 -31.64 -22.98
C ILE C 205 21.61 -31.51 -21.46
N CYS C 206 22.76 -31.41 -20.80
CA CYS C 206 22.75 -31.29 -19.35
C CYS C 206 24.01 -30.58 -18.87
N SER C 207 23.87 -29.83 -17.79
CA SER C 207 24.97 -29.15 -17.10
C SER C 207 24.90 -29.45 -15.61
N GLY C 208 25.68 -28.72 -14.83
CA GLY C 208 25.67 -28.89 -13.39
C GLY C 208 24.34 -28.54 -12.76
N CYS C 209 23.68 -29.53 -12.16
CA CYS C 209 22.39 -29.32 -11.54
C CYS C 209 22.51 -29.27 -10.02
N GLU C 210 21.46 -28.76 -9.38
CA GLU C 210 21.45 -28.64 -7.93
C GLU C 210 21.40 -30.02 -7.27
N GLU C 211 22.13 -30.16 -6.16
CA GLU C 211 22.17 -31.42 -5.45
C GLU C 211 20.83 -31.72 -4.79
N GLY C 212 20.45 -32.99 -4.79
CA GLY C 212 19.22 -33.42 -4.16
C GLY C 212 17.96 -33.09 -4.91
N TYR C 213 18.05 -32.66 -6.16
CA TYR C 213 16.90 -32.27 -6.95
C TYR C 213 16.80 -33.15 -8.19
N VAL C 214 15.58 -33.56 -8.52
CA VAL C 214 15.35 -34.51 -9.60
C VAL C 214 15.51 -33.82 -10.95
N THR C 215 16.08 -34.54 -11.92
CA THR C 215 16.24 -34.05 -13.28
C THR C 215 15.87 -35.15 -14.27
N GLY C 216 15.51 -34.74 -15.48
CA GLY C 216 15.14 -35.71 -16.49
C GLY C 216 16.33 -36.54 -16.97
N GLY C 217 16.01 -37.68 -17.57
CA GLY C 217 17.04 -38.58 -18.04
C GLY C 217 17.72 -39.41 -16.97
N HIS C 218 17.09 -39.55 -15.80
CA HIS C 218 17.69 -40.27 -14.69
C HIS C 218 17.01 -41.61 -14.48
N VAL C 219 17.65 -42.45 -13.67
CA VAL C 219 17.11 -43.75 -13.29
C VAL C 219 16.81 -43.72 -11.79
N LEU C 220 15.62 -44.16 -11.41
CA LEU C 220 15.15 -43.99 -10.05
C LEU C 220 14.05 -45.00 -9.75
N ARG C 221 13.73 -45.11 -8.46
CA ARG C 221 12.69 -46.01 -7.98
C ARG C 221 11.51 -45.22 -7.44
N LEU C 222 10.31 -45.76 -7.64
CA LEU C 222 9.08 -45.16 -7.16
C LEU C 222 8.56 -46.00 -5.98
N PHE C 223 8.35 -45.34 -4.84
CA PHE C 223 7.92 -46.01 -3.63
C PHE C 223 6.52 -45.55 -3.23
N HIS C 224 5.71 -46.49 -2.77
CA HIS C 224 4.35 -46.20 -2.34
C HIS C 224 4.27 -46.25 -0.82
N GLY C 225 3.67 -45.22 -0.22
CA GLY C 225 3.56 -45.19 1.22
C GLY C 225 4.91 -45.00 1.89
N HIS C 226 5.10 -45.69 3.01
CA HIS C 226 6.33 -45.56 3.79
C HIS C 226 7.41 -46.49 3.27
N MET C 227 7.71 -46.41 1.98
CA MET C 227 8.78 -47.15 1.31
C MET C 227 8.62 -48.66 1.43
N ASP C 228 7.43 -49.15 1.80
CA ASP C 228 7.21 -50.58 1.93
C ASP C 228 6.74 -51.23 0.63
N GLU C 229 6.53 -50.45 -0.43
CA GLU C 229 6.06 -51.00 -1.70
C GLU C 229 6.70 -50.21 -2.84
N CYS C 230 6.76 -50.84 -4.00
CA CYS C 230 7.37 -50.26 -5.19
C CYS C 230 6.65 -50.76 -6.42
N LEU C 231 6.87 -50.06 -7.53
CA LEU C 231 6.16 -50.30 -8.77
C LEU C 231 7.02 -51.19 -9.67
N THR C 232 6.57 -52.42 -9.92
CA THR C 232 7.37 -53.40 -10.64
C THR C 232 6.52 -54.10 -11.69
N ILE C 233 7.14 -55.09 -12.34
CA ILE C 233 6.45 -55.97 -13.27
C ILE C 233 6.74 -57.41 -12.87
N SER C 234 6.13 -58.34 -13.62
CA SER C 234 6.28 -59.76 -13.32
C SER C 234 7.69 -60.23 -13.67
N PRO C 235 8.16 -61.31 -13.04
CA PRO C 235 9.48 -61.84 -13.38
C PRO C 235 9.53 -62.42 -14.79
N ALA C 236 10.71 -62.94 -15.14
CA ALA C 236 10.96 -63.35 -16.52
C ALA C 236 10.09 -64.53 -16.94
N ASP C 237 9.88 -65.50 -16.06
CA ASP C 237 9.19 -66.73 -16.44
C ASP C 237 7.68 -66.64 -16.33
N SER C 238 7.13 -65.48 -15.99
CA SER C 238 5.68 -65.34 -15.82
C SER C 238 4.97 -65.56 -17.15
N ASP C 239 3.74 -66.08 -17.06
CA ASP C 239 2.95 -66.39 -18.24
C ASP C 239 2.20 -65.19 -18.81
N ASP C 240 2.26 -64.04 -18.15
CA ASP C 240 1.57 -62.84 -18.61
C ASP C 240 2.37 -62.08 -19.67
N GLN C 241 3.36 -62.72 -20.28
CA GLN C 241 4.24 -62.11 -21.28
C GLN C 241 4.99 -60.90 -20.74
N ARG C 242 5.09 -60.79 -19.41
CA ARG C 242 5.82 -59.70 -18.75
C ARG C 242 5.33 -58.34 -19.21
N ARG C 243 4.01 -58.18 -19.29
CA ARG C 243 3.42 -56.94 -19.78
C ARG C 243 2.42 -56.31 -18.83
N LEU C 244 2.29 -56.82 -17.60
CA LEU C 244 1.42 -56.22 -16.60
C LEU C 244 2.26 -55.50 -15.54
N VAL C 245 1.59 -54.64 -14.77
CA VAL C 245 2.24 -53.76 -13.81
C VAL C 245 1.65 -54.02 -12.44
N TYR C 246 2.51 -54.09 -11.42
CA TYR C 246 2.09 -54.50 -10.08
C TYR C 246 2.75 -53.63 -9.03
N TYR C 247 2.15 -53.64 -7.84
CA TYR C 247 2.75 -53.09 -6.63
C TYR C 247 3.30 -54.25 -5.81
N GLU C 248 4.56 -54.15 -5.39
CA GLU C 248 5.18 -55.26 -4.67
C GLU C 248 6.18 -54.74 -3.65
N GLY C 249 6.33 -55.47 -2.55
CA GLY C 249 7.25 -55.11 -1.50
C GLY C 249 8.22 -56.25 -1.19
N GLY C 250 9.19 -55.92 -0.35
CA GLY C 250 10.20 -56.89 0.05
C GLY C 250 11.50 -56.75 -0.71
N SER C 251 12.19 -57.87 -0.93
CA SER C 251 13.50 -57.85 -1.57
C SER C 251 13.44 -57.30 -2.99
N VAL C 252 12.25 -57.26 -3.60
CA VAL C 252 12.10 -56.68 -4.93
C VAL C 252 12.52 -55.21 -4.93
N CYS C 253 12.57 -54.58 -3.76
CA CYS C 253 13.05 -53.21 -3.66
C CYS C 253 14.52 -53.07 -4.03
N THR C 254 15.27 -54.16 -4.10
CA THR C 254 16.67 -54.12 -4.46
C THR C 254 16.99 -54.88 -5.74
N HIS C 255 15.99 -55.34 -6.48
CA HIS C 255 16.22 -56.05 -7.73
C HIS C 255 16.22 -55.08 -8.92
N ALA C 256 16.62 -55.60 -10.08
CA ALA C 256 16.79 -54.75 -11.25
C ALA C 256 15.46 -54.38 -11.88
N ARG C 257 14.45 -55.23 -11.76
CA ARG C 257 13.18 -55.00 -12.45
C ARG C 257 12.34 -53.90 -11.82
N SER C 258 12.87 -53.17 -10.83
CA SER C 258 12.14 -52.07 -10.21
C SER C 258 12.69 -50.70 -10.59
N LEU C 259 13.39 -50.59 -11.71
CA LEU C 259 14.02 -49.34 -12.12
C LEU C 259 13.32 -48.75 -13.33
N TRP C 260 13.10 -47.43 -13.30
CA TRP C 260 12.45 -46.71 -14.39
C TRP C 260 13.30 -45.51 -14.79
N ARG C 261 13.10 -45.06 -16.03
CA ARG C 261 13.81 -43.92 -16.58
C ARG C 261 12.79 -42.90 -17.08
N LEU C 262 13.06 -41.62 -16.83
CA LEU C 262 12.15 -40.54 -17.19
C LEU C 262 12.72 -39.79 -18.39
N GLU C 263 11.91 -39.67 -19.44
CA GLU C 263 12.33 -39.00 -20.67
C GLU C 263 11.38 -37.86 -21.00
N PRO C 264 11.82 -36.61 -20.94
CA PRO C 264 10.97 -35.50 -21.38
C PRO C 264 10.80 -35.50 -22.90
N LEU C 265 9.72 -34.88 -23.35
CA LEU C 265 9.47 -34.75 -24.78
C LEU C 265 10.43 -33.79 -25.46
N ARG C 266 11.15 -32.97 -24.70
CA ARG C 266 12.15 -32.08 -25.26
C ARG C 266 13.43 -32.85 -25.56
N ILE C 267 14.14 -32.42 -26.59
CA ILE C 267 15.40 -33.06 -26.98
C ILE C 267 16.58 -32.26 -26.43
N SER C 268 16.65 -30.98 -26.75
CA SER C 268 17.68 -30.13 -26.21
C SER C 268 17.37 -29.77 -24.77
N TRP C 269 18.40 -29.71 -23.93
CA TRP C 269 18.24 -29.44 -22.50
C TRP C 269 17.28 -30.42 -21.85
N SER C 270 17.36 -31.70 -22.25
CA SER C 270 16.48 -32.71 -21.69
C SER C 270 16.80 -33.01 -20.22
N GLY C 271 17.95 -32.55 -19.73
CA GLY C 271 18.32 -32.69 -18.35
C GLY C 271 17.82 -31.61 -17.44
N SER C 272 16.94 -30.74 -17.92
CA SER C 272 16.40 -29.66 -17.12
C SER C 272 15.52 -30.20 -16.00
N HIS C 273 15.38 -29.39 -14.94
CA HIS C 273 14.53 -29.77 -13.83
C HIS C 273 13.07 -29.88 -14.29
N LEU C 274 12.36 -30.84 -13.73
CA LEU C 274 11.00 -31.13 -14.17
C LEU C 274 10.03 -30.08 -13.64
N ARG C 275 9.22 -29.52 -14.54
CA ARG C 275 8.13 -28.64 -14.17
C ARG C 275 6.92 -29.46 -13.75
N TRP C 276 6.11 -28.89 -12.87
CA TRP C 276 4.84 -29.53 -12.53
C TRP C 276 3.92 -29.50 -13.74
N GLY C 277 3.30 -30.64 -14.03
CA GLY C 277 2.46 -30.76 -15.20
C GLY C 277 3.19 -30.97 -16.50
N GLN C 278 4.51 -31.12 -16.46
CA GLN C 278 5.28 -31.32 -17.68
C GLN C 278 5.05 -32.73 -18.22
N PRO C 279 4.76 -32.86 -19.52
CA PRO C 279 4.60 -34.20 -20.11
C PRO C 279 5.90 -34.99 -20.09
N LEU C 280 5.78 -36.30 -19.92
CA LEU C 280 6.93 -37.17 -19.78
C LEU C 280 6.62 -38.55 -20.35
N ARG C 281 7.67 -39.33 -20.59
CA ARG C 281 7.57 -40.75 -20.87
C ARG C 281 8.34 -41.51 -19.80
N ILE C 282 7.85 -42.69 -19.44
CA ILE C 282 8.50 -43.54 -18.46
C ILE C 282 8.87 -44.85 -19.14
N ARG C 283 10.13 -45.25 -19.00
CA ARG C 283 10.69 -46.40 -19.69
C ARG C 283 11.20 -47.42 -18.69
N HIS C 284 11.00 -48.70 -18.99
CA HIS C 284 11.57 -49.77 -18.19
C HIS C 284 12.98 -50.06 -18.69
N VAL C 285 13.96 -50.02 -17.79
CA VAL C 285 15.35 -50.09 -18.20
C VAL C 285 15.69 -51.47 -18.75
N THR C 286 15.29 -52.53 -18.04
CA THR C 286 15.72 -53.88 -18.40
C THR C 286 14.99 -54.41 -19.63
N THR C 287 13.72 -54.05 -19.82
CA THR C 287 12.95 -54.57 -20.94
C THR C 287 12.85 -53.60 -22.11
N GLY C 288 13.13 -52.32 -21.89
CA GLY C 288 13.05 -51.35 -22.97
C GLY C 288 11.65 -51.11 -23.50
N ARG C 289 10.67 -51.02 -22.62
CA ARG C 289 9.28 -50.80 -23.00
C ARG C 289 8.72 -49.61 -22.24
N TYR C 290 7.75 -48.93 -22.86
CA TYR C 290 7.13 -47.74 -22.29
C TYR C 290 5.72 -48.08 -21.84
N LEU C 291 5.35 -47.62 -20.64
CA LEU C 291 3.99 -47.84 -20.17
C LEU C 291 3.06 -46.83 -20.81
N ALA C 292 1.82 -47.24 -21.05
CA ALA C 292 0.86 -46.42 -21.76
C ALA C 292 -0.55 -46.94 -21.52
N LEU C 293 -1.51 -46.22 -22.11
CA LEU C 293 -2.92 -46.54 -22.04
C LEU C 293 -3.40 -46.95 -23.42
N ILE C 294 -4.04 -48.11 -23.51
CA ILE C 294 -4.64 -48.60 -24.75
C ILE C 294 -6.10 -48.89 -24.47
N GLU C 295 -6.95 -48.67 -25.48
CA GLU C 295 -8.39 -48.79 -25.29
C GLU C 295 -8.80 -50.21 -24.92
N ASP C 296 -8.16 -51.22 -25.53
CA ASP C 296 -8.58 -52.60 -25.32
C ASP C 296 -8.14 -53.12 -23.96
N GLN C 297 -6.83 -53.13 -23.70
CA GLN C 297 -6.28 -53.76 -22.50
C GLN C 297 -6.21 -52.83 -21.30
N GLY C 298 -6.18 -51.52 -21.51
CA GLY C 298 -6.06 -50.60 -20.40
C GLY C 298 -4.63 -50.12 -20.19
N LEU C 299 -4.16 -50.12 -18.94
CA LEU C 299 -2.81 -49.68 -18.64
C LEU C 299 -1.85 -50.85 -18.85
N VAL C 300 -0.96 -50.72 -19.82
CA VAL C 300 -0.03 -51.80 -20.19
C VAL C 300 1.34 -51.20 -20.45
N VAL C 301 2.28 -52.06 -20.83
CA VAL C 301 3.59 -51.63 -21.31
C VAL C 301 3.77 -52.16 -22.72
N VAL C 302 4.20 -51.29 -23.63
CA VAL C 302 4.29 -51.61 -25.04
C VAL C 302 5.68 -51.27 -25.56
N ASP C 303 6.04 -51.86 -26.69
CA ASP C 303 7.34 -51.62 -27.28
C ASP C 303 7.43 -50.21 -27.83
N ALA C 304 8.66 -49.76 -28.10
CA ALA C 304 8.87 -48.41 -28.62
C ALA C 304 8.29 -48.22 -30.01
N SER C 305 8.06 -49.30 -30.75
CA SER C 305 7.50 -49.18 -32.09
C SER C 305 6.07 -48.66 -32.06
N LYS C 306 5.25 -49.16 -31.11
CA LYS C 306 3.85 -48.78 -31.04
C LYS C 306 3.59 -47.56 -30.16
N ALA C 307 4.61 -47.04 -29.49
CA ALA C 307 4.41 -46.00 -28.49
C ALA C 307 4.35 -44.62 -29.15
N HIS C 308 3.15 -44.27 -29.61
CA HIS C 308 2.92 -42.92 -30.10
C HIS C 308 2.71 -41.96 -28.93
N THR C 309 2.77 -40.67 -29.24
CA THR C 309 2.83 -39.65 -28.18
C THR C 309 1.58 -39.65 -27.32
N LYS C 310 0.41 -39.86 -27.94
CA LYS C 310 -0.86 -39.70 -27.21
C LYS C 310 -0.98 -40.70 -26.06
N ALA C 311 -0.59 -41.95 -26.30
CA ALA C 311 -0.85 -43.00 -25.31
C ALA C 311 0.12 -42.92 -24.13
N THR C 312 1.37 -42.55 -24.38
CA THR C 312 2.42 -42.65 -23.38
C THR C 312 2.80 -41.30 -22.76
N SER C 313 1.92 -40.31 -22.84
CA SER C 313 2.21 -39.00 -22.26
C SER C 313 1.66 -38.93 -20.84
N PHE C 314 2.54 -38.64 -19.88
CA PHE C 314 2.17 -38.57 -18.48
C PHE C 314 2.77 -37.31 -17.86
N CYS C 315 2.17 -36.85 -16.77
CA CYS C 315 2.62 -35.62 -16.13
C CYS C 315 2.54 -35.76 -14.61
N PHE C 316 3.34 -34.95 -13.93
CA PHE C 316 3.36 -34.88 -12.48
C PHE C 316 2.51 -33.71 -12.01
N ARG C 317 1.76 -33.92 -10.93
CA ARG C 317 0.95 -32.88 -10.33
C ARG C 317 1.05 -32.96 -8.82
N ILE C 318 0.84 -31.82 -8.16
CA ILE C 318 0.88 -31.78 -6.70
C ILE C 318 -0.52 -31.76 -6.09
N SER C 319 -1.53 -31.29 -6.82
CA SER C 319 -2.91 -31.26 -6.35
C SER C 319 -3.81 -31.91 -7.39
N LYS C 320 -4.76 -32.71 -6.91
CA LYS C 320 -5.67 -33.41 -7.81
C LYS C 320 -6.84 -32.54 -8.23
N GLU C 321 -7.45 -31.83 -7.27
CA GLU C 321 -8.65 -31.06 -7.58
C GLU C 321 -8.34 -29.78 -8.34
N LYS C 322 -7.13 -29.24 -8.20
CA LYS C 322 -6.80 -27.97 -8.82
C LYS C 322 -6.86 -28.07 -10.34
N LEU C 323 -7.50 -27.07 -10.97
CA LEU C 323 -7.58 -27.03 -12.42
C LEU C 323 -6.25 -26.61 -13.02
N ASP C 324 -5.90 -27.21 -14.15
CA ASP C 324 -4.64 -26.92 -14.81
C ASP C 324 -4.68 -25.54 -15.46
N THR C 325 -3.57 -24.81 -15.34
CA THR C 325 -3.45 -23.50 -15.96
C THR C 325 -2.66 -23.62 -17.27
N ALA C 326 -2.35 -22.47 -17.86
CA ALA C 326 -1.60 -22.46 -19.11
C ALA C 326 -0.18 -22.96 -18.85
N PRO C 327 0.32 -23.90 -19.65
CA PRO C 327 1.67 -24.42 -19.43
C PRO C 327 2.73 -23.35 -19.67
N LYS C 328 3.82 -23.44 -18.90
CA LYS C 328 4.92 -22.49 -19.05
C LYS C 328 5.70 -22.80 -20.32
N ARG C 329 6.19 -21.74 -20.97
CA ARG C 329 7.00 -21.91 -22.17
C ARG C 329 8.33 -22.57 -21.83
N ASP C 330 8.82 -23.39 -22.75
CA ASP C 330 10.08 -24.08 -22.54
C ASP C 330 11.24 -23.09 -22.52
N VAL C 331 12.05 -23.16 -21.48
CA VAL C 331 13.17 -22.24 -21.32
C VAL C 331 14.43 -22.86 -21.92
N GLU C 332 15.33 -22.00 -22.40
CA GLU C 332 16.61 -22.45 -22.96
C GLU C 332 17.66 -22.49 -21.85
N GLY C 333 17.40 -23.35 -20.86
CA GLY C 333 18.29 -23.47 -19.73
C GLY C 333 17.77 -24.50 -18.76
N MET C 334 18.53 -24.66 -17.66
CA MET C 334 18.17 -25.64 -16.66
C MET C 334 16.86 -25.29 -15.95
N GLY C 335 16.66 -24.02 -15.63
CA GLY C 335 15.45 -23.59 -14.96
C GLY C 335 15.52 -23.79 -13.46
N PRO C 336 14.44 -23.41 -12.76
CA PRO C 336 14.42 -23.53 -11.30
C PRO C 336 14.06 -24.94 -10.87
N PRO C 337 14.63 -25.42 -9.77
CA PRO C 337 14.29 -26.75 -9.26
C PRO C 337 13.03 -26.73 -8.42
N GLU C 338 12.23 -27.81 -8.55
CA GLU C 338 10.94 -27.85 -7.86
C GLU C 338 10.74 -29.12 -7.04
N ILE C 339 11.21 -30.26 -7.53
CA ILE C 339 10.87 -31.56 -6.94
C ILE C 339 12.11 -32.19 -6.33
N LYS C 340 12.02 -32.51 -5.04
CA LYS C 340 13.15 -33.06 -4.28
C LYS C 340 13.01 -34.57 -4.16
N TYR C 341 14.16 -35.25 -4.07
CA TYR C 341 14.14 -36.71 -3.92
C TYR C 341 13.69 -37.11 -2.53
N GLY C 342 12.73 -38.04 -2.48
CA GLY C 342 12.30 -38.63 -1.23
C GLY C 342 11.62 -37.69 -0.26
N GLU C 343 11.23 -36.49 -0.70
CA GLU C 343 10.57 -35.55 0.20
C GLU C 343 9.29 -35.00 -0.42
N SER C 344 9.25 -34.93 -1.75
CA SER C 344 8.13 -34.33 -2.47
C SER C 344 7.16 -35.43 -2.90
N LEU C 345 6.04 -35.55 -2.20
CA LEU C 345 4.99 -36.45 -2.61
C LEU C 345 4.33 -35.91 -3.88
N CYS C 346 4.04 -36.79 -4.82
CA CYS C 346 3.53 -36.37 -6.13
C CYS C 346 2.44 -37.32 -6.61
N PHE C 347 1.64 -36.82 -7.55
CA PHE C 347 0.64 -37.60 -8.25
C PHE C 347 0.99 -37.63 -9.74
N VAL C 348 0.55 -38.69 -10.42
CA VAL C 348 0.81 -38.86 -11.84
C VAL C 348 -0.53 -38.89 -12.56
N GLN C 349 -0.63 -38.15 -13.67
CA GLN C 349 -1.86 -38.08 -14.44
C GLN C 349 -1.57 -38.30 -15.92
N HIS C 350 -2.45 -39.06 -16.57
CA HIS C 350 -2.38 -39.25 -18.01
C HIS C 350 -3.00 -38.02 -18.69
N VAL C 351 -2.17 -37.25 -19.40
CA VAL C 351 -2.61 -35.97 -19.93
C VAL C 351 -3.70 -36.12 -20.98
N ALA C 352 -3.83 -37.28 -21.61
CA ALA C 352 -4.81 -37.49 -22.65
C ALA C 352 -6.16 -37.92 -22.11
N SER C 353 -6.26 -38.30 -20.84
CA SER C 353 -7.52 -38.76 -20.28
C SER C 353 -7.81 -38.12 -18.93
N GLY C 354 -6.77 -37.68 -18.23
CA GLY C 354 -6.92 -37.09 -16.92
C GLY C 354 -7.10 -38.09 -15.79
N LEU C 355 -7.03 -39.38 -16.07
CA LEU C 355 -7.21 -40.39 -15.03
C LEU C 355 -6.01 -40.42 -14.09
N TRP C 356 -6.21 -41.03 -12.93
CA TRP C 356 -5.19 -41.12 -11.89
C TRP C 356 -4.89 -42.58 -11.59
N LEU C 357 -3.63 -42.87 -11.28
CA LEU C 357 -3.23 -44.24 -10.99
C LEU C 357 -3.51 -44.57 -9.54
N THR C 358 -3.83 -45.83 -9.28
CA THR C 358 -4.09 -46.30 -7.93
C THR C 358 -3.96 -47.82 -7.91
N TYR C 359 -4.34 -48.42 -6.79
CA TYR C 359 -4.32 -49.86 -6.63
C TYR C 359 -5.75 -50.38 -6.47
N ALA C 360 -6.01 -51.53 -7.10
CA ALA C 360 -7.34 -52.13 -7.04
C ALA C 360 -7.57 -52.83 -5.71
N LYS C 374 -0.95 -57.04 -5.89
CA LYS C 374 -1.80 -55.85 -5.93
C LYS C 374 -1.59 -55.10 -7.24
N LYS C 375 -2.44 -55.41 -8.22
CA LYS C 375 -2.32 -54.84 -9.56
C LYS C 375 -2.65 -53.35 -9.54
N ALA C 376 -1.87 -52.57 -10.30
CA ALA C 376 -2.12 -51.16 -10.45
C ALA C 376 -3.15 -50.91 -11.55
N ILE C 377 -3.97 -49.88 -11.35
CA ILE C 377 -5.06 -49.56 -12.26
C ILE C 377 -5.12 -48.05 -12.46
N LEU C 378 -5.85 -47.64 -13.50
CA LEU C 378 -6.18 -46.25 -13.74
C LEU C 378 -7.65 -46.02 -13.48
N HIS C 379 -7.97 -44.95 -12.75
CA HIS C 379 -9.33 -44.67 -12.34
C HIS C 379 -9.65 -43.20 -12.61
N GLN C 380 -10.91 -42.95 -12.95
CA GLN C 380 -11.37 -41.57 -13.12
C GLN C 380 -11.25 -40.79 -11.82
N GLU C 381 -11.64 -41.41 -10.71
CA GLU C 381 -11.48 -40.80 -9.40
C GLU C 381 -10.17 -41.24 -8.76
N GLY C 382 -9.78 -40.53 -7.70
CA GLY C 382 -8.58 -40.86 -6.97
C GLY C 382 -8.83 -41.94 -5.94
N HIS C 383 -8.05 -41.89 -4.86
CA HIS C 383 -8.18 -42.85 -3.77
C HIS C 383 -7.67 -42.20 -2.49
N MET C 384 -7.67 -42.98 -1.41
CA MET C 384 -7.23 -42.47 -0.12
C MET C 384 -5.76 -42.05 -0.16
N ASP C 385 -4.91 -42.86 -0.78
CA ASP C 385 -3.50 -42.54 -0.90
C ASP C 385 -3.03 -42.87 -2.32
N ASP C 386 -2.48 -41.86 -3.00
CA ASP C 386 -1.92 -42.08 -4.33
C ASP C 386 -0.60 -41.37 -4.53
N ALA C 387 0.04 -40.90 -3.47
CA ALA C 387 1.31 -40.21 -3.58
C ALA C 387 2.46 -41.22 -3.69
N LEU C 388 3.52 -40.81 -4.37
CA LEU C 388 4.68 -41.65 -4.59
C LEU C 388 5.95 -40.87 -4.25
N SER C 389 6.95 -41.59 -3.76
CA SER C 389 8.24 -41.01 -3.39
C SER C 389 9.30 -41.47 -4.39
N LEU C 390 10.21 -40.57 -4.73
CA LEU C 390 11.23 -40.84 -5.73
C LEU C 390 12.57 -41.04 -5.05
N THR C 391 13.25 -42.15 -5.38
CA THR C 391 14.52 -42.48 -4.75
C THR C 391 15.58 -42.67 -5.82
N ARG C 392 16.72 -42.02 -5.65
CA ARG C 392 17.83 -42.15 -6.59
C ARG C 392 18.58 -43.46 -6.35
N CYS C 393 19.03 -44.08 -7.43
CA CYS C 393 19.78 -45.33 -7.38
C CYS C 393 21.21 -45.10 -7.88
N GLN C 394 22.09 -46.01 -7.48
CA GLN C 394 23.49 -45.91 -7.86
C GLN C 394 23.67 -46.18 -9.35
N GLN C 395 24.74 -45.61 -9.92
CA GLN C 395 25.01 -45.77 -11.35
C GLN C 395 25.36 -47.21 -11.70
N GLU C 396 25.91 -47.97 -10.74
CA GLU C 396 26.29 -49.36 -11.01
C GLU C 396 25.07 -50.19 -11.42
N GLU C 397 23.96 -50.01 -10.70
CA GLU C 397 22.75 -50.77 -11.03
C GLU C 397 22.21 -50.39 -12.41
N SER C 398 22.23 -49.11 -12.77
CA SER C 398 21.77 -48.69 -14.09
C SER C 398 22.65 -49.28 -15.19
N GLN C 399 23.97 -49.26 -15.00
CA GLN C 399 24.87 -49.86 -15.98
C GLN C 399 24.59 -51.35 -16.12
N ALA C 400 24.40 -52.04 -14.99
CA ALA C 400 24.10 -53.47 -15.04
C ALA C 400 22.80 -53.72 -15.79
N ALA C 401 21.77 -52.90 -15.55
CA ALA C 401 20.49 -53.09 -16.22
C ALA C 401 20.61 -52.90 -17.72
N ARG C 402 21.36 -51.87 -18.15
CA ARG C 402 21.54 -51.65 -19.58
C ARG C 402 22.29 -52.82 -20.24
N MET C 403 23.35 -53.29 -19.57
CA MET C 403 24.08 -54.45 -20.09
C MET C 403 23.17 -55.67 -20.17
N ILE C 404 22.32 -55.87 -19.16
CA ILE C 404 21.40 -57.00 -19.17
C ILE C 404 20.45 -56.90 -20.35
N TYR C 405 19.89 -55.71 -20.58
CA TYR C 405 18.98 -55.53 -21.71
C TYR C 405 19.64 -55.91 -23.03
N SER C 406 20.82 -55.33 -23.30
CA SER C 406 21.49 -55.60 -24.56
C SER C 406 21.87 -57.06 -24.71
N THR C 407 22.45 -57.65 -23.65
CA THR C 407 22.91 -59.03 -23.71
C THR C 407 21.75 -60.00 -23.88
N ALA C 408 20.64 -59.76 -23.17
CA ALA C 408 19.48 -60.63 -23.30
C ALA C 408 18.91 -60.57 -24.71
N GLY C 409 18.81 -59.37 -25.29
CA GLY C 409 18.35 -59.28 -26.66
C GLY C 409 19.23 -60.05 -27.62
N LEU C 410 20.55 -59.86 -27.51
CA LEU C 410 21.48 -60.51 -28.43
C LEU C 410 21.41 -62.03 -28.29
N TYR C 411 21.37 -62.53 -27.06
CA TYR C 411 21.39 -63.98 -26.87
C TYR C 411 20.07 -64.62 -27.25
N ASN C 412 18.94 -63.93 -27.04
CA ASN C 412 17.67 -64.46 -27.54
C ASN C 412 17.68 -64.54 -29.06
N HIS C 413 18.23 -63.53 -29.73
CA HIS C 413 18.36 -63.60 -31.19
C HIS C 413 19.23 -64.77 -31.60
N PHE C 414 20.35 -64.98 -30.89
CA PHE C 414 21.23 -66.10 -31.20
C PHE C 414 20.52 -67.44 -31.03
N ILE C 415 19.75 -67.59 -29.95
CA ILE C 415 19.03 -68.84 -29.71
C ILE C 415 18.01 -69.10 -30.80
N LYS C 416 17.28 -68.06 -31.21
CA LYS C 416 16.32 -68.24 -32.30
C LYS C 416 17.02 -68.62 -33.59
N GLY C 417 18.14 -67.97 -33.90
CA GLY C 417 18.88 -68.33 -35.10
C GLY C 417 19.38 -69.76 -35.08
N LEU C 418 19.85 -70.22 -33.92
CA LEU C 418 20.25 -71.61 -33.79
C LEU C 418 19.07 -72.56 -34.01
N ASP C 419 17.92 -72.24 -33.42
CA ASP C 419 16.74 -73.08 -33.57
C ASP C 419 16.14 -73.02 -34.98
N SER C 420 16.57 -72.07 -35.81
CA SER C 420 16.01 -71.95 -37.16
C SER C 420 16.24 -73.22 -37.97
N PHE C 421 17.50 -73.69 -38.05
CA PHE C 421 17.86 -74.78 -38.94
C PHE C 421 18.01 -76.12 -38.23
N SER C 422 17.24 -76.34 -37.16
CA SER C 422 17.33 -77.60 -36.43
C SER C 422 16.78 -78.77 -37.25
N GLY C 423 17.67 -79.65 -37.71
CA GLY C 423 17.26 -80.83 -38.44
C GLY C 423 17.03 -80.64 -39.92
N LYS C 424 17.53 -79.56 -40.50
CA LYS C 424 17.39 -79.28 -41.93
C LYS C 424 18.78 -79.12 -42.54
N PRO C 425 19.38 -80.20 -43.05
CA PRO C 425 20.75 -80.11 -43.57
C PRO C 425 20.78 -79.30 -44.86
N ARG C 426 21.56 -78.22 -44.84
CA ARG C 426 21.73 -77.37 -46.01
C ARG C 426 23.00 -76.55 -45.81
N GLY C 427 23.48 -75.97 -46.91
CA GLY C 427 24.69 -75.17 -46.88
C GLY C 427 24.52 -73.72 -46.50
N SER C 428 23.30 -73.29 -46.16
CA SER C 428 23.05 -71.90 -45.82
C SER C 428 22.15 -71.84 -44.59
N GLY C 429 22.22 -70.71 -43.90
CA GLY C 429 21.41 -70.52 -42.71
C GLY C 429 21.78 -69.23 -42.02
N ALA C 430 21.07 -68.96 -40.92
CA ALA C 430 21.30 -67.77 -40.11
C ALA C 430 21.51 -68.18 -38.66
N PRO C 431 22.73 -68.51 -38.25
CA PRO C 431 22.95 -68.87 -36.83
C PRO C 431 22.58 -67.74 -35.87
N ALA C 432 22.80 -66.50 -36.27
CA ALA C 432 22.35 -65.35 -35.50
C ALA C 432 20.93 -64.99 -35.89
N GLY C 433 20.37 -63.99 -35.18
CA GLY C 433 19.02 -63.53 -35.42
C GLY C 433 18.69 -63.27 -36.87
N THR C 434 19.47 -62.38 -37.51
CA THR C 434 19.33 -62.09 -38.93
C THR C 434 20.66 -62.26 -39.65
N ALA C 435 21.34 -63.38 -39.41
CA ALA C 435 22.64 -63.68 -40.00
C ALA C 435 23.68 -62.61 -39.66
N LEU C 436 23.68 -62.18 -38.39
CA LEU C 436 24.71 -61.27 -37.93
C LEU C 436 26.05 -62.01 -37.85
N PRO C 437 27.17 -61.30 -37.95
CA PRO C 437 28.48 -61.95 -37.79
C PRO C 437 28.62 -62.55 -36.39
N LEU C 438 29.29 -63.70 -36.33
CA LEU C 438 29.46 -64.41 -35.07
C LEU C 438 30.55 -63.80 -34.19
N GLU C 439 31.27 -62.79 -34.67
CA GLU C 439 32.27 -62.14 -33.82
C GLU C 439 31.62 -61.31 -32.72
N GLY C 440 30.39 -60.85 -32.91
CA GLY C 440 29.74 -60.04 -31.90
C GLY C 440 29.50 -60.79 -30.61
N VAL C 441 29.01 -62.03 -30.70
CA VAL C 441 28.77 -62.82 -29.50
C VAL C 441 30.09 -63.17 -28.82
N ILE C 442 31.14 -63.41 -29.61
CA ILE C 442 32.45 -63.69 -29.02
C ILE C 442 32.96 -62.49 -28.24
N LEU C 443 32.85 -61.29 -28.83
CA LEU C 443 33.28 -60.09 -28.14
C LEU C 443 32.45 -59.83 -26.89
N SER C 444 31.14 -60.06 -26.97
CA SER C 444 30.28 -59.88 -25.80
C SER C 444 30.65 -60.84 -24.68
N LEU C 445 30.92 -62.09 -25.04
CA LEU C 445 31.32 -63.07 -24.04
C LEU C 445 32.66 -62.70 -23.39
N GLN C 446 33.62 -62.24 -24.20
CA GLN C 446 34.90 -61.81 -23.64
C GLN C 446 34.73 -60.61 -22.71
N ASP C 447 33.89 -59.66 -23.10
CA ASP C 447 33.64 -58.50 -22.24
C ASP C 447 32.97 -58.92 -20.94
N LEU C 448 32.00 -59.84 -21.01
CA LEU C 448 31.36 -60.32 -19.79
C LEU C 448 32.35 -61.06 -18.90
N ILE C 449 33.27 -61.82 -19.50
CA ILE C 449 34.32 -62.49 -18.74
C ILE C 449 35.18 -61.45 -18.02
N GLY C 450 35.57 -60.39 -18.73
CA GLY C 450 36.35 -59.33 -18.09
C GLY C 450 35.57 -58.63 -16.99
N TYR C 451 34.24 -58.57 -17.13
CA TYR C 451 33.42 -57.85 -16.16
C TYR C 451 33.40 -58.52 -14.80
N PHE C 452 33.49 -59.86 -14.76
CA PHE C 452 33.31 -60.62 -13.53
C PHE C 452 34.62 -61.10 -12.92
N GLU C 453 35.72 -60.39 -13.15
CA GLU C 453 37.01 -60.84 -12.64
C GLU C 453 37.06 -60.68 -11.12
N PRO C 454 37.61 -61.66 -10.40
CA PRO C 454 37.75 -61.51 -8.96
C PRO C 454 38.84 -60.49 -8.62
N PRO C 455 38.78 -59.90 -7.43
CA PRO C 455 39.79 -58.90 -7.06
C PRO C 455 41.16 -59.52 -6.84
N SER C 456 42.19 -58.68 -6.99
CA SER C 456 43.56 -59.13 -6.79
C SER C 456 43.81 -59.50 -5.34
N GLU C 457 44.60 -60.55 -5.12
CA GLU C 457 44.87 -61.04 -3.77
C GLU C 457 45.88 -60.18 -3.02
N GLU C 458 46.53 -59.23 -3.68
CA GLU C 458 47.54 -58.40 -3.04
C GLU C 458 47.00 -57.11 -2.46
N LEU C 459 45.68 -56.87 -2.57
CA LEU C 459 45.11 -55.64 -2.06
C LEU C 459 44.93 -55.70 -0.55
N GLN C 460 44.51 -54.57 0.02
CA GLN C 460 44.27 -54.49 1.45
C GLN C 460 43.02 -55.26 1.84
N HIS C 461 42.85 -55.46 3.15
CA HIS C 461 41.74 -56.27 3.66
C HIS C 461 40.39 -55.62 3.36
N GLU C 462 40.24 -54.35 3.73
CA GLU C 462 38.95 -53.67 3.58
C GLU C 462 38.59 -53.50 2.10
N GLU C 463 39.57 -53.15 1.26
CA GLU C 463 39.30 -53.01 -0.17
C GLU C 463 38.89 -54.34 -0.77
N LYS C 464 39.55 -55.44 -0.36
CA LYS C 464 39.17 -56.76 -0.85
C LYS C 464 37.76 -57.12 -0.43
N GLN C 465 37.40 -56.80 0.82
CA GLN C 465 36.04 -57.07 1.29
C GLN C 465 35.00 -56.30 0.48
N SER C 466 35.28 -55.02 0.21
CA SER C 466 34.35 -54.21 -0.57
C SER C 466 34.21 -54.74 -1.99
N LYS C 467 35.33 -55.10 -2.61
CA LYS C 467 35.29 -55.64 -3.97
C LYS C 467 34.49 -56.94 -4.00
N LEU C 468 34.70 -57.81 -3.02
CA LEU C 468 33.93 -59.05 -2.96
C LEU C 468 32.44 -58.78 -2.79
N ARG C 469 32.09 -57.79 -1.95
CA ARG C 469 30.69 -57.44 -1.77
C ARG C 469 30.07 -56.97 -3.08
N SER C 470 30.78 -56.10 -3.80
CA SER C 470 30.26 -55.60 -5.08
C SER C 470 30.10 -56.73 -6.09
N LEU C 471 31.08 -57.63 -6.15
CA LEU C 471 31.01 -58.75 -7.08
C LEU C 471 29.83 -59.65 -6.74
N ARG C 472 29.60 -59.93 -5.46
CA ARG C 472 28.48 -60.75 -5.06
C ARG C 472 27.15 -60.08 -5.44
N ASN C 473 27.04 -58.78 -5.23
CA ASN C 473 25.81 -58.07 -5.59
C ASN C 473 25.56 -58.15 -7.09
N ARG C 474 26.60 -57.94 -7.90
CA ARG C 474 26.44 -57.98 -9.34
C ARG C 474 26.05 -59.39 -9.81
N GLN C 475 26.68 -60.42 -9.23
CA GLN C 475 26.32 -61.79 -9.57
C GLN C 475 24.86 -62.07 -9.22
N SER C 476 24.42 -61.61 -8.05
CA SER C 476 23.03 -61.83 -7.65
C SER C 476 22.07 -61.14 -8.61
N LEU C 477 22.37 -59.91 -9.01
CA LEU C 477 21.51 -59.20 -9.95
C LEU C 477 21.42 -59.94 -11.29
N PHE C 478 22.57 -60.33 -11.84
CA PHE C 478 22.57 -61.03 -13.12
C PHE C 478 21.84 -62.36 -13.04
N GLN C 479 22.01 -63.10 -11.95
CA GLN C 479 21.28 -64.36 -11.79
C GLN C 479 19.78 -64.11 -11.69
N GLU C 480 19.39 -63.08 -10.94
CA GLU C 480 17.96 -62.80 -10.76
C GLU C 480 17.29 -62.44 -12.08
N GLU C 481 17.97 -61.64 -12.91
CA GLU C 481 17.32 -61.28 -14.17
C GLU C 481 17.21 -62.45 -15.15
N GLY C 482 17.97 -63.52 -14.95
CA GLY C 482 17.80 -64.74 -15.71
C GLY C 482 18.78 -65.02 -16.82
N MET C 483 20.06 -64.71 -16.63
CA MET C 483 21.05 -65.02 -17.66
C MET C 483 21.51 -66.48 -17.59
N LEU C 484 21.43 -67.09 -16.40
CA LEU C 484 21.90 -68.46 -16.23
C LEU C 484 21.13 -69.43 -17.12
N SER C 485 19.80 -69.29 -17.15
CA SER C 485 19.00 -70.14 -18.00
C SER C 485 19.31 -69.91 -19.48
N LEU C 486 19.59 -68.66 -19.86
CA LEU C 486 19.96 -68.38 -21.24
C LEU C 486 21.26 -69.08 -21.62
N VAL C 487 22.27 -69.02 -20.74
CA VAL C 487 23.54 -69.68 -21.02
C VAL C 487 23.35 -71.19 -21.10
N LEU C 488 22.57 -71.75 -20.17
CA LEU C 488 22.31 -73.19 -20.19
C LEU C 488 21.60 -73.60 -21.46
N ASN C 489 20.62 -72.81 -21.91
CA ASN C 489 19.91 -73.11 -23.15
C ASN C 489 20.85 -73.05 -24.35
N CYS C 490 21.74 -72.07 -24.39
CA CYS C 490 22.70 -71.98 -25.48
C CYS C 490 23.60 -73.22 -25.51
N ILE C 491 24.08 -73.64 -24.34
CA ILE C 491 24.91 -74.83 -24.26
C ILE C 491 24.14 -76.06 -24.73
N ASP C 492 22.88 -76.18 -24.31
CA ASP C 492 22.06 -77.31 -24.71
C ASP C 492 21.85 -77.34 -26.22
N ARG C 493 21.60 -76.18 -26.83
CA ARG C 493 21.43 -76.13 -28.28
C ARG C 493 22.71 -76.53 -28.99
N LEU C 494 23.86 -76.05 -28.51
CA LEU C 494 25.12 -76.34 -29.20
C LEU C 494 25.61 -77.77 -28.94
N ASN C 495 25.12 -78.42 -27.89
CA ASN C 495 25.66 -79.73 -27.50
C ASN C 495 25.37 -80.82 -28.51
N VAL C 496 24.38 -80.65 -29.39
CA VAL C 496 23.97 -81.76 -30.25
C VAL C 496 24.98 -82.02 -31.37
N TYR C 497 25.92 -81.12 -31.60
CA TYR C 497 26.94 -81.30 -32.63
C TYR C 497 28.26 -81.70 -32.00
N THR C 498 28.91 -82.71 -32.58
CA THR C 498 30.11 -83.30 -31.99
C THR C 498 31.41 -82.74 -32.56
N THR C 499 31.38 -82.12 -33.73
CA THR C 499 32.61 -81.63 -34.34
C THR C 499 32.28 -80.47 -35.27
N ALA C 500 33.33 -79.77 -35.69
CA ALA C 500 33.16 -78.58 -36.51
C ALA C 500 32.54 -78.92 -37.87
N ALA C 501 32.95 -80.04 -38.48
CA ALA C 501 32.39 -80.43 -39.77
C ALA C 501 30.91 -80.77 -39.64
N HIS C 502 30.54 -81.45 -38.57
CA HIS C 502 29.13 -81.78 -38.34
C HIS C 502 28.29 -80.51 -38.16
N PHE C 503 28.87 -79.46 -37.57
CA PHE C 503 28.16 -78.20 -37.44
C PHE C 503 28.08 -77.46 -38.78
N ALA C 504 29.17 -77.50 -39.56
CA ALA C 504 29.17 -76.85 -40.86
C ALA C 504 28.20 -77.53 -41.82
N GLU C 505 27.91 -78.81 -41.59
CA GLU C 505 26.91 -79.49 -42.41
C GLU C 505 25.53 -78.86 -42.28
N PHE C 506 25.28 -78.09 -41.23
CA PHE C 506 24.00 -77.45 -41.00
C PHE C 506 24.07 -75.93 -41.01
N ALA C 507 25.23 -75.33 -40.77
CA ALA C 507 25.37 -73.89 -40.71
C ALA C 507 26.32 -73.31 -41.76
N GLY C 508 26.94 -74.14 -42.58
CA GLY C 508 27.86 -73.67 -43.58
C GLY C 508 29.28 -73.52 -43.05
N GLU C 509 30.23 -73.49 -43.99
CA GLU C 509 31.63 -73.39 -43.62
C GLU C 509 31.99 -72.01 -43.10
N GLU C 510 31.19 -71.00 -43.46
CA GLU C 510 31.53 -69.62 -43.08
C GLU C 510 31.31 -69.37 -41.59
N ALA C 511 30.47 -70.19 -40.95
CA ALA C 511 30.14 -69.98 -39.55
C ALA C 511 30.75 -71.03 -38.62
N ALA C 512 31.47 -72.01 -39.16
CA ALA C 512 31.98 -73.12 -38.34
C ALA C 512 33.33 -72.82 -37.71
N GLU C 513 33.93 -71.65 -37.98
CA GLU C 513 35.25 -71.37 -37.43
C GLU C 513 35.20 -70.87 -35.99
N SER C 514 34.02 -70.51 -35.49
CA SER C 514 33.89 -69.97 -34.14
C SER C 514 33.25 -70.92 -33.15
N TRP C 515 32.93 -72.16 -33.57
CA TRP C 515 32.18 -73.08 -32.73
C TRP C 515 32.93 -73.43 -31.45
N LYS C 516 34.20 -73.86 -31.59
CA LYS C 516 34.98 -74.27 -30.42
C LYS C 516 35.19 -73.11 -29.47
N GLU C 517 35.52 -71.93 -30.01
CA GLU C 517 35.73 -70.75 -29.17
C GLU C 517 34.46 -70.36 -28.43
N ILE C 518 33.31 -70.43 -29.11
CA ILE C 518 32.04 -70.09 -28.46
C ILE C 518 31.74 -71.06 -27.32
N VAL C 519 31.97 -72.35 -27.56
CA VAL C 519 31.73 -73.34 -26.50
C VAL C 519 32.63 -73.08 -25.31
N ASN C 520 33.92 -72.83 -25.56
CA ASN C 520 34.85 -72.58 -24.47
C ASN C 520 34.46 -71.34 -23.68
N LEU C 521 34.07 -70.27 -24.38
CA LEU C 521 33.68 -69.04 -23.72
C LEU C 521 32.40 -69.23 -22.92
N LEU C 522 31.45 -70.02 -23.43
CA LEU C 522 30.23 -70.29 -22.68
C LEU C 522 30.52 -71.03 -21.39
N TYR C 523 31.37 -72.06 -21.45
CA TYR C 523 31.72 -72.75 -20.22
C TYR C 523 32.46 -71.83 -19.24
N GLU C 524 33.36 -70.98 -19.75
CA GLU C 524 34.08 -70.07 -18.88
C GLU C 524 33.14 -69.07 -18.21
N ILE C 525 32.17 -68.54 -18.96
CA ILE C 525 31.27 -67.55 -18.37
C ILE C 525 30.34 -68.20 -17.36
N LEU C 526 29.92 -69.45 -17.61
CA LEU C 526 29.14 -70.16 -16.61
C LEU C 526 29.94 -70.34 -15.32
N ALA C 527 31.20 -70.76 -15.45
CA ALA C 527 32.04 -70.96 -14.28
C ALA C 527 32.25 -69.66 -13.52
N SER C 528 32.46 -68.55 -14.26
CA SER C 528 32.65 -67.26 -13.61
C SER C 528 31.36 -66.78 -12.93
N LEU C 529 30.20 -67.11 -13.51
CA LEU C 529 28.94 -66.69 -12.91
C LEU C 529 28.68 -67.42 -11.60
N ILE C 530 28.92 -68.73 -11.56
CA ILE C 530 28.53 -69.51 -10.38
C ILE C 530 29.60 -69.55 -9.30
N ARG C 531 30.79 -69.02 -9.55
CA ARG C 531 31.89 -69.15 -8.58
C ARG C 531 31.61 -68.32 -7.33
N GLY C 532 31.78 -68.96 -6.16
CA GLY C 532 31.72 -68.27 -4.89
C GLY C 532 30.34 -67.92 -4.39
N ASN C 533 29.29 -68.31 -5.10
CA ASN C 533 27.92 -67.97 -4.73
C ASN C 533 27.16 -69.27 -4.51
N ARG C 534 27.00 -69.64 -3.24
CA ARG C 534 26.33 -70.90 -2.92
C ARG C 534 24.86 -70.89 -3.30
N ALA C 535 24.23 -69.71 -3.30
CA ALA C 535 22.84 -69.62 -3.74
C ALA C 535 22.71 -70.00 -5.20
N ASN C 536 23.64 -69.53 -6.04
CA ASN C 536 23.63 -69.91 -7.45
C ASN C 536 24.02 -71.38 -7.62
N CYS C 537 24.99 -71.85 -6.84
CA CYS C 537 25.44 -73.24 -6.96
C CYS C 537 24.36 -74.23 -6.53
N ALA C 538 23.41 -73.79 -5.70
CA ALA C 538 22.34 -74.68 -5.26
C ALA C 538 21.41 -75.08 -6.40
N LEU C 539 21.45 -74.37 -7.53
CA LEU C 539 20.55 -74.69 -8.64
C LEU C 539 20.92 -76.00 -9.31
N PHE C 540 22.17 -76.45 -9.16
CA PHE C 540 22.65 -77.64 -9.85
C PHE C 540 22.38 -78.92 -9.07
N SER C 541 21.69 -78.85 -7.93
CA SER C 541 21.52 -80.03 -7.09
C SER C 541 20.74 -81.14 -7.78
N ASN C 542 19.79 -80.78 -8.65
CA ASN C 542 18.93 -81.76 -9.30
C ASN C 542 19.34 -82.10 -10.73
N ASN C 543 20.40 -81.47 -11.24
CA ASN C 543 20.86 -81.73 -12.61
C ASN C 543 22.31 -82.17 -12.63
N LEU C 544 22.71 -83.01 -11.67
CA LEU C 544 24.10 -83.46 -11.59
C LEU C 544 24.46 -84.37 -12.77
N ASP C 545 23.53 -85.21 -13.22
CA ASP C 545 23.82 -86.09 -14.34
C ASP C 545 24.09 -85.31 -15.62
N TRP C 546 23.34 -84.22 -15.84
CA TRP C 546 23.55 -83.39 -17.02
C TRP C 546 24.96 -82.82 -17.06
N LEU C 547 25.56 -82.59 -15.89
CA LEU C 547 26.92 -82.08 -15.84
C LEU C 547 27.95 -83.19 -15.92
N VAL C 548 27.67 -84.32 -15.27
CA VAL C 548 28.65 -85.41 -15.22
C VAL C 548 28.80 -86.07 -16.59
N SER C 549 27.69 -86.24 -17.30
CA SER C 549 27.73 -86.98 -18.56
C SER C 549 28.52 -86.26 -19.65
N LYS C 550 28.83 -84.98 -19.45
CA LYS C 550 29.54 -84.21 -20.46
C LYS C 550 31.05 -84.23 -20.28
N LEU C 551 31.57 -84.93 -19.27
CA LEU C 551 33.01 -85.00 -19.08
C LEU C 551 33.71 -85.73 -20.22
N ASP C 552 33.00 -86.60 -20.94
CA ASP C 552 33.59 -87.31 -22.05
C ASP C 552 33.94 -86.37 -23.20
N ARG C 553 33.16 -85.31 -23.39
CA ARG C 553 33.37 -84.38 -24.49
C ARG C 553 34.78 -83.81 -24.44
N LEU C 554 35.43 -83.75 -25.61
CA LEU C 554 36.84 -83.40 -25.70
C LEU C 554 37.10 -82.02 -26.30
N GLU C 555 36.08 -81.17 -26.42
CA GLU C 555 36.31 -79.83 -26.94
C GLU C 555 36.60 -78.84 -25.82
N ALA C 556 35.91 -78.96 -24.69
CA ALA C 556 36.03 -78.00 -23.60
C ALA C 556 36.10 -78.71 -22.25
N SER C 557 36.92 -79.75 -22.17
CA SER C 557 36.96 -80.58 -20.96
C SER C 557 37.36 -79.78 -19.72
N SER C 558 38.35 -78.89 -19.86
CA SER C 558 38.83 -78.14 -18.70
C SER C 558 37.74 -77.25 -18.09
N GLY C 559 36.93 -76.61 -18.94
CA GLY C 559 35.86 -75.79 -18.41
C GLY C 559 34.83 -76.58 -17.63
N ILE C 560 34.44 -77.76 -18.15
CA ILE C 560 33.51 -78.62 -17.43
C ILE C 560 34.09 -79.07 -16.11
N LEU C 561 35.37 -79.45 -16.10
CA LEU C 561 36.02 -79.86 -14.86
C LEU C 561 36.05 -78.73 -13.85
N GLU C 562 36.35 -77.51 -14.30
CA GLU C 562 36.36 -76.36 -13.40
C GLU C 562 34.98 -76.06 -12.84
N VAL C 563 33.95 -76.17 -13.68
CA VAL C 563 32.58 -75.96 -13.21
C VAL C 563 32.22 -76.98 -12.14
N LEU C 564 32.56 -78.25 -12.39
CA LEU C 564 32.27 -79.29 -11.41
C LEU C 564 33.02 -79.05 -10.11
N TYR C 565 34.29 -78.62 -10.20
CA TYR C 565 35.06 -78.34 -8.99
C TYR C 565 34.42 -77.20 -8.19
N CYS C 566 34.00 -76.13 -8.87
CA CYS C 566 33.37 -75.01 -8.19
C CYS C 566 32.07 -75.45 -7.51
N VAL C 567 31.26 -76.24 -8.22
CA VAL C 567 30.00 -76.71 -7.66
C VAL C 567 30.26 -77.56 -6.42
N LEU C 568 31.23 -78.47 -6.50
CA LEU C 568 31.52 -79.34 -5.36
C LEU C 568 32.06 -78.56 -4.18
N ILE C 569 32.89 -77.54 -4.42
CA ILE C 569 33.46 -76.78 -3.32
C ILE C 569 32.39 -75.93 -2.64
N GLU C 570 31.56 -75.25 -3.43
CA GLU C 570 30.65 -74.26 -2.84
C GLU C 570 29.47 -74.89 -2.09
N SER C 571 28.92 -75.99 -2.59
CA SER C 571 27.71 -76.60 -2.02
C SER C 571 28.02 -78.03 -1.58
N PRO C 572 28.46 -78.21 -0.33
CA PRO C 572 28.76 -79.55 0.17
C PRO C 572 27.55 -80.47 0.26
N GLU C 573 26.33 -79.93 0.30
CA GLU C 573 25.14 -80.76 0.41
C GLU C 573 25.04 -81.75 -0.75
N VAL C 574 25.45 -81.32 -1.95
CA VAL C 574 25.41 -82.18 -3.12
C VAL C 574 26.23 -83.46 -2.93
N LEU C 575 27.11 -83.48 -1.92
CA LEU C 575 27.87 -84.69 -1.63
C LEU C 575 26.98 -85.85 -1.18
N ASN C 576 25.73 -85.58 -0.80
CA ASN C 576 24.87 -86.64 -0.30
C ASN C 576 24.10 -87.35 -1.41
N ILE C 577 24.22 -86.90 -2.67
CA ILE C 577 23.54 -87.55 -3.78
C ILE C 577 24.50 -88.19 -4.77
N ILE C 578 25.81 -88.15 -4.50
CA ILE C 578 26.78 -88.78 -5.40
C ILE C 578 26.62 -90.30 -5.32
N GLN C 579 26.63 -90.95 -6.47
CA GLN C 579 26.51 -92.40 -6.56
C GLN C 579 27.76 -93.00 -7.17
N GLU C 580 27.75 -94.32 -7.29
CA GLU C 580 28.95 -95.04 -7.73
C GLU C 580 29.31 -94.72 -9.18
N ASN C 581 28.29 -94.60 -10.05
CA ASN C 581 28.57 -94.41 -11.47
C ASN C 581 29.27 -93.08 -11.74
N HIS C 582 28.95 -92.04 -10.98
CA HIS C 582 29.63 -90.76 -11.14
C HIS C 582 31.12 -90.89 -10.81
N ILE C 583 31.43 -91.58 -9.71
CA ILE C 583 32.82 -91.79 -9.31
C ILE C 583 33.56 -92.60 -10.37
N LYS C 584 32.91 -93.65 -10.89
CA LYS C 584 33.54 -94.46 -11.93
C LYS C 584 33.76 -93.65 -13.20
N SER C 585 32.83 -92.75 -13.52
CA SER C 585 33.00 -91.87 -14.68
C SER C 585 34.20 -90.94 -14.48
N ILE C 586 34.35 -90.39 -13.28
CA ILE C 586 35.51 -89.52 -13.02
C ILE C 586 36.81 -90.30 -13.12
N ILE C 587 36.84 -91.52 -12.58
CA ILE C 587 38.04 -92.33 -12.67
C ILE C 587 38.35 -92.72 -14.11
N SER C 588 37.31 -93.00 -14.90
CA SER C 588 37.51 -93.28 -16.32
C SER C 588 38.02 -92.05 -17.07
N LEU C 589 37.56 -90.85 -16.68
CA LEU C 589 38.12 -89.64 -17.25
C LEU C 589 39.61 -89.52 -16.94
N LEU C 590 39.99 -89.82 -15.70
CA LEU C 590 41.40 -89.84 -15.34
C LEU C 590 42.18 -90.83 -16.19
N ASP C 591 41.61 -92.00 -16.43
CA ASP C 591 42.26 -93.02 -17.24
C ASP C 591 42.41 -92.57 -18.69
N LYS C 592 41.38 -91.93 -19.25
CA LYS C 592 41.37 -91.61 -20.67
C LYS C 592 42.16 -90.36 -21.02
N HIS C 593 42.18 -89.36 -20.14
CA HIS C 593 42.78 -88.07 -20.50
C HIS C 593 44.20 -87.88 -19.99
N GLY C 594 44.76 -88.87 -19.30
CA GLY C 594 46.12 -88.77 -18.82
C GLY C 594 46.18 -88.38 -17.35
N ARG C 595 47.41 -88.21 -16.87
CA ARG C 595 47.67 -87.91 -15.47
C ARG C 595 47.52 -86.42 -15.25
N ASN C 596 46.44 -86.03 -14.58
CA ASN C 596 46.15 -84.63 -14.27
C ASN C 596 45.75 -84.52 -12.80
N HIS C 597 46.34 -83.56 -12.10
CA HIS C 597 46.11 -83.42 -10.67
C HIS C 597 44.79 -82.72 -10.34
N LYS C 598 44.16 -82.06 -11.30
CA LYS C 598 42.85 -81.47 -11.06
C LYS C 598 41.82 -82.55 -10.74
N VAL C 599 41.90 -83.69 -11.42
CA VAL C 599 41.02 -84.80 -11.12
C VAL C 599 41.27 -85.31 -9.71
N LEU C 600 42.54 -85.33 -9.28
CA LEU C 600 42.85 -85.74 -7.92
C LEU C 600 42.25 -84.78 -6.91
N ASP C 601 42.31 -83.47 -7.18
CA ASP C 601 41.68 -82.50 -6.30
C ASP C 601 40.17 -82.69 -6.23
N VAL C 602 39.55 -82.95 -7.39
CA VAL C 602 38.11 -83.20 -7.43
C VAL C 602 37.75 -84.41 -6.59
N LEU C 603 38.55 -85.48 -6.71
CA LEU C 603 38.30 -86.69 -5.91
C LEU C 603 38.51 -86.40 -4.43
N CYS C 604 39.51 -85.59 -4.08
CA CYS C 604 39.75 -85.25 -2.68
C CYS C 604 38.57 -84.46 -2.10
N SER C 605 37.92 -83.64 -2.92
CA SER C 605 36.85 -82.79 -2.42
C SER C 605 35.60 -83.58 -2.05
N LEU C 606 35.54 -84.87 -2.36
CA LEU C 606 34.33 -85.66 -2.16
C LEU C 606 34.33 -86.45 -0.86
N CYS C 607 35.25 -86.18 0.07
CA CYS C 607 35.38 -87.05 1.24
C CYS C 607 34.84 -86.43 2.52
N VAL C 608 34.93 -85.11 2.69
CA VAL C 608 34.56 -84.44 3.92
C VAL C 608 33.51 -83.39 3.63
N CYS C 609 32.45 -83.37 4.44
CA CYS C 609 31.35 -82.43 4.31
C CYS C 609 31.33 -81.52 5.53
N ASN C 610 31.93 -80.33 5.39
CA ASN C 610 31.93 -79.28 6.43
C ASN C 610 32.15 -79.82 7.83
N GLY C 611 33.11 -80.72 7.99
CA GLY C 611 33.51 -81.22 9.30
C GLY C 611 33.19 -82.67 9.58
N VAL C 612 32.32 -83.31 8.80
CA VAL C 612 31.99 -84.72 8.97
C VAL C 612 32.46 -85.48 7.74
N ALA C 613 32.96 -86.68 8.00
CA ALA C 613 33.54 -87.49 6.90
C ALA C 613 32.44 -88.37 6.32
N VAL C 614 32.34 -88.36 4.99
CA VAL C 614 31.26 -89.13 4.33
C VAL C 614 31.87 -90.46 3.88
N CYS C 615 31.75 -91.52 4.70
CA CYS C 615 32.41 -92.83 4.43
C CYS C 615 32.14 -93.37 3.03
N SER C 616 30.89 -93.72 2.70
CA SER C 616 30.58 -94.34 1.38
C SER C 616 31.55 -93.83 0.31
N ASN C 617 31.54 -92.53 0.05
CA ASN C 617 32.43 -91.94 -0.95
C ASN C 617 33.85 -92.45 -0.79
N GLN C 618 34.37 -92.42 0.44
CA GLN C 618 35.73 -92.90 0.70
C GLN C 618 35.85 -94.38 0.37
N ASP C 619 34.86 -95.17 0.78
CA ASP C 619 34.92 -96.61 0.51
C ASP C 619 34.90 -96.90 -0.98
N LEU C 620 34.04 -96.21 -1.72
CA LEU C 620 33.96 -96.43 -3.16
C LEU C 620 35.25 -96.01 -3.87
N ILE C 621 35.81 -94.86 -3.48
CA ILE C 621 37.06 -94.42 -4.10
C ILE C 621 38.17 -95.44 -3.82
N THR C 622 38.28 -95.89 -2.57
CA THR C 622 39.31 -96.87 -2.23
C THR C 622 39.13 -98.17 -3.00
N GLU C 623 37.88 -98.64 -3.13
CA GLU C 623 37.62 -99.91 -3.79
C GLU C 623 37.83 -99.83 -5.29
N ASN C 624 37.56 -98.68 -5.90
CA ASN C 624 37.61 -98.57 -7.35
C ASN C 624 38.94 -98.07 -7.89
N LEU C 625 39.73 -97.36 -7.10
CA LEU C 625 40.97 -96.78 -7.60
C LEU C 625 42.22 -97.57 -7.19
N LEU C 626 42.27 -98.06 -5.97
CA LEU C 626 43.49 -98.63 -5.40
C LEU C 626 43.82 -100.05 -5.88
N PRO C 627 42.91 -101.02 -5.77
CA PRO C 627 43.34 -102.43 -5.92
C PRO C 627 44.00 -102.75 -7.24
N GLY C 628 43.54 -102.15 -8.34
CA GLY C 628 44.20 -102.37 -9.62
C GLY C 628 45.34 -101.40 -9.80
N ARG C 629 46.56 -101.84 -9.53
CA ARG C 629 47.71 -100.95 -9.50
C ARG C 629 48.17 -100.62 -10.92
N GLU C 630 47.39 -99.82 -11.64
CA GLU C 630 47.70 -99.48 -13.02
C GLU C 630 47.72 -97.99 -13.31
N LEU C 631 47.18 -97.16 -12.42
CA LEU C 631 47.10 -95.73 -12.69
C LEU C 631 48.13 -94.92 -11.91
N LEU C 632 48.16 -95.08 -10.59
CA LEU C 632 49.09 -94.32 -9.76
C LEU C 632 50.48 -94.94 -9.79
N LEU C 633 51.50 -94.09 -9.64
CA LEU C 633 52.87 -94.55 -9.62
C LEU C 633 53.13 -95.36 -8.35
N GLN C 634 53.98 -96.38 -8.46
CA GLN C 634 54.24 -97.28 -7.34
C GLN C 634 55.60 -96.95 -6.72
N THR C 635 55.80 -97.38 -5.47
CA THR C 635 57.06 -97.18 -4.77
C THR C 635 57.45 -98.44 -4.01
N ASN C 636 58.76 -98.62 -3.84
CA ASN C 636 59.27 -99.76 -3.08
C ASN C 636 60.72 -99.52 -2.69
N LEU C 637 61.29 -100.48 -1.98
CA LEU C 637 62.69 -100.46 -1.57
C LEU C 637 63.41 -101.65 -2.20
N ILE C 638 64.53 -101.39 -2.87
CA ILE C 638 65.25 -102.43 -3.59
C ILE C 638 66.74 -102.36 -3.28
N ASN C 639 67.44 -103.44 -3.58
CA ASN C 639 68.87 -103.54 -3.34
C ASN C 639 69.66 -103.17 -4.60
N TYR C 640 70.93 -102.86 -4.41
CA TYR C 640 71.86 -102.69 -5.52
C TYR C 640 72.50 -104.02 -5.88
N VAL C 641 72.74 -104.23 -7.18
CA VAL C 641 73.44 -105.40 -7.68
C VAL C 641 74.54 -104.94 -8.62
N THR C 642 75.51 -105.82 -8.84
CA THR C 642 76.65 -105.50 -9.70
C THR C 642 77.21 -106.78 -10.33
N SER C 643 77.99 -106.59 -11.38
CA SER C 643 78.51 -107.70 -12.17
C SER C 643 80.03 -107.63 -12.24
N ILE C 644 80.64 -108.81 -12.39
CA ILE C 644 82.09 -108.96 -12.47
C ILE C 644 82.43 -109.97 -13.56
N ARG C 645 83.45 -109.66 -14.34
CA ARG C 645 83.92 -110.47 -15.44
C ARG C 645 85.43 -110.51 -15.46
N PRO C 646 86.02 -111.53 -16.06
CA PRO C 646 87.42 -111.46 -16.48
C PRO C 646 87.53 -110.84 -17.87
N ASN C 647 88.77 -110.68 -18.33
CA ASN C 647 89.05 -110.01 -19.59
C ASN C 647 89.27 -110.98 -20.74
N ILE C 648 88.56 -112.12 -20.74
CA ILE C 648 88.63 -113.11 -21.80
C ILE C 648 87.49 -112.88 -22.76
N PHE C 649 87.80 -112.77 -24.04
CA PHE C 649 86.80 -112.51 -25.08
C PHE C 649 86.90 -113.58 -26.16
N VAL C 650 85.74 -114.06 -26.62
CA VAL C 650 85.66 -115.14 -27.59
C VAL C 650 84.53 -114.84 -28.56
N GLY C 651 84.77 -115.09 -29.85
CA GLY C 651 83.77 -114.85 -30.86
C GLY C 651 83.92 -115.81 -32.03
N ARG C 652 83.04 -115.65 -33.01
CA ARG C 652 83.04 -116.47 -34.21
C ARG C 652 82.75 -115.61 -35.43
N ALA C 653 83.44 -115.90 -36.52
CA ALA C 653 83.25 -115.20 -37.78
C ALA C 653 83.81 -116.04 -38.90
N GLU C 654 83.66 -115.54 -40.13
CA GLU C 654 84.18 -116.24 -41.30
C GLU C 654 85.69 -116.01 -41.42
N GLY C 655 86.46 -117.09 -41.44
CA GLY C 655 87.89 -116.99 -41.52
C GLY C 655 88.57 -116.55 -40.24
N THR C 656 87.89 -116.67 -39.11
CA THR C 656 88.46 -116.25 -37.84
C THR C 656 89.56 -117.21 -37.37
N THR C 657 90.39 -116.73 -36.46
CA THR C 657 91.50 -117.51 -35.93
C THR C 657 91.24 -118.09 -34.55
N GLN C 658 89.99 -118.10 -34.09
CA GLN C 658 89.67 -118.48 -32.73
C GLN C 658 89.02 -119.87 -32.68
N TYR C 659 89.21 -120.54 -31.55
CA TYR C 659 88.61 -121.86 -31.34
C TYR C 659 87.13 -121.69 -31.01
N SER C 660 86.41 -122.81 -30.99
CA SER C 660 84.95 -122.77 -31.01
C SER C 660 84.28 -123.25 -29.72
N LYS C 661 85.00 -123.91 -28.82
CA LYS C 661 84.38 -124.48 -27.63
C LYS C 661 85.15 -124.05 -26.39
N TRP C 662 84.41 -123.71 -25.32
CA TRP C 662 85.04 -123.18 -24.11
C TRP C 662 84.28 -123.64 -22.88
N TYR C 663 84.96 -123.54 -21.73
CA TYR C 663 84.48 -124.12 -20.48
C TYR C 663 85.13 -123.40 -19.30
N PHE C 664 84.36 -123.17 -18.23
CA PHE C 664 84.92 -122.56 -17.03
C PHE C 664 84.06 -122.93 -15.83
N GLU C 665 84.55 -122.61 -14.62
CA GLU C 665 83.87 -123.02 -13.41
C GLU C 665 83.86 -121.92 -12.35
N VAL C 666 82.86 -121.98 -11.48
CA VAL C 666 82.69 -121.04 -10.37
C VAL C 666 82.38 -121.83 -9.11
N MET C 667 82.99 -121.43 -8.00
CA MET C 667 82.76 -122.06 -6.70
C MET C 667 82.24 -121.03 -5.72
N VAL C 668 81.28 -121.44 -4.89
CA VAL C 668 80.63 -120.56 -3.92
C VAL C 668 81.14 -120.91 -2.53
N ASP C 669 81.55 -119.89 -1.77
CA ASP C 669 82.07 -120.10 -0.43
C ASP C 669 81.10 -119.70 0.67
N GLU C 670 80.41 -118.57 0.53
CA GLU C 670 79.55 -118.06 1.58
C GLU C 670 78.44 -117.23 0.98
N VAL C 671 77.25 -117.33 1.56
CA VAL C 671 76.10 -116.53 1.13
C VAL C 671 75.11 -116.41 2.27
N VAL C 672 74.61 -115.20 2.49
CA VAL C 672 73.61 -114.93 3.53
C VAL C 672 72.24 -114.86 2.85
N PRO C 673 71.32 -115.77 3.16
CA PRO C 673 70.04 -115.79 2.41
C PRO C 673 69.25 -114.50 2.51
N PHE C 674 69.21 -113.86 3.69
CA PHE C 674 68.47 -112.62 3.88
C PHE C 674 69.30 -111.65 4.70
N LEU C 675 70.13 -110.86 4.00
CA LEU C 675 70.83 -109.76 4.68
C LEU C 675 69.91 -108.58 4.93
N THR C 676 68.96 -108.34 4.02
CA THR C 676 67.98 -107.27 4.14
C THR C 676 66.61 -107.92 3.97
N ALA C 677 65.53 -107.13 3.89
CA ALA C 677 64.20 -107.70 3.72
C ALA C 677 64.00 -108.35 2.35
N GLN C 678 64.93 -108.16 1.42
CA GLN C 678 64.84 -108.74 0.09
C GLN C 678 65.91 -109.81 -0.07
N ALA C 679 65.59 -110.84 -0.85
CA ALA C 679 66.47 -111.99 -0.97
C ALA C 679 67.76 -111.64 -1.71
N THR C 680 68.82 -112.39 -1.41
CA THR C 680 70.12 -112.15 -2.02
C THR C 680 70.13 -112.60 -3.47
N HIS C 681 70.86 -111.86 -4.30
CA HIS C 681 70.93 -112.11 -5.74
C HIS C 681 72.29 -112.73 -6.07
N LEU C 682 72.28 -113.78 -6.89
CA LEU C 682 73.51 -114.43 -7.33
C LEU C 682 73.21 -115.24 -8.59
N ARG C 683 73.81 -114.84 -9.72
CA ARG C 683 73.64 -115.53 -10.98
C ARG C 683 74.97 -115.62 -11.71
N VAL C 684 75.11 -116.66 -12.53
CA VAL C 684 76.36 -116.93 -13.26
C VAL C 684 76.01 -117.25 -14.71
N GLY C 685 76.80 -116.73 -15.65
CA GLY C 685 76.53 -117.06 -17.04
C GLY C 685 77.44 -116.37 -18.03
N TRP C 686 76.95 -116.23 -19.25
CA TRP C 686 77.68 -115.63 -20.36
C TRP C 686 77.03 -114.33 -20.77
N ALA C 687 77.82 -113.43 -21.35
CA ALA C 687 77.33 -112.13 -21.78
C ALA C 687 78.02 -111.73 -23.07
N LEU C 688 77.43 -110.75 -23.74
CA LEU C 688 77.89 -110.26 -25.04
C LEU C 688 78.33 -108.80 -24.89
N THR C 689 79.38 -108.42 -25.62
CA THR C 689 80.00 -107.12 -25.40
C THR C 689 79.17 -105.97 -25.97
N GLU C 690 78.37 -106.23 -27.01
CA GLU C 690 77.75 -105.13 -27.74
C GLU C 690 76.57 -104.51 -27.00
N GLY C 691 75.78 -105.30 -26.27
CA GLY C 691 74.56 -104.77 -25.73
C GLY C 691 74.40 -104.86 -24.21
N TYR C 692 75.20 -105.71 -23.56
CA TYR C 692 75.09 -105.88 -22.12
C TYR C 692 75.75 -104.69 -21.43
N SER C 693 74.95 -103.85 -20.78
CA SER C 693 75.46 -102.65 -20.12
C SER C 693 74.51 -102.29 -18.98
N PRO C 694 74.70 -102.89 -17.80
CA PRO C 694 73.86 -102.54 -16.66
C PRO C 694 74.43 -101.38 -15.87
N TYR C 695 73.55 -100.46 -15.48
CA TYR C 695 73.91 -99.30 -14.68
C TYR C 695 73.30 -99.42 -13.29
N PRO C 696 73.98 -98.95 -12.25
CA PRO C 696 73.40 -99.00 -10.90
C PRO C 696 72.12 -98.19 -10.81
N GLY C 697 71.16 -98.70 -10.05
CA GLY C 697 69.92 -97.99 -9.84
C GLY C 697 68.72 -98.58 -10.57
N GLY C 698 68.03 -97.75 -11.35
CA GLY C 698 66.83 -98.18 -12.02
C GLY C 698 67.10 -98.98 -13.28
N GLY C 699 66.02 -99.46 -13.88
CA GLY C 699 66.13 -100.27 -15.08
C GLY C 699 64.79 -100.89 -15.43
N GLU C 700 64.87 -102.06 -16.06
CA GLU C 700 63.66 -102.79 -16.43
C GLU C 700 62.98 -103.38 -15.20
N GLY C 701 61.66 -103.50 -15.28
CA GLY C 701 60.91 -104.09 -14.19
C GLY C 701 61.04 -103.29 -12.91
N TRP C 702 61.47 -103.97 -11.85
CA TRP C 702 61.66 -103.34 -10.54
C TRP C 702 63.13 -103.13 -10.20
N GLY C 703 63.97 -102.87 -11.21
CA GLY C 703 65.37 -102.62 -10.97
C GLY C 703 66.14 -103.88 -10.61
N GLY C 704 67.37 -103.66 -10.15
CA GLY C 704 68.25 -104.75 -9.78
C GLY C 704 68.59 -105.65 -10.94
N ASN C 705 68.95 -105.06 -12.08
CA ASN C 705 69.19 -105.83 -13.29
C ASN C 705 70.55 -106.50 -13.23
N GLY C 706 70.59 -107.80 -13.54
CA GLY C 706 71.80 -108.59 -13.54
C GLY C 706 71.91 -109.41 -14.82
N VAL C 707 72.42 -110.63 -14.68
CA VAL C 707 72.59 -111.52 -15.82
C VAL C 707 71.25 -112.14 -16.17
N GLY C 708 70.86 -112.03 -17.44
CA GLY C 708 69.62 -112.60 -17.92
C GLY C 708 68.43 -111.67 -17.90
N ASP C 709 68.63 -110.37 -17.70
CA ASP C 709 67.55 -109.41 -17.65
C ASP C 709 67.40 -108.65 -18.97
N ASP C 710 68.07 -109.11 -20.02
CA ASP C 710 67.85 -108.58 -21.36
C ASP C 710 68.08 -109.72 -22.35
N LEU C 711 68.22 -109.39 -23.63
CA LEU C 711 68.49 -110.37 -24.67
C LEU C 711 69.96 -110.37 -25.09
N TYR C 712 70.87 -110.00 -24.19
CA TYR C 712 72.30 -110.01 -24.45
C TYR C 712 73.07 -110.86 -23.45
N SER C 713 72.39 -111.50 -22.51
CA SER C 713 73.07 -112.29 -21.49
C SER C 713 72.24 -113.55 -21.23
N TYR C 714 72.92 -114.59 -20.76
CA TYR C 714 72.30 -115.88 -20.48
C TYR C 714 72.87 -116.41 -19.18
N GLY C 715 72.02 -116.61 -18.17
CA GLY C 715 72.48 -116.89 -16.84
C GLY C 715 71.70 -118.02 -16.18
N PHE C 716 72.24 -118.45 -15.04
CA PHE C 716 71.71 -119.56 -14.27
C PHE C 716 71.89 -119.25 -12.79
N ASP C 717 70.96 -119.75 -11.96
CA ASP C 717 70.99 -119.44 -10.54
C ASP C 717 70.69 -120.62 -9.63
N GLY C 718 70.50 -121.83 -10.16
CA GLY C 718 70.24 -123.02 -9.36
C GLY C 718 68.87 -123.62 -9.56
N LEU C 719 67.88 -122.81 -9.90
CA LEU C 719 66.52 -123.30 -10.09
C LEU C 719 65.96 -122.91 -11.44
N HIS C 720 66.35 -121.74 -11.95
CA HIS C 720 65.75 -121.16 -13.13
C HIS C 720 66.81 -120.84 -14.18
N LEU C 721 66.39 -120.87 -15.43
CA LEU C 721 67.15 -120.28 -16.53
C LEU C 721 66.55 -118.91 -16.82
N TRP C 722 67.39 -117.88 -16.81
CA TRP C 722 66.95 -116.50 -16.91
C TRP C 722 67.32 -115.94 -18.27
N THR C 723 66.33 -115.37 -18.97
CA THR C 723 66.61 -114.64 -20.20
C THR C 723 65.43 -113.74 -20.52
N GLY C 724 65.74 -112.58 -21.10
CA GLY C 724 64.71 -111.61 -21.42
C GLY C 724 63.91 -111.15 -20.22
N HIS C 725 64.53 -111.07 -19.05
CA HIS C 725 63.86 -110.76 -17.79
C HIS C 725 62.77 -111.77 -17.44
N VAL C 726 62.90 -113.00 -17.92
CA VAL C 726 61.93 -114.07 -17.69
C VAL C 726 62.67 -115.28 -17.15
N PRO C 727 62.25 -115.86 -16.03
CA PRO C 727 62.78 -117.15 -15.58
C PRO C 727 61.93 -118.33 -16.03
N ARG C 728 62.61 -119.45 -16.26
CA ARG C 728 61.94 -120.70 -16.62
C ARG C 728 62.53 -121.83 -15.80
N LEU C 729 61.65 -122.65 -15.22
CA LEU C 729 62.07 -123.70 -14.29
C LEU C 729 62.72 -124.86 -15.02
N VAL C 730 63.75 -125.44 -14.39
CA VAL C 730 64.46 -126.59 -14.94
C VAL C 730 64.52 -127.68 -13.88
N THR C 731 64.77 -128.91 -14.34
CA THR C 731 64.82 -130.07 -13.46
C THR C 731 66.27 -130.51 -13.25
N SER C 732 66.63 -130.76 -12.01
CA SER C 732 67.97 -131.21 -11.65
C SER C 732 67.87 -132.10 -10.42
N PRO C 733 68.76 -133.08 -10.27
CA PRO C 733 68.73 -133.93 -9.08
C PRO C 733 69.10 -133.16 -7.82
N GLY C 734 68.13 -132.97 -6.92
CA GLY C 734 68.37 -132.21 -5.71
C GLY C 734 68.32 -130.72 -5.93
N GLN C 735 67.20 -130.24 -6.45
CA GLN C 735 67.05 -128.82 -6.75
C GLN C 735 67.11 -127.98 -5.49
N HIS C 736 67.88 -126.90 -5.54
CA HIS C 736 67.92 -125.90 -4.48
C HIS C 736 68.60 -124.66 -5.01
N LEU C 737 68.34 -123.54 -4.35
CA LEU C 737 69.04 -122.30 -4.69
C LEU C 737 70.51 -122.44 -4.37
N LEU C 738 71.34 -121.63 -5.02
CA LEU C 738 72.78 -121.72 -4.86
C LEU C 738 73.16 -121.58 -3.39
N ALA C 739 73.99 -122.51 -2.92
CA ALA C 739 74.35 -122.67 -1.53
C ALA C 739 75.86 -122.83 -1.41
N PRO C 740 76.42 -122.63 -0.23
CA PRO C 740 77.86 -122.82 -0.06
C PRO C 740 78.30 -124.23 -0.42
N GLU C 741 79.55 -124.35 -0.88
CA GLU C 741 80.19 -125.57 -1.33
C GLU C 741 79.64 -126.09 -2.65
N ASP C 742 78.93 -125.26 -3.41
CA ASP C 742 78.44 -125.64 -4.72
C ASP C 742 79.44 -125.26 -5.80
N VAL C 743 79.50 -126.06 -6.86
CA VAL C 743 80.37 -125.84 -8.00
C VAL C 743 79.52 -125.83 -9.26
N VAL C 744 79.67 -124.78 -10.07
CA VAL C 744 78.91 -124.62 -11.30
C VAL C 744 79.88 -124.58 -12.46
N SER C 745 79.63 -125.39 -13.48
CA SER C 745 80.48 -125.45 -14.67
C SER C 745 79.66 -125.01 -15.88
N CYS C 746 80.23 -124.09 -16.66
CA CYS C 746 79.56 -123.55 -17.85
C CYS C 746 80.34 -123.93 -19.10
N CYS C 747 79.60 -124.36 -20.12
CA CYS C 747 80.17 -124.79 -21.39
C CYS C 747 79.51 -124.00 -22.52
N LEU C 748 80.32 -123.51 -23.45
CA LEU C 748 79.84 -122.74 -24.59
C LEU C 748 80.35 -123.36 -25.88
N ASP C 749 79.46 -123.51 -26.86
CA ASP C 749 79.90 -124.00 -28.19
C ASP C 749 79.51 -122.95 -29.24
N LEU C 750 80.50 -122.22 -29.77
CA LEU C 750 80.21 -121.22 -30.84
C LEU C 750 79.53 -121.95 -32.00
N SER C 751 80.13 -123.05 -32.45
CA SER C 751 79.47 -123.87 -33.50
C SER C 751 78.06 -124.20 -33.02
N VAL C 752 77.05 -124.11 -33.89
CA VAL C 752 75.62 -124.31 -33.49
C VAL C 752 75.39 -123.67 -32.10
N PRO C 753 75.23 -122.33 -32.02
CA PRO C 753 75.05 -121.64 -30.73
C PRO C 753 74.46 -122.52 -29.62
N SER C 754 75.28 -122.90 -28.64
CA SER C 754 74.78 -123.78 -27.54
C SER C 754 75.46 -123.41 -26.21
N ILE C 755 74.66 -123.24 -25.16
CA ILE C 755 75.19 -122.98 -23.83
C ILE C 755 74.63 -124.02 -22.88
N SER C 756 75.50 -124.63 -22.08
CA SER C 756 75.09 -125.71 -21.20
C SER C 756 75.70 -125.50 -19.82
N PHE C 757 75.03 -126.05 -18.81
CA PHE C 757 75.44 -125.91 -17.42
C PHE C 757 75.49 -127.28 -16.76
N ARG C 758 76.38 -127.41 -15.79
CA ARG C 758 76.41 -128.58 -14.91
C ARG C 758 76.59 -128.11 -13.48
N ILE C 759 75.92 -128.78 -12.56
CA ILE C 759 75.99 -128.48 -11.13
C ILE C 759 76.44 -129.73 -10.39
N ASN C 760 77.58 -129.64 -9.70
CA ASN C 760 78.14 -130.75 -8.94
C ASN C 760 78.34 -131.99 -9.79
N GLY C 761 78.59 -131.78 -11.09
CA GLY C 761 78.80 -132.87 -12.02
C GLY C 761 77.54 -133.43 -12.64
N CYS C 762 76.38 -133.13 -12.08
CA CYS C 762 75.11 -133.60 -12.64
C CYS C 762 74.57 -132.60 -13.64
N PRO C 763 74.30 -133.01 -14.88
CA PRO C 763 73.84 -132.06 -15.89
C PRO C 763 72.44 -131.56 -15.61
N VAL C 764 72.16 -130.35 -16.08
CA VAL C 764 70.83 -129.77 -16.00
C VAL C 764 70.14 -129.95 -17.34
N GLN C 765 68.82 -130.11 -17.29
CA GLN C 765 68.02 -130.47 -18.47
C GLN C 765 67.40 -129.26 -19.16
N GLY C 766 68.23 -128.34 -19.65
CA GLY C 766 67.74 -127.21 -20.40
C GLY C 766 68.87 -126.53 -21.13
N VAL C 767 68.57 -125.96 -22.30
CA VAL C 767 69.59 -125.37 -23.14
C VAL C 767 69.08 -124.10 -23.82
N PHE C 768 70.00 -123.14 -24.00
CA PHE C 768 69.79 -122.00 -24.89
C PHE C 768 70.35 -122.35 -26.26
N GLU C 769 69.75 -121.80 -27.31
CA GLU C 769 70.25 -122.05 -28.66
C GLU C 769 69.68 -121.02 -29.62
N ALA C 770 70.22 -121.04 -30.84
CA ALA C 770 69.74 -120.22 -31.95
C ALA C 770 69.76 -118.73 -31.63
N PHE C 771 70.83 -118.26 -30.99
CA PHE C 771 70.93 -116.83 -30.70
C PHE C 771 71.86 -116.14 -31.69
N ASN C 772 71.89 -114.81 -31.63
CA ASN C 772 72.72 -114.03 -32.54
C ASN C 772 74.20 -114.26 -32.25
N LEU C 773 75.02 -114.02 -33.27
CA LEU C 773 76.45 -114.33 -33.19
C LEU C 773 77.36 -113.13 -33.38
N ASN C 774 76.82 -111.93 -33.58
CA ASN C 774 77.66 -110.75 -33.70
C ASN C 774 78.19 -110.34 -32.32
N GLY C 775 79.44 -109.90 -32.30
CA GLY C 775 80.07 -109.51 -31.06
C GLY C 775 80.85 -110.65 -30.41
N LEU C 776 81.41 -110.34 -29.24
CA LEU C 776 82.24 -111.28 -28.50
C LEU C 776 81.54 -111.68 -27.21
N PHE C 777 81.87 -112.86 -26.70
CA PHE C 777 81.28 -113.42 -25.50
C PHE C 777 82.30 -113.42 -24.37
N PHE C 778 81.81 -113.22 -23.15
CA PHE C 778 82.67 -113.31 -21.98
C PHE C 778 81.88 -113.88 -20.81
N PRO C 779 82.54 -114.56 -19.88
CA PRO C 779 81.85 -115.01 -18.66
C PRO C 779 81.55 -113.84 -17.74
N VAL C 780 80.54 -114.02 -16.90
CA VAL C 780 80.09 -112.95 -16.02
C VAL C 780 79.38 -113.57 -14.82
N VAL C 781 79.52 -112.91 -13.68
CA VAL C 781 78.78 -113.27 -12.47
C VAL C 781 78.18 -112.01 -11.87
N SER C 782 76.90 -112.07 -11.53
CA SER C 782 76.20 -110.92 -10.95
C SER C 782 75.73 -111.26 -9.55
N PHE C 783 75.77 -110.28 -8.67
CA PHE C 783 75.50 -110.54 -7.26
C PHE C 783 75.09 -109.24 -6.57
N SER C 784 74.60 -109.40 -5.34
CA SER C 784 74.34 -108.30 -4.42
C SER C 784 75.24 -108.47 -3.21
N ALA C 785 75.01 -107.63 -2.20
CA ALA C 785 75.87 -107.61 -1.03
C ALA C 785 75.76 -108.91 -0.23
N GLY C 786 76.90 -109.41 0.24
CA GLY C 786 76.92 -110.55 1.14
C GLY C 786 77.24 -111.87 0.48
N VAL C 787 78.21 -111.90 -0.43
CA VAL C 787 78.57 -113.12 -1.14
C VAL C 787 80.09 -113.25 -1.21
N LYS C 788 80.55 -114.49 -1.39
CA LYS C 788 81.94 -114.81 -1.64
C LYS C 788 82.01 -115.94 -2.66
N VAL C 789 82.69 -115.69 -3.78
CA VAL C 789 82.81 -116.68 -4.85
C VAL C 789 84.25 -116.71 -5.35
N ARG C 790 84.57 -117.76 -6.09
CA ARG C 790 85.88 -117.92 -6.70
C ARG C 790 85.73 -118.40 -8.14
N PHE C 791 86.49 -117.75 -9.03
CA PHE C 791 86.59 -118.12 -10.43
C PHE C 791 87.68 -119.18 -10.60
N LEU C 792 87.36 -120.24 -11.36
CA LEU C 792 88.29 -121.30 -11.73
C LEU C 792 88.33 -121.35 -13.26
N LEU C 793 89.50 -121.10 -13.83
CA LEU C 793 89.69 -121.00 -15.27
C LEU C 793 90.63 -122.05 -15.83
N GLY C 794 91.17 -122.94 -15.00
CA GLY C 794 92.09 -123.95 -15.45
C GLY C 794 93.54 -123.49 -15.43
N GLY C 795 94.43 -124.41 -15.80
CA GLY C 795 95.85 -124.12 -15.78
C GLY C 795 96.34 -123.79 -14.39
N ARG C 796 97.13 -122.72 -14.29
CA ARG C 796 97.61 -122.22 -13.00
C ARG C 796 96.72 -121.10 -12.45
N HIS C 797 95.48 -121.01 -12.92
CA HIS C 797 94.54 -120.02 -12.41
C HIS C 797 93.33 -120.72 -11.79
N GLY C 798 93.60 -121.77 -11.01
CA GLY C 798 92.53 -122.53 -10.39
C GLY C 798 92.33 -123.88 -11.04
N GLU C 799 92.41 -124.95 -10.25
CA GLU C 799 92.25 -126.29 -10.80
C GLU C 799 90.77 -126.66 -10.88
N PHE C 800 90.37 -127.24 -12.02
CA PHE C 800 89.01 -127.71 -12.18
C PHE C 800 88.71 -128.86 -11.23
N LYS C 801 87.49 -128.91 -10.72
CA LYS C 801 87.05 -130.00 -9.87
C LYS C 801 86.43 -131.14 -10.67
N PHE C 802 86.24 -130.97 -11.97
CA PHE C 802 85.63 -132.00 -12.81
C PHE C 802 86.28 -131.96 -14.18
N LEU C 803 86.18 -133.09 -14.88
CA LEU C 803 86.78 -133.19 -16.21
C LEU C 803 85.92 -132.46 -17.23
N PRO C 804 86.49 -131.53 -18.01
CA PRO C 804 85.71 -130.84 -19.05
C PRO C 804 85.28 -131.82 -20.13
N PRO C 805 84.21 -131.51 -20.85
CA PRO C 805 83.77 -132.38 -21.95
C PRO C 805 84.87 -132.55 -22.98
N PRO C 806 84.78 -133.59 -23.82
CA PRO C 806 85.97 -134.00 -24.61
C PRO C 806 86.56 -132.90 -25.49
N GLY C 807 85.74 -132.08 -26.12
CA GLY C 807 86.22 -131.11 -27.07
C GLY C 807 86.33 -129.68 -26.58
N TYR C 808 86.21 -129.43 -25.29
CA TYR C 808 86.16 -128.08 -24.76
C TYR C 808 87.51 -127.70 -24.15
N ALA C 809 87.94 -126.45 -24.41
CA ALA C 809 89.24 -125.96 -23.97
C ALA C 809 89.09 -125.07 -22.73
N PRO C 810 90.11 -125.06 -21.87
CA PRO C 810 90.08 -124.16 -20.71
C PRO C 810 90.11 -122.70 -21.13
N CYS C 811 89.56 -121.84 -20.27
CA CYS C 811 89.42 -120.43 -20.62
C CYS C 811 90.75 -119.69 -20.57
N HIS C 812 91.68 -120.11 -19.71
CA HIS C 812 92.94 -119.39 -19.55
C HIS C 812 93.78 -119.40 -20.81
N GLU C 813 93.47 -120.28 -21.77
CA GLU C 813 94.18 -120.30 -23.04
C GLU C 813 93.80 -119.14 -23.95
N ALA C 814 92.77 -118.38 -23.61
CA ALA C 814 92.25 -117.33 -24.49
C ALA C 814 92.86 -115.96 -24.22
N VAL C 815 93.83 -115.86 -23.31
CA VAL C 815 94.43 -114.57 -23.00
C VAL C 815 95.27 -114.10 -24.19
N LEU C 816 95.09 -112.84 -24.58
CA LEU C 816 95.83 -112.27 -25.69
C LEU C 816 97.30 -112.09 -25.30
N PRO C 817 98.21 -112.13 -26.27
CA PRO C 817 99.64 -112.02 -25.94
C PRO C 817 100.02 -110.72 -25.26
N ARG C 818 99.35 -109.61 -25.58
CA ARG C 818 99.72 -108.32 -25.03
C ARG C 818 99.08 -108.02 -23.68
N GLU C 819 98.21 -108.88 -23.18
CA GLU C 819 97.44 -108.61 -21.97
C GLU C 819 97.83 -109.57 -20.85
N ARG C 820 97.30 -109.29 -19.66
CA ARG C 820 97.47 -110.14 -18.49
C ARG C 820 96.10 -110.35 -17.84
N LEU C 821 95.92 -111.53 -17.25
CA LEU C 821 94.62 -111.88 -16.69
C LEU C 821 94.33 -111.04 -15.45
N ARG C 822 93.08 -110.59 -15.33
CA ARG C 822 92.65 -109.78 -14.20
C ARG C 822 91.13 -109.76 -14.15
N LEU C 823 90.60 -109.15 -13.09
CA LEU C 823 89.17 -109.00 -12.90
C LEU C 823 88.80 -107.53 -12.90
N GLU C 824 87.72 -107.19 -13.60
CA GLU C 824 87.35 -105.80 -13.82
C GLU C 824 85.84 -105.70 -13.87
N PRO C 825 85.29 -104.52 -13.60
CA PRO C 825 83.85 -104.29 -13.80
C PRO C 825 83.55 -104.02 -15.27
N ILE C 826 82.25 -103.86 -15.55
CA ILE C 826 81.76 -103.73 -16.91
C ILE C 826 81.19 -102.32 -17.09
N LYS C 827 81.81 -101.56 -17.99
CA LYS C 827 81.29 -100.25 -18.43
C LYS C 827 81.01 -99.33 -17.24
N GLU C 828 82.08 -98.97 -16.53
CA GLU C 828 81.94 -98.06 -15.40
C GLU C 828 82.13 -96.61 -15.86
N TYR C 829 81.57 -95.70 -15.07
CA TYR C 829 81.76 -94.27 -15.29
C TYR C 829 82.34 -93.56 -14.06
N ARG C 830 82.85 -94.31 -13.09
CA ARG C 830 83.39 -93.75 -11.86
C ARG C 830 84.40 -94.72 -11.28
N ARG C 831 85.40 -94.18 -10.59
CA ARG C 831 86.46 -94.97 -10.01
C ARG C 831 86.92 -94.35 -8.70
N GLU C 832 87.56 -95.16 -7.85
CA GLU C 832 88.12 -94.67 -6.60
C GLU C 832 89.58 -94.31 -6.80
N GLY C 833 89.97 -93.14 -6.29
CA GLY C 833 91.31 -92.64 -6.44
C GLY C 833 91.95 -92.25 -5.13
N PRO C 834 93.21 -91.79 -5.18
CA PRO C 834 93.90 -91.46 -3.93
C PRO C 834 93.36 -90.19 -3.27
N ARG C 835 93.17 -89.12 -4.04
CA ARG C 835 92.66 -87.86 -3.49
C ARG C 835 91.15 -87.72 -3.61
N GLY C 836 90.48 -88.72 -4.17
CA GLY C 836 89.04 -88.66 -4.34
C GLY C 836 88.58 -89.44 -5.55
N PRO C 837 87.29 -89.38 -5.86
CA PRO C 837 86.77 -90.14 -7.00
C PRO C 837 87.26 -89.58 -8.33
N HIS C 838 87.39 -90.49 -9.29
CA HIS C 838 87.77 -90.15 -10.66
C HIS C 838 86.60 -90.43 -11.59
N LEU C 839 86.42 -89.57 -12.58
CA LEU C 839 85.41 -89.76 -13.62
C LEU C 839 86.06 -90.42 -14.83
N VAL C 840 85.36 -91.39 -15.42
CA VAL C 840 85.89 -92.21 -16.48
C VAL C 840 85.00 -92.06 -17.71
N GLY C 841 85.62 -91.91 -18.88
CA GLY C 841 84.89 -91.85 -20.12
C GLY C 841 84.65 -93.22 -20.70
N PRO C 842 84.10 -93.24 -21.92
CA PRO C 842 83.83 -94.52 -22.59
C PRO C 842 85.12 -95.29 -22.87
N SER C 843 85.00 -96.60 -22.94
CA SER C 843 86.14 -97.49 -23.13
C SER C 843 86.10 -98.11 -24.52
N ARG C 844 87.26 -98.12 -25.19
CA ARG C 844 87.37 -98.76 -26.49
C ARG C 844 87.35 -100.28 -26.32
N CYS C 845 86.70 -100.96 -27.27
CA CYS C 845 86.54 -102.41 -27.19
C CYS C 845 86.81 -103.03 -28.56
N LEU C 846 87.21 -104.29 -28.55
CA LEU C 846 87.48 -105.02 -29.78
C LEU C 846 86.17 -105.51 -30.41
N SER C 847 86.27 -105.95 -31.65
CA SER C 847 85.15 -106.51 -32.39
C SER C 847 85.55 -107.87 -32.96
N HIS C 848 84.54 -108.69 -33.26
CA HIS C 848 84.80 -110.03 -33.74
C HIS C 848 85.39 -110.04 -35.15
N THR C 849 85.41 -108.90 -35.83
CA THR C 849 86.06 -108.81 -37.13
C THR C 849 87.53 -108.44 -37.03
N ASP C 850 88.07 -108.26 -35.82
CA ASP C 850 89.48 -107.97 -35.64
C ASP C 850 90.34 -109.23 -35.55
N PHE C 851 89.74 -110.41 -35.63
CA PHE C 851 90.46 -111.67 -35.53
C PHE C 851 90.53 -112.41 -36.86
N VAL C 852 90.12 -111.79 -37.95
CA VAL C 852 90.20 -112.38 -39.27
C VAL C 852 91.27 -111.64 -40.07
N PRO C 853 92.31 -112.32 -40.55
CA PRO C 853 93.36 -111.62 -41.31
C PRO C 853 92.91 -111.31 -42.73
N CYS C 854 93.21 -110.09 -43.17
CA CYS C 854 92.84 -109.62 -44.50
C CYS C 854 94.08 -109.11 -45.22
N PRO C 855 94.73 -109.95 -46.02
CA PRO C 855 95.91 -109.52 -46.76
C PRO C 855 95.53 -108.73 -48.01
N VAL C 856 96.56 -108.22 -48.68
CA VAL C 856 96.33 -107.43 -49.89
C VAL C 856 95.97 -108.30 -51.09
N ASP C 857 96.22 -109.62 -51.00
CA ASP C 857 95.85 -110.58 -52.03
C ASP C 857 96.44 -110.22 -53.40
N THR C 858 97.71 -109.86 -53.44
CA THR C 858 98.38 -109.50 -54.68
C THR C 858 99.00 -110.74 -55.35
N VAL C 859 98.12 -111.67 -55.72
CA VAL C 859 98.58 -112.89 -56.39
C VAL C 859 98.80 -112.62 -57.87
N GLN C 860 97.74 -112.20 -58.56
CA GLN C 860 97.83 -111.93 -60.02
C GLN C 860 99.03 -111.04 -60.32
N ILE C 861 99.41 -110.15 -59.39
CA ILE C 861 100.55 -109.21 -59.64
C ILE C 861 101.75 -110.02 -60.14
N VAL C 862 102.44 -109.50 -61.16
CA VAL C 862 103.64 -110.19 -61.70
C VAL C 862 104.78 -109.17 -61.77
N LEU C 863 105.95 -109.54 -61.26
CA LEU C 863 107.10 -108.60 -61.23
C LEU C 863 107.36 -108.11 -62.67
N PRO C 864 107.45 -106.79 -62.89
CA PRO C 864 107.81 -106.24 -64.19
C PRO C 864 109.08 -106.85 -64.81
N PRO C 865 109.23 -106.93 -66.15
CA PRO C 865 110.50 -107.38 -66.73
C PRO C 865 111.73 -106.58 -66.28
N HIS C 866 111.60 -105.26 -66.11
CA HIS C 866 112.75 -104.44 -65.74
C HIS C 866 113.22 -104.65 -64.31
N LEU C 867 112.47 -105.46 -63.53
CA LEU C 867 112.89 -105.78 -62.16
C LEU C 867 113.45 -107.20 -62.01
N GLU C 868 113.58 -107.93 -63.10
CA GLU C 868 114.07 -109.30 -63.04
C GLU C 868 115.54 -109.39 -62.62
N ARG C 869 116.39 -108.48 -63.10
CA ARG C 869 117.81 -108.52 -62.71
C ARG C 869 117.94 -108.24 -61.23
N ILE C 870 117.21 -107.25 -60.74
CA ILE C 870 117.39 -106.88 -59.36
C ILE C 870 116.78 -108.02 -58.48
N ARG C 871 115.80 -108.75 -58.98
CA ARG C 871 115.28 -109.91 -58.21
C ARG C 871 116.43 -110.87 -57.89
N GLU C 872 117.24 -111.18 -58.89
CA GLU C 872 118.40 -112.07 -58.74
C GLU C 872 119.44 -111.51 -57.75
N LYS C 873 119.82 -110.25 -57.95
CA LYS C 873 120.82 -109.64 -57.07
C LYS C 873 120.32 -109.54 -55.63
N LEU C 874 119.01 -109.23 -55.46
CA LEU C 874 118.42 -109.19 -54.14
C LEU C 874 118.49 -110.55 -53.46
N ALA C 875 118.11 -111.61 -54.19
CA ALA C 875 118.14 -112.94 -53.60
C ALA C 875 119.58 -113.29 -53.19
N GLU C 876 120.55 -112.93 -54.00
CA GLU C 876 121.96 -113.23 -53.68
C GLU C 876 122.35 -112.53 -52.37
N ASN C 877 122.02 -111.25 -52.22
CA ASN C 877 122.45 -110.60 -51.00
C ASN C 877 121.70 -111.08 -49.77
N ILE C 878 120.42 -111.39 -49.93
CA ILE C 878 119.67 -111.95 -48.83
C ILE C 878 120.30 -113.28 -48.33
N HIS C 879 120.78 -114.08 -49.27
CA HIS C 879 121.48 -115.32 -48.91
C HIS C 879 122.78 -115.05 -48.14
N GLU C 880 123.56 -114.09 -48.62
CA GLU C 880 124.79 -113.75 -47.92
C GLU C 880 124.52 -113.27 -46.51
N LEU C 881 123.47 -112.46 -46.33
CA LEU C 881 123.12 -111.98 -45.02
C LEU C 881 122.65 -113.12 -44.10
N TRP C 882 121.85 -114.02 -44.68
CA TRP C 882 121.35 -115.17 -43.93
C TRP C 882 122.49 -116.04 -43.47
N ALA C 883 123.42 -116.31 -44.39
CA ALA C 883 124.55 -117.16 -44.06
C ALA C 883 125.42 -116.53 -42.96
N LEU C 884 125.66 -115.23 -43.06
CA LEU C 884 126.38 -114.51 -42.01
C LEU C 884 125.71 -114.68 -40.64
N THR C 885 124.39 -114.56 -40.56
CA THR C 885 123.73 -114.71 -39.26
C THR C 885 123.93 -116.12 -38.70
N ARG C 886 123.73 -117.13 -39.54
CA ARG C 886 123.95 -118.51 -39.13
C ARG C 886 125.37 -118.71 -38.62
N ILE C 887 126.34 -118.20 -39.37
CA ILE C 887 127.74 -118.45 -39.02
C ILE C 887 128.10 -117.72 -37.72
N GLU C 888 127.56 -116.52 -37.52
CA GLU C 888 127.74 -115.85 -36.22
C GLU C 888 127.24 -116.68 -35.05
N GLN C 889 126.15 -117.42 -35.28
CA GLN C 889 125.58 -118.28 -34.25
C GLN C 889 126.14 -119.69 -34.22
N GLY C 890 127.33 -119.90 -34.78
CA GLY C 890 128.04 -121.15 -34.61
C GLY C 890 127.70 -122.20 -35.67
N TRP C 891 126.91 -121.85 -36.68
CA TRP C 891 126.60 -122.81 -37.73
C TRP C 891 127.78 -122.96 -38.68
N THR C 892 127.96 -124.19 -39.14
CA THR C 892 129.01 -124.53 -40.11
C THR C 892 128.43 -125.44 -41.17
N TYR C 893 129.18 -125.65 -42.25
CA TYR C 893 128.68 -126.48 -43.35
C TYR C 893 128.66 -127.96 -43.06
N GLY C 894 127.55 -128.59 -43.45
CA GLY C 894 127.58 -130.03 -43.61
C GLY C 894 126.49 -130.43 -44.61
N PRO C 895 126.66 -131.60 -45.24
CA PRO C 895 125.74 -131.94 -46.34
C PRO C 895 124.36 -132.33 -45.87
N VAL C 896 124.22 -132.70 -44.59
CA VAL C 896 122.92 -133.01 -44.01
C VAL C 896 122.73 -132.13 -42.79
N ARG C 897 121.60 -131.45 -42.74
CA ARG C 897 121.30 -130.59 -41.62
C ARG C 897 121.35 -131.33 -40.29
N ASP C 898 121.95 -130.70 -39.28
CA ASP C 898 121.99 -131.25 -37.92
C ASP C 898 121.87 -130.07 -36.99
N ASP C 899 120.73 -129.92 -36.31
CA ASP C 899 120.51 -128.73 -35.51
C ASP C 899 121.24 -128.77 -34.16
N ASN C 900 121.64 -129.94 -33.69
CA ASN C 900 122.44 -130.03 -32.46
C ASN C 900 123.90 -129.62 -32.72
N LYS C 901 124.49 -130.17 -33.76
CA LYS C 901 125.85 -129.80 -34.18
C LYS C 901 125.90 -128.48 -34.99
N ARG C 902 124.73 -127.92 -35.32
CA ARG C 902 124.57 -126.70 -36.11
C ARG C 902 125.29 -126.82 -37.45
N LEU C 903 124.96 -127.88 -38.17
CA LEU C 903 125.44 -128.11 -39.52
C LEU C 903 124.32 -127.79 -40.51
N HIS C 904 124.63 -127.07 -41.58
CA HIS C 904 123.59 -126.70 -42.55
C HIS C 904 124.15 -126.76 -43.96
N PRO C 905 123.43 -127.40 -44.88
CA PRO C 905 123.94 -127.52 -46.25
C PRO C 905 123.82 -126.27 -47.08
N CYS C 906 123.11 -125.23 -46.62
CA CYS C 906 122.96 -124.03 -47.44
C CYS C 906 124.11 -123.09 -47.21
N LEU C 907 125.08 -123.43 -46.40
CA LEU C 907 126.24 -122.55 -46.21
C LEU C 907 127.26 -122.80 -47.31
N VAL C 908 126.86 -122.38 -48.50
CA VAL C 908 127.53 -122.54 -49.78
C VAL C 908 127.29 -121.27 -50.58
N ASP C 909 128.05 -121.08 -51.65
CA ASP C 909 127.75 -120.00 -52.60
C ASP C 909 126.33 -120.10 -53.11
N PHE C 910 125.67 -118.97 -53.32
CA PHE C 910 124.29 -118.98 -53.80
C PHE C 910 124.12 -119.85 -55.04
N HIS C 911 125.04 -119.70 -56.00
CA HIS C 911 125.01 -120.40 -57.28
C HIS C 911 125.24 -121.91 -57.11
N SER C 912 125.72 -122.30 -55.92
CA SER C 912 125.95 -123.71 -55.62
C SER C 912 124.80 -124.38 -54.84
N LEU C 913 123.80 -123.62 -54.46
CA LEU C 913 122.60 -124.22 -53.90
C LEU C 913 121.92 -125.12 -54.92
N PRO C 914 121.23 -126.17 -54.43
CA PRO C 914 120.34 -126.96 -55.30
C PRO C 914 119.34 -126.06 -56.02
N GLU C 915 118.97 -126.43 -57.25
CA GLU C 915 118.13 -125.57 -58.07
C GLU C 915 116.82 -125.23 -57.37
N PRO C 916 116.18 -126.21 -56.70
CA PRO C 916 114.90 -125.87 -56.06
C PRO C 916 115.05 -124.84 -54.93
N GLU C 917 116.18 -124.83 -54.24
CA GLU C 917 116.42 -123.89 -53.16
C GLU C 917 116.72 -122.51 -53.75
N ARG C 918 117.53 -122.47 -54.82
CA ARG C 918 117.76 -121.22 -55.53
C ARG C 918 116.42 -120.65 -56.03
N ASN C 919 115.59 -121.50 -56.59
CA ASN C 919 114.32 -121.05 -57.14
C ASN C 919 113.40 -120.51 -56.02
N TYR C 920 113.34 -121.19 -54.90
CA TYR C 920 112.58 -120.69 -53.76
C TYR C 920 113.08 -119.29 -53.33
N ASN C 921 114.40 -119.10 -53.26
CA ASN C 921 114.96 -117.83 -52.86
C ASN C 921 114.61 -116.73 -53.86
N LEU C 922 114.64 -117.07 -55.14
CA LEU C 922 114.30 -116.11 -56.19
C LEU C 922 112.81 -115.79 -56.11
N GLN C 923 111.99 -116.79 -55.82
CA GLN C 923 110.55 -116.53 -55.67
C GLN C 923 110.29 -115.58 -54.51
N MET C 924 110.98 -115.77 -53.40
CA MET C 924 110.78 -114.93 -52.21
C MET C 924 111.24 -113.47 -52.46
N SER C 925 112.40 -113.31 -53.11
CA SER C 925 112.88 -112.00 -53.51
C SER C 925 111.86 -111.31 -54.43
N GLY C 926 111.33 -112.05 -55.39
CA GLY C 926 110.33 -111.53 -56.30
C GLY C 926 109.08 -111.15 -55.56
N GLU C 927 108.70 -111.90 -54.53
CA GLU C 927 107.48 -111.55 -53.83
C GLU C 927 107.70 -110.34 -52.90
N THR C 928 108.93 -110.08 -52.44
CA THR C 928 109.19 -108.80 -51.75
C THR C 928 108.94 -107.64 -52.72
N LEU C 929 109.48 -107.79 -53.91
CA LEU C 929 109.32 -106.76 -54.94
C LEU C 929 107.85 -106.61 -55.32
N LYS C 930 107.13 -107.71 -55.55
CA LYS C 930 105.72 -107.62 -55.94
C LYS C 930 104.88 -107.02 -54.82
N THR C 931 105.24 -107.31 -53.57
CA THR C 931 104.46 -106.74 -52.45
C THR C 931 104.75 -105.22 -52.33
N LEU C 932 105.99 -104.80 -52.56
CA LEU C 932 106.25 -103.35 -52.66
C LEU C 932 105.38 -102.70 -53.71
N LEU C 933 105.29 -103.30 -54.89
CA LEU C 933 104.46 -102.75 -55.94
C LEU C 933 102.96 -102.76 -55.58
N ALA C 934 102.51 -103.80 -54.87
CA ALA C 934 101.09 -103.88 -54.49
C ALA C 934 100.78 -102.81 -53.47
N LEU C 935 101.77 -102.45 -52.66
CA LEU C 935 101.62 -101.36 -51.69
C LEU C 935 101.71 -100.00 -52.35
N GLY C 936 101.86 -99.98 -53.69
CA GLY C 936 101.83 -98.73 -54.42
C GLY C 936 103.19 -98.05 -54.61
N CYS C 937 104.30 -98.69 -54.19
CA CYS C 937 105.61 -98.09 -54.38
C CYS C 937 105.94 -97.97 -55.85
N HIS C 938 106.67 -96.90 -56.16
CA HIS C 938 107.30 -96.68 -57.45
C HIS C 938 108.75 -97.14 -57.28
N VAL C 939 109.17 -98.13 -58.06
CA VAL C 939 110.52 -98.71 -57.93
C VAL C 939 111.19 -98.62 -59.29
N GLY C 940 112.29 -97.89 -59.36
CA GLY C 940 112.94 -97.65 -60.66
C GLY C 940 114.39 -97.23 -60.52
N MET C 941 115.18 -97.50 -61.54
CA MET C 941 116.60 -97.13 -61.49
C MET C 941 116.76 -95.62 -61.45
N ALA C 942 117.58 -95.14 -60.51
CA ALA C 942 117.87 -93.71 -60.38
C ALA C 942 119.36 -93.37 -60.49
N ASP C 943 120.23 -94.23 -60.01
CA ASP C 943 121.67 -93.97 -60.03
C ASP C 943 122.37 -95.15 -60.67
N GLU C 944 122.65 -95.03 -61.96
CA GLU C 944 123.27 -96.13 -62.70
C GLU C 944 124.70 -96.41 -62.27
N LYS C 945 125.31 -95.48 -61.53
CA LYS C 945 126.69 -95.67 -61.03
C LYS C 945 126.77 -96.42 -59.72
N ALA C 946 125.64 -96.56 -59.04
CA ALA C 946 125.69 -97.09 -57.68
C ALA C 946 126.20 -98.52 -57.62
N GLU C 947 125.76 -99.36 -58.54
CA GLU C 947 126.13 -100.77 -58.48
C GLU C 947 127.68 -100.96 -58.56
N ASP C 948 128.36 -100.31 -59.48
CA ASP C 948 129.80 -100.57 -59.58
C ASP C 948 130.60 -99.86 -58.50
N ASN C 949 129.92 -99.04 -57.69
CA ASN C 949 130.56 -98.49 -56.49
C ASN C 949 130.30 -99.29 -55.23
N LEU C 950 129.44 -100.29 -55.28
CA LEU C 950 129.20 -101.15 -54.13
C LEU C 950 130.45 -101.96 -53.76
N ARG C 951 130.65 -102.13 -52.48
CA ARG C 951 131.68 -103.03 -51.94
C ARG C 951 131.07 -104.07 -51.05
N LYS C 952 131.74 -105.17 -50.93
CA LYS C 952 131.28 -106.22 -50.03
C LYS C 952 131.99 -106.14 -48.69
N THR C 953 131.29 -106.54 -47.65
CA THR C 953 131.91 -106.68 -46.32
C THR C 953 132.94 -107.79 -46.35
N LYS C 954 134.14 -107.50 -45.84
CA LYS C 954 135.25 -108.45 -45.81
C LYS C 954 135.40 -109.03 -44.42
N LEU C 955 134.93 -110.25 -44.27
CA LEU C 955 134.95 -110.93 -42.98
C LEU C 955 136.26 -111.66 -42.76
N PRO C 956 136.69 -111.84 -41.49
CA PRO C 956 137.90 -112.63 -41.26
C PRO C 956 137.72 -114.12 -41.54
N LYS C 957 138.83 -114.84 -41.60
CA LYS C 957 138.84 -116.23 -42.04
C LYS C 957 138.07 -117.14 -41.09
N THR C 958 137.78 -116.62 -39.90
CA THR C 958 136.96 -117.34 -38.93
C THR C 958 135.51 -117.47 -39.36
N TYR C 959 135.14 -116.81 -40.47
CA TYR C 959 133.82 -116.93 -41.05
C TYR C 959 133.79 -117.85 -42.28
N MET C 960 134.91 -118.51 -42.53
CA MET C 960 135.09 -119.42 -43.65
C MET C 960 134.58 -120.82 -43.34
N MET C 961 133.78 -121.39 -44.25
CA MET C 961 133.34 -122.78 -44.09
C MET C 961 134.35 -123.74 -44.69
N SER C 962 134.18 -125.02 -44.39
CA SER C 962 135.14 -126.03 -44.83
C SER C 962 135.16 -126.26 -46.32
N ASN C 963 134.12 -125.77 -46.98
CA ASN C 963 134.01 -125.87 -48.45
C ASN C 963 134.53 -124.63 -49.14
N GLY C 964 135.15 -123.73 -48.37
CA GLY C 964 135.69 -122.50 -48.94
C GLY C 964 134.75 -121.31 -49.04
N TYR C 965 133.49 -121.53 -48.72
CA TYR C 965 132.50 -120.46 -48.75
C TYR C 965 132.66 -119.53 -47.56
N LYS C 966 132.75 -118.24 -47.83
CA LYS C 966 132.70 -117.20 -46.80
C LYS C 966 131.70 -116.16 -47.26
N PRO C 967 130.72 -115.84 -46.42
CA PRO C 967 129.76 -114.85 -46.87
C PRO C 967 130.38 -113.51 -47.09
N ALA C 968 129.78 -112.75 -48.02
CA ALA C 968 130.27 -111.42 -48.36
C ALA C 968 129.07 -110.53 -48.70
N PRO C 969 128.26 -110.23 -47.70
CA PRO C 969 127.13 -109.36 -47.97
C PRO C 969 127.59 -107.98 -48.35
N LEU C 970 126.73 -107.26 -49.09
CA LEU C 970 127.05 -105.89 -49.43
C LEU C 970 127.24 -105.01 -48.21
N ASP C 971 128.22 -104.10 -48.29
CA ASP C 971 128.35 -103.05 -47.30
C ASP C 971 127.35 -101.96 -47.65
N LEU C 972 126.24 -101.94 -46.91
CA LEU C 972 125.20 -100.94 -47.13
C LEU C 972 125.22 -99.86 -46.05
N SER C 973 126.38 -99.66 -45.41
CA SER C 973 126.44 -98.72 -44.30
C SER C 973 126.10 -97.27 -44.70
N HIS C 974 126.28 -96.92 -45.96
CA HIS C 974 125.98 -95.60 -46.45
C HIS C 974 124.50 -95.36 -46.77
N VAL C 975 123.71 -96.43 -46.83
CA VAL C 975 122.31 -96.32 -47.21
C VAL C 975 121.48 -95.84 -46.02
N ARG C 976 120.61 -94.88 -46.30
CA ARG C 976 119.69 -94.37 -45.28
C ARG C 976 118.26 -94.35 -45.83
N LEU C 977 117.37 -95.15 -45.26
CA LEU C 977 115.94 -95.13 -45.64
C LEU C 977 115.37 -93.74 -45.42
N THR C 978 114.59 -93.24 -46.40
CA THR C 978 113.79 -92.02 -46.24
C THR C 978 112.59 -92.36 -45.35
N PRO C 979 111.88 -91.35 -44.87
CA PRO C 979 110.65 -91.67 -44.09
C PRO C 979 109.64 -92.52 -44.87
N ALA C 980 109.41 -92.21 -46.12
CA ALA C 980 108.47 -93.01 -46.93
C ALA C 980 108.96 -94.44 -47.07
N GLN C 981 110.28 -94.64 -47.17
CA GLN C 981 110.82 -95.98 -47.28
C GLN C 981 110.74 -96.79 -45.97
N THR C 982 110.97 -96.12 -44.85
CA THR C 982 110.78 -96.73 -43.56
C THR C 982 109.34 -97.19 -43.43
N THR C 983 108.42 -96.35 -43.87
CA THR C 983 107.01 -96.68 -43.81
C THR C 983 106.70 -97.86 -44.69
N LEU C 984 107.30 -97.92 -45.88
CA LEU C 984 107.10 -99.09 -46.72
C LEU C 984 107.66 -100.36 -46.09
N VAL C 985 108.82 -100.27 -45.41
CA VAL C 985 109.32 -101.48 -44.70
C VAL C 985 108.24 -101.93 -43.72
N ASP C 986 107.76 -101.00 -42.90
CA ASP C 986 106.78 -101.30 -41.85
C ASP C 986 105.52 -101.94 -42.47
N ARG C 987 105.07 -101.39 -43.60
CA ARG C 987 103.88 -101.93 -44.25
C ARG C 987 104.12 -103.28 -44.89
N LEU C 988 105.32 -103.52 -45.44
CA LEU C 988 105.64 -104.80 -46.13
C LEU C 988 105.47 -105.95 -45.13
N ALA C 989 106.04 -105.81 -43.93
CA ALA C 989 106.02 -106.91 -42.93
C ALA C 989 104.58 -107.36 -42.61
N GLU C 990 103.72 -106.44 -42.16
CA GLU C 990 102.35 -106.83 -41.72
C GLU C 990 101.69 -107.72 -42.79
N ASN C 991 101.71 -107.29 -44.06
CA ASN C 991 101.07 -108.04 -45.14
C ASN C 991 101.59 -109.47 -45.19
N GLY C 992 102.91 -109.65 -45.04
CA GLY C 992 103.46 -110.99 -45.06
C GLY C 992 102.94 -111.85 -43.92
N HIS C 993 102.92 -111.29 -42.70
CA HIS C 993 102.40 -112.05 -41.58
C HIS C 993 100.93 -112.38 -41.76
N ASN C 994 100.14 -111.43 -42.28
CA ASN C 994 98.72 -111.68 -42.49
C ASN C 994 98.49 -112.78 -43.51
N VAL C 995 99.24 -112.77 -44.61
CA VAL C 995 99.03 -113.82 -45.62
C VAL C 995 99.49 -115.17 -45.07
N TRP C 996 100.57 -115.21 -44.28
CA TRP C 996 100.97 -116.47 -43.67
C TRP C 996 99.89 -116.98 -42.71
N ALA C 997 99.32 -116.08 -41.91
CA ALA C 997 98.28 -116.49 -40.97
C ALA C 997 97.05 -116.99 -41.69
N ARG C 998 96.65 -116.34 -42.78
CA ARG C 998 95.50 -116.82 -43.55
C ARG C 998 95.78 -118.20 -44.14
N ASP C 999 96.98 -118.41 -44.67
CA ASP C 999 97.32 -119.71 -45.21
C ASP C 999 97.27 -120.79 -44.14
N ARG C 1000 97.80 -120.49 -42.94
CA ARG C 1000 97.75 -121.47 -41.86
C ARG C 1000 96.32 -121.74 -41.41
N VAL C 1001 95.48 -120.70 -41.33
CA VAL C 1001 94.10 -120.87 -40.92
C VAL C 1001 93.33 -121.72 -41.92
N ALA C 1002 93.65 -121.57 -43.21
CA ALA C 1002 92.97 -122.36 -44.24
C ALA C 1002 93.13 -123.85 -44.04
N GLN C 1003 94.17 -124.29 -43.31
CA GLN C 1003 94.42 -125.69 -43.06
C GLN C 1003 93.84 -126.17 -41.73
N GLY C 1004 93.17 -125.29 -40.98
CA GLY C 1004 92.50 -125.71 -39.77
C GLY C 1004 93.21 -125.40 -38.47
N TRP C 1005 94.25 -124.56 -38.48
CA TRP C 1005 94.95 -124.22 -37.26
C TRP C 1005 94.18 -123.14 -36.49
N SER C 1006 94.58 -122.94 -35.23
CA SER C 1006 93.90 -122.01 -34.35
C SER C 1006 94.90 -121.42 -33.37
N TYR C 1007 94.44 -120.40 -32.63
CA TYR C 1007 95.27 -119.74 -31.64
C TYR C 1007 95.09 -120.39 -30.28
N SER C 1008 96.16 -120.34 -29.47
CA SER C 1008 96.13 -120.84 -28.11
C SER C 1008 97.31 -120.25 -27.35
N ALA C 1009 97.11 -119.95 -26.08
CA ALA C 1009 98.20 -119.40 -25.27
C ALA C 1009 99.31 -120.40 -24.99
N VAL C 1010 99.05 -121.69 -25.17
CA VAL C 1010 100.05 -122.74 -24.99
C VAL C 1010 100.13 -123.55 -26.27
N GLN C 1011 101.35 -123.94 -26.65
CA GLN C 1011 101.56 -124.63 -27.91
C GLN C 1011 101.15 -126.10 -27.80
N ASP C 1012 100.51 -126.60 -28.85
CA ASP C 1012 100.10 -128.01 -28.93
C ASP C 1012 100.16 -128.41 -30.41
N ILE C 1013 101.28 -129.02 -30.81
CA ILE C 1013 101.46 -129.38 -32.21
C ILE C 1013 100.43 -130.39 -32.69
N PRO C 1014 100.18 -131.50 -31.99
CA PRO C 1014 99.14 -132.43 -32.47
C PRO C 1014 97.75 -131.79 -32.53
N ALA C 1015 97.45 -130.85 -31.63
CA ALA C 1015 96.17 -130.17 -31.65
C ALA C 1015 96.12 -129.03 -32.65
N ARG C 1016 97.24 -128.70 -33.29
CA ARG C 1016 97.31 -127.65 -34.31
C ARG C 1016 96.88 -126.29 -33.76
N ARG C 1017 97.50 -125.90 -32.64
CA ARG C 1017 97.25 -124.60 -32.01
C ARG C 1017 98.58 -123.93 -31.73
N ASN C 1018 98.72 -122.68 -32.15
CA ASN C 1018 100.00 -121.99 -32.13
C ASN C 1018 99.86 -120.66 -31.40
N PRO C 1019 100.85 -120.28 -30.57
CA PRO C 1019 100.72 -119.04 -29.80
C PRO C 1019 100.92 -117.76 -30.60
N ARG C 1020 101.05 -117.82 -31.93
CA ARG C 1020 101.23 -116.60 -32.72
C ARG C 1020 100.31 -116.57 -33.94
N LEU C 1021 99.17 -117.25 -33.88
CA LEU C 1021 98.23 -117.27 -35.00
C LEU C 1021 97.15 -116.19 -34.81
N VAL C 1022 97.61 -114.95 -34.78
CA VAL C 1022 96.73 -113.78 -34.67
C VAL C 1022 97.15 -112.77 -35.73
N PRO C 1023 96.27 -111.86 -36.13
CA PRO C 1023 96.68 -110.81 -37.07
C PRO C 1023 97.83 -109.98 -36.52
N TYR C 1024 98.56 -109.35 -37.43
CA TYR C 1024 99.81 -108.66 -37.06
C TYR C 1024 99.60 -107.56 -36.03
N ARG C 1025 98.39 -106.98 -35.99
CA ARG C 1025 98.15 -105.86 -35.09
C ARG C 1025 98.22 -106.29 -33.63
N LEU C 1026 97.84 -107.53 -33.33
CA LEU C 1026 97.76 -108.00 -31.95
C LEU C 1026 99.04 -108.69 -31.47
N LEU C 1027 100.09 -108.71 -32.29
CA LEU C 1027 101.31 -109.43 -31.92
C LEU C 1027 102.10 -108.67 -30.86
N ASP C 1028 103.08 -109.37 -30.29
CA ASP C 1028 103.97 -108.77 -29.31
C ASP C 1028 105.06 -107.97 -30.00
N GLU C 1029 105.65 -107.02 -29.26
CA GLU C 1029 106.64 -106.12 -29.86
C GLU C 1029 107.88 -106.87 -30.33
N ALA C 1030 108.35 -107.84 -29.54
CA ALA C 1030 109.55 -108.58 -29.91
C ALA C 1030 109.35 -109.34 -31.21
N THR C 1031 108.22 -110.02 -31.35
CA THR C 1031 107.95 -110.77 -32.58
C THR C 1031 107.83 -109.83 -33.78
N LYS C 1032 107.18 -108.68 -33.59
CA LYS C 1032 107.04 -107.72 -34.67
C LYS C 1032 108.40 -107.21 -35.13
N ARG C 1033 109.27 -106.88 -34.17
CA ARG C 1033 110.61 -106.40 -34.53
C ARG C 1033 111.43 -107.49 -35.20
N SER C 1034 111.31 -108.73 -34.71
CA SER C 1034 112.04 -109.84 -35.33
C SER C 1034 111.59 -110.07 -36.77
N ASN C 1035 110.30 -109.98 -37.03
CA ASN C 1035 109.81 -110.11 -38.40
C ASN C 1035 110.20 -108.91 -39.25
N ARG C 1036 110.30 -107.73 -38.65
CA ARG C 1036 110.61 -106.51 -39.39
C ARG C 1036 112.08 -106.44 -39.78
N ASP C 1037 112.95 -107.10 -39.00
CA ASP C 1037 114.39 -106.97 -39.22
C ASP C 1037 114.80 -107.43 -40.62
N SER C 1038 114.33 -108.60 -41.03
CA SER C 1038 114.73 -109.14 -42.33
C SER C 1038 114.23 -108.27 -43.47
N LEU C 1039 112.99 -107.81 -43.40
CA LEU C 1039 112.46 -106.94 -44.44
C LEU C 1039 113.22 -105.63 -44.50
N CYS C 1040 113.59 -105.07 -43.34
CA CYS C 1040 114.36 -103.84 -43.34
C CYS C 1040 115.74 -104.05 -43.97
N GLN C 1041 116.37 -105.20 -43.67
CA GLN C 1041 117.64 -105.55 -44.30
C GLN C 1041 117.49 -105.61 -45.82
N ALA C 1042 116.43 -106.26 -46.29
CA ALA C 1042 116.19 -106.34 -47.73
C ALA C 1042 115.97 -104.96 -48.33
N VAL C 1043 115.31 -104.07 -47.58
CA VAL C 1043 115.08 -102.72 -48.09
C VAL C 1043 116.38 -101.95 -48.22
N ARG C 1044 117.27 -102.04 -47.23
CA ARG C 1044 118.57 -101.41 -47.38
C ARG C 1044 119.33 -101.98 -48.57
N THR C 1045 119.27 -103.31 -48.75
CA THR C 1045 119.95 -103.93 -49.88
C THR C 1045 119.40 -103.41 -51.20
N LEU C 1046 118.09 -103.29 -51.31
CA LEU C 1046 117.47 -102.78 -52.53
C LEU C 1046 117.87 -101.33 -52.79
N LEU C 1047 117.89 -100.51 -51.73
CA LEU C 1047 118.31 -99.13 -51.91
C LEU C 1047 119.80 -99.03 -52.23
N GLY C 1048 120.58 -100.06 -51.91
CA GLY C 1048 122.00 -100.05 -52.25
C GLY C 1048 122.27 -100.02 -53.73
N TYR C 1049 121.37 -100.61 -54.53
CA TYR C 1049 121.54 -100.69 -55.97
C TYR C 1049 121.08 -99.43 -56.71
N GLY C 1050 120.90 -98.32 -56.01
CA GLY C 1050 120.56 -97.07 -56.67
C GLY C 1050 119.11 -96.92 -57.05
N TYR C 1051 118.25 -97.85 -56.65
CA TYR C 1051 116.83 -97.71 -56.93
C TYR C 1051 116.20 -96.67 -56.02
N ASN C 1052 115.16 -96.01 -56.53
CA ASN C 1052 114.39 -95.03 -55.77
C ASN C 1052 112.96 -95.50 -55.64
N ILE C 1053 112.45 -95.49 -54.41
CA ILE C 1053 111.10 -95.95 -54.10
C ILE C 1053 110.35 -94.79 -53.45
N GLU C 1054 109.16 -94.50 -53.96
CA GLU C 1054 108.38 -93.37 -53.45
C GLU C 1054 106.90 -93.74 -53.30
N ARG C 1068 78.18 -87.69 -29.82
CA ARG C 1068 77.21 -88.51 -29.11
C ARG C 1068 77.45 -89.99 -29.37
N TRP C 1069 76.40 -90.79 -29.16
CA TRP C 1069 76.39 -92.23 -29.42
C TRP C 1069 77.67 -92.91 -28.87
N ASP C 1070 77.77 -92.87 -27.54
CA ASP C 1070 78.82 -93.52 -26.74
C ASP C 1070 80.23 -93.15 -27.20
N ARG C 1071 80.40 -92.06 -27.92
CA ARG C 1071 81.74 -91.57 -28.25
C ARG C 1071 82.21 -90.48 -27.31
N VAL C 1072 81.35 -90.04 -26.37
CA VAL C 1072 81.70 -88.99 -25.42
C VAL C 1072 80.72 -89.10 -24.25
N ARG C 1073 81.14 -88.60 -23.09
CA ARG C 1073 80.30 -88.59 -21.90
C ARG C 1073 80.34 -87.22 -21.26
N ILE C 1074 79.19 -86.74 -20.79
CA ILE C 1074 79.06 -85.39 -20.25
C ILE C 1074 78.60 -85.50 -18.80
N PHE C 1075 79.29 -84.78 -17.91
CA PHE C 1075 78.91 -84.67 -16.51
C PHE C 1075 78.64 -83.21 -16.20
N ARG C 1076 77.66 -82.94 -15.35
CA ARG C 1076 77.33 -81.56 -15.00
C ARG C 1076 76.74 -81.51 -13.60
N ALA C 1077 76.75 -80.30 -13.02
CA ALA C 1077 76.09 -80.11 -11.75
C ALA C 1077 74.58 -80.15 -11.90
N GLU C 1078 73.87 -80.22 -10.77
CA GLU C 1078 72.42 -80.29 -10.81
C GLU C 1078 71.83 -78.90 -11.02
N LYS C 1079 70.57 -78.87 -11.48
CA LYS C 1079 69.94 -77.61 -11.85
C LYS C 1079 69.73 -76.70 -10.65
N SER C 1080 69.56 -77.26 -9.46
CA SER C 1080 69.23 -76.45 -8.29
C SER C 1080 70.41 -75.59 -7.83
N TYR C 1081 71.60 -75.81 -8.37
CA TYR C 1081 72.80 -75.10 -7.93
C TYR C 1081 73.17 -73.95 -8.85
N ALA C 1082 72.29 -73.55 -9.75
CA ALA C 1082 72.59 -72.46 -10.67
C ALA C 1082 72.83 -71.16 -9.92
N VAL C 1083 73.85 -70.42 -10.33
CA VAL C 1083 74.24 -69.17 -9.68
C VAL C 1083 73.93 -68.01 -10.62
N GLN C 1084 73.39 -66.93 -10.06
CA GLN C 1084 73.02 -65.75 -10.84
C GLN C 1084 73.76 -64.49 -10.40
N SER C 1085 74.65 -64.58 -9.41
CA SER C 1085 75.42 -63.42 -8.97
C SER C 1085 76.66 -63.91 -8.25
N GLY C 1086 77.61 -63.00 -8.09
CA GLY C 1086 78.84 -63.31 -7.38
C GLY C 1086 79.98 -63.70 -8.29
N ARG C 1087 81.05 -64.18 -7.66
CA ARG C 1087 82.26 -64.62 -8.35
C ARG C 1087 82.62 -66.00 -7.85
N TRP C 1088 82.84 -66.93 -8.77
CA TRP C 1088 82.99 -68.34 -8.40
C TRP C 1088 84.18 -68.98 -9.10
N TYR C 1089 84.67 -70.07 -8.50
CA TYR C 1089 85.91 -70.72 -8.88
C TYR C 1089 85.81 -72.23 -8.62
N PHE C 1090 86.43 -73.01 -9.50
CA PHE C 1090 86.56 -74.45 -9.27
C PHE C 1090 87.73 -75.00 -10.09
N GLU C 1091 88.07 -76.27 -9.85
CA GLU C 1091 89.29 -76.84 -10.40
C GLU C 1091 89.03 -78.18 -11.09
N PHE C 1092 89.83 -78.46 -12.11
CA PHE C 1092 89.76 -79.69 -12.88
C PHE C 1092 91.17 -80.21 -13.13
N GLU C 1093 91.39 -81.49 -12.86
CA GLU C 1093 92.70 -82.12 -13.04
C GLU C 1093 92.60 -83.17 -14.13
N ALA C 1094 93.54 -83.14 -15.08
CA ALA C 1094 93.58 -84.10 -16.16
C ALA C 1094 94.57 -85.21 -15.81
N VAL C 1095 94.04 -86.42 -15.57
CA VAL C 1095 94.91 -87.56 -15.29
C VAL C 1095 95.55 -88.07 -16.57
N THR C 1096 94.83 -88.01 -17.69
CA THR C 1096 95.36 -88.41 -18.99
C THR C 1096 95.25 -87.24 -19.95
N THR C 1097 96.10 -87.24 -20.98
CA THR C 1097 96.10 -86.20 -21.99
C THR C 1097 95.31 -86.68 -23.21
N GLY C 1098 94.27 -85.95 -23.55
CA GLY C 1098 93.41 -86.36 -24.64
C GLY C 1098 92.27 -85.39 -24.84
N GLU C 1099 91.23 -85.88 -25.52
CA GLU C 1099 90.08 -85.05 -25.86
C GLU C 1099 89.19 -84.90 -24.63
N MET C 1100 89.36 -83.79 -23.91
CA MET C 1100 88.53 -83.47 -22.76
C MET C 1100 88.18 -81.99 -22.82
N ARG C 1101 87.01 -81.64 -22.26
CA ARG C 1101 86.54 -80.26 -22.28
C ARG C 1101 85.97 -79.90 -20.92
N VAL C 1102 86.08 -78.63 -20.55
CA VAL C 1102 85.62 -78.19 -19.23
C VAL C 1102 85.12 -76.75 -19.30
N GLY C 1103 84.06 -76.46 -18.56
CA GLY C 1103 83.62 -75.06 -18.53
C GLY C 1103 82.27 -74.91 -17.84
N TRP C 1104 81.52 -73.91 -18.29
CA TRP C 1104 80.25 -73.53 -17.69
C TRP C 1104 79.12 -73.75 -18.69
N ALA C 1105 77.93 -74.06 -18.18
CA ALA C 1105 76.81 -74.42 -19.02
C ALA C 1105 75.51 -73.82 -18.49
N ARG C 1106 74.53 -73.71 -19.39
CA ARG C 1106 73.19 -73.27 -19.04
C ARG C 1106 72.38 -74.44 -18.46
N PRO C 1107 71.35 -74.14 -17.65
CA PRO C 1107 70.54 -75.22 -17.07
C PRO C 1107 69.84 -76.08 -18.11
N GLU C 1108 69.48 -75.53 -19.26
CA GLU C 1108 68.73 -76.24 -20.28
C GLU C 1108 69.63 -76.91 -21.32
N LEU C 1109 70.85 -77.32 -20.93
CA LEU C 1109 71.77 -77.96 -21.86
C LEU C 1109 71.19 -79.27 -22.39
N ARG C 1110 71.51 -79.58 -23.65
CA ARG C 1110 71.05 -80.79 -24.32
C ARG C 1110 72.13 -81.88 -24.24
N PRO C 1111 71.71 -83.15 -24.14
CA PRO C 1111 72.69 -84.22 -23.96
C PRO C 1111 73.28 -84.79 -25.25
N ASP C 1112 72.65 -84.56 -26.40
CA ASP C 1112 73.09 -85.18 -27.64
C ASP C 1112 73.90 -84.25 -28.55
N VAL C 1113 74.25 -83.07 -28.07
CA VAL C 1113 75.01 -82.10 -28.85
C VAL C 1113 76.42 -81.99 -28.27
N GLU C 1114 77.41 -81.88 -29.15
CA GLU C 1114 78.79 -81.72 -28.71
C GLU C 1114 78.92 -80.47 -27.86
N LEU C 1115 79.70 -80.56 -26.79
CA LEU C 1115 79.80 -79.48 -25.82
C LEU C 1115 80.45 -78.26 -26.44
N GLY C 1116 79.77 -77.12 -26.38
CA GLY C 1116 80.27 -75.88 -26.92
C GLY C 1116 79.91 -75.63 -28.37
N ALA C 1117 79.30 -76.58 -29.06
CA ALA C 1117 78.93 -76.38 -30.46
C ALA C 1117 77.75 -75.43 -30.63
N ASP C 1118 77.02 -75.13 -29.55
CA ASP C 1118 75.91 -74.20 -29.60
C ASP C 1118 76.07 -73.11 -28.56
N GLU C 1119 75.04 -72.29 -28.37
CA GLU C 1119 75.11 -71.10 -27.52
C GLU C 1119 74.82 -71.40 -26.05
N LEU C 1120 74.78 -72.68 -25.66
CA LEU C 1120 74.39 -73.03 -24.29
C LEU C 1120 75.56 -73.34 -23.37
N ALA C 1121 76.80 -73.18 -23.84
CA ALA C 1121 77.96 -73.50 -23.00
C ALA C 1121 79.15 -72.66 -23.40
N TYR C 1122 80.06 -72.48 -22.45
CA TYR C 1122 81.35 -71.82 -22.67
C TYR C 1122 82.41 -72.78 -22.17
N VAL C 1123 83.28 -73.25 -23.06
CA VAL C 1123 84.11 -74.42 -22.78
C VAL C 1123 85.54 -74.18 -23.24
N PHE C 1124 86.49 -74.75 -22.50
CA PHE C 1124 87.89 -74.80 -22.89
C PHE C 1124 88.29 -76.25 -23.17
N ASN C 1125 89.03 -76.44 -24.27
CA ASN C 1125 89.51 -77.79 -24.63
C ASN C 1125 91.04 -77.78 -24.52
N GLY C 1126 91.61 -78.77 -23.83
CA GLY C 1126 93.06 -78.75 -23.60
C GLY C 1126 93.85 -79.63 -24.54
N HIS C 1127 93.25 -80.71 -25.03
CA HIS C 1127 93.95 -81.55 -26.04
C HIS C 1127 94.64 -80.64 -27.05
N ARG C 1128 93.89 -79.73 -27.67
CA ARG C 1128 94.48 -78.74 -28.60
C ARG C 1128 93.95 -77.39 -28.16
N GLY C 1129 94.79 -76.57 -27.52
CA GLY C 1129 94.31 -75.29 -26.97
C GLY C 1129 93.23 -74.65 -27.81
N GLN C 1130 91.97 -74.73 -27.37
CA GLN C 1130 90.86 -74.10 -28.07
C GLN C 1130 89.81 -73.64 -27.07
N ARG C 1131 89.03 -72.65 -27.48
CA ARG C 1131 87.86 -72.21 -26.75
C ARG C 1131 86.62 -72.39 -27.62
N TRP C 1132 85.54 -72.88 -27.00
CA TRP C 1132 84.32 -73.27 -27.69
C TRP C 1132 83.13 -72.50 -27.12
N HIS C 1133 82.51 -71.69 -27.96
CA HIS C 1133 81.16 -71.17 -27.72
C HIS C 1133 80.60 -70.77 -29.08
N LEU C 1134 79.65 -71.55 -29.59
CA LEU C 1134 79.08 -71.38 -30.93
C LEU C 1134 80.13 -71.49 -32.01
N GLY C 1135 81.25 -72.15 -31.73
CA GLY C 1135 82.35 -72.25 -32.67
C GLY C 1135 83.64 -72.54 -31.94
N SER C 1136 84.70 -72.67 -32.72
CA SER C 1136 86.02 -72.99 -32.19
C SER C 1136 86.99 -71.85 -32.48
N GLU C 1137 87.77 -71.47 -31.46
CA GLU C 1137 88.80 -70.45 -31.62
C GLU C 1137 90.09 -70.92 -30.97
N LEU C 1138 91.23 -70.49 -31.51
CA LEU C 1138 92.51 -70.84 -30.93
C LEU C 1138 92.73 -70.07 -29.64
N PHE C 1139 93.33 -70.73 -28.65
CA PHE C 1139 93.45 -70.15 -27.31
C PHE C 1139 94.38 -71.01 -26.48
N GLY C 1140 95.13 -70.36 -25.59
CA GLY C 1140 95.93 -71.08 -24.63
C GLY C 1140 97.00 -71.97 -25.27
N ARG C 1141 97.39 -73.00 -24.52
CA ARG C 1141 98.40 -73.95 -24.95
C ARG C 1141 98.01 -75.34 -24.46
N PRO C 1142 98.52 -76.39 -25.12
CA PRO C 1142 98.17 -77.75 -24.70
C PRO C 1142 98.69 -78.08 -23.31
N TRP C 1143 98.02 -79.02 -22.65
CA TRP C 1143 98.34 -79.40 -21.29
C TRP C 1143 99.15 -80.71 -21.27
N GLN C 1144 99.50 -81.14 -20.06
CA GLN C 1144 100.20 -82.40 -19.85
C GLN C 1144 99.55 -83.13 -18.67
N SER C 1145 100.00 -84.37 -18.45
CA SER C 1145 99.47 -85.18 -17.37
C SER C 1145 99.73 -84.52 -16.02
N GLY C 1146 98.70 -84.47 -15.18
CA GLY C 1146 98.82 -83.86 -13.88
C GLY C 1146 98.55 -82.36 -13.85
N ASP C 1147 98.30 -81.74 -14.99
CA ASP C 1147 98.03 -80.31 -15.01
C ASP C 1147 96.68 -80.01 -14.38
N VAL C 1148 96.56 -78.81 -13.82
CA VAL C 1148 95.34 -78.36 -13.14
C VAL C 1148 94.83 -77.11 -13.82
N VAL C 1149 93.56 -77.11 -14.18
CA VAL C 1149 92.91 -75.97 -14.81
C VAL C 1149 91.91 -75.38 -13.82
N GLY C 1150 92.03 -74.09 -13.56
CA GLY C 1150 91.12 -73.37 -12.68
C GLY C 1150 90.19 -72.50 -13.50
N CYS C 1151 88.88 -72.66 -13.23
CA CYS C 1151 87.84 -71.91 -13.93
C CYS C 1151 87.25 -70.89 -12.99
N MET C 1152 87.14 -69.65 -13.45
CA MET C 1152 86.59 -68.54 -12.69
C MET C 1152 85.52 -67.84 -13.50
N ILE C 1153 84.42 -67.50 -12.86
CA ILE C 1153 83.34 -66.73 -13.48
C ILE C 1153 83.05 -65.51 -12.62
N ASP C 1154 82.85 -64.37 -13.28
CA ASP C 1154 82.52 -63.10 -12.62
C ASP C 1154 81.22 -62.60 -13.22
N LEU C 1155 80.17 -62.55 -12.41
CA LEU C 1155 78.85 -62.14 -12.86
C LEU C 1155 78.58 -60.65 -12.61
N THR C 1156 79.55 -59.93 -12.05
CA THR C 1156 79.45 -58.48 -11.96
C THR C 1156 80.01 -57.79 -13.19
N GLU C 1157 81.15 -58.28 -13.70
CA GLU C 1157 81.69 -57.82 -14.97
C GLU C 1157 81.32 -58.72 -16.14
N ASN C 1158 80.67 -59.86 -15.87
CA ASN C 1158 80.25 -60.80 -16.90
C ASN C 1158 81.43 -61.28 -17.73
N THR C 1159 82.35 -61.97 -17.05
CA THR C 1159 83.56 -62.47 -17.69
C THR C 1159 83.87 -63.89 -17.21
N ILE C 1160 84.62 -64.62 -18.02
CA ILE C 1160 85.04 -65.98 -17.72
C ILE C 1160 86.55 -66.07 -17.92
N ILE C 1161 87.26 -66.64 -16.96
CA ILE C 1161 88.72 -66.70 -16.98
C ILE C 1161 89.17 -68.14 -16.72
N PHE C 1162 90.16 -68.59 -17.48
CA PHE C 1162 90.78 -69.88 -17.31
C PHE C 1162 92.24 -69.70 -16.92
N THR C 1163 92.71 -70.52 -15.99
CA THR C 1163 94.11 -70.51 -15.58
C THR C 1163 94.67 -71.91 -15.61
N LEU C 1164 95.96 -72.01 -15.95
CA LEU C 1164 96.65 -73.30 -16.03
C LEU C 1164 97.85 -73.26 -15.11
N ASN C 1165 97.82 -74.10 -14.07
CA ASN C 1165 98.91 -74.19 -13.08
C ASN C 1165 99.21 -72.82 -12.47
N GLY C 1166 98.16 -72.05 -12.22
CA GLY C 1166 98.29 -70.74 -11.63
C GLY C 1166 98.62 -69.62 -12.60
N GLU C 1167 98.80 -69.93 -13.87
CA GLU C 1167 99.11 -68.92 -14.88
C GLU C 1167 97.87 -68.63 -15.71
N VAL C 1168 97.60 -67.34 -15.90
CA VAL C 1168 96.42 -66.92 -16.66
C VAL C 1168 96.67 -67.17 -18.14
N LEU C 1169 95.72 -67.81 -18.80
CA LEU C 1169 95.82 -68.06 -20.23
C LEU C 1169 95.25 -66.87 -20.99
N MET C 1170 95.94 -66.48 -22.06
CA MET C 1170 95.57 -65.32 -22.85
C MET C 1170 95.58 -65.68 -24.34
N SER C 1171 94.78 -64.96 -25.10
CA SER C 1171 94.65 -65.19 -26.53
C SER C 1171 95.76 -64.49 -27.30
N ASP C 1172 95.67 -64.53 -28.63
CA ASP C 1172 96.67 -63.87 -29.46
C ASP C 1172 96.62 -62.36 -29.29
N SER C 1173 95.42 -61.79 -29.14
CA SER C 1173 95.28 -60.36 -28.92
C SER C 1173 95.83 -59.89 -27.58
N GLY C 1174 96.15 -60.81 -26.68
CA GLY C 1174 96.65 -60.44 -25.37
C GLY C 1174 95.57 -60.16 -24.33
N SER C 1175 94.31 -60.41 -24.67
CA SER C 1175 93.23 -60.19 -23.71
C SER C 1175 93.31 -61.21 -22.59
N GLU C 1176 93.05 -60.74 -21.36
CA GLU C 1176 93.08 -61.63 -20.21
C GLU C 1176 91.86 -62.53 -20.13
N THR C 1177 90.69 -62.01 -20.50
CA THR C 1177 89.45 -62.78 -20.41
C THR C 1177 89.26 -63.62 -21.66
N ALA C 1178 88.72 -64.83 -21.47
CA ALA C 1178 88.41 -65.70 -22.60
C ALA C 1178 87.07 -65.34 -23.23
N PHE C 1179 86.09 -64.98 -22.41
CA PHE C 1179 84.77 -64.58 -22.90
C PHE C 1179 84.31 -63.34 -22.16
N ARG C 1180 83.52 -62.51 -22.84
CA ARG C 1180 82.99 -61.30 -22.24
C ARG C 1180 81.65 -60.99 -22.87
N ASP C 1181 80.89 -60.12 -22.19
CA ASP C 1181 79.55 -59.71 -22.61
C ASP C 1181 78.68 -60.97 -22.70
N ILE C 1182 78.40 -61.54 -21.53
CA ILE C 1182 77.57 -62.72 -21.40
C ILE C 1182 76.30 -62.34 -20.63
N GLU C 1183 75.15 -62.68 -21.19
CA GLU C 1183 73.88 -62.37 -20.55
C GLU C 1183 73.58 -63.39 -19.46
N VAL C 1184 73.14 -62.92 -18.30
CA VAL C 1184 73.02 -63.79 -17.13
C VAL C 1184 71.98 -64.88 -17.37
N GLY C 1185 70.79 -64.49 -17.82
CA GLY C 1185 69.75 -65.49 -18.07
C GLY C 1185 69.33 -66.18 -16.80
N ASP C 1186 69.36 -67.51 -16.82
CA ASP C 1186 68.92 -68.33 -15.70
C ASP C 1186 70.05 -68.70 -14.75
N GLY C 1187 71.30 -68.64 -15.19
CA GLY C 1187 72.44 -69.01 -14.38
C GLY C 1187 73.40 -69.91 -15.14
N PHE C 1188 74.39 -70.40 -14.42
CA PHE C 1188 75.43 -71.24 -14.98
C PHE C 1188 75.79 -72.36 -14.01
N LEU C 1189 76.27 -73.47 -14.57
CA LEU C 1189 76.62 -74.65 -13.81
C LEU C 1189 77.96 -75.20 -14.29
N PRO C 1190 78.72 -75.85 -13.40
CA PRO C 1190 79.94 -76.53 -13.84
C PRO C 1190 79.61 -77.73 -14.71
N VAL C 1191 80.38 -77.90 -15.79
CA VAL C 1191 80.18 -78.98 -16.74
C VAL C 1191 81.53 -79.44 -17.27
N CYS C 1192 81.64 -80.75 -17.51
CA CYS C 1192 82.84 -81.33 -18.09
C CYS C 1192 82.44 -82.45 -19.05
N SER C 1193 83.33 -82.74 -19.99
CA SER C 1193 83.09 -83.74 -21.01
C SER C 1193 84.36 -84.55 -21.25
N LEU C 1194 84.21 -85.87 -21.29
CA LEU C 1194 85.32 -86.79 -21.40
C LEU C 1194 85.14 -87.67 -22.63
N GLY C 1195 86.23 -87.88 -23.37
CA GLY C 1195 86.21 -88.71 -24.55
C GLY C 1195 86.52 -90.16 -24.24
N PRO C 1196 86.76 -90.95 -25.27
CA PRO C 1196 87.04 -92.37 -25.06
C PRO C 1196 88.38 -92.59 -24.38
N GLY C 1197 88.37 -93.34 -23.28
CA GLY C 1197 89.58 -93.74 -22.60
C GLY C 1197 90.19 -92.68 -21.70
N GLN C 1198 89.52 -91.57 -21.48
CA GLN C 1198 90.08 -90.48 -20.68
C GLN C 1198 89.63 -90.58 -19.23
N VAL C 1199 90.45 -90.02 -18.34
CA VAL C 1199 90.17 -89.98 -16.91
C VAL C 1199 90.45 -88.57 -16.40
N GLY C 1200 89.55 -88.07 -15.55
CA GLY C 1200 89.72 -86.74 -15.00
C GLY C 1200 89.20 -86.66 -13.58
N HIS C 1201 89.57 -85.58 -12.90
CA HIS C 1201 89.17 -85.35 -11.51
C HIS C 1201 88.60 -83.95 -11.41
N LEU C 1202 87.53 -83.79 -10.63
CA LEU C 1202 86.84 -82.51 -10.49
C LEU C 1202 86.82 -82.11 -9.02
N ASN C 1203 87.09 -80.84 -8.74
CA ASN C 1203 87.09 -80.32 -7.38
C ASN C 1203 86.27 -79.04 -7.33
N LEU C 1204 85.18 -79.07 -6.58
CA LEU C 1204 84.31 -77.93 -6.39
C LEU C 1204 84.62 -77.16 -5.11
N GLY C 1205 85.62 -77.59 -4.35
CA GLY C 1205 86.07 -76.83 -3.21
C GLY C 1205 85.25 -76.96 -1.95
N GLN C 1206 84.81 -78.18 -1.60
CA GLN C 1206 84.17 -78.37 -0.31
C GLN C 1206 85.15 -78.14 0.83
N ASP C 1207 86.39 -78.62 0.66
CA ASP C 1207 87.48 -78.38 1.60
C ASP C 1207 88.46 -77.42 0.93
N VAL C 1208 88.66 -76.26 1.54
CA VAL C 1208 89.52 -75.24 0.93
C VAL C 1208 90.96 -75.71 0.88
N SER C 1209 91.40 -76.48 1.88
CA SER C 1209 92.78 -76.93 1.91
C SER C 1209 93.10 -77.90 0.78
N SER C 1210 92.09 -78.54 0.19
CA SER C 1210 92.33 -79.48 -0.91
C SER C 1210 92.71 -78.79 -2.21
N LEU C 1211 92.28 -77.54 -2.41
CA LEU C 1211 92.65 -76.80 -3.61
C LEU C 1211 94.14 -76.49 -3.61
N ARG C 1212 94.75 -76.52 -4.78
CA ARG C 1212 96.19 -76.38 -4.91
C ARG C 1212 96.64 -75.02 -5.41
N PHE C 1213 95.88 -74.39 -6.30
CA PHE C 1213 96.26 -73.10 -6.87
C PHE C 1213 95.25 -72.01 -6.57
N PHE C 1214 94.36 -72.21 -5.59
CA PHE C 1214 93.40 -71.17 -5.26
C PHE C 1214 94.08 -69.95 -4.66
N ALA C 1215 95.04 -70.15 -3.75
CA ALA C 1215 95.71 -69.03 -3.11
C ALA C 1215 96.60 -68.27 -4.07
N ILE C 1216 97.20 -68.97 -5.04
CA ILE C 1216 98.11 -68.32 -5.98
C ILE C 1216 97.37 -67.30 -6.84
N CYS C 1217 96.19 -67.65 -7.33
CA CYS C 1217 95.42 -66.74 -8.19
C CYS C 1217 93.94 -66.98 -7.94
N GLY C 1218 93.25 -65.98 -7.39
CA GLY C 1218 91.83 -66.08 -7.17
C GLY C 1218 91.39 -65.66 -5.78
N LEU C 1219 92.22 -65.92 -4.78
CA LEU C 1219 91.86 -65.59 -3.40
C LEU C 1219 91.78 -64.08 -3.20
N GLN C 1220 92.81 -63.35 -3.62
CA GLN C 1220 92.84 -61.92 -3.41
C GLN C 1220 91.90 -61.16 -4.34
N GLU C 1221 91.56 -61.74 -5.49
CA GLU C 1221 90.64 -61.09 -6.41
C GLU C 1221 89.19 -61.12 -5.92
N GLY C 1222 88.89 -61.88 -4.87
CA GLY C 1222 87.55 -61.93 -4.33
C GLY C 1222 86.70 -63.07 -4.84
N PHE C 1223 87.32 -64.15 -5.29
CA PHE C 1223 86.58 -65.32 -5.78
C PHE C 1223 86.41 -66.34 -4.67
N GLU C 1224 85.32 -67.11 -4.76
CA GLU C 1224 84.98 -68.09 -3.74
C GLU C 1224 84.85 -69.48 -4.35
N PRO C 1225 85.19 -70.53 -3.61
CA PRO C 1225 84.93 -71.89 -4.11
C PRO C 1225 83.44 -72.14 -4.29
N PHE C 1226 83.12 -72.96 -5.28
CA PHE C 1226 81.71 -73.18 -5.64
C PHE C 1226 80.93 -73.83 -4.51
N ALA C 1227 81.50 -74.86 -3.90
CA ALA C 1227 80.80 -75.67 -2.90
C ALA C 1227 81.17 -75.32 -1.47
N ILE C 1228 81.46 -74.05 -1.19
CA ILE C 1228 81.83 -73.66 0.17
C ILE C 1228 80.58 -73.58 1.04
N ASN C 1229 80.74 -73.85 2.33
CA ASN C 1229 79.66 -73.80 3.32
C ASN C 1229 78.50 -74.71 2.92
N MET C 1230 78.83 -75.94 2.51
CA MET C 1230 77.82 -76.94 2.17
C MET C 1230 78.04 -78.18 3.02
N GLN C 1231 76.93 -78.73 3.54
CA GLN C 1231 77.01 -79.87 4.44
C GLN C 1231 77.28 -81.18 3.69
N ARG C 1232 76.78 -81.31 2.47
CA ARG C 1232 76.87 -82.55 1.72
C ARG C 1232 77.45 -82.31 0.34
N PRO C 1233 78.08 -83.31 -0.25
CA PRO C 1233 78.66 -83.14 -1.59
C PRO C 1233 77.61 -82.83 -2.63
N VAL C 1234 78.02 -82.08 -3.66
CA VAL C 1234 77.10 -81.63 -4.69
C VAL C 1234 76.67 -82.82 -5.54
N THR C 1235 75.37 -82.89 -5.85
CA THR C 1235 74.85 -83.95 -6.69
C THR C 1235 75.22 -83.70 -8.15
N THR C 1236 75.52 -84.77 -8.88
CA THR C 1236 75.99 -84.68 -10.25
C THR C 1236 75.10 -85.50 -11.17
N TRP C 1237 74.84 -84.99 -12.37
CA TRP C 1237 74.10 -85.72 -13.39
C TRP C 1237 75.01 -85.98 -14.58
N PHE C 1238 74.69 -87.05 -15.33
CA PHE C 1238 75.53 -87.44 -16.45
C PHE C 1238 74.66 -87.89 -17.62
N SER C 1239 75.27 -87.91 -18.80
CA SER C 1239 74.58 -88.27 -20.02
C SER C 1239 74.58 -89.79 -20.18
N LYS C 1240 73.39 -90.37 -20.33
CA LYS C 1240 73.22 -91.81 -20.44
C LYS C 1240 72.85 -92.15 -21.87
N SER C 1241 73.62 -93.05 -22.49
CA SER C 1241 73.42 -93.42 -23.88
C SER C 1241 72.64 -94.73 -24.00
N LEU C 1242 71.37 -94.65 -23.65
CA LEU C 1242 70.44 -95.76 -23.79
C LEU C 1242 69.17 -95.26 -24.47
N PRO C 1243 68.87 -95.69 -25.70
CA PRO C 1243 67.72 -95.13 -26.41
C PRO C 1243 66.41 -95.37 -25.67
N GLN C 1244 65.53 -94.37 -25.72
CA GLN C 1244 64.22 -94.45 -25.08
C GLN C 1244 63.18 -93.82 -25.97
N PHE C 1245 61.93 -94.23 -25.80
CA PHE C 1245 60.84 -93.68 -26.60
C PHE C 1245 60.28 -92.44 -25.93
N GLU C 1246 60.16 -91.36 -26.70
CA GLU C 1246 59.66 -90.09 -26.17
C GLU C 1246 58.71 -89.46 -27.18
N ALA C 1247 57.82 -88.61 -26.67
CA ALA C 1247 56.83 -87.96 -27.51
C ALA C 1247 57.49 -86.97 -28.45
N VAL C 1248 56.92 -86.84 -29.64
CA VAL C 1248 57.42 -85.93 -30.67
C VAL C 1248 57.14 -84.49 -30.24
N PRO C 1249 58.14 -83.62 -30.23
CA PRO C 1249 57.90 -82.23 -29.83
C PRO C 1249 56.95 -81.53 -30.78
N LEU C 1250 56.18 -80.58 -30.24
CA LEU C 1250 55.20 -79.86 -31.04
C LEU C 1250 55.82 -78.93 -32.06
N GLU C 1251 57.11 -78.61 -31.92
CA GLU C 1251 57.80 -77.70 -32.82
C GLU C 1251 59.10 -78.33 -33.35
N HIS C 1252 59.02 -79.58 -33.78
CA HIS C 1252 60.20 -80.23 -34.32
C HIS C 1252 60.53 -79.64 -35.69
N PRO C 1253 61.82 -79.43 -35.99
CA PRO C 1253 62.19 -78.81 -37.27
C PRO C 1253 61.77 -79.59 -38.50
N HIS C 1254 61.74 -80.92 -38.45
CA HIS C 1254 61.60 -81.73 -39.64
C HIS C 1254 60.32 -82.55 -39.73
N TYR C 1255 59.76 -82.99 -38.60
CA TYR C 1255 58.65 -83.92 -38.61
C TYR C 1255 57.40 -83.25 -38.06
N GLU C 1256 56.24 -83.65 -38.59
CA GLU C 1256 54.96 -83.13 -38.13
C GLU C 1256 53.96 -84.27 -37.99
N VAL C 1257 53.22 -84.27 -36.89
CA VAL C 1257 52.23 -85.30 -36.60
C VAL C 1257 50.86 -84.63 -36.58
N SER C 1258 49.89 -85.23 -37.27
CA SER C 1258 48.55 -84.69 -37.37
C SER C 1258 47.52 -85.71 -36.95
N ARG C 1259 46.45 -85.25 -36.31
CA ARG C 1259 45.33 -86.09 -35.91
C ARG C 1259 44.16 -85.82 -36.84
N VAL C 1260 43.59 -86.88 -37.41
CA VAL C 1260 42.51 -86.77 -38.38
C VAL C 1260 41.28 -87.45 -37.82
N ASP C 1261 40.16 -86.73 -37.80
CA ASP C 1261 38.91 -87.25 -37.28
C ASP C 1261 38.27 -88.22 -38.27
N GLY C 1262 37.34 -89.02 -37.76
CA GLY C 1262 36.73 -90.04 -38.60
C GLY C 1262 35.49 -89.50 -39.29
N THR C 1263 35.42 -89.72 -40.61
CA THR C 1263 34.27 -89.33 -41.40
C THR C 1263 33.27 -90.47 -41.48
N VAL C 1264 32.28 -90.34 -42.36
CA VAL C 1264 31.25 -91.35 -42.49
C VAL C 1264 31.82 -92.64 -43.07
N ASP C 1265 32.96 -92.57 -43.74
CA ASP C 1265 33.56 -93.74 -44.37
C ASP C 1265 35.00 -93.98 -43.94
N THR C 1266 35.55 -93.18 -43.05
CA THR C 1266 36.94 -93.33 -42.64
C THR C 1266 37.04 -93.34 -41.12
N PRO C 1267 38.02 -94.05 -40.58
CA PRO C 1267 38.24 -94.04 -39.12
C PRO C 1267 39.20 -92.93 -38.74
N PRO C 1268 39.32 -92.62 -37.45
CA PRO C 1268 40.32 -91.64 -37.03
C PRO C 1268 41.73 -92.15 -37.31
N CYS C 1269 42.63 -91.22 -37.60
CA CYS C 1269 43.96 -91.58 -38.06
C CYS C 1269 45.01 -90.67 -37.45
N LEU C 1270 46.24 -91.18 -37.40
CA LEU C 1270 47.40 -90.39 -37.00
C LEU C 1270 48.40 -90.37 -38.15
N ARG C 1271 48.64 -89.19 -38.72
CA ARG C 1271 49.38 -89.07 -39.96
C ARG C 1271 50.72 -88.41 -39.70
N LEU C 1272 51.77 -88.92 -40.35
CA LEU C 1272 53.11 -88.34 -40.22
C LEU C 1272 53.49 -87.67 -41.53
N THR C 1273 54.13 -86.51 -41.44
CA THR C 1273 54.56 -85.78 -42.63
C THR C 1273 55.93 -85.13 -42.40
N HIS C 1274 56.63 -84.92 -43.52
CA HIS C 1274 57.97 -84.35 -43.53
C HIS C 1274 57.89 -82.88 -43.95
N ARG C 1275 58.58 -82.02 -43.20
CA ARG C 1275 58.43 -80.57 -43.41
C ARG C 1275 59.38 -80.02 -44.46
N THR C 1276 60.60 -80.56 -44.53
CA THR C 1276 61.66 -79.99 -45.37
C THR C 1276 62.22 -81.01 -46.34
N TRP C 1277 61.35 -81.70 -47.06
CA TRP C 1277 61.78 -82.81 -47.91
C TRP C 1277 62.72 -82.33 -49.03
N GLY C 1278 62.41 -81.19 -49.64
CA GLY C 1278 63.15 -80.74 -50.80
C GLY C 1278 64.20 -79.67 -50.56
N SER C 1279 64.31 -79.15 -49.33
CA SER C 1279 65.24 -78.08 -49.06
C SER C 1279 66.68 -78.59 -49.04
N GLN C 1280 67.62 -77.64 -48.96
CA GLN C 1280 69.04 -78.00 -48.92
C GLN C 1280 69.43 -78.62 -47.60
N ASN C 1281 68.80 -78.19 -46.50
CA ASN C 1281 69.11 -78.68 -45.17
C ASN C 1281 68.22 -79.85 -44.74
N SER C 1282 67.78 -80.66 -45.70
CA SER C 1282 66.93 -81.79 -45.37
C SER C 1282 67.70 -82.85 -44.59
N LEU C 1283 67.01 -83.52 -43.67
CA LEU C 1283 67.58 -84.60 -42.88
C LEU C 1283 66.83 -85.88 -43.21
N VAL C 1284 67.57 -86.91 -43.64
CA VAL C 1284 67.00 -88.19 -44.03
C VAL C 1284 67.72 -89.29 -43.25
N GLU C 1285 66.97 -90.02 -42.43
CA GLU C 1285 67.52 -91.13 -41.66
C GLU C 1285 66.37 -91.98 -41.15
N MET C 1286 66.72 -93.13 -40.59
CA MET C 1286 65.72 -94.09 -40.13
C MET C 1286 64.90 -93.51 -38.98
N LEU C 1287 63.63 -93.90 -38.92
CA LEU C 1287 62.72 -93.46 -37.88
C LEU C 1287 62.07 -94.68 -37.24
N PHE C 1288 62.08 -94.72 -35.91
CA PHE C 1288 61.45 -95.77 -35.12
C PHE C 1288 60.32 -95.15 -34.32
N LEU C 1289 59.08 -95.46 -34.70
CA LEU C 1289 57.89 -94.86 -34.11
C LEU C 1289 57.03 -95.94 -33.48
N ARG C 1290 56.37 -95.59 -32.38
CA ARG C 1290 55.47 -96.50 -31.69
C ARG C 1290 54.30 -95.72 -31.12
N LEU C 1291 53.28 -96.46 -30.70
CA LEU C 1291 52.14 -95.84 -30.01
C LEU C 1291 52.37 -95.83 -28.50
N SER C 1292 51.51 -95.10 -27.79
CA SER C 1292 51.77 -94.77 -26.41
C SER C 1292 51.26 -95.82 -25.42
N LEU C 1293 50.24 -96.60 -25.78
CA LEU C 1293 49.65 -97.49 -24.81
C LEU C 1293 49.66 -98.93 -25.33
N PRO C 1294 49.89 -99.90 -24.46
CA PRO C 1294 50.01 -101.30 -24.89
C PRO C 1294 48.68 -102.07 -24.79
N VAL C 1295 48.72 -103.29 -25.32
CA VAL C 1295 47.67 -104.28 -25.11
C VAL C 1295 48.28 -105.43 -24.33
N GLN C 1296 47.43 -106.13 -23.57
CA GLN C 1296 47.89 -107.17 -22.68
C GLN C 1296 47.11 -108.46 -22.92
N PHE C 1297 47.82 -109.58 -22.91
CA PHE C 1297 47.19 -110.88 -23.08
C PHE C 1297 46.68 -111.39 -21.75
N HIS C 1298 45.77 -112.37 -21.82
CA HIS C 1298 45.13 -112.90 -20.62
C HIS C 1298 46.10 -113.77 -19.83
N GLN C 1299 45.69 -114.12 -18.60
CA GLN C 1299 46.51 -114.98 -17.75
C GLN C 1299 46.43 -116.44 -18.18
N HIS C 1300 45.29 -116.87 -18.68
CA HIS C 1300 45.08 -118.24 -19.11
C HIS C 1300 44.72 -118.29 -20.58
N PHE C 1301 45.14 -119.36 -21.24
CA PHE C 1301 44.82 -119.60 -22.65
C PHE C 1301 43.86 -120.76 -22.77
N ARG C 1302 42.77 -120.55 -23.51
CA ARG C 1302 41.76 -121.59 -23.69
C ARG C 1302 40.99 -121.37 -24.98
N ARG C 1421 26.98 -104.45 -40.19
CA ARG C 1421 26.69 -105.80 -40.65
C ARG C 1421 27.08 -106.83 -39.60
N ASP C 1422 27.55 -106.35 -38.45
CA ASP C 1422 27.96 -107.25 -37.39
C ASP C 1422 26.77 -107.72 -36.57
N ASP C 1423 26.73 -109.01 -36.28
CA ASP C 1423 25.71 -109.54 -35.39
C ASP C 1423 26.21 -109.46 -33.95
N PRO C 1424 25.41 -108.92 -33.03
CA PRO C 1424 25.92 -108.66 -31.67
C PRO C 1424 26.36 -109.92 -30.94
N ASP C 1425 25.74 -111.07 -31.19
CA ASP C 1425 26.06 -112.28 -30.45
C ASP C 1425 27.53 -112.67 -30.65
N ILE C 1426 28.02 -112.60 -31.87
CA ILE C 1426 29.43 -112.89 -32.13
C ILE C 1426 30.34 -111.80 -31.58
N ILE C 1427 29.97 -110.53 -31.79
CA ILE C 1427 30.91 -109.44 -31.56
C ILE C 1427 31.02 -109.10 -30.07
N LEU C 1428 30.08 -109.56 -29.25
CA LEU C 1428 30.17 -109.25 -27.81
C LEU C 1428 31.19 -110.12 -27.08
N ASN C 1429 31.63 -111.23 -27.66
CA ASN C 1429 32.60 -112.10 -27.00
C ASN C 1429 33.67 -112.57 -27.99
N THR C 1430 34.18 -111.65 -28.80
CA THR C 1430 35.09 -112.05 -29.87
C THR C 1430 36.54 -112.16 -29.40
N THR C 1431 37.02 -111.21 -28.60
CA THR C 1431 38.40 -111.15 -28.09
C THR C 1431 39.45 -111.18 -29.19
N THR C 1432 39.16 -110.61 -30.36
CA THR C 1432 40.12 -110.46 -31.43
C THR C 1432 40.16 -108.99 -31.86
N TYR C 1433 41.36 -108.45 -32.08
CA TYR C 1433 41.52 -107.03 -32.30
C TYR C 1433 42.38 -106.76 -33.53
N TYR C 1434 42.11 -105.61 -34.16
CA TYR C 1434 42.62 -105.29 -35.49
C TYR C 1434 43.20 -103.88 -35.49
N TYR C 1435 44.15 -103.65 -36.40
CA TYR C 1435 44.88 -102.40 -36.50
C TYR C 1435 45.44 -102.26 -37.91
N SER C 1436 45.59 -101.03 -38.40
CA SER C 1436 45.97 -100.87 -39.81
C SER C 1436 47.00 -99.77 -39.99
N VAL C 1437 47.78 -99.88 -41.06
CA VAL C 1437 48.76 -98.88 -41.45
C VAL C 1437 48.64 -98.64 -42.95
N ARG C 1438 48.63 -97.37 -43.35
CA ARG C 1438 48.55 -96.98 -44.74
C ARG C 1438 49.84 -96.27 -45.16
N VAL C 1439 50.42 -96.74 -46.27
CA VAL C 1439 51.60 -96.14 -46.87
C VAL C 1439 51.17 -95.49 -48.18
N PHE C 1440 51.45 -94.19 -48.30
CA PHE C 1440 51.01 -93.41 -49.44
C PHE C 1440 51.86 -93.70 -50.67
N ALA C 1441 51.29 -93.43 -51.84
CA ALA C 1441 52.04 -93.53 -53.09
C ALA C 1441 53.16 -92.51 -53.12
N GLY C 1442 54.34 -92.94 -53.55
CA GLY C 1442 55.55 -92.14 -53.52
C GLY C 1442 56.55 -92.61 -52.49
N GLN C 1443 56.08 -93.11 -51.35
CA GLN C 1443 56.94 -93.72 -50.35
C GLN C 1443 57.21 -95.15 -50.76
N GLU C 1444 58.49 -95.52 -50.85
CA GLU C 1444 58.86 -96.85 -51.31
C GLU C 1444 58.42 -97.90 -50.30
N PRO C 1445 57.62 -98.89 -50.71
CA PRO C 1445 57.25 -99.96 -49.76
C PRO C 1445 58.41 -100.84 -49.36
N SER C 1446 59.58 -100.72 -50.00
CA SER C 1446 60.74 -101.52 -49.65
C SER C 1446 61.46 -101.00 -48.42
N CYS C 1447 61.05 -99.85 -47.86
CA CYS C 1447 61.71 -99.25 -46.72
C CYS C 1447 60.78 -99.08 -45.53
N VAL C 1448 59.82 -99.98 -45.35
CA VAL C 1448 58.85 -99.91 -44.26
C VAL C 1448 58.75 -101.26 -43.58
N TRP C 1449 58.81 -101.27 -42.25
CA TRP C 1449 58.56 -102.44 -41.44
C TRP C 1449 57.44 -102.13 -40.46
N VAL C 1450 56.49 -103.06 -40.34
CA VAL C 1450 55.26 -102.82 -39.57
C VAL C 1450 55.05 -103.95 -38.58
N GLY C 1451 54.70 -103.61 -37.33
CA GLY C 1451 54.36 -104.66 -36.39
C GLY C 1451 54.22 -104.25 -34.95
N TRP C 1452 54.74 -105.09 -34.05
CA TRP C 1452 54.63 -104.86 -32.61
C TRP C 1452 56.02 -104.97 -31.96
N VAL C 1453 56.17 -104.25 -30.85
CA VAL C 1453 57.39 -104.28 -30.07
C VAL C 1453 57.04 -104.51 -28.61
N THR C 1454 58.02 -104.98 -27.85
CA THR C 1454 57.86 -105.21 -26.42
C THR C 1454 58.41 -104.00 -25.66
N PRO C 1455 58.16 -103.91 -24.35
CA PRO C 1455 58.64 -102.74 -23.60
C PRO C 1455 60.14 -102.58 -23.57
N ASP C 1456 60.91 -103.61 -23.91
CA ASP C 1456 62.36 -103.59 -23.76
C ASP C 1456 63.11 -103.51 -25.08
N TYR C 1457 62.61 -102.75 -26.04
CA TYR C 1457 63.34 -102.53 -27.29
C TYR C 1457 64.20 -101.28 -27.16
N HIS C 1458 65.50 -101.41 -27.44
CA HIS C 1458 66.42 -100.29 -27.23
C HIS C 1458 67.47 -100.20 -28.34
N GLN C 1459 67.12 -100.56 -29.57
CA GLN C 1459 68.08 -100.59 -30.67
C GLN C 1459 67.87 -99.38 -31.58
N HIS C 1460 68.82 -98.45 -31.55
CA HIS C 1460 68.86 -97.32 -32.46
C HIS C 1460 69.87 -97.60 -33.57
N ASP C 1461 69.46 -98.43 -34.53
CA ASP C 1461 70.35 -98.89 -35.60
C ASP C 1461 70.01 -98.17 -36.89
N MET C 1462 71.04 -97.63 -37.55
CA MET C 1462 70.82 -96.88 -38.79
C MET C 1462 70.85 -97.77 -40.02
N ASN C 1463 71.17 -99.05 -39.87
CA ASN C 1463 71.19 -100.00 -40.97
C ASN C 1463 70.25 -101.16 -40.68
N PHE C 1464 69.04 -100.85 -40.21
CA PHE C 1464 68.14 -101.88 -39.72
C PHE C 1464 67.77 -102.88 -40.82
N ASP C 1465 67.60 -104.13 -40.41
CA ASP C 1465 67.17 -105.21 -41.28
C ASP C 1465 66.54 -106.29 -40.41
N LEU C 1466 65.70 -107.12 -41.03
CA LEU C 1466 64.99 -108.14 -40.27
C LEU C 1466 65.93 -109.21 -39.71
N THR C 1467 67.19 -109.22 -40.16
CA THR C 1467 68.18 -110.14 -39.60
C THR C 1467 68.88 -109.58 -38.37
N LYS C 1468 68.61 -108.32 -38.01
CA LYS C 1468 69.20 -107.70 -36.83
C LYS C 1468 68.39 -107.91 -35.57
N VAL C 1469 67.24 -108.57 -35.66
CA VAL C 1469 66.34 -108.71 -34.51
C VAL C 1469 66.90 -109.76 -33.55
N ARG C 1470 66.95 -109.40 -32.26
CA ARG C 1470 67.39 -110.34 -31.25
C ARG C 1470 66.40 -111.49 -31.14
N ALA C 1471 66.92 -112.71 -30.99
CA ALA C 1471 66.09 -113.88 -30.84
C ALA C 1471 66.87 -114.97 -30.12
N VAL C 1472 66.14 -115.87 -29.46
CA VAL C 1472 66.74 -116.99 -28.75
C VAL C 1472 65.71 -118.09 -28.64
N THR C 1473 66.18 -119.32 -28.39
CA THR C 1473 65.31 -120.47 -28.18
C THR C 1473 65.74 -121.19 -26.92
N VAL C 1474 64.77 -121.50 -26.06
CA VAL C 1474 65.01 -122.22 -24.82
C VAL C 1474 64.34 -123.58 -24.95
N THR C 1475 65.11 -124.64 -24.75
CA THR C 1475 64.63 -126.00 -24.93
C THR C 1475 64.76 -126.77 -23.62
N MET C 1476 63.70 -127.46 -23.23
CA MET C 1476 63.68 -128.29 -22.04
C MET C 1476 63.59 -129.75 -22.45
N GLY C 1477 64.33 -130.62 -21.75
CA GLY C 1477 64.38 -132.02 -22.08
C GLY C 1477 64.27 -132.90 -20.84
N ASP C 1478 64.22 -134.20 -21.09
CA ASP C 1478 64.15 -135.20 -20.04
C ASP C 1478 65.49 -135.89 -19.86
N GLU C 1479 65.55 -136.77 -18.86
CA GLU C 1479 66.79 -137.50 -18.58
C GLU C 1479 67.14 -138.45 -19.73
N GLN C 1480 66.14 -139.04 -20.37
CA GLN C 1480 66.37 -140.01 -21.44
C GLN C 1480 66.62 -139.35 -22.79
N GLY C 1481 66.58 -138.02 -22.87
CA GLY C 1481 66.81 -137.32 -24.12
C GLY C 1481 65.58 -136.84 -24.84
N ASN C 1482 64.40 -137.09 -24.29
CA ASN C 1482 63.17 -136.59 -24.92
C ASN C 1482 62.94 -135.14 -24.52
N ILE C 1483 62.66 -134.30 -25.51
CA ILE C 1483 62.46 -132.87 -25.30
C ILE C 1483 60.99 -132.61 -25.05
N HIS C 1484 60.68 -131.83 -24.02
CA HIS C 1484 59.30 -131.52 -23.67
C HIS C 1484 58.79 -130.28 -24.40
N SER C 1485 59.55 -129.19 -24.37
CA SER C 1485 59.09 -127.94 -24.94
C SER C 1485 60.27 -127.15 -25.49
N SER C 1486 59.99 -126.31 -26.48
CA SER C 1486 60.95 -125.38 -27.04
C SER C 1486 60.24 -124.07 -27.32
N LEU C 1487 60.72 -122.99 -26.70
CA LEU C 1487 60.08 -121.69 -26.79
C LEU C 1487 61.02 -120.69 -27.44
N LYS C 1488 60.45 -119.78 -28.22
CA LYS C 1488 61.21 -118.75 -28.91
C LYS C 1488 60.94 -117.40 -28.26
N CYS C 1489 62.02 -116.67 -27.96
CA CYS C 1489 61.93 -115.37 -27.32
C CYS C 1489 62.54 -114.30 -28.21
N SER C 1490 61.85 -113.16 -28.29
CA SER C 1490 62.29 -112.02 -29.09
C SER C 1490 61.63 -110.77 -28.53
N ASN C 1491 61.95 -109.63 -29.14
CA ASN C 1491 61.38 -108.36 -28.73
C ASN C 1491 60.87 -107.51 -29.88
N CYS C 1492 60.63 -108.12 -31.05
CA CYS C 1492 60.15 -107.39 -32.21
C CYS C 1492 59.45 -108.37 -33.14
N TYR C 1493 58.18 -108.11 -33.44
CA TYR C 1493 57.39 -108.98 -34.32
C TYR C 1493 56.89 -108.11 -35.47
N MET C 1494 57.57 -108.18 -36.61
CA MET C 1494 57.30 -107.25 -37.70
C MET C 1494 57.28 -107.99 -39.03
N VAL C 1495 56.74 -107.30 -40.04
CA VAL C 1495 56.75 -107.76 -41.42
C VAL C 1495 57.32 -106.64 -42.28
N TRP C 1496 57.91 -107.04 -43.40
CA TRP C 1496 58.59 -106.13 -44.31
C TRP C 1496 57.70 -105.85 -45.51
N GLY C 1497 57.68 -104.58 -45.94
CA GLY C 1497 56.86 -104.18 -47.06
C GLY C 1497 57.25 -104.83 -48.37
N GLY C 1498 58.54 -105.10 -48.58
CA GLY C 1498 58.99 -105.68 -49.83
C GLY C 1498 58.39 -107.04 -50.14
N ASP C 1499 57.86 -107.73 -49.13
CA ASP C 1499 57.20 -109.01 -49.38
C ASP C 1499 55.88 -108.84 -50.11
N PHE C 1500 55.29 -107.64 -50.10
CA PHE C 1500 53.99 -107.42 -50.72
C PHE C 1500 54.05 -106.59 -52.00
N VAL C 1501 55.25 -106.32 -52.51
CA VAL C 1501 55.36 -105.59 -53.77
C VAL C 1501 55.00 -106.52 -54.92
N SER C 1502 54.48 -105.95 -56.00
CA SER C 1502 54.11 -106.74 -57.16
C SER C 1502 55.36 -107.32 -57.82
N PRO C 1503 55.32 -108.56 -58.29
CA PRO C 1503 56.49 -109.13 -58.97
C PRO C 1503 56.86 -108.33 -60.21
N GLY C 1504 58.16 -108.14 -60.40
CA GLY C 1504 58.64 -107.38 -61.55
C GLY C 1504 58.25 -105.92 -61.56
N GLN C 1505 57.90 -105.34 -60.41
CA GLN C 1505 57.50 -103.95 -60.36
C GLN C 1505 58.66 -103.03 -60.69
N GLN C 1506 58.39 -102.00 -61.49
CA GLN C 1506 59.42 -101.06 -61.91
C GLN C 1506 59.54 -99.90 -60.93
N GLY C 1507 59.84 -100.19 -59.67
CA GLY C 1507 60.04 -99.14 -58.69
C GLY C 1507 58.74 -98.45 -58.33
N ARG C 1508 58.87 -97.17 -57.96
CA ARG C 1508 57.73 -96.37 -57.51
C ARG C 1508 56.95 -95.79 -58.68
N ILE C 1509 57.12 -96.37 -59.87
CA ILE C 1509 56.39 -95.90 -61.05
C ILE C 1509 54.89 -96.00 -60.84
N SER C 1510 54.43 -97.07 -60.19
CA SER C 1510 53.00 -97.25 -59.91
C SER C 1510 52.62 -96.39 -58.72
N HIS C 1511 51.63 -95.51 -58.92
CA HIS C 1511 51.19 -94.61 -57.85
C HIS C 1511 49.94 -95.19 -57.20
N THR C 1512 50.17 -96.17 -56.32
CA THR C 1512 49.10 -96.82 -55.58
C THR C 1512 49.50 -96.95 -54.12
N ASP C 1513 48.52 -96.73 -53.24
CA ASP C 1513 48.74 -96.83 -51.80
C ASP C 1513 48.73 -98.29 -51.36
N LEU C 1514 49.37 -98.55 -50.22
CA LEU C 1514 49.44 -99.89 -49.65
C LEU C 1514 48.84 -99.88 -48.25
N VAL C 1515 48.02 -100.89 -47.95
CA VAL C 1515 47.36 -100.99 -46.66
C VAL C 1515 47.74 -102.34 -46.04
N ILE C 1516 48.27 -102.31 -44.82
CA ILE C 1516 48.67 -103.51 -44.11
C ILE C 1516 47.91 -103.58 -42.81
N GLY C 1517 47.28 -104.73 -42.54
CA GLY C 1517 46.48 -104.92 -41.34
C GLY C 1517 47.08 -105.98 -40.45
N CYS C 1518 46.96 -105.77 -39.15
CA CYS C 1518 47.45 -106.69 -38.13
C CYS C 1518 46.30 -107.12 -37.23
N LEU C 1519 46.24 -108.42 -36.93
CA LEU C 1519 45.23 -109.00 -36.09
C LEU C 1519 45.88 -109.75 -34.94
N VAL C 1520 45.33 -109.60 -33.74
CA VAL C 1520 45.83 -110.28 -32.55
C VAL C 1520 44.67 -110.93 -31.82
N ASP C 1521 44.91 -112.12 -31.28
CA ASP C 1521 43.94 -112.83 -30.44
C ASP C 1521 44.48 -112.86 -29.02
N LEU C 1522 43.83 -112.13 -28.12
CA LEU C 1522 44.30 -112.01 -26.75
C LEU C 1522 44.03 -113.25 -25.91
N ALA C 1523 43.24 -114.20 -26.40
CA ALA C 1523 42.90 -115.39 -25.65
C ALA C 1523 43.73 -116.60 -26.03
N THR C 1524 44.35 -116.61 -27.21
CA THR C 1524 45.18 -117.72 -27.65
C THR C 1524 46.63 -117.33 -27.91
N GLY C 1525 46.95 -116.04 -27.98
CA GLY C 1525 48.31 -115.60 -28.22
C GLY C 1525 48.77 -115.67 -29.66
N LEU C 1526 47.86 -115.56 -30.62
CA LEU C 1526 48.20 -115.67 -32.04
C LEU C 1526 48.12 -114.32 -32.71
N MET C 1527 49.15 -113.99 -33.49
CA MET C 1527 49.23 -112.73 -34.23
C MET C 1527 49.41 -113.02 -35.71
N THR C 1528 48.59 -112.37 -36.54
CA THR C 1528 48.61 -112.59 -37.98
C THR C 1528 48.55 -111.26 -38.71
N PHE C 1529 48.88 -111.30 -40.01
CA PHE C 1529 48.97 -110.11 -40.84
C PHE C 1529 48.24 -110.32 -42.15
N THR C 1530 47.69 -109.25 -42.71
CA THR C 1530 47.05 -109.25 -44.02
C THR C 1530 47.52 -108.05 -44.81
N ALA C 1531 47.53 -108.19 -46.14
CA ALA C 1531 47.92 -107.12 -47.04
C ALA C 1531 46.94 -107.01 -48.19
N ASN C 1532 46.34 -105.83 -48.35
CA ASN C 1532 45.39 -105.55 -49.43
C ASN C 1532 44.24 -106.56 -49.44
N GLY C 1533 43.80 -106.99 -48.25
CA GLY C 1533 42.74 -107.98 -48.14
C GLY C 1533 43.18 -109.41 -48.35
N LYS C 1534 44.47 -109.66 -48.57
CA LYS C 1534 44.96 -111.01 -48.78
C LYS C 1534 45.72 -111.50 -47.56
N GLU C 1535 45.65 -112.80 -47.31
CA GLU C 1535 46.34 -113.39 -46.18
C GLU C 1535 47.85 -113.44 -46.42
N SER C 1536 48.59 -113.67 -45.34
CA SER C 1536 50.03 -113.83 -45.40
C SER C 1536 50.43 -115.10 -44.66
N ASN C 1537 51.59 -115.65 -45.04
CA ASN C 1537 52.03 -116.91 -44.45
C ASN C 1537 52.71 -116.71 -43.10
N THR C 1538 53.09 -115.49 -42.75
CA THR C 1538 53.77 -115.26 -41.49
C THR C 1538 52.77 -115.19 -40.33
N PHE C 1539 53.18 -115.72 -39.19
CA PHE C 1539 52.35 -115.69 -37.98
C PHE C 1539 53.26 -115.78 -36.77
N PHE C 1540 52.74 -115.35 -35.62
CA PHE C 1540 53.53 -115.35 -34.39
C PHE C 1540 52.70 -115.87 -33.23
N GLN C 1541 53.40 -116.48 -32.27
CA GLN C 1541 52.81 -117.05 -31.06
C GLN C 1541 53.56 -116.52 -29.86
N VAL C 1542 52.82 -116.09 -28.83
CA VAL C 1542 53.41 -115.48 -27.65
C VAL C 1542 52.84 -116.14 -26.39
N GLU C 1543 53.53 -115.91 -25.27
CA GLU C 1543 53.15 -116.47 -23.98
C GLU C 1543 52.15 -115.58 -23.27
N PRO C 1544 51.43 -116.10 -22.28
CA PRO C 1544 50.46 -115.28 -21.54
C PRO C 1544 51.14 -114.15 -20.78
N ASN C 1545 50.35 -113.12 -20.49
CA ASN C 1545 50.79 -111.96 -19.71
C ASN C 1545 51.88 -111.16 -20.42
N THR C 1546 51.68 -110.86 -21.69
CA THR C 1546 52.67 -110.12 -22.49
C THR C 1546 52.09 -108.77 -22.90
N LYS C 1547 52.96 -107.76 -22.94
CA LYS C 1547 52.59 -106.41 -23.37
C LYS C 1547 53.16 -106.16 -24.75
N LEU C 1548 52.37 -105.53 -25.62
CA LEU C 1548 52.78 -105.22 -26.98
C LEU C 1548 52.38 -103.79 -27.34
N PHE C 1549 53.25 -103.13 -28.10
CA PHE C 1549 53.05 -101.78 -28.61
C PHE C 1549 53.05 -101.79 -30.14
N PRO C 1550 52.05 -101.18 -30.78
CA PRO C 1550 52.11 -101.00 -32.23
C PRO C 1550 53.28 -100.11 -32.61
N ALA C 1551 53.97 -100.48 -33.69
CA ALA C 1551 55.20 -99.81 -34.05
C ALA C 1551 55.45 -99.90 -35.55
N VAL C 1552 56.13 -98.88 -36.07
CA VAL C 1552 56.50 -98.79 -37.48
C VAL C 1552 57.92 -98.26 -37.56
N PHE C 1553 58.75 -98.90 -38.39
CA PHE C 1553 60.09 -98.43 -38.70
C PHE C 1553 60.12 -98.02 -40.15
N VAL C 1554 60.61 -96.81 -40.43
CA VAL C 1554 60.47 -96.23 -41.75
C VAL C 1554 61.74 -95.49 -42.14
N LEU C 1555 61.91 -95.26 -43.44
CA LEU C 1555 62.94 -94.39 -43.98
C LEU C 1555 62.29 -93.47 -45.01
N PRO C 1556 62.15 -92.18 -44.74
CA PRO C 1556 61.36 -91.31 -45.61
C PRO C 1556 61.96 -91.19 -47.00
N THR C 1557 61.09 -91.21 -48.01
CA THR C 1557 61.46 -90.98 -49.40
C THR C 1557 60.48 -90.06 -50.12
N HIS C 1558 59.55 -89.45 -49.39
CA HIS C 1558 58.51 -88.63 -50.02
C HIS C 1558 57.96 -87.66 -48.98
N GLN C 1559 57.20 -86.67 -49.46
CA GLN C 1559 56.63 -85.67 -48.57
C GLN C 1559 55.66 -86.31 -47.57
N ASN C 1560 54.81 -87.22 -48.03
CA ASN C 1560 53.85 -87.92 -47.17
C ASN C 1560 54.35 -89.34 -46.98
N VAL C 1561 54.42 -89.79 -45.72
CA VAL C 1561 55.09 -91.05 -45.44
C VAL C 1561 54.12 -92.16 -45.00
N ILE C 1562 53.45 -92.01 -43.85
CA ILE C 1562 52.65 -93.09 -43.28
C ILE C 1562 51.48 -92.54 -42.48
N GLN C 1563 50.50 -93.42 -42.25
CA GLN C 1563 49.30 -93.10 -41.49
C GLN C 1563 48.88 -94.31 -40.66
N PHE C 1564 48.74 -94.11 -39.36
CA PHE C 1564 48.17 -95.11 -38.45
C PHE C 1564 46.66 -95.03 -38.55
N GLU C 1565 46.01 -96.18 -38.75
CA GLU C 1565 44.55 -96.25 -38.86
C GLU C 1565 44.01 -97.19 -37.79
N LEU C 1566 43.20 -96.62 -36.90
CA LEU C 1566 42.53 -97.35 -35.82
C LEU C 1566 41.14 -97.81 -36.25
N GLY C 1567 41.08 -98.55 -37.36
CA GLY C 1567 39.82 -98.94 -37.95
C GLY C 1567 39.19 -100.13 -37.27
N LYS C 1568 38.37 -100.84 -38.05
CA LYS C 1568 37.63 -101.98 -37.52
C LYS C 1568 37.15 -102.83 -38.70
N GLN C 1569 37.22 -104.15 -38.53
CA GLN C 1569 36.76 -105.10 -39.52
C GLN C 1569 35.45 -105.72 -39.05
N LYS C 1570 34.87 -106.57 -39.91
CA LYS C 1570 33.63 -107.24 -39.56
C LYS C 1570 33.85 -108.25 -38.44
N ASN C 1571 33.00 -108.20 -37.42
CA ASN C 1571 33.03 -109.08 -36.26
C ASN C 1571 34.34 -109.00 -35.49
N ILE C 1572 35.07 -107.89 -35.59
CA ILE C 1572 36.33 -107.69 -34.89
C ILE C 1572 36.30 -106.30 -34.27
N MET C 1573 36.62 -106.23 -32.96
CA MET C 1573 36.57 -104.97 -32.24
C MET C 1573 37.79 -104.11 -32.56
N PRO C 1574 37.68 -102.79 -32.44
CA PRO C 1574 38.83 -101.93 -32.69
C PRO C 1574 39.82 -101.96 -31.53
N LEU C 1575 40.92 -101.23 -31.72
CA LEU C 1575 41.99 -101.21 -30.71
C LEU C 1575 41.55 -100.52 -29.43
N SER C 1576 40.68 -99.51 -29.53
CA SER C 1576 40.28 -98.76 -28.35
C SER C 1576 39.57 -99.65 -27.33
N ALA C 1577 38.92 -100.72 -27.79
CA ALA C 1577 38.24 -101.62 -26.86
C ALA C 1577 39.21 -102.47 -26.04
N ALA C 1578 40.49 -102.48 -26.41
CA ALA C 1578 41.47 -103.26 -25.68
C ALA C 1578 42.34 -102.41 -24.75
N MET C 1579 42.47 -101.12 -25.03
CA MET C 1579 43.35 -100.27 -24.25
C MET C 1579 42.66 -99.73 -23.01
N PHE C 1580 41.38 -99.37 -23.11
CA PHE C 1580 40.66 -98.70 -22.05
C PHE C 1580 39.60 -99.63 -21.49
N LEU C 1581 39.52 -99.69 -20.16
CA LEU C 1581 38.60 -100.61 -19.50
C LEU C 1581 37.14 -100.19 -19.69
N SER C 1582 36.85 -98.89 -19.67
CA SER C 1582 35.47 -98.44 -19.78
C SER C 1582 34.89 -98.70 -21.17
N GLU C 1583 35.74 -98.86 -22.18
CA GLU C 1583 35.30 -99.13 -23.54
C GLU C 1583 35.41 -100.60 -23.92
N ARG C 1584 35.34 -101.51 -22.94
CA ARG C 1584 35.54 -102.92 -23.23
C ARG C 1584 34.47 -103.48 -24.15
N LYS C 1585 33.25 -102.94 -24.08
CA LYS C 1585 32.13 -103.45 -24.88
C LYS C 1585 31.62 -102.43 -25.88
N ASN C 1586 32.41 -101.41 -26.22
CA ASN C 1586 31.98 -100.38 -27.16
C ASN C 1586 32.61 -100.65 -28.52
N PRO C 1587 31.84 -101.02 -29.54
CA PRO C 1587 32.42 -101.29 -30.86
C PRO C 1587 32.66 -100.06 -31.71
N ALA C 1588 32.55 -98.86 -31.16
CA ALA C 1588 32.79 -97.66 -31.95
C ALA C 1588 34.24 -97.21 -31.80
N PRO C 1589 35.00 -97.14 -32.89
CA PRO C 1589 36.40 -96.71 -32.79
C PRO C 1589 36.51 -95.25 -32.37
N GLN C 1590 37.57 -94.96 -31.62
CA GLN C 1590 37.83 -93.61 -31.13
C GLN C 1590 39.29 -93.47 -30.78
N CYS C 1591 39.74 -92.22 -30.65
CA CYS C 1591 41.14 -91.91 -30.34
C CYS C 1591 41.19 -90.87 -29.23
N PRO C 1592 41.25 -91.32 -27.98
CA PRO C 1592 41.30 -90.37 -26.85
C PRO C 1592 42.60 -89.61 -26.84
N PRO C 1593 42.65 -88.47 -26.12
CA PRO C 1593 43.86 -87.64 -26.13
C PRO C 1593 45.10 -88.32 -25.56
N ARG C 1594 44.94 -89.35 -24.73
CA ARG C 1594 46.10 -89.99 -24.13
C ARG C 1594 46.91 -90.81 -25.14
N LEU C 1595 46.32 -91.12 -26.30
CA LEU C 1595 46.98 -91.93 -27.32
C LEU C 1595 47.71 -91.00 -28.28
N GLU C 1596 49.04 -91.12 -28.34
CA GLU C 1596 49.85 -90.26 -29.19
C GLU C 1596 51.07 -91.05 -29.66
N MET C 1597 51.72 -90.51 -30.68
CA MET C 1597 52.85 -91.17 -31.34
C MET C 1597 54.15 -90.78 -30.65
N GLN C 1598 55.07 -91.73 -30.55
CA GLN C 1598 56.37 -91.50 -29.92
C GLN C 1598 57.48 -92.01 -30.84
N MET C 1599 58.66 -91.41 -30.72
CA MET C 1599 59.81 -91.78 -31.53
C MET C 1599 60.99 -92.11 -30.61
N LEU C 1600 61.93 -92.88 -31.15
CA LEU C 1600 63.09 -93.30 -30.37
C LEU C 1600 64.15 -92.19 -30.35
N MET C 1601 64.77 -91.98 -29.16
CA MET C 1601 65.82 -91.03 -28.84
C MET C 1601 67.09 -91.76 -28.38
N PRO C 1602 68.27 -91.25 -28.74
CA PRO C 1602 69.51 -91.98 -28.45
C PRO C 1602 70.03 -91.82 -27.02
N VAL C 1603 69.95 -90.63 -26.44
CA VAL C 1603 70.58 -90.35 -25.15
C VAL C 1603 69.61 -89.57 -24.27
N SER C 1604 69.92 -89.53 -22.98
CA SER C 1604 69.11 -88.79 -22.01
C SER C 1604 70.00 -88.39 -20.83
N TRP C 1605 69.38 -87.84 -19.79
CA TRP C 1605 70.07 -87.46 -18.57
C TRP C 1605 69.77 -88.46 -17.47
N SER C 1606 70.73 -88.66 -16.58
CA SER C 1606 70.55 -89.59 -15.47
C SER C 1606 71.28 -89.07 -14.23
N ARG C 1607 70.79 -89.49 -13.06
CA ARG C 1607 71.35 -89.03 -11.79
C ARG C 1607 72.35 -90.04 -11.26
N MET C 1608 73.47 -89.53 -10.76
CA MET C 1608 74.50 -90.38 -10.18
C MET C 1608 74.19 -90.68 -8.73
N PRO C 1609 74.30 -91.94 -8.28
CA PRO C 1609 74.03 -92.25 -6.88
C PRO C 1609 75.07 -91.62 -5.96
N ASN C 1610 74.73 -91.57 -4.67
CA ASN C 1610 75.62 -90.96 -3.70
C ASN C 1610 76.63 -91.97 -3.15
N HIS C 1611 76.24 -93.24 -3.06
CA HIS C 1611 77.12 -94.28 -2.54
C HIS C 1611 77.13 -95.46 -3.49
N PHE C 1612 78.22 -96.23 -3.45
CA PHE C 1612 78.41 -97.37 -4.33
C PHE C 1612 78.89 -98.56 -3.53
N LEU C 1613 78.66 -99.75 -4.08
CA LEU C 1613 79.05 -100.99 -3.41
C LEU C 1613 80.58 -101.12 -3.38
N ARG C 1614 81.10 -101.68 -2.30
CA ARG C 1614 82.52 -101.97 -2.19
C ARG C 1614 82.76 -103.44 -2.50
N VAL C 1615 83.54 -103.70 -3.54
CA VAL C 1615 83.86 -105.06 -3.96
C VAL C 1615 85.37 -105.21 -4.02
N GLU C 1616 85.89 -106.29 -3.44
CA GLU C 1616 87.32 -106.53 -3.37
C GLU C 1616 87.66 -107.77 -4.17
N THR C 1617 88.68 -107.67 -5.02
CA THR C 1617 89.13 -108.77 -5.85
C THR C 1617 90.62 -108.98 -5.65
N ARG C 1618 91.05 -110.24 -5.65
CA ARG C 1618 92.46 -110.58 -5.50
C ARG C 1618 92.66 -111.99 -6.04
N ARG C 1619 93.92 -112.32 -6.32
CA ARG C 1619 94.27 -113.67 -6.73
C ARG C 1619 94.31 -114.56 -5.50
N ALA C 1620 93.27 -115.38 -5.32
CA ALA C 1620 93.21 -116.24 -4.14
C ALA C 1620 94.38 -117.21 -4.09
N GLY C 1621 94.74 -117.79 -5.22
CA GLY C 1621 95.90 -118.66 -5.24
C GLY C 1621 96.04 -119.39 -6.54
N GLU C 1622 97.19 -120.07 -6.68
CA GLU C 1622 97.45 -120.87 -7.86
C GLU C 1622 96.50 -122.05 -7.96
N ARG C 1623 96.15 -122.66 -6.82
CA ARG C 1623 95.17 -123.74 -6.79
C ARG C 1623 93.76 -123.23 -6.52
N LEU C 1624 93.63 -122.19 -5.69
CA LEU C 1624 92.32 -121.71 -5.30
C LEU C 1624 91.63 -120.91 -6.39
N GLY C 1625 92.40 -120.26 -7.26
CA GLY C 1625 91.81 -119.46 -8.33
C GLY C 1625 91.73 -117.99 -7.96
N TRP C 1626 90.69 -117.30 -8.43
CA TRP C 1626 90.49 -115.88 -8.16
C TRP C 1626 89.29 -115.70 -7.24
N ALA C 1627 89.31 -114.66 -6.42
CA ALA C 1627 88.30 -114.46 -5.38
C ALA C 1627 87.55 -113.15 -5.57
N VAL C 1628 86.24 -113.18 -5.31
CA VAL C 1628 85.36 -112.02 -5.32
C VAL C 1628 84.52 -112.04 -4.05
N GLN C 1629 84.34 -110.88 -3.43
CA GLN C 1629 83.70 -110.80 -2.12
C GLN C 1629 82.97 -109.46 -1.98
N CYS C 1630 81.76 -109.51 -1.41
CA CYS C 1630 80.97 -108.31 -1.12
C CYS C 1630 80.25 -108.48 0.20
N GLN C 1631 80.26 -107.42 1.02
CA GLN C 1631 79.76 -107.54 2.39
C GLN C 1631 78.74 -106.49 2.80
N GLU C 1632 78.91 -105.22 2.37
CA GLU C 1632 78.12 -104.14 2.94
C GLU C 1632 76.86 -103.91 2.12
N PRO C 1633 75.69 -103.92 2.75
CA PRO C 1633 74.43 -103.74 2.01
C PRO C 1633 74.13 -102.28 1.68
N LEU C 1634 73.39 -102.10 0.59
CA LEU C 1634 72.90 -100.79 0.19
C LEU C 1634 71.48 -100.93 -0.32
N THR C 1635 70.67 -99.88 -0.13
CA THR C 1635 69.27 -99.91 -0.48
C THR C 1635 68.87 -98.57 -1.10
N MET C 1636 67.88 -98.61 -1.98
CA MET C 1636 67.35 -97.39 -2.59
C MET C 1636 65.84 -97.48 -2.70
N MET C 1637 65.21 -96.31 -2.82
CA MET C 1637 63.76 -96.21 -2.96
C MET C 1637 63.44 -96.00 -4.44
N ALA C 1638 62.65 -96.91 -5.00
CA ALA C 1638 62.37 -96.94 -6.43
C ALA C 1638 60.93 -96.57 -6.72
N LEU C 1639 60.74 -95.76 -7.75
CA LEU C 1639 59.44 -95.36 -8.26
C LEU C 1639 59.18 -96.09 -9.57
N HIS C 1640 58.01 -96.70 -9.69
CA HIS C 1640 57.68 -97.59 -10.79
C HIS C 1640 56.52 -97.05 -11.60
N ILE C 1641 56.72 -96.95 -12.91
CA ILE C 1641 55.68 -96.59 -13.87
C ILE C 1641 55.11 -97.88 -14.45
N PRO C 1642 53.82 -98.17 -14.25
CA PRO C 1642 53.30 -99.50 -14.60
C PRO C 1642 53.11 -99.73 -16.09
N GLU C 1643 52.55 -98.76 -16.83
CA GLU C 1643 52.20 -99.03 -18.21
C GLU C 1643 53.42 -99.24 -19.08
N GLU C 1644 54.52 -98.56 -18.76
CA GLU C 1644 55.78 -98.77 -19.45
C GLU C 1644 56.62 -99.87 -18.82
N ASN C 1645 56.17 -100.42 -17.70
CA ASN C 1645 56.90 -101.46 -16.97
C ASN C 1645 58.32 -101.02 -16.66
N ARG C 1646 58.44 -99.82 -16.08
CA ARG C 1646 59.74 -99.21 -15.91
C ARG C 1646 59.93 -98.72 -14.48
N CYS C 1647 61.19 -98.54 -14.09
CA CYS C 1647 61.54 -98.11 -12.75
C CYS C 1647 62.60 -97.02 -12.81
N MET C 1648 62.64 -96.18 -11.78
CA MET C 1648 63.59 -95.08 -11.68
C MET C 1648 63.81 -94.74 -10.22
N ASP C 1649 64.85 -93.95 -9.96
CA ASP C 1649 65.09 -93.47 -8.60
C ASP C 1649 64.13 -92.34 -8.29
N ILE C 1650 63.60 -92.34 -7.06
CA ILE C 1650 62.62 -91.31 -6.67
C ILE C 1650 63.26 -89.93 -6.58
N LEU C 1651 64.54 -89.86 -6.20
CA LEU C 1651 65.22 -88.57 -6.10
C LEU C 1651 65.29 -87.86 -7.45
N GLU C 1652 65.15 -88.60 -8.56
CA GLU C 1652 65.13 -87.97 -9.87
C GLU C 1652 63.95 -87.04 -10.03
N LEU C 1653 62.95 -87.13 -9.15
CA LEU C 1653 61.87 -86.15 -9.17
C LEU C 1653 62.33 -84.75 -8.77
N SER C 1654 63.61 -84.56 -8.48
CA SER C 1654 64.12 -83.22 -8.22
C SER C 1654 64.10 -82.36 -9.47
N GLU C 1655 64.10 -82.98 -10.66
CA GLU C 1655 64.11 -82.26 -11.91
C GLU C 1655 62.91 -82.57 -12.80
N ARG C 1656 62.09 -83.55 -12.44
CA ARG C 1656 60.89 -83.89 -13.21
C ARG C 1656 59.69 -83.36 -12.43
N LEU C 1657 59.29 -82.14 -12.77
CA LEU C 1657 58.33 -81.41 -11.94
C LEU C 1657 56.91 -81.95 -12.06
N ASP C 1658 56.51 -82.38 -13.25
CA ASP C 1658 55.15 -82.89 -13.43
C ASP C 1658 54.90 -84.13 -12.60
N LEU C 1659 55.83 -85.09 -12.62
CA LEU C 1659 55.70 -86.29 -11.82
C LEU C 1659 55.70 -85.95 -10.32
N GLN C 1660 56.53 -84.98 -9.93
CA GLN C 1660 56.58 -84.56 -8.53
C GLN C 1660 55.22 -84.00 -8.09
N GLN C 1661 54.63 -83.14 -8.90
CA GLN C 1661 53.32 -82.58 -8.58
C GLN C 1661 52.26 -83.67 -8.49
N PHE C 1662 52.27 -84.59 -9.45
CA PHE C 1662 51.28 -85.67 -9.45
C PHE C 1662 51.43 -86.54 -8.21
N HIS C 1663 52.67 -86.87 -7.84
CA HIS C 1663 52.88 -87.73 -6.68
C HIS C 1663 52.51 -87.02 -5.37
N SER C 1664 52.80 -85.72 -5.28
CA SER C 1664 52.40 -84.98 -4.08
C SER C 1664 50.88 -84.94 -3.94
N HIS C 1665 50.17 -84.72 -5.05
CA HIS C 1665 48.71 -84.74 -4.97
C HIS C 1665 48.19 -86.14 -4.70
N THR C 1666 48.89 -87.17 -5.16
CA THR C 1666 48.51 -88.54 -4.82
C THR C 1666 48.64 -88.80 -3.33
N LEU C 1667 49.72 -88.32 -2.71
CA LEU C 1667 49.84 -88.43 -1.26
C LEU C 1667 48.75 -87.66 -0.54
N ARG C 1668 48.39 -86.48 -1.06
CA ARG C 1668 47.29 -85.72 -0.48
C ARG C 1668 45.98 -86.51 -0.54
N LEU C 1669 45.73 -87.18 -1.66
CA LEU C 1669 44.53 -88.02 -1.77
C LEU C 1669 44.59 -89.19 -0.79
N TYR C 1670 45.76 -89.81 -0.64
CA TYR C 1670 45.92 -90.87 0.34
C TYR C 1670 45.52 -90.38 1.73
N ARG C 1671 45.98 -89.18 2.11
CA ARG C 1671 45.56 -88.62 3.40
C ARG C 1671 44.07 -88.34 3.44
N ALA C 1672 43.52 -87.86 2.33
CA ALA C 1672 42.11 -87.47 2.31
C ALA C 1672 41.19 -88.67 2.53
N VAL C 1673 41.50 -89.81 1.90
CA VAL C 1673 40.59 -90.96 2.02
C VAL C 1673 40.67 -91.63 3.38
N CYS C 1674 41.56 -91.18 4.26
CA CYS C 1674 41.71 -91.79 5.57
C CYS C 1674 41.25 -90.88 6.71
N ALA C 1675 40.70 -89.71 6.40
CA ALA C 1675 40.46 -88.70 7.42
C ALA C 1675 39.30 -89.08 8.34
N LEU C 1676 39.43 -88.69 9.61
CA LEU C 1676 38.33 -88.72 10.57
C LEU C 1676 37.80 -90.14 10.81
N GLY C 1677 38.68 -91.00 11.31
CA GLY C 1677 38.27 -92.31 11.79
C GLY C 1677 38.14 -93.40 10.76
N ASN C 1678 38.73 -93.24 9.57
CA ASN C 1678 38.75 -94.31 8.58
C ASN C 1678 39.84 -95.32 8.91
N ASN C 1679 39.55 -96.14 9.92
CA ASN C 1679 40.53 -97.12 10.40
C ASN C 1679 40.65 -98.30 9.45
N ARG C 1680 39.54 -98.76 8.88
CA ARG C 1680 39.60 -99.83 7.89
C ARG C 1680 40.37 -99.40 6.65
N VAL C 1681 40.14 -98.16 6.19
CA VAL C 1681 40.89 -97.66 5.06
C VAL C 1681 42.37 -97.47 5.41
N ALA C 1682 42.67 -97.12 6.66
CA ALA C 1682 44.06 -97.07 7.09
C ALA C 1682 44.71 -98.45 7.03
N HIS C 1683 43.99 -99.47 7.49
CA HIS C 1683 44.52 -100.83 7.40
C HIS C 1683 44.75 -101.24 5.95
N ALA C 1684 43.83 -100.87 5.06
CA ALA C 1684 44.03 -101.15 3.64
C ALA C 1684 45.23 -100.40 3.09
N LEU C 1685 45.41 -99.14 3.49
CA LEU C 1685 46.52 -98.32 2.99
C LEU C 1685 47.86 -98.84 3.49
N CYS C 1686 47.87 -99.52 4.64
CA CYS C 1686 49.12 -100.03 5.19
C CYS C 1686 49.82 -101.03 4.26
N SER C 1687 49.18 -101.45 3.17
CA SER C 1687 49.79 -102.34 2.20
C SER C 1687 50.36 -101.63 0.98
N HIS C 1688 50.01 -100.37 0.77
CA HIS C 1688 50.56 -99.62 -0.35
C HIS C 1688 51.79 -98.82 0.03
N VAL C 1689 51.83 -98.30 1.26
CA VAL C 1689 53.00 -97.61 1.80
C VAL C 1689 53.31 -98.29 3.13
N ASP C 1690 54.25 -99.23 3.10
CA ASP C 1690 54.52 -100.04 4.28
C ASP C 1690 55.42 -99.30 5.27
N GLN C 1691 55.71 -99.97 6.39
CA GLN C 1691 56.42 -99.34 7.49
C GLN C 1691 57.86 -98.98 7.12
N ALA C 1692 58.54 -99.87 6.39
CA ALA C 1692 59.93 -99.63 6.05
C ALA C 1692 60.09 -98.40 5.17
N GLN C 1693 59.18 -98.20 4.23
CA GLN C 1693 59.24 -97.03 3.36
C GLN C 1693 59.12 -95.74 4.16
N LEU C 1694 58.17 -95.70 5.11
CA LEU C 1694 57.99 -94.50 5.93
C LEU C 1694 59.22 -94.24 6.80
N LEU C 1695 59.74 -95.29 7.44
CA LEU C 1695 60.90 -95.10 8.30
C LEU C 1695 62.14 -94.71 7.50
N HIS C 1696 62.25 -95.18 6.26
CA HIS C 1696 63.36 -94.76 5.40
C HIS C 1696 63.20 -93.31 4.95
N ALA C 1697 61.96 -92.92 4.59
CA ALA C 1697 61.74 -91.57 4.10
C ALA C 1697 61.82 -90.52 5.20
N LEU C 1698 61.65 -90.92 6.46
CA LEU C 1698 61.82 -89.96 7.55
C LEU C 1698 63.24 -89.43 7.64
N GLU C 1699 64.23 -90.23 7.23
CA GLU C 1699 65.63 -89.85 7.40
C GLU C 1699 66.32 -89.41 6.12
N ASP C 1700 65.66 -89.50 4.97
CA ASP C 1700 66.32 -89.16 3.72
C ASP C 1700 66.53 -87.65 3.62
N ALA C 1701 67.78 -87.26 3.42
CA ALA C 1701 68.15 -85.84 3.40
C ALA C 1701 68.11 -85.23 2.00
N HIS C 1702 67.88 -86.02 0.96
CA HIS C 1702 67.90 -85.51 -0.41
C HIS C 1702 66.50 -85.42 -1.03
N LEU C 1703 65.46 -85.72 -0.27
CA LEU C 1703 64.10 -85.66 -0.82
C LEU C 1703 63.70 -84.22 -1.10
N PRO C 1704 62.91 -83.98 -2.15
CA PRO C 1704 62.32 -82.65 -2.33
C PRO C 1704 61.37 -82.33 -1.18
N GLY C 1705 61.23 -81.04 -0.89
CA GLY C 1705 60.45 -80.57 0.24
C GLY C 1705 59.01 -81.04 0.28
N PRO C 1706 58.27 -80.87 -0.83
CA PRO C 1706 56.87 -81.34 -0.83
C PRO C 1706 56.72 -82.80 -0.51
N LEU C 1707 57.60 -83.66 -1.03
CA LEU C 1707 57.51 -85.09 -0.73
C LEU C 1707 57.83 -85.38 0.73
N ARG C 1708 58.82 -84.68 1.28
CA ARG C 1708 59.16 -84.83 2.69
C ARG C 1708 57.96 -84.48 3.59
N ALA C 1709 57.36 -83.32 3.35
CA ALA C 1709 56.19 -82.92 4.12
C ALA C 1709 55.04 -83.89 3.94
N GLY C 1710 54.81 -84.34 2.69
CA GLY C 1710 53.73 -85.26 2.43
C GLY C 1710 53.91 -86.59 3.15
N TYR C 1711 55.14 -87.10 3.18
CA TYR C 1711 55.38 -88.38 3.86
C TYR C 1711 55.26 -88.25 5.36
N TYR C 1712 55.75 -87.15 5.93
CA TYR C 1712 55.55 -86.93 7.37
C TYR C 1712 54.06 -86.86 7.71
N ASP C 1713 53.29 -86.10 6.92
CA ASP C 1713 51.86 -85.98 7.16
C ASP C 1713 51.16 -87.31 6.97
N LEU C 1714 51.58 -88.10 5.98
CA LEU C 1714 50.97 -89.41 5.76
C LEU C 1714 51.21 -90.34 6.94
N LEU C 1715 52.43 -90.36 7.48
CA LEU C 1715 52.71 -91.16 8.66
C LEU C 1715 51.81 -90.74 9.81
N ILE C 1716 51.74 -89.43 10.07
CA ILE C 1716 50.94 -88.93 11.18
C ILE C 1716 49.48 -89.31 11.00
N SER C 1717 48.94 -89.12 9.79
CA SER C 1717 47.53 -89.37 9.55
C SER C 1717 47.20 -90.85 9.62
N ILE C 1718 48.09 -91.72 9.13
CA ILE C 1718 47.81 -93.15 9.13
C ILE C 1718 47.86 -93.70 10.55
N HIS C 1719 48.88 -93.32 11.33
CA HIS C 1719 49.14 -94.05 12.57
C HIS C 1719 48.74 -93.33 13.84
N LEU C 1720 48.79 -91.99 13.89
CA LEU C 1720 48.76 -91.30 15.17
C LEU C 1720 47.61 -90.33 15.36
N GLU C 1721 46.74 -90.15 14.37
CA GLU C 1721 45.77 -89.04 14.45
C GLU C 1721 44.66 -89.32 15.46
N SER C 1722 44.07 -90.52 15.43
CA SER C 1722 42.86 -90.77 16.22
C SER C 1722 43.16 -90.80 17.71
N ALA C 1723 44.21 -91.50 18.13
CA ALA C 1723 44.55 -91.57 19.54
C ALA C 1723 44.90 -90.19 20.08
N CYS C 1724 45.64 -89.41 19.30
CA CYS C 1724 45.96 -88.04 19.72
C CYS C 1724 44.70 -87.20 19.85
N ARG C 1725 43.76 -87.34 18.91
CA ARG C 1725 42.52 -86.59 19.01
C ARG C 1725 41.75 -86.95 20.27
N SER C 1726 41.64 -88.25 20.57
CA SER C 1726 40.91 -88.67 21.76
C SER C 1726 41.59 -88.15 23.04
N ARG C 1727 42.91 -88.34 23.14
CA ARG C 1727 43.63 -87.91 24.33
C ARG C 1727 43.51 -86.40 24.52
N ARG C 1728 43.62 -85.64 23.43
CA ARG C 1728 43.46 -84.19 23.52
C ARG C 1728 42.04 -83.83 23.94
N SER C 1729 41.04 -84.54 23.40
CA SER C 1729 39.66 -84.27 23.80
C SER C 1729 39.41 -84.55 25.27
N MET C 1730 40.16 -85.47 25.87
CA MET C 1730 40.01 -85.75 27.30
C MET C 1730 41.20 -85.27 28.13
N LEU C 1731 41.74 -84.09 27.83
CA LEU C 1731 42.81 -83.50 28.64
C LEU C 1731 42.35 -82.32 29.47
N SER C 1732 41.09 -81.92 29.37
CA SER C 1732 40.62 -80.72 30.07
C SER C 1732 40.10 -81.02 31.47
N GLU C 1733 40.17 -82.26 31.93
CA GLU C 1733 39.63 -82.65 33.22
C GLU C 1733 40.69 -83.36 34.06
N TYR C 1734 40.68 -83.09 35.37
CA TYR C 1734 41.62 -83.67 36.31
C TYR C 1734 40.84 -84.53 37.30
N ILE C 1735 41.20 -85.81 37.37
CA ILE C 1735 40.66 -86.74 38.36
C ILE C 1735 41.84 -87.37 39.08
N VAL C 1736 41.90 -87.18 40.39
CA VAL C 1736 43.03 -87.63 41.21
C VAL C 1736 42.54 -88.71 42.16
N PRO C 1737 43.13 -89.90 42.15
CA PRO C 1737 42.77 -90.92 43.14
C PRO C 1737 43.58 -90.75 44.42
N LEU C 1738 42.92 -91.02 45.55
CA LEU C 1738 43.57 -90.89 46.86
C LEU C 1738 44.42 -92.14 47.10
N THR C 1739 45.69 -92.04 46.78
CA THR C 1739 46.63 -93.16 46.85
C THR C 1739 47.88 -92.70 47.57
N PRO C 1740 48.67 -93.64 48.10
CA PRO C 1740 49.95 -93.25 48.72
C PRO C 1740 50.86 -92.48 47.78
N GLU C 1741 50.81 -92.77 46.47
CA GLU C 1741 51.61 -92.02 45.52
C GLU C 1741 51.19 -90.56 45.48
N THR C 1742 49.89 -90.29 45.64
CA THR C 1742 49.41 -88.92 45.61
C THR C 1742 49.92 -88.12 46.81
N ARG C 1743 50.02 -88.76 47.96
CA ARG C 1743 50.39 -88.05 49.20
C ARG C 1743 51.79 -87.46 49.11
N ALA C 1744 52.68 -88.06 48.32
CA ALA C 1744 54.08 -87.64 48.30
C ALA C 1744 54.30 -86.42 47.40
N ILE C 1745 53.28 -85.96 46.68
CA ILE C 1745 53.47 -84.86 45.74
C ILE C 1745 53.62 -83.56 46.51
N THR C 1746 54.63 -82.77 46.15
CA THR C 1746 54.87 -81.47 46.75
C THR C 1746 55.15 -80.45 45.66
N LEU C 1747 54.90 -79.18 45.96
CA LEU C 1747 55.08 -78.12 44.98
C LEU C 1747 56.54 -77.99 44.56
N PHE C 1748 57.46 -78.06 45.51
CA PHE C 1748 58.87 -77.88 45.23
C PHE C 1748 59.64 -79.17 45.48
N PRO C 1749 60.78 -79.37 44.81
CA PRO C 1749 61.60 -80.54 45.11
C PRO C 1749 62.06 -80.53 46.53
N PRO C 1750 62.24 -81.71 47.15
CA PRO C 1750 62.48 -81.76 48.60
C PRO C 1750 63.75 -81.09 49.06
N GLY C 1751 64.75 -80.91 48.20
CA GLY C 1751 66.02 -80.36 48.61
C GLY C 1751 65.87 -78.96 49.17
N LYS C 1752 66.32 -78.74 50.41
CA LYS C 1752 66.26 -77.43 51.05
C LYS C 1752 67.62 -76.78 51.19
N ARG C 1753 68.66 -77.33 50.56
CA ARG C 1753 69.99 -76.77 50.70
C ARG C 1753 70.08 -75.36 50.10
N THR C 1754 69.30 -75.09 49.06
CA THR C 1754 69.25 -73.77 48.45
C THR C 1754 68.08 -73.00 49.07
N GLU C 1755 68.39 -71.91 49.76
CA GLU C 1755 67.38 -71.08 50.41
C GLU C 1755 67.25 -69.70 49.78
N ASN C 1756 67.78 -69.51 48.58
CA ASN C 1756 67.65 -68.24 47.89
C ASN C 1756 66.22 -68.04 47.40
N GLY C 1757 65.97 -66.86 46.84
CA GLY C 1757 64.67 -66.51 46.33
C GLY C 1757 64.06 -67.51 45.36
N PRO C 1758 64.74 -67.77 44.23
CA PRO C 1758 64.20 -68.73 43.27
C PRO C 1758 64.09 -70.15 43.80
N ARG C 1759 64.84 -70.51 44.83
CA ARG C 1759 64.91 -71.89 45.34
C ARG C 1759 65.27 -72.80 44.16
N ARG C 1760 64.61 -73.93 43.98
CA ARG C 1760 64.76 -74.77 42.79
C ARG C 1760 63.35 -75.04 42.27
N HIS C 1761 63.01 -74.41 41.14
CA HIS C 1761 61.65 -74.49 40.65
C HIS C 1761 61.31 -75.88 40.12
N GLY C 1762 62.26 -76.53 39.47
CA GLY C 1762 62.00 -77.83 38.88
C GLY C 1762 61.65 -77.73 37.41
N LEU C 1763 61.98 -78.77 36.67
CA LEU C 1763 61.75 -78.77 35.23
C LEU C 1763 60.29 -79.07 34.91
N PRO C 1764 59.68 -78.35 33.98
CA PRO C 1764 58.28 -78.63 33.61
C PRO C 1764 58.16 -80.00 32.95
N GLY C 1765 57.04 -80.67 33.25
CA GLY C 1765 56.75 -81.96 32.65
C GLY C 1765 57.56 -83.12 33.18
N VAL C 1766 58.35 -82.93 34.22
CA VAL C 1766 59.17 -83.98 34.80
C VAL C 1766 58.70 -84.22 36.24
N GLY C 1767 58.35 -85.46 36.53
CA GLY C 1767 57.87 -85.83 37.85
C GLY C 1767 56.76 -86.85 37.78
N VAL C 1768 56.08 -87.03 38.91
CA VAL C 1768 55.01 -88.01 39.01
C VAL C 1768 53.67 -87.32 38.85
N THR C 1769 52.81 -87.89 38.02
CA THR C 1769 51.43 -87.40 37.84
C THR C 1769 50.48 -88.57 38.00
N THR C 1770 49.32 -88.31 38.61
CA THR C 1770 48.36 -89.36 38.93
C THR C 1770 46.98 -89.14 38.32
N SER C 1771 46.79 -88.12 37.49
CA SER C 1771 45.49 -87.90 36.87
C SER C 1771 45.16 -89.06 35.94
N LEU C 1772 43.89 -89.46 35.94
CA LEU C 1772 43.47 -90.63 35.17
C LEU C 1772 43.37 -90.30 33.70
N ARG C 1773 43.95 -91.16 32.85
CA ARG C 1773 43.86 -91.05 31.41
C ARG C 1773 43.87 -92.46 30.85
N PRO C 1774 42.88 -92.84 30.04
CA PRO C 1774 42.83 -94.19 29.51
C PRO C 1774 43.98 -94.41 28.52
N PRO C 1775 44.42 -95.65 28.36
CA PRO C 1775 45.53 -95.94 27.46
C PRO C 1775 45.07 -95.98 26.01
N HIS C 1776 46.00 -96.34 25.13
CA HIS C 1776 45.77 -96.43 23.69
C HIS C 1776 45.61 -97.89 23.29
N HIS C 1777 44.92 -98.12 22.17
CA HIS C 1777 44.69 -99.45 21.64
C HIS C 1777 45.02 -99.47 20.15
N PHE C 1778 45.76 -100.50 19.73
CA PHE C 1778 46.17 -100.64 18.34
C PHE C 1778 46.04 -102.09 17.91
N SER C 1779 46.09 -102.31 16.60
CA SER C 1779 46.06 -103.63 16.01
C SER C 1779 47.18 -103.79 15.01
N ALA C 1780 47.66 -105.02 14.86
CA ALA C 1780 48.75 -105.31 13.94
C ALA C 1780 48.18 -105.62 12.55
N PRO C 1781 48.67 -104.97 11.50
CA PRO C 1781 48.16 -105.27 10.16
C PRO C 1781 48.55 -106.68 9.72
N CYS C 1782 47.65 -107.30 8.96
CA CYS C 1782 47.88 -108.64 8.44
C CYS C 1782 46.90 -108.88 7.29
N PHE C 1783 47.40 -109.37 6.17
CA PHE C 1783 46.58 -109.55 4.97
C PHE C 1783 46.43 -111.01 4.57
N VAL C 1784 46.66 -111.94 5.48
CA VAL C 1784 46.40 -113.36 5.25
C VAL C 1784 45.43 -113.92 6.28
N ALA C 1785 44.83 -113.08 7.11
CA ALA C 1785 43.87 -113.55 8.10
C ALA C 1785 42.59 -114.00 7.41
N ALA C 1786 41.90 -114.94 8.05
CA ALA C 1786 40.66 -115.47 7.49
C ALA C 1786 39.58 -114.39 7.47
N LEU C 1787 38.75 -114.45 6.44
CA LEU C 1787 37.66 -113.48 6.29
C LEU C 1787 36.65 -113.65 7.43
N PRO C 1788 36.13 -112.57 8.00
CA PRO C 1788 35.17 -112.71 9.10
C PRO C 1788 33.78 -113.06 8.57
N ALA C 1789 32.82 -113.09 9.49
CA ALA C 1789 31.43 -113.34 9.14
C ALA C 1789 30.93 -112.27 8.17
N VAL C 1790 30.60 -112.70 6.95
CA VAL C 1790 30.20 -111.76 5.90
C VAL C 1790 28.85 -111.15 6.25
N GLY C 1791 28.77 -109.82 6.21
CA GLY C 1791 27.53 -109.13 6.49
C GLY C 1791 27.13 -109.08 7.94
N ALA C 1792 28.01 -109.46 8.86
CA ALA C 1792 27.67 -109.49 10.27
C ALA C 1792 27.56 -108.07 10.82
N ALA C 1793 26.35 -107.68 11.22
CA ALA C 1793 26.14 -106.38 11.81
C ALA C 1793 26.68 -106.34 13.24
N GLU C 1794 26.82 -105.12 13.76
CA GLU C 1794 27.33 -104.88 15.12
C GLU C 1794 28.73 -105.44 15.29
N ALA C 1795 29.52 -105.45 14.22
CA ALA C 1795 30.90 -105.88 14.32
C ALA C 1795 31.69 -104.86 15.13
N PRO C 1796 32.72 -105.30 15.88
CA PRO C 1796 33.48 -104.36 16.71
C PRO C 1796 34.21 -103.32 15.87
N ALA C 1797 34.71 -102.29 16.55
CA ALA C 1797 35.44 -101.23 15.89
C ALA C 1797 36.73 -101.77 15.30
N ARG C 1798 37.24 -101.07 14.29
CA ARG C 1798 38.39 -101.56 13.53
C ARG C 1798 39.73 -101.26 14.23
N LEU C 1799 39.71 -100.53 15.33
CA LEU C 1799 40.92 -100.22 16.12
C LEU C 1799 41.84 -99.37 15.24
N SER C 1800 43.15 -99.62 15.21
CA SER C 1800 44.04 -98.77 14.45
C SER C 1800 45.32 -99.53 14.16
N PRO C 1801 46.01 -99.23 13.05
CA PRO C 1801 47.27 -99.93 12.76
C PRO C 1801 48.33 -99.63 13.80
N SER C 1802 49.25 -100.58 13.99
CA SER C 1802 50.28 -100.48 15.01
C SER C 1802 51.63 -100.15 14.41
N ILE C 1803 52.48 -99.55 15.23
CA ILE C 1803 53.85 -99.23 14.84
C ILE C 1803 54.72 -99.10 16.09
N PRO C 1804 55.94 -99.61 16.03
CA PRO C 1804 56.85 -99.48 17.19
C PRO C 1804 57.05 -98.02 17.59
N LEU C 1805 56.92 -97.76 18.88
CA LEU C 1805 56.90 -96.38 19.36
C LEU C 1805 58.25 -95.94 19.93
N GLU C 1806 58.96 -96.84 20.61
CA GLU C 1806 60.25 -96.47 21.20
C GLU C 1806 61.27 -96.12 20.12
N ALA C 1807 61.36 -96.95 19.07
CA ALA C 1807 62.24 -96.62 17.95
C ALA C 1807 61.82 -95.33 17.27
N LEU C 1808 60.50 -95.11 17.13
CA LEU C 1808 60.02 -93.90 16.50
C LEU C 1808 60.42 -92.66 17.29
N ARG C 1809 60.30 -92.71 18.62
CA ARG C 1809 60.64 -91.53 19.41
C ARG C 1809 62.15 -91.31 19.45
N ASP C 1810 62.94 -92.40 19.48
CA ASP C 1810 64.38 -92.24 19.41
C ASP C 1810 64.80 -91.61 18.08
N LYS C 1811 64.20 -92.08 16.98
CA LYS C 1811 64.48 -91.51 15.67
C LYS C 1811 64.08 -90.03 15.63
N ALA C 1812 62.92 -89.69 16.19
CA ALA C 1812 62.49 -88.30 16.19
C ALA C 1812 63.45 -87.40 16.96
N LEU C 1813 63.90 -87.87 18.13
CA LEU C 1813 64.86 -87.09 18.91
C LEU C 1813 66.16 -86.89 18.13
N ARG C 1814 66.65 -87.97 17.50
CA ARG C 1814 67.89 -87.87 16.74
C ARG C 1814 67.75 -86.90 15.57
N MET C 1815 66.63 -86.96 14.85
CA MET C 1815 66.42 -86.06 13.72
C MET C 1815 66.30 -84.62 14.17
N LEU C 1816 65.63 -84.37 15.29
CA LEU C 1816 65.52 -83.00 15.79
C LEU C 1816 66.88 -82.44 16.18
N GLY C 1817 67.70 -83.25 16.87
CA GLY C 1817 69.03 -82.81 17.20
C GLY C 1817 69.88 -82.53 15.97
N GLU C 1818 69.78 -83.40 14.98
CA GLU C 1818 70.51 -83.20 13.73
C GLU C 1818 70.07 -81.92 13.03
N ALA C 1819 68.77 -81.65 13.02
CA ALA C 1819 68.27 -80.43 12.39
C ALA C 1819 68.74 -79.19 13.12
N VAL C 1820 68.76 -79.24 14.45
CA VAL C 1820 69.25 -78.10 15.22
C VAL C 1820 70.72 -77.83 14.90
N ARG C 1821 71.53 -78.90 14.90
CA ARG C 1821 72.95 -78.73 14.56
C ARG C 1821 73.12 -78.18 13.15
N ASP C 1822 72.32 -78.69 12.21
CA ASP C 1822 72.43 -78.24 10.82
C ASP C 1822 72.08 -76.75 10.70
N GLY C 1823 71.02 -76.31 11.39
CA GLY C 1823 70.64 -74.93 11.35
C GLY C 1823 71.58 -74.00 12.10
N GLY C 1824 72.36 -74.54 13.05
CA GLY C 1824 73.29 -73.70 13.77
C GLY C 1824 74.47 -73.21 12.97
N GLN C 1825 74.80 -73.88 11.86
CA GLN C 1825 76.00 -73.56 11.09
C GLN C 1825 75.76 -72.66 9.90
N HIS C 1826 74.50 -72.26 9.65
CA HIS C 1826 74.15 -71.40 8.51
C HIS C 1826 74.62 -72.01 7.19
N ALA C 1827 74.24 -73.27 6.96
CA ALA C 1827 74.60 -73.94 5.72
C ALA C 1827 73.83 -73.34 4.54
N ARG C 1828 74.40 -73.48 3.35
CA ARG C 1828 73.77 -72.95 2.14
C ARG C 1828 72.83 -73.94 1.47
N ASP C 1829 72.74 -75.16 1.97
CA ASP C 1829 71.89 -76.20 1.39
C ASP C 1829 71.02 -76.82 2.49
N PRO C 1830 69.97 -76.12 2.91
CA PRO C 1830 69.08 -76.68 3.93
C PRO C 1830 68.33 -77.90 3.40
N VAL C 1831 68.01 -78.82 4.31
CA VAL C 1831 67.29 -80.02 3.93
C VAL C 1831 65.90 -79.63 3.46
N GLY C 1832 65.51 -80.12 2.28
CA GLY C 1832 64.25 -79.76 1.68
C GLY C 1832 64.25 -78.49 0.87
N GLY C 1833 65.38 -77.78 0.82
CA GLY C 1833 65.48 -76.57 0.03
C GLY C 1833 65.24 -75.28 0.77
N SER C 1834 64.71 -75.34 2.00
CA SER C 1834 64.45 -74.13 2.77
C SER C 1834 64.39 -74.49 4.24
N VAL C 1835 64.45 -73.45 5.09
CA VAL C 1835 64.40 -73.66 6.53
C VAL C 1835 63.04 -74.20 6.97
N GLU C 1836 61.95 -73.70 6.38
CA GLU C 1836 60.62 -74.14 6.74
C GLU C 1836 60.44 -75.63 6.48
N PHE C 1837 60.84 -76.08 5.29
CA PHE C 1837 60.76 -77.50 4.97
C PHE C 1837 61.68 -78.33 5.85
N GLN C 1838 62.77 -77.74 6.35
CA GLN C 1838 63.67 -78.46 7.24
C GLN C 1838 63.04 -78.65 8.62
N PHE C 1839 62.34 -77.63 9.11
CA PHE C 1839 61.98 -77.61 10.52
C PHE C 1839 60.54 -78.03 10.82
N VAL C 1840 59.57 -77.66 9.97
CA VAL C 1840 58.16 -77.83 10.33
C VAL C 1840 57.78 -79.28 10.58
N PRO C 1841 58.07 -80.24 9.69
CA PRO C 1841 57.61 -81.62 9.94
C PRO C 1841 58.15 -82.25 11.22
N VAL C 1842 59.41 -81.99 11.54
CA VAL C 1842 60.00 -82.58 12.73
C VAL C 1842 59.32 -82.02 13.99
N LEU C 1843 59.08 -80.72 14.02
CA LEU C 1843 58.38 -80.12 15.15
C LEU C 1843 56.96 -80.64 15.26
N LYS C 1844 56.27 -80.81 14.13
CA LYS C 1844 54.91 -81.37 14.18
C LYS C 1844 54.91 -82.77 14.77
N LEU C 1845 55.82 -83.63 14.31
CA LEU C 1845 55.89 -84.99 14.83
C LEU C 1845 56.24 -85.00 16.31
N VAL C 1846 57.19 -84.15 16.72
CA VAL C 1846 57.59 -84.10 18.12
C VAL C 1846 56.42 -83.63 18.99
N SER C 1847 55.68 -82.63 18.52
CA SER C 1847 54.53 -82.15 19.29
C SER C 1847 53.47 -83.23 19.42
N THR C 1848 53.19 -83.95 18.33
CA THR C 1848 52.21 -85.03 18.42
C THR C 1848 52.64 -86.11 19.41
N LEU C 1849 53.91 -86.51 19.34
CA LEU C 1849 54.40 -87.55 20.24
C LEU C 1849 54.39 -87.08 21.69
N LEU C 1850 54.68 -85.79 21.92
CA LEU C 1850 54.64 -85.24 23.27
C LEU C 1850 53.22 -85.24 23.82
N VAL C 1851 52.26 -84.79 23.00
CA VAL C 1851 50.87 -84.75 23.44
C VAL C 1851 50.36 -86.15 23.74
N MET C 1852 50.72 -87.13 22.91
CA MET C 1852 50.25 -88.49 23.14
C MET C 1852 50.86 -89.13 24.38
N GLY C 1853 51.92 -88.54 24.93
CA GLY C 1853 52.48 -89.05 26.17
C GLY C 1853 53.44 -90.21 26.02
N ILE C 1854 54.34 -90.15 25.07
CA ILE C 1854 55.26 -91.25 24.81
C ILE C 1854 56.61 -91.04 25.48
N PHE C 1855 57.10 -89.80 25.50
CA PHE C 1855 58.45 -89.53 25.97
C PHE C 1855 58.58 -89.73 27.48
N GLY C 1856 59.80 -90.05 27.90
CA GLY C 1856 60.12 -90.18 29.30
C GLY C 1856 60.82 -88.95 29.86
N ASP C 1857 61.34 -89.10 31.08
CA ASP C 1857 61.99 -87.98 31.76
C ASP C 1857 63.25 -87.54 31.03
N GLU C 1858 64.09 -88.49 30.62
CA GLU C 1858 65.34 -88.14 29.94
C GLU C 1858 65.06 -87.48 28.60
N ASP C 1859 64.07 -87.98 27.85
CA ASP C 1859 63.73 -87.38 26.57
C ASP C 1859 63.21 -85.96 26.74
N VAL C 1860 62.39 -85.74 27.77
CA VAL C 1860 61.89 -84.40 28.05
C VAL C 1860 63.03 -83.46 28.42
N LYS C 1861 63.99 -83.96 29.20
CA LYS C 1861 65.15 -83.15 29.54
C LYS C 1861 65.95 -82.79 28.29
N GLN C 1862 66.12 -83.75 27.38
CA GLN C 1862 66.86 -83.47 26.14
C GLN C 1862 66.13 -82.43 25.30
N ILE C 1863 64.80 -82.54 25.20
CA ILE C 1863 64.03 -81.57 24.43
C ILE C 1863 64.14 -80.19 25.05
N LEU C 1864 64.04 -80.12 26.38
CA LEU C 1864 64.15 -78.83 27.06
C LEU C 1864 65.52 -78.22 26.86
N LYS C 1865 66.58 -79.03 26.93
CA LYS C 1865 67.92 -78.53 26.66
C LYS C 1865 68.06 -78.05 25.23
N MET C 1866 67.39 -78.71 24.28
CA MET C 1866 67.40 -78.24 22.90
C MET C 1866 66.68 -76.91 22.75
N ILE C 1867 65.62 -76.69 23.53
CA ILE C 1867 64.86 -75.45 23.42
C ILE C 1867 65.72 -74.26 23.84
N GLU C 1868 66.34 -74.35 25.02
CA GLU C 1868 67.16 -73.26 25.55
C GLU C 1868 68.17 -73.85 26.53
N PRO C 1869 69.42 -74.04 26.11
CA PRO C 1869 70.39 -74.69 27.01
C PRO C 1869 70.67 -73.92 28.29
N GLU C 1870 70.64 -72.59 28.25
CA GLU C 1870 71.05 -71.81 29.42
C GLU C 1870 70.03 -71.89 30.55
N VAL C 1871 68.75 -71.74 30.23
CA VAL C 1871 67.72 -71.69 31.27
C VAL C 1871 67.56 -73.04 31.95
N PHE C 1872 67.46 -74.11 31.17
CA PHE C 1872 67.23 -75.44 31.71
C PHE C 1872 68.54 -76.20 31.96
N THR C 1873 69.33 -75.68 32.89
CA THR C 1873 70.62 -76.27 33.26
C THR C 1873 71.54 -76.44 32.06
N GLU C 1925 73.54 -73.57 20.74
CA GLU C 1925 73.23 -72.22 20.27
C GLU C 1925 71.79 -71.86 20.59
N GLY C 1926 70.98 -72.86 20.90
CA GLY C 1926 69.59 -72.63 21.23
C GLY C 1926 68.68 -72.61 20.02
N LEU C 1927 67.39 -72.86 20.24
CA LEU C 1927 66.44 -72.87 19.13
C LEU C 1927 65.56 -71.62 19.13
N LEU C 1928 65.26 -71.07 20.32
CA LEU C 1928 64.38 -69.91 20.41
C LEU C 1928 65.04 -68.62 19.94
N GLN C 1929 66.37 -68.56 19.94
CA GLN C 1929 67.09 -67.34 19.60
C GLN C 1929 67.62 -67.33 18.17
N MET C 1930 67.19 -68.27 17.34
CA MET C 1930 67.52 -68.23 15.93
C MET C 1930 66.53 -67.34 15.18
N LYS C 1931 66.82 -67.11 13.91
CA LYS C 1931 65.94 -66.32 13.05
C LYS C 1931 65.08 -67.27 12.23
N LEU C 1932 63.77 -67.19 12.40
CA LEU C 1932 62.85 -68.15 11.82
C LEU C 1932 61.67 -67.44 11.17
N PRO C 1933 61.03 -68.06 10.19
CA PRO C 1933 59.76 -67.55 9.68
C PRO C 1933 58.61 -67.86 10.63
N GLU C 1934 57.40 -67.51 10.18
CA GLU C 1934 56.22 -67.64 11.03
C GLU C 1934 55.82 -69.09 11.24
N SER C 1935 56.01 -69.94 10.23
CA SER C 1935 55.55 -71.32 10.31
C SER C 1935 56.24 -72.07 11.44
N VAL C 1936 57.55 -71.85 11.62
CA VAL C 1936 58.26 -72.48 12.73
C VAL C 1936 57.80 -71.92 14.06
N LYS C 1937 57.50 -70.61 14.09
CA LYS C 1937 57.08 -69.98 15.32
C LYS C 1937 55.75 -70.53 15.81
N LEU C 1938 54.86 -70.92 14.88
CA LEU C 1938 53.60 -71.54 15.30
C LEU C 1938 53.86 -72.83 16.09
N GLN C 1939 54.74 -73.69 15.58
CA GLN C 1939 55.05 -74.94 16.27
C GLN C 1939 55.74 -74.68 17.60
N MET C 1940 56.60 -73.67 17.65
CA MET C 1940 57.23 -73.30 18.92
C MET C 1940 56.17 -72.90 19.94
N CYS C 1941 55.17 -72.12 19.51
CA CYS C 1941 54.08 -71.74 20.39
C CYS C 1941 53.32 -72.97 20.88
N ASN C 1942 53.11 -73.95 20.00
CA ASN C 1942 52.43 -75.18 20.43
C ASN C 1942 53.21 -75.90 21.53
N LEU C 1943 54.53 -76.01 21.36
CA LEU C 1943 55.35 -76.66 22.38
C LEU C 1943 55.27 -75.94 23.71
N LEU C 1944 55.38 -74.60 23.67
CA LEU C 1944 55.30 -73.82 24.91
C LEU C 1944 53.93 -73.99 25.57
N GLU C 1945 52.87 -74.08 24.77
CA GLU C 1945 51.54 -74.31 25.31
C GLU C 1945 51.46 -75.64 26.05
N TYR C 1946 52.05 -76.68 25.47
CA TYR C 1946 52.06 -77.99 26.15
C TYR C 1946 52.76 -77.90 27.50
N PHE C 1947 53.93 -77.24 27.54
CA PHE C 1947 54.65 -77.17 28.80
C PHE C 1947 53.89 -76.35 29.86
N CYS C 1948 53.22 -75.27 29.44
CA CYS C 1948 52.41 -74.50 30.39
C CYS C 1948 51.25 -75.35 30.94
N ASP C 1949 50.61 -76.14 30.08
CA ASP C 1949 49.55 -77.02 30.55
C ASP C 1949 50.07 -78.01 31.60
N GLN C 1950 51.29 -78.54 31.36
CA GLN C 1950 51.88 -79.43 32.35
C GLN C 1950 52.10 -78.73 33.70
N GLU C 1951 52.58 -77.47 33.66
CA GLU C 1951 52.74 -76.72 34.90
C GLU C 1951 51.43 -76.59 35.66
N LEU C 1952 50.36 -76.23 34.95
CA LEU C 1952 49.06 -76.08 35.60
C LEU C 1952 48.59 -77.39 36.23
N GLN C 1953 48.76 -78.50 35.51
CA GLN C 1953 48.35 -79.80 36.05
C GLN C 1953 49.13 -80.14 37.32
N HIS C 1954 50.43 -79.84 37.33
CA HIS C 1954 51.23 -80.09 38.53
C HIS C 1954 50.71 -79.29 39.72
N ARG C 1955 50.39 -78.01 39.49
CA ARG C 1955 49.85 -77.21 40.58
C ARG C 1955 48.56 -77.81 41.14
N VAL C 1956 47.65 -78.23 40.26
CA VAL C 1956 46.38 -78.81 40.71
C VAL C 1956 46.62 -80.06 41.54
N GLU C 1957 47.51 -80.94 41.07
CA GLU C 1957 47.77 -82.17 41.80
C GLU C 1957 48.38 -81.90 43.18
N SER C 1958 49.30 -80.93 43.27
CA SER C 1958 49.87 -80.60 44.57
C SER C 1958 48.79 -80.09 45.54
N LEU C 1959 47.89 -79.25 45.04
CA LEU C 1959 46.80 -78.77 45.88
C LEU C 1959 45.94 -79.93 46.39
N ALA C 1960 45.63 -80.89 45.52
CA ALA C 1960 44.82 -82.03 45.95
C ALA C 1960 45.53 -82.85 47.03
N ALA C 1961 46.84 -83.08 46.86
CA ALA C 1961 47.57 -83.85 47.86
C ALA C 1961 47.56 -83.15 49.22
N PHE C 1962 47.81 -81.83 49.22
CA PHE C 1962 47.77 -81.11 50.49
C PHE C 1962 46.37 -81.17 51.11
N ALA C 1963 45.34 -81.10 50.28
CA ALA C 1963 43.97 -81.21 50.80
C ALA C 1963 43.77 -82.53 51.51
N GLU C 1964 44.21 -83.63 50.90
CA GLU C 1964 44.06 -84.94 51.53
C GLU C 1964 44.76 -84.99 52.88
N ARG C 1965 46.03 -84.56 52.92
CA ARG C 1965 46.77 -84.63 54.19
C ARG C 1965 46.12 -83.76 55.25
N TYR C 1966 45.69 -82.55 54.88
CA TYR C 1966 45.11 -81.62 55.84
C TYR C 1966 43.81 -82.17 56.42
N VAL C 1967 42.95 -82.73 55.57
CA VAL C 1967 41.70 -83.30 56.06
C VAL C 1967 41.95 -84.46 57.01
N ASP C 1968 42.90 -85.33 56.64
CA ASP C 1968 43.22 -86.47 57.52
C ASP C 1968 43.71 -85.99 58.87
N LYS C 1969 44.54 -84.94 58.89
CA LYS C 1969 45.01 -84.40 60.16
C LYS C 1969 43.87 -83.77 60.96
N LEU C 1970 42.97 -83.06 60.28
CA LEU C 1970 42.00 -82.22 60.99
C LEU C 1970 40.87 -83.03 61.61
N GLN C 1971 40.40 -84.08 60.92
CA GLN C 1971 39.20 -84.75 61.41
C GLN C 1971 39.45 -85.50 62.72
N ALA C 1972 40.65 -86.06 62.91
CA ALA C 1972 40.97 -86.70 64.18
C ALA C 1972 40.98 -85.70 65.33
N ASN C 1973 41.52 -84.50 65.08
CA ASN C 1973 41.50 -83.46 66.11
C ASN C 1973 40.07 -83.07 66.45
N GLN C 1974 39.21 -82.96 65.43
CA GLN C 1974 37.80 -82.66 65.71
C GLN C 1974 37.17 -83.75 66.57
N ARG C 1975 37.45 -85.02 66.26
CA ARG C 1975 36.89 -86.11 67.05
C ARG C 1975 37.37 -86.04 68.49
N ASP C 1976 38.66 -85.78 68.69
CA ASP C 1976 39.20 -85.69 70.05
C ASP C 1976 38.56 -84.53 70.81
N ARG C 1977 38.42 -83.38 70.15
CA ARG C 1977 37.81 -82.22 70.80
C ARG C 1977 36.36 -82.48 71.18
N TYR C 1978 35.60 -83.16 70.32
CA TYR C 1978 34.24 -83.53 70.68
C TYR C 1978 34.24 -84.51 71.84
N GLY C 1979 35.20 -85.44 71.87
CA GLY C 1979 35.28 -86.38 72.97
C GLY C 1979 35.55 -85.70 74.30
N ILE C 1980 36.38 -84.65 74.29
CA ILE C 1980 36.65 -83.92 75.53
C ILE C 1980 35.41 -83.25 76.10
N LEU C 1981 34.61 -82.58 75.26
CA LEU C 1981 33.42 -81.90 75.73
C LEU C 1981 32.38 -82.88 76.27
N GLU C 1998 26.67 -75.45 67.23
CA GLU C 1998 28.02 -75.98 67.28
C GLU C 1998 28.16 -77.18 66.35
N PHE C 1999 27.67 -78.34 66.79
CA PHE C 1999 27.70 -79.56 65.99
C PHE C 1999 26.41 -79.80 65.23
N ARG C 2000 25.43 -78.91 65.34
CA ARG C 2000 24.17 -79.08 64.64
C ARG C 2000 24.22 -78.58 63.20
N SER C 2001 25.27 -77.86 62.82
CA SER C 2001 25.39 -77.32 61.48
C SER C 2001 25.77 -78.42 60.49
N PRO C 2002 25.42 -78.25 59.21
CA PRO C 2002 25.84 -79.22 58.21
C PRO C 2002 27.35 -79.21 58.05
N PRO C 2003 27.93 -80.30 57.55
CA PRO C 2003 29.40 -80.37 57.48
C PRO C 2003 30.04 -79.27 56.66
N GLN C 2004 29.36 -78.78 55.61
CA GLN C 2004 29.91 -77.68 54.83
C GLN C 2004 30.10 -76.43 55.69
N GLU C 2005 29.10 -76.12 56.52
CA GLU C 2005 29.25 -74.99 57.43
C GLU C 2005 30.36 -75.22 58.43
N GLN C 2006 30.53 -76.46 58.91
CA GLN C 2006 31.62 -76.78 59.82
C GLN C 2006 32.97 -76.50 59.17
N ILE C 2007 33.17 -76.99 57.95
CA ILE C 2007 34.46 -76.80 57.29
C ILE C 2007 34.66 -75.33 56.93
N ASN C 2008 33.58 -74.61 56.66
CA ASN C 2008 33.70 -73.17 56.45
C ASN C 2008 34.15 -72.45 57.72
N MET C 2009 33.58 -72.84 58.86
CA MET C 2009 33.91 -72.18 60.12
C MET C 2009 35.33 -72.51 60.58
N LEU C 2010 35.78 -73.75 60.35
CA LEU C 2010 37.10 -74.15 60.81
C LEU C 2010 38.22 -73.41 60.11
N LEU C 2011 37.96 -72.89 58.91
CA LEU C 2011 38.99 -72.25 58.10
C LEU C 2011 38.97 -70.73 58.18
N HIS C 2012 38.19 -70.14 59.09
CA HIS C 2012 38.02 -68.69 59.13
C HIS C 2012 39.11 -68.07 60.01
N PHE C 2013 40.35 -68.14 59.52
CA PHE C 2013 41.44 -67.40 60.17
C PHE C 2013 42.39 -66.78 59.16
N LYS C 2014 41.93 -66.45 57.95
CA LYS C 2014 42.79 -65.86 56.94
C LYS C 2014 43.28 -64.47 57.36
N ASP C 2015 42.48 -63.74 58.14
CA ASP C 2015 42.82 -62.37 58.52
C ASP C 2015 44.07 -62.29 59.40
N GLY C 2016 44.54 -63.41 59.95
CA GLY C 2016 45.73 -63.41 60.76
C GLY C 2016 45.50 -63.21 62.25
N GLU C 2017 44.25 -62.96 62.66
CA GLU C 2017 43.94 -62.79 64.07
C GLU C 2017 43.44 -64.11 64.65
N ASP C 2018 43.64 -64.27 65.96
CA ASP C 2018 43.23 -65.48 66.67
C ASP C 2018 41.73 -65.44 66.96
N GLU C 2019 40.94 -65.65 65.90
CA GLU C 2019 39.50 -65.66 66.00
C GLU C 2019 39.02 -66.76 66.95
N GLU C 2020 38.39 -66.37 68.05
CA GLU C 2020 37.86 -67.36 69.00
C GLU C 2020 36.75 -68.19 68.38
N ASP C 2021 36.15 -67.73 67.28
CA ASP C 2021 35.11 -68.51 66.60
C ASP C 2021 35.64 -69.83 66.07
N CYS C 2022 36.95 -69.95 65.85
CA CYS C 2022 37.55 -71.19 65.39
C CYS C 2022 38.40 -71.80 66.49
N PRO C 2023 38.21 -73.08 66.81
CA PRO C 2023 38.99 -73.73 67.87
C PRO C 2023 40.30 -74.36 67.40
N LEU C 2024 40.79 -74.00 66.23
CA LEU C 2024 41.97 -74.67 65.68
C LEU C 2024 43.21 -74.35 66.50
N PRO C 2025 44.01 -75.33 66.86
CA PRO C 2025 45.29 -75.05 67.53
C PRO C 2025 46.27 -74.34 66.60
N ASP C 2026 47.43 -74.00 67.17
CA ASP C 2026 48.38 -73.18 66.45
C ASP C 2026 49.03 -73.94 65.29
N GLU C 2027 49.37 -75.20 65.49
CA GLU C 2027 50.17 -75.93 64.50
C GLU C 2027 49.40 -76.18 63.20
N ILE C 2028 48.10 -76.43 63.28
CA ILE C 2028 47.30 -76.63 62.08
C ILE C 2028 47.27 -75.35 61.24
N ARG C 2029 47.05 -74.22 61.91
CA ARG C 2029 47.09 -72.93 61.23
C ARG C 2029 48.47 -72.67 60.64
N GLN C 2030 49.53 -73.07 61.35
CA GLN C 2030 50.87 -72.90 60.84
C GLN C 2030 51.08 -73.69 59.54
N ASP C 2031 50.61 -74.93 59.53
CA ASP C 2031 50.71 -75.74 58.32
C ASP C 2031 49.97 -75.10 57.16
N LEU C 2032 48.73 -74.64 57.39
CA LEU C 2032 47.96 -74.03 56.31
C LEU C 2032 48.62 -72.76 55.81
N LEU C 2033 49.12 -71.91 56.71
CA LEU C 2033 49.76 -70.67 56.30
C LEU C 2033 51.04 -70.94 55.52
N GLU C 2034 51.83 -71.93 55.95
CA GLU C 2034 53.05 -72.26 55.21
C GLU C 2034 52.71 -72.74 53.80
N PHE C 2035 51.69 -73.59 53.67
CA PHE C 2035 51.31 -74.05 52.34
C PHE C 2035 50.82 -72.90 51.48
N HIS C 2036 50.04 -71.97 52.07
CA HIS C 2036 49.56 -70.84 51.30
C HIS C 2036 50.71 -69.96 50.83
N GLN C 2037 51.70 -69.73 51.69
CA GLN C 2037 52.88 -68.95 51.28
C GLN C 2037 53.63 -69.64 50.16
N ASP C 2038 53.79 -70.97 50.25
CA ASP C 2038 54.48 -71.71 49.20
C ASP C 2038 53.71 -71.62 47.88
N LEU C 2039 52.39 -71.74 47.93
CA LEU C 2039 51.58 -71.61 46.71
C LEU C 2039 51.72 -70.22 46.11
N LEU C 2040 51.72 -69.20 46.96
CA LEU C 2040 51.86 -67.83 46.46
C LEU C 2040 53.21 -67.61 45.79
N THR C 2041 54.29 -68.11 46.41
CA THR C 2041 55.61 -67.88 45.82
C THR C 2041 55.85 -68.77 44.60
N HIS C 2042 55.12 -69.87 44.48
CA HIS C 2042 55.27 -70.71 43.29
C HIS C 2042 54.74 -70.02 42.05
N CYS C 2043 53.68 -69.21 42.19
CA CYS C 2043 53.10 -68.51 41.06
C CYS C 2043 53.83 -67.22 40.72
N GLY C 2044 54.85 -66.85 41.49
CA GLY C 2044 55.65 -65.68 41.16
C GLY C 2044 55.05 -64.35 41.54
N ILE C 2045 53.99 -64.33 42.34
CA ILE C 2045 53.39 -63.07 42.75
C ILE C 2045 54.30 -62.32 43.71
N GLN C 2046 54.90 -63.02 44.67
CA GLN C 2046 55.75 -62.40 45.67
C GLN C 2046 57.04 -61.86 45.04
N GLN C 2093 65.52 -66.86 33.46
CA GLN C 2093 65.80 -67.54 34.71
C GLN C 2093 64.76 -68.61 35.00
N SER C 2094 63.53 -68.37 34.53
CA SER C 2094 62.44 -69.31 34.71
C SER C 2094 61.64 -69.37 33.42
N LEU C 2095 60.62 -70.24 33.42
CA LEU C 2095 59.81 -70.43 32.22
C LEU C 2095 59.01 -69.20 31.87
N GLN C 2096 58.37 -68.57 32.86
CA GLN C 2096 57.49 -67.43 32.60
C GLN C 2096 58.27 -66.26 32.01
N GLU C 2097 59.43 -65.95 32.60
CA GLU C 2097 60.25 -64.85 32.10
C GLU C 2097 60.72 -65.13 30.69
N LEU C 2098 61.15 -66.36 30.42
CA LEU C 2098 61.62 -66.72 29.09
C LEU C 2098 60.51 -66.56 28.06
N VAL C 2099 59.32 -67.07 28.36
CA VAL C 2099 58.22 -67.00 27.40
C VAL C 2099 57.83 -65.54 27.15
N SER C 2100 57.70 -64.76 28.23
CA SER C 2100 57.30 -63.36 28.07
C SER C 2100 58.32 -62.58 27.26
N HIS C 2101 59.61 -62.75 27.57
CA HIS C 2101 60.65 -62.03 26.83
C HIS C 2101 60.67 -62.45 25.37
N THR C 2102 60.54 -63.74 25.09
CA THR C 2102 60.56 -64.22 23.72
C THR C 2102 59.39 -63.64 22.92
N VAL C 2103 58.19 -63.66 23.50
CA VAL C 2103 57.02 -63.15 22.80
C VAL C 2103 57.15 -61.65 22.56
N VAL C 2104 57.60 -60.90 23.56
CA VAL C 2104 57.75 -59.46 23.40
C VAL C 2104 58.79 -59.15 22.33
N ARG C 2105 59.91 -59.86 22.33
CA ARG C 2105 60.94 -59.63 21.32
C ARG C 2105 60.43 -59.96 19.93
N TRP C 2106 59.70 -61.07 19.79
CA TRP C 2106 59.12 -61.41 18.49
C TRP C 2106 58.18 -60.33 17.99
N ALA C 2107 57.33 -59.82 18.88
CA ALA C 2107 56.40 -58.76 18.48
C ALA C 2107 57.14 -57.49 18.12
N GLN C 2108 58.21 -57.14 18.85
CA GLN C 2108 58.95 -55.93 18.55
C GLN C 2108 59.68 -56.02 17.20
N GLU C 2109 60.25 -57.19 16.89
CA GLU C 2109 61.16 -57.28 15.75
C GLU C 2109 60.46 -57.01 14.42
N ASP C 2110 59.24 -57.54 14.23
CA ASP C 2110 58.62 -57.46 12.91
C ASP C 2110 57.11 -57.32 13.06
N PHE C 2111 56.48 -56.91 11.95
CA PHE C 2111 55.03 -56.76 11.88
C PHE C 2111 54.43 -58.09 11.46
N VAL C 2112 53.79 -58.78 12.42
CA VAL C 2112 53.27 -60.11 12.16
C VAL C 2112 52.09 -60.03 11.20
N GLN C 2113 51.97 -61.01 10.31
CA GLN C 2113 50.94 -61.02 9.28
C GLN C 2113 49.85 -62.05 9.51
N SER C 2114 50.19 -63.25 9.96
CA SER C 2114 49.20 -64.31 10.13
C SER C 2114 48.41 -64.10 11.42
N PRO C 2115 47.07 -64.03 11.35
CA PRO C 2115 46.29 -63.83 12.59
C PRO C 2115 46.47 -64.93 13.62
N GLU C 2116 46.62 -66.19 13.19
CA GLU C 2116 46.71 -67.29 14.14
C GLU C 2116 47.95 -67.18 15.02
N LEU C 2117 49.08 -66.77 14.45
CA LEU C 2117 50.28 -66.58 15.25
C LEU C 2117 50.08 -65.50 16.30
N VAL C 2118 49.44 -64.39 15.92
CA VAL C 2118 49.16 -63.31 16.86
C VAL C 2118 48.30 -63.82 18.00
N ARG C 2119 47.23 -64.54 17.66
CA ARG C 2119 46.32 -65.04 18.68
C ARG C 2119 47.04 -65.99 19.64
N ALA C 2120 47.84 -66.91 19.09
CA ALA C 2120 48.55 -67.87 19.92
C ALA C 2120 49.54 -67.19 20.86
N MET C 2121 50.34 -66.25 20.32
CA MET C 2121 51.36 -65.63 21.15
C MET C 2121 50.74 -64.76 22.22
N PHE C 2122 49.64 -64.06 21.92
CA PHE C 2122 49.02 -63.23 22.95
C PHE C 2122 48.30 -64.07 23.98
N SER C 2123 47.74 -65.22 23.59
CA SER C 2123 47.20 -66.14 24.58
C SER C 2123 48.29 -66.65 25.52
N LEU C 2124 49.45 -66.99 24.95
CA LEU C 2124 50.57 -67.43 25.77
C LEU C 2124 51.01 -66.34 26.75
N LEU C 2125 51.11 -65.10 26.27
CA LEU C 2125 51.51 -64.00 27.15
C LEU C 2125 50.50 -63.79 28.26
N HIS C 2126 49.21 -63.83 27.94
CA HIS C 2126 48.18 -63.64 28.96
C HIS C 2126 48.24 -64.75 30.00
N ARG C 2127 48.44 -66.00 29.55
CA ARG C 2127 48.59 -67.10 30.50
C ARG C 2127 49.79 -66.89 31.40
N GLN C 2128 50.91 -66.44 30.83
CA GLN C 2128 52.12 -66.24 31.63
C GLN C 2128 51.98 -65.14 32.66
N TYR C 2129 51.34 -64.02 32.32
CA TYR C 2129 51.28 -62.91 33.27
C TYR C 2129 50.36 -63.20 34.46
N ASP C 2130 49.18 -63.77 34.20
CA ASP C 2130 48.22 -64.01 35.28
C ASP C 2130 48.26 -65.48 35.70
N GLY C 2131 49.20 -65.78 36.59
CA GLY C 2131 49.37 -67.15 37.04
C GLY C 2131 48.24 -67.66 37.92
N LEU C 2132 47.81 -66.85 38.89
CA LEU C 2132 46.85 -67.32 39.88
C LEU C 2132 45.44 -67.41 39.33
N GLY C 2133 45.05 -66.51 38.43
CA GLY C 2133 43.71 -66.55 37.88
C GLY C 2133 43.43 -67.82 37.09
N GLU C 2134 44.45 -68.33 36.39
CA GLU C 2134 44.29 -69.57 35.64
C GLU C 2134 44.02 -70.75 36.57
N LEU C 2135 44.77 -70.83 37.67
CA LEU C 2135 44.52 -71.88 38.65
C LEU C 2135 43.15 -71.72 39.29
N LEU C 2136 42.73 -70.47 39.54
CA LEU C 2136 41.41 -70.24 40.09
C LEU C 2136 40.32 -70.72 39.14
N ARG C 2137 40.48 -70.46 37.84
CA ARG C 2137 39.50 -70.89 36.86
C ARG C 2137 39.54 -72.40 36.59
N ALA C 2138 40.68 -73.05 36.83
CA ALA C 2138 40.79 -74.47 36.54
C ALA C 2138 40.22 -75.34 37.66
N LEU C 2139 40.15 -74.82 38.89
CA LEU C 2139 39.69 -75.62 40.00
C LEU C 2139 38.28 -76.20 39.86
N PRO C 2140 37.27 -75.47 39.35
CA PRO C 2140 35.91 -76.03 39.33
C PRO C 2140 35.77 -77.35 38.59
N ARG C 2141 36.84 -77.86 37.97
CA ARG C 2141 36.75 -79.12 37.27
C ARG C 2141 37.34 -80.28 38.08
N ALA C 2142 38.37 -80.01 38.88
CA ALA C 2142 39.09 -81.06 39.61
C ALA C 2142 38.15 -81.86 40.49
N TYR C 2143 38.52 -83.12 40.73
CA TYR C 2143 37.68 -84.05 41.48
C TYR C 2143 38.56 -85.16 42.06
N THR C 2144 38.15 -85.67 43.22
CA THR C 2144 38.87 -86.73 43.90
C THR C 2144 37.94 -87.93 44.11
N ILE C 2145 38.50 -89.14 43.99
CA ILE C 2145 37.74 -90.37 44.14
C ILE C 2145 38.52 -91.32 45.03
N SER C 2146 37.80 -92.29 45.59
CA SER C 2146 38.43 -93.33 46.39
C SER C 2146 39.24 -94.26 45.47
N PRO C 2147 40.35 -94.82 45.96
CA PRO C 2147 41.14 -95.72 45.11
C PRO C 2147 40.40 -96.99 44.72
N SER C 2148 39.34 -97.37 45.43
CA SER C 2148 38.61 -98.58 45.12
C SER C 2148 37.72 -98.45 43.89
N SER C 2149 37.42 -97.23 43.45
CA SER C 2149 36.53 -97.00 42.32
C SER C 2149 37.26 -96.81 41.00
N VAL C 2150 38.60 -96.84 41.00
CA VAL C 2150 39.37 -96.46 39.83
C VAL C 2150 39.00 -97.33 38.64
N GLU C 2151 38.98 -98.65 38.83
CA GLU C 2151 38.68 -99.55 37.72
C GLU C 2151 37.28 -99.30 37.16
N ASP C 2152 36.36 -98.82 37.99
CA ASP C 2152 35.01 -98.51 37.50
C ASP C 2152 35.01 -97.22 36.69
N THR C 2153 35.84 -96.25 37.08
CA THR C 2153 35.84 -94.97 36.37
C THR C 2153 36.42 -95.11 34.97
N MET C 2154 37.57 -95.78 34.84
CA MET C 2154 38.26 -95.89 33.56
C MET C 2154 37.33 -96.42 32.48
N SER C 2155 36.63 -97.52 32.76
CA SER C 2155 35.69 -98.08 31.79
C SER C 2155 34.68 -97.03 31.33
N LEU C 2156 34.09 -96.28 32.27
CA LEU C 2156 33.14 -95.24 31.89
C LEU C 2156 33.79 -94.25 30.94
N LEU C 2157 35.03 -93.84 31.24
CA LEU C 2157 35.73 -92.93 30.34
C LEU C 2157 35.88 -93.55 28.96
N GLU C 2158 36.25 -94.83 28.90
CA GLU C 2158 36.41 -95.49 27.61
C GLU C 2158 35.08 -95.55 26.87
N CYS C 2159 33.97 -95.56 27.60
CA CYS C 2159 32.67 -95.43 26.94
C CYS C 2159 32.48 -94.03 26.38
N LEU C 2160 32.76 -93.00 27.19
CA LEU C 2160 32.54 -91.63 26.76
C LEU C 2160 33.38 -91.29 25.53
N GLY C 2161 34.66 -91.61 25.57
CA GLY C 2161 35.52 -91.37 24.43
C GLY C 2161 35.06 -92.09 23.17
N GLN C 2162 34.27 -93.16 23.34
CA GLN C 2162 33.67 -93.81 22.19
C GLN C 2162 32.67 -92.89 21.50
N ILE C 2163 31.75 -92.31 22.28
CA ILE C 2163 30.67 -91.51 21.69
C ILE C 2163 31.24 -90.30 20.96
N ARG C 2164 32.20 -89.62 21.59
CA ARG C 2164 32.81 -88.45 20.96
C ARG C 2164 33.49 -88.81 19.63
N SER C 2165 33.91 -90.07 19.49
CA SER C 2165 34.54 -90.48 18.23
C SER C 2165 33.52 -90.64 17.12
N LEU C 2166 32.26 -90.92 17.47
CA LEU C 2166 31.23 -91.15 16.46
C LEU C 2166 30.40 -89.90 16.16
N LEU C 2167 30.72 -88.76 16.76
CA LEU C 2167 30.00 -87.53 16.44
C LEU C 2167 30.55 -86.82 15.22
N ILE C 2168 31.79 -87.14 14.80
CA ILE C 2168 32.38 -86.53 13.62
C ILE C 2168 32.27 -87.44 12.40
N VAL C 2169 31.33 -88.38 12.42
CA VAL C 2169 31.19 -89.37 11.37
C VAL C 2169 29.75 -89.37 10.89
N GLN C 2170 29.56 -89.67 9.60
CA GLN C 2170 28.21 -89.71 9.05
C GLN C 2170 27.46 -90.91 9.59
N MET C 2171 26.15 -90.76 9.76
CA MET C 2171 25.38 -91.68 10.58
C MET C 2171 24.97 -92.90 9.78
N GLY C 2172 24.98 -94.06 10.44
CA GLY C 2172 24.62 -95.31 9.80
C GLY C 2172 24.12 -96.37 10.77
N PRO C 2173 23.77 -97.54 10.25
CA PRO C 2173 23.22 -98.59 11.12
C PRO C 2173 24.21 -99.11 12.15
N GLN C 2174 25.44 -99.40 11.73
CA GLN C 2174 26.45 -99.85 12.68
C GLN C 2174 26.76 -98.77 13.70
N GLU C 2175 26.80 -97.51 13.26
CA GLU C 2175 26.96 -96.40 14.18
C GLU C 2175 25.81 -96.35 15.18
N GLU C 2176 24.58 -96.61 14.71
CA GLU C 2176 23.44 -96.65 15.60
C GLU C 2176 23.59 -97.74 16.66
N ASN C 2177 24.02 -98.93 16.22
CA ASN C 2177 24.21 -100.03 17.16
C ASN C 2177 25.28 -99.67 18.21
N LEU C 2178 26.38 -99.08 17.76
CA LEU C 2178 27.45 -98.71 18.69
C LEU C 2178 26.99 -97.65 19.68
N MET C 2179 26.24 -96.64 19.20
CA MET C 2179 25.70 -95.62 20.09
C MET C 2179 24.79 -96.24 21.15
N ILE C 2180 23.88 -97.12 20.72
CA ILE C 2180 22.93 -97.71 21.67
C ILE C 2180 23.67 -98.55 22.70
N GLN C 2181 24.64 -99.34 22.25
CA GLN C 2181 25.41 -100.18 23.16
C GLN C 2181 26.19 -99.34 24.16
N SER C 2182 26.83 -98.26 23.68
CA SER C 2182 27.60 -97.42 24.58
C SER C 2182 26.72 -96.72 25.60
N ILE C 2183 25.56 -96.22 25.18
CA ILE C 2183 24.66 -95.55 26.11
C ILE C 2183 24.13 -96.55 27.14
N GLY C 2184 23.80 -97.76 26.71
CA GLY C 2184 23.37 -98.78 27.66
C GLY C 2184 24.46 -99.13 28.65
N ASN C 2185 25.70 -99.25 28.18
CA ASN C 2185 26.82 -99.55 29.08
C ASN C 2185 27.01 -98.43 30.09
N ILE C 2186 26.90 -97.17 29.66
CA ILE C 2186 27.02 -96.05 30.58
C ILE C 2186 25.90 -96.09 31.61
N MET C 2187 24.68 -96.39 31.17
CA MET C 2187 23.55 -96.46 32.09
C MET C 2187 23.72 -97.59 33.10
N ASN C 2188 24.39 -98.68 32.71
CA ASN C 2188 24.51 -99.83 33.59
C ASN C 2188 25.60 -99.67 34.65
N ASN C 2189 26.50 -98.70 34.48
CA ASN C 2189 27.56 -98.49 35.45
C ASN C 2189 26.98 -97.95 36.75
N LYS C 2190 27.59 -98.32 37.89
CA LYS C 2190 27.04 -97.93 39.17
C LYS C 2190 27.50 -96.54 39.61
N VAL C 2191 28.74 -96.16 39.31
CA VAL C 2191 29.23 -94.84 39.73
C VAL C 2191 28.40 -93.73 39.10
N PHE C 2192 27.66 -94.03 38.03
CA PHE C 2192 26.80 -93.03 37.41
C PHE C 2192 25.77 -92.48 38.40
N TYR C 2193 25.37 -93.30 39.39
CA TYR C 2193 24.48 -92.81 40.43
C TYR C 2193 25.16 -92.67 41.78
N GLN C 2194 26.49 -92.58 41.82
CA GLN C 2194 27.20 -92.34 43.07
C GLN C 2194 27.96 -91.02 43.09
N HIS C 2195 28.33 -90.50 41.91
CA HIS C 2195 29.06 -89.24 41.81
C HIS C 2195 28.42 -88.36 40.74
N PRO C 2196 27.20 -87.88 40.98
CA PRO C 2196 26.52 -87.06 39.97
C PRO C 2196 27.26 -85.78 39.63
N ASN C 2197 27.95 -85.18 40.60
CA ASN C 2197 28.68 -83.94 40.34
C ASN C 2197 29.78 -84.15 39.31
N LEU C 2198 30.49 -85.29 39.39
CA LEU C 2198 31.49 -85.60 38.38
C LEU C 2198 30.85 -85.77 37.01
N MET C 2199 29.70 -86.42 36.95
CA MET C 2199 29.02 -86.61 35.67
C MET C 2199 28.62 -85.26 35.07
N ARG C 2200 28.12 -84.35 35.89
CA ARG C 2200 27.79 -83.02 35.40
C ARG C 2200 29.04 -82.27 34.95
N ALA C 2201 30.14 -82.42 35.68
CA ALA C 2201 31.37 -81.74 35.31
C ALA C 2201 31.90 -82.23 33.97
N LEU C 2202 31.80 -83.54 33.71
CA LEU C 2202 32.22 -84.06 32.41
C LEU C 2202 31.32 -83.60 31.28
N GLY C 2203 30.09 -83.18 31.59
CA GLY C 2203 29.19 -82.66 30.57
C GLY C 2203 28.75 -83.66 29.53
N MET C 2204 28.40 -84.88 29.93
CA MET C 2204 27.93 -85.89 28.98
C MET C 2204 26.48 -85.66 28.57
N HIS C 2205 25.67 -85.02 29.41
CA HIS C 2205 24.31 -84.70 28.99
C HIS C 2205 24.32 -83.75 27.80
N GLU C 2206 25.30 -82.84 27.74
CA GLU C 2206 25.45 -81.99 26.56
C GLU C 2206 25.75 -82.82 25.32
N THR C 2207 26.60 -83.84 25.46
CA THR C 2207 26.90 -84.70 24.32
C THR C 2207 25.67 -85.47 23.85
N VAL C 2208 24.89 -86.00 24.79
CA VAL C 2208 23.68 -86.73 24.40
C VAL C 2208 22.68 -85.78 23.74
N MET C 2209 22.55 -84.56 24.27
CA MET C 2209 21.67 -83.58 23.63
C MET C 2209 22.16 -83.22 22.23
N GLU C 2210 23.48 -83.14 22.05
CA GLU C 2210 24.03 -82.90 20.72
C GLU C 2210 23.69 -84.03 19.76
N VAL C 2211 23.79 -85.28 20.24
CA VAL C 2211 23.43 -86.42 19.41
C VAL C 2211 21.96 -86.33 19.01
N MET C 2212 21.10 -86.02 19.97
CA MET C 2212 19.68 -85.91 19.69
C MET C 2212 19.38 -84.78 18.70
N VAL C 2213 20.07 -83.64 18.86
CA VAL C 2213 19.88 -82.52 17.95
C VAL C 2213 20.31 -82.90 16.54
N ASN C 2214 21.45 -83.59 16.42
CA ASN C 2214 21.90 -84.02 15.10
C ASN C 2214 20.92 -84.99 14.46
N VAL C 2215 20.37 -85.91 15.26
CA VAL C 2215 19.44 -86.89 14.70
C VAL C 2215 18.15 -86.22 14.26
N LEU C 2216 17.57 -85.40 15.12
CA LEU C 2216 16.28 -84.78 14.80
C LEU C 2216 16.39 -83.79 13.65
N GLY C 2217 17.47 -83.01 13.60
CA GLY C 2217 17.63 -82.01 12.55
C GLY C 2217 17.84 -82.62 11.17
N GLU C 2223 9.65 -87.38 9.31
CA GLU C 2223 10.53 -87.83 8.24
C GLU C 2223 11.88 -88.27 8.79
N ILE C 2224 11.93 -88.51 10.10
CA ILE C 2224 13.18 -88.91 10.74
C ILE C 2224 13.64 -90.25 10.19
N ARG C 2225 14.96 -90.48 10.19
CA ARG C 2225 15.50 -91.68 9.57
C ARG C 2225 15.75 -92.77 10.62
N PHE C 2226 16.22 -92.41 11.81
CA PHE C 2226 16.59 -93.36 12.85
C PHE C 2226 15.70 -93.13 14.07
N PRO C 2227 14.63 -93.92 14.23
CA PRO C 2227 13.72 -93.69 15.35
C PRO C 2227 14.18 -94.28 16.68
N LYS C 2228 15.08 -95.28 16.67
CA LYS C 2228 15.46 -95.94 17.91
C LYS C 2228 16.35 -95.06 18.77
N MET C 2229 17.24 -94.29 18.13
CA MET C 2229 18.16 -93.42 18.87
C MET C 2229 17.40 -92.35 19.64
N VAL C 2230 16.30 -91.87 19.08
CA VAL C 2230 15.52 -90.85 19.79
C VAL C 2230 15.01 -91.41 21.12
N THR C 2231 14.46 -92.63 21.08
CA THR C 2231 13.97 -93.26 22.30
C THR C 2231 15.12 -93.51 23.28
N SER C 2232 16.26 -93.98 22.77
CA SER C 2232 17.40 -94.23 23.65
C SER C 2232 17.85 -92.96 24.36
N CYS C 2233 18.04 -91.88 23.61
CA CYS C 2233 18.47 -90.61 24.21
C CYS C 2233 17.42 -90.08 25.18
N CYS C 2234 16.14 -90.20 24.83
CA CYS C 2234 15.08 -89.70 25.71
C CYS C 2234 15.09 -90.45 27.04
N ARG C 2235 15.21 -91.77 26.99
CA ARG C 2235 15.20 -92.53 28.23
C ARG C 2235 16.46 -92.28 29.05
N PHE C 2236 17.62 -92.11 28.39
CA PHE C 2236 18.84 -91.78 29.12
C PHE C 2236 18.70 -90.43 29.82
N LEU C 2237 18.15 -89.44 29.13
CA LEU C 2237 17.98 -88.12 29.73
C LEU C 2237 16.97 -88.14 30.86
N CYS C 2238 15.88 -88.91 30.73
CA CYS C 2238 14.94 -89.04 31.84
C CYS C 2238 15.60 -89.68 33.06
N TYR C 2239 16.39 -90.74 32.84
CA TYR C 2239 17.09 -91.37 33.95
C TYR C 2239 18.08 -90.41 34.59
N PHE C 2240 18.78 -89.62 33.78
CA PHE C 2240 19.70 -88.63 34.32
C PHE C 2240 18.96 -87.59 35.15
N CYS C 2241 17.79 -87.15 34.67
CA CYS C 2241 17.02 -86.16 35.41
C CYS C 2241 16.49 -86.71 36.72
N ARG C 2242 16.21 -88.01 36.77
CA ARG C 2242 15.63 -88.61 37.97
C ARG C 2242 16.61 -88.76 39.12
N ILE C 2243 17.85 -88.29 38.97
CA ILE C 2243 18.89 -88.54 39.96
C ILE C 2243 18.93 -87.44 41.03
N SER C 2244 19.21 -86.20 40.65
CA SER C 2244 19.44 -85.16 41.65
C SER C 2244 18.80 -83.86 41.20
N ARG C 2245 18.62 -82.95 42.16
CA ARG C 2245 17.99 -81.67 41.88
C ARG C 2245 18.85 -80.83 40.94
N GLN C 2246 20.17 -80.84 41.13
CA GLN C 2246 21.06 -80.06 40.28
C GLN C 2246 20.99 -80.52 38.82
N ASN C 2247 20.92 -81.84 38.60
CA ASN C 2247 20.75 -82.33 37.23
C ASN C 2247 19.43 -81.85 36.63
N GLN C 2248 18.36 -81.84 37.44
CA GLN C 2248 17.07 -81.34 36.97
C GLN C 2248 17.17 -79.88 36.56
N ARG C 2249 17.82 -79.06 37.40
CA ARG C 2249 17.97 -77.64 37.07
C ARG C 2249 18.83 -77.44 35.83
N SER C 2250 19.87 -78.25 35.68
CA SER C 2250 20.72 -78.16 34.48
C SER C 2250 19.95 -78.51 33.23
N MET C 2251 19.11 -79.54 33.29
CA MET C 2251 18.32 -79.93 32.12
C MET C 2251 17.16 -78.98 31.86
N PHE C 2252 16.75 -78.21 32.88
CA PHE C 2252 15.60 -77.32 32.71
C PHE C 2252 15.83 -76.25 31.64
N ASP C 2253 17.09 -75.95 31.32
CA ASP C 2253 17.36 -74.82 30.43
C ASP C 2253 17.11 -75.13 28.96
N HIS C 2254 16.86 -76.39 28.61
CA HIS C 2254 16.56 -76.77 27.23
C HIS C 2254 15.06 -76.98 27.00
N LEU C 2255 14.22 -76.45 27.89
CA LEU C 2255 12.79 -76.69 27.83
C LEU C 2255 12.17 -76.13 26.55
N SER C 2256 12.61 -74.93 26.14
CA SER C 2256 12.05 -74.32 24.94
C SER C 2256 12.33 -75.18 23.71
N TYR C 2257 13.57 -75.66 23.57
CA TYR C 2257 13.90 -76.52 22.43
C TYR C 2257 13.14 -77.83 22.49
N LEU C 2258 13.05 -78.43 23.68
CA LEU C 2258 12.36 -79.72 23.82
C LEU C 2258 10.88 -79.58 23.43
N LEU C 2259 10.24 -78.49 23.87
CA LEU C 2259 8.85 -78.28 23.50
C LEU C 2259 8.70 -77.93 22.03
N GLU C 2260 9.71 -77.25 21.47
CA GLU C 2260 9.67 -76.94 20.04
C GLU C 2260 9.69 -78.21 19.20
N ASN C 2261 10.49 -79.19 19.60
CA ASN C 2261 10.58 -80.44 18.84
C ASN C 2261 9.60 -81.51 19.33
N SER C 2262 8.73 -81.20 20.30
CA SER C 2262 7.82 -82.19 20.84
C SER C 2262 6.55 -82.35 20.00
N GLY C 2263 6.32 -81.49 19.02
CA GLY C 2263 5.09 -81.52 18.27
C GLY C 2263 5.01 -82.56 17.17
N ILE C 2264 5.75 -83.65 17.31
CA ILE C 2264 5.73 -84.69 16.29
C ILE C 2264 4.35 -85.34 16.21
N GLY C 2265 3.99 -85.79 15.01
CA GLY C 2265 2.67 -86.37 14.79
C GLY C 2265 2.57 -87.84 15.12
N LEU C 2266 3.71 -88.51 15.34
CA LEU C 2266 3.68 -89.96 15.59
C LEU C 2266 3.46 -90.26 17.08
N GLY C 2267 4.38 -89.82 17.94
CA GLY C 2267 4.20 -89.94 19.36
C GLY C 2267 4.44 -91.33 19.92
N MET C 2268 3.96 -92.36 19.22
CA MET C 2268 3.95 -93.72 19.74
C MET C 2268 5.26 -94.45 19.49
N GLN C 2269 6.34 -93.69 19.25
CA GLN C 2269 7.64 -94.30 19.05
C GLN C 2269 8.19 -94.95 20.31
N GLY C 2270 7.64 -94.61 21.48
CA GLY C 2270 8.17 -95.07 22.74
C GLY C 2270 8.38 -93.89 23.68
N SER C 2271 9.63 -93.60 24.02
CA SER C 2271 9.93 -92.38 24.76
C SER C 2271 10.06 -91.20 23.81
N THR C 2272 9.64 -90.03 24.28
CA THR C 2272 9.56 -88.83 23.47
C THR C 2272 10.10 -87.66 24.28
N PRO C 2273 10.59 -86.61 23.62
CA PRO C 2273 11.12 -85.45 24.37
C PRO C 2273 10.11 -84.81 25.30
N LEU C 2274 8.81 -84.97 25.04
CA LEU C 2274 7.81 -84.49 25.99
C LEU C 2274 7.97 -85.16 27.36
N ASP C 2275 8.33 -86.46 27.37
CA ASP C 2275 8.63 -87.12 28.62
C ASP C 2275 9.85 -86.51 29.29
N VAL C 2276 10.86 -86.12 28.50
CA VAL C 2276 12.03 -85.45 29.06
C VAL C 2276 11.64 -84.15 29.72
N ALA C 2277 10.79 -83.36 29.07
CA ALA C 2277 10.33 -82.11 29.66
C ALA C 2277 9.54 -82.36 30.95
N ALA C 2278 8.65 -83.35 30.93
CA ALA C 2278 7.85 -83.65 32.11
C ALA C 2278 8.73 -84.07 33.27
N ALA C 2279 9.76 -84.89 33.01
CA ALA C 2279 10.70 -85.27 34.05
C ALA C 2279 11.50 -84.07 34.53
N SER C 2280 11.80 -83.13 33.63
CA SER C 2280 12.54 -81.93 34.02
C SER C 2280 11.73 -81.06 34.97
N VAL C 2281 10.42 -80.96 34.76
CA VAL C 2281 9.59 -80.05 35.53
C VAL C 2281 9.03 -80.69 36.81
N ILE C 2282 8.83 -82.01 36.84
CA ILE C 2282 7.98 -82.64 37.85
C ILE C 2282 8.45 -82.36 39.27
N ASP C 2283 7.49 -82.15 40.17
CA ASP C 2283 7.65 -82.10 41.62
C ASP C 2283 8.77 -81.19 42.10
N ASN C 2284 9.01 -80.08 41.41
CA ASN C 2284 10.01 -79.10 41.84
C ASN C 2284 9.32 -77.75 41.97
N ASN C 2285 9.15 -77.28 43.21
CA ASN C 2285 8.45 -76.02 43.45
C ASN C 2285 9.18 -74.85 42.81
N GLU C 2286 10.49 -74.75 43.04
CA GLU C 2286 11.27 -73.65 42.49
C GLU C 2286 11.25 -73.67 40.97
N LEU C 2287 11.42 -74.85 40.38
CA LEU C 2287 11.40 -74.95 38.92
C LEU C 2287 10.01 -74.71 38.37
N ALA C 2288 8.95 -75.16 39.06
CA ALA C 2288 7.60 -74.90 38.59
C ALA C 2288 7.28 -73.42 38.61
N LEU C 2289 7.69 -72.71 39.66
CA LEU C 2289 7.40 -71.28 39.76
C LEU C 2289 8.15 -70.47 38.71
N ALA C 2290 9.23 -71.01 38.14
CA ALA C 2290 10.00 -70.29 37.14
C ALA C 2290 9.52 -70.51 35.73
N LEU C 2291 8.42 -71.24 35.54
CA LEU C 2291 7.93 -71.55 34.21
C LEU C 2291 7.42 -70.29 33.51
N GLN C 2292 7.75 -70.15 32.23
CA GLN C 2292 7.29 -69.01 31.43
C GLN C 2292 5.95 -69.33 30.77
N GLU C 2293 5.25 -68.28 30.36
CA GLU C 2293 3.92 -68.45 29.77
C GLU C 2293 3.97 -68.85 28.30
N GLN C 2294 5.09 -68.57 27.61
CA GLN C 2294 5.19 -68.92 26.19
C GLN C 2294 5.16 -70.42 25.99
N ASP C 2295 5.82 -71.18 26.86
CA ASP C 2295 5.78 -72.64 26.77
C ASP C 2295 4.36 -73.17 26.95
N LEU C 2296 3.63 -72.64 27.94
CA LEU C 2296 2.25 -73.05 28.14
C LEU C 2296 1.40 -72.71 26.92
N GLU C 2297 1.63 -71.54 26.33
CA GLU C 2297 0.86 -71.16 25.15
C GLU C 2297 1.16 -72.10 23.99
N LYS C 2298 2.43 -72.49 23.83
CA LYS C 2298 2.80 -73.44 22.80
C LYS C 2298 2.10 -74.78 23.01
N VAL C 2299 2.08 -75.26 24.25
CA VAL C 2299 1.42 -76.52 24.56
C VAL C 2299 -0.07 -76.44 24.26
N VAL C 2300 -0.69 -75.32 24.63
CA VAL C 2300 -2.12 -75.14 24.38
C VAL C 2300 -2.41 -75.11 22.88
N SER C 2301 -1.53 -74.46 22.11
CA SER C 2301 -1.71 -74.46 20.66
C SER C 2301 -1.58 -75.86 20.08
N TYR C 2302 -0.62 -76.65 20.56
CA TYR C 2302 -0.53 -78.04 20.15
C TYR C 2302 -1.81 -78.80 20.48
N LEU C 2303 -2.36 -78.58 21.67
CA LEU C 2303 -3.57 -79.29 22.08
C LEU C 2303 -4.75 -78.91 21.19
N ALA C 2304 -4.87 -77.62 20.85
CA ALA C 2304 -5.95 -77.19 19.96
C ALA C 2304 -5.79 -77.81 18.57
N GLY C 2305 -4.57 -77.80 18.04
CA GLY C 2305 -4.33 -78.43 16.75
C GLY C 2305 -4.68 -79.89 16.76
N CYS C 2306 -4.34 -80.59 17.85
CA CYS C 2306 -4.72 -81.99 17.98
C CYS C 2306 -6.23 -82.16 18.04
N GLY C 2307 -6.93 -81.26 18.73
CA GLY C 2307 -8.37 -81.35 18.84
C GLY C 2307 -9.14 -80.92 17.61
N LEU C 2308 -8.47 -80.32 16.63
CA LEU C 2308 -9.14 -79.92 15.39
C LEU C 2308 -8.99 -80.93 14.26
N GLN C 2309 -7.98 -81.79 14.29
CA GLN C 2309 -7.67 -82.65 13.15
C GLN C 2309 -7.69 -84.12 13.54
N SER C 2310 -7.89 -84.98 12.56
CA SER C 2310 -7.93 -86.42 12.76
C SER C 2310 -6.52 -86.97 12.95
N CYS C 2311 -6.46 -88.18 13.53
CA CYS C 2311 -5.18 -88.84 13.77
C CYS C 2311 -4.66 -89.44 12.47
N PRO C 2312 -3.44 -89.10 12.04
CA PRO C 2312 -2.96 -89.64 10.76
C PRO C 2312 -2.64 -91.13 10.80
N MET C 2313 -1.94 -91.58 11.85
CA MET C 2313 -1.53 -92.99 11.90
C MET C 2313 -2.72 -93.91 12.05
N LEU C 2314 -3.76 -93.49 12.77
CA LEU C 2314 -4.96 -94.31 12.88
C LEU C 2314 -5.65 -94.45 11.53
N LEU C 2315 -5.74 -93.35 10.78
CA LEU C 2315 -6.35 -93.40 9.46
C LEU C 2315 -5.52 -94.27 8.51
N ALA C 2316 -4.19 -94.20 8.63
CA ALA C 2316 -3.33 -95.01 7.77
C ALA C 2316 -3.52 -96.50 8.02
N LYS C 2317 -3.99 -96.87 9.21
CA LYS C 2317 -4.21 -98.28 9.55
C LYS C 2317 -5.61 -98.77 9.19
N GLY C 2318 -6.42 -97.95 8.52
CA GLY C 2318 -7.77 -98.35 8.19
C GLY C 2318 -8.72 -98.28 9.36
N TYR C 2319 -8.94 -97.09 9.89
CA TYR C 2319 -9.82 -96.85 11.01
C TYR C 2319 -10.96 -95.94 10.56
N PRO C 2320 -12.11 -96.01 11.23
CA PRO C 2320 -13.20 -95.08 10.89
C PRO C 2320 -12.78 -93.64 11.11
N ASP C 2321 -13.27 -92.75 10.23
CA ASP C 2321 -12.89 -91.36 10.29
C ASP C 2321 -13.54 -90.66 11.48
N ILE C 2322 -12.75 -89.88 12.21
CA ILE C 2322 -13.22 -89.10 13.35
C ILE C 2322 -12.69 -87.69 13.20
N GLY C 2323 -13.52 -86.70 13.51
CA GLY C 2323 -13.19 -85.31 13.27
C GLY C 2323 -12.11 -84.74 14.18
N TRP C 2324 -11.65 -85.52 15.14
CA TRP C 2324 -10.64 -85.05 16.08
C TRP C 2324 -9.74 -86.21 16.47
N ASN C 2325 -8.70 -85.89 17.23
CA ASN C 2325 -7.64 -86.84 17.58
C ASN C 2325 -7.62 -87.03 19.09
N PRO C 2326 -8.30 -88.05 19.62
CA PRO C 2326 -8.33 -88.22 21.08
C PRO C 2326 -7.05 -88.82 21.65
N CYS C 2327 -6.35 -89.68 20.90
CA CYS C 2327 -5.17 -90.34 21.45
C CYS C 2327 -3.97 -89.41 21.54
N GLY C 2328 -4.06 -88.21 20.96
CA GLY C 2328 -2.95 -87.30 20.95
C GLY C 2328 -2.95 -86.26 22.05
N GLY C 2329 -4.11 -85.68 22.34
CA GLY C 2329 -4.16 -84.58 23.29
C GLY C 2329 -3.94 -84.99 24.73
N GLU C 2330 -4.02 -86.30 25.00
CA GLU C 2330 -3.86 -86.79 26.37
C GLU C 2330 -2.45 -86.51 26.89
N ARG C 2331 -1.44 -86.61 26.03
CA ARG C 2331 -0.08 -86.33 26.44
C ARG C 2331 0.09 -84.87 26.87
N TYR C 2332 -0.44 -83.95 26.07
CA TYR C 2332 -0.35 -82.53 26.41
C TYR C 2332 -1.15 -82.24 27.68
N LEU C 2333 -2.31 -82.87 27.83
CA LEU C 2333 -3.09 -82.68 29.05
C LEU C 2333 -2.34 -83.16 30.28
N ASP C 2334 -1.66 -84.31 30.18
CA ASP C 2334 -0.91 -84.81 31.33
C ASP C 2334 0.30 -83.93 31.63
N PHE C 2335 0.95 -83.39 30.60
CA PHE C 2335 2.05 -82.45 30.84
C PHE C 2335 1.55 -81.21 31.56
N LEU C 2336 0.40 -80.67 31.14
CA LEU C 2336 -0.18 -79.52 31.83
C LEU C 2336 -0.54 -79.88 33.26
N ARG C 2337 -1.06 -81.09 33.49
CA ARG C 2337 -1.39 -81.52 34.84
C ARG C 2337 -0.14 -81.56 35.72
N PHE C 2338 0.97 -82.07 35.19
CA PHE C 2338 2.23 -82.02 35.91
C PHE C 2338 2.67 -80.59 36.16
N ALA C 2339 2.41 -79.68 35.22
CA ALA C 2339 2.83 -78.30 35.37
C ALA C 2339 2.02 -77.58 36.45
N VAL C 2340 0.77 -77.98 36.67
CA VAL C 2340 -0.10 -77.23 37.56
C VAL C 2340 -0.06 -77.73 39.01
N PHE C 2341 0.07 -79.04 39.22
CA PHE C 2341 -0.10 -79.63 40.54
C PHE C 2341 1.26 -80.07 41.08
N VAL C 2342 1.58 -79.67 42.31
CA VAL C 2342 2.86 -79.97 42.93
C VAL C 2342 2.64 -80.40 44.37
N ASN C 2343 3.09 -81.61 44.70
CA ASN C 2343 3.19 -82.09 46.09
C ASN C 2343 1.86 -82.00 46.84
N GLY C 2344 0.76 -82.18 46.12
CA GLY C 2344 -0.54 -82.17 46.76
C GLY C 2344 -1.20 -80.82 46.89
N GLU C 2345 -0.55 -79.75 46.44
CA GLU C 2345 -1.14 -78.41 46.46
C GLU C 2345 -1.01 -77.78 45.08
N SER C 2346 -1.88 -76.82 44.82
CA SER C 2346 -1.91 -76.14 43.53
C SER C 2346 -1.14 -74.83 43.60
N VAL C 2347 -0.55 -74.43 42.48
CA VAL C 2347 0.10 -73.14 42.34
C VAL C 2347 -0.86 -72.22 41.60
N GLU C 2348 -1.21 -71.10 42.23
CA GLU C 2348 -2.29 -70.26 41.71
C GLU C 2348 -1.95 -69.65 40.35
N GLU C 2349 -0.70 -69.19 40.19
CA GLU C 2349 -0.35 -68.47 38.97
C GLU C 2349 -0.48 -69.35 37.74
N ASN C 2350 0.10 -70.55 37.78
CA ASN C 2350 0.05 -71.45 36.64
C ASN C 2350 -1.37 -71.87 36.33
N ALA C 2351 -2.16 -72.15 37.38
CA ALA C 2351 -3.56 -72.54 37.18
C ALA C 2351 -4.35 -71.43 36.49
N ASN C 2352 -4.19 -70.19 36.97
CA ASN C 2352 -4.90 -69.07 36.35
C ASN C 2352 -4.48 -68.90 34.90
N VAL C 2353 -3.18 -68.98 34.63
CA VAL C 2353 -2.68 -68.80 33.26
C VAL C 2353 -3.25 -69.88 32.35
N VAL C 2354 -3.25 -71.13 32.83
CA VAL C 2354 -3.72 -72.25 32.01
C VAL C 2354 -5.21 -72.10 31.73
N VAL C 2355 -5.99 -71.74 32.75
CA VAL C 2355 -7.44 -71.60 32.56
C VAL C 2355 -7.73 -70.48 31.57
N ARG C 2356 -7.07 -69.33 31.74
CA ARG C 2356 -7.31 -68.20 30.85
C ARG C 2356 -6.89 -68.52 29.41
N LEU C 2357 -5.80 -69.26 29.24
CA LEU C 2357 -5.40 -69.67 27.90
C LEU C 2357 -6.41 -70.66 27.30
N LEU C 2358 -6.93 -71.56 28.12
CA LEU C 2358 -7.84 -72.59 27.60
C LEU C 2358 -9.18 -72.00 27.18
N ILE C 2359 -9.74 -71.09 27.99
CA ILE C 2359 -11.09 -70.60 27.73
C ILE C 2359 -11.17 -69.83 26.41
N ARG C 2360 -10.05 -69.30 25.92
CA ARG C 2360 -10.06 -68.52 24.69
C ARG C 2360 -9.90 -69.37 23.43
N LYS C 2361 -9.69 -70.68 23.58
CA LYS C 2361 -9.65 -71.62 22.46
C LYS C 2361 -10.57 -72.79 22.81
N PRO C 2362 -11.88 -72.63 22.62
CA PRO C 2362 -12.82 -73.66 23.07
C PRO C 2362 -12.65 -75.00 22.39
N GLU C 2363 -12.06 -75.06 21.20
CA GLU C 2363 -11.92 -76.31 20.48
C GLU C 2363 -11.01 -77.30 21.20
N CYS C 2364 -10.25 -76.83 22.20
CA CYS C 2364 -9.46 -77.75 23.02
C CYS C 2364 -10.33 -78.68 23.85
N PHE C 2365 -11.61 -78.34 24.05
CA PHE C 2365 -12.47 -79.15 24.90
C PHE C 2365 -13.11 -80.31 24.19
N GLY C 2366 -12.92 -80.46 22.88
CA GLY C 2366 -13.51 -81.54 22.14
C GLY C 2366 -14.95 -81.27 21.76
N PRO C 2367 -15.55 -82.20 21.00
CA PRO C 2367 -16.93 -81.98 20.53
C PRO C 2367 -17.96 -81.84 21.63
N ALA C 2368 -17.76 -82.50 22.78
CA ALA C 2368 -18.80 -82.57 23.78
C ALA C 2368 -19.16 -81.19 24.33
N LEU C 2369 -18.14 -80.37 24.65
CA LEU C 2369 -18.38 -79.09 25.28
C LEU C 2369 -18.54 -77.96 24.27
N ARG C 2370 -18.77 -78.28 23.00
CA ARG C 2370 -19.08 -77.24 22.02
C ARG C 2370 -20.44 -76.63 22.31
N GLY C 2371 -20.55 -75.32 22.11
CA GLY C 2371 -21.82 -74.65 22.32
C GLY C 2371 -22.77 -74.78 21.16
N GLU C 2372 -22.25 -75.04 19.96
CA GLU C 2372 -23.07 -75.14 18.75
C GLU C 2372 -23.62 -76.54 18.50
N GLY C 2373 -24.48 -77.03 19.38
CA GLY C 2373 -25.11 -78.33 19.20
C GLY C 2373 -24.37 -79.51 19.79
N GLY C 2374 -23.30 -79.28 20.53
CA GLY C 2374 -22.57 -80.39 21.12
C GLY C 2374 -23.28 -80.94 22.34
N SER C 2375 -23.54 -82.24 22.34
CA SER C 2375 -24.20 -82.89 23.47
C SER C 2375 -23.26 -82.99 24.65
N GLY C 2376 -23.84 -83.09 25.85
CA GLY C 2376 -23.07 -83.06 27.08
C GLY C 2376 -22.15 -84.24 27.29
N LEU C 2377 -21.46 -84.26 28.43
CA LEU C 2377 -20.50 -85.32 28.70
C LEU C 2377 -21.18 -86.67 28.84
N LEU C 2378 -22.34 -86.71 29.49
CA LEU C 2378 -23.01 -87.99 29.73
C LEU C 2378 -23.39 -88.67 28.43
N ALA C 2379 -23.93 -87.91 27.46
CA ALA C 2379 -24.35 -88.50 26.21
C ALA C 2379 -23.18 -89.06 25.43
N THR C 2380 -22.06 -88.32 25.37
CA THR C 2380 -20.92 -88.83 24.62
C THR C 2380 -20.24 -89.98 25.32
N ILE C 2381 -20.25 -90.01 26.65
CA ILE C 2381 -19.71 -91.16 27.37
C ILE C 2381 -20.56 -92.40 27.10
N GLU C 2382 -21.89 -92.26 27.12
CA GLU C 2382 -22.76 -93.38 26.79
C GLU C 2382 -22.54 -93.83 25.35
N GLU C 2383 -22.36 -92.89 24.43
CA GLU C 2383 -22.09 -93.24 23.04
C GLU C 2383 -20.78 -94.01 22.91
N ALA C 2384 -19.74 -93.58 23.64
CA ALA C 2384 -18.48 -94.31 23.62
C ALA C 2384 -18.63 -95.72 24.19
N ILE C 2385 -19.41 -95.85 25.27
CA ILE C 2385 -19.66 -97.16 25.85
C ILE C 2385 -20.35 -98.06 24.83
N ARG C 2386 -21.33 -97.53 24.11
CA ARG C 2386 -21.98 -98.30 23.05
C ARG C 2386 -20.99 -98.66 21.95
N ILE C 2387 -20.10 -97.72 21.60
CA ILE C 2387 -19.11 -97.97 20.55
C ILE C 2387 -18.21 -99.14 20.93
N SER C 2388 -17.79 -99.19 22.20
CA SER C 2388 -16.90 -100.25 22.64
C SER C 2388 -17.54 -101.63 22.54
N GLU C 2389 -18.87 -101.70 22.44
CA GLU C 2389 -19.56 -102.98 22.28
C GLU C 2389 -19.62 -103.46 20.84
N ASP C 2390 -19.30 -102.60 19.86
CA ASP C 2390 -19.40 -102.96 18.46
C ASP C 2390 -18.01 -103.05 17.85
N PRO C 2391 -17.53 -104.25 17.48
CA PRO C 2391 -16.23 -104.35 16.82
C PRO C 2391 -16.16 -103.62 15.49
N ALA C 2392 -17.29 -103.45 14.80
CA ALA C 2392 -17.27 -102.78 13.50
C ALA C 2392 -16.86 -101.31 13.64
N ARG C 2393 -17.40 -100.61 14.64
CA ARG C 2393 -17.04 -99.21 14.85
C ARG C 2393 -15.75 -99.07 15.65
N ASP C 2394 -15.19 -100.16 16.16
CA ASP C 2394 -13.88 -100.16 16.77
C ASP C 2394 -12.87 -100.74 15.78
N GLY C 2395 -11.61 -100.83 16.19
CA GLY C 2395 -10.57 -101.41 15.36
C GLY C 2395 -10.40 -100.75 14.00
N ARG C 2416 -2.50 -102.38 20.39
CA ARG C 2416 -3.59 -101.84 19.59
C ARG C 2416 -4.28 -100.70 20.33
N VAL C 2417 -5.11 -99.95 19.59
CA VAL C 2417 -5.83 -98.80 20.13
C VAL C 2417 -7.31 -98.99 19.85
N HIS C 2418 -8.14 -98.76 20.86
CA HIS C 2418 -9.59 -98.84 20.74
C HIS C 2418 -10.18 -97.45 20.87
N LEU C 2419 -11.24 -97.19 20.08
CA LEU C 2419 -11.79 -95.83 20.00
C LEU C 2419 -12.46 -95.43 21.32
N GLY C 2420 -13.31 -96.30 21.87
CA GLY C 2420 -14.05 -95.93 23.06
C GLY C 2420 -13.15 -95.65 24.24
N HIS C 2421 -12.13 -96.48 24.43
CA HIS C 2421 -11.20 -96.27 25.54
C HIS C 2421 -10.48 -94.94 25.42
N ALA C 2422 -10.02 -94.60 24.21
CA ALA C 2422 -9.33 -93.32 24.02
C ALA C 2422 -10.27 -92.15 24.26
N ILE C 2423 -11.52 -92.25 23.77
CA ILE C 2423 -12.48 -91.18 23.98
C ILE C 2423 -12.76 -90.99 25.46
N MET C 2424 -12.90 -92.09 26.21
CA MET C 2424 -13.12 -91.99 27.65
C MET C 2424 -11.92 -91.37 28.35
N SER C 2425 -10.72 -91.82 27.99
CA SER C 2425 -9.50 -91.37 28.66
C SER C 2425 -9.25 -89.89 28.44
N PHE C 2426 -9.51 -89.37 27.23
CA PHE C 2426 -9.33 -87.96 26.97
C PHE C 2426 -10.14 -87.11 27.94
N TYR C 2427 -11.43 -87.41 28.06
CA TYR C 2427 -12.30 -86.61 28.91
C TYR C 2427 -11.97 -86.82 30.38
N ALA C 2428 -11.55 -88.03 30.76
CA ALA C 2428 -11.12 -88.26 32.14
C ALA C 2428 -9.93 -87.38 32.49
N ALA C 2429 -8.93 -87.33 31.60
CA ALA C 2429 -7.75 -86.50 31.85
C ALA C 2429 -8.11 -85.02 31.88
N LEU C 2430 -8.99 -84.59 30.97
CA LEU C 2430 -9.39 -83.18 30.94
C LEU C 2430 -10.10 -82.79 32.24
N ILE C 2431 -11.01 -83.64 32.71
CA ILE C 2431 -11.72 -83.34 33.95
C ILE C 2431 -10.76 -83.34 35.12
N ASP C 2432 -9.79 -84.25 35.13
CA ASP C 2432 -8.79 -84.26 36.20
C ASP C 2432 -8.00 -82.96 36.22
N LEU C 2433 -7.56 -82.50 35.05
CA LEU C 2433 -6.80 -81.25 34.99
C LEU C 2433 -7.64 -80.07 35.45
N LEU C 2434 -8.89 -79.99 34.99
CA LEU C 2434 -9.76 -78.89 35.40
C LEU C 2434 -10.01 -78.91 36.89
N GLY C 2435 -10.20 -80.10 37.47
CA GLY C 2435 -10.36 -80.20 38.91
C GLY C 2435 -9.13 -79.78 39.68
N ARG C 2436 -7.95 -80.11 39.15
CA ARG C 2436 -6.70 -79.67 39.79
C ARG C 2436 -6.46 -78.18 39.63
N CYS C 2437 -7.09 -77.53 38.65
CA CYS C 2437 -6.92 -76.10 38.49
C CYS C 2437 -7.77 -75.27 39.46
N ALA C 2438 -8.60 -75.93 40.27
CA ALA C 2438 -9.50 -75.20 41.15
C ALA C 2438 -8.72 -74.50 42.26
N PRO C 2439 -9.23 -73.39 42.79
CA PRO C 2439 -8.53 -72.67 43.85
C PRO C 2439 -8.67 -73.37 45.20
N GLU C 2440 -7.83 -72.94 46.15
CA GLU C 2440 -7.86 -73.50 47.49
C GLU C 2440 -9.01 -72.93 48.30
N MET C 2441 -9.30 -73.57 49.43
CA MET C 2441 -10.46 -73.19 50.23
C MET C 2441 -10.22 -71.89 50.99
N HIS C 2442 -9.02 -71.71 51.55
CA HIS C 2442 -8.77 -70.53 52.36
C HIS C 2442 -8.79 -69.23 51.54
N LEU C 2443 -8.44 -69.30 50.25
CA LEU C 2443 -8.62 -68.15 49.39
C LEU C 2443 -10.08 -67.77 49.25
N ILE C 2444 -10.97 -68.75 49.11
CA ILE C 2444 -12.41 -68.47 49.07
C ILE C 2444 -12.86 -67.91 50.41
N GLN C 2445 -12.31 -68.42 51.51
CA GLN C 2445 -12.66 -67.90 52.84
C GLN C 2445 -12.27 -66.43 52.95
N ALA C 2446 -11.09 -66.07 52.44
CA ALA C 2446 -10.66 -64.69 52.43
C ALA C 2446 -11.50 -63.81 51.51
N GLY C 2447 -12.24 -64.41 50.57
CA GLY C 2447 -13.12 -63.63 49.71
C GLY C 2447 -12.44 -62.91 48.58
N LYS C 2448 -11.31 -63.41 48.09
CA LYS C 2448 -10.64 -62.80 46.95
C LYS C 2448 -11.49 -62.97 45.69
N GLY C 2449 -11.57 -61.90 44.89
CA GLY C 2449 -12.41 -61.93 43.71
C GLY C 2449 -11.93 -62.88 42.63
N GLU C 2450 -10.61 -63.01 42.47
CA GLU C 2450 -10.06 -63.84 41.40
C GLU C 2450 -10.45 -65.31 41.58
N ALA C 2451 -10.35 -65.82 42.81
CA ALA C 2451 -10.72 -67.22 43.05
C ALA C 2451 -12.20 -67.45 42.81
N LEU C 2452 -13.05 -66.51 43.25
CA LEU C 2452 -14.48 -66.64 43.00
C LEU C 2452 -14.79 -66.63 41.51
N ARG C 2453 -14.12 -65.75 40.76
CA ARG C 2453 -14.34 -65.68 39.31
C ARG C 2453 -13.93 -67.00 38.65
N ILE C 2454 -12.76 -67.53 39.02
CA ILE C 2454 -12.29 -68.77 38.42
C ILE C 2454 -13.23 -69.93 38.76
N ARG C 2455 -13.68 -70.00 40.02
CA ARG C 2455 -14.59 -71.06 40.42
C ARG C 2455 -15.93 -70.94 39.70
N ALA C 2456 -16.41 -69.72 39.50
CA ALA C 2456 -17.65 -69.52 38.76
C ALA C 2456 -17.50 -70.00 37.31
N ILE C 2457 -16.36 -69.69 36.69
CA ILE C 2457 -16.12 -70.17 35.33
C ILE C 2457 -16.11 -71.70 35.29
N LEU C 2458 -15.41 -72.31 36.24
CA LEU C 2458 -15.32 -73.78 36.27
C LEU C 2458 -16.70 -74.41 36.49
N ARG C 2459 -17.49 -73.83 37.39
CA ARG C 2459 -18.85 -74.33 37.62
C ARG C 2459 -19.71 -74.18 36.37
N SER C 2460 -19.58 -73.06 35.66
CA SER C 2460 -20.37 -72.86 34.45
C SER C 2460 -19.96 -73.84 33.35
N LEU C 2461 -18.70 -74.27 33.34
CA LEU C 2461 -18.25 -75.20 32.30
C LEU C 2461 -18.89 -76.57 32.45
N VAL C 2462 -18.86 -77.13 33.66
CA VAL C 2462 -19.31 -78.51 33.87
C VAL C 2462 -20.48 -78.55 34.85
N PRO C 2463 -21.68 -78.92 34.40
CA PRO C 2463 -22.82 -79.03 35.31
C PRO C 2463 -22.68 -80.22 36.26
N LEU C 2464 -23.35 -80.08 37.41
CA LEU C 2464 -23.29 -81.11 38.45
C LEU C 2464 -24.00 -82.39 38.03
N ASP C 2465 -25.14 -82.26 37.35
CA ASP C 2465 -25.90 -83.44 36.95
C ASP C 2465 -25.10 -84.36 36.06
N ASP C 2466 -24.23 -83.81 35.21
CA ASP C 2466 -23.38 -84.66 34.38
C ASP C 2466 -22.43 -85.49 35.22
N LEU C 2467 -21.82 -84.88 36.24
CA LEU C 2467 -20.92 -85.62 37.12
C LEU C 2467 -21.69 -86.72 37.87
N VAL C 2468 -22.88 -86.38 38.37
CA VAL C 2468 -23.66 -87.37 39.13
C VAL C 2468 -24.07 -88.53 38.22
N GLY C 2469 -24.46 -88.23 36.98
CA GLY C 2469 -24.80 -89.29 36.06
C GLY C 2469 -23.61 -90.16 35.68
N ILE C 2470 -22.45 -89.54 35.49
CA ILE C 2470 -21.24 -90.30 35.17
C ILE C 2470 -20.89 -91.24 36.30
N ILE C 2471 -20.97 -90.76 37.54
CA ILE C 2471 -20.60 -91.59 38.70
C ILE C 2471 -21.54 -92.79 38.82
N SER C 2472 -22.79 -92.65 38.37
CA SER C 2472 -23.80 -93.68 38.57
C SER C 2472 -23.82 -94.74 37.48
N LEU C 2473 -22.91 -94.69 36.51
CA LEU C 2473 -22.91 -95.69 35.44
C LEU C 2473 -22.44 -97.03 35.99
N PRO C 2474 -22.98 -98.14 35.47
CA PRO C 2474 -22.61 -99.47 35.98
C PRO C 2474 -21.24 -99.91 35.48
N LEU C 2475 -20.76 -101.00 36.08
CA LEU C 2475 -19.48 -101.59 35.75
C LEU C 2475 -19.63 -103.08 35.50
N GLN C 2476 -18.69 -103.65 34.75
CA GLN C 2476 -18.72 -105.07 34.39
C GLN C 2476 -17.81 -105.82 35.35
N ILE C 2477 -18.41 -106.50 36.33
CA ILE C 2477 -17.64 -107.25 37.32
C ILE C 2477 -17.36 -108.66 36.80
N PRO C 2478 -16.29 -109.30 37.24
CA PRO C 2478 -16.01 -110.66 36.78
C PRO C 2478 -17.08 -111.64 37.25
N THR C 2479 -17.28 -112.70 36.46
CA THR C 2479 -18.29 -113.71 36.77
C THR C 2479 -17.80 -115.06 36.28
N LEU C 2480 -18.39 -116.12 36.84
CA LEU C 2480 -18.03 -117.48 36.51
C LEU C 2480 -19.13 -118.11 35.67
N GLY C 2481 -18.74 -118.78 34.59
CA GLY C 2481 -19.70 -119.39 33.68
C GLY C 2481 -20.28 -120.71 34.15
N LYS C 2482 -19.78 -121.25 35.27
CA LYS C 2482 -20.28 -122.49 35.87
C LYS C 2482 -20.05 -123.70 34.98
N ASP C 2483 -19.40 -123.50 33.83
CA ASP C 2483 -19.06 -124.59 32.92
C ASP C 2483 -17.55 -124.69 32.70
N GLY C 2484 -16.87 -123.56 32.55
CA GLY C 2484 -15.44 -123.49 32.39
C GLY C 2484 -14.83 -122.50 33.37
N ALA C 2485 -13.84 -121.76 32.88
CA ALA C 2485 -13.19 -120.75 33.68
C ALA C 2485 -14.07 -119.51 33.82
N LEU C 2486 -13.68 -118.62 34.72
CA LEU C 2486 -14.43 -117.40 34.96
C LEU C 2486 -14.28 -116.45 33.77
N VAL C 2487 -15.31 -115.64 33.55
CA VAL C 2487 -15.30 -114.64 32.48
C VAL C 2487 -14.75 -113.34 33.03
N GLN C 2488 -13.80 -112.74 32.32
CA GLN C 2488 -13.09 -111.58 32.80
C GLN C 2488 -13.13 -110.47 31.75
N PRO C 2489 -13.42 -109.23 32.13
CA PRO C 2489 -13.47 -108.14 31.16
C PRO C 2489 -12.08 -107.74 30.69
N LYS C 2490 -12.04 -107.12 29.51
CA LYS C 2490 -10.78 -106.62 28.95
C LYS C 2490 -10.54 -105.22 29.51
N MET C 2491 -9.44 -105.06 30.27
CA MET C 2491 -9.19 -103.80 30.97
C MET C 2491 -8.86 -102.66 30.02
N SER C 2492 -8.25 -102.96 28.87
CA SER C 2492 -7.80 -101.93 27.95
C SER C 2492 -8.86 -101.49 26.97
N ALA C 2493 -10.07 -102.07 27.03
CA ALA C 2493 -11.12 -101.67 26.10
C ALA C 2493 -12.49 -101.52 26.75
N SER C 2494 -12.58 -101.02 27.98
CA SER C 2494 -13.86 -100.93 28.67
C SER C 2494 -13.79 -99.83 29.72
N PHE C 2495 -14.94 -99.62 30.39
CA PHE C 2495 -15.03 -98.62 31.44
C PHE C 2495 -14.21 -99.04 32.65
N VAL C 2496 -13.52 -98.09 33.27
CA VAL C 2496 -12.59 -98.38 34.36
C VAL C 2496 -12.85 -97.41 35.52
N PRO C 2497 -12.75 -97.84 36.77
CA PRO C 2497 -12.97 -96.92 37.90
C PRO C 2497 -12.04 -95.73 37.91
N ASP C 2498 -10.84 -95.84 37.31
CA ASP C 2498 -9.96 -94.69 37.22
C ASP C 2498 -10.59 -93.52 36.47
N HIS C 2499 -11.59 -93.79 35.64
CA HIS C 2499 -12.35 -92.72 35.01
C HIS C 2499 -13.26 -92.03 36.01
N LYS C 2500 -13.84 -92.80 36.93
CA LYS C 2500 -14.74 -92.22 37.93
C LYS C 2500 -13.97 -91.46 39.00
N ALA C 2501 -12.70 -91.83 39.20
CA ALA C 2501 -11.89 -91.14 40.21
C ALA C 2501 -11.73 -89.66 39.89
N SER C 2502 -11.50 -89.33 38.61
CA SER C 2502 -11.36 -87.92 38.23
C SER C 2502 -12.64 -87.15 38.47
N MET C 2503 -13.79 -87.75 38.16
CA MET C 2503 -15.06 -87.08 38.42
C MET C 2503 -15.26 -86.84 39.91
N VAL C 2504 -14.89 -87.84 40.73
CA VAL C 2504 -15.00 -87.67 42.18
C VAL C 2504 -14.11 -86.52 42.65
N LEU C 2505 -12.88 -86.46 42.14
CA LEU C 2505 -11.98 -85.39 42.53
C LEU C 2505 -12.53 -84.02 42.14
N PHE C 2506 -13.05 -83.90 40.92
CA PHE C 2506 -13.61 -82.63 40.47
C PHE C 2506 -14.80 -82.23 41.34
N LEU C 2507 -15.68 -83.19 41.63
CA LEU C 2507 -16.84 -82.89 42.47
C LEU C 2507 -16.43 -82.44 43.85
N ASP C 2508 -15.40 -83.09 44.42
CA ASP C 2508 -14.93 -82.69 45.74
C ASP C 2508 -14.34 -81.29 45.73
N ARG C 2509 -13.46 -81.01 44.77
CA ARG C 2509 -12.72 -79.75 44.82
C ARG C 2509 -13.53 -78.55 44.37
N VAL C 2510 -14.45 -78.71 43.44
CA VAL C 2510 -15.18 -77.57 42.88
C VAL C 2510 -16.50 -77.34 43.60
N TYR C 2511 -17.41 -78.30 43.54
CA TYR C 2511 -18.74 -78.11 44.12
C TYR C 2511 -18.77 -78.33 45.62
N GLY C 2512 -18.19 -79.43 46.09
CA GLY C 2512 -18.23 -79.74 47.51
C GLY C 2512 -19.58 -80.29 47.95
N ILE C 2513 -19.68 -80.72 49.19
CA ILE C 2513 -20.91 -81.27 49.76
C ILE C 2513 -21.29 -80.42 50.97
N GLU C 2514 -22.52 -79.91 50.98
CA GLU C 2514 -22.96 -79.01 52.04
C GLU C 2514 -24.29 -79.44 52.63
N ASN C 2515 -25.09 -80.18 51.85
CA ASN C 2515 -26.43 -80.56 52.27
C ASN C 2515 -26.47 -82.03 52.64
N GLN C 2516 -27.26 -82.35 53.68
CA GLN C 2516 -27.48 -83.73 54.05
C GLN C 2516 -28.22 -84.49 52.97
N ASP C 2517 -29.22 -83.85 52.36
CA ASP C 2517 -30.02 -84.53 51.33
C ASP C 2517 -29.18 -84.86 50.09
N PHE C 2518 -28.32 -83.94 49.66
CA PHE C 2518 -27.46 -84.21 48.51
C PHE C 2518 -26.50 -85.36 48.80
N LEU C 2519 -25.91 -85.38 50.00
CA LEU C 2519 -25.03 -86.48 50.37
C LEU C 2519 -25.78 -87.80 50.38
N LEU C 2520 -27.00 -87.79 50.92
CA LEU C 2520 -27.81 -89.02 50.94
C LEU C 2520 -28.12 -89.50 49.53
N HIS C 2521 -28.45 -88.57 48.63
CA HIS C 2521 -28.73 -88.93 47.24
C HIS C 2521 -27.50 -89.53 46.58
N VAL C 2522 -26.34 -88.90 46.78
CA VAL C 2522 -25.11 -89.39 46.17
C VAL C 2522 -24.78 -90.77 46.69
N LEU C 2523 -24.92 -90.99 48.00
CA LEU C 2523 -24.70 -92.31 48.57
C LEU C 2523 -25.70 -93.32 48.02
N ASP C 2524 -26.95 -92.88 47.79
CA ASP C 2524 -27.98 -93.78 47.28
C ASP C 2524 -27.63 -94.28 45.88
N VAL C 2525 -27.20 -93.38 45.00
CA VAL C 2525 -27.03 -93.77 43.60
C VAL C 2525 -25.55 -93.98 43.25
N GLY C 2526 -24.66 -93.26 43.93
CA GLY C 2526 -23.26 -93.26 43.54
C GLY C 2526 -22.38 -94.41 44.01
N PHE C 2527 -22.19 -94.53 45.33
CA PHE C 2527 -21.07 -95.30 45.86
C PHE C 2527 -21.46 -96.67 46.40
N LEU C 2528 -22.67 -96.80 46.95
CA LEU C 2528 -23.10 -98.03 47.60
C LEU C 2528 -23.06 -99.23 46.67
N PRO C 2529 -23.53 -99.14 45.41
CA PRO C 2529 -23.37 -100.28 44.50
C PRO C 2529 -21.93 -100.71 44.30
N ASP C 2530 -20.99 -99.78 44.20
CA ASP C 2530 -19.59 -100.14 44.03
C ASP C 2530 -19.01 -100.79 45.28
N MET C 2531 -19.38 -100.27 46.46
CA MET C 2531 -18.94 -100.89 47.69
C MET C 2531 -19.49 -102.31 47.83
N ARG C 2532 -20.75 -102.51 47.48
CA ARG C 2532 -21.33 -103.84 47.50
C ARG C 2532 -20.63 -104.76 46.51
N ALA C 2533 -20.30 -104.24 45.32
CA ALA C 2533 -19.60 -105.06 44.33
C ALA C 2533 -18.23 -105.50 44.84
N ALA C 2534 -17.49 -104.59 45.47
CA ALA C 2534 -16.20 -104.97 46.04
C ALA C 2534 -16.35 -105.99 47.14
N ALA C 2535 -17.33 -105.79 48.03
CA ALA C 2535 -17.56 -106.75 49.11
C ALA C 2535 -17.91 -108.12 48.56
N SER C 2536 -18.71 -108.18 47.51
CA SER C 2536 -19.03 -109.46 46.87
C SER C 2536 -17.79 -110.08 46.23
N LEU C 2537 -16.96 -109.26 45.59
CA LEU C 2537 -15.74 -109.75 44.94
C LEU C 2537 -14.66 -110.15 45.93
N ASP C 2538 -14.84 -109.86 47.23
CA ASP C 2538 -13.87 -110.29 48.24
C ASP C 2538 -13.65 -111.80 48.28
N THR C 2539 -14.47 -112.59 47.56
CA THR C 2539 -14.35 -114.03 47.62
C THR C 2539 -12.99 -114.49 47.11
N ALA C 2540 -12.59 -115.71 47.52
CA ALA C 2540 -11.25 -116.21 47.23
C ALA C 2540 -11.02 -116.38 45.73
N THR C 2541 -12.01 -116.90 44.99
CA THR C 2541 -11.83 -117.12 43.57
C THR C 2541 -11.67 -115.81 42.79
N PHE C 2542 -12.15 -114.69 43.33
CA PHE C 2542 -12.07 -113.40 42.65
C PHE C 2542 -11.16 -112.39 43.36
N SER C 2543 -10.50 -112.79 44.45
CA SER C 2543 -9.77 -111.84 45.28
C SER C 2543 -8.63 -111.16 44.55
N THR C 2544 -7.86 -111.92 43.76
CA THR C 2544 -6.65 -111.40 43.13
C THR C 2544 -6.87 -110.92 41.71
N THR C 2545 -8.11 -110.89 41.22
CA THR C 2545 -8.35 -110.44 39.86
C THR C 2545 -8.08 -108.94 39.73
N GLU C 2546 -7.88 -108.50 38.48
CA GLU C 2546 -7.48 -107.12 38.23
C GLU C 2546 -8.57 -106.13 38.65
N MET C 2547 -9.83 -106.46 38.34
CA MET C 2547 -10.92 -105.52 38.64
C MET C 2547 -11.09 -105.33 40.14
N ALA C 2548 -10.86 -106.38 40.93
CA ALA C 2548 -10.94 -106.26 42.38
C ALA C 2548 -9.89 -105.28 42.90
N LEU C 2549 -8.66 -105.40 42.40
CA LEU C 2549 -7.60 -104.47 42.81
C LEU C 2549 -7.92 -103.04 42.38
N ALA C 2550 -8.44 -102.87 41.16
CA ALA C 2550 -8.81 -101.54 40.69
C ALA C 2550 -9.90 -100.94 41.56
N LEU C 2551 -10.91 -101.74 41.93
CA LEU C 2551 -11.98 -101.25 42.79
C LEU C 2551 -11.44 -100.90 44.17
N ASN C 2552 -10.51 -101.70 44.69
CA ASN C 2552 -9.91 -101.41 45.99
C ASN C 2552 -9.19 -100.06 45.95
N ARG C 2553 -8.38 -99.84 44.91
CA ARG C 2553 -7.68 -98.57 44.78
C ARG C 2553 -8.64 -97.41 44.66
N TYR C 2554 -9.68 -97.57 43.84
CA TYR C 2554 -10.65 -96.50 43.64
C TYR C 2554 -11.37 -96.16 44.94
N LEU C 2555 -11.77 -97.17 45.70
CA LEU C 2555 -12.46 -96.93 46.96
C LEU C 2555 -11.54 -96.28 47.99
N CYS C 2556 -10.28 -96.75 48.06
CA CYS C 2556 -9.40 -96.28 49.12
C CYS C 2556 -8.75 -94.93 48.80
N LEU C 2557 -8.80 -94.49 47.54
CA LEU C 2557 -8.17 -93.23 47.20
C LEU C 2557 -9.14 -92.07 47.10
N ALA C 2558 -10.39 -92.31 46.70
CA ALA C 2558 -11.32 -91.22 46.40
C ALA C 2558 -12.56 -91.22 47.29
N VAL C 2559 -13.26 -92.35 47.38
CA VAL C 2559 -14.60 -92.34 47.97
C VAL C 2559 -14.51 -92.21 49.50
N LEU C 2560 -13.81 -93.12 50.14
CA LEU C 2560 -13.79 -93.23 51.59
C LEU C 2560 -13.28 -91.96 52.28
N PRO C 2561 -12.18 -91.35 51.82
CA PRO C 2561 -11.79 -90.07 52.43
C PRO C 2561 -12.86 -88.99 52.31
N LEU C 2562 -13.55 -88.94 51.17
CA LEU C 2562 -14.62 -87.95 50.99
C LEU C 2562 -15.76 -88.22 51.97
N ILE C 2563 -16.12 -89.49 52.15
CA ILE C 2563 -17.17 -89.82 53.12
C ILE C 2563 -16.72 -89.47 54.53
N THR C 2564 -15.46 -89.73 54.84
CA THR C 2564 -14.93 -89.43 56.17
C THR C 2564 -14.97 -87.94 56.46
N LYS C 2565 -14.62 -87.11 55.47
CA LYS C 2565 -14.64 -85.66 55.68
C LYS C 2565 -16.06 -85.14 55.94
N CYS C 2566 -17.07 -85.83 55.42
CA CYS C 2566 -18.45 -85.39 55.56
C CYS C 2566 -19.21 -86.12 56.66
N ALA C 2567 -18.51 -86.67 57.65
CA ALA C 2567 -19.18 -87.39 58.73
C ALA C 2567 -20.16 -86.56 59.54
N PRO C 2568 -19.84 -85.32 59.99
CA PRO C 2568 -20.78 -84.60 60.85
C PRO C 2568 -22.13 -84.33 60.22
N LEU C 2569 -22.27 -84.51 58.91
CA LEU C 2569 -23.56 -84.35 58.26
C LEU C 2569 -24.55 -85.46 58.59
N PHE C 2570 -24.11 -86.52 59.27
CA PHE C 2570 -24.96 -87.69 59.50
C PHE C 2570 -25.83 -87.57 60.75
N ALA C 2571 -25.82 -86.42 61.43
CA ALA C 2571 -26.66 -86.26 62.61
C ALA C 2571 -28.11 -86.00 62.20
N GLY C 2572 -29.04 -86.70 62.85
CA GLY C 2572 -30.45 -86.50 62.60
C GLY C 2572 -30.98 -87.12 61.33
N THR C 2573 -30.43 -88.26 60.89
CA THR C 2573 -30.88 -88.91 59.67
C THR C 2573 -31.85 -90.05 59.98
N GLU C 2574 -32.72 -89.84 60.97
CA GLU C 2574 -33.61 -90.91 61.42
C GLU C 2574 -34.57 -91.36 60.33
N HIS C 2575 -34.79 -90.53 59.31
CA HIS C 2575 -35.76 -90.85 58.27
C HIS C 2575 -35.23 -91.80 57.20
N ARG C 2576 -33.93 -92.11 57.22
CA ARG C 2576 -33.33 -92.96 56.20
C ARG C 2576 -32.62 -94.16 56.81
N ALA C 2577 -33.11 -94.63 57.96
CA ALA C 2577 -32.40 -95.64 58.74
C ALA C 2577 -32.05 -96.86 57.91
N ILE C 2578 -32.98 -97.33 57.07
CA ILE C 2578 -32.76 -98.55 56.30
C ILE C 2578 -31.50 -98.42 55.46
N MET C 2579 -31.28 -97.24 54.85
CA MET C 2579 -30.05 -97.05 54.08
C MET C 2579 -28.82 -97.11 54.97
N VAL C 2580 -28.87 -96.43 56.12
CA VAL C 2580 -27.65 -96.24 56.92
C VAL C 2580 -27.08 -97.58 57.34
N ASP C 2581 -27.93 -98.48 57.84
CA ASP C 2581 -27.47 -99.81 58.22
C ASP C 2581 -26.78 -100.50 57.05
N SER C 2582 -27.38 -100.41 55.86
CA SER C 2582 -26.80 -101.06 54.69
C SER C 2582 -25.39 -100.56 54.43
N MET C 2583 -25.11 -99.30 54.77
CA MET C 2583 -23.74 -98.81 54.67
C MET C 2583 -22.86 -99.43 55.74
N LEU C 2584 -23.32 -99.39 56.99
CA LEU C 2584 -22.45 -99.74 58.12
C LEU C 2584 -22.00 -101.20 58.03
N HIS C 2585 -22.85 -102.09 57.54
CA HIS C 2585 -22.43 -103.46 57.30
C HIS C 2585 -21.33 -103.51 56.25
N THR C 2586 -21.58 -102.90 55.08
CA THR C 2586 -20.71 -103.11 53.93
C THR C 2586 -19.28 -102.67 54.23
N VAL C 2587 -19.10 -101.45 54.73
CA VAL C 2587 -17.77 -100.97 55.07
C VAL C 2587 -17.11 -101.90 56.07
N TYR C 2588 -17.89 -102.38 57.06
CA TYR C 2588 -17.32 -103.31 58.02
C TYR C 2588 -16.78 -104.56 57.33
N ARG C 2589 -17.53 -105.10 56.38
CA ARG C 2589 -17.04 -106.24 55.63
C ARG C 2589 -15.77 -105.90 54.87
N LEU C 2590 -15.71 -104.68 54.32
CA LEU C 2590 -14.50 -104.24 53.61
C LEU C 2590 -13.30 -104.22 54.55
N SER C 2591 -13.54 -104.02 55.85
CA SER C 2591 -12.44 -104.02 56.81
C SER C 2591 -11.83 -105.40 57.00
N ARG C 2592 -12.54 -106.46 56.60
CA ARG C 2592 -12.05 -107.82 56.79
C ARG C 2592 -11.63 -108.49 55.49
N GLY C 2593 -11.25 -107.71 54.48
CA GLY C 2593 -10.78 -108.30 53.24
C GLY C 2593 -9.44 -109.00 53.42
N ARG C 2594 -9.15 -109.92 52.50
CA ARG C 2594 -7.93 -110.69 52.60
C ARG C 2594 -6.77 -110.04 51.84
N SER C 2595 -7.01 -109.64 50.59
CA SER C 2595 -5.95 -109.08 49.75
C SER C 2595 -5.99 -107.55 49.78
N LEU C 2596 -5.61 -107.00 50.93
CA LEU C 2596 -5.54 -105.56 51.13
C LEU C 2596 -4.22 -105.19 51.78
N THR C 2597 -3.62 -104.08 51.33
CA THR C 2597 -2.42 -103.57 51.96
C THR C 2597 -2.76 -102.92 53.30
N LYS C 2598 -1.72 -102.61 54.07
CA LYS C 2598 -1.92 -102.06 55.40
C LYS C 2598 -2.56 -100.68 55.35
N ALA C 2599 -2.12 -99.85 54.40
CA ALA C 2599 -2.64 -98.48 54.31
C ALA C 2599 -4.14 -98.47 53.99
N GLN C 2600 -4.58 -99.35 53.09
CA GLN C 2600 -6.00 -99.42 52.77
C GLN C 2600 -6.83 -99.86 53.98
N ARG C 2601 -6.32 -100.84 54.73
CA ARG C 2601 -7.01 -101.26 55.95
C ARG C 2601 -7.08 -100.13 56.96
N ASP C 2602 -5.99 -99.37 57.11
CA ASP C 2602 -5.99 -98.22 58.01
C ASP C 2602 -7.03 -97.20 57.58
N VAL C 2603 -7.11 -96.91 56.28
CA VAL C 2603 -8.09 -95.95 55.78
C VAL C 2603 -9.50 -96.42 56.07
N ILE C 2604 -9.79 -97.71 55.82
CA ILE C 2604 -11.13 -98.23 56.05
C ILE C 2604 -11.49 -98.17 57.53
N GLU C 2605 -10.57 -98.58 58.40
CA GLU C 2605 -10.83 -98.53 59.83
C GLU C 2605 -11.06 -97.11 60.31
N GLU C 2606 -10.26 -96.16 59.81
CA GLU C 2606 -10.44 -94.77 60.18
C GLU C 2606 -11.80 -94.23 59.73
N CYS C 2607 -12.20 -94.60 58.51
CA CYS C 2607 -13.51 -94.18 58.01
C CYS C 2607 -14.63 -94.72 58.88
N LEU C 2608 -14.55 -96.00 59.25
CA LEU C 2608 -15.59 -96.59 60.10
C LEU C 2608 -15.62 -95.91 61.48
N MET C 2609 -14.45 -95.68 62.07
CA MET C 2609 -14.39 -95.06 63.39
C MET C 2609 -14.94 -93.63 63.35
N ALA C 2610 -14.64 -92.89 62.28
CA ALA C 2610 -15.20 -91.56 62.13
C ALA C 2610 -16.70 -91.60 61.95
N LEU C 2611 -17.20 -92.58 61.19
CA LEU C 2611 -18.64 -92.70 60.95
C LEU C 2611 -19.39 -92.98 62.25
N CYS C 2612 -18.84 -93.86 63.09
CA CYS C 2612 -19.56 -94.28 64.29
C CYS C 2612 -19.63 -93.18 65.34
N ARG C 2613 -18.90 -92.07 65.17
CA ARG C 2613 -18.84 -91.04 66.20
C ARG C 2613 -20.04 -90.11 66.20
N TYR C 2614 -20.79 -90.05 65.10
CA TYR C 2614 -21.88 -89.09 64.98
C TYR C 2614 -23.26 -89.69 64.80
N ILE C 2615 -23.37 -91.01 64.60
CA ILE C 2615 -24.67 -91.63 64.44
C ILE C 2615 -25.36 -91.72 65.80
N ARG C 2616 -26.68 -91.65 65.78
CA ARG C 2616 -27.45 -91.79 67.01
C ARG C 2616 -27.24 -93.18 67.61
N PRO C 2617 -27.20 -93.30 68.94
CA PRO C 2617 -26.95 -94.62 69.55
C PRO C 2617 -27.98 -95.67 69.19
N SER C 2618 -29.23 -95.28 68.95
CA SER C 2618 -30.27 -96.25 68.65
C SER C 2618 -30.14 -96.83 67.24
N MET C 2619 -29.27 -96.28 66.41
CA MET C 2619 -29.11 -96.75 65.03
C MET C 2619 -27.98 -97.77 64.87
N LEU C 2620 -27.27 -98.10 65.93
CA LEU C 2620 -26.11 -98.99 65.84
C LEU C 2620 -26.40 -100.39 66.37
N GLN C 2621 -27.67 -100.78 66.45
CA GLN C 2621 -28.01 -102.05 67.09
C GLN C 2621 -27.52 -103.25 66.29
N HIS C 2622 -27.72 -103.24 64.97
CA HIS C 2622 -27.32 -104.38 64.15
C HIS C 2622 -25.81 -104.55 64.10
N LEU C 2623 -25.07 -103.45 64.02
CA LEU C 2623 -23.61 -103.55 64.09
C LEU C 2623 -23.16 -104.12 65.42
N LEU C 2624 -23.83 -103.73 66.51
CA LEU C 2624 -23.53 -104.33 67.81
C LEU C 2624 -23.84 -105.81 67.82
N ARG C 2625 -24.92 -106.22 67.16
CA ARG C 2625 -25.27 -107.64 67.08
C ARG C 2625 -24.17 -108.42 66.37
N ARG C 2626 -23.67 -107.88 65.26
CA ARG C 2626 -22.55 -108.54 64.56
C ARG C 2626 -21.29 -108.56 65.42
N LEU C 2627 -21.00 -107.46 66.11
CA LEU C 2627 -19.80 -107.37 66.93
C LEU C 2627 -19.84 -108.36 68.09
N VAL C 2628 -21.02 -108.59 68.65
CA VAL C 2628 -21.17 -109.54 69.75
C VAL C 2628 -20.72 -110.93 69.31
N PHE C 2629 -21.05 -111.32 68.08
CA PHE C 2629 -20.57 -112.59 67.57
C PHE C 2629 -19.08 -112.55 67.25
N ASP C 2630 -18.61 -111.47 66.64
CA ASP C 2630 -17.24 -111.47 66.13
C ASP C 2630 -16.18 -111.34 67.23
N VAL C 2631 -16.37 -110.42 68.17
CA VAL C 2631 -15.31 -109.99 69.09
C VAL C 2631 -14.79 -111.08 70.02
N PRO C 2632 -15.63 -111.80 70.77
CA PRO C 2632 -15.12 -112.56 71.93
C PRO C 2632 -14.17 -113.71 71.57
N ILE C 2633 -13.86 -113.92 70.30
CA ILE C 2633 -12.86 -114.94 69.95
C ILE C 2633 -11.45 -114.44 70.21
N LEU C 2634 -11.22 -113.12 70.14
CA LEU C 2634 -9.92 -112.52 70.43
C LEU C 2634 -8.84 -113.04 69.48
N ASN C 2635 -9.09 -112.95 68.18
CA ASN C 2635 -8.09 -113.32 67.19
C ASN C 2635 -7.17 -112.13 66.92
N GLU C 2636 -6.33 -112.28 65.90
CA GLU C 2636 -5.48 -111.17 65.48
C GLU C 2636 -6.27 -110.06 64.80
N PHE C 2637 -7.50 -110.35 64.37
CA PHE C 2637 -8.33 -109.36 63.71
C PHE C 2637 -9.14 -108.51 64.67
N ALA C 2638 -9.04 -108.77 65.98
CA ALA C 2638 -9.88 -108.10 66.96
C ALA C 2638 -9.27 -106.82 67.51
N LYS C 2639 -8.11 -106.40 67.01
CA LYS C 2639 -7.47 -105.19 67.53
C LYS C 2639 -8.34 -103.96 67.25
N MET C 2640 -8.94 -103.88 66.06
CA MET C 2640 -9.71 -102.70 65.71
C MET C 2640 -11.09 -102.67 66.39
N PRO C 2641 -11.88 -103.76 66.37
CA PRO C 2641 -13.24 -103.67 66.94
C PRO C 2641 -13.27 -103.20 68.39
N LEU C 2642 -12.34 -103.70 69.23
CA LEU C 2642 -12.36 -103.34 70.65
C LEU C 2642 -12.35 -101.84 70.84
N LYS C 2643 -11.39 -101.15 70.20
CA LYS C 2643 -11.32 -99.69 70.28
C LYS C 2643 -12.67 -99.06 69.96
N LEU C 2644 -13.33 -99.55 68.90
CA LEU C 2644 -14.63 -99.01 68.53
C LEU C 2644 -15.59 -99.04 69.71
N LEU C 2645 -15.73 -100.22 70.33
CA LEU C 2645 -16.61 -100.34 71.48
C LEU C 2645 -16.17 -99.41 72.60
N THR C 2646 -14.86 -99.30 72.80
CA THR C 2646 -14.33 -98.42 73.85
C THR C 2646 -14.78 -96.98 73.62
N ASN C 2647 -14.83 -96.55 72.36
CA ASN C 2647 -15.25 -95.18 72.09
C ASN C 2647 -16.76 -95.03 72.17
N HIS C 2648 -17.50 -96.13 72.03
CA HIS C 2648 -18.96 -96.04 72.00
C HIS C 2648 -19.51 -95.87 73.41
N TYR C 2649 -19.26 -96.84 74.28
CA TYR C 2649 -19.86 -96.82 75.61
C TYR C 2649 -19.34 -95.65 76.44
N GLU C 2650 -18.14 -95.17 76.17
CA GLU C 2650 -17.64 -93.99 76.87
C GLU C 2650 -18.42 -92.74 76.49
N ARG C 2651 -18.98 -92.71 75.27
CA ARG C 2651 -19.69 -91.52 74.82
C ARG C 2651 -21.16 -91.57 75.21
N CYS C 2652 -21.77 -92.75 75.14
CA CYS C 2652 -23.20 -92.91 75.32
C CYS C 2652 -23.58 -93.63 76.61
N TRP C 2653 -22.87 -93.36 77.72
CA TRP C 2653 -23.16 -94.05 78.96
C TRP C 2653 -24.48 -93.60 79.57
N LYS C 2654 -24.85 -92.34 79.38
CA LYS C 2654 -26.15 -91.85 79.87
C LYS C 2654 -27.31 -92.55 79.16
N TYR C 2655 -27.11 -92.95 77.91
CA TYR C 2655 -28.18 -93.59 77.16
C TYR C 2655 -28.55 -94.94 77.76
N TYR C 2656 -27.59 -95.60 78.40
CA TYR C 2656 -27.84 -96.92 78.97
C TYR C 2656 -28.05 -96.89 80.48
N CYS C 2657 -27.49 -95.91 81.18
CA CYS C 2657 -27.49 -95.94 82.65
C CYS C 2657 -28.71 -95.26 83.25
N LEU C 2658 -28.91 -93.97 82.96
CA LEU C 2658 -29.92 -93.19 83.65
C LEU C 2658 -31.32 -93.64 83.24
N PRO C 2659 -32.27 -93.67 84.18
CA PRO C 2659 -33.66 -94.02 83.83
C PRO C 2659 -34.28 -93.06 82.83
N THR C 2660 -33.96 -91.77 82.90
CA THR C 2660 -34.47 -90.80 81.94
C THR C 2660 -33.68 -90.81 80.64
N GLY C 2661 -32.52 -91.48 80.60
CA GLY C 2661 -31.75 -91.57 79.39
C GLY C 2661 -31.04 -90.26 79.04
N TRP C 2662 -30.59 -90.20 77.79
CA TRP C 2662 -29.86 -89.04 77.28
C TRP C 2662 -30.85 -88.08 76.65
N ALA C 2663 -30.59 -86.78 76.81
CA ALA C 2663 -31.50 -85.76 76.30
C ALA C 2663 -31.57 -85.82 74.79
N ASN C 2664 -32.79 -85.85 74.26
CA ASN C 2664 -33.13 -85.89 72.84
C ASN C 2664 -32.74 -87.21 72.17
N PHE C 2665 -32.25 -88.20 72.93
CA PHE C 2665 -31.91 -89.50 72.36
C PHE C 2665 -32.75 -90.64 72.92
N GLY C 2666 -33.55 -90.40 73.96
CA GLY C 2666 -34.40 -91.45 74.49
C GLY C 2666 -33.67 -92.36 75.46
N VAL C 2667 -34.23 -93.56 75.62
CA VAL C 2667 -33.70 -94.55 76.54
C VAL C 2667 -33.48 -95.86 75.79
N THR C 2668 -32.62 -96.70 76.35
CA THR C 2668 -32.30 -97.97 75.72
C THR C 2668 -33.44 -98.97 75.87
N SER C 2669 -33.35 -100.06 75.11
CA SER C 2669 -34.33 -101.14 75.20
C SER C 2669 -33.70 -102.34 75.90
N GLU C 2670 -34.54 -103.37 76.11
CA GLU C 2670 -34.08 -104.57 76.82
C GLU C 2670 -33.02 -105.31 76.01
N GLU C 2671 -33.21 -105.41 74.69
CA GLU C 2671 -32.31 -106.20 73.86
C GLU C 2671 -30.89 -105.64 73.87
N GLU C 2672 -30.76 -104.31 73.85
CA GLU C 2672 -29.44 -103.70 73.87
C GLU C 2672 -28.71 -104.02 75.17
N LEU C 2673 -29.42 -103.94 76.30
CA LEU C 2673 -28.80 -104.28 77.58
C LEU C 2673 -28.41 -105.75 77.63
N HIS C 2674 -29.26 -106.62 77.09
CA HIS C 2674 -28.93 -108.05 77.04
C HIS C 2674 -27.68 -108.28 76.20
N LEU C 2675 -27.58 -107.62 75.05
CA LEU C 2675 -26.40 -107.76 74.21
C LEU C 2675 -25.15 -107.26 74.93
N THR C 2676 -25.26 -106.13 75.63
CA THR C 2676 -24.11 -105.59 76.36
C THR C 2676 -23.64 -106.55 77.45
N ARG C 2677 -24.58 -107.12 78.21
CA ARG C 2677 -24.22 -108.07 79.25
C ARG C 2677 -23.57 -109.32 78.66
N LYS C 2678 -24.11 -109.83 77.56
CA LYS C 2678 -23.52 -110.99 76.91
C LYS C 2678 -22.11 -110.69 76.43
N LEU C 2679 -21.91 -109.52 75.83
CA LEU C 2679 -20.58 -109.14 75.35
C LEU C 2679 -19.58 -109.04 76.50
N PHE C 2680 -19.99 -108.41 77.60
CA PHE C 2680 -19.10 -108.26 78.74
C PHE C 2680 -18.69 -109.62 79.29
N TRP C 2681 -19.67 -110.50 79.54
CA TRP C 2681 -19.33 -111.79 80.13
C TRP C 2681 -18.53 -112.65 79.17
N GLY C 2682 -18.84 -112.60 77.88
CA GLY C 2682 -18.05 -113.35 76.91
C GLY C 2682 -16.60 -112.90 76.86
N ILE C 2683 -16.38 -111.59 76.84
CA ILE C 2683 -15.02 -111.07 76.81
C ILE C 2683 -14.28 -111.47 78.08
N PHE C 2684 -14.93 -111.34 79.24
CA PHE C 2684 -14.29 -111.69 80.50
C PHE C 2684 -13.89 -113.17 80.52
N ASP C 2685 -14.82 -114.05 80.15
CA ASP C 2685 -14.53 -115.48 80.17
C ASP C 2685 -13.43 -115.83 79.17
N SER C 2686 -13.45 -115.23 77.98
CA SER C 2686 -12.43 -115.50 76.98
C SER C 2686 -11.05 -115.05 77.46
N LEU C 2687 -10.98 -113.85 78.05
CA LEU C 2687 -9.70 -113.34 78.52
C LEU C 2687 -9.21 -114.05 79.76
N ALA C 2688 -10.09 -114.74 80.49
CA ALA C 2688 -9.66 -115.46 81.70
C ALA C 2688 -8.62 -116.53 81.37
N HIS C 2689 -8.82 -117.28 80.28
CA HIS C 2689 -7.99 -118.44 80.00
C HIS C 2689 -6.80 -118.14 79.09
N LYS C 2690 -6.79 -117.01 78.41
CA LYS C 2690 -5.75 -116.72 77.43
C LYS C 2690 -4.40 -116.54 78.10
N LYS C 2691 -3.34 -116.88 77.37
CA LYS C 2691 -1.98 -116.69 77.85
C LYS C 2691 -1.63 -115.20 77.85
N TYR C 2692 -0.57 -114.85 78.57
CA TYR C 2692 -0.20 -113.45 78.73
C TYR C 2692 0.28 -112.84 77.42
N ASP C 2693 -0.17 -111.63 77.15
CA ASP C 2693 0.26 -110.83 76.00
C ASP C 2693 0.05 -109.36 76.35
N PRO C 2694 1.12 -108.57 76.48
CA PRO C 2694 0.94 -107.17 76.92
C PRO C 2694 0.02 -106.36 76.02
N GLU C 2695 0.14 -106.52 74.70
CA GLU C 2695 -0.70 -105.75 73.78
C GLU C 2695 -2.16 -106.11 73.94
N LEU C 2696 -2.47 -107.40 74.08
CA LEU C 2696 -3.86 -107.83 74.23
C LEU C 2696 -4.46 -107.25 75.51
N TYR C 2697 -3.72 -107.31 76.62
CA TYR C 2697 -4.23 -106.75 77.87
C TYR C 2697 -4.42 -105.23 77.77
N ARG C 2698 -3.45 -104.53 77.18
CA ARG C 2698 -3.57 -103.08 77.04
C ARG C 2698 -4.77 -102.71 76.19
N MET C 2699 -5.06 -103.50 75.16
CA MET C 2699 -6.21 -103.20 74.30
C MET C 2699 -7.52 -103.59 74.96
N ALA C 2700 -7.52 -104.62 75.82
CA ALA C 2700 -8.77 -105.16 76.32
C ALA C 2700 -9.24 -104.51 77.62
N MET C 2701 -8.31 -104.04 78.46
CA MET C 2701 -8.72 -103.51 79.77
C MET C 2701 -9.66 -102.31 79.65
N PRO C 2702 -9.37 -101.27 78.87
CA PRO C 2702 -10.31 -100.14 78.79
C PRO C 2702 -11.69 -100.52 78.29
N CYS C 2703 -11.76 -101.49 77.36
CA CYS C 2703 -13.06 -101.92 76.86
C CYS C 2703 -13.91 -102.53 77.96
N LEU C 2704 -13.30 -103.39 78.78
CA LEU C 2704 -14.01 -103.97 79.92
C LEU C 2704 -14.45 -102.89 80.89
N CYS C 2705 -13.58 -101.93 81.19
CA CYS C 2705 -13.97 -100.87 82.12
C CYS C 2705 -15.14 -100.05 81.58
N ALA C 2706 -15.10 -99.70 80.29
CA ALA C 2706 -16.19 -98.92 79.71
C ALA C 2706 -17.49 -99.69 79.70
N ILE C 2707 -17.46 -100.97 79.30
CA ILE C 2707 -18.68 -101.76 79.28
C ILE C 2707 -19.25 -101.92 80.68
N ALA C 2708 -18.40 -102.16 81.67
CA ALA C 2708 -18.87 -102.28 83.05
C ALA C 2708 -19.48 -100.98 83.54
N GLY C 2709 -18.86 -99.84 83.21
CA GLY C 2709 -19.38 -98.56 83.65
C GLY C 2709 -20.64 -98.12 82.94
N ALA C 2710 -20.91 -98.65 81.75
CA ALA C 2710 -22.09 -98.24 81.00
C ALA C 2710 -23.34 -99.05 81.36
N LEU C 2711 -23.24 -100.01 82.28
CA LEU C 2711 -24.37 -100.89 82.57
C LEU C 2711 -24.96 -100.58 83.94
N PRO C 2712 -26.28 -100.52 84.08
CA PRO C 2712 -26.88 -100.30 85.40
C PRO C 2712 -26.53 -101.42 86.35
N PRO C 2713 -26.34 -101.11 87.64
CA PRO C 2713 -25.93 -102.16 88.59
C PRO C 2713 -27.05 -103.11 88.97
N ASP C 2714 -28.31 -102.68 88.90
CA ASP C 2714 -29.44 -103.49 89.32
C ASP C 2714 -30.20 -104.11 88.15
N TYR C 2715 -29.61 -104.12 86.96
CA TYR C 2715 -30.30 -104.69 85.80
C TYR C 2715 -30.47 -106.19 85.97
N VAL C 2716 -31.67 -106.68 85.61
CA VAL C 2716 -32.00 -108.10 85.67
C VAL C 2716 -32.39 -108.56 84.28
N ASP C 2717 -31.71 -109.58 83.78
CA ASP C 2717 -31.99 -110.09 82.44
C ASP C 2717 -33.23 -110.98 82.48
N ALA C 2718 -34.13 -110.77 81.52
CA ALA C 2718 -35.35 -111.55 81.44
C ALA C 2718 -35.07 -112.98 80.98
N ASN C 2735 -23.30 -117.93 64.73
CA ASN C 2735 -23.11 -119.39 64.72
C ASN C 2735 -24.44 -120.13 65.00
N PHE C 2736 -25.55 -119.68 64.33
CA PHE C 2736 -26.94 -120.17 64.47
C PHE C 2736 -27.16 -121.65 64.17
N ASP C 2737 -27.38 -122.43 65.23
CA ASP C 2737 -27.69 -123.85 65.14
C ASP C 2737 -29.11 -124.05 65.74
N PRO C 2738 -30.20 -123.83 64.94
CA PRO C 2738 -31.56 -123.99 65.50
C PRO C 2738 -31.88 -125.44 65.85
N ARG C 2739 -32.20 -125.67 67.12
CA ARG C 2739 -32.57 -127.00 67.60
C ARG C 2739 -34.01 -126.93 68.17
N PRO C 2740 -35.05 -126.98 67.30
CA PRO C 2740 -36.42 -126.98 67.83
C PRO C 2740 -36.70 -128.31 68.54
N VAL C 2741 -37.67 -128.31 69.45
CA VAL C 2741 -38.01 -129.51 70.23
C VAL C 2741 -38.48 -130.62 69.25
N GLU C 2742 -38.13 -131.89 69.52
CA GLU C 2742 -38.51 -133.02 68.67
C GLU C 2742 -39.99 -133.34 68.88
N THR C 2743 -40.78 -133.25 67.80
CA THR C 2743 -42.23 -133.47 67.84
C THR C 2743 -42.72 -134.72 67.05
N LEU C 2744 -41.89 -135.28 66.14
CA LEU C 2744 -42.27 -136.42 65.26
C LEU C 2744 -42.92 -137.62 65.98
N ASN C 2745 -42.42 -138.00 67.16
CA ASN C 2745 -42.94 -139.15 67.91
C ASN C 2745 -43.97 -138.73 69.00
N VAL C 2746 -44.33 -137.43 69.07
CA VAL C 2746 -45.28 -136.89 70.07
C VAL C 2746 -46.72 -137.20 69.66
N ILE C 2747 -47.47 -137.88 70.54
CA ILE C 2747 -48.87 -138.23 70.33
C ILE C 2747 -49.76 -137.20 71.05
N ILE C 2748 -50.70 -136.59 70.31
CA ILE C 2748 -51.66 -135.65 70.91
C ILE C 2748 -52.84 -136.49 71.42
N PRO C 2749 -53.31 -136.32 72.69
CA PRO C 2749 -54.49 -137.08 73.14
C PRO C 2749 -55.70 -136.73 72.27
N GLU C 2750 -56.48 -137.75 71.91
CA GLU C 2750 -57.69 -137.67 71.09
C GLU C 2750 -58.71 -136.68 71.63
N LYS C 2751 -58.74 -136.46 72.97
CA LYS C 2751 -59.65 -135.52 73.62
C LYS C 2751 -59.40 -134.04 73.17
N LEU C 2752 -58.23 -133.76 72.53
CA LEU C 2752 -57.88 -132.44 72.01
C LEU C 2752 -58.36 -132.22 70.55
N ASP C 2753 -58.87 -133.28 69.86
CA ASP C 2753 -59.34 -133.22 68.46
C ASP C 2753 -60.41 -132.17 68.22
N SER C 2754 -61.35 -131.99 69.17
CA SER C 2754 -62.44 -131.02 69.08
C SER C 2754 -61.87 -129.62 69.18
N PHE C 2755 -60.87 -129.42 70.10
CA PHE C 2755 -60.17 -128.16 70.28
C PHE C 2755 -59.44 -127.79 68.96
N ILE C 2756 -58.70 -128.76 68.35
CA ILE C 2756 -57.94 -128.61 67.09
C ILE C 2756 -58.89 -128.12 65.96
N ASN C 2757 -60.06 -128.80 65.81
CA ASN C 2757 -61.11 -128.48 64.84
C ASN C 2757 -61.69 -127.07 65.03
N LYS C 2758 -61.98 -126.67 66.32
CA LYS C 2758 -62.54 -125.34 66.68
C LYS C 2758 -61.53 -124.26 66.37
N PHE C 2759 -60.25 -124.47 66.74
CA PHE C 2759 -59.19 -123.49 66.50
C PHE C 2759 -58.86 -123.38 65.02
N ALA C 2760 -58.95 -124.50 64.24
CA ALA C 2760 -58.72 -124.50 62.78
C ALA C 2760 -59.78 -123.67 62.09
N GLU C 2761 -61.06 -123.85 62.49
CA GLU C 2761 -62.18 -123.07 61.94
C GLU C 2761 -61.99 -121.60 62.31
N TYR C 2762 -61.59 -121.32 63.56
CA TYR C 2762 -61.34 -119.95 64.02
C TYR C 2762 -60.27 -119.27 63.15
N THR C 2763 -59.10 -119.95 62.97
CA THR C 2763 -57.95 -119.50 62.18
C THR C 2763 -58.40 -119.15 60.75
N HIS C 2764 -59.23 -120.03 60.12
CA HIS C 2764 -59.80 -119.82 58.78
C HIS C 2764 -60.68 -118.58 58.77
N GLU C 2765 -61.64 -118.50 59.71
CA GLU C 2765 -62.58 -117.40 59.85
C GLU C 2765 -61.87 -116.07 60.01
N LYS C 2766 -60.75 -116.02 60.80
CA LYS C 2766 -59.93 -114.82 61.02
C LYS C 2766 -59.23 -114.42 59.70
N TRP C 2767 -58.61 -115.40 59.01
CA TRP C 2767 -57.96 -115.16 57.71
C TRP C 2767 -58.99 -114.67 56.67
N ALA C 2768 -60.19 -115.31 56.64
CA ALA C 2768 -61.26 -114.97 55.73
C ALA C 2768 -61.83 -113.58 56.01
N PHE C 2769 -62.08 -113.27 57.32
CA PHE C 2769 -62.59 -111.96 57.78
C PHE C 2769 -61.69 -110.81 57.29
N ASP C 2770 -60.37 -110.91 57.55
CA ASP C 2770 -59.38 -109.90 57.16
C ASP C 2770 -59.39 -109.63 55.66
N LYS C 2771 -59.49 -110.69 54.83
CA LYS C 2771 -59.55 -110.64 53.37
C LYS C 2771 -60.87 -110.00 52.88
N ILE C 2772 -62.04 -110.49 53.36
CA ILE C 2772 -63.39 -110.02 53.01
C ILE C 2772 -63.57 -108.51 53.37
N GLN C 2773 -62.96 -108.05 54.48
CA GLN C 2773 -62.98 -106.64 54.92
C GLN C 2773 -62.01 -105.80 54.05
N ASN C 2774 -61.04 -106.48 53.45
CA ASN C 2774 -60.11 -105.81 52.49
C ASN C 2774 -60.72 -105.97 51.10
N ASN C 2775 -62.00 -106.37 51.02
CA ASN C 2775 -62.82 -106.49 49.76
C ASN C 2775 -62.48 -107.70 48.87
N TRP C 2776 -61.97 -108.77 49.49
CA TRP C 2776 -61.70 -110.02 48.72
C TRP C 2776 -62.95 -110.89 48.70
N SER C 2777 -63.18 -111.63 47.61
CA SER C 2777 -64.39 -112.46 47.48
C SER C 2777 -64.06 -113.84 46.88
N TYR C 2778 -65.00 -114.79 46.96
CA TYR C 2778 -64.82 -116.14 46.41
C TYR C 2778 -64.77 -116.09 44.88
N GLY C 2779 -64.03 -117.03 44.30
CA GLY C 2779 -63.83 -117.22 42.87
C GLY C 2779 -62.82 -118.33 42.66
N GLU C 2780 -63.00 -119.10 41.58
CA GLU C 2780 -62.17 -120.26 41.18
C GLU C 2780 -60.65 -120.07 41.33
N ASN C 2781 -60.13 -118.87 40.98
CA ASN C 2781 -58.71 -118.52 40.97
C ASN C 2781 -58.23 -117.63 42.13
N ILE C 2782 -56.91 -117.67 42.41
CA ILE C 2782 -56.20 -116.79 43.32
C ILE C 2782 -55.64 -115.58 42.60
N ASP C 2783 -56.42 -114.49 42.53
CA ASP C 2783 -56.03 -113.28 41.77
C ASP C 2783 -55.87 -112.06 42.68
N GLU C 2784 -54.63 -111.55 42.76
CA GLU C 2784 -54.20 -110.39 43.55
C GLU C 2784 -54.86 -109.08 43.07
N GLU C 2785 -55.05 -108.95 41.75
CA GLU C 2785 -55.63 -107.76 41.12
C GLU C 2785 -57.15 -107.67 41.33
N LEU C 2786 -57.89 -108.75 40.95
CA LEU C 2786 -59.35 -108.83 41.04
C LEU C 2786 -59.89 -109.13 42.48
N LYS C 2787 -58.97 -109.37 43.46
CA LYS C 2787 -59.24 -109.68 44.88
C LYS C 2787 -60.13 -110.97 45.01
N THR C 2788 -59.65 -112.06 44.42
CA THR C 2788 -60.40 -113.32 44.46
C THR C 2788 -59.53 -114.48 45.00
N HIS C 2789 -60.14 -115.40 45.76
CA HIS C 2789 -59.50 -116.58 46.38
C HIS C 2789 -60.53 -117.72 46.52
N PRO C 2790 -60.23 -118.97 46.08
CA PRO C 2790 -61.22 -120.06 46.20
C PRO C 2790 -61.46 -120.57 47.62
N MET C 2791 -60.64 -120.14 48.59
CA MET C 2791 -60.77 -120.58 49.98
C MET C 2791 -61.65 -119.65 50.81
N LEU C 2792 -62.15 -118.55 50.18
CA LEU C 2792 -63.05 -117.61 50.84
C LEU C 2792 -64.48 -118.16 50.83
N ARG C 2793 -64.66 -119.25 51.58
CA ARG C 2793 -65.90 -120.01 51.73
C ARG C 2793 -66.00 -120.61 53.15
N PRO C 2794 -67.17 -121.11 53.65
CA PRO C 2794 -67.19 -121.66 55.01
C PRO C 2794 -66.26 -122.85 55.20
N TYR C 2795 -65.65 -122.97 56.41
CA TYR C 2795 -64.73 -124.04 56.80
C TYR C 2795 -65.40 -125.43 56.68
N LYS C 2796 -66.74 -125.47 56.82
CA LYS C 2796 -67.61 -126.64 56.70
C LYS C 2796 -67.60 -127.20 55.28
N THR C 2797 -67.33 -126.34 54.27
CA THR C 2797 -67.28 -126.72 52.85
C THR C 2797 -65.94 -127.34 52.46
N PHE C 2798 -64.94 -127.34 53.37
CA PHE C 2798 -63.63 -127.93 53.10
C PHE C 2798 -63.65 -129.41 53.38
N SER C 2799 -62.85 -130.18 52.64
CA SER C 2799 -62.72 -131.62 52.87
C SER C 2799 -61.77 -131.79 54.08
N GLU C 2800 -61.69 -132.99 54.66
CA GLU C 2800 -60.80 -133.27 55.80
C GLU C 2800 -59.32 -133.00 55.45
N LYS C 2801 -58.88 -133.40 54.24
CA LYS C 2801 -57.51 -133.17 53.73
C LYS C 2801 -57.27 -131.66 53.59
N ASP C 2802 -58.24 -130.90 53.06
CA ASP C 2802 -58.15 -129.43 52.94
C ASP C 2802 -58.07 -128.73 54.30
N LYS C 2803 -58.80 -129.25 55.30
CA LYS C 2803 -58.79 -128.72 56.68
C LYS C 2803 -57.39 -128.83 57.31
N GLU C 2804 -56.51 -129.70 56.76
CA GLU C 2804 -55.13 -129.89 57.23
C GLU C 2804 -54.27 -128.65 56.98
N ILE C 2805 -54.66 -127.75 56.04
CA ILE C 2805 -53.98 -126.47 55.82
C ILE C 2805 -53.96 -125.74 57.20
N TYR C 2806 -55.06 -125.88 58.00
CA TYR C 2806 -55.14 -125.23 59.33
C TYR C 2806 -54.74 -126.13 60.49
N ARG C 2807 -55.14 -127.40 60.45
CA ARG C 2807 -54.86 -128.34 61.58
C ARG C 2807 -53.36 -128.67 61.69
N TRP C 2808 -52.65 -128.84 60.57
CA TRP C 2808 -51.21 -129.24 60.60
C TRP C 2808 -50.35 -128.23 61.37
N PRO C 2809 -50.48 -126.89 61.18
CA PRO C 2809 -49.72 -125.94 62.01
C PRO C 2809 -50.12 -126.01 63.49
N ILE C 2810 -51.40 -126.23 63.79
CA ILE C 2810 -51.91 -126.23 65.19
C ILE C 2810 -51.37 -127.45 65.94
N LYS C 2811 -51.45 -128.63 65.33
CA LYS C 2811 -50.96 -129.87 65.99
C LYS C 2811 -49.47 -129.71 66.34
N GLU C 2812 -48.68 -129.22 65.40
CA GLU C 2812 -47.25 -128.96 65.57
C GLU C 2812 -47.02 -128.11 66.80
N SER C 2813 -47.86 -127.08 67.00
CA SER C 2813 -47.81 -126.22 68.19
C SER C 2813 -48.12 -127.06 69.43
N LEU C 2814 -49.21 -127.82 69.38
CA LEU C 2814 -49.65 -128.69 70.47
C LEU C 2814 -48.63 -129.74 70.83
N LYS C 2815 -47.99 -130.34 69.81
CA LYS C 2815 -46.92 -131.35 69.99
C LYS C 2815 -45.74 -130.76 70.74
N ALA C 2816 -45.34 -129.51 70.40
CA ALA C 2816 -44.23 -128.79 71.06
C ALA C 2816 -44.53 -128.61 72.57
N MET C 2817 -45.78 -128.18 72.88
CA MET C 2817 -46.27 -127.97 74.24
C MET C 2817 -46.23 -129.29 75.04
N ILE C 2818 -46.65 -130.41 74.39
CA ILE C 2818 -46.65 -131.74 75.00
C ILE C 2818 -45.21 -132.25 75.20
N ALA C 2819 -44.30 -132.05 74.20
CA ALA C 2819 -42.90 -132.47 74.35
C ALA C 2819 -42.22 -131.75 75.55
N TRP C 2820 -42.61 -130.49 75.84
CA TRP C 2820 -42.10 -129.72 76.97
C TRP C 2820 -42.78 -130.10 78.30
N GLU C 2821 -43.71 -131.08 78.27
CA GLU C 2821 -44.48 -131.60 79.43
C GLU C 2821 -45.32 -130.49 80.07
N TRP C 2822 -45.86 -129.60 79.21
CA TRP C 2822 -46.81 -128.59 79.65
C TRP C 2822 -48.14 -129.32 79.77
N THR C 2823 -48.99 -128.87 80.69
CA THR C 2823 -50.32 -129.45 80.88
C THR C 2823 -51.35 -128.62 80.14
N ILE C 2824 -52.30 -129.30 79.46
CA ILE C 2824 -53.42 -128.72 78.73
C ILE C 2824 -54.66 -129.49 79.24
N GLU C 2825 -55.47 -128.84 80.09
CA GLU C 2825 -56.65 -129.49 80.67
C GLU C 2825 -57.85 -128.58 80.66
N LYS C 2826 -59.00 -129.12 80.22
CA LYS C 2826 -60.28 -128.39 80.20
C LYS C 2826 -60.73 -128.23 81.66
N ALA C 2827 -60.98 -126.99 82.09
CA ALA C 2827 -61.35 -126.69 83.49
C ALA C 2827 -62.61 -125.83 83.63
N ARG C 2828 -63.07 -125.20 82.54
CA ARG C 2828 -64.26 -124.32 82.54
C ARG C 2828 -65.04 -124.59 81.27
N GLU C 2829 -66.25 -123.99 81.15
CA GLU C 2829 -67.09 -124.07 79.96
C GLU C 2829 -66.39 -123.32 78.82
N GLY C 2830 -66.50 -123.84 77.60
CA GLY C 2830 -65.82 -123.21 76.44
C GLY C 2830 -66.40 -121.85 76.09
N GLU C 2831 -66.25 -120.86 76.97
CA GLU C 2831 -66.79 -119.50 76.74
C GLU C 2831 -66.29 -118.99 75.38
N ALA C 2852 -71.83 -105.90 56.16
CA ALA C 2852 -72.14 -107.26 55.73
C ALA C 2852 -72.03 -107.40 54.22
N ARG C 2853 -71.00 -108.14 53.74
CA ARG C 2853 -70.70 -108.33 52.32
C ARG C 2853 -71.60 -109.40 51.68
N GLU C 2854 -71.48 -109.54 50.35
CA GLU C 2854 -72.20 -110.49 49.51
C GLU C 2854 -71.63 -111.91 49.71
N GLY C 2855 -72.48 -112.82 50.18
CA GLY C 2855 -72.12 -114.22 50.40
C GLY C 2855 -71.58 -114.56 51.77
N TYR C 2856 -70.39 -115.20 51.80
CA TYR C 2856 -69.70 -115.63 53.02
C TYR C 2856 -69.29 -114.45 53.89
N ASN C 2857 -69.79 -114.43 55.15
CA ASN C 2857 -69.47 -113.39 56.12
C ASN C 2857 -69.07 -113.98 57.46
N PRO C 2858 -67.79 -114.38 57.61
CA PRO C 2858 -67.36 -114.94 58.89
C PRO C 2858 -67.22 -113.84 59.93
N GLN C 2859 -67.74 -114.09 61.14
CA GLN C 2859 -67.62 -113.14 62.24
C GLN C 2859 -66.89 -113.86 63.40
N PRO C 2860 -65.55 -114.00 63.31
CA PRO C 2860 -64.83 -114.72 64.38
C PRO C 2860 -64.83 -113.92 65.69
N PRO C 2861 -64.74 -114.58 66.88
CA PRO C 2861 -64.68 -113.81 68.13
C PRO C 2861 -63.42 -112.96 68.19
N ASP C 2862 -63.50 -111.80 68.86
CA ASP C 2862 -62.38 -110.88 69.04
C ASP C 2862 -61.54 -111.38 70.21
N LEU C 2863 -60.25 -111.64 69.95
CA LEU C 2863 -59.29 -112.15 70.94
C LEU C 2863 -58.47 -111.02 71.60
N SER C 2864 -58.82 -109.74 71.29
CA SER C 2864 -58.18 -108.55 71.88
C SER C 2864 -58.61 -108.34 73.35
N GLY C 2865 -59.78 -108.86 73.72
CA GLY C 2865 -60.32 -108.78 75.08
C GLY C 2865 -59.86 -109.94 75.97
N VAL C 2866 -59.19 -110.95 75.37
CA VAL C 2866 -58.65 -112.11 76.10
C VAL C 2866 -57.27 -111.68 76.61
N THR C 2867 -57.11 -111.73 77.95
CA THR C 2867 -55.90 -111.33 78.65
C THR C 2867 -55.08 -112.55 79.04
N LEU C 2868 -53.78 -112.49 78.76
CA LEU C 2868 -52.84 -113.54 79.14
C LEU C 2868 -52.06 -113.07 80.37
N SER C 2869 -51.88 -113.99 81.33
CA SER C 2869 -51.09 -113.72 82.54
C SER C 2869 -49.61 -113.60 82.10
N ARG C 2870 -48.72 -113.17 83.03
CA ARG C 2870 -47.28 -113.07 82.79
C ARG C 2870 -46.75 -114.44 82.38
N GLU C 2871 -47.24 -115.49 83.04
CA GLU C 2871 -46.86 -116.88 82.80
C GLU C 2871 -47.21 -117.33 81.37
N LEU C 2872 -48.44 -117.07 80.91
CA LEU C 2872 -48.89 -117.47 79.57
C LEU C 2872 -48.16 -116.67 78.50
N GLN C 2873 -47.82 -115.41 78.77
CA GLN C 2873 -47.05 -114.57 77.85
C GLN C 2873 -45.62 -115.10 77.70
N ALA C 2874 -45.02 -115.61 78.82
CA ALA C 2874 -43.69 -116.24 78.83
C ALA C 2874 -43.77 -117.53 78.00
N MET C 2875 -44.90 -118.29 78.13
CA MET C 2875 -45.16 -119.52 77.36
C MET C 2875 -45.32 -119.22 75.88
N ALA C 2876 -46.00 -118.11 75.54
CA ALA C 2876 -46.19 -117.67 74.15
C ALA C 2876 -44.80 -117.37 73.52
N GLU C 2877 -43.90 -116.73 74.31
CA GLU C 2877 -42.53 -116.37 73.90
C GLU C 2877 -41.73 -117.64 73.62
N GLN C 2878 -41.88 -118.67 74.47
CA GLN C 2878 -41.22 -119.97 74.26
C GLN C 2878 -41.77 -120.67 72.97
N LEU C 2879 -43.09 -120.63 72.73
CA LEU C 2879 -43.67 -121.22 71.51
C LEU C 2879 -43.16 -120.46 70.27
N ALA C 2880 -43.15 -119.10 70.33
CA ALA C 2880 -42.68 -118.20 69.28
C ALA C 2880 -41.23 -118.52 68.88
N GLU C 2881 -40.34 -118.72 69.88
CA GLU C 2881 -38.94 -119.09 69.69
C GLU C 2881 -38.86 -120.42 68.95
N ASN C 2882 -39.73 -121.38 69.33
CA ASN C 2882 -39.77 -122.68 68.70
C ASN C 2882 -40.23 -122.58 67.24
N TYR C 2883 -41.15 -121.63 66.90
CA TYR C 2883 -41.62 -121.40 65.52
C TYR C 2883 -40.45 -120.90 64.70
N HIS C 2884 -39.64 -120.01 65.30
CA HIS C 2884 -38.44 -119.42 64.71
C HIS C 2884 -37.39 -120.50 64.46
N ASN C 2885 -37.18 -121.41 65.44
CA ASN C 2885 -36.19 -122.48 65.32
C ASN C 2885 -36.61 -123.56 64.33
N THR C 2886 -37.94 -123.83 64.22
CA THR C 2886 -38.55 -124.81 63.30
C THR C 2886 -38.32 -124.32 61.88
N TRP C 2887 -38.72 -123.08 61.60
CA TRP C 2887 -38.53 -122.42 60.32
C TRP C 2887 -37.02 -122.31 60.00
N GLY C 2888 -36.21 -121.92 61.01
CA GLY C 2888 -34.76 -121.75 60.86
C GLY C 2888 -34.04 -123.01 60.44
N ARG C 2889 -34.37 -124.15 61.11
CA ARG C 2889 -33.77 -125.47 60.79
C ARG C 2889 -34.18 -125.91 59.39
N LYS C 2890 -35.46 -125.72 59.04
CA LYS C 2890 -35.99 -126.05 57.71
C LYS C 2890 -35.29 -125.22 56.64
N LYS C 2891 -35.18 -123.89 56.86
CA LYS C 2891 -34.55 -122.95 55.94
C LYS C 2891 -33.04 -123.25 55.74
N LYS C 2892 -32.29 -123.49 56.84
CA LYS C 2892 -30.86 -123.83 56.82
C LYS C 2892 -30.65 -125.11 55.99
N GLN C 2893 -31.48 -126.16 56.20
CA GLN C 2893 -31.41 -127.44 55.46
C GLN C 2893 -31.72 -127.24 53.97
N GLU C 2894 -32.76 -126.43 53.65
CA GLU C 2894 -33.15 -126.10 52.28
C GLU C 2894 -32.00 -125.40 51.57
N LEU C 2895 -31.42 -124.33 52.18
CA LEU C 2895 -30.31 -123.59 51.59
C LEU C 2895 -29.08 -124.47 51.36
N GLU C 2896 -28.77 -125.37 52.32
CA GLU C 2896 -27.63 -126.30 52.26
C GLU C 2896 -27.76 -127.31 51.14
N ALA C 2897 -28.98 -127.83 50.95
CA ALA C 2897 -29.33 -128.80 49.92
C ALA C 2897 -29.41 -128.13 48.54
N LYS C 2898 -30.10 -126.98 48.45
CA LYS C 2898 -30.35 -126.28 47.19
C LYS C 2898 -29.23 -125.26 46.82
N GLY C 2899 -28.11 -125.33 47.56
CA GLY C 2899 -26.91 -124.51 47.39
C GLY C 2899 -27.10 -123.02 47.50
N GLY C 2900 -28.24 -122.61 48.10
CA GLY C 2900 -28.64 -121.23 48.30
C GLY C 2900 -27.71 -120.39 49.16
N GLY C 2901 -27.95 -119.09 49.13
CA GLY C 2901 -27.17 -118.12 49.88
C GLY C 2901 -27.50 -118.08 51.38
N THR C 2902 -27.93 -116.90 51.84
CA THR C 2902 -28.26 -116.66 53.24
C THR C 2902 -29.66 -116.01 53.41
N HIS C 2903 -30.02 -115.75 54.68
CA HIS C 2903 -31.29 -115.18 55.08
C HIS C 2903 -31.12 -114.39 56.39
N PRO C 2904 -31.62 -113.13 56.46
CA PRO C 2904 -31.49 -112.33 57.69
C PRO C 2904 -32.17 -112.90 58.94
N LEU C 2905 -33.10 -113.84 58.77
CA LEU C 2905 -33.78 -114.46 59.91
C LEU C 2905 -33.02 -115.68 60.43
N LEU C 2906 -31.91 -116.05 59.79
CA LEU C 2906 -31.10 -117.18 60.26
C LEU C 2906 -30.10 -116.69 61.27
N VAL C 2907 -30.64 -116.31 62.43
CA VAL C 2907 -29.94 -115.75 63.60
C VAL C 2907 -30.69 -116.24 64.85
N PRO C 2908 -30.10 -116.27 66.07
CA PRO C 2908 -30.88 -116.71 67.23
C PRO C 2908 -32.08 -115.79 67.49
N TYR C 2909 -33.20 -116.38 67.97
CA TYR C 2909 -34.42 -115.67 68.32
C TYR C 2909 -34.16 -114.53 69.32
N ASP C 2910 -33.26 -114.75 70.30
CA ASP C 2910 -32.95 -113.74 71.32
C ASP C 2910 -32.14 -112.52 70.78
N THR C 2911 -31.76 -112.51 69.47
CA THR C 2911 -31.06 -111.36 68.88
C THR C 2911 -32.05 -110.45 68.12
N LEU C 2912 -33.34 -110.86 68.03
CA LEU C 2912 -34.40 -110.15 67.29
C LEU C 2912 -35.08 -109.08 68.17
N THR C 2913 -35.61 -108.01 67.53
CA THR C 2913 -36.33 -106.95 68.27
C THR C 2913 -37.78 -107.41 68.51
N ALA C 2914 -38.56 -106.67 69.34
CA ALA C 2914 -39.98 -106.98 69.61
C ALA C 2914 -40.79 -107.03 68.30
N LYS C 2915 -40.53 -106.09 67.38
CA LYS C 2915 -41.20 -105.99 66.07
C LYS C 2915 -40.81 -107.16 65.14
N GLU C 2916 -39.53 -107.57 65.13
CA GLU C 2916 -39.08 -108.71 64.31
C GLU C 2916 -39.68 -110.03 64.82
N LYS C 2917 -39.99 -110.11 66.13
CA LYS C 2917 -40.58 -111.27 66.79
C LYS C 2917 -42.09 -111.32 66.70
N ALA C 2918 -42.74 -110.18 66.43
CA ALA C 2918 -44.19 -109.97 66.42
C ALA C 2918 -45.01 -111.07 65.75
N ARG C 2919 -44.67 -111.45 64.50
CA ARG C 2919 -45.38 -112.50 63.73
C ARG C 2919 -45.48 -113.84 64.48
N ASP C 2920 -44.34 -114.34 65.00
CA ASP C 2920 -44.31 -115.60 65.73
C ASP C 2920 -44.96 -115.45 67.10
N ARG C 2921 -44.77 -114.30 67.77
CA ARG C 2921 -45.36 -113.98 69.08
C ARG C 2921 -46.91 -113.97 68.99
N GLU C 2922 -47.45 -113.29 67.96
CA GLU C 2922 -48.90 -113.19 67.73
C GLU C 2922 -49.50 -114.56 67.43
N LYS C 2923 -48.79 -115.43 66.67
CA LYS C 2923 -49.26 -116.80 66.38
C LYS C 2923 -49.40 -117.59 67.70
N ALA C 2924 -48.37 -117.53 68.55
CA ALA C 2924 -48.33 -118.24 69.84
C ALA C 2924 -49.41 -117.70 70.79
N GLN C 2925 -49.54 -116.36 70.87
CA GLN C 2925 -50.53 -115.67 71.70
C GLN C 2925 -51.97 -116.02 71.31
N GLU C 2926 -52.26 -116.04 69.99
CA GLU C 2926 -53.59 -116.39 69.45
C GLU C 2926 -54.02 -117.80 69.94
N LEU C 2927 -53.07 -118.75 69.96
CA LEU C 2927 -53.30 -120.14 70.39
C LEU C 2927 -53.63 -120.21 71.88
N LEU C 2928 -52.82 -119.57 72.74
CA LEU C 2928 -53.02 -119.58 74.19
C LEU C 2928 -54.28 -118.82 74.60
N LYS C 2929 -54.65 -117.75 73.83
CA LYS C 2929 -55.88 -116.96 74.07
C LYS C 2929 -57.11 -117.81 73.74
N PHE C 2930 -57.09 -118.50 72.60
CA PHE C 2930 -58.19 -119.38 72.18
C PHE C 2930 -58.34 -120.56 73.16
N LEU C 2931 -57.21 -121.19 73.59
CA LEU C 2931 -57.20 -122.25 74.59
C LEU C 2931 -57.92 -121.72 75.85
N GLN C 2932 -57.50 -120.53 76.37
CA GLN C 2932 -58.08 -119.88 77.57
C GLN C 2932 -59.58 -119.58 77.38
N MET C 2933 -59.94 -118.96 76.24
CA MET C 2933 -61.32 -118.60 75.88
C MET C 2933 -62.23 -119.84 75.93
N ASN C 2934 -61.70 -120.99 75.54
CA ASN C 2934 -62.41 -122.27 75.48
C ASN C 2934 -62.30 -123.11 76.77
N GLY C 2935 -61.94 -122.48 77.88
CA GLY C 2935 -61.89 -123.09 79.20
C GLY C 2935 -60.74 -124.01 79.54
N TYR C 2936 -59.65 -123.97 78.78
CA TYR C 2936 -58.46 -124.78 79.04
C TYR C 2936 -57.50 -124.04 79.95
N ALA C 2937 -56.98 -124.78 80.94
CA ALA C 2937 -55.97 -124.36 81.91
C ALA C 2937 -54.67 -124.96 81.33
N VAL C 2938 -53.72 -124.09 80.96
CA VAL C 2938 -52.43 -124.43 80.37
C VAL C 2938 -51.31 -123.98 81.30
N THR C 2939 -50.41 -124.90 81.68
CA THR C 2939 -49.31 -124.58 82.60
C THR C 2939 -48.02 -125.23 82.12
N ARG C 2940 -46.87 -124.69 82.55
CA ARG C 2940 -45.52 -125.20 82.23
C ARG C 2940 -45.15 -126.37 83.14
N GLY C 2941 -46.03 -126.69 84.09
CA GLY C 2941 -45.89 -127.77 85.07
C GLY C 2941 -44.77 -127.56 86.08
N GLU C 2953 -31.58 -111.72 93.92
CA GLU C 2953 -30.37 -112.08 93.18
C GLU C 2953 -30.55 -111.77 91.70
N LYS C 2954 -29.73 -112.43 90.87
CA LYS C 2954 -29.76 -112.29 89.42
C LYS C 2954 -29.32 -110.90 88.97
N ARG C 2955 -28.97 -110.03 89.92
CA ARG C 2955 -28.48 -108.71 89.55
C ARG C 2955 -27.04 -108.81 89.04
N PHE C 2956 -26.66 -107.83 88.21
CA PHE C 2956 -25.32 -107.82 87.65
C PHE C 2956 -24.26 -107.68 88.74
N ALA C 2957 -24.49 -106.79 89.70
CA ALA C 2957 -23.53 -106.58 90.77
C ALA C 2957 -23.36 -107.82 91.63
N PHE C 2958 -24.42 -108.61 91.81
CA PHE C 2958 -24.33 -109.83 92.61
C PHE C 2958 -23.30 -110.79 92.01
N GLY C 2959 -23.46 -111.12 90.73
CA GLY C 2959 -22.51 -112.00 90.07
C GLY C 2959 -21.12 -111.41 90.00
N PHE C 2960 -21.03 -110.11 89.71
CA PHE C 2960 -19.72 -109.46 89.67
C PHE C 2960 -18.99 -109.60 91.00
N LEU C 2961 -19.69 -109.32 92.11
CA LEU C 2961 -19.07 -109.38 93.42
C LEU C 2961 -18.70 -110.80 93.81
N GLN C 2962 -19.56 -111.78 93.50
CA GLN C 2962 -19.22 -113.15 93.87
C GLN C 2962 -18.05 -113.69 93.06
N GLN C 2963 -17.96 -113.32 91.77
CA GLN C 2963 -16.79 -113.68 90.98
C GLN C 2963 -15.54 -113.02 91.54
N LEU C 2964 -15.64 -111.76 91.96
CA LEU C 2964 -14.50 -111.08 92.57
C LEU C 2964 -14.05 -111.79 93.84
N LEU C 2965 -15.00 -112.22 94.68
CA LEU C 2965 -14.65 -112.94 95.90
C LEU C 2965 -13.98 -114.26 95.59
N ARG C 2966 -14.47 -114.99 94.59
CA ARG C 2966 -13.84 -116.25 94.21
C ARG C 2966 -12.41 -116.02 93.76
N TRP C 2967 -12.20 -115.02 92.90
CA TRP C 2967 -10.84 -114.71 92.47
C TRP C 2967 -9.97 -114.24 93.62
N MET C 2968 -10.56 -113.56 94.60
CA MET C 2968 -9.80 -113.13 95.77
C MET C 2968 -9.29 -114.32 96.57
N ASP C 2969 -10.13 -115.33 96.80
CA ASP C 2969 -9.64 -116.50 97.52
C ASP C 2969 -8.63 -117.29 96.70
N ILE C 2970 -8.82 -117.37 95.37
CA ILE C 2970 -7.82 -118.01 94.54
C ILE C 2970 -6.48 -117.30 94.64
N SER C 2971 -6.49 -115.96 94.60
CA SER C 2971 -5.25 -115.20 94.71
C SER C 2971 -4.63 -115.34 96.09
N GLN C 2972 -5.46 -115.45 97.14
CA GLN C 2972 -4.92 -115.70 98.47
C GLN C 2972 -4.18 -117.03 98.53
N GLU C 2973 -4.78 -118.08 97.94
CA GLU C 2973 -4.10 -119.37 97.89
C GLU C 2973 -2.81 -119.28 97.09
N PHE C 2974 -2.84 -118.58 95.94
CA PHE C 2974 -1.64 -118.45 95.12
C PHE C 2974 -0.52 -117.73 95.86
N ILE C 2975 -0.86 -116.65 96.57
CA ILE C 2975 0.13 -115.94 97.38
C ILE C 2975 0.64 -116.79 98.53
N ALA C 2976 -0.22 -117.60 99.15
CA ALA C 2976 0.25 -118.53 100.18
C ALA C 2976 1.24 -119.54 99.60
N HIS C 2977 1.04 -119.92 98.33
CA HIS C 2977 1.98 -120.85 97.70
C HIS C 2977 3.38 -120.25 97.59
N LEU C 2978 3.48 -118.94 97.39
CA LEU C 2978 4.78 -118.28 97.29
C LEU C 2978 5.49 -118.23 98.63
N GLN C 2994 0.75 -117.18 86.17
CA GLN C 2994 -0.13 -116.60 85.15
C GLN C 2994 -1.29 -115.85 85.79
N GLU C 2995 -1.95 -116.51 86.76
CA GLU C 2995 -3.09 -115.89 87.43
C GLU C 2995 -2.71 -114.62 88.15
N ILE C 2996 -1.47 -114.52 88.64
CA ILE C 2996 -1.00 -113.31 89.29
C ILE C 2996 -1.01 -112.14 88.31
N LYS C 2997 -0.55 -112.38 87.08
CA LYS C 2997 -0.54 -111.32 86.07
C LYS C 2997 -1.95 -110.84 85.76
N PHE C 2998 -2.87 -111.77 85.53
CA PHE C 2998 -4.25 -111.39 85.24
C PHE C 2998 -4.85 -110.62 86.40
N PHE C 2999 -4.67 -111.12 87.63
CA PHE C 2999 -5.13 -110.40 88.81
C PHE C 2999 -4.63 -108.96 88.82
N ALA C 3000 -3.31 -108.79 88.86
CA ALA C 3000 -2.74 -107.46 89.08
C ALA C 3000 -2.99 -106.54 87.90
N LYS C 3001 -3.20 -107.09 86.69
CA LYS C 3001 -3.35 -106.25 85.52
C LYS C 3001 -4.79 -105.99 85.12
N ILE C 3002 -5.75 -106.72 85.66
CA ILE C 3002 -7.15 -106.55 85.29
C ILE C 3002 -8.01 -106.18 86.50
N LEU C 3003 -7.93 -106.97 87.58
CA LEU C 3003 -8.93 -106.85 88.64
C LEU C 3003 -8.84 -105.51 89.36
N LEU C 3004 -7.63 -105.04 89.64
CA LEU C 3004 -7.48 -103.78 90.38
C LEU C 3004 -8.05 -102.58 89.65
N PRO C 3005 -7.67 -102.29 88.39
CA PRO C 3005 -8.30 -101.14 87.70
C PRO C 3005 -9.80 -101.28 87.53
N LEU C 3006 -10.29 -102.50 87.30
CA LEU C 3006 -11.72 -102.70 87.15
C LEU C 3006 -12.47 -102.36 88.43
N ILE C 3007 -11.99 -102.87 89.57
CA ILE C 3007 -12.58 -102.54 90.85
C ILE C 3007 -12.53 -101.03 91.09
N ASN C 3008 -11.36 -100.44 90.86
CA ASN C 3008 -11.19 -98.99 90.97
C ASN C 3008 -12.29 -98.24 90.23
N GLN C 3009 -12.37 -98.45 88.92
CA GLN C 3009 -13.29 -97.68 88.09
C GLN C 3009 -14.74 -97.97 88.48
N TYR C 3010 -15.09 -99.24 88.65
CA TYR C 3010 -16.48 -99.60 88.90
C TYR C 3010 -16.99 -98.99 90.20
N PHE C 3011 -16.22 -99.14 91.28
CA PHE C 3011 -16.69 -98.61 92.55
C PHE C 3011 -16.59 -97.09 92.63
N THR C 3012 -15.58 -96.49 92.00
CA THR C 3012 -15.57 -95.03 91.91
C THR C 3012 -16.81 -94.51 91.20
N ASN C 3013 -17.27 -95.23 90.18
CA ASN C 3013 -18.48 -94.80 89.48
C ASN C 3013 -19.74 -95.04 90.32
N HIS C 3014 -19.83 -96.18 91.00
CA HIS C 3014 -21.09 -96.62 91.59
C HIS C 3014 -21.11 -96.62 93.12
N CYS C 3015 -20.27 -95.80 93.77
CA CYS C 3015 -20.34 -95.71 95.23
C CYS C 3015 -21.72 -95.31 95.73
N LEU C 3016 -22.37 -94.35 95.06
CA LEU C 3016 -23.65 -93.83 95.56
C LEU C 3016 -24.73 -94.90 95.61
N TYR C 3017 -24.75 -95.82 94.65
CA TYR C 3017 -25.76 -96.88 94.66
C TYR C 3017 -25.61 -97.76 95.88
N PHE C 3018 -24.37 -98.08 96.28
CA PHE C 3018 -24.15 -98.87 97.47
C PHE C 3018 -24.40 -98.09 98.75
N LEU C 3019 -24.17 -96.77 98.74
CA LEU C 3019 -24.37 -95.99 99.95
C LEU C 3019 -25.83 -95.64 100.21
N SER C 3020 -26.71 -95.86 99.23
CA SER C 3020 -28.11 -95.48 99.41
C SER C 3020 -28.82 -96.42 100.36
N THR C 3021 -29.90 -95.93 100.97
CA THR C 3021 -30.75 -96.67 101.88
C THR C 3021 -32.21 -96.51 101.46
N PRO C 3022 -33.05 -97.49 101.78
CA PRO C 3022 -34.49 -97.33 101.47
C PRO C 3022 -35.12 -96.12 102.13
N ALA C 3023 -34.69 -95.76 103.34
CA ALA C 3023 -35.24 -94.62 104.03
C ALA C 3023 -34.62 -93.30 103.61
N LYS C 3024 -33.50 -93.34 102.88
CA LYS C 3024 -32.82 -92.13 102.46
C LYS C 3024 -32.04 -92.48 101.19
N VAL C 3025 -32.53 -92.02 100.05
CA VAL C 3025 -31.91 -92.31 98.76
C VAL C 3025 -30.96 -91.18 98.40
N LEU C 3026 -29.75 -91.54 97.97
CA LEU C 3026 -28.72 -90.56 97.62
C LEU C 3026 -28.57 -90.35 96.12
N GLY C 3027 -28.59 -91.42 95.33
CA GLY C 3027 -28.34 -91.33 93.91
C GLY C 3027 -29.59 -91.10 93.09
N SER C 3028 -29.48 -91.41 91.80
CA SER C 3028 -30.62 -91.21 90.89
C SER C 3028 -31.75 -92.17 91.21
N GLY C 3029 -31.44 -93.41 91.57
CA GLY C 3029 -32.47 -94.38 91.89
C GLY C 3029 -31.92 -95.74 92.27
N GLY C 3030 -32.73 -96.53 92.98
CA GLY C 3030 -32.31 -97.85 93.39
C GLY C 3030 -31.33 -97.85 94.55
N HIS C 3031 -31.26 -98.96 95.27
CA HIS C 3031 -30.34 -99.09 96.40
C HIS C 3031 -29.95 -100.56 96.55
N ALA C 3032 -28.71 -100.78 96.98
CA ALA C 3032 -28.20 -102.14 97.09
C ALA C 3032 -28.90 -102.89 98.22
N SER C 3033 -28.98 -104.21 98.05
CA SER C 3033 -29.54 -105.06 99.09
C SER C 3033 -28.50 -105.30 100.18
N ASN C 3034 -28.96 -105.87 101.30
CA ASN C 3034 -28.07 -106.14 102.43
C ASN C 3034 -26.98 -107.13 102.06
N LYS C 3035 -27.30 -108.11 101.21
CA LYS C 3035 -26.30 -109.10 100.81
C LYS C 3035 -25.14 -108.46 100.08
N GLU C 3036 -25.42 -107.50 99.21
CA GLU C 3036 -24.36 -106.80 98.48
C GLU C 3036 -23.45 -106.02 99.43
N LYS C 3037 -24.04 -105.36 100.43
CA LYS C 3037 -23.24 -104.64 101.42
C LYS C 3037 -22.36 -105.60 102.22
N GLU C 3038 -22.92 -106.75 102.61
CA GLU C 3038 -22.12 -107.74 103.31
C GLU C 3038 -20.97 -108.23 102.43
N MET C 3039 -21.24 -108.48 101.15
CA MET C 3039 -20.20 -108.94 100.23
C MET C 3039 -19.09 -107.90 100.08
N ILE C 3040 -19.46 -106.62 99.94
CA ILE C 3040 -18.42 -105.60 99.77
C ILE C 3040 -17.62 -105.43 101.05
N THR C 3041 -18.25 -105.51 102.21
CA THR C 3041 -17.49 -105.45 103.47
C THR C 3041 -16.53 -106.62 103.58
N SER C 3042 -17.00 -107.83 103.24
CA SER C 3042 -16.13 -109.00 103.30
C SER C 3042 -14.97 -108.87 102.32
N LEU C 3043 -15.22 -108.33 101.12
CA LEU C 3043 -14.16 -108.13 100.15
C LEU C 3043 -13.11 -107.15 100.67
N PHE C 3044 -13.56 -106.05 101.27
CA PHE C 3044 -12.61 -105.08 101.84
C PHE C 3044 -11.79 -105.72 102.94
N CYS C 3045 -12.43 -106.48 103.83
CA CYS C 3045 -11.70 -107.12 104.92
C CYS C 3045 -10.69 -108.12 104.38
N LYS C 3046 -11.08 -108.91 103.38
CA LYS C 3046 -10.19 -109.91 102.81
C LYS C 3046 -8.98 -109.26 102.15
N LEU C 3047 -9.20 -108.19 101.38
CA LEU C 3047 -8.07 -107.51 100.74
C LEU C 3047 -7.14 -106.90 101.79
N ALA C 3048 -7.71 -106.27 102.83
CA ALA C 3048 -6.88 -105.68 103.87
C ALA C 3048 -6.06 -106.75 104.58
N ALA C 3049 -6.66 -107.91 104.85
CA ALA C 3049 -5.91 -109.00 105.48
C ALA C 3049 -4.81 -109.51 104.55
N LEU C 3050 -5.10 -109.62 103.26
CA LEU C 3050 -4.11 -110.14 102.31
C LEU C 3050 -2.91 -109.22 102.19
N VAL C 3051 -3.14 -107.91 102.16
CA VAL C 3051 -2.04 -106.98 101.89
C VAL C 3051 -1.10 -106.82 103.10
N ARG C 3052 -1.49 -107.30 104.27
CA ARG C 3052 -0.73 -107.05 105.49
C ARG C 3052 0.67 -107.63 105.40
N HIS C 3053 1.67 -106.83 105.80
CA HIS C 3053 3.07 -107.21 105.95
C HIS C 3053 3.68 -107.78 104.69
N ARG C 3054 3.11 -107.49 103.51
CA ARG C 3054 3.64 -107.97 102.24
C ARG C 3054 3.62 -106.90 101.17
N VAL C 3055 3.84 -105.64 101.53
CA VAL C 3055 3.83 -104.55 100.56
C VAL C 3055 4.96 -104.74 99.55
N SER C 3056 6.15 -105.09 100.02
CA SER C 3056 7.28 -105.26 99.12
C SER C 3056 7.08 -106.45 98.17
N LEU C 3057 6.38 -107.49 98.63
CA LEU C 3057 6.17 -108.67 97.80
C LEU C 3057 5.37 -108.37 96.54
N PHE C 3058 4.60 -107.29 96.53
CA PHE C 3058 3.85 -106.88 95.34
C PHE C 3058 4.66 -106.00 94.41
N GLY C 3059 5.84 -105.54 94.84
CA GLY C 3059 6.72 -104.78 93.97
C GLY C 3059 6.04 -103.53 93.43
N THR C 3060 6.17 -103.31 92.12
CA THR C 3060 5.58 -102.14 91.49
C THR C 3060 4.06 -102.16 91.54
N ASP C 3061 3.45 -103.30 91.86
CA ASP C 3061 2.00 -103.34 92.01
C ASP C 3061 1.56 -102.85 93.38
N ALA C 3062 2.50 -102.53 94.27
CA ALA C 3062 2.14 -102.10 95.62
C ALA C 3062 1.28 -100.84 95.67
N PRO C 3063 1.58 -99.76 94.95
CA PRO C 3063 0.74 -98.55 95.08
C PRO C 3063 -0.71 -98.78 94.67
N ALA C 3064 -0.95 -99.38 93.50
CA ALA C 3064 -2.30 -99.52 92.99
C ALA C 3064 -3.23 -100.21 93.99
N VAL C 3065 -2.76 -101.29 94.61
CA VAL C 3065 -3.58 -101.99 95.60
C VAL C 3065 -4.04 -101.03 96.67
N VAL C 3066 -3.12 -100.22 97.19
CA VAL C 3066 -3.49 -99.25 98.23
C VAL C 3066 -4.62 -98.36 97.73
N ASN C 3067 -4.51 -97.87 96.50
CA ASN C 3067 -5.56 -97.02 95.94
C ASN C 3067 -6.92 -97.72 96.03
N CYS C 3068 -6.97 -98.99 95.63
CA CYS C 3068 -8.22 -99.73 95.68
C CYS C 3068 -8.82 -99.69 97.07
N LEU C 3069 -7.99 -99.89 98.10
CA LEU C 3069 -8.49 -99.87 99.46
C LEU C 3069 -9.22 -98.57 99.75
N HIS C 3070 -8.62 -97.44 99.38
CA HIS C 3070 -9.27 -96.15 99.58
C HIS C 3070 -10.66 -96.16 98.99
N ILE C 3071 -10.78 -96.58 97.72
CA ILE C 3071 -12.06 -96.53 97.04
C ILE C 3071 -13.05 -97.49 97.70
N LEU C 3072 -12.55 -98.59 98.27
CA LEU C 3072 -13.43 -99.45 99.03
C LEU C 3072 -13.83 -98.81 100.34
N ALA C 3073 -12.88 -98.16 101.03
CA ALA C 3073 -13.17 -97.58 102.33
C ALA C 3073 -14.22 -96.48 102.22
N ARG C 3074 -14.23 -95.77 101.11
CA ARG C 3074 -15.19 -94.72 100.85
C ARG C 3074 -16.55 -95.25 100.41
N SER C 3075 -16.81 -96.56 100.48
CA SER C 3075 -18.08 -97.11 100.03
C SER C 3075 -18.71 -98.08 101.03
N LEU C 3076 -18.20 -98.17 102.25
CA LEU C 3076 -18.76 -99.09 103.23
C LEU C 3076 -20.00 -98.49 103.89
N ASP C 3077 -21.06 -99.28 103.93
CA ASP C 3077 -22.25 -98.94 104.71
C ASP C 3077 -22.22 -99.71 106.03
N ALA C 3078 -21.38 -99.21 106.93
CA ALA C 3078 -21.10 -99.93 108.17
C ALA C 3078 -22.32 -100.00 109.08
N ARG C 3079 -23.17 -98.97 109.06
CA ARG C 3079 -24.31 -98.94 109.97
C ARG C 3079 -25.26 -100.11 109.73
N THR C 3080 -25.61 -100.34 108.46
CA THR C 3080 -26.57 -101.39 108.15
C THR C 3080 -26.02 -102.78 108.49
N VAL C 3081 -24.76 -103.04 108.13
CA VAL C 3081 -24.19 -104.36 108.37
C VAL C 3081 -23.99 -104.59 109.87
N MET C 3082 -23.57 -103.57 110.60
CA MET C 3082 -23.38 -103.74 112.05
C MET C 3082 -24.71 -103.87 112.79
N LYS C 3083 -25.76 -103.18 112.33
CA LYS C 3083 -27.06 -103.31 112.98
C LYS C 3083 -27.62 -104.70 112.83
N SER C 3084 -27.43 -105.32 111.66
CA SER C 3084 -27.96 -106.66 111.41
C SER C 3084 -27.11 -107.30 110.32
N GLY C 3085 -26.49 -108.43 110.64
CA GLY C 3085 -25.67 -109.14 109.69
C GLY C 3085 -25.09 -110.43 110.26
N PRO C 3086 -24.49 -111.24 109.40
CA PRO C 3086 -23.85 -112.48 109.88
C PRO C 3086 -22.67 -112.17 110.80
N GLU C 3087 -22.40 -113.11 111.70
CA GLU C 3087 -21.31 -112.91 112.65
C GLU C 3087 -19.95 -112.90 111.99
N ILE C 3088 -19.83 -113.51 110.80
CA ILE C 3088 -18.54 -113.64 110.15
C ILE C 3088 -17.98 -112.27 109.76
N VAL C 3089 -18.79 -111.43 109.14
CA VAL C 3089 -18.30 -110.12 108.69
C VAL C 3089 -17.99 -109.22 109.89
N LYS C 3090 -18.82 -109.27 110.92
CA LYS C 3090 -18.55 -108.50 112.13
C LYS C 3090 -17.25 -108.93 112.78
N ALA C 3091 -17.01 -110.24 112.85
CA ALA C 3091 -15.76 -110.75 113.39
C ALA C 3091 -14.58 -110.28 112.55
N GLY C 3092 -14.73 -110.30 111.22
CA GLY C 3092 -13.66 -109.84 110.36
C GLY C 3092 -13.33 -108.37 110.58
N LEU C 3093 -14.36 -107.53 110.68
CA LEU C 3093 -14.12 -106.11 110.90
C LEU C 3093 -13.48 -105.85 112.26
N ARG C 3094 -13.96 -106.53 113.30
CA ARG C 3094 -13.35 -106.38 114.62
C ARG C 3094 -11.90 -106.83 114.62
N SER C 3095 -11.61 -107.94 113.94
CA SER C 3095 -10.24 -108.41 113.84
C SER C 3095 -9.37 -107.41 113.08
N PHE C 3096 -9.90 -106.78 112.03
CA PHE C 3096 -9.15 -105.77 111.31
C PHE C 3096 -8.79 -104.60 112.23
N PHE C 3097 -9.77 -104.11 112.99
CA PHE C 3097 -9.49 -103.01 113.91
C PHE C 3097 -8.46 -103.40 114.96
N GLU C 3098 -8.59 -104.61 115.52
CA GLU C 3098 -7.65 -105.07 116.54
C GLU C 3098 -6.25 -105.20 115.96
N SER C 3099 -6.13 -105.74 114.74
CA SER C 3099 -4.82 -105.87 114.12
C SER C 3099 -4.20 -104.50 113.84
N ALA C 3100 -5.01 -103.53 113.41
CA ALA C 3100 -4.48 -102.18 113.19
C ALA C 3100 -3.96 -101.59 114.50
N SER C 3101 -4.73 -101.75 115.58
CA SER C 3101 -4.28 -101.24 116.88
C SER C 3101 -2.98 -101.92 117.32
N GLU C 3102 -2.89 -103.24 117.15
CA GLU C 3102 -1.68 -103.95 117.53
C GLU C 3102 -0.49 -103.50 116.72
N ASP C 3103 -0.68 -103.29 115.40
CA ASP C 3103 0.41 -102.81 114.57
C ASP C 3103 0.88 -101.42 115.00
N ILE C 3104 -0.07 -100.54 115.33
CA ILE C 3104 0.32 -99.21 115.79
C ILE C 3104 1.10 -99.30 117.10
N GLU C 3105 0.63 -100.12 118.04
CA GLU C 3105 1.32 -100.28 119.31
C GLU C 3105 2.72 -100.84 119.12
N LYS C 3106 2.88 -101.80 118.21
CA LYS C 3106 4.21 -102.33 117.91
C LYS C 3106 5.09 -101.27 117.25
N MET C 3107 4.49 -100.40 116.43
CA MET C 3107 5.28 -99.40 115.73
C MET C 3107 5.81 -98.32 116.69
N VAL C 3108 4.97 -97.86 117.61
CA VAL C 3108 5.40 -96.76 118.48
C VAL C 3108 6.53 -97.20 119.40
N GLU C 3109 6.66 -98.49 119.67
CA GLU C 3109 7.71 -99.00 120.54
C GLU C 3109 9.09 -98.81 119.91
N THR C 3131 7.88 -99.09 108.43
CA THR C 3131 8.18 -99.55 107.07
C THR C 3131 6.90 -99.84 106.29
N TYR C 3132 5.94 -100.47 106.97
CA TYR C 3132 4.66 -100.82 106.38
C TYR C 3132 3.52 -99.94 106.86
N THR C 3133 3.48 -99.62 108.16
CA THR C 3133 2.41 -98.79 108.69
C THR C 3133 2.45 -97.38 108.11
N THR C 3134 3.64 -96.89 107.78
CA THR C 3134 3.75 -95.52 107.26
C THR C 3134 3.25 -95.42 105.83
N VAL C 3135 3.21 -96.54 105.10
CA VAL C 3135 2.87 -96.49 103.69
C VAL C 3135 1.42 -96.88 103.44
N ALA C 3136 0.92 -97.92 104.10
CA ALA C 3136 -0.37 -98.49 103.79
C ALA C 3136 -1.42 -98.28 104.88
N LEU C 3137 -1.07 -98.53 106.14
CA LEU C 3137 -2.07 -98.55 107.21
C LEU C 3137 -2.64 -97.16 107.48
N LEU C 3138 -1.75 -96.16 107.62
CA LEU C 3138 -2.21 -94.84 108.06
C LEU C 3138 -3.16 -94.17 107.08
N PRO C 3139 -2.88 -94.09 105.76
CA PRO C 3139 -3.85 -93.44 104.87
C PRO C 3139 -5.20 -94.14 104.84
N VAL C 3140 -5.21 -95.47 104.82
CA VAL C 3140 -6.47 -96.21 104.78
C VAL C 3140 -7.26 -95.96 106.05
N LEU C 3141 -6.59 -96.02 107.20
CA LEU C 3141 -7.26 -95.77 108.48
C LEU C 3141 -7.81 -94.36 108.54
N THR C 3142 -7.05 -93.37 108.07
CA THR C 3142 -7.51 -92.00 108.08
C THR C 3142 -8.72 -91.83 107.18
N THR C 3143 -8.70 -92.43 105.99
CA THR C 3143 -9.84 -92.33 105.08
C THR C 3143 -11.08 -92.99 105.68
N LEU C 3144 -10.91 -94.15 106.32
CA LEU C 3144 -12.04 -94.83 106.92
C LEU C 3144 -12.64 -94.00 108.06
N PHE C 3145 -11.78 -93.42 108.90
CA PHE C 3145 -12.28 -92.60 110.00
C PHE C 3145 -12.98 -91.36 109.47
N GLN C 3146 -12.43 -90.73 108.42
CA GLN C 3146 -13.06 -89.56 107.85
C GLN C 3146 -14.43 -89.90 107.28
N HIS C 3147 -14.52 -91.03 106.57
CA HIS C 3147 -15.81 -91.45 106.02
C HIS C 3147 -16.82 -91.70 107.13
N ILE C 3148 -16.42 -92.40 108.19
CA ILE C 3148 -17.32 -92.68 109.29
C ILE C 3148 -17.79 -91.40 109.95
N ALA C 3149 -16.87 -90.46 110.20
CA ALA C 3149 -17.24 -89.21 110.85
C ALA C 3149 -18.15 -88.37 109.97
N GLN C 3150 -17.88 -88.32 108.66
CA GLN C 3150 -18.65 -87.46 107.78
C GLN C 3150 -20.06 -88.01 107.56
N HIS C 3151 -20.19 -89.33 107.44
CA HIS C 3151 -21.52 -89.91 107.26
C HIS C 3151 -22.24 -90.17 108.57
N GLN C 3152 -21.62 -89.83 109.70
CA GLN C 3152 -22.26 -89.93 111.02
C GLN C 3152 -22.65 -91.37 111.36
N PHE C 3153 -21.72 -92.29 111.20
CA PHE C 3153 -21.91 -93.67 111.64
C PHE C 3153 -21.24 -93.95 112.99
N GLY C 3154 -20.71 -92.92 113.65
CA GLY C 3154 -19.93 -93.16 114.86
C GLY C 3154 -20.73 -93.78 115.98
N ASP C 3155 -21.98 -93.34 116.16
CA ASP C 3155 -22.79 -93.83 117.27
C ASP C 3155 -23.24 -95.27 117.10
N ASP C 3156 -23.04 -95.86 115.91
CA ASP C 3156 -23.52 -97.20 115.62
C ASP C 3156 -22.42 -98.20 115.33
N VAL C 3157 -21.20 -97.76 115.05
CA VAL C 3157 -20.13 -98.66 114.66
C VAL C 3157 -19.10 -98.85 115.76
N ILE C 3158 -18.59 -97.76 116.32
CA ILE C 3158 -17.51 -97.84 117.32
C ILE C 3158 -18.18 -98.14 118.65
N LEU C 3159 -18.32 -99.44 118.94
CA LEU C 3159 -18.92 -99.92 120.17
C LEU C 3159 -18.18 -101.15 120.66
N ASP C 3160 -18.32 -101.43 121.94
CA ASP C 3160 -17.78 -102.63 122.61
C ASP C 3160 -16.26 -102.64 122.41
N ASP C 3161 -15.65 -103.75 121.96
CA ASP C 3161 -14.21 -103.85 121.87
C ASP C 3161 -13.61 -102.88 120.85
N VAL C 3162 -14.41 -102.42 119.88
CA VAL C 3162 -13.93 -101.39 118.96
C VAL C 3162 -13.53 -100.14 119.72
N GLN C 3163 -14.30 -99.78 120.74
CA GLN C 3163 -13.95 -98.64 121.58
C GLN C 3163 -12.64 -98.90 122.32
N VAL C 3164 -12.41 -100.14 122.76
CA VAL C 3164 -11.15 -100.47 123.41
C VAL C 3164 -9.99 -100.29 122.45
N SER C 3165 -10.15 -100.76 121.21
CA SER C 3165 -9.10 -100.58 120.21
C SER C 3165 -8.84 -99.10 119.94
N CYS C 3166 -9.90 -98.30 119.85
CA CYS C 3166 -9.74 -96.88 119.64
C CYS C 3166 -9.03 -96.21 120.81
N TYR C 3167 -9.34 -96.64 122.04
CA TYR C 3167 -8.64 -96.10 123.21
C TYR C 3167 -7.16 -96.45 123.15
N ARG C 3168 -6.83 -97.69 122.77
CA ARG C 3168 -5.43 -98.08 122.63
C ARG C 3168 -4.74 -97.22 121.59
N THR C 3169 -5.39 -96.98 120.45
CA THR C 3169 -4.80 -96.14 119.41
C THR C 3169 -4.58 -94.72 119.91
N LEU C 3170 -5.57 -94.16 120.62
CA LEU C 3170 -5.44 -92.82 121.18
C LEU C 3170 -4.23 -92.71 122.10
N CYS C 3171 -4.13 -93.65 123.06
CA CYS C 3171 -3.02 -93.61 124.00
C CYS C 3171 -1.68 -93.77 123.29
N SER C 3172 -1.60 -94.73 122.35
CA SER C 3172 -0.34 -94.96 121.66
C SER C 3172 0.08 -93.74 120.84
N ILE C 3173 -0.87 -93.09 120.17
CA ILE C 3173 -0.53 -91.92 119.36
C ILE C 3173 -0.10 -90.76 120.26
N TYR C 3174 -0.84 -90.50 121.34
CA TYR C 3174 -0.48 -89.39 122.21
C TYR C 3174 0.77 -89.68 123.04
N SER C 3175 1.22 -90.94 123.10
CA SER C 3175 2.38 -91.28 123.91
C SER C 3175 3.69 -90.75 123.33
N LEU C 3176 3.67 -90.21 122.12
CA LEU C 3176 4.91 -89.68 121.53
C LEU C 3176 5.53 -88.62 122.44
N GLY C 3177 4.72 -87.65 122.88
CA GLY C 3177 5.10 -86.69 123.90
C GLY C 3177 6.47 -86.05 123.77
N THR C 3178 7.32 -86.27 124.78
CA THR C 3178 8.61 -85.62 124.88
C THR C 3178 9.70 -86.28 124.05
N THR C 3179 9.41 -87.41 123.40
CA THR C 3179 10.41 -88.06 122.57
C THR C 3179 10.79 -87.18 121.39
N ARG C 3180 12.10 -87.07 121.14
CA ARG C 3180 12.62 -86.24 120.07
C ARG C 3180 13.56 -87.06 119.20
N ASN C 3181 13.32 -87.04 117.90
CA ASN C 3181 14.11 -87.78 116.93
C ASN C 3181 13.73 -87.30 115.53
N PRO C 3182 14.67 -87.35 114.58
CA PRO C 3182 14.33 -86.93 113.21
C PRO C 3182 13.21 -87.76 112.59
N TYR C 3183 13.11 -89.05 112.93
CA TYR C 3183 12.03 -89.88 112.41
C TYR C 3183 10.67 -89.35 112.87
N VAL C 3184 10.57 -88.97 114.14
CA VAL C 3184 9.32 -88.40 114.65
C VAL C 3184 9.04 -87.07 113.96
N GLU C 3185 10.08 -86.27 113.71
CA GLU C 3185 9.90 -85.01 113.02
C GLU C 3185 9.34 -85.21 111.63
N LYS C 3186 9.80 -86.25 110.93
CA LYS C 3186 9.25 -86.54 109.61
C LYS C 3186 7.87 -87.17 109.68
N LEU C 3187 7.56 -87.88 110.77
CA LEU C 3187 6.34 -88.67 110.83
C LEU C 3187 5.16 -87.90 111.43
N ARG C 3188 5.42 -86.77 112.10
CA ARG C 3188 4.37 -86.09 112.86
C ARG C 3188 3.10 -85.73 112.08
N PRO C 3189 3.17 -85.14 110.87
CA PRO C 3189 1.92 -84.68 110.23
C PRO C 3189 0.89 -85.78 110.00
N ALA C 3190 1.32 -86.96 109.57
CA ALA C 3190 0.37 -88.04 109.33
C ALA C 3190 -0.31 -88.48 110.63
N LEU C 3191 0.46 -88.57 111.72
CA LEU C 3191 -0.12 -88.90 113.01
C LEU C 3191 -1.11 -87.84 113.45
N GLY C 3192 -0.78 -86.56 113.24
CA GLY C 3192 -1.70 -85.50 113.59
C GLY C 3192 -3.00 -85.58 112.83
N GLU C 3193 -2.93 -85.80 111.52
CA GLU C 3193 -4.15 -85.92 110.72
C GLU C 3193 -4.99 -87.12 111.16
N CYS C 3194 -4.34 -88.27 111.39
CA CYS C 3194 -5.06 -89.45 111.84
C CYS C 3194 -5.74 -89.22 113.18
N LEU C 3195 -5.03 -88.58 114.11
CA LEU C 3195 -5.61 -88.30 115.42
C LEU C 3195 -6.78 -87.34 115.31
N ALA C 3196 -6.67 -86.33 114.43
CA ALA C 3196 -7.78 -85.40 114.23
C ALA C 3196 -9.01 -86.12 113.70
N ARG C 3197 -8.83 -86.97 112.69
CA ARG C 3197 -9.98 -87.72 112.15
C ARG C 3197 -10.57 -88.65 113.21
N LEU C 3198 -9.73 -89.34 113.98
CA LEU C 3198 -10.23 -90.26 114.98
C LEU C 3198 -11.00 -89.52 116.07
N ALA C 3199 -10.48 -88.37 116.50
CA ALA C 3199 -11.21 -87.54 117.47
C ALA C 3199 -12.52 -87.04 116.89
N ALA C 3200 -12.57 -86.79 115.58
CA ALA C 3200 -13.84 -86.46 114.94
C ALA C 3200 -14.82 -87.62 115.01
N ALA C 3201 -14.32 -88.85 114.84
CA ALA C 3201 -15.21 -90.00 114.72
C ALA C 3201 -15.57 -90.65 116.06
N MET C 3202 -14.84 -90.34 117.14
CA MET C 3202 -15.06 -91.02 118.40
C MET C 3202 -16.42 -90.64 118.98
N PRO C 3203 -17.18 -91.59 119.53
CA PRO C 3203 -18.51 -91.26 120.06
C PRO C 3203 -18.55 -90.91 121.55
N VAL C 3204 -17.45 -91.04 122.27
CA VAL C 3204 -17.42 -90.79 123.71
C VAL C 3204 -16.47 -89.63 124.00
N ALA C 3205 -16.92 -88.70 124.84
CA ALA C 3205 -16.14 -87.52 125.21
C ALA C 3205 -15.03 -87.94 126.18
N PHE C 3206 -13.92 -88.41 125.60
CA PHE C 3206 -12.81 -88.91 126.39
C PHE C 3206 -12.07 -87.80 127.12
N LEU C 3207 -12.26 -86.55 126.73
CA LEU C 3207 -11.58 -85.43 127.39
C LEU C 3207 -12.30 -84.94 128.64
N GLU C 3208 -13.53 -85.39 128.88
CA GLU C 3208 -14.31 -84.98 130.04
C GLU C 3208 -14.86 -86.22 130.74
N PRO C 3209 -14.01 -86.95 131.47
CA PRO C 3209 -14.47 -88.19 132.12
C PRO C 3209 -15.53 -87.96 133.19
N GLN C 3210 -15.60 -86.76 133.77
CA GLN C 3210 -16.47 -86.53 134.92
C GLN C 3210 -17.93 -86.78 134.57
N LEU C 3211 -18.37 -86.32 133.40
CA LEU C 3211 -19.75 -86.52 132.96
C LEU C 3211 -19.95 -87.84 132.25
N ASN C 3212 -18.96 -88.75 132.28
CA ASN C 3212 -19.06 -90.00 131.55
C ASN C 3212 -20.26 -90.85 131.97
N GLU C 3213 -20.79 -90.63 133.17
CA GLU C 3213 -21.95 -91.38 133.61
C GLU C 3213 -23.20 -91.06 132.79
N TYR C 3214 -23.23 -89.92 132.12
CA TYR C 3214 -24.42 -89.51 131.36
C TYR C 3214 -24.40 -89.98 129.92
N ASN C 3215 -23.31 -90.61 129.46
CA ASN C 3215 -23.22 -91.07 128.08
C ASN C 3215 -23.87 -92.43 127.95
N ALA C 3216 -24.80 -92.56 127.00
CA ALA C 3216 -25.50 -93.82 126.79
C ALA C 3216 -24.75 -94.78 125.87
N CYS C 3217 -23.71 -94.31 125.18
CA CYS C 3217 -22.94 -95.16 124.26
C CYS C 3217 -21.63 -95.64 124.86
N SER C 3218 -21.34 -95.28 126.11
CA SER C 3218 -20.08 -95.69 126.73
C SER C 3218 -20.10 -97.19 127.04
N VAL C 3219 -18.92 -97.80 127.01
CA VAL C 3219 -18.81 -99.23 127.31
C VAL C 3219 -19.13 -99.50 128.78
N TYR C 3220 -18.83 -98.55 129.67
CA TYR C 3220 -19.07 -98.75 131.09
C TYR C 3220 -20.54 -98.79 131.44
N THR C 3221 -21.43 -98.30 130.57
CA THR C 3221 -22.86 -98.41 130.76
C THR C 3221 -23.47 -99.61 130.04
N THR C 3222 -22.65 -100.42 129.39
CA THR C 3222 -23.14 -101.59 128.67
C THR C 3222 -22.28 -102.81 128.96
N PRO C 3242 -6.41 -92.71 129.86
CA PRO C 3242 -6.12 -92.66 131.29
C PRO C 3242 -4.83 -91.91 131.61
N ASP C 3243 -4.21 -91.32 130.58
CA ASP C 3243 -3.03 -90.50 130.83
C ASP C 3243 -3.06 -89.20 130.02
N ILE C 3244 -4.15 -88.88 129.35
CA ILE C 3244 -4.31 -87.63 128.62
C ILE C 3244 -4.93 -86.59 129.55
N PRO C 3245 -4.35 -85.40 129.68
CA PRO C 3245 -4.87 -84.43 130.64
C PRO C 3245 -6.26 -83.93 130.26
N VAL C 3246 -6.96 -83.39 131.26
CA VAL C 3246 -8.34 -82.97 131.07
C VAL C 3246 -8.41 -81.73 130.18
N LEU C 3247 -9.62 -81.43 129.72
CA LEU C 3247 -9.81 -80.33 128.77
C LEU C 3247 -9.43 -78.99 129.37
N GLU C 3248 -9.79 -78.76 130.64
CA GLU C 3248 -9.48 -77.48 131.28
C GLU C 3248 -7.98 -77.25 131.36
N ARG C 3249 -7.22 -78.30 131.69
CA ARG C 3249 -5.76 -78.18 131.72
C ARG C 3249 -5.21 -77.88 130.33
N LEU C 3250 -5.76 -78.51 129.31
CA LEU C 3250 -5.31 -78.25 127.94
C LEU C 3250 -5.55 -76.80 127.55
N MET C 3251 -6.75 -76.29 127.84
CA MET C 3251 -7.06 -74.91 127.49
C MET C 3251 -6.19 -73.93 128.28
N ALA C 3252 -5.97 -74.21 129.56
CA ALA C 3252 -5.11 -73.34 130.37
C ALA C 3252 -3.68 -73.34 129.85
N ASP C 3253 -3.17 -74.51 129.46
CA ASP C 3253 -1.82 -74.59 128.91
C ASP C 3253 -1.71 -73.84 127.60
N ILE C 3254 -2.72 -73.97 126.72
CA ILE C 3254 -2.70 -73.25 125.46
C ILE C 3254 -2.72 -71.74 125.70
N GLY C 3255 -3.57 -71.29 126.64
CA GLY C 3255 -3.64 -69.88 126.92
C GLY C 3255 -2.34 -69.33 127.50
N GLY C 3256 -1.74 -70.07 128.43
CA GLY C 3256 -0.49 -69.63 129.03
C GLY C 3256 0.71 -69.75 128.13
N LEU C 3257 0.66 -70.61 127.12
CA LEU C 3257 1.75 -70.76 126.17
C LEU C 3257 1.63 -69.84 124.97
N ALA C 3258 0.41 -69.34 124.69
CA ALA C 3258 0.25 -68.36 123.62
C ALA C 3258 1.00 -67.07 123.96
N GLU C 3259 0.89 -66.61 125.20
CA GLU C 3259 1.63 -65.45 125.64
C GLU C 3259 3.03 -65.84 126.11
N SER C 3260 4.01 -65.00 125.78
CA SER C 3260 5.41 -65.24 126.13
C SER C 3260 5.91 -66.57 125.56
N GLY C 3261 5.42 -66.91 124.38
CA GLY C 3261 5.87 -68.08 123.65
C GLY C 3261 6.61 -67.68 122.39
N ALA C 3262 5.91 -67.74 121.26
CA ALA C 3262 6.34 -67.19 119.98
C ALA C 3262 7.52 -67.93 119.37
N ARG C 3263 7.59 -69.26 119.52
CA ARG C 3263 8.61 -70.07 118.87
C ARG C 3263 8.00 -71.40 118.47
N TYR C 3264 8.00 -71.69 117.17
CA TYR C 3264 7.56 -73.00 116.70
C TYR C 3264 8.47 -74.10 117.24
N THR C 3265 9.77 -73.85 117.24
CA THR C 3265 10.70 -74.76 117.90
C THR C 3265 10.46 -74.76 119.40
N GLU C 3266 10.87 -75.86 120.04
CA GLU C 3266 10.68 -76.08 121.48
C GLU C 3266 9.21 -76.23 121.84
N MET C 3267 8.34 -76.27 120.83
CA MET C 3267 6.92 -76.57 121.02
C MET C 3267 6.30 -77.13 119.73
N PRO C 3268 6.90 -78.20 119.18
CA PRO C 3268 6.33 -78.75 117.94
C PRO C 3268 5.17 -79.70 118.18
N HIS C 3269 5.17 -80.40 119.31
CA HIS C 3269 4.12 -81.37 119.60
C HIS C 3269 2.76 -80.71 119.76
N VAL C 3270 2.73 -79.57 120.44
CA VAL C 3270 1.46 -78.87 120.66
C VAL C 3270 0.87 -78.41 119.33
N ILE C 3271 1.72 -77.84 118.47
CA ILE C 3271 1.22 -77.28 117.22
C ILE C 3271 0.80 -78.39 116.25
N GLU C 3272 1.64 -79.43 116.12
CA GLU C 3272 1.43 -80.41 115.06
C GLU C 3272 0.42 -81.48 115.40
N ILE C 3273 0.07 -81.66 116.68
CA ILE C 3273 -0.80 -82.76 117.12
C ILE C 3273 -2.00 -82.25 117.90
N THR C 3274 -1.75 -81.50 118.98
CA THR C 3274 -2.82 -81.15 119.90
C THR C 3274 -3.84 -80.21 119.27
N LEU C 3275 -3.37 -79.18 118.55
CA LEU C 3275 -4.28 -78.19 117.99
C LEU C 3275 -5.28 -78.78 117.01
N PRO C 3276 -4.89 -79.59 116.02
CA PRO C 3276 -5.91 -80.23 115.18
C PRO C 3276 -6.87 -81.11 115.96
N MET C 3277 -6.38 -81.81 116.98
CA MET C 3277 -7.26 -82.66 117.78
C MET C 3277 -8.33 -81.83 118.47
N LEU C 3278 -7.95 -80.70 119.06
CA LEU C 3278 -8.94 -79.84 119.71
C LEU C 3278 -9.89 -79.22 118.68
N CYS C 3279 -9.35 -78.76 117.54
CA CYS C 3279 -10.17 -78.14 116.52
C CYS C 3279 -11.17 -79.12 115.92
N SER C 3280 -10.88 -80.41 115.99
CA SER C 3280 -11.83 -81.40 115.53
C SER C 3280 -12.77 -81.85 116.64
N TYR C 3281 -12.30 -81.81 117.89
CA TYR C 3281 -13.08 -82.28 119.02
C TYR C 3281 -14.20 -81.31 119.37
N LEU C 3282 -13.89 -80.02 119.44
CA LEU C 3282 -14.83 -79.04 119.97
C LEU C 3282 -16.12 -78.90 119.15
N PRO C 3283 -16.06 -78.75 117.83
CA PRO C 3283 -17.31 -78.57 117.06
C PRO C 3283 -18.27 -79.75 117.18
N ARG C 3284 -17.74 -80.98 117.27
CA ARG C 3284 -18.62 -82.14 117.39
C ARG C 3284 -19.44 -82.10 118.67
N TRP C 3285 -18.81 -81.72 119.79
CA TRP C 3285 -19.49 -81.75 121.07
C TRP C 3285 -20.22 -80.44 121.39
N TRP C 3286 -19.98 -79.38 120.62
CA TRP C 3286 -20.74 -78.16 120.85
C TRP C 3286 -22.23 -78.37 120.54
N GLU C 3287 -22.52 -79.15 119.51
CA GLU C 3287 -23.89 -79.36 119.07
C GLU C 3287 -24.77 -79.99 120.13
N ARG C 3288 -24.22 -80.84 120.99
CA ARG C 3288 -25.00 -81.58 121.97
C ARG C 3288 -24.58 -81.17 123.38
N GLY C 3289 -24.41 -79.86 123.58
CA GLY C 3289 -24.06 -79.33 124.88
C GLY C 3289 -25.14 -78.44 125.48
N VAL C 3308 -19.41 -77.74 127.47
CA VAL C 3308 -18.76 -76.96 126.42
C VAL C 3308 -19.70 -75.88 125.90
N THR C 3309 -19.14 -74.82 125.33
CA THR C 3309 -19.92 -73.71 124.82
C THR C 3309 -19.07 -72.93 123.83
N SER C 3310 -19.69 -71.91 123.21
CA SER C 3310 -19.01 -71.12 122.20
C SER C 3310 -17.81 -70.35 122.76
N ASP C 3311 -17.76 -70.13 124.08
CA ASP C 3311 -16.64 -69.41 124.66
C ASP C 3311 -15.33 -70.16 124.43
N HIS C 3312 -15.35 -71.49 124.54
CA HIS C 3312 -14.17 -72.28 124.26
C HIS C 3312 -13.70 -72.10 122.82
N LEU C 3313 -14.65 -72.11 121.88
CA LEU C 3313 -14.29 -71.92 120.48
C LEU C 3313 -13.69 -70.54 120.23
N ASN C 3314 -14.27 -69.51 120.84
CA ASN C 3314 -13.73 -68.16 120.67
C ASN C 3314 -12.32 -68.07 121.24
N SER C 3315 -12.10 -68.64 122.42
CA SER C 3315 -10.77 -68.61 123.02
C SER C 3315 -9.76 -69.36 122.16
N LEU C 3316 -10.17 -70.52 121.63
CA LEU C 3316 -9.27 -71.30 120.79
C LEU C 3316 -8.91 -70.55 119.51
N LEU C 3317 -9.89 -69.90 118.88
CA LEU C 3317 -9.61 -69.13 117.67
C LEU C 3317 -8.66 -67.98 117.97
N GLY C 3318 -8.88 -67.27 119.09
CA GLY C 3318 -7.97 -66.19 119.45
C GLY C 3318 -6.56 -66.67 119.70
N ASN C 3319 -6.42 -67.80 120.42
CA ASN C 3319 -5.10 -68.36 120.67
C ASN C 3319 -4.42 -68.79 119.38
N ILE C 3320 -5.17 -69.38 118.45
CA ILE C 3320 -4.60 -69.80 117.17
C ILE C 3320 -4.10 -68.59 116.40
N LEU C 3321 -4.89 -67.51 116.38
CA LEU C 3321 -4.46 -66.30 115.69
C LEU C 3321 -3.20 -65.73 116.31
N ARG C 3322 -3.14 -65.70 117.65
CA ARG C 3322 -1.93 -65.19 118.32
C ARG C 3322 -0.72 -66.06 118.00
N ILE C 3323 -0.88 -67.39 118.00
CA ILE C 3323 0.23 -68.28 117.68
C ILE C 3323 0.70 -68.04 116.25
N ILE C 3324 -0.24 -67.88 115.32
CA ILE C 3324 0.14 -67.65 113.92
C ILE C 3324 0.90 -66.33 113.78
N VAL C 3325 0.42 -65.28 114.45
CA VAL C 3325 1.06 -63.97 114.30
C VAL C 3325 2.40 -63.94 115.01
N ASN C 3326 2.62 -64.81 116.00
CA ASN C 3326 3.88 -64.79 116.73
C ASN C 3326 5.07 -65.29 115.93
N ASN C 3327 4.84 -65.95 114.80
CA ASN C 3327 5.92 -66.52 113.99
C ASN C 3327 6.00 -65.91 112.60
N LEU C 3328 5.89 -64.58 112.48
CA LEU C 3328 5.89 -63.96 111.16
C LEU C 3328 7.28 -63.93 110.54
N GLY C 3329 8.32 -63.70 111.36
CA GLY C 3329 9.66 -63.56 110.85
C GLY C 3329 10.39 -64.84 110.53
N ILE C 3330 9.81 -65.99 110.87
CA ILE C 3330 10.47 -67.27 110.62
C ILE C 3330 10.57 -67.51 109.12
N ASP C 3331 11.60 -68.24 108.69
CA ASP C 3331 11.82 -68.52 107.29
C ASP C 3331 11.11 -69.80 106.86
N GLU C 3332 11.43 -70.91 107.51
CA GLU C 3332 10.81 -72.20 107.18
C GLU C 3332 9.62 -72.43 108.11
N ALA C 3333 8.42 -72.12 107.61
CA ALA C 3333 7.21 -72.23 108.42
C ALA C 3333 6.10 -72.91 107.61
N SER C 3334 6.45 -74.04 106.97
CA SER C 3334 5.48 -74.75 106.14
C SER C 3334 4.25 -75.18 106.93
N TRP C 3335 4.43 -75.51 108.21
CA TRP C 3335 3.33 -76.03 109.03
C TRP C 3335 2.12 -75.09 109.04
N MET C 3336 2.35 -73.77 108.93
CA MET C 3336 1.25 -72.83 108.91
C MET C 3336 0.24 -73.17 107.82
N LYS C 3337 0.72 -73.55 106.63
CA LYS C 3337 -0.19 -73.87 105.53
C LYS C 3337 -1.17 -74.97 105.94
N ARG C 3338 -0.72 -75.91 106.78
CA ARG C 3338 -1.62 -76.94 107.29
C ARG C 3338 -2.57 -76.38 108.33
N LEU C 3339 -2.04 -75.57 109.26
CA LEU C 3339 -2.82 -75.18 110.43
C LEU C 3339 -4.05 -74.38 110.05
N ALA C 3340 -3.90 -73.43 109.11
CA ALA C 3340 -5.03 -72.62 108.69
C ALA C 3340 -6.16 -73.48 108.13
N VAL C 3341 -5.82 -74.66 107.60
CA VAL C 3341 -6.87 -75.56 107.10
C VAL C 3341 -7.67 -76.15 108.25
N PHE C 3342 -7.01 -76.51 109.35
CA PHE C 3342 -7.69 -77.20 110.43
C PHE C 3342 -8.59 -76.28 111.23
N ALA C 3343 -8.28 -74.99 111.27
CA ALA C 3343 -9.05 -74.04 112.07
C ALA C 3343 -10.25 -73.47 111.33
N GLN C 3344 -10.44 -73.81 110.07
CA GLN C 3344 -11.53 -73.21 109.29
C GLN C 3344 -12.92 -73.50 109.85
N PRO C 3345 -13.29 -74.74 110.21
CA PRO C 3345 -14.65 -74.96 110.73
C PRO C 3345 -14.96 -74.21 112.01
N ILE C 3346 -13.95 -73.81 112.78
CA ILE C 3346 -14.19 -73.10 114.02
C ILE C 3346 -14.74 -71.70 113.75
N VAL C 3347 -14.24 -71.03 112.70
CA VAL C 3347 -14.50 -69.61 112.49
C VAL C 3347 -15.99 -69.31 112.30
N SER C 3348 -16.81 -70.34 112.05
CA SER C 3348 -18.24 -70.09 111.87
C SER C 3348 -18.91 -69.68 113.18
N ARG C 3349 -18.29 -69.99 114.32
CA ARG C 3349 -18.88 -69.72 115.63
C ARG C 3349 -18.22 -68.54 116.34
N ALA C 3350 -17.47 -67.71 115.64
CA ALA C 3350 -16.77 -66.61 116.26
C ALA C 3350 -17.74 -65.53 116.73
N ARG C 3351 -17.34 -64.80 117.77
CA ARG C 3351 -18.10 -63.70 118.32
C ARG C 3351 -17.59 -62.37 117.77
N PRO C 3352 -18.44 -61.35 117.69
CA PRO C 3352 -18.03 -60.09 117.04
C PRO C 3352 -16.84 -59.40 117.70
N GLU C 3353 -16.69 -59.49 119.02
CA GLU C 3353 -15.61 -58.80 119.71
C GLU C 3353 -14.23 -59.16 119.16
N LEU C 3354 -14.05 -60.40 118.70
CA LEU C 3354 -12.77 -60.83 118.16
C LEU C 3354 -12.33 -59.98 116.98
N LEU C 3355 -13.25 -59.29 116.31
CA LEU C 3355 -12.87 -58.39 115.24
C LEU C 3355 -11.96 -57.28 115.76
N HIS C 3356 -12.32 -56.69 116.90
CA HIS C 3356 -11.56 -55.54 117.40
C HIS C 3356 -10.25 -55.98 118.03
N SER C 3357 -10.27 -57.08 118.78
CA SER C 3357 -9.12 -57.43 119.62
C SER C 3357 -7.98 -58.05 118.82
N HIS C 3358 -8.28 -58.85 117.81
CA HIS C 3358 -7.27 -59.72 117.21
C HIS C 3358 -6.96 -59.38 115.76
N PHE C 3359 -7.97 -59.31 114.89
CA PHE C 3359 -7.71 -59.18 113.47
C PHE C 3359 -7.02 -57.87 113.12
N ILE C 3360 -7.44 -56.77 113.75
CA ILE C 3360 -6.88 -55.46 113.41
C ILE C 3360 -5.38 -55.38 113.68
N PRO C 3361 -4.86 -55.76 114.85
CA PRO C 3361 -3.40 -55.70 115.05
C PRO C 3361 -2.61 -56.55 114.06
N THR C 3362 -3.10 -57.75 113.74
CA THR C 3362 -2.38 -58.61 112.81
C THR C 3362 -2.35 -58.00 111.41
N ILE C 3363 -3.49 -57.50 110.94
CA ILE C 3363 -3.50 -56.87 109.61
C ILE C 3363 -2.64 -55.61 109.61
N GLY C 3364 -2.63 -54.87 110.72
CA GLY C 3364 -1.76 -53.70 110.80
C GLY C 3364 -0.29 -54.06 110.71
N ARG C 3365 0.11 -55.12 111.41
CA ARG C 3365 1.50 -55.58 111.32
C ARG C 3365 1.84 -56.03 109.91
N LEU C 3366 0.93 -56.75 109.25
CA LEU C 3366 1.17 -57.17 107.88
C LEU C 3366 1.32 -55.96 106.96
N ARG C 3367 0.47 -54.96 107.14
CA ARG C 3367 0.54 -53.77 106.31
C ARG C 3367 1.84 -53.00 106.54
N LYS C 3368 2.26 -52.90 107.80
CA LYS C 3368 3.52 -52.22 108.09
C LYS C 3368 4.71 -52.94 107.45
N ARG C 3369 4.73 -54.27 107.55
CA ARG C 3369 5.81 -55.03 106.92
C ARG C 3369 5.81 -54.84 105.41
N ALA C 3370 4.62 -54.89 104.79
CA ALA C 3370 4.54 -54.71 103.34
C ALA C 3370 5.01 -53.32 102.94
N GLY C 3371 4.62 -52.30 103.70
CA GLY C 3371 5.05 -50.94 103.41
C GLY C 3371 6.55 -50.78 103.51
N LYS C 3372 7.16 -51.34 104.56
CA LYS C 3372 8.60 -51.27 104.70
C LYS C 3372 9.30 -51.97 103.53
N VAL C 3373 8.79 -53.14 103.15
CA VAL C 3373 9.41 -53.91 102.06
C VAL C 3373 9.32 -53.14 100.76
N VAL C 3374 8.15 -52.56 100.47
CA VAL C 3374 7.99 -51.84 99.20
C VAL C 3374 8.80 -50.56 99.20
N ALA C 3375 8.95 -49.90 100.36
CA ALA C 3375 9.81 -48.72 100.43
C ALA C 3375 11.27 -49.09 100.16
N GLU C 3376 11.73 -50.21 100.73
CA GLU C 3376 13.08 -50.67 100.45
C GLU C 3376 13.26 -50.99 98.98
N GLU C 3377 12.26 -51.64 98.38
CA GLU C 3377 12.34 -51.97 96.95
C GLU C 3377 12.42 -50.71 96.10
N GLU C 3378 11.60 -49.70 96.41
CA GLU C 3378 11.64 -48.46 95.65
C GLU C 3378 12.99 -47.76 95.81
N GLN C 3379 13.53 -47.73 97.03
CA GLN C 3379 14.84 -47.11 97.25
C GLN C 3379 15.92 -47.84 96.47
N LEU C 3380 15.88 -49.17 96.44
CA LEU C 3380 16.86 -49.93 95.69
C LEU C 3380 16.73 -49.68 94.19
N ARG C 3381 15.50 -49.68 93.68
CA ARG C 3381 15.29 -49.48 92.24
C ARG C 3381 15.58 -48.06 91.81
N LEU C 3382 15.60 -47.10 92.73
CA LEU C 3382 15.93 -45.73 92.36
C LEU C 3382 17.32 -45.61 91.77
N GLU C 3383 18.28 -46.38 92.29
CA GLU C 3383 19.66 -46.29 91.80
C GLU C 3383 19.76 -46.71 90.34
N ALA C 3384 19.12 -47.80 89.97
CA ALA C 3384 19.08 -48.30 88.59
C ALA C 3384 20.48 -48.54 88.03
N LYS C 3385 21.44 -48.85 88.91
CA LYS C 3385 22.80 -49.12 88.48
C LYS C 3385 22.99 -50.60 88.18
N ALA C 3386 24.20 -50.95 87.74
CA ALA C 3386 24.52 -52.35 87.48
C ALA C 3386 24.54 -53.18 88.74
N GLU C 3387 24.67 -52.57 89.91
CA GLU C 3387 24.64 -53.29 91.17
C GLU C 3387 23.24 -53.70 91.60
N ALA C 3388 22.20 -53.26 90.88
CA ALA C 3388 20.83 -53.58 91.26
C ALA C 3388 20.59 -55.08 91.28
N GLU C 3389 21.31 -55.84 90.44
CA GLU C 3389 21.18 -57.29 90.45
C GLU C 3389 21.51 -57.90 91.81
N GLU C 3390 22.39 -57.25 92.58
CA GLU C 3390 22.66 -57.70 93.94
C GLU C 3390 21.44 -57.50 94.83
N GLY C 3391 20.75 -56.35 94.68
CA GLY C 3391 19.65 -56.04 95.56
C GLY C 3391 18.34 -56.69 95.17
N GLU C 3392 18.12 -56.93 93.87
CA GLU C 3392 16.84 -57.44 93.40
C GLU C 3392 16.49 -58.76 94.06
N LEU C 3393 17.40 -59.74 94.00
CA LEU C 3393 17.16 -61.00 94.67
C LEU C 3393 16.82 -60.80 96.13
N LEU C 3394 17.45 -59.82 96.78
CA LEU C 3394 17.20 -59.57 98.19
C LEU C 3394 15.72 -59.29 98.44
N VAL C 3395 15.07 -58.52 97.57
CA VAL C 3395 13.65 -58.28 97.77
C VAL C 3395 12.85 -59.45 97.22
N ARG C 3396 13.38 -60.15 96.21
CA ARG C 3396 12.66 -61.29 95.66
C ARG C 3396 12.44 -62.37 96.71
N ASP C 3397 13.37 -62.49 97.66
CA ASP C 3397 13.14 -63.35 98.82
C ASP C 3397 12.01 -62.79 99.68
N GLU C 3398 12.11 -61.51 100.04
CA GLU C 3398 11.21 -60.94 101.04
C GLU C 3398 9.76 -61.08 100.63
N PHE C 3399 9.44 -60.66 99.40
CA PHE C 3399 8.07 -60.78 98.91
C PHE C 3399 7.55 -62.19 99.10
N SER C 3400 8.36 -63.19 98.74
CA SER C 3400 7.94 -64.59 98.89
C SER C 3400 7.49 -64.87 100.31
N VAL C 3401 8.29 -64.46 101.31
CA VAL C 3401 7.90 -64.68 102.70
C VAL C 3401 6.56 -64.04 102.97
N LEU C 3402 6.37 -62.80 102.53
CA LEU C 3402 5.08 -62.15 102.72
C LEU C 3402 3.98 -62.93 102.01
N CYS C 3403 4.25 -63.39 100.78
CA CYS C 3403 3.25 -64.14 100.03
C CYS C 3403 2.85 -65.40 100.77
N ARG C 3404 3.69 -65.87 101.70
CA ARG C 3404 3.30 -66.96 102.57
C ARG C 3404 2.32 -66.49 103.63
N ASP C 3405 2.72 -65.48 104.41
CA ASP C 3405 2.01 -65.16 105.65
C ASP C 3405 0.56 -64.77 105.37
N LEU C 3406 0.34 -63.90 104.37
CA LEU C 3406 -1.03 -63.51 104.05
C LEU C 3406 -1.87 -64.71 103.62
N TYR C 3407 -1.27 -65.64 102.86
CA TYR C 3407 -2.02 -66.81 102.44
C TYR C 3407 -2.37 -67.73 103.60
N ALA C 3408 -1.81 -67.50 104.78
CA ALA C 3408 -2.22 -68.23 105.97
C ALA C 3408 -3.36 -67.51 106.68
N LEU C 3409 -3.38 -66.18 106.61
CA LEU C 3409 -4.38 -65.41 107.35
C LEU C 3409 -5.60 -65.11 106.50
N TYR C 3410 -5.40 -64.76 105.24
CA TYR C 3410 -6.50 -64.28 104.40
C TYR C 3410 -7.62 -65.30 104.22
N PRO C 3411 -7.36 -66.58 103.92
CA PRO C 3411 -8.48 -67.53 103.86
C PRO C 3411 -9.24 -67.67 105.16
N LEU C 3412 -8.59 -67.41 106.30
CA LEU C 3412 -9.30 -67.45 107.58
C LEU C 3412 -10.17 -66.22 107.75
N LEU C 3413 -9.73 -65.07 107.22
CA LEU C 3413 -10.49 -63.84 107.41
C LEU C 3413 -11.70 -63.77 106.49
N ILE C 3414 -11.58 -64.28 105.27
CA ILE C 3414 -12.63 -64.11 104.28
C ILE C 3414 -13.91 -64.81 104.71
N ARG C 3415 -13.77 -65.96 105.39
CA ARG C 3415 -14.95 -66.65 105.89
C ARG C 3415 -15.63 -65.86 107.01
N TYR C 3416 -14.86 -65.08 107.76
CA TYR C 3416 -15.44 -64.32 108.86
C TYR C 3416 -16.44 -63.27 108.36
N VAL C 3417 -16.00 -62.42 107.42
CA VAL C 3417 -16.83 -61.30 107.00
C VAL C 3417 -18.12 -61.78 106.33
N ASP C 3418 -18.04 -62.91 105.60
CA ASP C 3418 -19.23 -63.43 104.94
C ASP C 3418 -20.33 -63.77 105.94
N ASN C 3419 -19.97 -63.94 107.21
CA ASN C 3419 -20.99 -64.21 108.22
C ASN C 3419 -21.48 -62.92 108.88
N ASN C 3420 -20.66 -61.87 108.89
CA ASN C 3420 -20.97 -60.69 109.68
C ASN C 3420 -21.35 -59.47 108.82
N ARG C 3421 -21.02 -59.48 107.53
CA ARG C 3421 -21.11 -58.28 106.71
C ARG C 3421 -22.50 -57.64 106.79
N ALA C 3422 -23.55 -58.45 106.75
CA ALA C 3422 -24.91 -57.92 106.78
C ALA C 3422 -25.11 -56.99 107.98
N HIS C 3423 -24.69 -57.42 109.17
CA HIS C 3423 -24.83 -56.57 110.34
C HIS C 3423 -24.08 -55.25 110.15
N TRP C 3424 -22.87 -55.32 109.59
CA TRP C 3424 -22.10 -54.11 109.35
C TRP C 3424 -22.83 -53.16 108.41
N LEU C 3425 -23.62 -53.71 107.47
CA LEU C 3425 -24.41 -52.85 106.60
C LEU C 3425 -25.63 -52.30 107.32
N THR C 3426 -26.18 -53.05 108.27
CA THR C 3426 -27.37 -52.57 108.98
C THR C 3426 -27.00 -51.46 109.96
N GLU C 3427 -25.90 -51.63 110.69
CA GLU C 3427 -25.42 -50.63 111.64
C GLU C 3427 -23.97 -50.30 111.30
N PRO C 3428 -23.64 -49.03 111.01
CA PRO C 3428 -22.26 -48.70 110.67
C PRO C 3428 -21.30 -48.96 111.82
N ASN C 3429 -20.10 -49.41 111.49
CA ASN C 3429 -19.06 -49.74 112.46
C ASN C 3429 -17.72 -49.21 111.99
N PRO C 3430 -17.05 -48.36 112.78
CA PRO C 3430 -15.75 -47.80 112.33
C PRO C 3430 -14.67 -48.86 112.11
N SER C 3431 -14.68 -49.95 112.87
CA SER C 3431 -13.64 -50.97 112.72
C SER C 3431 -13.68 -51.59 111.33
N ALA C 3432 -14.88 -51.81 110.78
CA ALA C 3432 -14.97 -52.33 109.42
C ALA C 3432 -14.37 -51.36 108.41
N GLU C 3433 -14.62 -50.07 108.57
CA GLU C 3433 -14.02 -49.07 107.68
C GLU C 3433 -12.50 -49.09 107.79
N GLU C 3434 -11.96 -49.18 109.01
CA GLU C 3434 -10.51 -49.22 109.18
C GLU C 3434 -9.91 -50.46 108.52
N LEU C 3435 -10.54 -51.62 108.71
CA LEU C 3435 -10.00 -52.84 108.10
C LEU C 3435 -10.13 -52.78 106.59
N PHE C 3436 -11.18 -52.14 106.08
CA PHE C 3436 -11.27 -51.89 104.64
C PHE C 3436 -10.13 -51.02 104.16
N ARG C 3437 -9.76 -49.99 104.93
CA ARG C 3437 -8.63 -49.15 104.57
C ARG C 3437 -7.35 -49.98 104.47
N MET C 3438 -7.13 -50.85 105.45
CA MET C 3438 -5.94 -51.70 105.43
C MET C 3438 -5.94 -52.61 104.20
N VAL C 3439 -7.08 -53.23 103.91
CA VAL C 3439 -7.17 -54.13 102.76
C VAL C 3439 -6.92 -53.36 101.46
N GLY C 3440 -7.46 -52.15 101.35
CA GLY C 3440 -7.22 -51.35 100.16
C GLY C 3440 -5.76 -50.97 100.00
N GLU C 3441 -5.09 -50.64 101.10
CA GLU C 3441 -3.66 -50.36 101.04
C GLU C 3441 -2.89 -51.58 100.54
N ILE C 3442 -3.22 -52.76 101.07
CA ILE C 3442 -2.55 -53.97 100.60
C ILE C 3442 -2.83 -54.19 99.13
N PHE C 3443 -4.07 -53.95 98.69
CA PHE C 3443 -4.42 -54.17 97.29
C PHE C 3443 -3.64 -53.25 96.36
N ILE C 3444 -3.53 -51.97 96.72
CA ILE C 3444 -2.82 -51.04 95.84
C ILE C 3444 -1.33 -51.36 95.83
N TYR C 3445 -0.77 -51.76 96.99
CA TYR C 3445 0.61 -52.22 97.00
C TYR C 3445 0.81 -53.42 96.08
N TRP C 3446 -0.12 -54.38 96.10
CA TRP C 3446 -0.03 -55.52 95.21
C TRP C 3446 -0.12 -55.09 93.75
N SER C 3447 -0.99 -54.12 93.45
CA SER C 3447 -1.21 -53.73 92.07
C SER C 3447 -0.02 -52.96 91.50
N LYS C 3448 0.71 -52.22 92.33
CA LYS C 3448 1.80 -51.39 91.80
C LYS C 3448 2.94 -52.23 91.25
N SER C 3449 3.42 -53.21 92.01
CA SER C 3449 4.65 -53.92 91.70
C SER C 3449 4.36 -55.18 90.90
N HIS C 3450 5.26 -55.50 89.95
CA HIS C 3450 5.14 -56.73 89.19
C HIS C 3450 5.84 -57.90 89.87
N ASN C 3451 6.88 -57.63 90.65
CA ASN C 3451 7.54 -58.70 91.40
C ASN C 3451 6.56 -59.34 92.39
N PHE C 3452 5.64 -58.55 92.93
CA PHE C 3452 4.60 -59.11 93.80
C PHE C 3452 3.77 -60.15 93.05
N LYS C 3453 3.31 -59.81 91.85
CA LYS C 3453 2.51 -60.74 91.07
C LYS C 3453 3.31 -61.98 90.69
N ARG C 3454 4.58 -61.79 90.30
CA ARG C 3454 5.41 -62.93 89.93
C ARG C 3454 5.61 -63.88 91.11
N GLU C 3455 5.91 -63.32 92.29
CA GLU C 3455 6.09 -64.14 93.48
C GLU C 3455 4.81 -64.85 93.86
N GLU C 3456 3.67 -64.16 93.76
CA GLU C 3456 2.40 -64.78 94.10
C GLU C 3456 2.09 -65.94 93.16
N GLN C 3457 2.32 -65.74 91.86
CA GLN C 3457 2.09 -66.82 90.90
C GLN C 3457 3.01 -67.99 91.14
N ASN C 3458 4.28 -67.72 91.43
CA ASN C 3458 5.24 -68.80 91.71
C ASN C 3458 4.83 -69.58 92.95
N PHE C 3459 4.42 -68.88 94.01
CA PHE C 3459 4.00 -69.54 95.23
C PHE C 3459 2.74 -70.37 95.00
N VAL C 3460 1.78 -69.84 94.25
CA VAL C 3460 0.55 -70.58 93.95
C VAL C 3460 0.87 -71.85 93.16
N VAL C 3461 1.76 -71.74 92.17
CA VAL C 3461 2.12 -72.90 91.36
C VAL C 3461 2.84 -73.94 92.22
N GLN C 3462 3.79 -73.50 93.05
CA GLN C 3462 4.60 -74.44 93.80
C GLN C 3462 3.79 -75.13 94.90
N ASN C 3463 3.02 -74.37 95.67
CA ASN C 3463 2.30 -74.94 96.80
C ASN C 3463 1.09 -75.77 96.37
N GLU C 3464 0.66 -75.67 95.11
CA GLU C 3464 -0.49 -76.40 94.59
C GLU C 3464 -1.74 -76.13 95.41
N ILE C 3465 -1.93 -74.90 95.87
CA ILE C 3465 -3.10 -74.52 96.64
C ILE C 3465 -4.26 -74.25 95.69
N ASN C 3466 -5.47 -74.19 96.23
CA ASN C 3466 -6.66 -73.93 95.42
C ASN C 3466 -7.45 -72.75 95.98
N THR C 3509 -8.53 -59.36 94.02
CA THR C 3509 -8.46 -60.61 94.77
C THR C 3509 -9.71 -60.79 95.64
N LEU C 3510 -9.68 -60.26 96.85
CA LEU C 3510 -10.80 -60.33 97.79
C LEU C 3510 -11.37 -58.93 97.96
N LYS C 3511 -12.43 -58.65 97.20
CA LYS C 3511 -13.13 -57.37 97.24
C LYS C 3511 -14.57 -57.52 97.70
N LYS C 3512 -14.83 -58.49 98.58
CA LYS C 3512 -16.16 -58.62 99.17
C LYS C 3512 -16.48 -57.48 100.12
N MET C 3513 -15.48 -56.68 100.50
CA MET C 3513 -15.66 -55.59 101.44
C MET C 3513 -15.84 -54.24 100.78
N LEU C 3514 -15.90 -54.19 99.45
CA LEU C 3514 -16.10 -52.90 98.78
C LEU C 3514 -17.40 -52.21 99.18
N PRO C 3515 -18.54 -52.88 99.31
CA PRO C 3515 -19.75 -52.17 99.79
C PRO C 3515 -19.58 -51.52 101.15
N ILE C 3516 -18.79 -52.11 102.05
CA ILE C 3516 -18.57 -51.49 103.35
C ILE C 3516 -17.89 -50.14 103.19
N GLY C 3517 -16.88 -50.06 102.33
CA GLY C 3517 -16.24 -48.78 102.07
C GLY C 3517 -17.17 -47.81 101.36
N LEU C 3518 -17.95 -48.30 100.40
CA LEU C 3518 -18.86 -47.43 99.66
C LEU C 3518 -19.94 -46.85 100.57
N ASN C 3519 -20.33 -47.58 101.61
CA ASN C 3519 -21.35 -47.07 102.54
C ASN C 3519 -20.88 -45.87 103.35
N MET C 3520 -19.56 -45.61 103.36
CA MET C 3520 -19.04 -44.53 104.20
C MET C 3520 -19.35 -43.15 103.62
N CYS C 3521 -19.51 -43.05 102.31
CA CYS C 3521 -19.64 -41.76 101.63
C CYS C 3521 -21.11 -41.50 101.28
N ALA C 3522 -21.57 -40.29 101.59
CA ALA C 3522 -22.93 -39.91 101.25
C ALA C 3522 -23.08 -39.77 99.73
N PRO C 3523 -24.30 -39.92 99.21
CA PRO C 3523 -24.48 -39.80 97.75
C PRO C 3523 -24.10 -38.45 97.18
N THR C 3524 -24.18 -37.38 97.98
CA THR C 3524 -23.85 -36.05 97.47
C THR C 3524 -22.42 -35.98 96.95
N ASP C 3525 -21.50 -36.71 97.55
CA ASP C 3525 -20.10 -36.73 97.13
C ASP C 3525 -19.88 -37.52 95.84
N GLN C 3526 -20.94 -38.06 95.24
CA GLN C 3526 -20.78 -38.89 94.04
C GLN C 3526 -20.08 -38.12 92.93
N GLU C 3527 -20.48 -36.87 92.69
CA GLU C 3527 -19.84 -36.07 91.65
C GLU C 3527 -18.36 -35.90 91.90
N LEU C 3528 -17.93 -35.90 93.17
CA LEU C 3528 -16.50 -35.85 93.46
C LEU C 3528 -15.80 -37.13 93.03
N ILE C 3529 -16.45 -38.28 93.24
CA ILE C 3529 -15.77 -39.57 93.08
C ILE C 3529 -15.24 -39.73 91.67
N THR C 3530 -16.06 -39.40 90.66
CA THR C 3530 -15.59 -39.49 89.29
C THR C 3530 -14.46 -38.50 89.01
N LEU C 3531 -14.55 -37.29 89.55
CA LEU C 3531 -13.56 -36.26 89.23
C LEU C 3531 -12.16 -36.70 89.63
N ALA C 3532 -11.99 -37.11 90.89
CA ALA C 3532 -10.70 -37.64 91.33
C ALA C 3532 -10.31 -38.86 90.53
N LYS C 3533 -11.29 -39.64 90.06
CA LYS C 3533 -10.98 -40.81 89.25
C LYS C 3533 -10.26 -40.42 87.97
N THR C 3534 -10.50 -39.19 87.48
CA THR C 3534 -9.75 -38.72 86.32
C THR C 3534 -8.33 -38.32 86.70
N ARG C 3535 -8.13 -37.79 87.90
CA ARG C 3535 -6.80 -37.35 88.31
C ARG C 3535 -5.83 -38.51 88.37
N TYR C 3536 -6.27 -39.64 88.93
CA TYR C 3536 -5.44 -40.84 88.94
C TYR C 3536 -5.20 -41.38 87.53
N ALA C 3537 -6.06 -41.02 86.58
CA ALA C 3537 -5.79 -41.37 85.18
C ALA C 3537 -4.57 -40.64 84.63
N LEU C 3538 -4.18 -39.52 85.25
CA LEU C 3538 -3.01 -38.77 84.84
C LEU C 3538 -1.76 -39.13 85.64
N LYS C 3539 -1.79 -40.24 86.36
CA LYS C 3539 -0.66 -40.70 87.17
C LYS C 3539 -0.24 -39.67 88.22
N ASP C 3540 -1.19 -38.90 88.73
CA ASP C 3540 -0.90 -37.93 89.77
C ASP C 3540 -0.63 -38.62 91.10
N THR C 3541 0.12 -37.95 91.95
CA THR C 3541 0.41 -38.48 93.28
C THR C 3541 -0.78 -38.28 94.21
N ASP C 3542 -0.81 -39.08 95.28
CA ASP C 3542 -1.94 -39.02 96.22
C ASP C 3542 -2.01 -37.66 96.92
N GLU C 3543 -0.85 -37.10 97.29
CA GLU C 3543 -0.85 -35.83 97.99
C GLU C 3543 -1.43 -34.69 97.14
N GLU C 3544 -1.08 -34.64 95.86
CA GLU C 3544 -1.62 -33.60 94.99
C GLU C 3544 -3.13 -33.75 94.84
N VAL C 3545 -3.61 -34.98 94.65
CA VAL C 3545 -5.04 -35.21 94.52
C VAL C 3545 -5.77 -34.83 95.80
N ARG C 3546 -5.17 -35.10 96.95
CA ARG C 3546 -5.75 -34.63 98.21
C ARG C 3546 -5.79 -33.11 98.26
N GLU C 3547 -4.73 -32.45 97.80
CA GLU C 3547 -4.73 -30.99 97.74
C GLU C 3547 -5.63 -30.47 96.63
N PHE C 3548 -5.61 -31.11 95.47
CA PHE C 3548 -6.44 -30.69 94.34
C PHE C 3548 -7.91 -30.91 94.68
N LEU C 3549 -8.66 -29.82 94.82
CA LEU C 3549 -10.07 -29.90 95.17
C LEU C 3549 -10.88 -28.88 94.38
N TRP C 3567 -34.34 -39.52 96.64
CA TRP C 3567 -34.76 -40.61 97.51
C TRP C 3567 -33.55 -41.28 98.17
N GLN C 3568 -32.40 -41.20 97.49
CA GLN C 3568 -31.19 -41.77 98.06
C GLN C 3568 -30.79 -41.06 99.35
N MET C 3569 -30.90 -39.73 99.37
CA MET C 3569 -30.58 -38.98 100.58
C MET C 3569 -31.54 -39.31 101.72
N ALA C 3570 -32.84 -39.50 101.40
CA ALA C 3570 -33.81 -39.84 102.43
C ALA C 3570 -33.48 -41.17 103.09
N LEU C 3571 -33.09 -42.17 102.30
CA LEU C 3571 -32.70 -43.46 102.86
C LEU C 3571 -31.37 -43.37 103.60
N TYR C 3572 -30.43 -42.58 103.08
CA TYR C 3572 -29.13 -42.44 103.73
C TYR C 3572 -29.28 -41.80 105.11
N ARG C 3573 -30.12 -40.78 105.22
CA ARG C 3573 -30.32 -40.08 106.48
C ARG C 3573 -31.05 -40.94 107.52
N GLY C 3574 -31.67 -42.05 107.12
CA GLY C 3574 -32.37 -42.89 108.07
C GLY C 3574 -31.47 -43.69 108.99
N LEU C 3575 -30.22 -43.90 108.60
CA LEU C 3575 -29.29 -44.64 109.44
C LEU C 3575 -28.85 -43.80 110.64
N PRO C 3576 -28.52 -44.44 111.77
CA PRO C 3576 -28.02 -43.73 112.96
C PRO C 3576 -26.76 -42.93 112.69
N GLN C 3593 -12.71 -40.04 97.35
CA GLN C 3593 -11.36 -39.79 97.84
C GLN C 3593 -10.51 -41.05 97.74
N GLU C 3594 -10.28 -41.70 98.89
CA GLU C 3594 -9.48 -42.92 98.91
C GLU C 3594 -10.14 -44.04 98.14
N VAL C 3595 -11.48 -44.03 98.04
CA VAL C 3595 -12.18 -45.08 97.32
C VAL C 3595 -11.88 -45.01 95.83
N SER C 3596 -11.80 -43.79 95.29
CA SER C 3596 -11.60 -43.60 93.86
C SER C 3596 -10.32 -44.27 93.39
N ALA C 3597 -9.27 -44.27 94.23
CA ALA C 3597 -8.05 -44.99 93.88
C ALA C 3597 -8.34 -46.46 93.72
N VAL C 3598 -9.15 -47.04 94.60
CA VAL C 3598 -9.47 -48.46 94.52
C VAL C 3598 -10.23 -48.78 93.25
N LEU C 3599 -11.24 -47.95 92.93
CA LEU C 3599 -11.99 -48.22 91.69
C LEU C 3599 -11.11 -48.04 90.46
N TYR C 3600 -10.24 -47.02 90.46
CA TYR C 3600 -9.36 -46.79 89.31
C TYR C 3600 -8.41 -47.96 89.12
N HIS C 3601 -7.84 -48.47 90.22
CA HIS C 3601 -6.94 -49.62 90.11
C HIS C 3601 -7.70 -50.86 89.64
N LEU C 3602 -8.91 -51.08 90.16
CA LEU C 3602 -9.67 -52.27 89.78
C LEU C 3602 -10.25 -52.15 88.37
N GLU C 3603 -10.27 -50.95 87.79
CA GLU C 3603 -10.83 -50.78 86.45
C GLU C 3603 -10.01 -51.51 85.40
N GLN C 3604 -8.74 -51.78 85.67
CA GLN C 3604 -7.88 -52.47 84.73
C GLN C 3604 -8.26 -53.94 84.60
N ASN C 3639 33.96 -90.30 60.49
CA ASN C 3639 32.95 -89.25 60.54
C ASN C 3639 32.31 -89.04 59.18
N LEU C 3640 33.13 -89.08 58.13
CA LEU C 3640 32.68 -88.84 56.76
C LEU C 3640 33.69 -89.45 55.81
N PRO C 3641 33.27 -89.90 54.63
CA PRO C 3641 34.22 -90.40 53.64
C PRO C 3641 35.24 -89.33 53.26
N THR C 3642 36.48 -89.78 53.04
CA THR C 3642 37.60 -88.85 52.86
C THR C 3642 37.46 -88.00 51.60
N HIS C 3643 37.01 -88.61 50.49
CA HIS C 3643 36.99 -87.89 49.22
C HIS C 3643 35.98 -86.75 49.24
N ARG C 3644 34.81 -86.96 49.84
CA ARG C 3644 33.84 -85.88 49.98
C ARG C 3644 34.40 -84.74 50.82
N ALA C 3645 35.06 -85.08 51.93
CA ALA C 3645 35.68 -84.07 52.78
C ALA C 3645 36.72 -83.28 52.00
N CYS C 3646 37.51 -83.96 51.18
CA CYS C 3646 38.49 -83.26 50.35
C CYS C 3646 37.81 -82.33 49.35
N ASN C 3647 36.69 -82.75 48.77
CA ASN C 3647 35.99 -81.90 47.82
C ASN C 3647 35.44 -80.64 48.49
N MET C 3648 34.79 -80.80 49.66
CA MET C 3648 34.35 -79.61 50.39
C MET C 3648 35.52 -78.74 50.84
N PHE C 3649 36.64 -79.34 51.22
CA PHE C 3649 37.81 -78.53 51.58
C PHE C 3649 38.30 -77.74 50.38
N LEU C 3650 38.33 -78.36 49.20
CA LEU C 3650 38.76 -77.67 47.99
C LEU C 3650 37.86 -76.48 47.70
N GLU C 3651 36.54 -76.70 47.73
CA GLU C 3651 35.62 -75.60 47.41
C GLU C 3651 35.72 -74.49 48.46
N SER C 3652 35.83 -74.85 49.75
CA SER C 3652 35.93 -73.84 50.79
C SER C 3652 37.23 -73.05 50.68
N TYR C 3653 38.34 -73.72 50.40
CA TYR C 3653 39.61 -73.03 50.24
C TYR C 3653 39.59 -72.11 49.03
N LYS C 3654 38.96 -72.54 47.94
CA LYS C 3654 38.80 -71.67 46.78
C LYS C 3654 37.99 -70.43 47.13
N ALA C 3655 36.89 -70.63 47.88
CA ALA C 3655 36.01 -69.51 48.20
C ALA C 3655 36.66 -68.52 49.17
N ALA C 3656 37.41 -69.02 50.14
CA ALA C 3656 37.85 -68.19 51.26
C ALA C 3656 39.20 -67.54 51.03
N TRP C 3657 40.22 -68.30 50.66
CA TRP C 3657 41.60 -67.81 50.65
C TRP C 3657 42.06 -67.30 49.29
N ILE C 3658 41.71 -67.99 48.20
CA ILE C 3658 42.22 -67.60 46.90
C ILE C 3658 41.62 -66.29 46.43
N LEU C 3659 40.31 -66.11 46.59
CA LEU C 3659 39.65 -64.90 46.11
C LEU C 3659 40.07 -63.67 46.88
N THR C 3660 40.54 -63.85 48.12
CA THR C 3660 40.91 -62.69 48.94
C THR C 3660 42.18 -62.01 48.43
N GLU C 3661 43.05 -62.76 47.77
CA GLU C 3661 44.31 -62.21 47.30
C GLU C 3661 44.07 -61.18 46.19
N ASP C 3662 45.05 -60.29 46.02
CA ASP C 3662 44.97 -59.21 45.05
C ASP C 3662 46.21 -59.18 44.16
N HIS C 3663 46.02 -58.72 42.93
CA HIS C 3663 47.11 -58.58 41.97
C HIS C 3663 46.97 -57.25 41.24
N SER C 3664 48.11 -56.70 40.80
CA SER C 3664 48.17 -55.41 40.13
C SER C 3664 49.07 -55.48 38.91
N PHE C 3665 48.89 -56.52 38.08
CA PHE C 3665 49.78 -56.73 36.95
C PHE C 3665 49.34 -55.96 35.70
N GLU C 3666 48.19 -55.30 35.75
CA GLU C 3666 47.66 -54.67 34.54
C GLU C 3666 48.56 -53.53 34.07
N ASP C 3667 48.93 -52.63 34.97
CA ASP C 3667 49.77 -51.50 34.60
C ASP C 3667 51.14 -51.96 34.12
N ARG C 3668 51.73 -52.95 34.80
CA ARG C 3668 53.02 -53.47 34.38
C ARG C 3668 52.94 -54.10 33.00
N MET C 3669 51.89 -54.86 32.73
CA MET C 3669 51.73 -55.49 31.43
C MET C 3669 51.58 -54.44 30.33
N ILE C 3670 50.77 -53.41 30.57
CA ILE C 3670 50.59 -52.37 29.56
C ILE C 3670 51.90 -51.62 29.32
N ASP C 3671 52.62 -51.30 30.39
CA ASP C 3671 53.90 -50.60 30.25
C ASP C 3671 54.89 -51.44 29.46
N ASP C 3672 54.94 -52.75 29.73
CA ASP C 3672 55.84 -53.62 28.99
C ASP C 3672 55.46 -53.70 27.52
N LEU C 3673 54.16 -53.77 27.23
CA LEU C 3673 53.69 -53.85 25.85
C LEU C 3673 53.80 -52.54 25.10
N SER C 3674 53.99 -51.42 25.80
CA SER C 3674 54.06 -50.12 25.14
C SER C 3674 55.48 -49.67 24.81
N LYS C 3675 56.48 -50.54 24.94
CA LYS C 3675 57.86 -50.10 24.82
C LYS C 3675 58.25 -49.83 23.37
N ALA C 3676 58.20 -50.86 22.52
CA ALA C 3676 58.63 -50.79 21.13
C ALA C 3676 60.09 -50.37 20.99
N GLY C 3677 60.95 -50.81 21.91
CA GLY C 3677 62.36 -50.48 21.84
C GLY C 3677 63.13 -51.38 20.89
N GLU C 3678 64.41 -51.08 20.75
CA GLU C 3678 65.30 -51.87 19.91
C GLU C 3678 66.74 -51.80 20.41
N LYS C 3690 56.36 -48.73 11.63
CA LYS C 3690 56.08 -50.06 12.16
C LYS C 3690 55.49 -49.97 13.57
N PRO C 3691 54.32 -50.56 13.76
CA PRO C 3691 53.59 -50.39 15.03
C PRO C 3691 54.17 -51.23 16.16
N ASP C 3692 53.85 -50.80 17.38
CA ASP C 3692 54.22 -51.52 18.58
C ASP C 3692 53.23 -52.65 18.83
N PRO C 3693 53.57 -53.63 19.69
CA PRO C 3693 52.69 -54.79 19.87
C PRO C 3693 51.27 -54.43 20.30
N LEU C 3694 51.09 -53.43 21.17
CA LEU C 3694 49.75 -53.02 21.57
C LEU C 3694 48.95 -52.52 20.37
N HIS C 3695 49.61 -51.79 19.47
CA HIS C 3695 48.96 -51.36 18.25
C HIS C 3695 48.50 -52.55 17.42
N GLN C 3696 49.34 -53.58 17.33
CA GLN C 3696 48.96 -54.77 16.58
C GLN C 3696 47.79 -55.50 17.21
N LEU C 3697 47.75 -55.57 18.54
CA LEU C 3697 46.62 -56.18 19.23
C LEU C 3697 45.33 -55.42 18.94
N VAL C 3698 45.39 -54.09 19.03
CA VAL C 3698 44.21 -53.28 18.76
C VAL C 3698 43.76 -53.45 17.32
N LEU C 3699 44.71 -53.48 16.38
CA LEU C 3699 44.37 -53.67 14.97
C LEU C 3699 43.74 -55.03 14.73
N HIS C 3700 44.25 -56.07 15.37
CA HIS C 3700 43.66 -57.40 15.22
C HIS C 3700 42.23 -57.44 15.73
N PHE C 3701 41.98 -56.82 16.89
CA PHE C 3701 40.61 -56.79 17.40
C PHE C 3701 39.70 -55.97 16.50
N SER C 3702 40.19 -54.87 15.95
CA SER C 3702 39.39 -54.09 15.01
C SER C 3702 39.06 -54.89 13.75
N ARG C 3703 40.04 -55.62 13.23
CA ARG C 3703 39.80 -56.48 12.06
C ARG C 3703 38.75 -57.54 12.38
N THR C 3704 38.84 -58.14 13.56
CA THR C 3704 37.83 -59.12 13.96
C THR C 3704 36.44 -58.48 14.04
N ALA C 3705 36.37 -57.25 14.56
CA ALA C 3705 35.09 -56.58 14.69
C ALA C 3705 34.49 -56.20 13.35
N LEU C 3706 35.31 -55.81 12.37
CA LEU C 3706 34.79 -55.26 11.13
C LEU C 3706 34.34 -56.32 10.13
N THR C 3707 34.53 -57.61 10.42
CA THR C 3707 34.15 -58.65 9.48
C THR C 3707 32.63 -58.70 9.34
N GLU C 3708 32.16 -59.19 8.18
CA GLU C 3708 30.73 -59.26 7.90
C GLU C 3708 30.22 -60.62 8.34
N LYS C 3709 29.34 -60.62 9.35
CA LYS C 3709 28.76 -61.84 9.86
C LYS C 3709 27.38 -61.54 10.44
N SER C 3710 26.53 -62.57 10.50
CA SER C 3710 25.18 -62.40 11.00
C SER C 3710 25.13 -62.25 12.52
N LYS C 3711 26.13 -62.72 13.24
CA LYS C 3711 26.12 -62.69 14.69
C LYS C 3711 27.53 -62.53 15.21
N LEU C 3712 27.64 -61.96 16.41
CA LEU C 3712 28.93 -61.76 17.06
C LEU C 3712 29.18 -62.89 18.04
N ASP C 3713 30.07 -63.81 17.67
CA ASP C 3713 30.39 -64.93 18.54
C ASP C 3713 31.26 -64.47 19.71
N GLU C 3714 31.18 -65.20 20.81
CA GLU C 3714 31.96 -64.86 21.99
C GLU C 3714 33.45 -65.07 21.73
N ASP C 3715 34.28 -64.27 22.40
CA ASP C 3715 35.73 -64.33 22.26
C ASP C 3715 36.34 -64.00 23.62
N TYR C 3716 36.80 -65.02 24.33
CA TYR C 3716 37.31 -64.83 25.69
C TYR C 3716 38.59 -64.01 25.73
N LEU C 3717 39.44 -64.14 24.70
CA LEU C 3717 40.65 -63.34 24.63
C LEU C 3717 40.32 -61.86 24.62
N TYR C 3718 39.34 -61.47 23.81
CA TYR C 3718 38.93 -60.06 23.76
C TYR C 3718 38.43 -59.59 25.10
N MET C 3719 37.60 -60.40 25.77
CA MET C 3719 37.06 -59.98 27.07
C MET C 3719 38.17 -59.81 28.10
N ALA C 3720 39.11 -60.75 28.16
CA ALA C 3720 40.20 -60.65 29.13
C ALA C 3720 41.06 -59.42 28.85
N TYR C 3721 41.42 -59.19 27.59
CA TYR C 3721 42.31 -58.07 27.29
C TYR C 3721 41.59 -56.74 27.45
N ALA C 3722 40.29 -56.69 27.16
CA ALA C 3722 39.52 -55.49 27.41
C ALA C 3722 39.45 -55.19 28.90
N ASP C 3723 39.28 -56.23 29.73
CA ASP C 3723 39.29 -56.02 31.17
C ASP C 3723 40.64 -55.48 31.63
N ILE C 3724 41.73 -56.03 31.08
CA ILE C 3724 43.06 -55.56 31.46
C ILE C 3724 43.24 -54.09 31.07
N MET C 3725 42.85 -53.73 29.85
CA MET C 3725 42.98 -52.34 29.41
C MET C 3725 42.13 -51.41 30.26
N ALA C 3726 40.90 -51.82 30.58
CA ALA C 3726 40.03 -50.99 31.41
C ALA C 3726 40.61 -50.77 32.79
N LYS C 3727 41.15 -51.83 33.40
CA LYS C 3727 41.73 -51.69 34.73
C LYS C 3727 43.05 -50.93 34.70
N SER C 3728 43.73 -50.86 33.55
CA SER C 3728 45.00 -50.15 33.47
C SER C 3728 44.85 -48.64 33.67
N CYS C 3729 43.65 -48.09 33.47
CA CYS C 3729 43.46 -46.65 33.50
C CYS C 3729 42.95 -46.12 34.85
N HIS C 3730 42.85 -46.98 35.86
CA HIS C 3730 42.36 -46.55 37.16
C HIS C 3730 43.35 -45.58 37.82
N SER C 3747 44.61 -30.54 48.50
CA SER C 3747 45.76 -29.87 47.92
C SER C 3747 45.62 -29.71 46.42
N PHE C 3748 45.78 -28.48 45.93
CA PHE C 3748 45.60 -28.18 44.52
C PHE C 3748 46.63 -28.93 43.66
N GLU C 3749 47.89 -28.95 44.10
CA GLU C 3749 48.93 -29.60 43.32
C GLU C 3749 48.67 -31.10 43.17
N GLU C 3750 48.19 -31.75 44.24
CA GLU C 3750 47.88 -33.17 44.16
C GLU C 3750 46.77 -33.43 43.15
N LYS C 3751 45.74 -32.59 43.15
CA LYS C 3751 44.66 -32.76 42.18
C LYS C 3751 45.16 -32.60 40.75
N GLU C 3752 46.01 -31.60 40.52
CA GLU C 3752 46.57 -31.41 39.18
C GLU C 3752 47.41 -32.60 38.76
N MET C 3753 48.23 -33.13 39.68
CA MET C 3753 49.05 -34.29 39.38
C MET C 3753 48.20 -35.50 39.04
N GLU C 3754 47.11 -35.72 39.79
CA GLU C 3754 46.22 -36.83 39.50
C GLU C 3754 45.58 -36.67 38.13
N LYS C 3755 45.15 -35.45 37.78
CA LYS C 3755 44.57 -35.21 36.47
C LYS C 3755 45.57 -35.51 35.37
N GLN C 3756 46.81 -35.05 35.52
CA GLN C 3756 47.82 -35.29 34.50
C GLN C 3756 48.15 -36.77 34.35
N ARG C 3757 48.24 -37.50 35.47
CA ARG C 3757 48.50 -38.93 35.41
C ARG C 3757 47.38 -39.65 34.67
N LEU C 3758 46.13 -39.31 34.99
CA LEU C 3758 45.00 -39.95 34.32
C LEU C 3758 45.01 -39.63 32.83
N LEU C 3759 45.31 -38.38 32.47
CA LEU C 3759 45.36 -38.02 31.07
C LEU C 3759 46.45 -38.80 30.32
N TYR C 3760 47.62 -38.95 30.94
CA TYR C 3760 48.69 -39.72 30.32
C TYR C 3760 48.28 -41.18 30.11
N GLN C 3761 47.66 -41.77 31.14
CA GLN C 3761 47.24 -43.17 31.02
C GLN C 3761 46.19 -43.34 29.94
N GLN C 3762 45.24 -42.41 29.84
CA GLN C 3762 44.22 -42.52 28.79
C GLN C 3762 44.84 -42.29 27.41
N ALA C 3763 45.82 -41.39 27.31
CA ALA C 3763 46.50 -41.16 26.04
C ALA C 3763 47.22 -42.41 25.57
N ARG C 3764 47.81 -43.16 26.50
CA ARG C 3764 48.50 -44.40 26.13
C ARG C 3764 47.62 -45.29 25.27
N LEU C 3765 46.34 -45.40 25.61
CA LEU C 3765 45.43 -46.24 24.85
C LEU C 3765 44.80 -45.53 23.65
N HIS C 3766 44.41 -44.26 23.81
CA HIS C 3766 43.67 -43.63 22.71
C HIS C 3766 44.59 -43.14 21.61
N ASN C 3767 45.91 -43.23 21.79
CA ASN C 3767 46.81 -42.94 20.68
C ASN C 3767 46.99 -44.12 19.75
N ARG C 3768 46.40 -45.28 20.06
CA ARG C 3768 46.58 -46.49 19.29
C ARG C 3768 45.30 -47.00 18.66
N GLY C 3769 44.18 -46.29 18.82
CA GLY C 3769 42.95 -46.66 18.13
C GLY C 3769 41.93 -47.42 18.95
N ALA C 3770 41.80 -47.12 20.25
CA ALA C 3770 40.85 -47.84 21.08
C ALA C 3770 39.42 -47.37 20.85
N ALA C 3771 39.22 -46.08 20.60
CA ALA C 3771 37.86 -45.54 20.47
C ALA C 3771 37.14 -46.11 19.26
N GLU C 3772 37.83 -46.19 18.12
CA GLU C 3772 37.22 -46.78 16.94
C GLU C 3772 36.88 -48.24 17.16
N MET C 3773 37.76 -48.97 17.87
CA MET C 3773 37.46 -50.36 18.20
C MET C 3773 36.21 -50.46 19.06
N VAL C 3774 36.08 -49.58 20.06
CA VAL C 3774 34.92 -49.60 20.94
C VAL C 3774 33.65 -49.35 20.13
N LEU C 3775 33.68 -48.33 19.26
CA LEU C 3775 32.50 -48.03 18.45
C LEU C 3775 32.15 -49.19 17.53
N GLN C 3776 33.15 -49.80 16.89
CA GLN C 3776 32.90 -50.93 16.00
C GLN C 3776 32.32 -52.12 16.75
N MET C 3777 32.86 -52.42 17.94
CA MET C 3777 32.34 -53.53 18.72
C MET C 3777 30.90 -53.27 19.17
N ILE C 3778 30.60 -52.03 19.56
CA ILE C 3778 29.23 -51.69 19.95
C ILE C 3778 28.29 -51.85 18.75
N SER C 3779 28.72 -51.38 17.58
CA SER C 3779 27.87 -51.47 16.40
C SER C 3779 27.68 -52.91 15.93
N ALA C 3780 28.66 -53.78 16.22
CA ALA C 3780 28.60 -55.15 15.71
C ALA C 3780 27.72 -56.06 16.55
N CYS C 3781 27.31 -55.63 17.74
CA CYS C 3781 26.48 -56.49 18.58
C CYS C 3781 25.04 -56.56 18.10
N LYS C 3782 24.57 -55.55 17.37
CA LYS C 3782 23.22 -55.51 16.80
C LYS C 3782 22.14 -55.63 17.87
N GLY C 3783 22.37 -55.02 19.03
CA GLY C 3783 21.34 -54.93 20.05
C GLY C 3783 21.17 -56.14 20.93
N GLU C 3784 22.10 -57.09 20.88
CA GLU C 3784 21.98 -58.29 21.71
C GLU C 3784 22.83 -58.15 22.97
N THR C 3785 22.19 -58.25 24.12
CA THR C 3785 22.88 -58.11 25.40
C THR C 3785 23.75 -59.33 25.68
N GLY C 3786 24.81 -59.11 26.45
CA GLY C 3786 25.74 -60.18 26.76
C GLY C 3786 26.96 -59.64 27.46
N ALA C 3787 27.98 -60.50 27.54
CA ALA C 3787 29.23 -60.12 28.20
C ALA C 3787 30.10 -59.22 27.34
N MET C 3788 30.11 -59.43 26.02
CA MET C 3788 30.98 -58.64 25.15
C MET C 3788 30.59 -57.17 25.18
N VAL C 3789 29.29 -56.87 25.13
CA VAL C 3789 28.86 -55.47 25.14
C VAL C 3789 29.16 -54.84 26.49
N SER C 3790 29.02 -55.61 27.57
CA SER C 3790 29.36 -55.07 28.89
C SER C 3790 30.83 -54.73 29.00
N SER C 3791 31.71 -55.62 28.51
CA SER C 3791 33.14 -55.33 28.52
C SER C 3791 33.47 -54.12 27.67
N THR C 3792 32.83 -54.01 26.49
CA THR C 3792 33.07 -52.85 25.63
C THR C 3792 32.65 -51.55 26.31
N LEU C 3793 31.47 -51.57 26.96
CA LEU C 3793 31.00 -50.38 27.65
C LEU C 3793 31.94 -50.01 28.80
N LYS C 3794 32.42 -51.01 29.55
CA LYS C 3794 33.35 -50.71 30.65
C LYS C 3794 34.64 -50.11 30.12
N LEU C 3795 35.17 -50.64 29.01
CA LEU C 3795 36.38 -50.07 28.43
C LEU C 3795 36.16 -48.64 27.96
N GLY C 3796 35.00 -48.38 27.33
CA GLY C 3796 34.69 -47.04 26.89
C GLY C 3796 34.59 -46.06 28.05
N ILE C 3797 33.92 -46.48 29.12
CA ILE C 3797 33.83 -45.64 30.31
C ILE C 3797 35.22 -45.40 30.91
N SER C 3798 36.07 -46.43 30.90
CA SER C 3798 37.41 -46.28 31.44
C SER C 3798 38.22 -45.25 30.66
N ILE C 3799 38.12 -45.27 29.33
CA ILE C 3799 38.91 -44.33 28.54
C ILE C 3799 38.26 -42.96 28.39
N LEU C 3800 36.97 -42.84 28.72
CA LEU C 3800 36.29 -41.55 28.62
C LEU C 3800 36.16 -40.81 29.95
N ASN C 3801 36.69 -41.36 31.03
CA ASN C 3801 36.50 -40.78 32.35
C ASN C 3801 37.10 -39.39 32.44
N GLY C 3802 36.38 -38.48 33.10
CA GLY C 3802 36.83 -37.12 33.29
C GLY C 3802 36.46 -36.16 32.18
N GLY C 3803 35.87 -36.63 31.09
CA GLY C 3803 35.52 -35.76 29.99
C GLY C 3803 36.69 -35.46 29.08
N ASN C 3804 37.31 -36.49 28.53
CA ASN C 3804 38.47 -36.34 27.65
C ASN C 3804 38.01 -35.77 26.31
N ALA C 3805 38.55 -34.61 25.92
CA ALA C 3805 38.10 -33.96 24.70
C ALA C 3805 38.62 -34.65 23.45
N ASP C 3806 39.85 -35.17 23.49
CA ASP C 3806 40.42 -35.82 22.31
C ASP C 3806 39.64 -37.06 21.91
N VAL C 3807 39.25 -37.88 22.90
CA VAL C 3807 38.48 -39.08 22.62
C VAL C 3807 37.13 -38.72 22.02
N GLN C 3808 36.47 -37.69 22.57
CA GLN C 3808 35.19 -37.25 22.04
C GLN C 3808 35.33 -36.77 20.59
N GLN C 3809 36.38 -35.99 20.32
CA GLN C 3809 36.60 -35.49 18.97
C GLN C 3809 36.84 -36.63 17.98
N LYS C 3810 37.66 -37.60 18.37
CA LYS C 3810 37.93 -38.73 17.49
C LYS C 3810 36.67 -39.55 17.24
N MET C 3811 35.89 -39.82 18.29
CA MET C 3811 34.66 -40.58 18.13
C MET C 3811 33.68 -39.86 17.20
N LEU C 3812 33.52 -38.55 17.41
CA LEU C 3812 32.59 -37.79 16.58
C LEU C 3812 33.05 -37.77 15.12
N ASP C 3813 34.35 -37.59 14.88
CA ASP C 3813 34.86 -37.58 13.53
C ASP C 3813 34.62 -38.92 12.85
N TYR C 3814 34.90 -40.03 13.56
CA TYR C 3814 34.68 -41.35 12.98
C TYR C 3814 33.21 -41.58 12.66
N LEU C 3815 32.33 -41.19 13.59
CA LEU C 3815 30.89 -41.40 13.38
C LEU C 3815 30.38 -40.58 12.20
N LYS C 3816 30.81 -39.32 12.09
CA LYS C 3816 30.35 -38.50 10.97
C LYS C 3816 30.96 -38.95 9.66
N ASP C 3817 32.15 -39.56 9.68
CA ASP C 3817 32.75 -40.03 8.45
C ASP C 3817 32.08 -41.30 7.94
N LYS C 3818 31.78 -42.24 8.83
CA LYS C 3818 31.30 -43.54 8.37
C LYS C 3818 29.86 -43.50 7.86
N LYS C 3819 29.02 -42.61 8.38
CA LYS C 3819 27.63 -42.49 7.97
C LYS C 3819 26.84 -43.78 8.15
N GLU C 3820 27.16 -44.57 9.19
CA GLU C 3820 26.46 -45.82 9.41
C GLU C 3820 25.30 -45.64 10.37
N VAL C 3821 24.23 -46.42 10.14
CA VAL C 3821 23.06 -46.34 10.99
C VAL C 3821 22.98 -47.45 12.02
N GLY C 3822 23.92 -48.39 12.00
CA GLY C 3822 23.86 -49.51 12.93
C GLY C 3822 24.09 -49.10 14.38
N PHE C 3823 24.93 -48.08 14.60
CA PHE C 3823 25.32 -47.69 15.94
C PHE C 3823 24.11 -47.26 16.78
N PHE C 3824 23.34 -46.32 16.27
CA PHE C 3824 22.23 -45.79 17.05
C PHE C 3824 21.07 -46.77 17.13
N GLN C 3825 20.88 -47.58 16.09
CA GLN C 3825 19.87 -48.64 16.16
C GLN C 3825 20.23 -49.65 17.25
N SER C 3826 21.50 -50.03 17.34
CA SER C 3826 21.94 -50.93 18.40
C SER C 3826 21.77 -50.30 19.77
N ILE C 3827 22.09 -49.01 19.89
CA ILE C 3827 21.90 -48.32 21.17
C ILE C 3827 20.44 -48.32 21.57
N GLN C 3828 19.54 -48.02 20.63
CA GLN C 3828 18.12 -48.00 20.93
C GLN C 3828 17.61 -49.38 21.31
N ALA C 3829 18.06 -50.41 20.60
CA ALA C 3829 17.65 -51.77 20.92
C ALA C 3829 18.13 -52.19 22.30
N LEU C 3830 19.35 -51.79 22.66
CA LEU C 3830 19.86 -52.08 24.00
C LEU C 3830 19.05 -51.35 25.06
N MET C 3831 18.69 -50.09 24.79
CA MET C 3831 17.89 -49.33 25.75
C MET C 3831 16.51 -49.94 25.94
N GLN C 3832 15.88 -50.44 24.88
CA GLN C 3832 14.51 -50.92 24.98
C GLN C 3832 14.39 -52.21 25.79
N THR C 3833 15.50 -52.86 26.13
CA THR C 3833 15.46 -54.12 26.86
C THR C 3833 15.90 -54.00 28.31
N CYS C 3834 16.17 -52.78 28.80
CA CYS C 3834 16.50 -52.61 30.20
C CYS C 3834 15.28 -52.89 31.07
N SER C 3835 15.50 -53.57 32.18
CA SER C 3835 14.40 -54.03 33.03
C SER C 3835 14.07 -53.02 34.11
N VAL C 3836 12.91 -53.22 34.74
CA VAL C 3836 12.44 -52.39 35.85
C VAL C 3836 11.91 -53.31 36.94
N LEU C 3837 11.38 -52.70 38.00
CA LEU C 3837 10.83 -53.47 39.10
C LEU C 3837 9.60 -54.24 38.65
N ASP C 3838 9.53 -55.51 39.06
CA ASP C 3838 8.39 -56.37 38.74
C ASP C 3838 7.80 -56.89 40.05
N LEU C 3839 6.48 -56.78 40.19
CA LEU C 3839 5.83 -57.14 41.45
C LEU C 3839 5.47 -58.62 41.52
N ASN C 3840 5.00 -59.19 40.41
CA ASN C 3840 4.65 -60.62 40.41
C ASN C 3840 5.88 -61.48 40.66
N ALA C 3841 7.01 -61.14 40.03
CA ALA C 3841 8.24 -61.87 40.30
C ALA C 3841 8.67 -61.71 41.75
N PHE C 3842 8.49 -60.52 42.32
CA PHE C 3842 8.81 -60.32 43.73
C PHE C 3842 7.95 -61.22 44.62
N GLU C 3843 6.65 -61.32 44.33
CA GLU C 3843 5.79 -62.20 45.10
C GLU C 3843 6.20 -63.66 44.94
N ARG C 3844 6.53 -64.07 43.72
CA ARG C 3844 6.97 -65.45 43.48
C ARG C 3844 8.23 -65.77 44.27
N GLN C 3845 9.20 -64.86 44.27
CA GLN C 3845 10.42 -65.07 45.05
C GLN C 3845 10.13 -65.07 46.55
N ASN C 3846 9.20 -64.21 46.98
CA ASN C 3846 8.85 -64.14 48.39
C ASN C 3846 8.22 -65.44 48.89
N LYS C 3847 7.37 -66.06 48.06
CA LYS C 3847 6.77 -67.33 48.47
C LYS C 3847 7.78 -68.44 48.67
N ALA C 3848 8.96 -68.34 48.04
CA ALA C 3848 10.00 -69.34 48.20
C ALA C 3848 10.63 -69.25 49.58
N LYS C 3868 16.56 -61.61 41.50
CA LYS C 3868 15.87 -61.91 40.25
C LYS C 3868 14.84 -60.83 39.93
N VAL C 3869 14.72 -59.85 40.81
CA VAL C 3869 13.79 -58.75 40.58
C VAL C 3869 14.35 -57.77 39.55
N MET C 3870 15.54 -57.23 39.83
CA MET C 3870 16.25 -56.35 38.90
C MET C 3870 17.68 -56.88 38.79
N ALA C 3871 17.91 -57.74 37.79
CA ALA C 3871 19.19 -58.42 37.66
C ALA C 3871 20.19 -57.67 36.79
N ASP C 3872 19.73 -56.77 35.92
CA ASP C 3872 20.60 -56.09 34.96
C ASP C 3872 20.74 -54.60 35.27
N ASP C 3873 20.83 -54.24 36.55
CA ASP C 3873 20.95 -52.84 36.92
C ASP C 3873 22.32 -52.28 36.57
N GLU C 3874 23.37 -53.08 36.74
CA GLU C 3874 24.72 -52.63 36.45
C GLU C 3874 24.90 -52.30 34.98
N PHE C 3875 24.32 -53.10 34.08
CA PHE C 3875 24.40 -52.83 32.66
C PHE C 3875 23.70 -51.52 32.31
N THR C 3876 22.53 -51.28 32.92
CA THR C 3876 21.82 -50.02 32.69
C THR C 3876 22.65 -48.83 33.15
N GLN C 3877 23.24 -48.93 34.34
CA GLN C 3877 24.08 -47.84 34.83
C GLN C 3877 25.27 -47.62 33.91
N ASP C 3878 25.89 -48.69 33.42
CA ASP C 3878 27.01 -48.54 32.49
C ASP C 3878 26.59 -47.85 31.22
N LEU C 3879 25.44 -48.23 30.65
CA LEU C 3879 24.96 -47.63 29.42
C LEU C 3879 24.71 -46.13 29.59
N PHE C 3880 23.99 -45.76 30.65
CA PHE C 3880 23.68 -44.34 30.82
C PHE C 3880 24.90 -43.54 31.23
N ARG C 3881 25.84 -44.14 31.97
CA ARG C 3881 27.11 -43.48 32.25
C ARG C 3881 27.90 -43.23 30.98
N PHE C 3882 27.90 -44.21 30.06
CA PHE C 3882 28.58 -44.03 28.78
C PHE C 3882 27.97 -42.87 28.00
N LEU C 3883 26.65 -42.80 27.96
CA LEU C 3883 26.01 -41.68 27.25
C LEU C 3883 26.34 -40.35 27.91
N GLN C 3884 26.30 -40.28 29.24
CA GLN C 3884 26.61 -39.04 29.94
C GLN C 3884 28.04 -38.60 29.66
N LEU C 3885 28.99 -39.54 29.72
CA LEU C 3885 30.38 -39.21 29.40
C LEU C 3885 30.54 -38.82 27.95
N LEU C 3886 29.67 -39.34 27.07
CA LEU C 3886 29.67 -38.88 25.69
C LEU C 3886 29.28 -37.41 25.61
N CYS C 3887 28.30 -36.98 26.42
CA CYS C 3887 27.89 -35.58 26.42
C CYS C 3887 28.65 -34.72 27.44
N GLU C 3888 29.60 -35.29 28.18
CA GLU C 3888 30.23 -34.56 29.26
C GLU C 3888 31.08 -33.39 28.74
N GLY C 3889 31.11 -32.30 29.51
CA GLY C 3889 31.95 -31.16 29.22
C GLY C 3889 31.30 -30.05 28.43
N HIS C 3890 29.96 -30.03 28.34
CA HIS C 3890 29.24 -29.07 27.51
C HIS C 3890 29.72 -29.11 26.06
N ASN C 3891 29.84 -30.31 25.50
CA ASN C 3891 30.22 -30.48 24.11
C ASN C 3891 28.98 -30.32 23.24
N ASN C 3892 28.82 -29.13 22.64
CA ASN C 3892 27.60 -28.82 21.90
C ASN C 3892 27.43 -29.71 20.68
N ASP C 3893 28.52 -30.00 19.98
CA ASP C 3893 28.44 -30.78 18.74
C ASP C 3893 27.87 -32.16 19.00
N PHE C 3894 28.32 -32.83 20.06
CA PHE C 3894 27.84 -34.17 20.33
C PHE C 3894 26.40 -34.17 20.83
N GLN C 3895 26.01 -33.13 21.57
CA GLN C 3895 24.60 -33.00 21.96
C GLN C 3895 23.70 -32.88 20.74
N ASN C 3896 24.07 -31.99 19.80
CA ASN C 3896 23.27 -31.83 18.60
C ASN C 3896 23.26 -33.10 17.77
N TYR C 3897 24.40 -33.80 17.68
CA TYR C 3897 24.45 -35.05 16.94
C TYR C 3897 23.59 -36.12 17.60
N LEU C 3898 23.55 -36.18 18.93
CA LEU C 3898 22.68 -37.11 19.61
C LEU C 3898 21.22 -36.81 19.39
N ARG C 3899 20.85 -35.52 19.28
CA ARG C 3899 19.45 -35.23 18.99
C ARG C 3899 19.07 -35.58 17.56
N THR C 3900 19.94 -35.31 16.60
CA THR C 3900 19.61 -35.51 15.19
C THR C 3900 20.87 -35.78 14.39
N GLN C 3901 20.84 -36.84 13.58
CA GLN C 3901 21.94 -37.16 12.66
C GLN C 3901 21.61 -36.58 11.30
N THR C 3902 22.33 -35.53 10.90
CA THR C 3902 21.99 -34.82 9.68
C THR C 3902 22.32 -35.63 8.42
N GLY C 3903 23.51 -36.22 8.37
CA GLY C 3903 23.98 -36.83 7.14
C GLY C 3903 23.49 -38.25 6.88
N ASN C 3904 22.83 -38.87 7.85
CA ASN C 3904 22.39 -40.24 7.68
C ASN C 3904 21.08 -40.30 6.91
N THR C 3905 20.73 -41.50 6.46
CA THR C 3905 19.47 -41.69 5.75
C THR C 3905 18.28 -41.70 6.70
N THR C 3906 18.50 -42.08 7.96
CA THR C 3906 17.45 -42.10 8.97
C THR C 3906 18.00 -41.50 10.25
N THR C 3907 17.09 -41.10 11.13
CA THR C 3907 17.44 -40.38 12.35
C THR C 3907 16.75 -41.03 13.55
N ILE C 3908 17.43 -41.00 14.70
CA ILE C 3908 16.91 -41.53 15.96
C ILE C 3908 17.16 -40.49 17.04
N ASN C 3909 16.16 -40.29 17.91
CA ASN C 3909 16.24 -39.30 18.99
C ASN C 3909 16.44 -40.03 20.30
N ILE C 3910 17.66 -39.93 20.85
CA ILE C 3910 18.01 -40.64 22.08
C ILE C 3910 17.33 -40.04 23.30
N ILE C 3911 17.11 -38.72 23.30
CA ILE C 3911 16.53 -38.06 24.47
C ILE C 3911 15.15 -38.62 24.78
N ILE C 3912 14.36 -38.84 23.74
CA ILE C 3912 13.01 -39.36 23.93
C ILE C 3912 13.06 -40.78 24.46
N CYS C 3913 14.04 -41.57 24.02
CA CYS C 3913 14.20 -42.93 24.55
C CYS C 3913 14.53 -42.90 26.04
N THR C 3914 15.42 -41.99 26.45
CA THR C 3914 15.72 -41.85 27.87
C THR C 3914 14.48 -41.46 28.66
N VAL C 3915 13.68 -40.56 28.11
CA VAL C 3915 12.45 -40.14 28.78
C VAL C 3915 11.49 -41.31 28.93
N ASP C 3916 11.37 -42.15 27.89
CA ASP C 3916 10.48 -43.30 27.96
C ASP C 3916 10.93 -44.27 29.04
N TYR C 3917 12.24 -44.55 29.12
CA TYR C 3917 12.73 -45.44 30.17
C TYR C 3917 12.46 -44.85 31.54
N LEU C 3918 12.65 -43.54 31.69
CA LEU C 3918 12.36 -42.89 32.97
C LEU C 3918 10.89 -43.05 33.35
N LEU C 3919 10.00 -42.91 32.37
CA LEU C 3919 8.57 -43.08 32.63
C LEU C 3919 8.27 -44.50 33.11
N ARG C 3920 8.85 -45.49 32.44
CA ARG C 3920 8.61 -46.88 32.86
C ARG C 3920 9.10 -47.13 34.27
N LEU C 3921 10.30 -46.63 34.59
CA LEU C 3921 10.85 -46.83 35.92
C LEU C 3921 9.99 -46.14 36.98
N GLN C 3922 9.50 -44.94 36.68
CA GLN C 3922 8.65 -44.23 37.64
C GLN C 3922 7.36 -44.98 37.89
N GLU C 3923 6.75 -45.53 36.84
CA GLU C 3923 5.52 -46.30 37.03
C GLU C 3923 5.78 -47.54 37.88
N SER C 3924 6.91 -48.23 37.65
CA SER C 3924 7.23 -49.39 38.47
C SER C 3924 7.40 -49.00 39.94
N ILE C 3925 8.09 -47.89 40.20
CA ILE C 3925 8.29 -47.45 41.58
C ILE C 3925 6.96 -47.10 42.24
N SER C 3926 6.07 -46.44 41.49
CA SER C 3926 4.76 -46.10 42.03
C SER C 3926 3.97 -47.36 42.38
N ASP C 3927 4.02 -48.38 41.53
CA ASP C 3927 3.35 -49.64 41.83
C ASP C 3927 3.92 -50.28 43.09
N PHE C 3928 5.25 -50.24 43.25
CA PHE C 3928 5.86 -50.79 44.45
C PHE C 3928 5.36 -50.06 45.71
N TYR C 3929 5.33 -48.72 45.66
CA TYR C 3929 4.84 -47.99 46.82
C TYR C 3929 3.38 -48.33 47.12
N TRP C 3930 2.56 -48.44 46.07
CA TRP C 3930 1.17 -48.83 46.28
C TRP C 3930 1.08 -50.19 46.95
N TYR C 3931 1.95 -51.13 46.57
CA TYR C 3931 1.96 -52.42 47.23
C TYR C 3931 2.32 -52.29 48.71
N TYR C 3932 3.30 -51.46 49.03
CA TYR C 3932 3.78 -51.38 50.41
C TYR C 3932 3.09 -50.33 51.26
N SER C 3933 2.03 -49.69 50.75
CA SER C 3933 1.37 -48.62 51.51
C SER C 3933 0.72 -49.16 52.79
N GLY C 3934 0.04 -50.30 52.69
CA GLY C 3934 -0.74 -50.80 53.81
C GLY C 3934 0.05 -51.31 54.98
N LYS C 3935 1.24 -51.85 54.74
CA LYS C 3935 2.04 -52.44 55.81
C LYS C 3935 2.55 -51.37 56.76
N ASP C 3936 2.88 -51.80 57.99
CA ASP C 3936 3.41 -50.88 59.00
C ASP C 3936 4.92 -50.80 58.97
N VAL C 3937 5.61 -51.88 58.60
CA VAL C 3937 7.06 -51.90 58.50
C VAL C 3937 7.44 -52.56 57.19
N ILE C 3938 8.68 -52.30 56.74
CA ILE C 3938 9.17 -52.77 55.45
C ILE C 3938 10.27 -53.79 55.68
N GLU C 3939 10.17 -54.93 55.01
CA GLU C 3939 11.17 -55.98 55.13
C GLU C 3939 12.43 -55.62 54.34
N GLU C 3940 13.52 -56.35 54.60
CA GLU C 3940 14.82 -56.00 54.06
C GLU C 3940 14.84 -56.04 52.54
N GLN C 3941 14.18 -57.04 51.94
CA GLN C 3941 14.22 -57.20 50.49
C GLN C 3941 13.62 -55.99 49.79
N GLY C 3942 12.50 -55.48 50.31
CA GLY C 3942 11.93 -54.27 49.75
C GLY C 3942 12.88 -53.09 49.84
N LYS C 3943 13.60 -52.99 50.96
CA LYS C 3943 14.55 -51.90 51.14
C LYS C 3943 15.67 -51.97 50.09
N ARG C 3944 16.21 -53.17 49.87
CA ARG C 3944 17.29 -53.29 48.90
C ARG C 3944 16.79 -53.05 47.47
N ASN C 3945 15.57 -53.50 47.16
CA ASN C 3945 15.00 -53.22 45.84
C ASN C 3945 14.82 -51.73 45.62
N PHE C 3946 14.29 -51.03 46.64
CA PHE C 3946 14.13 -49.58 46.55
C PHE C 3946 15.48 -48.90 46.35
N SER C 3947 16.49 -49.37 47.08
CA SER C 3947 17.82 -48.76 46.98
C SER C 3947 18.38 -48.88 45.58
N LYS C 3948 18.28 -50.07 44.98
CA LYS C 3948 18.84 -50.24 43.64
C LYS C 3948 18.04 -49.46 42.60
N ALA C 3949 16.71 -49.41 42.74
CA ALA C 3949 15.91 -48.63 41.80
C ALA C 3949 16.27 -47.15 41.86
N MET C 3950 16.42 -46.61 43.07
CA MET C 3950 16.80 -45.20 43.18
C MET C 3950 18.23 -44.95 42.70
N SER C 3951 19.11 -45.94 42.87
CA SER C 3951 20.46 -45.81 42.32
C SER C 3951 20.42 -45.70 40.79
N VAL C 3952 19.52 -46.44 40.15
CA VAL C 3952 19.38 -46.30 38.70
C VAL C 3952 18.78 -44.94 38.33
N ALA C 3953 17.78 -44.51 39.09
CA ALA C 3953 17.11 -43.24 38.78
C ALA C 3953 18.07 -42.06 38.88
N LYS C 3954 18.99 -42.10 39.84
CA LYS C 3954 20.00 -41.05 39.96
C LYS C 3954 20.80 -40.89 38.67
N GLN C 3955 21.27 -42.01 38.12
CA GLN C 3955 22.05 -41.97 36.89
C GLN C 3955 21.23 -41.47 35.72
N VAL C 3956 19.95 -41.87 35.64
CA VAL C 3956 19.11 -41.38 34.55
C VAL C 3956 18.97 -39.86 34.62
N PHE C 3957 18.72 -39.34 35.84
CA PHE C 3957 18.59 -37.89 36.00
C PHE C 3957 19.88 -37.17 35.64
N ASN C 3958 21.01 -37.73 36.05
CA ASN C 3958 22.30 -37.11 35.71
C ASN C 3958 22.52 -37.09 34.20
N SER C 3959 22.14 -38.16 33.51
CA SER C 3959 22.28 -38.19 32.06
C SER C 3959 21.44 -37.11 31.39
N LEU C 3960 20.19 -36.94 31.85
CA LEU C 3960 19.37 -35.87 31.28
C LEU C 3960 19.98 -34.49 31.55
N THR C 3961 20.45 -34.27 32.78
CA THR C 3961 21.07 -32.99 33.11
C THR C 3961 22.27 -32.71 32.22
N GLU C 3962 23.11 -33.71 31.99
CA GLU C 3962 24.24 -33.52 31.07
C GLU C 3962 23.77 -33.30 29.64
N TYR C 3963 22.61 -33.85 29.27
CA TYR C 3963 22.07 -33.56 27.94
C TYR C 3963 21.73 -32.08 27.79
N ILE C 3964 21.10 -31.46 28.80
CA ILE C 3964 20.62 -30.09 28.63
C ILE C 3964 21.47 -29.04 29.34
N GLN C 3965 22.74 -29.31 29.61
CA GLN C 3965 23.54 -28.40 30.42
C GLN C 3965 24.30 -27.35 29.60
N GLY C 3966 24.10 -27.29 28.28
CA GLY C 3966 24.90 -26.45 27.42
C GLY C 3966 25.02 -24.99 27.82
N PRO C 3967 23.93 -24.22 27.74
CA PRO C 3967 22.57 -24.60 27.32
C PRO C 3967 22.46 -24.92 25.83
N CYS C 3968 21.95 -26.09 25.51
CA CYS C 3968 21.65 -26.49 24.13
C CYS C 3968 20.16 -26.25 23.94
N THR C 3969 19.82 -25.17 23.23
CA THR C 3969 18.43 -24.75 23.13
C THR C 3969 17.57 -25.82 22.46
N GLY C 3970 18.11 -26.50 21.46
CA GLY C 3970 17.34 -27.55 20.79
C GLY C 3970 16.94 -28.66 21.74
N ASN C 3971 17.86 -29.09 22.61
CA ASN C 3971 17.54 -30.13 23.57
C ASN C 3971 16.49 -29.66 24.57
N GLN C 3972 16.59 -28.40 25.01
CA GLN C 3972 15.59 -27.86 25.93
C GLN C 3972 14.21 -27.85 25.29
N GLN C 3973 14.14 -27.40 24.03
CA GLN C 3973 12.85 -27.38 23.33
C GLN C 3973 12.31 -28.78 23.12
N SER C 3974 13.18 -29.74 22.82
CA SER C 3974 12.75 -31.12 22.64
C SER C 3974 12.21 -31.69 23.95
N LEU C 3975 12.88 -31.41 25.07
CA LEU C 3975 12.43 -31.94 26.35
C LEU C 3975 11.15 -31.27 26.82
N ALA C 3976 10.98 -29.99 26.52
CA ALA C 3976 9.81 -29.26 27.02
C ALA C 3976 8.51 -29.79 26.44
N HIS C 3977 8.56 -30.39 25.25
CA HIS C 3977 7.37 -30.89 24.58
C HIS C 3977 7.17 -32.39 24.75
N SER C 3978 7.98 -33.04 25.58
CA SER C 3978 7.90 -34.48 25.77
C SER C 3978 6.97 -34.83 26.94
N ARG C 3979 6.99 -36.10 27.34
CA ARG C 3979 6.20 -36.60 28.46
C ARG C 3979 6.85 -36.34 29.80
N LEU C 3980 8.03 -35.74 29.82
CA LEU C 3980 8.83 -35.63 31.04
C LEU C 3980 8.02 -35.07 32.21
N TRP C 3981 7.22 -34.02 31.95
CA TRP C 3981 6.45 -33.40 33.02
C TRP C 3981 5.65 -34.45 33.79
N ASP C 3982 4.92 -35.31 33.08
CA ASP C 3982 4.13 -36.32 33.75
C ASP C 3982 4.98 -37.13 34.72
N ALA C 3983 6.14 -37.60 34.25
CA ALA C 3983 7.02 -38.39 35.12
C ALA C 3983 7.31 -37.64 36.41
N VAL C 3984 7.68 -36.36 36.30
CA VAL C 3984 8.02 -35.59 37.49
C VAL C 3984 6.86 -35.63 38.48
N VAL C 3985 5.64 -35.43 37.99
CA VAL C 3985 4.48 -35.43 38.87
C VAL C 3985 4.44 -36.72 39.66
N GLY C 3986 4.61 -37.85 38.98
CA GLY C 3986 4.56 -39.13 39.69
C GLY C 3986 5.55 -39.19 40.82
N PHE C 3987 6.78 -38.73 40.57
CA PHE C 3987 7.79 -38.76 41.62
C PHE C 3987 7.35 -37.91 42.80
N LEU C 3988 6.79 -36.74 42.53
CA LEU C 3988 6.36 -35.87 43.62
C LEU C 3988 5.28 -36.53 44.46
N HIS C 3989 4.53 -37.47 43.88
CA HIS C 3989 3.54 -38.19 44.65
C HIS C 3989 4.21 -39.15 45.64
N VAL C 3990 5.25 -39.85 45.19
CA VAL C 3990 5.89 -40.85 46.05
C VAL C 3990 6.63 -40.18 47.19
N PHE C 3991 7.47 -39.20 46.86
CA PHE C 3991 8.34 -38.58 47.86
C PHE C 3991 7.53 -38.07 49.05
N ALA C 3992 6.51 -37.26 48.78
CA ALA C 3992 5.70 -36.68 49.86
C ALA C 3992 5.12 -37.75 50.76
N HIS C 3993 4.75 -38.90 50.19
CA HIS C 3993 4.17 -39.96 51.00
C HIS C 3993 5.23 -40.82 51.66
N MET C 3994 6.45 -40.86 51.10
CA MET C 3994 7.44 -41.80 51.59
C MET C 3994 8.07 -41.32 52.89
N MET C 3995 8.57 -40.08 52.92
CA MET C 3995 9.29 -39.59 54.09
C MET C 3995 8.41 -39.65 55.33
N MET C 3996 7.16 -39.19 55.21
CA MET C 3996 6.24 -39.24 56.34
C MET C 3996 6.12 -40.66 56.89
N LYS C 3997 6.17 -41.66 56.01
CA LYS C 3997 6.15 -43.04 56.47
C LYS C 3997 7.49 -43.44 57.05
N LEU C 3998 8.60 -43.03 56.42
CA LEU C 3998 9.91 -43.48 56.86
C LEU C 3998 10.38 -42.75 58.11
N ALA C 3999 9.93 -41.51 58.31
CA ALA C 3999 10.39 -40.73 59.47
C ALA C 3999 9.87 -41.28 60.78
N GLN C 4000 8.83 -42.12 60.76
CA GLN C 4000 8.23 -42.61 61.99
C GLN C 4000 9.00 -43.77 62.61
N ASP C 4001 9.96 -44.35 61.89
CA ASP C 4001 10.77 -45.45 62.42
C ASP C 4001 12.24 -45.13 62.19
N SER C 4002 13.05 -45.33 63.23
CA SER C 4002 14.47 -45.05 63.12
C SER C 4002 15.20 -46.12 62.31
N SER C 4003 14.71 -47.37 62.34
CA SER C 4003 15.42 -48.47 61.71
C SER C 4003 15.61 -48.28 60.21
N GLN C 4004 14.81 -47.41 59.58
CA GLN C 4004 14.88 -47.16 58.15
C GLN C 4004 15.62 -45.87 57.81
N ILE C 4005 16.34 -45.28 58.78
CA ILE C 4005 16.94 -43.98 58.58
C ILE C 4005 17.88 -43.99 57.37
N GLU C 4006 18.71 -45.04 57.25
CA GLU C 4006 19.66 -45.10 56.15
C GLU C 4006 18.96 -45.10 54.80
N LEU C 4007 17.74 -45.61 54.72
CA LEU C 4007 16.99 -45.51 53.48
C LEU C 4007 16.55 -44.07 53.22
N LEU C 4008 16.01 -43.41 54.24
CA LEU C 4008 15.43 -42.07 54.06
C LEU C 4008 16.45 -41.11 53.47
N LYS C 4009 17.68 -41.11 54.00
CA LYS C 4009 18.73 -40.24 53.47
C LYS C 4009 18.86 -40.43 51.97
N GLU C 4010 18.94 -41.68 51.51
CA GLU C 4010 19.06 -41.94 50.08
C GLU C 4010 17.92 -41.26 49.32
N LEU C 4011 16.69 -41.42 49.81
CA LEU C 4011 15.55 -40.80 49.16
C LEU C 4011 15.77 -39.31 48.99
N LEU C 4012 16.23 -38.63 50.05
CA LEU C 4012 16.46 -37.20 49.96
C LEU C 4012 17.52 -36.89 48.92
N ASP C 4013 18.59 -37.69 48.87
CA ASP C 4013 19.63 -37.46 47.88
C ASP C 4013 19.08 -37.62 46.47
N LEU C 4014 18.03 -38.42 46.29
CA LEU C 4014 17.38 -38.48 44.99
C LEU C 4014 16.69 -37.17 44.65
N GLN C 4015 15.97 -36.59 45.61
CA GLN C 4015 15.15 -35.42 45.33
C GLN C 4015 15.99 -34.28 44.79
N LYS C 4016 17.12 -33.99 45.45
CA LYS C 4016 18.02 -32.95 44.97
C LYS C 4016 18.40 -33.19 43.51
N ASP C 4017 18.73 -34.43 43.16
CA ASP C 4017 19.16 -34.72 41.79
C ASP C 4017 18.06 -34.40 40.79
N MET C 4018 16.80 -34.50 41.20
CA MET C 4018 15.72 -34.06 40.32
C MET C 4018 15.70 -32.53 40.21
N VAL C 4019 15.75 -31.85 41.36
CA VAL C 4019 15.55 -30.42 41.37
C VAL C 4019 16.61 -29.71 40.54
N VAL C 4020 17.86 -30.17 40.64
CA VAL C 4020 18.94 -29.58 39.85
C VAL C 4020 18.59 -29.61 38.37
N MET C 4021 18.07 -30.75 37.89
CA MET C 4021 17.71 -30.85 36.48
C MET C 4021 16.68 -29.80 36.11
N LEU C 4022 15.72 -29.56 37.00
CA LEU C 4022 14.73 -28.51 36.74
C LEU C 4022 15.40 -27.16 36.58
N LEU C 4023 16.38 -26.86 37.43
CA LEU C 4023 17.11 -25.61 37.28
C LEU C 4023 17.83 -25.56 35.95
N SER C 4024 18.32 -26.71 35.48
CA SER C 4024 19.00 -26.75 34.19
C SER C 4024 18.05 -26.38 33.05
N LEU C 4025 16.75 -26.53 33.26
CA LEU C 4025 15.79 -26.13 32.23
C LEU C 4025 15.54 -24.63 32.22
N LEU C 4026 15.99 -23.90 33.24
CA LEU C 4026 15.74 -22.48 33.33
C LEU C 4026 16.94 -21.63 32.93
N GLU C 4027 17.99 -22.22 32.38
CA GLU C 4027 19.13 -21.45 31.93
C GLU C 4027 18.75 -20.60 30.73
N GLY C 4028 19.18 -19.34 30.73
CA GLY C 4028 18.84 -18.45 29.63
C GLY C 4028 17.37 -18.15 29.47
N ASN C 4029 16.59 -18.17 30.55
CA ASN C 4029 15.16 -17.97 30.46
C ASN C 4029 14.83 -16.49 30.62
N VAL C 4030 14.06 -15.95 29.68
CA VAL C 4030 13.64 -14.55 29.72
C VAL C 4030 12.43 -14.42 30.64
N VAL C 4031 12.08 -13.18 30.99
CA VAL C 4031 10.89 -12.95 31.82
C VAL C 4031 9.66 -13.39 31.05
N ASN C 4032 8.75 -14.08 31.73
CA ASN C 4032 7.54 -14.64 31.15
C ASN C 4032 7.83 -15.63 30.02
N GLY C 4033 8.87 -16.43 30.17
CA GLY C 4033 9.13 -17.48 29.21
C GLY C 4033 8.12 -18.60 29.31
N MET C 4034 8.01 -19.38 28.24
CA MET C 4034 7.02 -20.45 28.20
C MET C 4034 7.39 -21.61 29.10
N ILE C 4035 8.68 -21.90 29.25
CA ILE C 4035 9.11 -23.03 30.06
C ILE C 4035 8.79 -22.77 31.53
N ALA C 4036 8.98 -21.54 32.00
CA ALA C 4036 8.66 -21.21 33.38
C ALA C 4036 7.16 -21.32 33.64
N ARG C 4037 6.34 -20.88 32.68
CA ARG C 4037 4.89 -21.02 32.83
C ARG C 4037 4.47 -22.48 32.86
N GLN C 4038 5.10 -23.32 32.03
CA GLN C 4038 4.83 -24.75 32.07
C GLN C 4038 5.23 -25.34 33.42
N MET C 4039 6.36 -24.91 33.98
CA MET C 4039 6.77 -25.38 35.30
C MET C 4039 5.78 -24.97 36.37
N VAL C 4040 5.27 -23.74 36.29
CA VAL C 4040 4.28 -23.28 37.26
C VAL C 4040 3.00 -24.12 37.15
N ASP C 4041 2.56 -24.42 35.92
CA ASP C 4041 1.39 -25.27 35.75
C ASP C 4041 1.63 -26.66 36.34
N MET C 4042 2.82 -27.22 36.11
CA MET C 4042 3.14 -28.53 36.67
C MET C 4042 3.12 -28.51 38.19
N LEU C 4043 3.64 -27.44 38.79
CA LEU C 4043 3.62 -27.33 40.26
C LEU C 4043 2.19 -27.18 40.77
N VAL C 4044 1.36 -26.42 40.06
CA VAL C 4044 -0.04 -26.27 40.45
C VAL C 4044 -0.74 -27.62 40.42
N GLU C 4045 -0.37 -28.46 39.46
CA GLU C 4045 -0.99 -29.80 39.37
C GLU C 4045 -0.69 -30.68 40.59
N SER C 4046 0.47 -30.51 41.23
CA SER C 4046 0.87 -31.34 42.37
C SER C 4046 0.97 -30.52 43.66
N SER C 4047 0.28 -29.37 43.68
CA SER C 4047 0.19 -28.51 44.86
C SER C 4047 0.09 -29.29 46.17
N SER C 4048 -0.73 -30.36 46.22
CA SER C 4048 -0.93 -31.07 47.48
C SER C 4048 0.37 -31.68 48.00
N ASN C 4049 1.06 -32.44 47.16
CA ASN C 4049 2.32 -33.04 47.57
C ASN C 4049 3.39 -32.00 47.84
N VAL C 4050 3.40 -30.92 47.05
CA VAL C 4050 4.36 -29.84 47.29
C VAL C 4050 4.14 -29.25 48.68
N GLU C 4051 2.87 -29.01 49.03
CA GLU C 4051 2.54 -28.46 50.35
C GLU C 4051 2.94 -29.42 51.46
N MET C 4052 2.73 -30.73 51.24
CA MET C 4052 3.14 -31.70 52.25
C MET C 4052 4.65 -31.66 52.46
N ILE C 4053 5.44 -31.58 51.38
CA ILE C 4053 6.89 -31.52 51.51
C ILE C 4053 7.32 -30.26 52.25
N LEU C 4054 6.71 -29.12 51.89
CA LEU C 4054 7.05 -27.87 52.55
C LEU C 4054 6.74 -27.92 54.04
N LYS C 4055 5.59 -28.50 54.40
CA LYS C 4055 5.26 -28.66 55.81
C LYS C 4055 6.26 -29.57 56.51
N PHE C 4056 6.68 -30.65 55.85
CA PHE C 4056 7.66 -31.55 56.43
C PHE C 4056 8.96 -30.82 56.78
N PHE C 4057 9.42 -29.96 55.86
CA PHE C 4057 10.63 -29.19 56.16
C PHE C 4057 10.40 -28.19 57.29
N ASP C 4058 9.28 -27.45 57.22
CA ASP C 4058 9.04 -26.37 58.17
C ASP C 4058 8.89 -26.90 59.60
N MET C 4059 8.24 -28.04 59.76
CA MET C 4059 8.02 -28.59 61.10
C MET C 4059 9.34 -28.80 61.84
N PHE C 4060 10.29 -29.48 61.19
CA PHE C 4060 11.57 -29.73 61.85
C PHE C 4060 12.42 -28.48 61.96
N LEU C 4061 12.35 -27.57 60.97
CA LEU C 4061 13.08 -26.32 61.10
C LEU C 4061 12.62 -25.52 62.30
N LYS C 4062 11.31 -25.53 62.59
CA LYS C 4062 10.81 -24.83 63.76
C LYS C 4062 11.12 -25.59 65.05
N LEU C 4063 11.07 -26.93 65.00
CA LEU C 4063 11.34 -27.72 66.19
C LEU C 4063 12.77 -27.52 66.68
N LYS C 4064 13.73 -27.44 65.74
CA LYS C 4064 15.13 -27.27 66.13
C LYS C 4064 15.31 -25.99 66.95
N ASP C 4065 14.66 -24.90 66.54
CA ASP C 4065 14.77 -23.66 67.29
C ASP C 4065 13.95 -23.68 68.57
N ILE C 4066 12.79 -24.36 68.56
CA ILE C 4066 11.94 -24.36 69.74
C ILE C 4066 12.57 -25.15 70.89
N VAL C 4067 13.21 -26.28 70.57
CA VAL C 4067 13.80 -27.11 71.61
C VAL C 4067 14.87 -26.34 72.37
N GLY C 4068 15.66 -25.53 71.68
CA GLY C 4068 16.72 -24.77 72.32
C GLY C 4068 16.26 -23.53 73.06
N SER C 4069 14.97 -23.21 73.03
CA SER C 4069 14.47 -22.04 73.72
C SER C 4069 14.58 -22.22 75.23
N GLU C 4070 14.83 -21.10 75.93
CA GLU C 4070 14.96 -21.15 77.38
C GLU C 4070 13.65 -21.53 78.05
N ALA C 4071 12.50 -21.14 77.46
CA ALA C 4071 11.21 -21.51 78.04
C ALA C 4071 11.02 -23.01 78.05
N PHE C 4072 11.42 -23.69 76.97
CA PHE C 4072 11.30 -25.15 76.92
C PHE C 4072 12.20 -25.81 77.97
N GLN C 4073 13.37 -25.22 78.23
CA GLN C 4073 14.29 -25.78 79.21
C GLN C 4073 13.73 -25.75 80.63
N ASP C 4074 12.67 -24.98 80.88
CA ASP C 4074 12.05 -24.99 82.20
C ASP C 4074 11.36 -26.32 82.49
N TYR C 4075 10.74 -26.93 81.48
CA TYR C 4075 9.96 -28.15 81.69
C TYR C 4075 10.82 -29.38 81.92
N VAL C 4076 12.02 -29.43 81.34
CA VAL C 4076 12.89 -30.58 81.56
C VAL C 4076 13.50 -30.48 82.95
N THR C 4077 13.32 -31.54 83.74
CA THR C 4077 13.77 -31.54 85.13
C THR C 4077 14.60 -32.75 85.53
N ASP C 4078 14.55 -33.85 84.80
CA ASP C 4078 15.37 -35.01 85.15
C ASP C 4078 16.85 -34.67 85.03
N PRO C 4079 17.69 -35.14 85.95
CA PRO C 4079 19.13 -34.84 85.86
C PRO C 4079 19.77 -35.38 84.58
N ARG C 4080 19.27 -36.50 84.05
CA ARG C 4080 19.81 -37.05 82.82
C ARG C 4080 19.45 -36.25 81.58
N GLY C 4081 18.50 -35.32 81.68
CA GLY C 4081 18.13 -34.47 80.57
C GLY C 4081 16.99 -34.97 79.72
N LEU C 4082 16.38 -36.10 80.05
CA LEU C 4082 15.26 -36.61 79.27
C LEU C 4082 13.94 -36.08 79.82
N ILE C 4083 12.93 -36.05 78.95
CA ILE C 4083 11.65 -35.42 79.23
C ILE C 4083 10.53 -36.41 78.96
N SER C 4084 9.50 -36.38 79.80
CA SER C 4084 8.37 -37.27 79.63
C SER C 4084 7.50 -36.85 78.45
N LYS C 4085 6.76 -37.82 77.91
CA LYS C 4085 5.87 -37.52 76.79
C LYS C 4085 4.77 -36.54 77.21
N LYS C 4086 4.21 -36.73 78.41
CA LYS C 4086 3.20 -35.80 78.90
C LYS C 4086 3.77 -34.40 79.07
N ASP C 4087 4.98 -34.30 79.62
CA ASP C 4087 5.63 -33.00 79.74
C ASP C 4087 5.93 -32.40 78.37
N PHE C 4088 6.35 -33.23 77.41
CA PHE C 4088 6.58 -32.74 76.06
C PHE C 4088 5.31 -32.16 75.44
N GLN C 4089 4.20 -32.89 75.57
CA GLN C 4089 2.93 -32.39 75.04
C GLN C 4089 2.50 -31.11 75.74
N LYS C 4090 2.68 -31.05 77.07
CA LYS C 4090 2.31 -29.85 77.82
C LYS C 4090 3.12 -28.65 77.35
N ALA C 4091 4.44 -28.83 77.17
CA ALA C 4091 5.28 -27.73 76.71
C ALA C 4091 4.90 -27.30 75.30
N MET C 4092 4.65 -28.26 74.41
CA MET C 4092 4.28 -27.92 73.04
C MET C 4092 2.96 -27.15 73.00
N ASP C 4093 1.98 -27.58 73.82
CA ASP C 4093 0.71 -26.87 73.86
C ASP C 4093 0.87 -25.49 74.48
N SER C 4094 1.75 -25.37 75.48
CA SER C 4094 1.99 -24.07 76.11
C SER C 4094 2.61 -23.09 75.12
N GLN C 4095 3.55 -23.54 74.29
CA GLN C 4095 4.15 -22.66 73.30
C GLN C 4095 3.12 -22.18 72.29
N LYS C 4096 2.19 -23.05 71.90
CA LYS C 4096 1.06 -22.70 71.01
C LYS C 4096 1.55 -22.29 69.62
N GLN C 4097 2.35 -23.14 68.99
CA GLN C 4097 2.77 -22.93 67.60
C GLN C 4097 2.33 -24.04 66.67
N PHE C 4098 2.05 -25.23 67.19
CA PHE C 4098 1.64 -26.37 66.39
C PHE C 4098 0.19 -26.73 66.68
N THR C 4099 -0.45 -27.37 65.72
CA THR C 4099 -1.76 -27.95 65.94
C THR C 4099 -1.62 -29.31 66.63
N GLY C 4100 -2.77 -29.84 67.05
CA GLY C 4100 -2.81 -31.12 67.72
C GLY C 4100 -2.22 -32.27 66.91
N PRO C 4101 -2.70 -32.45 65.68
CA PRO C 4101 -2.12 -33.52 64.84
C PRO C 4101 -0.64 -33.38 64.62
N GLU C 4102 -0.12 -32.15 64.51
CA GLU C 4102 1.32 -31.97 64.36
C GLU C 4102 2.07 -32.47 65.59
N ILE C 4103 1.58 -32.12 66.78
CA ILE C 4103 2.23 -32.58 68.00
C ILE C 4103 2.15 -34.10 68.10
N GLN C 4104 1.03 -34.68 67.71
CA GLN C 4104 0.91 -36.14 67.70
C GLN C 4104 1.91 -36.75 66.73
N PHE C 4105 2.13 -36.12 65.59
CA PHE C 4105 3.11 -36.63 64.63
C PHE C 4105 4.52 -36.57 65.19
N LEU C 4106 4.87 -35.46 65.87
CA LEU C 4106 6.15 -35.40 66.55
C LEU C 4106 6.29 -36.50 67.59
N LEU C 4107 5.23 -36.75 68.36
CA LEU C 4107 5.27 -37.82 69.35
C LEU C 4107 5.48 -39.18 68.68
N SER C 4108 4.81 -39.41 67.54
CA SER C 4108 5.00 -40.65 66.81
C SER C 4108 6.42 -40.79 66.30
N CYS C 4109 7.02 -39.70 65.81
CA CYS C 4109 8.40 -39.74 65.34
C CYS C 4109 9.41 -39.81 66.48
N SER C 4110 8.99 -39.46 67.70
CA SER C 4110 9.89 -39.54 68.84
C SER C 4110 10.22 -40.99 69.17
N GLU C 4111 11.48 -41.25 69.48
CA GLU C 4111 11.94 -42.59 69.81
C GLU C 4111 11.90 -42.82 71.32
N ALA C 4112 10.70 -42.70 71.88
CA ALA C 4112 10.51 -42.90 73.31
C ALA C 4112 10.79 -44.35 73.70
N ASP C 4113 11.48 -44.54 74.82
CA ASP C 4113 11.82 -45.86 75.29
C ASP C 4113 10.63 -46.48 76.05
N GLU C 4114 10.89 -47.62 76.70
CA GLU C 4114 9.87 -48.26 77.52
C GLU C 4114 9.45 -47.42 78.72
N ASN C 4115 10.27 -46.44 79.11
CA ASN C 4115 9.95 -45.56 80.24
C ASN C 4115 9.32 -44.25 79.80
N GLU C 4116 8.90 -44.14 78.54
CA GLU C 4116 8.32 -42.92 78.00
C GLU C 4116 9.27 -41.73 78.15
N MET C 4117 10.58 -41.99 78.01
CA MET C 4117 11.61 -40.98 78.18
C MET C 4117 12.08 -40.52 76.81
N ILE C 4118 12.13 -39.21 76.59
CA ILE C 4118 12.46 -38.64 75.30
C ILE C 4118 13.77 -37.88 75.40
N ASP C 4119 14.71 -38.19 74.50
CA ASP C 4119 15.99 -37.50 74.39
C ASP C 4119 15.83 -36.39 73.37
N CYS C 4120 15.60 -35.16 73.86
CA CYS C 4120 15.38 -34.03 72.97
C CYS C 4120 16.63 -33.65 72.19
N GLU C 4121 17.80 -33.79 72.80
CA GLU C 4121 19.04 -33.39 72.14
C GLU C 4121 19.28 -34.20 70.87
N GLU C 4122 19.05 -35.51 70.93
CA GLU C 4122 19.20 -36.34 69.73
C GLU C 4122 18.02 -36.14 68.78
N PHE C 4123 16.83 -35.90 69.32
CA PHE C 4123 15.65 -35.73 68.49
C PHE C 4123 15.78 -34.50 67.59
N ALA C 4124 16.30 -33.40 68.14
CA ALA C 4124 16.36 -32.15 67.37
C ALA C 4124 17.35 -32.24 66.21
N ASN C 4125 18.45 -32.96 66.39
CA ASN C 4125 19.55 -32.95 65.43
C ASN C 4125 19.48 -34.10 64.42
N ARG C 4126 18.41 -34.89 64.42
CA ARG C 4126 18.37 -36.07 63.57
C ARG C 4126 18.29 -35.71 62.09
N PHE C 4127 17.49 -34.70 61.73
CA PHE C 4127 17.19 -34.39 60.34
C PHE C 4127 17.78 -33.06 59.88
N GLN C 4128 19.02 -32.75 60.26
CA GLN C 4128 19.58 -31.44 59.95
C GLN C 4128 20.17 -31.41 58.54
N GLU C 4129 21.21 -32.20 58.29
CA GLU C 4129 22.06 -32.07 57.10
C GLU C 4129 21.32 -32.38 55.79
N PRO C 4130 20.65 -33.53 55.64
CA PRO C 4130 20.01 -33.80 54.34
C PRO C 4130 18.86 -32.87 54.05
N ALA C 4131 18.04 -32.56 55.06
CA ALA C 4131 16.96 -31.60 54.88
C ALA C 4131 17.52 -30.24 54.49
N ARG C 4132 18.63 -29.82 55.09
CA ARG C 4132 19.30 -28.60 54.67
C ARG C 4132 19.67 -28.65 53.20
N ASP C 4133 20.31 -29.74 52.78
CA ASP C 4133 20.81 -29.83 51.42
C ASP C 4133 19.69 -29.76 50.39
N ILE C 4134 18.58 -30.44 50.66
CA ILE C 4134 17.47 -30.40 49.70
C ILE C 4134 16.73 -29.06 49.79
N GLY C 4135 16.55 -28.53 51.00
CA GLY C 4135 15.78 -27.32 51.17
C GLY C 4135 16.44 -26.10 50.54
N PHE C 4136 17.77 -26.05 50.54
CA PHE C 4136 18.45 -24.94 49.89
C PHE C 4136 18.10 -24.88 48.41
N ASN C 4137 18.15 -26.03 47.73
CA ASN C 4137 17.81 -26.06 46.32
C ASN C 4137 16.34 -25.75 46.10
N VAL C 4138 15.47 -26.23 47.00
CA VAL C 4138 14.04 -25.92 46.86
C VAL C 4138 13.81 -24.42 46.96
N ALA C 4139 14.46 -23.76 47.92
CA ALA C 4139 14.33 -22.32 48.07
C ALA C 4139 14.88 -21.58 46.86
N VAL C 4140 16.01 -22.05 46.31
CA VAL C 4140 16.57 -21.42 45.11
C VAL C 4140 15.58 -21.49 43.96
N LEU C 4141 14.98 -22.67 43.77
CA LEU C 4141 14.00 -22.85 42.70
C LEU C 4141 12.81 -21.93 42.89
N LEU C 4142 12.29 -21.85 44.11
CA LEU C 4142 11.13 -20.99 44.37
C LEU C 4142 11.47 -19.52 44.11
N THR C 4143 12.63 -19.07 44.56
CA THR C 4143 13.03 -17.69 44.35
C THR C 4143 13.16 -17.37 42.86
N ASN C 4144 13.80 -18.27 42.10
CA ASN C 4144 13.96 -18.05 40.67
C ASN C 4144 12.60 -17.96 39.98
N LEU C 4145 11.70 -18.90 40.28
CA LEU C 4145 10.38 -18.89 39.65
C LEU C 4145 9.61 -17.64 40.03
N SER C 4146 9.71 -17.20 41.29
CA SER C 4146 9.03 -15.99 41.72
C SER C 4146 9.54 -14.77 40.96
N GLU C 4147 10.87 -14.66 40.82
CA GLU C 4147 11.43 -13.47 40.19
C GLU C 4147 11.22 -13.45 38.69
N HIS C 4148 11.08 -14.61 38.05
CA HIS C 4148 10.93 -14.62 36.59
C HIS C 4148 9.50 -14.72 36.11
N VAL C 4149 8.55 -15.01 37.00
CA VAL C 4149 7.13 -15.04 36.60
C VAL C 4149 6.31 -14.21 37.59
N PRO C 4150 6.36 -12.88 37.51
CA PRO C 4150 5.57 -12.06 38.42
C PRO C 4150 4.10 -12.07 38.05
N HIS C 4151 3.27 -11.61 38.99
CA HIS C 4151 1.83 -11.42 38.86
C HIS C 4151 1.05 -12.74 38.76
N ASP C 4152 1.55 -13.81 39.37
CA ASP C 4152 0.81 -15.07 39.41
C ASP C 4152 0.42 -15.39 40.85
N PRO C 4153 -0.88 -15.40 41.19
CA PRO C 4153 -1.28 -15.63 42.58
C PRO C 4153 -0.93 -17.01 43.13
N ARG C 4154 -0.92 -18.05 42.29
CA ARG C 4154 -0.63 -19.40 42.76
C ARG C 4154 0.81 -19.53 43.26
N LEU C 4155 1.76 -18.98 42.50
CA LEU C 4155 3.14 -18.97 42.96
C LEU C 4155 3.28 -18.12 44.21
N ARG C 4156 2.47 -17.07 44.34
CA ARG C 4156 2.46 -16.27 45.56
C ARG C 4156 2.00 -17.09 46.76
N ASN C 4157 0.97 -17.93 46.57
CA ASN C 4157 0.52 -18.79 47.65
C ASN C 4157 1.60 -19.81 48.02
N PHE C 4158 2.26 -20.38 47.02
CA PHE C 4158 3.35 -21.32 47.29
C PHE C 4158 4.48 -20.64 48.08
N LEU C 4159 4.81 -19.40 47.70
CA LEU C 4159 5.82 -18.65 48.45
C LEU C 4159 5.37 -18.38 49.88
N GLU C 4160 4.09 -18.05 50.06
CA GLU C 4160 3.57 -17.79 51.40
C GLU C 4160 3.68 -19.03 52.28
N LEU C 4161 3.46 -20.21 51.70
CA LEU C 4161 3.56 -21.44 52.48
C LEU C 4161 5.00 -21.71 52.91
N ALA C 4162 5.98 -21.17 52.20
CA ALA C 4162 7.38 -21.44 52.47
C ALA C 4162 8.13 -20.26 53.07
N GLU C 4163 7.49 -19.49 53.96
CA GLU C 4163 8.16 -18.33 54.55
C GLU C 4163 9.33 -18.74 55.44
N SER C 4164 9.16 -19.81 56.22
CA SER C 4164 10.19 -20.20 57.18
C SER C 4164 11.48 -20.61 56.50
N ILE C 4165 11.38 -21.38 55.42
CA ILE C 4165 12.58 -21.85 54.73
C ILE C 4165 13.35 -20.67 54.14
N LEU C 4166 12.63 -19.75 53.50
CA LEU C 4166 13.28 -18.58 52.92
C LEU C 4166 13.92 -17.71 54.01
N GLU C 4167 13.23 -17.52 55.12
CA GLU C 4167 13.78 -16.73 56.22
C GLU C 4167 15.04 -17.38 56.78
N TYR C 4168 15.05 -18.70 56.90
CA TYR C 4168 16.24 -19.39 57.41
C TYR C 4168 17.39 -19.31 56.42
N PHE C 4169 17.13 -19.48 55.13
CA PHE C 4169 18.21 -19.56 54.14
C PHE C 4169 18.57 -18.23 53.52
N ARG C 4170 17.94 -17.13 53.93
CA ARG C 4170 18.29 -15.82 53.39
C ARG C 4170 19.77 -15.45 53.49
N PRO C 4171 20.46 -15.63 54.62
CA PRO C 4171 21.87 -15.23 54.67
C PRO C 4171 22.80 -16.01 53.75
N TYR C 4172 22.39 -17.20 53.28
CA TYR C 4172 23.25 -18.04 52.48
C TYR C 4172 22.98 -17.98 50.99
N LEU C 4173 22.06 -17.10 50.54
CA LEU C 4173 21.74 -16.99 49.13
C LEU C 4173 22.53 -15.84 48.52
N GLY C 4174 23.42 -16.15 47.58
CA GLY C 4174 24.16 -15.13 46.87
C GLY C 4174 23.60 -14.93 45.48
N ARG C 4175 23.36 -13.67 45.12
CA ARG C 4175 22.75 -13.31 43.85
C ARG C 4175 23.64 -12.30 43.15
N ILE C 4176 23.95 -12.56 41.88
CA ILE C 4176 24.73 -11.64 41.07
C ILE C 4176 24.09 -11.53 39.69
N GLU C 4177 24.54 -10.53 38.93
CA GLU C 4177 24.12 -10.35 37.54
C GLU C 4177 25.36 -10.33 36.65
N ILE C 4178 25.29 -11.08 35.55
CA ILE C 4178 26.39 -11.16 34.61
C ILE C 4178 25.90 -10.79 33.22
N MET C 4179 26.86 -10.56 32.33
CA MET C 4179 26.61 -10.12 30.96
C MET C 4179 26.91 -11.29 30.03
N GLY C 4180 25.85 -11.93 29.53
CA GLY C 4180 26.02 -13.17 28.81
C GLY C 4180 26.50 -12.98 27.38
N ALA C 4181 26.82 -14.12 26.75
CA ALA C 4181 27.25 -14.09 25.35
C ALA C 4181 26.11 -13.76 24.41
N SER C 4182 24.88 -13.97 24.85
CA SER C 4182 23.67 -13.67 24.07
C SER C 4182 23.35 -12.19 24.04
N ARG C 4183 24.28 -11.34 24.48
CA ARG C 4183 24.09 -9.89 24.52
C ARG C 4183 22.91 -9.50 25.42
N ARG C 4184 22.74 -10.21 26.53
CA ARG C 4184 21.67 -9.92 27.48
C ARG C 4184 22.19 -10.12 28.89
N ILE C 4185 21.47 -9.52 29.85
CA ILE C 4185 21.85 -9.60 31.25
C ILE C 4185 21.17 -10.80 31.88
N GLU C 4186 21.91 -11.58 32.65
CA GLU C 4186 21.39 -12.77 33.32
C GLU C 4186 21.63 -12.67 34.82
N ARG C 4187 20.79 -13.34 35.59
CA ARG C 4187 20.91 -13.37 37.05
C ARG C 4187 21.29 -14.78 37.49
N ILE C 4188 22.23 -14.86 38.43
CA ILE C 4188 22.81 -16.13 38.87
C ILE C 4188 22.69 -16.21 40.38
N TYR C 4189 22.24 -17.38 40.87
CA TYR C 4189 22.11 -17.67 42.29
C TYR C 4189 23.10 -18.75 42.68
N PHE C 4190 23.63 -18.65 43.90
CA PHE C 4190 24.58 -19.64 44.40
C PHE C 4190 24.57 -19.61 45.93
N GLU C 4191 25.41 -20.46 46.50
CA GLU C 4191 25.48 -20.64 47.95
C GLU C 4191 26.72 -19.97 48.51
N ILE C 4192 26.58 -19.35 49.68
CA ILE C 4192 27.70 -18.73 50.38
C ILE C 4192 27.96 -19.55 51.64
N SER C 4193 29.19 -20.03 51.80
CA SER C 4193 29.54 -20.86 52.94
C SER C 4193 29.59 -20.03 54.22
N GLU C 4194 29.34 -20.71 55.35
CA GLU C 4194 29.36 -20.03 56.65
C GLU C 4194 30.76 -19.53 57.00
N THR C 4195 31.78 -20.34 56.73
CA THR C 4195 33.14 -19.96 57.09
C THR C 4195 33.59 -18.71 56.34
N ASN C 4196 33.22 -18.61 55.06
CA ASN C 4196 33.59 -17.43 54.28
C ASN C 4196 32.96 -16.17 54.86
N ARG C 4197 31.67 -16.23 55.21
CA ARG C 4197 31.01 -15.07 55.80
C ARG C 4197 31.63 -14.72 57.14
N ALA C 4198 32.00 -15.72 57.94
CA ALA C 4198 32.65 -15.45 59.21
C ALA C 4198 34.00 -14.78 59.02
N GLN C 4199 34.78 -15.24 58.03
CA GLN C 4199 36.10 -14.68 57.80
C GLN C 4199 36.03 -13.29 57.17
N TRP C 4200 34.90 -12.97 56.53
CA TRP C 4200 34.78 -11.69 55.83
C TRP C 4200 34.84 -10.48 56.78
N GLU C 4201 34.69 -10.69 58.09
CA GLU C 4201 34.49 -9.59 59.03
C GLU C 4201 35.73 -9.24 59.85
N MET C 4202 36.90 -9.74 59.48
CA MET C 4202 38.10 -9.46 60.27
C MET C 4202 38.54 -8.01 60.07
N PRO C 4203 39.20 -7.42 61.08
CA PRO C 4203 39.59 -5.99 60.96
C PRO C 4203 40.58 -5.70 59.84
N GLN C 4204 41.55 -6.59 59.60
CA GLN C 4204 42.55 -6.32 58.58
C GLN C 4204 41.94 -6.25 57.18
N VAL C 4205 40.95 -7.10 56.90
CA VAL C 4205 40.29 -7.00 55.60
C VAL C 4205 39.47 -5.71 55.52
N LYS C 4206 38.96 -5.21 56.65
CA LYS C 4206 38.30 -3.91 56.65
C LYS C 4206 39.28 -2.79 56.31
N GLU C 4207 40.49 -2.85 56.89
CA GLU C 4207 41.51 -1.87 56.56
C GLU C 4207 41.89 -1.95 55.07
N SER C 4208 42.00 -3.18 54.56
CA SER C 4208 42.29 -3.35 53.14
C SER C 4208 41.18 -2.78 52.26
N LYS C 4209 39.92 -2.98 52.65
CA LYS C 4209 38.81 -2.41 51.91
C LYS C 4209 38.87 -0.88 51.91
N ARG C 4210 39.18 -0.30 53.07
CA ARG C 4210 39.30 1.15 53.15
C ARG C 4210 40.43 1.66 52.26
N GLN C 4211 41.56 0.97 52.27
CA GLN C 4211 42.68 1.40 51.44
C GLN C 4211 42.35 1.28 49.96
N PHE C 4212 41.62 0.22 49.59
CA PHE C 4212 41.19 0.05 48.21
C PHE C 4212 40.25 1.17 47.79
N ILE C 4213 39.30 1.52 48.66
CA ILE C 4213 38.41 2.64 48.38
C ILE C 4213 39.22 3.92 48.21
N PHE C 4214 40.28 4.06 49.00
CA PHE C 4214 41.15 5.23 48.89
C PHE C 4214 41.80 5.31 47.51
N ASP C 4215 42.46 4.22 47.06
CA ASP C 4215 43.35 4.39 45.93
C ASP C 4215 42.70 4.05 44.59
N VAL C 4216 41.54 3.38 44.58
CA VAL C 4216 40.99 2.90 43.32
C VAL C 4216 40.60 4.07 42.41
N VAL C 4217 40.11 5.17 42.99
CA VAL C 4217 39.65 6.28 42.18
C VAL C 4217 40.63 7.46 42.19
N ASN C 4218 41.57 7.47 43.15
CA ASN C 4218 42.51 8.58 43.25
C ASN C 4218 43.44 8.69 42.05
N GLU C 4219 43.94 7.55 41.55
CA GLU C 4219 44.91 7.57 40.46
C GLU C 4219 44.52 6.62 39.33
N GLY C 4220 43.75 5.59 39.65
CA GLY C 4220 43.42 4.59 38.66
C GLY C 4220 42.53 5.14 37.56
N GLY C 4221 42.77 4.67 36.33
CA GLY C 4221 41.95 5.07 35.21
C GLY C 4221 40.65 4.29 35.15
N GLU C 4222 39.69 4.84 34.39
CA GLU C 4222 38.38 4.21 34.27
C GLU C 4222 38.44 2.92 33.47
N SER C 4223 39.41 2.79 32.56
CA SER C 4223 39.49 1.62 31.69
C SER C 4223 39.92 0.37 32.45
N GLU C 4224 40.72 0.51 33.50
CA GLU C 4224 41.25 -0.63 34.23
C GLU C 4224 40.61 -0.82 35.60
N LYS C 4225 39.54 -0.08 35.90
CA LYS C 4225 38.95 -0.12 37.25
C LYS C 4225 38.58 -1.54 37.66
N MET C 4226 38.01 -2.31 36.73
CA MET C 4226 37.66 -3.69 37.04
C MET C 4226 38.91 -4.51 37.36
N GLU C 4227 39.95 -4.36 36.54
CA GLU C 4227 41.15 -5.19 36.70
C GLU C 4227 41.71 -5.08 38.11
N LEU C 4228 41.94 -3.85 38.58
CA LEU C 4228 42.41 -3.64 39.94
C LEU C 4228 41.51 -4.37 40.93
N PHE C 4229 40.20 -4.20 40.80
CA PHE C 4229 39.27 -4.88 41.70
C PHE C 4229 39.55 -6.38 41.74
N VAL C 4230 39.69 -7.00 40.55
CA VAL C 4230 39.94 -8.43 40.52
C VAL C 4230 41.21 -8.75 41.29
N SER C 4231 42.28 -7.99 41.06
CA SER C 4231 43.51 -8.22 41.79
C SER C 4231 43.27 -8.15 43.29
N PHE C 4232 42.51 -7.13 43.73
CA PHE C 4232 42.18 -7.03 45.14
C PHE C 4232 41.51 -8.30 45.63
N CYS C 4233 40.53 -8.82 44.87
CA CYS C 4233 39.82 -10.01 45.28
C CYS C 4233 40.78 -11.18 45.48
N GLU C 4234 41.87 -11.23 44.69
CA GLU C 4234 42.85 -12.27 44.91
C GLU C 4234 43.56 -12.09 46.25
N ASP C 4235 44.09 -10.88 46.49
CA ASP C 4235 44.94 -10.67 47.65
C ASP C 4235 44.20 -10.96 48.94
N THR C 4236 42.99 -10.40 49.08
CA THR C 4236 42.19 -10.66 50.26
C THR C 4236 42.06 -12.16 50.53
N ILE C 4237 41.83 -12.95 49.49
CA ILE C 4237 41.68 -14.38 49.69
C ILE C 4237 42.90 -14.94 50.41
N PHE C 4238 44.09 -14.62 49.89
CA PHE C 4238 45.31 -15.10 50.53
C PHE C 4238 45.36 -14.65 51.98
N GLU C 4239 45.04 -13.37 52.24
CA GLU C 4239 45.03 -12.89 53.61
C GLU C 4239 44.14 -13.76 54.47
N MET C 4240 42.91 -14.01 54.02
CA MET C 4240 41.99 -14.81 54.82
C MET C 4240 42.59 -16.18 55.12
N GLN C 4241 43.27 -16.77 54.13
CA GLN C 4241 43.87 -18.08 54.35
C GLN C 4241 44.88 -18.02 55.48
N ILE C 4242 45.75 -17.01 55.47
CA ILE C 4242 46.73 -16.92 56.57
C ILE C 4242 46.02 -16.52 57.85
N ALA C 4243 44.88 -15.82 57.74
CA ALA C 4243 44.09 -15.53 58.93
C ALA C 4243 43.56 -16.80 59.56
N ALA C 4244 43.40 -17.86 58.76
CA ALA C 4244 42.97 -19.14 59.31
C ALA C 4244 44.06 -19.79 60.16
N GLN C 4245 45.31 -19.33 60.03
CA GLN C 4245 46.39 -19.88 60.83
C GLN C 4245 46.33 -19.47 62.29
N ILE C 4246 45.49 -18.50 62.65
CA ILE C 4246 45.39 -18.03 64.02
C ILE C 4246 43.97 -18.25 64.54
N LEU C 4542 58.41 -26.08 74.26
CA LEU C 4542 58.39 -24.64 74.49
C LEU C 4542 58.03 -23.89 73.22
N GLU C 4543 58.08 -24.59 72.09
CA GLU C 4543 57.74 -23.97 70.81
C GLU C 4543 56.28 -23.54 70.75
N VAL C 4544 55.41 -24.25 71.48
CA VAL C 4544 54.00 -23.87 71.52
C VAL C 4544 53.84 -22.48 72.14
N GLN C 4545 54.58 -22.21 73.23
CA GLN C 4545 54.52 -20.91 73.85
C GLN C 4545 54.98 -19.81 72.89
N ARG C 4546 56.06 -20.07 72.15
CA ARG C 4546 56.56 -19.10 71.18
C ARG C 4546 55.54 -18.85 70.08
N VAL C 4547 54.91 -19.91 69.58
CA VAL C 4547 53.90 -19.76 68.53
C VAL C 4547 52.72 -18.95 69.03
N LYS C 4548 52.26 -19.23 70.26
CA LYS C 4548 51.16 -18.47 70.83
C LYS C 4548 51.53 -17.00 71.01
N PHE C 4549 52.76 -16.74 71.46
CA PHE C 4549 53.22 -15.36 71.64
C PHE C 4549 53.25 -14.63 70.30
N LEU C 4550 53.75 -15.29 69.26
CA LEU C 4550 53.81 -14.65 67.94
C LEU C 4550 52.40 -14.39 67.40
N ASN C 4551 51.49 -15.33 67.58
CA ASN C 4551 50.10 -15.12 67.14
C ASN C 4551 49.46 -13.96 67.88
N TYR C 4552 49.68 -13.88 69.20
CA TYR C 4552 49.13 -12.78 69.97
C TYR C 4552 49.69 -11.45 69.51
N LEU C 4553 50.99 -11.41 69.22
CA LEU C 4553 51.60 -10.18 68.69
C LEU C 4553 50.99 -9.80 67.35
N SER C 4554 50.79 -10.79 66.47
CA SER C 4554 50.26 -10.50 65.14
C SER C 4554 48.82 -10.04 65.21
N ARG C 4555 48.08 -10.45 66.24
CA ARG C 4555 46.66 -10.12 66.31
C ARG C 4555 46.42 -8.66 66.70
N ASN C 4556 47.37 -8.03 67.39
CA ASN C 4556 47.14 -6.70 67.97
C ASN C 4556 48.14 -5.65 67.46
N PHE C 4557 48.48 -5.69 66.17
CA PHE C 4557 49.45 -4.76 65.60
C PHE C 4557 48.97 -3.32 65.71
N TYR C 4558 47.72 -3.06 65.32
CA TYR C 4558 47.24 -1.69 65.33
C TYR C 4558 47.03 -1.17 66.74
N THR C 4559 46.64 -2.04 67.68
CA THR C 4559 46.57 -1.64 69.07
C THR C 4559 47.95 -1.25 69.61
N LEU C 4560 48.97 -2.03 69.24
CA LEU C 4560 50.33 -1.67 69.65
C LEU C 4560 50.74 -0.33 69.07
N ARG C 4561 50.36 -0.07 67.81
CA ARG C 4561 50.66 1.22 67.19
C ARG C 4561 49.97 2.36 67.94
N PHE C 4562 48.70 2.18 68.30
CA PHE C 4562 47.99 3.17 69.08
C PHE C 4562 48.69 3.46 70.40
N LEU C 4563 49.11 2.40 71.10
CA LEU C 4563 49.79 2.57 72.38
C LEU C 4563 51.11 3.31 72.20
N ALA C 4564 51.85 2.99 71.13
CA ALA C 4564 53.11 3.68 70.88
C ALA C 4564 52.89 5.17 70.65
N LEU C 4565 51.88 5.52 69.86
CA LEU C 4565 51.61 6.93 69.62
C LEU C 4565 51.18 7.62 70.91
N PHE C 4566 50.37 6.97 71.73
CA PHE C 4566 49.94 7.57 72.98
C PHE C 4566 51.13 7.83 73.91
N LEU C 4567 52.04 6.86 74.02
CA LEU C 4567 53.22 7.06 74.86
C LEU C 4567 54.09 8.19 74.32
N ALA C 4568 54.27 8.26 72.99
CA ALA C 4568 55.05 9.33 72.41
C ALA C 4568 54.43 10.69 72.70
N PHE C 4569 53.11 10.79 72.62
CA PHE C 4569 52.43 12.03 72.96
C PHE C 4569 52.62 12.37 74.44
N ALA C 4570 52.60 11.36 75.30
CA ALA C 4570 52.72 11.62 76.74
C ALA C 4570 54.11 12.09 77.12
N ILE C 4571 55.14 11.64 76.39
CA ILE C 4571 56.51 11.99 76.74
C ILE C 4571 56.74 13.50 76.64
N ASN C 4572 56.26 14.11 75.54
CA ASN C 4572 56.60 15.51 75.28
C ASN C 4572 55.97 16.47 76.28
N PHE C 4573 54.80 16.13 76.83
CA PHE C 4573 54.21 16.98 77.85
C PHE C 4573 55.11 17.08 79.07
N ILE C 4574 55.69 15.96 79.49
CA ILE C 4574 56.68 15.97 80.58
C ILE C 4574 57.93 16.73 80.14
N LEU C 4575 58.36 16.53 78.89
CA LEU C 4575 59.52 17.25 78.37
C LEU C 4575 59.34 18.76 78.44
N LEU C 4576 58.10 19.24 78.35
CA LEU C 4576 57.83 20.68 78.37
C LEU C 4576 58.18 21.36 79.69
N PHE C 4577 58.68 20.63 80.68
CA PHE C 4577 58.98 21.19 81.99
C PHE C 4577 60.47 21.31 82.26
N TYR C 4578 61.31 21.21 81.23
CA TYR C 4578 62.75 21.24 81.46
C TYR C 4578 63.22 22.63 81.86
N LYS C 4579 64.43 22.68 82.41
CA LYS C 4579 65.04 23.93 82.84
C LYS C 4579 66.55 23.78 82.82
N VAL C 4580 67.25 24.89 82.66
CA VAL C 4580 68.70 24.91 82.59
C VAL C 4580 69.23 25.80 83.70
N SER C 4581 70.45 25.51 84.15
CA SER C 4581 71.11 26.32 85.17
C SER C 4581 72.61 26.12 85.07
N ASP C 4582 73.35 27.12 85.57
CA ASP C 4582 74.81 27.05 85.58
C ASP C 4582 75.36 26.25 86.76
N SER C 4583 74.73 26.37 87.93
CA SER C 4583 75.14 25.61 89.09
C SER C 4583 74.53 24.21 89.06
N PRO C 4584 75.12 23.26 89.78
CA PRO C 4584 74.52 21.93 89.88
C PRO C 4584 73.16 22.00 90.56
N PRO C 4585 72.25 21.07 90.23
CA PRO C 4585 70.91 21.13 90.81
C PRO C 4585 70.93 21.05 92.33
N GLY C 4586 70.03 21.79 92.96
CA GLY C 4586 69.95 21.85 94.40
C GLY C 4586 69.48 20.56 95.04
N ASN C 4624 79.97 24.04 82.59
CA ASN C 4624 79.02 23.24 81.82
C ASN C 4624 77.60 23.44 82.34
N MET C 4625 76.65 23.52 81.40
CA MET C 4625 75.26 23.73 81.77
C MET C 4625 74.65 22.45 82.33
N VAL C 4626 73.65 22.63 83.19
CA VAL C 4626 72.93 21.52 83.82
C VAL C 4626 71.46 21.60 83.45
N TYR C 4627 70.91 20.50 82.96
CA TYR C 4627 69.50 20.38 82.60
C TYR C 4627 68.79 19.56 83.66
N TYR C 4628 67.61 20.02 84.08
CA TYR C 4628 66.85 19.34 85.12
C TYR C 4628 65.40 19.77 85.06
N PHE C 4629 64.65 19.41 86.09
CA PHE C 4629 63.21 19.64 86.14
C PHE C 4629 62.85 20.68 87.18
N LEU C 4630 61.67 21.28 87.02
CA LEU C 4630 61.13 22.25 87.97
C LEU C 4630 59.73 21.86 88.44
N GLU C 4631 59.45 20.56 88.53
CA GLU C 4631 58.14 20.11 88.94
C GLU C 4631 57.89 20.41 90.41
N GLU C 4632 56.66 20.85 90.73
CA GLU C 4632 56.32 21.14 92.11
C GLU C 4632 56.25 19.87 92.95
N SER C 4633 55.58 18.84 92.46
CA SER C 4633 55.50 17.56 93.15
C SER C 4633 56.85 16.86 92.96
N THR C 4634 57.69 16.96 93.99
CA THR C 4634 59.06 16.46 93.90
C THR C 4634 59.07 14.96 93.66
N GLY C 4635 59.88 14.54 92.69
CA GLY C 4635 60.06 13.13 92.37
C GLY C 4635 58.92 12.49 91.62
N TYR C 4636 57.92 13.25 91.19
CA TYR C 4636 56.78 12.66 90.51
C TYR C 4636 57.08 12.34 89.06
N MET C 4637 57.87 13.18 88.39
CA MET C 4637 58.06 13.09 86.95
C MET C 4637 59.37 12.42 86.55
N GLU C 4638 60.40 12.51 87.39
CA GLU C 4638 61.71 11.97 87.05
C GLU C 4638 61.69 10.48 86.79
N PRO C 4639 61.08 9.62 87.62
CA PRO C 4639 61.02 8.19 87.27
C PRO C 4639 59.95 7.87 86.24
N ALA C 4640 58.89 8.67 86.16
CA ALA C 4640 57.87 8.46 85.14
C ALA C 4640 58.45 8.60 83.75
N LEU C 4641 59.38 9.55 83.58
CA LEU C 4641 60.07 9.70 82.29
C LEU C 4641 60.77 8.41 81.90
N ARG C 4642 61.55 7.82 82.82
CA ARG C 4642 62.27 6.59 82.51
C ARG C 4642 61.32 5.45 82.20
N CYS C 4643 60.26 5.31 82.99
CA CYS C 4643 59.30 4.23 82.76
C CYS C 4643 58.66 4.35 81.38
N LEU C 4644 58.21 5.56 81.04
CA LEU C 4644 57.55 5.77 79.75
C LEU C 4644 58.51 5.54 78.59
N SER C 4645 59.76 5.98 78.74
CA SER C 4645 60.73 5.75 77.67
C SER C 4645 60.98 4.26 77.44
N LEU C 4646 61.15 3.50 78.53
CA LEU C 4646 61.33 2.06 78.39
C LEU C 4646 60.13 1.41 77.72
N LEU C 4647 58.93 1.80 78.14
CA LEU C 4647 57.72 1.25 77.55
C LEU C 4647 57.64 1.57 76.06
N HIS C 4648 58.00 2.80 75.68
CA HIS C 4648 57.98 3.20 74.28
C HIS C 4648 58.92 2.34 73.45
N THR C 4649 60.14 2.13 73.95
CA THR C 4649 61.10 1.31 73.20
C THR C 4649 60.59 -0.12 73.05
N LEU C 4650 60.05 -0.69 74.13
CA LEU C 4650 59.52 -2.06 74.06
C LEU C 4650 58.38 -2.16 73.05
N VAL C 4651 57.49 -1.17 73.05
CA VAL C 4651 56.35 -1.20 72.13
C VAL C 4651 56.84 -1.09 70.69
N ALA C 4652 57.88 -0.28 70.45
CA ALA C 4652 58.42 -0.19 69.10
C ALA C 4652 58.98 -1.54 68.64
N PHE C 4653 59.72 -2.22 69.52
CA PHE C 4653 60.22 -3.55 69.16
C PHE C 4653 59.08 -4.52 68.86
N LEU C 4654 58.04 -4.51 69.69
CA LEU C 4654 56.90 -5.40 69.46
C LEU C 4654 56.20 -5.08 68.14
N CYS C 4655 56.09 -3.80 67.81
CA CYS C 4655 55.47 -3.43 66.53
C CYS C 4655 56.28 -3.94 65.36
N ILE C 4656 57.61 -3.84 65.44
CA ILE C 4656 58.45 -4.36 64.35
C ILE C 4656 58.23 -5.86 64.20
N ILE C 4657 58.22 -6.58 65.33
CA ILE C 4657 58.04 -8.04 65.26
C ILE C 4657 56.68 -8.39 64.66
N GLY C 4658 55.63 -7.68 65.09
CA GLY C 4658 54.31 -7.95 64.57
C GLY C 4658 54.19 -7.69 63.08
N TYR C 4659 54.76 -6.57 62.61
CA TYR C 4659 54.71 -6.29 61.18
C TYR C 4659 55.49 -7.34 60.39
N ASN C 4660 56.62 -7.81 60.92
CA ASN C 4660 57.34 -8.89 60.26
C ASN C 4660 56.47 -10.14 60.18
N CYS C 4661 55.74 -10.44 61.24
CA CYS C 4661 54.96 -11.68 61.28
C CYS C 4661 53.65 -11.58 60.50
N LEU C 4662 53.21 -10.38 60.13
CA LEU C 4662 51.88 -10.23 59.53
C LEU C 4662 51.91 -9.89 58.05
N LYS C 4663 52.57 -8.81 57.64
CA LYS C 4663 52.38 -8.24 56.31
C LYS C 4663 53.42 -8.68 55.28
N VAL C 4664 54.54 -9.26 55.71
CA VAL C 4664 55.57 -9.67 54.74
C VAL C 4664 55.06 -10.70 53.73
N PRO C 4665 54.34 -11.76 54.14
CA PRO C 4665 53.90 -12.75 53.13
C PRO C 4665 53.04 -12.14 52.04
N LEU C 4666 52.22 -11.14 52.34
CA LEU C 4666 51.43 -10.49 51.30
C LEU C 4666 52.33 -9.78 50.28
N VAL C 4667 53.38 -9.12 50.74
CA VAL C 4667 54.31 -8.47 49.83
C VAL C 4667 54.99 -9.50 48.94
N ILE C 4668 55.45 -10.61 49.53
CA ILE C 4668 56.10 -11.66 48.75
C ILE C 4668 55.12 -12.22 47.72
N PHE C 4669 53.87 -12.43 48.14
CA PHE C 4669 52.84 -12.96 47.24
C PHE C 4669 52.63 -12.03 46.05
N LYS C 4670 52.48 -10.72 46.32
CA LYS C 4670 52.27 -9.78 45.22
C LYS C 4670 53.47 -9.73 44.29
N ARG C 4671 54.68 -9.74 44.83
CA ARG C 4671 55.87 -9.72 43.99
C ARG C 4671 55.93 -10.94 43.08
N GLU C 4672 55.70 -12.13 43.65
CA GLU C 4672 55.73 -13.36 42.85
C GLU C 4672 54.62 -13.36 41.81
N LYS C 4673 53.42 -12.89 42.17
CA LYS C 4673 52.32 -12.85 41.22
C LYS C 4673 52.65 -11.95 40.04
N GLU C 4674 53.15 -10.75 40.31
CA GLU C 4674 53.49 -9.83 39.24
C GLU C 4674 54.57 -10.41 38.34
N LEU C 4675 55.62 -10.98 38.94
CA LEU C 4675 56.71 -11.54 38.15
C LEU C 4675 56.22 -12.68 37.26
N ALA C 4676 55.43 -13.60 37.82
CA ALA C 4676 54.95 -14.73 37.04
C ALA C 4676 54.02 -14.28 35.92
N ARG C 4677 53.11 -13.35 36.21
CA ARG C 4677 52.18 -12.87 35.20
C ARG C 4677 52.92 -12.21 34.05
N LYS C 4678 53.86 -11.31 34.37
CA LYS C 4678 54.61 -10.62 33.32
C LYS C 4678 55.44 -11.60 32.51
N LEU C 4679 56.11 -12.54 33.18
CA LEU C 4679 56.96 -13.49 32.46
C LEU C 4679 56.14 -14.36 31.53
N GLU C 4680 54.98 -14.84 31.98
CA GLU C 4680 54.17 -15.70 31.12
C GLU C 4680 53.56 -14.94 29.96
N PHE C 4681 52.95 -13.79 30.22
CA PHE C 4681 52.19 -13.12 29.17
C PHE C 4681 53.07 -12.34 28.21
N ASP C 4682 54.20 -11.79 28.65
CA ASP C 4682 55.02 -10.98 27.79
C ASP C 4682 56.42 -11.55 27.51
N GLY C 4683 56.86 -12.54 28.27
CA GLY C 4683 58.18 -13.09 28.07
C GLY C 4683 59.29 -12.07 28.19
N LEU C 4684 59.25 -11.25 29.25
CA LEU C 4684 60.17 -10.13 29.37
C LEU C 4684 61.62 -10.58 29.52
N TYR C 4685 61.86 -11.81 29.96
CA TYR C 4685 63.19 -12.38 29.98
C TYR C 4685 63.46 -13.32 28.81
N ILE C 4686 62.52 -13.42 27.87
CA ILE C 4686 62.63 -14.32 26.73
C ILE C 4686 62.78 -13.54 25.42
N THR C 4687 61.78 -12.74 25.07
CA THR C 4687 61.83 -11.96 23.84
C THR C 4687 62.42 -10.56 24.08
N GLU C 4688 61.79 -9.79 24.96
CA GLU C 4688 62.27 -8.47 25.30
C GLU C 4688 63.33 -8.58 26.38
N GLN C 4689 63.80 -7.43 26.89
CA GLN C 4689 64.75 -7.40 27.98
C GLN C 4689 64.41 -6.22 28.89
N PRO C 4690 64.71 -6.32 30.17
CA PRO C 4690 64.44 -5.19 31.07
C PRO C 4690 65.36 -4.02 30.79
N GLU C 4691 64.83 -2.82 31.04
CA GLU C 4691 65.62 -1.60 30.86
C GLU C 4691 66.74 -1.54 31.88
N ASP C 4692 67.83 -0.87 31.51
CA ASP C 4692 68.97 -0.74 32.41
C ASP C 4692 68.65 0.08 33.66
N ASP C 4693 67.68 0.99 33.57
CA ASP C 4693 67.32 1.82 34.71
C ASP C 4693 66.35 1.13 35.66
N ASP C 4694 65.74 0.02 35.25
CA ASP C 4694 64.75 -0.68 36.07
C ASP C 4694 65.48 -1.68 36.95
N VAL C 4695 65.85 -1.24 38.16
CA VAL C 4695 66.50 -2.11 39.12
C VAL C 4695 65.59 -3.24 39.57
N LYS C 4696 64.27 -3.05 39.44
CA LYS C 4696 63.30 -4.07 39.84
C LYS C 4696 63.56 -5.39 39.13
N GLY C 4697 63.48 -5.39 37.80
CA GLY C 4697 63.72 -6.59 37.03
C GLY C 4697 65.14 -7.11 37.16
N GLN C 4698 66.12 -6.22 37.28
CA GLN C 4698 67.50 -6.65 37.43
C GLN C 4698 67.69 -7.45 38.70
N TRP C 4699 67.07 -7.02 39.80
CA TRP C 4699 67.14 -7.79 41.03
C TRP C 4699 66.30 -9.06 40.94
N ASP C 4700 65.14 -8.97 40.27
CA ASP C 4700 64.26 -10.14 40.16
C ASP C 4700 64.89 -11.25 39.32
N ARG C 4701 65.84 -10.90 38.44
CA ARG C 4701 66.46 -11.88 37.56
C ARG C 4701 67.17 -13.00 38.34
N LEU C 4702 67.53 -12.75 39.61
CA LEU C 4702 68.26 -13.75 40.37
C LEU C 4702 67.39 -14.96 40.72
N VAL C 4703 66.08 -14.76 40.86
CA VAL C 4703 65.22 -15.80 41.43
C VAL C 4703 64.74 -16.81 40.38
N LEU C 4704 64.95 -16.54 39.10
CA LEU C 4704 64.43 -17.43 38.07
C LEU C 4704 65.03 -18.83 38.15
N ASN C 4705 66.30 -18.94 38.54
CA ASN C 4705 66.94 -20.24 38.64
C ASN C 4705 66.48 -21.02 39.87
N THR C 4706 65.84 -20.36 40.82
CA THR C 4706 65.56 -20.97 42.12
C THR C 4706 64.64 -22.19 41.97
N PRO C 4707 64.97 -23.32 42.59
CA PRO C 4707 64.07 -24.49 42.53
C PRO C 4707 62.71 -24.23 43.16
N SER C 4708 62.64 -23.38 44.18
CA SER C 4708 61.42 -23.14 44.94
C SER C 4708 60.83 -21.76 44.68
N PHE C 4709 60.85 -21.32 43.42
CA PHE C 4709 60.46 -19.97 43.04
C PHE C 4709 59.02 -19.63 43.45
N PRO C 4710 58.00 -20.45 43.10
CA PRO C 4710 56.64 -20.04 43.51
C PRO C 4710 56.28 -20.55 44.90
N SER C 4711 56.89 -19.97 45.92
CA SER C 4711 56.65 -20.44 47.29
C SER C 4711 55.28 -20.01 47.81
N ASN C 4712 54.88 -18.77 47.55
CA ASN C 4712 53.60 -18.26 48.05
C ASN C 4712 52.52 -18.21 46.98
N TYR C 4713 52.89 -17.92 45.73
CA TYR C 4713 51.92 -17.93 44.64
C TYR C 4713 51.38 -19.35 44.44
N TRP C 4714 50.08 -19.44 44.17
CA TRP C 4714 49.44 -20.75 44.09
C TRP C 4714 49.86 -21.53 42.86
N ASP C 4715 50.06 -20.84 41.72
CA ASP C 4715 50.32 -21.51 40.45
C ASP C 4715 51.74 -22.05 40.45
N LYS C 4716 51.87 -23.34 40.72
CA LYS C 4716 53.16 -24.01 40.74
C LYS C 4716 53.48 -24.72 39.44
N PHE C 4717 52.88 -24.31 38.33
CA PHE C 4717 53.19 -24.83 37.01
C PHE C 4717 53.48 -23.73 36.00
N VAL C 4718 53.88 -22.55 36.45
CA VAL C 4718 54.11 -21.43 35.55
C VAL C 4718 55.30 -21.72 34.64
N LYS C 4719 56.36 -22.33 35.21
CA LYS C 4719 57.53 -22.65 34.41
C LYS C 4719 57.21 -23.65 33.30
N ARG C 4720 56.41 -24.68 33.61
CA ARG C 4720 56.04 -25.66 32.61
C ARG C 4720 55.29 -25.02 31.45
N LYS C 4721 54.29 -24.19 31.77
CA LYS C 4721 53.47 -23.60 30.71
C LYS C 4721 54.24 -22.55 29.92
N VAL C 4722 55.12 -21.79 30.57
CA VAL C 4722 55.91 -20.82 29.82
C VAL C 4722 56.91 -21.54 28.91
N LEU C 4723 57.46 -22.66 29.36
CA LEU C 4723 58.31 -23.47 28.49
C LEU C 4723 57.53 -23.99 27.30
N ASP C 4724 56.30 -24.47 27.54
CA ASP C 4724 55.49 -24.97 26.44
C ASP C 4724 55.15 -23.85 25.45
N LYS C 4725 54.84 -22.66 25.95
CA LYS C 4725 54.42 -21.57 25.07
C LYS C 4725 55.60 -21.02 24.26
N HIS C 4726 56.72 -20.77 24.92
CA HIS C 4726 57.85 -20.10 24.27
C HIS C 4726 58.97 -21.04 23.86
N GLY C 4727 58.78 -22.35 24.00
CA GLY C 4727 59.81 -23.30 23.62
C GLY C 4727 59.83 -23.69 22.15
N ASP C 4728 58.89 -23.20 21.35
CA ASP C 4728 58.81 -23.60 19.94
C ASP C 4728 59.77 -22.80 19.08
N ILE C 4729 59.60 -21.48 19.04
CA ILE C 4729 60.38 -20.61 18.16
C ILE C 4729 61.77 -20.37 18.76
N TYR C 4730 61.99 -20.86 19.97
CA TYR C 4730 63.25 -20.63 20.66
C TYR C 4730 63.78 -21.97 21.18
N GLY C 4731 65.09 -22.03 21.37
CA GLY C 4731 65.73 -23.27 21.79
C GLY C 4731 65.23 -23.74 23.14
N ARG C 4732 64.83 -25.01 23.19
CA ARG C 4732 64.28 -25.56 24.44
C ARG C 4732 65.37 -25.73 25.50
N GLU C 4733 66.57 -26.13 25.09
CA GLU C 4733 67.62 -26.40 26.06
C GLU C 4733 68.03 -25.14 26.83
N ARG C 4734 68.19 -24.03 26.11
CA ARG C 4734 68.58 -22.79 26.79
C ARG C 4734 67.44 -22.26 27.66
N ILE C 4735 66.19 -22.48 27.23
CA ILE C 4735 65.05 -22.11 28.07
C ILE C 4735 65.06 -22.91 29.37
N ALA C 4736 65.32 -24.22 29.28
CA ALA C 4736 65.39 -25.05 30.47
C ALA C 4736 66.54 -24.62 31.37
N GLU C 4737 67.67 -24.24 30.77
CA GLU C 4737 68.79 -23.73 31.56
C GLU C 4737 68.43 -22.43 32.26
N LEU C 4738 67.67 -21.56 31.58
CA LEU C 4738 67.29 -20.29 32.18
C LEU C 4738 66.39 -20.48 33.40
N LEU C 4739 65.42 -21.39 33.31
CA LEU C 4739 64.53 -21.68 34.42
C LEU C 4739 65.11 -22.69 35.40
N GLY C 4740 66.21 -23.35 35.05
CA GLY C 4740 66.83 -24.31 35.96
C GLY C 4740 65.96 -25.51 36.27
N MET C 4741 65.33 -26.10 35.26
CA MET C 4741 64.47 -27.26 35.44
C MET C 4741 65.05 -28.45 34.69
N ASP C 4742 64.81 -29.65 35.23
CA ASP C 4742 65.34 -30.88 34.64
C ASP C 4742 64.50 -31.24 33.42
N LEU C 4743 65.09 -31.13 32.23
CA LEU C 4743 64.39 -31.42 30.99
C LEU C 4743 64.11 -32.91 30.81
N ALA C 4744 64.73 -33.78 31.59
CA ALA C 4744 64.55 -35.22 31.45
C ALA C 4744 63.37 -35.76 32.23
N THR C 4745 62.64 -34.92 32.95
CA THR C 4745 61.51 -35.36 33.76
C THR C 4745 60.20 -34.98 33.08
N LEU C 4746 59.23 -35.91 33.13
CA LEU C 4746 57.93 -35.69 32.53
C LEU C 4746 56.89 -36.45 33.33
N GLU C 4747 55.62 -36.07 33.15
CA GLU C 4747 54.52 -36.70 33.86
C GLU C 4747 54.33 -38.13 33.35
N ILE C 4748 54.57 -39.10 34.22
CA ILE C 4748 54.43 -40.52 33.88
C ILE C 4748 54.35 -41.32 35.17
N THR C 4749 53.58 -42.40 35.13
CA THR C 4749 53.41 -43.30 36.27
C THR C 4749 52.95 -42.57 37.53
N SER C 4768 69.88 -27.60 51.56
CA SER C 4768 68.58 -27.85 52.19
C SER C 4768 67.95 -26.55 52.65
N ILE C 4769 68.56 -25.42 52.28
CA ILE C 4769 68.10 -24.11 52.71
C ILE C 4769 67.77 -23.25 51.50
N ASP C 4770 68.44 -23.52 50.38
CA ASP C 4770 68.23 -22.78 49.13
C ASP C 4770 68.49 -21.29 49.34
N VAL C 4771 69.76 -21.00 49.61
CA VAL C 4771 70.16 -19.67 50.10
C VAL C 4771 69.86 -18.57 49.09
N LYS C 4772 69.81 -18.90 47.79
CA LYS C 4772 69.52 -17.88 46.79
C LYS C 4772 68.14 -17.28 46.99
N TYR C 4773 67.14 -18.13 47.27
CA TYR C 4773 65.80 -17.64 47.54
C TYR C 4773 65.76 -16.75 48.77
N GLN C 4774 66.48 -17.13 49.82
CA GLN C 4774 66.54 -16.31 51.03
C GLN C 4774 67.18 -14.96 50.75
N ILE C 4775 68.24 -14.94 49.93
CA ILE C 4775 68.88 -13.68 49.57
C ILE C 4775 67.90 -12.78 48.81
N TRP C 4776 67.18 -13.37 47.85
CA TRP C 4776 66.20 -12.58 47.09
C TRP C 4776 65.10 -12.06 48.01
N LYS C 4777 64.64 -12.89 48.94
CA LYS C 4777 63.58 -12.48 49.86
C LYS C 4777 64.04 -11.33 50.75
N PHE C 4778 65.26 -11.42 51.28
CA PHE C 4778 65.77 -10.33 52.11
C PHE C 4778 65.96 -9.06 51.29
N GLY C 4779 66.43 -9.20 50.05
CA GLY C 4779 66.60 -8.02 49.21
C GLY C 4779 65.29 -7.33 48.90
N VAL C 4780 64.23 -8.11 48.63
CA VAL C 4780 62.94 -7.50 48.33
C VAL C 4780 62.28 -6.96 49.59
N ILE C 4781 62.59 -7.57 50.75
CA ILE C 4781 62.03 -7.10 52.01
C ILE C 4781 62.64 -5.75 52.39
N PHE C 4782 63.97 -5.63 52.27
CA PHE C 4782 64.65 -4.44 52.75
C PHE C 4782 64.44 -3.22 51.86
N THR C 4783 63.55 -3.29 50.88
CA THR C 4783 63.18 -2.12 50.09
C THR C 4783 61.72 -1.71 50.31
N ASP C 4784 61.04 -2.26 51.30
CA ASP C 4784 59.67 -1.89 51.58
C ASP C 4784 59.63 -0.62 52.43
N ASN C 4785 58.71 0.28 52.08
CA ASN C 4785 58.66 1.58 52.76
C ASN C 4785 58.27 1.42 54.23
N SER C 4786 57.28 0.56 54.52
CA SER C 4786 56.80 0.42 55.89
C SER C 4786 57.88 -0.16 56.80
N PHE C 4787 58.62 -1.16 56.31
CA PHE C 4787 59.69 -1.76 57.12
C PHE C 4787 60.77 -0.74 57.44
N LEU C 4788 61.17 0.06 56.45
CA LEU C 4788 62.16 1.11 56.68
C LEU C 4788 61.64 2.16 57.65
N TYR C 4789 60.37 2.54 57.54
CA TYR C 4789 59.80 3.51 58.47
C TYR C 4789 59.80 2.98 59.89
N LEU C 4790 59.45 1.71 60.08
CA LEU C 4790 59.48 1.12 61.41
C LEU C 4790 60.91 1.06 61.95
N GLY C 4791 61.87 0.74 61.08
CA GLY C 4791 63.27 0.76 61.51
C GLY C 4791 63.72 2.14 61.95
N TRP C 4792 63.33 3.18 61.20
CA TRP C 4792 63.66 4.54 61.58
C TRP C 4792 63.00 4.91 62.91
N TYR C 4793 61.75 4.51 63.10
CA TYR C 4793 61.08 4.73 64.37
C TYR C 4793 61.85 4.10 65.53
N MET C 4794 62.28 2.85 65.35
CA MET C 4794 63.05 2.17 66.39
C MET C 4794 64.37 2.87 66.65
N VAL C 4795 65.06 3.31 65.60
CA VAL C 4795 66.34 3.96 65.78
C VAL C 4795 66.17 5.27 66.56
N MET C 4796 65.15 6.05 66.21
CA MET C 4796 64.90 7.29 66.93
C MET C 4796 64.54 7.02 68.39
N SER C 4797 63.72 6.00 68.64
CA SER C 4797 63.36 5.67 70.01
C SER C 4797 64.59 5.26 70.81
N LEU C 4798 65.48 4.47 70.21
CA LEU C 4798 66.71 4.08 70.89
C LEU C 4798 67.60 5.28 71.17
N LEU C 4799 67.75 6.19 70.20
CA LEU C 4799 68.55 7.38 70.40
C LEU C 4799 67.95 8.29 71.46
N GLY C 4800 66.64 8.17 71.70
CA GLY C 4800 66.00 8.99 72.72
C GLY C 4800 66.61 8.83 74.11
N HIS C 4801 67.20 7.67 74.39
CA HIS C 4801 67.79 7.43 75.71
C HIS C 4801 69.10 8.19 75.91
N TYR C 4802 69.85 8.46 74.84
CA TYR C 4802 71.08 9.23 74.97
C TYR C 4802 70.79 10.72 75.14
N ASN C 4803 69.72 11.21 74.53
CA ASN C 4803 69.26 12.59 74.71
C ASN C 4803 67.75 12.59 74.57
N ASN C 4804 67.06 13.10 75.59
CA ASN C 4804 65.61 12.94 75.67
C ASN C 4804 64.87 13.62 74.52
N PHE C 4805 65.35 14.79 74.09
CA PHE C 4805 64.58 15.58 73.14
C PHE C 4805 64.39 14.89 71.80
N PHE C 4806 65.19 13.86 71.50
CA PHE C 4806 64.97 13.09 70.27
C PHE C 4806 63.58 12.51 70.19
N PHE C 4807 62.96 12.21 71.34
CA PHE C 4807 61.59 11.69 71.32
C PHE C 4807 60.63 12.62 70.60
N ALA C 4808 60.92 13.93 70.58
CA ALA C 4808 60.06 14.88 69.89
C ALA C 4808 59.88 14.51 68.42
N ALA C 4809 60.87 13.87 67.81
CA ALA C 4809 60.75 13.48 66.40
C ALA C 4809 59.52 12.61 66.18
N HIS C 4810 59.19 11.73 67.15
CA HIS C 4810 58.04 10.85 66.98
C HIS C 4810 56.75 11.62 66.81
N LEU C 4811 56.69 12.88 67.25
CA LEU C 4811 55.49 13.68 67.04
C LEU C 4811 55.13 13.81 65.57
N LEU C 4812 56.12 13.68 64.67
CA LEU C 4812 55.80 13.76 63.25
C LEU C 4812 54.83 12.67 62.80
N ASP C 4813 54.67 11.60 63.59
CA ASP C 4813 53.71 10.58 63.22
C ASP C 4813 52.28 11.12 63.19
N ILE C 4814 52.01 12.22 63.91
CA ILE C 4814 50.66 12.75 63.89
C ILE C 4814 50.42 13.53 62.60
N ALA C 4815 51.49 13.92 61.90
CA ALA C 4815 51.33 14.73 60.69
C ALA C 4815 50.64 13.95 59.59
N MET C 4816 50.99 12.68 59.41
CA MET C 4816 50.44 11.87 58.34
C MET C 4816 49.22 11.05 58.77
N GLY C 4817 48.73 11.27 59.99
CA GLY C 4817 47.66 10.43 60.53
C GLY C 4817 46.30 10.64 59.90
N VAL C 4818 46.05 11.81 59.31
CA VAL C 4818 44.72 12.13 58.78
C VAL C 4818 44.87 12.69 57.38
N LYS C 4819 43.75 12.69 56.64
CA LYS C 4819 43.79 13.05 55.23
C LYS C 4819 44.09 14.53 55.02
N THR C 4820 43.50 15.41 55.84
CA THR C 4820 43.62 16.84 55.61
C THR C 4820 45.06 17.32 55.77
N LEU C 4821 45.74 16.86 56.82
CA LEU C 4821 47.13 17.25 57.01
C LEU C 4821 48.03 16.70 55.92
N ARG C 4822 47.73 15.48 55.44
CA ARG C 4822 48.47 14.92 54.32
C ARG C 4822 48.28 15.76 53.06
N THR C 4823 47.06 16.24 52.82
CA THR C 4823 46.81 17.12 51.69
C THR C 4823 47.58 18.43 51.82
N ILE C 4824 47.59 18.99 53.04
CA ILE C 4824 48.34 20.22 53.28
C ILE C 4824 49.83 20.01 52.98
N LEU C 4825 50.37 18.88 53.43
CA LEU C 4825 51.77 18.58 53.19
C LEU C 4825 52.06 18.38 51.70
N SER C 4826 51.15 17.70 51.00
CA SER C 4826 51.36 17.40 49.58
C SER C 4826 51.19 18.65 48.71
N SER C 4827 50.46 19.66 49.19
CA SER C 4827 50.30 20.88 48.41
C SER C 4827 51.63 21.55 48.12
N VAL C 4828 52.62 21.38 49.00
CA VAL C 4828 53.93 21.98 48.78
C VAL C 4828 54.64 21.30 47.62
N THR C 4829 54.64 19.97 47.61
CA THR C 4829 55.39 19.22 46.61
C THR C 4829 54.60 18.98 45.33
N HIS C 4830 53.35 19.44 45.26
CA HIS C 4830 52.56 19.23 44.05
C HIS C 4830 53.17 19.95 42.85
N ASN C 4831 53.71 21.15 43.06
CA ASN C 4831 54.26 21.99 42.00
C ASN C 4831 55.73 22.35 42.22
N GLY C 4832 56.57 21.35 42.54
CA GLY C 4832 57.92 21.65 42.98
C GLY C 4832 58.78 22.35 41.94
N LYS C 4833 58.70 21.89 40.69
CA LYS C 4833 59.62 22.38 39.65
C LYS C 4833 59.46 23.88 39.43
N GLN C 4834 58.22 24.33 39.28
CA GLN C 4834 57.97 25.76 39.07
C GLN C 4834 58.42 26.58 40.27
N LEU C 4835 58.21 26.05 41.47
CA LEU C 4835 58.64 26.75 42.68
C LEU C 4835 60.15 26.94 42.69
N VAL C 4836 60.89 25.87 42.37
CA VAL C 4836 62.35 25.95 42.38
C VAL C 4836 62.83 26.94 41.33
N MET C 4837 62.25 26.90 40.13
CA MET C 4837 62.66 27.85 39.11
C MET C 4837 62.35 29.29 39.51
N THR C 4838 61.20 29.52 40.16
CA THR C 4838 60.86 30.86 40.61
C THR C 4838 61.83 31.37 41.66
N VAL C 4839 62.21 30.53 42.62
CA VAL C 4839 63.16 31.00 43.63
C VAL C 4839 64.54 31.24 43.01
N GLY C 4840 64.92 30.45 42.00
CA GLY C 4840 66.15 30.74 41.28
C GLY C 4840 66.13 32.09 40.59
N LEU C 4841 65.00 32.41 39.93
CA LEU C 4841 64.86 33.72 39.31
C LEU C 4841 64.94 34.84 40.33
N LEU C 4842 64.31 34.64 41.50
CA LEU C 4842 64.41 35.64 42.57
C LEU C 4842 65.85 35.86 42.99
N ALA C 4843 66.61 34.76 43.13
CA ALA C 4843 68.01 34.87 43.51
C ALA C 4843 68.81 35.65 42.47
N VAL C 4844 68.54 35.39 41.20
CA VAL C 4844 69.25 36.10 40.13
C VAL C 4844 68.97 37.61 40.20
N VAL C 4845 67.70 37.98 40.39
CA VAL C 4845 67.36 39.39 40.45
C VAL C 4845 68.03 40.06 41.65
N VAL C 4846 68.01 39.38 42.80
CA VAL C 4846 68.68 39.95 43.98
C VAL C 4846 70.17 40.09 43.74
N TYR C 4847 70.78 39.15 43.01
CA TYR C 4847 72.20 39.27 42.69
C TYR C 4847 72.48 40.50 41.84
N LEU C 4848 71.64 40.76 40.86
CA LEU C 4848 71.84 41.96 40.04
C LEU C 4848 71.73 43.23 40.89
N TYR C 4849 70.73 43.28 41.76
CA TYR C 4849 70.60 44.43 42.65
C TYR C 4849 71.83 44.58 43.55
N THR C 4850 72.37 43.46 44.04
CA THR C 4850 73.56 43.51 44.87
C THR C 4850 74.75 44.05 44.09
N VAL C 4851 74.88 43.66 42.82
CA VAL C 4851 75.98 44.18 41.99
C VAL C 4851 75.88 45.69 41.88
N VAL C 4852 74.68 46.19 41.58
CA VAL C 4852 74.51 47.64 41.43
C VAL C 4852 74.82 48.36 42.74
N ALA C 4853 74.30 47.83 43.85
CA ALA C 4853 74.51 48.47 45.15
C ALA C 4853 75.99 48.48 45.53
N PHE C 4854 76.69 47.38 45.31
CA PHE C 4854 78.11 47.31 45.62
C PHE C 4854 78.91 48.28 44.77
N ASN C 4855 78.51 48.47 43.51
CA ASN C 4855 79.27 49.38 42.67
C ASN C 4855 79.02 50.85 43.02
N PHE C 4856 77.80 51.23 43.38
CA PHE C 4856 77.49 52.65 43.49
C PHE C 4856 77.11 53.15 44.89
N PHE C 4857 76.44 52.36 45.70
CA PHE C 4857 75.84 52.87 46.94
C PHE C 4857 76.47 52.32 48.20
N ARG C 4858 77.81 52.28 48.29
CA ARG C 4858 78.45 51.69 49.45
C ARG C 4858 78.30 52.55 50.71
N LYS C 4859 78.19 53.86 50.55
CA LYS C 4859 78.24 54.75 51.70
C LYS C 4859 76.99 54.68 52.56
N PHE C 4860 75.92 54.08 52.05
CA PHE C 4860 74.64 54.08 52.76
C PHE C 4860 74.42 52.83 53.61
N TYR C 4861 75.39 51.93 53.70
CA TYR C 4861 75.20 50.64 54.37
C TYR C 4861 75.91 50.58 55.72
N ASN C 4862 75.91 51.67 56.48
CA ASN C 4862 76.51 51.68 57.82
C ASN C 4862 75.45 51.28 58.83
N LYS C 4863 75.66 50.15 59.50
CA LYS C 4863 74.72 49.63 60.49
C LYS C 4863 75.18 49.87 61.92
N SER C 4864 76.19 50.72 62.13
CA SER C 4864 76.72 50.98 63.46
C SER C 4864 76.20 52.31 63.96
N GLU C 4865 75.57 52.30 65.14
CA GLU C 4865 75.04 53.51 65.75
C GLU C 4865 76.06 54.26 66.59
N ASP C 4866 77.23 53.68 66.82
CA ASP C 4866 78.28 54.29 67.62
C ASP C 4866 79.45 54.66 66.71
N GLU C 4867 79.90 55.92 66.82
CA GLU C 4867 81.02 56.38 66.01
C GLU C 4867 82.31 55.69 66.43
N ASP C 4868 83.32 55.81 65.58
CA ASP C 4868 84.64 55.21 65.77
C ASP C 4868 84.61 53.69 65.81
N GLU C 4869 83.50 53.07 65.39
CA GLU C 4869 83.39 51.62 65.29
C GLU C 4869 82.39 51.28 64.20
N PRO C 4870 82.73 51.57 62.94
CA PRO C 4870 81.77 51.35 61.85
C PRO C 4870 81.60 49.87 61.55
N ASP C 4871 80.41 49.55 60.99
CA ASP C 4871 80.08 48.19 60.58
C ASP C 4871 79.56 48.27 59.14
N MET C 4872 80.49 48.19 58.18
CA MET C 4872 80.13 48.20 56.77
C MET C 4872 79.49 46.86 56.40
N LYS C 4873 78.42 46.91 55.60
CA LYS C 4873 77.76 45.69 55.17
C LYS C 4873 78.04 45.35 53.71
N CYS C 4874 78.54 46.29 52.92
CA CYS C 4874 78.79 46.05 51.50
C CYS C 4874 80.20 46.47 51.11
N ASP C 4875 81.18 46.13 51.94
CA ASP C 4875 82.57 46.22 51.53
C ASP C 4875 83.06 44.94 50.86
N ASP C 4876 82.26 43.87 50.91
CA ASP C 4876 82.51 42.65 50.18
C ASP C 4876 81.25 42.29 49.39
N MET C 4877 81.44 41.53 48.31
CA MET C 4877 80.29 41.11 47.53
C MET C 4877 79.48 40.05 48.26
N MET C 4878 80.16 39.14 48.95
CA MET C 4878 79.45 38.08 49.66
C MET C 4878 78.63 38.62 50.82
N THR C 4879 79.21 39.54 51.61
CA THR C 4879 78.47 40.11 52.73
C THR C 4879 77.27 40.92 52.25
N CYS C 4880 77.46 41.72 51.20
CA CYS C 4880 76.35 42.50 50.64
C CYS C 4880 75.26 41.59 50.10
N TYR C 4881 75.63 40.51 49.42
CA TYR C 4881 74.66 39.58 48.86
C TYR C 4881 73.86 38.89 49.96
N LEU C 4882 74.55 38.44 51.01
CA LEU C 4882 73.85 37.83 52.14
C LEU C 4882 72.93 38.83 52.83
N PHE C 4883 73.38 40.08 52.98
CA PHE C 4883 72.54 41.10 53.59
C PHE C 4883 71.29 41.34 52.76
N HIS C 4884 71.43 41.38 51.43
CA HIS C 4884 70.28 41.63 50.58
C HIS C 4884 69.29 40.46 50.62
N MET C 4885 69.81 39.23 50.61
CA MET C 4885 68.89 38.08 50.61
C MET C 4885 68.27 37.85 51.98
N TYR C 4886 68.94 38.24 53.06
CA TYR C 4886 68.47 37.88 54.39
C TYR C 4886 67.56 38.96 54.97
N VAL C 4887 67.95 40.22 54.86
CA VAL C 4887 67.20 41.31 55.48
C VAL C 4887 66.20 41.93 54.52
N GLY C 4888 66.61 42.12 53.27
CA GLY C 4888 65.76 42.84 52.32
C GLY C 4888 64.47 42.12 51.98
N VAL C 4889 64.53 40.79 51.83
CA VAL C 4889 63.34 40.05 51.41
C VAL C 4889 62.27 40.07 52.49
N ARG C 4890 62.66 39.94 53.75
CA ARG C 4890 61.70 39.89 54.85
C ARG C 4890 61.30 41.27 55.37
N ALA C 4891 61.82 42.34 54.77
CA ALA C 4891 61.55 43.67 55.30
C ALA C 4891 60.08 44.05 55.22
N GLY C 4892 59.40 43.68 54.12
CA GLY C 4892 58.02 44.03 53.94
C GLY C 4892 57.85 45.34 53.18
N GLY C 4893 58.77 46.27 53.42
CA GLY C 4893 58.82 47.52 52.68
C GLY C 4893 59.99 47.64 51.73
N GLY C 4894 60.71 46.56 51.46
CA GLY C 4894 61.88 46.63 50.60
C GLY C 4894 63.13 46.98 51.37
N ILE C 4895 64.24 47.05 50.64
CA ILE C 4895 65.53 47.36 51.25
C ILE C 4895 65.60 48.83 51.67
N GLY C 4896 64.65 49.65 51.24
CA GLY C 4896 64.73 51.08 51.49
C GLY C 4896 64.56 51.49 52.93
N ASP C 4897 63.96 50.64 53.76
CA ASP C 4897 63.72 50.99 55.15
C ASP C 4897 64.76 50.39 56.11
N GLU C 4898 65.86 49.86 55.59
CA GLU C 4898 66.89 49.29 56.42
C GLU C 4898 68.26 49.96 56.23
N ILE C 4899 68.35 50.97 55.36
CA ILE C 4899 69.60 51.66 55.11
C ILE C 4899 69.40 53.15 55.35
N GLU C 4900 70.46 53.92 55.13
CA GLU C 4900 70.46 55.33 55.50
C GLU C 4900 69.54 56.15 54.61
N ASP C 4901 69.08 57.28 55.14
CA ASP C 4901 68.19 58.18 54.42
C ASP C 4901 68.98 58.92 53.33
N PRO C 4902 68.58 58.83 52.06
CA PRO C 4902 69.33 59.51 51.00
C PRO C 4902 69.00 60.98 50.82
N ALA C 4903 68.36 61.62 51.81
CA ALA C 4903 68.00 63.02 51.67
C ALA C 4903 69.23 63.91 51.65
N GLY C 4904 69.24 64.89 50.75
CA GLY C 4904 70.33 65.85 50.66
C GLY C 4904 71.56 65.38 49.91
N ASP C 4905 71.55 64.17 49.38
CA ASP C 4905 72.72 63.64 48.70
C ASP C 4905 72.66 63.93 47.20
N GLU C 4906 73.81 63.84 46.55
CA GLU C 4906 73.88 64.01 45.10
C GLU C 4906 73.14 62.91 44.35
N TYR C 4907 73.14 61.70 44.90
CA TYR C 4907 72.52 60.54 44.27
C TYR C 4907 71.12 60.24 44.79
N GLU C 4908 70.36 61.28 45.14
CA GLU C 4908 69.07 61.06 45.81
C GLU C 4908 68.07 60.38 44.88
N LEU C 4909 67.93 60.90 43.65
CA LEU C 4909 66.93 60.35 42.73
C LEU C 4909 67.26 58.90 42.35
N TYR C 4910 68.54 58.59 42.15
CA TYR C 4910 68.92 57.23 41.85
C TYR C 4910 68.57 56.29 43.00
N ARG C 4911 68.81 56.73 44.24
CA ARG C 4911 68.43 55.93 45.40
C ARG C 4911 66.93 55.72 45.47
N VAL C 4912 66.15 56.77 45.18
CA VAL C 4912 64.70 56.65 45.22
C VAL C 4912 64.22 55.63 44.20
N VAL C 4913 64.74 55.72 42.97
CA VAL C 4913 64.37 54.77 41.93
C VAL C 4913 64.79 53.35 42.32
N PHE C 4914 65.99 53.21 42.89
CA PHE C 4914 66.46 51.91 43.36
C PHE C 4914 65.50 51.30 44.35
N ASP C 4915 65.13 52.06 45.39
CA ASP C 4915 64.24 51.55 46.42
C ASP C 4915 62.87 51.19 45.86
N ILE C 4916 62.31 52.08 45.04
CA ILE C 4916 60.97 51.83 44.50
C ILE C 4916 60.96 50.60 43.60
N THR C 4917 61.97 50.47 42.74
CA THR C 4917 62.02 49.34 41.82
C THR C 4917 62.23 48.03 42.56
N PHE C 4918 63.09 48.03 43.60
CA PHE C 4918 63.25 46.84 44.41
C PHE C 4918 61.93 46.45 45.07
N PHE C 4919 61.24 47.43 45.67
CA PHE C 4919 59.98 47.14 46.35
C PHE C 4919 58.96 46.58 45.38
N PHE C 4920 58.88 47.13 44.17
CA PHE C 4920 57.88 46.68 43.21
C PHE C 4920 58.21 45.27 42.70
N PHE C 4921 59.45 45.04 42.28
CA PHE C 4921 59.76 43.79 41.61
C PHE C 4921 59.90 42.61 42.57
N VAL C 4922 60.49 42.83 43.74
CA VAL C 4922 60.80 41.71 44.63
C VAL C 4922 59.65 41.40 45.57
N ILE C 4923 59.11 42.41 46.24
CA ILE C 4923 58.13 42.17 47.30
C ILE C 4923 56.75 41.95 46.71
N VAL C 4924 56.31 42.83 45.80
CA VAL C 4924 54.93 42.81 45.35
C VAL C 4924 54.65 41.60 44.47
N ILE C 4925 55.57 41.27 43.56
CA ILE C 4925 55.27 40.34 42.48
C ILE C 4925 55.71 38.91 42.81
N LEU C 4926 57.01 38.72 43.02
CA LEU C 4926 57.56 37.36 43.07
C LEU C 4926 57.05 36.59 44.29
N LEU C 4927 57.05 37.23 45.46
CA LEU C 4927 56.57 36.54 46.66
C LEU C 4927 55.10 36.16 46.53
N ALA C 4928 54.30 37.04 45.92
CA ALA C 4928 52.89 36.74 45.71
C ALA C 4928 52.71 35.54 44.79
N ILE C 4929 53.51 35.45 43.74
CA ILE C 4929 53.44 34.29 42.83
C ILE C 4929 53.83 33.02 43.57
N ILE C 4930 54.89 33.09 44.38
CA ILE C 4930 55.36 31.91 45.11
C ILE C 4930 54.28 31.40 46.05
N GLN C 4931 53.63 32.33 46.78
CA GLN C 4931 52.56 31.94 47.69
C GLN C 4931 51.35 31.40 46.92
N GLY C 4932 51.00 32.05 45.81
CA GLY C 4932 49.81 31.67 45.07
C GLY C 4932 49.92 30.29 44.47
N LEU C 4933 51.12 29.90 44.04
CA LEU C 4933 51.30 28.54 43.52
C LEU C 4933 50.83 27.50 44.52
N ILE C 4934 51.34 27.59 45.76
CA ILE C 4934 50.99 26.60 46.78
C ILE C 4934 49.51 26.70 47.14
N ILE C 4935 48.98 27.91 47.26
CA ILE C 4935 47.57 28.06 47.63
C ILE C 4935 46.67 27.44 46.56
N ASP C 4936 46.96 27.70 45.29
CA ASP C 4936 46.17 27.13 44.20
C ASP C 4936 46.29 25.62 44.16
N ALA C 4937 47.48 25.08 44.43
CA ALA C 4937 47.63 23.63 44.47
C ALA C 4937 46.76 23.02 45.56
N PHE C 4938 46.74 23.64 46.75
CA PHE C 4938 45.90 23.15 47.83
C PHE C 4938 44.42 23.18 47.44
N GLY C 4939 43.97 24.29 46.85
CA GLY C 4939 42.58 24.37 46.42
C GLY C 4939 42.21 23.33 45.40
N GLU C 4940 43.09 23.12 44.41
CA GLU C 4940 42.82 22.12 43.38
C GLU C 4940 42.75 20.71 43.96
N LEU C 4941 43.65 20.40 44.90
CA LEU C 4941 43.59 19.09 45.54
C LEU C 4941 42.28 18.89 46.29
N ARG C 4942 41.83 19.91 47.03
CA ARG C 4942 40.56 19.78 47.74
C ARG C 4942 39.40 19.60 46.77
N ASP C 4943 39.40 20.34 45.66
CA ASP C 4943 38.32 20.21 44.68
C ASP C 4943 38.30 18.80 44.08
N GLN C 4944 39.46 18.25 43.75
CA GLN C 4944 39.52 16.91 43.20
C GLN C 4944 38.99 15.88 44.20
N GLN C 4945 39.38 16.00 45.47
CA GLN C 4945 38.90 15.05 46.47
C GLN C 4945 37.38 15.13 46.63
N GLU C 4946 36.85 16.35 46.67
CA GLU C 4946 35.39 16.50 46.81
C GLU C 4946 34.66 15.91 45.61
N GLN C 4947 35.16 16.16 44.40
CA GLN C 4947 34.52 15.59 43.22
C GLN C 4947 34.54 14.08 43.24
N VAL C 4948 35.67 13.49 43.64
CA VAL C 4948 35.78 12.04 43.70
C VAL C 4948 34.78 11.48 44.70
N ARG C 4949 34.68 12.10 45.88
CA ARG C 4949 33.76 11.62 46.90
C ARG C 4949 32.31 11.71 46.43
N GLU C 4950 31.94 12.82 45.79
CA GLU C 4950 30.58 12.98 45.30
C GLU C 4950 30.25 11.93 44.24
N ASP C 4951 31.16 11.72 43.30
CA ASP C 4951 30.92 10.74 42.24
C ASP C 4951 30.79 9.33 42.83
N MET C 4952 31.61 9.02 43.83
CA MET C 4952 31.49 7.72 44.47
C MET C 4952 30.14 7.57 45.17
N GLU C 4953 29.68 8.63 45.83
CA GLU C 4953 28.46 8.54 46.62
C GLU C 4953 27.18 8.70 45.81
N THR C 4954 27.27 9.08 44.54
CA THR C 4954 26.05 9.33 43.76
C THR C 4954 25.82 8.37 42.61
N LYS C 4955 26.71 7.40 42.38
CA LYS C 4955 26.55 6.47 41.26
C LYS C 4955 26.86 5.05 41.71
N CYS C 4956 26.30 4.08 40.98
CA CYS C 4956 26.59 2.67 41.25
C CYS C 4956 27.99 2.34 40.76
N PHE C 4957 28.72 1.55 41.56
CA PHE C 4957 30.12 1.31 41.27
C PHE C 4957 30.30 0.47 40.01
N ILE C 4958 29.43 -0.51 39.77
CA ILE C 4958 29.67 -1.50 38.73
C ILE C 4958 29.14 -1.02 37.38
N CYS C 4959 27.82 -0.85 37.28
CA CYS C 4959 27.22 -0.50 36.00
C CYS C 4959 27.28 0.99 35.70
N GLY C 4960 27.62 1.81 36.68
CA GLY C 4960 27.77 3.24 36.43
C GLY C 4960 26.50 3.95 36.03
N ILE C 4961 25.40 3.70 36.72
CA ILE C 4961 24.13 4.37 36.46
C ILE C 4961 23.78 5.22 37.66
N GLY C 4962 23.39 6.47 37.40
CA GLY C 4962 23.14 7.40 38.48
C GLY C 4962 21.94 7.03 39.33
N SER C 4963 21.90 7.59 40.53
CA SER C 4963 20.84 7.33 41.48
C SER C 4963 19.53 8.01 41.12
N ASP C 4964 19.45 8.67 39.97
CA ASP C 4964 18.21 9.30 39.52
C ASP C 4964 17.32 8.36 38.72
N TYR C 4965 17.91 7.42 37.97
CA TYR C 4965 17.10 6.37 37.36
C TYR C 4965 16.41 5.53 38.43
N PHE C 4966 17.18 5.07 39.41
CA PHE C 4966 16.59 4.53 40.63
C PHE C 4966 16.02 5.67 41.46
N ASP C 4967 15.43 5.32 42.60
CA ASP C 4967 14.72 6.18 43.54
C ASP C 4967 13.42 6.70 42.95
N THR C 4968 13.09 6.33 41.70
CA THR C 4968 11.73 6.52 41.22
C THR C 4968 10.72 5.73 42.05
N THR C 4969 11.18 4.67 42.71
CA THR C 4969 10.47 3.94 43.74
C THR C 4969 11.26 4.09 45.03
N PRO C 4970 10.59 4.02 46.19
CA PRO C 4970 11.29 4.28 47.46
C PRO C 4970 12.46 3.33 47.67
N HIS C 4971 13.60 3.89 48.09
CA HIS C 4971 14.80 3.15 48.46
C HIS C 4971 15.32 2.27 47.34
N ARG C 4972 15.11 2.67 46.08
CA ARG C 4972 15.50 1.82 44.96
C ARG C 4972 17.03 1.71 44.85
N PHE C 4973 17.73 2.83 45.00
CA PHE C 4973 19.19 2.80 44.88
C PHE C 4973 19.82 1.93 45.96
N GLU C 4974 19.31 2.03 47.20
CA GLU C 4974 19.85 1.22 48.28
C GLU C 4974 19.65 -0.26 48.00
N THR C 4975 18.46 -0.65 47.52
CA THR C 4975 18.23 -2.05 47.17
C THR C 4975 19.11 -2.50 46.01
N HIS C 4976 19.30 -1.63 45.02
CA HIS C 4976 20.17 -1.99 43.89
C HIS C 4976 21.59 -2.25 44.36
N THR C 4977 22.08 -1.40 45.28
CA THR C 4977 23.46 -1.56 45.74
C THR C 4977 23.61 -2.68 46.75
N LEU C 4978 22.54 -3.06 47.44
CA LEU C 4978 22.64 -4.05 48.50
C LEU C 4978 22.26 -5.46 48.06
N GLU C 4979 21.47 -5.60 47.00
CA GLU C 4979 20.97 -6.91 46.57
C GLU C 4979 21.43 -7.30 45.18
N GLU C 4980 21.28 -6.40 44.21
CA GLU C 4980 21.53 -6.75 42.81
C GLU C 4980 22.97 -6.48 42.38
N HIS C 4981 23.64 -5.54 43.04
CA HIS C 4981 24.97 -5.09 42.64
C HIS C 4981 25.99 -5.14 43.77
N ASN C 4982 25.73 -5.97 44.79
CA ASN C 4982 26.60 -6.01 45.96
C ASN C 4982 28.01 -6.46 45.57
N LEU C 4983 29.02 -5.77 46.10
CA LEU C 4983 30.39 -6.00 45.66
C LEU C 4983 30.99 -7.28 46.25
N ALA C 4984 30.66 -7.60 47.50
CA ALA C 4984 31.24 -8.78 48.13
C ALA C 4984 30.73 -10.07 47.52
N ASN C 4985 29.57 -10.02 46.87
CA ASN C 4985 29.01 -11.22 46.26
C ASN C 4985 29.88 -11.73 45.12
N TYR C 4986 30.55 -10.84 44.39
CA TYR C 4986 31.44 -11.28 43.32
C TYR C 4986 32.65 -12.03 43.87
N MET C 4987 33.23 -11.54 44.97
CA MET C 4987 34.34 -12.25 45.61
C MET C 4987 33.89 -13.59 46.17
N PHE C 4988 32.70 -13.63 46.78
CA PHE C 4988 32.16 -14.89 47.24
C PHE C 4988 31.96 -15.86 46.08
N PHE C 4989 31.48 -15.36 44.94
CA PHE C 4989 31.31 -16.19 43.75
C PHE C 4989 32.65 -16.73 43.25
N LEU C 4990 33.68 -15.89 43.27
CA LEU C 4990 34.99 -16.35 42.84
C LEU C 4990 35.51 -17.47 43.72
N MET C 4991 35.40 -17.32 45.05
CA MET C 4991 35.84 -18.38 45.93
C MET C 4991 34.98 -19.64 45.78
N TYR C 4992 33.67 -19.46 45.55
CA TYR C 4992 32.79 -20.60 45.32
C TYR C 4992 33.19 -21.36 44.06
N LEU C 4993 33.53 -20.64 42.99
CA LEU C 4993 34.04 -21.28 41.79
C LEU C 4993 35.36 -21.99 42.04
N ILE C 4994 36.23 -21.40 42.86
CA ILE C 4994 37.50 -22.04 43.18
C ILE C 4994 37.27 -23.37 43.90
N ASN C 4995 36.35 -23.41 44.87
CA ASN C 4995 36.16 -24.62 45.66
C ASN C 4995 35.50 -25.73 44.85
N LYS C 4996 34.58 -25.40 43.95
CA LYS C 4996 33.78 -26.42 43.28
C LYS C 4996 34.62 -27.21 42.28
N ASP C 4997 34.18 -28.44 41.99
CA ASP C 4997 34.85 -29.27 41.01
C ASP C 4997 34.49 -28.82 39.60
N GLU C 4998 35.40 -29.09 38.66
CA GLU C 4998 35.19 -28.66 37.28
C GLU C 4998 34.06 -29.44 36.61
N THR C 4999 33.90 -30.72 36.94
CA THR C 4999 32.88 -31.52 36.29
C THR C 4999 31.47 -31.17 36.76
N GLU C 5000 31.34 -30.48 37.89
CA GLU C 5000 30.04 -30.09 38.43
C GLU C 5000 29.65 -28.66 38.07
N HIS C 5001 30.48 -27.95 37.31
CA HIS C 5001 30.14 -26.59 36.92
C HIS C 5001 28.97 -26.58 35.95
N THR C 5002 28.05 -25.63 36.16
CA THR C 5002 26.97 -25.41 35.22
C THR C 5002 27.47 -24.62 34.02
N GLY C 5003 26.57 -24.34 33.07
CA GLY C 5003 26.98 -23.64 31.86
C GLY C 5003 27.48 -22.23 32.15
N GLN C 5004 26.72 -21.48 32.95
CA GLN C 5004 27.13 -20.11 33.27
C GLN C 5004 28.40 -20.09 34.10
N GLU C 5005 28.50 -21.00 35.07
CA GLU C 5005 29.70 -21.06 35.91
C GLU C 5005 30.93 -21.40 35.08
N SER C 5006 30.81 -22.38 34.17
CA SER C 5006 31.93 -22.71 33.31
C SER C 5006 32.27 -21.57 32.36
N TYR C 5007 31.26 -20.86 31.86
CA TYR C 5007 31.49 -19.69 31.02
C TYR C 5007 32.31 -18.63 31.76
N VAL C 5008 31.90 -18.31 32.99
CA VAL C 5008 32.60 -17.30 33.78
C VAL C 5008 34.00 -17.77 34.12
N TRP C 5009 34.15 -19.06 34.48
CA TRP C 5009 35.46 -19.61 34.80
C TRP C 5009 36.40 -19.52 33.60
N LYS C 5010 35.90 -19.89 32.42
CA LYS C 5010 36.71 -19.84 31.20
C LYS C 5010 37.16 -18.42 30.91
N MET C 5011 36.24 -17.45 30.95
CA MET C 5011 36.65 -16.08 30.66
C MET C 5011 37.54 -15.51 31.75
N TYR C 5012 37.41 -15.98 33.00
CA TYR C 5012 38.33 -15.55 34.05
C TYR C 5012 39.73 -16.05 33.80
N GLN C 5013 39.87 -17.32 33.38
CA GLN C 5013 41.20 -17.88 33.16
C GLN C 5013 41.91 -17.21 31.98
N GLU C 5014 41.16 -16.58 31.08
CA GLU C 5014 41.74 -15.82 29.99
C GLU C 5014 41.95 -14.35 30.33
N ARG C 5015 41.61 -13.94 31.56
CA ARG C 5015 41.73 -12.56 32.00
C ARG C 5015 40.98 -11.61 31.06
N CYS C 5016 39.75 -11.97 30.73
CA CYS C 5016 38.84 -11.12 29.97
C CYS C 5016 37.66 -10.75 30.86
N TRP C 5017 37.38 -9.46 30.97
CA TRP C 5017 36.41 -8.95 31.93
C TRP C 5017 35.13 -8.46 31.25
N ASP C 5018 34.67 -9.14 30.19
CA ASP C 5018 33.48 -8.73 29.49
C ASP C 5018 32.19 -9.17 30.17
N PHE C 5019 32.25 -10.00 31.21
CA PHE C 5019 31.03 -10.48 31.86
C PHE C 5019 30.50 -9.48 32.88
N PHE C 5020 31.26 -8.44 33.20
CA PHE C 5020 30.75 -7.41 34.10
C PHE C 5020 29.76 -6.52 33.35
N PRO C 5021 28.60 -6.20 33.93
CA PRO C 5021 27.68 -5.30 33.26
C PRO C 5021 28.29 -3.92 33.06
N ALA C 5022 28.00 -3.32 31.91
CA ALA C 5022 28.55 -2.01 31.55
C ALA C 5022 27.41 -1.13 31.05
N GLY C 5023 26.92 -0.25 31.90
CA GLY C 5023 25.82 0.61 31.54
C GLY C 5023 24.51 -0.11 31.30
N ASP C 5024 24.24 -1.18 32.04
CA ASP C 5024 23.02 -1.94 31.87
C ASP C 5024 22.69 -2.64 33.19
N CYS C 5025 21.43 -3.03 33.33
CA CYS C 5025 20.97 -3.70 34.54
C CYS C 5025 19.73 -4.52 34.23
N PHE C 5026 19.35 -5.37 35.18
CA PHE C 5026 18.19 -6.23 34.99
C PHE C 5026 16.91 -5.42 34.86
N ARG C 5027 16.76 -4.38 35.69
CA ARG C 5027 15.54 -3.57 35.65
C ARG C 5027 15.41 -2.83 34.33
N LYS C 5028 16.51 -2.25 33.83
CA LYS C 5028 16.47 -1.50 32.58
C LYS C 5028 16.12 -2.41 31.40
N GLN C 5029 16.69 -3.62 31.38
CA GLN C 5029 16.43 -4.54 30.27
C GLN C 5029 14.96 -4.94 30.23
N TYR C 5030 14.35 -5.18 31.39
CA TYR C 5030 12.97 -5.62 31.49
C TYR C 5030 12.05 -4.54 32.07
N GLU C 5031 12.26 -3.29 31.67
CA GLU C 5031 11.41 -2.20 32.15
C GLU C 5031 9.97 -2.39 31.71
N ASP C 5032 9.75 -2.88 30.48
CA ASP C 5032 8.41 -3.12 29.97
C ASP C 5032 7.85 -4.46 30.40
N GLN C 5033 8.60 -5.25 31.16
CA GLN C 5033 8.18 -6.57 31.64
C GLN C 5033 7.78 -7.48 30.48
N GLY D 5 43.47 -127.23 -5.54
CA GLY D 5 44.18 -127.22 -4.28
C GLY D 5 45.32 -126.23 -4.28
N VAL D 6 46.45 -126.64 -3.69
CA VAL D 6 47.64 -125.80 -3.61
C VAL D 6 48.83 -126.58 -4.15
N GLU D 7 49.71 -125.87 -4.86
CA GLU D 7 50.95 -126.45 -5.38
C GLU D 7 52.13 -125.93 -4.58
N ILE D 8 53.04 -126.82 -4.23
CA ILE D 8 54.21 -126.49 -3.41
C ILE D 8 55.47 -126.89 -4.18
N GLU D 9 56.41 -125.95 -4.26
CA GLU D 9 57.71 -126.20 -4.87
C GLU D 9 58.80 -125.81 -3.89
N THR D 10 59.82 -126.65 -3.79
CA THR D 10 60.89 -126.47 -2.80
C THR D 10 61.94 -125.50 -3.32
N ILE D 11 62.30 -124.52 -2.49
CA ILE D 11 63.38 -123.60 -2.79
C ILE D 11 64.65 -123.99 -2.03
N SER D 12 64.52 -124.28 -0.74
CA SER D 12 65.64 -124.69 0.09
C SER D 12 65.16 -125.83 1.00
N PRO D 13 65.87 -126.96 1.01
CA PRO D 13 65.44 -128.09 1.82
C PRO D 13 65.60 -127.84 3.31
N GLY D 14 64.80 -128.54 4.10
CA GLY D 14 64.79 -128.41 5.53
C GLY D 14 65.19 -129.68 6.25
N ASP D 15 64.64 -129.85 7.45
CA ASP D 15 64.99 -131.01 8.27
C ASP D 15 64.52 -132.30 7.59
N GLY D 16 63.25 -132.36 7.19
CA GLY D 16 62.70 -133.53 6.56
C GLY D 16 62.10 -134.55 7.50
N ARG D 17 62.23 -134.36 8.81
CA ARG D 17 61.68 -135.28 9.80
C ARG D 17 60.57 -134.64 10.63
N THR D 18 60.81 -133.45 11.18
CA THR D 18 59.84 -132.78 12.02
C THR D 18 58.77 -132.11 11.16
N PHE D 19 57.50 -132.32 11.51
CA PHE D 19 56.38 -131.72 10.83
C PHE D 19 55.43 -131.10 11.84
N PRO D 20 54.68 -130.07 11.46
CA PRO D 20 53.73 -129.47 12.40
C PRO D 20 52.61 -130.44 12.74
N LYS D 21 52.37 -130.61 14.04
CA LYS D 21 51.35 -131.51 14.56
C LYS D 21 50.22 -130.71 15.18
N LYS D 22 49.14 -131.42 15.52
CA LYS D 22 47.96 -130.79 16.07
C LYS D 22 48.27 -130.14 17.42
N GLY D 23 47.74 -128.93 17.62
CA GLY D 23 47.91 -128.21 18.86
C GLY D 23 49.16 -127.36 18.95
N GLN D 24 50.01 -127.36 17.94
CA GLN D 24 51.24 -126.57 17.96
C GLN D 24 51.02 -125.20 17.33
N THR D 25 52.03 -124.35 17.49
CA THR D 25 52.02 -123.01 16.93
C THR D 25 53.21 -122.86 15.98
N CYS D 26 52.95 -122.34 14.79
CA CYS D 26 53.99 -122.16 13.78
C CYS D 26 54.43 -120.71 13.72
N VAL D 27 55.74 -120.50 13.62
CA VAL D 27 56.34 -119.18 13.43
C VAL D 27 57.00 -119.17 12.06
N VAL D 28 56.54 -118.28 11.20
CA VAL D 28 56.95 -118.25 9.80
C VAL D 28 57.29 -116.83 9.38
N HIS D 29 58.07 -116.72 8.31
CA HIS D 29 58.30 -115.48 7.58
C HIS D 29 57.81 -115.67 6.14
N TYR D 30 57.00 -114.73 5.67
CA TYR D 30 56.33 -114.91 4.38
C TYR D 30 56.37 -113.61 3.58
N THR D 31 56.09 -113.76 2.29
CA THR D 31 55.97 -112.64 1.36
C THR D 31 54.94 -113.02 0.30
N GLY D 32 53.94 -112.18 0.12
CA GLY D 32 52.83 -112.50 -0.77
C GLY D 32 52.65 -111.46 -1.85
N MET D 33 52.50 -111.93 -3.09
CA MET D 33 52.34 -111.08 -4.25
C MET D 33 51.28 -111.68 -5.15
N LEU D 34 50.70 -110.83 -6.00
CA LEU D 34 49.68 -111.28 -6.93
C LEU D 34 50.29 -112.08 -8.08
N GLN D 35 49.42 -112.67 -8.89
CA GLN D 35 49.90 -113.47 -10.02
C GLN D 35 50.59 -112.61 -11.06
N ASN D 36 50.16 -111.36 -11.22
CA ASN D 36 50.79 -110.45 -12.18
C ASN D 36 52.21 -110.06 -11.78
N GLY D 37 52.64 -110.36 -10.55
CA GLY D 37 53.98 -110.00 -10.12
C GLY D 37 54.06 -108.79 -9.22
N LYS D 38 52.96 -108.35 -8.65
CA LYS D 38 52.93 -107.16 -7.81
C LYS D 38 52.84 -107.58 -6.35
N LYS D 39 53.80 -107.15 -5.54
CA LYS D 39 53.81 -107.50 -4.13
C LYS D 39 52.69 -106.77 -3.40
N PHE D 40 52.04 -107.49 -2.47
CA PHE D 40 50.99 -106.89 -1.65
C PHE D 40 51.19 -107.08 -0.15
N ASP D 41 52.06 -107.99 0.28
CA ASP D 41 52.31 -108.13 1.71
C ASP D 41 53.68 -108.75 1.94
N SER D 42 54.26 -108.44 3.10
CA SER D 42 55.54 -109.01 3.50
C SER D 42 55.72 -108.80 4.99
N SER D 43 56.01 -109.89 5.71
CA SER D 43 56.23 -109.79 7.15
C SER D 43 57.65 -109.37 7.50
N ARG D 44 58.58 -109.46 6.54
CA ARG D 44 59.94 -109.03 6.81
C ARG D 44 60.07 -107.51 6.84
N ASP D 45 59.15 -106.80 6.20
CA ASP D 45 59.15 -105.35 6.27
C ASP D 45 58.88 -104.85 7.68
N ARG D 46 57.97 -105.51 8.39
CA ARG D 46 57.65 -105.16 9.77
C ARG D 46 58.65 -105.73 10.77
N ASN D 47 59.58 -106.56 10.31
CA ASN D 47 60.65 -107.11 11.15
C ASN D 47 60.10 -107.87 12.35
N LYS D 48 59.04 -108.64 12.13
CA LYS D 48 58.44 -109.46 13.19
C LYS D 48 57.84 -110.71 12.57
N PRO D 49 58.29 -111.89 12.99
CA PRO D 49 57.75 -113.13 12.41
C PRO D 49 56.28 -113.30 12.74
N PHE D 50 55.58 -113.98 11.82
CA PHE D 50 54.16 -114.24 11.97
C PHE D 50 53.94 -115.55 12.71
N LYS D 51 52.95 -115.56 13.61
CA LYS D 51 52.72 -116.69 14.50
C LYS D 51 51.26 -117.10 14.40
N PHE D 52 50.99 -118.38 14.16
CA PHE D 52 49.61 -118.82 14.07
C PHE D 52 49.47 -120.26 14.52
N ARG D 53 48.27 -120.60 14.98
CA ARG D 53 47.95 -121.94 15.48
C ARG D 53 47.17 -122.70 14.42
N ILE D 54 47.56 -123.94 14.19
CA ILE D 54 47.03 -124.74 13.08
C ILE D 54 45.73 -125.40 13.52
N GLY D 55 44.73 -125.35 12.64
CA GLY D 55 43.47 -126.02 12.89
C GLY D 55 42.39 -125.17 13.53
N LYS D 56 42.66 -123.90 13.81
CA LYS D 56 41.72 -123.02 14.48
C LYS D 56 41.14 -121.95 13.56
N GLN D 57 41.02 -122.24 12.26
CA GLN D 57 40.58 -121.28 11.23
C GLN D 57 41.07 -119.86 11.52
N GLU D 58 42.39 -119.70 11.65
CA GLU D 58 42.96 -118.38 11.87
C GLU D 58 43.35 -117.69 10.58
N VAL D 59 43.76 -118.45 9.56
CA VAL D 59 44.21 -117.91 8.29
C VAL D 59 43.41 -118.57 7.17
N ILE D 60 43.69 -118.14 5.94
CA ILE D 60 43.01 -118.73 4.79
C ILE D 60 43.44 -120.18 4.63
N LYS D 61 42.66 -120.94 3.86
CA LYS D 61 42.87 -122.38 3.76
C LYS D 61 44.22 -122.70 3.15
N GLY D 62 44.56 -122.05 2.03
CA GLY D 62 45.75 -122.41 1.29
C GLY D 62 47.04 -122.24 2.08
N PHE D 63 47.14 -121.16 2.85
CA PHE D 63 48.32 -120.96 3.68
C PHE D 63 48.50 -122.11 4.67
N GLU D 64 47.41 -122.53 5.32
CA GLU D 64 47.49 -123.61 6.28
C GLU D 64 47.84 -124.94 5.62
N GLU D 65 47.21 -125.25 4.49
CA GLU D 65 47.50 -126.49 3.80
C GLU D 65 48.94 -126.53 3.31
N GLY D 66 49.45 -125.41 2.82
CA GLY D 66 50.85 -125.36 2.40
C GLY D 66 51.80 -125.53 3.57
N ALA D 67 51.51 -124.86 4.69
CA ALA D 67 52.39 -124.94 5.84
C ALA D 67 52.34 -126.31 6.50
N ALA D 68 51.24 -127.04 6.32
CA ALA D 68 51.13 -128.36 6.94
C ALA D 68 52.10 -129.37 6.34
N GLN D 69 52.51 -129.16 5.09
CA GLN D 69 53.35 -130.13 4.39
C GLN D 69 54.83 -129.80 4.44
N MET D 70 55.22 -128.73 5.14
CA MET D 70 56.63 -128.32 5.16
C MET D 70 57.32 -128.77 6.44
N SER D 71 58.60 -129.08 6.31
CA SER D 71 59.42 -129.50 7.43
C SER D 71 60.06 -128.28 8.11
N LEU D 72 60.76 -128.55 9.20
CA LEU D 72 61.40 -127.47 9.96
C LEU D 72 62.59 -126.93 9.18
N GLY D 73 62.62 -125.61 9.01
CA GLY D 73 63.70 -124.95 8.30
C GLY D 73 63.56 -124.92 6.80
N GLN D 74 62.55 -125.57 6.24
CA GLN D 74 62.35 -125.58 4.79
C GLN D 74 61.89 -124.21 4.29
N ARG D 75 62.27 -123.89 3.06
CA ARG D 75 61.83 -122.67 2.39
C ARG D 75 61.19 -123.08 1.06
N ALA D 76 59.93 -122.69 0.86
CA ALA D 76 59.18 -123.17 -0.28
C ALA D 76 58.28 -122.06 -0.84
N LYS D 77 57.61 -122.37 -1.93
CA LYS D 77 56.68 -121.47 -2.60
C LYS D 77 55.32 -122.15 -2.73
N LEU D 78 54.26 -121.40 -2.47
CA LEU D 78 52.89 -121.91 -2.51
C LEU D 78 52.06 -121.09 -3.50
N THR D 79 51.11 -121.76 -4.14
CA THR D 79 50.18 -121.12 -5.07
C THR D 79 48.76 -121.46 -4.64
N CYS D 80 47.89 -120.44 -4.58
CA CYS D 80 46.53 -120.60 -4.12
C CYS D 80 45.55 -120.07 -5.17
N THR D 81 44.55 -120.89 -5.49
CA THR D 81 43.51 -120.54 -6.44
C THR D 81 42.47 -119.65 -5.78
N PRO D 82 41.68 -118.90 -6.59
CA PRO D 82 40.71 -117.97 -5.98
C PRO D 82 39.70 -118.63 -5.05
N ASP D 83 39.24 -119.84 -5.38
CA ASP D 83 38.23 -120.48 -4.53
C ASP D 83 38.76 -120.84 -3.15
N VAL D 84 40.09 -120.81 -2.97
CA VAL D 84 40.69 -121.08 -1.67
C VAL D 84 40.97 -119.81 -0.88
N ALA D 85 41.31 -118.71 -1.55
CA ALA D 85 41.69 -117.47 -0.89
C ALA D 85 40.79 -116.33 -1.35
N TYR D 86 39.89 -115.92 -0.46
CA TYR D 86 39.08 -114.71 -0.61
C TYR D 86 38.02 -114.80 -1.71
N GLY D 87 38.00 -115.91 -2.44
CA GLY D 87 36.91 -116.18 -3.37
C GLY D 87 36.70 -115.08 -4.40
N ALA D 88 35.44 -114.75 -4.65
CA ALA D 88 35.04 -113.74 -5.61
C ALA D 88 34.80 -112.37 -4.99
N THR D 89 34.95 -112.25 -3.67
CA THR D 89 34.77 -110.96 -3.00
C THR D 89 36.09 -110.20 -2.85
N GLY D 90 37.20 -110.91 -2.65
CA GLY D 90 38.48 -110.26 -2.51
C GLY D 90 38.61 -109.54 -1.18
N HIS D 91 39.69 -108.78 -1.07
CA HIS D 91 39.94 -107.95 0.11
C HIS D 91 39.78 -106.50 -0.28
N PRO D 92 38.74 -105.81 0.22
CA PRO D 92 38.43 -104.45 -0.26
C PRO D 92 39.61 -103.49 -0.16
N GLY D 93 40.08 -103.01 -1.31
CA GLY D 93 41.16 -102.08 -1.37
C GLY D 93 42.54 -102.69 -1.46
N VAL D 94 42.65 -104.02 -1.38
CA VAL D 94 43.95 -104.68 -1.39
C VAL D 94 44.03 -105.69 -2.53
N ILE D 95 43.09 -106.62 -2.58
CA ILE D 95 43.11 -107.73 -3.52
C ILE D 95 41.86 -107.64 -4.39
N PRO D 96 42.00 -107.62 -5.71
CA PRO D 96 40.81 -107.60 -6.59
C PRO D 96 40.11 -108.94 -6.59
N PRO D 97 38.85 -108.99 -7.01
CA PRO D 97 38.12 -110.26 -7.01
C PRO D 97 38.73 -111.26 -7.98
N ASN D 98 38.59 -112.54 -7.65
CA ASN D 98 39.05 -113.65 -8.49
C ASN D 98 40.56 -113.58 -8.74
N ALA D 99 41.34 -113.52 -7.67
CA ALA D 99 42.78 -113.41 -7.80
C ALA D 99 43.48 -114.68 -7.32
N THR D 100 44.55 -115.04 -8.03
CA THR D 100 45.39 -116.18 -7.67
C THR D 100 46.62 -115.66 -6.93
N LEU D 101 46.93 -116.28 -5.80
CA LEU D 101 47.95 -115.76 -4.88
C LEU D 101 49.19 -116.64 -4.90
N ILE D 102 50.35 -116.02 -4.74
CA ILE D 102 51.64 -116.71 -4.68
C ILE D 102 52.35 -116.26 -3.41
N PHE D 103 52.82 -117.24 -2.64
CA PHE D 103 53.46 -116.99 -1.35
C PHE D 103 54.84 -117.61 -1.34
N ASP D 104 55.78 -116.97 -0.64
CA ASP D 104 57.12 -117.52 -0.40
C ASP D 104 57.27 -117.67 1.11
N VAL D 105 57.30 -118.91 1.58
CA VAL D 105 57.18 -119.20 3.01
C VAL D 105 58.44 -119.90 3.52
N GLU D 106 58.90 -119.46 4.68
CA GLU D 106 59.97 -120.11 5.43
C GLU D 106 59.46 -120.45 6.82
N LEU D 107 59.66 -121.70 7.23
CA LEU D 107 59.19 -122.19 8.53
C LEU D 107 60.36 -122.09 9.51
N LEU D 108 60.18 -121.30 10.56
CA LEU D 108 61.26 -121.02 11.49
C LEU D 108 61.21 -121.90 12.74
N ASN D 109 60.07 -121.93 13.42
CA ASN D 109 60.00 -122.63 14.70
C ASN D 109 58.59 -123.16 14.92
N LEU D 110 58.49 -124.20 15.74
CA LEU D 110 57.23 -124.85 16.06
C LEU D 110 56.96 -124.70 17.55
N GLU D 111 55.75 -124.25 17.89
CA GLU D 111 55.33 -124.03 19.27
C GLU D 111 56.29 -123.10 20.02
N VAL E 11 -2.67 21.30 -28.45
CA VAL E 11 -2.40 22.36 -29.41
C VAL E 11 -3.71 23.00 -29.86
N GLN E 12 -3.80 24.32 -29.71
CA GLN E 12 -5.01 25.05 -30.08
C GLN E 12 -4.77 26.25 -30.98
N PHE E 13 -3.60 26.88 -30.93
CA PHE E 13 -3.33 28.11 -31.68
C PHE E 13 -2.26 27.84 -32.73
N LEU E 14 -2.47 28.39 -33.93
CA LEU E 14 -1.53 28.18 -35.03
C LEU E 14 -0.24 28.96 -34.79
N ARG E 15 0.83 28.49 -35.43
CA ARG E 15 2.15 29.09 -35.29
C ARG E 15 2.91 28.95 -36.59
N THR E 16 3.96 29.75 -36.73
CA THR E 16 4.77 29.71 -37.94
C THR E 16 5.54 28.39 -38.02
N ASP E 17 6.08 28.11 -39.20
CA ASP E 17 6.83 26.90 -39.49
C ASP E 17 6.03 25.63 -39.24
N ASP E 18 4.73 25.65 -39.55
CA ASP E 18 3.88 24.49 -39.40
C ASP E 18 3.25 24.12 -40.74
N GLU E 19 3.15 22.82 -40.99
CA GLU E 19 2.59 22.32 -42.23
C GLU E 19 1.07 22.32 -42.15
N VAL E 20 0.43 23.02 -43.09
CA VAL E 20 -1.00 23.30 -43.05
C VAL E 20 -1.59 23.04 -44.43
N VAL E 21 -2.90 22.78 -44.46
CA VAL E 21 -3.63 22.48 -45.68
C VAL E 21 -4.77 23.47 -45.82
N LEU E 22 -4.93 24.03 -47.03
CA LEU E 22 -6.00 24.98 -47.33
C LEU E 22 -7.19 24.24 -47.94
N GLN E 23 -8.36 24.43 -47.34
CA GLN E 23 -9.54 23.64 -47.65
C GLN E 23 -10.74 24.55 -47.86
N CYS E 24 -11.73 24.03 -48.57
CA CYS E 24 -12.97 24.75 -48.84
C CYS E 24 -14.09 23.74 -49.00
N ASN E 25 -15.34 24.23 -48.97
CA ASN E 25 -16.52 23.40 -49.05
C ASN E 25 -17.42 23.93 -50.16
N ALA E 26 -18.09 23.00 -50.86
CA ALA E 26 -19.00 23.35 -51.94
C ALA E 26 -20.14 22.34 -52.00
N THR E 27 -21.15 22.66 -52.79
CA THR E 27 -22.31 21.79 -52.96
C THR E 27 -22.57 21.54 -54.44
N VAL E 28 -22.75 20.28 -54.80
CA VAL E 28 -23.12 19.88 -56.16
C VAL E 28 -24.14 18.75 -56.05
N LEU E 29 -25.29 18.92 -56.71
CA LEU E 29 -26.36 17.93 -56.71
C LEU E 29 -26.77 17.57 -55.29
N LYS E 30 -26.92 18.59 -54.45
CA LYS E 30 -27.33 18.44 -53.06
C LYS E 30 -26.32 17.63 -52.25
N GLU E 31 -25.14 17.42 -52.80
CA GLU E 31 -24.08 16.70 -52.10
C GLU E 31 -22.95 17.66 -51.74
N GLN E 32 -22.47 17.55 -50.51
CA GLN E 32 -21.44 18.46 -49.99
C GLN E 32 -20.06 17.85 -50.22
N LEU E 33 -19.18 18.61 -50.85
CA LEU E 33 -17.83 18.19 -51.17
C LEU E 33 -16.82 19.10 -50.49
N LYS E 34 -15.72 18.51 -50.04
CA LYS E 34 -14.62 19.25 -49.43
C LYS E 34 -13.42 19.16 -50.36
N LEU E 35 -12.88 20.32 -50.74
CA LEU E 35 -11.81 20.41 -51.73
C LEU E 35 -10.57 21.02 -51.07
N CYS E 36 -9.40 20.58 -51.52
CA CYS E 36 -8.13 21.09 -51.03
C CYS E 36 -7.38 21.79 -52.15
N LEU E 37 -6.76 22.93 -51.82
CA LEU E 37 -5.96 23.63 -52.82
C LEU E 37 -4.68 22.87 -53.08
N ALA E 38 -4.25 22.82 -54.34
CA ALA E 38 -3.06 22.06 -54.71
C ALA E 38 -2.38 22.69 -55.92
N ALA E 39 -1.11 22.35 -56.09
CA ALA E 39 -0.33 22.81 -57.24
C ALA E 39 0.83 21.85 -57.47
N GLU E 40 1.40 21.90 -58.67
CA GLU E 40 2.49 21.00 -59.02
C GLU E 40 3.85 21.69 -58.98
N GLY E 41 3.95 22.90 -59.53
CA GLY E 41 5.21 23.62 -59.52
C GLY E 41 6.09 23.35 -60.71
N PHE E 42 6.68 22.15 -60.76
CA PHE E 42 7.57 21.80 -61.85
C PHE E 42 6.77 21.41 -63.08
N GLY E 43 6.88 22.20 -64.14
CA GLY E 43 6.16 21.95 -65.37
C GLY E 43 4.77 22.54 -65.42
N ASN E 44 4.27 23.09 -64.31
CA ASN E 44 2.93 23.68 -64.29
C ASN E 44 2.84 24.57 -63.06
N ARG E 45 2.46 25.84 -63.26
CA ARG E 45 2.40 26.79 -62.17
C ARG E 45 0.99 27.03 -61.65
N LEU E 46 -0.04 26.76 -62.45
CA LEU E 46 -1.40 27.05 -62.06
C LEU E 46 -1.88 26.10 -60.97
N CYS E 47 -2.65 26.63 -60.03
CA CYS E 47 -3.20 25.83 -58.94
C CYS E 47 -4.57 25.28 -59.32
N PHE E 48 -4.98 24.22 -58.62
CA PHE E 48 -6.27 23.61 -58.86
C PHE E 48 -6.79 23.01 -57.56
N LEU E 49 -7.90 22.27 -57.67
CA LEU E 49 -8.61 21.73 -56.53
C LEU E 49 -8.61 20.22 -56.55
N GLU E 50 -8.31 19.60 -55.41
CA GLU E 50 -8.30 18.16 -55.27
C GLU E 50 -9.45 17.74 -54.36
N PRO E 51 -10.36 16.88 -54.83
CA PRO E 51 -11.43 16.40 -53.94
C PRO E 51 -10.87 15.50 -52.85
N THR E 52 -11.54 15.53 -51.68
CA THR E 52 -11.13 14.74 -50.53
C THR E 52 -12.30 14.08 -49.82
N SER E 53 -13.53 14.22 -50.33
CA SER E 53 -14.69 13.66 -49.63
C SER E 53 -14.71 12.14 -49.71
N ASN E 54 -14.20 11.56 -50.79
CA ASN E 54 -14.28 10.12 -51.04
C ASN E 54 -13.00 9.40 -50.64
N ALA E 55 -12.35 9.84 -49.56
CA ALA E 55 -11.09 9.23 -49.12
C ALA E 55 -11.26 7.77 -48.73
N GLN E 56 -12.47 7.33 -48.39
CA GLN E 56 -12.66 5.94 -47.99
C GLN E 56 -12.54 4.97 -49.16
N ASN E 57 -12.65 5.46 -50.39
CA ASN E 57 -12.56 4.62 -51.57
C ASN E 57 -11.39 4.99 -52.49
N VAL E 58 -11.21 6.26 -52.78
CA VAL E 58 -10.11 6.72 -53.63
C VAL E 58 -9.26 7.70 -52.82
N PRO E 59 -8.09 7.30 -52.34
CA PRO E 59 -7.25 8.21 -51.55
C PRO E 59 -6.80 9.40 -52.39
N PRO E 60 -6.74 10.59 -51.80
CA PRO E 60 -6.26 11.76 -52.54
C PRO E 60 -4.75 11.87 -52.48
N ASP E 61 -4.23 12.91 -53.13
CA ASP E 61 -2.79 13.15 -53.25
C ASP E 61 -2.42 14.31 -52.32
N LEU E 62 -1.99 13.96 -51.11
CA LEU E 62 -1.67 14.97 -50.11
C LEU E 62 -0.27 15.52 -50.26
N ALA E 63 0.57 14.89 -51.10
CA ALA E 63 1.97 15.32 -51.20
C ALA E 63 2.09 16.73 -51.75
N ILE E 64 1.24 17.09 -52.73
CA ILE E 64 1.34 18.38 -53.38
C ILE E 64 0.39 19.41 -52.80
N CYS E 65 -0.18 19.16 -51.62
CA CYS E 65 -1.11 20.08 -50.99
C CYS E 65 -0.55 20.79 -49.77
N CYS E 66 0.57 20.31 -49.23
CA CYS E 66 1.11 20.87 -48.00
C CYS E 66 1.80 22.20 -48.26
N PHE E 67 1.54 23.18 -47.39
CA PHE E 67 2.19 24.48 -47.43
C PHE E 67 2.82 24.77 -46.07
N VAL E 68 3.85 25.61 -46.08
CA VAL E 68 4.60 25.96 -44.89
C VAL E 68 4.48 27.46 -44.67
N LEU E 69 4.10 27.85 -43.45
CA LEU E 69 3.99 29.25 -43.08
C LEU E 69 5.40 29.79 -42.85
N GLU E 70 5.89 30.59 -43.80
CA GLU E 70 7.26 31.09 -43.71
C GLU E 70 7.37 32.26 -42.75
N GLN E 71 6.62 33.34 -42.99
CA GLN E 71 6.74 34.54 -42.18
C GLN E 71 5.37 35.19 -42.01
N SER E 72 5.22 35.88 -40.88
CA SER E 72 4.04 36.68 -40.59
C SER E 72 4.50 38.02 -40.01
N LEU E 73 3.98 39.11 -40.56
CA LEU E 73 4.40 40.45 -40.17
C LEU E 73 3.22 41.40 -40.21
N SER E 74 3.41 42.57 -39.59
CA SER E 74 2.41 43.62 -39.64
C SER E 74 2.49 44.36 -40.97
N VAL E 75 1.41 45.08 -41.29
CA VAL E 75 1.34 45.78 -42.56
C VAL E 75 2.40 46.87 -42.63
N ARG E 76 2.57 47.64 -41.55
CA ARG E 76 3.57 48.70 -41.54
C ARG E 76 4.98 48.15 -41.69
N ALA E 77 5.28 47.05 -40.98
CA ALA E 77 6.60 46.44 -41.07
C ALA E 77 6.87 45.93 -42.48
N LEU E 78 5.86 45.29 -43.09
CA LEU E 78 6.02 44.80 -44.46
C LEU E 78 6.26 45.96 -45.43
N GLN E 79 5.51 47.05 -45.27
CA GLN E 79 5.68 48.20 -46.14
C GLN E 79 7.07 48.80 -45.98
N GLU E 80 7.55 48.92 -44.74
CA GLU E 80 8.90 49.47 -44.52
C GLU E 80 9.96 48.54 -45.08
N MET E 81 9.79 47.22 -44.95
CA MET E 81 10.77 46.30 -45.49
C MET E 81 10.83 46.38 -47.01
N LEU E 82 9.68 46.46 -47.68
CA LEU E 82 9.69 46.64 -49.12
C LEU E 82 10.22 48.01 -49.51
N ALA E 83 10.06 49.02 -48.65
CA ALA E 83 10.62 50.33 -48.92
C ALA E 83 12.14 50.38 -48.75
N ASN E 84 12.74 49.35 -48.15
CA ASN E 84 14.18 49.30 -47.96
C ASN E 84 14.91 49.19 -49.29
N HIS E 98 8.69 31.45 -34.67
CA HIS E 98 7.74 30.76 -33.81
C HIS E 98 6.73 31.73 -33.22
N ARG E 99 6.55 32.87 -33.87
CA ARG E 99 5.55 33.83 -33.44
C ARG E 99 4.15 33.33 -33.78
N THR E 100 3.22 33.50 -32.85
CA THR E 100 1.82 33.24 -33.16
C THR E 100 1.28 34.36 -34.04
N LEU E 101 0.32 34.01 -34.88
CA LEU E 101 -0.19 34.92 -35.90
C LEU E 101 -1.48 35.58 -35.43
N LEU E 102 -1.66 36.84 -35.83
CA LEU E 102 -2.83 37.63 -35.48
C LEU E 102 -3.68 37.90 -36.71
N TYR E 103 -4.95 38.18 -36.48
CA TYR E 103 -5.81 38.63 -37.57
C TYR E 103 -5.33 39.97 -38.08
N GLY E 104 -5.50 40.19 -39.39
CA GLY E 104 -5.07 41.43 -40.01
C GLY E 104 -3.58 41.50 -40.31
N HIS E 105 -2.83 40.43 -40.07
CA HIS E 105 -1.42 40.41 -40.42
C HIS E 105 -1.22 39.85 -41.81
N ALA E 106 -0.02 40.04 -42.35
CA ALA E 106 0.35 39.56 -43.67
C ALA E 106 1.28 38.36 -43.53
N ILE E 107 0.97 37.29 -44.24
CA ILE E 107 1.68 36.04 -44.15
C ILE E 107 2.21 35.64 -45.51
N LEU E 108 3.25 34.81 -45.50
CA LEU E 108 3.88 34.27 -46.69
C LEU E 108 3.89 32.75 -46.61
N LEU E 109 3.48 32.09 -47.69
CA LEU E 109 3.37 30.63 -47.74
C LEU E 109 4.36 30.08 -48.74
N ARG E 110 5.02 28.98 -48.38
CA ARG E 110 5.97 28.30 -49.25
C ARG E 110 5.48 26.88 -49.55
N HIS E 111 5.54 26.50 -50.83
CA HIS E 111 5.16 25.16 -51.22
C HIS E 111 6.16 24.16 -50.66
N ALA E 112 5.65 23.08 -50.04
CA ALA E 112 6.53 22.13 -49.38
C ALA E 112 7.43 21.40 -50.37
N HIS E 113 6.88 20.98 -51.51
CA HIS E 113 7.63 20.16 -52.45
C HIS E 113 8.53 21.00 -53.35
N SER E 114 7.94 21.88 -54.15
CA SER E 114 8.71 22.62 -55.14
C SER E 114 9.54 23.75 -54.54
N GLY E 115 9.19 24.22 -53.34
CA GLY E 115 9.92 25.32 -52.75
C GLY E 115 9.52 26.69 -53.27
N MET E 116 8.49 26.78 -54.11
CA MET E 116 8.02 28.05 -54.61
C MET E 116 6.97 28.65 -53.66
N TYR E 117 6.53 29.86 -53.97
CA TYR E 117 5.62 30.60 -53.12
C TYR E 117 4.31 30.88 -53.85
N LEU E 118 3.20 30.72 -53.16
CA LEU E 118 1.90 31.03 -53.72
C LEU E 118 1.78 32.52 -53.99
N SER E 119 1.22 32.89 -55.13
CA SER E 119 1.14 34.29 -55.51
C SER E 119 -0.01 34.49 -56.50
N CYS E 120 -0.34 35.75 -56.72
CA CYS E 120 -1.37 36.15 -57.68
C CYS E 120 -0.71 36.55 -58.99
N LEU E 121 -1.21 36.00 -60.09
CA LEU E 121 -0.63 36.23 -61.41
C LEU E 121 -1.37 37.34 -62.14
N THR E 122 -0.72 37.86 -63.19
CA THR E 122 -1.30 38.92 -63.99
C THR E 122 -2.17 38.41 -65.12
N THR E 123 -1.96 37.19 -65.58
CA THR E 123 -2.78 36.63 -66.64
C THR E 123 -4.14 36.21 -66.09
N SER E 124 -5.12 36.14 -66.98
CA SER E 124 -6.48 35.79 -66.58
C SER E 124 -7.07 34.88 -67.66
N ARG E 125 -7.41 33.66 -67.27
CA ARG E 125 -8.05 32.72 -68.18
C ARG E 125 -9.57 32.88 -68.23
N SER E 126 -10.13 33.70 -67.33
CA SER E 126 -11.58 33.82 -67.24
C SER E 126 -12.15 34.54 -68.45
N MET E 127 -13.40 34.20 -68.78
CA MET E 127 -14.13 34.85 -69.85
C MET E 127 -15.42 35.50 -69.40
N THR E 128 -15.91 35.18 -68.20
CA THR E 128 -17.14 35.78 -67.70
C THR E 128 -16.88 36.93 -66.72
N ASP E 129 -15.70 36.96 -66.10
CA ASP E 129 -15.32 38.02 -65.18
C ASP E 129 -14.15 38.79 -65.80
N LYS E 130 -14.31 40.10 -65.93
CA LYS E 130 -13.27 40.91 -66.56
C LYS E 130 -12.21 41.36 -65.55
N LEU E 131 -12.57 41.45 -64.28
CA LEU E 131 -11.66 41.94 -63.24
C LEU E 131 -10.93 40.83 -62.51
N ALA E 132 -11.09 39.58 -62.92
CA ALA E 132 -10.49 38.46 -62.20
C ALA E 132 -9.05 38.24 -62.63
N PHE E 133 -8.29 37.59 -61.75
CA PHE E 133 -6.89 37.25 -62.01
C PHE E 133 -6.66 35.79 -61.65
N ASP E 134 -5.61 35.21 -62.24
CA ASP E 134 -5.24 33.84 -61.94
C ASP E 134 -4.25 33.80 -60.78
N VAL E 135 -4.22 32.66 -60.10
CA VAL E 135 -3.36 32.45 -58.94
C VAL E 135 -2.45 31.26 -59.21
N GLY E 136 -1.16 31.43 -58.96
CA GLY E 136 -0.22 30.39 -59.27
C GLY E 136 0.95 30.40 -58.31
N LEU E 137 2.08 29.87 -58.79
CA LEU E 137 3.30 29.78 -58.01
C LEU E 137 4.36 30.71 -58.58
N GLN E 138 5.29 31.12 -57.72
CA GLN E 138 6.34 32.06 -58.06
C GLN E 138 7.66 31.55 -57.51
N GLU E 139 8.72 31.64 -58.32
CA GLU E 139 10.00 31.06 -57.98
C GLU E 139 10.79 31.88 -56.96
N ASP E 140 10.46 33.16 -56.79
CA ASP E 140 11.20 34.04 -55.91
C ASP E 140 10.25 34.74 -54.95
N ALA E 141 10.69 34.91 -53.71
CA ALA E 141 9.91 35.61 -52.70
C ALA E 141 9.93 37.12 -52.88
N THR E 142 10.72 37.65 -53.81
CA THR E 142 10.78 39.07 -54.04
C THR E 142 9.44 39.59 -54.58
N GLY E 143 9.17 40.86 -54.30
CA GLY E 143 7.93 41.46 -54.71
C GLY E 143 6.84 41.31 -53.67
N GLU E 144 5.78 42.11 -53.84
CA GLU E 144 4.67 42.10 -52.89
C GLU E 144 3.58 41.12 -53.26
N ALA E 145 3.68 40.46 -54.42
CA ALA E 145 2.60 39.58 -54.87
C ALA E 145 2.50 38.31 -54.06
N CYS E 146 3.48 38.01 -53.20
CA CYS E 146 3.50 36.74 -52.48
C CYS E 146 2.89 36.82 -51.09
N TRP E 147 2.47 38.01 -50.65
CA TRP E 147 1.99 38.19 -49.28
C TRP E 147 0.46 38.25 -49.27
N TRP E 148 -0.15 37.65 -48.25
CA TRP E 148 -1.60 37.61 -48.13
C TRP E 148 -2.04 38.02 -46.74
N THR E 149 -3.08 38.84 -46.66
CA THR E 149 -3.63 39.29 -45.39
C THR E 149 -4.88 38.48 -45.05
N THR E 150 -5.10 38.26 -43.76
CA THR E 150 -6.19 37.43 -43.28
C THR E 150 -7.19 38.29 -42.50
N HIS E 151 -8.48 37.98 -42.64
CA HIS E 151 -9.55 38.68 -41.96
C HIS E 151 -10.54 37.68 -41.39
N PRO E 152 -11.18 38.01 -40.27
CA PRO E 152 -12.15 37.08 -39.67
C PRO E 152 -13.46 37.04 -40.45
N ALA E 153 -14.20 35.95 -40.24
CA ALA E 153 -15.44 35.73 -40.98
C ALA E 153 -16.56 36.62 -40.48
N SER E 154 -16.73 36.75 -39.16
CA SER E 154 -17.87 37.48 -38.61
C SER E 154 -17.40 38.34 -37.45
N LYS E 155 -18.38 38.94 -36.76
CA LYS E 155 -18.11 39.88 -35.69
C LYS E 155 -17.65 39.23 -34.39
N GLN E 156 -17.72 37.89 -34.30
CA GLN E 156 -17.32 37.22 -33.07
C GLN E 156 -15.82 37.29 -32.81
N ARG E 157 -15.03 37.70 -33.80
CA ARG E 157 -13.59 37.81 -33.66
C ARG E 157 -13.16 39.26 -33.87
N SER E 158 -12.09 39.65 -33.18
CA SER E 158 -11.61 41.02 -33.23
C SER E 158 -10.54 41.19 -34.30
N GLU E 159 -10.25 42.46 -34.62
CA GLU E 159 -9.27 42.76 -35.65
C GLU E 159 -7.88 42.30 -35.25
N GLY E 160 -7.49 42.53 -34.00
CA GLY E 160 -6.20 42.12 -33.49
C GLY E 160 -6.19 40.80 -32.74
N GLU E 161 -7.27 40.02 -32.83
CA GLU E 161 -7.37 38.77 -32.08
C GLU E 161 -6.42 37.71 -32.65
N LYS E 162 -6.06 36.75 -31.80
CA LYS E 162 -5.28 35.61 -32.24
C LYS E 162 -6.15 34.67 -33.08
N VAL E 163 -5.49 33.88 -33.92
CA VAL E 163 -6.18 32.94 -34.79
C VAL E 163 -6.12 31.55 -34.18
N ARG E 164 -7.25 30.88 -34.14
CA ARG E 164 -7.37 29.54 -33.58
C ARG E 164 -7.75 28.54 -34.66
N VAL E 165 -7.52 27.26 -34.38
CA VAL E 165 -7.85 26.22 -35.33
C VAL E 165 -9.36 26.09 -35.46
N GLY E 166 -9.81 25.64 -36.64
CA GLY E 166 -11.22 25.46 -36.89
C GLY E 166 -11.97 26.70 -37.31
N ASP E 167 -11.31 27.84 -37.41
CA ASP E 167 -11.99 29.08 -37.79
C ASP E 167 -12.14 29.16 -39.30
N ASP E 168 -12.83 30.20 -39.75
CA ASP E 168 -13.00 30.51 -41.17
C ASP E 168 -12.43 31.90 -41.43
N LEU E 169 -11.68 32.03 -42.52
CA LEU E 169 -10.92 33.24 -42.79
C LEU E 169 -11.20 33.75 -44.20
N ILE E 170 -10.86 35.02 -44.42
CA ILE E 170 -10.91 35.64 -45.73
C ILE E 170 -9.50 36.12 -46.06
N LEU E 171 -9.02 35.78 -47.25
CA LEU E 171 -7.66 36.09 -47.67
C LEU E 171 -7.70 37.18 -48.73
N VAL E 172 -6.83 38.18 -48.58
CA VAL E 172 -6.78 39.34 -49.47
C VAL E 172 -5.35 39.51 -49.96
N SER E 173 -5.18 39.67 -51.26
CA SER E 173 -3.86 39.97 -51.81
C SER E 173 -3.48 41.41 -51.49
N VAL E 174 -2.20 41.62 -51.17
CA VAL E 174 -1.74 42.97 -50.85
C VAL E 174 -1.33 43.73 -52.10
N SER E 175 -1.25 43.05 -53.24
CA SER E 175 -0.86 43.70 -54.49
C SER E 175 -2.07 44.00 -55.38
N SER E 176 -3.01 43.06 -55.47
CA SER E 176 -4.17 43.21 -56.34
C SER E 176 -5.44 43.56 -55.60
N GLU E 177 -5.45 43.47 -54.26
CA GLU E 177 -6.59 43.83 -53.44
C GLU E 177 -7.84 43.02 -53.78
N ARG E 178 -7.70 41.71 -53.94
CA ARG E 178 -8.79 40.83 -54.31
C ARG E 178 -8.85 39.63 -53.37
N TYR E 179 -10.04 39.05 -53.27
CA TYR E 179 -10.26 37.84 -52.48
C TYR E 179 -10.00 36.60 -53.30
N LEU E 180 -9.74 35.49 -52.61
CA LEU E 180 -9.67 34.18 -53.25
C LEU E 180 -11.08 33.68 -53.52
N HIS E 181 -11.40 33.48 -54.80
CA HIS E 181 -12.75 33.15 -55.21
C HIS E 181 -12.79 31.77 -55.86
N LEU E 182 -13.84 31.02 -55.52
CA LEU E 182 -14.12 29.71 -56.12
C LEU E 182 -15.13 29.93 -57.24
N SER E 183 -14.74 29.55 -58.45
CA SER E 183 -15.54 29.80 -59.64
C SER E 183 -16.13 28.51 -60.18
N THR E 184 -17.41 28.57 -60.52
CA THR E 184 -18.14 27.44 -61.11
C THR E 184 -18.93 27.85 -62.34
N ALA E 185 -18.54 28.94 -63.01
CA ALA E 185 -19.32 29.44 -64.15
C ALA E 185 -19.33 28.46 -65.31
N SER E 186 -18.18 27.85 -65.59
CA SER E 186 -18.03 26.96 -66.74
C SER E 186 -18.44 25.53 -66.42
N GLY E 187 -18.93 25.26 -65.21
CA GLY E 187 -19.26 23.91 -64.79
C GLY E 187 -18.15 23.19 -64.08
N GLU E 188 -16.91 23.67 -64.18
CA GLU E 188 -15.81 23.08 -63.44
C GLU E 188 -15.44 23.98 -62.26
N LEU E 189 -15.00 23.35 -61.18
CA LEU E 189 -14.67 24.07 -59.95
C LEU E 189 -13.22 24.54 -60.03
N GLN E 190 -13.03 25.85 -60.01
CA GLN E 190 -11.72 26.44 -60.22
C GLN E 190 -11.47 27.50 -59.15
N VAL E 191 -10.23 27.97 -59.08
CA VAL E 191 -9.80 28.97 -58.12
C VAL E 191 -9.25 30.17 -58.88
N ASP E 192 -9.55 31.37 -58.39
CA ASP E 192 -9.01 32.59 -58.98
C ASP E 192 -9.01 33.69 -57.94
N ALA E 193 -8.69 34.90 -58.37
CA ALA E 193 -8.74 36.08 -57.53
C ALA E 193 -9.80 37.02 -58.09
N SER E 194 -10.77 37.40 -57.26
CA SER E 194 -11.88 38.23 -57.71
C SER E 194 -12.43 39.01 -56.53
N PHE E 195 -13.47 39.80 -56.79
CA PHE E 195 -14.07 40.66 -55.78
C PHE E 195 -15.25 40.00 -55.08
N MET E 196 -15.44 38.70 -55.26
CA MET E 196 -16.42 37.93 -54.49
C MET E 196 -15.68 37.09 -53.46
N GLN E 197 -16.12 37.17 -52.21
CA GLN E 197 -15.43 36.52 -51.12
C GLN E 197 -15.89 35.07 -50.97
N THR E 198 -15.03 34.26 -50.35
CA THR E 198 -15.32 32.87 -50.08
C THR E 198 -14.60 32.47 -48.79
N LEU E 199 -15.19 31.53 -48.06
CA LEU E 199 -14.69 31.13 -46.75
C LEU E 199 -13.69 29.99 -46.91
N TRP E 200 -12.55 30.12 -46.26
CA TRP E 200 -11.49 29.10 -46.29
C TRP E 200 -11.20 28.60 -44.89
N ASN E 201 -11.00 27.29 -44.77
CA ASN E 201 -10.65 26.67 -43.50
C ASN E 201 -9.17 26.32 -43.51
N MET E 202 -8.45 26.82 -42.51
CA MET E 202 -7.01 26.59 -42.38
C MET E 202 -6.81 25.43 -41.42
N ASN E 203 -6.57 24.24 -41.96
CA ASN E 203 -6.43 23.02 -41.17
C ASN E 203 -4.97 22.63 -41.08
N PRO E 204 -4.34 22.69 -39.91
CA PRO E 204 -2.95 22.25 -39.79
C PRO E 204 -2.85 20.74 -39.85
N ILE E 205 -1.75 20.26 -40.40
CA ILE E 205 -1.50 18.83 -40.51
C ILE E 205 -0.23 18.40 -39.77
N CYS E 206 0.71 19.31 -39.54
CA CYS E 206 1.93 18.92 -38.84
C CYS E 206 2.55 20.14 -38.16
N SER E 207 3.19 19.89 -37.02
CA SER E 207 3.92 20.89 -36.24
C SER E 207 5.31 20.33 -35.91
N GLY E 208 6.01 21.02 -35.02
CA GLY E 208 7.32 20.56 -34.59
C GLY E 208 7.28 19.24 -33.86
N CYS E 209 7.92 18.22 -34.44
CA CYS E 209 7.93 16.89 -33.85
C CYS E 209 9.27 16.59 -33.20
N GLU E 210 9.29 15.56 -32.36
CA GLU E 210 10.51 15.19 -31.67
C GLU E 210 11.53 14.62 -32.63
N GLU E 211 12.81 14.96 -32.40
CA GLU E 211 13.88 14.49 -33.26
C GLU E 211 14.07 12.98 -33.10
N GLY E 212 14.38 12.32 -34.21
CA GLY E 212 14.65 10.89 -34.21
C GLY E 212 13.44 10.01 -34.08
N TYR E 213 12.23 10.56 -34.20
CA TYR E 213 11.00 9.79 -34.03
C TYR E 213 10.19 9.84 -35.33
N VAL E 214 9.62 8.70 -35.69
CA VAL E 214 8.93 8.56 -36.96
C VAL E 214 7.57 9.25 -36.89
N THR E 215 7.17 9.86 -38.01
CA THR E 215 5.88 10.52 -38.14
C THR E 215 5.27 10.18 -39.49
N GLY E 216 3.94 10.29 -39.57
CA GLY E 216 3.27 10.00 -40.82
C GLY E 216 3.55 11.02 -41.89
N GLY E 217 3.31 10.62 -43.14
CA GLY E 217 3.58 11.49 -44.27
C GLY E 217 5.03 11.61 -44.66
N HIS E 218 5.88 10.68 -44.25
CA HIS E 218 7.30 10.76 -44.52
C HIS E 218 7.71 9.73 -45.57
N VAL E 219 8.93 9.89 -46.07
CA VAL E 219 9.52 8.96 -47.03
C VAL E 219 10.70 8.29 -46.35
N LEU E 220 10.77 6.96 -46.47
CA LEU E 220 11.73 6.19 -45.71
C LEU E 220 11.96 4.84 -46.38
N ARG E 221 13.00 4.15 -45.92
CA ARG E 221 13.36 2.83 -46.42
C ARG E 221 13.15 1.78 -45.35
N LEU E 222 12.74 0.59 -45.78
CA LEU E 222 12.52 -0.55 -44.90
C LEU E 222 13.65 -1.55 -45.13
N PHE E 223 14.34 -1.91 -44.05
CA PHE E 223 15.48 -2.81 -44.11
C PHE E 223 15.16 -4.11 -43.36
N HIS E 224 15.60 -5.22 -43.93
CA HIS E 224 15.41 -6.54 -43.34
C HIS E 224 16.72 -7.04 -42.77
N GLY E 225 16.68 -7.51 -41.53
CA GLY E 225 17.88 -8.02 -40.89
C GLY E 225 18.87 -6.90 -40.60
N HIS E 226 20.15 -7.20 -40.79
CA HIS E 226 21.21 -6.25 -40.51
C HIS E 226 21.46 -5.32 -41.69
N MET E 227 20.42 -4.66 -42.18
CA MET E 227 20.47 -3.66 -43.24
C MET E 227 21.04 -4.21 -44.55
N ASP E 228 21.10 -5.53 -44.70
CA ASP E 228 21.63 -6.13 -45.92
C ASP E 228 20.56 -6.36 -46.98
N GLU E 229 19.30 -6.08 -46.68
CA GLU E 229 18.23 -6.29 -47.62
C GLU E 229 17.18 -5.19 -47.45
N CYS E 230 16.41 -4.96 -48.51
CA CYS E 230 15.39 -3.92 -48.52
C CYS E 230 14.24 -4.37 -49.40
N LEU E 231 13.10 -3.67 -49.24
CA LEU E 231 11.86 -4.05 -49.88
C LEU E 231 11.69 -3.22 -51.15
N THR E 232 11.73 -3.87 -52.31
CA THR E 232 11.72 -3.15 -53.59
C THR E 232 10.76 -3.82 -54.56
N ILE E 233 10.75 -3.31 -55.78
CA ILE E 233 9.99 -3.91 -56.87
C ILE E 233 10.93 -4.09 -58.06
N SER E 234 10.40 -4.69 -59.13
CA SER E 234 11.20 -4.97 -60.31
C SER E 234 11.56 -3.68 -61.04
N PRO E 235 12.63 -3.68 -61.82
CA PRO E 235 12.99 -2.49 -62.60
C PRO E 235 11.98 -2.20 -63.69
N ALA E 236 12.26 -1.13 -64.44
CA ALA E 236 11.30 -0.60 -65.41
C ALA E 236 11.03 -1.58 -66.55
N ASP E 237 12.05 -2.26 -67.04
CA ASP E 237 11.90 -3.09 -68.24
C ASP E 237 11.44 -4.51 -67.93
N SER E 238 11.14 -4.83 -66.68
CA SER E 238 10.73 -6.18 -66.32
C SER E 238 9.40 -6.54 -66.97
N ASP E 239 9.22 -7.83 -67.27
CA ASP E 239 8.03 -8.30 -67.94
C ASP E 239 6.85 -8.54 -66.99
N ASP E 240 7.05 -8.41 -65.68
CA ASP E 240 5.99 -8.62 -64.70
C ASP E 240 5.09 -7.40 -64.54
N GLN E 241 5.13 -6.46 -65.49
CA GLN E 241 4.36 -5.21 -65.44
C GLN E 241 4.68 -4.38 -64.20
N ARG E 242 5.83 -4.63 -63.58
CA ARG E 242 6.29 -3.87 -62.41
C ARG E 242 5.24 -3.85 -61.30
N ARG E 243 4.65 -5.03 -61.04
CA ARG E 243 3.60 -5.15 -60.04
C ARG E 243 3.86 -6.19 -58.97
N LEU E 244 5.05 -6.77 -58.92
CA LEU E 244 5.42 -7.71 -57.87
C LEU E 244 6.39 -7.05 -56.89
N VAL E 245 6.53 -7.68 -55.72
CA VAL E 245 7.28 -7.13 -54.60
C VAL E 245 8.36 -8.12 -54.21
N TYR E 246 9.58 -7.62 -53.97
CA TYR E 246 10.72 -8.49 -53.74
C TYR E 246 11.59 -7.95 -52.61
N TYR E 247 12.41 -8.85 -52.06
CA TYR E 247 13.48 -8.50 -51.16
C TYR E 247 14.79 -8.50 -51.93
N GLU E 248 15.56 -7.43 -51.82
CA GLU E 248 16.79 -7.31 -52.60
C GLU E 248 17.84 -6.54 -51.82
N GLY E 249 19.10 -6.89 -52.06
CA GLY E 249 20.23 -6.24 -51.42
C GLY E 249 21.23 -5.71 -52.44
N GLY E 250 22.19 -4.95 -51.91
CA GLY E 250 23.22 -4.37 -52.74
C GLY E 250 22.97 -2.91 -53.07
N SER E 251 23.41 -2.48 -54.26
CA SER E 251 23.31 -1.08 -54.65
C SER E 251 21.86 -0.60 -54.73
N VAL E 252 20.90 -1.53 -54.78
CA VAL E 252 19.48 -1.16 -54.79
C VAL E 252 19.13 -0.42 -53.51
N CYS E 253 19.95 -0.54 -52.47
CA CYS E 253 19.72 0.21 -51.24
C CYS E 253 19.88 1.71 -51.43
N THR E 254 20.46 2.16 -52.54
CA THR E 254 20.62 3.59 -52.82
C THR E 254 19.88 4.05 -54.06
N HIS E 255 19.04 3.21 -54.66
CA HIS E 255 18.28 3.60 -55.83
C HIS E 255 16.91 4.16 -55.43
N ALA E 256 16.22 4.75 -56.42
CA ALA E 256 14.97 5.43 -56.14
C ALA E 256 13.82 4.47 -55.92
N ARG E 257 13.87 3.28 -56.52
CA ARG E 257 12.74 2.36 -56.44
C ARG E 257 12.62 1.67 -55.09
N SER E 258 13.41 2.06 -54.09
CA SER E 258 13.32 1.48 -52.76
C SER E 258 12.70 2.42 -51.73
N LEU E 259 11.94 3.42 -52.17
CA LEU E 259 11.38 4.42 -51.28
C LEU E 259 9.87 4.25 -51.15
N TRP E 260 9.37 4.36 -49.92
CA TRP E 260 7.94 4.23 -49.63
C TRP E 260 7.48 5.42 -48.80
N ARG E 261 6.18 5.70 -48.87
CA ARG E 261 5.55 6.78 -48.14
C ARG E 261 4.41 6.23 -47.31
N LEU E 262 4.28 6.71 -46.07
CA LEU E 262 3.27 6.23 -45.13
C LEU E 262 2.17 7.28 -45.01
N GLU E 263 0.92 6.84 -45.23
CA GLU E 263 -0.22 7.75 -45.17
C GLU E 263 -1.24 7.23 -44.16
N PRO E 264 -1.46 7.93 -43.04
CA PRO E 264 -2.53 7.53 -42.13
C PRO E 264 -3.90 7.80 -42.73
N LEU E 265 -4.90 7.07 -42.21
CA LEU E 265 -6.27 7.27 -42.65
C LEU E 265 -6.86 8.59 -42.16
N ARG E 266 -6.22 9.23 -41.19
CA ARG E 266 -6.66 10.54 -40.73
C ARG E 266 -6.21 11.63 -41.70
N ILE E 267 -7.01 12.68 -41.81
CA ILE E 267 -6.68 13.79 -42.69
C ILE E 267 -6.07 14.94 -41.89
N SER E 268 -6.77 15.40 -40.86
CA SER E 268 -6.22 16.43 -39.98
C SER E 268 -5.20 15.81 -39.03
N TRP E 269 -4.13 16.56 -38.76
CA TRP E 269 -3.03 16.07 -37.93
C TRP E 269 -2.47 14.75 -38.44
N SER E 270 -2.34 14.63 -39.76
CA SER E 270 -1.81 13.42 -40.36
C SER E 270 -0.33 13.23 -40.07
N GLY E 271 0.35 14.27 -39.59
CA GLY E 271 1.73 14.20 -39.20
C GLY E 271 1.97 13.74 -37.78
N SER E 272 0.94 13.27 -37.10
CA SER E 272 1.08 12.80 -35.73
C SER E 272 1.94 11.54 -35.66
N HIS E 273 2.52 11.32 -34.49
CA HIS E 273 3.33 10.12 -34.28
C HIS E 273 2.45 8.87 -34.40
N LEU E 274 3.02 7.82 -34.96
CA LEU E 274 2.25 6.61 -35.24
C LEU E 274 2.01 5.81 -33.96
N ARG E 275 0.75 5.46 -33.73
CA ARG E 275 0.40 4.56 -32.65
C ARG E 275 0.60 3.11 -33.08
N TRP E 276 0.90 2.25 -32.12
CA TRP E 276 0.97 0.83 -32.41
C TRP E 276 -0.42 0.30 -32.77
N GLY E 277 -0.50 -0.47 -33.85
CA GLY E 277 -1.77 -0.96 -34.34
C GLY E 277 -2.57 0.04 -35.14
N GLN E 278 -2.03 1.22 -35.41
CA GLN E 278 -2.75 2.23 -36.18
C GLN E 278 -2.82 1.82 -37.65
N PRO E 279 -4.00 1.89 -38.26
CA PRO E 279 -4.10 1.57 -39.70
C PRO E 279 -3.37 2.59 -40.54
N LEU E 280 -2.80 2.11 -41.66
CA LEU E 280 -1.97 2.93 -42.53
C LEU E 280 -2.11 2.46 -43.96
N ARG E 281 -1.68 3.31 -44.89
CA ARG E 281 -1.47 2.95 -46.28
C ARG E 281 0.00 3.18 -46.63
N ILE E 282 0.54 2.34 -47.49
CA ILE E 282 1.92 2.47 -47.95
C ILE E 282 1.91 2.68 -49.45
N ARG E 283 2.61 3.72 -49.91
CA ARG E 283 2.60 4.15 -51.29
C ARG E 283 4.01 4.10 -51.87
N HIS E 284 4.11 3.68 -53.13
CA HIS E 284 5.37 3.73 -53.84
C HIS E 284 5.53 5.11 -54.47
N VAL E 285 6.65 5.77 -54.18
CA VAL E 285 6.81 7.17 -54.57
C VAL E 285 6.93 7.30 -56.08
N THR E 286 7.78 6.48 -56.71
CA THR E 286 8.06 6.64 -58.13
C THR E 286 6.93 6.18 -59.03
N THR E 287 6.19 5.15 -58.63
CA THR E 287 5.12 4.61 -59.46
C THR E 287 3.73 5.07 -59.05
N GLY E 288 3.58 5.59 -57.84
CA GLY E 288 2.28 6.06 -57.38
C GLY E 288 1.25 4.97 -57.22
N ARG E 289 1.64 3.82 -56.66
CA ARG E 289 0.73 2.69 -56.46
C ARG E 289 0.79 2.25 -55.00
N TYR E 290 -0.32 1.69 -54.53
CA TYR E 290 -0.45 1.24 -53.15
C TYR E 290 -0.43 -0.28 -53.10
N LEU E 291 0.31 -0.84 -52.16
CA LEU E 291 0.32 -2.29 -52.01
C LEU E 291 -0.91 -2.74 -51.25
N ALA E 292 -1.41 -3.92 -51.59
CA ALA E 292 -2.65 -4.41 -51.01
C ALA E 292 -2.76 -5.91 -51.23
N LEU E 293 -3.85 -6.47 -50.70
CA LEU E 293 -4.18 -7.88 -50.80
C LEU E 293 -5.41 -8.04 -51.68
N ILE E 294 -5.31 -8.88 -52.69
CA ILE E 294 -6.43 -9.22 -53.57
C ILE E 294 -6.60 -10.73 -53.54
N GLU E 295 -7.86 -11.17 -53.66
CA GLU E 295 -8.16 -12.60 -53.52
C GLU E 295 -7.49 -13.42 -54.62
N ASP E 296 -7.45 -12.91 -55.85
CA ASP E 296 -6.94 -13.69 -56.97
C ASP E 296 -5.42 -13.79 -56.94
N GLN E 297 -4.73 -12.64 -56.99
CA GLN E 297 -3.29 -12.62 -57.14
C GLN E 297 -2.53 -12.67 -55.82
N GLY E 298 -3.16 -12.26 -54.72
CA GLY E 298 -2.46 -12.23 -53.45
C GLY E 298 -1.94 -10.85 -53.10
N LEU E 299 -0.69 -10.77 -52.64
CA LEU E 299 -0.10 -9.49 -52.28
C LEU E 299 0.46 -8.82 -53.54
N VAL E 300 -0.12 -7.68 -53.93
CA VAL E 300 0.26 -6.99 -55.15
C VAL E 300 0.30 -5.49 -54.87
N VAL E 301 0.60 -4.72 -55.91
CA VAL E 301 0.50 -3.26 -55.87
C VAL E 301 -0.49 -2.83 -56.95
N VAL E 302 -1.43 -1.97 -56.57
CA VAL E 302 -2.52 -1.57 -57.44
C VAL E 302 -2.59 -0.05 -57.50
N ASP E 303 -3.24 0.45 -58.54
CA ASP E 303 -3.39 1.89 -58.72
C ASP E 303 -4.33 2.47 -57.67
N ALA E 304 -4.27 3.79 -57.52
CA ALA E 304 -5.11 4.46 -56.53
C ALA E 304 -6.60 4.35 -56.85
N SER E 305 -6.95 4.09 -58.11
CA SER E 305 -8.36 3.96 -58.47
C SER E 305 -9.01 2.75 -57.82
N LYS E 306 -8.30 1.62 -57.80
CA LYS E 306 -8.86 0.38 -57.26
C LYS E 306 -8.61 0.19 -55.78
N ALA E 307 -7.84 1.08 -55.14
CA ALA E 307 -7.40 0.87 -53.76
C ALA E 307 -8.48 1.33 -52.78
N HIS E 308 -9.42 0.43 -52.51
CA HIS E 308 -10.39 0.67 -51.46
C HIS E 308 -9.78 0.40 -50.09
N THR E 309 -10.47 0.84 -49.05
CA THR E 309 -9.88 0.86 -47.71
C THR E 309 -9.57 -0.55 -47.21
N LYS E 310 -10.45 -1.51 -47.52
CA LYS E 310 -10.32 -2.85 -46.94
C LYS E 310 -9.01 -3.52 -47.36
N ALA E 311 -8.65 -3.40 -48.64
CA ALA E 311 -7.52 -4.18 -49.16
C ALA E 311 -6.18 -3.59 -48.72
N THR E 312 -6.08 -2.27 -48.62
CA THR E 312 -4.81 -1.60 -48.43
C THR E 312 -4.60 -1.09 -47.00
N SER E 313 -5.32 -1.64 -46.04
CA SER E 313 -5.16 -1.21 -44.65
C SER E 313 -4.16 -2.10 -43.94
N PHE E 314 -3.11 -1.49 -43.39
CA PHE E 314 -2.04 -2.20 -42.71
C PHE E 314 -1.73 -1.51 -41.40
N CYS E 315 -1.15 -2.26 -40.46
CA CYS E 315 -0.85 -1.73 -39.14
C CYS E 315 0.49 -2.25 -38.64
N PHE E 316 1.09 -1.50 -37.73
CA PHE E 316 2.34 -1.87 -37.08
C PHE E 316 2.04 -2.50 -35.73
N ARG E 317 2.79 -3.56 -35.39
CA ARG E 317 2.66 -4.23 -34.11
C ARG E 317 4.05 -4.57 -33.59
N ILE E 318 4.15 -4.68 -32.26
CA ILE E 318 5.42 -5.04 -31.64
C ILE E 318 5.45 -6.50 -31.21
N SER E 319 4.30 -7.12 -30.97
CA SER E 319 4.22 -8.52 -30.59
C SER E 319 3.22 -9.23 -31.49
N LYS E 320 3.58 -10.44 -31.91
CA LYS E 320 2.72 -11.20 -32.82
C LYS E 320 1.63 -11.96 -32.05
N GLU E 321 2.01 -12.61 -30.95
CA GLU E 321 1.07 -13.46 -30.24
C GLU E 321 0.07 -12.66 -29.42
N LYS E 322 0.42 -11.44 -29.02
CA LYS E 322 -0.44 -10.65 -28.15
C LYS E 322 -1.74 -10.31 -28.85
N LEU E 323 -2.86 -10.48 -28.14
CA LEU E 323 -4.16 -10.14 -28.68
C LEU E 323 -4.36 -8.64 -28.70
N ASP E 324 -5.02 -8.14 -29.74
CA ASP E 324 -5.25 -6.71 -29.88
C ASP E 324 -6.30 -6.24 -28.89
N THR E 325 -6.07 -5.06 -28.30
CA THR E 325 -7.01 -4.46 -27.39
C THR E 325 -7.84 -3.39 -28.10
N ALA E 326 -8.64 -2.67 -27.34
CA ALA E 326 -9.45 -1.61 -27.92
C ALA E 326 -8.56 -0.49 -28.45
N PRO E 327 -8.76 -0.03 -29.68
CA PRO E 327 -7.91 1.03 -30.21
C PRO E 327 -8.12 2.35 -29.47
N LYS E 328 -7.04 3.12 -29.36
CA LYS E 328 -7.11 4.42 -28.69
C LYS E 328 -7.83 5.43 -29.57
N ARG E 329 -8.58 6.32 -28.93
CA ARG E 329 -9.29 7.36 -29.66
C ARG E 329 -8.30 8.34 -30.28
N ASP E 330 -8.65 8.86 -31.45
CA ASP E 330 -7.78 9.80 -32.15
C ASP E 330 -7.70 11.12 -31.37
N VAL E 331 -6.48 11.57 -31.10
CA VAL E 331 -6.27 12.79 -30.33
C VAL E 331 -6.13 13.97 -31.28
N GLU E 332 -6.53 15.15 -30.81
CA GLU E 332 -6.41 16.38 -31.59
C GLU E 332 -5.06 17.04 -31.29
N GLY E 333 -4.00 16.31 -31.64
CA GLY E 333 -2.66 16.79 -31.39
C GLY E 333 -1.64 15.79 -31.87
N MET E 334 -0.37 16.15 -31.66
CA MET E 334 0.72 15.30 -32.11
C MET E 334 0.76 13.97 -31.35
N GLY E 335 0.53 14.00 -30.04
CA GLY E 335 0.54 12.79 -29.24
C GLY E 335 1.93 12.39 -28.81
N PRO E 336 2.03 11.29 -28.08
CA PRO E 336 3.34 10.84 -27.59
C PRO E 336 4.07 10.03 -28.64
N PRO E 337 5.39 10.14 -28.70
CA PRO E 337 6.17 9.36 -29.66
C PRO E 337 6.46 7.95 -29.16
N GLU E 338 6.44 6.99 -30.09
CA GLU E 338 6.60 5.59 -29.71
C GLU E 338 7.68 4.86 -30.49
N ILE E 339 7.81 5.15 -31.78
CA ILE E 339 8.65 4.36 -32.69
C ILE E 339 9.84 5.19 -33.15
N LYS E 340 11.04 4.68 -32.91
CA LYS E 340 12.28 5.37 -33.23
C LYS E 340 12.86 4.85 -34.53
N TYR E 341 13.58 5.72 -35.25
CA TYR E 341 14.20 5.32 -36.51
C TYR E 341 15.39 4.40 -36.25
N GLY E 342 15.43 3.27 -36.96
CA GLY E 342 16.56 2.38 -36.95
C GLY E 342 16.84 1.70 -35.62
N GLU E 343 15.91 1.76 -34.67
CA GLU E 343 16.13 1.12 -33.37
C GLU E 343 14.96 0.24 -32.99
N SER E 344 13.77 0.60 -33.46
CA SER E 344 12.54 -0.10 -33.07
C SER E 344 12.19 -1.14 -34.13
N LEU E 345 12.46 -2.41 -33.82
CA LEU E 345 12.03 -3.49 -34.69
C LEU E 345 10.51 -3.62 -34.62
N CYS E 346 9.89 -3.85 -35.78
CA CYS E 346 8.44 -3.85 -35.87
C CYS E 346 7.96 -4.96 -36.80
N PHE E 347 6.70 -5.32 -36.63
CA PHE E 347 6.00 -6.24 -37.51
C PHE E 347 4.83 -5.52 -38.18
N VAL E 348 4.46 -5.97 -39.37
CA VAL E 348 3.36 -5.39 -40.13
C VAL E 348 2.27 -6.44 -40.30
N GLN E 349 1.02 -6.05 -40.06
CA GLN E 349 -0.10 -6.95 -40.17
C GLN E 349 -1.21 -6.33 -41.00
N HIS E 350 -1.83 -7.15 -41.86
CA HIS E 350 -2.99 -6.73 -42.61
C HIS E 350 -4.22 -6.81 -41.71
N VAL E 351 -4.82 -5.65 -41.40
CA VAL E 351 -5.87 -5.60 -40.40
C VAL E 351 -7.12 -6.36 -40.83
N ALA E 352 -7.31 -6.59 -42.13
CA ALA E 352 -8.50 -7.26 -42.62
C ALA E 352 -8.35 -8.78 -42.64
N SER E 353 -7.14 -9.30 -42.46
CA SER E 353 -6.95 -10.75 -42.49
C SER E 353 -6.09 -11.24 -41.34
N GLY E 354 -5.27 -10.35 -40.78
CA GLY E 354 -4.38 -10.72 -39.69
C GLY E 354 -3.12 -11.45 -40.12
N LEU E 355 -2.89 -11.61 -41.42
CA LEU E 355 -1.71 -12.31 -41.89
C LEU E 355 -0.45 -11.47 -41.67
N TRP E 356 0.70 -12.13 -41.73
CA TRP E 356 1.99 -11.50 -41.50
C TRP E 356 2.86 -11.66 -42.74
N LEU E 357 3.67 -10.64 -43.03
CA LEU E 357 4.53 -10.68 -44.20
C LEU E 357 5.82 -11.43 -43.87
N THR E 358 6.36 -12.11 -44.89
CA THR E 358 7.61 -12.84 -44.72
C THR E 358 8.20 -13.09 -46.12
N TYR E 359 9.24 -13.91 -46.16
CA TYR E 359 9.88 -14.28 -47.41
C TYR E 359 9.70 -15.77 -47.65
N ALA E 360 9.45 -16.13 -48.91
CA ALA E 360 9.25 -17.53 -49.28
C ALA E 360 10.57 -18.28 -49.34
N LYS E 374 14.19 -13.10 -53.99
CA LYS E 374 13.44 -13.58 -52.85
C LYS E 374 12.11 -12.85 -52.71
N LYS E 375 11.07 -13.43 -53.30
CA LYS E 375 9.75 -12.82 -53.34
C LYS E 375 9.14 -12.76 -51.95
N ALA E 376 8.48 -11.64 -51.64
CA ALA E 376 7.78 -11.49 -50.38
C ALA E 376 6.38 -12.07 -50.48
N ILE E 377 5.91 -12.64 -49.37
CA ILE E 377 4.62 -13.33 -49.33
C ILE E 377 3.90 -12.96 -48.03
N LEU E 378 2.60 -13.24 -48.00
CA LEU E 378 1.80 -13.14 -46.79
C LEU E 378 1.43 -14.54 -46.31
N HIS E 379 1.58 -14.77 -45.01
CA HIS E 379 1.37 -16.08 -44.43
C HIS E 379 0.51 -15.94 -43.18
N GLN E 380 -0.32 -16.96 -42.93
CA GLN E 380 -1.10 -17.00 -41.71
C GLN E 380 -0.19 -17.07 -40.48
N GLU E 381 0.85 -17.89 -40.55
CA GLU E 381 1.84 -17.96 -39.48
C GLU E 381 3.00 -17.02 -39.78
N GLY E 382 3.82 -16.79 -38.75
CA GLY E 382 4.99 -15.96 -38.88
C GLY E 382 6.17 -16.74 -39.41
N HIS E 383 7.37 -16.30 -39.03
CA HIS E 383 8.60 -16.96 -39.43
C HIS E 383 9.67 -16.68 -38.40
N MET E 384 10.88 -17.19 -38.66
CA MET E 384 11.99 -17.01 -37.72
C MET E 384 12.32 -15.53 -37.52
N ASP E 385 12.36 -14.77 -38.61
CA ASP E 385 12.64 -13.33 -38.54
C ASP E 385 11.68 -12.59 -39.46
N ASP E 386 10.93 -11.64 -38.88
CA ASP E 386 10.05 -10.81 -39.69
C ASP E 386 10.10 -9.35 -39.29
N ALA E 387 11.09 -8.93 -38.50
CA ALA E 387 11.20 -7.55 -38.07
C ALA E 387 11.85 -6.70 -39.15
N LEU E 388 11.49 -5.43 -39.19
CA LEU E 388 12.00 -4.49 -40.17
C LEU E 388 12.47 -3.22 -39.47
N SER E 389 13.50 -2.60 -40.05
CA SER E 389 14.08 -1.36 -39.51
C SER E 389 13.73 -0.22 -40.46
N LEU E 390 13.44 0.94 -39.88
CA LEU E 390 13.03 2.11 -40.66
C LEU E 390 14.16 3.11 -40.72
N THR E 391 14.50 3.56 -41.93
CA THR E 391 15.60 4.49 -42.12
C THR E 391 15.11 5.73 -42.86
N ARG E 392 15.44 6.90 -42.33
CA ARG E 392 15.05 8.16 -42.96
C ARG E 392 15.98 8.47 -44.12
N CYS E 393 15.41 9.04 -45.18
CA CYS E 393 16.15 9.43 -46.38
C CYS E 393 16.14 10.94 -46.55
N GLN E 394 17.10 11.43 -47.31
CA GLN E 394 17.23 12.87 -47.53
C GLN E 394 16.09 13.38 -48.41
N GLN E 395 15.78 14.67 -48.23
CA GLN E 395 14.68 15.28 -48.99
C GLN E 395 14.99 15.36 -50.49
N GLU E 396 16.28 15.41 -50.85
CA GLU E 396 16.65 15.50 -52.25
C GLU E 396 16.17 14.29 -53.03
N GLU E 397 16.33 13.09 -52.46
CA GLU E 397 15.87 11.88 -53.14
C GLU E 397 14.36 11.84 -53.29
N SER E 398 13.62 12.29 -52.28
CA SER E 398 12.17 12.32 -52.38
C SER E 398 11.72 13.30 -53.47
N GLN E 399 12.34 14.48 -53.51
CA GLN E 399 12.01 15.44 -54.56
C GLN E 399 12.30 14.87 -55.94
N ALA E 400 13.45 14.21 -56.09
CA ALA E 400 13.80 13.59 -57.37
C ALA E 400 12.78 12.53 -57.75
N ALA E 401 12.35 11.72 -56.78
CA ALA E 401 11.37 10.66 -57.08
C ALA E 401 10.04 11.24 -57.53
N ARG E 402 9.57 12.30 -56.86
CA ARG E 402 8.32 12.93 -57.27
C ARG E 402 8.42 13.52 -58.66
N MET E 403 9.53 14.20 -58.95
CA MET E 403 9.73 14.74 -60.30
C MET E 403 9.77 13.63 -61.33
N ILE E 404 10.41 12.50 -61.01
CA ILE E 404 10.47 11.37 -61.92
C ILE E 404 9.07 10.84 -62.21
N TYR E 405 8.26 10.69 -61.16
CA TYR E 405 6.90 10.19 -61.34
C TYR E 405 6.12 11.09 -62.30
N SER E 406 6.10 12.40 -62.02
CA SER E 406 5.32 13.31 -62.85
C SER E 406 5.84 13.34 -64.28
N THR E 407 7.16 13.44 -64.46
CA THR E 407 7.75 13.55 -65.79
C THR E 407 7.52 12.29 -66.60
N ALA E 408 7.67 11.12 -65.97
CA ALA E 408 7.45 9.86 -66.68
C ALA E 408 6.00 9.74 -67.13
N GLY E 409 5.05 10.10 -66.26
CA GLY E 409 3.66 10.08 -66.68
C GLY E 409 3.41 10.98 -67.88
N LEU E 410 3.90 12.22 -67.80
CA LEU E 410 3.64 13.18 -68.87
C LEU E 410 4.27 12.71 -70.19
N TYR E 411 5.50 12.21 -70.15
CA TYR E 411 6.17 11.82 -71.38
C TYR E 411 5.60 10.54 -71.96
N ASN E 412 5.13 9.60 -71.12
CA ASN E 412 4.44 8.44 -71.66
C ASN E 412 3.15 8.85 -72.35
N HIS E 413 2.41 9.79 -71.77
CA HIS E 413 1.21 10.29 -72.43
C HIS E 413 1.57 10.95 -73.77
N PHE E 414 2.65 11.73 -73.80
CA PHE E 414 3.07 12.37 -75.05
C PHE E 414 3.44 11.34 -76.11
N ILE E 415 4.16 10.28 -75.71
CA ILE E 415 4.54 9.24 -76.66
C ILE E 415 3.31 8.54 -77.22
N LYS E 416 2.35 8.21 -76.36
CA LYS E 416 1.13 7.59 -76.85
C LYS E 416 0.38 8.51 -77.81
N GLY E 417 0.29 9.80 -77.48
CA GLY E 417 -0.38 10.73 -78.37
C GLY E 417 0.31 10.83 -79.72
N LEU E 418 1.64 10.83 -79.72
CA LEU E 418 2.38 10.84 -80.98
C LEU E 418 2.10 9.58 -81.78
N ASP E 419 2.09 8.41 -81.12
CA ASP E 419 1.83 7.16 -81.81
C ASP E 419 0.38 7.01 -82.26
N SER E 420 -0.52 7.87 -81.78
CA SER E 420 -1.93 7.76 -82.16
C SER E 420 -2.13 7.89 -83.67
N PHE E 421 -1.59 8.96 -84.26
CA PHE E 421 -1.86 9.28 -85.65
C PHE E 421 -0.73 8.89 -86.60
N SER E 422 0.01 7.83 -86.29
CA SER E 422 1.11 7.41 -87.14
C SER E 422 0.61 6.84 -88.47
N GLY E 423 0.82 7.58 -89.55
CA GLY E 423 0.45 7.12 -90.87
C GLY E 423 -0.98 7.36 -91.28
N LYS E 424 -1.69 8.25 -90.58
CA LYS E 424 -3.08 8.59 -90.91
C LYS E 424 -3.18 10.09 -91.16
N PRO E 425 -3.03 10.52 -92.41
CA PRO E 425 -3.04 11.96 -92.71
C PRO E 425 -4.43 12.55 -92.50
N ARG E 426 -4.51 13.53 -91.60
CA ARG E 426 -5.76 14.23 -91.32
C ARG E 426 -5.42 15.55 -90.64
N GLY E 427 -6.41 16.45 -90.61
CA GLY E 427 -6.24 17.75 -90.02
C GLY E 427 -6.47 17.84 -88.53
N SER E 428 -6.74 16.71 -87.87
CA SER E 428 -7.02 16.73 -86.44
C SER E 428 -6.29 15.56 -85.78
N GLY E 429 -6.04 15.71 -84.49
CA GLY E 429 -5.36 14.67 -83.73
C GLY E 429 -5.06 15.14 -82.32
N ALA E 430 -4.47 14.24 -81.56
CA ALA E 430 -4.09 14.52 -80.18
C ALA E 430 -2.61 14.20 -79.99
N PRO E 431 -1.70 15.14 -80.26
CA PRO E 431 -0.28 14.86 -80.03
C PRO E 431 0.05 14.53 -78.58
N ALA E 432 -0.65 15.14 -77.64
CA ALA E 432 -0.54 14.79 -76.23
C ALA E 432 -1.50 13.66 -75.89
N GLY E 433 -1.42 13.20 -74.65
CA GLY E 433 -2.26 12.11 -74.17
C GLY E 433 -3.74 12.29 -74.48
N THR E 434 -4.33 13.39 -74.02
CA THR E 434 -5.71 13.73 -74.31
C THR E 434 -5.81 15.13 -74.91
N ALA E 435 -4.97 15.42 -75.92
CA ALA E 435 -4.93 16.73 -76.58
C ALA E 435 -4.63 17.84 -75.59
N LEU E 436 -3.68 17.60 -74.68
CA LEU E 436 -3.22 18.65 -73.79
C LEU E 436 -2.42 19.69 -74.58
N PRO E 437 -2.37 20.93 -74.10
CA PRO E 437 -1.55 21.94 -74.78
C PRO E 437 -0.08 21.55 -74.78
N LEU E 438 0.61 21.88 -75.88
CA LEU E 438 2.02 21.51 -76.02
C LEU E 438 2.96 22.42 -75.24
N GLU E 439 2.44 23.46 -74.60
CA GLU E 439 3.30 24.31 -73.78
C GLU E 439 3.76 23.61 -72.52
N GLY E 440 3.00 22.63 -72.04
CA GLY E 440 3.37 21.94 -70.81
C GLY E 440 4.67 21.18 -70.94
N VAL E 441 4.84 20.44 -72.04
CA VAL E 441 6.08 19.70 -72.24
C VAL E 441 7.25 20.64 -72.44
N ILE E 442 7.02 21.78 -73.10
CA ILE E 442 8.08 22.77 -73.27
C ILE E 442 8.53 23.31 -71.92
N LEU E 443 7.56 23.66 -71.06
CA LEU E 443 7.90 24.16 -69.73
C LEU E 443 8.61 23.11 -68.90
N SER E 444 8.16 21.85 -68.98
CA SER E 444 8.81 20.77 -68.25
C SER E 444 10.25 20.58 -68.72
N LEU E 445 10.47 20.63 -70.03
CA LEU E 445 11.82 20.48 -70.56
C LEU E 445 12.71 21.63 -70.10
N GLN E 446 12.19 22.86 -70.13
CA GLN E 446 12.98 24.00 -69.66
C GLN E 446 13.32 23.88 -68.18
N ASP E 447 12.35 23.43 -67.37
CA ASP E 447 12.61 23.24 -65.94
C ASP E 447 13.66 22.15 -65.72
N LEU E 448 13.58 21.05 -66.47
CA LEU E 448 14.58 20.00 -66.34
C LEU E 448 15.96 20.49 -66.76
N ILE E 449 16.01 21.33 -67.81
CA ILE E 449 17.28 21.93 -68.21
C ILE E 449 17.85 22.78 -67.09
N GLY E 450 17.00 23.59 -66.46
CA GLY E 450 17.46 24.39 -65.33
C GLY E 450 17.91 23.54 -64.15
N TYR E 451 17.31 22.36 -64.01
CA TYR E 451 17.60 21.50 -62.87
C TYR E 451 19.02 20.93 -62.92
N PHE E 452 19.55 20.69 -64.13
CA PHE E 452 20.81 20.00 -64.30
C PHE E 452 21.98 20.92 -64.64
N GLU E 453 21.91 22.18 -64.22
CA GLU E 453 22.97 23.12 -64.57
C GLU E 453 24.25 22.80 -63.81
N PRO E 454 25.40 22.87 -64.47
CA PRO E 454 26.65 22.62 -63.76
C PRO E 454 26.99 23.78 -62.83
N PRO E 455 27.80 23.54 -61.81
CA PRO E 455 28.13 24.63 -60.87
C PRO E 455 29.02 25.69 -61.50
N SER E 456 28.96 26.89 -60.92
CA SER E 456 29.77 27.99 -61.40
C SER E 456 31.25 27.72 -61.17
N GLU E 457 32.08 28.14 -62.13
CA GLU E 457 33.52 27.90 -62.05
C GLU E 457 34.23 28.84 -61.09
N GLU E 458 33.55 29.86 -60.57
CA GLU E 458 34.19 30.83 -59.68
C GLU E 458 34.05 30.46 -58.21
N LEU E 459 33.41 29.34 -57.89
CA LEU E 459 33.22 28.96 -56.49
C LEU E 459 34.50 28.35 -55.92
N GLN E 460 34.47 28.08 -54.62
CA GLN E 460 35.59 27.49 -53.93
C GLN E 460 35.76 26.02 -54.33
N HIS E 461 36.91 25.45 -53.96
CA HIS E 461 37.24 24.10 -54.36
C HIS E 461 36.28 23.08 -53.74
N GLU E 462 36.12 23.13 -52.41
CA GLU E 462 35.29 22.15 -51.72
C GLU E 462 33.82 22.27 -52.12
N GLU E 463 33.32 23.49 -52.25
CA GLU E 463 31.93 23.68 -52.68
C GLU E 463 31.72 23.14 -54.08
N LYS E 464 32.68 23.38 -54.98
CA LYS E 464 32.58 22.84 -56.34
C LYS E 464 32.57 21.32 -56.32
N GLN E 465 33.43 20.71 -55.49
CA GLN E 465 33.45 19.25 -55.39
C GLN E 465 32.11 18.71 -54.90
N SER E 466 31.54 19.35 -53.88
CA SER E 466 30.26 18.89 -53.35
C SER E 466 29.15 19.04 -54.38
N LYS E 467 29.13 20.17 -55.11
CA LYS E 467 28.12 20.38 -56.14
C LYS E 467 28.24 19.33 -57.24
N LEU E 468 29.48 19.02 -57.64
CA LEU E 468 29.69 18.00 -58.66
C LEU E 468 29.22 16.64 -58.17
N ARG E 469 29.49 16.31 -56.91
CA ARG E 469 29.03 15.04 -56.34
C ARG E 469 27.52 14.95 -56.38
N SER E 470 26.84 16.01 -55.96
CA SER E 470 25.37 16.01 -55.96
C SER E 470 24.83 15.88 -57.39
N LEU E 471 25.42 16.59 -58.34
CA LEU E 471 24.97 16.51 -59.72
C LEU E 471 25.17 15.10 -60.28
N ARG E 472 26.30 14.47 -59.98
CA ARG E 472 26.53 13.10 -60.42
C ARG E 472 25.50 12.15 -59.83
N ASN E 473 25.19 12.29 -58.54
CA ASN E 473 24.21 11.43 -57.91
C ASN E 473 22.84 11.59 -58.55
N ARG E 474 22.43 12.83 -58.81
CA ARG E 474 21.14 13.08 -59.42
C ARG E 474 21.07 12.51 -60.84
N GLN E 475 22.15 12.68 -61.61
CA GLN E 475 22.21 12.10 -62.95
C GLN E 475 22.10 10.59 -62.90
N SER E 476 22.80 9.96 -61.96
CA SER E 476 22.74 8.51 -61.83
C SER E 476 21.33 8.04 -61.48
N LEU E 477 20.66 8.74 -60.57
CA LEU E 477 19.29 8.38 -60.20
C LEU E 477 18.36 8.49 -61.40
N PHE E 478 18.41 9.62 -62.12
CA PHE E 478 17.54 9.80 -63.27
C PHE E 478 17.80 8.77 -64.35
N GLN E 479 19.08 8.45 -64.60
CA GLN E 479 19.39 7.42 -65.60
C GLN E 479 18.86 6.05 -65.15
N GLU E 480 19.02 5.73 -63.87
CA GLU E 480 18.58 4.43 -63.38
C GLU E 480 17.07 4.26 -63.51
N GLU E 481 16.31 5.32 -63.21
CA GLU E 481 14.87 5.16 -63.32
C GLU E 481 14.38 5.04 -64.76
N GLY E 482 15.19 5.43 -65.74
CA GLY E 482 14.88 5.18 -67.13
C GLY E 482 14.36 6.34 -67.95
N MET E 483 14.87 7.56 -67.75
CA MET E 483 14.43 8.69 -68.56
C MET E 483 15.16 8.74 -69.89
N LEU E 484 16.37 8.19 -69.96
CA LEU E 484 17.15 8.24 -71.19
C LEU E 484 16.44 7.53 -72.33
N SER E 485 15.90 6.35 -72.06
CA SER E 485 15.16 5.62 -73.09
C SER E 485 13.92 6.38 -73.52
N LEU E 486 13.25 7.06 -72.58
CA LEU E 486 12.08 7.86 -72.92
C LEU E 486 12.45 9.00 -73.86
N VAL E 487 13.55 9.70 -73.57
CA VAL E 487 13.98 10.80 -74.43
C VAL E 487 14.37 10.28 -75.81
N LEU E 488 15.09 9.16 -75.85
CA LEU E 488 15.48 8.57 -77.13
C LEU E 488 14.26 8.16 -77.93
N ASN E 489 13.25 7.58 -77.28
CA ASN E 489 12.03 7.19 -77.98
C ASN E 489 11.30 8.41 -78.52
N CYS E 490 11.23 9.49 -77.74
CA CYS E 490 10.60 10.71 -78.22
C CYS E 490 11.31 11.25 -79.46
N ILE E 491 12.64 11.26 -79.42
CA ILE E 491 13.42 11.73 -80.57
C ILE E 491 13.16 10.84 -81.78
N ASP E 492 13.12 9.52 -81.57
CA ASP E 492 12.88 8.60 -82.67
C ASP E 492 11.49 8.82 -83.28
N ARG E 493 10.48 9.04 -82.44
CA ARG E 493 9.14 9.30 -82.97
C ARG E 493 9.11 10.59 -83.77
N LEU E 494 9.76 11.65 -83.28
CA LEU E 494 9.71 12.93 -83.97
C LEU E 494 10.60 12.97 -85.21
N ASN E 495 11.56 12.06 -85.32
CA ASN E 495 12.54 12.14 -86.40
C ASN E 495 11.94 11.89 -87.78
N VAL E 496 10.77 11.25 -87.86
CA VAL E 496 10.25 10.84 -89.17
C VAL E 496 9.73 12.03 -89.98
N TYR E 497 9.55 13.19 -89.36
CA TYR E 497 9.07 14.37 -90.05
C TYR E 497 10.22 15.33 -90.33
N THR E 498 10.29 15.85 -91.54
CA THR E 498 11.43 16.65 -91.98
C THR E 498 11.20 18.15 -91.85
N THR E 499 9.95 18.61 -91.77
CA THR E 499 9.69 20.04 -91.71
C THR E 499 8.36 20.28 -91.00
N ALA E 500 8.13 21.55 -90.65
CA ALA E 500 6.93 21.91 -89.89
C ALA E 500 5.66 21.62 -90.68
N ALA E 501 5.66 21.90 -91.99
CA ALA E 501 4.47 21.64 -92.80
C ALA E 501 4.18 20.15 -92.88
N HIS E 502 5.22 19.33 -93.02
CA HIS E 502 5.03 17.89 -93.07
C HIS E 502 4.46 17.37 -91.75
N PHE E 503 4.82 18.00 -90.63
CA PHE E 503 4.24 17.60 -89.35
C PHE E 503 2.80 18.09 -89.21
N ALA E 504 2.51 19.30 -89.68
CA ALA E 504 1.16 19.82 -89.62
C ALA E 504 0.22 19.03 -90.51
N GLU E 505 0.75 18.37 -91.55
CA GLU E 505 -0.07 17.51 -92.39
C GLU E 505 -0.66 16.35 -91.59
N PHE E 506 -0.10 16.02 -90.45
CA PHE E 506 -0.58 14.92 -89.62
C PHE E 506 -1.08 15.34 -88.26
N ALA E 507 -0.67 16.52 -87.76
CA ALA E 507 -1.06 16.98 -86.43
C ALA E 507 -1.84 18.28 -86.44
N GLY E 508 -2.05 18.89 -87.60
CA GLY E 508 -2.77 20.14 -87.68
C GLY E 508 -1.86 21.35 -87.50
N GLU E 509 -2.35 22.50 -87.97
CA GLU E 509 -1.57 23.73 -87.89
C GLU E 509 -1.47 24.24 -86.46
N GLU E 510 -2.41 23.84 -85.60
CA GLU E 510 -2.43 24.39 -84.24
C GLU E 510 -1.30 23.84 -83.39
N ALA E 511 -0.75 22.68 -83.77
CA ALA E 511 0.28 22.03 -82.98
C ALA E 511 1.66 22.09 -83.62
N ALA E 512 1.78 22.66 -84.81
CA ALA E 512 3.05 22.64 -85.53
C ALA E 512 3.98 23.79 -85.17
N GLU E 513 3.55 24.71 -84.29
CA GLU E 513 4.39 25.85 -83.96
C GLU E 513 5.45 25.52 -82.92
N SER E 514 5.36 24.37 -82.26
CA SER E 514 6.29 24.01 -81.21
C SER E 514 7.26 22.90 -81.59
N TRP E 515 7.21 22.43 -82.85
CA TRP E 515 7.99 21.27 -83.25
C TRP E 515 9.49 21.53 -83.14
N LYS E 516 9.96 22.63 -83.72
CA LYS E 516 11.40 22.93 -83.72
C LYS E 516 11.91 23.16 -82.30
N GLU E 517 11.14 23.89 -81.49
CA GLU E 517 11.54 24.14 -80.11
C GLU E 517 11.60 22.84 -79.31
N ILE E 518 10.62 21.95 -79.51
CA ILE E 518 10.63 20.68 -78.80
C ILE E 518 11.85 19.85 -79.18
N VAL E 519 12.17 19.81 -80.48
CA VAL E 519 13.35 19.05 -80.91
C VAL E 519 14.61 19.61 -80.30
N ASN E 520 14.76 20.94 -80.32
CA ASN E 520 15.95 21.56 -79.76
C ASN E 520 16.07 21.28 -78.26
N LEU E 521 14.95 21.38 -77.54
CA LEU E 521 14.98 21.13 -76.11
C LEU E 521 15.29 19.67 -75.80
N LEU E 522 14.78 18.75 -76.63
CA LEU E 522 15.09 17.33 -76.42
C LEU E 522 16.58 17.06 -76.60
N TYR E 523 17.18 17.62 -77.65
CA TYR E 523 18.62 17.44 -77.82
C TYR E 523 19.40 18.07 -76.68
N GLU E 524 18.99 19.26 -76.23
CA GLU E 524 19.68 19.90 -75.13
C GLU E 524 19.59 19.08 -73.84
N ILE E 525 18.41 18.52 -73.55
CA ILE E 525 18.27 17.76 -72.31
C ILE E 525 19.05 16.45 -72.38
N LEU E 526 19.11 15.83 -73.57
CA LEU E 526 19.96 14.65 -73.72
C LEU E 526 21.42 15.00 -73.45
N ALA E 527 21.89 16.09 -74.03
CA ALA E 527 23.28 16.51 -73.82
C ALA E 527 23.56 16.80 -72.37
N SER E 528 22.61 17.48 -71.69
CA SER E 528 22.80 17.78 -70.27
C SER E 528 22.77 16.51 -69.43
N LEU E 529 21.97 15.52 -69.82
CA LEU E 529 21.91 14.28 -69.05
C LEU E 529 23.20 13.50 -69.14
N ILE E 530 23.78 13.38 -70.34
CA ILE E 530 24.94 12.51 -70.53
C ILE E 530 26.27 13.20 -70.25
N ARG E 531 26.29 14.50 -70.02
CA ARG E 531 27.56 15.21 -69.86
C ARG E 531 28.27 14.80 -68.58
N GLY E 532 29.56 14.48 -68.70
CA GLY E 532 30.41 14.24 -67.56
C GLY E 532 30.25 12.91 -66.88
N ASN E 533 29.39 12.03 -67.39
CA ASN E 533 29.10 10.74 -66.77
C ASN E 533 29.48 9.66 -67.78
N ARG E 534 30.66 9.05 -67.58
CA ARG E 534 31.14 8.05 -68.51
C ARG E 534 30.27 6.80 -68.48
N ALA E 535 29.66 6.49 -67.34
CA ALA E 535 28.75 5.34 -67.28
C ALA E 535 27.57 5.54 -68.21
N ASN E 536 27.00 6.75 -68.23
CA ASN E 536 25.91 7.04 -69.15
C ASN E 536 26.40 7.10 -70.59
N CYS E 537 27.59 7.66 -70.81
CA CYS E 537 28.11 7.77 -72.17
C CYS E 537 28.45 6.41 -72.76
N ALA E 538 28.68 5.40 -71.92
CA ALA E 538 29.00 4.07 -72.42
C ALA E 538 27.82 3.43 -73.15
N LEU E 539 26.60 3.95 -72.96
CA LEU E 539 25.43 3.35 -73.60
C LEU E 539 25.43 3.57 -75.11
N PHE E 540 26.15 4.57 -75.60
CA PHE E 540 26.13 4.92 -77.01
C PHE E 540 27.16 4.14 -77.83
N SER E 541 27.88 3.20 -77.23
CA SER E 541 28.96 2.52 -77.93
C SER E 541 28.46 1.72 -79.12
N ASN E 542 27.25 1.18 -79.05
CA ASN E 542 26.72 0.31 -80.10
C ASN E 542 25.75 1.01 -81.02
N ASN E 543 25.45 2.28 -80.79
CA ASN E 543 24.51 3.03 -81.63
C ASN E 543 25.16 4.29 -82.20
N LEU E 544 26.42 4.18 -82.63
CA LEU E 544 27.13 5.33 -83.16
C LEU E 544 26.55 5.79 -84.50
N ASP E 545 26.12 4.85 -85.35
CA ASP E 545 25.55 5.21 -86.63
C ASP E 545 24.26 6.00 -86.47
N TRP E 546 23.43 5.63 -85.49
CA TRP E 546 22.19 6.36 -85.24
C TRP E 546 22.45 7.82 -84.91
N LEU E 547 23.60 8.11 -84.28
CA LEU E 547 23.94 9.48 -83.95
C LEU E 547 24.63 10.19 -85.11
N VAL E 548 25.48 9.47 -85.85
CA VAL E 548 26.24 10.10 -86.92
C VAL E 548 25.33 10.46 -88.09
N SER E 549 24.38 9.59 -88.42
CA SER E 549 23.56 9.80 -89.60
C SER E 549 22.63 11.01 -89.48
N LYS E 550 22.47 11.56 -88.28
CA LYS E 550 21.58 12.70 -88.07
C LYS E 550 22.27 14.04 -88.19
N LEU E 551 23.58 14.07 -88.47
CA LEU E 551 24.28 15.34 -88.63
C LEU E 551 23.78 16.13 -89.83
N ASP E 552 23.20 15.45 -90.82
CA ASP E 552 22.69 16.15 -92.00
C ASP E 552 21.49 17.01 -91.64
N ARG E 553 20.68 16.59 -90.66
CA ARG E 553 19.48 17.33 -90.30
C ARG E 553 19.82 18.76 -89.92
N LEU E 554 19.01 19.71 -90.40
CA LEU E 554 19.31 21.12 -90.30
C LEU E 554 18.40 21.87 -89.32
N GLU E 555 17.65 21.16 -88.48
CA GLU E 555 16.82 21.85 -87.51
C GLU E 555 17.54 22.05 -86.18
N ALA E 556 18.32 21.06 -85.76
CA ALA E 556 18.99 21.10 -84.45
C ALA E 556 20.43 20.61 -84.56
N SER E 557 21.16 21.11 -85.57
CA SER E 557 22.51 20.60 -85.83
C SER E 557 23.45 20.82 -84.66
N SER E 558 23.37 21.99 -84.01
CA SER E 558 24.29 22.30 -82.92
C SER E 558 24.13 21.34 -81.75
N GLY E 559 22.89 20.97 -81.41
CA GLY E 559 22.68 20.03 -80.33
C GLY E 559 23.28 18.67 -80.62
N ILE E 560 23.10 18.17 -81.84
CA ILE E 560 23.68 16.89 -82.22
C ILE E 560 25.20 16.95 -82.17
N LEU E 561 25.78 18.04 -82.65
CA LEU E 561 27.23 18.19 -82.60
C LEU E 561 27.74 18.22 -81.16
N GLU E 562 27.02 18.92 -80.28
CA GLU E 562 27.42 18.97 -78.88
C GLU E 562 27.32 17.60 -78.22
N VAL E 563 26.26 16.85 -78.53
CA VAL E 563 26.13 15.49 -77.98
C VAL E 563 27.27 14.61 -78.45
N LEU E 564 27.61 14.69 -79.73
CA LEU E 564 28.72 13.90 -80.25
C LEU E 564 30.04 14.28 -79.59
N TYR E 565 30.25 15.59 -79.39
CA TYR E 565 31.48 16.04 -78.72
C TYR E 565 31.55 15.51 -77.30
N CYS E 566 30.45 15.57 -76.56
CA CYS E 566 30.44 15.05 -75.19
C CYS E 566 30.72 13.56 -75.17
N VAL E 567 30.10 12.81 -76.08
CA VAL E 567 30.30 11.36 -76.13
C VAL E 567 31.76 11.05 -76.43
N LEU E 568 32.35 11.75 -77.39
CA LEU E 568 33.75 11.50 -77.76
C LEU E 568 34.69 11.86 -76.63
N ILE E 569 34.42 12.95 -75.90
CA ILE E 569 35.31 13.36 -74.83
C ILE E 569 35.24 12.37 -73.66
N GLU E 570 34.03 11.98 -73.26
CA GLU E 570 33.88 11.22 -72.03
C GLU E 570 34.34 9.77 -72.17
N SER E 571 34.09 9.12 -73.30
CA SER E 571 34.36 7.69 -73.47
C SER E 571 35.35 7.50 -74.62
N PRO E 572 36.66 7.52 -74.33
CA PRO E 572 37.66 7.34 -75.39
C PRO E 572 37.63 5.97 -76.05
N GLU E 573 37.05 4.95 -75.39
CA GLU E 573 37.02 3.62 -75.98
C GLU E 573 36.31 3.60 -77.32
N VAL E 574 35.27 4.43 -77.47
CA VAL E 574 34.53 4.50 -78.73
C VAL E 574 35.42 4.89 -79.89
N LEU E 575 36.61 5.44 -79.61
CA LEU E 575 37.55 5.77 -80.68
C LEU E 575 38.03 4.53 -81.44
N ASN E 576 37.83 3.34 -80.90
CA ASN E 576 38.32 2.13 -81.55
C ASN E 576 37.33 1.55 -82.55
N ILE E 577 36.13 2.12 -82.68
CA ILE E 577 35.15 1.65 -83.64
C ILE E 577 34.84 2.67 -84.74
N ILE E 578 35.52 3.81 -84.74
CA ILE E 578 35.30 4.80 -85.79
C ILE E 578 35.83 4.26 -87.11
N GLN E 579 35.06 4.44 -88.17
CA GLN E 579 35.44 4.00 -89.50
C GLN E 579 35.56 5.19 -90.44
N GLU E 580 35.90 4.90 -91.70
CA GLU E 580 36.18 5.95 -92.66
C GLU E 580 34.93 6.77 -93.00
N ASN E 581 33.79 6.10 -93.12
CA ASN E 581 32.58 6.79 -93.56
C ASN E 581 32.14 7.85 -92.55
N HIS E 582 32.33 7.59 -91.25
CA HIS E 582 31.98 8.59 -90.24
C HIS E 582 32.83 9.84 -90.39
N ILE E 583 34.14 9.65 -90.61
CA ILE E 583 35.05 10.78 -90.79
C ILE E 583 34.66 11.56 -92.05
N LYS E 584 34.35 10.85 -93.13
CA LYS E 584 33.94 11.53 -94.36
C LYS E 584 32.63 12.28 -94.17
N SER E 585 31.72 11.73 -93.37
CA SER E 585 30.47 12.43 -93.07
C SER E 585 30.74 13.71 -92.29
N ILE E 586 31.65 13.65 -91.31
CA ILE E 586 31.98 14.86 -90.55
C ILE E 586 32.62 15.92 -91.46
N ILE E 587 33.52 15.49 -92.34
CA ILE E 587 34.15 16.44 -93.26
C ILE E 587 33.13 17.03 -94.23
N SER E 588 32.18 16.22 -94.68
CA SER E 588 31.11 16.73 -95.53
C SER E 588 30.21 17.71 -94.78
N LEU E 589 29.98 17.47 -93.49
CA LEU E 589 29.26 18.44 -92.69
C LEU E 589 30.01 19.77 -92.62
N LEU E 590 31.33 19.70 -92.44
CA LEU E 590 32.15 20.91 -92.45
C LEU E 590 32.02 21.63 -93.79
N ASP E 591 32.02 20.87 -94.89
CA ASP E 591 31.89 21.47 -96.22
C ASP E 591 30.53 22.12 -96.40
N LYS E 592 29.46 21.48 -95.94
CA LYS E 592 28.10 21.94 -96.23
C LYS E 592 27.65 23.08 -95.33
N HIS E 593 28.07 23.09 -94.07
CA HIS E 593 27.53 24.05 -93.11
C HIS E 593 28.41 25.28 -92.90
N GLY E 594 29.55 25.38 -93.58
CA GLY E 594 30.42 26.53 -93.44
C GLY E 594 31.58 26.26 -92.51
N ARG E 595 32.37 27.32 -92.31
CA ARG E 595 33.57 27.24 -91.50
C ARG E 595 33.20 27.40 -90.03
N ASN E 596 33.27 26.30 -89.28
CA ASN E 596 32.95 26.28 -87.85
C ASN E 596 34.05 25.53 -87.12
N HIS E 597 34.54 26.12 -86.02
CA HIS E 597 35.66 25.54 -85.29
C HIS E 597 35.25 24.40 -84.37
N LYS E 598 33.95 24.24 -84.10
CA LYS E 598 33.51 23.10 -83.30
C LYS E 598 33.78 21.78 -84.03
N VAL E 599 33.61 21.78 -85.35
CA VAL E 599 33.95 20.60 -86.14
C VAL E 599 35.45 20.32 -86.06
N LEU E 600 36.26 21.37 -86.05
CA LEU E 600 37.70 21.18 -85.91
C LEU E 600 38.04 20.58 -84.55
N ASP E 601 37.37 21.03 -83.49
CA ASP E 601 37.59 20.43 -82.17
C ASP E 601 37.18 18.97 -82.15
N VAL E 602 36.05 18.65 -82.79
CA VAL E 602 35.59 17.26 -82.85
C VAL E 602 36.62 16.40 -83.57
N LEU E 603 37.15 16.91 -84.68
CA LEU E 603 38.18 16.17 -85.42
C LEU E 603 39.45 16.01 -84.59
N CYS E 604 39.82 17.04 -83.83
CA CYS E 604 41.00 16.95 -82.97
C CYS E 604 40.82 15.90 -81.90
N SER E 605 39.60 15.73 -81.41
CA SER E 605 39.36 14.79 -80.31
C SER E 605 39.52 13.33 -80.72
N LEU E 606 39.67 13.05 -82.02
CA LEU E 606 39.70 11.68 -82.51
C LEU E 606 41.10 11.12 -82.70
N CYS E 607 42.14 11.78 -82.20
CA CYS E 607 43.50 11.37 -82.52
C CYS E 607 44.21 10.66 -81.37
N VAL E 608 43.94 11.03 -80.12
CA VAL E 608 44.65 10.50 -78.98
C VAL E 608 43.66 9.85 -78.01
N CYS E 609 44.00 8.65 -77.55
CA CYS E 609 43.16 7.90 -76.62
C CYS E 609 43.91 7.75 -75.29
N ASN E 610 43.59 8.63 -74.34
CA ASN E 610 44.12 8.62 -72.97
C ASN E 610 45.62 8.29 -72.92
N GLY E 611 46.40 8.91 -73.78
CA GLY E 611 47.85 8.80 -73.74
C GLY E 611 48.48 8.07 -74.91
N VAL E 612 47.72 7.32 -75.71
CA VAL E 612 48.24 6.62 -76.88
C VAL E 612 47.59 7.22 -78.12
N ALA E 613 48.41 7.32 -79.17
CA ALA E 613 47.94 7.97 -80.41
C ALA E 613 47.34 6.90 -81.31
N VAL E 614 46.15 7.18 -81.83
CA VAL E 614 45.46 6.17 -82.68
C VAL E 614 45.74 6.55 -84.14
N CYS E 615 46.78 5.94 -84.74
CA CYS E 615 47.22 6.32 -86.12
C CYS E 615 46.09 6.33 -87.15
N SER E 616 45.49 5.17 -87.46
CA SER E 616 44.44 5.10 -88.51
C SER E 616 43.68 6.41 -88.60
N ASN E 617 43.00 6.80 -87.52
CA ASN E 617 42.24 8.04 -87.50
C ASN E 617 43.06 9.21 -88.06
N GLN E 618 44.30 9.35 -87.59
CA GLN E 618 45.16 10.42 -88.08
C GLN E 618 45.43 10.27 -89.57
N ASP E 619 45.71 9.04 -90.02
CA ASP E 619 46.00 8.82 -91.43
C ASP E 619 44.80 9.15 -92.29
N LEU E 620 43.60 8.72 -91.87
CA LEU E 620 42.40 9.00 -92.65
C LEU E 620 42.09 10.49 -92.70
N ILE E 621 42.24 11.19 -91.57
CA ILE E 621 41.99 12.63 -91.56
C ILE E 621 42.97 13.33 -92.49
N THR E 622 44.25 12.98 -92.42
CA THR E 622 45.24 13.61 -93.29
C THR E 622 44.96 13.33 -94.75
N GLU E 623 44.57 12.09 -95.08
CA GLU E 623 44.34 11.73 -96.47
C GLU E 623 43.09 12.37 -97.04
N ASN E 624 42.06 12.56 -96.22
CA ASN E 624 40.78 13.04 -96.71
C ASN E 624 40.59 14.54 -96.62
N LEU E 625 41.32 15.23 -95.75
CA LEU E 625 41.13 16.67 -95.58
C LEU E 625 42.18 17.52 -96.26
N LEU E 626 43.44 17.10 -96.21
CA LEU E 626 44.56 17.94 -96.65
C LEU E 626 44.75 18.03 -98.17
N PRO E 627 44.86 16.92 -98.90
CA PRO E 627 45.37 17.02 -100.29
C PRO E 627 44.55 17.92 -101.19
N GLY E 628 43.23 17.95 -101.04
CA GLY E 628 42.43 18.86 -101.83
C GLY E 628 42.33 20.21 -101.15
N ARG E 629 43.15 21.16 -101.59
CA ARG E 629 43.28 22.45 -100.91
C ARG E 629 42.09 23.35 -101.24
N GLU E 630 40.91 23.02 -100.70
CA GLU E 630 39.70 23.76 -101.00
C GLU E 630 38.94 24.24 -99.76
N LEU E 631 39.24 23.69 -98.59
CA LEU E 631 38.48 24.04 -97.39
C LEU E 631 39.25 24.97 -96.45
N LEU E 632 40.46 24.60 -96.07
CA LEU E 632 41.25 25.40 -95.15
C LEU E 632 41.93 26.55 -95.88
N LEU E 633 42.12 27.66 -95.17
CA LEU E 633 42.79 28.83 -95.75
C LEU E 633 44.26 28.52 -95.99
N GLN E 634 44.81 29.09 -97.06
CA GLN E 634 46.19 28.80 -97.45
C GLN E 634 47.10 29.97 -97.06
N THR E 635 48.39 29.70 -96.96
CA THR E 635 49.38 30.72 -96.64
C THR E 635 50.61 30.57 -97.52
N ASN E 636 51.28 31.70 -97.78
CA ASN E 636 52.52 31.67 -98.55
C ASN E 636 53.29 32.97 -98.34
N LEU E 637 54.43 33.07 -98.99
CA LEU E 637 55.27 34.26 -98.97
C LEU E 637 55.39 34.81 -100.39
N ILE E 638 55.11 36.11 -100.55
CA ILE E 638 55.09 36.73 -101.87
C ILE E 638 55.87 38.04 -101.85
N ASN E 639 56.22 38.52 -103.04
CA ASN E 639 56.97 39.75 -103.20
C ASN E 639 56.02 40.93 -103.46
N TYR E 640 56.54 42.14 -103.25
CA TYR E 640 55.83 43.34 -103.65
C TYR E 640 56.19 43.73 -105.08
N VAL E 641 55.22 44.25 -105.82
CA VAL E 641 55.44 44.75 -107.16
C VAL E 641 54.86 46.16 -107.26
N THR E 642 55.30 46.91 -108.27
CA THR E 642 54.85 48.27 -108.45
C THR E 642 54.93 48.65 -109.92
N SER E 643 54.23 49.73 -110.28
CA SER E 643 54.10 50.16 -111.67
C SER E 643 54.55 51.61 -111.81
N ILE E 644 55.05 51.93 -113.01
CA ILE E 644 55.54 53.27 -113.34
C ILE E 644 55.06 53.64 -114.73
N ARG E 645 54.63 54.88 -114.88
CA ARG E 645 54.11 55.43 -116.13
C ARG E 645 54.64 56.83 -116.34
N PRO E 646 54.67 57.30 -117.58
CA PRO E 646 54.77 58.73 -117.84
C PRO E 646 53.40 59.37 -117.86
N ASN E 647 53.38 60.69 -118.05
CA ASN E 647 52.14 61.46 -117.98
C ASN E 647 51.56 61.75 -119.36
N ILE E 648 51.71 60.82 -120.29
CA ILE E 648 51.14 60.94 -121.64
C ILE E 648 49.83 60.19 -121.68
N PHE E 649 48.77 60.87 -122.14
CA PHE E 649 47.44 60.29 -122.21
C PHE E 649 46.90 60.42 -123.63
N VAL E 650 46.26 59.36 -124.11
CA VAL E 650 45.76 59.30 -125.48
C VAL E 650 44.41 58.59 -125.47
N GLY E 651 43.46 59.11 -126.25
CA GLY E 651 42.14 58.53 -126.32
C GLY E 651 41.51 58.75 -127.69
N ARG E 652 40.29 58.25 -127.84
CA ARG E 652 39.54 58.38 -129.08
C ARG E 652 38.08 58.67 -128.76
N ALA E 653 37.47 59.55 -129.54
CA ALA E 653 36.06 59.88 -129.39
C ALA E 653 35.57 60.52 -130.68
N GLU E 654 34.28 60.84 -130.70
CA GLU E 654 33.68 61.49 -131.87
C GLU E 654 34.03 62.98 -131.88
N GLY E 655 34.65 63.43 -132.96
CA GLY E 655 35.06 64.82 -133.06
C GLY E 655 36.25 65.18 -132.22
N THR E 656 37.05 64.22 -131.80
CA THR E 656 38.20 64.50 -130.97
C THR E 656 39.33 65.15 -131.78
N THR E 657 40.25 65.78 -131.07
CA THR E 657 41.37 66.48 -131.69
C THR E 657 42.68 65.70 -131.62
N GLN E 658 42.64 64.42 -131.30
CA GLN E 658 43.85 63.65 -131.06
C GLN E 658 44.14 62.70 -132.23
N TYR E 659 45.42 62.39 -132.40
CA TYR E 659 45.85 61.45 -133.43
C TYR E 659 45.56 60.02 -132.98
N SER E 660 45.70 59.08 -133.91
CA SER E 660 45.16 57.74 -133.70
C SER E 660 46.21 56.64 -133.53
N LYS E 661 47.48 56.90 -133.86
CA LYS E 661 48.49 55.85 -133.81
C LYS E 661 49.69 56.32 -133.01
N TRP E 662 50.24 55.42 -132.18
CA TRP E 662 51.34 55.80 -131.29
C TRP E 662 52.30 54.64 -131.12
N TYR E 663 53.50 54.96 -130.64
CA TYR E 663 54.63 54.04 -130.61
C TYR E 663 55.63 54.49 -129.55
N PHE E 664 56.21 53.53 -128.82
CA PHE E 664 57.25 53.86 -127.84
C PHE E 664 58.12 52.64 -127.60
N GLU E 665 59.22 52.84 -126.87
CA GLU E 665 60.19 51.75 -126.67
C GLU E 665 60.72 51.73 -125.25
N VAL E 666 61.15 50.55 -124.83
CA VAL E 666 61.73 50.30 -123.51
C VAL E 666 62.99 49.47 -123.68
N MET E 667 64.04 49.82 -122.93
CA MET E 667 65.31 49.10 -122.96
C MET E 667 65.62 48.58 -121.56
N VAL E 668 66.15 47.36 -121.48
CA VAL E 668 66.46 46.70 -120.22
C VAL E 668 67.97 46.70 -120.03
N ASP E 669 68.42 47.12 -118.84
CA ASP E 669 69.85 47.18 -118.56
C ASP E 669 70.33 46.07 -117.64
N GLU E 670 69.57 45.75 -116.59
CA GLU E 670 70.02 44.78 -115.60
C GLU E 670 68.81 44.11 -114.96
N VAL E 671 68.93 42.82 -114.67
CA VAL E 671 67.88 42.07 -114.00
C VAL E 671 68.48 40.85 -113.31
N VAL E 672 68.08 40.62 -112.06
CA VAL E 672 68.53 39.47 -111.28
C VAL E 672 67.45 38.41 -111.34
N PRO E 673 67.70 37.24 -111.94
CA PRO E 673 66.61 36.25 -112.10
C PRO E 673 65.97 35.81 -110.81
N PHE E 674 66.76 35.60 -109.75
CA PHE E 674 66.24 35.15 -108.46
C PHE E 674 66.91 35.95 -107.34
N LEU E 675 66.33 37.10 -106.99
CA LEU E 675 66.78 37.82 -105.81
C LEU E 675 66.26 37.19 -104.53
N THR E 676 65.06 36.61 -104.58
CA THR E 676 64.45 35.93 -103.44
C THR E 676 64.04 34.54 -103.93
N ALA E 677 63.33 33.76 -103.13
CA ALA E 677 62.91 32.43 -103.56
C ALA E 677 61.88 32.47 -104.67
N GLN E 678 61.32 33.64 -104.99
CA GLN E 678 60.34 33.79 -106.05
C GLN E 678 60.94 34.57 -107.21
N ALA E 679 60.49 34.24 -108.43
CA ALA E 679 61.10 34.81 -109.63
C ALA E 679 60.79 36.30 -109.75
N THR E 680 61.68 37.02 -110.43
CA THR E 680 61.53 38.46 -110.60
C THR E 680 60.42 38.76 -111.61
N HIS E 681 59.70 39.85 -111.36
CA HIS E 681 58.56 40.26 -112.18
C HIS E 681 58.95 41.46 -113.03
N LEU E 682 58.59 41.42 -114.31
CA LEU E 682 58.88 42.52 -115.22
C LEU E 682 57.96 42.40 -116.43
N ARG E 683 57.05 43.37 -116.60
CA ARG E 683 56.12 43.40 -117.72
C ARG E 683 55.99 44.81 -118.25
N VAL E 684 55.68 44.93 -119.55
CA VAL E 684 55.58 46.22 -120.22
C VAL E 684 54.31 46.23 -121.06
N GLY E 685 53.58 47.35 -121.05
CA GLY E 685 52.39 47.40 -121.89
C GLY E 685 51.62 48.70 -121.77
N TRP E 686 50.33 48.62 -122.08
CA TRP E 686 49.42 49.75 -122.08
C TRP E 686 48.37 49.58 -120.99
N ALA E 687 47.85 50.69 -120.50
CA ALA E 687 46.85 50.67 -119.44
C ALA E 687 45.83 51.77 -119.67
N LEU E 688 44.69 51.64 -118.98
CA LEU E 688 43.57 52.56 -119.12
C LEU E 688 43.34 53.27 -117.79
N THR E 689 42.95 54.54 -117.87
CA THR E 689 42.91 55.38 -116.67
C THR E 689 41.73 55.04 -115.76
N GLU E 690 40.63 54.53 -116.33
CA GLU E 690 39.40 54.42 -115.55
C GLU E 690 39.42 53.27 -114.55
N GLY E 691 40.04 52.15 -114.89
CA GLY E 691 39.90 50.98 -114.04
C GLY E 691 41.20 50.40 -113.49
N TYR E 692 42.34 50.75 -114.09
CA TYR E 692 43.62 50.20 -113.65
C TYR E 692 44.04 50.92 -112.36
N SER E 693 44.03 50.19 -111.25
CA SER E 693 44.37 50.76 -109.95
C SER E 693 44.91 49.67 -109.04
N PRO E 694 46.20 49.36 -109.14
CA PRO E 694 46.78 48.34 -108.26
C PRO E 694 47.27 48.94 -106.95
N TYR E 695 46.97 48.23 -105.86
CA TYR E 695 47.41 48.63 -104.54
C TYR E 695 48.45 47.64 -104.00
N PRO E 696 49.43 48.11 -103.24
CA PRO E 696 50.42 47.18 -102.67
C PRO E 696 49.76 46.16 -101.75
N GLY E 697 50.26 44.93 -101.80
CA GLY E 697 49.77 43.89 -100.92
C GLY E 697 48.91 42.84 -101.62
N GLY E 698 47.71 42.62 -101.10
CA GLY E 698 46.85 41.58 -101.61
C GLY E 698 46.12 41.99 -102.89
N GLY E 699 45.39 41.04 -103.44
CA GLY E 699 44.66 41.28 -104.68
C GLY E 699 44.10 39.99 -105.23
N GLU E 700 43.98 39.95 -106.55
CA GLU E 700 43.49 38.75 -107.22
C GLU E 700 44.51 37.64 -107.18
N GLY E 701 44.03 36.39 -107.16
CA GLY E 701 44.92 35.25 -107.18
C GLY E 701 45.80 35.22 -105.95
N TRP E 702 47.11 35.15 -106.17
CA TRP E 702 48.10 35.11 -105.10
C TRP E 702 48.84 36.44 -104.95
N GLY E 703 48.16 37.56 -105.22
CA GLY E 703 48.78 38.85 -105.05
C GLY E 703 49.80 39.16 -106.13
N GLY E 704 50.56 40.23 -105.89
CA GLY E 704 51.56 40.68 -106.83
C GLY E 704 50.99 41.10 -108.16
N ASN E 705 49.92 41.90 -108.13
CA ASN E 705 49.21 42.27 -109.34
C ASN E 705 49.97 43.36 -110.09
N GLY E 706 50.16 43.15 -111.39
CA GLY E 706 50.85 44.10 -112.25
C GLY E 706 50.07 44.36 -113.51
N VAL E 707 50.78 44.48 -114.62
CA VAL E 707 50.16 44.75 -115.91
C VAL E 707 49.60 43.45 -116.48
N GLY E 708 48.32 43.48 -116.84
CA GLY E 708 47.67 42.31 -117.40
C GLY E 708 46.94 41.43 -116.42
N ASP E 709 46.75 41.88 -115.18
CA ASP E 709 46.07 41.09 -114.17
C ASP E 709 44.61 41.51 -113.99
N ASP E 710 44.07 42.31 -114.90
CA ASP E 710 42.66 42.62 -114.96
C ASP E 710 42.27 42.82 -116.42
N LEU E 711 41.09 43.39 -116.65
CA LEU E 711 40.63 43.70 -118.00
C LEU E 711 40.77 45.17 -118.33
N TYR E 712 41.75 45.85 -117.73
CA TYR E 712 42.02 47.25 -118.01
C TYR E 712 43.46 47.49 -118.47
N SER E 713 44.26 46.43 -118.59
CA SER E 713 45.66 46.58 -118.97
C SER E 713 46.03 45.44 -119.91
N TYR E 714 47.05 45.70 -120.74
CA TYR E 714 47.50 44.72 -121.72
C TYR E 714 49.01 44.76 -121.75
N GLY E 715 49.66 43.64 -121.42
CA GLY E 715 51.09 43.64 -121.19
C GLY E 715 51.78 42.45 -121.85
N PHE E 716 53.10 42.52 -121.85
CA PHE E 716 53.97 41.54 -122.48
C PHE E 716 55.22 41.38 -121.63
N ASP E 717 55.78 40.17 -121.64
CA ASP E 717 56.92 39.86 -120.78
C ASP E 717 58.02 39.04 -121.44
N GLY E 718 57.91 38.72 -122.73
CA GLY E 718 58.93 37.98 -123.46
C GLY E 718 58.47 36.61 -123.93
N LEU E 719 57.55 35.98 -123.21
CA LEU E 719 57.07 34.65 -123.58
C LEU E 719 55.56 34.60 -123.70
N HIS E 720 54.86 35.40 -122.90
CA HIS E 720 53.42 35.31 -122.79
C HIS E 720 52.77 36.66 -123.04
N LEU E 721 51.54 36.62 -123.53
CA LEU E 721 50.64 37.76 -123.52
C LEU E 721 49.71 37.62 -122.32
N TRP E 722 49.67 38.65 -121.48
CA TRP E 722 48.95 38.60 -120.22
C TRP E 722 47.69 39.47 -120.31
N THR E 723 46.54 38.88 -119.97
CA THR E 723 45.32 39.66 -119.84
C THR E 723 44.32 38.88 -119.01
N GLY E 724 43.52 39.61 -118.23
CA GLY E 724 42.55 38.98 -117.36
C GLY E 724 43.14 38.01 -116.36
N HIS E 725 44.36 38.27 -115.90
CA HIS E 725 45.12 37.38 -115.03
C HIS E 725 45.39 36.02 -115.68
N VAL E 726 45.44 35.98 -117.00
CA VAL E 726 45.67 34.75 -117.76
C VAL E 726 46.81 34.99 -118.73
N PRO E 727 47.83 34.14 -118.74
CA PRO E 727 48.86 34.21 -119.80
C PRO E 727 48.58 33.26 -120.95
N ARG E 728 49.00 33.67 -122.14
CA ARG E 728 48.88 32.86 -123.33
C ARG E 728 50.20 32.89 -124.11
N LEU E 729 50.67 31.72 -124.51
CA LEU E 729 51.99 31.59 -125.12
C LEU E 729 51.99 32.13 -126.55
N VAL E 730 53.09 32.76 -126.95
CA VAL E 730 53.26 33.30 -128.29
C VAL E 730 54.58 32.79 -128.86
N THR E 731 54.69 32.85 -130.19
CA THR E 731 55.88 32.37 -130.89
C THR E 731 56.71 33.55 -131.37
N SER E 732 58.01 33.48 -131.13
CA SER E 732 58.95 34.51 -131.55
C SER E 732 60.29 33.86 -131.85
N PRO E 733 61.07 34.41 -132.78
CA PRO E 733 62.39 33.83 -133.06
C PRO E 733 63.35 34.02 -131.90
N GLY E 734 63.73 32.92 -131.25
CA GLY E 734 64.61 32.99 -130.10
C GLY E 734 63.89 33.36 -128.83
N GLN E 735 62.87 32.57 -128.47
CA GLN E 735 62.07 32.87 -127.29
C GLN E 735 62.91 32.78 -126.02
N HIS E 736 62.76 33.77 -125.16
CA HIS E 736 63.35 33.75 -123.83
C HIS E 736 62.69 34.84 -122.99
N LEU E 737 62.79 34.67 -121.68
CA LEU E 737 62.31 35.72 -120.77
C LEU E 737 63.17 36.97 -120.93
N LEU E 738 62.60 38.11 -120.56
CA LEU E 738 63.28 39.39 -120.75
C LEU E 738 64.65 39.37 -120.08
N ALA E 739 65.66 39.78 -120.82
CA ALA E 739 67.06 39.69 -120.45
C ALA E 739 67.74 41.02 -120.71
N PRO E 740 68.91 41.26 -120.12
CA PRO E 740 69.63 42.51 -120.39
C PRO E 740 69.95 42.67 -121.86
N GLU E 741 70.03 43.93 -122.29
CA GLU E 741 70.29 44.36 -123.66
C GLU E 741 69.12 44.09 -124.61
N ASP E 742 67.93 43.84 -124.07
CA ASP E 742 66.74 43.66 -124.90
C ASP E 742 66.03 44.99 -125.11
N VAL E 743 65.40 45.13 -126.27
CA VAL E 743 64.64 46.32 -126.63
C VAL E 743 63.23 45.88 -127.03
N VAL E 744 62.23 46.50 -126.43
CA VAL E 744 60.83 46.17 -126.70
C VAL E 744 60.14 47.41 -127.24
N SER E 745 59.44 47.27 -128.37
CA SER E 745 58.73 48.37 -128.99
C SER E 745 57.24 48.06 -128.99
N CYS E 746 56.44 49.03 -128.55
CA CYS E 746 54.99 48.87 -128.45
C CYS E 746 54.31 49.85 -129.39
N CYS E 747 53.31 49.35 -130.12
CA CYS E 747 52.55 50.12 -131.09
C CYS E 747 51.06 50.01 -130.76
N LEU E 748 50.36 51.15 -130.78
CA LEU E 748 48.94 51.20 -130.48
C LEU E 748 48.21 51.88 -131.63
N ASP E 749 47.09 51.30 -132.06
CA ASP E 749 46.26 51.96 -133.10
C ASP E 749 44.85 52.15 -132.53
N LEU E 750 44.48 53.39 -132.19
CA LEU E 750 43.10 53.66 -131.68
C LEU E 750 42.11 53.18 -132.74
N SER E 751 42.30 53.59 -133.99
CA SER E 751 41.44 53.08 -135.09
C SER E 751 41.48 51.55 -135.02
N VAL E 752 40.33 50.88 -135.17
CA VAL E 752 40.25 49.38 -135.02
C VAL E 752 41.16 48.94 -133.86
N PRO E 753 40.71 49.09 -132.59
CA PRO E 753 41.53 48.74 -131.43
C PRO E 753 42.59 47.66 -131.70
N SER E 754 43.87 48.06 -131.75
CA SER E 754 44.96 47.09 -132.04
C SER E 754 46.21 47.43 -131.24
N ILE E 755 46.79 46.43 -130.57
CA ILE E 755 48.05 46.62 -129.85
C ILE E 755 49.03 45.58 -130.35
N SER E 756 50.25 46.02 -130.69
CA SER E 756 51.24 45.13 -131.25
C SER E 756 52.59 45.37 -130.59
N PHE E 757 53.42 44.32 -130.58
CA PHE E 757 54.72 44.35 -129.95
C PHE E 757 55.79 43.88 -130.93
N ARG E 758 57.00 44.40 -130.75
CA ARG E 758 58.18 43.91 -131.46
C ARG E 758 59.33 43.79 -130.47
N ILE E 759 60.12 42.73 -130.63
CA ILE E 759 61.29 42.49 -129.79
C ILE E 759 62.51 42.39 -130.68
N ASN E 760 63.48 43.28 -130.44
CA ASN E 760 64.73 43.32 -131.20
C ASN E 760 64.48 43.43 -132.70
N GLY E 761 63.37 44.09 -133.07
CA GLY E 761 63.01 44.27 -134.46
C GLY E 761 62.21 43.14 -135.08
N CYS E 762 62.19 41.97 -134.43
CA CYS E 762 61.43 40.84 -134.94
C CYS E 762 60.01 40.86 -134.37
N PRO E 763 58.99 40.86 -135.23
CA PRO E 763 57.61 40.94 -134.72
C PRO E 763 57.20 39.68 -133.98
N VAL E 764 56.27 39.85 -133.06
CA VAL E 764 55.67 38.73 -132.33
C VAL E 764 54.32 38.42 -132.97
N GLN E 765 53.95 37.14 -132.93
CA GLN E 765 52.78 36.64 -133.65
C GLN E 765 51.54 36.56 -132.76
N GLY E 766 51.09 37.69 -132.23
CA GLY E 766 49.86 37.71 -131.44
C GLY E 766 49.41 39.14 -131.25
N VAL E 767 48.08 39.32 -131.18
CA VAL E 767 47.50 40.65 -131.10
C VAL E 767 46.30 40.66 -130.17
N PHE E 768 46.13 41.79 -129.47
CA PHE E 768 44.90 42.14 -128.78
C PHE E 768 44.02 42.96 -129.71
N GLU E 769 42.71 42.82 -129.58
CA GLU E 769 41.80 43.60 -130.40
C GLU E 769 40.40 43.59 -129.80
N ALA E 770 39.54 44.43 -130.37
CA ALA E 770 38.11 44.50 -130.02
C ALA E 770 37.89 44.78 -128.54
N PHE E 771 38.65 45.71 -127.97
CA PHE E 771 38.46 46.06 -126.57
C PHE E 771 37.68 47.38 -126.47
N ASN E 772 37.29 47.71 -125.24
CA ASN E 772 36.52 48.93 -124.99
C ASN E 772 37.37 50.17 -125.25
N LEU E 773 36.69 51.28 -125.54
CA LEU E 773 37.36 52.50 -125.95
C LEU E 773 37.10 53.69 -125.05
N ASN E 774 36.33 53.53 -123.98
CA ASN E 774 36.12 54.64 -123.06
C ASN E 774 37.36 54.84 -122.19
N GLY E 775 37.67 56.10 -121.91
CA GLY E 775 38.83 56.44 -121.14
C GLY E 775 40.06 56.70 -121.99
N LEU E 776 41.17 56.98 -121.31
CA LEU E 776 42.43 57.30 -121.96
C LEU E 776 43.44 56.20 -121.71
N PHE E 777 44.41 56.09 -122.62
CA PHE E 777 45.44 55.06 -122.56
C PHE E 777 46.79 55.70 -122.24
N PHE E 778 47.61 54.95 -121.49
CA PHE E 778 48.96 55.40 -121.20
C PHE E 778 49.90 54.20 -121.15
N PRO E 779 51.17 54.39 -121.48
CA PRO E 779 52.15 53.30 -121.31
C PRO E 779 52.44 53.04 -119.84
N VAL E 780 52.88 51.83 -119.54
CA VAL E 780 53.11 51.43 -118.16
C VAL E 780 54.13 50.29 -118.16
N VAL E 781 54.95 50.25 -117.11
CA VAL E 781 55.86 49.14 -116.87
C VAL E 781 55.74 48.73 -115.41
N SER E 782 55.60 47.42 -115.17
CA SER E 782 55.46 46.89 -113.83
C SER E 782 56.64 45.98 -113.51
N PHE E 783 57.08 46.01 -112.26
CA PHE E 783 58.30 45.31 -111.90
C PHE E 783 58.31 45.04 -110.40
N SER E 784 59.26 44.21 -109.97
CA SER E 784 59.58 43.98 -108.58
C SER E 784 61.02 44.43 -108.33
N ALA E 785 61.53 44.14 -107.15
CA ALA E 785 62.85 44.63 -106.76
C ALA E 785 63.95 43.97 -107.59
N GLY E 786 64.93 44.79 -107.99
CA GLY E 786 66.10 44.28 -108.66
C GLY E 786 66.10 44.43 -110.16
N VAL E 787 65.66 45.58 -110.67
CA VAL E 787 65.59 45.82 -112.11
C VAL E 787 66.11 47.22 -112.43
N LYS E 788 66.54 47.39 -113.68
CA LYS E 788 66.92 48.69 -114.24
C LYS E 788 66.46 48.76 -115.68
N VAL E 789 65.63 49.77 -115.99
CA VAL E 789 65.09 49.93 -117.34
C VAL E 789 65.16 51.40 -117.72
N ARG E 790 64.99 51.65 -119.02
CA ARG E 790 64.98 53.00 -119.56
C ARG E 790 63.84 53.15 -120.56
N PHE E 791 63.10 54.25 -120.42
CA PHE E 791 62.06 54.65 -121.34
C PHE E 791 62.65 55.45 -122.48
N LEU E 792 62.24 55.11 -123.72
CA LEU E 792 62.60 55.82 -124.94
C LEU E 792 61.31 56.26 -125.61
N LEU E 793 61.14 57.58 -125.76
CA LEU E 793 59.92 58.18 -126.27
C LEU E 793 60.12 58.96 -127.56
N GLY E 794 61.34 59.01 -128.09
CA GLY E 794 61.62 59.75 -129.30
C GLY E 794 61.99 61.20 -129.03
N GLY E 795 62.30 61.90 -130.11
CA GLY E 795 62.72 63.29 -130.01
C GLY E 795 63.99 63.43 -129.20
N ARG E 796 63.98 64.39 -128.28
CA ARG E 796 65.09 64.60 -127.36
C ARG E 796 64.88 63.91 -126.03
N HIS E 797 63.99 62.90 -125.98
CA HIS E 797 63.77 62.12 -124.77
C HIS E 797 64.14 60.67 -125.02
N GLY E 798 65.26 60.44 -125.68
CA GLY E 798 65.70 59.09 -126.00
C GLY E 798 65.51 58.75 -127.47
N GLU E 799 66.60 58.34 -128.13
CA GLU E 799 66.53 58.02 -129.55
C GLU E 799 66.06 56.58 -129.75
N PHE E 800 65.13 56.39 -130.68
CA PHE E 800 64.68 55.05 -131.01
C PHE E 800 65.80 54.24 -131.65
N LYS E 801 65.84 52.95 -131.33
CA LYS E 801 66.79 52.04 -131.94
C LYS E 801 66.27 51.40 -133.22
N PHE E 802 65.01 51.62 -133.57
CA PHE E 802 64.42 51.05 -134.78
C PHE E 802 63.43 52.04 -135.36
N LEU E 803 63.19 51.88 -136.66
CA LEU E 803 62.27 52.78 -137.36
C LEU E 803 60.83 52.43 -137.01
N PRO E 804 60.04 53.41 -136.56
CA PRO E 804 58.62 53.15 -136.27
C PRO E 804 57.86 52.81 -137.54
N PRO E 805 56.75 52.09 -137.42
CA PRO E 805 55.94 51.78 -138.61
C PRO E 805 55.49 53.05 -139.31
N PRO E 806 55.08 52.95 -140.59
CA PRO E 806 54.95 54.17 -141.41
C PRO E 806 54.02 55.23 -140.85
N GLY E 807 52.90 54.84 -140.25
CA GLY E 807 51.90 55.79 -139.81
C GLY E 807 51.88 56.11 -138.34
N TYR E 808 52.87 55.68 -137.57
CA TYR E 808 52.85 55.83 -136.13
C TYR E 808 53.73 57.00 -135.70
N ALA E 809 53.22 57.79 -134.71
CA ALA E 809 53.89 58.98 -134.24
C ALA E 809 54.61 58.72 -132.92
N PRO E 810 55.72 59.43 -132.67
CA PRO E 810 56.40 59.29 -131.38
C PRO E 810 55.55 59.79 -130.23
N CYS E 811 55.81 59.26 -129.04
CA CYS E 811 54.97 59.57 -127.89
C CYS E 811 55.23 60.97 -127.36
N HIS E 812 56.45 61.49 -127.49
CA HIS E 812 56.78 62.78 -126.91
C HIS E 812 55.97 63.92 -127.53
N GLU E 813 55.35 63.69 -128.68
CA GLU E 813 54.49 64.68 -129.30
C GLU E 813 53.16 64.87 -128.57
N ALA E 814 52.83 64.00 -127.62
CA ALA E 814 51.53 64.03 -126.98
C ALA E 814 51.51 64.84 -125.69
N VAL E 815 52.60 65.52 -125.35
CA VAL E 815 52.64 66.31 -124.13
C VAL E 815 51.74 67.52 -124.27
N LEU E 816 50.90 67.77 -123.26
CA LEU E 816 50.00 68.91 -123.29
C LEU E 816 50.79 70.20 -123.13
N PRO E 817 50.28 71.32 -123.67
CA PRO E 817 51.03 72.58 -123.60
C PRO E 817 51.30 73.07 -122.19
N ARG E 818 50.42 72.80 -121.24
CA ARG E 818 50.58 73.30 -119.88
C ARG E 818 51.42 72.40 -118.99
N GLU E 819 51.85 71.25 -119.47
CA GLU E 819 52.54 70.26 -118.65
C GLU E 819 53.99 70.07 -119.11
N ARG E 820 54.74 69.32 -118.31
CA ARG E 820 56.11 68.94 -118.62
C ARG E 820 56.28 67.45 -118.39
N LEU E 821 57.12 66.82 -119.20
CA LEU E 821 57.28 65.38 -119.15
C LEU E 821 57.96 64.96 -117.84
N ARG E 822 57.47 63.88 -117.25
CA ARG E 822 58.03 63.36 -116.01
C ARG E 822 57.53 61.94 -115.79
N LEU E 823 58.06 61.30 -114.75
CA LEU E 823 57.67 59.95 -114.37
C LEU E 823 57.03 59.96 -112.98
N GLU E 824 55.92 59.24 -112.84
CA GLU E 824 55.12 59.30 -111.63
C GLU E 824 54.51 57.93 -111.38
N PRO E 825 54.15 57.62 -110.14
CA PRO E 825 53.39 56.41 -109.84
C PRO E 825 51.91 56.59 -110.16
N ILE E 826 51.16 55.52 -109.99
CA ILE E 826 49.74 55.47 -110.35
C ILE E 826 48.91 55.33 -109.09
N LYS E 827 48.07 56.34 -108.82
CA LYS E 827 47.07 56.30 -107.76
C LYS E 827 47.68 55.94 -106.41
N GLU E 828 48.56 56.81 -105.92
CA GLU E 828 49.17 56.58 -104.62
C GLU E 828 48.35 57.25 -103.52
N TYR E 829 48.52 56.74 -102.29
CA TYR E 829 47.91 57.32 -101.11
C TYR E 829 48.94 57.67 -100.04
N ARG E 830 50.22 57.70 -100.39
CA ARG E 830 51.29 57.99 -99.44
C ARG E 830 52.48 58.54 -100.21
N ARG E 831 53.24 59.41 -99.55
CA ARG E 831 54.40 60.04 -100.16
C ARG E 831 55.48 60.25 -99.12
N GLU E 832 56.72 60.41 -99.58
CA GLU E 832 57.84 60.69 -98.69
C GLU E 832 58.06 62.20 -98.62
N GLY E 833 58.24 62.70 -97.39
CA GLY E 833 58.40 64.11 -97.17
C GLY E 833 59.64 64.43 -96.35
N PRO E 834 59.88 65.73 -96.10
CA PRO E 834 61.10 66.11 -95.36
C PRO E 834 61.04 65.74 -93.89
N ARG E 835 59.94 66.02 -93.21
CA ARG E 835 59.80 65.71 -91.79
C ARG E 835 59.12 64.37 -91.53
N GLY E 836 58.73 63.65 -92.58
CA GLY E 836 58.06 62.39 -92.44
C GLY E 836 57.11 62.12 -93.59
N PRO E 837 56.37 61.01 -93.50
CA PRO E 837 55.46 60.65 -94.59
C PRO E 837 54.28 61.62 -94.69
N HIS E 838 53.80 61.80 -95.91
CA HIS E 838 52.63 62.61 -96.21
C HIS E 838 51.50 61.70 -96.70
N LEU E 839 50.28 62.04 -96.29
CA LEU E 839 49.10 61.34 -96.78
C LEU E 839 48.49 62.12 -97.93
N VAL E 840 48.07 61.39 -98.97
CA VAL E 840 47.61 61.99 -100.22
C VAL E 840 46.18 61.53 -100.48
N GLY E 841 45.32 62.47 -100.88
CA GLY E 841 43.97 62.16 -101.25
C GLY E 841 43.85 61.77 -102.70
N PRO E 842 42.60 61.59 -103.15
CA PRO E 842 42.37 61.22 -104.55
C PRO E 842 42.84 62.30 -105.50
N SER E 843 43.19 61.89 -106.72
CA SER E 843 43.72 62.79 -107.73
C SER E 843 42.71 63.00 -108.84
N ARG E 844 42.54 64.24 -109.26
CA ARG E 844 41.67 64.55 -110.38
C ARG E 844 42.34 64.12 -111.69
N CYS E 845 41.52 63.61 -112.61
CA CYS E 845 42.03 63.10 -113.88
C CYS E 845 41.14 63.58 -115.02
N LEU E 846 41.73 63.64 -116.22
CA LEU E 846 41.00 64.05 -117.40
C LEU E 846 40.17 62.89 -117.95
N SER E 847 39.27 63.23 -118.87
CA SER E 847 38.42 62.25 -119.54
C SER E 847 38.54 62.46 -121.05
N HIS E 848 38.21 61.40 -121.80
CA HIS E 848 38.34 61.46 -123.25
C HIS E 848 37.33 62.40 -123.90
N THR E 849 36.35 62.88 -123.14
CA THR E 849 35.41 63.87 -123.66
C THR E 849 35.88 65.30 -123.45
N ASP E 850 37.07 65.50 -122.86
CA ASP E 850 37.62 66.83 -122.69
C ASP E 850 38.43 67.30 -123.88
N PHE E 851 38.57 66.48 -124.92
CA PHE E 851 39.34 66.81 -126.11
C PHE E 851 38.46 67.07 -127.33
N VAL E 852 37.15 67.15 -127.15
CA VAL E 852 36.23 67.45 -128.24
C VAL E 852 35.66 68.84 -128.02
N PRO E 853 35.84 69.78 -128.94
CA PRO E 853 35.31 71.12 -128.74
C PRO E 853 33.81 71.19 -128.98
N CYS E 854 33.11 71.89 -128.09
CA CYS E 854 31.66 72.03 -128.16
C CYS E 854 31.30 73.51 -128.13
N PRO E 855 31.12 74.12 -129.29
CA PRO E 855 30.73 75.53 -129.34
C PRO E 855 29.24 75.72 -129.09
N VAL E 856 28.84 76.99 -129.01
CA VAL E 856 27.44 77.30 -128.77
C VAL E 856 26.57 77.10 -130.00
N ASP E 857 27.19 76.98 -131.18
CA ASP E 857 26.49 76.69 -132.44
C ASP E 857 25.38 77.70 -132.72
N THR E 858 25.68 78.99 -132.57
CA THR E 858 24.70 80.05 -132.83
C THR E 858 24.77 80.50 -134.28
N VAL E 859 24.46 79.57 -135.18
CA VAL E 859 24.46 79.88 -136.61
C VAL E 859 23.15 80.57 -137.00
N GLN E 860 22.03 79.87 -136.77
CA GLN E 860 20.70 80.43 -137.12
C GLN E 860 20.55 81.86 -136.58
N ILE E 861 21.19 82.16 -135.44
CA ILE E 861 21.05 83.51 -134.81
C ILE E 861 21.32 84.57 -135.89
N VAL E 862 20.49 85.61 -135.91
CA VAL E 862 20.68 86.72 -136.90
C VAL E 862 20.67 88.05 -136.14
N LEU E 863 21.66 88.91 -136.39
CA LEU E 863 21.76 90.19 -135.67
C LEU E 863 20.43 90.95 -135.83
N PRO E 864 19.82 91.42 -134.74
CA PRO E 864 18.61 92.24 -134.80
C PRO E 864 18.73 93.45 -135.75
N PRO E 865 17.65 93.95 -136.39
CA PRO E 865 17.74 95.19 -137.18
C PRO E 865 18.29 96.40 -136.41
N HIS E 866 17.94 96.54 -135.14
CA HIS E 866 18.38 97.71 -134.36
C HIS E 866 19.87 97.69 -134.03
N LEU E 867 20.56 96.59 -134.38
CA LEU E 867 22.02 96.52 -134.15
C LEU E 867 22.83 96.65 -135.44
N GLU E 868 22.18 96.89 -136.57
CA GLU E 868 22.88 97.00 -137.84
C GLU E 868 23.79 98.23 -137.93
N ARG E 869 23.35 99.37 -137.39
CA ARG E 869 24.21 100.58 -137.42
C ARG E 869 25.45 100.35 -136.60
N ILE E 870 25.28 99.78 -135.41
CA ILE E 870 26.41 99.65 -134.54
C ILE E 870 27.36 98.57 -135.14
N ARG E 871 26.83 97.61 -135.90
CA ARG E 871 27.70 96.63 -136.57
C ARG E 871 28.73 97.37 -137.45
N GLU E 872 28.25 98.34 -138.22
CA GLU E 872 29.10 99.15 -139.10
C GLU E 872 30.12 99.98 -138.32
N LYS E 873 29.66 100.69 -137.31
CA LYS E 873 30.57 101.53 -136.51
C LYS E 873 31.60 100.67 -135.77
N LEU E 874 31.19 99.49 -135.28
CA LEU E 874 32.11 98.59 -134.63
C LEU E 874 33.20 98.14 -135.61
N ALA E 875 32.79 97.72 -136.81
CA ALA E 875 33.77 97.27 -137.79
C ALA E 875 34.76 98.39 -138.10
N GLU E 876 34.27 99.63 -138.21
CA GLU E 876 35.15 100.77 -138.52
C GLU E 876 36.18 100.94 -137.40
N ASN E 877 35.76 100.90 -136.14
CA ASN E 877 36.74 101.12 -135.10
C ASN E 877 37.72 99.96 -134.95
N ILE E 878 37.23 98.74 -135.15
CA ILE E 878 38.13 97.59 -135.13
C ILE E 878 39.24 97.72 -136.20
N HIS E 879 38.87 98.23 -137.36
CA HIS E 879 39.85 98.48 -138.43
C HIS E 879 40.88 99.54 -138.02
N GLU E 880 40.42 100.64 -137.44
CA GLU E 880 41.33 101.66 -136.98
C GLU E 880 42.31 101.13 -135.95
N LEU E 881 41.81 100.30 -135.02
CA LEU E 881 42.67 99.73 -134.01
C LEU E 881 43.69 98.76 -134.62
N TRP E 882 43.22 97.97 -135.58
CA TRP E 882 44.09 97.01 -136.26
C TRP E 882 45.19 97.72 -136.98
N ALA E 883 44.81 98.77 -137.71
CA ALA E 883 45.79 99.53 -138.47
C ALA E 883 46.83 100.18 -137.56
N LEU E 884 46.38 100.75 -136.45
CA LEU E 884 47.31 101.31 -135.47
C LEU E 884 48.32 100.26 -134.98
N THR E 885 47.88 99.04 -134.68
CA THR E 885 48.84 98.02 -134.22
C THR E 885 49.88 97.71 -135.30
N ARG E 886 49.43 97.52 -136.53
CA ARG E 886 50.33 97.27 -137.64
C ARG E 886 51.35 98.40 -137.78
N ILE E 887 50.86 99.63 -137.73
CA ILE E 887 51.74 100.77 -137.97
C ILE E 887 52.75 100.92 -136.83
N GLU E 888 52.32 100.66 -135.59
CA GLU E 888 53.29 100.63 -134.49
C GLU E 888 54.41 99.63 -134.70
N GLN E 889 54.08 98.50 -135.34
CA GLN E 889 55.08 97.48 -135.64
C GLN E 889 55.78 97.64 -136.97
N GLY E 890 55.79 98.86 -137.53
CA GLY E 890 56.61 99.17 -138.68
C GLY E 890 55.93 98.89 -140.01
N TRP E 891 54.66 98.52 -140.01
CA TRP E 891 53.96 98.30 -141.28
C TRP E 891 53.61 99.63 -141.94
N THR E 892 53.69 99.61 -143.25
CA THR E 892 53.33 100.78 -144.08
C THR E 892 52.52 100.32 -145.27
N TYR E 893 51.92 101.27 -145.98
CA TYR E 893 51.07 100.90 -147.11
C TYR E 893 51.82 100.44 -148.34
N GLY E 894 51.31 99.38 -148.94
CA GLY E 894 51.66 99.09 -150.31
C GLY E 894 50.57 98.27 -150.96
N PRO E 895 50.47 98.31 -152.30
CA PRO E 895 49.32 97.68 -152.95
C PRO E 895 49.37 96.17 -152.95
N VAL E 896 50.57 95.59 -152.75
CA VAL E 896 50.72 94.15 -152.66
C VAL E 896 51.42 93.86 -151.33
N ARG E 897 50.82 92.96 -150.57
CA ARG E 897 51.40 92.57 -149.30
C ARG E 897 52.82 92.06 -149.43
N ASP E 898 53.70 92.49 -148.52
CA ASP E 898 55.09 92.02 -148.47
C ASP E 898 55.45 91.93 -147.01
N ASP E 899 55.59 90.72 -146.47
CA ASP E 899 55.80 90.58 -145.04
C ASP E 899 57.24 90.86 -144.61
N ASN E 900 58.20 90.83 -145.54
CA ASN E 900 59.57 91.21 -145.21
C ASN E 900 59.73 92.73 -145.10
N LYS E 901 59.21 93.45 -146.10
CA LYS E 901 59.20 94.92 -146.09
C LYS E 901 58.06 95.51 -145.23
N ARG E 902 57.17 94.65 -144.72
CA ARG E 902 56.00 95.01 -143.92
C ARG E 902 55.13 96.03 -144.65
N LEU E 903 54.75 95.66 -145.86
CA LEU E 903 53.83 96.44 -146.67
C LEU E 903 52.46 95.74 -146.65
N HIS E 904 51.39 96.50 -146.47
CA HIS E 904 50.04 95.90 -146.41
C HIS E 904 49.05 96.80 -147.10
N PRO E 905 48.21 96.23 -147.97
CA PRO E 905 47.24 97.06 -148.70
C PRO E 905 46.05 97.48 -147.87
N CYS E 906 45.83 96.94 -146.67
CA CYS E 906 44.66 97.32 -145.90
C CYS E 906 44.94 98.56 -145.08
N LEU E 907 46.09 99.15 -145.18
CA LEU E 907 46.37 100.38 -144.43
C LEU E 907 45.85 101.59 -145.23
N VAL E 908 44.52 101.65 -145.27
CA VAL E 908 43.71 102.59 -146.03
C VAL E 908 42.49 102.90 -145.17
N ASP E 909 41.76 103.95 -145.52
CA ASP E 909 40.46 104.20 -144.90
C ASP E 909 39.55 103.00 -145.03
N PHE E 910 38.75 102.72 -144.01
CA PHE E 910 37.85 101.58 -144.05
C PHE E 910 37.01 101.55 -145.31
N HIS E 911 36.44 102.69 -145.68
CA HIS E 911 35.56 102.86 -146.84
C HIS E 911 36.31 102.66 -148.16
N SER E 912 37.64 102.69 -148.09
CA SER E 912 38.48 102.47 -149.27
C SER E 912 38.98 101.02 -149.44
N LEU E 913 38.70 100.16 -148.47
CA LEU E 913 38.97 98.75 -148.65
C LEU E 913 38.16 98.19 -149.80
N PRO E 914 38.69 97.16 -150.47
CA PRO E 914 37.89 96.38 -151.43
C PRO E 914 36.61 95.87 -150.80
N GLU E 915 35.54 95.78 -151.59
CA GLU E 915 34.24 95.43 -151.04
C GLU E 915 34.26 94.10 -150.31
N PRO E 916 34.95 93.08 -150.84
CA PRO E 916 34.96 91.81 -150.13
C PRO E 916 35.63 91.86 -148.75
N GLU E 917 36.63 92.74 -148.60
CA GLU E 917 37.32 92.88 -147.33
C GLU E 917 36.44 93.66 -146.36
N ARG E 918 35.78 94.71 -146.85
CA ARG E 918 34.81 95.44 -146.04
C ARG E 918 33.71 94.48 -145.55
N ASN E 919 33.22 93.65 -146.46
CA ASN E 919 32.15 92.74 -146.12
C ASN E 919 32.60 91.70 -145.09
N TYR E 920 33.80 91.17 -145.24
CA TYR E 920 34.35 90.26 -144.22
C TYR E 920 34.42 90.94 -142.85
N ASN E 921 34.88 92.20 -142.80
CA ASN E 921 34.98 92.92 -141.56
C ASN E 921 33.61 93.13 -140.92
N LEU E 922 32.63 93.44 -141.74
CA LEU E 922 31.26 93.65 -141.27
C LEU E 922 30.70 92.32 -140.77
N GLN E 923 31.00 91.24 -141.46
CA GLN E 923 30.54 89.92 -141.00
C GLN E 923 31.13 89.58 -139.64
N MET E 924 32.41 89.87 -139.44
CA MET E 924 33.09 89.55 -138.18
C MET E 924 32.52 90.41 -137.01
N SER E 925 32.31 91.70 -137.26
CA SER E 925 31.68 92.58 -136.28
C SER E 925 30.29 92.07 -135.92
N GLY E 926 29.52 91.65 -136.91
CA GLY E 926 28.20 91.11 -136.71
C GLY E 926 28.26 89.83 -135.90
N GLU E 927 29.29 89.02 -136.13
CA GLU E 927 29.36 87.76 -135.37
C GLU E 927 29.83 88.01 -133.94
N THR E 928 30.56 89.08 -133.65
CA THR E 928 30.81 89.44 -132.24
C THR E 928 29.48 89.77 -131.56
N LEU E 929 28.67 90.56 -132.23
CA LEU E 929 27.38 90.95 -131.71
C LEU E 929 26.48 89.72 -131.55
N LYS E 930 26.41 88.85 -132.56
CA LYS E 930 25.54 87.68 -132.48
C LYS E 930 26.02 86.74 -131.38
N THR E 931 27.33 86.64 -131.17
CA THR E 931 27.84 85.74 -130.12
C THR E 931 27.51 86.34 -128.72
N LEU E 932 27.61 87.67 -128.56
CA LEU E 932 27.12 88.29 -127.32
C LEU E 932 25.68 87.93 -127.06
N LEU E 933 24.82 88.03 -128.08
CA LEU E 933 23.42 87.68 -127.91
C LEU E 933 23.21 86.19 -127.60
N ALA E 934 24.03 85.31 -128.20
CA ALA E 934 23.90 83.88 -127.96
C ALA E 934 24.30 83.55 -126.54
N LEU E 935 25.23 84.33 -126.00
CA LEU E 935 25.64 84.20 -124.60
C LEU E 935 24.63 84.80 -123.65
N GLY E 936 23.51 85.31 -124.19
CA GLY E 936 22.43 85.80 -123.35
C GLY E 936 22.51 87.27 -122.96
N CYS E 937 23.49 88.02 -123.50
CA CYS E 937 23.58 89.45 -123.19
C CYS E 937 22.38 90.19 -123.70
N HIS E 938 21.99 91.22 -122.95
CA HIS E 938 21.02 92.22 -123.34
C HIS E 938 21.83 93.41 -123.87
N VAL E 939 21.64 93.78 -125.13
CA VAL E 939 22.42 94.86 -125.75
C VAL E 939 21.45 95.88 -126.31
N GLY E 940 21.52 97.11 -125.79
CA GLY E 940 20.54 98.11 -126.17
C GLY E 940 21.02 99.52 -125.91
N MET E 941 20.50 100.48 -126.66
CA MET E 941 20.91 101.87 -126.46
C MET E 941 20.49 102.38 -125.10
N ALA E 942 21.43 102.99 -124.38
CA ALA E 942 21.16 103.58 -123.07
C ALA E 942 21.46 105.07 -122.97
N ASP E 943 22.49 105.55 -123.66
CA ASP E 943 22.89 106.95 -123.60
C ASP E 943 22.98 107.48 -125.01
N GLU E 944 21.91 108.14 -125.45
CA GLU E 944 21.87 108.65 -126.82
C GLU E 944 22.85 109.81 -127.06
N LYS E 945 23.38 110.38 -125.99
CA LYS E 945 24.35 111.48 -126.11
C LYS E 945 25.79 111.00 -126.28
N ALA E 946 26.04 109.73 -125.99
CA ALA E 946 27.42 109.26 -125.93
C ALA E 946 28.15 109.38 -127.26
N GLU E 947 27.48 109.03 -128.35
CA GLU E 947 28.15 109.02 -129.65
C GLU E 947 28.69 110.42 -130.03
N ASP E 948 27.90 111.47 -129.90
CA ASP E 948 28.41 112.77 -130.34
C ASP E 948 29.39 113.39 -129.34
N ASN E 949 29.57 112.73 -128.20
CA ASN E 949 30.65 113.12 -127.28
C ASN E 949 31.93 112.32 -127.46
N LEU E 950 31.92 111.30 -128.30
CA LEU E 950 33.15 110.55 -128.59
C LEU E 950 34.18 111.42 -129.32
N ARG E 951 35.43 111.20 -128.96
CA ARG E 951 36.56 111.79 -129.68
C ARG E 951 37.49 110.71 -130.19
N LYS E 952 38.20 111.04 -131.23
CA LYS E 952 39.18 110.10 -131.76
C LYS E 952 40.57 110.42 -131.22
N THR E 953 41.38 109.37 -131.08
CA THR E 953 42.80 109.55 -130.75
C THR E 953 43.52 110.25 -131.89
N LYS E 954 44.29 111.30 -131.54
CA LYS E 954 45.02 112.08 -132.52
C LYS E 954 46.49 111.70 -132.51
N LEU E 955 46.88 110.90 -133.49
CA LEU E 955 48.24 110.40 -133.60
C LEU E 955 49.14 111.38 -134.32
N PRO E 956 50.46 111.39 -134.02
CA PRO E 956 51.35 112.25 -134.78
C PRO E 956 51.56 111.80 -136.23
N LYS E 957 52.15 112.68 -137.03
CA LYS E 957 52.25 112.47 -138.48
C LYS E 957 53.12 111.27 -138.82
N THR E 958 53.87 110.80 -137.84
CA THR E 958 54.67 109.58 -137.99
C THR E 958 53.84 108.32 -138.12
N TYR E 959 52.52 108.45 -137.93
CA TYR E 959 51.58 107.36 -138.12
C TYR E 959 50.82 107.44 -139.45
N MET E 960 51.23 108.41 -140.28
CA MET E 960 50.63 108.67 -141.59
C MET E 960 51.20 107.76 -142.68
N MET E 961 50.33 107.13 -143.45
CA MET E 961 50.79 106.34 -144.60
C MET E 961 50.96 107.22 -145.83
N SER E 962 51.59 106.66 -146.85
CA SER E 962 51.90 107.42 -148.06
C SER E 962 50.68 107.82 -148.87
N ASN E 963 49.58 107.15 -148.58
CA ASN E 963 48.29 107.42 -149.25
C ASN E 963 47.44 108.41 -148.47
N GLY E 964 48.01 108.98 -147.41
CA GLY E 964 47.30 109.95 -146.58
C GLY E 964 46.47 109.39 -145.45
N TYR E 965 46.38 108.07 -145.35
CA TYR E 965 45.63 107.43 -144.30
C TYR E 965 46.41 107.47 -142.99
N LYS E 966 45.76 107.94 -141.94
CA LYS E 966 46.28 107.86 -140.58
C LYS E 966 45.18 107.31 -139.69
N PRO E 967 45.45 106.25 -138.96
CA PRO E 967 44.38 105.72 -138.13
C PRO E 967 43.95 106.68 -137.06
N ALA E 968 42.66 106.56 -136.69
CA ALA E 968 42.08 107.44 -135.68
C ALA E 968 41.06 106.64 -134.87
N PRO E 969 41.54 105.68 -134.10
CA PRO E 969 40.60 104.92 -133.29
C PRO E 969 39.95 105.79 -132.24
N LEU E 970 38.77 105.36 -131.79
CA LEU E 970 38.11 106.10 -130.73
C LEU E 970 38.94 106.15 -129.46
N ASP E 971 38.89 107.29 -128.78
CA ASP E 971 39.44 107.39 -127.43
C ASP E 971 38.41 106.83 -126.47
N LEU E 972 38.66 105.60 -126.03
CA LEU E 972 37.76 104.94 -125.10
C LEU E 972 38.33 104.92 -123.69
N SER E 973 39.23 105.86 -123.37
CA SER E 973 39.89 105.83 -122.07
C SER E 973 38.93 105.98 -120.89
N HIS E 974 37.77 106.58 -121.10
CA HIS E 974 36.78 106.76 -120.07
C HIS E 974 35.90 105.53 -119.81
N VAL E 975 35.94 104.56 -120.71
CA VAL E 975 35.08 103.39 -120.61
C VAL E 975 35.65 102.41 -119.59
N ARG E 976 34.78 101.91 -118.72
CA ARG E 976 35.16 100.90 -117.75
C ARG E 976 34.18 99.72 -117.79
N LEU E 977 34.64 98.54 -118.19
CA LEU E 977 33.80 97.33 -118.16
C LEU E 977 33.31 97.07 -116.73
N THR E 978 32.02 96.74 -116.58
CA THR E 978 31.45 96.26 -115.33
C THR E 978 31.92 94.81 -115.14
N PRO E 979 31.73 94.26 -113.93
CA PRO E 979 32.09 92.83 -113.78
C PRO E 979 31.36 91.89 -114.74
N ALA E 980 30.07 92.10 -114.94
CA ALA E 980 29.32 91.27 -115.89
C ALA E 980 29.86 91.41 -117.30
N GLN E 981 30.30 92.61 -117.68
CA GLN E 981 30.86 92.82 -119.00
C GLN E 981 32.25 92.19 -119.19
N THR E 982 33.07 92.26 -118.16
CA THR E 982 34.34 91.56 -118.16
C THR E 982 34.11 90.07 -118.36
N THR E 983 33.11 89.55 -117.67
CA THR E 983 32.79 88.15 -117.79
C THR E 983 32.31 87.82 -119.18
N LEU E 984 31.51 88.69 -119.78
CA LEU E 984 31.11 88.46 -121.17
C LEU E 984 32.30 88.49 -122.11
N VAL E 985 33.26 89.40 -121.90
CA VAL E 985 34.48 89.38 -122.76
C VAL E 985 35.11 87.99 -122.65
N ASP E 986 35.33 87.54 -121.43
CA ASP E 986 36.00 86.26 -121.16
C ASP E 986 35.25 85.11 -121.83
N ARG E 987 33.91 85.14 -121.75
CA ARG E 987 33.11 84.09 -122.36
C ARG E 987 33.10 84.16 -123.88
N LEU E 988 33.13 85.36 -124.44
CA LEU E 988 33.08 85.54 -125.92
C LEU E 988 34.29 84.83 -126.54
N ALA E 989 35.49 85.06 -126.00
CA ALA E 989 36.73 84.49 -126.59
C ALA E 989 36.65 82.95 -126.69
N GLU E 990 36.43 82.25 -125.58
CA GLU E 990 36.46 80.76 -125.60
C GLU E 990 35.61 80.24 -126.76
N ASN E 991 34.36 80.71 -126.89
CA ASN E 991 33.45 80.23 -127.94
C ASN E 991 34.08 80.39 -129.32
N GLY E 992 34.73 81.53 -129.57
CA GLY E 992 35.39 81.72 -130.86
C GLY E 992 36.49 80.71 -131.11
N HIS E 993 37.35 80.49 -130.11
CA HIS E 993 38.41 79.51 -130.29
C HIS E 993 37.84 78.10 -130.49
N ASN E 994 36.78 77.76 -129.75
CA ASN E 994 36.19 76.43 -129.88
C ASN E 994 35.59 76.23 -131.27
N VAL E 995 34.90 77.24 -131.81
CA VAL E 995 34.31 77.07 -133.13
C VAL E 995 35.41 77.01 -134.19
N TRP E 996 36.49 77.78 -134.04
CA TRP E 996 37.60 77.68 -134.97
C TRP E 996 38.23 76.30 -134.93
N ALA E 997 38.41 75.75 -133.72
CA ALA E 997 39.00 74.43 -133.58
C ALA E 997 38.13 73.36 -134.19
N ARG E 998 36.81 73.46 -134.00
CA ARG E 998 35.91 72.49 -134.61
C ARG E 998 35.95 72.57 -136.13
N ASP E 999 36.00 73.79 -136.67
CA ASP E 999 36.10 73.94 -138.12
C ASP E 999 37.38 73.33 -138.65
N ARG E 1000 38.50 73.56 -137.96
CA ARG E 1000 39.77 72.97 -138.40
C ARG E 1000 39.75 71.45 -138.30
N VAL E 1001 39.17 70.91 -137.23
CA VAL E 1001 39.10 69.47 -137.06
C VAL E 1001 38.25 68.83 -138.15
N ALA E 1002 37.18 69.52 -138.57
CA ALA E 1002 36.32 68.97 -139.62
C ALA E 1002 37.07 68.71 -140.92
N GLN E 1003 38.21 69.37 -141.12
CA GLN E 1003 39.01 69.19 -142.34
C GLN E 1003 40.12 68.16 -142.16
N GLY E 1004 40.24 67.55 -140.99
CA GLY E 1004 41.20 66.48 -140.79
C GLY E 1004 42.48 66.86 -140.07
N TRP E 1005 42.54 68.03 -139.44
CA TRP E 1005 43.73 68.42 -138.71
C TRP E 1005 43.76 67.75 -137.33
N SER E 1006 44.93 67.83 -136.68
CA SER E 1006 45.13 67.17 -135.41
C SER E 1006 46.14 67.96 -134.58
N TYR E 1007 46.26 67.59 -133.31
CA TYR E 1007 47.20 68.23 -132.40
C TYR E 1007 48.55 67.54 -132.42
N SER E 1008 49.60 68.31 -132.17
CA SER E 1008 50.95 67.79 -132.07
C SER E 1008 51.81 68.82 -131.36
N ALA E 1009 52.76 68.35 -130.56
CA ALA E 1009 53.65 69.26 -129.85
C ALA E 1009 54.63 69.97 -130.77
N VAL E 1010 54.83 69.48 -131.99
CA VAL E 1010 55.69 70.10 -132.98
C VAL E 1010 54.89 70.33 -134.25
N GLN E 1011 55.12 71.47 -134.90
CA GLN E 1011 54.34 71.86 -136.06
C GLN E 1011 54.80 71.09 -137.30
N ASP E 1012 53.83 70.66 -138.10
CA ASP E 1012 54.10 69.95 -139.36
C ASP E 1012 52.97 70.33 -140.33
N ILE E 1013 53.23 71.34 -141.17
CA ILE E 1013 52.20 71.81 -142.09
C ILE E 1013 51.76 70.74 -143.08
N PRO E 1014 52.67 70.04 -143.78
CA PRO E 1014 52.20 68.98 -144.69
C PRO E 1014 51.44 67.86 -143.99
N ALA E 1015 51.80 67.57 -142.74
CA ALA E 1015 51.09 66.53 -141.97
C ALA E 1015 49.81 67.05 -141.34
N ARG E 1016 49.53 68.36 -141.43
CA ARG E 1016 48.31 68.95 -140.90
C ARG E 1016 48.18 68.74 -139.39
N ARG E 1017 49.23 69.09 -138.65
CA ARG E 1017 49.25 69.00 -137.20
C ARG E 1017 49.73 70.32 -136.63
N ASN E 1018 48.97 70.87 -135.68
CA ASN E 1018 49.20 72.23 -135.19
C ASN E 1018 49.33 72.22 -133.67
N PRO E 1019 50.27 72.99 -133.10
CA PRO E 1019 50.48 72.96 -131.64
C PRO E 1019 49.41 73.68 -130.84
N ARG E 1020 48.32 74.16 -131.45
CA ARG E 1020 47.27 74.84 -130.68
C ARG E 1020 45.87 74.33 -131.04
N LEU E 1021 45.76 73.09 -131.51
CA LEU E 1021 44.46 72.52 -131.87
C LEU E 1021 43.88 71.74 -130.69
N VAL E 1022 43.63 72.45 -129.60
CA VAL E 1022 43.02 71.89 -128.41
C VAL E 1022 41.90 72.82 -127.96
N PRO E 1023 40.92 72.34 -127.19
CA PRO E 1023 39.89 73.24 -126.68
C PRO E 1023 40.48 74.34 -125.82
N TYR E 1024 39.74 75.44 -125.70
CA TYR E 1024 40.26 76.66 -125.09
C TYR E 1024 40.70 76.44 -123.64
N ARG E 1025 40.11 75.46 -122.97
CA ARG E 1025 40.42 75.25 -121.55
C ARG E 1025 41.87 74.81 -121.35
N LEU E 1026 42.43 74.06 -122.31
CA LEU E 1026 43.76 73.50 -122.17
C LEU E 1026 44.86 74.38 -122.76
N LEU E 1027 44.53 75.58 -123.23
CA LEU E 1027 45.52 76.43 -123.87
C LEU E 1027 46.46 77.05 -122.84
N ASP E 1028 47.55 77.64 -123.35
CA ASP E 1028 48.50 78.34 -122.51
C ASP E 1028 48.01 79.74 -122.20
N GLU E 1029 48.53 80.32 -121.10
CA GLU E 1029 48.05 81.61 -120.64
C GLU E 1029 48.33 82.71 -121.66
N ALA E 1030 49.52 82.69 -122.27
CA ALA E 1030 49.88 83.73 -123.23
C ALA E 1030 48.94 83.73 -124.43
N THR E 1031 48.65 82.55 -124.97
CA THR E 1031 47.74 82.45 -126.11
C THR E 1031 46.33 82.91 -125.74
N LYS E 1032 45.87 82.53 -124.54
CA LYS E 1032 44.55 82.95 -124.08
C LYS E 1032 44.46 84.46 -123.98
N ARG E 1033 45.48 85.09 -123.39
CA ARG E 1033 45.47 86.54 -123.25
C ARG E 1033 45.56 87.22 -124.62
N SER E 1034 46.37 86.68 -125.53
CA SER E 1034 46.47 87.25 -126.87
C SER E 1034 45.14 87.19 -127.60
N ASN E 1035 44.42 86.08 -127.47
CA ASN E 1035 43.10 85.96 -128.09
C ASN E 1035 42.09 86.87 -127.40
N ARG E 1036 42.24 87.07 -126.08
CA ARG E 1036 41.29 87.87 -125.33
C ARG E 1036 41.45 89.36 -125.58
N ASP E 1037 42.65 89.79 -125.97
CA ASP E 1037 42.92 91.22 -126.10
C ASP E 1037 42.01 91.88 -127.13
N SER E 1038 41.89 91.27 -128.32
CA SER E 1038 41.08 91.88 -129.38
C SER E 1038 39.60 91.95 -128.99
N LEU E 1039 39.08 90.88 -128.40
CA LEU E 1039 37.68 90.89 -127.97
C LEU E 1039 37.44 91.93 -126.89
N CYS E 1040 38.39 92.09 -125.97
CA CYS E 1040 38.24 93.11 -124.94
C CYS E 1040 38.26 94.51 -125.55
N GLN E 1041 39.14 94.73 -126.52
CA GLN E 1041 39.15 96.00 -127.25
C GLN E 1041 37.79 96.27 -127.91
N ALA E 1042 37.24 95.26 -128.57
CA ALA E 1042 35.93 95.42 -129.20
C ALA E 1042 34.85 95.71 -128.16
N VAL E 1043 34.97 95.12 -126.97
CA VAL E 1043 33.98 95.36 -125.92
C VAL E 1043 34.06 96.80 -125.43
N ARG E 1044 35.26 97.32 -125.22
CA ARG E 1044 35.36 98.74 -124.85
C ARG E 1044 34.80 99.63 -125.94
N THR E 1045 35.08 99.30 -127.20
CA THR E 1045 34.55 100.10 -128.32
C THR E 1045 33.02 100.09 -128.32
N LEU E 1046 32.43 98.92 -128.10
CA LEU E 1046 30.97 98.82 -128.07
C LEU E 1046 30.39 99.61 -126.89
N LEU E 1047 31.03 99.54 -125.73
CA LEU E 1047 30.56 100.32 -124.59
C LEU E 1047 30.76 101.81 -124.80
N GLY E 1048 31.67 102.19 -125.70
CA GLY E 1048 31.87 103.60 -125.99
C GLY E 1048 30.65 104.27 -126.59
N TYR E 1049 29.85 103.53 -127.36
CA TYR E 1049 28.69 104.06 -128.04
C TYR E 1049 27.45 104.15 -127.14
N GLY E 1050 27.61 104.06 -125.82
CA GLY E 1050 26.50 104.23 -124.92
C GLY E 1050 25.60 103.02 -124.76
N TYR E 1051 25.96 101.89 -125.35
CA TYR E 1051 25.17 100.68 -125.17
C TYR E 1051 25.39 100.08 -123.78
N ASN E 1052 24.35 99.43 -123.28
CA ASN E 1052 24.40 98.74 -122.00
C ASN E 1052 24.17 97.25 -122.20
N ILE E 1053 25.06 96.45 -121.64
CA ILE E 1053 25.01 94.99 -121.77
C ILE E 1053 24.92 94.40 -120.37
N GLU E 1054 23.95 93.51 -120.17
CA GLU E 1054 23.74 92.91 -118.86
C GLU E 1054 23.47 91.41 -118.95
N ARG E 1068 31.73 59.64 -100.62
CA ARG E 1068 32.30 58.34 -100.97
C ARG E 1068 32.65 58.28 -102.45
N TRP E 1069 32.75 57.05 -102.97
CA TRP E 1069 33.01 56.77 -104.39
C TRP E 1069 34.17 57.63 -104.92
N ASP E 1070 35.36 57.37 -104.36
CA ASP E 1070 36.64 57.96 -104.74
C ASP E 1070 36.62 59.49 -104.76
N ARG E 1071 35.66 60.12 -104.07
CA ARG E 1071 35.68 61.57 -103.93
C ARG E 1071 36.30 62.00 -102.61
N VAL E 1072 36.65 61.06 -101.74
CA VAL E 1072 37.25 61.36 -100.44
C VAL E 1072 37.96 60.11 -99.95
N ARG E 1073 38.95 60.30 -99.07
CA ARG E 1073 39.68 59.18 -98.49
C ARG E 1073 39.79 59.38 -96.98
N ILE E 1074 39.63 58.30 -96.23
CA ILE E 1074 39.58 58.35 -94.77
C ILE E 1074 40.71 57.49 -94.22
N PHE E 1075 41.49 58.06 -93.30
CA PHE E 1075 42.54 57.34 -92.58
C PHE E 1075 42.20 57.36 -91.10
N ARG E 1076 42.50 56.27 -90.39
CA ARG E 1076 42.23 56.21 -88.97
C ARG E 1076 43.21 55.27 -88.29
N ALA E 1077 43.31 55.42 -86.96
CA ALA E 1077 44.12 54.51 -86.18
C ALA E 1077 43.46 53.12 -86.12
N GLU E 1078 44.23 52.14 -85.65
CA GLU E 1078 43.71 50.78 -85.54
C GLU E 1078 42.82 50.64 -84.31
N LYS E 1079 41.98 49.60 -84.32
CA LYS E 1079 41.01 49.41 -83.25
C LYS E 1079 41.66 49.11 -81.92
N SER E 1080 42.83 48.48 -81.92
CA SER E 1080 43.46 48.06 -80.67
C SER E 1080 43.98 49.23 -79.84
N TYR E 1081 44.00 50.43 -80.41
CA TYR E 1081 44.56 51.59 -79.72
C TYR E 1081 43.49 52.48 -79.10
N ALA E 1082 42.26 52.00 -78.99
CA ALA E 1082 41.19 52.81 -78.41
C ALA E 1082 41.48 53.13 -76.95
N VAL E 1083 41.23 54.38 -76.56
CA VAL E 1083 41.50 54.86 -75.22
C VAL E 1083 40.17 55.12 -74.51
N GLN E 1084 40.10 54.72 -73.24
CA GLN E 1084 38.89 54.89 -72.45
C GLN E 1084 39.10 55.76 -71.21
N SER E 1085 40.29 56.30 -71.00
CA SER E 1085 40.55 57.15 -69.84
C SER E 1085 41.78 57.99 -70.15
N GLY E 1086 41.95 59.05 -69.37
CA GLY E 1086 43.09 59.92 -69.50
C GLY E 1086 42.84 61.15 -70.35
N ARG E 1087 43.93 61.83 -70.66
CA ARG E 1087 43.91 63.04 -71.47
C ARG E 1087 44.95 62.91 -72.57
N TRP E 1088 44.54 63.14 -73.82
CA TRP E 1088 45.40 62.83 -74.96
C TRP E 1088 45.44 63.98 -75.96
N TYR E 1089 46.51 64.00 -76.75
CA TYR E 1089 46.84 65.11 -77.65
C TYR E 1089 47.54 64.58 -78.90
N PHE E 1090 47.26 65.21 -80.04
CA PHE E 1090 48.01 64.92 -81.26
C PHE E 1090 47.89 66.09 -82.22
N GLU E 1091 48.66 66.04 -83.32
CA GLU E 1091 48.80 67.18 -84.21
C GLU E 1091 48.57 66.80 -85.67
N PHE E 1092 48.06 67.77 -86.43
CA PHE E 1092 47.79 67.61 -87.85
C PHE E 1092 48.24 68.87 -88.58
N GLU E 1093 49.01 68.69 -89.66
CA GLU E 1093 49.52 69.80 -90.45
C GLU E 1093 48.90 69.76 -91.84
N ALA E 1094 48.40 70.90 -92.29
CA ALA E 1094 47.80 71.01 -93.62
C ALA E 1094 48.83 71.55 -94.60
N VAL E 1095 49.27 70.71 -95.53
CA VAL E 1095 50.20 71.17 -96.55
C VAL E 1095 49.49 71.99 -97.61
N THR E 1096 48.25 71.65 -97.93
CA THR E 1096 47.44 72.40 -98.87
C THR E 1096 46.16 72.86 -98.19
N THR E 1097 45.57 73.93 -98.70
CA THR E 1097 44.33 74.47 -98.17
C THR E 1097 43.17 73.96 -99.00
N GLY E 1098 42.24 73.26 -98.37
CA GLY E 1098 41.13 72.68 -99.09
C GLY E 1098 40.23 71.91 -98.16
N GLU E 1099 39.44 71.00 -98.75
CA GLU E 1099 38.45 70.23 -98.01
C GLU E 1099 39.15 69.10 -97.26
N MET E 1100 39.47 69.32 -95.99
CA MET E 1100 40.06 68.31 -95.13
C MET E 1100 39.37 68.36 -93.78
N ARG E 1101 39.34 67.21 -93.10
CA ARG E 1101 38.67 67.10 -91.80
C ARG E 1101 39.54 66.28 -90.86
N VAL E 1102 39.46 66.59 -89.56
CA VAL E 1102 40.29 65.90 -88.58
C VAL E 1102 39.56 65.81 -87.25
N GLY E 1103 39.73 64.69 -86.56
CA GLY E 1103 39.12 64.61 -85.23
C GLY E 1103 39.20 63.20 -84.66
N TRP E 1104 38.19 62.88 -83.84
CA TRP E 1104 38.14 61.62 -83.11
C TRP E 1104 36.95 60.79 -83.59
N ALA E 1105 37.09 59.48 -83.53
CA ALA E 1105 36.08 58.58 -84.06
C ALA E 1105 35.88 57.38 -83.15
N ARG E 1106 34.72 56.74 -83.30
CA ARG E 1106 34.40 55.50 -82.61
C ARG E 1106 35.01 54.30 -83.34
N PRO E 1107 35.26 53.20 -82.62
CA PRO E 1107 35.84 52.02 -83.27
C PRO E 1107 35.00 51.44 -84.39
N GLU E 1108 33.67 51.56 -84.32
CA GLU E 1108 32.77 50.99 -85.30
C GLU E 1108 32.42 51.95 -86.42
N LEU E 1109 33.32 52.86 -86.77
CA LEU E 1109 33.06 53.82 -87.84
C LEU E 1109 32.84 53.12 -89.18
N ARG E 1110 31.96 53.69 -90.00
CA ARG E 1110 31.63 53.17 -91.33
C ARG E 1110 32.46 53.87 -92.40
N PRO E 1111 32.83 53.15 -93.47
CA PRO E 1111 33.71 53.75 -94.48
C PRO E 1111 32.99 54.51 -95.58
N ASP E 1112 31.69 54.31 -95.76
CA ASP E 1112 30.97 54.91 -96.88
C ASP E 1112 30.16 56.14 -96.50
N VAL E 1113 30.29 56.63 -95.28
CA VAL E 1113 29.53 57.79 -94.80
C VAL E 1113 30.50 58.96 -94.63
N GLU E 1114 30.04 60.16 -95.01
CA GLU E 1114 30.86 61.34 -94.83
C GLU E 1114 31.21 61.53 -93.37
N LEU E 1115 32.45 61.94 -93.11
CA LEU E 1115 32.96 62.02 -91.75
C LEU E 1115 32.22 63.10 -90.97
N GLY E 1116 31.65 62.73 -89.84
CA GLY E 1116 30.92 63.64 -88.99
C GLY E 1116 29.44 63.78 -89.30
N ALA E 1117 28.95 63.17 -90.38
CA ALA E 1117 27.54 63.27 -90.72
C ALA E 1117 26.65 62.45 -89.79
N ASP E 1118 27.24 61.55 -89.00
CA ASP E 1118 26.47 60.75 -88.04
C ASP E 1118 27.07 60.87 -86.65
N GLU E 1119 26.59 60.06 -85.71
CA GLU E 1119 26.95 60.18 -84.31
C GLU E 1119 28.22 59.43 -83.95
N LEU E 1120 28.99 58.97 -84.93
CA LEU E 1120 30.16 58.14 -84.67
C LEU E 1120 31.48 58.91 -84.70
N ALA E 1121 31.45 60.22 -84.88
CA ALA E 1121 32.70 60.97 -84.97
C ALA E 1121 32.48 62.41 -84.51
N TYR E 1122 33.57 63.03 -84.07
CA TYR E 1122 33.60 64.45 -83.71
C TYR E 1122 34.75 65.07 -84.49
N VAL E 1123 34.43 66.00 -85.39
CA VAL E 1123 35.37 66.41 -86.43
C VAL E 1123 35.39 67.93 -86.56
N PHE E 1124 36.57 68.46 -86.89
CA PHE E 1124 36.74 69.86 -87.25
C PHE E 1124 37.13 69.95 -88.73
N ASN E 1125 36.50 70.90 -89.43
CA ASN E 1125 36.82 71.13 -90.86
C ASN E 1125 37.45 72.51 -90.98
N GLY E 1126 38.59 72.62 -91.67
CA GLY E 1126 39.30 73.91 -91.72
C GLY E 1126 39.06 74.68 -92.99
N HIS E 1127 38.80 74.01 -94.11
CA HIS E 1127 38.45 74.73 -95.35
C HIS E 1127 37.51 75.88 -95.02
N ARG E 1128 36.39 75.57 -94.36
CA ARG E 1128 35.44 76.62 -93.91
C ARG E 1128 35.18 76.33 -92.43
N GLY E 1129 35.74 77.13 -91.53
CA GLY E 1129 35.61 76.86 -90.09
C GLY E 1129 34.28 76.23 -89.72
N GLN E 1130 34.25 74.92 -89.47
CA GLN E 1130 33.04 74.24 -89.05
C GLN E 1130 33.37 73.09 -88.12
N ARG E 1131 32.40 72.72 -87.30
CA ARG E 1131 32.48 71.53 -86.46
C ARG E 1131 31.34 70.58 -86.84
N TRP E 1132 31.68 69.30 -86.91
CA TRP E 1132 30.76 68.26 -87.39
C TRP E 1132 30.59 67.19 -86.34
N HIS E 1133 29.36 67.03 -85.87
CA HIS E 1133 28.91 65.84 -85.15
C HIS E 1133 27.40 65.79 -85.27
N LEU E 1134 26.89 64.87 -86.08
CA LEU E 1134 25.47 64.75 -86.40
C LEU E 1134 24.93 66.01 -87.06
N GLY E 1135 25.79 66.81 -87.66
CA GLY E 1135 25.40 68.06 -88.27
C GLY E 1135 26.58 68.99 -88.38
N SER E 1136 26.32 70.16 -88.94
CA SER E 1136 27.36 71.16 -89.17
C SER E 1136 27.05 72.41 -88.36
N GLU E 1137 28.08 72.96 -87.70
CA GLU E 1137 27.96 74.20 -86.96
C GLU E 1137 29.14 75.11 -87.27
N LEU E 1138 28.92 76.41 -87.23
CA LEU E 1138 30.00 77.36 -87.46
C LEU E 1138 30.92 77.39 -86.26
N PHE E 1139 32.23 77.52 -86.52
CA PHE E 1139 33.24 77.39 -85.48
C PHE E 1139 34.59 77.81 -86.02
N GLY E 1140 35.40 78.42 -85.16
CA GLY E 1140 36.77 78.72 -85.52
C GLY E 1140 36.90 79.67 -86.69
N ARG E 1141 38.03 79.59 -87.38
CA ARG E 1141 38.35 80.41 -88.54
C ARG E 1141 39.10 79.58 -89.55
N PRO E 1142 39.08 79.97 -90.82
CA PRO E 1142 39.80 79.20 -91.85
C PRO E 1142 41.30 79.22 -91.64
N TRP E 1143 41.96 78.18 -92.15
CA TRP E 1143 43.39 78.01 -91.99
C TRP E 1143 44.14 78.43 -93.25
N GLN E 1144 45.47 78.32 -93.20
CA GLN E 1144 46.33 78.60 -94.33
C GLN E 1144 47.38 77.49 -94.45
N SER E 1145 48.16 77.55 -95.53
CA SER E 1145 49.18 76.56 -95.77
C SER E 1145 50.23 76.59 -94.65
N GLY E 1146 50.58 75.42 -94.15
CA GLY E 1146 51.54 75.29 -93.07
C GLY E 1146 50.96 75.41 -91.68
N ASP E 1147 49.67 75.64 -91.55
CA ASP E 1147 49.06 75.74 -90.23
C ASP E 1147 49.03 74.38 -89.54
N VAL E 1148 49.06 74.41 -88.21
CA VAL E 1148 49.08 73.20 -87.40
C VAL E 1148 47.88 73.23 -86.47
N VAL E 1149 47.11 72.14 -86.47
CA VAL E 1149 45.93 71.98 -85.61
C VAL E 1149 46.25 70.93 -84.57
N GLY E 1150 46.06 71.28 -83.30
CA GLY E 1150 46.27 70.37 -82.20
C GLY E 1150 44.92 69.93 -81.63
N CYS E 1151 44.75 68.62 -81.51
CA CYS E 1151 43.53 68.02 -81.00
C CYS E 1151 43.79 67.45 -79.61
N MET E 1152 42.91 67.78 -78.67
CA MET E 1152 43.01 67.32 -77.29
C MET E 1152 41.68 66.73 -76.87
N ILE E 1153 41.73 65.61 -76.16
CA ILE E 1153 40.55 64.97 -75.60
C ILE E 1153 40.78 64.76 -74.11
N ASP E 1154 39.74 65.04 -73.31
CA ASP E 1154 39.76 64.86 -71.87
C ASP E 1154 38.61 63.93 -71.51
N LEU E 1155 38.92 62.74 -71.00
CA LEU E 1155 37.92 61.75 -70.65
C LEU E 1155 37.54 61.79 -69.19
N THR E 1156 38.12 62.71 -68.41
CA THR E 1156 37.66 62.93 -67.05
C THR E 1156 36.56 63.97 -66.99
N GLU E 1157 36.68 65.05 -67.77
CA GLU E 1157 35.61 66.02 -67.93
C GLU E 1157 34.77 65.78 -69.18
N ASN E 1158 35.16 64.82 -70.02
CA ASN E 1158 34.44 64.49 -71.25
C ASN E 1158 34.31 65.71 -72.16
N THR E 1159 35.46 66.21 -72.62
CA THR E 1159 35.50 67.39 -73.47
C THR E 1159 36.51 67.18 -74.59
N ILE E 1160 36.32 67.94 -75.67
CA ILE E 1160 37.20 67.92 -76.84
C ILE E 1160 37.57 69.36 -77.17
N ILE E 1161 38.87 69.61 -77.38
CA ILE E 1161 39.38 70.95 -77.62
C ILE E 1161 40.26 70.95 -78.85
N PHE E 1162 40.10 71.97 -79.69
CA PHE E 1162 40.92 72.19 -80.87
C PHE E 1162 41.70 73.47 -80.71
N THR E 1163 42.97 73.46 -81.14
CA THR E 1163 43.81 74.64 -81.11
C THR E 1163 44.46 74.83 -82.46
N LEU E 1164 44.65 76.09 -82.84
CA LEU E 1164 45.26 76.45 -84.12
C LEU E 1164 46.49 77.32 -83.86
N ASN E 1165 47.67 76.79 -84.18
CA ASN E 1165 48.94 77.51 -83.99
C ASN E 1165 49.10 77.95 -82.54
N GLY E 1166 48.69 77.09 -81.61
CA GLY E 1166 48.80 77.37 -80.20
C GLY E 1166 47.69 78.22 -79.62
N GLU E 1167 46.75 78.67 -80.44
CA GLU E 1167 45.63 79.48 -79.97
C GLU E 1167 44.37 78.63 -79.90
N VAL E 1168 43.66 78.75 -78.78
CA VAL E 1168 42.44 77.97 -78.57
C VAL E 1168 41.32 78.56 -79.41
N LEU E 1169 40.64 77.70 -80.17
CA LEU E 1169 39.52 78.12 -80.97
C LEU E 1169 38.24 78.10 -80.15
N MET E 1170 37.43 79.14 -80.30
CA MET E 1170 36.20 79.29 -79.53
C MET E 1170 35.04 79.62 -80.46
N SER E 1171 33.84 79.27 -80.01
CA SER E 1171 32.63 79.49 -80.80
C SER E 1171 32.12 80.91 -80.59
N ASP E 1172 30.94 81.19 -81.18
CA ASP E 1172 30.34 82.51 -81.02
C ASP E 1172 29.95 82.78 -79.58
N SER E 1173 29.47 81.77 -78.86
CA SER E 1173 29.11 81.92 -77.45
C SER E 1173 30.31 82.17 -76.56
N GLY E 1174 31.53 81.99 -77.06
CA GLY E 1174 32.71 82.18 -76.25
C GLY E 1174 33.14 80.96 -75.46
N SER E 1175 32.49 79.82 -75.66
CA SER E 1175 32.86 78.61 -74.96
C SER E 1175 34.22 78.11 -75.43
N GLU E 1176 35.04 77.64 -74.49
CA GLU E 1176 36.36 77.13 -74.82
C GLU E 1176 36.30 75.76 -75.46
N THR E 1177 35.40 74.90 -75.00
CA THR E 1177 35.30 73.55 -75.53
C THR E 1177 34.44 73.51 -76.78
N ALA E 1178 34.84 72.67 -77.73
CA ALA E 1178 34.04 72.47 -78.94
C ALA E 1178 32.90 71.50 -78.73
N PHE E 1179 33.14 70.44 -77.94
CA PHE E 1179 32.11 69.45 -77.64
C PHE E 1179 32.16 69.12 -76.15
N ARG E 1180 31.02 68.78 -75.59
CA ARG E 1180 30.92 68.42 -74.18
C ARG E 1180 29.80 67.41 -73.99
N ASP E 1181 29.82 66.74 -72.85
CA ASP E 1181 28.85 65.70 -72.49
C ASP E 1181 28.90 64.61 -73.57
N ILE E 1182 30.02 63.90 -73.58
CA ILE E 1182 30.24 62.79 -74.50
C ILE E 1182 30.33 61.50 -73.70
N GLU E 1183 29.57 60.50 -74.11
CA GLU E 1183 29.56 59.22 -73.41
C GLU E 1183 30.76 58.38 -73.87
N VAL E 1184 31.46 57.75 -72.92
CA VAL E 1184 32.73 57.11 -73.21
C VAL E 1184 32.53 55.95 -74.18
N GLY E 1185 31.59 55.07 -73.88
CA GLY E 1185 31.34 53.93 -74.77
C GLY E 1185 32.54 53.01 -74.82
N ASP E 1186 32.99 52.73 -76.05
CA ASP E 1186 34.10 51.81 -76.27
C ASP E 1186 35.45 52.50 -76.37
N GLY E 1187 35.49 53.80 -76.62
CA GLY E 1187 36.72 54.54 -76.77
C GLY E 1187 36.70 55.42 -78.00
N PHE E 1188 37.85 56.02 -78.27
CA PHE E 1188 38.02 56.95 -79.39
C PHE E 1188 39.37 56.74 -80.05
N LEU E 1189 39.44 57.06 -81.33
CA LEU E 1189 40.63 56.90 -82.14
C LEU E 1189 40.87 58.14 -82.98
N PRO E 1190 42.13 58.43 -83.30
CA PRO E 1190 42.41 59.53 -84.24
C PRO E 1190 41.96 59.18 -85.65
N VAL E 1191 41.34 60.16 -86.31
CA VAL E 1191 40.82 59.97 -87.67
C VAL E 1191 40.99 61.26 -88.46
N CYS E 1192 41.27 61.11 -89.75
CA CYS E 1192 41.39 62.24 -90.65
C CYS E 1192 40.79 61.86 -92.00
N SER E 1193 40.39 62.89 -92.75
CA SER E 1193 39.76 62.70 -94.04
C SER E 1193 40.28 63.75 -95.01
N LEU E 1194 40.65 63.30 -96.21
CA LEU E 1194 41.27 64.15 -97.23
C LEU E 1194 40.43 64.10 -98.50
N GLY E 1195 40.24 65.27 -99.12
CA GLY E 1195 39.49 65.38 -100.34
C GLY E 1195 40.38 65.24 -101.56
N PRO E 1196 39.83 65.56 -102.74
CA PRO E 1196 40.60 65.41 -103.97
C PRO E 1196 41.74 66.41 -104.05
N GLY E 1197 42.95 65.91 -104.29
CA GLY E 1197 44.11 66.75 -104.51
C GLY E 1197 44.74 67.32 -103.26
N GLN E 1198 44.31 66.90 -102.07
CA GLN E 1198 44.83 67.46 -100.83
C GLN E 1198 45.97 66.62 -100.29
N VAL E 1199 46.83 67.27 -99.50
CA VAL E 1199 47.98 66.63 -98.86
C VAL E 1199 48.03 67.09 -97.41
N GLY E 1200 48.28 66.14 -96.50
CA GLY E 1200 48.36 66.45 -95.09
C GLY E 1200 49.38 65.59 -94.39
N HIS E 1201 49.74 66.01 -93.17
CA HIS E 1201 50.72 65.32 -92.36
C HIS E 1201 50.13 65.09 -90.98
N LEU E 1202 50.38 63.92 -90.40
CA LEU E 1202 49.82 63.55 -89.10
C LEU E 1202 50.96 63.22 -88.14
N ASN E 1203 50.85 63.69 -86.90
CA ASN E 1203 51.86 63.45 -85.89
C ASN E 1203 51.18 63.00 -84.60
N LEU E 1204 51.46 61.75 -84.21
CA LEU E 1204 50.92 61.17 -82.99
C LEU E 1204 51.88 61.29 -81.81
N GLY E 1205 53.04 61.90 -82.00
CA GLY E 1205 53.94 62.19 -80.91
C GLY E 1205 54.78 61.03 -80.42
N GLN E 1206 55.35 60.23 -81.33
CA GLN E 1206 56.32 59.23 -80.91
C GLN E 1206 57.57 59.89 -80.36
N ASP E 1207 58.03 60.96 -81.00
CA ASP E 1207 59.14 61.77 -80.52
C ASP E 1207 58.57 63.11 -80.04
N VAL E 1208 58.77 63.40 -78.76
CA VAL E 1208 58.20 64.62 -78.18
C VAL E 1208 58.82 65.86 -78.81
N SER E 1209 60.12 65.81 -79.14
CA SER E 1209 60.78 66.97 -79.70
C SER E 1209 60.25 67.35 -81.08
N SER E 1210 59.59 66.41 -81.77
CA SER E 1210 59.04 66.71 -83.09
C SER E 1210 57.81 67.60 -83.04
N LEU E 1211 57.05 67.56 -81.95
CA LEU E 1211 55.88 68.42 -81.80
C LEU E 1211 56.30 69.87 -81.68
N ARG E 1212 55.50 70.76 -82.26
CA ARG E 1212 55.85 72.18 -82.36
C ARG E 1212 55.11 73.05 -81.37
N PHE E 1213 53.85 72.76 -81.08
CA PHE E 1213 53.04 73.58 -80.18
C PHE E 1213 52.57 72.82 -78.95
N PHE E 1214 53.18 71.68 -78.64
CA PHE E 1214 52.77 70.93 -77.45
C PHE E 1214 53.11 71.70 -76.17
N ALA E 1215 54.31 72.29 -76.11
CA ALA E 1215 54.71 73.00 -74.90
C ALA E 1215 53.92 74.29 -74.71
N ILE E 1216 53.54 74.95 -75.81
CA ILE E 1216 52.81 76.21 -75.70
C ILE E 1216 51.46 76.01 -75.03
N CYS E 1217 50.73 74.97 -75.42
CA CYS E 1217 49.40 74.71 -74.86
C CYS E 1217 49.19 73.21 -74.80
N GLY E 1218 49.08 72.67 -73.59
CA GLY E 1218 48.81 71.25 -73.42
C GLY E 1218 49.71 70.56 -72.43
N LEU E 1219 50.97 71.00 -72.36
CA LEU E 1219 51.93 70.35 -71.46
C LEU E 1219 51.55 70.58 -70.00
N GLN E 1220 51.30 71.84 -69.63
CA GLN E 1220 50.99 72.16 -68.25
C GLN E 1220 49.60 71.72 -67.83
N GLU E 1221 48.68 71.59 -68.79
CA GLU E 1221 47.32 71.14 -68.45
C GLU E 1221 47.26 69.66 -68.12
N GLY E 1222 48.33 68.90 -68.34
CA GLY E 1222 48.34 67.50 -68.02
C GLY E 1222 47.99 66.57 -69.16
N PHE E 1223 48.19 67.01 -70.41
CA PHE E 1223 47.90 66.18 -71.57
C PHE E 1223 49.16 65.46 -72.03
N GLU E 1224 48.96 64.29 -72.63
CA GLU E 1224 50.06 63.45 -73.07
C GLU E 1224 49.96 63.16 -74.56
N PRO E 1225 51.10 63.00 -75.25
CA PRO E 1225 51.04 62.58 -76.65
C PRO E 1225 50.45 61.18 -76.78
N PHE E 1226 49.76 60.96 -77.89
CA PHE E 1226 49.02 59.71 -78.08
C PHE E 1226 49.95 58.50 -78.12
N ALA E 1227 51.05 58.61 -78.88
CA ALA E 1227 51.94 57.48 -79.12
C ALA E 1227 53.20 57.51 -78.26
N ILE E 1228 53.11 58.01 -77.03
CA ILE E 1228 54.29 58.07 -76.17
C ILE E 1228 54.57 56.68 -75.60
N ASN E 1229 55.86 56.42 -75.34
CA ASN E 1229 56.31 55.15 -74.77
C ASN E 1229 55.87 53.96 -75.62
N MET E 1230 56.05 54.08 -76.94
CA MET E 1230 55.75 53.00 -77.88
C MET E 1230 57.00 52.65 -78.67
N GLN E 1231 57.24 51.35 -78.84
CA GLN E 1231 58.45 50.90 -79.52
C GLN E 1231 58.35 51.04 -81.04
N ARG E 1232 57.15 50.88 -81.59
CA ARG E 1232 56.95 50.86 -83.03
C ARG E 1232 55.88 51.86 -83.43
N PRO E 1233 55.93 52.37 -84.67
CA PRO E 1233 54.91 53.32 -85.12
C PRO E 1233 53.52 52.70 -85.13
N VAL E 1234 52.51 53.56 -84.93
CA VAL E 1234 51.14 53.10 -84.83
C VAL E 1234 50.66 52.65 -86.20
N THR E 1235 49.96 51.51 -86.24
CA THR E 1235 49.41 51.01 -87.49
C THR E 1235 48.18 51.81 -87.88
N THR E 1236 48.02 52.04 -89.18
CA THR E 1236 46.96 52.88 -89.72
C THR E 1236 46.13 52.10 -90.73
N TRP E 1237 44.82 52.32 -90.72
CA TRP E 1237 43.92 51.74 -91.71
C TRP E 1237 43.30 52.85 -92.53
N PHE E 1238 42.90 52.51 -93.77
CA PHE E 1238 42.34 53.51 -94.67
C PHE E 1238 41.19 52.91 -95.45
N SER E 1239 40.38 53.81 -96.03
CA SER E 1239 39.20 53.41 -96.77
C SER E 1239 39.58 53.09 -98.22
N LYS E 1240 39.23 51.90 -98.66
CA LYS E 1240 39.58 51.42 -99.99
C LYS E 1240 38.31 51.39 -100.85
N SER E 1241 38.36 52.06 -101.99
CA SER E 1241 37.19 52.18 -102.87
C SER E 1241 37.28 51.16 -104.02
N LEU E 1242 37.10 49.89 -103.65
CA LEU E 1242 37.03 48.81 -104.62
C LEU E 1242 35.83 47.94 -104.29
N PRO E 1243 34.80 47.89 -105.14
CA PRO E 1243 33.58 47.16 -104.79
C PRO E 1243 33.85 45.68 -104.55
N GLN E 1244 33.15 45.12 -103.57
CA GLN E 1244 33.28 43.71 -103.22
C GLN E 1244 31.92 43.14 -102.89
N PHE E 1245 31.77 41.83 -103.06
CA PHE E 1245 30.50 41.18 -102.76
C PHE E 1245 30.45 40.78 -101.29
N GLU E 1246 29.38 41.13 -100.61
CA GLU E 1246 29.22 40.84 -99.18
C GLU E 1246 27.80 40.39 -98.92
N ALA E 1247 27.64 39.63 -97.84
CA ALA E 1247 26.33 39.09 -97.48
C ALA E 1247 25.39 40.22 -97.04
N VAL E 1248 24.12 40.04 -97.33
CA VAL E 1248 23.09 41.01 -96.98
C VAL E 1248 22.87 40.99 -95.47
N PRO E 1249 22.94 42.13 -94.79
CA PRO E 1249 22.71 42.13 -93.34
C PRO E 1249 21.31 41.69 -92.99
N LEU E 1250 21.18 41.05 -91.82
CA LEU E 1250 19.90 40.53 -91.37
C LEU E 1250 18.91 41.62 -91.02
N GLU E 1251 19.37 42.86 -90.82
CA GLU E 1251 18.51 43.97 -90.45
C GLU E 1251 18.73 45.17 -91.36
N HIS E 1252 18.75 44.91 -92.67
CA HIS E 1252 18.92 46.01 -93.62
C HIS E 1252 17.64 46.85 -93.68
N PRO E 1253 17.77 48.17 -93.75
CA PRO E 1253 16.57 49.03 -93.76
C PRO E 1253 15.61 48.79 -94.91
N HIS E 1254 16.11 48.41 -96.09
CA HIS E 1254 15.30 48.43 -97.29
C HIS E 1254 15.05 47.06 -97.93
N TYR E 1255 15.99 46.12 -97.80
CA TYR E 1255 15.92 44.86 -98.52
C TYR E 1255 15.72 43.71 -97.55
N GLU E 1256 14.99 42.69 -97.99
CA GLU E 1256 14.76 41.49 -97.18
C GLU E 1256 14.92 40.26 -98.05
N VAL E 1257 15.63 39.26 -97.52
CA VAL E 1257 15.88 38.00 -98.21
C VAL E 1257 15.19 36.88 -97.44
N SER E 1258 14.46 36.03 -98.16
CA SER E 1258 13.71 34.95 -97.55
C SER E 1258 14.07 33.62 -98.19
N ARG E 1259 14.08 32.56 -97.38
CA ARG E 1259 14.33 31.21 -97.85
C ARG E 1259 13.01 30.45 -97.86
N VAL E 1260 12.69 29.82 -98.99
CA VAL E 1260 11.42 29.12 -99.15
C VAL E 1260 11.72 27.65 -99.40
N ASP E 1261 11.08 26.79 -98.61
CA ASP E 1261 11.28 25.34 -98.72
C ASP E 1261 10.53 24.80 -99.92
N GLY E 1262 10.92 23.60 -100.35
CA GLY E 1262 10.33 23.00 -101.53
C GLY E 1262 9.10 22.19 -101.19
N THR E 1263 8.01 22.43 -101.92
CA THR E 1263 6.78 21.69 -101.75
C THR E 1263 6.75 20.50 -102.70
N VAL E 1264 5.59 19.85 -102.82
CA VAL E 1264 5.46 18.69 -103.68
C VAL E 1264 5.61 19.06 -105.14
N ASP E 1265 5.40 20.34 -105.48
CA ASP E 1265 5.47 20.79 -106.86
C ASP E 1265 6.43 21.94 -107.08
N THR E 1266 7.11 22.40 -106.05
CA THR E 1266 8.02 23.53 -106.18
C THR E 1266 9.38 23.20 -105.59
N PRO E 1267 10.44 23.79 -106.12
CA PRO E 1267 11.78 23.59 -105.55
C PRO E 1267 12.07 24.64 -104.50
N PRO E 1268 13.13 24.47 -103.70
CA PRO E 1268 13.51 25.52 -102.77
C PRO E 1268 13.93 26.78 -103.50
N CYS E 1269 13.68 27.93 -102.87
CA CYS E 1269 13.87 29.21 -103.55
C CYS E 1269 14.45 30.23 -102.60
N LEU E 1270 15.10 31.23 -103.18
CA LEU E 1270 15.59 32.39 -102.44
C LEU E 1270 14.94 33.65 -103.00
N ARG E 1271 14.11 34.31 -102.19
CA ARG E 1271 13.25 35.38 -102.67
C ARG E 1271 13.73 36.72 -102.12
N LEU E 1272 13.71 37.75 -102.97
CA LEU E 1272 14.09 39.09 -102.54
C LEU E 1272 12.85 39.98 -102.51
N THR E 1273 12.75 40.84 -101.50
CA THR E 1273 11.62 41.74 -101.37
C THR E 1273 12.07 43.11 -100.84
N HIS E 1274 11.27 44.12 -101.19
CA HIS E 1274 11.55 45.51 -100.82
C HIS E 1274 10.64 45.90 -99.65
N ARG E 1275 11.24 46.54 -98.65
CA ARG E 1275 10.51 46.81 -97.41
C ARG E 1275 9.74 48.13 -97.45
N THR E 1276 10.29 49.15 -98.09
CA THR E 1276 9.74 50.50 -98.04
C THR E 1276 9.44 51.05 -99.43
N TRP E 1277 8.74 50.27 -100.25
CA TRP E 1277 8.54 50.65 -101.65
C TRP E 1277 7.73 51.94 -101.78
N GLY E 1278 6.70 52.10 -100.95
CA GLY E 1278 5.79 53.22 -101.09
C GLY E 1278 6.00 54.38 -100.15
N SER E 1279 6.93 54.27 -99.21
CA SER E 1279 7.12 55.32 -98.22
C SER E 1279 7.83 56.54 -98.84
N GLN E 1280 7.89 57.62 -98.06
CA GLN E 1280 8.55 58.84 -98.54
C GLN E 1280 10.06 58.68 -98.60
N ASN E 1281 10.64 57.88 -97.70
CA ASN E 1281 12.08 57.69 -97.64
C ASN E 1281 12.54 56.46 -98.42
N SER E 1282 11.84 56.12 -99.49
CA SER E 1282 12.21 54.96 -100.29
C SER E 1282 13.52 55.21 -101.03
N LEU E 1283 14.31 54.14 -101.17
CA LEU E 1283 15.57 54.19 -101.90
C LEU E 1283 15.46 53.28 -103.12
N VAL E 1284 15.70 53.83 -104.30
CA VAL E 1284 15.60 53.10 -105.56
C VAL E 1284 16.91 53.28 -106.31
N GLU E 1285 17.61 52.18 -106.55
CA GLU E 1285 18.86 52.21 -107.31
C GLU E 1285 19.19 50.79 -107.75
N MET E 1286 20.20 50.69 -108.60
CA MET E 1286 20.58 49.40 -109.18
C MET E 1286 21.10 48.45 -108.10
N LEU E 1287 20.83 47.15 -108.28
CA LEU E 1287 21.27 46.12 -107.35
C LEU E 1287 22.02 45.04 -108.12
N PHE E 1288 23.20 44.69 -107.61
CA PHE E 1288 24.02 43.61 -108.17
C PHE E 1288 24.10 42.49 -107.16
N LEU E 1289 23.45 41.37 -107.46
CA LEU E 1289 23.34 40.24 -106.53
C LEU E 1289 23.96 39.01 -107.16
N ARG E 1290 24.56 38.17 -106.31
CA ARG E 1290 25.16 36.93 -106.76
C ARG E 1290 24.98 35.87 -105.68
N LEU E 1291 25.23 34.62 -106.06
CA LEU E 1291 25.22 33.53 -105.10
C LEU E 1291 26.62 33.32 -104.51
N SER E 1292 26.67 32.50 -103.45
CA SER E 1292 27.86 32.43 -102.62
C SER E 1292 28.90 31.43 -103.12
N LEU E 1293 28.49 30.39 -103.84
CA LEU E 1293 29.45 29.36 -104.20
C LEU E 1293 29.48 29.16 -105.71
N PRO E 1294 30.66 28.90 -106.27
CA PRO E 1294 30.80 28.78 -107.72
C PRO E 1294 30.70 27.35 -108.22
N VAL E 1295 30.66 27.22 -109.55
CA VAL E 1295 30.82 25.95 -110.24
C VAL E 1295 32.11 26.02 -111.03
N GLN E 1296 32.71 24.85 -111.27
CA GLN E 1296 34.01 24.77 -111.91
C GLN E 1296 33.98 23.81 -113.08
N PHE E 1297 34.61 24.19 -114.18
CA PHE E 1297 34.69 23.34 -115.35
C PHE E 1297 35.85 22.36 -115.21
N HIS E 1298 35.81 21.31 -116.03
CA HIS E 1298 36.81 20.25 -115.95
C HIS E 1298 38.13 20.71 -116.53
N GLN E 1299 39.18 19.90 -116.29
CA GLN E 1299 40.50 20.21 -116.82
C GLN E 1299 40.61 19.91 -118.31
N HIS E 1300 39.91 18.88 -118.78
CA HIS E 1300 39.95 18.48 -120.18
C HIS E 1300 38.55 18.54 -120.78
N PHE E 1301 38.49 18.85 -122.07
CA PHE E 1301 37.24 18.90 -122.81
C PHE E 1301 37.20 17.74 -123.80
N ARG E 1302 36.10 16.99 -123.78
CA ARG E 1302 35.94 15.86 -124.69
C ARG E 1302 34.47 15.56 -124.92
N ARG E 1421 10.47 10.89 -114.12
CA ARG E 1421 10.43 10.42 -115.49
C ARG E 1421 11.84 10.24 -116.06
N ASP E 1422 12.84 10.48 -115.21
CA ASP E 1422 14.22 10.35 -115.63
C ASP E 1422 14.68 8.89 -115.59
N ASP E 1423 15.37 8.47 -116.65
CA ASP E 1423 15.96 7.14 -116.64
C ASP E 1423 17.36 7.22 -116.04
N PRO E 1424 17.70 6.35 -115.08
CA PRO E 1424 18.97 6.50 -114.36
C PRO E 1424 20.20 6.41 -115.27
N ASP E 1425 20.15 5.62 -116.34
CA ASP E 1425 21.34 5.43 -117.17
C ASP E 1425 21.81 6.74 -117.77
N ILE E 1426 20.89 7.57 -118.26
CA ILE E 1426 21.26 8.87 -118.79
C ILE E 1426 21.68 9.82 -117.68
N ILE E 1427 20.92 9.85 -116.57
CA ILE E 1427 21.09 10.92 -115.60
C ILE E 1427 22.31 10.70 -114.70
N LEU E 1428 22.86 9.48 -114.68
CA LEU E 1428 24.02 9.25 -113.83
C LEU E 1428 25.32 9.77 -114.43
N ASN E 1429 25.35 10.08 -115.73
CA ASN E 1429 26.58 10.58 -116.36
C ASN E 1429 26.25 11.73 -117.30
N THR E 1430 25.41 12.66 -116.87
CA THR E 1430 24.94 13.71 -117.77
C THR E 1430 25.89 14.89 -117.85
N THR E 1431 26.42 15.35 -116.72
CA THR E 1431 27.33 16.49 -116.61
C THR E 1431 26.76 17.77 -117.21
N THR E 1432 25.44 17.97 -117.12
CA THR E 1432 24.80 19.21 -117.53
C THR E 1432 23.93 19.72 -116.38
N TYR E 1433 23.97 21.02 -116.13
CA TYR E 1433 23.35 21.58 -114.94
C TYR E 1433 22.48 22.78 -115.29
N TYR E 1434 21.44 22.99 -114.48
CA TYR E 1434 20.36 23.91 -114.78
C TYR E 1434 20.06 24.80 -113.58
N TYR E 1435 19.54 25.99 -113.85
CA TYR E 1435 19.29 27.00 -112.83
C TYR E 1435 18.20 27.94 -113.34
N SER E 1436 17.39 28.52 -112.44
CA SER E 1436 16.25 29.30 -112.91
C SER E 1436 16.08 30.57 -112.10
N VAL E 1437 15.46 31.56 -112.73
CA VAL E 1437 15.12 32.84 -112.11
C VAL E 1437 13.69 33.19 -112.47
N ARG E 1438 12.90 33.61 -111.48
CA ARG E 1438 11.53 34.02 -111.68
C ARG E 1438 11.38 35.51 -111.36
N VAL E 1439 10.77 36.24 -112.30
CA VAL E 1439 10.46 37.66 -112.15
C VAL E 1439 8.94 37.77 -112.03
N PHE E 1440 8.48 38.38 -110.93
CA PHE E 1440 7.07 38.48 -110.63
C PHE E 1440 6.40 39.55 -111.50
N ALA E 1441 5.08 39.41 -111.65
CA ALA E 1441 4.30 40.42 -112.34
C ALA E 1441 4.32 41.73 -111.55
N GLY E 1442 4.51 42.84 -112.27
CA GLY E 1442 4.68 44.15 -111.67
C GLY E 1442 6.09 44.67 -111.78
N GLN E 1443 7.08 43.79 -111.72
CA GLN E 1443 8.46 44.18 -111.96
C GLN E 1443 8.70 44.19 -113.47
N GLU E 1444 9.20 45.31 -113.98
CA GLU E 1444 9.38 45.46 -115.41
C GLU E 1444 10.47 44.51 -115.91
N PRO E 1445 10.18 43.65 -116.89
CA PRO E 1445 11.24 42.78 -117.42
C PRO E 1445 12.31 43.53 -118.20
N SER E 1446 12.11 44.82 -118.48
CA SER E 1446 13.10 45.60 -119.19
C SER E 1446 14.24 46.07 -118.31
N CYS E 1447 14.19 45.81 -117.00
CA CYS E 1447 15.21 46.25 -116.07
C CYS E 1447 15.87 45.10 -115.32
N VAL E 1448 15.99 43.93 -115.96
CA VAL E 1448 16.57 42.75 -115.33
C VAL E 1448 17.59 42.13 -116.28
N TRP E 1449 18.78 41.82 -115.74
CA TRP E 1449 19.80 41.07 -116.45
C TRP E 1449 20.15 39.83 -115.65
N VAL E 1450 20.24 38.69 -116.32
CA VAL E 1450 20.39 37.39 -115.65
C VAL E 1450 21.57 36.65 -116.25
N GLY E 1451 22.41 36.06 -115.40
CA GLY E 1451 23.48 35.23 -115.94
C GLY E 1451 24.55 34.79 -114.96
N TRP E 1452 25.80 34.82 -115.41
CA TRP E 1452 26.94 34.38 -114.62
C TRP E 1452 28.03 35.44 -114.61
N VAL E 1453 28.80 35.46 -113.53
CA VAL E 1453 29.92 36.36 -113.38
C VAL E 1453 31.15 35.57 -112.95
N THR E 1454 32.32 36.16 -113.19
CA THR E 1454 33.59 35.56 -112.80
C THR E 1454 34.02 36.16 -111.46
N PRO E 1455 35.04 35.57 -110.81
CA PRO E 1455 35.46 36.09 -109.50
C PRO E 1455 35.97 37.53 -109.52
N ASP E 1456 36.29 38.08 -110.69
CA ASP E 1456 36.93 39.39 -110.75
C ASP E 1456 36.01 40.48 -111.32
N TYR E 1457 34.73 40.47 -110.96
CA TYR E 1457 33.83 41.54 -111.35
C TYR E 1457 33.81 42.61 -110.26
N HIS E 1458 34.07 43.86 -110.64
CA HIS E 1458 34.19 44.94 -109.65
C HIS E 1458 33.56 46.24 -110.14
N GLN E 1459 32.49 46.17 -110.93
CA GLN E 1459 31.88 47.37 -111.51
C GLN E 1459 30.60 47.71 -110.75
N HIS E 1460 30.64 48.82 -110.01
CA HIS E 1460 29.47 49.37 -109.35
C HIS E 1460 28.95 50.55 -110.18
N ASP E 1461 28.27 50.25 -111.27
CA ASP E 1461 27.81 51.25 -112.22
C ASP E 1461 26.32 51.48 -112.05
N MET E 1462 25.91 52.74 -111.95
CA MET E 1462 24.50 53.07 -111.75
C MET E 1462 23.75 53.23 -113.06
N ASN E 1463 24.44 53.18 -114.20
CA ASN E 1463 23.80 53.26 -115.50
C ASN E 1463 24.13 52.03 -116.34
N PHE E 1464 24.01 50.86 -115.73
CA PHE E 1464 24.47 49.63 -116.36
C PHE E 1464 23.73 49.34 -117.66
N ASP E 1465 24.45 48.76 -118.61
CA ASP E 1465 23.91 48.35 -119.89
C ASP E 1465 24.83 47.26 -120.44
N LEU E 1466 24.28 46.46 -121.36
CA LEU E 1466 25.05 45.34 -121.89
C LEU E 1466 26.22 45.80 -122.73
N THR E 1467 26.29 47.08 -123.08
CA THR E 1467 27.44 47.62 -123.80
C THR E 1467 28.56 48.06 -122.88
N LYS E 1468 28.34 48.02 -121.56
CA LYS E 1468 29.37 48.40 -120.59
C LYS E 1468 30.25 47.24 -120.18
N VAL E 1469 29.99 46.03 -120.67
CA VAL E 1469 30.73 44.85 -120.22
C VAL E 1469 32.12 44.84 -120.84
N ARG E 1470 33.13 44.61 -120.01
CA ARG E 1470 34.50 44.51 -120.50
C ARG E 1470 34.64 43.28 -121.39
N ALA E 1471 35.37 43.43 -122.49
CA ALA E 1471 35.61 42.32 -123.40
C ALA E 1471 36.88 42.59 -124.18
N VAL E 1472 37.51 41.50 -124.65
CA VAL E 1472 38.73 41.60 -125.45
C VAL E 1472 38.84 40.34 -126.29
N THR E 1473 39.65 40.41 -127.35
CA THR E 1473 39.92 39.26 -128.20
C THR E 1473 41.43 39.14 -128.40
N VAL E 1474 41.93 37.93 -128.21
CA VAL E 1474 43.35 37.61 -128.39
C VAL E 1474 43.47 36.70 -129.60
N THR E 1475 44.28 37.10 -130.57
CA THR E 1475 44.42 36.38 -131.83
C THR E 1475 45.88 35.95 -132.00
N MET E 1476 46.08 34.68 -132.35
CA MET E 1476 47.40 34.14 -132.62
C MET E 1476 47.51 33.81 -134.11
N GLY E 1477 48.67 34.09 -134.68
CA GLY E 1477 48.89 33.89 -136.11
C GLY E 1477 50.23 33.23 -136.38
N ASP E 1478 50.44 32.94 -137.66
CA ASP E 1478 51.68 32.33 -138.13
C ASP E 1478 52.54 33.36 -138.84
N GLU E 1479 53.74 32.93 -139.24
CA GLU E 1479 54.66 33.82 -139.93
C GLU E 1479 54.13 34.24 -141.29
N GLN E 1480 53.42 33.34 -141.98
CA GLN E 1480 52.90 33.62 -143.31
C GLN E 1480 51.58 34.39 -143.30
N GLY E 1481 51.04 34.69 -142.12
CA GLY E 1481 49.80 35.43 -142.02
C GLY E 1481 48.57 34.61 -141.73
N ASN E 1482 48.71 33.29 -141.59
CA ASN E 1482 47.57 32.44 -141.25
C ASN E 1482 47.33 32.47 -139.75
N ILE E 1483 46.09 32.70 -139.35
CA ILE E 1483 45.70 32.80 -137.95
C ILE E 1483 45.31 31.41 -137.45
N HIS E 1484 45.83 31.04 -136.29
CA HIS E 1484 45.54 29.73 -135.70
C HIS E 1484 44.31 29.76 -134.81
N SER E 1485 44.22 30.72 -133.89
CA SER E 1485 43.12 30.77 -132.95
C SER E 1485 42.79 32.21 -132.59
N SER E 1486 41.55 32.42 -132.19
CA SER E 1486 41.08 33.71 -131.69
C SER E 1486 40.14 33.45 -130.53
N LEU E 1487 40.47 33.97 -129.36
CA LEU E 1487 39.73 33.71 -128.14
C LEU E 1487 39.14 35.01 -127.61
N LYS E 1488 37.94 34.93 -127.04
CA LYS E 1488 37.25 36.08 -126.47
C LYS E 1488 37.25 35.98 -124.95
N CYS E 1489 37.65 37.06 -124.29
CA CYS E 1489 37.73 37.12 -122.84
C CYS E 1489 36.80 38.19 -122.30
N SER E 1490 36.10 37.85 -121.23
CA SER E 1490 35.16 38.76 -120.57
C SER E 1490 34.99 38.30 -119.13
N ASN E 1491 34.18 39.04 -118.38
CA ASN E 1491 33.90 38.71 -116.98
C ASN E 1491 32.42 38.76 -116.63
N CYS E 1492 31.53 38.71 -117.62
CA CYS E 1492 30.09 38.77 -117.38
C CYS E 1492 29.38 38.15 -118.57
N TYR E 1493 28.58 37.11 -118.31
CA TYR E 1493 27.84 36.41 -119.36
C TYR E 1493 26.37 36.48 -118.98
N MET E 1494 25.63 37.41 -119.59
CA MET E 1494 24.27 37.70 -119.15
C MET E 1494 23.36 37.86 -120.36
N VAL E 1495 22.05 37.80 -120.08
CA VAL E 1495 21.02 38.09 -121.05
C VAL E 1495 20.07 39.13 -120.46
N TRP E 1496 19.46 39.91 -121.35
CA TRP E 1496 18.58 41.00 -120.96
C TRP E 1496 17.13 40.58 -121.10
N GLY E 1497 16.32 40.99 -120.12
CA GLY E 1497 14.91 40.64 -120.12
C GLY E 1497 14.12 41.21 -121.28
N GLY E 1498 14.49 42.40 -121.76
CA GLY E 1498 13.77 43.03 -122.85
C GLY E 1498 13.76 42.23 -124.13
N ASP E 1499 14.68 41.28 -124.29
CA ASP E 1499 14.67 40.42 -125.47
C ASP E 1499 13.50 39.45 -125.47
N PHE E 1500 12.90 39.19 -124.31
CA PHE E 1500 11.83 38.20 -124.20
C PHE E 1500 10.45 38.82 -123.98
N VAL E 1501 10.33 40.15 -124.07
CA VAL E 1501 9.02 40.78 -123.94
C VAL E 1501 8.22 40.53 -125.21
N SER E 1502 6.90 40.48 -125.06
CA SER E 1502 6.03 40.27 -126.21
C SER E 1502 6.10 41.48 -127.15
N PRO E 1503 6.10 41.27 -128.47
CA PRO E 1503 6.11 42.42 -129.39
C PRO E 1503 4.89 43.30 -129.21
N GLY E 1504 5.11 44.61 -129.27
CA GLY E 1504 4.02 45.55 -129.09
C GLY E 1504 3.37 45.56 -127.73
N GLN E 1505 4.05 45.05 -126.71
CA GLN E 1505 3.48 45.00 -125.37
C GLN E 1505 3.28 46.40 -124.82
N GLN E 1506 2.14 46.62 -124.16
CA GLN E 1506 1.81 47.92 -123.60
C GLN E 1506 2.31 48.04 -122.16
N GLY E 1507 3.61 47.90 -121.96
CA GLY E 1507 4.17 48.05 -120.62
C GLY E 1507 3.79 46.91 -119.70
N ARG E 1508 3.71 47.24 -118.41
CA ARG E 1508 3.42 46.26 -117.37
C ARG E 1508 1.93 46.01 -117.23
N ILE E 1509 1.15 46.36 -118.26
CA ILE E 1509 -0.29 46.11 -118.22
C ILE E 1509 -0.59 44.64 -118.05
N SER E 1510 0.17 43.77 -118.71
CA SER E 1510 -0.02 42.33 -118.60
C SER E 1510 0.58 41.85 -117.29
N HIS E 1511 -0.23 41.19 -116.46
CA HIS E 1511 0.22 40.70 -115.15
C HIS E 1511 0.55 39.23 -115.28
N THR E 1512 1.74 38.95 -115.84
CA THR E 1512 2.23 37.60 -116.00
C THR E 1512 3.68 37.52 -115.56
N ASP E 1513 4.03 36.42 -114.90
CA ASP E 1513 5.40 36.21 -114.44
C ASP E 1513 6.28 35.72 -115.57
N LEU E 1514 7.59 35.92 -115.42
CA LEU E 1514 8.56 35.51 -116.42
C LEU E 1514 9.57 34.56 -115.78
N VAL E 1515 9.89 33.48 -116.48
CA VAL E 1515 10.82 32.48 -115.97
C VAL E 1515 11.95 32.33 -116.99
N ILE E 1516 13.19 32.48 -116.52
CA ILE E 1516 14.37 32.38 -117.37
C ILE E 1516 15.26 31.27 -116.81
N GLY E 1517 15.67 30.35 -117.67
CA GLY E 1517 16.49 29.22 -117.26
C GLY E 1517 17.84 29.26 -117.93
N CYS E 1518 18.87 28.84 -117.20
CA CYS E 1518 20.24 28.79 -117.69
C CYS E 1518 20.77 27.38 -117.58
N LEU E 1519 21.46 26.93 -118.63
CA LEU E 1519 22.03 25.60 -118.70
C LEU E 1519 23.52 25.71 -118.99
N VAL E 1520 24.32 24.89 -118.30
CA VAL E 1520 25.76 24.86 -118.49
C VAL E 1520 26.22 23.42 -118.64
N ASP E 1521 27.18 23.20 -119.54
CA ASP E 1521 27.81 21.90 -119.73
C ASP E 1521 29.26 22.00 -119.24
N LEU E 1522 29.55 21.31 -118.14
CA LEU E 1522 30.87 21.41 -117.53
C LEU E 1522 31.94 20.61 -118.28
N ALA E 1523 31.55 19.78 -119.25
CA ALA E 1523 32.51 18.98 -119.98
C ALA E 1523 32.88 19.56 -121.34
N THR E 1524 32.07 20.45 -121.89
CA THR E 1524 32.36 21.08 -123.17
C THR E 1524 32.51 22.59 -123.09
N GLY E 1525 32.12 23.22 -121.99
CA GLY E 1525 32.24 24.66 -121.85
C GLY E 1525 31.17 25.47 -122.55
N LEU E 1526 29.97 24.92 -122.72
CA LEU E 1526 28.90 25.61 -123.45
C LEU E 1526 27.81 26.05 -122.48
N MET E 1527 27.39 27.30 -122.62
CA MET E 1527 26.34 27.89 -121.79
C MET E 1527 25.22 28.40 -122.67
N THR E 1528 23.98 28.04 -122.32
CA THR E 1528 22.81 28.39 -123.11
C THR E 1528 21.70 28.87 -122.19
N PHE E 1529 20.70 29.52 -122.78
CA PHE E 1529 19.59 30.13 -122.05
C PHE E 1529 18.27 29.77 -122.70
N THR E 1530 17.22 29.67 -121.89
CA THR E 1530 15.86 29.45 -122.35
C THR E 1530 14.91 30.39 -121.64
N ALA E 1531 13.81 30.73 -122.30
CA ALA E 1531 12.80 31.62 -121.75
C ALA E 1531 11.41 31.05 -121.99
N ASN E 1532 10.66 30.82 -120.91
CA ASN E 1532 9.29 30.30 -120.99
C ASN E 1532 9.22 29.00 -121.78
N GLY E 1533 10.25 28.16 -121.64
CA GLY E 1533 10.32 26.91 -122.36
C GLY E 1533 10.79 27.02 -123.79
N LYS E 1534 11.12 28.21 -124.26
CA LYS E 1534 11.58 28.40 -125.63
C LYS E 1534 13.08 28.65 -125.66
N GLU E 1535 13.72 28.20 -126.74
CA GLU E 1535 15.15 28.39 -126.90
C GLU E 1535 15.49 29.83 -127.20
N SER E 1536 16.76 30.17 -127.07
CA SER E 1536 17.28 31.49 -127.40
C SER E 1536 18.50 31.35 -128.31
N ASN E 1537 18.76 32.39 -129.09
CA ASN E 1537 19.87 32.33 -130.04
C ASN E 1537 21.22 32.63 -129.40
N THR E 1538 21.24 33.18 -128.19
CA THR E 1538 22.50 33.52 -127.54
C THR E 1538 23.12 32.28 -126.89
N PHE E 1539 24.44 32.21 -126.95
CA PHE E 1539 25.20 31.12 -126.36
C PHE E 1539 26.60 31.61 -126.04
N PHE E 1540 27.26 30.90 -125.13
CA PHE E 1540 28.61 31.29 -124.72
C PHE E 1540 29.51 30.07 -124.63
N GLN E 1541 30.80 30.30 -124.87
CA GLN E 1541 31.85 29.29 -124.83
C GLN E 1541 32.98 29.77 -123.95
N VAL E 1542 33.47 28.91 -123.06
CA VAL E 1542 34.50 29.28 -122.09
C VAL E 1542 35.61 28.23 -122.12
N GLU E 1543 36.74 28.61 -121.54
CA GLU E 1543 37.93 27.76 -121.48
C GLU E 1543 37.88 26.85 -120.26
N PRO E 1544 38.68 25.78 -120.26
CA PRO E 1544 38.70 24.88 -119.10
C PRO E 1544 39.21 25.57 -117.85
N ASN E 1545 38.83 25.02 -116.69
CA ASN E 1545 39.26 25.48 -115.38
C ASN E 1545 38.76 26.89 -115.07
N THR E 1546 37.47 27.12 -115.28
CA THR E 1546 36.87 28.44 -115.05
C THR E 1546 35.84 28.36 -113.94
N LYS E 1547 35.77 29.41 -113.13
CA LYS E 1547 34.80 29.52 -112.04
C LYS E 1547 33.70 30.50 -112.44
N LEU E 1548 32.45 30.15 -112.12
CA LEU E 1548 31.32 31.00 -112.44
C LEU E 1548 30.37 31.07 -111.25
N PHE E 1549 29.79 32.25 -111.06
CA PHE E 1549 28.81 32.54 -110.02
C PHE E 1549 27.47 32.95 -110.64
N PRO E 1550 26.36 32.35 -110.24
CA PRO E 1550 25.05 32.85 -110.66
C PRO E 1550 24.83 34.27 -110.16
N ALA E 1551 24.26 35.12 -111.00
CA ALA E 1551 24.14 36.53 -110.69
C ALA E 1551 22.96 37.16 -111.40
N VAL E 1552 22.39 38.17 -110.77
CA VAL E 1552 21.27 38.94 -111.29
C VAL E 1552 21.50 40.41 -111.02
N PHE E 1553 21.30 41.25 -112.03
CA PHE E 1553 21.34 42.70 -111.88
C PHE E 1553 19.95 43.24 -112.10
N VAL E 1554 19.46 44.06 -111.17
CA VAL E 1554 18.06 44.45 -111.17
C VAL E 1554 17.92 45.91 -110.80
N LEU E 1555 16.76 46.48 -111.14
CA LEU E 1555 16.36 47.80 -110.69
C LEU E 1555 14.91 47.71 -110.20
N PRO E 1556 14.66 47.82 -108.89
CA PRO E 1556 13.32 47.55 -108.38
C PRO E 1556 12.28 48.52 -108.91
N THR E 1557 11.10 47.99 -109.23
CA THR E 1557 9.94 48.78 -109.62
C THR E 1557 8.65 48.29 -108.96
N HIS E 1558 8.74 47.37 -108.00
CA HIS E 1558 7.55 46.78 -107.40
C HIS E 1558 7.93 46.21 -106.04
N GLN E 1559 6.91 45.87 -105.25
CA GLN E 1559 7.14 45.33 -103.91
C GLN E 1559 7.89 44.01 -103.96
N ASN E 1560 7.50 43.12 -104.88
CA ASN E 1560 8.15 41.83 -105.06
C ASN E 1560 8.99 41.89 -106.33
N VAL E 1561 10.26 41.49 -106.23
CA VAL E 1561 11.17 41.72 -107.34
C VAL E 1561 11.59 40.44 -108.05
N ILE E 1562 12.32 39.54 -107.38
CA ILE E 1562 12.90 38.38 -108.04
C ILE E 1562 12.99 37.19 -107.08
N GLN E 1563 13.15 36.00 -107.67
CA GLN E 1563 13.29 34.76 -106.93
C GLN E 1563 14.28 33.84 -107.65
N PHE E 1564 15.29 33.39 -106.92
CA PHE E 1564 16.22 32.36 -107.39
C PHE E 1564 15.58 31.01 -107.18
N GLU E 1565 15.57 30.17 -108.23
CA GLU E 1565 14.99 28.84 -108.18
C GLU E 1565 16.05 27.81 -108.53
N LEU E 1566 16.34 26.95 -107.56
CA LEU E 1566 17.30 25.85 -107.72
C LEU E 1566 16.60 24.57 -108.14
N GLY E 1567 15.87 24.65 -109.25
CA GLY E 1567 15.04 23.53 -109.69
C GLY E 1567 15.82 22.47 -110.43
N LYS E 1568 15.11 21.76 -111.30
CA LYS E 1568 15.70 20.65 -112.04
C LYS E 1568 14.79 20.32 -113.22
N GLN E 1569 15.42 20.02 -114.36
CA GLN E 1569 14.72 19.63 -115.57
C GLN E 1569 14.89 18.14 -115.80
N LYS E 1570 14.23 17.64 -116.84
CA LYS E 1570 14.33 16.22 -117.17
C LYS E 1570 15.74 15.88 -117.65
N ASN E 1571 16.30 14.80 -117.09
CA ASN E 1571 17.62 14.29 -117.43
C ASN E 1571 18.72 15.31 -117.19
N ILE E 1572 18.51 16.29 -116.31
CA ILE E 1572 19.49 17.31 -115.99
C ILE E 1572 19.55 17.46 -114.47
N MET E 1573 20.78 17.40 -113.91
CA MET E 1573 20.95 17.47 -112.48
C MET E 1573 20.80 18.90 -111.97
N PRO E 1574 20.41 19.08 -110.72
CA PRO E 1574 20.31 20.44 -110.16
C PRO E 1574 21.68 21.01 -109.83
N LEU E 1575 21.64 22.26 -109.37
CA LEU E 1575 22.89 22.98 -109.08
C LEU E 1575 23.61 22.38 -107.88
N SER E 1576 22.87 21.85 -106.91
CA SER E 1576 23.50 21.33 -105.69
C SER E 1576 24.45 20.17 -106.00
N ALA E 1577 24.19 19.43 -107.09
CA ALA E 1577 25.07 18.33 -107.45
C ALA E 1577 26.41 18.79 -108.00
N ALA E 1578 26.55 20.08 -108.31
CA ALA E 1578 27.80 20.60 -108.84
C ALA E 1578 28.61 21.35 -107.79
N MET E 1579 27.97 21.87 -106.75
CA MET E 1579 28.67 22.68 -105.76
C MET E 1579 29.32 21.81 -104.68
N PHE E 1580 28.66 20.75 -104.26
CA PHE E 1580 29.10 19.94 -103.13
C PHE E 1580 29.53 18.57 -103.62
N LEU E 1581 30.69 18.11 -103.12
CA LEU E 1581 31.25 16.85 -103.59
C LEU E 1581 30.43 15.65 -103.12
N SER E 1582 29.89 15.70 -101.91
CA SER E 1582 29.16 14.54 -101.38
C SER E 1582 27.84 14.33 -102.11
N GLU E 1583 27.31 15.37 -102.77
CA GLU E 1583 26.07 15.27 -103.51
C GLU E 1583 26.28 15.13 -105.01
N ARG E 1584 27.42 14.56 -105.42
CA ARG E 1584 27.73 14.49 -106.85
C ARG E 1584 26.74 13.61 -107.61
N LYS E 1585 26.19 12.59 -106.95
CA LYS E 1585 25.27 11.65 -107.60
C LYS E 1585 23.87 11.71 -107.03
N ASN E 1586 23.50 12.79 -106.33
CA ASN E 1586 22.18 12.90 -105.72
C ASN E 1586 21.31 13.79 -106.59
N PRO E 1587 20.28 13.27 -107.25
CA PRO E 1587 19.43 14.12 -108.11
C PRO E 1587 18.34 14.87 -107.36
N ALA E 1588 18.37 14.91 -106.04
CA ALA E 1588 17.35 15.64 -105.29
C ALA E 1588 17.84 17.06 -104.99
N PRO E 1589 17.13 18.09 -105.45
CA PRO E 1589 17.57 19.46 -105.19
C PRO E 1589 17.47 19.80 -103.71
N GLN E 1590 18.40 20.65 -103.26
CA GLN E 1590 18.45 21.08 -101.87
C GLN E 1590 19.23 22.38 -101.77
N CYS E 1591 19.06 23.07 -100.63
CA CYS E 1591 19.71 24.35 -100.39
C CYS E 1591 20.34 24.34 -99.01
N PRO E 1592 21.61 23.93 -98.90
CA PRO E 1592 22.27 23.90 -97.61
C PRO E 1592 22.47 25.29 -97.04
N PRO E 1593 22.73 25.40 -95.74
CA PRO E 1593 22.86 26.74 -95.13
C PRO E 1593 24.02 27.57 -95.65
N ARG E 1594 25.05 26.94 -96.24
CA ARG E 1594 26.20 27.69 -96.72
C ARG E 1594 25.87 28.53 -97.95
N LEU E 1595 24.78 28.22 -98.64
CA LEU E 1595 24.40 28.93 -99.86
C LEU E 1595 23.50 30.10 -99.49
N GLU E 1596 23.95 31.32 -99.77
CA GLU E 1596 23.21 32.52 -99.44
C GLU E 1596 23.49 33.60 -100.48
N MET E 1597 22.66 34.62 -100.49
CA MET E 1597 22.70 35.68 -101.48
C MET E 1597 23.63 36.81 -101.00
N GLN E 1598 24.37 37.40 -101.93
CA GLN E 1598 25.29 38.49 -101.62
C GLN E 1598 25.05 39.64 -102.57
N MET E 1599 25.36 40.85 -102.12
CA MET E 1599 25.20 42.06 -102.91
C MET E 1599 26.52 42.82 -102.98
N LEU E 1600 26.65 43.66 -104.01
CA LEU E 1600 27.88 44.42 -104.20
C LEU E 1600 27.90 45.67 -103.31
N MET E 1601 29.07 45.96 -102.71
CA MET E 1601 29.39 47.08 -101.84
C MET E 1601 30.48 47.94 -102.45
N PRO E 1602 30.41 49.27 -102.28
CA PRO E 1602 31.36 50.16 -102.96
C PRO E 1602 32.73 50.29 -102.31
N VAL E 1603 32.79 50.35 -100.98
CA VAL E 1603 34.03 50.64 -100.27
C VAL E 1603 34.19 49.67 -99.09
N SER E 1604 35.42 49.61 -98.57
CA SER E 1604 35.72 48.77 -97.42
C SER E 1604 36.92 49.37 -96.68
N TRP E 1605 37.42 48.63 -95.68
CA TRP E 1605 38.59 49.03 -94.93
C TRP E 1605 39.79 48.20 -95.36
N SER E 1606 40.98 48.79 -95.28
CA SER E 1606 42.20 48.08 -95.65
C SER E 1606 43.35 48.54 -94.76
N ARG E 1607 44.34 47.67 -94.62
CA ARG E 1607 45.48 47.93 -93.75
C ARG E 1607 46.65 48.47 -94.56
N MET E 1608 47.30 49.50 -94.03
CA MET E 1608 48.46 50.09 -94.69
C MET E 1608 49.72 49.31 -94.33
N PRO E 1609 50.57 48.99 -95.30
CA PRO E 1609 51.82 48.28 -94.98
C PRO E 1609 52.76 49.14 -94.16
N ASN E 1610 53.75 48.47 -93.55
CA ASN E 1610 54.70 49.18 -92.71
C ASN E 1610 55.88 49.71 -93.52
N HIS E 1611 56.25 49.03 -94.59
CA HIS E 1611 57.38 49.44 -95.42
C HIS E 1611 56.96 49.43 -96.89
N PHE E 1612 57.63 50.25 -97.68
CA PHE E 1612 57.32 50.40 -99.10
C PHE E 1612 58.61 50.32 -99.91
N LEU E 1613 58.46 49.99 -101.19
CA LEU E 1613 59.61 49.85 -102.07
C LEU E 1613 60.21 51.22 -102.36
N ARG E 1614 61.53 51.27 -102.50
CA ARG E 1614 62.22 52.49 -102.88
C ARG E 1614 62.55 52.44 -104.37
N VAL E 1615 62.01 53.40 -105.12
CA VAL E 1615 62.22 53.48 -106.56
C VAL E 1615 62.75 54.87 -106.88
N GLU E 1616 63.80 54.93 -107.69
CA GLU E 1616 64.46 56.17 -108.05
C GLU E 1616 64.31 56.42 -109.54
N THR E 1617 63.89 57.62 -109.90
CA THR E 1617 63.71 58.00 -111.29
C THR E 1617 64.47 59.29 -111.57
N ARG E 1618 65.06 59.37 -112.76
CA ARG E 1618 65.81 60.55 -113.18
C ARG E 1618 65.89 60.55 -114.69
N ARG E 1619 66.20 61.72 -115.25
CA ARG E 1619 66.43 61.83 -116.68
C ARG E 1619 67.83 61.31 -117.00
N ALA E 1620 67.90 60.10 -117.55
CA ALA E 1620 69.19 59.50 -117.84
C ALA E 1620 69.99 60.34 -118.83
N GLY E 1621 69.34 60.85 -119.87
CA GLY E 1621 70.03 61.72 -120.79
C GLY E 1621 69.19 62.04 -122.00
N GLU E 1622 69.71 62.97 -122.80
CA GLU E 1622 69.05 63.36 -124.04
C GLU E 1622 69.04 62.21 -125.04
N ARG E 1623 70.12 61.43 -125.10
CA ARG E 1623 70.17 60.24 -125.95
C ARG E 1623 69.74 58.98 -125.22
N LEU E 1624 70.05 58.88 -123.92
CA LEU E 1624 69.77 57.66 -123.17
C LEU E 1624 68.29 57.53 -122.81
N GLY E 1625 67.58 58.64 -122.66
CA GLY E 1625 66.17 58.58 -122.30
C GLY E 1625 65.96 58.76 -120.81
N TRP E 1626 64.95 58.09 -120.25
CA TRP E 1626 64.63 58.18 -118.83
C TRP E 1626 64.94 56.86 -118.16
N ALA E 1627 65.30 56.89 -116.88
CA ALA E 1627 65.78 55.72 -116.17
C ALA E 1627 64.90 55.39 -114.96
N VAL E 1628 64.68 54.09 -114.75
CA VAL E 1628 63.96 53.57 -113.59
C VAL E 1628 64.79 52.43 -113.00
N GLN E 1629 64.86 52.36 -111.67
CA GLN E 1629 65.74 51.42 -110.99
C GLN E 1629 65.15 51.03 -109.64
N CYS E 1630 65.24 49.73 -109.31
CA CYS E 1630 64.79 49.23 -108.02
C CYS E 1630 65.75 48.14 -107.55
N GLN E 1631 66.11 48.17 -106.26
CA GLN E 1631 67.17 47.30 -105.75
C GLN E 1631 66.79 46.49 -104.51
N GLU E 1632 66.05 47.08 -103.57
CA GLU E 1632 65.89 46.45 -102.26
C GLU E 1632 64.66 45.56 -102.23
N PRO E 1633 64.80 44.29 -101.85
CA PRO E 1633 63.65 43.38 -101.84
C PRO E 1633 62.76 43.55 -100.63
N LEU E 1634 61.48 43.20 -100.81
CA LEU E 1634 60.51 43.18 -99.73
C LEU E 1634 59.62 41.96 -99.90
N THR E 1635 59.14 41.42 -98.78
CA THR E 1635 58.35 40.21 -98.79
C THR E 1635 57.21 40.34 -97.78
N MET E 1636 56.10 39.64 -98.05
CA MET E 1636 54.98 39.63 -97.13
C MET E 1636 54.37 38.24 -97.09
N MET E 1637 53.65 37.97 -96.01
CA MET E 1637 52.98 36.69 -95.81
C MET E 1637 51.51 36.85 -96.18
N ALA E 1638 51.06 36.05 -97.13
CA ALA E 1638 49.73 36.19 -97.71
C ALA E 1638 48.84 35.01 -97.33
N LEU E 1639 47.59 35.32 -96.98
CA LEU E 1639 46.56 34.35 -96.68
C LEU E 1639 45.57 34.30 -97.85
N HIS E 1640 45.26 33.09 -98.31
CA HIS E 1640 44.50 32.88 -99.53
C HIS E 1640 43.20 32.15 -99.22
N ILE E 1641 42.10 32.73 -99.70
CA ILE E 1641 40.77 32.13 -99.64
C ILE E 1641 40.52 31.44 -100.98
N PRO E 1642 40.33 30.11 -101.01
CA PRO E 1642 40.30 29.41 -102.30
C PRO E 1642 39.02 29.60 -103.09
N GLU E 1643 37.85 29.51 -102.44
CA GLU E 1643 36.60 29.51 -103.20
C GLU E 1643 36.35 30.84 -103.89
N GLU E 1644 36.79 31.94 -103.28
CA GLU E 1644 36.69 33.25 -103.90
C GLU E 1644 37.92 33.58 -104.73
N ASN E 1645 38.93 32.72 -104.72
CA ASN E 1645 40.18 32.94 -105.45
C ASN E 1645 40.79 34.28 -105.08
N ARG E 1646 40.94 34.52 -103.79
CA ARG E 1646 41.32 35.84 -103.31
C ARG E 1646 42.47 35.73 -102.32
N CYS E 1647 43.19 36.83 -102.13
CA CYS E 1647 44.33 36.89 -101.23
C CYS E 1647 44.28 38.16 -100.40
N MET E 1648 44.90 38.10 -99.22
CA MET E 1648 44.94 39.23 -98.30
C MET E 1648 46.17 39.11 -97.42
N ASP E 1649 46.49 40.19 -96.72
CA ASP E 1649 47.59 40.17 -95.76
C ASP E 1649 47.13 39.44 -94.49
N ILE E 1650 48.02 38.61 -93.93
CA ILE E 1650 47.66 37.86 -92.74
C ILE E 1650 47.49 38.75 -91.53
N LEU E 1651 48.25 39.85 -91.45
CA LEU E 1651 48.13 40.78 -90.32
C LEU E 1651 46.73 41.39 -90.23
N GLU E 1652 45.98 41.39 -91.33
CA GLU E 1652 44.61 41.88 -91.29
C GLU E 1652 43.73 41.06 -90.37
N LEU E 1653 44.17 39.87 -89.98
CA LEU E 1653 43.44 39.10 -88.98
C LEU E 1653 43.47 39.76 -87.60
N SER E 1654 44.11 40.92 -87.46
CA SER E 1654 44.05 41.64 -86.19
C SER E 1654 42.66 42.18 -85.93
N GLU E 1655 41.84 42.36 -86.97
CA GLU E 1655 40.50 42.90 -86.83
C GLU E 1655 39.41 41.95 -87.33
N ARG E 1656 39.78 40.85 -87.98
CA ARG E 1656 38.81 39.87 -88.45
C ARG E 1656 38.88 38.66 -87.52
N LEU E 1657 38.02 38.68 -86.50
CA LEU E 1657 38.16 37.74 -85.40
C LEU E 1657 37.74 36.32 -85.78
N ASP E 1658 36.71 36.18 -86.60
CA ASP E 1658 36.25 34.83 -86.97
C ASP E 1658 37.31 34.07 -87.73
N LEU E 1659 37.95 34.71 -88.72
CA LEU E 1659 39.02 34.07 -89.46
C LEU E 1659 40.20 33.74 -88.55
N GLN E 1660 40.50 34.64 -87.61
CA GLN E 1660 41.59 34.39 -86.67
C GLN E 1660 41.31 33.15 -85.83
N GLN E 1661 40.09 33.03 -85.31
CA GLN E 1661 39.72 31.86 -84.51
C GLN E 1661 39.80 30.59 -85.35
N PHE E 1662 39.28 30.64 -86.57
CA PHE E 1662 39.31 29.46 -87.44
C PHE E 1662 40.74 29.04 -87.74
N HIS E 1663 41.62 30.00 -88.03
CA HIS E 1663 43.00 29.67 -88.36
C HIS E 1663 43.76 29.14 -87.16
N SER E 1664 43.50 29.69 -85.96
CA SER E 1664 44.13 29.17 -84.76
C SER E 1664 43.72 27.73 -84.50
N HIS E 1665 42.42 27.44 -84.66
CA HIS E 1665 41.99 26.04 -84.47
C HIS E 1665 42.52 25.14 -85.58
N THR E 1666 42.72 25.68 -86.78
CA THR E 1666 43.35 24.89 -87.84
C THR E 1666 44.79 24.53 -87.48
N LEU E 1667 45.54 25.48 -86.92
CA LEU E 1667 46.89 25.16 -86.46
C LEU E 1667 46.86 24.13 -85.33
N ARG E 1668 45.87 24.24 -84.44
CA ARG E 1668 45.73 23.23 -83.38
C ARG E 1668 45.50 21.85 -83.98
N LEU E 1669 44.66 21.76 -85.01
CA LEU E 1669 44.43 20.47 -85.67
C LEU E 1669 45.71 19.96 -86.34
N TYR E 1670 46.45 20.87 -86.99
CA TYR E 1670 47.74 20.49 -87.56
C TYR E 1670 48.63 19.84 -86.50
N ARG E 1671 48.72 20.45 -85.32
CA ARG E 1671 49.50 19.85 -84.24
C ARG E 1671 48.92 18.52 -83.80
N ALA E 1672 47.59 18.43 -83.75
CA ALA E 1672 46.93 17.22 -83.24
C ALA E 1672 47.22 16.02 -84.13
N VAL E 1673 47.18 16.19 -85.45
CA VAL E 1673 47.36 15.04 -86.34
C VAL E 1673 48.79 14.57 -86.41
N CYS E 1674 49.73 15.26 -85.76
CA CYS E 1674 51.13 14.89 -85.79
C CYS E 1674 51.65 14.36 -84.45
N ALA E 1675 50.78 14.22 -83.45
CA ALA E 1675 51.23 13.95 -82.09
C ALA E 1675 51.76 12.54 -81.94
N LEU E 1676 52.77 12.40 -81.08
CA LEU E 1676 53.24 11.10 -80.59
C LEU E 1676 53.75 10.20 -81.72
N GLY E 1677 54.79 10.67 -82.41
CA GLY E 1677 55.52 9.83 -83.35
C GLY E 1677 54.94 9.74 -84.74
N ASN E 1678 54.06 10.65 -85.14
CA ASN E 1678 53.57 10.68 -86.51
C ASN E 1678 54.59 11.36 -87.42
N ASN E 1679 55.66 10.61 -87.72
CA ASN E 1679 56.75 11.14 -88.53
C ASN E 1679 56.38 11.24 -90.00
N ARG E 1680 55.65 10.25 -90.52
CA ARG E 1680 55.18 10.32 -91.89
C ARG E 1680 54.22 11.49 -92.09
N VAL E 1681 53.32 11.71 -91.14
CA VAL E 1681 52.42 12.84 -91.22
C VAL E 1681 53.18 14.16 -91.08
N ALA E 1682 54.25 14.18 -90.29
CA ALA E 1682 55.10 15.36 -90.24
C ALA E 1682 55.74 15.65 -91.58
N HIS E 1683 56.25 14.61 -92.25
CA HIS E 1683 56.83 14.78 -93.57
C HIS E 1683 55.79 15.31 -94.56
N ALA E 1684 54.56 14.80 -94.48
CA ALA E 1684 53.49 15.31 -95.32
C ALA E 1684 53.17 16.77 -95.01
N LEU E 1685 53.14 17.12 -93.72
CA LEU E 1685 52.82 18.49 -93.32
C LEU E 1685 53.91 19.47 -93.74
N CYS E 1686 55.15 18.99 -93.88
CA CYS E 1686 56.24 19.88 -94.28
C CYS E 1686 56.02 20.53 -95.64
N SER E 1687 54.99 20.15 -96.38
CA SER E 1687 54.68 20.77 -97.66
C SER E 1687 53.57 21.81 -97.58
N HIS E 1688 52.82 21.85 -96.47
CA HIS E 1688 51.78 22.85 -96.31
C HIS E 1688 52.27 24.10 -95.58
N VAL E 1689 53.17 23.92 -94.61
CA VAL E 1689 53.82 25.02 -93.90
C VAL E 1689 55.33 24.77 -94.01
N ASP E 1690 55.95 25.42 -94.99
CA ASP E 1690 57.36 25.15 -95.28
C ASP E 1690 58.28 25.88 -94.31
N GLN E 1691 59.58 25.68 -94.50
CA GLN E 1691 60.57 26.18 -93.55
C GLN E 1691 60.63 27.71 -93.54
N ALA E 1692 60.55 28.33 -94.72
CA ALA E 1692 60.66 29.78 -94.81
C ALA E 1692 59.52 30.47 -94.06
N GLN E 1693 58.31 29.93 -94.16
CA GLN E 1693 57.17 30.52 -93.46
C GLN E 1693 57.39 30.50 -91.95
N LEU E 1694 57.87 29.37 -91.42
CA LEU E 1694 58.10 29.25 -89.98
C LEU E 1694 59.19 30.22 -89.53
N LEU E 1695 60.30 30.27 -90.29
CA LEU E 1695 61.39 31.16 -89.90
C LEU E 1695 61.00 32.62 -90.01
N HIS E 1696 60.11 32.95 -90.95
CA HIS E 1696 59.62 34.33 -91.05
C HIS E 1696 58.66 34.66 -89.90
N ALA E 1697 57.79 33.71 -89.55
CA ALA E 1697 56.81 33.95 -88.50
C ALA E 1697 57.45 33.99 -87.12
N LEU E 1698 58.62 33.37 -86.95
CA LEU E 1698 59.29 33.46 -85.65
C LEU E 1698 59.68 34.89 -85.30
N GLU E 1699 59.95 35.73 -86.30
CA GLU E 1699 60.47 37.07 -86.05
C GLU E 1699 59.45 38.18 -86.26
N ASP E 1700 58.24 37.86 -86.72
CA ASP E 1700 57.26 38.90 -86.99
C ASP E 1700 56.73 39.49 -85.69
N ALA E 1701 56.86 40.82 -85.56
CA ALA E 1701 56.48 41.51 -84.33
C ALA E 1701 55.05 42.01 -84.33
N HIS E 1702 54.33 41.89 -85.45
CA HIS E 1702 52.97 42.41 -85.54
C HIS E 1702 51.91 41.31 -85.56
N LEU E 1703 52.30 40.05 -85.39
CA LEU E 1703 51.33 38.97 -85.41
C LEU E 1703 50.45 39.03 -84.17
N PRO E 1704 49.17 38.64 -84.28
CA PRO E 1704 48.35 38.46 -83.08
C PRO E 1704 48.90 37.33 -82.22
N GLY E 1705 48.66 37.43 -80.91
CA GLY E 1705 49.21 36.52 -79.95
C GLY E 1705 48.90 35.04 -80.18
N PRO E 1706 47.62 34.70 -80.39
CA PRO E 1706 47.28 33.30 -80.65
C PRO E 1706 48.02 32.71 -81.85
N LEU E 1707 48.17 33.47 -82.93
CA LEU E 1707 48.89 32.95 -84.10
C LEU E 1707 50.37 32.78 -83.81
N ARG E 1708 50.96 33.71 -83.05
CA ARG E 1708 52.36 33.59 -82.66
C ARG E 1708 52.60 32.32 -81.85
N ALA E 1709 51.78 32.10 -80.82
CA ALA E 1709 51.90 30.90 -80.00
C ALA E 1709 51.67 29.64 -80.83
N GLY E 1710 50.67 29.68 -81.71
CA GLY E 1710 50.38 28.52 -82.53
C GLY E 1710 51.52 28.16 -83.46
N TYR E 1711 52.16 29.17 -84.06
CA TYR E 1711 53.27 28.90 -84.97
C TYR E 1711 54.49 28.39 -84.22
N TYR E 1712 54.78 28.96 -83.05
CA TYR E 1712 55.88 28.42 -82.25
C TYR E 1712 55.64 26.97 -81.88
N ASP E 1713 54.42 26.66 -81.42
CA ASP E 1713 54.08 25.29 -81.05
C ASP E 1713 54.12 24.36 -82.25
N LEU E 1714 53.69 24.84 -83.42
CA LEU E 1714 53.73 24.03 -84.63
C LEU E 1714 55.16 23.69 -85.02
N LEU E 1715 56.07 24.67 -84.96
CA LEU E 1715 57.47 24.40 -85.24
C LEU E 1715 58.02 23.35 -84.28
N ILE E 1716 57.76 23.53 -82.99
CA ILE E 1716 58.27 22.59 -81.98
C ILE E 1716 57.73 21.19 -82.23
N SER E 1717 56.43 21.08 -82.49
CA SER E 1717 55.80 19.77 -82.66
C SER E 1717 56.27 19.09 -83.94
N ILE E 1718 56.45 19.84 -85.02
CA ILE E 1718 56.85 19.23 -86.29
C ILE E 1718 58.29 18.75 -86.22
N HIS E 1719 59.19 19.57 -85.67
CA HIS E 1719 60.61 19.29 -85.87
C HIS E 1719 61.34 18.75 -84.65
N LEU E 1720 60.93 19.10 -83.42
CA LEU E 1720 61.80 18.87 -82.27
C LEU E 1720 61.23 17.99 -81.17
N GLU E 1721 59.99 17.50 -81.31
CA GLU E 1721 59.34 16.85 -80.17
C GLU E 1721 59.93 15.47 -79.88
N SER E 1722 60.11 14.64 -80.91
CA SER E 1722 60.45 13.24 -80.68
C SER E 1722 61.86 13.08 -80.14
N ALA E 1723 62.83 13.78 -80.73
CA ALA E 1723 64.21 13.68 -80.25
C ALA E 1723 64.33 14.19 -78.83
N CYS E 1724 63.64 15.29 -78.52
CA CYS E 1724 63.65 15.80 -77.15
C CYS E 1724 63.03 14.80 -76.19
N ARG E 1725 61.93 14.16 -76.58
CA ARG E 1725 61.31 13.16 -75.72
C ARG E 1725 62.27 12.00 -75.45
N SER E 1726 62.94 11.50 -76.49
CA SER E 1726 63.87 10.39 -76.29
C SER E 1726 65.04 10.79 -75.40
N ARG E 1727 65.65 11.94 -75.68
CA ARG E 1727 66.80 12.39 -74.89
C ARG E 1727 66.40 12.59 -73.43
N ARG E 1728 65.23 13.19 -73.19
CA ARG E 1728 64.75 13.36 -71.83
C ARG E 1728 64.49 12.00 -71.16
N SER E 1729 63.93 11.06 -71.90
CA SER E 1729 63.69 9.73 -71.35
C SER E 1729 64.97 9.02 -70.98
N MET E 1730 66.08 9.32 -71.65
CA MET E 1730 67.37 8.72 -71.31
C MET E 1730 68.34 9.70 -70.67
N LEU E 1731 67.87 10.58 -69.80
CA LEU E 1731 68.74 11.50 -69.06
C LEU E 1731 68.90 11.11 -67.59
N SER E 1732 68.23 10.08 -67.12
CA SER E 1732 68.26 9.73 -65.70
C SER E 1732 69.40 8.78 -65.34
N GLU E 1733 70.25 8.42 -66.29
CA GLU E 1733 71.32 7.46 -66.05
C GLU E 1733 72.66 8.03 -66.48
N TYR E 1734 73.71 7.72 -65.70
CA TYR E 1734 75.06 8.20 -65.95
C TYR E 1734 75.95 7.00 -66.25
N ILE E 1735 76.57 7.00 -67.41
CA ILE E 1735 77.56 5.99 -67.79
C ILE E 1735 78.82 6.73 -68.21
N VAL E 1736 79.92 6.47 -67.52
CA VAL E 1736 81.19 7.18 -67.73
C VAL E 1736 82.21 6.20 -68.26
N PRO E 1737 82.82 6.46 -69.42
CA PRO E 1737 83.91 5.60 -69.88
C PRO E 1737 85.24 6.03 -69.31
N LEU E 1738 86.09 5.06 -69.03
CA LEU E 1738 87.41 5.31 -68.45
C LEU E 1738 88.35 5.73 -69.58
N THR E 1739 88.49 7.03 -69.78
CA THR E 1739 89.26 7.60 -70.86
C THR E 1739 90.18 8.68 -70.30
N PRO E 1740 91.24 9.04 -71.03
CA PRO E 1740 92.09 10.15 -70.57
C PRO E 1740 91.33 11.45 -70.36
N GLU E 1741 90.27 11.69 -71.14
CA GLU E 1741 89.46 12.88 -70.94
C GLU E 1741 88.77 12.85 -69.58
N THR E 1742 88.37 11.68 -69.13
CA THR E 1742 87.70 11.56 -67.84
C THR E 1742 88.64 11.90 -66.68
N ARG E 1743 89.91 11.52 -66.81
CA ARG E 1743 90.87 11.69 -65.72
C ARG E 1743 91.08 13.16 -65.37
N ALA E 1744 90.91 14.06 -66.34
CA ALA E 1744 91.24 15.46 -66.12
C ALA E 1744 90.13 16.23 -65.42
N ILE E 1745 88.97 15.59 -65.18
CA ILE E 1745 87.84 16.29 -64.58
C ILE E 1745 88.12 16.52 -63.10
N THR E 1746 87.89 17.77 -62.66
CA THR E 1746 88.06 18.14 -61.25
C THR E 1746 86.85 18.95 -60.81
N LEU E 1747 86.58 18.94 -59.50
CA LEU E 1747 85.42 19.63 -58.96
C LEU E 1747 85.53 21.14 -59.19
N PHE E 1748 86.70 21.71 -58.96
CA PHE E 1748 86.89 23.15 -59.08
C PHE E 1748 87.83 23.48 -60.24
N PRO E 1749 87.72 24.67 -60.82
CA PRO E 1749 88.66 25.07 -61.86
C PRO E 1749 90.06 25.11 -61.32
N PRO E 1750 91.07 24.81 -62.16
CA PRO E 1750 92.44 24.62 -61.66
C PRO E 1750 93.05 25.83 -61.00
N GLY E 1751 92.58 27.04 -61.30
CA GLY E 1751 93.21 28.24 -60.78
C GLY E 1751 93.16 28.29 -59.26
N LYS E 1752 94.32 28.42 -58.62
CA LYS E 1752 94.41 28.49 -57.16
C LYS E 1752 94.78 29.88 -56.67
N ARG E 1753 94.79 30.89 -57.55
CA ARG E 1753 95.19 32.23 -57.14
C ARG E 1753 94.21 32.82 -56.12
N THR E 1754 92.94 32.45 -56.20
CA THR E 1754 91.93 32.88 -55.24
C THR E 1754 91.79 31.82 -54.16
N GLU E 1755 92.13 32.18 -52.92
CA GLU E 1755 92.06 31.26 -51.79
C GLU E 1755 90.99 31.65 -50.79
N ASN E 1756 90.06 32.53 -51.16
CA ASN E 1756 88.98 32.90 -50.26
C ASN E 1756 87.98 31.76 -50.13
N GLY E 1757 86.99 31.97 -49.26
CA GLY E 1757 85.97 30.98 -48.99
C GLY E 1757 85.27 30.45 -50.23
N PRO E 1758 84.61 31.33 -50.99
CA PRO E 1758 83.91 30.87 -52.19
C PRO E 1758 84.81 30.28 -53.25
N ARG E 1759 86.11 30.59 -53.25
CA ARG E 1759 87.05 30.19 -54.30
C ARG E 1759 86.47 30.62 -55.64
N ARG E 1760 86.47 29.78 -56.66
CA ARG E 1760 85.77 30.04 -57.92
C ARG E 1760 84.91 28.83 -58.22
N HIS E 1761 83.60 28.98 -58.07
CA HIS E 1761 82.71 27.83 -58.18
C HIS E 1761 82.62 27.32 -59.62
N GLY E 1762 82.60 28.22 -60.58
CA GLY E 1762 82.45 27.84 -61.96
C GLY E 1762 81.01 27.94 -62.43
N LEU E 1763 80.84 28.21 -63.72
CA LEU E 1763 79.50 28.40 -64.27
C LEU E 1763 78.82 27.05 -64.51
N PRO E 1764 77.55 26.92 -64.16
CA PRO E 1764 76.83 25.66 -64.41
C PRO E 1764 76.68 25.39 -65.90
N GLY E 1765 76.78 24.12 -66.26
CA GLY E 1765 76.60 23.70 -67.64
C GLY E 1765 77.75 24.01 -68.57
N VAL E 1766 78.87 24.51 -68.06
CA VAL E 1766 80.03 24.85 -68.88
C VAL E 1766 81.18 23.97 -68.45
N GLY E 1767 81.75 23.25 -69.41
CA GLY E 1767 82.86 22.34 -69.16
C GLY E 1767 82.75 21.09 -70.00
N VAL E 1768 83.55 20.10 -69.61
CA VAL E 1768 83.61 18.83 -70.33
C VAL E 1768 82.76 17.80 -69.62
N THR E 1769 81.93 17.09 -70.37
CA THR E 1769 81.13 15.99 -69.86
C THR E 1769 81.34 14.76 -70.74
N THR E 1770 81.36 13.59 -70.11
CA THR E 1770 81.67 12.36 -70.83
C THR E 1770 80.58 11.29 -70.72
N SER E 1771 79.44 11.60 -70.10
CA SER E 1771 78.36 10.62 -70.01
C SER E 1771 77.83 10.28 -71.40
N LEU E 1772 77.53 9.01 -71.62
CA LEU E 1772 77.12 8.55 -72.95
C LEU E 1772 75.68 8.94 -73.22
N ARG E 1773 75.45 9.52 -74.42
CA ARG E 1773 74.12 9.86 -74.89
C ARG E 1773 74.13 9.68 -76.40
N PRO E 1774 73.21 8.88 -76.95
CA PRO E 1774 73.19 8.67 -78.40
C PRO E 1774 72.81 9.95 -79.12
N PRO E 1775 73.25 10.11 -80.37
CA PRO E 1775 72.96 11.33 -81.13
C PRO E 1775 71.54 11.30 -81.69
N HIS E 1776 71.23 12.32 -82.49
CA HIS E 1776 69.93 12.47 -83.12
C HIS E 1776 70.02 12.10 -84.59
N HIS E 1777 68.89 11.71 -85.17
CA HIS E 1777 68.81 11.31 -86.57
C HIS E 1777 67.64 12.03 -87.23
N PHE E 1778 67.88 12.59 -88.41
CA PHE E 1778 66.86 13.32 -89.15
C PHE E 1778 66.94 12.97 -90.63
N SER E 1779 65.90 13.33 -91.37
CA SER E 1779 65.82 13.13 -92.80
C SER E 1779 65.40 14.43 -93.49
N ALA E 1780 65.87 14.61 -94.71
CA ALA E 1780 65.55 15.81 -95.47
C ALA E 1780 64.25 15.60 -96.25
N PRO E 1781 63.28 16.49 -96.14
CA PRO E 1781 62.04 16.33 -96.90
C PRO E 1781 62.27 16.47 -98.40
N CYS E 1782 61.51 15.69 -99.17
CA CYS E 1782 61.60 15.73 -100.63
C CYS E 1782 60.34 15.07 -101.19
N PHE E 1783 59.71 15.73 -102.15
CA PHE E 1783 58.44 15.27 -102.70
C PHE E 1783 58.53 14.89 -104.17
N VAL E 1784 59.74 14.63 -104.67
CA VAL E 1784 59.93 14.09 -106.01
C VAL E 1784 60.68 12.77 -106.01
N ALA E 1785 60.90 12.18 -104.83
CA ALA E 1785 61.58 10.91 -104.75
C ALA E 1785 60.69 9.79 -105.28
N ALA E 1786 61.33 8.75 -105.81
CA ALA E 1786 60.59 7.62 -106.37
C ALA E 1786 59.82 6.89 -105.28
N LEU E 1787 58.65 6.38 -105.64
CA LEU E 1787 57.81 5.66 -104.70
C LEU E 1787 58.50 4.36 -104.28
N PRO E 1788 58.44 3.98 -103.00
CA PRO E 1788 59.10 2.74 -102.57
C PRO E 1788 58.28 1.52 -102.95
N ALA E 1789 58.76 0.37 -102.49
CA ALA E 1789 58.05 -0.89 -102.70
C ALA E 1789 56.66 -0.82 -102.07
N VAL E 1790 55.63 -0.90 -102.90
CA VAL E 1790 54.26 -0.74 -102.43
C VAL E 1790 53.87 -1.95 -101.59
N GLY E 1791 53.35 -1.70 -100.39
CA GLY E 1791 52.92 -2.76 -99.51
C GLY E 1791 54.02 -3.52 -98.83
N ALA E 1792 55.26 -3.05 -98.91
CA ALA E 1792 56.39 -3.77 -98.31
C ALA E 1792 56.33 -3.68 -96.79
N ALA E 1793 56.13 -4.82 -96.14
CA ALA E 1793 56.12 -4.86 -94.69
C ALA E 1793 57.53 -4.76 -94.14
N GLU E 1794 57.62 -4.48 -92.83
CA GLU E 1794 58.89 -4.32 -92.13
C GLU E 1794 59.74 -3.20 -92.72
N ALA E 1795 59.08 -2.18 -93.26
CA ALA E 1795 59.80 -1.02 -93.78
C ALA E 1795 60.44 -0.26 -92.60
N PRO E 1796 61.59 0.37 -92.82
CA PRO E 1796 62.26 1.07 -91.72
C PRO E 1796 61.43 2.25 -91.21
N ALA E 1797 61.84 2.77 -90.05
CA ALA E 1797 61.15 3.89 -89.44
C ALA E 1797 61.29 5.14 -90.32
N ARG E 1798 60.34 6.06 -90.16
CA ARG E 1798 60.26 7.22 -91.04
C ARG E 1798 61.23 8.32 -90.64
N LEU E 1799 61.94 8.19 -89.53
CA LEU E 1799 62.94 9.16 -89.06
C LEU E 1799 62.20 10.47 -88.75
N SER E 1800 62.72 11.63 -89.15
CA SER E 1800 62.09 12.89 -88.79
C SER E 1800 62.54 13.97 -89.75
N PRO E 1801 61.72 14.99 -90.01
CA PRO E 1801 62.15 16.07 -90.90
C PRO E 1801 63.32 16.84 -90.33
N SER E 1802 64.14 17.40 -91.22
CA SER E 1802 65.36 18.09 -90.83
C SER E 1802 65.19 19.60 -90.93
N ILE E 1803 66.00 20.32 -90.16
CA ILE E 1803 66.03 21.78 -90.18
C ILE E 1803 67.37 22.26 -89.65
N PRO E 1804 67.94 23.30 -90.28
CA PRO E 1804 69.21 23.85 -89.80
C PRO E 1804 69.13 24.27 -88.34
N LEU E 1805 70.12 23.86 -87.56
CA LEU E 1805 70.05 24.04 -86.12
C LEU E 1805 70.88 25.24 -85.64
N GLU E 1806 72.03 25.49 -86.26
CA GLU E 1806 72.86 26.62 -85.84
C GLU E 1806 72.17 27.95 -86.08
N ALA E 1807 71.56 28.12 -87.26
CA ALA E 1807 70.79 29.33 -87.52
C ALA E 1807 69.60 29.45 -86.58
N LEU E 1808 68.95 28.32 -86.29
CA LEU E 1808 67.80 28.34 -85.38
C LEU E 1808 68.21 28.79 -83.99
N ARG E 1809 69.34 28.30 -83.48
CA ARG E 1809 69.74 28.68 -82.13
C ARG E 1809 70.24 30.12 -82.09
N ASP E 1810 70.91 30.58 -83.15
CA ASP E 1810 71.31 31.98 -83.21
C ASP E 1810 70.08 32.89 -83.23
N LYS E 1811 69.07 32.52 -84.02
CA LYS E 1811 67.83 33.29 -84.06
C LYS E 1811 67.14 33.30 -82.70
N ALA E 1812 67.11 32.15 -82.02
CA ALA E 1812 66.47 32.08 -80.71
C ALA E 1812 67.18 32.97 -79.70
N LEU E 1813 68.51 32.96 -79.69
CA LEU E 1813 69.26 33.81 -78.79
C LEU E 1813 68.97 35.29 -79.08
N ARG E 1814 68.96 35.66 -80.37
CA ARG E 1814 68.71 37.05 -80.74
C ARG E 1814 67.30 37.48 -80.31
N MET E 1815 66.31 36.63 -80.53
CA MET E 1815 64.94 36.97 -80.15
C MET E 1815 64.80 37.08 -78.64
N LEU E 1816 65.45 36.20 -77.87
CA LEU E 1816 65.37 36.29 -76.43
C LEU E 1816 65.99 37.58 -75.92
N GLY E 1817 67.16 37.95 -76.46
CA GLY E 1817 67.77 39.21 -76.09
C GLY E 1817 66.90 40.40 -76.42
N GLU E 1818 66.30 40.38 -77.62
CA GLU E 1818 65.40 41.46 -78.02
C GLU E 1818 64.20 41.55 -77.08
N ALA E 1819 63.63 40.41 -76.70
CA ALA E 1819 62.49 40.42 -75.79
C ALA E 1819 62.87 40.95 -74.42
N VAL E 1820 64.05 40.60 -73.93
CA VAL E 1820 64.50 41.11 -72.64
C VAL E 1820 64.65 42.63 -72.70
N ARG E 1821 65.28 43.13 -73.76
CA ARG E 1821 65.44 44.57 -73.90
C ARG E 1821 64.08 45.26 -74.01
N ASP E 1822 63.15 44.67 -74.75
CA ASP E 1822 61.83 45.25 -74.92
C ASP E 1822 61.09 45.32 -73.58
N GLY E 1823 61.17 44.26 -72.79
CA GLY E 1823 60.52 44.25 -71.49
C GLY E 1823 61.19 45.14 -70.46
N GLY E 1824 62.46 45.47 -70.65
CA GLY E 1824 63.14 46.34 -69.71
C GLY E 1824 62.69 47.78 -69.73
N GLN E 1825 62.07 48.23 -70.82
CA GLN E 1825 61.72 49.64 -70.99
C GLN E 1825 60.28 49.96 -70.61
N HIS E 1826 59.48 48.96 -70.22
CA HIS E 1826 58.07 49.17 -69.86
C HIS E 1826 57.30 49.82 -71.00
N ALA E 1827 57.39 49.23 -72.18
CA ALA E 1827 56.67 49.75 -73.34
C ALA E 1827 55.17 49.50 -73.18
N ARG E 1828 54.38 50.33 -73.86
CA ARG E 1828 52.93 50.21 -73.79
C ARG E 1828 52.35 49.29 -74.86
N ASP E 1829 53.18 48.77 -75.76
CA ASP E 1829 52.73 47.87 -76.83
C ASP E 1829 53.59 46.62 -76.85
N PRO E 1830 53.35 45.69 -75.92
CA PRO E 1830 54.11 44.44 -75.91
C PRO E 1830 53.81 43.61 -77.16
N VAL E 1831 54.82 42.83 -77.57
CA VAL E 1831 54.64 41.97 -78.73
C VAL E 1831 53.61 40.90 -78.41
N GLY E 1832 52.62 40.75 -79.28
CA GLY E 1832 51.53 39.83 -79.06
C GLY E 1832 50.38 40.38 -78.24
N GLY E 1833 50.48 41.61 -77.74
CA GLY E 1833 49.42 42.22 -76.99
C GLY E 1833 49.54 42.10 -75.48
N SER E 1834 50.44 41.26 -74.98
CA SER E 1834 50.61 41.09 -73.54
C SER E 1834 51.99 40.53 -73.26
N VAL E 1835 52.39 40.61 -71.99
CA VAL E 1835 53.70 40.10 -71.58
C VAL E 1835 53.79 38.59 -71.73
N GLU E 1836 52.71 37.88 -71.40
CA GLU E 1836 52.73 36.42 -71.49
C GLU E 1836 52.94 35.97 -72.93
N PHE E 1837 52.20 36.55 -73.87
CA PHE E 1837 52.38 36.23 -75.28
C PHE E 1837 53.76 36.63 -75.78
N GLN E 1838 54.37 37.65 -75.17
CA GLN E 1838 55.71 38.06 -75.56
C GLN E 1838 56.75 37.05 -75.10
N PHE E 1839 56.58 36.51 -73.89
CA PHE E 1839 57.67 35.79 -73.27
C PHE E 1839 57.57 34.27 -73.36
N VAL E 1840 56.37 33.70 -73.26
CA VAL E 1840 56.24 32.24 -73.10
C VAL E 1840 56.83 31.47 -74.28
N PRO E 1841 56.49 31.75 -75.54
CA PRO E 1841 57.02 30.91 -76.64
C PRO E 1841 58.54 30.90 -76.74
N VAL E 1842 59.17 32.06 -76.53
CA VAL E 1842 60.62 32.12 -76.64
C VAL E 1842 61.28 31.27 -75.55
N LEU E 1843 60.77 31.37 -74.33
CA LEU E 1843 61.31 30.54 -73.25
C LEU E 1843 61.08 29.06 -73.51
N LYS E 1844 59.92 28.69 -74.04
CA LYS E 1844 59.68 27.29 -74.37
C LYS E 1844 60.67 26.77 -75.41
N LEU E 1845 60.89 27.55 -76.47
CA LEU E 1845 61.84 27.14 -77.51
C LEU E 1845 63.25 27.04 -76.95
N VAL E 1846 63.65 28.01 -76.13
CA VAL E 1846 64.99 28.00 -75.56
C VAL E 1846 65.17 26.79 -74.65
N SER E 1847 64.16 26.48 -73.83
CA SER E 1847 64.25 25.31 -72.96
C SER E 1847 64.37 24.02 -73.77
N THR E 1848 63.57 23.90 -74.83
CA THR E 1848 63.68 22.69 -75.66
C THR E 1848 65.06 22.57 -76.29
N LEU E 1849 65.59 23.67 -76.83
CA LEU E 1849 66.90 23.61 -77.46
C LEU E 1849 68.00 23.32 -76.44
N LEU E 1850 67.85 23.83 -75.22
CA LEU E 1850 68.83 23.55 -74.17
C LEU E 1850 68.81 22.08 -73.78
N VAL E 1851 67.60 21.52 -73.59
CA VAL E 1851 67.48 20.12 -73.21
C VAL E 1851 68.04 19.23 -74.31
N MET E 1852 67.79 19.56 -75.58
CA MET E 1852 68.28 18.73 -76.66
C MET E 1852 69.80 18.79 -76.80
N GLY E 1853 70.46 19.76 -76.17
CA GLY E 1853 71.91 19.81 -76.19
C GLY E 1853 72.51 20.46 -77.41
N ILE E 1854 71.97 21.59 -77.85
CA ILE E 1854 72.46 22.24 -79.07
C ILE E 1854 73.44 23.36 -78.76
N PHE E 1855 73.20 24.11 -77.68
CA PHE E 1855 73.99 25.30 -77.41
C PHE E 1855 75.42 24.95 -76.99
N GLY E 1856 76.32 25.89 -77.24
CA GLY E 1856 77.71 25.77 -76.84
C GLY E 1856 78.01 26.55 -75.57
N ASP E 1857 79.31 26.66 -75.28
CA ASP E 1857 79.74 27.34 -74.06
C ASP E 1857 79.39 28.83 -74.10
N GLU E 1858 79.66 29.50 -75.23
CA GLU E 1858 79.39 30.93 -75.33
C GLU E 1858 77.89 31.22 -75.24
N ASP E 1859 77.07 30.38 -75.89
CA ASP E 1859 75.63 30.57 -75.82
C ASP E 1859 75.11 30.38 -74.40
N VAL E 1860 75.64 29.37 -73.69
CA VAL E 1860 75.24 29.15 -72.30
C VAL E 1860 75.65 30.35 -71.44
N LYS E 1861 76.84 30.90 -71.69
CA LYS E 1861 77.27 32.08 -70.95
C LYS E 1861 76.33 33.26 -71.22
N GLN E 1862 75.93 33.44 -72.48
CA GLN E 1862 75.01 34.53 -72.81
C GLN E 1862 73.67 34.34 -72.12
N ILE E 1863 73.14 33.12 -72.12
CA ILE E 1863 71.87 32.84 -71.46
C ILE E 1863 71.97 33.11 -69.96
N LEU E 1864 73.07 32.66 -69.34
CA LEU E 1864 73.27 32.89 -67.92
C LEU E 1864 73.36 34.38 -67.61
N LYS E 1865 74.07 35.13 -68.43
CA LYS E 1865 74.13 36.57 -68.24
C LYS E 1865 72.77 37.22 -68.40
N MET E 1866 71.94 36.70 -69.31
CA MET E 1866 70.58 37.22 -69.45
C MET E 1866 69.74 36.91 -68.22
N ILE E 1867 69.97 35.76 -67.58
CA ILE E 1867 69.17 35.39 -66.41
C ILE E 1867 69.44 36.36 -65.25
N GLU E 1868 70.71 36.58 -64.93
CA GLU E 1868 71.09 37.46 -63.83
C GLU E 1868 72.50 37.97 -64.08
N PRO E 1869 72.64 39.21 -64.57
CA PRO E 1869 73.99 39.71 -64.91
C PRO E 1869 74.92 39.80 -63.72
N GLU E 1870 74.43 40.10 -62.52
CA GLU E 1870 75.32 40.35 -61.39
C GLU E 1870 75.97 39.07 -60.89
N VAL E 1871 75.19 38.00 -60.73
CA VAL E 1871 75.72 36.77 -60.15
C VAL E 1871 76.72 36.10 -61.08
N PHE E 1872 76.38 35.97 -62.36
CA PHE E 1872 77.23 35.28 -63.32
C PHE E 1872 78.16 36.25 -64.04
N THR E 1873 79.08 36.84 -63.30
CA THR E 1873 80.06 37.80 -63.83
C THR E 1873 79.39 38.95 -64.58
N GLU E 1925 69.25 44.66 -66.80
CA GLU E 1925 68.27 44.83 -65.73
C GLU E 1925 67.91 43.49 -65.09
N GLY E 1926 68.24 42.40 -65.79
CA GLY E 1926 67.96 41.07 -65.29
C GLY E 1926 66.59 40.57 -65.66
N LEU E 1927 66.40 39.25 -65.64
CA LEU E 1927 65.11 38.67 -65.98
C LEU E 1927 64.37 38.15 -64.76
N LEU E 1928 65.10 37.69 -63.75
CA LEU E 1928 64.48 37.13 -62.56
C LEU E 1928 63.86 38.19 -61.65
N GLN E 1929 64.31 39.44 -61.74
CA GLN E 1929 63.85 40.49 -60.85
C GLN E 1929 62.78 41.39 -61.49
N MET E 1930 62.24 40.99 -62.64
CA MET E 1930 61.11 41.70 -63.21
C MET E 1930 59.81 41.21 -62.58
N LYS E 1931 58.71 41.88 -62.92
CA LYS E 1931 57.38 41.51 -62.46
C LYS E 1931 56.70 40.70 -63.56
N LEU E 1932 56.35 39.46 -63.26
CA LEU E 1932 55.86 38.52 -64.26
C LEU E 1932 54.63 37.79 -63.74
N PRO E 1933 53.77 37.32 -64.64
CA PRO E 1933 52.70 36.41 -64.23
C PRO E 1933 53.23 35.00 -64.00
N GLU E 1934 52.30 34.08 -63.72
CA GLU E 1934 52.67 32.72 -63.35
C GLU E 1934 53.21 31.92 -64.53
N SER E 1935 52.69 32.19 -65.73
CA SER E 1935 53.07 31.40 -66.90
C SER E 1935 54.55 31.55 -67.21
N VAL E 1936 55.10 32.76 -67.08
CA VAL E 1936 56.53 32.96 -67.30
C VAL E 1936 57.33 32.30 -66.18
N LYS E 1937 56.80 32.33 -64.96
CA LYS E 1937 57.51 31.74 -63.83
C LYS E 1937 57.66 30.23 -63.98
N LEU E 1938 56.68 29.58 -64.60
CA LEU E 1938 56.81 28.14 -64.85
C LEU E 1938 58.03 27.84 -65.74
N GLN E 1939 58.19 28.60 -66.83
CA GLN E 1939 59.33 28.39 -67.71
C GLN E 1939 60.64 28.72 -67.02
N MET E 1940 60.63 29.77 -66.18
CA MET E 1940 61.82 30.08 -65.40
C MET E 1940 62.21 28.90 -64.50
N CYS E 1941 61.22 28.29 -63.86
CA CYS E 1941 61.47 27.12 -63.03
C CYS E 1941 62.06 25.98 -63.86
N ASN E 1942 61.56 25.79 -65.08
CA ASN E 1942 62.10 24.74 -65.94
C ASN E 1942 63.59 24.98 -66.23
N LEU E 1943 63.95 26.22 -66.56
CA LEU E 1943 65.35 26.55 -66.84
C LEU E 1943 66.23 26.28 -65.62
N LEU E 1944 65.77 26.72 -64.44
CA LEU E 1944 66.54 26.48 -63.22
C LEU E 1944 66.71 24.99 -62.96
N GLU E 1945 65.67 24.20 -63.23
CA GLU E 1945 65.75 22.76 -63.07
C GLU E 1945 66.83 22.16 -63.97
N TYR E 1946 66.88 22.62 -65.22
CA TYR E 1946 67.93 22.11 -66.12
C TYR E 1946 69.31 22.41 -65.57
N PHE E 1947 69.54 23.64 -65.10
CA PHE E 1947 70.87 23.98 -64.60
C PHE E 1947 71.23 23.18 -63.35
N CYS E 1948 70.27 22.94 -62.46
CA CYS E 1948 70.54 22.10 -61.29
C CYS E 1948 70.91 20.67 -61.69
N ASP E 1949 70.20 20.11 -62.69
CA ASP E 1949 70.55 18.79 -63.18
C ASP E 1949 71.98 18.75 -63.71
N GLN E 1950 72.39 19.81 -64.42
CA GLN E 1950 73.76 19.87 -64.90
C GLN E 1950 74.76 19.87 -63.74
N GLU E 1951 74.47 20.63 -62.68
CA GLU E 1951 75.35 20.62 -61.51
C GLU E 1951 75.51 19.22 -60.94
N LEU E 1952 74.39 18.51 -60.78
CA LEU E 1952 74.45 17.15 -60.22
C LEU E 1952 75.28 16.23 -61.10
N GLN E 1953 75.10 16.32 -62.42
CA GLN E 1953 75.87 15.47 -63.33
C GLN E 1953 77.36 15.75 -63.21
N HIS E 1954 77.73 17.03 -63.09
CA HIS E 1954 79.14 17.37 -62.92
C HIS E 1954 79.71 16.76 -61.65
N ARG E 1955 78.96 16.83 -60.54
CA ARG E 1955 79.45 16.22 -59.30
C ARG E 1955 79.69 14.72 -59.48
N VAL E 1956 78.74 14.03 -60.12
CA VAL E 1956 78.89 12.58 -60.30
C VAL E 1956 80.12 12.26 -61.13
N GLU E 1957 80.33 13.01 -62.22
CA GLU E 1957 81.49 12.74 -63.08
C GLU E 1957 82.80 12.99 -62.34
N SER E 1958 82.88 14.06 -61.54
CA SER E 1958 84.10 14.31 -60.76
C SER E 1958 84.38 13.16 -59.80
N LEU E 1959 83.33 12.67 -59.13
CA LEU E 1959 83.52 11.54 -58.22
C LEU E 1959 84.06 10.32 -58.98
N ALA E 1960 83.53 10.03 -60.16
CA ALA E 1960 84.01 8.89 -60.93
C ALA E 1960 85.47 9.05 -61.32
N ALA E 1961 85.87 10.25 -61.74
CA ALA E 1961 87.27 10.47 -62.12
C ALA E 1961 88.20 10.25 -60.93
N PHE E 1962 87.84 10.79 -59.77
CA PHE E 1962 88.68 10.57 -58.59
C PHE E 1962 88.75 9.09 -58.23
N ALA E 1963 87.64 8.38 -58.39
CA ALA E 1963 87.65 6.94 -58.12
C ALA E 1963 88.65 6.23 -59.00
N GLU E 1964 88.66 6.54 -60.30
CA GLU E 1964 89.61 5.92 -61.22
C GLU E 1964 91.04 6.17 -60.79
N ARG E 1965 91.38 7.44 -60.54
CA ARG E 1965 92.76 7.77 -60.17
C ARG E 1965 93.17 7.08 -58.87
N TYR E 1966 92.27 7.08 -57.88
CA TYR E 1966 92.58 6.50 -56.59
C TYR E 1966 92.82 4.99 -56.70
N VAL E 1967 91.97 4.30 -57.46
CA VAL E 1967 92.15 2.85 -57.62
C VAL E 1967 93.47 2.55 -58.32
N ASP E 1968 93.78 3.31 -59.37
CA ASP E 1968 95.04 3.09 -60.07
C ASP E 1968 96.23 3.28 -59.15
N LYS E 1969 96.18 4.30 -58.29
CA LYS E 1969 97.26 4.52 -57.34
C LYS E 1969 97.34 3.39 -56.31
N LEU E 1970 96.19 2.91 -55.83
CA LEU E 1970 96.17 2.02 -54.67
C LEU E 1970 96.60 0.61 -55.03
N GLN E 1971 96.19 0.10 -56.21
CA GLN E 1971 96.43 -1.32 -56.48
C GLN E 1971 97.92 -1.63 -56.65
N ALA E 1972 98.69 -0.69 -57.21
CA ALA E 1972 100.14 -0.91 -57.34
C ALA E 1972 100.79 -0.98 -55.96
N ASN E 1973 100.36 -0.12 -55.04
CA ASN E 1973 100.89 -0.17 -53.68
C ASN E 1973 100.55 -1.50 -53.01
N GLN E 1974 99.32 -1.99 -53.23
CA GLN E 1974 98.97 -3.30 -52.67
C GLN E 1974 99.86 -4.40 -53.24
N ARG E 1975 100.12 -4.36 -54.55
CA ARG E 1975 101.00 -5.36 -55.15
C ARG E 1975 102.40 -5.31 -54.56
N ASP E 1976 102.94 -4.09 -54.39
CA ASP E 1976 104.27 -3.96 -53.82
C ASP E 1976 104.32 -4.47 -52.40
N ARG E 1977 103.29 -4.15 -51.60
CA ARG E 1977 103.23 -4.60 -50.22
C ARG E 1977 103.16 -6.12 -50.14
N TYR E 1978 102.36 -6.75 -51.01
CA TYR E 1978 102.34 -8.21 -51.04
C TYR E 1978 103.69 -8.77 -51.46
N GLY E 1979 104.37 -8.11 -52.40
CA GLY E 1979 105.68 -8.57 -52.82
C GLY E 1979 106.70 -8.53 -51.69
N ILE E 1980 106.63 -7.49 -50.84
CA ILE E 1980 107.54 -7.41 -49.71
C ILE E 1980 107.37 -8.56 -48.73
N LEU E 1981 106.14 -8.91 -48.36
CA LEU E 1981 105.88 -9.99 -47.41
C LEU E 1981 106.33 -11.35 -47.97
N GLU E 1998 93.89 -12.32 -44.24
CA GLU E 1998 94.59 -11.20 -44.86
C GLU E 1998 94.24 -11.10 -46.34
N PHE E 1999 94.86 -11.97 -47.16
CA PHE E 1999 94.59 -12.01 -48.59
C PHE E 1999 93.56 -13.06 -48.97
N ARG E 2000 93.00 -13.78 -48.00
CA ARG E 2000 92.00 -14.81 -48.29
C ARG E 2000 90.60 -14.23 -48.43
N SER E 2001 90.39 -12.97 -48.05
CA SER E 2001 89.08 -12.36 -48.12
C SER E 2001 88.73 -11.99 -49.57
N PRO E 2002 87.44 -11.92 -49.89
CA PRO E 2002 87.05 -11.49 -51.22
C PRO E 2002 87.43 -10.04 -51.44
N PRO E 2003 87.58 -9.62 -52.71
CA PRO E 2003 88.06 -8.25 -52.97
C PRO E 2003 87.19 -7.16 -52.38
N GLN E 2004 85.87 -7.38 -52.29
CA GLN E 2004 85.00 -6.38 -51.67
C GLN E 2004 85.38 -6.16 -50.20
N GLU E 2005 85.66 -7.23 -49.47
CA GLU E 2005 86.10 -7.08 -48.09
C GLU E 2005 87.45 -6.38 -48.02
N GLN E 2006 88.35 -6.66 -48.98
CA GLN E 2006 89.64 -5.98 -49.01
C GLN E 2006 89.45 -4.47 -49.18
N ILE E 2007 88.62 -4.06 -50.14
CA ILE E 2007 88.44 -2.63 -50.39
C ILE E 2007 87.69 -1.99 -49.24
N ASN E 2008 86.82 -2.74 -48.55
CA ASN E 2008 86.18 -2.22 -47.35
C ASN E 2008 87.21 -1.99 -46.24
N MET E 2009 88.13 -2.92 -46.06
CA MET E 2009 89.12 -2.81 -45.00
C MET E 2009 90.13 -1.71 -45.27
N LEU E 2010 90.51 -1.52 -46.54
CA LEU E 2010 91.52 -0.52 -46.87
C LEU E 2010 91.04 0.90 -46.61
N LEU E 2011 89.73 1.12 -46.59
CA LEU E 2011 89.17 2.46 -46.47
C LEU E 2011 88.71 2.79 -45.05
N HIS E 2012 89.02 1.95 -44.06
CA HIS E 2012 88.50 2.14 -42.71
C HIS E 2012 89.44 3.05 -41.91
N PHE E 2013 89.47 4.32 -42.31
CA PHE E 2013 90.16 5.32 -41.50
C PHE E 2013 89.40 6.65 -41.46
N LYS E 2014 88.08 6.63 -41.60
CA LYS E 2014 87.30 7.86 -41.57
C LYS E 2014 87.36 8.54 -40.21
N ASP E 2015 87.50 7.76 -39.14
CA ASP E 2015 87.48 8.30 -37.78
C ASP E 2015 88.66 9.22 -37.49
N GLY E 2016 89.69 9.24 -38.33
CA GLY E 2016 90.81 10.11 -38.14
C GLY E 2016 91.95 9.54 -37.33
N GLU E 2017 91.80 8.34 -36.79
CA GLU E 2017 92.86 7.69 -36.03
C GLU E 2017 93.64 6.74 -36.93
N ASP E 2018 94.90 6.52 -36.58
CA ASP E 2018 95.79 5.64 -37.33
C ASP E 2018 95.49 4.18 -37.01
N GLU E 2019 94.37 3.70 -37.54
CA GLU E 2019 93.96 2.32 -37.34
C GLU E 2019 94.99 1.35 -37.91
N GLU E 2020 95.60 0.54 -37.02
CA GLU E 2020 96.57 -0.45 -37.48
C GLU E 2020 95.93 -1.51 -38.35
N ASP E 2021 94.61 -1.65 -38.31
CA ASP E 2021 93.92 -2.62 -39.17
C ASP E 2021 94.09 -2.30 -40.64
N CYS E 2022 94.41 -1.05 -40.99
CA CYS E 2022 94.64 -0.67 -42.38
C CYS E 2022 96.11 -0.33 -42.58
N PRO E 2023 96.76 -0.91 -43.58
CA PRO E 2023 98.18 -0.63 -43.85
C PRO E 2023 98.45 0.56 -44.75
N LEU E 2024 97.47 1.44 -44.96
CA LEU E 2024 97.64 2.53 -45.93
C LEU E 2024 98.68 3.52 -45.44
N PRO E 2025 99.63 3.93 -46.29
CA PRO E 2025 100.56 4.99 -45.91
C PRO E 2025 99.85 6.33 -45.74
N ASP E 2026 100.63 7.34 -45.34
CA ASP E 2026 100.06 8.63 -45.00
C ASP E 2026 99.54 9.38 -46.23
N GLU E 2027 100.27 9.32 -47.34
CA GLU E 2027 99.94 10.15 -48.49
C GLU E 2027 98.63 9.75 -49.15
N ILE E 2028 98.32 8.45 -49.20
CA ILE E 2028 97.06 8.00 -49.79
C ILE E 2028 95.88 8.51 -48.96
N ARG E 2029 96.00 8.40 -47.63
CA ARG E 2029 94.98 8.94 -46.75
C ARG E 2029 94.86 10.45 -46.91
N GLN E 2030 95.98 11.14 -47.11
CA GLN E 2030 95.96 12.58 -47.31
C GLN E 2030 95.17 12.93 -48.57
N ASP E 2031 95.42 12.20 -49.65
CA ASP E 2031 94.68 12.44 -50.89
C ASP E 2031 93.18 12.23 -50.69
N LEU E 2032 92.81 11.13 -50.04
CA LEU E 2032 91.39 10.86 -49.84
C LEU E 2032 90.73 11.92 -48.96
N LEU E 2033 91.41 12.33 -47.89
CA LEU E 2033 90.85 13.35 -47.00
C LEU E 2033 90.71 14.69 -47.71
N GLU E 2034 91.70 15.06 -48.53
CA GLU E 2034 91.60 16.31 -49.27
C GLU E 2034 90.42 16.28 -50.23
N PHE E 2035 90.24 15.16 -50.93
CA PHE E 2035 89.11 15.07 -51.84
C PHE E 2035 87.79 15.13 -51.09
N HIS E 2036 87.71 14.47 -49.94
CA HIS E 2036 86.47 14.52 -49.16
C HIS E 2036 86.17 15.93 -48.69
N GLN E 2037 87.19 16.66 -48.24
CA GLN E 2037 86.98 18.05 -47.83
C GLN E 2037 86.51 18.90 -49.01
N ASP E 2038 87.10 18.70 -50.19
CA ASP E 2038 86.67 19.46 -51.36
C ASP E 2038 85.23 19.14 -51.74
N LEU E 2039 84.85 17.86 -51.67
CA LEU E 2039 83.47 17.50 -51.95
C LEU E 2039 82.51 18.11 -50.95
N LEU E 2040 82.89 18.13 -49.67
CA LEU E 2040 82.04 18.74 -48.66
C LEU E 2040 81.86 20.23 -48.89
N THR E 2041 82.95 20.94 -49.22
CA THR E 2041 82.82 22.38 -49.40
C THR E 2041 82.14 22.73 -50.72
N HIS E 2042 82.16 21.82 -51.69
CA HIS E 2042 81.47 22.09 -52.96
C HIS E 2042 79.97 22.10 -52.76
N CYS E 2043 79.44 21.28 -51.86
CA CYS E 2043 78.01 21.22 -51.61
C CYS E 2043 77.53 22.31 -50.65
N GLY E 2044 78.42 23.13 -50.12
CA GLY E 2044 78.02 24.25 -49.30
C GLY E 2044 77.68 23.91 -47.86
N ILE E 2045 78.00 22.71 -47.41
CA ILE E 2045 77.71 22.34 -46.02
C ILE E 2045 78.61 23.11 -45.06
N GLN E 2046 79.89 23.22 -45.37
CA GLN E 2046 80.85 23.89 -44.50
C GLN E 2046 80.57 25.39 -44.42
N GLN E 2093 75.19 35.28 -54.62
CA GLN E 2093 76.62 35.04 -54.76
C GLN E 2093 76.86 33.72 -55.51
N SER E 2094 75.94 32.77 -55.33
CA SER E 2094 76.04 31.48 -55.98
C SER E 2094 74.66 31.08 -56.48
N LEU E 2095 74.59 29.92 -57.14
CA LEU E 2095 73.33 29.46 -57.72
C LEU E 2095 72.32 29.11 -56.64
N GLN E 2096 72.74 28.39 -55.60
CA GLN E 2096 71.82 27.93 -54.57
C GLN E 2096 71.18 29.11 -53.83
N GLU E 2097 71.98 30.08 -53.44
CA GLU E 2097 71.46 31.25 -52.74
C GLU E 2097 70.49 32.02 -53.63
N LEU E 2098 70.83 32.20 -54.90
CA LEU E 2098 69.97 32.92 -55.83
C LEU E 2098 68.61 32.22 -55.96
N VAL E 2099 68.64 30.89 -56.17
CA VAL E 2099 67.39 30.15 -56.36
C VAL E 2099 66.54 30.22 -55.10
N SER E 2100 67.16 30.00 -53.94
CA SER E 2100 66.41 30.00 -52.69
C SER E 2100 65.79 31.37 -52.44
N HIS E 2101 66.57 32.44 -52.61
CA HIS E 2101 66.05 33.78 -52.38
C HIS E 2101 64.92 34.11 -53.34
N THR E 2102 65.09 33.76 -54.62
CA THR E 2102 64.05 34.04 -55.60
C THR E 2102 62.75 33.32 -55.28
N VAL E 2103 62.84 32.03 -54.91
CA VAL E 2103 61.65 31.27 -54.61
C VAL E 2103 60.96 31.82 -53.36
N VAL E 2104 61.74 32.14 -52.33
CA VAL E 2104 61.16 32.68 -51.10
C VAL E 2104 60.47 34.02 -51.36
N ARG E 2105 61.12 34.88 -52.14
CA ARG E 2105 60.52 36.18 -52.46
C ARG E 2105 59.24 36.01 -53.26
N TRP E 2106 59.24 35.10 -54.24
CA TRP E 2106 58.03 34.85 -55.02
C TRP E 2106 56.90 34.37 -54.12
N ALA E 2107 57.19 33.45 -53.20
CA ALA E 2107 56.17 32.96 -52.29
C ALA E 2107 55.65 34.06 -51.38
N GLN E 2108 56.55 34.93 -50.89
CA GLN E 2108 56.14 36.00 -50.00
C GLN E 2108 55.25 37.03 -50.71
N GLU E 2109 55.58 37.36 -51.96
CA GLU E 2109 54.94 38.50 -52.61
C GLU E 2109 53.45 38.28 -52.83
N ASP E 2110 53.03 37.09 -53.25
CA ASP E 2110 51.64 36.89 -53.63
C ASP E 2110 51.19 35.49 -53.28
N PHE E 2111 49.87 35.31 -53.29
CA PHE E 2111 49.24 34.02 -53.00
C PHE E 2111 49.12 33.24 -54.31
N VAL E 2112 49.97 32.22 -54.48
CA VAL E 2112 50.02 31.49 -55.73
C VAL E 2112 48.74 30.67 -55.90
N GLN E 2113 48.26 30.58 -57.14
CA GLN E 2113 47.01 29.90 -57.45
C GLN E 2113 47.18 28.57 -58.16
N SER E 2114 48.11 28.48 -59.11
CA SER E 2114 48.26 27.25 -59.89
C SER E 2114 49.03 26.21 -59.09
N PRO E 2115 48.49 25.01 -58.90
CA PRO E 2115 49.22 23.98 -58.13
C PRO E 2115 50.56 23.59 -58.72
N GLU E 2116 50.67 23.55 -60.06
CA GLU E 2116 51.91 23.10 -60.68
C GLU E 2116 53.07 24.03 -60.36
N LEU E 2117 52.83 25.34 -60.35
CA LEU E 2117 53.88 26.29 -59.99
C LEU E 2117 54.36 26.06 -58.57
N VAL E 2118 53.42 25.85 -57.64
CA VAL E 2118 53.77 25.59 -56.24
C VAL E 2118 54.63 24.33 -56.15
N ARG E 2119 54.21 23.26 -56.81
CA ARG E 2119 54.95 22.01 -56.76
C ARG E 2119 56.36 22.18 -57.31
N ALA E 2120 56.49 22.86 -58.45
CA ALA E 2120 57.79 23.05 -59.07
C ALA E 2120 58.71 23.88 -58.18
N MET E 2121 58.21 24.99 -57.65
CA MET E 2121 59.07 25.86 -56.87
C MET E 2121 59.50 25.20 -55.56
N PHE E 2122 58.60 24.44 -54.93
CA PHE E 2122 58.99 23.77 -53.70
C PHE E 2122 59.93 22.61 -53.96
N SER E 2123 59.78 21.91 -55.09
CA SER E 2123 60.77 20.92 -55.46
C SER E 2123 62.14 21.56 -55.67
N LEU E 2124 62.18 22.71 -56.34
CA LEU E 2124 63.44 23.41 -56.54
C LEU E 2124 64.07 23.80 -55.20
N LEU E 2125 63.26 24.33 -54.28
CA LEU E 2125 63.78 24.72 -52.97
C LEU E 2125 64.33 23.53 -52.22
N HIS E 2126 63.61 22.41 -52.23
CA HIS E 2126 64.07 21.22 -51.53
C HIS E 2126 65.38 20.71 -52.12
N ARG E 2127 65.49 20.72 -53.46
CA ARG E 2127 66.74 20.32 -54.08
C ARG E 2127 67.88 21.24 -53.67
N GLN E 2128 67.62 22.55 -53.61
CA GLN E 2128 68.67 23.49 -53.26
C GLN E 2128 69.14 23.34 -51.82
N TYR E 2129 68.23 23.13 -50.87
CA TYR E 2129 68.67 23.07 -49.48
C TYR E 2129 69.47 21.82 -49.16
N ASP E 2130 69.03 20.65 -49.62
CA ASP E 2130 69.71 19.40 -49.30
C ASP E 2130 70.59 18.96 -50.47
N GLY E 2131 71.81 19.52 -50.49
CA GLY E 2131 72.73 19.21 -51.58
C GLY E 2131 73.27 17.80 -51.55
N LEU E 2132 73.68 17.32 -50.37
CA LEU E 2132 74.37 16.04 -50.28
C LEU E 2132 73.43 14.86 -50.43
N GLY E 2133 72.20 14.97 -49.94
CA GLY E 2133 71.26 13.87 -50.04
C GLY E 2133 70.92 13.52 -51.48
N GLU E 2134 70.84 14.54 -52.34
CA GLU E 2134 70.55 14.29 -53.75
C GLU E 2134 71.68 13.50 -54.40
N LEU E 2135 72.93 13.86 -54.12
CA LEU E 2135 74.06 13.11 -54.65
C LEU E 2135 74.07 11.69 -54.08
N LEU E 2136 73.72 11.55 -52.81
CA LEU E 2136 73.65 10.21 -52.21
C LEU E 2136 72.61 9.35 -52.92
N ARG E 2137 71.44 9.93 -53.23
CA ARG E 2137 70.39 9.18 -53.90
C ARG E 2137 70.68 8.94 -55.38
N ALA E 2138 71.53 9.76 -56.00
CA ALA E 2138 71.80 9.61 -57.42
C ALA E 2138 72.88 8.55 -57.70
N LEU E 2139 73.74 8.27 -56.72
CA LEU E 2139 74.83 7.33 -56.94
C LEU E 2139 74.40 5.92 -57.35
N PRO E 2140 73.36 5.30 -56.78
CA PRO E 2140 73.05 3.90 -57.14
C PRO E 2140 72.81 3.66 -58.62
N ARG E 2141 72.82 4.70 -59.46
CA ARG E 2141 72.62 4.52 -60.89
C ARG E 2141 73.93 4.56 -61.68
N ALA E 2142 74.90 5.35 -61.22
CA ALA E 2142 76.14 5.56 -61.96
C ALA E 2142 76.86 4.25 -62.22
N TYR E 2143 77.63 4.23 -63.31
CA TYR E 2143 78.31 3.01 -63.75
C TYR E 2143 79.50 3.39 -64.62
N THR E 2144 80.54 2.57 -64.57
CA THR E 2144 81.76 2.79 -65.34
C THR E 2144 82.02 1.57 -66.23
N ILE E 2145 82.53 1.83 -67.44
CA ILE E 2145 82.83 0.79 -68.40
C ILE E 2145 84.20 1.03 -69.01
N SER E 2146 84.77 -0.04 -69.57
CA SER E 2146 86.03 0.08 -70.26
C SER E 2146 85.85 0.86 -71.56
N PRO E 2147 86.86 1.62 -72.00
CA PRO E 2147 86.70 2.37 -73.27
C PRO E 2147 86.54 1.48 -74.48
N SER E 2148 86.92 0.20 -74.41
CA SER E 2148 86.80 -0.68 -75.56
C SER E 2148 85.38 -1.13 -75.84
N SER E 2149 84.47 -0.99 -74.87
CA SER E 2149 83.09 -1.45 -75.02
C SER E 2149 82.13 -0.35 -75.47
N VAL E 2150 82.62 0.88 -75.64
CA VAL E 2150 81.74 2.03 -75.87
C VAL E 2150 80.87 1.79 -77.09
N GLU E 2151 81.49 1.41 -78.22
CA GLU E 2151 80.72 1.21 -79.44
C GLU E 2151 79.65 0.13 -79.28
N ASP E 2152 79.89 -0.84 -78.40
CA ASP E 2152 78.89 -1.87 -78.17
C ASP E 2152 77.73 -1.33 -77.33
N THR E 2153 78.03 -0.44 -76.38
CA THR E 2153 76.97 0.08 -75.51
C THR E 2153 76.01 0.97 -76.28
N MET E 2154 76.53 1.90 -77.07
CA MET E 2154 75.69 2.88 -77.76
C MET E 2154 74.61 2.18 -78.57
N SER E 2155 74.99 1.19 -79.38
CA SER E 2155 74.00 0.44 -80.16
C SER E 2155 72.89 -0.10 -79.29
N LEU E 2156 73.24 -0.74 -78.16
CA LEU E 2156 72.22 -1.25 -77.27
C LEU E 2156 71.28 -0.14 -76.83
N LEU E 2157 71.83 1.02 -76.47
CA LEU E 2157 70.99 2.15 -76.10
C LEU E 2157 70.05 2.52 -77.24
N GLU E 2158 70.57 2.58 -78.46
CA GLU E 2158 69.73 2.92 -79.60
C GLU E 2158 68.63 1.87 -79.80
N CYS E 2159 68.88 0.63 -79.38
CA CYS E 2159 67.81 -0.36 -79.38
C CYS E 2159 66.77 -0.04 -78.32
N LEU E 2160 67.23 0.25 -77.09
CA LEU E 2160 66.30 0.49 -75.99
C LEU E 2160 65.40 1.70 -76.28
N GLY E 2161 66.01 2.81 -76.71
CA GLY E 2161 65.23 3.98 -77.05
C GLY E 2161 64.22 3.72 -78.16
N GLN E 2162 64.46 2.69 -78.97
CA GLN E 2162 63.47 2.29 -79.96
C GLN E 2162 62.20 1.79 -79.28
N ILE E 2163 62.35 0.85 -78.34
CA ILE E 2163 61.19 0.21 -77.74
C ILE E 2163 60.34 1.23 -76.99
N ARG E 2164 60.98 2.10 -76.23
CA ARG E 2164 60.24 3.14 -75.50
C ARG E 2164 59.45 4.04 -76.44
N SER E 2165 59.91 4.18 -77.69
CA SER E 2165 59.18 5.02 -78.63
C SER E 2165 57.91 4.33 -79.11
N LEU E 2166 57.87 3.00 -79.09
CA LEU E 2166 56.71 2.26 -79.58
C LEU E 2166 55.72 1.89 -78.49
N LEU E 2167 55.96 2.29 -77.23
CA LEU E 2167 55.01 2.01 -76.17
C LEU E 2167 53.89 3.05 -76.09
N ILE E 2168 54.07 4.22 -76.68
CA ILE E 2168 53.05 5.26 -76.69
C ILE E 2168 52.25 5.26 -77.98
N VAL E 2169 52.27 4.16 -78.73
CA VAL E 2169 51.65 4.09 -80.04
C VAL E 2169 50.72 2.89 -80.07
N GLN E 2170 49.64 2.99 -80.82
CA GLN E 2170 48.69 1.88 -80.94
C GLN E 2170 49.32 0.75 -81.73
N MET E 2171 48.96 -0.48 -81.36
CA MET E 2171 49.72 -1.66 -81.77
C MET E 2171 49.29 -2.11 -83.17
N GLY E 2172 50.28 -2.56 -83.95
CA GLY E 2172 50.02 -3.02 -85.30
C GLY E 2172 51.05 -4.02 -85.80
N PRO E 2173 50.87 -4.48 -87.03
CA PRO E 2173 51.80 -5.49 -87.57
C PRO E 2173 53.23 -4.98 -87.74
N GLN E 2174 53.39 -3.79 -88.32
CA GLN E 2174 54.73 -3.23 -88.46
C GLN E 2174 55.36 -2.96 -87.10
N GLU E 2175 54.55 -2.50 -86.14
CA GLU E 2175 55.03 -2.33 -84.77
C GLU E 2175 55.48 -3.67 -84.20
N GLU E 2176 54.73 -4.74 -84.49
CA GLU E 2176 55.11 -6.07 -84.02
C GLU E 2176 56.46 -6.48 -84.60
N ASN E 2177 56.64 -6.26 -85.90
CA ASN E 2177 57.91 -6.60 -86.55
C ASN E 2177 59.07 -5.83 -85.92
N LEU E 2178 58.86 -4.53 -85.69
CA LEU E 2178 59.93 -3.70 -85.11
C LEU E 2178 60.25 -4.15 -83.69
N MET E 2179 59.23 -4.46 -82.88
CA MET E 2179 59.47 -4.97 -81.54
C MET E 2179 60.28 -6.26 -81.56
N ILE E 2180 59.88 -7.21 -82.42
CA ILE E 2180 60.58 -8.49 -82.47
C ILE E 2180 62.03 -8.29 -82.90
N GLN E 2181 62.24 -7.45 -83.91
CA GLN E 2181 63.60 -7.21 -84.38
C GLN E 2181 64.45 -6.55 -83.30
N SER E 2182 63.89 -5.56 -82.61
CA SER E 2182 64.65 -4.88 -81.56
C SER E 2182 65.00 -5.82 -80.42
N ILE E 2183 64.05 -6.66 -80.00
CA ILE E 2183 64.31 -7.59 -78.91
C ILE E 2183 65.36 -8.62 -79.33
N GLY E 2184 65.29 -9.10 -80.57
CA GLY E 2184 66.32 -10.01 -81.05
C GLY E 2184 67.69 -9.36 -81.08
N ASN E 2185 67.75 -8.11 -81.54
CA ASN E 2185 69.03 -7.39 -81.57
C ASN E 2185 69.60 -7.22 -80.18
N ILE E 2186 68.75 -6.89 -79.20
CA ILE E 2186 69.22 -6.76 -77.82
C ILE E 2186 69.73 -8.11 -77.30
N MET E 2187 69.01 -9.20 -77.61
CA MET E 2187 69.44 -10.51 -77.18
C MET E 2187 70.77 -10.91 -77.82
N ASN E 2188 71.04 -10.45 -79.03
CA ASN E 2188 72.24 -10.87 -79.74
C ASN E 2188 73.49 -10.11 -79.28
N ASN E 2189 73.33 -8.99 -78.58
CA ASN E 2189 74.48 -8.22 -78.12
C ASN E 2189 75.22 -8.99 -77.04
N LYS E 2190 76.55 -8.83 -76.99
CA LYS E 2190 77.34 -9.61 -76.04
C LYS E 2190 77.40 -8.97 -74.65
N VAL E 2191 77.45 -7.64 -74.57
CA VAL E 2191 77.53 -6.98 -73.26
C VAL E 2191 76.31 -7.31 -72.41
N PHE E 2192 75.22 -7.76 -73.04
CA PHE E 2192 74.03 -8.16 -72.29
C PHE E 2192 74.35 -9.24 -71.27
N TYR E 2193 75.35 -10.09 -71.56
CA TYR E 2193 75.77 -11.09 -70.60
C TYR E 2193 77.14 -10.80 -70.00
N GLN E 2194 77.61 -9.56 -70.06
CA GLN E 2194 78.86 -9.18 -69.41
C GLN E 2194 78.69 -8.17 -68.30
N HIS E 2195 77.62 -7.36 -68.34
CA HIS E 2195 77.35 -6.34 -67.33
C HIS E 2195 75.89 -6.44 -66.89
N PRO E 2196 75.50 -7.53 -66.21
CA PRO E 2196 74.10 -7.67 -65.80
C PRO E 2196 73.63 -6.58 -64.86
N ASN E 2197 74.52 -6.06 -64.01
CA ASN E 2197 74.12 -5.01 -63.07
C ASN E 2197 73.68 -3.75 -63.81
N LEU E 2198 74.38 -3.39 -64.88
CA LEU E 2198 73.97 -2.26 -65.69
C LEU E 2198 72.60 -2.50 -66.32
N MET E 2199 72.38 -3.72 -66.82
CA MET E 2199 71.09 -4.05 -67.42
C MET E 2199 69.96 -3.92 -66.41
N ARG E 2200 70.19 -4.39 -65.19
CA ARG E 2200 69.18 -4.24 -64.13
C ARG E 2200 68.97 -2.76 -63.79
N ALA E 2201 70.05 -1.99 -63.74
CA ALA E 2201 69.93 -0.57 -63.43
C ALA E 2201 69.11 0.17 -64.48
N LEU E 2202 69.30 -0.16 -65.76
CA LEU E 2202 68.50 0.46 -66.80
C LEU E 2202 67.04 0.04 -66.74
N GLY E 2203 66.73 -1.08 -66.09
CA GLY E 2203 65.34 -1.49 -65.93
C GLY E 2203 64.62 -1.86 -67.21
N MET E 2204 65.28 -2.59 -68.12
CA MET E 2204 64.64 -3.01 -69.35
C MET E 2204 63.68 -4.18 -69.15
N HIS E 2205 63.91 -5.02 -68.14
CA HIS E 2205 62.95 -6.09 -67.86
C HIS E 2205 61.59 -5.52 -67.47
N GLU E 2206 61.58 -4.37 -66.79
CA GLU E 2206 60.31 -3.69 -66.52
C GLU E 2206 59.62 -3.27 -67.81
N THR E 2207 60.40 -2.77 -68.77
CA THR E 2207 59.81 -2.37 -70.06
C THR E 2207 59.24 -3.57 -70.79
N VAL E 2208 59.95 -4.70 -70.81
CA VAL E 2208 59.44 -5.89 -71.49
C VAL E 2208 58.18 -6.40 -70.78
N MET E 2209 58.17 -6.37 -69.44
CA MET E 2209 56.98 -6.76 -68.71
C MET E 2209 55.82 -5.83 -69.01
N GLU E 2210 56.09 -4.55 -69.16
CA GLU E 2210 55.03 -3.60 -69.54
C GLU E 2210 54.48 -3.92 -70.92
N VAL E 2211 55.35 -4.27 -71.87
CA VAL E 2211 54.91 -4.65 -73.20
C VAL E 2211 54.01 -5.88 -73.12
N MET E 2212 54.43 -6.87 -72.34
CA MET E 2212 53.65 -8.10 -72.19
C MET E 2212 52.29 -7.81 -71.54
N VAL E 2213 52.28 -6.95 -70.51
CA VAL E 2213 51.03 -6.60 -69.84
C VAL E 2213 50.09 -5.89 -70.80
N ASN E 2214 50.62 -4.97 -71.61
CA ASN E 2214 49.79 -4.28 -72.60
C ASN E 2214 49.22 -5.26 -73.62
N VAL E 2215 50.03 -6.21 -74.07
CA VAL E 2215 49.57 -7.16 -75.08
C VAL E 2215 48.49 -8.07 -74.50
N LEU E 2216 48.75 -8.66 -73.33
CA LEU E 2216 47.80 -9.60 -72.75
C LEU E 2216 46.50 -8.95 -72.33
N GLY E 2217 46.57 -7.74 -71.77
CA GLY E 2217 45.37 -7.05 -71.32
C GLY E 2217 44.46 -6.62 -72.45
N GLU E 2223 41.60 -14.87 -76.58
CA GLU E 2223 41.13 -13.86 -77.52
C GLU E 2223 42.23 -12.86 -77.86
N ILE E 2224 43.47 -13.24 -77.55
CA ILE E 2224 44.61 -12.36 -77.80
C ILE E 2224 44.76 -12.10 -79.29
N ARG E 2225 45.30 -10.94 -79.64
CA ARG E 2225 45.37 -10.54 -81.04
C ARG E 2225 46.74 -10.87 -81.65
N PHE E 2226 47.81 -10.67 -80.88
CA PHE E 2226 49.17 -10.86 -81.37
C PHE E 2226 49.84 -11.97 -80.57
N PRO E 2227 49.88 -13.20 -81.09
CA PRO E 2227 50.46 -14.31 -80.32
C PRO E 2227 51.98 -14.38 -80.37
N LYS E 2228 52.63 -13.80 -81.38
CA LYS E 2228 54.07 -13.95 -81.52
C LYS E 2228 54.83 -13.14 -80.47
N MET E 2229 54.32 -11.96 -80.14
CA MET E 2229 54.99 -11.10 -79.16
C MET E 2229 55.03 -11.76 -77.80
N VAL E 2230 53.98 -12.52 -77.45
CA VAL E 2230 53.98 -13.18 -76.15
C VAL E 2230 55.14 -14.16 -76.06
N THR E 2231 55.33 -14.96 -77.11
CA THR E 2231 56.46 -15.90 -77.13
C THR E 2231 57.79 -15.17 -77.09
N SER E 2232 57.91 -14.08 -77.87
CA SER E 2232 59.16 -13.33 -77.87
C SER E 2232 59.51 -12.80 -76.48
N CYS E 2233 58.54 -12.15 -75.81
CA CYS E 2233 58.77 -11.62 -74.48
C CYS E 2233 59.07 -12.73 -73.49
N CYS E 2234 58.36 -13.85 -73.59
CA CYS E 2234 58.58 -14.95 -72.66
C CYS E 2234 59.99 -15.50 -72.80
N ARG E 2235 60.46 -15.70 -74.04
CA ARG E 2235 61.79 -16.24 -74.22
C ARG E 2235 62.86 -15.24 -73.80
N PHE E 2236 62.63 -13.94 -74.04
CA PHE E 2236 63.58 -12.93 -73.59
C PHE E 2236 63.68 -12.93 -72.07
N LEU E 2237 62.54 -13.00 -71.39
CA LEU E 2237 62.56 -13.00 -69.93
C LEU E 2237 63.19 -14.26 -69.37
N CYS E 2238 62.96 -15.43 -70.00
CA CYS E 2238 63.64 -16.64 -69.56
C CYS E 2238 65.15 -16.52 -69.72
N TYR E 2239 65.61 -15.99 -70.87
CA TYR E 2239 67.04 -15.80 -71.07
C TYR E 2239 67.61 -14.84 -70.04
N PHE E 2240 66.88 -13.76 -69.75
CA PHE E 2240 67.33 -12.81 -68.72
C PHE E 2240 67.43 -13.47 -67.36
N CYS E 2241 66.46 -14.33 -67.01
CA CYS E 2241 66.48 -15.01 -65.73
C CYS E 2241 67.63 -16.00 -65.64
N ARG E 2242 68.02 -16.60 -66.77
CA ARG E 2242 69.07 -17.61 -66.76
C ARG E 2242 70.47 -17.04 -66.54
N ILE E 2243 70.62 -15.74 -66.32
CA ILE E 2243 71.93 -15.12 -66.26
C ILE E 2243 72.49 -15.11 -64.85
N SER E 2244 71.84 -14.45 -63.90
CA SER E 2244 72.43 -14.25 -62.59
C SER E 2244 71.36 -14.40 -61.51
N ARG E 2245 71.82 -14.63 -60.27
CA ARG E 2245 70.91 -14.81 -59.14
C ARG E 2245 70.11 -13.55 -58.87
N GLN E 2246 70.75 -12.38 -58.96
CA GLN E 2246 70.04 -11.14 -58.70
C GLN E 2246 68.91 -10.90 -59.70
N ASN E 2247 69.14 -11.23 -60.97
CA ASN E 2247 68.06 -11.13 -61.95
C ASN E 2247 66.91 -12.05 -61.61
N GLN E 2248 67.23 -13.27 -61.15
CA GLN E 2248 66.20 -14.22 -60.74
C GLN E 2248 65.37 -13.66 -59.59
N ARG E 2249 66.05 -13.09 -58.59
CA ARG E 2249 65.33 -12.52 -57.45
C ARG E 2249 64.49 -11.32 -57.87
N SER E 2250 65.00 -10.51 -58.79
CA SER E 2250 64.23 -9.37 -59.28
C SER E 2250 62.98 -9.82 -60.02
N MET E 2251 63.09 -10.87 -60.84
CA MET E 2251 61.93 -11.37 -61.57
C MET E 2251 60.98 -12.14 -60.67
N PHE E 2252 61.44 -12.61 -59.52
CA PHE E 2252 60.59 -13.42 -58.66
C PHE E 2252 59.38 -12.65 -58.15
N ASP E 2253 59.43 -11.32 -58.15
CA ASP E 2253 58.36 -10.54 -57.52
C ASP E 2253 57.10 -10.44 -58.37
N HIS E 2254 57.14 -10.88 -59.62
CA HIS E 2254 55.97 -10.87 -60.49
C HIS E 2254 55.32 -12.25 -60.60
N LEU E 2255 55.61 -13.15 -59.66
CA LEU E 2255 55.14 -14.52 -59.74
C LEU E 2255 53.62 -14.60 -59.68
N SER E 2256 53.00 -13.79 -58.81
CA SER E 2256 51.55 -13.83 -58.68
C SER E 2256 50.87 -13.43 -59.99
N TYR E 2257 51.35 -12.36 -60.62
CA TYR E 2257 50.78 -11.94 -61.89
C TYR E 2257 51.01 -12.99 -62.97
N LEU E 2258 52.22 -13.55 -63.02
CA LEU E 2258 52.53 -14.54 -64.05
C LEU E 2258 51.64 -15.77 -63.92
N LEU E 2259 51.42 -16.22 -62.68
CA LEU E 2259 50.53 -17.36 -62.47
C LEU E 2259 49.08 -17.00 -62.73
N GLU E 2260 48.71 -15.74 -62.47
CA GLU E 2260 47.34 -15.30 -62.76
C GLU E 2260 47.06 -15.36 -64.26
N ASN E 2261 48.03 -14.96 -65.08
CA ASN E 2261 47.83 -14.99 -66.52
C ASN E 2261 48.28 -16.29 -67.19
N SER E 2262 48.70 -17.28 -66.40
CA SER E 2262 49.20 -18.52 -66.99
C SER E 2262 48.08 -19.51 -67.33
N GLY E 2263 46.86 -19.24 -66.91
CA GLY E 2263 45.77 -20.19 -67.10
C GLY E 2263 45.15 -20.21 -68.48
N ILE E 2264 45.91 -19.82 -69.50
CA ILE E 2264 45.37 -19.80 -70.86
C ILE E 2264 45.04 -21.22 -71.32
N GLY E 2265 44.02 -21.33 -72.17
CA GLY E 2265 43.57 -22.63 -72.63
C GLY E 2265 44.32 -23.18 -73.83
N LEU E 2266 45.15 -22.35 -74.47
CA LEU E 2266 45.86 -22.80 -75.66
C LEU E 2266 47.17 -23.48 -75.32
N GLY E 2267 48.10 -22.76 -74.68
CA GLY E 2267 49.31 -23.36 -74.19
C GLY E 2267 50.36 -23.63 -75.25
N MET E 2268 49.94 -24.13 -76.41
CA MET E 2268 50.86 -24.62 -77.43
C MET E 2268 51.35 -23.50 -78.35
N GLN E 2269 51.26 -22.25 -77.88
CA GLN E 2269 51.75 -21.12 -78.67
C GLN E 2269 53.27 -21.14 -78.80
N GLY E 2270 53.97 -21.89 -77.97
CA GLY E 2270 55.42 -21.85 -77.92
C GLY E 2270 55.90 -21.64 -76.51
N SER E 2271 56.53 -20.50 -76.25
CA SER E 2271 56.87 -20.13 -74.88
C SER E 2271 55.68 -19.47 -74.21
N THR E 2272 55.54 -19.69 -72.92
CA THR E 2272 54.39 -19.25 -72.14
C THR E 2272 54.89 -18.70 -70.82
N PRO E 2273 54.12 -17.80 -70.19
CA PRO E 2273 54.56 -17.23 -68.90
C PRO E 2273 54.79 -18.28 -67.81
N LEU E 2274 54.17 -19.46 -67.91
CA LEU E 2274 54.48 -20.53 -66.98
C LEU E 2274 55.95 -20.92 -67.06
N ASP E 2275 56.53 -20.91 -68.27
CA ASP E 2275 57.96 -21.14 -68.40
C ASP E 2275 58.76 -20.04 -67.70
N VAL E 2276 58.29 -18.80 -67.79
CA VAL E 2276 58.96 -17.69 -67.10
C VAL E 2276 58.96 -17.93 -65.59
N ALA E 2277 57.82 -18.35 -65.05
CA ALA E 2277 57.73 -18.63 -63.62
C ALA E 2277 58.66 -19.78 -63.24
N ALA E 2278 58.67 -20.85 -64.04
CA ALA E 2278 59.53 -21.99 -63.74
C ALA E 2278 61.00 -21.60 -63.75
N ALA E 2279 61.40 -20.78 -64.72
CA ALA E 2279 62.77 -20.28 -64.75
C ALA E 2279 63.06 -19.37 -63.56
N SER E 2280 62.06 -18.62 -63.11
CA SER E 2280 62.24 -17.76 -61.95
C SER E 2280 62.49 -18.56 -60.68
N VAL E 2281 61.81 -19.70 -60.53
CA VAL E 2281 61.87 -20.47 -59.29
C VAL E 2281 63.01 -21.50 -59.28
N ILE E 2282 63.42 -22.00 -60.45
CA ILE E 2282 64.21 -23.23 -60.51
C ILE E 2282 65.53 -23.12 -59.75
N ASP E 2283 65.90 -24.21 -59.07
CA ASP E 2283 67.20 -24.46 -58.46
C ASP E 2283 67.70 -23.33 -57.57
N ASN E 2284 66.80 -22.65 -56.87
CA ASN E 2284 67.19 -21.60 -55.92
C ASN E 2284 66.59 -21.95 -54.56
N ASN E 2285 67.45 -22.34 -53.61
CA ASN E 2285 66.98 -22.75 -52.29
C ASN E 2285 66.28 -21.60 -51.57
N GLU E 2286 66.90 -20.43 -51.55
CA GLU E 2286 66.32 -19.29 -50.85
C GLU E 2286 64.99 -18.88 -51.49
N LEU E 2287 64.94 -18.85 -52.81
CA LEU E 2287 63.71 -18.49 -53.50
C LEU E 2287 62.64 -19.56 -53.34
N ALA E 2288 63.04 -20.84 -53.36
CA ALA E 2288 62.07 -21.91 -53.16
C ALA E 2288 61.45 -21.86 -51.76
N LEU E 2289 62.28 -21.59 -50.74
CA LEU E 2289 61.77 -21.54 -49.38
C LEU E 2289 60.84 -20.36 -49.14
N ALA E 2290 60.90 -19.33 -49.99
CA ALA E 2290 60.06 -18.15 -49.83
C ALA E 2290 58.73 -18.26 -50.55
N LEU E 2291 58.43 -19.41 -51.16
CA LEU E 2291 57.21 -19.56 -51.93
C LEU E 2291 55.99 -19.54 -51.00
N GLN E 2292 54.94 -18.85 -51.43
CA GLN E 2292 53.70 -18.77 -50.68
C GLN E 2292 52.76 -19.91 -51.08
N GLU E 2293 51.80 -20.20 -50.21
CA GLU E 2293 50.87 -21.30 -50.46
C GLU E 2293 49.74 -20.93 -51.42
N GLN E 2294 49.44 -19.64 -51.57
CA GLN E 2294 48.37 -19.23 -52.48
C GLN E 2294 48.70 -19.57 -53.92
N ASP E 2295 49.95 -19.40 -54.32
CA ASP E 2295 50.35 -19.75 -55.68
C ASP E 2295 50.21 -21.25 -55.93
N LEU E 2296 50.62 -22.07 -54.96
CA LEU E 2296 50.45 -23.52 -55.09
C LEU E 2296 48.98 -23.88 -55.18
N GLU E 2297 48.13 -23.22 -54.38
CA GLU E 2297 46.70 -23.51 -54.43
C GLU E 2297 46.13 -23.13 -55.79
N LYS E 2298 46.57 -22.00 -56.35
CA LYS E 2298 46.13 -21.60 -57.68
C LYS E 2298 46.52 -22.63 -58.73
N VAL E 2299 47.77 -23.13 -58.64
CA VAL E 2299 48.24 -24.13 -59.60
C VAL E 2299 47.42 -25.41 -59.47
N VAL E 2300 47.14 -25.82 -58.23
CA VAL E 2300 46.37 -27.04 -58.01
C VAL E 2300 44.94 -26.88 -58.55
N SER E 2301 44.35 -25.69 -58.37
CA SER E 2301 43.04 -25.44 -58.95
C SER E 2301 43.06 -25.51 -60.46
N TYR E 2302 44.09 -24.94 -61.09
CA TYR E 2302 44.24 -25.07 -62.54
C TYR E 2302 44.34 -26.54 -62.95
N LEU E 2303 45.10 -27.33 -62.20
CA LEU E 2303 45.27 -28.75 -62.53
C LEU E 2303 43.95 -29.49 -62.42
N ALA E 2304 43.18 -29.21 -61.37
CA ALA E 2304 41.88 -29.85 -61.22
C ALA E 2304 40.93 -29.47 -62.36
N GLY E 2305 40.89 -28.19 -62.70
CA GLY E 2305 40.08 -27.76 -63.82
C GLY E 2305 40.47 -28.44 -65.12
N CYS E 2306 41.77 -28.60 -65.34
CA CYS E 2306 42.24 -29.33 -66.50
C CYS E 2306 41.82 -30.79 -66.47
N GLY E 2307 41.86 -31.41 -65.29
CA GLY E 2307 41.48 -32.80 -65.16
C GLY E 2307 39.99 -33.07 -65.19
N LEU E 2308 39.16 -32.02 -65.12
CA LEU E 2308 37.72 -32.20 -65.18
C LEU E 2308 37.13 -32.00 -66.56
N GLN E 2309 37.81 -31.28 -67.46
CA GLN E 2309 37.22 -30.88 -68.73
C GLN E 2309 38.06 -31.37 -69.89
N SER E 2310 37.42 -31.48 -71.06
CA SER E 2310 38.08 -31.93 -72.27
C SER E 2310 38.94 -30.81 -72.86
N CYS E 2311 39.87 -31.21 -73.72
CA CYS E 2311 40.76 -30.25 -74.37
C CYS E 2311 40.02 -29.55 -75.51
N PRO E 2312 39.96 -28.21 -75.52
CA PRO E 2312 39.20 -27.53 -76.59
C PRO E 2312 39.87 -27.61 -77.95
N MET E 2313 41.18 -27.36 -78.02
CA MET E 2313 41.84 -27.33 -79.31
C MET E 2313 41.88 -28.71 -79.96
N LEU E 2314 41.99 -29.77 -79.17
CA LEU E 2314 41.96 -31.12 -79.72
C LEU E 2314 40.59 -31.42 -80.32
N LEU E 2315 39.52 -31.02 -79.62
CA LEU E 2315 38.18 -31.24 -80.13
C LEU E 2315 37.94 -30.42 -81.39
N ALA E 2316 38.49 -29.19 -81.44
CA ALA E 2316 38.33 -28.35 -82.62
C ALA E 2316 38.99 -28.96 -83.84
N LYS E 2317 39.98 -29.82 -83.65
CA LYS E 2317 40.68 -30.45 -84.76
C LYS E 2317 40.06 -31.77 -85.19
N GLY E 2318 38.91 -32.14 -84.62
CA GLY E 2318 38.26 -33.40 -84.96
C GLY E 2318 38.94 -34.59 -84.32
N TYR E 2319 38.91 -34.66 -83.00
CA TYR E 2319 39.50 -35.74 -82.22
C TYR E 2319 38.39 -36.44 -81.45
N PRO E 2320 38.59 -37.72 -81.11
CA PRO E 2320 37.59 -38.40 -80.28
C PRO E 2320 37.43 -37.73 -78.93
N ASP E 2321 36.19 -37.72 -78.43
CA ASP E 2321 35.89 -37.05 -77.18
C ASP E 2321 36.46 -37.82 -76.00
N ILE E 2322 37.10 -37.10 -75.08
CA ILE E 2322 37.66 -37.66 -73.86
C ILE E 2322 37.23 -36.78 -72.70
N GLY E 2323 36.87 -37.40 -71.58
CA GLY E 2323 36.30 -36.69 -70.46
C GLY E 2323 37.26 -35.80 -69.69
N TRP E 2324 38.55 -35.83 -70.06
CA TRP E 2324 39.55 -35.04 -69.37
C TRP E 2324 40.61 -34.59 -70.38
N ASN E 2325 41.53 -33.76 -69.90
CA ASN E 2325 42.53 -33.10 -70.74
C ASN E 2325 43.92 -33.56 -70.30
N PRO E 2326 44.49 -34.58 -70.93
CA PRO E 2326 45.81 -35.05 -70.50
C PRO E 2326 46.96 -34.17 -70.95
N CYS E 2327 46.86 -33.52 -72.11
CA CYS E 2327 47.97 -32.74 -72.63
C CYS E 2327 48.15 -31.43 -71.88
N GLY E 2328 47.20 -31.07 -71.02
CA GLY E 2328 47.26 -29.79 -70.33
C GLY E 2328 47.87 -29.85 -68.94
N GLY E 2329 47.52 -30.88 -68.16
CA GLY E 2329 47.95 -30.92 -66.77
C GLY E 2329 49.42 -31.22 -66.59
N GLU E 2330 50.08 -31.69 -67.65
CA GLU E 2330 51.50 -32.03 -67.56
C GLU E 2330 52.34 -30.80 -67.26
N ARG E 2331 51.99 -29.65 -67.82
CA ARG E 2331 52.73 -28.43 -67.55
C ARG E 2331 52.65 -28.03 -66.08
N TYR E 2332 51.45 -28.08 -65.50
CA TYR E 2332 51.30 -27.76 -64.09
C TYR E 2332 52.02 -28.77 -63.22
N LEU E 2333 51.96 -30.05 -63.59
CA LEU E 2333 52.68 -31.07 -62.84
C LEU E 2333 54.19 -30.83 -62.86
N ASP E 2334 54.73 -30.46 -64.02
CA ASP E 2334 56.17 -30.20 -64.09
C ASP E 2334 56.55 -28.94 -63.32
N PHE E 2335 55.70 -27.92 -63.32
CA PHE E 2335 55.96 -26.74 -62.49
C PHE E 2335 55.99 -27.11 -61.02
N LEU E 2336 55.04 -27.92 -60.58
CA LEU E 2336 55.04 -28.37 -59.19
C LEU E 2336 56.28 -29.19 -58.89
N ARG E 2337 56.71 -30.03 -59.83
CA ARG E 2337 57.92 -30.82 -59.64
C ARG E 2337 59.14 -29.92 -59.46
N PHE E 2338 59.23 -28.85 -60.26
CA PHE E 2338 60.30 -27.88 -60.07
C PHE E 2338 60.18 -27.19 -58.72
N ALA E 2339 58.95 -26.94 -58.26
CA ALA E 2339 58.76 -26.27 -56.98
C ALA E 2339 59.16 -27.14 -55.80
N VAL E 2340 59.05 -28.46 -55.94
CA VAL E 2340 59.26 -29.34 -54.79
C VAL E 2340 60.71 -29.83 -54.66
N PHE E 2341 61.39 -30.08 -55.78
CA PHE E 2341 62.69 -30.75 -55.76
C PHE E 2341 63.79 -29.75 -56.10
N VAL E 2342 64.83 -29.70 -55.27
CA VAL E 2342 65.93 -28.75 -55.44
C VAL E 2342 67.25 -29.47 -55.22
N ASN E 2343 68.11 -29.44 -56.24
CA ASN E 2343 69.52 -29.85 -56.11
C ASN E 2343 69.67 -31.28 -55.58
N GLY E 2344 68.71 -32.13 -55.91
CA GLY E 2344 68.81 -33.52 -55.49
C GLY E 2344 68.23 -33.84 -54.14
N GLU E 2345 67.71 -32.85 -53.42
CA GLU E 2345 67.06 -33.07 -52.14
C GLU E 2345 65.68 -32.41 -52.14
N SER E 2346 64.82 -32.92 -51.28
CA SER E 2346 63.45 -32.42 -51.18
C SER E 2346 63.33 -31.40 -50.05
N VAL E 2347 62.43 -30.45 -50.21
CA VAL E 2347 62.08 -29.49 -49.16
C VAL E 2347 60.78 -29.96 -48.52
N GLU E 2348 60.83 -30.18 -47.21
CA GLU E 2348 59.71 -30.84 -46.54
C GLU E 2348 58.44 -29.99 -46.57
N GLU E 2349 58.57 -28.68 -46.37
CA GLU E 2349 57.38 -27.83 -46.24
C GLU E 2349 56.56 -27.82 -47.53
N ASN E 2350 57.23 -27.59 -48.67
CA ASN E 2350 56.51 -27.54 -49.94
C ASN E 2350 55.90 -28.88 -50.28
N ALA E 2351 56.63 -29.97 -50.02
CA ALA E 2351 56.10 -31.30 -50.30
C ALA E 2351 54.84 -31.58 -49.48
N ASN E 2352 54.88 -31.26 -48.18
CA ASN E 2352 53.72 -31.47 -47.33
C ASN E 2352 52.54 -30.64 -47.81
N VAL E 2353 52.79 -29.37 -48.14
CA VAL E 2353 51.71 -28.49 -48.59
C VAL E 2353 51.09 -29.03 -49.88
N VAL E 2354 51.94 -29.46 -50.82
CA VAL E 2354 51.44 -29.95 -52.10
C VAL E 2354 50.63 -31.21 -51.92
N VAL E 2355 51.11 -32.14 -51.08
CA VAL E 2355 50.39 -33.39 -50.87
C VAL E 2355 49.04 -33.13 -50.21
N ARG E 2356 49.03 -32.27 -49.19
CA ARG E 2356 47.78 -31.97 -48.50
C ARG E 2356 46.79 -31.26 -49.40
N LEU E 2357 47.27 -30.39 -50.28
CA LEU E 2357 46.38 -29.74 -51.24
C LEU E 2357 45.84 -30.74 -52.26
N LEU E 2358 46.69 -31.68 -52.69
CA LEU E 2358 46.28 -32.62 -53.73
C LEU E 2358 45.23 -33.61 -53.20
N ILE E 2359 45.43 -34.13 -52.00
CA ILE E 2359 44.55 -35.19 -51.50
C ILE E 2359 43.12 -34.72 -51.32
N ARG E 2360 42.90 -33.41 -51.18
CA ARG E 2360 41.55 -32.89 -50.97
C ARG E 2360 40.81 -32.59 -52.26
N LYS E 2361 41.47 -32.76 -53.42
CA LYS E 2361 40.83 -32.63 -54.73
C LYS E 2361 41.21 -33.87 -55.54
N PRO E 2362 40.53 -35.00 -55.32
CA PRO E 2362 40.95 -36.25 -55.95
C PRO E 2362 40.88 -36.23 -57.47
N GLU E 2363 40.06 -35.36 -58.07
CA GLU E 2363 39.93 -35.34 -59.52
C GLU E 2363 41.21 -34.93 -60.22
N CYS E 2364 42.19 -34.38 -59.49
CA CYS E 2364 43.49 -34.11 -60.07
C CYS E 2364 44.23 -35.37 -60.49
N PHE E 2365 43.84 -36.53 -59.95
CA PHE E 2365 44.55 -37.78 -60.23
C PHE E 2365 44.11 -38.45 -61.51
N GLY E 2366 43.09 -37.94 -62.19
CA GLY E 2366 42.61 -38.54 -63.40
C GLY E 2366 41.68 -39.71 -63.15
N PRO E 2367 41.13 -40.28 -64.23
CA PRO E 2367 40.16 -41.37 -64.06
C PRO E 2367 40.70 -42.61 -63.38
N ALA E 2368 42.00 -42.90 -63.53
CA ALA E 2368 42.53 -44.17 -63.05
C ALA E 2368 42.42 -44.32 -61.55
N LEU E 2369 42.76 -43.26 -60.80
CA LEU E 2369 42.79 -43.35 -59.35
C LEU E 2369 41.47 -42.94 -58.71
N ARG E 2370 40.39 -42.88 -59.48
CA ARG E 2370 39.07 -42.64 -58.91
C ARG E 2370 38.64 -43.84 -58.08
N GLY E 2371 37.97 -43.56 -56.96
CA GLY E 2371 37.47 -44.64 -56.12
C GLY E 2371 36.17 -45.24 -56.60
N GLU E 2372 35.40 -44.48 -57.39
CA GLU E 2372 34.10 -44.93 -57.86
C GLU E 2372 34.17 -45.70 -59.17
N GLY E 2373 34.80 -46.87 -59.17
CA GLY E 2373 34.86 -47.72 -60.34
C GLY E 2373 36.04 -47.49 -61.26
N GLY E 2374 36.99 -46.65 -60.88
CA GLY E 2374 38.14 -46.40 -61.74
C GLY E 2374 39.15 -47.54 -61.65
N SER E 2375 39.50 -48.09 -62.81
CA SER E 2375 40.47 -49.17 -62.85
C SER E 2375 41.87 -48.65 -62.58
N GLY E 2376 42.74 -49.55 -62.11
CA GLY E 2376 44.07 -49.17 -61.68
C GLY E 2376 44.98 -48.65 -62.77
N LEU E 2377 46.23 -48.35 -62.40
CA LEU E 2377 47.18 -47.78 -63.36
C LEU E 2377 47.52 -48.78 -64.46
N LEU E 2378 47.69 -50.05 -64.10
CA LEU E 2378 48.10 -51.06 -65.08
C LEU E 2378 47.06 -51.20 -66.18
N ALA E 2379 45.78 -51.26 -65.81
CA ALA E 2379 44.74 -51.45 -66.81
C ALA E 2379 44.67 -50.27 -67.78
N THR E 2380 44.76 -49.04 -67.26
CA THR E 2380 44.66 -47.88 -68.15
C THR E 2380 45.92 -47.73 -69.00
N ILE E 2381 47.09 -48.12 -68.48
CA ILE E 2381 48.30 -48.10 -69.29
C ILE E 2381 48.20 -49.12 -70.43
N GLU E 2382 47.70 -50.32 -70.14
CA GLU E 2382 47.49 -51.31 -71.19
C GLU E 2382 46.47 -50.81 -72.21
N GLU E 2383 45.41 -50.16 -71.74
CA GLU E 2383 44.41 -49.61 -72.66
C GLU E 2383 45.02 -48.54 -73.56
N ALA E 2384 45.87 -47.68 -72.99
CA ALA E 2384 46.55 -46.68 -73.81
C ALA E 2384 47.48 -47.32 -74.83
N ILE E 2385 48.19 -48.38 -74.42
CA ILE E 2385 49.06 -49.10 -75.35
C ILE E 2385 48.24 -49.66 -76.51
N ARG E 2386 47.08 -50.25 -76.20
CA ARG E 2386 46.20 -50.74 -77.26
C ARG E 2386 45.71 -49.60 -78.14
N ILE E 2387 45.40 -48.45 -77.54
CA ILE E 2387 44.92 -47.30 -78.29
C ILE E 2387 45.97 -46.85 -79.30
N SER E 2388 47.24 -46.82 -78.89
CA SER E 2388 48.30 -46.38 -79.78
C SER E 2388 48.46 -47.28 -80.99
N GLU E 2389 47.93 -48.51 -80.94
CA GLU E 2389 47.99 -49.41 -82.09
C GLU E 2389 46.88 -49.18 -83.11
N ASP E 2390 45.85 -48.41 -82.75
CA ASP E 2390 44.71 -48.19 -83.64
C ASP E 2390 44.70 -46.75 -84.13
N PRO E 2391 44.96 -46.50 -85.42
CA PRO E 2391 44.89 -45.12 -85.93
C PRO E 2391 43.49 -44.51 -85.81
N ALA E 2392 42.43 -45.33 -85.81
CA ALA E 2392 41.08 -44.79 -85.73
C ALA E 2392 40.84 -44.08 -84.40
N ARG E 2393 41.27 -44.69 -83.29
CA ARG E 2393 41.11 -44.09 -81.98
C ARG E 2393 42.21 -43.06 -81.67
N ASP E 2394 43.23 -42.97 -82.52
CA ASP E 2394 44.23 -41.91 -82.43
C ASP E 2394 43.91 -40.84 -83.47
N GLY E 2395 44.75 -39.80 -83.53
CA GLY E 2395 44.59 -38.75 -84.51
C GLY E 2395 43.24 -38.06 -84.48
N ARG E 2416 52.14 -32.89 -84.28
CA ARG E 2416 50.87 -33.55 -83.99
C ARG E 2416 50.87 -34.12 -82.57
N VAL E 2417 49.68 -34.51 -82.10
CA VAL E 2417 49.50 -35.05 -80.76
C VAL E 2417 48.80 -36.39 -80.87
N HIS E 2418 49.32 -37.38 -80.16
CA HIS E 2418 48.73 -38.72 -80.11
C HIS E 2418 48.15 -38.97 -78.73
N LEU E 2419 47.01 -39.67 -78.69
CA LEU E 2419 46.28 -39.82 -77.43
C LEU E 2419 47.04 -40.72 -76.45
N GLY E 2420 47.52 -41.86 -76.91
CA GLY E 2420 48.18 -42.80 -76.01
C GLY E 2420 49.43 -42.23 -75.39
N HIS E 2421 50.23 -41.52 -76.19
CA HIS E 2421 51.46 -40.93 -75.65
C HIS E 2421 51.15 -39.90 -74.58
N ALA E 2422 50.15 -39.05 -74.80
CA ALA E 2422 49.77 -38.06 -73.81
C ALA E 2422 49.25 -38.71 -72.53
N ILE E 2423 48.42 -39.75 -72.69
CA ILE E 2423 47.90 -40.45 -71.51
C ILE E 2423 49.03 -41.06 -70.71
N MET E 2424 50.00 -41.67 -71.39
CA MET E 2424 51.14 -42.26 -70.70
C MET E 2424 51.96 -41.19 -69.98
N SER E 2425 52.22 -40.07 -70.68
CA SER E 2425 53.08 -39.03 -70.13
C SER E 2425 52.47 -38.37 -68.90
N PHE E 2426 51.15 -38.15 -68.90
CA PHE E 2426 50.50 -37.56 -67.75
C PHE E 2426 50.75 -38.38 -66.49
N TYR E 2427 50.51 -39.69 -66.57
CA TYR E 2427 50.68 -40.54 -65.40
C TYR E 2427 52.15 -40.69 -65.03
N ALA E 2428 53.04 -40.71 -66.02
CA ALA E 2428 54.47 -40.74 -65.72
C ALA E 2428 54.89 -39.52 -64.92
N ALA E 2429 54.46 -38.33 -65.35
CA ALA E 2429 54.80 -37.11 -64.63
C ALA E 2429 54.18 -37.10 -63.24
N LEU E 2430 52.93 -37.54 -63.11
CA LEU E 2430 52.29 -37.57 -61.80
C LEU E 2430 53.02 -38.49 -60.84
N ILE E 2431 53.41 -39.69 -61.31
CA ILE E 2431 54.14 -40.62 -60.45
C ILE E 2431 55.50 -40.05 -60.09
N ASP E 2432 56.17 -39.37 -61.03
CA ASP E 2432 57.45 -38.75 -60.71
C ASP E 2432 57.29 -37.70 -59.62
N LEU E 2433 56.28 -36.85 -59.72
CA LEU E 2433 56.06 -35.83 -58.71
C LEU E 2433 55.75 -36.45 -57.35
N LEU E 2434 54.88 -37.47 -57.32
CA LEU E 2434 54.56 -38.12 -56.06
C LEU E 2434 55.78 -38.78 -55.44
N GLY E 2435 56.62 -39.40 -56.26
CA GLY E 2435 57.85 -39.98 -55.75
C GLY E 2435 58.82 -38.94 -55.21
N ARG E 2436 58.88 -37.77 -55.86
CA ARG E 2436 59.72 -36.69 -55.34
C ARG E 2436 59.15 -36.06 -54.08
N CYS E 2437 57.86 -36.22 -53.81
CA CYS E 2437 57.28 -35.66 -52.59
C CYS E 2437 57.55 -36.52 -51.36
N ALA E 2438 58.18 -37.67 -51.53
CA ALA E 2438 58.38 -38.58 -50.41
C ALA E 2438 59.38 -38.00 -49.41
N PRO E 2439 59.28 -38.36 -48.13
CA PRO E 2439 60.21 -37.82 -47.13
C PRO E 2439 61.58 -38.49 -47.21
N GLU E 2440 62.54 -37.88 -46.53
CA GLU E 2440 63.90 -38.41 -46.49
C GLU E 2440 63.99 -39.57 -45.51
N MET E 2441 65.10 -40.31 -45.60
CA MET E 2441 65.26 -41.52 -44.79
C MET E 2441 65.56 -41.20 -43.33
N HIS E 2442 66.40 -40.19 -43.08
CA HIS E 2442 66.79 -39.89 -41.71
C HIS E 2442 65.62 -39.37 -40.87
N LEU E 2443 64.64 -38.71 -41.49
CA LEU E 2443 63.43 -38.35 -40.77
C LEU E 2443 62.67 -39.58 -40.32
N ILE E 2444 62.58 -40.60 -41.17
CA ILE E 2444 61.95 -41.85 -40.76
C ILE E 2444 62.75 -42.52 -39.66
N GLN E 2445 64.08 -42.44 -39.73
CA GLN E 2445 64.93 -43.00 -38.69
C GLN E 2445 64.66 -42.32 -37.35
N ALA E 2446 64.51 -40.99 -37.38
CA ALA E 2446 64.18 -40.25 -36.16
C ALA E 2446 62.77 -40.57 -35.65
N GLY E 2447 61.91 -41.14 -36.48
CA GLY E 2447 60.58 -41.52 -36.03
C GLY E 2447 59.58 -40.40 -35.91
N LYS E 2448 59.73 -39.34 -36.70
CA LYS E 2448 58.76 -38.25 -36.68
C LYS E 2448 57.43 -38.72 -37.25
N GLY E 2449 56.34 -38.32 -36.59
CA GLY E 2449 55.02 -38.78 -37.00
C GLY E 2449 54.59 -38.25 -38.36
N GLU E 2450 54.95 -37.02 -38.70
CA GLU E 2450 54.50 -36.41 -39.95
C GLU E 2450 55.01 -37.19 -41.15
N ALA E 2451 56.30 -37.55 -41.14
CA ALA E 2451 56.86 -38.31 -42.26
C ALA E 2451 56.21 -39.67 -42.39
N LEU E 2452 55.97 -40.35 -41.27
CA LEU E 2452 55.30 -41.64 -41.32
C LEU E 2452 53.89 -41.52 -41.89
N ARG E 2453 53.16 -40.48 -41.47
CA ARG E 2453 51.81 -40.25 -41.97
C ARG E 2453 51.82 -40.00 -43.47
N ILE E 2454 52.74 -39.16 -43.94
CA ILE E 2454 52.82 -38.85 -45.37
C ILE E 2454 53.18 -40.10 -46.17
N ARG E 2455 54.14 -40.89 -45.67
CA ARG E 2455 54.53 -42.10 -46.37
C ARG E 2455 53.39 -43.12 -46.39
N ALA E 2456 52.63 -43.21 -45.31
CA ALA E 2456 51.48 -44.10 -45.29
C ALA E 2456 50.45 -43.68 -46.32
N ILE E 2457 50.19 -42.37 -46.44
CA ILE E 2457 49.26 -41.89 -47.45
C ILE E 2457 49.75 -42.24 -48.85
N LEU E 2458 51.04 -42.00 -49.11
CA LEU E 2458 51.60 -42.29 -50.42
C LEU E 2458 51.53 -43.77 -50.75
N ARG E 2459 51.83 -44.63 -49.77
CA ARG E 2459 51.73 -46.07 -49.98
C ARG E 2459 50.28 -46.48 -50.25
N SER E 2460 49.33 -45.90 -49.53
CA SER E 2460 47.92 -46.24 -49.75
C SER E 2460 47.45 -45.79 -51.13
N LEU E 2461 48.03 -44.72 -51.67
CA LEU E 2461 47.59 -44.24 -52.98
C LEU E 2461 47.98 -45.22 -54.09
N VAL E 2462 49.23 -45.66 -54.12
CA VAL E 2462 49.74 -46.47 -55.23
C VAL E 2462 50.19 -47.84 -54.74
N PRO E 2463 49.51 -48.91 -55.12
CA PRO E 2463 49.94 -50.25 -54.72
C PRO E 2463 51.23 -50.68 -55.41
N LEU E 2464 51.94 -51.59 -54.75
CA LEU E 2464 53.22 -52.08 -55.27
C LEU E 2464 53.05 -52.93 -56.51
N ASP E 2465 52.01 -53.77 -56.55
CA ASP E 2465 51.80 -54.65 -57.68
C ASP E 2465 51.63 -53.88 -58.98
N ASP E 2466 51.00 -52.70 -58.92
CA ASP E 2466 50.87 -51.88 -60.13
C ASP E 2466 52.22 -51.44 -60.65
N LEU E 2467 53.11 -51.01 -59.76
CA LEU E 2467 54.46 -50.61 -60.17
C LEU E 2467 55.21 -51.79 -60.78
N VAL E 2468 55.11 -52.96 -60.13
CA VAL E 2468 55.83 -54.13 -60.63
C VAL E 2468 55.30 -54.54 -62.01
N GLY E 2469 53.99 -54.48 -62.19
CA GLY E 2469 53.42 -54.80 -63.49
C GLY E 2469 53.82 -53.81 -64.56
N ILE E 2470 53.85 -52.51 -64.21
CA ILE E 2470 54.25 -51.49 -65.17
C ILE E 2470 55.69 -51.70 -65.61
N ILE E 2471 56.57 -52.01 -64.66
CA ILE E 2471 57.99 -52.20 -64.99
C ILE E 2471 58.18 -53.39 -65.92
N SER E 2472 57.30 -54.39 -65.83
CA SER E 2472 57.47 -55.64 -66.57
C SER E 2472 56.89 -55.61 -67.97
N LEU E 2473 56.34 -54.49 -68.41
CA LEU E 2473 55.76 -54.43 -69.75
C LEU E 2473 56.86 -54.48 -70.80
N PRO E 2474 56.61 -55.10 -71.96
CA PRO E 2474 57.64 -55.21 -73.00
C PRO E 2474 57.83 -53.91 -73.77
N LEU E 2475 58.90 -53.90 -74.56
CA LEU E 2475 59.27 -52.75 -75.39
C LEU E 2475 59.51 -53.19 -76.82
N GLN E 2476 59.37 -52.24 -77.75
CA GLN E 2476 59.55 -52.52 -79.17
C GLN E 2476 60.97 -52.12 -79.57
N ILE E 2477 61.84 -53.12 -79.72
CA ILE E 2477 63.23 -52.87 -80.08
C ILE E 2477 63.36 -52.81 -81.60
N PRO E 2478 64.34 -52.09 -82.13
CA PRO E 2478 64.51 -52.03 -83.59
C PRO E 2478 64.88 -53.40 -84.16
N THR E 2479 64.47 -53.62 -85.41
CA THR E 2479 64.74 -54.88 -86.10
C THR E 2479 64.96 -54.61 -87.57
N LEU E 2480 65.60 -55.59 -88.23
CA LEU E 2480 65.92 -55.49 -89.65
C LEU E 2480 65.00 -56.43 -90.43
N GLY E 2481 64.44 -55.93 -91.53
CA GLY E 2481 63.51 -56.70 -92.33
C GLY E 2481 64.18 -57.71 -93.27
N LYS E 2482 65.51 -57.68 -93.37
CA LYS E 2482 66.29 -58.62 -94.19
C LYS E 2482 66.01 -58.45 -95.68
N ASP E 2483 65.17 -57.48 -96.04
CA ASP E 2483 64.88 -57.16 -97.43
C ASP E 2483 65.25 -55.73 -97.78
N GLY E 2484 64.96 -54.79 -96.89
CA GLY E 2484 65.31 -53.39 -97.07
C GLY E 2484 66.04 -52.86 -95.84
N ALA E 2485 65.69 -51.63 -95.48
CA ALA E 2485 66.28 -51.00 -94.31
C ALA E 2485 65.66 -51.56 -93.03
N LEU E 2486 66.28 -51.23 -91.91
CA LEU E 2486 65.79 -51.68 -90.62
C LEU E 2486 64.49 -50.98 -90.25
N VAL E 2487 63.65 -51.68 -89.49
CA VAL E 2487 62.39 -51.14 -89.03
C VAL E 2487 62.61 -50.46 -87.68
N GLN E 2488 62.12 -49.23 -87.54
CA GLN E 2488 62.39 -48.42 -86.36
C GLN E 2488 61.08 -47.91 -85.79
N PRO E 2489 60.88 -47.99 -84.47
CA PRO E 2489 59.64 -47.49 -83.87
C PRO E 2489 59.58 -45.96 -83.87
N LYS E 2490 58.36 -45.45 -83.78
CA LYS E 2490 58.13 -44.01 -83.69
C LYS E 2490 58.23 -43.60 -82.23
N MET E 2491 59.22 -42.74 -81.91
CA MET E 2491 59.48 -42.41 -80.52
C MET E 2491 58.38 -41.55 -79.90
N SER E 2492 57.69 -40.74 -80.71
CA SER E 2492 56.70 -39.80 -80.20
C SER E 2492 55.32 -40.43 -80.07
N ALA E 2493 55.15 -41.71 -80.43
CA ALA E 2493 53.83 -42.32 -80.33
C ALA E 2493 53.87 -43.74 -79.77
N SER E 2494 54.74 -44.04 -78.81
CA SER E 2494 54.86 -45.40 -78.31
C SER E 2494 55.41 -45.37 -76.88
N PHE E 2495 55.52 -46.56 -76.30
CA PHE E 2495 56.06 -46.70 -74.95
C PHE E 2495 57.55 -46.37 -74.94
N VAL E 2496 58.00 -45.68 -73.90
CA VAL E 2496 59.37 -45.19 -73.83
C VAL E 2496 59.95 -45.53 -72.45
N PRO E 2497 61.23 -45.88 -72.35
CA PRO E 2497 61.81 -46.17 -71.03
C PRO E 2497 61.74 -45.03 -70.04
N ASP E 2498 61.68 -43.78 -70.52
CA ASP E 2498 61.52 -42.64 -69.62
C ASP E 2498 60.24 -42.74 -68.80
N HIS E 2499 59.26 -43.50 -69.27
CA HIS E 2499 58.07 -43.77 -68.46
C HIS E 2499 58.39 -44.72 -67.32
N LYS E 2500 59.25 -45.72 -67.58
CA LYS E 2500 59.60 -46.69 -66.55
C LYS E 2500 60.54 -46.08 -65.51
N ALA E 2501 61.29 -45.06 -65.91
CA ALA E 2501 62.22 -44.42 -64.97
C ALA E 2501 61.48 -43.81 -63.78
N SER E 2502 60.34 -43.17 -64.01
CA SER E 2502 59.57 -42.58 -62.92
C SER E 2502 59.06 -43.65 -61.96
N MET E 2503 58.59 -44.78 -62.51
CA MET E 2503 58.14 -45.87 -61.65
C MET E 2503 59.29 -46.41 -60.81
N VAL E 2504 60.48 -46.55 -61.41
CA VAL E 2504 61.64 -47.02 -60.66
C VAL E 2504 61.97 -46.04 -59.54
N LEU E 2505 61.94 -44.74 -59.83
CA LEU E 2505 62.23 -43.74 -58.81
C LEU E 2505 61.21 -43.81 -57.66
N PHE E 2506 59.92 -43.93 -57.98
CA PHE E 2506 58.90 -44.02 -56.95
C PHE E 2506 59.11 -45.27 -56.10
N LEU E 2507 59.38 -46.41 -56.74
CA LEU E 2507 59.60 -47.65 -56.00
C LEU E 2507 60.80 -47.53 -55.08
N ASP E 2508 61.87 -46.89 -55.55
CA ASP E 2508 63.06 -46.72 -54.72
C ASP E 2508 62.77 -45.84 -53.52
N ARG E 2509 62.14 -44.68 -53.75
CA ARG E 2509 62.03 -43.69 -52.68
C ARG E 2509 60.93 -44.03 -51.66
N VAL E 2510 59.84 -44.67 -52.09
CA VAL E 2510 58.71 -44.92 -51.20
C VAL E 2510 58.79 -46.28 -50.55
N TYR E 2511 58.76 -47.36 -51.34
CA TYR E 2511 58.72 -48.70 -50.78
C TYR E 2511 60.09 -49.20 -50.37
N GLY E 2512 61.09 -49.07 -51.24
CA GLY E 2512 62.42 -49.58 -50.94
C GLY E 2512 62.51 -51.08 -51.10
N ILE E 2513 63.71 -51.63 -50.98
CA ILE E 2513 63.95 -53.06 -51.10
C ILE E 2513 64.59 -53.54 -49.80
N GLU E 2514 63.99 -54.57 -49.19
CA GLU E 2514 64.44 -55.05 -47.90
C GLU E 2514 64.64 -56.56 -47.90
N ASN E 2515 63.94 -57.27 -48.79
CA ASN E 2515 63.96 -58.71 -48.82
C ASN E 2515 64.78 -59.22 -49.99
N GLN E 2516 65.51 -60.31 -49.76
CA GLN E 2516 66.24 -60.96 -50.84
C GLN E 2516 65.29 -61.53 -51.89
N ASP E 2517 64.19 -62.13 -51.44
CA ASP E 2517 63.24 -62.75 -52.38
C ASP E 2517 62.58 -61.71 -53.27
N PHE E 2518 62.20 -60.56 -52.71
CA PHE E 2518 61.58 -59.51 -53.52
C PHE E 2518 62.57 -58.98 -54.56
N LEU E 2519 63.83 -58.78 -54.16
CA LEU E 2519 64.83 -58.32 -55.10
C LEU E 2519 65.04 -59.35 -56.21
N LEU E 2520 65.07 -60.63 -55.85
CA LEU E 2520 65.24 -61.67 -56.86
C LEU E 2520 64.06 -61.70 -57.83
N HIS E 2521 62.84 -61.53 -57.31
CA HIS E 2521 61.66 -61.49 -58.18
C HIS E 2521 61.72 -60.30 -59.13
N VAL E 2522 62.08 -59.13 -58.60
CA VAL E 2522 62.15 -57.93 -59.44
C VAL E 2522 63.21 -58.10 -60.52
N LEU E 2523 64.36 -58.66 -60.16
CA LEU E 2523 65.39 -58.94 -61.16
C LEU E 2523 64.90 -59.95 -62.18
N ASP E 2524 64.12 -60.94 -61.74
CA ASP E 2524 63.63 -61.97 -62.64
C ASP E 2524 62.69 -61.38 -63.70
N VAL E 2525 61.77 -60.51 -63.29
CA VAL E 2525 60.75 -60.06 -64.23
C VAL E 2525 61.04 -58.64 -64.73
N GLY E 2526 61.70 -57.83 -63.91
CA GLY E 2526 61.85 -56.42 -64.23
C GLY E 2526 62.96 -56.01 -65.18
N PHE E 2527 64.22 -56.23 -64.78
CA PHE E 2527 65.34 -55.53 -65.40
C PHE E 2527 66.14 -56.37 -66.37
N LEU E 2528 66.25 -57.68 -66.13
CA LEU E 2528 67.09 -58.56 -66.93
C LEU E 2528 66.70 -58.56 -68.40
N PRO E 2529 65.40 -58.62 -68.77
CA PRO E 2529 65.06 -58.50 -70.19
C PRO E 2529 65.54 -57.21 -70.83
N ASP E 2530 65.47 -56.08 -70.13
CA ASP E 2530 65.93 -54.82 -70.70
C ASP E 2530 67.45 -54.79 -70.84
N MET E 2531 68.17 -55.33 -69.85
CA MET E 2531 69.62 -55.42 -69.96
C MET E 2531 70.03 -56.31 -71.14
N ARG E 2532 69.34 -57.44 -71.31
CA ARG E 2532 69.62 -58.30 -72.45
C ARG E 2532 69.32 -57.60 -73.77
N ALA E 2533 68.22 -56.83 -73.81
CA ALA E 2533 67.89 -56.11 -75.04
C ALA E 2533 68.96 -55.09 -75.38
N ALA E 2534 69.46 -54.35 -74.38
CA ALA E 2534 70.54 -53.40 -74.64
C ALA E 2534 71.80 -54.11 -75.11
N ALA E 2535 72.16 -55.21 -74.46
CA ALA E 2535 73.35 -55.96 -74.86
C ALA E 2535 73.22 -56.46 -76.29
N SER E 2536 72.04 -56.94 -76.67
CA SER E 2536 71.81 -57.35 -78.06
C SER E 2536 71.91 -56.18 -79.02
N LEU E 2537 71.36 -55.02 -78.64
CA LEU E 2537 71.39 -53.84 -79.48
C LEU E 2537 72.77 -53.21 -79.57
N ASP E 2538 73.73 -53.66 -78.76
CA ASP E 2538 75.11 -53.16 -78.84
C ASP E 2538 75.74 -53.32 -80.23
N THR E 2539 75.10 -54.07 -81.14
CA THR E 2539 75.68 -54.33 -82.45
C THR E 2539 75.88 -53.03 -83.23
N ALA E 2540 76.80 -53.08 -84.20
CA ALA E 2540 77.18 -51.88 -84.93
C ALA E 2540 76.02 -51.28 -85.72
N THR E 2541 75.21 -52.12 -86.37
CA THR E 2541 74.10 -51.61 -87.16
C THR E 2541 73.03 -50.92 -86.32
N PHE E 2542 72.96 -51.24 -85.03
CA PHE E 2542 71.96 -50.66 -84.14
C PHE E 2542 72.54 -49.78 -83.05
N SER E 2543 73.85 -49.57 -83.05
CA SER E 2543 74.51 -48.89 -81.93
C SER E 2543 74.03 -47.45 -81.74
N THR E 2544 73.88 -46.72 -82.83
CA THR E 2544 73.58 -45.29 -82.76
C THR E 2544 72.10 -44.98 -82.88
N THR E 2545 71.23 -45.98 -82.91
CA THR E 2545 69.80 -45.72 -83.02
C THR E 2545 69.27 -45.06 -81.75
N GLU E 2546 68.10 -44.42 -81.88
CA GLU E 2546 67.54 -43.66 -80.77
C GLU E 2546 67.19 -44.54 -79.59
N MET E 2547 66.59 -45.70 -79.85
CA MET E 2547 66.15 -46.56 -78.76
C MET E 2547 67.33 -47.09 -77.96
N ALA E 2548 68.46 -47.36 -78.62
CA ALA E 2548 69.64 -47.81 -77.91
C ALA E 2548 70.14 -46.75 -76.93
N LEU E 2549 70.16 -45.49 -77.38
CA LEU E 2549 70.58 -44.40 -76.49
C LEU E 2549 69.60 -44.22 -75.35
N ALA E 2550 68.30 -44.32 -75.62
CA ALA E 2550 67.31 -44.21 -74.56
C ALA E 2550 67.47 -45.32 -73.53
N LEU E 2551 67.70 -46.55 -74.00
CA LEU E 2551 67.92 -47.67 -73.09
C LEU E 2551 69.18 -47.47 -72.27
N ASN E 2552 70.24 -46.95 -72.89
CA ASN E 2552 71.48 -46.69 -72.16
C ASN E 2552 71.24 -45.67 -71.05
N ARG E 2553 70.54 -44.59 -71.36
CA ARG E 2553 70.24 -43.58 -70.34
C ARG E 2553 69.39 -44.16 -69.22
N TYR E 2554 68.37 -44.94 -69.59
CA TYR E 2554 67.48 -45.53 -68.59
C TYR E 2554 68.25 -46.47 -67.67
N LEU E 2555 69.12 -47.30 -68.22
CA LEU E 2555 69.89 -48.24 -67.41
C LEU E 2555 70.88 -47.50 -66.52
N CYS E 2556 71.55 -46.48 -67.05
CA CYS E 2556 72.62 -45.84 -66.31
C CYS E 2556 72.10 -44.82 -65.29
N LEU E 2557 70.84 -44.40 -65.40
CA LEU E 2557 70.32 -43.40 -64.46
C LEU E 2557 69.49 -44.00 -63.34
N ALA E 2558 68.79 -45.11 -63.57
CA ALA E 2558 67.83 -45.63 -62.61
C ALA E 2558 68.17 -47.03 -62.11
N VAL E 2559 68.40 -47.99 -63.00
CA VAL E 2559 68.44 -49.39 -62.59
C VAL E 2559 69.74 -49.70 -61.87
N LEU E 2560 70.87 -49.44 -62.53
CA LEU E 2560 72.18 -49.87 -62.03
C LEU E 2560 72.52 -49.27 -60.67
N PRO E 2561 72.30 -47.98 -60.42
CA PRO E 2561 72.52 -47.47 -59.05
C PRO E 2561 71.67 -48.17 -58.00
N LEU E 2562 70.41 -48.48 -58.33
CA LEU E 2562 69.55 -49.18 -57.40
C LEU E 2562 70.07 -50.58 -57.10
N ILE E 2563 70.55 -51.28 -58.14
CA ILE E 2563 71.14 -52.61 -57.92
C ILE E 2563 72.41 -52.50 -57.09
N THR E 2564 73.22 -51.47 -57.35
CA THR E 2564 74.45 -51.27 -56.59
C THR E 2564 74.18 -51.04 -55.12
N LYS E 2565 73.16 -50.23 -54.81
CA LYS E 2565 72.83 -49.95 -53.41
C LYS E 2565 72.38 -51.21 -52.68
N CYS E 2566 71.80 -52.18 -53.39
CA CYS E 2566 71.29 -53.40 -52.77
C CYS E 2566 72.24 -54.59 -52.90
N ALA E 2567 73.53 -54.35 -53.08
CA ALA E 2567 74.49 -55.44 -53.22
C ALA E 2567 74.55 -56.37 -52.01
N PRO E 2568 74.63 -55.89 -50.76
CA PRO E 2568 74.81 -56.84 -49.63
C PRO E 2568 73.70 -57.86 -49.50
N LEU E 2569 72.57 -57.67 -50.18
CA LEU E 2569 71.48 -58.65 -50.14
C LEU E 2569 71.81 -59.92 -50.91
N PHE E 2570 72.92 -59.97 -51.64
CA PHE E 2570 73.23 -61.10 -52.51
C PHE E 2570 73.97 -62.23 -51.79
N ALA E 2571 74.17 -62.13 -50.48
CA ALA E 2571 74.84 -63.19 -49.75
C ALA E 2571 73.89 -64.37 -49.52
N GLY E 2572 74.37 -65.58 -49.79
CA GLY E 2572 73.58 -66.78 -49.54
C GLY E 2572 72.51 -67.07 -50.56
N THR E 2573 72.71 -66.71 -51.83
CA THR E 2573 71.71 -66.95 -52.86
C THR E 2573 72.02 -68.21 -53.66
N GLU E 2574 72.53 -69.24 -52.96
CA GLU E 2574 72.97 -70.45 -53.66
C GLU E 2574 71.84 -71.15 -54.39
N HIS E 2575 70.58 -70.87 -54.02
CA HIS E 2575 69.44 -71.56 -54.62
C HIS E 2575 69.03 -71.00 -55.98
N ARG E 2576 69.61 -69.88 -56.41
CA ARG E 2576 69.23 -69.24 -57.67
C ARG E 2576 70.42 -69.04 -58.59
N ALA E 2577 71.41 -69.93 -58.49
CA ALA E 2577 72.69 -69.74 -59.17
C ALA E 2577 72.51 -69.47 -60.66
N ILE E 2578 71.62 -70.22 -61.32
CA ILE E 2578 71.43 -70.09 -62.75
C ILE E 2578 71.10 -68.65 -63.13
N MET E 2579 70.25 -68.00 -62.33
CA MET E 2579 69.94 -66.60 -62.61
C MET E 2579 71.17 -65.71 -62.44
N VAL E 2580 71.93 -65.91 -61.36
CA VAL E 2580 72.98 -64.96 -61.00
C VAL E 2580 74.01 -64.87 -62.12
N ASP E 2581 74.45 -66.02 -62.62
CA ASP E 2581 75.41 -66.02 -63.73
C ASP E 2581 74.87 -65.23 -64.91
N SER E 2582 73.59 -65.42 -65.24
CA SER E 2582 73.00 -64.72 -66.37
C SER E 2582 73.10 -63.21 -66.19
N MET E 2583 73.06 -62.74 -64.94
CA MET E 2583 73.28 -61.32 -64.70
C MET E 2583 74.73 -60.95 -64.92
N LEU E 2584 75.65 -61.72 -64.34
CA LEU E 2584 77.06 -61.31 -64.30
C LEU E 2584 77.65 -61.22 -65.70
N HIS E 2585 77.22 -62.10 -66.60
CA HIS E 2585 77.64 -61.96 -67.99
C HIS E 2585 77.12 -60.67 -68.59
N THR E 2586 75.81 -60.42 -68.48
CA THR E 2586 75.19 -59.34 -69.23
C THR E 2586 75.80 -57.99 -68.89
N VAL E 2587 75.87 -57.67 -67.60
CA VAL E 2587 76.46 -56.40 -67.18
C VAL E 2587 77.90 -56.31 -67.70
N TYR E 2588 78.65 -57.41 -67.65
CA TYR E 2588 80.00 -57.39 -68.16
C TYR E 2588 80.02 -56.99 -69.63
N ARG E 2589 79.12 -57.56 -70.43
CA ARG E 2589 79.03 -57.17 -71.83
C ARG E 2589 78.69 -55.69 -71.96
N LEU E 2590 77.82 -55.19 -71.09
CA LEU E 2590 77.48 -53.76 -71.11
C LEU E 2590 78.71 -52.91 -70.85
N SER E 2591 79.69 -53.44 -70.12
CA SER E 2591 80.91 -52.69 -69.85
C SER E 2591 81.77 -52.51 -71.10
N ARG E 2592 81.53 -53.31 -72.14
CA ARG E 2592 82.34 -53.25 -73.35
C ARG E 2592 81.58 -52.65 -74.54
N GLY E 2593 80.57 -51.83 -74.28
CA GLY E 2593 79.87 -51.19 -75.37
C GLY E 2593 80.72 -50.17 -76.09
N ARG E 2594 80.34 -49.86 -77.33
CA ARG E 2594 81.13 -48.94 -78.14
C ARG E 2594 80.65 -47.50 -77.99
N SER E 2595 79.34 -47.27 -78.09
CA SER E 2595 78.78 -45.92 -78.05
C SER E 2595 78.27 -45.59 -76.66
N LEU E 2596 79.21 -45.42 -75.73
CA LEU E 2596 78.92 -45.06 -74.35
C LEU E 2596 79.83 -43.93 -73.90
N THR E 2597 79.26 -42.98 -73.15
CA THR E 2597 80.06 -41.91 -72.57
C THR E 2597 80.88 -42.45 -71.40
N LYS E 2598 81.81 -41.62 -70.93
CA LYS E 2598 82.71 -42.05 -69.86
C LYS E 2598 81.96 -42.28 -68.56
N ALA E 2599 80.99 -41.41 -68.24
CA ALA E 2599 80.27 -41.55 -66.98
C ALA E 2599 79.47 -42.84 -66.93
N GLN E 2600 78.83 -43.22 -68.03
CA GLN E 2600 78.08 -44.47 -68.06
C GLN E 2600 78.99 -45.67 -67.88
N ARG E 2601 80.16 -45.65 -68.52
CA ARG E 2601 81.12 -46.73 -68.33
C ARG E 2601 81.59 -46.81 -66.88
N ASP E 2602 81.84 -45.65 -66.26
CA ASP E 2602 82.23 -45.62 -64.86
C ASP E 2602 81.14 -46.22 -63.98
N VAL E 2603 79.88 -45.86 -64.25
CA VAL E 2603 78.77 -46.39 -63.46
C VAL E 2603 78.68 -47.91 -63.60
N ILE E 2604 78.81 -48.41 -64.83
CA ILE E 2604 78.71 -49.85 -65.06
C ILE E 2604 79.85 -50.59 -64.36
N GLU E 2605 81.08 -50.07 -64.49
CA GLU E 2605 82.22 -50.70 -63.84
C GLU E 2605 82.06 -50.71 -62.33
N GLU E 2606 81.59 -49.58 -61.76
CA GLU E 2606 81.36 -49.53 -60.32
C GLU E 2606 80.31 -50.52 -59.88
N CYS E 2607 79.23 -50.66 -60.65
CA CYS E 2607 78.19 -51.62 -60.32
C CYS E 2607 78.74 -53.04 -60.33
N LEU E 2608 79.53 -53.38 -61.35
CA LEU E 2608 80.12 -54.72 -61.41
C LEU E 2608 81.05 -54.96 -60.24
N MET E 2609 81.91 -53.99 -59.93
CA MET E 2609 82.87 -54.16 -58.83
C MET E 2609 82.15 -54.31 -57.50
N ALA E 2610 81.07 -53.56 -57.29
CA ALA E 2610 80.28 -53.71 -56.08
C ALA E 2610 79.61 -55.07 -56.02
N LEU E 2611 79.11 -55.55 -57.16
CA LEU E 2611 78.44 -56.85 -57.18
C LEU E 2611 79.40 -57.98 -56.83
N CYS E 2612 80.63 -57.91 -57.36
CA CYS E 2612 81.57 -59.02 -57.16
C CYS E 2612 82.07 -59.12 -55.73
N ARG E 2613 81.80 -58.12 -54.88
CA ARG E 2613 82.37 -58.10 -53.54
C ARG E 2613 81.62 -58.99 -52.57
N TYR E 2614 80.38 -59.37 -52.86
CA TYR E 2614 79.56 -60.10 -51.92
C TYR E 2614 79.13 -61.48 -52.38
N ILE E 2615 79.37 -61.85 -53.64
CA ILE E 2615 78.99 -63.17 -54.12
C ILE E 2615 79.96 -64.20 -53.56
N ARG E 2616 79.45 -65.42 -53.35
CA ARG E 2616 80.30 -66.51 -52.89
C ARG E 2616 81.38 -66.81 -53.95
N PRO E 2617 82.58 -67.17 -53.51
CA PRO E 2617 83.66 -67.44 -54.49
C PRO E 2617 83.35 -68.55 -55.47
N SER E 2618 82.57 -69.55 -55.07
CA SER E 2618 82.27 -70.66 -55.96
C SER E 2618 81.30 -70.29 -57.07
N MET E 2619 80.68 -69.12 -57.01
CA MET E 2619 79.71 -68.70 -58.01
C MET E 2619 80.31 -67.86 -59.12
N LEU E 2620 81.60 -67.57 -59.08
CA LEU E 2620 82.23 -66.69 -60.05
C LEU E 2620 83.07 -67.43 -61.07
N GLN E 2621 82.84 -68.74 -61.26
CA GLN E 2621 83.71 -69.54 -62.11
C GLN E 2621 83.60 -69.16 -63.58
N HIS E 2622 82.37 -68.96 -64.07
CA HIS E 2622 82.19 -68.65 -65.49
C HIS E 2622 82.74 -67.27 -65.84
N LEU E 2623 82.55 -66.29 -64.96
CA LEU E 2623 83.16 -64.98 -65.19
C LEU E 2623 84.67 -65.07 -65.22
N LEU E 2624 85.25 -65.90 -64.35
CA LEU E 2624 86.70 -66.13 -64.39
C LEU E 2624 87.10 -66.78 -65.71
N ARG E 2625 86.29 -67.71 -66.21
CA ARG E 2625 86.59 -68.35 -67.49
C ARG E 2625 86.63 -67.32 -68.62
N ARG E 2626 85.66 -66.41 -68.63
CA ARG E 2626 85.66 -65.35 -69.64
C ARG E 2626 86.86 -64.41 -69.45
N LEU E 2627 87.18 -64.07 -68.21
CA LEU E 2627 88.29 -63.16 -67.94
C LEU E 2627 89.62 -63.77 -68.36
N VAL E 2628 89.77 -65.08 -68.21
CA VAL E 2628 91.01 -65.75 -68.60
C VAL E 2628 91.26 -65.55 -70.09
N PHE E 2629 90.21 -65.60 -70.91
CA PHE E 2629 90.37 -65.32 -72.33
C PHE E 2629 90.61 -63.84 -72.59
N ASP E 2630 89.87 -62.97 -71.91
CA ASP E 2630 89.90 -61.55 -72.28
C ASP E 2630 91.18 -60.85 -71.84
N VAL E 2631 91.62 -61.07 -70.60
CA VAL E 2631 92.64 -60.22 -69.96
C VAL E 2631 94.01 -60.27 -70.63
N PRO E 2632 94.62 -61.44 -70.88
CA PRO E 2632 96.07 -61.47 -71.17
C PRO E 2632 96.49 -60.76 -72.45
N ILE E 2633 95.57 -60.17 -73.21
CA ILE E 2633 95.96 -59.40 -74.38
C ILE E 2633 96.51 -58.03 -73.99
N LEU E 2634 96.08 -57.49 -72.85
CA LEU E 2634 96.57 -56.21 -72.33
C LEU E 2634 96.31 -55.07 -73.32
N ASN E 2635 95.06 -54.92 -73.73
CA ASN E 2635 94.67 -53.80 -74.58
C ASN E 2635 94.37 -52.58 -73.72
N GLU E 2636 93.82 -51.55 -74.36
CA GLU E 2636 93.37 -50.37 -73.62
C GLU E 2636 92.12 -50.65 -72.81
N PHE E 2637 91.40 -51.74 -73.10
CA PHE E 2637 90.20 -52.10 -72.38
C PHE E 2637 90.47 -52.89 -71.11
N ALA E 2638 91.72 -53.24 -70.83
CA ALA E 2638 92.05 -54.13 -69.73
C ALA E 2638 92.31 -53.40 -68.41
N LYS E 2639 92.14 -52.08 -68.38
CA LYS E 2639 92.38 -51.34 -67.14
C LYS E 2639 91.42 -51.77 -66.04
N MET E 2640 90.15 -51.98 -66.38
CA MET E 2640 89.16 -52.31 -65.35
C MET E 2640 89.26 -53.77 -64.91
N PRO E 2641 89.34 -54.77 -65.81
CA PRO E 2641 89.33 -56.17 -65.33
C PRO E 2641 90.42 -56.49 -64.32
N LEU E 2642 91.64 -55.98 -64.54
CA LEU E 2642 92.75 -56.31 -63.64
C LEU E 2642 92.40 -55.98 -62.19
N LYS E 2643 91.95 -54.75 -61.95
CA LYS E 2643 91.54 -54.35 -60.60
C LYS E 2643 90.57 -55.36 -60.01
N LEU E 2644 89.58 -55.79 -60.79
CA LEU E 2644 88.62 -56.77 -60.31
C LEU E 2644 89.33 -57.99 -59.75
N LEU E 2645 90.22 -58.59 -60.55
CA LEU E 2645 90.94 -59.76 -60.08
C LEU E 2645 91.75 -59.44 -58.84
N THR E 2646 92.35 -58.24 -58.80
CA THR E 2646 93.15 -57.84 -57.65
C THR E 2646 92.30 -57.85 -56.39
N ASN E 2647 91.03 -57.44 -56.50
CA ASN E 2647 90.18 -57.42 -55.31
C ASN E 2647 89.66 -58.81 -54.98
N HIS E 2648 89.66 -59.72 -55.95
CA HIS E 2648 89.09 -61.04 -55.71
C HIS E 2648 90.07 -61.91 -54.91
N TYR E 2649 91.25 -62.15 -55.47
CA TYR E 2649 92.19 -63.07 -54.85
C TYR E 2649 92.69 -62.55 -53.51
N GLU E 2650 92.71 -61.23 -53.33
CA GLU E 2650 93.09 -60.67 -52.03
C GLU E 2650 92.05 -60.99 -50.96
N ARG E 2651 90.79 -61.16 -51.35
CA ARG E 2651 89.74 -61.41 -50.38
C ARG E 2651 89.58 -62.90 -50.10
N CYS E 2652 89.71 -63.74 -51.13
CA CYS E 2652 89.41 -65.16 -51.03
C CYS E 2652 90.65 -66.03 -51.13
N TRP E 2653 91.77 -65.62 -50.51
CA TRP E 2653 93.00 -66.40 -50.60
C TRP E 2653 92.90 -67.70 -49.79
N LYS E 2654 92.17 -67.68 -48.67
CA LYS E 2654 91.98 -68.90 -47.90
C LYS E 2654 91.19 -69.94 -48.68
N TYR E 2655 90.31 -69.51 -49.57
CA TYR E 2655 89.50 -70.46 -50.33
C TYR E 2655 90.36 -71.29 -51.27
N TYR E 2656 91.48 -70.75 -51.71
CA TYR E 2656 92.34 -71.45 -52.65
C TYR E 2656 93.58 -72.06 -51.99
N CYS E 2657 94.05 -71.49 -50.88
CA CYS E 2657 95.32 -71.91 -50.31
C CYS E 2657 95.18 -73.06 -49.31
N LEU E 2658 94.43 -72.84 -48.24
CA LEU E 2658 94.39 -73.79 -47.13
C LEU E 2658 93.71 -75.08 -47.54
N PRO E 2659 94.20 -76.23 -47.08
CA PRO E 2659 93.53 -77.50 -47.39
C PRO E 2659 92.11 -77.57 -46.85
N THR E 2660 91.84 -76.98 -45.69
CA THR E 2660 90.49 -76.95 -45.14
C THR E 2660 89.63 -75.85 -45.76
N GLY E 2661 90.24 -74.94 -46.51
CA GLY E 2661 89.48 -73.90 -47.18
C GLY E 2661 88.98 -72.83 -46.22
N TRP E 2662 88.03 -72.04 -46.72
CA TRP E 2662 87.44 -70.94 -45.97
C TRP E 2662 86.22 -71.45 -45.24
N ALA E 2663 86.00 -70.94 -44.01
CA ALA E 2663 84.89 -71.39 -43.19
C ALA E 2663 83.56 -71.06 -43.85
N ASN E 2664 82.69 -72.05 -43.95
CA ASN E 2664 81.35 -71.97 -44.54
C ASN E 2664 81.35 -71.74 -46.04
N PHE E 2665 82.52 -71.74 -46.69
CA PHE E 2665 82.60 -71.59 -48.13
C PHE E 2665 83.19 -72.80 -48.85
N GLY E 2666 83.72 -73.78 -48.11
CA GLY E 2666 84.25 -74.97 -48.75
C GLY E 2666 85.67 -74.79 -49.27
N VAL E 2667 86.02 -75.64 -50.23
CA VAL E 2667 87.35 -75.64 -50.82
C VAL E 2667 87.23 -75.54 -52.33
N THR E 2668 88.31 -75.11 -52.97
CA THR E 2668 88.31 -74.94 -54.41
C THR E 2668 88.38 -76.29 -55.13
N SER E 2669 88.12 -76.26 -56.43
CA SER E 2669 88.24 -77.45 -57.26
C SER E 2669 89.47 -77.36 -58.14
N GLU E 2670 89.72 -78.44 -58.89
CA GLU E 2670 90.90 -78.51 -59.74
C GLU E 2670 90.83 -77.49 -60.87
N GLU E 2671 89.65 -77.31 -61.47
CA GLU E 2671 89.52 -76.43 -62.63
C GLU E 2671 89.82 -74.98 -62.28
N GLU E 2672 89.40 -74.54 -61.09
CA GLU E 2672 89.68 -73.17 -60.68
C GLU E 2672 91.18 -72.92 -60.53
N LEU E 2673 91.88 -73.87 -59.92
CA LEU E 2673 93.33 -73.75 -59.79
C LEU E 2673 94.01 -73.75 -61.14
N HIS E 2674 93.54 -74.61 -62.05
CA HIS E 2674 94.10 -74.62 -63.40
C HIS E 2674 93.90 -73.28 -64.10
N LEU E 2675 92.72 -72.71 -63.98
CA LEU E 2675 92.44 -71.41 -64.58
C LEU E 2675 93.33 -70.33 -63.97
N THR E 2676 93.52 -70.36 -62.66
CA THR E 2676 94.37 -69.37 -62.01
C THR E 2676 95.81 -69.47 -62.49
N ARG E 2677 96.33 -70.70 -62.59
CA ARG E 2677 97.70 -70.88 -63.07
C ARG E 2677 97.84 -70.40 -64.51
N LYS E 2678 96.87 -70.74 -65.36
CA LYS E 2678 96.92 -70.28 -66.75
C LYS E 2678 96.89 -68.76 -66.83
N LEU E 2679 96.03 -68.12 -66.04
CA LEU E 2679 95.95 -66.67 -66.04
C LEU E 2679 97.27 -66.04 -65.60
N PHE E 2680 97.86 -66.57 -64.53
CA PHE E 2680 99.13 -66.03 -64.05
C PHE E 2680 100.21 -66.13 -65.10
N TRP E 2681 100.38 -67.32 -65.68
CA TRP E 2681 101.46 -67.49 -66.65
C TRP E 2681 101.21 -66.68 -67.91
N GLY E 2682 99.95 -66.59 -68.35
CA GLY E 2682 99.65 -65.78 -69.52
C GLY E 2682 99.96 -64.30 -69.30
N ILE E 2683 99.56 -63.77 -68.14
CA ILE E 2683 99.84 -62.38 -67.85
C ILE E 2683 101.35 -62.14 -67.77
N PHE E 2684 102.08 -63.05 -67.11
CA PHE E 2684 103.52 -62.88 -66.99
C PHE E 2684 104.19 -62.87 -68.37
N ASP E 2685 103.84 -63.85 -69.22
CA ASP E 2685 104.46 -63.93 -70.54
C ASP E 2685 104.10 -62.72 -71.39
N SER E 2686 102.84 -62.26 -71.32
CA SER E 2686 102.43 -61.09 -72.09
C SER E 2686 103.17 -59.84 -71.64
N LEU E 2687 103.30 -59.65 -70.33
CA LEU E 2687 103.98 -58.46 -69.82
C LEU E 2687 105.49 -58.52 -70.01
N ALA E 2688 106.04 -59.72 -70.25
CA ALA E 2688 107.49 -59.83 -70.46
C ALA E 2688 107.94 -59.04 -71.68
N HIS E 2689 107.18 -59.10 -72.78
CA HIS E 2689 107.62 -58.53 -74.04
C HIS E 2689 107.15 -57.10 -74.28
N LYS E 2690 106.17 -56.62 -73.52
CA LYS E 2690 105.59 -55.31 -73.79
C LYS E 2690 106.59 -54.19 -73.50
N LYS E 2691 106.44 -53.10 -74.23
CA LYS E 2691 107.26 -51.92 -74.01
C LYS E 2691 106.87 -51.24 -72.71
N TYR E 2692 107.75 -50.36 -72.23
CA TYR E 2692 107.55 -49.72 -70.94
C TYR E 2692 106.36 -48.76 -70.98
N ASP E 2693 105.55 -48.82 -69.92
CA ASP E 2693 104.43 -47.90 -69.72
C ASP E 2693 104.15 -47.84 -68.22
N PRO E 2694 104.37 -46.68 -67.57
CA PRO E 2694 104.20 -46.63 -66.11
C PRO E 2694 102.82 -47.03 -65.63
N GLU E 2695 101.77 -46.60 -66.32
CA GLU E 2695 100.40 -46.93 -65.90
C GLU E 2695 100.16 -48.43 -65.99
N LEU E 2696 100.60 -49.07 -67.07
CA LEU E 2696 100.41 -50.50 -67.23
C LEU E 2696 101.10 -51.27 -66.12
N TYR E 2697 102.34 -50.91 -65.81
CA TYR E 2697 103.07 -51.59 -64.74
C TYR E 2697 102.40 -51.38 -63.39
N ARG E 2698 101.98 -50.15 -63.10
CA ARG E 2698 101.32 -49.86 -61.83
C ARG E 2698 100.02 -50.65 -61.69
N MET E 2699 99.29 -50.82 -62.80
CA MET E 2699 98.05 -51.58 -62.75
C MET E 2699 98.29 -53.08 -62.67
N ALA E 2700 99.39 -53.57 -63.26
CA ALA E 2700 99.58 -55.00 -63.41
C ALA E 2700 100.31 -55.64 -62.23
N MET E 2701 101.22 -54.90 -61.57
CA MET E 2701 102.03 -55.52 -60.51
C MET E 2701 101.18 -56.07 -59.36
N PRO E 2702 100.25 -55.32 -58.77
CA PRO E 2702 99.46 -55.90 -57.67
C PRO E 2702 98.67 -57.13 -58.07
N CYS E 2703 98.17 -57.18 -59.30
CA CYS E 2703 97.42 -58.35 -59.75
C CYS E 2703 98.30 -59.59 -59.76
N LEU E 2704 99.53 -59.45 -60.27
CA LEU E 2704 100.45 -60.59 -60.26
C LEU E 2704 100.77 -61.01 -58.83
N CYS E 2705 101.02 -60.04 -57.94
CA CYS E 2705 101.32 -60.40 -56.56
C CYS E 2705 100.15 -61.14 -55.91
N ALA E 2706 98.93 -60.66 -56.11
CA ALA E 2706 97.77 -61.32 -55.51
C ALA E 2706 97.57 -62.72 -56.06
N ILE E 2707 97.68 -62.88 -57.38
CA ILE E 2707 97.50 -64.20 -57.97
C ILE E 2707 98.57 -65.17 -57.49
N ALA E 2708 99.82 -64.69 -57.40
CA ALA E 2708 100.89 -65.56 -56.90
C ALA E 2708 100.65 -65.94 -55.45
N GLY E 2709 100.19 -65.00 -54.62
CA GLY E 2709 99.96 -65.29 -53.22
C GLY E 2709 98.75 -66.16 -52.96
N ALA E 2710 97.80 -66.21 -53.90
CA ALA E 2710 96.59 -66.99 -53.70
C ALA E 2710 96.75 -68.45 -54.12
N LEU E 2711 97.91 -68.85 -54.65
CA LEU E 2711 98.06 -70.20 -55.19
C LEU E 2711 98.95 -71.04 -54.28
N PRO E 2712 98.58 -72.29 -54.03
CA PRO E 2712 99.43 -73.18 -53.22
C PRO E 2712 100.78 -73.39 -53.90
N PRO E 2713 101.86 -73.50 -53.11
CA PRO E 2713 103.19 -73.64 -53.72
C PRO E 2713 103.46 -75.01 -54.30
N ASP E 2714 102.80 -76.05 -53.80
CA ASP E 2714 103.06 -77.42 -54.24
C ASP E 2714 101.99 -77.95 -55.19
N TYR E 2715 101.15 -77.08 -55.74
CA TYR E 2715 100.10 -77.53 -56.65
C TYR E 2715 100.70 -78.11 -57.92
N VAL E 2716 100.14 -79.23 -58.38
CA VAL E 2716 100.57 -79.90 -59.60
C VAL E 2716 99.37 -79.99 -60.53
N ASP E 2717 99.52 -79.46 -61.74
CA ASP E 2717 98.44 -79.48 -62.71
C ASP E 2717 98.34 -80.85 -63.36
N ALA E 2718 97.11 -81.38 -63.45
CA ALA E 2718 96.89 -82.68 -64.05
C ALA E 2718 97.08 -82.63 -65.57
N ASN E 2735 88.78 -68.36 -78.02
CA ASN E 2735 89.34 -68.54 -79.36
C ASN E 2735 89.38 -70.03 -79.76
N PHE E 2736 88.24 -70.77 -79.50
CA PHE E 2736 88.05 -72.22 -79.71
C PHE E 2736 88.22 -72.69 -81.17
N ASP E 2737 89.33 -73.39 -81.42
CA ASP E 2737 89.63 -73.99 -82.71
C ASP E 2737 89.73 -75.53 -82.48
N PRO E 2738 88.57 -76.27 -82.47
CA PRO E 2738 88.64 -77.72 -82.24
C PRO E 2738 89.32 -78.48 -83.37
N ARG E 2739 90.39 -79.18 -83.03
CA ARG E 2739 91.14 -79.98 -83.99
C ARG E 2739 91.11 -81.46 -83.54
N PRO E 2740 90.00 -82.20 -83.81
CA PRO E 2740 89.98 -83.62 -83.43
C PRO E 2740 90.96 -84.39 -84.31
N VAL E 2741 91.41 -85.56 -83.85
CA VAL E 2741 92.38 -86.38 -84.59
C VAL E 2741 91.75 -86.82 -85.93
N GLU E 2742 92.55 -86.87 -87.01
CA GLU E 2742 92.06 -87.26 -88.34
C GLU E 2742 91.83 -88.77 -88.37
N THR E 2743 90.59 -89.18 -88.64
CA THR E 2743 90.19 -90.60 -88.65
C THR E 2743 89.75 -91.13 -90.05
N LEU E 2744 89.44 -90.25 -91.02
CA LEU E 2744 88.94 -90.63 -92.35
C LEU E 2744 89.75 -91.73 -93.08
N ASN E 2745 91.09 -91.68 -93.02
CA ASN E 2745 91.95 -92.66 -93.69
C ASN E 2745 92.39 -93.81 -92.75
N VAL E 2746 91.87 -93.86 -91.50
CA VAL E 2746 92.23 -94.88 -90.49
C VAL E 2746 91.47 -96.18 -90.77
N ILE E 2747 92.21 -97.28 -90.95
CA ILE E 2747 91.66 -98.61 -91.19
C ILE E 2747 91.61 -99.39 -89.86
N ILE E 2748 90.43 -99.92 -89.50
CA ILE E 2748 90.30 -100.73 -88.29
C ILE E 2748 90.61 -102.19 -88.71
N PRO E 2749 91.49 -102.94 -87.99
CA PRO E 2749 91.73 -104.34 -88.37
C PRO E 2749 90.43 -105.13 -88.26
N GLU E 2750 90.19 -106.01 -89.24
CA GLU E 2750 89.03 -106.89 -89.36
C GLU E 2750 88.80 -107.74 -88.13
N LYS E 2751 89.88 -108.09 -87.38
CA LYS E 2751 89.80 -108.89 -86.16
C LYS E 2751 88.99 -108.17 -85.03
N LEU E 2752 88.74 -106.84 -85.16
CA LEU E 2752 87.96 -106.06 -84.21
C LEU E 2752 86.44 -106.03 -84.56
N ASP E 2753 86.03 -106.57 -85.74
CA ASP E 2753 84.62 -106.61 -86.20
C ASP E 2753 83.67 -107.28 -85.21
N SER E 2754 84.11 -108.37 -84.56
CA SER E 2754 83.32 -109.12 -83.60
C SER E 2754 83.12 -108.28 -82.36
N PHE E 2755 84.20 -107.57 -81.91
CA PHE E 2755 84.17 -106.65 -80.78
C PHE E 2755 83.16 -105.51 -81.05
N ILE E 2756 83.21 -104.90 -82.27
CA ILE E 2756 82.33 -103.81 -82.73
C ILE E 2756 80.85 -104.25 -82.64
N ASN E 2757 80.54 -105.46 -83.18
CA ASN E 2757 79.22 -106.10 -83.16
C ASN E 2757 78.70 -106.34 -81.74
N LYS E 2758 79.57 -106.87 -80.82
CA LYS E 2758 79.23 -107.16 -79.41
C LYS E 2758 78.95 -105.88 -78.67
N PHE E 2759 79.80 -104.84 -78.86
CA PHE E 2759 79.62 -103.55 -78.18
C PHE E 2759 78.40 -102.82 -78.73
N ALA E 2760 78.09 -102.95 -80.04
CA ALA E 2760 76.89 -102.33 -80.66
C ALA E 2760 75.63 -102.92 -80.06
N GLU E 2761 75.59 -104.27 -79.92
CA GLU E 2761 74.45 -104.95 -79.31
C GLU E 2761 74.33 -104.52 -77.85
N TYR E 2762 75.47 -104.44 -77.13
CA TYR E 2762 75.47 -103.99 -75.73
C TYR E 2762 74.87 -102.59 -75.60
N THR E 2763 75.36 -101.63 -76.42
CA THR E 2763 74.92 -100.22 -76.47
C THR E 2763 73.39 -100.17 -76.67
N HIS E 2764 72.86 -100.96 -77.63
CA HIS E 2764 71.42 -101.08 -77.92
C HIS E 2764 70.68 -101.59 -76.69
N GLU E 2765 71.12 -102.72 -76.13
CA GLU E 2765 70.54 -103.37 -74.96
C GLU E 2765 70.47 -102.43 -73.77
N LYS E 2766 71.53 -101.59 -73.54
CA LYS E 2766 71.59 -100.60 -72.47
C LYS E 2766 70.56 -99.49 -72.71
N TRP E 2767 70.51 -98.96 -73.95
CA TRP E 2767 69.53 -97.94 -74.35
C TRP E 2767 68.09 -98.49 -74.20
N ALA E 2768 67.87 -99.75 -74.65
CA ALA E 2768 66.58 -100.41 -74.59
C ALA E 2768 66.15 -100.67 -73.16
N PHE E 2769 67.08 -101.19 -72.30
CA PHE E 2769 66.86 -101.48 -70.88
C PHE E 2769 66.35 -100.23 -70.13
N ASP E 2770 67.08 -99.10 -70.27
CA ASP E 2770 66.74 -97.82 -69.63
C ASP E 2770 65.34 -97.35 -69.99
N LYS E 2771 64.95 -97.47 -71.28
CA LYS E 2771 63.64 -97.10 -71.82
C LYS E 2771 62.52 -98.04 -71.28
N ILE E 2772 62.70 -99.38 -71.40
CA ILE E 2772 61.76 -100.42 -70.95
C ILE E 2772 61.48 -100.33 -69.42
N GLN E 2773 62.51 -99.95 -68.62
CA GLN E 2773 62.39 -99.74 -67.17
C GLN E 2773 61.70 -98.40 -66.87
N ASN E 2774 61.75 -97.49 -67.85
CA ASN E 2774 61.01 -96.20 -67.73
C ASN E 2774 59.63 -96.42 -68.36
N ASN E 2775 59.26 -97.68 -68.62
CA ASN E 2775 57.91 -98.13 -69.13
C ASN E 2775 57.68 -97.85 -70.64
N TRP E 2776 58.76 -97.82 -71.42
CA TRP E 2776 58.62 -97.64 -72.89
C TRP E 2776 58.47 -99.02 -73.54
N SER E 2777 57.69 -99.12 -74.63
CA SER E 2777 57.44 -100.39 -75.29
C SER E 2777 57.51 -100.26 -76.82
N TYR E 2778 57.57 -101.39 -77.55
CA TYR E 2778 57.62 -101.40 -79.01
C TYR E 2778 56.28 -100.91 -79.59
N GLY E 2779 56.36 -100.29 -80.76
CA GLY E 2779 55.26 -99.76 -81.54
C GLY E 2779 55.81 -99.02 -82.75
N GLU E 2780 55.07 -99.07 -83.87
CA GLU E 2780 55.42 -98.48 -85.18
C GLU E 2780 56.02 -97.06 -85.12
N ASN E 2781 55.48 -96.19 -84.23
CA ASN E 2781 55.86 -94.78 -84.08
C ASN E 2781 56.72 -94.45 -82.86
N ILE E 2782 57.44 -93.30 -82.94
CA ILE E 2782 58.19 -92.67 -81.86
C ILE E 2782 57.33 -91.66 -81.12
N ASP E 2783 56.62 -92.11 -80.06
CA ASP E 2783 55.69 -91.24 -79.32
C ASP E 2783 56.11 -91.05 -77.86
N GLU E 2784 56.43 -89.79 -77.51
CA GLU E 2784 56.88 -89.34 -76.18
C GLU E 2784 55.78 -89.49 -75.12
N GLU E 2785 54.51 -89.26 -75.51
CA GLU E 2785 53.36 -89.35 -74.62
C GLU E 2785 52.98 -90.79 -74.29
N LEU E 2786 52.76 -91.64 -75.32
CA LEU E 2786 52.35 -93.04 -75.20
C LEU E 2786 53.52 -94.00 -74.82
N LYS E 2787 54.78 -93.48 -74.74
CA LYS E 2787 56.02 -94.21 -74.42
C LYS E 2787 56.26 -95.37 -75.43
N THR E 2788 56.30 -95.05 -76.73
CA THR E 2788 56.50 -96.06 -77.75
C THR E 2788 57.68 -95.67 -78.70
N HIS E 2789 58.45 -96.69 -79.15
CA HIS E 2789 59.61 -96.54 -80.04
C HIS E 2789 59.77 -97.82 -80.89
N PRO E 2790 59.92 -97.72 -82.25
CA PRO E 2790 60.05 -98.95 -83.07
C PRO E 2790 61.38 -99.68 -82.92
N MET E 2791 62.37 -99.09 -82.25
CA MET E 2791 63.68 -99.71 -82.06
C MET E 2791 63.76 -100.53 -80.78
N LEU E 2792 62.67 -100.56 -79.98
CA LEU E 2792 62.61 -101.34 -78.74
C LEU E 2792 62.27 -102.80 -79.09
N ARG E 2793 63.25 -103.44 -79.76
CA ARG E 2793 63.21 -104.82 -80.25
C ARG E 2793 64.61 -105.46 -80.20
N PRO E 2794 64.80 -106.79 -80.32
CA PRO E 2794 66.17 -107.34 -80.26
C PRO E 2794 67.08 -106.81 -81.37
N TYR E 2795 68.39 -106.62 -81.06
CA TYR E 2795 69.41 -106.13 -81.99
C TYR E 2795 69.55 -107.05 -83.21
N LYS E 2796 69.21 -108.35 -83.03
CA LYS E 2796 69.21 -109.41 -84.04
C LYS E 2796 68.17 -109.13 -85.14
N THR E 2797 67.09 -108.40 -84.79
CA THR E 2797 66.01 -108.05 -85.71
C THR E 2797 66.35 -106.84 -86.59
N PHE E 2798 67.49 -106.17 -86.33
CA PHE E 2798 67.93 -105.02 -87.13
C PHE E 2798 68.67 -105.48 -88.36
N SER E 2799 68.57 -104.71 -89.44
CA SER E 2799 69.31 -105.00 -90.68
C SER E 2799 70.75 -104.50 -90.44
N GLU E 2800 71.71 -104.88 -91.31
CA GLU E 2800 73.11 -104.45 -91.20
C GLU E 2800 73.23 -102.91 -91.27
N LYS E 2801 72.47 -102.25 -92.17
CA LYS E 2801 72.42 -100.79 -92.34
C LYS E 2801 71.87 -100.15 -91.06
N ASP E 2802 70.80 -100.73 -90.46
CA ASP E 2802 70.22 -100.25 -89.19
C ASP E 2802 71.20 -100.38 -88.02
N LYS E 2803 71.99 -101.47 -88.00
CA LYS E 2803 73.02 -101.71 -86.95
C LYS E 2803 74.10 -100.62 -86.95
N GLU E 2804 74.22 -99.86 -88.08
CA GLU E 2804 75.18 -98.75 -88.21
C GLU E 2804 74.84 -97.59 -87.29
N ILE E 2805 73.57 -97.46 -86.82
CA ILE E 2805 73.18 -96.46 -85.81
C ILE E 2805 74.13 -96.65 -84.60
N TYR E 2806 74.50 -97.92 -84.28
CA TYR E 2806 75.39 -98.21 -83.14
C TYR E 2806 76.86 -98.38 -83.54
N ARG E 2807 77.12 -99.05 -84.66
CA ARG E 2807 78.53 -99.33 -85.09
C ARG E 2807 79.27 -98.06 -85.51
N TRP E 2808 78.60 -97.13 -86.20
CA TRP E 2808 79.27 -95.89 -86.72
C TRP E 2808 79.89 -95.07 -85.57
N PRO E 2809 79.22 -94.80 -84.44
CA PRO E 2809 79.88 -94.10 -83.32
C PRO E 2809 81.06 -94.90 -82.73
N ILE E 2810 80.93 -96.23 -82.66
CA ILE E 2810 81.99 -97.10 -82.03
C ILE E 2810 83.25 -97.08 -82.90
N LYS E 2811 83.09 -97.28 -84.22
CA LYS E 2811 84.27 -97.32 -85.12
C LYS E 2811 85.04 -95.99 -85.02
N GLU E 2812 84.32 -94.87 -85.05
CA GLU E 2812 84.90 -93.53 -84.89
C GLU E 2812 85.75 -93.45 -83.66
N SER E 2813 85.28 -94.04 -82.55
CA SER E 2813 86.03 -94.12 -81.28
C SER E 2813 87.29 -94.96 -81.51
N LEU E 2814 87.12 -96.15 -82.10
CA LEU E 2814 88.22 -97.07 -82.39
C LEU E 2814 89.26 -96.47 -83.32
N LYS E 2815 88.80 -95.74 -84.35
CA LYS E 2815 89.67 -95.04 -85.31
C LYS E 2815 90.54 -94.01 -84.62
N ALA E 2816 89.95 -93.24 -83.66
CA ALA E 2816 90.68 -92.21 -82.87
C ALA E 2816 91.81 -92.88 -82.05
N MET E 2817 91.50 -94.02 -81.40
CA MET E 2817 92.44 -94.80 -80.60
C MET E 2817 93.61 -95.30 -81.49
N ILE E 2818 93.28 -95.79 -82.70
CA ILE E 2818 94.27 -96.28 -83.67
C ILE E 2818 95.12 -95.12 -84.20
N ALA E 2819 94.51 -93.95 -84.55
CA ALA E 2819 95.26 -92.78 -85.03
C ALA E 2819 96.30 -92.32 -83.96
N TRP E 2820 95.98 -92.46 -82.66
CA TRP E 2820 96.89 -92.12 -81.56
C TRP E 2820 97.93 -93.22 -81.29
N GLU E 2821 97.93 -94.30 -82.09
CA GLU E 2821 98.84 -95.45 -81.99
C GLU E 2821 98.72 -96.16 -80.64
N TRP E 2822 97.47 -96.21 -80.11
CA TRP E 2822 97.18 -96.96 -78.90
C TRP E 2822 97.06 -98.41 -79.36
N THR E 2823 97.41 -99.35 -78.48
CA THR E 2823 97.31 -100.78 -78.78
C THR E 2823 96.01 -101.33 -78.21
N ILE E 2824 95.33 -102.18 -79.00
CA ILE E 2824 94.09 -102.87 -78.64
C ILE E 2824 94.36 -104.35 -78.98
N GLU E 2825 94.60 -105.18 -77.96
CA GLU E 2825 94.92 -106.60 -78.18
C GLU E 2825 94.17 -107.50 -77.22
N LYS E 2826 93.56 -108.58 -77.75
CA LYS E 2826 92.85 -109.57 -76.96
C LYS E 2826 93.90 -110.37 -76.16
N ALA E 2827 93.76 -110.42 -74.83
CA ALA E 2827 94.75 -111.07 -73.95
C ALA E 2827 94.14 -112.08 -72.97
N ARG E 2828 92.81 -112.05 -72.79
CA ARG E 2828 92.08 -112.93 -71.85
C ARG E 2828 90.79 -113.38 -72.52
N GLU E 2829 90.07 -114.32 -71.89
CA GLU E 2829 88.76 -114.79 -72.34
C GLU E 2829 87.75 -113.64 -72.21
N GLY E 2830 86.83 -113.52 -73.16
CA GLY E 2830 85.85 -112.41 -73.14
C GLY E 2830 84.87 -112.53 -71.97
N GLU E 2831 85.35 -112.40 -70.74
CA GLU E 2831 84.48 -112.50 -69.53
C GLU E 2831 83.30 -111.54 -69.68
N ALA E 2852 60.11 -108.13 -64.97
CA ALA E 2852 60.10 -108.65 -66.34
C ALA E 2852 58.88 -108.15 -67.08
N ARG E 2853 59.07 -107.24 -68.07
CA ARG E 2853 58.01 -106.60 -68.86
C ARG E 2853 57.50 -107.52 -69.98
N GLU E 2854 56.43 -107.08 -70.66
CA GLU E 2854 55.78 -107.74 -71.78
C GLU E 2854 56.64 -107.61 -73.06
N GLY E 2855 57.07 -108.75 -73.60
CA GLY E 2855 57.87 -108.83 -74.81
C GLY E 2855 59.37 -108.79 -74.63
N TYR E 2856 60.03 -107.84 -75.34
CA TYR E 2856 61.48 -107.64 -75.32
C TYR E 2856 61.98 -107.22 -73.93
N ASN E 2857 62.89 -108.03 -73.36
CA ASN E 2857 63.48 -107.76 -72.05
C ASN E 2857 65.00 -107.90 -72.09
N PRO E 2858 65.71 -106.84 -72.54
CA PRO E 2858 67.18 -106.94 -72.59
C PRO E 2858 67.75 -106.84 -71.17
N GLN E 2859 68.71 -107.72 -70.85
CA GLN E 2859 69.39 -107.69 -69.54
C GLN E 2859 70.89 -107.50 -69.83
N PRO E 2860 71.34 -106.26 -70.14
CA PRO E 2860 72.77 -106.08 -70.44
C PRO E 2860 73.64 -106.24 -69.19
N PRO E 2861 74.93 -106.65 -69.31
CA PRO E 2861 75.77 -106.76 -68.12
C PRO E 2861 75.96 -105.39 -67.46
N ASP E 2862 76.13 -105.38 -66.13
CA ASP E 2862 76.36 -104.17 -65.35
C ASP E 2862 77.85 -103.82 -65.43
N LEU E 2863 78.17 -102.62 -65.93
CA LEU E 2863 79.55 -102.13 -66.10
C LEU E 2863 80.02 -101.27 -64.90
N SER E 2864 79.19 -101.20 -63.82
CA SER E 2864 79.51 -100.48 -62.57
C SER E 2864 80.57 -101.24 -61.74
N GLY E 2865 80.66 -102.56 -61.92
CA GLY E 2865 81.62 -103.42 -61.25
C GLY E 2865 82.95 -103.53 -61.98
N VAL E 2866 83.02 -102.98 -63.22
CA VAL E 2866 84.24 -102.97 -64.03
C VAL E 2866 85.02 -101.73 -63.60
N THR E 2867 86.26 -101.95 -63.12
CA THR E 2867 87.16 -100.93 -62.62
C THR E 2867 88.21 -100.58 -63.65
N LEU E 2868 88.40 -99.27 -63.87
CA LEU E 2868 89.43 -98.77 -64.77
C LEU E 2868 90.61 -98.27 -63.94
N SER E 2869 91.82 -98.59 -64.40
CA SER E 2869 93.06 -98.13 -63.76
C SER E 2869 93.16 -96.60 -64.00
N ARG E 2870 94.13 -95.93 -63.33
CA ARG E 2870 94.39 -94.50 -63.50
C ARG E 2870 94.70 -94.22 -64.98
N GLU E 2871 95.46 -95.12 -65.61
CA GLU E 2871 95.87 -95.04 -67.00
C GLU E 2871 94.66 -95.07 -67.96
N LEU E 2872 93.72 -96.03 -67.76
CA LEU E 2872 92.54 -96.16 -68.62
C LEU E 2872 91.59 -95.01 -68.41
N GLN E 2873 91.51 -94.46 -67.19
CA GLN E 2873 90.69 -93.28 -66.89
C GLN E 2873 91.25 -92.03 -67.61
N ALA E 2874 92.61 -91.92 -67.68
CA ALA E 2874 93.30 -90.83 -68.41
C ALA E 2874 93.00 -90.99 -69.91
N MET E 2875 92.98 -92.25 -70.41
CA MET E 2875 92.64 -92.59 -71.79
C MET E 2875 91.19 -92.25 -72.11
N ALA E 2876 90.27 -92.52 -71.16
CA ALA E 2876 88.85 -92.19 -71.31
C ALA E 2876 88.68 -90.66 -71.44
N GLU E 2877 89.46 -89.89 -70.65
CA GLU E 2877 89.46 -88.41 -70.65
C GLU E 2877 89.94 -87.89 -72.01
N GLN E 2878 90.98 -88.52 -72.59
CA GLN E 2878 91.48 -88.17 -73.93
C GLN E 2878 90.41 -88.49 -75.02
N LEU E 2879 89.71 -89.64 -74.92
CA LEU E 2879 88.65 -89.99 -75.88
C LEU E 2879 87.49 -88.97 -75.76
N ALA E 2880 87.08 -88.66 -74.50
CA ALA E 2880 86.01 -87.71 -74.17
C ALA E 2880 86.29 -86.33 -74.79
N GLU E 2881 87.55 -85.83 -74.66
CA GLU E 2881 87.99 -84.56 -75.25
C GLU E 2881 87.85 -84.60 -76.76
N ASN E 2882 88.20 -85.75 -77.37
CA ASN E 2882 88.08 -85.93 -78.81
C ASN E 2882 86.61 -85.93 -79.25
N TYR E 2883 85.67 -86.46 -78.41
CA TYR E 2883 84.22 -86.45 -78.73
C TYR E 2883 83.74 -85.01 -78.73
N HIS E 2884 84.25 -84.22 -77.77
CA HIS E 2884 83.96 -82.79 -77.61
C HIS E 2884 84.48 -82.01 -78.82
N ASN E 2885 85.71 -82.30 -79.27
CA ASN E 2885 86.33 -81.62 -80.40
C ASN E 2885 85.69 -81.99 -81.73
N THR E 2886 85.23 -83.26 -81.88
CA THR E 2886 84.55 -83.81 -83.06
C THR E 2886 83.22 -83.07 -83.23
N TRP E 2887 82.40 -83.06 -82.17
CA TRP E 2887 81.13 -82.38 -82.10
C TRP E 2887 81.35 -80.86 -82.30
N GLY E 2888 82.38 -80.29 -81.65
CA GLY E 2888 82.70 -78.86 -81.72
C GLY E 2888 83.03 -78.38 -83.12
N ARG E 2889 83.89 -79.15 -83.84
CA ARG E 2889 84.27 -78.83 -85.23
C ARG E 2889 83.05 -78.92 -86.15
N LYS E 2890 82.23 -79.96 -85.97
CA LYS E 2890 81.01 -80.17 -86.74
C LYS E 2890 80.02 -79.02 -86.50
N LYS E 2891 79.80 -78.66 -85.22
CA LYS E 2891 78.90 -77.58 -84.82
C LYS E 2891 79.36 -76.19 -85.36
N LYS E 2892 80.66 -75.87 -85.22
CA LYS E 2892 81.27 -74.62 -85.69
C LYS E 2892 81.06 -74.50 -87.21
N GLN E 2893 81.31 -75.59 -87.98
CA GLN E 2893 81.14 -75.63 -89.44
C GLN E 2893 79.66 -75.44 -89.84
N GLU E 2894 78.74 -76.12 -89.11
CA GLU E 2894 77.29 -76.04 -89.32
C GLU E 2894 76.84 -74.59 -89.11
N LEU E 2895 77.20 -73.97 -87.95
CA LEU E 2895 76.83 -72.58 -87.66
C LEU E 2895 77.36 -71.60 -88.68
N GLU E 2896 78.62 -71.79 -89.16
CA GLU E 2896 79.29 -70.94 -90.16
C GLU E 2896 78.61 -71.00 -91.51
N ALA E 2897 78.19 -72.20 -91.91
CA ALA E 2897 77.51 -72.48 -93.17
C ALA E 2897 76.05 -72.00 -93.12
N LYS E 2898 75.33 -72.34 -92.03
CA LYS E 2898 73.91 -72.05 -91.87
C LYS E 2898 73.63 -70.67 -91.22
N GLY E 2899 74.69 -69.85 -91.11
CA GLY E 2899 74.68 -68.48 -90.59
C GLY E 2899 74.20 -68.33 -89.16
N GLY E 2900 74.18 -69.45 -88.43
CA GLY E 2900 73.73 -69.54 -87.04
C GLY E 2900 74.53 -68.72 -86.04
N GLY E 2901 73.97 -68.61 -84.84
CA GLY E 2901 74.57 -67.86 -83.75
C GLY E 2901 75.72 -68.58 -83.08
N THR E 2902 75.57 -68.81 -81.76
CA THR E 2902 76.59 -69.46 -80.94
C THR E 2902 76.03 -70.65 -80.13
N HIS E 2903 76.92 -71.28 -79.33
CA HIS E 2903 76.62 -72.43 -78.50
C HIS E 2903 77.55 -72.44 -77.27
N PRO E 2904 77.00 -72.62 -76.04
CA PRO E 2904 77.85 -72.65 -74.83
C PRO E 2904 78.89 -73.77 -74.78
N LEU E 2905 78.73 -74.82 -75.58
CA LEU E 2905 79.71 -75.91 -75.59
C LEU E 2905 80.84 -75.65 -76.58
N LEU E 2906 80.82 -74.52 -77.31
CA LEU E 2906 81.89 -74.18 -78.25
C LEU E 2906 82.94 -73.42 -77.49
N VAL E 2907 83.63 -74.16 -76.62
CA VAL E 2907 84.71 -73.69 -75.72
C VAL E 2907 85.70 -74.86 -75.56
N PRO E 2908 86.98 -74.64 -75.18
CA PRO E 2908 87.87 -75.82 -75.01
C PRO E 2908 87.36 -76.77 -73.93
N TYR E 2909 87.58 -78.09 -74.14
CA TYR E 2909 87.22 -79.15 -73.21
C TYR E 2909 87.78 -78.91 -71.81
N ASP E 2910 89.03 -78.40 -71.71
CA ASP E 2910 89.68 -78.15 -70.42
C ASP E 2910 89.07 -76.95 -69.62
N THR E 2911 88.07 -76.24 -70.18
CA THR E 2911 87.40 -75.14 -69.47
C THR E 2911 86.08 -75.63 -68.83
N LEU E 2912 85.68 -76.90 -69.10
CA LEU E 2912 84.43 -77.51 -68.62
C LEU E 2912 84.58 -78.13 -67.22
N THR E 2913 83.47 -78.17 -66.45
CA THR E 2913 83.50 -78.78 -65.11
C THR E 2913 83.35 -80.31 -65.26
N ALA E 2914 83.55 -81.09 -64.17
CA ALA E 2914 83.40 -82.56 -64.16
C ALA E 2914 81.99 -82.97 -64.65
N LYS E 2915 80.94 -82.24 -64.20
CA LYS E 2915 79.54 -82.47 -64.56
C LYS E 2915 79.27 -82.14 -66.05
N GLU E 2916 79.85 -81.04 -66.57
CA GLU E 2916 79.69 -80.67 -68.00
C GLU E 2916 80.38 -81.69 -68.92
N LYS E 2917 81.43 -82.36 -68.42
CA LYS E 2917 82.21 -83.38 -69.14
C LYS E 2917 81.61 -84.77 -69.04
N ALA E 2918 80.76 -85.01 -68.05
CA ALA E 2918 80.16 -86.32 -67.68
C ALA E 2918 79.67 -87.16 -68.86
N ARG E 2919 78.83 -86.58 -69.76
CA ARG E 2919 78.28 -87.27 -70.94
C ARG E 2919 79.35 -87.91 -71.83
N ASP E 2920 80.38 -87.12 -72.21
CA ASP E 2920 81.46 -87.61 -73.06
C ASP E 2920 82.37 -88.55 -72.29
N ARG E 2921 82.63 -88.27 -70.99
CA ARG E 2921 83.45 -89.12 -70.11
C ARG E 2921 82.82 -90.52 -69.97
N GLU E 2922 81.50 -90.58 -69.69
CA GLU E 2922 80.76 -91.83 -69.54
C GLU E 2922 80.75 -92.64 -70.82
N LYS E 2923 80.65 -91.99 -72.00
CA LYS E 2923 80.69 -92.67 -73.30
C LYS E 2923 82.07 -93.36 -73.47
N ALA E 2924 83.16 -92.62 -73.21
CA ALA E 2924 84.54 -93.12 -73.32
C ALA E 2924 84.79 -94.26 -72.33
N GLN E 2925 84.36 -94.08 -71.06
CA GLN E 2925 84.49 -95.06 -69.98
C GLN E 2925 83.76 -96.37 -70.30
N GLU E 2926 82.53 -96.28 -70.82
CA GLU E 2926 81.72 -97.44 -71.20
C GLU E 2926 82.47 -98.33 -72.22
N LEU E 2927 83.16 -97.68 -73.20
CA LEU E 2927 83.92 -98.35 -74.25
C LEU E 2927 85.12 -99.09 -73.67
N LEU E 2928 85.94 -98.41 -72.84
CA LEU E 2928 87.13 -99.02 -72.23
C LEU E 2928 86.79 -100.12 -71.23
N LYS E 2929 85.62 -99.99 -70.53
CA LYS E 2929 85.12 -101.01 -69.58
C LYS E 2929 84.70 -102.26 -70.34
N PHE E 2930 83.94 -102.10 -71.43
CA PHE E 2930 83.50 -103.22 -72.27
C PHE E 2930 84.71 -103.91 -72.93
N LEU E 2931 85.69 -103.13 -73.46
CA LEU E 2931 86.93 -103.67 -74.01
C LEU E 2931 87.60 -104.55 -72.94
N GLN E 2932 87.78 -104.02 -71.70
CA GLN E 2932 88.40 -104.73 -70.56
C GLN E 2932 87.61 -106.01 -70.19
N MET E 2933 86.27 -105.87 -70.04
CA MET E 2933 85.35 -106.97 -69.70
C MET E 2933 85.50 -108.13 -70.69
N ASN E 2934 85.75 -107.80 -71.97
CA ASN E 2934 85.88 -108.75 -73.07
C ASN E 2934 87.33 -109.22 -73.32
N GLY E 2935 88.21 -109.04 -72.34
CA GLY E 2935 89.59 -109.51 -72.36
C GLY E 2935 90.60 -108.76 -73.19
N TYR E 2936 90.31 -107.52 -73.59
CA TYR E 2936 91.23 -106.69 -74.35
C TYR E 2936 92.11 -105.87 -73.42
N ALA E 2937 93.41 -105.84 -73.76
CA ALA E 2937 94.46 -105.07 -73.10
C ALA E 2937 94.62 -103.86 -74.02
N VAL E 2938 94.33 -102.65 -73.49
CA VAL E 2938 94.39 -101.37 -74.20
C VAL E 2938 95.44 -100.48 -73.55
N THR E 2939 96.40 -99.98 -74.32
CA THR E 2939 97.48 -99.13 -73.79
C THR E 2939 97.74 -97.96 -74.72
N ARG E 2940 98.33 -96.87 -74.19
CA ARG E 2940 98.70 -95.67 -74.94
C ARG E 2940 100.03 -95.85 -75.68
N GLY E 2941 100.66 -97.02 -75.47
CA GLY E 2941 101.93 -97.42 -76.07
C GLY E 2941 103.14 -96.61 -75.61
N GLU E 2953 109.15 -82.69 -59.58
CA GLU E 2953 109.04 -81.46 -60.34
C GLU E 2953 107.59 -81.13 -60.65
N LYS E 2954 107.38 -80.30 -61.67
CA LYS E 2954 106.06 -79.88 -62.14
C LYS E 2954 105.34 -79.02 -61.10
N ARG E 2955 105.99 -78.75 -59.97
CA ARG E 2955 105.40 -77.86 -58.98
C ARG E 2955 105.49 -76.41 -59.45
N PHE E 2956 104.56 -75.59 -58.94
CA PHE E 2956 104.54 -74.18 -59.30
C PHE E 2956 105.81 -73.47 -58.87
N ALA E 2957 106.25 -73.73 -57.63
CA ALA E 2957 107.46 -73.08 -57.12
C ALA E 2957 108.70 -73.47 -57.93
N PHE E 2958 108.75 -74.70 -58.45
CA PHE E 2958 109.90 -75.13 -59.24
C PHE E 2958 110.07 -74.25 -60.47
N GLY E 2959 109.01 -74.10 -61.26
CA GLY E 2959 109.07 -73.26 -62.45
C GLY E 2959 109.30 -71.80 -62.10
N PHE E 2960 108.63 -71.32 -61.05
CA PHE E 2960 108.82 -69.94 -60.62
C PHE E 2960 110.29 -69.67 -60.30
N LEU E 2961 110.92 -70.56 -59.52
CA LEU E 2961 112.30 -70.37 -59.11
C LEU E 2961 113.25 -70.47 -60.28
N GLN E 2962 113.02 -71.42 -61.20
CA GLN E 2962 113.93 -71.55 -62.33
C GLN E 2962 113.81 -70.36 -63.28
N GLN E 2963 112.61 -69.83 -63.48
CA GLN E 2963 112.46 -68.61 -64.26
C GLN E 2963 113.16 -67.44 -63.58
N LEU E 2964 113.06 -67.35 -62.25
CA LEU E 2964 113.75 -66.30 -61.53
C LEU E 2964 115.25 -66.41 -61.70
N LEU E 2965 115.80 -67.63 -61.64
CA LEU E 2965 117.24 -67.81 -61.83
C LEU E 2965 117.67 -67.42 -63.24
N ARG E 2966 116.86 -67.79 -64.25
CA ARG E 2966 117.19 -67.40 -65.62
C ARG E 2966 117.22 -65.88 -65.75
N TRP E 2967 116.20 -65.21 -65.22
CA TRP E 2967 116.20 -63.74 -65.28
C TRP E 2967 117.34 -63.15 -64.49
N MET E 2968 117.75 -63.80 -63.40
CA MET E 2968 118.89 -63.32 -62.63
C MET E 2968 120.18 -63.36 -63.45
N ASP E 2969 120.43 -64.45 -64.16
CA ASP E 2969 121.63 -64.48 -64.98
C ASP E 2969 121.54 -63.50 -66.16
N ILE E 2970 120.35 -63.33 -66.74
CA ILE E 2970 120.20 -62.32 -67.79
C ILE E 2970 120.51 -60.93 -67.25
N SER E 2971 120.01 -60.61 -66.05
CA SER E 2971 120.28 -59.30 -65.46
C SER E 2971 121.75 -59.14 -65.09
N GLN E 2972 122.41 -60.23 -64.67
CA GLN E 2972 123.84 -60.17 -64.42
C GLN E 2972 124.61 -59.82 -65.69
N GLU E 2973 124.25 -60.46 -66.81
CA GLU E 2973 124.88 -60.13 -68.08
C GLU E 2973 124.62 -58.68 -68.48
N PHE E 2974 123.37 -58.23 -68.30
CA PHE E 2974 123.03 -56.85 -68.65
C PHE E 2974 123.81 -55.85 -67.82
N ILE E 2975 123.94 -56.10 -66.52
CA ILE E 2975 124.75 -55.23 -65.67
C ILE E 2975 126.22 -55.27 -66.03
N ALA E 2976 126.74 -56.45 -66.41
CA ALA E 2976 128.11 -56.52 -66.89
C ALA E 2976 128.31 -55.69 -68.15
N HIS E 2977 127.27 -55.61 -69.00
CA HIS E 2977 127.37 -54.79 -70.20
C HIS E 2977 127.56 -53.31 -69.86
N LEU E 2978 126.97 -52.85 -68.77
CA LEU E 2978 127.10 -51.45 -68.36
C LEU E 2978 128.51 -51.16 -67.85
N GLN E 2994 115.64 -51.83 -71.41
CA GLN E 2994 114.25 -52.21 -71.19
C GLN E 2994 114.14 -53.29 -70.12
N GLU E 2995 114.97 -54.33 -70.24
CA GLU E 2995 114.94 -55.43 -69.29
C GLU E 2995 115.26 -54.96 -67.88
N ILE E 2996 116.09 -53.92 -67.75
CA ILE E 2996 116.40 -53.38 -66.43
C ILE E 2996 115.15 -52.83 -65.77
N LYS E 2997 114.32 -52.12 -66.53
CA LYS E 2997 113.09 -51.56 -65.99
C LYS E 2997 112.15 -52.67 -65.52
N PHE E 2998 111.94 -53.69 -66.35
CA PHE E 2998 111.08 -54.80 -65.96
C PHE E 2998 111.61 -55.50 -64.72
N PHE E 2999 112.91 -55.78 -64.70
CA PHE E 2999 113.54 -56.37 -63.52
C PHE E 2999 113.22 -55.56 -62.27
N ALA E 3000 113.67 -54.31 -62.24
CA ALA E 3000 113.60 -53.51 -61.02
C ALA E 3000 112.16 -53.20 -60.62
N LYS E 3001 111.23 -53.19 -61.58
CA LYS E 3001 109.87 -52.79 -61.29
C LYS E 3001 108.91 -53.96 -61.04
N ILE E 3002 109.30 -55.18 -61.38
CA ILE E 3002 108.44 -56.34 -61.21
C ILE E 3002 109.06 -57.38 -60.29
N LEU E 3003 110.30 -57.80 -60.57
CA LEU E 3003 110.82 -58.99 -59.92
C LEU E 3003 111.02 -58.79 -58.43
N LEU E 3004 111.52 -57.62 -58.02
CA LEU E 3004 111.80 -57.39 -56.61
C LEU E 3004 110.54 -57.42 -55.74
N PRO E 3005 109.48 -56.66 -56.03
CA PRO E 3005 108.27 -56.76 -55.21
C PRO E 3005 107.64 -58.14 -55.22
N LEU E 3006 107.69 -58.83 -56.36
CA LEU E 3006 107.12 -60.17 -56.44
C LEU E 3006 107.86 -61.14 -55.53
N ILE E 3007 109.20 -61.12 -55.58
CA ILE E 3007 109.99 -61.95 -54.69
C ILE E 3007 109.69 -61.61 -53.24
N ASN E 3008 109.69 -60.31 -52.93
CA ASN E 3008 109.36 -59.84 -51.59
C ASN E 3008 108.07 -60.47 -51.09
N GLN E 3009 106.97 -60.22 -51.80
CA GLN E 3009 105.65 -60.67 -51.33
C GLN E 3009 105.57 -62.19 -51.26
N TYR E 3010 106.04 -62.87 -52.31
CA TYR E 3010 105.89 -64.32 -52.36
C TYR E 3010 106.65 -65.00 -51.24
N PHE E 3011 107.91 -64.63 -51.02
CA PHE E 3011 108.67 -65.29 -49.97
C PHE E 3011 108.25 -64.85 -48.57
N THR E 3012 107.83 -63.59 -48.39
CA THR E 3012 107.27 -63.20 -47.12
C THR E 3012 106.04 -64.03 -46.78
N ASN E 3013 105.23 -64.35 -47.80
CA ASN E 3013 104.05 -65.17 -47.56
C ASN E 3013 104.42 -66.63 -47.29
N HIS E 3014 105.38 -67.18 -48.03
CA HIS E 3014 105.60 -68.63 -48.04
C HIS E 3014 106.92 -69.07 -47.43
N CYS E 3015 107.50 -68.28 -46.51
CA CYS E 3015 108.72 -68.73 -45.84
C CYS E 3015 108.53 -70.05 -45.11
N LEU E 3016 107.39 -70.24 -44.43
CA LEU E 3016 107.20 -71.43 -43.61
C LEU E 3016 107.23 -72.71 -44.44
N TYR E 3017 106.70 -72.69 -45.67
CA TYR E 3017 106.72 -73.88 -46.50
C TYR E 3017 108.14 -74.31 -46.81
N PHE E 3018 109.02 -73.33 -47.07
CA PHE E 3018 110.42 -73.66 -47.35
C PHE E 3018 111.18 -74.05 -46.09
N LEU E 3019 110.79 -73.52 -44.93
CA LEU E 3019 111.51 -73.85 -43.71
C LEU E 3019 111.09 -75.20 -43.12
N SER E 3020 110.01 -75.80 -43.60
CA SER E 3020 109.54 -77.06 -43.03
C SER E 3020 110.45 -78.21 -43.42
N THR E 3021 110.41 -79.26 -42.59
CA THR E 3021 111.17 -80.49 -42.80
C THR E 3021 110.25 -81.68 -42.66
N PRO E 3022 110.56 -82.80 -43.31
CA PRO E 3022 109.74 -84.00 -43.14
C PRO E 3022 109.67 -84.48 -41.70
N ALA E 3023 110.75 -84.33 -40.94
CA ALA E 3023 110.76 -84.77 -39.55
C ALA E 3023 110.16 -83.74 -38.60
N LYS E 3024 109.94 -82.51 -39.06
CA LYS E 3024 109.38 -81.46 -38.21
C LYS E 3024 108.68 -80.47 -39.13
N VAL E 3025 107.35 -80.50 -39.13
CA VAL E 3025 106.55 -79.64 -39.99
C VAL E 3025 106.19 -78.37 -39.21
N LEU E 3026 106.36 -77.21 -39.85
CA LEU E 3026 106.08 -75.93 -39.23
C LEU E 3026 104.75 -75.32 -39.66
N GLY E 3027 104.42 -75.37 -40.95
CA GLY E 3027 103.25 -74.73 -41.47
C GLY E 3027 102.01 -75.61 -41.45
N SER E 3028 101.03 -75.22 -42.26
CA SER E 3028 99.78 -75.97 -42.32
C SER E 3028 99.98 -77.35 -42.93
N GLY E 3029 100.83 -77.46 -43.95
CA GLY E 3029 101.09 -78.74 -44.58
C GLY E 3029 102.08 -78.67 -45.72
N GLY E 3030 102.68 -79.80 -46.06
CA GLY E 3030 103.65 -79.86 -47.14
C GLY E 3030 105.00 -79.27 -46.77
N HIS E 3031 106.04 -79.67 -47.49
CA HIS E 3031 107.38 -79.16 -47.27
C HIS E 3031 108.15 -79.21 -48.58
N ALA E 3032 109.04 -78.22 -48.76
CA ALA E 3032 109.79 -78.11 -50.00
C ALA E 3032 110.78 -79.25 -50.15
N SER E 3033 111.06 -79.61 -51.41
CA SER E 3033 112.07 -80.62 -51.68
C SER E 3033 113.46 -80.02 -51.58
N ASN E 3034 114.46 -80.91 -51.59
CA ASN E 3034 115.85 -80.46 -51.47
C ASN E 3034 116.25 -79.57 -52.64
N LYS E 3035 115.74 -79.87 -53.85
CA LYS E 3035 116.09 -79.08 -55.02
C LYS E 3035 115.64 -77.63 -54.88
N GLU E 3036 114.45 -77.42 -54.31
CA GLU E 3036 113.96 -76.06 -54.10
C GLU E 3036 114.83 -75.30 -53.12
N LYS E 3037 115.27 -75.97 -52.05
CA LYS E 3037 116.16 -75.32 -51.08
C LYS E 3037 117.49 -74.96 -51.73
N GLU E 3038 118.04 -75.86 -52.56
CA GLU E 3038 119.27 -75.55 -53.27
C GLU E 3038 119.08 -74.36 -54.20
N MET E 3039 117.94 -74.32 -54.90
CA MET E 3039 117.68 -73.21 -55.81
C MET E 3039 117.58 -71.89 -55.06
N ILE E 3040 116.89 -71.87 -53.92
CA ILE E 3040 116.75 -70.61 -53.19
C ILE E 3040 118.08 -70.17 -52.60
N THR E 3041 118.91 -71.12 -52.12
CA THR E 3041 120.23 -70.75 -51.65
C THR E 3041 121.09 -70.17 -52.78
N SER E 3042 121.04 -70.80 -53.96
CA SER E 3042 121.79 -70.29 -55.10
C SER E 3042 121.30 -68.91 -55.52
N LEU E 3043 119.99 -68.68 -55.47
CA LEU E 3043 119.45 -67.37 -55.82
C LEU E 3043 119.93 -66.32 -54.83
N PHE E 3044 119.92 -66.63 -53.54
CA PHE E 3044 120.41 -65.67 -52.54
C PHE E 3044 121.89 -65.36 -52.77
N CYS E 3045 122.69 -66.40 -53.02
CA CYS E 3045 124.12 -66.17 -53.25
C CYS E 3045 124.35 -65.33 -54.50
N LYS E 3046 123.60 -65.60 -55.57
CA LYS E 3046 123.78 -64.86 -56.81
C LYS E 3046 123.40 -63.40 -56.63
N LEU E 3047 122.29 -63.13 -55.93
CA LEU E 3047 121.89 -61.74 -55.71
C LEU E 3047 122.92 -61.02 -54.84
N ALA E 3048 123.41 -61.68 -53.79
CA ALA E 3048 124.41 -61.06 -52.92
C ALA E 3048 125.68 -60.75 -53.70
N ALA E 3049 126.11 -61.66 -54.57
CA ALA E 3049 127.29 -61.41 -55.40
C ALA E 3049 127.05 -60.25 -56.36
N LEU E 3050 125.85 -60.19 -56.95
CA LEU E 3050 125.56 -59.13 -57.92
C LEU E 3050 125.55 -57.76 -57.27
N VAL E 3051 125.00 -57.64 -56.07
CA VAL E 3051 124.83 -56.32 -55.46
C VAL E 3051 126.15 -55.75 -54.93
N ARG E 3052 127.21 -56.55 -54.86
CA ARG E 3052 128.45 -56.12 -54.22
C ARG E 3052 129.07 -54.93 -54.94
N HIS E 3053 129.48 -53.93 -54.17
CA HIS E 3053 130.24 -52.77 -54.61
C HIS E 3053 129.55 -51.98 -55.72
N ARG E 3054 128.23 -52.11 -55.86
CA ARG E 3054 127.48 -51.38 -56.88
C ARG E 3054 126.15 -50.84 -56.33
N VAL E 3055 126.13 -50.42 -55.07
CA VAL E 3055 124.90 -49.90 -54.48
C VAL E 3055 124.47 -48.62 -55.19
N SER E 3056 125.43 -47.73 -55.45
CA SER E 3056 125.10 -46.47 -56.11
C SER E 3056 124.62 -46.69 -57.54
N LEU E 3057 125.13 -47.72 -58.22
CA LEU E 3057 124.74 -47.96 -59.60
C LEU E 3057 123.25 -48.28 -59.75
N PHE E 3058 122.60 -48.73 -58.67
CA PHE E 3058 121.17 -49.00 -58.71
C PHE E 3058 120.34 -47.76 -58.38
N GLY E 3059 120.97 -46.68 -57.93
CA GLY E 3059 120.25 -45.44 -57.69
C GLY E 3059 119.12 -45.61 -56.69
N THR E 3060 117.95 -45.08 -57.05
CA THR E 3060 116.79 -45.16 -56.18
C THR E 3060 116.31 -46.59 -55.98
N ASP E 3061 116.76 -47.53 -56.82
CA ASP E 3061 116.40 -48.92 -56.64
C ASP E 3061 117.26 -49.61 -55.58
N ALA E 3062 118.26 -48.90 -55.05
CA ALA E 3062 119.16 -49.50 -54.06
C ALA E 3062 118.47 -50.01 -52.81
N PRO E 3063 117.57 -49.27 -52.15
CA PRO E 3063 116.97 -49.80 -50.90
C PRO E 3063 116.18 -51.08 -51.10
N ALA E 3064 115.30 -51.12 -52.11
CA ALA E 3064 114.42 -52.27 -52.28
C ALA E 3064 115.20 -53.57 -52.39
N VAL E 3065 116.28 -53.57 -53.18
CA VAL E 3065 117.10 -54.78 -53.32
C VAL E 3065 117.53 -55.28 -51.95
N VAL E 3066 118.04 -54.36 -51.11
CA VAL E 3066 118.47 -54.77 -49.77
C VAL E 3066 117.33 -55.46 -49.04
N ASN E 3067 116.13 -54.89 -49.11
CA ASN E 3067 114.99 -55.51 -48.44
C ASN E 3067 114.83 -56.96 -48.88
N CYS E 3068 114.90 -57.21 -50.19
CA CYS E 3068 114.75 -58.57 -50.69
C CYS E 3068 115.73 -59.51 -50.02
N LEU E 3069 117.00 -59.07 -49.89
CA LEU E 3069 118.00 -59.92 -49.25
C LEU E 3069 117.55 -60.35 -47.87
N HIS E 3070 117.04 -59.41 -47.07
CA HIS E 3070 116.55 -59.76 -45.75
C HIS E 3070 115.54 -60.90 -45.83
N ILE E 3071 114.55 -60.75 -46.71
CA ILE E 3071 113.48 -61.74 -46.79
C ILE E 3071 114.04 -63.07 -47.27
N LEU E 3072 115.09 -63.03 -48.11
CA LEU E 3072 115.74 -64.27 -48.49
C LEU E 3072 116.52 -64.86 -47.32
N ALA E 3073 117.23 -64.01 -46.57
CA ALA E 3073 118.06 -64.51 -45.47
C ALA E 3073 117.22 -65.18 -44.41
N ARG E 3074 116.00 -64.70 -44.21
CA ARG E 3074 115.07 -65.27 -43.25
C ARG E 3074 114.39 -66.54 -43.75
N SER E 3075 114.81 -67.11 -44.88
CA SER E 3075 114.18 -68.30 -45.42
C SER E 3075 115.15 -69.40 -45.82
N LEU E 3076 116.43 -69.29 -45.47
CA LEU E 3076 117.41 -70.30 -45.83
C LEU E 3076 117.33 -71.49 -44.88
N ASP E 3077 117.26 -72.70 -45.46
CA ASP E 3077 117.40 -73.94 -44.69
C ASP E 3077 118.83 -74.45 -44.87
N ALA E 3078 119.74 -73.81 -44.14
CA ALA E 3078 121.17 -74.08 -44.32
C ALA E 3078 121.56 -75.48 -43.88
N ARG E 3079 120.88 -76.01 -42.86
CA ARG E 3079 121.26 -77.32 -42.32
C ARG E 3079 121.12 -78.41 -43.37
N THR E 3080 119.98 -78.44 -44.06
CA THR E 3080 119.73 -79.50 -45.03
C THR E 3080 120.69 -79.42 -46.21
N VAL E 3081 120.91 -78.21 -46.74
CA VAL E 3081 121.78 -78.08 -47.90
C VAL E 3081 123.24 -78.35 -47.54
N MET E 3082 123.67 -77.93 -46.35
CA MET E 3082 125.05 -78.19 -45.94
C MET E 3082 125.28 -79.67 -45.60
N LYS E 3083 124.27 -80.35 -45.04
CA LYS E 3083 124.42 -81.77 -44.74
C LYS E 3083 124.58 -82.59 -46.01
N SER E 3084 123.84 -82.24 -47.06
CA SER E 3084 123.90 -82.98 -48.32
C SER E 3084 123.46 -82.05 -49.44
N GLY E 3085 124.35 -81.83 -50.41
CA GLY E 3085 124.06 -80.98 -51.53
C GLY E 3085 125.20 -80.92 -52.53
N PRO E 3086 124.95 -80.31 -53.69
CA PRO E 3086 126.01 -80.15 -54.68
C PRO E 3086 127.12 -79.24 -54.17
N GLU E 3087 128.32 -79.46 -54.70
CA GLU E 3087 129.46 -78.67 -54.25
C GLU E 3087 129.36 -77.21 -54.68
N ILE E 3088 128.57 -76.93 -55.71
CA ILE E 3088 128.51 -75.56 -56.25
C ILE E 3088 127.91 -74.61 -55.23
N VAL E 3089 126.79 -74.99 -54.61
CA VAL E 3089 126.12 -74.09 -53.68
C VAL E 3089 126.96 -73.92 -52.41
N LYS E 3090 127.58 -74.99 -51.94
CA LYS E 3090 128.46 -74.89 -50.78
C LYS E 3090 129.63 -73.97 -51.06
N ALA E 3091 130.23 -74.09 -52.25
CA ALA E 3091 131.32 -73.19 -52.63
C ALA E 3091 130.84 -71.75 -52.69
N GLY E 3092 129.63 -71.53 -53.22
CA GLY E 3092 129.10 -70.18 -53.28
C GLY E 3092 128.90 -69.58 -51.90
N LEU E 3093 128.34 -70.35 -50.98
CA LEU E 3093 128.11 -69.85 -49.62
C LEU E 3093 129.45 -69.56 -48.91
N ARG E 3094 130.42 -70.47 -49.06
CA ARG E 3094 131.72 -70.24 -48.45
C ARG E 3094 132.39 -69.00 -49.02
N SER E 3095 132.28 -68.81 -50.34
CA SER E 3095 132.84 -67.61 -50.97
C SER E 3095 132.14 -66.36 -50.47
N PHE E 3096 130.83 -66.41 -50.27
CA PHE E 3096 130.11 -65.26 -49.73
C PHE E 3096 130.63 -64.90 -48.34
N PHE E 3097 130.79 -65.90 -47.47
CA PHE E 3097 131.30 -65.63 -46.13
C PHE E 3097 132.72 -65.06 -46.18
N GLU E 3098 133.58 -65.64 -47.03
CA GLU E 3098 134.95 -65.15 -47.15
C GLU E 3098 134.99 -63.72 -47.66
N SER E 3099 134.15 -63.40 -48.65
CA SER E 3099 134.10 -62.04 -49.18
C SER E 3099 133.62 -61.06 -48.12
N ALA E 3100 132.62 -61.46 -47.32
CA ALA E 3100 132.16 -60.58 -46.25
C ALA E 3100 133.27 -60.32 -45.24
N SER E 3101 134.00 -61.37 -44.86
CA SER E 3101 135.11 -61.19 -43.93
C SER E 3101 136.19 -60.28 -44.50
N GLU E 3102 136.52 -60.47 -45.78
CA GLU E 3102 137.53 -59.62 -46.41
C GLU E 3102 137.08 -58.17 -46.48
N ASP E 3103 135.80 -57.93 -46.79
CA ASP E 3103 135.29 -56.57 -46.82
C ASP E 3103 135.35 -55.93 -45.44
N ILE E 3104 135.00 -56.68 -44.40
CA ILE E 3104 135.08 -56.12 -43.05
C ILE E 3104 136.52 -55.78 -42.69
N GLU E 3105 137.46 -56.68 -43.01
CA GLU E 3105 138.87 -56.43 -42.71
C GLU E 3105 139.39 -55.21 -43.46
N LYS E 3106 138.98 -55.04 -44.72
CA LYS E 3106 139.37 -53.86 -45.47
C LYS E 3106 138.74 -52.60 -44.88
N MET E 3107 137.52 -52.71 -44.35
CA MET E 3107 136.83 -51.54 -43.81
C MET E 3107 137.48 -51.05 -42.52
N VAL E 3108 137.84 -51.99 -41.63
CA VAL E 3108 138.37 -51.56 -40.33
C VAL E 3108 139.72 -50.87 -40.49
N GLU E 3109 140.44 -51.14 -41.57
CA GLU E 3109 141.74 -50.52 -41.79
C GLU E 3109 141.61 -49.03 -42.03
N THR E 3131 131.29 -47.02 -46.80
CA THR E 3131 130.37 -46.47 -47.80
C THR E 3131 129.35 -47.51 -48.23
N TYR E 3132 129.81 -48.74 -48.43
CA TYR E 3132 128.96 -49.85 -48.83
C TYR E 3132 128.69 -50.83 -47.70
N THR E 3133 129.70 -51.15 -46.89
CA THR E 3133 129.49 -52.10 -45.79
C THR E 3133 128.52 -51.56 -44.76
N THR E 3134 128.48 -50.24 -44.58
CA THR E 3134 127.60 -49.66 -43.56
C THR E 3134 126.14 -49.69 -44.00
N VAL E 3135 125.87 -49.80 -45.30
CA VAL E 3135 124.50 -49.71 -45.80
C VAL E 3135 123.91 -51.09 -46.08
N ALA E 3136 124.68 -51.98 -46.69
CA ALA E 3136 124.15 -53.24 -47.19
C ALA E 3136 124.66 -54.46 -46.44
N LEU E 3137 125.96 -54.55 -46.18
CA LEU E 3137 126.54 -55.79 -45.66
C LEU E 3137 126.10 -56.04 -44.22
N LEU E 3138 126.19 -55.03 -43.36
CA LEU E 3138 125.96 -55.25 -41.94
C LEU E 3138 124.53 -55.70 -41.61
N PRO E 3139 123.47 -55.05 -42.10
CA PRO E 3139 122.12 -55.54 -41.77
C PRO E 3139 121.85 -56.95 -42.26
N VAL E 3140 122.30 -57.28 -43.47
CA VAL E 3140 122.07 -58.63 -44.01
C VAL E 3140 122.82 -59.66 -43.19
N LEU E 3141 124.08 -59.37 -42.84
CA LEU E 3141 124.86 -60.29 -42.03
C LEU E 3141 124.24 -60.48 -40.65
N THR E 3142 123.76 -59.39 -40.05
CA THR E 3142 123.12 -59.48 -38.74
C THR E 3142 121.86 -60.33 -38.80
N THR E 3143 121.04 -60.12 -39.84
CA THR E 3143 119.82 -60.89 -39.99
C THR E 3143 120.13 -62.38 -40.20
N LEU E 3144 121.15 -62.68 -41.02
CA LEU E 3144 121.51 -64.07 -41.25
C LEU E 3144 122.00 -64.74 -39.97
N PHE E 3145 122.84 -64.03 -39.20
CA PHE E 3145 123.33 -64.60 -37.95
C PHE E 3145 122.20 -64.80 -36.96
N GLN E 3146 121.27 -63.85 -36.88
CA GLN E 3146 120.14 -63.99 -35.97
C GLN E 3146 119.28 -65.19 -36.36
N HIS E 3147 119.02 -65.36 -37.65
CA HIS E 3147 118.23 -66.49 -38.11
C HIS E 3147 118.93 -67.81 -37.77
N ILE E 3148 120.24 -67.88 -38.02
CA ILE E 3148 120.98 -69.11 -37.74
C ILE E 3148 120.93 -69.42 -36.24
N ALA E 3149 121.16 -68.41 -35.40
CA ALA E 3149 121.16 -68.62 -33.97
C ALA E 3149 119.79 -69.02 -33.46
N GLN E 3150 118.74 -68.38 -33.96
CA GLN E 3150 117.39 -68.66 -33.45
C GLN E 3150 116.90 -70.03 -33.88
N HIS E 3151 117.20 -70.44 -35.12
CA HIS E 3151 116.78 -71.76 -35.57
C HIS E 3151 117.75 -72.87 -35.18
N GLN E 3152 118.84 -72.52 -34.49
CA GLN E 3152 119.80 -73.50 -33.97
C GLN E 3152 120.44 -74.32 -35.09
N PHE E 3153 120.96 -73.63 -36.10
CA PHE E 3153 121.75 -74.27 -37.14
C PHE E 3153 123.25 -74.09 -36.93
N GLY E 3154 123.66 -73.53 -35.79
CA GLY E 3154 125.07 -73.21 -35.60
C GLY E 3154 125.98 -74.42 -35.62
N ASP E 3155 125.54 -75.52 -35.01
CA ASP E 3155 126.39 -76.70 -34.90
C ASP E 3155 126.58 -77.42 -36.23
N ASP E 3156 125.81 -77.05 -37.27
CA ASP E 3156 125.86 -77.73 -38.55
C ASP E 3156 126.34 -76.87 -39.71
N VAL E 3157 126.37 -75.55 -39.55
CA VAL E 3157 126.72 -74.67 -40.66
C VAL E 3157 128.10 -74.07 -40.49
N ILE E 3158 128.39 -73.49 -39.33
CA ILE E 3158 129.68 -72.78 -39.13
C ILE E 3158 130.70 -73.84 -38.79
N LEU E 3159 131.35 -74.37 -39.84
CA LEU E 3159 132.38 -75.38 -39.70
C LEU E 3159 133.49 -75.13 -40.71
N ASP E 3160 134.65 -75.70 -40.42
CA ASP E 3160 135.83 -75.66 -41.31
C ASP E 3160 136.20 -74.21 -41.57
N ASP E 3161 136.40 -73.78 -42.83
CA ASP E 3161 136.87 -72.44 -43.12
C ASP E 3161 135.85 -71.36 -42.72
N VAL E 3162 134.57 -71.72 -42.60
CA VAL E 3162 133.58 -70.77 -42.11
C VAL E 3162 133.95 -70.31 -40.71
N GLN E 3163 134.45 -71.23 -39.87
CA GLN E 3163 134.91 -70.86 -38.55
C GLN E 3163 136.10 -69.91 -38.63
N VAL E 3164 136.99 -70.12 -39.60
CA VAL E 3164 138.12 -69.21 -39.78
C VAL E 3164 137.63 -67.81 -40.14
N SER E 3165 136.66 -67.73 -41.06
CA SER E 3165 136.09 -66.44 -41.42
C SER E 3165 135.43 -65.76 -40.22
N CYS E 3166 134.71 -66.54 -39.40
CA CYS E 3166 134.09 -65.98 -38.22
C CYS E 3166 135.13 -65.48 -37.22
N TYR E 3167 136.24 -66.21 -37.07
CA TYR E 3167 137.32 -65.75 -36.20
C TYR E 3167 137.90 -64.45 -36.71
N ARG E 3168 138.13 -64.34 -38.02
CA ARG E 3168 138.62 -63.10 -38.59
C ARG E 3168 137.66 -61.94 -38.31
N THR E 3169 136.36 -62.18 -38.48
CA THR E 3169 135.38 -61.15 -38.21
C THR E 3169 135.40 -60.74 -36.74
N LEU E 3170 135.49 -61.71 -35.83
CA LEU E 3170 135.55 -61.42 -34.40
C LEU E 3170 136.74 -60.53 -34.08
N CYS E 3171 137.93 -60.93 -34.55
CA CYS E 3171 139.12 -60.14 -34.26
C CYS E 3171 139.04 -58.75 -34.86
N SER E 3172 138.58 -58.65 -36.10
CA SER E 3172 138.49 -57.34 -36.74
C SER E 3172 137.51 -56.42 -36.02
N ILE E 3173 136.37 -56.96 -35.59
CA ILE E 3173 135.38 -56.14 -34.89
C ILE E 3173 135.91 -55.70 -33.53
N TYR E 3174 136.51 -56.63 -32.78
CA TYR E 3174 137.01 -56.26 -31.46
C TYR E 3174 138.27 -55.40 -31.53
N SER E 3175 138.91 -55.32 -32.69
CA SER E 3175 140.15 -54.54 -32.81
C SER E 3175 139.92 -53.04 -32.71
N LEU E 3176 138.67 -52.58 -32.72
CA LEU E 3176 138.41 -51.15 -32.61
C LEU E 3176 139.05 -50.56 -31.35
N GLY E 3177 138.82 -51.20 -30.21
CA GLY E 3177 139.52 -50.89 -28.97
C GLY E 3177 139.66 -49.44 -28.60
N THR E 3178 140.91 -48.99 -28.48
CA THR E 3178 141.22 -47.64 -27.99
C THR E 3178 141.12 -46.57 -29.07
N THR E 3179 140.84 -46.94 -30.31
CA THR E 3179 140.70 -45.93 -31.35
C THR E 3179 139.50 -45.03 -31.08
N ARG E 3180 139.70 -43.72 -31.24
CA ARG E 3180 138.67 -42.73 -30.97
C ARG E 3180 138.52 -41.82 -32.18
N ASN E 3181 137.29 -41.67 -32.65
CA ASN E 3181 136.99 -40.85 -33.81
C ASN E 3181 135.46 -40.69 -33.90
N PRO E 3182 134.99 -39.57 -34.45
CA PRO E 3182 133.53 -39.40 -34.59
C PRO E 3182 132.89 -40.47 -35.45
N TYR E 3183 133.59 -40.97 -36.48
CA TYR E 3183 133.04 -42.03 -37.31
C TYR E 3183 132.79 -43.29 -36.49
N VAL E 3184 133.72 -43.66 -35.62
CA VAL E 3184 133.53 -44.81 -34.75
C VAL E 3184 132.37 -44.56 -33.79
N GLU E 3185 132.25 -43.32 -33.30
CA GLU E 3185 131.16 -42.98 -32.40
C GLU E 3185 129.81 -43.17 -33.09
N LYS E 3186 129.71 -42.81 -34.36
CA LYS E 3186 128.48 -43.01 -35.10
C LYS E 3186 128.27 -44.48 -35.48
N LEU E 3187 129.35 -45.23 -35.65
CA LEU E 3187 129.24 -46.59 -36.20
C LEU E 3187 129.10 -47.66 -35.12
N ARG E 3188 129.38 -47.34 -33.86
CA ARG E 3188 129.43 -48.36 -32.81
C ARG E 3188 128.19 -49.22 -32.66
N PRO E 3189 126.96 -48.68 -32.62
CA PRO E 3189 125.80 -49.56 -32.32
C PRO E 3189 125.61 -50.71 -33.28
N ALA E 3190 125.80 -50.48 -34.58
CA ALA E 3190 125.63 -51.56 -35.55
C ALA E 3190 126.66 -52.66 -35.33
N LEU E 3191 127.92 -52.27 -35.07
CA LEU E 3191 128.96 -53.25 -34.78
C LEU E 3191 128.63 -54.03 -33.52
N GLY E 3192 128.12 -53.35 -32.49
CA GLY E 3192 127.74 -54.05 -31.28
C GLY E 3192 126.64 -55.08 -31.51
N GLU E 3193 125.60 -54.69 -32.25
CA GLU E 3193 124.52 -55.63 -32.54
C GLU E 3193 125.02 -56.82 -33.36
N CYS E 3194 125.85 -56.56 -34.38
CA CYS E 3194 126.38 -57.64 -35.18
C CYS E 3194 127.24 -58.59 -34.35
N LEU E 3195 128.08 -58.04 -33.47
CA LEU E 3195 128.92 -58.88 -32.63
C LEU E 3195 128.07 -59.70 -31.67
N ALA E 3196 127.00 -59.11 -31.13
CA ALA E 3196 126.12 -59.85 -30.23
C ALA E 3196 125.48 -61.03 -30.95
N ARG E 3197 124.95 -60.78 -32.16
CA ARG E 3197 124.34 -61.87 -32.92
C ARG E 3197 125.37 -62.96 -33.27
N LEU E 3198 126.57 -62.55 -33.68
CA LEU E 3198 127.59 -63.52 -34.06
C LEU E 3198 128.01 -64.36 -32.85
N ALA E 3199 128.17 -63.73 -31.68
CA ALA E 3199 128.47 -64.47 -30.47
C ALA E 3199 127.33 -65.40 -30.09
N ALA E 3200 126.09 -65.01 -30.40
CA ALA E 3200 124.97 -65.94 -30.20
C ALA E 3200 125.09 -67.15 -31.11
N ALA E 3201 125.54 -66.95 -32.35
CA ALA E 3201 125.52 -68.01 -33.34
C ALA E 3201 126.79 -68.87 -33.34
N MET E 3202 127.87 -68.42 -32.72
CA MET E 3202 129.13 -69.14 -32.80
C MET E 3202 129.03 -70.48 -32.05
N PRO E 3203 129.56 -71.57 -32.60
CA PRO E 3203 129.45 -72.87 -31.95
C PRO E 3203 130.59 -73.24 -31.01
N VAL E 3204 131.66 -72.44 -30.96
CA VAL E 3204 132.84 -72.77 -30.16
C VAL E 3204 133.02 -71.69 -29.10
N ALA E 3205 133.28 -72.11 -27.86
CA ALA E 3205 133.47 -71.19 -26.74
C ALA E 3205 134.84 -70.53 -26.85
N PHE E 3206 134.89 -69.47 -27.64
CA PHE E 3206 136.14 -68.77 -27.90
C PHE E 3206 136.66 -68.01 -26.68
N LEU E 3207 135.82 -67.78 -25.68
CA LEU E 3207 136.25 -67.06 -24.49
C LEU E 3207 136.92 -67.96 -23.45
N GLU E 3208 136.84 -69.28 -23.62
CA GLU E 3208 137.45 -70.23 -22.69
C GLU E 3208 138.29 -71.24 -23.46
N PRO E 3209 139.47 -70.82 -23.93
CA PRO E 3209 140.30 -71.74 -24.73
C PRO E 3209 140.77 -72.97 -23.97
N GLN E 3210 140.84 -72.90 -22.64
CA GLN E 3210 141.46 -73.97 -21.87
C GLN E 3210 140.73 -75.30 -22.06
N LEU E 3211 139.40 -75.27 -22.07
CA LEU E 3211 138.60 -76.47 -22.26
C LEU E 3211 138.37 -76.78 -23.74
N ASN E 3212 139.06 -76.10 -24.66
CA ASN E 3212 138.81 -76.28 -26.08
C ASN E 3212 139.05 -77.72 -26.54
N GLU E 3213 139.83 -78.50 -25.78
CA GLU E 3213 140.07 -79.89 -26.15
C GLU E 3213 138.81 -80.73 -26.06
N TYR E 3214 137.81 -80.30 -25.28
CA TYR E 3214 136.60 -81.08 -25.08
C TYR E 3214 135.51 -80.78 -26.11
N ASN E 3215 135.71 -79.80 -26.98
CA ASN E 3215 134.70 -79.43 -27.96
C ASN E 3215 134.82 -80.34 -29.18
N ALA E 3216 133.72 -80.96 -29.58
CA ALA E 3216 133.72 -81.86 -30.73
C ALA E 3216 133.52 -81.14 -32.06
N CYS E 3217 133.12 -79.87 -32.04
CA CYS E 3217 132.88 -79.11 -33.26
C CYS E 3217 134.04 -78.18 -33.60
N SER E 3218 135.10 -78.16 -32.81
CA SER E 3218 136.22 -77.28 -33.07
C SER E 3218 136.99 -77.73 -34.30
N VAL E 3219 137.60 -76.79 -35.00
CA VAL E 3219 138.38 -77.11 -36.19
C VAL E 3219 139.65 -77.88 -35.81
N TYR E 3220 140.20 -77.62 -34.63
CA TYR E 3220 141.43 -78.28 -34.20
C TYR E 3220 141.22 -79.77 -33.91
N THR E 3221 139.99 -80.22 -33.73
CA THR E 3221 139.69 -81.64 -33.58
C THR E 3221 139.25 -82.29 -34.88
N THR E 3222 139.25 -81.54 -35.99
CA THR E 3222 138.85 -82.09 -37.28
C THR E 3222 139.84 -81.67 -38.37
N PRO E 3242 142.73 -64.72 -30.68
CA PRO E 3242 144.06 -64.84 -30.08
C PRO E 3242 144.53 -63.55 -29.42
N ASP E 3243 143.66 -62.54 -29.37
CA ASP E 3243 143.98 -61.31 -28.66
C ASP E 3243 142.84 -60.80 -27.82
N ILE E 3244 141.75 -61.55 -27.67
CA ILE E 3244 140.62 -61.18 -26.82
C ILE E 3244 140.87 -61.77 -25.43
N PRO E 3245 140.78 -60.98 -24.37
CA PRO E 3245 141.10 -61.49 -23.02
C PRO E 3245 140.09 -62.55 -22.58
N VAL E 3246 140.54 -63.36 -21.60
CA VAL E 3246 139.75 -64.48 -21.13
C VAL E 3246 138.52 -63.99 -20.36
N LEU E 3247 137.59 -64.92 -20.13
CA LEU E 3247 136.31 -64.57 -19.50
C LEU E 3247 136.51 -64.06 -18.09
N GLU E 3248 137.41 -64.69 -17.32
CA GLU E 3248 137.63 -64.27 -15.94
C GLU E 3248 138.15 -62.84 -15.88
N ARG E 3249 139.07 -62.48 -16.77
CA ARG E 3249 139.57 -61.11 -16.82
C ARG E 3249 138.45 -60.13 -17.17
N LEU E 3250 137.58 -60.51 -18.11
CA LEU E 3250 136.46 -59.64 -18.48
C LEU E 3250 135.53 -59.41 -17.29
N MET E 3251 135.20 -60.48 -16.57
CA MET E 3251 134.30 -60.34 -15.42
C MET E 3251 134.96 -59.51 -14.32
N ALA E 3252 136.26 -59.72 -14.08
CA ALA E 3252 136.95 -58.94 -13.07
C ALA E 3252 137.00 -57.47 -13.44
N ASP E 3253 137.25 -57.17 -14.72
CA ASP E 3253 137.28 -55.78 -15.16
C ASP E 3253 135.90 -55.13 -15.02
N ILE E 3254 134.84 -55.86 -15.39
CA ILE E 3254 133.49 -55.32 -15.25
C ILE E 3254 133.18 -55.03 -13.78
N GLY E 3255 133.54 -55.97 -12.90
CA GLY E 3255 133.28 -55.78 -11.48
C GLY E 3255 134.04 -54.60 -10.91
N GLY E 3256 135.32 -54.48 -11.27
CA GLY E 3256 136.14 -53.38 -10.77
C GLY E 3256 135.81 -52.03 -11.38
N LEU E 3257 135.21 -52.02 -12.57
CA LEU E 3257 134.82 -50.77 -13.21
C LEU E 3257 133.42 -50.33 -12.84
N ALA E 3258 132.57 -51.26 -12.38
CA ALA E 3258 131.25 -50.87 -11.90
C ALA E 3258 131.35 -49.96 -10.67
N GLU E 3259 132.25 -50.29 -9.75
CA GLU E 3259 132.49 -49.44 -8.59
C GLU E 3259 133.52 -48.38 -8.92
N SER E 3260 133.29 -47.16 -8.41
CA SER E 3260 134.17 -46.02 -8.64
C SER E 3260 134.30 -45.72 -10.13
N GLY E 3261 133.22 -45.94 -10.87
CA GLY E 3261 133.15 -45.59 -12.28
C GLY E 3261 132.18 -44.46 -12.52
N ALA E 3262 130.97 -44.81 -12.94
CA ALA E 3262 129.82 -43.91 -13.02
C ALA E 3262 129.95 -42.83 -14.08
N ARG E 3263 130.57 -43.13 -15.22
CA ARG E 3263 130.64 -42.20 -16.33
C ARG E 3263 130.54 -42.97 -17.64
N TYR E 3264 129.51 -42.68 -18.43
CA TYR E 3264 129.39 -43.28 -19.75
C TYR E 3264 130.56 -42.85 -20.64
N THR E 3265 130.94 -41.57 -20.55
CA THR E 3265 132.14 -41.12 -21.23
C THR E 3265 133.37 -41.76 -20.60
N GLU E 3266 134.45 -41.84 -21.37
CA GLU E 3266 135.71 -42.45 -20.97
C GLU E 3266 135.55 -43.96 -20.79
N MET E 3267 134.39 -44.50 -21.14
CA MET E 3267 134.15 -45.95 -21.17
C MET E 3267 133.01 -46.29 -22.13
N PRO E 3268 133.10 -45.85 -23.39
CA PRO E 3268 132.02 -46.17 -24.32
C PRO E 3268 132.15 -47.54 -24.94
N HIS E 3269 133.38 -48.03 -25.13
CA HIS E 3269 133.59 -49.31 -25.78
C HIS E 3269 133.02 -50.46 -24.96
N VAL E 3270 133.21 -50.41 -23.63
CA VAL E 3270 132.72 -51.47 -22.77
C VAL E 3270 131.19 -51.54 -22.81
N ILE E 3271 130.55 -50.38 -22.74
CA ILE E 3271 129.09 -50.35 -22.69
C ILE E 3271 128.49 -50.73 -24.04
N GLU E 3272 129.02 -50.19 -25.13
CA GLU E 3272 128.37 -50.31 -26.42
C GLU E 3272 128.67 -51.61 -27.15
N ILE E 3273 129.73 -52.34 -26.75
CA ILE E 3273 130.18 -53.52 -27.47
C ILE E 3273 130.27 -54.74 -26.56
N THR E 3274 131.03 -54.63 -25.47
CA THR E 3274 131.33 -55.79 -24.64
C THR E 3274 130.09 -56.34 -23.93
N LEU E 3275 129.29 -55.45 -23.35
CA LEU E 3275 128.14 -55.91 -22.57
C LEU E 3275 127.13 -56.70 -23.38
N PRO E 3276 126.70 -56.25 -24.57
CA PRO E 3276 125.82 -57.12 -25.38
C PRO E 3276 126.47 -58.45 -25.75
N MET E 3277 127.77 -58.44 -26.03
CA MET E 3277 128.45 -59.69 -26.37
C MET E 3277 128.38 -60.68 -25.21
N LEU E 3278 128.64 -60.22 -23.99
CA LEU E 3278 128.57 -61.11 -22.84
C LEU E 3278 127.12 -61.55 -22.57
N CYS E 3279 126.17 -60.62 -22.69
CA CYS E 3279 124.77 -60.95 -22.44
C CYS E 3279 124.23 -61.95 -23.46
N SER E 3280 124.85 -62.01 -24.64
CA SER E 3280 124.44 -63.02 -25.61
C SER E 3280 125.24 -64.29 -25.46
N TYR E 3281 126.48 -64.19 -24.97
CA TYR E 3281 127.35 -65.36 -24.85
C TYR E 3281 126.93 -66.26 -23.70
N LEU E 3282 126.66 -65.67 -22.54
CA LEU E 3282 126.45 -66.46 -21.32
C LEU E 3282 125.24 -67.40 -21.38
N PRO E 3283 124.05 -66.93 -21.78
CA PRO E 3283 122.88 -67.84 -21.79
C PRO E 3283 123.05 -69.03 -22.70
N ARG E 3284 123.74 -68.89 -23.83
CA ARG E 3284 123.93 -70.01 -24.74
C ARG E 3284 124.75 -71.13 -24.08
N TRP E 3285 125.81 -70.76 -23.37
CA TRP E 3285 126.70 -71.76 -22.79
C TRP E 3285 126.27 -72.20 -21.40
N TRP E 3286 125.32 -71.51 -20.77
CA TRP E 3286 124.83 -71.99 -19.48
C TRP E 3286 124.11 -73.32 -19.63
N GLU E 3287 123.38 -73.50 -20.73
CA GLU E 3287 122.57 -74.70 -20.93
C GLU E 3287 123.42 -75.98 -20.97
N ARG E 3288 124.65 -75.90 -21.46
CA ARG E 3288 125.48 -77.09 -21.64
C ARG E 3288 126.72 -76.99 -20.74
N GLY E 3289 126.51 -76.57 -19.50
CA GLY E 3289 127.57 -76.48 -18.52
C GLY E 3289 127.41 -77.43 -17.35
N VAL E 3308 130.92 -72.50 -16.57
CA VAL E 3308 129.96 -71.41 -16.36
C VAL E 3308 128.81 -71.88 -15.49
N THR E 3309 128.15 -70.94 -14.82
CA THR E 3309 127.04 -71.24 -13.93
C THR E 3309 126.21 -69.99 -13.74
N SER E 3310 125.11 -70.14 -12.98
CA SER E 3310 124.19 -69.04 -12.75
C SER E 3310 124.83 -67.90 -11.96
N ASP E 3311 125.92 -68.17 -11.23
CA ASP E 3311 126.58 -67.11 -10.48
C ASP E 3311 127.09 -66.01 -11.40
N HIS E 3312 127.64 -66.39 -12.56
CA HIS E 3312 128.09 -65.39 -13.53
C HIS E 3312 126.93 -64.52 -14.00
N LEU E 3313 125.78 -65.14 -14.28
CA LEU E 3313 124.62 -64.37 -14.72
C LEU E 3313 124.15 -63.41 -13.64
N ASN E 3314 124.10 -63.86 -12.38
CA ASN E 3314 123.69 -62.99 -11.30
C ASN E 3314 124.65 -61.81 -11.15
N SER E 3315 125.96 -62.08 -11.20
CA SER E 3315 126.94 -61.00 -11.10
C SER E 3315 126.80 -60.01 -12.24
N LEU E 3316 126.59 -60.52 -13.46
CA LEU E 3316 126.45 -59.65 -14.61
C LEU E 3316 125.20 -58.77 -14.49
N LEU E 3317 124.08 -59.35 -14.04
CA LEU E 3317 122.87 -58.56 -13.87
C LEU E 3317 123.06 -57.48 -12.81
N GLY E 3318 123.72 -57.82 -11.69
CA GLY E 3318 123.98 -56.82 -10.67
C GLY E 3318 124.86 -55.69 -11.17
N ASN E 3319 125.92 -56.04 -11.92
CA ASN E 3319 126.80 -55.02 -12.47
C ASN E 3319 126.06 -54.13 -13.47
N ILE E 3320 125.19 -54.72 -14.29
CA ILE E 3320 124.42 -53.94 -15.25
C ILE E 3320 123.51 -52.96 -14.52
N LEU E 3321 122.84 -53.43 -13.47
CA LEU E 3321 121.98 -52.54 -12.70
C LEU E 3321 122.77 -51.40 -12.06
N ARG E 3322 123.94 -51.71 -11.52
CA ARG E 3322 124.78 -50.65 -10.93
C ARG E 3322 125.21 -49.63 -11.98
N ILE E 3323 125.62 -50.12 -13.16
CA ILE E 3323 126.03 -49.22 -14.23
C ILE E 3323 124.88 -48.32 -14.65
N ILE E 3324 123.68 -48.89 -14.78
CA ILE E 3324 122.52 -48.10 -15.17
C ILE E 3324 122.21 -47.04 -14.12
N VAL E 3325 122.27 -47.41 -12.84
CA VAL E 3325 121.91 -46.45 -11.79
C VAL E 3325 122.99 -45.39 -11.63
N ASN E 3326 124.23 -45.68 -12.05
CA ASN E 3326 125.30 -44.71 -11.87
C ASN E 3326 125.19 -43.50 -12.79
N ASN E 3327 124.35 -43.57 -13.82
CA ASN E 3327 124.22 -42.47 -14.79
C ASN E 3327 122.83 -41.85 -14.81
N LEU E 3328 122.23 -41.61 -13.64
CA LEU E 3328 120.87 -41.10 -13.60
C LEU E 3328 120.81 -39.62 -13.99
N GLY E 3329 121.80 -38.83 -13.57
CA GLY E 3329 121.78 -37.39 -13.80
C GLY E 3329 122.21 -36.94 -15.18
N ILE E 3330 122.70 -37.85 -16.02
CA ILE E 3330 123.15 -37.48 -17.36
C ILE E 3330 121.96 -37.04 -18.20
N ASP E 3331 122.21 -36.13 -19.15
CA ASP E 3331 121.16 -35.61 -20.01
C ASP E 3331 120.97 -36.46 -21.26
N GLU E 3332 122.03 -36.61 -22.04
CA GLU E 3332 121.97 -37.41 -23.26
C GLU E 3332 122.44 -38.83 -22.96
N ALA E 3333 121.48 -39.73 -22.74
CA ALA E 3333 121.79 -41.11 -22.37
C ALA E 3333 120.94 -42.07 -23.20
N SER E 3334 120.89 -41.85 -24.51
CA SER E 3334 120.07 -42.69 -25.38
C SER E 3334 120.48 -44.15 -25.31
N TRP E 3335 121.77 -44.43 -25.11
CA TRP E 3335 122.27 -45.81 -25.12
C TRP E 3335 121.54 -46.70 -24.13
N MET E 3336 121.06 -46.13 -23.01
CA MET E 3336 120.33 -46.93 -22.03
C MET E 3336 119.14 -47.64 -22.67
N LYS E 3337 118.41 -46.97 -23.54
CA LYS E 3337 117.24 -47.58 -24.18
C LYS E 3337 117.64 -48.86 -24.90
N ARG E 3338 118.84 -48.91 -25.45
CA ARG E 3338 119.32 -50.14 -26.08
C ARG E 3338 119.71 -51.18 -25.04
N LEU E 3339 120.42 -50.75 -23.99
CA LEU E 3339 121.04 -51.70 -23.07
C LEU E 3339 119.99 -52.55 -22.36
N ALA E 3340 118.91 -51.91 -21.90
CA ALA E 3340 117.86 -52.65 -21.20
C ALA E 3340 117.27 -53.75 -22.09
N VAL E 3341 117.33 -53.58 -23.40
CA VAL E 3341 116.84 -54.62 -24.31
C VAL E 3341 117.76 -55.83 -24.27
N PHE E 3342 119.07 -55.60 -24.24
CA PHE E 3342 120.02 -56.71 -24.35
C PHE E 3342 120.08 -57.56 -23.08
N ALA E 3343 119.78 -56.97 -21.93
CA ALA E 3343 119.88 -57.68 -20.66
C ALA E 3343 118.62 -58.45 -20.30
N GLN E 3344 117.57 -58.35 -21.11
CA GLN E 3344 116.30 -59.00 -20.74
C GLN E 3344 116.40 -60.51 -20.62
N PRO E 3345 117.01 -61.26 -21.55
CA PRO E 3345 117.06 -62.72 -21.39
C PRO E 3345 117.81 -63.19 -20.15
N ILE E 3346 118.70 -62.36 -19.60
CA ILE E 3346 119.45 -62.77 -18.41
C ILE E 3346 118.53 -62.86 -17.19
N VAL E 3347 117.58 -61.93 -17.07
CA VAL E 3347 116.80 -61.78 -15.84
C VAL E 3347 116.01 -63.03 -15.48
N SER E 3348 115.85 -63.98 -16.41
CA SER E 3348 115.12 -65.20 -16.10
C SER E 3348 115.88 -66.08 -15.12
N ARG E 3349 117.20 -65.90 -15.01
CA ARG E 3349 118.03 -66.74 -14.16
C ARG E 3349 118.48 -66.05 -12.88
N ALA E 3350 117.84 -64.94 -12.50
CA ALA E 3350 118.26 -64.20 -11.33
C ALA E 3350 117.95 -64.97 -10.05
N ARG E 3351 118.74 -64.71 -9.02
CA ARG E 3351 118.57 -65.30 -7.69
C ARG E 3351 117.82 -64.35 -6.78
N PRO E 3352 117.10 -64.88 -5.78
CA PRO E 3352 116.24 -64.01 -4.95
C PRO E 3352 116.99 -62.92 -4.20
N GLU E 3353 118.24 -63.17 -3.77
CA GLU E 3353 118.97 -62.19 -2.98
C GLU E 3353 119.11 -60.85 -3.69
N LEU E 3354 119.19 -60.85 -5.02
CA LEU E 3354 119.33 -59.61 -5.78
C LEU E 3354 118.16 -58.66 -5.54
N LEU E 3355 117.02 -59.17 -5.08
CA LEU E 3355 115.91 -58.30 -4.74
C LEU E 3355 116.30 -57.33 -3.62
N HIS E 3356 116.96 -57.84 -2.59
CA HIS E 3356 117.26 -57.00 -1.43
C HIS E 3356 118.43 -56.06 -1.73
N SER E 3357 119.45 -56.56 -2.42
CA SER E 3357 120.70 -55.81 -2.52
C SER E 3357 120.63 -54.68 -3.54
N HIS E 3358 119.91 -54.86 -4.65
CA HIS E 3358 120.05 -53.97 -5.79
C HIS E 3358 118.78 -53.19 -6.11
N PHE E 3359 117.64 -53.87 -6.28
CA PHE E 3359 116.44 -53.20 -6.77
C PHE E 3359 115.94 -52.14 -5.81
N ILE E 3360 115.97 -52.44 -4.50
CA ILE E 3360 115.40 -51.51 -3.51
C ILE E 3360 116.14 -50.18 -3.50
N PRO E 3361 117.48 -50.11 -3.44
CA PRO E 3361 118.14 -48.80 -3.47
C PRO E 3361 117.85 -48.00 -4.73
N THR E 3362 117.81 -48.66 -5.89
CA THR E 3362 117.55 -47.93 -7.14
C THR E 3362 116.13 -47.36 -7.16
N ILE E 3363 115.14 -48.16 -6.76
CA ILE E 3363 113.78 -47.66 -6.72
C ILE E 3363 113.64 -46.55 -5.68
N GLY E 3364 114.36 -46.66 -4.57
CA GLY E 3364 114.32 -45.60 -3.57
C GLY E 3364 114.89 -44.30 -4.10
N ARG E 3365 116.01 -44.37 -4.83
CA ARG E 3365 116.58 -43.17 -5.44
C ARG E 3365 115.62 -42.57 -6.46
N LEU E 3366 114.98 -43.41 -7.28
CA LEU E 3366 114.02 -42.91 -8.24
C LEU E 3366 112.85 -42.21 -7.54
N ARG E 3367 112.36 -42.82 -6.45
CA ARG E 3367 111.24 -42.23 -5.71
C ARG E 3367 111.65 -40.90 -5.08
N LYS E 3368 112.86 -40.82 -4.52
CA LYS E 3368 113.32 -39.57 -3.93
C LYS E 3368 113.43 -38.47 -4.99
N ARG E 3369 113.98 -38.80 -6.16
CA ARG E 3369 114.07 -37.81 -7.22
C ARG E 3369 112.69 -37.34 -7.67
N ALA E 3370 111.75 -38.28 -7.83
CA ALA E 3370 110.40 -37.91 -8.24
C ALA E 3370 109.73 -37.03 -7.18
N GLY E 3371 109.91 -37.35 -5.91
CA GLY E 3371 109.34 -36.54 -4.86
C GLY E 3371 109.90 -35.14 -4.83
N LYS E 3372 111.22 -35.01 -4.98
CA LYS E 3372 111.83 -33.68 -5.04
C LYS E 3372 111.30 -32.89 -6.22
N VAL E 3373 111.19 -33.53 -7.39
CA VAL E 3373 110.73 -32.83 -8.58
C VAL E 3373 109.29 -32.36 -8.41
N VAL E 3374 108.43 -33.24 -7.87
CA VAL E 3374 107.02 -32.86 -7.71
C VAL E 3374 106.87 -31.78 -6.64
N ALA E 3375 107.69 -31.81 -5.59
CA ALA E 3375 107.65 -30.75 -4.59
C ALA E 3375 108.06 -29.41 -5.21
N GLU E 3376 109.10 -29.41 -6.04
CA GLU E 3376 109.50 -28.19 -6.72
C GLU E 3376 108.39 -27.69 -7.64
N GLU E 3377 107.74 -28.61 -8.35
CA GLU E 3377 106.64 -28.21 -9.24
C GLU E 3377 105.49 -27.60 -8.45
N GLU E 3378 105.13 -28.20 -7.32
CA GLU E 3378 104.05 -27.65 -6.50
C GLU E 3378 104.42 -26.27 -5.97
N GLN E 3379 105.66 -26.11 -5.50
CA GLN E 3379 106.10 -24.80 -5.00
C GLN E 3379 106.05 -23.75 -6.11
N LEU E 3380 106.47 -24.11 -7.32
CA LEU E 3380 106.43 -23.16 -8.43
C LEU E 3380 104.99 -22.81 -8.80
N ARG E 3381 104.11 -23.81 -8.86
CA ARG E 3381 102.72 -23.57 -9.23
C ARG E 3381 101.95 -22.82 -8.15
N LEU E 3382 102.42 -22.83 -6.91
CA LEU E 3382 101.75 -22.09 -5.85
C LEU E 3382 101.69 -20.59 -6.14
N GLU E 3383 102.75 -20.04 -6.75
CA GLU E 3383 102.77 -18.60 -7.02
C GLU E 3383 101.67 -18.20 -8.00
N ALA E 3384 101.50 -18.96 -9.08
CA ALA E 3384 100.46 -18.73 -10.08
C ALA E 3384 100.56 -17.33 -10.69
N LYS E 3385 101.76 -16.76 -10.73
CA LYS E 3385 101.96 -15.44 -11.30
C LYS E 3385 102.27 -15.54 -12.79
N ALA E 3386 102.44 -14.38 -13.42
CA ALA E 3386 102.80 -14.35 -14.83
C ALA E 3386 104.19 -14.89 -15.09
N GLU E 3387 105.05 -14.95 -14.06
CA GLU E 3387 106.39 -15.50 -14.20
C GLU E 3387 106.41 -17.02 -14.24
N ALA E 3388 105.26 -17.67 -14.00
CA ALA E 3388 105.22 -19.13 -14.00
C ALA E 3388 105.68 -19.72 -15.32
N GLU E 3389 105.45 -19.01 -16.43
CA GLU E 3389 105.92 -19.49 -17.72
C GLU E 3389 107.43 -19.71 -17.75
N GLU E 3390 108.18 -18.94 -16.96
CA GLU E 3390 109.62 -19.19 -16.85
C GLU E 3390 109.89 -20.51 -16.16
N GLY E 3391 109.14 -20.83 -15.11
CA GLY E 3391 109.40 -22.02 -14.34
C GLY E 3391 108.82 -23.30 -14.94
N GLU E 3392 107.70 -23.19 -15.66
CA GLU E 3392 107.01 -24.38 -16.16
C GLU E 3392 107.92 -25.21 -17.05
N LEU E 3393 108.52 -24.57 -18.07
CA LEU E 3393 109.46 -25.29 -18.92
C LEU E 3393 110.54 -25.97 -18.10
N LEU E 3394 110.99 -25.32 -17.02
CA LEU E 3394 112.04 -25.89 -16.18
C LEU E 3394 111.64 -27.27 -15.67
N VAL E 3395 110.39 -27.44 -15.25
CA VAL E 3395 109.97 -28.76 -14.79
C VAL E 3395 109.62 -29.64 -15.97
N ARG E 3396 109.18 -29.03 -17.08
CA ARG E 3396 108.83 -29.82 -18.26
C ARG E 3396 110.05 -30.58 -18.78
N ASP E 3397 111.24 -30.01 -18.62
CA ASP E 3397 112.45 -30.76 -18.89
C ASP E 3397 112.62 -31.92 -17.91
N GLU E 3398 112.53 -31.61 -16.61
CA GLU E 3398 112.89 -32.59 -15.59
C GLU E 3398 112.07 -33.86 -15.71
N PHE E 3399 110.74 -33.71 -15.79
CA PHE E 3399 109.88 -34.87 -15.94
C PHE E 3399 110.34 -35.75 -17.09
N SER E 3400 110.67 -35.14 -18.23
CA SER E 3400 111.12 -35.92 -19.39
C SER E 3400 112.30 -36.80 -19.02
N VAL E 3401 113.30 -36.23 -18.33
CA VAL E 3401 114.46 -37.03 -17.93
C VAL E 3401 114.00 -38.21 -17.08
N LEU E 3402 113.12 -37.95 -16.11
CA LEU E 3402 112.61 -39.04 -15.30
C LEU E 3402 111.87 -40.06 -16.16
N CYS E 3403 111.07 -39.57 -17.11
CA CYS E 3403 110.31 -40.48 -17.98
C CYS E 3403 111.25 -41.36 -18.78
N ARG E 3404 112.51 -40.95 -18.92
CA ARG E 3404 113.51 -41.83 -19.52
C ARG E 3404 113.93 -42.92 -18.54
N ASP E 3405 114.40 -42.52 -17.36
CA ASP E 3405 115.11 -43.45 -16.48
C ASP E 3405 114.23 -44.63 -16.08
N LEU E 3406 112.98 -44.34 -15.67
CA LEU E 3406 112.10 -45.42 -15.28
C LEU E 3406 111.83 -46.37 -16.45
N TYR E 3407 111.70 -45.84 -17.66
CA TYR E 3407 111.47 -46.70 -18.81
C TYR E 3407 112.67 -47.57 -19.13
N ALA E 3408 113.82 -47.31 -18.52
CA ALA E 3408 114.97 -48.22 -18.65
C ALA E 3408 114.94 -49.30 -17.57
N LEU E 3409 114.41 -48.97 -16.40
CA LEU E 3409 114.44 -49.92 -15.29
C LEU E 3409 113.17 -50.75 -15.21
N TYR E 3410 112.02 -50.11 -15.44
CA TYR E 3410 110.74 -50.78 -15.22
C TYR E 3410 110.54 -52.02 -16.08
N PRO E 3411 110.82 -52.01 -17.39
CA PRO E 3411 110.69 -53.27 -18.15
C PRO E 3411 111.61 -54.37 -17.66
N LEU E 3412 112.73 -54.02 -17.04
CA LEU E 3412 113.61 -55.04 -16.48
C LEU E 3412 113.04 -55.61 -15.18
N LEU E 3413 112.33 -54.78 -14.41
CA LEU E 3413 111.81 -55.22 -13.13
C LEU E 3413 110.56 -56.08 -13.30
N ILE E 3414 109.71 -55.75 -14.28
CA ILE E 3414 108.42 -56.41 -14.40
C ILE E 3414 108.59 -57.88 -14.71
N ARG E 3415 109.62 -58.24 -15.49
CA ARG E 3415 109.88 -59.64 -15.78
C ARG E 3415 110.35 -60.38 -14.54
N TYR E 3416 111.00 -59.70 -13.60
CA TYR E 3416 111.49 -60.35 -12.39
C TYR E 3416 110.34 -60.87 -11.54
N VAL E 3417 109.38 -60.01 -11.21
CA VAL E 3417 108.34 -60.39 -10.26
C VAL E 3417 107.47 -61.50 -10.82
N ASP E 3418 107.25 -61.52 -12.14
CA ASP E 3418 106.44 -62.56 -12.74
C ASP E 3418 107.04 -63.94 -12.52
N ASN E 3419 108.33 -64.01 -12.21
CA ASN E 3419 108.95 -65.30 -11.92
C ASN E 3419 108.90 -65.63 -10.43
N ASN E 3420 108.84 -64.61 -9.57
CA ASN E 3420 109.00 -64.84 -8.14
C ASN E 3420 107.71 -64.65 -7.34
N ARG E 3421 106.70 -63.98 -7.92
CA ARG E 3421 105.55 -63.56 -7.14
C ARG E 3421 104.90 -64.69 -6.38
N ALA E 3422 104.78 -65.87 -7.00
CA ALA E 3422 104.15 -67.01 -6.35
C ALA E 3422 104.80 -67.30 -5.00
N HIS E 3423 106.13 -67.36 -4.96
CA HIS E 3423 106.81 -67.60 -3.69
C HIS E 3423 106.46 -66.53 -2.67
N TRP E 3424 106.42 -65.26 -3.09
CA TRP E 3424 106.06 -64.20 -2.18
C TRP E 3424 104.65 -64.37 -1.62
N LEU E 3425 103.75 -64.98 -2.41
CA LEU E 3425 102.43 -65.26 -1.88
C LEU E 3425 102.42 -66.46 -0.96
N THR E 3426 103.32 -67.43 -1.18
CA THR E 3426 103.36 -68.61 -0.33
C THR E 3426 103.96 -68.27 1.04
N GLU E 3427 105.03 -67.50 1.06
CA GLU E 3427 105.68 -67.07 2.29
C GLU E 3427 105.80 -65.55 2.29
N PRO E 3428 105.21 -64.85 3.27
CA PRO E 3428 105.29 -63.39 3.28
C PRO E 3428 106.72 -62.89 3.39
N ASN E 3429 107.01 -61.78 2.71
CA ASN E 3429 108.32 -61.18 2.70
C ASN E 3429 108.21 -59.67 2.83
N PRO E 3430 108.84 -59.05 3.84
CA PRO E 3430 108.72 -57.59 4.01
C PRO E 3430 109.26 -56.78 2.85
N SER E 3431 110.30 -57.27 2.16
CA SER E 3431 110.88 -56.52 1.05
C SER E 3431 109.88 -56.31 -0.07
N ALA E 3432 109.05 -57.32 -0.36
CA ALA E 3432 108.01 -57.16 -1.36
C ALA E 3432 107.01 -56.08 -0.97
N GLU E 3433 106.62 -56.04 0.31
CA GLU E 3433 105.72 -54.99 0.77
C GLU E 3433 106.35 -53.61 0.63
N GLU E 3434 107.63 -53.49 0.98
CA GLU E 3434 108.30 -52.19 0.84
C GLU E 3434 108.36 -51.75 -0.61
N LEU E 3435 108.71 -52.67 -1.52
CA LEU E 3435 108.79 -52.30 -2.93
C LEU E 3435 107.41 -51.97 -3.48
N PHE E 3436 106.37 -52.65 -2.99
CA PHE E 3436 105.00 -52.29 -3.32
C PHE E 3436 104.68 -50.87 -2.87
N ARG E 3437 105.13 -50.50 -1.66
CA ARG E 3437 104.93 -49.13 -1.18
C ARG E 3437 105.58 -48.12 -2.12
N MET E 3438 106.81 -48.40 -2.54
CA MET E 3438 107.50 -47.50 -3.46
C MET E 3438 106.74 -47.37 -4.78
N VAL E 3439 106.30 -48.51 -5.32
CA VAL E 3439 105.58 -48.49 -6.60
C VAL E 3439 104.27 -47.71 -6.46
N GLY E 3440 103.57 -47.88 -5.33
CA GLY E 3440 102.34 -47.14 -5.12
C GLY E 3440 102.58 -45.64 -5.00
N GLU E 3441 103.66 -45.25 -4.34
CA GLU E 3441 104.02 -43.83 -4.27
C GLU E 3441 104.27 -43.27 -5.67
N ILE E 3442 105.02 -44.00 -6.49
CA ILE E 3442 105.27 -43.56 -7.85
C ILE E 3442 103.96 -43.45 -8.63
N PHE E 3443 103.06 -44.42 -8.44
CA PHE E 3443 101.80 -44.41 -9.17
C PHE E 3443 100.94 -43.21 -8.80
N ILE E 3444 100.85 -42.89 -7.50
CA ILE E 3444 100.02 -41.75 -7.11
C ILE E 3444 100.65 -40.45 -7.57
N TYR E 3445 101.98 -40.35 -7.52
CA TYR E 3445 102.65 -39.19 -8.10
C TYR E 3445 102.32 -39.03 -9.58
N TRP E 3446 102.34 -40.15 -10.33
CA TRP E 3446 101.99 -40.09 -11.74
C TRP E 3446 100.54 -39.66 -11.93
N SER E 3447 99.65 -40.14 -11.07
CA SER E 3447 98.23 -39.87 -11.25
C SER E 3447 97.89 -38.42 -10.93
N LYS E 3448 98.60 -37.79 -9.99
CA LYS E 3448 98.24 -36.44 -9.58
C LYS E 3448 98.45 -35.42 -10.71
N SER E 3449 99.63 -35.43 -11.34
CA SER E 3449 100.03 -34.37 -12.25
C SER E 3449 99.67 -34.72 -13.69
N HIS E 3450 99.27 -33.71 -14.46
CA HIS E 3450 98.99 -33.89 -15.88
C HIS E 3450 100.23 -33.71 -16.74
N ASN E 3451 101.19 -32.90 -16.30
CA ASN E 3451 102.43 -32.77 -17.03
C ASN E 3451 103.17 -34.10 -17.12
N PHE E 3452 103.05 -34.92 -16.07
CA PHE E 3452 103.63 -36.26 -16.10
C PHE E 3452 103.05 -37.08 -17.25
N LYS E 3453 101.72 -37.08 -17.38
CA LYS E 3453 101.08 -37.83 -18.45
C LYS E 3453 101.46 -37.29 -19.82
N ARG E 3454 101.50 -35.96 -19.95
CA ARG E 3454 101.86 -35.36 -21.23
C ARG E 3454 103.29 -35.74 -21.63
N GLU E 3455 104.23 -35.65 -20.69
CA GLU E 3455 105.61 -36.01 -20.97
C GLU E 3455 105.74 -37.48 -21.30
N GLU E 3456 105.01 -38.35 -20.58
CA GLU E 3456 105.07 -39.78 -20.87
C GLU E 3456 104.54 -40.07 -22.27
N GLN E 3457 103.42 -39.45 -22.64
CA GLN E 3457 102.87 -39.66 -23.97
C GLN E 3457 103.82 -39.15 -25.05
N ASN E 3458 104.43 -37.99 -24.83
CA ASN E 3458 105.37 -37.45 -25.81
C ASN E 3458 106.58 -38.36 -25.96
N PHE E 3459 107.11 -38.86 -24.86
CA PHE E 3459 108.26 -39.76 -24.91
C PHE E 3459 107.90 -41.06 -25.61
N VAL E 3460 106.72 -41.62 -25.33
CA VAL E 3460 106.30 -42.85 -25.97
C VAL E 3460 106.15 -42.64 -27.48
N VAL E 3461 105.57 -41.52 -27.88
CA VAL E 3461 105.39 -41.24 -29.30
C VAL E 3461 106.73 -41.05 -29.99
N GLN E 3462 107.65 -40.30 -29.36
CA GLN E 3462 108.92 -39.98 -30.00
C GLN E 3462 109.82 -41.21 -30.10
N ASN E 3463 109.96 -41.97 -29.00
CA ASN E 3463 110.88 -43.09 -28.97
C ASN E 3463 110.37 -44.29 -29.77
N GLU E 3464 109.09 -44.31 -30.13
CA GLU E 3464 108.48 -45.41 -30.88
C GLU E 3464 108.66 -46.75 -30.15
N ILE E 3465 108.57 -46.74 -28.83
CA ILE E 3465 108.71 -47.95 -28.03
C ILE E 3465 107.38 -48.70 -28.03
N ASN E 3466 107.40 -49.97 -27.63
CA ASN E 3466 106.19 -50.77 -27.58
C ASN E 3466 105.98 -51.37 -26.20
N THR E 3509 99.30 -48.58 -14.72
CA THR E 3509 100.41 -49.03 -15.55
C THR E 3509 100.78 -50.48 -15.23
N LEU E 3510 101.66 -50.65 -14.25
CA LEU E 3510 102.12 -51.98 -13.82
C LEU E 3510 101.58 -52.22 -12.41
N LYS E 3511 100.44 -52.92 -12.35
CA LYS E 3511 99.80 -53.27 -11.09
C LYS E 3511 99.74 -54.78 -10.87
N LYS E 3512 100.75 -55.50 -11.36
CA LYS E 3512 100.84 -56.93 -11.09
C LYS E 3512 101.16 -57.21 -9.63
N MET E 3513 101.57 -56.19 -8.87
CA MET E 3513 101.95 -56.36 -7.47
C MET E 3513 100.84 -56.01 -6.50
N LEU E 3514 99.64 -55.69 -6.98
CA LEU E 3514 98.55 -55.38 -6.06
C LEU E 3514 98.21 -56.53 -5.11
N PRO E 3515 98.16 -57.79 -5.54
CA PRO E 3515 97.90 -58.86 -4.58
C PRO E 3515 98.92 -58.93 -3.45
N ILE E 3516 100.18 -58.59 -3.71
CA ILE E 3516 101.17 -58.61 -2.64
C ILE E 3516 100.81 -57.60 -1.56
N GLY E 3517 100.39 -56.40 -1.96
CA GLY E 3517 99.94 -55.43 -0.97
C GLY E 3517 98.67 -55.85 -0.26
N LEU E 3518 97.72 -56.42 -1.02
CA LEU E 3518 96.46 -56.86 -0.42
C LEU E 3518 96.68 -57.97 0.60
N ASN E 3519 97.69 -58.81 0.41
CA ASN E 3519 97.97 -59.88 1.35
C ASN E 3519 98.43 -59.38 2.72
N MET E 3520 98.81 -58.10 2.81
CA MET E 3520 99.35 -57.59 4.06
C MET E 3520 98.26 -57.37 5.11
N CYS E 3521 97.03 -57.13 4.70
CA CYS E 3521 95.95 -56.76 5.61
C CYS E 3521 95.04 -57.95 5.86
N ALA E 3522 94.73 -58.18 7.14
CA ALA E 3522 93.82 -59.25 7.52
C ALA E 3522 92.41 -58.93 7.03
N PRO E 3523 91.57 -59.95 6.82
CA PRO E 3523 90.19 -59.69 6.36
C PRO E 3523 89.37 -58.84 7.31
N THR E 3524 89.67 -58.87 8.62
CA THR E 3524 88.89 -58.11 9.59
C THR E 3524 88.91 -56.62 9.27
N ASP E 3525 90.01 -56.11 8.74
CA ASP E 3525 90.14 -54.70 8.40
C ASP E 3525 89.36 -54.33 7.13
N GLN E 3526 88.65 -55.28 6.52
CA GLN E 3526 87.95 -55.00 5.27
C GLN E 3526 86.97 -53.84 5.42
N GLU E 3527 86.19 -53.85 6.52
CA GLU E 3527 85.23 -52.78 6.75
C GLU E 3527 85.92 -51.42 6.83
N LEU E 3528 87.16 -51.38 7.29
CA LEU E 3528 87.91 -50.13 7.29
C LEU E 3528 88.21 -49.66 5.88
N ILE E 3529 88.57 -50.60 4.99
CA ILE E 3529 89.11 -50.24 3.68
C ILE E 3529 88.12 -49.39 2.90
N THR E 3530 86.85 -49.80 2.89
CA THR E 3530 85.85 -49.00 2.19
C THR E 3530 85.66 -47.63 2.85
N LEU E 3531 85.69 -47.56 4.18
CA LEU E 3531 85.40 -46.31 4.86
C LEU E 3531 86.39 -45.23 4.47
N ALA E 3532 87.69 -45.52 4.58
CA ALA E 3532 88.69 -44.57 4.14
C ALA E 3532 88.57 -44.28 2.65
N LYS E 3533 88.08 -45.25 1.87
CA LYS E 3533 87.89 -45.03 0.45
C LYS E 3533 86.89 -43.91 0.20
N THR E 3534 85.97 -43.68 1.14
CA THR E 3534 85.05 -42.55 1.01
C THR E 3534 85.74 -41.24 1.36
N ARG E 3535 86.67 -41.26 2.32
CA ARG E 3535 87.35 -40.04 2.72
C ARG E 3535 88.14 -39.43 1.57
N TYR E 3536 88.86 -40.27 0.83
CA TYR E 3536 89.58 -39.79 -0.35
C TYR E 3536 88.62 -39.31 -1.43
N ALA E 3537 87.37 -39.75 -1.40
CA ALA E 3537 86.37 -39.20 -2.31
C ALA E 3537 86.06 -37.74 -2.01
N LEU E 3538 86.36 -37.28 -0.79
CA LEU E 3538 86.15 -35.89 -0.41
C LEU E 3538 87.40 -35.04 -0.55
N LYS E 3539 88.41 -35.54 -1.26
CA LYS E 3539 89.67 -34.82 -1.49
C LYS E 3539 90.37 -34.47 -0.18
N ASP E 3540 90.22 -35.32 0.84
CA ASP E 3540 90.90 -35.10 2.11
C ASP E 3540 92.38 -35.40 1.99
N THR E 3541 93.16 -34.77 2.85
CA THR E 3541 94.60 -35.00 2.88
C THR E 3541 94.92 -36.31 3.58
N ASP E 3542 96.12 -36.84 3.29
CA ASP E 3542 96.51 -38.13 3.86
C ASP E 3542 96.63 -38.06 5.38
N GLU E 3543 97.17 -36.96 5.90
CA GLU E 3543 97.35 -36.84 7.35
C GLU E 3543 96.01 -36.86 8.09
N GLU E 3544 95.00 -36.16 7.58
CA GLU E 3544 93.69 -36.18 8.22
C GLU E 3544 93.08 -37.57 8.20
N VAL E 3545 93.17 -38.26 7.07
CA VAL E 3545 92.63 -39.61 6.97
C VAL E 3545 93.36 -40.56 7.92
N ARG E 3546 94.67 -40.39 8.08
CA ARG E 3546 95.40 -41.15 9.07
C ARG E 3546 94.91 -40.84 10.49
N GLU E 3547 94.65 -39.56 10.77
CA GLU E 3547 94.09 -39.19 12.07
C GLU E 3547 92.64 -39.59 12.20
N PHE E 3548 91.85 -39.41 11.14
CA PHE E 3548 90.43 -39.76 11.18
C PHE E 3548 90.29 -41.28 11.27
N LEU E 3549 89.77 -41.74 12.40
CA LEU E 3549 89.60 -43.17 12.63
C LEU E 3549 88.28 -43.46 13.33
N TRP E 3567 85.67 -68.48 7.31
CA TRP E 3567 86.66 -69.37 6.72
C TRP E 3567 87.88 -68.59 6.24
N GLN E 3568 87.67 -67.32 5.91
CA GLN E 3568 88.79 -66.48 5.48
C GLN E 3568 89.80 -66.31 6.60
N MET E 3569 89.33 -66.09 7.83
CA MET E 3569 90.23 -65.95 8.96
C MET E 3569 90.99 -67.24 9.24
N ALA E 3570 90.33 -68.39 9.08
CA ALA E 3570 91.00 -69.68 9.31
C ALA E 3570 92.16 -69.86 8.33
N LEU E 3571 91.94 -69.52 7.05
CA LEU E 3571 93.01 -69.64 6.07
C LEU E 3571 94.09 -68.59 6.30
N TYR E 3572 93.70 -67.38 6.69
CA TYR E 3572 94.68 -66.33 6.94
C TYR E 3572 95.60 -66.68 8.09
N ARG E 3573 95.05 -67.26 9.16
CA ARG E 3573 95.84 -67.62 10.32
C ARG E 3573 96.78 -68.79 10.06
N GLY E 3574 96.59 -69.52 8.96
CA GLY E 3574 97.47 -70.65 8.65
C GLY E 3574 98.86 -70.27 8.21
N LEU E 3575 99.04 -69.05 7.71
CA LEU E 3575 100.35 -68.60 7.27
C LEU E 3575 101.26 -68.32 8.47
N PRO E 3576 102.58 -68.48 8.31
CA PRO E 3576 103.55 -68.18 9.38
C PRO E 3576 103.48 -66.73 9.84
N GLN E 3593 94.06 -48.70 4.63
CA GLN E 3593 94.88 -47.53 4.90
C GLN E 3593 95.53 -47.01 3.62
N GLU E 3594 96.83 -47.28 3.47
CA GLU E 3594 97.56 -46.84 2.28
C GLU E 3594 97.04 -47.51 1.02
N VAL E 3595 96.48 -48.71 1.15
CA VAL E 3595 95.97 -49.43 -0.01
C VAL E 3595 94.74 -48.72 -0.59
N SER E 3596 93.89 -48.20 0.30
CA SER E 3596 92.65 -47.57 -0.14
C SER E 3596 92.93 -46.40 -1.08
N ALA E 3597 94.02 -45.67 -0.86
CA ALA E 3597 94.38 -44.61 -1.80
C ALA E 3597 94.65 -45.18 -3.18
N VAL E 3598 95.34 -46.33 -3.24
CA VAL E 3598 95.65 -46.95 -4.52
C VAL E 3598 94.38 -47.38 -5.24
N LEU E 3599 93.46 -48.02 -4.52
CA LEU E 3599 92.21 -48.44 -5.17
C LEU E 3599 91.38 -47.23 -5.60
N TYR E 3600 91.33 -46.18 -4.78
CA TYR E 3600 90.57 -44.99 -5.13
C TYR E 3600 91.14 -44.34 -6.39
N HIS E 3601 92.47 -44.24 -6.46
CA HIS E 3601 93.09 -43.66 -7.65
C HIS E 3601 92.85 -44.53 -8.89
N LEU E 3602 92.95 -45.85 -8.74
CA LEU E 3602 92.75 -46.74 -9.87
C LEU E 3602 91.29 -46.85 -10.28
N GLU E 3603 90.36 -46.41 -9.43
CA GLU E 3603 88.94 -46.52 -9.75
C GLU E 3603 88.57 -45.64 -10.93
N GLN E 3604 89.35 -44.60 -11.20
CA GLN E 3604 89.06 -43.71 -12.32
C GLN E 3604 89.32 -44.39 -13.66
N ASN E 3639 95.70 -7.27 -61.29
CA ASN E 3639 95.03 -7.96 -60.19
C ASN E 3639 93.54 -8.13 -60.48
N LEU E 3640 92.93 -7.09 -61.04
CA LEU E 3640 91.50 -7.07 -61.32
C LEU E 3640 91.24 -6.01 -62.38
N PRO E 3641 90.22 -6.19 -63.21
CA PRO E 3641 89.85 -5.14 -64.17
C PRO E 3641 89.52 -3.82 -63.48
N THR E 3642 89.92 -2.72 -64.12
CA THR E 3642 89.84 -1.41 -63.48
C THR E 3642 88.40 -0.98 -63.21
N HIS E 3643 87.49 -1.23 -64.16
CA HIS E 3643 86.13 -0.74 -64.01
C HIS E 3643 85.39 -1.40 -62.85
N ARG E 3644 85.58 -2.71 -62.66
CA ARG E 3644 84.98 -3.38 -61.51
C ARG E 3644 85.53 -2.81 -60.21
N ALA E 3645 86.84 -2.59 -60.15
CA ALA E 3645 87.45 -2.02 -58.96
C ALA E 3645 86.86 -0.64 -58.67
N CYS E 3646 86.65 0.16 -59.71
CA CYS E 3646 86.04 1.48 -59.54
C CYS E 3646 84.61 1.35 -59.02
N ASN E 3647 83.86 0.37 -59.51
CA ASN E 3647 82.48 0.19 -59.03
C ASN E 3647 82.45 -0.21 -57.55
N MET E 3648 83.29 -1.17 -57.16
CA MET E 3648 83.36 -1.50 -55.73
C MET E 3648 83.86 -0.32 -54.89
N PHE E 3649 84.79 0.47 -55.41
CA PHE E 3649 85.24 1.64 -54.66
C PHE E 3649 84.09 2.63 -54.49
N LEU E 3650 83.29 2.83 -55.53
CA LEU E 3650 82.16 3.74 -55.44
C LEU E 3650 81.17 3.27 -54.38
N GLU E 3651 80.81 1.99 -54.42
CA GLU E 3651 79.84 1.49 -53.44
C GLU E 3651 80.40 1.55 -52.02
N SER E 3652 81.68 1.22 -51.84
CA SER E 3652 82.28 1.26 -50.51
C SER E 3652 82.36 2.69 -49.99
N TYR E 3653 82.74 3.65 -50.84
CA TYR E 3653 82.81 5.04 -50.43
C TYR E 3653 81.43 5.57 -50.08
N LYS E 3654 80.41 5.18 -50.84
CA LYS E 3654 79.05 5.57 -50.50
C LYS E 3654 78.64 5.02 -49.14
N ALA E 3655 78.98 3.75 -48.88
CA ALA E 3655 78.56 3.11 -47.64
C ALA E 3655 79.29 3.69 -46.43
N ALA E 3656 80.58 3.99 -46.58
CA ALA E 3656 81.41 4.29 -45.42
C ALA E 3656 81.48 5.77 -45.07
N TRP E 3657 81.77 6.62 -46.04
CA TRP E 3657 82.07 8.04 -45.76
C TRP E 3657 80.88 8.97 -45.91
N ILE E 3658 80.04 8.77 -46.92
CA ILE E 3658 78.96 9.72 -47.16
C ILE E 3658 77.89 9.60 -46.08
N LEU E 3659 77.50 8.38 -45.72
CA LEU E 3659 76.43 8.20 -44.74
C LEU E 3659 76.83 8.67 -43.35
N THR E 3660 78.14 8.72 -43.06
CA THR E 3660 78.57 9.12 -41.72
C THR E 3660 78.34 10.60 -41.47
N GLU E 3661 78.34 11.42 -42.52
CA GLU E 3661 78.17 12.86 -42.35
C GLU E 3661 76.78 13.19 -41.84
N ASP E 3662 76.67 14.37 -41.22
CA ASP E 3662 75.41 14.82 -40.61
C ASP E 3662 75.07 16.22 -41.09
N HIS E 3663 73.77 16.50 -41.15
CA HIS E 3663 73.26 17.82 -41.54
C HIS E 3663 72.13 18.22 -40.62
N SER E 3664 71.96 19.53 -40.42
CA SER E 3664 70.95 20.08 -39.53
C SER E 3664 70.22 21.25 -40.20
N PHE E 3665 69.81 21.06 -41.45
CA PHE E 3665 69.21 22.15 -42.21
C PHE E 3665 67.70 22.28 -41.97
N GLU E 3666 67.10 21.36 -41.21
CA GLU E 3666 65.65 21.36 -41.07
C GLU E 3666 65.16 22.60 -40.33
N ASP E 3667 65.77 22.90 -39.19
CA ASP E 3667 65.35 24.07 -38.41
C ASP E 3667 65.58 25.36 -39.19
N ARG E 3668 66.72 25.48 -39.87
CA ARG E 3668 66.99 26.68 -40.67
C ARG E 3668 65.97 26.83 -41.78
N MET E 3669 65.63 25.74 -42.47
CA MET E 3669 64.65 25.81 -43.55
C MET E 3669 63.28 26.22 -43.02
N ILE E 3670 62.85 25.65 -41.90
CA ILE E 3670 61.56 26.02 -41.34
C ILE E 3670 61.55 27.48 -40.91
N ASP E 3671 62.63 27.94 -40.27
CA ASP E 3671 62.71 29.33 -39.84
C ASP E 3671 62.66 30.27 -41.04
N ASP E 3672 63.37 29.92 -42.12
CA ASP E 3672 63.34 30.76 -43.32
C ASP E 3672 61.95 30.79 -43.93
N LEU E 3673 61.26 29.64 -43.96
CA LEU E 3673 59.92 29.58 -44.55
C LEU E 3673 58.86 30.21 -43.68
N SER E 3674 59.15 30.47 -42.40
CA SER E 3674 58.15 31.02 -41.49
C SER E 3674 58.21 32.54 -41.38
N LYS E 3675 58.98 33.23 -42.23
CA LYS E 3675 59.21 34.65 -42.05
C LYS E 3675 57.99 35.48 -42.43
N ALA E 3676 57.58 35.42 -43.70
CA ALA E 3676 56.50 36.23 -44.25
C ALA E 3676 56.74 37.72 -44.10
N GLY E 3677 58.00 38.16 -44.23
CA GLY E 3677 58.32 39.57 -44.11
C GLY E 3677 58.07 40.33 -45.40
N GLU E 3678 58.30 41.63 -45.34
CA GLU E 3678 58.16 42.51 -46.50
C GLU E 3678 59.07 43.71 -46.39
N LYS E 3690 46.72 37.27 -45.98
CA LYS E 3690 47.54 36.54 -46.93
C LYS E 3690 48.53 35.62 -46.22
N PRO E 3691 48.49 34.33 -46.53
CA PRO E 3691 49.28 33.35 -45.79
C PRO E 3691 50.75 33.37 -46.16
N ASP E 3692 51.56 32.84 -45.24
CA ASP E 3692 52.99 32.67 -45.45
C ASP E 3692 53.24 31.40 -46.26
N PRO E 3693 54.45 31.24 -46.83
CA PRO E 3693 54.69 30.08 -47.70
C PRO E 3693 54.45 28.73 -47.04
N LEU E 3694 54.79 28.58 -45.77
CA LEU E 3694 54.53 27.32 -45.08
C LEU E 3694 53.04 27.03 -45.02
N HIS E 3695 52.23 28.07 -44.79
CA HIS E 3695 50.78 27.92 -44.82
C HIS E 3695 50.32 27.43 -46.19
N GLN E 3696 50.88 27.98 -47.26
CA GLN E 3696 50.51 27.55 -48.60
C GLN E 3696 50.90 26.10 -48.86
N LEU E 3697 52.08 25.69 -48.38
CA LEU E 3697 52.49 24.29 -48.53
C LEU E 3697 51.52 23.36 -47.81
N VAL E 3698 51.16 23.71 -46.58
CA VAL E 3698 50.23 22.89 -45.81
C VAL E 3698 48.87 22.83 -46.50
N LEU E 3699 48.40 23.97 -47.02
CA LEU E 3699 47.12 23.99 -47.71
C LEU E 3699 47.15 23.15 -48.98
N HIS E 3700 48.25 23.20 -49.72
CA HIS E 3700 48.38 22.37 -50.93
C HIS E 3700 48.32 20.89 -50.58
N PHE E 3701 49.04 20.48 -49.52
CA PHE E 3701 48.98 19.08 -49.13
C PHE E 3701 47.60 18.67 -48.65
N SER E 3702 46.90 19.56 -47.93
CA SER E 3702 45.54 19.25 -47.51
C SER E 3702 44.60 19.11 -48.71
N ARG E 3703 44.75 20.00 -49.70
CA ARG E 3703 43.94 19.88 -50.92
C ARG E 3703 44.22 18.57 -51.63
N THR E 3704 45.49 18.16 -51.70
CA THR E 3704 45.81 16.89 -52.32
C THR E 3704 45.18 15.73 -51.55
N ALA E 3705 45.19 15.81 -50.22
CA ALA E 3705 44.61 14.74 -49.40
C ALA E 3705 43.10 14.66 -49.53
N LEU E 3706 42.41 15.79 -49.66
CA LEU E 3706 40.95 15.79 -49.62
C LEU E 3706 40.29 15.38 -50.93
N THR E 3707 41.06 15.17 -52.00
CA THR E 3707 40.46 14.83 -53.28
C THR E 3707 39.82 13.44 -53.22
N GLU E 3708 38.82 13.22 -54.07
CA GLU E 3708 38.09 11.95 -54.09
C GLU E 3708 38.76 11.01 -55.07
N LYS E 3709 39.33 9.92 -54.57
CA LYS E 3709 40.00 8.93 -55.40
C LYS E 3709 39.91 7.57 -54.73
N SER E 3710 40.02 6.52 -55.55
CA SER E 3710 39.92 5.16 -55.02
C SER E 3710 41.17 4.72 -54.27
N LYS E 3711 42.32 5.34 -54.53
CA LYS E 3711 43.56 4.92 -53.90
C LYS E 3711 44.45 6.14 -53.71
N LEU E 3712 45.34 6.05 -52.73
CA LEU E 3712 46.29 7.11 -52.42
C LEU E 3712 47.63 6.79 -53.08
N ASP E 3713 47.93 7.49 -54.17
CA ASP E 3713 49.19 7.28 -54.87
C ASP E 3713 50.36 7.88 -54.08
N GLU E 3714 51.54 7.32 -54.29
CA GLU E 3714 52.72 7.80 -53.59
C GLU E 3714 53.09 9.20 -54.05
N ASP E 3715 53.69 9.97 -53.15
CA ASP E 3715 54.10 11.35 -53.44
C ASP E 3715 55.38 11.61 -52.65
N TYR E 3716 56.52 11.60 -53.34
CA TYR E 3716 57.81 11.74 -52.67
C TYR E 3716 58.01 13.12 -52.08
N LEU E 3717 57.46 14.15 -52.70
CA LEU E 3717 57.55 15.50 -52.14
C LEU E 3717 56.92 15.56 -50.77
N TYR E 3718 55.73 14.96 -50.62
CA TYR E 3718 55.06 14.94 -49.32
C TYR E 3718 55.89 14.22 -48.28
N MET E 3719 56.46 13.07 -48.66
CA MET E 3719 57.26 12.30 -47.70
C MET E 3719 58.48 13.08 -47.24
N ALA E 3720 59.19 13.72 -48.19
CA ALA E 3720 60.38 14.48 -47.83
C ALA E 3720 60.02 15.66 -46.93
N TYR E 3721 58.97 16.40 -47.28
CA TYR E 3721 58.63 17.58 -46.48
C TYR E 3721 58.06 17.19 -45.12
N ALA E 3722 57.33 16.07 -45.05
CA ALA E 3722 56.87 15.58 -43.76
C ALA E 3722 58.04 15.16 -42.88
N ASP E 3723 59.05 14.52 -43.47
CA ASP E 3723 60.24 14.19 -42.70
C ASP E 3723 60.93 15.44 -42.18
N ILE E 3724 61.03 16.48 -43.02
CA ILE E 3724 61.66 17.73 -42.60
C ILE E 3724 60.88 18.36 -41.44
N MET E 3725 59.56 18.42 -41.57
CA MET E 3725 58.74 19.00 -40.50
C MET E 3725 58.85 18.21 -39.21
N ALA E 3726 58.85 16.87 -39.31
CA ALA E 3726 58.97 16.03 -38.13
C ALA E 3726 60.31 16.23 -37.43
N LYS E 3727 61.39 16.31 -38.21
CA LYS E 3727 62.71 16.52 -37.62
C LYS E 3727 62.88 17.94 -37.08
N SER E 3728 62.09 18.90 -37.56
CA SER E 3728 62.23 20.28 -37.10
C SER E 3728 61.83 20.46 -35.63
N CYS E 3729 61.04 19.53 -35.08
CA CYS E 3729 60.51 19.68 -33.73
C CYS E 3729 61.32 18.97 -32.66
N HIS E 3730 62.46 18.39 -33.00
CA HIS E 3730 63.28 17.68 -32.04
C HIS E 3730 63.87 18.64 -31.01
N SER E 3747 68.42 20.48 -13.18
CA SER E 3747 68.10 21.88 -12.94
C SER E 3747 66.68 22.21 -13.39
N PHE E 3748 65.89 22.79 -12.48
CA PHE E 3748 64.49 23.10 -12.77
C PHE E 3748 64.35 24.11 -13.91
N GLU E 3749 65.20 25.15 -13.90
CA GLU E 3749 65.11 26.18 -14.93
C GLU E 3749 65.41 25.61 -16.31
N GLU E 3750 66.39 24.71 -16.41
CA GLU E 3750 66.69 24.10 -17.69
C GLU E 3750 65.52 23.29 -18.22
N LYS E 3751 64.87 22.53 -17.35
CA LYS E 3751 63.70 21.75 -17.76
C LYS E 3751 62.58 22.66 -18.25
N GLU E 3752 62.33 23.76 -17.54
CA GLU E 3752 61.30 24.69 -17.97
C GLU E 3752 61.64 25.32 -19.32
N MET E 3753 62.91 25.68 -19.51
CA MET E 3753 63.33 26.25 -20.79
C MET E 3753 63.15 25.25 -21.92
N GLU E 3754 63.50 23.98 -21.69
CA GLU E 3754 63.32 22.97 -22.72
C GLU E 3754 61.84 22.80 -23.06
N LYS E 3755 60.98 22.79 -22.04
CA LYS E 3755 59.54 22.67 -22.28
C LYS E 3755 59.04 23.84 -23.12
N GLN E 3756 59.45 25.06 -22.79
CA GLN E 3756 59.00 26.23 -23.54
C GLN E 3756 59.49 26.21 -24.97
N ARG E 3757 60.75 25.81 -25.19
CA ARG E 3757 61.29 25.72 -26.54
C ARG E 3757 60.50 24.70 -27.37
N LEU E 3758 60.22 23.53 -26.78
CA LEU E 3758 59.46 22.52 -27.51
C LEU E 3758 58.05 23.02 -27.82
N LEU E 3759 57.42 23.71 -26.87
CA LEU E 3759 56.08 24.24 -27.12
C LEU E 3759 56.09 25.26 -28.24
N TYR E 3760 57.09 26.14 -28.28
CA TYR E 3760 57.19 27.12 -29.34
C TYR E 3760 57.37 26.44 -30.70
N GLN E 3761 58.26 25.44 -30.76
CA GLN E 3761 58.49 24.74 -32.01
C GLN E 3761 57.23 24.03 -32.50
N GLN E 3762 56.49 23.40 -31.59
CA GLN E 3762 55.26 22.73 -31.98
C GLN E 3762 54.19 23.73 -32.40
N ALA E 3763 54.14 24.89 -31.75
CA ALA E 3763 53.20 25.93 -32.13
C ALA E 3763 53.47 26.43 -33.54
N ARG E 3764 54.75 26.54 -33.92
CA ARG E 3764 55.08 26.99 -35.27
C ARG E 3764 54.34 26.18 -36.33
N LEU E 3765 54.22 24.87 -36.13
CA LEU E 3765 53.53 24.03 -37.09
C LEU E 3765 52.03 23.97 -36.86
N HIS E 3766 51.58 23.86 -35.61
CA HIS E 3766 50.15 23.63 -35.40
C HIS E 3766 49.35 24.91 -35.50
N ASN E 3767 50.00 26.07 -35.67
CA ASN E 3767 49.25 27.28 -35.95
C ASN E 3767 48.91 27.42 -37.43
N ARG E 3768 49.37 26.50 -38.28
CA ARG E 3768 49.18 26.60 -39.72
C ARG E 3768 48.36 25.46 -40.29
N GLY E 3769 47.86 24.54 -39.45
CA GLY E 3769 46.96 23.51 -39.92
C GLY E 3769 47.58 22.15 -40.16
N ALA E 3770 48.56 21.74 -39.34
CA ALA E 3770 49.19 20.45 -39.55
C ALA E 3770 48.33 19.29 -39.06
N ALA E 3771 47.59 19.48 -37.96
CA ALA E 3771 46.82 18.39 -37.37
C ALA E 3771 45.71 17.92 -38.29
N GLU E 3772 44.99 18.87 -38.90
CA GLU E 3772 43.94 18.48 -39.85
C GLU E 3772 44.53 17.75 -41.04
N MET E 3773 45.69 18.19 -41.52
CA MET E 3773 46.36 17.48 -42.61
C MET E 3773 46.71 16.07 -42.20
N VAL E 3774 47.22 15.88 -40.99
CA VAL E 3774 47.59 14.54 -40.52
C VAL E 3774 46.35 13.66 -40.47
N LEU E 3775 45.25 14.17 -39.91
CA LEU E 3775 44.03 13.38 -39.83
C LEU E 3775 43.51 13.03 -41.21
N GLN E 3776 43.52 13.99 -42.14
CA GLN E 3776 43.04 13.72 -43.49
C GLN E 3776 43.89 12.68 -44.20
N MET E 3777 45.22 12.78 -44.05
CA MET E 3777 46.10 11.80 -44.68
C MET E 3777 45.90 10.42 -44.10
N ILE E 3778 45.71 10.33 -42.78
CA ILE E 3778 45.45 9.04 -42.16
C ILE E 3778 44.14 8.46 -42.68
N SER E 3779 43.10 9.29 -42.78
CA SER E 3779 41.80 8.81 -43.24
C SER E 3779 41.83 8.41 -44.71
N ALA E 3780 42.72 9.03 -45.51
CA ALA E 3780 42.72 8.79 -46.94
C ALA E 3780 43.46 7.51 -47.32
N CYS E 3781 44.20 6.90 -46.40
CA CYS E 3781 44.94 5.69 -46.75
C CYS E 3781 44.04 4.47 -46.83
N LYS E 3782 42.89 4.49 -46.17
CA LYS E 3782 41.92 3.40 -46.21
C LYS E 3782 42.50 2.07 -45.76
N GLY E 3783 43.37 2.10 -44.75
CA GLY E 3783 43.87 0.89 -44.14
C GLY E 3783 45.00 0.19 -44.87
N GLU E 3784 45.62 0.83 -45.86
CA GLU E 3784 46.71 0.19 -46.59
C GLU E 3784 48.05 0.68 -46.05
N THR E 3785 48.86 -0.28 -45.60
CA THR E 3785 50.17 0.05 -45.04
C THR E 3785 51.14 0.48 -46.13
N GLY E 3786 52.11 1.31 -45.74
CA GLY E 3786 53.07 1.82 -46.69
C GLY E 3786 53.92 2.89 -46.05
N ALA E 3787 54.65 3.61 -46.93
CA ALA E 3787 55.53 4.67 -46.45
C ALA E 3787 54.78 5.95 -46.09
N MET E 3788 53.71 6.27 -46.82
CA MET E 3788 52.98 7.51 -46.55
C MET E 3788 52.37 7.51 -45.16
N VAL E 3789 51.75 6.39 -44.76
CA VAL E 3789 51.14 6.32 -43.44
C VAL E 3789 52.20 6.37 -42.35
N SER E 3790 53.37 5.76 -42.59
CA SER E 3790 54.44 5.82 -41.61
C SER E 3790 54.94 7.25 -41.44
N SER E 3791 55.12 7.98 -42.53
CA SER E 3791 55.54 9.38 -42.43
C SER E 3791 54.49 10.22 -41.72
N THR E 3792 53.21 9.98 -42.02
CA THR E 3792 52.15 10.74 -41.35
C THR E 3792 52.14 10.46 -39.85
N LEU E 3793 52.30 9.19 -39.47
CA LEU E 3793 52.32 8.85 -38.06
C LEU E 3793 53.53 9.48 -37.35
N LYS E 3794 54.69 9.48 -38.01
CA LYS E 3794 55.87 10.11 -37.42
C LYS E 3794 55.66 11.60 -37.23
N LEU E 3795 55.06 12.27 -38.21
CA LEU E 3795 54.79 13.70 -38.07
C LEU E 3795 53.81 13.96 -36.94
N GLY E 3796 52.76 13.14 -36.84
CA GLY E 3796 51.81 13.30 -35.76
C GLY E 3796 52.44 13.12 -34.39
N ILE E 3797 53.29 12.10 -34.25
CA ILE E 3797 54.00 11.88 -32.99
C ILE E 3797 54.92 13.06 -32.69
N SER E 3798 55.56 13.60 -33.73
CA SER E 3798 56.46 14.74 -33.54
C SER E 3798 55.71 15.95 -33.01
N ILE E 3799 54.53 16.23 -33.55
CA ILE E 3799 53.80 17.42 -33.12
C ILE E 3799 52.97 17.18 -31.86
N LEU E 3800 52.75 15.92 -31.46
CA LEU E 3800 51.98 15.63 -30.27
C LEU E 3800 52.84 15.33 -29.04
N ASN E 3801 54.16 15.38 -29.17
CA ASN E 3801 55.04 14.97 -28.07
C ASN E 3801 54.85 15.85 -26.85
N GLY E 3802 54.85 15.21 -25.68
CA GLY E 3802 54.71 15.91 -24.42
C GLY E 3802 53.29 16.11 -23.94
N GLY E 3803 52.29 15.75 -24.76
CA GLY E 3803 50.91 15.94 -24.37
C GLY E 3803 50.43 17.36 -24.60
N ASN E 3804 50.52 17.83 -25.84
CA ASN E 3804 50.12 19.19 -26.17
C ASN E 3804 48.59 19.27 -26.16
N ALA E 3805 48.04 20.18 -25.33
CA ALA E 3805 46.59 20.25 -25.17
C ALA E 3805 45.92 20.91 -26.37
N ASP E 3806 46.57 21.91 -26.97
CA ASP E 3806 45.97 22.63 -28.09
C ASP E 3806 45.78 21.70 -29.30
N VAL E 3807 46.78 20.87 -29.59
CA VAL E 3807 46.68 19.94 -30.71
C VAL E 3807 45.56 18.93 -30.47
N GLN E 3808 45.45 18.42 -29.24
CA GLN E 3808 44.39 17.49 -28.90
C GLN E 3808 43.02 18.15 -29.07
N GLN E 3809 42.87 19.38 -28.60
CA GLN E 3809 41.60 20.08 -28.72
C GLN E 3809 41.22 20.30 -30.17
N LYS E 3810 42.19 20.72 -30.99
CA LYS E 3810 41.90 20.94 -32.41
C LYS E 3810 41.53 19.65 -33.11
N MET E 3811 42.25 18.56 -32.84
CA MET E 3811 41.94 17.28 -33.46
C MET E 3811 40.54 16.80 -33.05
N LEU E 3812 40.22 16.91 -31.77
CA LEU E 3812 38.91 16.47 -31.31
C LEU E 3812 37.79 17.30 -31.93
N ASP E 3813 37.99 18.62 -32.01
CA ASP E 3813 36.98 19.48 -32.62
C ASP E 3813 36.77 19.13 -34.09
N TYR E 3814 37.86 18.92 -34.83
CA TYR E 3814 37.74 18.55 -36.24
C TYR E 3814 37.01 17.21 -36.40
N LEU E 3815 37.38 16.23 -35.58
CA LEU E 3815 36.77 14.91 -35.68
C LEU E 3815 35.28 14.96 -35.37
N LYS E 3816 34.90 15.69 -34.31
CA LYS E 3816 33.48 15.78 -33.96
C LYS E 3816 32.71 16.60 -34.98
N ASP E 3817 33.36 17.55 -35.65
CA ASP E 3817 32.66 18.34 -36.66
C ASP E 3817 32.41 17.55 -37.94
N LYS E 3818 33.41 16.80 -38.39
CA LYS E 3818 33.29 16.15 -39.70
C LYS E 3818 32.33 14.98 -39.71
N LYS E 3819 32.17 14.27 -38.60
CA LYS E 3819 31.29 13.11 -38.48
C LYS E 3819 31.61 12.02 -39.49
N GLU E 3820 32.89 11.84 -39.82
CA GLU E 3820 33.28 10.83 -40.80
C GLU E 3820 33.63 9.52 -40.09
N VAL E 3821 33.34 8.40 -40.78
CA VAL E 3821 33.63 7.09 -40.22
C VAL E 3821 34.89 6.47 -40.81
N GLY E 3822 35.52 7.12 -41.78
CA GLY E 3822 36.70 6.53 -42.41
C GLY E 3822 37.90 6.44 -41.48
N PHE E 3823 38.03 7.40 -40.55
CA PHE E 3823 39.21 7.48 -39.70
C PHE E 3823 39.36 6.24 -38.84
N PHE E 3824 38.32 5.88 -38.10
CA PHE E 3824 38.43 4.76 -37.17
C PHE E 3824 38.43 3.43 -37.90
N GLN E 3825 37.73 3.34 -39.03
CA GLN E 3825 37.81 2.14 -39.86
C GLN E 3825 39.23 1.91 -40.36
N SER E 3826 39.89 2.99 -40.81
CA SER E 3826 41.27 2.87 -41.26
C SER E 3826 42.19 2.48 -40.11
N ILE E 3827 41.96 3.05 -38.92
CA ILE E 3827 42.77 2.70 -37.76
C ILE E 3827 42.61 1.22 -37.42
N GLN E 3828 41.37 0.72 -37.43
CA GLN E 3828 41.12 -0.68 -37.13
C GLN E 3828 41.75 -1.59 -38.17
N ALA E 3829 41.65 -1.22 -39.45
CA ALA E 3829 42.25 -2.02 -40.51
C ALA E 3829 43.76 -2.06 -40.37
N LEU E 3830 44.37 -0.93 -40.01
CA LEU E 3830 45.82 -0.90 -39.79
C LEU E 3830 46.20 -1.77 -38.60
N MET E 3831 45.41 -1.73 -37.53
CA MET E 3831 45.70 -2.55 -36.36
C MET E 3831 45.59 -4.04 -36.66
N GLN E 3832 44.61 -4.43 -37.49
CA GLN E 3832 44.38 -5.86 -37.72
C GLN E 3832 45.49 -6.51 -38.55
N THR E 3833 46.41 -5.73 -39.12
CA THR E 3833 47.46 -6.28 -39.97
C THR E 3833 48.84 -6.25 -39.33
N CYS E 3834 48.94 -5.84 -38.06
CA CYS E 3834 50.22 -5.88 -37.37
C CYS E 3834 50.64 -7.32 -37.13
N SER E 3835 51.92 -7.60 -37.31
CA SER E 3835 52.43 -8.97 -37.27
C SER E 3835 52.90 -9.33 -35.86
N VAL E 3836 53.11 -10.63 -35.66
CA VAL E 3836 53.62 -11.17 -34.41
C VAL E 3836 54.71 -12.19 -34.73
N LEU E 3837 55.23 -12.83 -33.70
CA LEU E 3837 56.26 -13.84 -33.88
C LEU E 3837 55.70 -15.05 -34.62
N ASP E 3838 56.47 -15.54 -35.60
CA ASP E 3838 56.10 -16.71 -36.38
C ASP E 3838 57.20 -17.76 -36.24
N LEU E 3839 56.82 -18.99 -35.94
CA LEU E 3839 57.81 -20.03 -35.68
C LEU E 3839 58.26 -20.74 -36.96
N ASN E 3840 57.33 -21.02 -37.87
CA ASN E 3840 57.70 -21.69 -39.11
C ASN E 3840 58.64 -20.82 -39.95
N ALA E 3841 58.37 -19.52 -40.02
CA ALA E 3841 59.29 -18.62 -40.72
C ALA E 3841 60.65 -18.59 -40.03
N PHE E 3842 60.67 -18.63 -38.70
CA PHE E 3842 61.94 -18.68 -37.98
C PHE E 3842 62.72 -19.94 -38.35
N GLU E 3843 62.05 -21.09 -38.39
CA GLU E 3843 62.72 -22.33 -38.79
C GLU E 3843 63.23 -22.25 -40.22
N ARG E 3844 62.42 -21.70 -41.13
CA ARG E 3844 62.84 -21.56 -42.52
C ARG E 3844 64.09 -20.69 -42.63
N GLN E 3845 64.12 -19.56 -41.93
CA GLN E 3845 65.30 -18.70 -41.95
C GLN E 3845 66.49 -19.40 -41.30
N ASN E 3846 66.25 -20.16 -40.23
CA ASN E 3846 67.33 -20.87 -39.56
C ASN E 3846 67.99 -21.90 -40.47
N LYS E 3847 67.19 -22.61 -41.27
CA LYS E 3847 67.76 -23.60 -42.18
C LYS E 3847 68.67 -22.97 -43.22
N ALA E 3848 68.51 -21.70 -43.52
CA ALA E 3848 69.35 -21.01 -44.49
C ALA E 3848 70.75 -20.79 -43.92
N LYS E 3868 63.18 -11.16 -40.96
CA LYS E 3868 61.95 -11.53 -41.65
C LYS E 3868 60.93 -12.13 -40.69
N VAL E 3869 61.32 -12.26 -39.42
CA VAL E 3869 60.41 -12.79 -38.41
C VAL E 3869 59.38 -11.74 -38.00
N MET E 3870 59.85 -10.58 -37.55
CA MET E 3870 58.98 -9.45 -37.20
C MET E 3870 59.57 -8.22 -37.89
N ALA E 3871 59.08 -7.93 -39.09
CA ALA E 3871 59.65 -6.87 -39.91
C ALA E 3871 58.98 -5.52 -39.71
N ASP E 3872 57.76 -5.49 -39.20
CA ASP E 3872 57.00 -4.25 -39.07
C ASP E 3872 56.80 -3.85 -37.60
N ASP E 3873 57.82 -4.03 -36.78
CA ASP E 3873 57.70 -3.68 -35.36
C ASP E 3873 57.68 -2.17 -35.16
N GLU E 3874 58.48 -1.43 -35.94
CA GLU E 3874 58.56 0.01 -35.80
C GLU E 3874 57.21 0.66 -36.11
N PHE E 3875 56.51 0.17 -37.14
CA PHE E 3875 55.20 0.72 -37.47
C PHE E 3875 54.20 0.47 -36.35
N THR E 3876 54.24 -0.71 -35.75
CA THR E 3876 53.36 -1.01 -34.62
C THR E 3876 53.64 -0.08 -33.45
N GLN E 3877 54.92 0.12 -33.13
CA GLN E 3877 55.27 1.03 -32.05
C GLN E 3877 54.80 2.44 -32.34
N ASP E 3878 54.96 2.89 -33.59
CA ASP E 3878 54.50 4.23 -33.97
C ASP E 3878 53.00 4.37 -33.80
N LEU E 3879 52.24 3.36 -34.24
CA LEU E 3879 50.79 3.41 -34.14
C LEU E 3879 50.33 3.49 -32.68
N PHE E 3880 50.88 2.62 -31.84
CA PHE E 3880 50.43 2.62 -30.44
C PHE E 3880 50.93 3.83 -29.69
N ARG E 3881 52.12 4.36 -30.05
CA ARG E 3881 52.58 5.61 -29.48
C ARG E 3881 51.67 6.78 -29.87
N PHE E 3882 51.21 6.79 -31.12
CA PHE E 3882 50.26 7.82 -31.56
C PHE E 3882 48.98 7.76 -30.75
N LEU E 3883 48.44 6.55 -30.54
CA LEU E 3883 47.22 6.43 -29.75
C LEU E 3883 47.46 6.88 -28.31
N GLN E 3884 48.57 6.48 -27.70
CA GLN E 3884 48.86 6.88 -26.33
C GLN E 3884 48.97 8.40 -26.22
N LEU E 3885 49.68 9.03 -27.15
CA LEU E 3885 49.78 10.49 -27.14
C LEU E 3885 48.43 11.14 -27.40
N LEU E 3886 47.54 10.45 -28.12
CA LEU E 3886 46.18 10.95 -28.26
C LEU E 3886 45.47 10.97 -26.92
N CYS E 3887 45.68 9.94 -26.09
CA CYS E 3887 45.06 9.90 -24.77
C CYS E 3887 45.92 10.53 -23.67
N GLU E 3888 47.09 11.05 -23.99
CA GLU E 3888 48.01 11.53 -22.97
C GLU E 3888 47.44 12.74 -22.22
N GLY E 3889 47.76 12.82 -20.92
CA GLY E 3889 47.40 13.95 -20.10
C GLY E 3889 46.10 13.84 -19.34
N HIS E 3890 45.55 12.63 -19.20
CA HIS E 3890 44.23 12.43 -18.58
C HIS E 3890 43.15 13.27 -19.25
N ASN E 3891 43.13 13.24 -20.59
CA ASN E 3891 42.11 13.94 -21.36
C ASN E 3891 40.85 13.08 -21.42
N ASN E 3892 39.88 13.38 -20.57
CA ASN E 3892 38.70 12.53 -20.44
C ASN E 3892 37.88 12.49 -21.72
N ASP E 3893 37.76 13.64 -22.40
CA ASP E 3893 36.92 13.71 -23.60
C ASP E 3893 37.41 12.77 -24.68
N PHE E 3894 38.72 12.74 -24.90
CA PHE E 3894 39.26 11.89 -25.96
C PHE E 3894 39.18 10.41 -25.58
N GLN E 3895 39.33 10.09 -24.30
CA GLN E 3895 39.14 8.72 -23.85
C GLN E 3895 37.72 8.25 -24.14
N ASN E 3896 36.72 9.06 -23.75
CA ASN E 3896 35.34 8.69 -24.00
C ASN E 3896 35.05 8.61 -25.50
N TYR E 3897 35.61 9.53 -26.28
CA TYR E 3897 35.42 9.46 -27.74
C TYR E 3897 36.05 8.22 -28.34
N LEU E 3898 37.23 7.82 -27.85
CA LEU E 3898 37.83 6.59 -28.32
C LEU E 3898 37.02 5.36 -27.96
N ARG E 3899 36.35 5.36 -26.81
CA ARG E 3899 35.50 4.20 -26.49
C ARG E 3899 34.24 4.16 -27.35
N THR E 3900 33.62 5.31 -27.60
CA THR E 3900 32.35 5.35 -28.31
C THR E 3900 32.19 6.67 -29.02
N GLN E 3901 31.83 6.62 -30.30
CA GLN E 3901 31.54 7.82 -31.09
C GLN E 3901 30.04 8.03 -31.09
N THR E 3902 29.58 9.07 -30.38
CA THR E 3902 28.15 9.27 -30.19
C THR E 3902 27.45 9.72 -31.47
N GLY E 3903 28.03 10.70 -32.16
CA GLY E 3903 27.33 11.33 -33.27
C GLY E 3903 27.42 10.60 -34.60
N ASN E 3904 28.25 9.58 -34.70
CA ASN E 3904 28.42 8.88 -35.97
C ASN E 3904 27.31 7.86 -36.18
N THR E 3905 27.21 7.37 -37.41
CA THR E 3905 26.21 6.35 -37.73
C THR E 3905 26.62 4.98 -37.21
N THR E 3906 27.93 4.74 -37.07
CA THR E 3906 28.44 3.48 -36.56
C THR E 3906 29.55 3.78 -35.55
N THR E 3907 29.86 2.78 -34.72
CA THR E 3907 30.79 2.93 -33.62
C THR E 3907 31.82 1.81 -33.65
N ILE E 3908 33.04 2.13 -33.23
CA ILE E 3908 34.13 1.17 -33.14
C ILE E 3908 34.82 1.35 -31.79
N ASN E 3909 35.15 0.23 -31.14
CA ASN E 3909 35.77 0.24 -29.81
C ASN E 3909 37.25 -0.11 -29.97
N ILE E 3910 38.11 0.89 -29.80
CA ILE E 3910 39.55 0.70 -29.98
C ILE E 3910 40.17 -0.13 -28.86
N ILE E 3911 39.64 -0.01 -27.63
CA ILE E 3911 40.23 -0.71 -26.49
C ILE E 3911 40.20 -2.22 -26.73
N ILE E 3912 39.09 -2.73 -27.24
CA ILE E 3912 38.97 -4.16 -27.48
C ILE E 3912 39.94 -4.60 -28.57
N CYS E 3913 40.17 -3.76 -29.58
CA CYS E 3913 41.15 -4.09 -30.61
C CYS E 3913 42.55 -4.19 -30.02
N THR E 3914 42.91 -3.26 -29.13
CA THR E 3914 44.20 -3.34 -28.47
C THR E 3914 44.32 -4.62 -27.66
N VAL E 3915 43.24 -4.99 -26.96
CA VAL E 3915 43.26 -6.22 -26.17
C VAL E 3915 43.45 -7.44 -27.06
N ASP E 3916 42.79 -7.46 -28.23
CA ASP E 3916 42.94 -8.58 -29.14
C ASP E 3916 44.37 -8.70 -29.64
N TYR E 3917 44.99 -7.58 -30.00
CA TYR E 3917 46.39 -7.64 -30.45
C TYR E 3917 47.29 -8.12 -29.32
N LEU E 3918 47.03 -7.67 -28.09
CA LEU E 3918 47.82 -8.14 -26.96
C LEU E 3918 47.69 -9.64 -26.77
N LEU E 3919 46.47 -10.18 -26.94
CA LEU E 3919 46.26 -11.62 -26.82
C LEU E 3919 47.06 -12.37 -27.87
N ARG E 3920 47.02 -11.89 -29.12
CA ARG E 3920 47.78 -12.57 -30.18
C ARG E 3920 49.26 -12.57 -29.89
N LEU E 3921 49.79 -11.41 -29.45
CA LEU E 3921 51.22 -11.33 -29.15
C LEU E 3921 51.60 -12.25 -28.00
N GLN E 3922 50.75 -12.34 -26.98
CA GLN E 3922 51.03 -13.20 -25.84
C GLN E 3922 51.06 -14.67 -26.27
N GLU E 3923 50.13 -15.07 -27.13
CA GLU E 3923 50.13 -16.45 -27.61
C GLU E 3923 51.38 -16.75 -28.42
N SER E 3924 51.81 -15.81 -29.26
CA SER E 3924 53.04 -16.02 -30.02
C SER E 3924 54.25 -16.17 -29.10
N ILE E 3925 54.34 -15.34 -28.07
CA ILE E 3925 55.46 -15.43 -27.13
C ILE E 3925 55.43 -16.76 -26.39
N SER E 3926 54.25 -17.22 -25.99
CA SER E 3926 54.14 -18.52 -25.31
C SER E 3926 54.61 -19.65 -26.23
N ASP E 3927 54.23 -19.61 -27.50
CA ASP E 3927 54.69 -20.63 -28.43
C ASP E 3927 56.21 -20.60 -28.58
N PHE E 3928 56.80 -19.40 -28.63
CA PHE E 3928 58.25 -19.31 -28.70
C PHE E 3928 58.92 -19.93 -27.49
N TYR E 3929 58.40 -19.63 -26.29
CA TYR E 3929 59.00 -20.23 -25.09
C TYR E 3929 58.84 -21.75 -25.11
N TRP E 3930 57.70 -22.25 -25.53
CA TRP E 3930 57.52 -23.70 -25.64
C TRP E 3930 58.54 -24.30 -26.59
N TYR E 3931 58.83 -23.61 -27.70
CA TYR E 3931 59.86 -24.10 -28.62
C TYR E 3931 61.23 -24.15 -27.93
N TYR E 3932 61.57 -23.12 -27.16
CA TYR E 3932 62.91 -23.04 -26.59
C TYR E 3932 63.04 -23.67 -25.21
N SER E 3933 62.01 -24.35 -24.71
CA SER E 3933 62.07 -24.91 -23.37
C SER E 3933 63.14 -26.00 -23.26
N GLY E 3934 63.21 -26.88 -24.26
CA GLY E 3934 64.08 -28.05 -24.16
C GLY E 3934 65.56 -27.76 -24.25
N LYS E 3935 65.95 -26.72 -24.97
CA LYS E 3935 67.36 -26.43 -25.16
C LYS E 3935 68.01 -25.95 -23.87
N ASP E 3936 69.33 -26.10 -23.79
CA ASP E 3936 70.08 -25.66 -22.61
C ASP E 3936 70.56 -24.23 -22.72
N VAL E 3937 70.85 -23.75 -23.93
CA VAL E 3937 71.28 -22.38 -24.15
C VAL E 3937 70.50 -21.82 -25.34
N ILE E 3938 70.46 -20.49 -25.42
CA ILE E 3938 69.67 -19.78 -26.42
C ILE E 3938 70.61 -19.07 -27.38
N GLU E 3939 70.38 -19.24 -28.68
CA GLU E 3939 71.20 -18.61 -29.70
C GLU E 3939 70.83 -17.14 -29.83
N GLU E 3940 71.69 -16.38 -30.52
CA GLU E 3940 71.56 -14.92 -30.56
C GLU E 3940 70.25 -14.49 -31.23
N GLN E 3941 69.85 -15.18 -32.30
CA GLN E 3941 68.65 -14.78 -33.04
C GLN E 3941 67.41 -14.85 -32.15
N GLY E 3942 67.30 -15.91 -31.36
CA GLY E 3942 66.19 -15.99 -30.42
C GLY E 3942 66.21 -14.85 -29.42
N LYS E 3943 67.40 -14.46 -28.96
CA LYS E 3943 67.51 -13.37 -28.01
C LYS E 3943 67.01 -12.06 -28.62
N ARG E 3944 67.42 -11.78 -29.86
CA ARG E 3944 67.00 -10.53 -30.50
C ARG E 3944 65.50 -10.54 -30.79
N ASN E 3945 64.95 -11.69 -31.19
CA ASN E 3945 63.51 -11.79 -31.41
C ASN E 3945 62.74 -11.54 -30.12
N PHE E 3946 63.20 -12.14 -29.01
CA PHE E 3946 62.57 -11.91 -27.73
C PHE E 3946 62.64 -10.43 -27.35
N SER E 3947 63.80 -9.80 -27.58
CA SER E 3947 63.96 -8.41 -27.22
C SER E 3947 62.97 -7.51 -27.97
N LYS E 3948 62.83 -7.73 -29.29
CA LYS E 3948 61.92 -6.88 -30.04
C LYS E 3948 60.46 -7.15 -29.66
N ALA E 3949 60.10 -8.41 -29.41
CA ALA E 3949 58.73 -8.71 -28.98
C ALA E 3949 58.40 -8.03 -27.66
N MET E 3950 59.32 -8.09 -26.69
CA MET E 3950 59.07 -7.43 -25.42
C MET E 3950 59.06 -5.91 -25.55
N SER E 3951 59.86 -5.37 -26.49
CA SER E 3951 59.81 -3.94 -26.74
C SER E 3951 58.43 -3.52 -27.26
N VAL E 3952 57.80 -4.36 -28.08
CA VAL E 3952 56.44 -4.04 -28.53
C VAL E 3952 55.45 -4.17 -27.39
N ALA E 3953 55.61 -5.21 -26.56
CA ALA E 3953 54.67 -5.44 -25.46
C ALA E 3953 54.68 -4.28 -24.47
N LYS E 3954 55.86 -3.70 -24.22
CA LYS E 3954 55.95 -2.54 -23.33
C LYS E 3954 55.06 -1.41 -23.80
N GLN E 3955 55.13 -1.09 -25.09
CA GLN E 3955 54.33 0.00 -25.64
C GLN E 3955 52.84 -0.33 -25.57
N VAL E 3956 52.46 -1.58 -25.83
CA VAL E 3956 51.05 -1.94 -25.72
C VAL E 3956 50.54 -1.73 -24.29
N PHE E 3957 51.32 -2.17 -23.30
CA PHE E 3957 50.92 -1.99 -21.90
C PHE E 3957 50.81 -0.51 -21.55
N ASN E 3958 51.76 0.31 -22.02
CA ASN E 3958 51.70 1.74 -21.75
C ASN E 3958 50.46 2.36 -22.36
N SER E 3959 50.10 1.94 -23.57
CA SER E 3959 48.90 2.47 -24.21
C SER E 3959 47.64 2.14 -23.40
N LEU E 3960 47.55 0.90 -22.92
CA LEU E 3960 46.39 0.55 -22.07
C LEU E 3960 46.37 1.38 -20.79
N THR E 3961 47.53 1.53 -20.15
CA THR E 3961 47.60 2.32 -18.92
C THR E 3961 47.14 3.74 -19.16
N GLU E 3962 47.58 4.36 -20.27
CA GLU E 3962 47.12 5.70 -20.59
C GLU E 3962 45.63 5.72 -20.92
N TYR E 3963 45.09 4.62 -21.45
CA TYR E 3963 43.65 4.56 -21.65
C TYR E 3963 42.88 4.64 -20.33
N ILE E 3964 43.33 3.93 -19.29
CA ILE E 3964 42.54 3.86 -18.06
C ILE E 3964 43.09 4.70 -16.92
N GLN E 3965 43.87 5.75 -17.20
CA GLN E 3965 44.54 6.48 -16.13
C GLN E 3965 43.73 7.66 -15.60
N GLY E 3966 42.49 7.86 -16.06
CA GLY E 3966 41.73 9.05 -15.74
C GLY E 3966 41.63 9.41 -14.27
N PRO E 3967 40.91 8.60 -13.48
CA PRO E 3967 40.19 7.36 -13.83
C PRO E 3967 38.97 7.60 -14.71
N CYS E 3968 38.91 6.93 -15.85
CA CYS E 3968 37.74 6.94 -16.73
C CYS E 3968 36.97 5.67 -16.43
N THR E 3969 35.86 5.81 -15.70
CA THR E 3969 35.14 4.65 -15.19
C THR E 3969 34.62 3.77 -16.33
N GLY E 3970 34.17 4.40 -17.43
CA GLY E 3970 33.69 3.62 -18.56
C GLY E 3970 34.75 2.71 -19.14
N ASN E 3971 35.98 3.22 -19.28
CA ASN E 3971 37.06 2.40 -19.79
C ASN E 3971 37.41 1.26 -18.84
N GLN E 3972 37.39 1.54 -17.53
CA GLN E 3972 37.64 0.48 -16.54
C GLN E 3972 36.59 -0.62 -16.63
N GLN E 3973 35.32 -0.23 -16.74
CA GLN E 3973 34.26 -1.21 -16.85
C GLN E 3973 34.37 -2.02 -18.14
N SER E 3974 34.74 -1.34 -19.24
CA SER E 3974 34.91 -2.04 -20.51
C SER E 3974 36.06 -3.05 -20.43
N LEU E 3975 37.17 -2.66 -19.81
CA LEU E 3975 38.31 -3.56 -19.71
C LEU E 3975 38.04 -4.73 -18.77
N ALA E 3976 37.28 -4.49 -17.70
CA ALA E 3976 37.05 -5.53 -16.71
C ALA E 3976 36.27 -6.71 -17.28
N HIS E 3977 35.47 -6.48 -18.30
CA HIS E 3977 34.64 -7.52 -18.89
C HIS E 3977 35.22 -8.11 -20.17
N SER E 3978 36.46 -7.75 -20.51
CA SER E 3978 37.09 -8.23 -21.73
C SER E 3978 37.89 -9.51 -21.46
N ARG E 3979 38.69 -9.91 -22.46
CA ARG E 3979 39.56 -11.08 -22.36
C ARG E 3979 40.87 -10.79 -21.66
N LEU E 3980 41.10 -9.54 -21.25
CA LEU E 3980 42.40 -9.12 -20.75
C LEU E 3980 42.93 -10.06 -19.67
N TRP E 3981 42.07 -10.47 -18.73
CA TRP E 3981 42.52 -11.34 -17.64
C TRP E 3981 43.27 -12.55 -18.18
N ASP E 3982 42.69 -13.24 -19.18
CA ASP E 3982 43.35 -14.41 -19.73
C ASP E 3982 44.76 -14.09 -20.17
N ALA E 3983 44.93 -12.98 -20.91
CA ALA E 3983 46.26 -12.61 -21.38
C ALA E 3983 47.23 -12.51 -20.22
N VAL E 3984 46.83 -11.83 -19.14
CA VAL E 3984 47.72 -11.66 -18.00
C VAL E 3984 48.19 -13.02 -17.50
N VAL E 3985 47.25 -13.97 -17.38
CA VAL E 3985 47.61 -15.29 -16.88
C VAL E 3985 48.73 -15.87 -17.72
N GLY E 3986 48.59 -15.80 -19.05
CA GLY E 3986 49.63 -16.35 -19.91
C GLY E 3986 50.98 -15.75 -19.63
N PHE E 3987 51.04 -14.43 -19.46
CA PHE E 3987 52.31 -13.79 -19.17
C PHE E 3987 52.91 -14.33 -17.88
N LEU E 3988 52.07 -14.49 -16.85
CA LEU E 3988 52.56 -14.99 -15.57
C LEU E 3988 53.14 -16.38 -15.70
N HIS E 3989 52.70 -17.13 -16.72
CA HIS E 3989 53.27 -18.46 -16.94
C HIS E 3989 54.69 -18.34 -17.48
N VAL E 3990 54.92 -17.41 -18.42
CA VAL E 3990 56.23 -17.31 -19.05
C VAL E 3990 57.25 -16.77 -18.07
N PHE E 3991 56.92 -15.66 -17.40
CA PHE E 3991 57.88 -14.98 -16.54
C PHE E 3991 58.46 -15.94 -15.50
N ALA E 3992 57.59 -16.62 -14.76
CA ALA E 3992 58.04 -17.52 -13.70
C ALA E 3992 58.99 -18.58 -14.25
N HIS E 3993 58.76 -19.04 -15.48
CA HIS E 3993 59.62 -20.07 -16.04
C HIS E 3993 60.87 -19.47 -16.68
N MET E 3994 60.82 -18.20 -17.08
CA MET E 3994 61.93 -17.64 -17.85
C MET E 3994 63.12 -17.30 -16.96
N MET E 3995 62.88 -16.55 -15.88
CA MET E 3995 64.00 -16.08 -15.05
C MET E 3995 64.78 -17.26 -14.48
N MET E 3996 64.08 -18.27 -13.96
CA MET E 3996 64.75 -19.46 -13.47
C MET E 3996 65.68 -20.06 -14.51
N LYS E 3997 65.27 -20.02 -15.78
CA LYS E 3997 66.14 -20.50 -16.84
C LYS E 3997 67.26 -19.51 -17.13
N LEU E 3998 66.96 -18.22 -17.13
CA LEU E 3998 67.96 -17.23 -17.52
C LEU E 3998 68.95 -16.96 -16.39
N ALA E 3999 68.56 -17.13 -15.14
CA ALA E 3999 69.45 -16.85 -14.02
C ALA E 3999 70.60 -17.83 -13.92
N GLN E 4000 70.50 -18.99 -14.58
CA GLN E 4000 71.54 -20.02 -14.45
C GLN E 4000 72.74 -19.75 -15.34
N ASP E 4001 72.66 -18.79 -16.27
CA ASP E 4001 73.76 -18.45 -17.14
C ASP E 4001 73.98 -16.96 -17.12
N SER E 4002 75.24 -16.54 -16.97
CA SER E 4002 75.56 -15.11 -16.94
C SER E 4002 75.48 -14.47 -18.32
N SER E 4003 75.75 -15.25 -19.37
CA SER E 4003 75.84 -14.67 -20.71
C SER E 4003 74.53 -14.04 -21.16
N GLN E 4004 73.41 -14.39 -20.54
CA GLN E 4004 72.10 -13.86 -20.91
C GLN E 4004 71.62 -12.76 -19.96
N ILE E 4005 72.51 -12.22 -19.12
CA ILE E 4005 72.09 -11.29 -18.08
C ILE E 4005 71.38 -10.09 -18.69
N GLU E 4006 71.93 -9.54 -19.78
CA GLU E 4006 71.33 -8.36 -20.41
C GLU E 4006 69.90 -8.63 -20.87
N LEU E 4007 69.58 -9.88 -21.22
CA LEU E 4007 68.20 -10.21 -21.54
C LEU E 4007 67.33 -10.18 -20.30
N LEU E 4008 67.81 -10.81 -19.21
CA LEU E 4008 66.98 -10.97 -18.02
C LEU E 4008 66.49 -9.63 -17.50
N LYS E 4009 67.39 -8.64 -17.42
CA LYS E 4009 67.00 -7.30 -16.98
C LYS E 4009 65.80 -6.81 -17.76
N GLU E 4010 65.86 -6.90 -19.10
CA GLU E 4010 64.74 -6.47 -19.92
C GLU E 4010 63.45 -7.14 -19.49
N LEU E 4011 63.49 -8.46 -19.29
CA LEU E 4011 62.31 -9.19 -18.86
C LEU E 4011 61.73 -8.57 -17.59
N LEU E 4012 62.58 -8.27 -16.62
CA LEU E 4012 62.09 -7.69 -15.37
C LEU E 4012 61.45 -6.34 -15.63
N ASP E 4013 62.06 -5.52 -16.50
CA ASP E 4013 61.48 -4.23 -16.83
C ASP E 4013 60.11 -4.38 -17.48
N LEU E 4014 59.87 -5.51 -18.15
CA LEU E 4014 58.53 -5.76 -18.66
C LEU E 4014 57.54 -5.98 -17.53
N GLN E 4015 57.92 -6.79 -16.53
CA GLN E 4015 56.98 -7.18 -15.49
C GLN E 4015 56.42 -5.97 -14.77
N LYS E 4016 57.29 -5.04 -14.37
CA LYS E 4016 56.83 -3.81 -13.73
C LYS E 4016 55.78 -3.12 -14.57
N ASP E 4017 56.02 -3.00 -15.88
CA ASP E 4017 55.07 -2.30 -16.75
C ASP E 4017 53.70 -2.96 -16.74
N MET E 4018 53.65 -4.28 -16.52
CA MET E 4018 52.35 -4.91 -16.35
C MET E 4018 51.73 -4.54 -15.02
N VAL E 4019 52.51 -4.64 -13.93
CA VAL E 4019 51.94 -4.49 -12.60
C VAL E 4019 51.36 -3.10 -12.43
N VAL E 4020 52.05 -2.08 -12.94
CA VAL E 4020 51.54 -0.71 -12.85
C VAL E 4020 50.14 -0.63 -13.44
N MET E 4021 49.93 -1.25 -14.61
CA MET E 4021 48.61 -1.22 -15.23
C MET E 4021 47.56 -1.82 -14.30
N LEU E 4022 47.92 -2.91 -13.62
CA LEU E 4022 46.99 -3.50 -12.66
C LEU E 4022 46.61 -2.49 -11.58
N LEU E 4023 47.59 -1.76 -11.07
CA LEU E 4023 47.29 -0.73 -10.08
C LEU E 4023 46.37 0.32 -10.66
N SER E 4024 46.52 0.62 -11.95
CA SER E 4024 45.65 1.60 -12.59
C SER E 4024 44.21 1.14 -12.61
N LEU E 4025 43.98 -0.17 -12.50
CA LEU E 4025 42.61 -0.67 -12.45
C LEU E 4025 41.99 -0.54 -11.06
N LEU E 4026 42.79 -0.22 -10.05
CA LEU E 4026 42.30 -0.14 -8.68
C LEU E 4026 42.07 1.29 -8.21
N GLU E 4027 42.17 2.28 -9.10
CA GLU E 4027 41.92 3.66 -8.71
C GLU E 4027 40.44 3.84 -8.39
N GLY E 4028 40.15 4.54 -7.29
CA GLY E 4028 38.78 4.75 -6.88
C GLY E 4028 38.01 3.50 -6.51
N ASN E 4029 38.69 2.48 -6.01
CA ASN E 4029 38.04 1.21 -5.69
C ASN E 4029 37.55 1.23 -4.25
N VAL E 4030 36.27 0.90 -4.05
CA VAL E 4030 35.68 0.85 -2.72
C VAL E 4030 36.02 -0.50 -2.09
N VAL E 4031 35.76 -0.63 -0.78
CA VAL E 4031 35.99 -1.90 -0.11
C VAL E 4031 35.03 -2.94 -0.67
N ASN E 4032 35.55 -4.15 -0.91
CA ASN E 4032 34.81 -5.25 -1.51
C ASN E 4032 34.27 -4.91 -2.90
N GLY E 4033 35.05 -4.17 -3.70
CA GLY E 4033 34.66 -3.92 -5.06
C GLY E 4033 34.77 -5.16 -5.92
N MET E 4034 34.08 -5.14 -7.06
CA MET E 4034 34.05 -6.32 -7.92
C MET E 4034 35.37 -6.50 -8.66
N ILE E 4035 36.06 -5.42 -9.01
CA ILE E 4035 37.30 -5.52 -9.74
C ILE E 4035 38.38 -6.17 -8.88
N ALA E 4036 38.43 -5.81 -7.60
CA ALA E 4036 39.41 -6.43 -6.69
C ALA E 4036 39.14 -7.91 -6.52
N ARG E 4037 37.87 -8.30 -6.42
CA ARG E 4037 37.54 -9.72 -6.31
C ARG E 4037 37.93 -10.48 -7.58
N GLN E 4038 37.70 -9.86 -8.74
CA GLN E 4038 38.14 -10.47 -10.00
C GLN E 4038 39.66 -10.63 -10.03
N MET E 4039 40.40 -9.62 -9.55
CA MET E 4039 41.85 -9.73 -9.49
C MET E 4039 42.29 -10.85 -8.56
N VAL E 4040 41.62 -11.01 -7.42
CA VAL E 4040 41.95 -12.08 -6.49
C VAL E 4040 41.70 -13.44 -7.15
N ASP E 4041 40.59 -13.57 -7.87
CA ASP E 4041 40.32 -14.82 -8.58
C ASP E 4041 41.38 -15.10 -9.62
N MET E 4042 41.80 -14.07 -10.37
CA MET E 4042 42.86 -14.25 -11.36
C MET E 4042 44.16 -14.69 -10.72
N LEU E 4043 44.51 -14.10 -9.57
CA LEU E 4043 45.73 -14.51 -8.88
C LEU E 4043 45.63 -15.94 -8.36
N VAL E 4044 44.44 -16.33 -7.88
CA VAL E 4044 44.25 -17.70 -7.42
C VAL E 4044 44.44 -18.68 -8.58
N GLU E 4045 44.02 -18.27 -9.77
CA GLU E 4045 44.19 -19.13 -10.94
C GLU E 4045 45.66 -19.42 -11.28
N SER E 4046 46.57 -18.48 -11.00
CA SER E 4046 47.98 -18.64 -11.34
C SER E 4046 48.86 -18.69 -10.09
N SER E 4047 48.24 -19.06 -8.96
CA SER E 4047 48.95 -19.27 -7.69
C SER E 4047 50.31 -19.92 -7.85
N SER E 4048 50.43 -20.95 -8.70
CA SER E 4048 51.71 -21.66 -8.80
C SER E 4048 52.83 -20.76 -9.31
N ASN E 4049 52.60 -20.05 -10.42
CA ASN E 4049 53.61 -19.15 -10.95
C ASN E 4049 53.86 -17.98 -10.02
N VAL E 4050 52.81 -17.48 -9.35
CA VAL E 4050 52.98 -16.40 -8.39
C VAL E 4050 53.91 -16.85 -7.26
N GLU E 4051 53.68 -18.06 -6.75
CA GLU E 4051 54.53 -18.61 -5.69
C GLU E 4051 55.96 -18.77 -6.16
N MET E 4052 56.15 -19.23 -7.40
CA MET E 4052 57.51 -19.36 -7.93
C MET E 4052 58.21 -18.01 -7.98
N ILE E 4053 57.52 -16.96 -8.43
CA ILE E 4053 58.12 -15.63 -8.50
C ILE E 4053 58.48 -15.13 -7.10
N LEU E 4054 57.56 -15.32 -6.14
CA LEU E 4054 57.83 -14.88 -4.78
C LEU E 4054 59.04 -15.60 -4.19
N LYS E 4055 59.13 -16.92 -4.43
CA LYS E 4055 60.30 -17.66 -3.97
C LYS E 4055 61.58 -17.14 -4.63
N PHE E 4056 61.52 -16.81 -5.92
CA PHE E 4056 62.69 -16.29 -6.62
C PHE E 4056 63.18 -15.01 -5.95
N PHE E 4057 62.27 -14.11 -5.61
CA PHE E 4057 62.68 -12.88 -4.93
C PHE E 4057 63.23 -13.18 -3.53
N ASP E 4058 62.53 -14.01 -2.76
CA ASP E 4058 62.90 -14.24 -1.37
C ASP E 4058 64.27 -14.91 -1.25
N MET E 4059 64.58 -15.84 -2.15
CA MET E 4059 65.85 -16.55 -2.08
C MET E 4059 67.03 -15.57 -2.13
N PHE E 4060 67.04 -14.68 -3.11
CA PHE E 4060 68.15 -13.74 -3.22
C PHE E 4060 68.11 -12.67 -2.13
N LEU E 4061 66.91 -12.24 -1.71
CA LEU E 4061 66.84 -11.28 -0.61
C LEU E 4061 67.46 -11.87 0.66
N LYS E 4062 67.26 -13.15 0.91
CA LYS E 4062 67.85 -13.79 2.09
C LYS E 4062 69.35 -14.05 1.88
N LEU E 4063 69.74 -14.40 0.66
CA LEU E 4063 71.15 -14.67 0.39
C LEU E 4063 72.01 -13.42 0.60
N LYS E 4064 71.51 -12.25 0.19
CA LYS E 4064 72.28 -11.03 0.34
C LYS E 4064 72.61 -10.77 1.81
N ASP E 4065 71.65 -11.01 2.71
CA ASP E 4065 71.92 -10.81 4.13
C ASP E 4065 72.76 -11.93 4.72
N ILE E 4066 72.58 -13.16 4.24
CA ILE E 4066 73.29 -14.29 4.81
C ILE E 4066 74.78 -14.20 4.49
N VAL E 4067 75.13 -13.81 3.26
CA VAL E 4067 76.53 -13.75 2.85
C VAL E 4067 77.30 -12.79 3.74
N GLY E 4068 76.70 -11.65 4.10
CA GLY E 4068 77.37 -10.67 4.93
C GLY E 4068 77.42 -10.99 6.40
N SER E 4069 76.83 -12.10 6.83
CA SER E 4069 76.85 -12.48 8.23
C SER E 4069 78.26 -12.85 8.68
N GLU E 4070 78.57 -12.54 9.94
CA GLU E 4070 79.90 -12.84 10.47
C GLU E 4070 80.16 -14.34 10.55
N ALA E 4071 79.11 -15.14 10.79
CA ALA E 4071 79.28 -16.59 10.85
C ALA E 4071 79.74 -17.14 9.51
N PHE E 4072 79.18 -16.62 8.40
CA PHE E 4072 79.60 -17.08 7.09
C PHE E 4072 81.04 -16.69 6.80
N GLN E 4073 81.48 -15.54 7.30
CA GLN E 4073 82.86 -15.10 7.10
C GLN E 4073 83.88 -16.00 7.75
N ASP E 4074 83.46 -16.87 8.68
CA ASP E 4074 84.40 -17.82 9.28
C ASP E 4074 84.86 -18.86 8.27
N TYR E 4075 83.98 -19.31 7.38
CA TYR E 4075 84.31 -20.39 6.45
C TYR E 4075 85.24 -19.94 5.32
N VAL E 4076 85.17 -18.68 4.91
CA VAL E 4076 86.06 -18.20 3.85
C VAL E 4076 87.46 -18.01 4.43
N THR E 4077 88.45 -18.65 3.81
CA THR E 4077 89.81 -18.62 4.34
C THR E 4077 90.87 -18.26 3.30
N ASP E 4078 90.59 -18.36 2.00
CA ASP E 4078 91.59 -17.99 1.00
C ASP E 4078 91.88 -16.50 1.10
N PRO E 4079 93.15 -16.09 0.94
CA PRO E 4079 93.46 -14.65 1.00
C PRO E 4079 92.76 -13.84 -0.07
N ARG E 4080 92.51 -14.41 -1.24
CA ARG E 4080 91.82 -13.71 -2.31
C ARG E 4080 90.34 -13.50 -2.03
N GLY E 4081 89.77 -14.20 -1.05
CA GLY E 4081 88.39 -14.02 -0.68
C GLY E 4081 87.41 -14.96 -1.35
N LEU E 4082 87.87 -15.89 -2.17
CA LEU E 4082 86.98 -16.84 -2.83
C LEU E 4082 86.81 -18.08 -1.97
N ILE E 4083 85.69 -18.78 -2.17
CA ILE E 4083 85.27 -19.89 -1.33
C ILE E 4083 84.98 -21.09 -2.22
N SER E 4084 85.34 -22.28 -1.73
CA SER E 4084 85.10 -23.51 -2.48
C SER E 4084 83.63 -23.87 -2.48
N LYS E 4085 83.23 -24.66 -3.48
CA LYS E 4085 81.84 -25.09 -3.56
C LYS E 4085 81.48 -25.99 -2.39
N LYS E 4086 82.38 -26.89 -2.00
CA LYS E 4086 82.13 -27.75 -0.84
C LYS E 4086 82.00 -26.92 0.43
N ASP E 4087 82.87 -25.92 0.60
CA ASP E 4087 82.76 -25.03 1.75
C ASP E 4087 81.46 -24.23 1.71
N PHE E 4088 81.06 -23.78 0.52
CA PHE E 4088 79.80 -23.06 0.39
C PHE E 4088 78.62 -23.93 0.81
N GLN E 4089 78.58 -25.18 0.34
CA GLN E 4089 77.51 -26.09 0.72
C GLN E 4089 77.53 -26.38 2.21
N LYS E 4090 78.73 -26.56 2.78
CA LYS E 4090 78.84 -26.82 4.21
C LYS E 4090 78.30 -25.64 5.02
N ALA E 4091 78.66 -24.42 4.63
CA ALA E 4091 78.18 -23.23 5.34
C ALA E 4091 76.67 -23.10 5.21
N MET E 4092 76.14 -23.31 4.00
CA MET E 4092 74.71 -23.19 3.81
C MET E 4092 73.94 -24.22 4.64
N ASP E 4093 74.46 -25.45 4.69
CA ASP E 4093 73.80 -26.48 5.50
C ASP E 4093 73.92 -26.17 6.98
N SER E 4094 75.06 -25.60 7.39
CA SER E 4094 75.25 -25.23 8.79
C SER E 4094 74.27 -24.15 9.23
N GLN E 4095 74.03 -23.15 8.36
CA GLN E 4095 73.07 -22.11 8.70
C GLN E 4095 71.66 -22.67 8.84
N LYS E 4096 71.30 -23.63 7.99
CA LYS E 4096 70.01 -24.33 8.08
C LYS E 4096 68.83 -23.41 7.84
N GLN E 4097 68.85 -22.69 6.71
CA GLN E 4097 67.72 -21.86 6.30
C GLN E 4097 67.14 -22.28 4.96
N PHE E 4098 67.90 -22.98 4.13
CA PHE E 4098 67.46 -23.40 2.82
C PHE E 4098 67.32 -24.92 2.77
N THR E 4099 66.48 -25.40 1.87
CA THR E 4099 66.41 -26.83 1.59
C THR E 4099 67.52 -27.23 0.63
N GLY E 4100 67.68 -28.53 0.44
CA GLY E 4100 68.69 -29.07 -0.44
C GLY E 4100 68.58 -28.58 -1.87
N PRO E 4101 67.40 -28.72 -2.49
CA PRO E 4101 67.24 -28.21 -3.86
C PRO E 4101 67.52 -26.73 -4.00
N GLU E 4102 67.19 -25.92 -2.99
CA GLU E 4102 67.50 -24.49 -3.05
C GLU E 4102 69.01 -24.26 -3.09
N ILE E 4103 69.75 -24.96 -2.24
CA ILE E 4103 71.21 -24.81 -2.23
C ILE E 4103 71.79 -25.28 -3.56
N GLN E 4104 71.25 -26.37 -4.11
CA GLN E 4104 71.70 -26.82 -5.43
C GLN E 4104 71.42 -25.78 -6.50
N PHE E 4105 70.28 -25.10 -6.40
CA PHE E 4105 69.97 -24.05 -7.37
C PHE E 4105 70.93 -22.88 -7.25
N LEU E 4106 71.26 -22.48 -6.01
CA LEU E 4106 72.29 -21.45 -5.82
C LEU E 4106 73.63 -21.88 -6.43
N LEU E 4107 74.01 -23.15 -6.21
CA LEU E 4107 75.25 -23.64 -6.79
C LEU E 4107 75.21 -23.59 -8.32
N SER E 4108 74.06 -23.95 -8.90
CA SER E 4108 73.92 -23.88 -10.35
C SER E 4108 74.02 -22.44 -10.86
N CYS E 4109 73.43 -21.48 -10.13
CA CYS E 4109 73.52 -20.08 -10.52
C CYS E 4109 74.89 -19.49 -10.23
N SER E 4110 75.69 -20.13 -9.37
CA SER E 4110 77.02 -19.63 -9.08
C SER E 4110 77.92 -19.78 -10.30
N GLU E 4111 78.73 -18.75 -10.56
CA GLU E 4111 79.64 -18.74 -11.70
C GLU E 4111 81.02 -19.25 -11.29
N ALA E 4112 81.04 -20.49 -10.82
CA ALA E 4112 82.28 -21.11 -10.39
C ALA E 4112 83.22 -21.31 -11.58
N ASP E 4113 84.50 -21.03 -11.37
CA ASP E 4113 85.50 -21.18 -12.42
C ASP E 4113 85.95 -22.63 -12.55
N GLU E 4114 87.00 -22.85 -13.33
CA GLU E 4114 87.57 -24.19 -13.47
C GLU E 4114 88.19 -24.70 -12.17
N ASN E 4115 88.47 -23.82 -11.21
CA ASN E 4115 89.04 -24.21 -9.93
C ASN E 4115 87.98 -24.36 -8.85
N GLU E 4116 86.70 -24.38 -9.21
CA GLU E 4116 85.60 -24.46 -8.25
C GLU E 4116 85.66 -23.34 -7.23
N MET E 4117 86.09 -22.15 -7.67
CA MET E 4117 86.26 -20.99 -6.80
C MET E 4117 85.07 -20.05 -7.00
N ILE E 4118 84.44 -19.63 -5.90
CA ILE E 4118 83.24 -18.82 -5.96
C ILE E 4118 83.52 -17.44 -5.37
N ASP E 4119 83.18 -16.40 -6.13
CA ASP E 4119 83.30 -15.02 -5.69
C ASP E 4119 81.97 -14.60 -5.07
N CYS E 4120 81.89 -14.66 -3.74
CA CYS E 4120 80.65 -14.35 -3.05
C CYS E 4120 80.28 -12.88 -3.16
N GLU E 4121 81.27 -11.98 -3.18
CA GLU E 4121 80.99 -10.55 -3.23
C GLU E 4121 80.24 -10.17 -4.50
N GLU E 4122 80.67 -10.72 -5.65
CA GLU E 4122 79.97 -10.45 -6.90
C GLU E 4122 78.67 -11.23 -6.96
N PHE E 4123 78.63 -12.43 -6.39
CA PHE E 4123 77.43 -13.25 -6.44
C PHE E 4123 76.27 -12.58 -5.71
N ALA E 4124 76.55 -11.99 -4.54
CA ALA E 4124 75.47 -11.41 -3.74
C ALA E 4124 74.84 -10.20 -4.39
N ASN E 4125 75.64 -9.39 -5.11
CA ASN E 4125 75.17 -8.10 -5.61
C ASN E 4125 74.66 -8.16 -7.05
N ARG E 4126 74.57 -9.35 -7.64
CA ARG E 4126 74.22 -9.44 -9.06
C ARG E 4126 72.78 -9.01 -9.32
N PHE E 4127 71.84 -9.41 -8.45
CA PHE E 4127 70.41 -9.23 -8.70
C PHE E 4127 69.76 -8.23 -7.75
N GLN E 4128 70.43 -7.10 -7.46
CA GLN E 4128 69.90 -6.18 -6.46
C GLN E 4128 68.86 -5.22 -7.07
N GLU E 4129 69.29 -4.38 -8.01
CA GLU E 4129 68.51 -3.24 -8.48
C GLU E 4129 67.21 -3.62 -9.21
N PRO E 4130 67.24 -4.50 -10.22
CA PRO E 4130 65.98 -4.79 -10.93
C PRO E 4130 65.00 -5.55 -10.07
N ALA E 4131 65.49 -6.51 -9.29
CA ALA E 4131 64.62 -7.23 -8.37
C ALA E 4131 64.01 -6.28 -7.35
N ARG E 4132 64.78 -5.31 -6.86
CA ARG E 4132 64.22 -4.27 -6.00
C ARG E 4132 63.09 -3.53 -6.68
N ASP E 4133 63.33 -3.08 -7.92
CA ASP E 4133 62.34 -2.25 -8.61
C ASP E 4133 61.04 -3.00 -8.83
N ILE E 4134 61.11 -4.28 -9.21
CA ILE E 4134 59.87 -5.03 -9.43
C ILE E 4134 59.23 -5.41 -8.10
N GLY E 4135 60.04 -5.78 -7.11
CA GLY E 4135 59.50 -6.25 -5.85
C GLY E 4135 58.77 -5.17 -5.07
N PHE E 4136 59.22 -3.92 -5.19
CA PHE E 4136 58.51 -2.84 -4.51
C PHE E 4136 57.08 -2.74 -5.02
N ASN E 4137 56.89 -2.78 -6.34
CA ASN E 4137 55.56 -2.71 -6.91
C ASN E 4137 54.74 -3.94 -6.55
N VAL E 4138 55.38 -5.12 -6.51
CA VAL E 4138 54.66 -6.33 -6.13
C VAL E 4138 54.15 -6.20 -4.70
N ALA E 4139 54.99 -5.71 -3.79
CA ALA E 4139 54.57 -5.52 -2.41
C ALA E 4139 53.46 -4.50 -2.29
N VAL E 4140 53.54 -3.41 -3.06
CA VAL E 4140 52.47 -2.40 -3.04
C VAL E 4140 51.15 -3.02 -3.46
N LEU E 4141 51.17 -3.80 -4.54
CA LEU E 4141 49.96 -4.46 -5.03
C LEU E 4141 49.39 -5.40 -3.97
N LEU E 4142 50.24 -6.20 -3.34
CA LEU E 4142 49.77 -7.14 -2.33
C LEU E 4142 49.16 -6.40 -1.14
N THR E 4143 49.81 -5.33 -0.69
CA THR E 4143 49.27 -4.57 0.44
C THR E 4143 47.92 -3.96 0.11
N ASN E 4144 47.80 -3.37 -1.09
CA ASN E 4144 46.53 -2.77 -1.49
C ASN E 4144 45.42 -3.81 -1.52
N LEU E 4145 45.69 -4.95 -2.16
CA LEU E 4145 44.67 -6.01 -2.25
C LEU E 4145 44.29 -6.52 -0.87
N SER E 4146 45.28 -6.68 0.02
CA SER E 4146 44.99 -7.14 1.37
C SER E 4146 44.11 -6.14 2.12
N GLU E 4147 44.40 -4.85 1.99
CA GLU E 4147 43.65 -3.87 2.75
C GLU E 4147 42.25 -3.65 2.19
N HIS E 4148 42.05 -3.87 0.89
CA HIS E 4148 40.74 -3.60 0.32
C HIS E 4148 39.85 -4.83 0.20
N VAL E 4149 40.38 -6.04 0.40
CA VAL E 4149 39.55 -7.24 0.39
C VAL E 4149 39.84 -8.07 1.62
N PRO E 4150 39.33 -7.69 2.79
CA PRO E 4150 39.56 -8.48 4.00
C PRO E 4150 38.72 -9.75 4.01
N HIS E 4151 39.09 -10.67 4.91
CA HIS E 4151 38.40 -11.93 5.19
C HIS E 4151 38.50 -12.93 4.05
N ASP E 4152 39.57 -12.91 3.26
CA ASP E 4152 39.78 -13.91 2.22
C ASP E 4152 41.00 -14.74 2.57
N PRO E 4153 40.85 -16.05 2.84
CA PRO E 4153 42.01 -16.87 3.24
C PRO E 4153 43.08 -17.03 2.17
N ARG E 4154 42.71 -17.04 0.88
CA ARG E 4154 43.69 -17.23 -0.18
C ARG E 4154 44.67 -16.06 -0.27
N LEU E 4155 44.15 -14.84 -0.19
CA LEU E 4155 45.03 -13.68 -0.15
C LEU E 4155 45.88 -13.70 1.12
N ARG E 4156 45.34 -14.23 2.22
CA ARG E 4156 46.12 -14.38 3.43
C ARG E 4156 47.29 -15.35 3.23
N ASN E 4157 47.06 -16.45 2.52
CA ASN E 4157 48.14 -17.38 2.21
C ASN E 4157 49.19 -16.73 1.33
N PHE E 4158 48.75 -15.97 0.32
CA PHE E 4158 49.69 -15.26 -0.54
C PHE E 4158 50.53 -14.27 0.26
N LEU E 4159 49.90 -13.55 1.19
CA LEU E 4159 50.64 -12.64 2.06
C LEU E 4159 51.64 -13.40 2.94
N GLU E 4160 51.23 -14.55 3.45
CA GLU E 4160 52.13 -15.34 4.30
C GLU E 4160 53.35 -15.80 3.52
N LEU E 4161 53.17 -16.13 2.24
CA LEU E 4161 54.32 -16.55 1.43
C LEU E 4161 55.29 -15.40 1.19
N ALA E 4162 54.82 -14.15 1.29
CA ALA E 4162 55.66 -13.00 0.98
C ALA E 4162 56.04 -12.18 2.21
N GLU E 4163 56.32 -12.83 3.34
CA GLU E 4163 56.66 -12.09 4.55
C GLU E 4163 58.00 -11.35 4.40
N SER E 4164 58.98 -11.99 3.77
CA SER E 4164 60.32 -11.40 3.70
C SER E 4164 60.32 -10.10 2.89
N ILE E 4165 59.62 -10.08 1.77
CA ILE E 4165 59.59 -8.89 0.92
C ILE E 4165 58.94 -7.73 1.66
N LEU E 4166 57.81 -7.99 2.33
CA LEU E 4166 57.14 -6.93 3.09
C LEU E 4166 58.01 -6.44 4.23
N GLU E 4167 58.67 -7.36 4.94
CA GLU E 4167 59.55 -6.94 6.03
C GLU E 4167 60.70 -6.09 5.52
N TYR E 4168 61.26 -6.44 4.37
CA TYR E 4168 62.36 -5.65 3.82
C TYR E 4168 61.88 -4.27 3.36
N PHE E 4169 60.72 -4.21 2.71
CA PHE E 4169 60.27 -2.95 2.11
C PHE E 4169 59.40 -2.10 3.02
N ARG E 4170 59.16 -2.54 4.26
CA ARG E 4170 58.35 -1.75 5.19
C ARG E 4170 58.84 -0.31 5.39
N PRO E 4171 60.12 -0.02 5.60
CA PRO E 4171 60.53 1.37 5.84
C PRO E 4171 60.32 2.29 4.64
N TYR E 4172 60.18 1.75 3.43
CA TYR E 4172 60.07 2.58 2.23
C TYR E 4172 58.64 2.75 1.72
N LEU E 4173 57.65 2.24 2.43
CA LEU E 4173 56.26 2.35 2.01
C LEU E 4173 55.62 3.54 2.70
N GLY E 4174 55.22 4.56 1.95
CA GLY E 4174 54.51 5.69 2.50
C GLY E 4174 53.03 5.61 2.17
N ARG E 4175 52.21 5.80 3.20
CA ARG E 4175 50.76 5.66 3.09
C ARG E 4175 50.11 6.94 3.60
N ILE E 4176 49.20 7.52 2.82
CA ILE E 4176 48.46 8.69 3.24
C ILE E 4176 46.99 8.50 2.86
N GLU E 4177 46.14 9.37 3.40
CA GLU E 4177 44.73 9.42 3.05
C GLU E 4177 44.38 10.82 2.57
N ILE E 4178 43.66 10.89 1.45
CA ILE E 4178 43.25 12.16 0.87
C ILE E 4178 41.74 12.17 0.70
N MET E 4179 41.23 13.37 0.43
CA MET E 4179 39.79 13.61 0.31
C MET E 4179 39.49 13.87 -1.16
N GLY E 4180 38.91 12.88 -1.83
CA GLY E 4180 38.76 12.93 -3.27
C GLY E 4180 37.62 13.83 -3.74
N ALA E 4181 37.57 14.02 -5.05
CA ALA E 4181 36.51 14.83 -5.65
C ALA E 4181 35.17 14.10 -5.59
N SER E 4182 35.19 12.78 -5.46
CA SER E 4182 33.98 11.96 -5.37
C SER E 4182 33.33 12.02 -4.00
N ARG E 4183 33.75 12.97 -3.16
CA ARG E 4183 33.22 13.13 -1.80
C ARG E 4183 33.45 11.88 -0.95
N ARG E 4184 34.60 11.24 -1.12
CA ARG E 4184 34.96 10.05 -0.36
C ARG E 4184 36.44 10.09 -0.02
N ILE E 4185 36.81 9.31 0.98
CA ILE E 4185 38.19 9.24 1.45
C ILE E 4185 38.92 8.14 0.69
N GLU E 4186 40.12 8.44 0.20
CA GLU E 4186 40.92 7.47 -0.53
C GLU E 4186 42.28 7.30 0.14
N ARG E 4187 42.89 6.14 -0.06
CA ARG E 4187 44.20 5.84 0.48
C ARG E 4187 45.21 5.72 -0.65
N ILE E 4188 46.39 6.32 -0.46
CA ILE E 4188 47.41 6.42 -1.49
C ILE E 4188 48.72 5.87 -0.95
N TYR E 4189 49.37 5.04 -1.75
CA TYR E 4189 50.66 4.45 -1.42
C TYR E 4189 51.73 5.01 -2.36
N PHE E 4190 52.95 5.17 -1.83
CA PHE E 4190 54.05 5.67 -2.64
C PHE E 4190 55.37 5.24 -1.99
N GLU E 4191 56.46 5.66 -2.63
CA GLU E 4191 57.81 5.28 -2.22
C GLU E 4191 58.50 6.44 -1.53
N ILE E 4192 59.25 6.14 -0.48
CA ILE E 4192 60.05 7.13 0.24
C ILE E 4192 61.51 6.81 -0.01
N SER E 4193 62.25 7.80 -0.53
CA SER E 4193 63.65 7.60 -0.85
C SER E 4193 64.50 7.49 0.41
N GLU E 4194 65.64 6.79 0.29
CA GLU E 4194 66.53 6.61 1.41
C GLU E 4194 67.16 7.92 1.85
N THR E 4195 67.57 8.76 0.89
CA THR E 4195 68.23 10.01 1.22
C THR E 4195 67.30 10.94 1.99
N ASN E 4196 66.02 10.98 1.61
CA ASN E 4196 65.06 11.83 2.32
C ASN E 4196 64.91 11.38 3.78
N ARG E 4197 64.79 10.08 4.01
CA ARG E 4197 64.67 9.58 5.37
C ARG E 4197 65.93 9.86 6.17
N ALA E 4198 67.10 9.73 5.54
CA ALA E 4198 68.35 10.05 6.23
C ALA E 4198 68.42 11.53 6.60
N GLN E 4199 68.00 12.42 5.69
CA GLN E 4199 68.06 13.85 5.95
C GLN E 4199 67.01 14.29 6.97
N TRP E 4200 65.94 13.50 7.13
CA TRP E 4200 64.86 13.89 8.03
C TRP E 4200 65.29 13.98 9.49
N GLU E 4201 66.44 13.41 9.86
CA GLU E 4201 66.82 13.25 11.26
C GLU E 4201 67.84 14.24 11.76
N MET E 4202 68.11 15.32 11.03
CA MET E 4202 69.12 16.28 11.46
C MET E 4202 68.61 17.11 12.65
N PRO E 4203 69.51 17.58 13.52
CA PRO E 4203 69.05 18.31 14.71
C PRO E 4203 68.32 19.62 14.40
N GLN E 4204 68.76 20.37 13.38
CA GLN E 4204 68.13 21.65 13.11
C GLN E 4204 66.68 21.49 12.67
N VAL E 4205 66.37 20.45 11.91
CA VAL E 4205 64.97 20.21 11.55
C VAL E 4205 64.18 19.79 12.78
N LYS E 4206 64.82 19.13 13.75
CA LYS E 4206 64.13 18.83 15.00
C LYS E 4206 63.79 20.11 15.77
N GLU E 4207 64.74 21.04 15.81
CA GLU E 4207 64.47 22.33 16.45
C GLU E 4207 63.34 23.07 15.73
N SER E 4208 63.35 23.02 14.39
CA SER E 4208 62.28 23.65 13.62
C SER E 4208 60.93 23.01 13.92
N LYS E 4209 60.89 21.68 14.03
CA LYS E 4209 59.66 20.99 14.38
C LYS E 4209 59.16 21.41 15.76
N ARG E 4210 60.08 21.51 16.73
CA ARG E 4210 59.69 21.95 18.06
C ARG E 4210 59.13 23.37 18.03
N GLN E 4211 59.78 24.27 17.27
CA GLN E 4211 59.31 25.65 17.20
C GLN E 4211 57.94 25.71 16.53
N PHE E 4212 57.73 24.89 15.49
CA PHE E 4212 56.43 24.83 14.83
C PHE E 4212 55.35 24.34 15.79
N ILE E 4213 55.65 23.31 16.57
CA ILE E 4213 54.71 22.82 17.58
C ILE E 4213 54.40 23.93 18.58
N PHE E 4214 55.42 24.74 18.90
CA PHE E 4214 55.21 25.87 19.81
C PHE E 4214 54.23 26.87 19.25
N ASP E 4215 54.44 27.33 18.02
CA ASP E 4215 53.71 28.53 17.60
C ASP E 4215 52.43 28.21 16.82
N VAL E 4216 52.25 26.97 16.35
CA VAL E 4216 51.12 26.70 15.46
C VAL E 4216 49.79 26.87 16.20
N VAL E 4217 49.74 26.53 17.48
CA VAL E 4217 48.49 26.60 18.22
C VAL E 4217 48.45 27.78 19.18
N ASN E 4218 49.59 28.40 19.47
CA ASN E 4218 49.64 29.51 20.41
C ASN E 4218 48.88 30.73 19.91
N GLU E 4219 49.02 31.07 18.62
CA GLU E 4219 48.40 32.27 18.09
C GLU E 4219 47.61 31.99 16.82
N GLY E 4220 47.98 30.94 16.09
CA GLY E 4220 47.34 30.67 14.82
C GLY E 4220 45.87 30.28 14.98
N GLY E 4221 45.06 30.73 14.02
CA GLY E 4221 43.65 30.38 14.03
C GLY E 4221 43.40 29.00 13.45
N GLU E 4222 42.22 28.46 13.75
CA GLU E 4222 41.88 27.12 13.28
C GLU E 4222 41.65 27.09 11.77
N SER E 4223 41.24 28.22 11.18
CA SER E 4223 40.91 28.23 9.77
C SER E 4223 42.15 28.13 8.88
N GLU E 4224 43.30 28.61 9.34
CA GLU E 4224 44.52 28.62 8.54
C GLU E 4224 45.55 27.60 9.00
N LYS E 4225 45.18 26.69 9.92
CA LYS E 4225 46.16 25.77 10.49
C LYS E 4225 46.87 24.96 9.43
N MET E 4226 46.13 24.50 8.41
CA MET E 4226 46.75 23.76 7.32
C MET E 4226 47.75 24.62 6.57
N GLU E 4227 47.36 25.86 6.24
CA GLU E 4227 48.20 26.73 5.43
C GLU E 4227 49.58 26.88 6.04
N LEU E 4228 49.65 27.26 7.31
CA LEU E 4228 50.93 27.37 8.00
C LEU E 4228 51.73 26.09 7.84
N PHE E 4229 51.10 24.94 8.09
CA PHE E 4229 51.79 23.67 7.95
C PHE E 4229 52.43 23.55 6.58
N VAL E 4230 51.66 23.85 5.52
CA VAL E 4230 52.22 23.76 4.17
C VAL E 4230 53.44 24.64 4.04
N SER E 4231 53.36 25.87 4.53
CA SER E 4231 54.51 26.77 4.48
C SER E 4231 55.70 26.13 5.17
N PHE E 4232 55.47 25.56 6.35
CA PHE E 4232 56.54 24.87 7.06
C PHE E 4232 57.18 23.82 6.18
N CYS E 4233 56.34 23.00 5.51
CA CYS E 4233 56.86 21.93 4.68
C CYS E 4233 57.78 22.48 3.59
N GLU E 4234 57.49 23.69 3.10
CA GLU E 4234 58.39 24.30 2.13
C GLU E 4234 59.73 24.63 2.77
N ASP E 4235 59.71 25.34 3.89
CA ASP E 4235 60.95 25.87 4.45
C ASP E 4235 61.92 24.75 4.80
N THR E 4236 61.43 23.72 5.50
CA THR E 4236 62.26 22.58 5.85
C THR E 4236 62.97 22.02 4.62
N ILE E 4237 62.25 21.90 3.50
CA ILE E 4237 62.86 21.37 2.29
C ILE E 4237 64.11 22.16 1.94
N PHE E 4238 63.97 23.49 1.88
CA PHE E 4238 65.11 24.34 1.57
C PHE E 4238 66.25 24.07 2.56
N GLU E 4239 65.91 24.02 3.85
CA GLU E 4239 66.94 23.75 4.85
C GLU E 4239 67.68 22.46 4.51
N MET E 4240 66.94 21.38 4.25
CA MET E 4240 67.59 20.12 3.95
C MET E 4240 68.52 20.25 2.77
N GLN E 4241 68.11 21.02 1.74
CA GLN E 4241 68.96 21.20 0.58
C GLN E 4241 70.28 21.84 0.97
N ILE E 4242 70.24 22.90 1.78
CA ILE E 4242 71.49 23.52 2.20
C ILE E 4242 72.22 22.60 3.16
N ALA E 4243 71.49 21.75 3.89
CA ALA E 4243 72.15 20.76 4.72
C ALA E 4243 72.94 19.76 3.89
N ALA E 4244 72.56 19.58 2.62
CA ALA E 4244 73.33 18.73 1.73
C ALA E 4244 74.67 19.34 1.36
N GLN E 4245 74.84 20.64 1.59
CA GLN E 4245 76.11 21.30 1.27
C GLN E 4245 77.22 20.94 2.26
N ILE E 4246 76.90 20.29 3.37
CA ILE E 4246 77.90 19.92 4.36
C ILE E 4246 77.93 18.41 4.55
N LEU E 4542 94.16 27.21 -0.28
CA LEU E 4542 93.86 27.46 1.12
C LEU E 4542 92.37 27.67 1.33
N GLU E 4543 91.64 27.87 0.22
CA GLU E 4543 90.19 28.06 0.30
C GLU E 4543 89.49 26.83 0.84
N VAL E 4544 90.06 25.63 0.60
CA VAL E 4544 89.46 24.41 1.13
C VAL E 4544 89.47 24.42 2.65
N GLN E 4545 90.58 24.88 3.24
CA GLN E 4545 90.65 24.96 4.69
C GLN E 4545 89.60 25.92 5.24
N ARG E 4546 89.43 27.08 4.59
CA ARG E 4546 88.43 28.04 5.02
C ARG E 4546 87.02 27.46 4.92
N VAL E 4547 86.73 26.75 3.82
CA VAL E 4547 85.41 26.16 3.64
C VAL E 4547 85.15 25.11 4.72
N LYS E 4548 86.15 24.28 5.01
CA LYS E 4548 86.00 23.28 6.06
C LYS E 4548 85.78 23.93 7.42
N PHE E 4549 86.52 25.00 7.71
CA PHE E 4549 86.36 25.72 8.96
C PHE E 4549 84.95 26.29 9.09
N LEU E 4550 84.45 26.90 8.02
CA LEU E 4550 83.11 27.47 8.05
C LEU E 4550 82.05 26.39 8.24
N ASN E 4551 82.21 25.25 7.56
CA ASN E 4551 81.27 24.15 7.73
C ASN E 4551 81.29 23.62 9.16
N TYR E 4552 82.48 23.47 9.74
CA TYR E 4552 82.58 23.01 11.11
C TYR E 4552 81.92 23.99 12.07
N LEU E 4553 82.11 25.29 11.84
CA LEU E 4553 81.44 26.29 12.66
C LEU E 4553 79.93 26.19 12.53
N SER E 4554 79.44 26.03 11.31
CA SER E 4554 77.99 25.97 11.08
C SER E 4554 77.39 24.72 11.71
N ARG E 4555 78.17 23.65 11.82
CA ARG E 4555 77.62 22.39 12.32
C ARG E 4555 77.37 22.41 13.84
N ASN E 4556 78.08 23.25 14.58
CA ASN E 4556 78.05 23.21 16.03
C ASN E 4556 77.59 24.52 16.68
N PHE E 4557 76.61 25.19 16.07
CA PHE E 4557 76.13 26.48 16.57
C PHE E 4557 75.57 26.36 17.98
N TYR E 4558 74.70 25.37 18.20
CA TYR E 4558 74.05 25.25 19.51
C TYR E 4558 75.03 24.78 20.57
N THR E 4559 76.01 23.95 20.21
CA THR E 4559 77.06 23.59 21.15
C THR E 4559 77.88 24.82 21.55
N LEU E 4560 78.20 25.68 20.59
CA LEU E 4560 78.90 26.92 20.91
C LEU E 4560 78.08 27.79 21.85
N ARG E 4561 76.76 27.85 21.62
CA ARG E 4561 75.88 28.61 22.50
C ARG E 4561 75.90 28.05 23.92
N PHE E 4562 75.83 26.72 24.04
CA PHE E 4562 75.91 26.07 25.35
C PHE E 4562 77.21 26.43 26.06
N LEU E 4563 78.33 26.37 25.33
CA LEU E 4563 79.62 26.68 25.93
C LEU E 4563 79.68 28.15 26.38
N ALA E 4564 79.12 29.06 25.56
CA ALA E 4564 79.10 30.46 25.94
C ALA E 4564 78.32 30.68 27.23
N LEU E 4565 77.15 30.05 27.33
CA LEU E 4565 76.36 30.20 28.56
C LEU E 4565 77.09 29.62 29.76
N PHE E 4566 77.75 28.48 29.58
CA PHE E 4566 78.48 27.87 30.69
C PHE E 4566 79.61 28.77 31.17
N LEU E 4567 80.36 29.36 30.23
CA LEU E 4567 81.44 30.28 30.61
C LEU E 4567 80.89 31.51 31.31
N ALA E 4568 79.77 32.05 30.82
CA ALA E 4568 79.17 33.21 31.46
C ALA E 4568 78.73 32.89 32.88
N PHE E 4569 78.17 31.70 33.09
CA PHE E 4569 77.80 31.28 34.45
C PHE E 4569 79.03 31.12 35.33
N ALA E 4570 80.13 30.62 34.76
CA ALA E 4570 81.33 30.39 35.56
C ALA E 4570 81.99 31.69 35.98
N ILE E 4571 81.87 32.74 35.17
CA ILE E 4571 82.54 34.00 35.47
C ILE E 4571 82.01 34.61 36.76
N ASN E 4572 80.68 34.62 36.94
CA ASN E 4572 80.09 35.35 38.04
C ASN E 4572 80.41 34.72 39.40
N PHE E 4573 80.59 33.40 39.45
CA PHE E 4573 80.98 32.77 40.70
C PHE E 4573 82.32 33.29 41.18
N ILE E 4574 83.28 33.44 40.27
CA ILE E 4574 84.56 34.05 40.62
C ILE E 4574 84.37 35.52 40.98
N LEU E 4575 83.50 36.22 40.24
CA LEU E 4575 83.20 37.62 40.55
C LEU E 4575 82.68 37.79 41.96
N LEU E 4576 82.00 36.79 42.51
CA LEU E 4576 81.43 36.89 43.85
C LEU E 4576 82.46 37.00 44.97
N PHE E 4577 83.75 37.01 44.65
CA PHE E 4577 84.81 37.06 45.65
C PHE E 4577 85.53 38.41 45.70
N TYR E 4578 84.96 39.45 45.09
CA TYR E 4578 85.66 40.73 45.04
C TYR E 4578 85.69 41.39 46.41
N LYS E 4579 86.57 42.37 46.55
CA LYS E 4579 86.73 43.13 47.79
C LYS E 4579 87.30 44.50 47.45
N VAL E 4580 87.02 45.46 48.33
CA VAL E 4580 87.47 46.83 48.14
C VAL E 4580 88.31 47.23 49.35
N SER E 4581 89.23 48.17 49.11
CA SER E 4581 90.07 48.70 50.19
C SER E 4581 90.58 50.07 49.79
N ASP E 4582 90.94 50.86 50.81
CA ASP E 4582 91.48 52.20 50.59
C ASP E 4582 92.97 52.18 50.28
N SER E 4583 93.73 51.30 50.93
CA SER E 4583 95.15 51.17 50.67
C SER E 4583 95.39 50.27 49.46
N PRO E 4584 96.55 50.40 48.82
CA PRO E 4584 96.89 49.48 47.72
C PRO E 4584 96.97 48.05 48.22
N PRO E 4585 96.69 47.07 47.35
CA PRO E 4585 96.70 45.67 47.80
C PRO E 4585 98.06 45.25 48.33
N GLY E 4586 98.03 44.42 49.36
CA GLY E 4586 99.24 43.95 50.01
C GLY E 4586 100.08 43.03 49.15
N ASN E 4624 91.73 57.09 46.05
CA ASN E 4624 90.99 56.23 45.13
C ASN E 4624 90.87 54.82 45.68
N MET E 4625 89.70 54.21 45.49
CA MET E 4625 89.46 52.86 45.99
C MET E 4625 90.19 51.84 45.13
N VAL E 4626 90.52 50.71 45.75
CA VAL E 4626 91.19 49.60 45.08
C VAL E 4626 90.33 48.35 45.18
N TYR E 4627 90.08 47.72 44.03
CA TYR E 4627 89.31 46.48 43.95
C TYR E 4627 90.27 45.32 43.72
N TYR E 4628 90.06 44.22 44.44
CA TYR E 4628 90.94 43.06 44.33
C TYR E 4628 90.22 41.84 44.86
N PHE E 4629 90.98 40.75 45.04
CA PHE E 4629 90.44 39.46 45.44
C PHE E 4629 90.86 39.09 46.85
N LEU E 4630 90.10 38.18 47.46
CA LEU E 4630 90.40 37.66 48.78
C LEU E 4630 90.45 36.12 48.79
N GLU E 4631 90.87 35.53 47.68
CA GLU E 4631 90.93 34.08 47.59
C GLU E 4631 92.03 33.52 48.49
N GLU E 4632 91.72 32.40 49.14
CA GLU E 4632 92.70 31.75 50.02
C GLU E 4632 93.85 31.15 49.22
N SER E 4633 93.53 30.41 48.16
CA SER E 4633 94.55 29.84 47.28
C SER E 4633 95.10 30.97 46.42
N THR E 4634 96.26 31.50 46.83
CA THR E 4634 96.83 32.67 46.18
C THR E 4634 97.15 32.39 44.71
N GLY E 4635 96.73 33.31 43.85
CA GLY E 4635 96.99 33.22 42.43
C GLY E 4635 96.17 32.22 41.67
N TYR E 4636 95.18 31.59 42.30
CA TYR E 4636 94.39 30.57 41.61
C TYR E 4636 93.34 31.19 40.70
N MET E 4637 92.75 32.31 41.12
CA MET E 4637 91.59 32.86 40.42
C MET E 4637 91.94 34.02 39.50
N GLU E 4638 93.00 34.76 39.81
CA GLU E 4638 93.34 35.94 39.03
C GLU E 4638 93.63 35.65 37.56
N PRO E 4639 94.43 34.64 37.20
CA PRO E 4639 94.60 34.33 35.76
C PRO E 4639 93.43 33.54 35.18
N ALA E 4640 92.72 32.78 36.00
CA ALA E 4640 91.54 32.06 35.51
C ALA E 4640 90.48 33.04 35.00
N LEU E 4641 90.34 34.17 35.69
CA LEU E 4641 89.41 35.20 35.22
C LEU E 4641 89.76 35.65 33.81
N ARG E 4642 91.03 35.97 33.57
CA ARG E 4642 91.45 36.44 32.24
C ARG E 4642 91.24 35.36 31.19
N CYS E 4643 91.60 34.12 31.50
CA CYS E 4643 91.43 33.03 30.55
C CYS E 4643 89.97 32.84 30.18
N LEU E 4644 89.09 32.82 31.18
CA LEU E 4644 87.67 32.61 30.92
C LEU E 4644 87.07 33.77 30.14
N SER E 4645 87.49 35.00 30.45
CA SER E 4645 86.98 36.15 29.69
C SER E 4645 87.38 36.08 28.22
N LEU E 4646 88.65 35.74 27.96
CA LEU E 4646 89.09 35.61 26.56
C LEU E 4646 88.32 34.52 25.86
N LEU E 4647 88.11 33.38 26.52
CA LEU E 4647 87.37 32.29 25.90
C LEU E 4647 85.94 32.71 25.61
N HIS E 4648 85.31 33.45 26.53
CA HIS E 4648 83.94 33.92 26.33
C HIS E 4648 83.84 34.82 25.10
N THR E 4649 84.78 35.76 24.96
CA THR E 4649 84.75 36.65 23.82
C THR E 4649 84.93 35.88 22.51
N LEU E 4650 85.87 34.93 22.50
CA LEU E 4650 86.10 34.14 21.29
C LEU E 4650 84.86 33.33 20.91
N VAL E 4651 84.21 32.74 21.92
CA VAL E 4651 83.02 31.94 21.65
C VAL E 4651 81.89 32.82 21.11
N ALA E 4652 81.77 34.04 21.63
CA ALA E 4652 80.76 34.96 21.10
C ALA E 4652 81.01 35.27 19.62
N PHE E 4653 82.27 35.54 19.28
CA PHE E 4653 82.60 35.78 17.87
C PHE E 4653 82.27 34.58 17.00
N LEU E 4654 82.62 33.38 17.47
CA LEU E 4654 82.33 32.18 16.69
C LEU E 4654 80.83 31.97 16.53
N CYS E 4655 80.05 32.26 17.57
CA CYS E 4655 78.60 32.14 17.47
C CYS E 4655 78.04 33.09 16.43
N ILE E 4656 78.53 34.34 16.40
CA ILE E 4656 78.07 35.28 15.39
C ILE E 4656 78.38 34.76 13.99
N ILE E 4657 79.61 34.27 13.79
CA ILE E 4657 79.98 33.76 12.47
C ILE E 4657 79.11 32.58 12.07
N GLY E 4658 78.86 31.66 13.00
CA GLY E 4658 78.04 30.50 12.70
C GLY E 4658 76.61 30.87 12.35
N TYR E 4659 76.02 31.81 13.10
CA TYR E 4659 74.66 32.23 12.78
C TYR E 4659 74.61 32.91 11.42
N ASN E 4660 75.62 33.71 11.09
CA ASN E 4660 75.67 34.29 9.76
C ASN E 4660 75.73 33.22 8.68
N CYS E 4661 76.50 32.16 8.94
CA CYS E 4661 76.68 31.12 7.92
C CYS E 4661 75.52 30.14 7.84
N LEU E 4662 74.62 30.13 8.82
CA LEU E 4662 73.58 29.10 8.87
C LEU E 4662 72.18 29.63 8.57
N LYS E 4663 71.70 30.62 9.32
CA LYS E 4663 70.27 30.95 9.31
C LYS E 4663 69.89 32.09 8.38
N VAL E 4664 70.85 32.88 7.89
CA VAL E 4664 70.52 34.00 7.01
C VAL E 4664 69.81 33.55 5.73
N PRO E 4665 70.28 32.52 5.01
CA PRO E 4665 69.59 32.14 3.77
C PRO E 4665 68.13 31.80 3.97
N LEU E 4666 67.75 31.21 5.10
CA LEU E 4666 66.35 30.92 5.35
C LEU E 4666 65.53 32.20 5.47
N VAL E 4667 66.08 33.22 6.14
CA VAL E 4667 65.38 34.49 6.26
C VAL E 4667 65.21 35.13 4.89
N ILE E 4668 66.27 35.11 4.07
CA ILE E 4668 66.17 35.68 2.72
C ILE E 4668 65.13 34.92 1.90
N PHE E 4669 65.13 33.60 2.02
CA PHE E 4669 64.16 32.76 1.31
C PHE E 4669 62.73 33.11 1.69
N LYS E 4670 62.46 33.23 2.99
CA LYS E 4670 61.11 33.56 3.43
C LYS E 4670 60.70 34.95 2.97
N ARG E 4671 61.60 35.93 3.03
CA ARG E 4671 61.28 37.27 2.57
C ARG E 4671 60.93 37.27 1.09
N GLU E 4672 61.76 36.62 0.27
CA GLU E 4672 61.50 36.57 -1.16
C GLU E 4672 60.19 35.84 -1.47
N LYS E 4673 59.93 34.74 -0.76
CA LYS E 4673 58.70 33.98 -0.98
C LYS E 4673 57.48 34.84 -0.68
N GLU E 4674 57.48 35.52 0.47
CA GLU E 4674 56.35 36.36 0.82
C GLU E 4674 56.15 37.47 -0.20
N LEU E 4675 57.24 38.14 -0.59
CA LEU E 4675 57.12 39.23 -1.55
C LEU E 4675 56.55 38.75 -2.87
N ALA E 4676 57.10 37.64 -3.40
CA ALA E 4676 56.63 37.14 -4.68
C ALA E 4676 55.18 36.70 -4.62
N ARG E 4677 54.80 35.99 -3.55
CA ARG E 4677 53.42 35.53 -3.43
C ARG E 4677 52.46 36.70 -3.38
N LYS E 4678 52.75 37.69 -2.53
CA LYS E 4678 51.86 38.85 -2.42
C LYS E 4678 51.78 39.61 -3.73
N LEU E 4679 52.92 39.83 -4.40
CA LEU E 4679 52.93 40.58 -5.64
C LEU E 4679 52.13 39.87 -6.72
N GLU E 4680 52.28 38.54 -6.83
CA GLU E 4680 51.55 37.82 -7.88
C GLU E 4680 50.06 37.78 -7.59
N PHE E 4681 49.68 37.41 -6.35
CA PHE E 4681 48.26 37.16 -6.09
C PHE E 4681 47.46 38.43 -5.87
N ASP E 4682 48.06 39.49 -5.34
CA ASP E 4682 47.31 40.71 -5.04
C ASP E 4682 47.76 41.92 -5.83
N GLY E 4683 48.92 41.88 -6.47
CA GLY E 4683 49.40 43.04 -7.22
C GLY E 4683 49.54 44.29 -6.35
N LEU E 4684 50.17 44.15 -5.18
CA LEU E 4684 50.20 45.24 -4.22
C LEU E 4684 51.00 46.44 -4.74
N TYR E 4685 51.90 46.24 -5.71
CA TYR E 4685 52.58 47.34 -6.37
C TYR E 4685 51.98 47.68 -7.73
N ILE E 4686 50.86 47.04 -8.09
CA ILE E 4686 50.22 47.25 -9.38
C ILE E 4686 48.87 47.95 -9.23
N THR E 4687 47.93 47.31 -8.52
CA THR E 4687 46.61 47.88 -8.32
C THR E 4687 46.54 48.70 -7.02
N GLU E 4688 46.82 48.06 -5.89
CA GLU E 4688 46.83 48.73 -4.61
C GLU E 4688 48.19 49.39 -4.39
N GLN E 4689 48.39 49.96 -3.20
CA GLN E 4689 49.67 50.55 -2.83
C GLN E 4689 49.93 50.27 -1.37
N PRO E 4690 51.19 50.16 -0.97
CA PRO E 4690 51.49 49.94 0.45
C PRO E 4690 51.16 51.15 1.30
N GLU E 4691 50.78 50.88 2.55
CA GLU E 4691 50.48 51.97 3.48
C GLU E 4691 51.75 52.74 3.82
N ASP E 4692 51.57 54.01 4.16
CA ASP E 4692 52.71 54.86 4.50
C ASP E 4692 53.40 54.41 5.79
N ASP E 4693 52.67 53.76 6.70
CA ASP E 4693 53.25 53.30 7.95
C ASP E 4693 53.98 51.97 7.82
N ASP E 4694 53.79 51.25 6.72
CA ASP E 4694 54.40 49.93 6.53
C ASP E 4694 55.77 50.12 5.89
N VAL E 4695 56.79 50.22 6.75
CA VAL E 4695 58.16 50.35 6.26
C VAL E 4695 58.62 49.10 5.53
N LYS E 4696 57.98 47.96 5.81
CA LYS E 4696 58.34 46.70 5.16
C LYS E 4696 58.26 46.82 3.65
N GLY E 4697 57.07 47.12 3.12
CA GLY E 4697 56.91 47.26 1.69
C GLY E 4697 57.70 48.42 1.09
N GLN E 4698 57.83 49.51 1.85
CA GLN E 4698 58.60 50.65 1.35
C GLN E 4698 60.05 50.28 1.12
N TRP E 4699 60.65 49.51 2.04
CA TRP E 4699 62.00 49.03 1.82
C TRP E 4699 62.07 47.97 0.73
N ASP E 4700 61.05 47.11 0.67
CA ASP E 4700 61.05 46.04 -0.33
C ASP E 4700 60.91 46.58 -1.75
N ARG E 4701 60.36 47.79 -1.89
CA ARG E 4701 60.16 48.38 -3.22
C ARG E 4701 61.47 48.54 -3.99
N LEU E 4702 62.61 48.59 -3.30
CA LEU E 4702 63.88 48.81 -3.98
C LEU E 4702 64.29 47.61 -4.83
N VAL E 4703 63.89 46.40 -4.44
CA VAL E 4703 64.44 45.19 -5.06
C VAL E 4703 63.70 44.79 -6.34
N LEU E 4704 62.57 45.42 -6.65
CA LEU E 4704 61.79 45.00 -7.82
C LEU E 4704 62.55 45.20 -9.12
N ASN E 4705 63.38 46.24 -9.20
CA ASN E 4705 64.14 46.49 -10.42
C ASN E 4705 65.32 45.53 -10.57
N THR E 4706 65.70 44.82 -9.51
CA THR E 4706 66.94 44.06 -9.51
C THR E 4706 66.90 42.95 -10.57
N PRO E 4707 67.96 42.81 -11.38
CA PRO E 4707 67.97 41.71 -12.35
C PRO E 4707 67.95 40.33 -11.71
N SER E 4708 68.53 40.18 -10.52
CA SER E 4708 68.68 38.89 -9.85
C SER E 4708 67.77 38.76 -8.63
N PHE E 4709 66.53 39.24 -8.75
CA PHE E 4709 65.59 39.31 -7.64
C PHE E 4709 65.34 37.94 -7.00
N PRO E 4710 64.95 36.89 -7.77
CA PRO E 4710 64.69 35.61 -7.06
C PRO E 4710 65.94 34.76 -6.92
N SER E 4711 66.85 35.18 -6.06
CA SER E 4711 68.12 34.47 -5.90
C SER E 4711 67.95 33.16 -5.15
N ASN E 4712 67.15 33.15 -4.08
CA ASN E 4712 66.95 31.96 -3.27
C ASN E 4712 65.63 31.27 -3.53
N TYR E 4713 64.57 32.02 -3.81
CA TYR E 4713 63.29 31.43 -4.15
C TYR E 4713 63.41 30.63 -5.45
N TRP E 4714 62.75 29.48 -5.50
CA TRP E 4714 62.91 28.59 -6.65
C TRP E 4714 62.25 29.12 -7.90
N ASP E 4715 61.10 29.80 -7.77
CA ASP E 4715 60.31 30.23 -8.91
C ASP E 4715 60.99 31.43 -9.56
N LYS E 4716 61.72 31.15 -10.64
CA LYS E 4716 62.43 32.18 -11.39
C LYS E 4716 61.65 32.67 -12.60
N PHE E 4717 60.33 32.52 -12.60
CA PHE E 4717 59.48 33.06 -13.66
C PHE E 4717 58.32 33.87 -13.10
N VAL E 4718 58.44 34.40 -11.88
CA VAL E 4718 57.35 35.15 -11.27
C VAL E 4718 57.08 36.44 -12.04
N LYS E 4719 58.15 37.11 -12.49
CA LYS E 4719 57.98 38.35 -13.23
C LYS E 4719 57.24 38.11 -14.54
N ARG E 4720 57.60 37.04 -15.25
CA ARG E 4720 56.92 36.73 -16.51
C ARG E 4720 55.43 36.51 -16.31
N LYS E 4721 55.06 35.70 -15.31
CA LYS E 4721 53.66 35.38 -15.13
C LYS E 4721 52.88 36.56 -14.58
N VAL E 4722 53.49 37.39 -13.73
CA VAL E 4722 52.78 38.57 -13.24
C VAL E 4722 52.59 39.57 -14.38
N LEU E 4723 53.57 39.69 -15.28
CA LEU E 4723 53.39 40.52 -16.46
C LEU E 4723 52.25 40.00 -17.33
N ASP E 4724 52.19 38.69 -17.53
CA ASP E 4724 51.11 38.11 -18.32
C ASP E 4724 49.76 38.34 -17.68
N LYS E 4725 49.67 38.20 -16.35
CA LYS E 4725 48.38 38.32 -15.68
C LYS E 4725 47.91 39.77 -15.64
N HIS E 4726 48.79 40.70 -15.28
CA HIS E 4726 48.39 42.08 -15.06
C HIS E 4726 48.75 43.01 -16.22
N GLY E 4727 49.25 42.48 -17.33
CA GLY E 4727 49.61 43.32 -18.46
C GLY E 4727 48.48 43.65 -19.41
N ASP E 4728 47.28 43.11 -19.18
CA ASP E 4728 46.17 43.34 -20.11
C ASP E 4728 45.48 44.67 -19.84
N ILE E 4729 44.93 44.84 -18.64
CA ILE E 4729 44.14 46.02 -18.30
C ILE E 4729 45.06 47.20 -17.99
N TYR E 4730 46.36 46.95 -17.98
CA TYR E 4730 47.33 47.99 -17.64
C TYR E 4730 48.42 48.01 -18.69
N GLY E 4731 49.08 49.15 -18.82
CA GLY E 4731 50.09 49.33 -19.86
C GLY E 4731 51.25 48.37 -19.68
N ARG E 4732 51.60 47.67 -20.76
CA ARG E 4732 52.68 46.69 -20.69
C ARG E 4732 54.04 47.36 -20.53
N GLU E 4733 54.25 48.49 -21.21
CA GLU E 4733 55.56 49.14 -21.18
C GLU E 4733 55.93 49.61 -19.78
N ARG E 4734 54.99 50.23 -19.07
CA ARG E 4734 55.28 50.70 -17.72
C ARG E 4734 55.45 49.53 -16.76
N ILE E 4735 54.72 48.44 -16.98
CA ILE E 4735 54.92 47.23 -16.18
C ILE E 4735 56.33 46.69 -16.38
N ALA E 4736 56.79 46.63 -17.63
CA ALA E 4736 58.14 46.16 -17.90
C ALA E 4736 59.17 47.09 -17.28
N GLU E 4737 58.92 48.39 -17.32
CA GLU E 4737 59.83 49.34 -16.67
C GLU E 4737 59.87 49.12 -15.16
N LEU E 4738 58.71 48.81 -14.56
CA LEU E 4738 58.66 48.61 -13.11
C LEU E 4738 59.47 47.39 -12.70
N LEU E 4739 59.36 46.29 -13.45
CA LEU E 4739 60.12 45.08 -13.14
C LEU E 4739 61.52 45.10 -13.74
N GLY E 4740 61.83 46.06 -14.60
CA GLY E 4740 63.17 46.15 -15.18
C GLY E 4740 63.55 44.96 -16.04
N MET E 4741 62.66 44.51 -16.91
CA MET E 4741 62.91 43.39 -17.79
C MET E 4741 62.86 43.85 -19.24
N ASP E 4742 63.66 43.18 -20.09
CA ASP E 4742 63.76 43.53 -21.50
C ASP E 4742 62.53 43.00 -22.22
N LEU E 4743 61.67 43.91 -22.67
CA LEU E 4743 60.44 43.53 -23.36
C LEU E 4743 60.69 42.96 -24.75
N ALA E 4744 61.89 43.11 -25.29
CA ALA E 4744 62.20 42.64 -26.64
C ALA E 4744 62.65 41.19 -26.68
N THR E 4745 62.73 40.51 -25.54
CA THR E 4745 63.19 39.13 -25.48
C THR E 4745 62.01 38.19 -25.26
N LEU E 4746 62.03 37.06 -25.97
CA LEU E 4746 60.97 36.07 -25.86
C LEU E 4746 61.57 34.70 -26.11
N GLU E 4747 60.83 33.67 -25.69
CA GLU E 4747 61.28 32.29 -25.85
C GLU E 4747 61.26 31.90 -27.32
N ILE E 4748 62.45 31.65 -27.88
CA ILE E 4748 62.58 31.27 -29.28
C ILE E 4748 63.96 30.65 -29.48
N THR E 4749 64.02 29.67 -30.39
CA THR E 4749 65.26 28.97 -30.72
C THR E 4749 65.94 28.37 -29.49
N SER E 4768 78.96 43.82 -12.20
CA SER E 4768 79.12 42.39 -12.01
C SER E 4768 78.87 41.98 -10.56
N ILE E 4769 78.37 42.93 -9.78
CA ILE E 4769 78.13 42.69 -8.35
C ILE E 4769 76.66 42.94 -8.02
N ASP E 4770 76.02 43.81 -8.80
CA ASP E 4770 74.60 44.14 -8.62
C ASP E 4770 74.36 44.69 -7.21
N VAL E 4771 74.95 45.86 -6.97
CA VAL E 4771 75.05 46.42 -5.62
C VAL E 4771 73.69 46.69 -5.00
N LYS E 4772 72.66 46.93 -5.81
CA LYS E 4772 71.33 47.18 -5.26
C LYS E 4772 70.82 45.99 -4.48
N TYR E 4773 71.00 44.79 -5.03
CA TYR E 4773 70.58 43.58 -4.32
C TYR E 4773 71.34 43.41 -3.01
N GLN E 4774 72.65 43.71 -3.01
CA GLN E 4774 73.43 43.61 -1.78
C GLN E 4774 72.95 44.61 -0.74
N ILE E 4775 72.59 45.83 -1.18
CA ILE E 4775 72.07 46.83 -0.26
C ILE E 4775 70.76 46.36 0.36
N TRP E 4776 69.88 45.81 -0.47
CA TRP E 4776 68.60 45.30 0.04
C TRP E 4776 68.83 44.15 1.02
N LYS E 4777 69.77 43.26 0.69
CA LYS E 4777 70.05 42.13 1.56
C LYS E 4777 70.59 42.58 2.92
N PHE E 4778 71.52 43.54 2.90
CA PHE E 4778 72.05 44.05 4.16
C PHE E 4778 70.96 44.76 4.97
N GLY E 4779 70.09 45.51 4.29
CA GLY E 4779 69.01 46.19 4.99
C GLY E 4779 68.04 45.22 5.65
N VAL E 4780 67.71 44.14 4.96
CA VAL E 4780 66.79 43.18 5.53
C VAL E 4780 67.47 42.34 6.61
N ILE E 4781 68.79 42.15 6.49
CA ILE E 4781 69.53 41.39 7.50
C ILE E 4781 69.61 42.18 8.79
N PHE E 4782 69.93 43.47 8.70
CA PHE E 4782 70.18 44.27 9.90
C PHE E 4782 68.91 44.61 10.68
N THR E 4783 67.76 44.04 10.32
CA THR E 4783 66.54 44.20 11.09
C THR E 4783 66.07 42.90 11.72
N ASP E 4784 66.90 41.85 11.70
CA ASP E 4784 66.53 40.58 12.32
C ASP E 4784 66.81 40.62 13.81
N ASN E 4785 65.88 40.09 14.61
CA ASN E 4785 66.00 40.15 16.06
C ASN E 4785 67.21 39.35 16.55
N SER E 4786 67.40 38.14 16.00
CA SER E 4786 68.48 37.28 16.48
C SER E 4786 69.85 37.88 16.20
N PHE E 4787 70.03 38.46 15.01
CA PHE E 4787 71.31 39.08 14.68
C PHE E 4787 71.62 40.25 15.61
N LEU E 4788 70.62 41.09 15.89
CA LEU E 4788 70.81 42.20 16.81
C LEU E 4788 71.11 41.71 18.22
N TYR E 4789 70.44 40.64 18.67
CA TYR E 4789 70.71 40.09 19.98
C TYR E 4789 72.13 39.57 20.09
N LEU E 4790 72.61 38.88 19.04
CA LEU E 4790 73.98 38.40 19.05
C LEU E 4790 74.97 39.56 19.05
N GLY E 4791 74.66 40.62 18.29
CA GLY E 4791 75.53 41.79 18.33
C GLY E 4791 75.60 42.43 19.70
N TRP E 4792 74.44 42.53 20.38
CA TRP E 4792 74.43 43.06 21.73
C TRP E 4792 75.22 42.18 22.69
N TYR E 4793 75.08 40.86 22.54
CA TYR E 4793 75.88 39.93 23.34
C TYR E 4793 77.36 40.18 23.14
N MET E 4794 77.80 40.32 21.89
CA MET E 4794 79.21 40.58 21.61
C MET E 4794 79.66 41.90 22.20
N VAL E 4795 78.84 42.94 22.09
CA VAL E 4795 79.23 44.25 22.61
C VAL E 4795 79.39 44.19 24.12
N MET E 4796 78.45 43.52 24.82
CA MET E 4796 78.57 43.39 26.26
C MET E 4796 79.81 42.59 26.64
N SER E 4797 80.08 41.50 25.92
CA SER E 4797 81.27 40.70 26.22
C SER E 4797 82.54 41.52 26.02
N LEU E 4798 82.60 42.33 24.96
CA LEU E 4798 83.76 43.19 24.74
C LEU E 4798 83.90 44.23 25.85
N LEU E 4799 82.79 44.85 26.25
CA LEU E 4799 82.84 45.84 27.32
C LEU E 4799 83.25 45.21 28.65
N GLY E 4800 83.03 43.89 28.79
CA GLY E 4800 83.41 43.22 30.02
C GLY E 4800 84.89 43.35 30.36
N HIS E 4801 85.74 43.54 29.36
CA HIS E 4801 87.17 43.66 29.61
C HIS E 4801 87.55 45.00 30.23
N TYR E 4802 86.79 46.06 29.96
CA TYR E 4802 87.06 47.36 30.57
C TYR E 4802 86.61 47.41 32.02
N ASN E 4803 85.53 46.70 32.34
CA ASN E 4803 85.05 46.56 33.70
C ASN E 4803 84.40 45.20 33.83
N ASN E 4804 84.87 44.39 34.79
CA ASN E 4804 84.48 42.99 34.83
C ASN E 4804 82.98 42.79 35.07
N PHE E 4805 82.37 43.63 35.91
CA PHE E 4805 81.00 43.38 36.33
C PHE E 4805 80.01 43.41 35.18
N PHE E 4806 80.38 43.97 34.03
CA PHE E 4806 79.50 43.94 32.86
C PHE E 4806 79.14 42.51 32.46
N PHE E 4807 80.03 41.54 32.74
CA PHE E 4807 79.71 40.16 32.41
C PHE E 4807 78.42 39.70 33.07
N ALA E 4808 78.06 40.29 34.22
CA ALA E 4808 76.82 39.92 34.89
C ALA E 4808 75.61 40.06 33.99
N ALA E 4809 75.65 41.01 33.04
CA ALA E 4809 74.52 41.19 32.13
C ALA E 4809 74.19 39.90 31.39
N HIS E 4810 75.22 39.11 31.03
CA HIS E 4810 74.98 37.87 30.29
C HIS E 4810 74.10 36.90 31.08
N LEU E 4811 74.03 37.04 32.40
CA LEU E 4811 73.16 36.17 33.18
C LEU E 4811 71.70 36.28 32.74
N LEU E 4812 71.31 37.41 32.15
CA LEU E 4812 69.94 37.54 31.68
C LEU E 4812 69.57 36.50 30.64
N ASP E 4813 70.57 35.88 29.99
CA ASP E 4813 70.27 34.83 29.02
C ASP E 4813 69.56 33.64 29.66
N ILE E 4814 69.71 33.46 30.98
CA ILE E 4814 69.03 32.33 31.62
C ILE E 4814 67.56 32.66 31.83
N ALA E 4815 67.19 33.95 31.77
CA ALA E 4815 65.81 34.34 32.04
C ALA E 4815 64.86 33.82 30.96
N MET E 4816 65.27 33.88 29.70
CA MET E 4816 64.43 33.47 28.59
C MET E 4816 64.65 32.01 28.17
N GLY E 4817 65.47 31.27 28.91
CA GLY E 4817 65.85 29.93 28.49
C GLY E 4817 64.76 28.88 28.60
N VAL E 4818 63.75 29.10 29.45
CA VAL E 4818 62.72 28.10 29.66
C VAL E 4818 61.35 28.76 29.59
N LYS E 4819 60.31 27.93 29.43
CA LYS E 4819 58.98 28.44 29.17
C LYS E 4819 58.39 29.14 30.40
N THR E 4820 58.59 28.58 31.59
CA THR E 4820 57.95 29.10 32.79
C THR E 4820 58.42 30.51 33.11
N LEU E 4821 59.74 30.73 33.05
CA LEU E 4821 60.26 32.07 33.32
C LEU E 4821 59.81 33.07 32.27
N ARG E 4822 59.71 32.63 31.01
CA ARG E 4822 59.18 33.51 29.97
C ARG E 4822 57.73 33.88 30.24
N THR E 4823 56.93 32.93 30.72
CA THR E 4823 55.55 33.23 31.08
C THR E 4823 55.49 34.22 32.23
N ILE E 4824 56.36 34.04 33.23
CA ILE E 4824 56.41 34.96 34.36
C ILE E 4824 56.74 36.37 33.88
N LEU E 4825 57.72 36.47 32.97
CA LEU E 4825 58.11 37.78 32.44
C LEU E 4825 56.98 38.40 31.61
N SER E 4826 56.28 37.59 30.81
CA SER E 4826 55.22 38.11 29.96
C SER E 4826 53.98 38.50 30.74
N SER E 4827 53.79 37.94 31.94
CA SER E 4827 52.64 38.29 32.76
C SER E 4827 52.62 39.78 33.09
N VAL E 4828 53.79 40.41 33.19
CA VAL E 4828 53.86 41.83 33.49
C VAL E 4828 53.33 42.65 32.32
N THR E 4829 53.77 42.32 31.11
CA THR E 4829 53.42 43.12 29.94
C THR E 4829 52.12 42.68 29.29
N HIS E 4830 51.46 41.66 29.82
CA HIS E 4830 50.20 41.20 29.24
C HIS E 4830 49.12 42.28 29.33
N ASN E 4831 49.09 43.03 30.44
CA ASN E 4831 48.06 44.03 30.70
C ASN E 4831 48.65 45.42 30.95
N GLY E 4832 49.56 45.87 30.08
CA GLY E 4832 50.32 47.08 30.37
C GLY E 4832 49.48 48.34 30.48
N LYS E 4833 48.51 48.51 29.58
CA LYS E 4833 47.77 49.76 29.49
C LYS E 4833 47.00 50.05 30.77
N GLN E 4834 46.28 49.04 31.28
CA GLN E 4834 45.51 49.21 32.51
C GLN E 4834 46.43 49.50 33.68
N LEU E 4835 47.59 48.83 33.72
CA LEU E 4835 48.56 49.07 34.80
C LEU E 4835 49.03 50.51 34.79
N VAL E 4836 49.38 51.03 33.61
CA VAL E 4836 49.87 52.40 33.51
C VAL E 4836 48.79 53.39 33.93
N MET E 4837 47.55 53.17 33.48
CA MET E 4837 46.48 54.07 33.88
C MET E 4837 46.23 54.02 35.38
N THR E 4838 46.31 52.83 35.98
CA THR E 4838 46.12 52.71 37.42
C THR E 4838 47.20 53.45 38.20
N VAL E 4839 48.47 53.33 37.78
CA VAL E 4839 49.51 54.04 38.50
C VAL E 4839 49.36 55.55 38.32
N GLY E 4840 48.89 55.99 37.15
CA GLY E 4840 48.60 57.41 36.98
C GLY E 4840 47.52 57.91 37.93
N LEU E 4841 46.45 57.12 38.09
CA LEU E 4841 45.40 57.48 39.03
C LEU E 4841 45.94 57.54 40.46
N LEU E 4842 46.80 56.60 40.83
CA LEU E 4842 47.42 56.62 42.14
C LEU E 4842 48.22 57.90 42.34
N ALA E 4843 48.99 58.29 41.32
CA ALA E 4843 49.77 59.52 41.42
C ALA E 4843 48.88 60.73 41.60
N VAL E 4844 47.76 60.79 40.88
CA VAL E 4844 46.84 61.91 41.02
C VAL E 4844 46.29 62.00 42.44
N VAL E 4845 45.87 60.85 42.99
CA VAL E 4845 45.32 60.86 44.35
C VAL E 4845 46.37 61.32 45.35
N VAL E 4846 47.60 60.82 45.21
CA VAL E 4846 48.66 61.24 46.13
C VAL E 4846 48.94 62.73 45.99
N TYR E 4847 48.84 63.27 44.77
CA TYR E 4847 49.02 64.71 44.58
C TYR E 4847 47.96 65.51 45.32
N LEU E 4848 46.71 65.06 45.26
CA LEU E 4848 45.65 65.76 45.99
C LEU E 4848 45.92 65.74 47.49
N TYR E 4849 46.32 64.58 48.02
CA TYR E 4849 46.65 64.49 49.43
C TYR E 4849 47.80 65.42 49.79
N THR E 4850 48.81 65.51 48.91
CA THR E 4850 49.93 66.40 49.15
C THR E 4850 49.49 67.85 49.19
N VAL E 4851 48.57 68.23 48.31
CA VAL E 4851 48.05 69.61 48.31
C VAL E 4851 47.40 69.91 49.66
N VAL E 4852 46.54 69.00 50.12
CA VAL E 4852 45.85 69.25 51.39
C VAL E 4852 46.85 69.34 52.54
N ALA E 4853 47.82 68.42 52.58
CA ALA E 4853 48.81 68.41 53.65
C ALA E 4853 49.64 69.67 53.66
N PHE E 4854 50.08 70.12 52.47
CA PHE E 4854 50.88 71.34 52.39
C PHE E 4854 50.08 72.55 52.83
N ASN E 4855 48.78 72.59 52.53
CA ASN E 4855 48.00 73.75 52.94
C ASN E 4855 47.71 73.77 54.43
N PHE E 4856 47.47 72.62 55.06
CA PHE E 4856 46.97 72.65 56.43
C PHE E 4856 47.88 72.04 57.49
N PHE E 4857 48.62 70.98 57.19
CA PHE E 4857 49.31 70.20 58.22
C PHE E 4857 50.82 70.31 58.17
N ARG E 4858 51.37 71.52 58.01
CA ARG E 4858 52.83 71.65 57.86
C ARG E 4858 53.57 71.36 59.17
N LYS E 4859 52.93 71.62 60.31
CA LYS E 4859 53.66 71.57 61.57
C LYS E 4859 53.99 70.15 62.01
N PHE E 4860 53.37 69.15 61.37
CA PHE E 4860 53.54 67.77 61.81
C PHE E 4860 54.63 67.02 61.05
N TYR E 4861 55.37 67.68 60.16
CA TYR E 4861 56.33 67.00 59.30
C TYR E 4861 57.77 67.27 59.69
N ASN E 4862 58.05 67.32 60.99
CA ASN E 4862 59.42 67.51 61.47
C ASN E 4862 60.07 66.14 61.65
N LYS E 4863 61.12 65.88 60.87
CA LYS E 4863 61.82 64.60 60.91
C LYS E 4863 63.15 64.69 61.65
N SER E 4864 63.40 65.77 62.38
CA SER E 4864 64.65 65.96 63.10
C SER E 4864 64.45 65.66 64.59
N GLU E 4865 65.26 64.74 65.12
CA GLU E 4865 65.18 64.37 66.52
C GLU E 4865 66.02 65.27 67.43
N ASP E 4866 66.82 66.16 66.85
CA ASP E 4866 67.68 67.06 67.61
C ASP E 4866 67.17 68.48 67.45
N GLU E 4867 66.99 69.17 68.58
CA GLU E 4867 66.53 70.55 68.53
C GLU E 4867 67.58 71.46 67.93
N ASP E 4868 67.16 72.67 67.57
CA ASP E 4868 67.99 73.70 66.96
C ASP E 4868 68.54 73.28 65.60
N GLU E 4869 67.99 72.22 65.00
CA GLU E 4869 68.37 71.80 63.65
C GLU E 4869 67.19 71.09 63.01
N PRO E 4870 66.11 71.83 62.74
CA PRO E 4870 64.90 71.19 62.20
C PRO E 4870 65.08 70.75 60.76
N ASP E 4871 64.29 69.74 60.38
CA ASP E 4871 64.28 69.20 59.01
C ASP E 4871 62.83 69.15 58.56
N MET E 4872 62.34 70.26 57.99
CA MET E 4872 60.98 70.32 57.47
C MET E 4872 60.90 69.50 56.19
N LYS E 4873 59.81 68.74 56.04
CA LYS E 4873 59.62 67.95 54.83
C LYS E 4873 58.57 68.53 53.89
N CYS E 4874 57.73 69.45 54.37
CA CYS E 4874 56.67 70.02 53.54
C CYS E 4874 56.68 71.54 53.61
N ASP E 4875 57.87 72.14 53.52
CA ASP E 4875 57.96 73.57 53.27
C ASP E 4875 57.99 73.90 51.78
N ASP E 4876 58.12 72.88 50.94
CA ASP E 4876 58.00 73.01 49.49
C ASP E 4876 56.99 71.99 48.99
N MET E 4877 56.38 72.28 47.84
CA MET E 4877 55.43 71.33 47.28
C MET E 4877 56.16 70.11 46.72
N MET E 4878 57.31 70.33 46.08
CA MET E 4878 58.05 69.22 45.49
C MET E 4878 58.57 68.26 46.56
N THR E 4879 59.15 68.79 47.64
CA THR E 4879 59.67 67.93 48.69
C THR E 4879 58.55 67.15 49.37
N CYS E 4880 57.43 67.81 49.65
CA CYS E 4880 56.29 67.12 50.26
C CYS E 4880 55.74 66.04 49.34
N TYR E 4881 55.66 66.32 48.04
CA TYR E 4881 55.15 65.35 47.08
C TYR E 4881 56.06 64.14 46.99
N LEU E 4882 57.37 64.36 46.94
CA LEU E 4882 58.33 63.26 46.92
C LEU E 4882 58.26 62.45 48.21
N PHE E 4883 58.12 63.13 49.35
CA PHE E 4883 57.99 62.43 50.63
C PHE E 4883 56.75 61.55 50.65
N HIS E 4884 55.63 62.07 50.14
CA HIS E 4884 54.39 61.29 50.15
C HIS E 4884 54.48 60.09 49.21
N MET E 4885 55.09 60.27 48.03
CA MET E 4885 55.15 59.14 47.10
C MET E 4885 56.21 58.12 47.52
N TYR E 4886 57.25 58.54 48.23
CA TYR E 4886 58.37 57.64 48.50
C TYR E 4886 58.18 56.89 49.82
N VAL E 4887 57.79 57.60 50.86
CA VAL E 4887 57.70 56.99 52.20
C VAL E 4887 56.30 56.48 52.48
N GLY E 4888 55.28 57.25 52.10
CA GLY E 4888 53.91 56.91 52.46
C GLY E 4888 53.41 55.63 51.83
N VAL E 4889 53.75 55.40 50.56
CA VAL E 4889 53.22 54.24 49.85
C VAL E 4889 53.78 52.94 50.43
N ARG E 4890 55.06 52.92 50.79
CA ARG E 4890 55.70 51.72 51.29
C ARG E 4890 55.53 51.53 52.80
N ALA E 4891 54.83 52.43 53.47
CA ALA E 4891 54.74 52.36 54.93
C ALA E 4891 54.01 51.11 55.39
N GLY E 4892 52.95 50.70 54.69
CA GLY E 4892 52.18 49.55 55.11
C GLY E 4892 51.03 49.93 56.00
N GLY E 4893 51.22 50.93 56.84
CA GLY E 4893 50.17 51.50 57.66
C GLY E 4893 49.71 52.87 57.25
N GLY E 4894 50.10 53.36 56.08
CA GLY E 4894 49.74 54.70 55.66
C GLY E 4894 50.73 55.74 56.14
N ILE E 4895 50.46 56.99 55.77
CA ILE E 4895 51.33 58.09 56.17
C ILE E 4895 51.22 58.39 57.65
N GLY E 4896 50.23 57.83 58.34
CA GLY E 4896 49.98 58.18 59.73
C GLY E 4896 51.03 57.73 60.70
N ASP E 4897 51.85 56.73 60.33
CA ASP E 4897 52.85 56.20 61.24
C ASP E 4897 54.25 56.75 60.97
N GLU E 4898 54.37 57.79 60.15
CA GLU E 4898 55.65 58.40 59.85
C GLU E 4898 55.73 59.86 60.23
N ILE E 4899 54.67 60.44 60.77
CA ILE E 4899 54.64 61.84 61.15
C ILE E 4899 54.27 61.94 62.63
N GLU E 4900 54.19 63.18 63.11
CA GLU E 4900 54.03 63.42 64.54
C GLU E 4900 52.64 63.01 65.03
N ASP E 4901 52.56 62.71 66.32
CA ASP E 4901 51.31 62.31 66.95
C ASP E 4901 50.38 63.52 67.09
N PRO E 4902 49.17 63.48 66.54
CA PRO E 4902 48.27 64.64 66.64
C PRO E 4902 47.49 64.74 67.94
N ALA E 4903 47.90 64.03 68.99
CA ALA E 4903 47.17 64.07 70.25
C ALA E 4903 47.29 65.44 70.90
N GLY E 4904 46.17 65.94 71.42
CA GLY E 4904 46.14 67.20 72.13
C GLY E 4904 46.08 68.43 71.26
N ASP E 4905 46.03 68.29 69.94
CA ASP E 4905 46.03 69.43 69.06
C ASP E 4905 44.61 69.87 68.71
N GLU E 4906 44.48 71.10 68.23
CA GLU E 4906 43.19 71.61 67.81
C GLU E 4906 42.65 70.86 66.60
N TYR E 4907 43.55 70.41 65.72
CA TYR E 4907 43.18 69.74 64.47
C TYR E 4907 43.24 68.22 64.57
N GLU E 4908 42.92 67.67 65.75
CA GLU E 4908 43.12 66.23 65.98
C GLU E 4908 42.20 65.39 65.10
N LEU E 4909 40.90 65.73 65.08
CA LEU E 4909 39.94 64.93 64.32
C LEU E 4909 40.22 64.98 62.82
N TYR E 4910 40.60 66.16 62.32
CA TYR E 4910 40.95 66.27 60.90
C TYR E 4910 42.15 65.39 60.56
N ARG E 4911 43.16 65.37 61.44
CA ARG E 4911 44.31 64.51 61.22
C ARG E 4911 43.92 63.03 61.24
N VAL E 4912 43.03 62.65 62.15
CA VAL E 4912 42.60 61.26 62.24
C VAL E 4912 41.88 60.86 60.95
N VAL E 4913 40.98 61.71 60.48
CA VAL E 4913 40.26 61.41 59.23
C VAL E 4913 41.24 61.34 58.06
N PHE E 4914 42.21 62.27 58.03
CA PHE E 4914 43.22 62.26 56.98
C PHE E 4914 43.97 60.94 56.94
N ASP E 4915 44.48 60.50 58.09
CA ASP E 4915 45.24 59.26 58.15
C ASP E 4915 44.39 58.06 57.75
N ILE E 4916 43.17 57.98 58.29
CA ILE E 4916 42.32 56.82 58.00
C ILE E 4916 41.96 56.77 56.52
N THR E 4917 41.61 57.92 55.94
CA THR E 4917 41.21 57.93 54.54
C THR E 4917 42.38 57.61 53.62
N PHE E 4918 43.58 58.13 53.95
CA PHE E 4918 44.76 57.75 53.18
C PHE E 4918 45.01 56.25 53.24
N PHE E 4919 44.95 55.68 54.45
CA PHE E 4919 45.20 54.25 54.61
C PHE E 4919 44.19 53.43 53.83
N PHE E 4920 42.91 53.83 53.86
CA PHE E 4920 41.89 53.06 53.16
C PHE E 4920 42.04 53.16 51.65
N PHE E 4921 42.19 54.37 51.13
CA PHE E 4921 42.15 54.55 49.68
C PHE E 4921 43.44 54.13 48.99
N VAL E 4922 44.60 54.40 49.60
CA VAL E 4922 45.86 54.17 48.89
C VAL E 4922 46.38 52.76 49.13
N ILE E 4923 46.43 52.33 50.38
CA ILE E 4923 47.08 51.06 50.70
C ILE E 4923 46.16 49.88 50.42
N VAL E 4924 44.91 49.95 50.90
CA VAL E 4924 44.04 48.78 50.87
C VAL E 4924 43.59 48.48 49.44
N ILE E 4925 43.24 49.50 48.67
CA ILE E 4925 42.51 49.30 47.42
C ILE E 4925 43.45 49.26 46.22
N LEU E 4926 44.16 50.37 45.98
CA LEU E 4926 44.86 50.54 44.70
C LEU E 4926 46.01 49.54 44.54
N LEU E 4927 46.81 49.36 45.60
CA LEU E 4927 47.92 48.41 45.54
C LEU E 4927 47.42 46.99 45.30
N ALA E 4928 46.31 46.63 45.94
CA ALA E 4928 45.72 45.31 45.75
C ALA E 4928 45.28 45.10 44.30
N ILE E 4929 44.68 46.13 43.70
CA ILE E 4929 44.26 46.03 42.30
C ILE E 4929 45.48 45.87 41.39
N ILE E 4930 46.53 46.66 41.66
CA ILE E 4930 47.74 46.60 40.83
C ILE E 4930 48.35 45.20 40.88
N GLN E 4931 48.44 44.63 42.09
CA GLN E 4931 48.98 43.28 42.24
C GLN E 4931 48.08 42.25 41.57
N GLY E 4932 46.77 42.38 41.76
CA GLY E 4932 45.83 41.39 41.24
C GLY E 4932 45.82 41.33 39.74
N LEU E 4933 46.01 42.47 39.07
CA LEU E 4933 46.08 42.45 37.61
C LEU E 4933 47.15 41.49 37.11
N ILE E 4934 48.38 41.63 37.64
CA ILE E 4934 49.49 40.78 37.20
C ILE E 4934 49.25 39.33 37.60
N ILE E 4935 48.75 39.10 38.82
CA ILE E 4935 48.52 37.72 39.26
C ILE E 4935 47.49 37.03 38.38
N ASP E 4936 46.39 37.72 38.05
CA ASP E 4936 45.36 37.15 37.20
C ASP E 4936 45.89 36.90 35.79
N ALA E 4937 46.73 37.81 35.27
CA ALA E 4937 47.32 37.59 33.96
C ALA E 4937 48.17 36.32 33.95
N PHE E 4938 48.98 36.12 35.00
CA PHE E 4938 49.80 34.92 35.09
C PHE E 4938 48.93 33.67 35.12
N GLY E 4939 47.87 33.68 35.94
CA GLY E 4939 46.99 32.53 36.02
C GLY E 4939 46.32 32.22 34.69
N GLU E 4940 45.85 33.26 33.99
CA GLU E 4940 45.19 33.06 32.70
C GLU E 4940 46.16 32.48 31.68
N LEU E 4941 47.40 32.97 31.67
CA LEU E 4941 48.39 32.43 30.74
C LEU E 4941 48.65 30.95 31.01
N ARG E 4942 48.79 30.58 32.29
CA ARG E 4942 49.00 29.17 32.62
C ARG E 4942 47.81 28.32 32.19
N ASP E 4943 46.59 28.80 32.42
CA ASP E 4943 45.41 28.05 32.01
C ASP E 4943 45.36 27.84 30.51
N GLN E 4944 45.67 28.89 29.73
CA GLN E 4944 45.68 28.77 28.28
C GLN E 4944 46.71 27.74 27.82
N GLN E 4945 47.92 27.79 28.40
CA GLN E 4945 48.95 26.83 28.00
C GLN E 4945 48.52 25.40 28.31
N GLU E 4946 47.95 25.18 29.50
CA GLU E 4946 47.51 23.83 29.85
C GLU E 4946 46.41 23.33 28.92
N GLN E 4947 45.44 24.21 28.59
CA GLN E 4947 44.38 23.81 27.68
C GLN E 4947 44.94 23.44 26.31
N VAL E 4948 45.89 24.25 25.81
CA VAL E 4948 46.47 23.97 24.51
C VAL E 4948 47.18 22.62 24.52
N ARG E 4949 47.96 22.35 25.58
CA ARG E 4949 48.69 21.10 25.66
C ARG E 4949 47.74 19.92 25.71
N GLU E 4950 46.67 20.02 26.51
CA GLU E 4950 45.71 18.92 26.61
C GLU E 4950 45.03 18.65 25.27
N ASP E 4951 44.60 19.72 24.59
CA ASP E 4951 43.94 19.55 23.30
C ASP E 4951 44.89 18.92 22.27
N MET E 4952 46.16 19.33 22.30
CA MET E 4952 47.13 18.72 21.39
C MET E 4952 47.31 17.25 21.70
N GLU E 4953 47.35 16.88 22.99
CA GLU E 4953 47.65 15.51 23.36
C GLU E 4953 46.44 14.59 23.32
N THR E 4954 45.22 15.11 23.15
CA THR E 4954 44.04 14.26 23.19
C THR E 4954 43.29 14.13 21.88
N LYS E 4955 43.73 14.78 20.81
CA LYS E 4955 43.03 14.72 19.53
C LYS E 4955 44.01 14.55 18.38
N CYS E 4956 43.52 13.99 17.28
CA CYS E 4956 44.33 13.84 16.08
C CYS E 4956 44.52 15.20 15.41
N PHE E 4957 45.74 15.46 14.95
CA PHE E 4957 46.07 16.79 14.44
C PHE E 4957 45.32 17.11 13.14
N ILE E 4958 45.14 16.12 12.27
CA ILE E 4958 44.66 16.40 10.92
C ILE E 4958 43.14 16.39 10.87
N CYS E 4959 42.53 15.23 11.13
CA CYS E 4959 41.08 15.11 11.01
C CYS E 4959 40.33 15.62 12.22
N GLY E 4960 41.02 15.87 13.34
CA GLY E 4960 40.36 16.42 14.51
C GLY E 4960 39.32 15.52 15.14
N ILE E 4961 39.62 14.25 15.31
CA ILE E 4961 38.71 13.31 15.96
C ILE E 4961 39.34 12.85 17.26
N GLY E 4962 38.55 12.86 18.33
CA GLY E 4962 39.08 12.56 19.65
C GLY E 4962 39.52 11.12 19.78
N SER E 4963 40.37 10.89 20.80
CA SER E 4963 40.91 9.56 21.06
C SER E 4963 39.90 8.61 21.69
N ASP E 4964 38.64 9.02 21.82
CA ASP E 4964 37.61 8.16 22.35
C ASP E 4964 36.91 7.32 21.28
N TYR E 4965 36.80 7.84 20.06
CA TYR E 4965 36.34 7.01 18.94
C TYR E 4965 37.32 5.87 18.69
N PHE E 4966 38.60 6.20 18.59
CA PHE E 4966 39.64 5.19 18.67
C PHE E 4966 39.77 4.69 20.11
N ASP E 4967 40.68 3.74 20.31
CA ASP E 4967 40.95 3.03 21.56
C ASP E 4967 39.80 2.11 21.93
N THR E 4968 38.72 2.06 21.14
CA THR E 4968 37.76 0.98 21.27
C THR E 4968 38.39 -0.37 21.00
N THR E 4969 39.50 -0.40 20.26
CA THR E 4969 40.40 -1.52 20.10
C THR E 4969 41.75 -1.12 20.67
N PRO E 4970 42.55 -2.07 21.15
CA PRO E 4970 43.81 -1.71 21.82
C PRO E 4970 44.73 -0.91 20.91
N HIS E 4971 45.30 0.16 21.46
CA HIS E 4971 46.31 0.99 20.81
C HIS E 4971 45.81 1.58 19.48
N ARG E 4972 44.50 1.83 19.36
CA ARG E 4972 43.96 2.30 18.10
C ARG E 4972 44.44 3.72 17.77
N PHE E 4973 44.43 4.61 18.76
CA PHE E 4973 44.85 5.99 18.51
C PHE E 4973 46.32 6.06 18.10
N GLU E 4974 47.17 5.28 18.75
CA GLU E 4974 48.59 5.26 18.39
C GLU E 4974 48.78 4.80 16.95
N THR E 4975 48.07 3.74 16.55
CA THR E 4975 48.17 3.27 15.17
C THR E 4975 47.62 4.30 14.19
N HIS E 4976 46.54 4.98 14.54
CA HIS E 4976 45.98 6.01 13.67
C HIS E 4976 46.98 7.13 13.46
N THR E 4977 47.66 7.54 14.53
CA THR E 4977 48.60 8.66 14.42
C THR E 4977 49.92 8.24 13.79
N LEU E 4978 50.27 6.95 13.87
CA LEU E 4978 51.58 6.52 13.38
C LEU E 4978 51.54 5.95 11.97
N GLU E 4979 50.39 5.47 11.50
CA GLU E 4979 50.30 4.81 10.20
C GLU E 4979 49.37 5.53 9.23
N GLU E 4980 48.18 5.88 9.66
CA GLU E 4980 47.17 6.42 8.76
C GLU E 4980 47.20 7.94 8.66
N HIS E 4981 47.69 8.62 9.70
CA HIS E 4981 47.65 10.07 9.79
C HIS E 4981 49.01 10.67 10.09
N ASN E 4982 50.09 9.96 9.77
CA ASN E 4982 51.42 10.44 10.11
C ASN E 4982 51.74 11.73 9.38
N LEU E 4983 52.32 12.70 10.11
CA LEU E 4983 52.50 14.04 9.56
C LEU E 4983 53.66 14.11 8.58
N ALA E 4984 54.74 13.38 8.83
CA ALA E 4984 55.90 13.46 7.95
C ALA E 4984 55.64 12.85 6.58
N ASN E 4985 54.64 11.95 6.51
CA ASN E 4985 54.32 11.32 5.24
C ASN E 4985 53.83 12.33 4.21
N TYR E 4986 53.11 13.36 4.65
CA TYR E 4986 52.64 14.38 3.71
C TYR E 4986 53.81 15.16 3.11
N MET E 4987 54.81 15.52 3.93
CA MET E 4987 55.99 16.20 3.43
C MET E 4987 56.78 15.30 2.49
N PHE E 4988 56.91 14.01 2.84
CA PHE E 4988 57.56 13.08 1.93
C PHE E 4988 56.81 12.98 0.61
N PHE E 4989 55.48 12.97 0.67
CA PHE E 4989 54.67 12.95 -0.56
C PHE E 4989 54.89 14.19 -1.39
N LEU E 4990 54.99 15.36 -0.75
CA LEU E 4990 55.23 16.59 -1.50
C LEU E 4990 56.56 16.55 -2.22
N MET E 4991 57.62 16.10 -1.52
CA MET E 4991 58.92 16.01 -2.19
C MET E 4991 58.91 14.95 -3.29
N TYR E 4992 58.19 13.85 -3.07
CA TYR E 4992 58.07 12.81 -4.09
C TYR E 4992 57.38 13.35 -5.34
N LEU E 4993 56.33 14.14 -5.15
CA LEU E 4993 55.67 14.79 -6.28
C LEU E 4993 56.61 15.77 -6.97
N ILE E 4994 57.42 16.49 -6.21
CA ILE E 4994 58.37 17.43 -6.81
C ILE E 4994 59.37 16.70 -7.70
N ASN E 4995 59.90 15.57 -7.23
CA ASN E 4995 60.93 14.88 -7.99
C ASN E 4995 60.39 14.22 -9.25
N LYS E 4996 59.17 13.70 -9.20
CA LYS E 4996 58.65 12.89 -10.31
C LYS E 4996 58.35 13.75 -11.53
N ASP E 4997 58.36 13.12 -12.70
CA ASP E 4997 58.03 13.82 -13.94
C ASP E 4997 56.53 13.99 -14.07
N GLU E 4998 56.12 15.03 -14.80
CA GLU E 4998 54.69 15.33 -14.94
C GLU E 4998 53.98 14.28 -15.79
N THR E 4999 54.66 13.72 -16.78
CA THR E 4999 54.01 12.75 -17.66
C THR E 4999 53.81 11.40 -16.99
N GLU E 5000 54.49 11.14 -15.89
CA GLU E 5000 54.38 9.87 -15.17
C GLU E 5000 53.44 9.96 -13.98
N HIS E 5001 52.82 11.12 -13.74
CA HIS E 5001 51.89 11.25 -12.62
C HIS E 5001 50.64 10.42 -12.87
N THR E 5002 50.16 9.75 -11.82
CA THR E 5002 48.89 9.05 -11.87
C THR E 5002 47.75 10.05 -11.70
N GLY E 5003 46.51 9.55 -11.73
CA GLY E 5003 45.37 10.43 -11.63
C GLY E 5003 45.30 11.16 -10.30
N GLN E 5004 45.47 10.42 -9.21
CA GLN E 5004 45.43 11.03 -7.88
C GLN E 5004 46.59 11.98 -7.66
N GLU E 5005 47.79 11.60 -8.12
CA GLU E 5005 48.95 12.46 -7.97
C GLU E 5005 48.78 13.74 -8.75
N SER E 5006 48.29 13.65 -9.98
CA SER E 5006 48.04 14.85 -10.77
C SER E 5006 46.94 15.71 -10.17
N TYR E 5007 45.91 15.08 -9.61
CA TYR E 5007 44.85 15.82 -8.90
C TYR E 5007 45.42 16.63 -7.75
N VAL E 5008 46.24 15.98 -6.91
CA VAL E 5008 46.82 16.66 -5.76
C VAL E 5008 47.78 17.75 -6.21
N TRP E 5009 48.58 17.47 -7.25
CA TRP E 5009 49.51 18.46 -7.76
C TRP E 5009 48.77 19.69 -8.28
N LYS E 5010 47.69 19.47 -9.04
CA LYS E 5010 46.90 20.57 -9.57
C LYS E 5010 46.31 21.43 -8.46
N MET E 5011 45.69 20.79 -7.46
CA MET E 5011 45.12 21.59 -6.38
C MET E 5011 46.17 22.25 -5.52
N TYR E 5012 47.38 21.67 -5.43
CA TYR E 5012 48.47 22.32 -4.71
C TYR E 5012 48.92 23.58 -5.44
N GLN E 5013 49.04 23.51 -6.77
CA GLN E 5013 49.50 24.67 -7.52
C GLN E 5013 48.50 25.82 -7.48
N GLU E 5014 47.24 25.53 -7.18
CA GLU E 5014 46.23 26.56 -7.00
C GLU E 5014 46.10 27.03 -5.56
N ARG E 5015 46.90 26.47 -4.65
CA ARG E 5015 46.85 26.79 -3.22
C ARG E 5015 45.44 26.58 -2.66
N CYS E 5016 44.85 25.44 -2.98
CA CYS E 5016 43.57 25.02 -2.41
C CYS E 5016 43.81 23.77 -1.59
N TRP E 5017 43.36 23.79 -0.33
CA TRP E 5017 43.67 22.74 0.63
C TRP E 5017 42.46 21.85 0.95
N ASP E 5018 41.62 21.57 -0.06
CA ASP E 5018 40.44 20.75 0.18
C ASP E 5018 40.73 19.25 0.21
N PHE E 5019 41.95 18.83 -0.15
CA PHE E 5019 42.25 17.41 -0.16
C PHE E 5019 42.60 16.85 1.22
N PHE E 5020 42.80 17.72 2.21
CA PHE E 5020 43.05 17.24 3.56
C PHE E 5020 41.74 16.76 4.17
N PRO E 5021 41.73 15.60 4.83
CA PRO E 5021 40.50 15.14 5.49
C PRO E 5021 40.08 16.11 6.58
N ALA E 5022 38.77 16.30 6.71
CA ALA E 5022 38.19 17.24 7.67
C ALA E 5022 37.05 16.53 8.39
N GLY E 5023 37.32 16.05 9.60
CA GLY E 5023 36.32 15.33 10.37
C GLY E 5023 35.90 14.01 9.75
N ASP E 5024 36.82 13.30 9.12
CA ASP E 5024 36.51 12.01 8.51
C ASP E 5024 37.78 11.18 8.44
N CYS E 5025 37.59 9.87 8.29
CA CYS E 5025 38.72 8.95 8.22
C CYS E 5025 38.29 7.68 7.50
N PHE E 5026 39.27 6.86 7.16
CA PHE E 5026 39.00 5.62 6.43
C PHE E 5026 38.15 4.67 7.27
N ARG E 5027 38.47 4.55 8.56
CA ARG E 5027 37.73 3.63 9.42
C ARG E 5027 36.27 4.06 9.58
N LYS E 5028 36.04 5.36 9.76
CA LYS E 5028 34.66 5.84 9.95
C LYS E 5028 33.83 5.63 8.68
N GLN E 5029 34.43 5.87 7.52
CA GLN E 5029 33.69 5.71 6.26
C GLN E 5029 33.28 4.26 6.05
N TYR E 5030 34.16 3.31 6.37
CA TYR E 5030 33.90 1.90 6.17
C TYR E 5030 33.72 1.15 7.49
N GLU E 5031 33.01 1.75 8.44
CA GLU E 5031 32.76 1.09 9.73
C GLU E 5031 31.93 -0.17 9.54
N ASP E 5032 30.96 -0.14 8.63
CA ASP E 5032 30.12 -1.30 8.35
C ASP E 5032 30.76 -2.28 7.38
N GLN E 5033 31.96 -1.99 6.88
CA GLN E 5033 32.68 -2.83 5.93
C GLN E 5033 31.84 -3.09 4.67
N GLY F 5 54.27 11.01 -122.63
CA GLY F 5 55.62 11.33 -122.20
C GLY F 5 55.69 12.63 -121.43
N VAL F 6 56.74 13.41 -121.69
CA VAL F 6 56.93 14.69 -121.03
C VAL F 6 57.14 15.76 -122.10
N GLU F 7 56.61 16.96 -121.85
CA GLU F 7 56.78 18.10 -122.73
C GLU F 7 57.71 19.10 -122.06
N ILE F 8 58.65 19.63 -122.84
CA ILE F 8 59.66 20.57 -122.34
C ILE F 8 59.57 21.86 -123.16
N GLU F 9 59.51 22.99 -122.46
CA GLU F 9 59.52 24.30 -123.08
C GLU F 9 60.62 25.14 -122.45
N THR F 10 61.36 25.86 -123.29
CA THR F 10 62.52 26.61 -122.84
C THR F 10 62.11 27.97 -122.30
N ILE F 11 62.62 28.31 -121.11
CA ILE F 11 62.43 29.63 -120.53
C ILE F 11 63.67 30.50 -120.72
N SER F 12 64.84 29.94 -120.45
CA SER F 12 66.10 30.66 -120.61
C SER F 12 67.12 29.68 -121.22
N PRO F 13 67.77 30.06 -122.32
CA PRO F 13 68.71 29.15 -122.97
C PRO F 13 69.98 28.96 -122.14
N GLY F 14 70.63 27.82 -122.38
CA GLY F 14 71.82 27.43 -121.67
C GLY F 14 73.02 27.31 -122.58
N ASP F 15 73.94 26.42 -122.19
CA ASP F 15 75.18 26.23 -122.95
C ASP F 15 74.85 25.67 -124.34
N GLY F 16 74.09 24.59 -124.40
CA GLY F 16 73.74 23.97 -125.66
C GLY F 16 74.70 22.90 -126.14
N ARG F 17 75.83 22.71 -125.46
CA ARG F 17 76.81 21.69 -125.82
C ARG F 17 76.92 20.59 -124.78
N THR F 18 77.08 20.95 -123.51
CA THR F 18 77.23 19.97 -122.44
C THR F 18 75.88 19.39 -122.06
N PHE F 19 75.82 18.06 -121.97
CA PHE F 19 74.62 17.35 -121.56
C PHE F 19 74.95 16.32 -120.48
N PRO F 20 74.00 15.99 -119.61
CA PRO F 20 74.27 14.99 -118.57
C PRO F 20 74.52 13.62 -119.19
N LYS F 21 75.62 13.00 -118.80
CA LYS F 21 76.02 11.69 -119.28
C LYS F 21 75.89 10.65 -118.17
N LYS F 22 76.06 9.39 -118.56
CA LYS F 22 75.90 8.29 -117.62
C LYS F 22 76.96 8.35 -116.52
N GLY F 23 76.53 8.11 -115.29
CA GLY F 23 77.43 8.09 -114.15
C GLY F 23 77.65 9.43 -113.48
N GLN F 24 77.06 10.51 -113.98
CA GLN F 24 77.25 11.83 -113.41
C GLN F 24 76.16 12.14 -112.39
N THR F 25 76.35 13.24 -111.68
CA THR F 25 75.39 13.72 -110.69
C THR F 25 74.94 15.11 -111.07
N CYS F 26 73.63 15.34 -111.05
CA CYS F 26 73.06 16.62 -111.42
C CYS F 26 72.65 17.40 -110.17
N VAL F 27 72.96 18.70 -110.19
CA VAL F 27 72.55 19.63 -109.14
C VAL F 27 71.59 20.63 -109.75
N VAL F 28 70.36 20.65 -109.24
CA VAL F 28 69.29 21.44 -109.84
C VAL F 28 68.54 22.21 -108.75
N HIS F 29 67.85 23.27 -109.18
CA HIS F 29 66.87 23.98 -108.37
C HIS F 29 65.51 23.87 -109.07
N TYR F 30 64.49 23.49 -108.32
CA TYR F 30 63.20 23.19 -108.93
C TYR F 30 62.07 23.76 -108.08
N THR F 31 60.90 23.82 -108.70
CA THR F 31 59.66 24.24 -108.05
C THR F 31 58.50 23.50 -108.71
N GLY F 32 57.70 22.82 -107.91
CA GLY F 32 56.65 21.96 -108.43
C GLY F 32 55.29 22.35 -107.90
N MET F 33 54.33 22.44 -108.81
CA MET F 33 52.96 22.82 -108.50
C MET F 33 52.01 21.93 -109.28
N LEU F 34 50.78 21.84 -108.79
CA LEU F 34 49.76 21.05 -109.45
C LEU F 34 49.25 21.74 -110.71
N GLN F 35 48.45 21.01 -111.49
CA GLN F 35 47.90 21.57 -112.72
C GLN F 35 46.95 22.72 -112.44
N ASN F 36 46.24 22.68 -111.32
CA ASN F 36 45.31 23.75 -110.95
C ASN F 36 46.01 25.05 -110.60
N GLY F 37 47.34 25.03 -110.43
CA GLY F 37 48.06 26.23 -110.08
C GLY F 37 48.45 26.36 -108.64
N LYS F 38 48.41 25.28 -107.86
CA LYS F 38 48.72 25.30 -106.44
C LYS F 38 50.11 24.71 -106.22
N LYS F 39 50.99 25.49 -105.62
CA LYS F 39 52.35 25.02 -105.36
C LYS F 39 52.35 23.95 -104.28
N PHE F 40 53.17 22.91 -104.48
CA PHE F 40 53.31 21.86 -103.48
C PHE F 40 54.75 21.58 -103.07
N ASP F 41 55.75 22.05 -103.83
CA ASP F 41 57.13 21.85 -103.40
C ASP F 41 58.02 22.91 -104.03
N SER F 42 59.13 23.20 -103.34
CA SER F 42 60.12 24.13 -103.84
C SER F 42 61.42 23.94 -103.06
N SER F 43 62.51 23.73 -103.79
CA SER F 43 63.81 23.56 -103.15
C SER F 43 64.47 24.89 -102.80
N ARG F 44 63.99 25.99 -103.36
CA ARG F 44 64.56 27.29 -103.04
C ARG F 44 64.11 27.78 -101.66
N ASP F 45 62.97 27.26 -101.16
CA ASP F 45 62.54 27.60 -99.82
C ASP F 45 63.50 27.08 -98.76
N ARG F 46 64.03 25.87 -98.96
CA ARG F 46 65.00 25.28 -98.05
C ARG F 46 66.41 25.79 -98.28
N ASN F 47 66.64 26.59 -99.32
CA ASN F 47 67.93 27.21 -99.61
C ASN F 47 69.04 26.18 -99.75
N LYS F 48 68.74 25.06 -100.41
CA LYS F 48 69.73 24.02 -100.64
C LYS F 48 69.41 23.33 -101.97
N PRO F 49 70.33 23.34 -102.92
CA PRO F 49 70.07 22.70 -104.22
C PRO F 49 69.90 21.19 -104.08
N PHE F 50 69.09 20.63 -104.98
CA PHE F 50 68.81 19.21 -104.99
C PHE F 50 69.83 18.48 -105.86
N LYS F 51 70.27 17.32 -105.39
CA LYS F 51 71.35 16.57 -106.02
C LYS F 51 70.89 15.14 -106.26
N PHE F 52 71.02 14.66 -107.49
CA PHE F 52 70.62 13.28 -107.76
C PHE F 52 71.46 12.68 -108.87
N ARG F 53 71.55 11.35 -108.86
CA ARG F 53 72.33 10.60 -109.83
C ARG F 53 71.40 9.97 -110.86
N ILE F 54 71.76 10.11 -112.13
CA ILE F 54 70.88 9.73 -113.23
C ILE F 54 71.04 8.24 -113.52
N GLY F 55 69.91 7.56 -113.71
CA GLY F 55 69.91 6.15 -114.07
C GLY F 55 69.80 5.19 -112.92
N LYS F 56 69.69 5.67 -111.68
CA LYS F 56 69.64 4.82 -110.49
C LYS F 56 68.27 4.81 -109.84
N GLN F 57 67.19 4.99 -110.62
CA GLN F 57 65.82 5.10 -110.11
C GLN F 57 65.76 5.82 -108.76
N GLU F 58 66.28 7.04 -108.72
CA GLU F 58 66.21 7.83 -107.49
C GLU F 58 64.98 8.73 -107.44
N VAL F 59 64.52 9.20 -108.58
CA VAL F 59 63.38 10.10 -108.65
C VAL F 59 62.35 9.52 -109.62
N ILE F 60 61.23 10.22 -109.76
CA ILE F 60 60.19 9.77 -110.68
C ILE F 60 60.70 9.86 -112.12
N LYS F 61 60.02 9.16 -113.02
CA LYS F 61 60.50 9.04 -114.40
C LYS F 61 60.55 10.39 -115.10
N GLY F 62 59.47 11.16 -114.99
CA GLY F 62 59.37 12.40 -115.76
C GLY F 62 60.45 13.42 -115.43
N PHE F 63 60.78 13.55 -114.15
CA PHE F 63 61.86 14.46 -113.77
C PHE F 63 63.17 14.09 -114.43
N GLU F 64 63.50 12.78 -114.42
CA GLU F 64 64.74 12.33 -115.03
C GLU F 64 64.74 12.52 -116.54
N GLU F 65 63.64 12.17 -117.20
CA GLU F 65 63.58 12.33 -118.65
C GLU F 65 63.67 13.79 -119.05
N GLY F 66 63.03 14.69 -118.28
CA GLY F 66 63.15 16.10 -118.57
C GLY F 66 64.55 16.62 -118.36
N ALA F 67 65.19 16.20 -117.26
CA ALA F 67 66.54 16.68 -116.97
C ALA F 67 67.57 16.12 -117.95
N ALA F 68 67.27 14.97 -118.56
CA ALA F 68 68.23 14.37 -119.48
C ALA F 68 68.39 15.19 -120.75
N GLN F 69 67.38 15.98 -121.12
CA GLN F 69 67.41 16.72 -122.38
C GLN F 69 67.85 18.16 -122.23
N MET F 70 68.24 18.59 -121.02
CA MET F 70 68.60 19.98 -120.80
C MET F 70 70.10 20.16 -120.77
N SER F 71 70.56 21.31 -121.26
CA SER F 71 71.97 21.66 -121.26
C SER F 71 72.36 22.36 -119.98
N LEU F 72 73.65 22.63 -119.85
CA LEU F 72 74.16 23.28 -118.65
C LEU F 72 73.72 24.75 -118.61
N GLY F 73 73.12 25.14 -117.48
CA GLY F 73 72.66 26.50 -117.30
C GLY F 73 71.29 26.80 -117.86
N GLN F 74 70.67 25.85 -118.55
CA GLN F 74 69.35 26.07 -119.13
C GLN F 74 68.28 26.11 -118.04
N ARG F 75 67.24 26.90 -118.29
CA ARG F 75 66.07 26.96 -117.41
C ARG F 75 64.83 26.64 -118.24
N ALA F 76 64.08 25.62 -117.82
CA ALA F 76 62.99 25.12 -118.63
C ALA F 76 61.81 24.73 -117.75
N LYS F 77 60.73 24.32 -118.40
CA LYS F 77 59.50 23.86 -117.74
C LYS F 77 59.15 22.48 -118.26
N LEU F 78 58.74 21.59 -117.34
CA LEU F 78 58.40 20.22 -117.68
C LEU F 78 56.97 19.92 -117.24
N THR F 79 56.30 19.05 -117.99
CA THR F 79 54.95 18.59 -117.68
C THR F 79 54.94 17.07 -117.65
N CYS F 80 54.34 16.51 -116.61
CA CYS F 80 54.31 15.06 -116.40
C CYS F 80 52.87 14.59 -116.24
N THR F 81 52.52 13.54 -116.99
CA THR F 81 51.21 12.92 -116.94
C THR F 81 51.10 11.99 -115.74
N PRO F 82 49.87 11.67 -115.30
CA PRO F 82 49.74 10.82 -114.10
C PRO F 82 50.42 9.48 -114.21
N ASP F 83 50.39 8.83 -115.38
CA ASP F 83 51.00 7.51 -115.50
C ASP F 83 52.51 7.53 -115.34
N VAL F 84 53.12 8.71 -115.38
CA VAL F 84 54.56 8.83 -115.16
C VAL F 84 54.91 9.19 -113.72
N ALA F 85 54.06 9.95 -113.04
CA ALA F 85 54.34 10.44 -111.70
C ALA F 85 53.24 10.00 -110.75
N TYR F 86 53.55 9.01 -109.90
CA TYR F 86 52.72 8.59 -108.77
C TYR F 86 51.42 7.90 -109.18
N GLY F 87 51.16 7.81 -110.48
CA GLY F 87 50.06 6.99 -110.98
C GLY F 87 48.71 7.35 -110.37
N ALA F 88 47.94 6.33 -110.04
CA ALA F 88 46.61 6.48 -109.46
C ALA F 88 46.60 6.41 -107.93
N THR F 89 47.76 6.22 -107.31
CA THR F 89 47.83 6.18 -105.86
C THR F 89 48.16 7.54 -105.25
N GLY F 90 48.97 8.34 -105.94
CA GLY F 90 49.32 9.65 -105.44
C GLY F 90 50.28 9.58 -104.27
N HIS F 91 50.49 10.73 -103.65
CA HIS F 91 51.32 10.84 -102.46
C HIS F 91 50.43 11.15 -101.27
N PRO F 92 50.25 10.22 -100.34
CA PRO F 92 49.27 10.40 -99.26
C PRO F 92 49.43 11.69 -98.48
N GLY F 93 48.43 12.56 -98.57
CA GLY F 93 48.43 13.82 -97.87
C GLY F 93 49.06 14.98 -98.62
N VAL F 94 49.62 14.73 -99.81
CA VAL F 94 50.30 15.78 -100.56
C VAL F 94 49.68 15.93 -101.94
N ILE F 95 49.63 14.83 -102.70
CA ILE F 95 49.20 14.85 -104.09
C ILE F 95 47.98 13.96 -104.22
N PRO F 96 46.87 14.46 -104.75
CA PRO F 96 45.68 13.61 -104.94
C PRO F 96 45.89 12.62 -106.09
N PRO F 97 45.10 11.56 -106.16
CA PRO F 97 45.28 10.58 -107.23
C PRO F 97 44.99 11.17 -108.60
N ASN F 98 45.67 10.63 -109.61
CA ASN F 98 45.48 11.04 -111.01
C ASN F 98 45.77 12.52 -111.22
N ALA F 99 46.96 12.96 -110.82
CA ALA F 99 47.32 14.36 -110.94
C ALA F 99 48.41 14.57 -111.98
N THR F 100 48.30 15.67 -112.71
CA THR F 100 49.30 16.07 -113.69
C THR F 100 50.20 17.14 -113.07
N LEU F 101 51.51 16.96 -113.21
CA LEU F 101 52.49 17.77 -112.49
C LEU F 101 53.21 18.72 -113.44
N ILE F 102 53.53 19.91 -112.94
CA ILE F 102 54.28 20.92 -113.69
C ILE F 102 55.48 21.34 -112.86
N PHE F 103 56.65 21.32 -113.48
CA PHE F 103 57.91 21.63 -112.80
C PHE F 103 58.63 22.75 -113.52
N ASP F 104 59.35 23.57 -112.77
CA ASP F 104 60.21 24.61 -113.32
C ASP F 104 61.63 24.30 -112.87
N VAL F 105 62.48 23.90 -113.81
CA VAL F 105 63.78 23.31 -113.48
C VAL F 105 64.90 24.17 -114.04
N GLU F 106 65.93 24.38 -113.22
CA GLU F 106 67.17 25.01 -113.63
C GLU F 106 68.33 24.07 -113.33
N LEU F 107 69.19 23.83 -114.31
CA LEU F 107 70.32 22.92 -114.18
C LEU F 107 71.55 23.75 -113.83
N LEU F 108 72.13 23.47 -112.66
CA LEU F 108 73.23 24.30 -112.16
C LEU F 108 74.60 23.69 -112.44
N ASN F 109 74.81 22.43 -112.06
CA ASN F 109 76.13 21.84 -112.17
C ASN F 109 76.00 20.34 -112.39
N LEU F 110 77.04 19.76 -113.00
CA LEU F 110 77.11 18.35 -113.31
C LEU F 110 78.25 17.71 -112.53
N GLU F 111 77.97 16.61 -111.86
CA GLU F 111 78.95 15.88 -111.04
C GLU F 111 79.62 16.79 -110.01
N VAL G 11 -33.04 10.63 8.08
CA VAL G 11 -34.14 11.41 8.63
C VAL G 11 -35.23 10.48 9.18
N GLN G 12 -35.58 10.66 10.45
CA GLN G 12 -36.57 9.82 11.10
C GLN G 12 -37.70 10.60 11.79
N PHE G 13 -37.45 11.82 12.26
CA PHE G 13 -38.43 12.58 13.02
C PHE G 13 -38.88 13.80 12.24
N LEU G 14 -40.18 14.08 12.26
CA LEU G 14 -40.74 15.20 11.53
C LEU G 14 -40.35 16.52 12.19
N ARG G 15 -40.38 17.59 11.38
CA ARG G 15 -39.98 18.90 11.82
C ARG G 15 -40.81 19.94 11.08
N THR G 16 -40.83 21.15 11.63
CA THR G 16 -41.58 22.24 11.00
C THR G 16 -40.92 22.65 9.69
N ASP G 17 -41.66 23.42 8.89
CA ASP G 17 -41.25 23.91 7.59
C ASP G 17 -40.87 22.78 6.64
N ASP G 18 -41.60 21.66 6.68
CA ASP G 18 -41.37 20.54 5.79
C ASP G 18 -42.63 20.24 4.98
N GLU G 19 -42.44 19.92 3.71
CA GLU G 19 -43.55 19.62 2.81
C GLU G 19 -44.01 18.18 3.02
N VAL G 20 -45.29 18.01 3.36
CA VAL G 20 -45.86 16.75 3.80
C VAL G 20 -47.17 16.52 3.06
N VAL G 21 -47.57 15.24 2.97
CA VAL G 21 -48.78 14.84 2.28
C VAL G 21 -49.66 14.06 3.26
N LEU G 22 -50.95 14.38 3.29
CA LEU G 22 -51.91 13.71 4.15
C LEU G 22 -52.61 12.59 3.37
N GLN G 23 -52.56 11.38 3.92
CA GLN G 23 -52.98 10.18 3.21
C GLN G 23 -53.89 9.34 4.10
N CYS G 24 -54.68 8.50 3.45
CA CYS G 24 -55.59 7.59 4.14
C CYS G 24 -55.79 6.35 3.28
N ASN G 25 -56.37 5.31 3.89
CA ASN G 25 -56.58 4.03 3.24
C ASN G 25 -58.03 3.63 3.37
N ALA G 26 -58.56 2.97 2.33
CA ALA G 26 -59.94 2.51 2.32
C ALA G 26 -60.04 1.23 1.50
N THR G 27 -61.19 0.58 1.59
CA THR G 27 -61.45 -0.66 0.86
C THR G 27 -62.75 -0.55 0.08
N VAL G 28 -62.68 -0.91 -1.21
CA VAL G 28 -63.86 -0.97 -2.08
C VAL G 28 -63.74 -2.22 -2.94
N LEU G 29 -64.78 -3.06 -2.92
CA LEU G 29 -64.81 -4.31 -3.69
C LEU G 29 -63.59 -5.18 -3.39
N LYS G 30 -63.26 -5.30 -2.11
CA LYS G 30 -62.14 -6.11 -1.63
C LYS G 30 -60.81 -5.60 -2.16
N GLU G 31 -60.80 -4.39 -2.71
CA GLU G 31 -59.57 -3.78 -3.19
C GLU G 31 -59.19 -2.59 -2.32
N GLN G 32 -57.91 -2.51 -1.97
CA GLN G 32 -57.41 -1.48 -1.06
C GLN G 32 -56.92 -0.29 -1.86
N LEU G 33 -57.42 0.89 -1.53
CA LEU G 33 -57.07 2.13 -2.19
C LEU G 33 -56.44 3.11 -1.21
N LYS G 34 -55.46 3.86 -1.69
CA LYS G 34 -54.80 4.89 -0.91
C LYS G 34 -55.15 6.24 -1.50
N LEU G 35 -55.69 7.13 -0.66
CA LEU G 35 -56.21 8.42 -1.10
C LEU G 35 -55.42 9.54 -0.43
N CYS G 36 -55.24 10.64 -1.15
CA CYS G 36 -54.54 11.80 -0.62
C CYS G 36 -55.49 12.99 -0.53
N LEU G 37 -55.39 13.75 0.56
CA LEU G 37 -56.22 14.94 0.71
C LEU G 37 -55.73 16.03 -0.25
N ALA G 38 -56.66 16.76 -0.86
CA ALA G 38 -56.30 17.78 -1.83
C ALA G 38 -57.33 18.90 -1.82
N ALA G 39 -56.93 20.05 -2.35
CA ALA G 39 -57.80 21.20 -2.48
C ALA G 39 -57.26 22.11 -3.57
N GLU G 40 -58.12 22.99 -4.08
CA GLU G 40 -57.75 23.88 -5.17
C GLU G 40 -57.46 25.30 -4.70
N GLY G 41 -58.32 25.85 -3.83
CA GLY G 41 -58.12 27.19 -3.31
C GLY G 41 -58.75 28.28 -4.15
N PHE G 42 -58.17 28.55 -5.32
CA PHE G 42 -58.68 29.59 -6.19
C PHE G 42 -59.90 29.10 -6.95
N GLY G 43 -61.07 29.69 -6.66
CA GLY G 43 -62.31 29.30 -7.30
C GLY G 43 -63.04 28.16 -6.63
N ASN G 44 -62.44 27.52 -5.64
CA ASN G 44 -63.09 26.41 -4.93
C ASN G 44 -62.37 26.21 -3.61
N ARG G 45 -63.10 26.22 -2.51
CA ARG G 45 -62.51 26.08 -1.19
C ARG G 45 -62.63 24.69 -0.60
N LEU G 46 -63.60 23.90 -1.05
CA LEU G 46 -63.84 22.58 -0.47
C LEU G 46 -62.73 21.61 -0.84
N CYS G 47 -62.37 20.76 0.11
CA CYS G 47 -61.34 19.76 -0.11
C CYS G 47 -61.95 18.45 -0.60
N PHE G 48 -61.12 17.62 -1.22
CA PHE G 48 -61.58 16.32 -1.74
C PHE G 48 -60.42 15.34 -1.69
N LEU G 49 -60.65 14.17 -2.28
CA LEU G 49 -59.73 13.05 -2.21
C LEU G 49 -59.23 12.69 -3.61
N GLU G 50 -57.91 12.50 -3.73
CA GLU G 50 -57.29 12.12 -4.98
C GLU G 50 -56.76 10.71 -4.87
N PRO G 51 -57.19 9.77 -5.72
CA PRO G 51 -56.62 8.42 -5.68
C PRO G 51 -55.17 8.41 -6.11
N THR G 52 -54.41 7.48 -5.54
CA THR G 52 -52.98 7.34 -5.83
C THR G 52 -52.54 5.89 -6.02
N SER G 53 -53.46 4.93 -5.95
CA SER G 53 -53.07 3.53 -6.04
C SER G 53 -52.62 3.16 -7.45
N ASN G 54 -53.20 3.79 -8.47
CA ASN G 54 -52.94 3.43 -9.87
C ASN G 54 -51.88 4.34 -10.51
N ALA G 55 -50.87 4.75 -9.74
CA ALA G 55 -49.84 5.64 -10.26
C ALA G 55 -49.05 5.03 -11.42
N GLN G 56 -49.03 3.70 -11.52
CA GLN G 56 -48.28 3.07 -12.60
C GLN G 56 -48.92 3.27 -13.97
N ASN G 57 -50.19 3.63 -14.02
CA ASN G 57 -50.90 3.85 -15.28
C ASN G 57 -51.41 5.27 -15.44
N VAL G 58 -52.05 5.83 -14.42
CA VAL G 58 -52.55 7.21 -14.48
C VAL G 58 -51.89 8.00 -13.36
N PRO G 59 -50.93 8.86 -13.66
CA PRO G 59 -50.26 9.64 -12.61
C PRO G 59 -51.23 10.58 -11.93
N PRO G 60 -51.11 10.76 -10.62
CA PRO G 60 -51.98 11.70 -9.91
C PRO G 60 -51.44 13.12 -9.97
N ASP G 61 -52.19 14.03 -9.34
CA ASP G 61 -51.86 15.46 -9.34
C ASP G 61 -51.33 15.83 -7.97
N LEU G 62 -50.00 15.80 -7.83
CA LEU G 62 -49.37 16.06 -6.55
C LEU G 62 -49.19 17.55 -6.27
N ALA G 63 -49.41 18.40 -7.27
CA ALA G 63 -49.16 19.83 -7.09
C ALA G 63 -50.08 20.45 -6.05
N ILE G 64 -51.35 20.02 -6.03
CA ILE G 64 -52.33 20.61 -5.13
C ILE G 64 -52.52 19.80 -3.85
N CYS G 65 -51.60 18.90 -3.53
CA CYS G 65 -51.71 18.08 -2.33
C CYS G 65 -50.68 18.43 -1.26
N CYS G 66 -49.65 19.20 -1.61
CA CYS G 66 -48.58 19.50 -0.67
C CYS G 66 -49.03 20.53 0.37
N PHE G 67 -48.69 20.28 1.62
CA PHE G 67 -48.95 21.21 2.72
C PHE G 67 -47.66 21.49 3.46
N VAL G 68 -47.58 22.66 4.09
CA VAL G 68 -46.40 23.11 4.81
C VAL G 68 -46.76 23.30 6.27
N LEU G 69 -45.97 22.70 7.16
CA LEU G 69 -46.18 22.84 8.60
C LEU G 69 -45.67 24.20 9.03
N GLU G 70 -46.59 25.12 9.30
CA GLU G 70 -46.22 26.49 9.64
C GLU G 70 -45.73 26.61 11.08
N GLN G 71 -46.59 26.25 12.03
CA GLN G 71 -46.26 26.43 13.43
C GLN G 71 -46.80 25.27 14.25
N SER G 72 -46.12 24.99 15.36
CA SER G 72 -46.54 23.99 16.34
C SER G 72 -46.34 24.59 17.73
N LEU G 73 -47.38 24.51 18.57
CA LEU G 73 -47.35 25.13 19.88
C LEU G 73 -48.13 24.27 20.87
N SER G 74 -47.93 24.56 22.15
CA SER G 74 -48.68 23.90 23.21
C SER G 74 -50.07 24.52 23.32
N VAL G 75 -50.97 23.79 23.98
CA VAL G 75 -52.36 24.24 24.11
C VAL G 75 -52.41 25.51 24.94
N ARG G 76 -51.68 25.56 26.06
CA ARG G 76 -51.69 26.74 26.91
C ARG G 76 -51.12 27.95 26.19
N ALA G 77 -50.02 27.77 25.45
CA ALA G 77 -49.43 28.88 24.70
C ALA G 77 -50.39 29.39 23.64
N LEU G 78 -51.05 28.47 22.93
CA LEU G 78 -52.02 28.88 21.91
C LEU G 78 -53.18 29.66 22.54
N GLN G 79 -53.68 29.18 23.67
CA GLN G 79 -54.77 29.86 24.35
C GLN G 79 -54.36 31.26 24.80
N GLU G 80 -53.14 31.39 25.35
CA GLU G 80 -52.67 32.70 25.79
C GLU G 80 -52.46 33.63 24.59
N MET G 81 -51.96 33.11 23.48
CA MET G 81 -51.76 33.95 22.30
C MET G 81 -53.08 34.45 21.74
N LEU G 82 -54.10 33.59 21.68
CA LEU G 82 -55.42 34.05 21.26
C LEU G 82 -56.04 34.98 22.28
N ALA G 83 -55.69 34.83 23.56
CA ALA G 83 -56.18 35.75 24.58
C ALA G 83 -55.52 37.12 24.52
N ASN G 84 -54.44 37.27 23.76
CA ASN G 84 -53.74 38.53 23.63
C ASN G 84 -54.61 39.55 22.90
N HIS G 98 -37.96 25.40 13.46
CA HIS G 98 -37.31 24.10 13.29
C HIS G 98 -37.48 23.23 14.53
N ARG G 99 -38.50 23.53 15.32
CA ARG G 99 -38.82 22.70 16.48
C ARG G 99 -39.44 21.38 16.05
N THR G 100 -39.01 20.30 16.68
CA THR G 100 -39.68 19.02 16.50
C THR G 100 -41.02 19.03 17.21
N LEU G 101 -41.97 18.29 16.66
CA LEU G 101 -43.35 18.33 17.14
C LEU G 101 -43.62 17.16 18.07
N LEU G 102 -44.46 17.40 19.07
CA LEU G 102 -44.84 16.41 20.07
C LEU G 102 -46.31 16.04 19.90
N TYR G 103 -46.65 14.86 20.40
CA TYR G 103 -48.05 14.47 20.46
C TYR G 103 -48.80 15.39 21.43
N GLY G 104 -50.07 15.64 21.12
CA GLY G 104 -50.88 16.52 21.93
C GLY G 104 -50.65 18.00 21.71
N HIS G 105 -49.81 18.37 20.75
CA HIS G 105 -49.60 19.78 20.42
C HIS G 105 -50.55 20.22 19.32
N ALA G 106 -50.66 21.52 19.15
CA ALA G 106 -51.52 22.12 18.13
C ALA G 106 -50.66 22.66 16.99
N ILE G 107 -51.03 22.31 15.77
CA ILE G 107 -50.25 22.64 14.58
C ILE G 107 -51.12 23.42 13.61
N LEU G 108 -50.45 24.17 12.74
CA LEU G 108 -51.08 24.96 11.69
C LEU G 108 -50.48 24.58 10.35
N LEU G 109 -51.34 24.34 9.36
CA LEU G 109 -50.92 23.90 8.03
C LEU G 109 -51.25 24.97 7.01
N ARG G 110 -50.33 25.20 6.08
CA ARG G 110 -50.52 26.16 5.01
C ARG G 110 -50.47 25.45 3.66
N HIS G 111 -51.43 25.76 2.79
CA HIS G 111 -51.44 25.20 1.45
C HIS G 111 -50.26 25.73 0.65
N ALA G 112 -49.53 24.83 -0.01
CA ALA G 112 -48.31 25.23 -0.71
C ALA G 112 -48.61 26.16 -1.87
N HIS G 113 -49.65 25.86 -2.65
CA HIS G 113 -49.92 26.62 -3.87
C HIS G 113 -50.67 27.92 -3.57
N SER G 114 -51.89 27.80 -3.02
CA SER G 114 -52.74 28.97 -2.84
C SER G 114 -52.30 29.84 -1.68
N GLY G 115 -51.54 29.31 -0.73
CA GLY G 115 -51.16 30.08 0.43
C GLY G 115 -52.22 30.20 1.50
N MET G 116 -53.34 29.49 1.37
CA MET G 116 -54.38 29.50 2.38
C MET G 116 -54.13 28.41 3.41
N TYR G 117 -54.98 28.39 4.44
CA TYR G 117 -54.80 27.48 5.56
C TYR G 117 -56.00 26.54 5.67
N LEU G 118 -55.73 25.26 5.94
CA LEU G 118 -56.79 24.29 6.13
C LEU G 118 -57.57 24.63 7.39
N SER G 119 -58.89 24.51 7.33
CA SER G 119 -59.74 24.87 8.46
C SER G 119 -61.06 24.13 8.37
N CYS G 120 -61.82 24.21 9.46
CA CYS G 120 -63.14 23.61 9.55
C CYS G 120 -64.19 24.68 9.30
N LEU G 121 -65.14 24.38 8.42
CA LEU G 121 -66.16 25.35 8.03
C LEU G 121 -67.44 25.15 8.83
N THR G 122 -68.30 26.16 8.80
CA THR G 122 -69.57 26.10 9.51
C THR G 122 -70.69 25.48 8.69
N THR G 123 -70.58 25.52 7.36
CA THR G 123 -71.61 24.91 6.52
C THR G 123 -71.46 23.40 6.51
N SER G 124 -72.56 22.72 6.22
CA SER G 124 -72.58 21.26 6.21
C SER G 124 -73.40 20.79 5.02
N ARG G 125 -72.76 20.07 4.10
CA ARG G 125 -73.45 19.49 2.95
C ARG G 125 -74.08 18.14 3.26
N SER G 126 -73.78 17.56 4.42
CA SER G 126 -74.25 16.22 4.75
C SER G 126 -75.76 16.20 4.97
N MET G 127 -76.36 15.06 4.67
CA MET G 127 -77.77 14.83 4.91
C MET G 127 -78.06 13.66 5.83
N THR G 128 -77.08 12.79 6.09
CA THR G 128 -77.28 11.66 6.98
C THR G 128 -76.73 11.91 8.38
N ASP G 129 -75.79 12.84 8.53
CA ASP G 129 -75.23 13.19 9.83
C ASP G 129 -75.61 14.63 10.13
N LYS G 130 -76.24 14.85 11.29
CA LYS G 130 -76.69 16.18 11.65
C LYS G 130 -75.61 17.00 12.34
N LEU G 131 -74.65 16.33 12.98
CA LEU G 131 -73.60 17.01 13.74
C LEU G 131 -72.32 17.20 12.94
N ALA G 132 -72.31 16.87 11.66
CA ALA G 132 -71.09 16.95 10.87
C ALA G 132 -70.88 18.36 10.33
N PHE G 133 -69.62 18.66 10.00
CA PHE G 133 -69.23 19.94 9.44
C PHE G 133 -68.34 19.71 8.22
N ASP G 134 -68.29 20.70 7.34
CA ASP G 134 -67.42 20.63 6.18
C ASP G 134 -66.05 21.23 6.49
N VAL G 135 -65.05 20.79 5.74
CA VAL G 135 -63.67 21.21 5.92
C VAL G 135 -63.18 21.83 4.62
N GLY G 136 -62.57 23.02 4.74
CA GLY G 136 -62.14 23.72 3.55
C GLY G 136 -60.89 24.55 3.81
N LEU G 137 -60.74 25.59 3.02
CA LEU G 137 -59.60 26.50 3.10
C LEU G 137 -60.04 27.86 3.59
N GLN G 138 -59.10 28.59 4.20
CA GLN G 138 -59.36 29.88 4.80
C GLN G 138 -58.24 30.83 4.41
N GLU G 139 -58.60 32.06 4.04
CA GLU G 139 -57.65 33.02 3.50
C GLU G 139 -56.78 33.67 4.57
N ASP G 140 -57.18 33.62 5.84
CA ASP G 140 -56.46 34.28 6.91
C ASP G 140 -56.21 33.30 8.04
N ALA G 141 -55.02 33.40 8.65
CA ALA G 141 -54.66 32.56 9.79
C ALA G 141 -55.33 32.99 11.08
N THR G 142 -56.04 34.12 11.08
CA THR G 142 -56.71 34.58 12.28
C THR G 142 -57.82 33.62 12.68
N GLY G 143 -58.12 33.60 13.96
CA GLY G 143 -59.12 32.70 14.51
C GLY G 143 -58.55 31.36 14.91
N GLU G 144 -59.34 30.62 15.68
CA GLU G 144 -58.90 29.33 16.19
C GLU G 144 -59.27 28.18 15.27
N ALA G 145 -60.02 28.43 14.20
CA ALA G 145 -60.49 27.35 13.34
C ALA G 145 -59.37 26.71 12.53
N CYS G 146 -58.19 27.32 12.50
CA CYS G 146 -57.12 26.84 11.64
C CYS G 146 -56.15 25.89 12.35
N TRP G 147 -56.31 25.67 13.64
CA TRP G 147 -55.36 24.87 14.42
C TRP G 147 -55.91 23.47 14.65
N TRP G 148 -55.02 22.47 14.59
CA TRP G 148 -55.42 21.08 14.77
C TRP G 148 -54.50 20.39 15.76
N THR G 149 -55.08 19.60 16.66
CA THR G 149 -54.32 18.84 17.64
C THR G 149 -54.18 17.39 17.19
N THR G 150 -53.06 16.77 17.54
CA THR G 150 -52.75 15.41 17.12
C THR G 150 -52.71 14.48 18.32
N HIS G 151 -53.18 13.26 18.12
CA HIS G 151 -53.20 12.24 19.17
C HIS G 151 -52.71 10.91 18.61
N PRO G 152 -52.08 10.08 19.43
CA PRO G 152 -51.58 8.79 18.95
C PRO G 152 -52.70 7.78 18.74
N ALA G 153 -52.40 6.77 17.91
CA ALA G 153 -53.41 5.77 17.56
C ALA G 153 -53.68 4.80 18.71
N SER G 154 -52.64 4.33 19.38
CA SER G 154 -52.80 3.29 20.39
C SER G 154 -51.93 3.60 21.59
N LYS G 155 -51.87 2.65 22.53
CA LYS G 155 -51.18 2.84 23.79
C LYS G 155 -49.66 2.73 23.65
N GLN G 156 -49.14 2.32 22.50
CA GLN G 156 -47.69 2.18 22.35
C GLN G 156 -46.98 3.51 22.34
N ARG G 157 -47.69 4.64 22.22
CA ARG G 157 -47.10 5.95 22.21
C ARG G 157 -47.63 6.76 23.39
N SER G 158 -46.80 7.66 23.90
CA SER G 158 -47.14 8.45 25.07
C SER G 158 -47.77 9.78 24.66
N GLU G 159 -48.36 10.45 25.66
CA GLU G 159 -49.02 11.73 25.39
C GLU G 159 -48.03 12.80 24.97
N GLY G 160 -46.88 12.86 25.65
CA GLY G 160 -45.84 13.82 25.33
C GLY G 160 -44.73 13.29 24.44
N GLU G 161 -44.92 12.14 23.81
CA GLU G 161 -43.88 11.54 23.00
C GLU G 161 -43.67 12.31 21.70
N LYS G 162 -42.47 12.17 21.14
CA LYS G 162 -42.19 12.74 19.83
C LYS G 162 -42.90 11.95 18.74
N VAL G 163 -43.12 12.59 17.61
CA VAL G 163 -43.81 11.98 16.48
C VAL G 163 -42.77 11.53 15.46
N ARG G 164 -42.90 10.29 14.99
CA ARG G 164 -41.99 9.70 14.03
C ARG G 164 -42.73 9.41 12.72
N VAL G 165 -41.96 9.23 11.66
CA VAL G 165 -42.54 8.93 10.35
C VAL G 165 -43.16 7.54 10.37
N GLY G 166 -44.18 7.33 9.54
CA GLY G 166 -44.83 6.05 9.42
C GLY G 166 -45.89 5.77 10.47
N ASP G 167 -46.13 6.69 11.39
CA ASP G 167 -47.13 6.47 12.43
C ASP G 167 -48.52 6.78 11.91
N ASP G 168 -49.51 6.51 12.75
CA ASP G 168 -50.91 6.82 12.48
C ASP G 168 -51.42 7.76 13.57
N LEU G 169 -52.15 8.80 13.15
CA LEU G 169 -52.53 9.87 14.05
C LEU G 169 -54.04 10.13 13.98
N ILE G 170 -54.55 10.81 15.00
CA ILE G 170 -55.92 11.29 15.04
C ILE G 170 -55.87 12.80 15.17
N LEU G 171 -56.63 13.50 14.33
CA LEU G 171 -56.63 14.95 14.29
C LEU G 171 -57.94 15.48 14.85
N VAL G 172 -57.84 16.49 15.71
CA VAL G 172 -58.99 17.06 16.39
C VAL G 172 -58.97 18.57 16.18
N SER G 173 -60.12 19.13 15.79
CA SER G 173 -60.23 20.58 15.68
C SER G 173 -60.32 21.20 17.08
N VAL G 174 -59.65 22.34 17.25
CA VAL G 174 -59.68 23.01 18.56
C VAL G 174 -60.88 23.93 18.68
N SER G 175 -61.61 24.15 17.60
CA SER G 175 -62.79 25.02 17.63
C SER G 175 -64.09 24.22 17.68
N SER G 176 -64.17 23.14 16.90
CA SER G 176 -65.39 22.35 16.82
C SER G 176 -65.32 21.04 17.59
N GLU G 177 -64.12 20.64 18.04
CA GLU G 177 -63.93 19.43 18.85
C GLU G 177 -64.39 18.17 18.11
N ARG G 178 -64.02 18.04 16.84
CA ARG G 178 -64.43 16.90 16.02
C ARG G 178 -63.22 16.30 15.31
N TYR G 179 -63.35 15.03 14.97
CA TYR G 179 -62.33 14.30 14.23
C TYR G 179 -62.53 14.48 12.72
N LEU G 180 -61.44 14.25 11.98
CA LEU G 180 -61.52 14.18 10.52
C LEU G 180 -62.09 12.83 10.12
N HIS G 181 -63.24 12.83 9.46
CA HIS G 181 -63.97 11.62 9.14
C HIS G 181 -64.06 11.42 7.64
N LEU G 182 -63.89 10.17 7.22
CA LEU G 182 -64.05 9.76 5.83
C LEU G 182 -65.45 9.19 5.67
N SER G 183 -66.25 9.80 4.79
CA SER G 183 -67.65 9.45 4.63
C SER G 183 -67.88 8.74 3.31
N THR G 184 -68.65 7.64 3.37
CA THR G 184 -69.03 6.88 2.20
C THR G 184 -70.52 6.58 2.17
N ALA G 185 -71.34 7.39 2.85
CA ALA G 185 -72.77 7.10 2.93
C ALA G 185 -73.45 7.18 1.56
N SER G 186 -73.09 8.19 0.76
CA SER G 186 -73.72 8.41 -0.53
C SER G 186 -73.10 7.60 -1.65
N GLY G 187 -72.13 6.75 -1.35
CA GLY G 187 -71.41 5.99 -2.36
C GLY G 187 -70.15 6.66 -2.86
N GLU G 188 -69.97 7.94 -2.62
CA GLU G 188 -68.73 8.63 -2.97
C GLU G 188 -67.89 8.85 -1.73
N LEU G 189 -66.58 8.81 -1.91
CA LEU G 189 -65.64 8.95 -0.80
C LEU G 189 -65.35 10.43 -0.57
N GLN G 190 -65.73 10.92 0.61
CA GLN G 190 -65.64 12.34 0.91
C GLN G 190 -65.00 12.53 2.28
N VAL G 191 -64.66 13.78 2.58
CA VAL G 191 -64.02 14.16 3.84
C VAL G 191 -64.90 15.16 4.56
N ASP G 192 -64.99 15.04 5.88
CA ASP G 192 -65.74 16.01 6.67
C ASP G 192 -65.20 15.98 8.10
N ALA G 193 -65.89 16.69 8.98
CA ALA G 193 -65.59 16.69 10.40
C ALA G 193 -66.78 16.10 11.15
N SER G 194 -66.52 15.06 11.95
CA SER G 194 -67.58 14.36 12.64
C SER G 194 -67.02 13.70 13.89
N PHE G 195 -67.88 13.01 14.62
CA PHE G 195 -67.51 12.38 15.88
C PHE G 195 -67.09 10.92 15.70
N MET G 196 -66.86 10.48 14.47
CA MET G 196 -66.27 9.17 14.19
C MET G 196 -64.83 9.36 13.77
N GLN G 197 -63.93 8.62 14.39
CA GLN G 197 -62.50 8.80 14.17
C GLN G 197 -62.03 7.97 12.97
N THR G 198 -60.91 8.42 12.39
CA THR G 198 -60.30 7.73 11.26
C THR G 198 -58.79 7.94 11.34
N LEU G 199 -58.04 6.95 10.87
CA LEU G 199 -56.59 6.95 10.97
C LEU G 199 -56.00 7.66 9.75
N TRP G 200 -55.05 8.57 10.00
CA TRP G 200 -54.37 9.31 8.95
C TRP G 200 -52.87 9.07 9.03
N ASN G 201 -52.24 8.90 7.87
CA ASN G 201 -50.80 8.72 7.76
C ASN G 201 -50.16 10.02 7.28
N MET G 202 -49.21 10.54 8.05
CA MET G 202 -48.51 11.78 7.73
C MET G 202 -47.20 11.41 7.05
N ASN G 203 -47.18 11.49 5.72
CA ASN G 203 -46.03 11.10 4.93
C ASN G 203 -45.31 12.35 4.45
N PRO G 204 -44.09 12.61 4.90
CA PRO G 204 -43.34 13.76 4.39
C PRO G 204 -42.83 13.52 2.98
N ILE G 205 -42.77 14.58 2.19
CA ILE G 205 -42.27 14.48 0.83
C ILE G 205 -41.04 15.35 0.59
N CYS G 206 -40.82 16.39 1.39
CA CYS G 206 -39.65 17.24 1.19
C CYS G 206 -39.25 17.91 2.49
N SER G 207 -37.95 18.12 2.66
CA SER G 207 -37.37 18.84 3.79
C SER G 207 -36.40 19.89 3.27
N GLY G 208 -35.62 20.47 4.16
CA GLY G 208 -34.62 21.44 3.78
C GLY G 208 -33.54 20.88 2.87
N CYS G 209 -33.48 21.39 1.65
CA CYS G 209 -32.50 20.91 0.68
C CYS G 209 -31.37 21.91 0.52
N GLU G 210 -30.27 21.45 -0.08
CA GLU G 210 -29.10 22.29 -0.28
C GLU G 210 -29.39 23.37 -1.31
N GLU G 211 -28.86 24.57 -1.05
CA GLU G 211 -29.07 25.69 -1.96
C GLU G 211 -28.34 25.46 -3.28
N GLY G 212 -28.97 25.91 -4.36
CA GLY G 212 -28.38 25.80 -5.68
C GLY G 212 -28.39 24.42 -6.28
N TYR G 213 -29.10 23.47 -5.70
CA TYR G 213 -29.13 22.09 -6.18
C TYR G 213 -30.56 21.72 -6.58
N VAL G 214 -30.68 21.00 -7.69
CA VAL G 214 -31.99 20.68 -8.25
C VAL G 214 -32.64 19.57 -7.45
N THR G 215 -33.96 19.66 -7.29
CA THR G 215 -34.76 18.65 -6.60
C THR G 215 -36.03 18.39 -7.40
N GLY G 216 -36.61 17.21 -7.17
CA GLY G 216 -37.83 16.85 -7.86
C GLY G 216 -39.02 17.67 -7.39
N GLY G 217 -40.05 17.70 -8.24
CA GLY G 217 -41.24 18.47 -7.95
C GLY G 217 -41.10 19.96 -8.16
N HIS G 218 -40.13 20.40 -8.94
CA HIS G 218 -39.89 21.82 -9.14
C HIS G 218 -40.31 22.24 -10.54
N VAL G 219 -40.38 23.56 -10.74
CA VAL G 219 -40.68 24.15 -12.04
C VAL G 219 -39.44 24.89 -12.52
N LEU G 220 -39.07 24.66 -13.77
CA LEU G 220 -37.79 25.16 -14.28
C LEU G 220 -37.83 25.22 -15.79
N ARG G 221 -36.83 25.90 -16.36
CA ARG G 221 -36.69 26.06 -17.79
C ARG G 221 -35.47 25.30 -18.29
N LEU G 222 -35.58 24.75 -19.49
CA LEU G 222 -34.49 24.03 -20.15
C LEU G 222 -33.95 24.89 -21.28
N PHE G 223 -32.64 25.15 -21.25
CA PHE G 223 -31.99 26.01 -22.22
C PHE G 223 -31.01 25.19 -23.05
N HIS G 224 -30.96 25.49 -24.35
CA HIS G 224 -30.07 24.82 -25.28
C HIS G 224 -28.93 25.75 -25.65
N GLY G 225 -27.70 25.25 -25.57
CA GLY G 225 -26.55 26.08 -25.91
C GLY G 225 -26.33 27.18 -24.90
N HIS G 226 -25.95 28.35 -25.41
CA HIS G 226 -25.66 29.50 -24.54
C HIS G 226 -26.91 30.28 -24.21
N MET G 227 -27.93 29.60 -23.68
CA MET G 227 -29.18 30.19 -23.22
C MET G 227 -29.93 30.96 -24.31
N ASP G 228 -29.58 30.74 -25.58
CA ASP G 228 -30.26 31.42 -26.67
C ASP G 228 -31.47 30.67 -27.19
N GLU G 229 -31.75 29.47 -26.66
CA GLU G 229 -32.89 28.68 -27.12
C GLU G 229 -33.48 27.94 -25.93
N CYS G 230 -34.75 27.57 -26.06
CA CYS G 230 -35.48 26.89 -25.01
C CYS G 230 -36.49 25.94 -25.63
N LEU G 231 -36.99 25.02 -24.81
CA LEU G 231 -37.86 23.95 -25.26
C LEU G 231 -39.31 24.35 -25.00
N THR G 232 -40.08 24.56 -26.07
CA THR G 232 -41.44 25.08 -25.94
C THR G 232 -42.39 24.29 -26.83
N ILE G 233 -43.64 24.74 -26.85
CA ILE G 233 -44.65 24.20 -27.75
C ILE G 233 -45.29 25.36 -28.52
N SER G 234 -46.20 25.02 -29.43
CA SER G 234 -46.85 26.02 -30.25
C SER G 234 -47.81 26.87 -29.42
N PRO G 235 -48.10 28.09 -29.86
CA PRO G 235 -49.07 28.92 -29.13
C PRO G 235 -50.48 28.36 -29.19
N ALA G 236 -51.40 29.10 -28.56
CA ALA G 236 -52.76 28.60 -28.37
C ALA G 236 -53.51 28.42 -29.68
N ASP G 237 -53.35 29.36 -30.62
CA ASP G 237 -54.15 29.35 -31.85
C ASP G 237 -53.56 28.49 -32.96
N SER G 238 -52.47 27.78 -32.70
CA SER G 238 -51.84 26.97 -33.73
C SER G 238 -52.75 25.83 -34.16
N ASP G 239 -52.62 25.43 -35.44
CA ASP G 239 -53.46 24.40 -36.01
C ASP G 239 -52.97 22.99 -35.70
N ASP G 240 -51.80 22.84 -35.07
CA ASP G 240 -51.25 21.53 -34.74
C ASP G 240 -51.84 20.94 -33.47
N GLN G 241 -52.98 21.47 -33.00
CA GLN G 241 -53.64 21.04 -31.77
C GLN G 241 -52.73 21.20 -30.55
N ARG G 242 -51.70 22.03 -30.64
CA ARG G 242 -50.79 22.32 -29.53
C ARG G 242 -50.20 21.04 -28.97
N ARG G 243 -49.77 20.13 -29.85
CA ARG G 243 -49.24 18.85 -29.42
C ARG G 243 -47.85 18.54 -29.97
N LEU G 244 -47.18 19.49 -30.61
CA LEU G 244 -45.82 19.31 -31.07
C LEU G 244 -44.85 20.09 -30.20
N VAL G 245 -43.57 19.74 -30.30
CA VAL G 245 -42.52 20.27 -29.44
C VAL G 245 -41.46 20.93 -30.31
N TYR G 246 -40.99 22.10 -29.90
CA TYR G 246 -40.09 22.90 -30.73
C TYR G 246 -38.99 23.51 -29.89
N TYR G 247 -37.91 23.90 -30.56
CA TYR G 247 -36.86 24.73 -30.00
C TYR G 247 -37.08 26.17 -30.47
N GLU G 248 -37.08 27.11 -29.53
CA GLU G 248 -37.37 28.49 -29.89
C GLU G 248 -36.59 29.45 -29.00
N GLY G 249 -36.23 30.60 -29.56
CA GLY G 249 -35.50 31.62 -28.84
C GLY G 249 -36.22 32.96 -28.88
N GLY G 250 -35.68 33.90 -28.10
CA GLY G 250 -36.25 35.23 -28.02
C GLY G 250 -37.12 35.44 -26.81
N SER G 251 -38.15 36.28 -26.96
CA SER G 251 -39.02 36.64 -25.83
C SER G 251 -39.75 35.43 -25.26
N VAL G 252 -39.82 34.32 -26.02
CA VAL G 252 -40.45 33.11 -25.52
C VAL G 252 -39.72 32.61 -24.28
N CYS G 253 -38.48 33.05 -24.07
CA CYS G 253 -37.75 32.68 -22.86
C CYS G 253 -38.38 33.24 -21.59
N THR G 254 -39.29 34.20 -21.70
CA THR G 254 -39.96 34.76 -20.54
C THR G 254 -41.47 34.54 -20.54
N HIS G 255 -41.99 33.72 -21.44
CA HIS G 255 -43.42 33.44 -21.48
C HIS G 255 -43.75 32.20 -20.65
N ALA G 256 -45.05 31.97 -20.45
CA ALA G 256 -45.49 30.90 -19.56
C ALA G 256 -45.36 29.53 -20.21
N ARG G 257 -45.45 29.45 -21.55
CA ARG G 257 -45.47 28.16 -22.22
C ARG G 257 -44.10 27.50 -22.28
N SER G 258 -43.08 28.04 -21.61
CA SER G 258 -41.75 27.46 -21.59
C SER G 258 -41.41 26.83 -20.25
N LEU G 259 -42.39 26.47 -19.43
CA LEU G 259 -42.16 25.94 -18.09
C LEU G 259 -42.52 24.47 -18.03
N TRP G 260 -41.66 23.68 -17.37
CA TRP G 260 -41.87 22.26 -17.20
C TRP G 260 -41.72 21.88 -15.73
N ARG G 261 -42.33 20.76 -15.36
CA ARG G 261 -42.29 20.24 -14.00
C ARG G 261 -41.77 18.80 -14.04
N LEU G 262 -40.91 18.47 -13.09
CA LEU G 262 -40.29 17.15 -13.02
C LEU G 262 -40.93 16.34 -11.90
N GLU G 263 -41.41 15.14 -12.23
CA GLU G 263 -42.07 14.28 -11.27
C GLU G 263 -41.37 12.93 -11.21
N PRO G 264 -40.71 12.58 -10.09
CA PRO G 264 -40.16 11.23 -9.96
C PRO G 264 -41.25 10.20 -9.80
N LEU G 265 -40.91 8.96 -10.14
CA LEU G 265 -41.84 7.84 -9.98
C LEU G 265 -42.08 7.48 -8.52
N ARG G 266 -41.23 7.95 -7.61
CA ARG G 266 -41.44 7.73 -6.19
C ARG G 266 -42.49 8.69 -5.65
N ILE G 267 -43.23 8.23 -4.64
CA ILE G 267 -44.27 9.06 -4.03
C ILE G 267 -43.74 9.69 -2.74
N SER G 268 -43.25 8.86 -1.82
CA SER G 268 -42.65 9.37 -0.60
C SER G 268 -41.25 9.90 -0.89
N TRP G 269 -40.90 11.00 -0.23
CA TRP G 269 -39.62 11.67 -0.46
C TRP G 269 -39.41 12.02 -1.92
N SER G 270 -40.49 12.48 -2.58
CA SER G 270 -40.39 12.84 -3.99
C SER G 270 -39.56 14.09 -4.21
N GLY G 271 -39.26 14.84 -3.15
CA GLY G 271 -38.41 16.00 -3.22
C GLY G 271 -36.93 15.72 -3.09
N SER G 272 -36.53 14.45 -3.12
CA SER G 272 -35.13 14.08 -3.00
C SER G 272 -34.35 14.55 -4.21
N HIS G 273 -33.03 14.72 -4.02
CA HIS G 273 -32.16 15.11 -5.10
C HIS G 273 -32.14 14.03 -6.18
N LEU G 274 -32.06 14.46 -7.44
CA LEU G 274 -32.16 13.53 -8.55
C LEU G 274 -30.86 12.76 -8.73
N ARG G 275 -30.98 11.43 -8.82
CA ARG G 275 -29.86 10.58 -9.15
C ARG G 275 -29.66 10.55 -10.66
N TRP G 276 -28.42 10.35 -11.10
CA TRP G 276 -28.16 10.14 -12.51
C TRP G 276 -28.78 8.83 -12.97
N GLY G 277 -29.49 8.87 -14.10
CA GLY G 277 -30.19 7.70 -14.58
C GLY G 277 -31.51 7.43 -13.90
N GLN G 278 -31.96 8.30 -13.02
CA GLN G 278 -33.23 8.08 -12.33
C GLN G 278 -34.39 8.33 -13.28
N PRO G 279 -35.37 7.42 -13.34
CA PRO G 279 -36.54 7.64 -14.19
C PRO G 279 -37.37 8.82 -13.71
N LEU G 280 -37.97 9.54 -14.66
CA LEU G 280 -38.73 10.74 -14.36
C LEU G 280 -39.87 10.91 -15.35
N ARG G 281 -40.81 11.77 -15.00
CA ARG G 281 -41.82 12.26 -15.92
C ARG G 281 -41.69 13.78 -16.02
N ILE G 282 -41.96 14.32 -17.20
CA ILE G 282 -41.91 15.77 -17.43
C ILE G 282 -43.31 16.22 -17.83
N ARG G 283 -43.80 17.26 -17.17
CA ARG G 283 -45.17 17.73 -17.33
C ARG G 283 -45.16 19.18 -17.78
N HIS G 284 -46.07 19.53 -18.67
CA HIS G 284 -46.26 20.93 -19.07
C HIS G 284 -47.23 21.58 -18.09
N VAL G 285 -46.81 22.70 -17.50
CA VAL G 285 -47.58 23.30 -16.41
C VAL G 285 -48.91 23.87 -16.92
N THR G 286 -48.87 24.62 -18.03
CA THR G 286 -50.06 25.32 -18.47
C THR G 286 -51.08 24.40 -19.13
N THR G 287 -50.64 23.36 -19.82
CA THR G 287 -51.55 22.47 -20.52
C THR G 287 -51.84 21.18 -19.77
N GLY G 288 -51.01 20.82 -18.79
CA GLY G 288 -51.23 19.60 -18.03
C GLY G 288 -51.08 18.33 -18.84
N ARG G 289 -50.07 18.26 -19.70
CA ARG G 289 -49.82 17.09 -20.53
C ARG G 289 -48.38 16.63 -20.35
N TYR G 290 -48.16 15.34 -20.54
CA TYR G 290 -46.86 14.71 -20.37
C TYR G 290 -46.29 14.34 -21.73
N LEU G 291 -45.01 14.65 -21.95
CA LEU G 291 -44.37 14.26 -23.21
C LEU G 291 -43.99 12.78 -23.15
N ALA G 292 -44.05 12.13 -24.31
CA ALA G 292 -43.82 10.70 -24.38
C ALA G 292 -43.53 10.29 -25.81
N LEU G 293 -43.27 9.00 -25.97
CA LEU G 293 -42.97 8.38 -27.26
C LEU G 293 -44.12 7.43 -27.61
N ILE G 294 -44.68 7.60 -28.81
CA ILE G 294 -45.72 6.73 -29.34
C ILE G 294 -45.24 6.21 -30.67
N GLU G 295 -45.63 4.96 -30.98
CA GLU G 295 -45.13 4.30 -32.18
C GLU G 295 -45.56 5.02 -33.45
N ASP G 296 -46.79 5.52 -33.49
CA ASP G 296 -47.32 6.12 -34.71
C ASP G 296 -46.73 7.50 -34.96
N GLN G 297 -46.93 8.44 -34.02
CA GLN G 297 -46.55 9.82 -34.24
C GLN G 297 -45.12 10.15 -33.82
N GLY G 298 -44.52 9.36 -32.94
CA GLY G 298 -43.18 9.65 -32.48
C GLY G 298 -43.17 10.37 -31.14
N LEU G 299 -42.36 11.42 -31.02
CA LEU G 299 -42.29 12.19 -29.78
C LEU G 299 -43.40 13.22 -29.76
N VAL G 300 -44.34 13.06 -28.81
CA VAL G 300 -45.51 13.93 -28.73
C VAL G 300 -45.76 14.26 -27.27
N VAL G 301 -46.84 15.01 -27.01
CA VAL G 301 -47.34 15.26 -25.67
C VAL G 301 -48.77 14.75 -25.60
N VAL G 302 -49.07 13.99 -24.56
CA VAL G 302 -50.35 13.31 -24.43
C VAL G 302 -50.95 13.63 -23.07
N ASP G 303 -52.26 13.44 -22.95
CA ASP G 303 -52.96 13.69 -21.70
C ASP G 303 -52.57 12.67 -20.64
N ALA G 304 -52.88 13.00 -19.38
CA ALA G 304 -52.54 12.10 -18.28
C ALA G 304 -53.30 10.79 -18.35
N SER G 305 -54.43 10.75 -19.05
CA SER G 305 -55.21 9.51 -19.15
C SER G 305 -54.45 8.43 -19.91
N LYS G 306 -53.79 8.80 -21.00
CA LYS G 306 -53.10 7.84 -21.85
C LYS G 306 -51.65 7.60 -21.44
N ALA G 307 -51.13 8.35 -20.47
CA ALA G 307 -49.71 8.34 -20.15
C ALA G 307 -49.38 7.17 -19.21
N HIS G 308 -49.17 6.01 -19.82
CA HIS G 308 -48.69 4.87 -19.06
C HIS G 308 -47.18 4.99 -18.82
N THR G 309 -46.67 4.16 -17.91
CA THR G 309 -45.30 4.34 -17.42
C THR G 309 -44.28 4.14 -18.53
N LYS G 310 -44.52 3.19 -19.43
CA LYS G 310 -43.50 2.82 -20.42
C LYS G 310 -43.18 3.99 -21.35
N ALA G 311 -44.21 4.71 -21.81
CA ALA G 311 -44.00 5.72 -22.84
C ALA G 311 -43.35 6.98 -22.29
N THR G 312 -43.69 7.36 -21.06
CA THR G 312 -43.30 8.66 -20.53
C THR G 312 -42.17 8.57 -19.51
N SER G 313 -41.38 7.50 -19.53
CA SER G 313 -40.27 7.36 -18.60
C SER G 313 -38.99 7.89 -19.24
N PHE G 314 -38.36 8.87 -18.59
CA PHE G 314 -37.14 9.49 -19.09
C PHE G 314 -36.12 9.58 -17.95
N CYS G 315 -34.84 9.68 -18.33
CA CYS G 315 -33.78 9.71 -17.33
C CYS G 315 -32.69 10.69 -17.77
N PHE G 316 -31.94 11.18 -16.78
CA PHE G 316 -30.81 12.06 -17.00
C PHE G 316 -29.52 11.26 -17.00
N ARG G 317 -28.61 11.60 -17.89
CA ARG G 317 -27.30 10.96 -17.97
C ARG G 317 -26.24 12.02 -18.23
N ILE G 318 -25.01 11.72 -17.80
CA ILE G 318 -23.90 12.64 -18.02
C ILE G 318 -23.01 12.20 -19.19
N SER G 319 -22.99 10.90 -19.51
CA SER G 319 -22.21 10.38 -20.61
C SER G 319 -23.10 9.53 -21.51
N LYS G 320 -22.92 9.68 -22.82
CA LYS G 320 -23.75 8.96 -23.77
C LYS G 320 -23.21 7.56 -24.03
N GLU G 321 -21.89 7.44 -24.22
CA GLU G 321 -21.31 6.16 -24.60
C GLU G 321 -21.23 5.19 -23.41
N LYS G 322 -21.17 5.71 -22.19
CA LYS G 322 -20.99 4.86 -21.03
C LYS G 322 -22.18 3.92 -20.84
N LEU G 323 -21.89 2.65 -20.58
CA LEU G 323 -22.93 1.67 -20.35
C LEU G 323 -23.54 1.85 -18.96
N ASP G 324 -24.84 1.66 -18.87
CA ASP G 324 -25.55 1.83 -17.61
C ASP G 324 -25.21 0.69 -16.65
N THR G 325 -25.03 1.04 -15.37
CA THR G 325 -24.77 0.04 -14.34
C THR G 325 -26.06 -0.26 -13.57
N ALA G 326 -25.92 -1.05 -12.50
CA ALA G 326 -27.08 -1.39 -11.69
C ALA G 326 -27.60 -0.14 -10.98
N PRO G 327 -28.91 0.13 -11.04
CA PRO G 327 -29.44 1.33 -10.39
C PRO G 327 -29.31 1.25 -8.88
N LYS G 328 -29.11 2.41 -8.26
CA LYS G 328 -29.00 2.48 -6.81
C LYS G 328 -30.37 2.29 -6.16
N ARG G 329 -30.38 1.63 -5.01
CA ARG G 329 -31.63 1.44 -4.28
C ARG G 329 -32.14 2.77 -3.76
N ASP G 330 -33.48 2.89 -3.71
CA ASP G 330 -34.09 4.13 -3.25
C ASP G 330 -33.84 4.30 -1.75
N VAL G 331 -33.34 5.47 -1.38
CA VAL G 331 -33.01 5.75 0.02
C VAL G 331 -34.20 6.42 0.70
N GLU G 332 -34.33 6.21 2.00
CA GLU G 332 -35.39 6.84 2.79
C GLU G 332 -34.88 8.17 3.34
N GLY G 333 -34.57 9.07 2.43
CA GLY G 333 -34.05 10.37 2.81
C GLY G 333 -33.77 11.21 1.59
N MET G 334 -33.25 12.41 1.85
CA MET G 334 -32.96 13.35 0.77
C MET G 334 -31.84 12.84 -0.12
N GLY G 335 -30.79 12.27 0.46
CA GLY G 335 -29.68 11.76 -0.31
C GLY G 335 -28.68 12.84 -0.67
N PRO G 336 -27.61 12.47 -1.38
CA PRO G 336 -26.58 13.43 -1.74
C PRO G 336 -26.96 14.22 -2.98
N PRO G 337 -26.58 15.48 -3.06
CA PRO G 337 -26.87 16.28 -4.25
C PRO G 337 -25.85 16.08 -5.36
N GLU G 338 -26.34 16.07 -6.60
CA GLU G 338 -25.47 15.78 -7.73
C GLU G 338 -25.52 16.83 -8.84
N ILE G 339 -26.70 17.38 -9.12
CA ILE G 339 -26.92 18.21 -10.29
C ILE G 339 -27.19 19.64 -9.87
N LYS G 340 -26.38 20.58 -10.38
CA LYS G 340 -26.45 21.99 -10.02
C LYS G 340 -27.22 22.76 -11.09
N TYR G 341 -27.88 23.84 -10.68
CA TYR G 341 -28.62 24.67 -11.62
C TYR G 341 -27.66 25.48 -12.48
N GLY G 342 -27.89 25.43 -13.80
CA GLY G 342 -27.16 26.27 -14.74
C GLY G 342 -25.68 26.00 -14.84
N GLU G 343 -25.19 24.89 -14.30
CA GLU G 343 -23.77 24.57 -14.37
C GLU G 343 -23.54 23.16 -14.88
N SER G 344 -24.49 22.27 -14.61
CA SER G 344 -24.35 20.85 -14.95
C SER G 344 -25.03 20.58 -16.28
N LEU G 345 -24.23 20.43 -17.34
CA LEU G 345 -24.77 20.01 -18.62
C LEU G 345 -25.21 18.55 -18.54
N CYS G 346 -26.34 18.23 -19.14
CA CYS G 346 -26.93 16.91 -19.00
C CYS G 346 -27.53 16.46 -20.33
N PHE G 347 -27.72 15.15 -20.45
CA PHE G 347 -28.40 14.52 -21.56
C PHE G 347 -29.64 13.80 -21.04
N VAL G 348 -30.65 13.67 -21.90
CA VAL G 348 -31.89 13.00 -21.54
C VAL G 348 -32.07 11.79 -22.44
N GLN G 349 -32.44 10.66 -21.84
CA GLN G 349 -32.61 9.42 -22.58
C GLN G 349 -33.94 8.77 -22.22
N HIS G 350 -34.62 8.24 -23.23
CA HIS G 350 -35.83 7.47 -23.03
C HIS G 350 -35.44 6.06 -22.60
N VAL G 351 -35.78 5.70 -21.36
CA VAL G 351 -35.30 4.46 -20.79
C VAL G 351 -35.86 3.23 -21.49
N ALA G 352 -36.98 3.36 -22.21
CA ALA G 352 -37.59 2.24 -22.88
C ALA G 352 -37.03 2.00 -24.28
N SER G 353 -36.27 2.94 -24.82
CA SER G 353 -35.74 2.79 -26.17
C SER G 353 -34.26 3.15 -26.25
N GLY G 354 -33.79 3.97 -25.32
CA GLY G 354 -32.40 4.40 -25.31
C GLY G 354 -32.08 5.51 -26.28
N LEU G 355 -33.07 6.05 -27.00
CA LEU G 355 -32.82 7.11 -27.96
C LEU G 355 -32.49 8.42 -27.24
N TRP G 356 -31.90 9.34 -28.00
CA TRP G 356 -31.47 10.63 -27.48
C TRP G 356 -32.19 11.76 -28.23
N LEU G 357 -32.50 12.83 -27.52
CA LEU G 357 -33.21 13.95 -28.13
C LEU G 357 -32.22 14.88 -28.83
N THR G 358 -32.67 15.49 -29.91
CA THR G 358 -31.84 16.43 -30.65
C THR G 358 -32.75 17.30 -31.51
N TYR G 359 -32.15 18.09 -32.39
CA TYR G 359 -32.87 18.94 -33.32
C TYR G 359 -32.64 18.47 -34.74
N ALA G 360 -33.69 18.51 -35.55
CA ALA G 360 -33.61 18.08 -36.94
C ALA G 360 -32.95 19.14 -37.80
N LYS G 374 -37.51 25.07 -35.41
CA LYS G 374 -36.60 23.93 -35.29
C LYS G 374 -37.21 22.84 -34.42
N LYS G 375 -37.87 21.89 -35.07
CA LYS G 375 -38.58 20.82 -34.37
C LYS G 375 -37.61 19.88 -33.68
N ALA G 376 -37.96 19.47 -32.47
CA ALA G 376 -37.17 18.49 -31.73
C ALA G 376 -37.55 17.07 -32.15
N ILE G 377 -36.54 16.19 -32.17
CA ILE G 377 -36.72 14.82 -32.61
C ILE G 377 -35.97 13.88 -31.68
N LEU G 378 -36.31 12.60 -31.77
CA LEU G 378 -35.58 11.53 -31.10
C LEU G 378 -34.80 10.72 -32.13
N HIS G 379 -33.54 10.44 -31.83
CA HIS G 379 -32.66 9.76 -32.75
C HIS G 379 -31.91 8.65 -32.02
N GLN G 380 -31.64 7.56 -32.75
CA GLN G 380 -30.84 6.48 -32.19
C GLN G 380 -29.43 6.97 -31.87
N GLU G 381 -28.84 7.76 -32.76
CA GLU G 381 -27.54 8.35 -32.50
C GLU G 381 -27.71 9.75 -31.90
N GLY G 382 -26.61 10.28 -31.37
CA GLY G 382 -26.59 11.61 -30.82
C GLY G 382 -26.37 12.67 -31.87
N HIS G 383 -25.77 13.78 -31.45
CA HIS G 383 -25.47 14.87 -32.37
C HIS G 383 -24.28 15.64 -31.81
N MET G 384 -23.91 16.72 -32.51
CA MET G 384 -22.77 17.52 -32.10
C MET G 384 -22.99 18.15 -30.72
N ASP G 385 -24.19 18.67 -30.46
CA ASP G 385 -24.51 19.25 -29.17
C ASP G 385 -25.91 18.81 -28.76
N ASP G 386 -26.00 18.18 -27.58
CA ASP G 386 -27.30 17.79 -27.06
C ASP G 386 -27.43 18.07 -25.56
N ALA G 387 -26.54 18.87 -24.99
CA ALA G 387 -26.60 19.19 -23.58
C ALA G 387 -27.60 20.31 -23.32
N LEU G 388 -28.20 20.28 -22.14
CA LEU G 388 -29.20 21.27 -21.74
C LEU G 388 -28.86 21.82 -20.37
N SER G 389 -29.22 23.09 -20.15
CA SER G 389 -28.98 23.77 -18.88
C SER G 389 -30.31 24.00 -18.19
N LEU G 390 -30.31 23.85 -16.87
CA LEU G 390 -31.54 23.96 -16.08
C LEU G 390 -31.54 25.27 -15.32
N THR G 391 -32.63 26.03 -15.45
CA THR G 391 -32.74 27.35 -14.81
C THR G 391 -33.97 27.38 -13.92
N ARG G 392 -33.80 27.82 -12.68
CA ARG G 392 -34.91 27.96 -11.76
C ARG G 392 -35.72 29.22 -12.05
N CYS G 393 -37.03 29.12 -11.90
CA CYS G 393 -37.94 30.23 -12.12
C CYS G 393 -38.61 30.63 -10.81
N GLN G 394 -39.11 31.87 -10.79
CA GLN G 394 -39.75 32.40 -9.60
C GLN G 394 -41.09 31.71 -9.35
N GLN G 395 -41.50 31.69 -8.08
CA GLN G 395 -42.75 31.03 -7.70
C GLN G 395 -43.97 31.74 -8.27
N GLU G 396 -43.85 33.05 -8.52
CA GLU G 396 -44.98 33.82 -9.05
C GLU G 396 -45.41 33.28 -10.41
N GLU G 397 -44.43 32.99 -11.28
CA GLU G 397 -44.77 32.46 -12.61
C GLU G 397 -45.43 31.09 -12.52
N SER G 398 -44.95 30.22 -11.63
CA SER G 398 -45.57 28.91 -11.46
C SER G 398 -47.00 29.03 -10.96
N GLN G 399 -47.23 29.92 -9.99
CA GLN G 399 -48.59 30.14 -9.50
C GLN G 399 -49.49 30.65 -10.62
N ALA G 400 -48.99 31.60 -11.41
CA ALA G 400 -49.77 32.13 -12.53
C ALA G 400 -50.09 31.03 -13.53
N ALA G 401 -49.13 30.16 -13.83
CA ALA G 401 -49.36 29.08 -14.79
C ALA G 401 -50.43 28.11 -14.29
N ARG G 402 -50.38 27.75 -13.00
CA ARG G 402 -51.38 26.85 -12.45
C ARG G 402 -52.77 27.47 -12.50
N MET G 403 -52.87 28.75 -12.12
CA MET G 403 -54.15 29.45 -12.20
C MET G 403 -54.65 29.49 -13.64
N ILE G 404 -53.76 29.74 -14.59
CA ILE G 404 -54.15 29.77 -16.00
C ILE G 404 -54.70 28.43 -16.44
N TYR G 405 -54.02 27.34 -16.06
CA TYR G 405 -54.49 26.01 -16.43
C TYR G 405 -55.90 25.76 -15.91
N SER G 406 -56.12 25.98 -14.61
CA SER G 406 -57.43 25.71 -14.03
C SER G 406 -58.51 26.61 -14.64
N THR G 407 -58.22 27.90 -14.77
CA THR G 407 -59.21 28.84 -15.28
C THR G 407 -59.56 28.56 -16.73
N ALA G 408 -58.56 28.24 -17.55
CA ALA G 408 -58.82 27.92 -18.95
C ALA G 408 -59.69 26.68 -19.08
N GLY G 409 -59.39 25.64 -18.29
CA GLY G 409 -60.23 24.46 -18.31
C GLY G 409 -61.67 24.77 -17.95
N LEU G 410 -61.87 25.51 -16.85
CA LEU G 410 -63.21 25.81 -16.40
C LEU G 410 -63.98 26.64 -17.42
N TYR G 411 -63.33 27.65 -18.01
CA TYR G 411 -64.04 28.52 -18.93
C TYR G 411 -64.30 27.84 -20.27
N ASN G 412 -63.42 26.95 -20.72
CA ASN G 412 -63.73 26.17 -21.92
C ASN G 412 -64.92 25.26 -21.67
N HIS G 413 -65.00 24.64 -20.49
CA HIS G 413 -66.18 23.85 -20.17
C HIS G 413 -67.44 24.70 -20.16
N PHE G 414 -67.35 25.91 -19.59
CA PHE G 414 -68.51 26.80 -19.56
C PHE G 414 -68.95 27.18 -20.97
N ILE G 415 -67.99 27.48 -21.85
CA ILE G 415 -68.33 27.86 -23.22
C ILE G 415 -69.00 26.70 -23.95
N LYS G 416 -68.48 25.49 -23.78
CA LYS G 416 -69.12 24.33 -24.41
C LYS G 416 -70.53 24.12 -23.87
N GLY G 417 -70.72 24.26 -22.56
CA GLY G 417 -72.05 24.12 -22.00
C GLY G 417 -73.01 25.16 -22.54
N LEU G 418 -72.55 26.40 -22.69
CA LEU G 418 -73.39 27.44 -23.28
C LEU G 418 -73.76 27.09 -24.72
N ASP G 419 -72.78 26.61 -25.50
CA ASP G 419 -73.03 26.26 -26.89
C ASP G 419 -73.89 25.01 -27.04
N SER G 420 -74.10 24.24 -25.95
CA SER G 420 -74.87 23.02 -26.06
C SER G 420 -76.30 23.28 -26.52
N PHE G 421 -76.99 24.21 -25.85
CA PHE G 421 -78.42 24.43 -26.09
C PHE G 421 -78.70 25.64 -26.96
N SER G 422 -77.81 25.99 -27.88
CA SER G 422 -78.02 27.15 -28.74
C SER G 422 -79.15 26.91 -29.73
N GLY G 423 -80.28 27.59 -29.53
CA GLY G 423 -81.39 27.50 -30.45
C GLY G 423 -82.34 26.35 -30.22
N LYS G 424 -82.30 25.71 -29.04
CA LYS G 424 -83.18 24.59 -28.71
C LYS G 424 -83.94 24.94 -27.45
N PRO G 425 -85.14 25.53 -27.58
CA PRO G 425 -85.89 25.94 -26.39
C PRO G 425 -86.41 24.74 -25.60
N ARG G 426 -85.98 24.65 -24.34
CA ARG G 426 -86.42 23.58 -23.45
C ARG G 426 -86.17 24.03 -22.02
N GLY G 427 -86.80 23.33 -21.09
CA GLY G 427 -86.67 23.64 -19.68
C GLY G 427 -85.48 23.02 -18.98
N SER G 428 -84.61 22.32 -19.69
CA SER G 428 -83.47 21.67 -19.07
C SER G 428 -82.25 21.88 -19.94
N GLY G 429 -81.08 21.78 -19.32
CA GLY G 429 -79.83 21.95 -20.03
C GLY G 429 -78.66 21.94 -19.06
N ALA G 430 -77.47 22.07 -19.64
CA ALA G 430 -76.23 22.11 -18.87
C ALA G 430 -75.44 23.34 -19.25
N PRO G 431 -75.68 24.49 -18.61
CA PRO G 431 -74.88 25.69 -18.95
C PRO G 431 -73.39 25.51 -18.70
N ALA G 432 -73.03 24.74 -17.67
CA ALA G 432 -71.64 24.37 -17.44
C ALA G 432 -71.29 23.10 -18.21
N GLY G 433 -70.02 22.72 -18.14
CA GLY G 433 -69.53 21.54 -18.83
C GLY G 433 -70.38 20.29 -18.63
N THR G 434 -70.57 19.90 -17.37
CA THR G 434 -71.43 18.77 -17.02
C THR G 434 -72.47 19.19 -15.98
N ALA G 435 -73.15 20.31 -16.22
CA ALA G 435 -74.16 20.85 -15.31
C ALA G 435 -73.57 21.12 -13.93
N LEU G 436 -72.36 21.69 -13.89
CA LEU G 436 -71.79 22.13 -12.64
C LEU G 436 -72.56 23.34 -12.11
N PRO G 437 -72.56 23.56 -10.79
CA PRO G 437 -73.19 24.76 -10.25
C PRO G 437 -72.54 26.03 -10.77
N LEU G 438 -73.37 27.05 -10.99
CA LEU G 438 -72.88 28.30 -11.55
C LEU G 438 -72.18 29.19 -10.52
N GLU G 439 -72.17 28.79 -9.25
CA GLU G 439 -71.45 29.57 -8.25
C GLU G 439 -69.94 29.46 -8.42
N GLY G 440 -69.45 28.38 -9.03
CA GLY G 440 -68.02 28.23 -9.21
C GLY G 440 -67.41 29.28 -10.10
N VAL G 441 -68.06 29.57 -11.23
CA VAL G 441 -67.54 30.59 -12.14
C VAL G 441 -67.62 31.97 -11.48
N ILE G 442 -68.66 32.21 -10.70
CA ILE G 442 -68.79 33.48 -9.99
C ILE G 442 -67.63 33.65 -9.01
N LEU G 443 -67.35 32.61 -8.23
CA LEU G 443 -66.25 32.67 -7.27
C LEU G 443 -64.91 32.84 -7.98
N SER G 444 -64.71 32.14 -9.10
CA SER G 444 -63.47 32.27 -9.85
C SER G 444 -63.31 33.69 -10.38
N LEU G 445 -64.39 34.28 -10.90
CA LEU G 445 -64.32 35.64 -11.40
C LEU G 445 -64.01 36.63 -10.27
N GLN G 446 -64.63 36.44 -9.11
CA GLN G 446 -64.34 37.33 -7.98
C GLN G 446 -62.89 37.20 -7.53
N ASP G 447 -62.37 35.97 -7.50
CA ASP G 447 -60.97 35.76 -7.12
C ASP G 447 -60.04 36.41 -8.14
N LEU G 448 -60.35 36.27 -9.42
CA LEU G 448 -59.51 36.90 -10.45
C LEU G 448 -59.57 38.43 -10.33
N ILE G 449 -60.74 38.98 -10.00
CA ILE G 449 -60.86 40.41 -9.77
C ILE G 449 -59.97 40.83 -8.60
N GLY G 450 -60.00 40.07 -7.52
CA GLY G 450 -59.13 40.38 -6.38
C GLY G 450 -57.66 40.25 -6.74
N TYR G 451 -57.34 39.37 -7.68
CA TYR G 451 -55.94 39.12 -8.03
C TYR G 451 -55.30 40.32 -8.72
N PHE G 452 -56.08 41.08 -9.50
CA PHE G 452 -55.55 42.14 -10.34
C PHE G 452 -55.75 43.53 -9.77
N GLU G 453 -55.85 43.66 -8.45
CA GLU G 453 -56.10 44.97 -7.86
C GLU G 453 -54.88 45.87 -8.01
N PRO G 454 -55.07 47.15 -8.34
CA PRO G 454 -53.92 48.05 -8.42
C PRO G 454 -53.39 48.39 -7.02
N PRO G 455 -52.14 48.79 -6.92
CA PRO G 455 -51.58 49.10 -5.59
C PRO G 455 -52.18 50.35 -4.99
N SER G 456 -52.11 50.44 -3.66
CA SER G 456 -52.63 51.60 -2.95
C SER G 456 -51.81 52.84 -3.27
N GLU G 457 -52.50 53.97 -3.37
CA GLU G 457 -51.85 55.23 -3.72
C GLU G 457 -51.08 55.85 -2.56
N GLU G 458 -51.22 55.33 -1.36
CA GLU G 458 -50.55 55.90 -0.19
C GLU G 458 -49.19 55.28 0.09
N LEU G 459 -48.76 54.32 -0.72
CA LEU G 459 -47.47 53.66 -0.48
C LEU G 459 -46.32 54.54 -0.94
N GLN G 460 -45.10 54.08 -0.65
CA GLN G 460 -43.90 54.80 -1.05
C GLN G 460 -43.68 54.70 -2.56
N HIS G 461 -42.77 55.53 -3.05
CA HIS G 461 -42.53 55.62 -4.49
C HIS G 461 -41.97 54.31 -5.05
N GLU G 462 -40.89 53.79 -4.44
CA GLU G 462 -40.24 52.60 -4.96
C GLU G 462 -41.15 51.38 -4.85
N GLU G 463 -41.86 51.24 -3.73
CA GLU G 463 -42.79 50.12 -3.57
C GLU G 463 -43.90 50.18 -4.61
N LYS G 464 -44.42 51.39 -4.87
CA LYS G 464 -45.45 51.54 -5.89
C LYS G 464 -44.92 51.16 -7.27
N GLN G 465 -43.69 51.56 -7.58
CA GLN G 465 -43.10 51.21 -8.86
C GLN G 465 -42.95 49.70 -9.00
N SER G 466 -42.48 49.04 -7.94
CA SER G 466 -42.31 47.58 -7.99
C SER G 466 -43.66 46.88 -8.15
N LYS G 467 -44.68 47.34 -7.42
CA LYS G 467 -46.00 46.74 -7.52
C LYS G 467 -46.55 46.91 -8.94
N LEU G 468 -46.37 48.09 -9.52
CA LEU G 468 -46.82 48.33 -10.89
C LEU G 468 -46.10 47.42 -11.87
N ARG G 469 -44.79 47.24 -11.69
CA ARG G 469 -44.03 46.36 -12.55
C ARG G 469 -44.56 44.93 -12.48
N SER G 470 -44.80 44.44 -11.26
CA SER G 470 -45.32 43.08 -11.11
C SER G 470 -46.70 42.93 -11.73
N LEU G 471 -47.57 43.93 -11.54
CA LEU G 471 -48.90 43.88 -12.13
C LEU G 471 -48.82 43.86 -13.65
N ARG G 472 -47.95 44.68 -14.23
CA ARG G 472 -47.78 44.69 -15.68
C ARG G 472 -47.30 43.34 -16.19
N ASN G 473 -46.34 42.74 -15.50
CA ASN G 473 -45.84 41.42 -15.91
C ASN G 473 -46.93 40.37 -15.87
N ARG G 474 -47.72 40.37 -14.80
CA ARG G 474 -48.80 39.39 -14.67
C ARG G 474 -49.86 39.59 -15.75
N GLN G 475 -50.21 40.85 -16.04
CA GLN G 475 -51.16 41.13 -17.10
C GLN G 475 -50.63 40.65 -18.45
N SER G 476 -49.35 40.89 -18.72
CA SER G 476 -48.76 40.44 -19.98
C SER G 476 -48.80 38.93 -20.09
N LEU G 477 -48.47 38.22 -19.01
CA LEU G 477 -48.51 36.76 -19.05
C LEU G 477 -49.92 36.25 -19.33
N PHE G 478 -50.91 36.78 -18.60
CA PHE G 478 -52.28 36.32 -18.79
C PHE G 478 -52.79 36.63 -20.19
N GLN G 479 -52.44 37.80 -20.74
CA GLN G 479 -52.84 38.11 -22.10
C GLN G 479 -52.18 37.18 -23.10
N GLU G 480 -50.88 36.88 -22.90
CA GLU G 480 -50.17 36.02 -23.82
C GLU G 480 -50.75 34.62 -23.86
N GLU G 481 -51.12 34.08 -22.69
CA GLU G 481 -51.67 32.72 -22.71
C GLU G 481 -53.06 32.65 -23.34
N GLY G 482 -53.76 33.77 -23.48
CA GLY G 482 -54.98 33.82 -24.24
C GLY G 482 -56.28 33.84 -23.46
N MET G 483 -56.35 34.55 -22.34
CA MET G 483 -57.60 34.64 -21.58
C MET G 483 -58.54 35.70 -22.16
N LEU G 484 -57.97 36.71 -22.83
CA LEU G 484 -58.78 37.80 -23.36
C LEU G 484 -59.78 37.28 -24.39
N SER G 485 -59.33 36.42 -25.31
CA SER G 485 -60.23 35.85 -26.29
C SER G 485 -61.31 35.00 -25.63
N LEU G 486 -60.95 34.28 -24.55
CA LEU G 486 -61.94 33.48 -23.83
C LEU G 486 -63.02 34.36 -23.23
N VAL G 487 -62.62 35.47 -22.59
CA VAL G 487 -63.60 36.38 -21.99
C VAL G 487 -64.48 36.99 -23.07
N LEU G 488 -63.88 37.41 -24.19
CA LEU G 488 -64.66 37.98 -25.28
C LEU G 488 -65.65 36.98 -25.84
N ASN G 489 -65.23 35.71 -25.99
CA ASN G 489 -66.13 34.69 -26.49
C ASN G 489 -67.28 34.45 -25.52
N CYS G 490 -66.99 34.43 -24.22
CA CYS G 490 -68.06 34.27 -23.22
C CYS G 490 -69.07 35.41 -23.32
N ILE G 491 -68.57 36.64 -23.45
CA ILE G 491 -69.46 37.79 -23.58
C ILE G 491 -70.30 37.68 -24.84
N ASP G 492 -69.67 37.26 -25.95
CA ASP G 492 -70.40 37.12 -27.21
C ASP G 492 -71.50 36.06 -27.10
N ARG G 493 -71.19 34.94 -26.45
CA ARG G 493 -72.21 33.90 -26.26
C ARG G 493 -73.37 34.41 -25.41
N LEU G 494 -73.07 35.14 -24.33
CA LEU G 494 -74.14 35.60 -23.44
C LEU G 494 -74.92 36.78 -24.01
N ASN G 495 -74.36 37.48 -25.00
CA ASN G 495 -74.99 38.71 -25.47
C ASN G 495 -76.31 38.48 -26.19
N VAL G 496 -76.57 37.25 -26.67
CA VAL G 496 -77.75 37.04 -27.51
C VAL G 496 -79.05 37.07 -26.70
N TYR G 497 -78.98 37.01 -25.37
CA TYR G 497 -80.16 37.04 -24.53
C TYR G 497 -80.31 38.42 -23.90
N THR G 498 -81.53 38.95 -23.94
CA THR G 498 -81.79 40.32 -23.51
C THR G 498 -82.28 40.45 -22.07
N THR G 499 -82.80 39.38 -21.48
CA THR G 499 -83.34 39.45 -20.13
C THR G 499 -83.26 38.09 -19.47
N ALA G 500 -83.48 38.08 -18.15
CA ALA G 500 -83.36 36.85 -17.38
C ALA G 500 -84.39 35.81 -17.82
N ALA G 501 -85.63 36.25 -18.09
CA ALA G 501 -86.66 35.31 -18.52
C ALA G 501 -86.32 34.69 -19.87
N HIS G 502 -85.80 35.51 -20.79
CA HIS G 502 -85.41 34.99 -22.09
C HIS G 502 -84.28 33.96 -21.97
N PHE G 503 -83.40 34.13 -20.98
CA PHE G 503 -82.35 33.15 -20.75
C PHE G 503 -82.90 31.89 -20.09
N ALA G 504 -83.83 32.05 -19.15
CA ALA G 504 -84.43 30.89 -18.49
C ALA G 504 -85.27 30.08 -19.46
N GLU G 505 -85.76 30.71 -20.54
CA GLU G 505 -86.48 29.96 -21.56
C GLU G 505 -85.61 28.91 -22.23
N PHE G 506 -84.29 29.04 -22.14
CA PHE G 506 -83.36 28.10 -22.75
C PHE G 506 -82.50 27.34 -21.74
N ALA G 507 -82.32 27.87 -20.52
CA ALA G 507 -81.47 27.25 -19.54
C ALA G 507 -82.20 26.84 -18.26
N GLY G 508 -83.48 27.13 -18.16
CA GLY G 508 -84.24 26.78 -16.96
C GLY G 508 -84.18 27.88 -15.91
N GLU G 509 -85.15 27.83 -14.99
CA GLU G 509 -85.23 28.84 -13.94
C GLU G 509 -84.14 28.65 -12.90
N GLU G 510 -83.58 27.44 -12.80
CA GLU G 510 -82.59 27.17 -11.75
C GLU G 510 -81.25 27.85 -12.04
N ALA G 511 -81.00 28.18 -13.31
CA ALA G 511 -79.72 28.77 -13.70
C ALA G 511 -79.82 30.24 -14.07
N ALA G 512 -81.01 30.83 -14.05
CA ALA G 512 -81.18 32.20 -14.50
C ALA G 512 -80.93 33.23 -13.42
N GLU G 513 -80.64 32.83 -12.18
CA GLU G 513 -80.45 33.78 -11.11
C GLU G 513 -79.06 34.41 -11.11
N SER G 514 -78.12 33.85 -11.87
CA SER G 514 -76.75 34.34 -11.88
C SER G 514 -76.36 35.08 -13.15
N TRP G 515 -77.31 35.26 -14.08
CA TRP G 515 -76.99 35.83 -15.39
C TRP G 515 -76.45 37.25 -15.28
N LYS G 516 -77.18 38.12 -14.58
CA LYS G 516 -76.77 39.52 -14.46
C LYS G 516 -75.44 39.65 -13.75
N GLU G 517 -75.25 38.89 -12.66
CA GLU G 517 -73.99 38.94 -11.92
C GLU G 517 -72.83 38.45 -12.77
N ILE G 518 -73.04 37.40 -13.56
CA ILE G 518 -71.98 36.88 -14.42
C ILE G 518 -71.60 37.92 -15.47
N VAL G 519 -72.60 38.58 -16.07
CA VAL G 519 -72.30 39.60 -17.07
C VAL G 519 -71.52 40.75 -16.46
N ASN G 520 -71.94 41.21 -15.28
CA ASN G 520 -71.26 42.31 -14.62
C ASN G 520 -69.82 41.94 -14.29
N LEU G 521 -69.60 40.72 -13.78
CA LEU G 521 -68.27 40.28 -13.42
C LEU G 521 -67.39 40.13 -14.66
N LEU G 522 -67.96 39.67 -15.78
CA LEU G 522 -67.19 39.55 -17.01
C LEU G 522 -66.73 40.92 -17.50
N TYR G 523 -67.63 41.90 -17.49
CA TYR G 523 -67.21 43.25 -17.90
C TYR G 523 -66.15 43.81 -16.95
N GLU G 524 -66.31 43.59 -15.64
CA GLU G 524 -65.33 44.08 -14.68
C GLU G 524 -63.97 43.44 -14.89
N ILE G 525 -63.93 42.13 -15.16
CA ILE G 525 -62.64 41.46 -15.32
C ILE G 525 -61.98 41.89 -16.63
N LEU G 526 -62.77 42.13 -17.68
CA LEU G 526 -62.20 42.67 -18.91
C LEU G 526 -61.57 44.04 -18.66
N ALA G 527 -62.29 44.91 -17.95
CA ALA G 527 -61.78 46.24 -17.65
C ALA G 527 -60.50 46.16 -16.82
N SER G 528 -60.48 45.26 -15.83
CA SER G 528 -59.28 45.10 -15.00
C SER G 528 -58.12 44.53 -15.80
N LEU G 529 -58.40 43.66 -16.76
CA LEU G 529 -57.33 43.09 -17.57
C LEU G 529 -56.68 44.13 -18.48
N ILE G 530 -57.48 44.97 -19.13
CA ILE G 530 -56.93 45.88 -20.13
C ILE G 530 -56.47 47.22 -19.56
N ARG G 531 -56.70 47.48 -18.27
CA ARG G 531 -56.36 48.79 -17.71
C ARG G 531 -54.86 48.99 -17.64
N GLY G 532 -54.40 50.15 -18.13
CA GLY G 532 -53.03 50.57 -17.99
C GLY G 532 -52.03 49.90 -18.90
N ASN G 533 -52.48 49.03 -19.80
CA ASN G 533 -51.60 48.28 -20.69
C ASN G 533 -51.96 48.65 -22.13
N ARG G 534 -51.16 49.54 -22.73
CA ARG G 534 -51.46 50.00 -24.08
C ARG G 534 -51.32 48.89 -25.10
N ALA G 535 -50.43 47.93 -24.85
CA ALA G 535 -50.30 46.79 -25.75
C ALA G 535 -51.59 45.98 -25.81
N ASN G 536 -52.23 45.76 -24.66
CA ASN G 536 -53.51 45.08 -24.64
C ASN G 536 -54.61 45.94 -25.23
N CYS G 537 -54.58 47.25 -24.95
CA CYS G 537 -55.62 48.14 -25.46
C CYS G 537 -55.55 48.28 -26.97
N ALA G 538 -54.39 48.03 -27.57
CA ALA G 538 -54.26 48.14 -29.02
C ALA G 538 -55.08 47.09 -29.76
N LEU G 539 -55.52 46.04 -29.07
CA LEU G 539 -56.29 44.98 -29.74
C LEU G 539 -57.67 45.45 -30.15
N PHE G 540 -58.19 46.50 -29.53
CA PHE G 540 -59.55 46.97 -29.78
C PHE G 540 -59.63 47.95 -30.94
N SER G 541 -58.53 48.23 -31.63
CA SER G 541 -58.52 49.27 -32.66
C SER G 541 -59.46 48.94 -33.81
N ASN G 542 -59.64 47.66 -34.13
CA ASN G 542 -60.44 47.26 -35.28
C ASN G 542 -61.83 46.77 -34.91
N ASN G 543 -62.17 46.73 -33.62
CA ASN G 543 -63.48 46.28 -33.17
C ASN G 543 -64.19 47.35 -32.34
N LEU G 544 -64.08 48.62 -32.76
CA LEU G 544 -64.70 49.70 -32.00
C LEU G 544 -66.22 49.65 -32.08
N ASP G 545 -66.78 49.26 -33.23
CA ASP G 545 -68.22 49.17 -33.35
C ASP G 545 -68.82 48.12 -32.41
N TRP G 546 -68.12 46.98 -32.25
CA TRP G 546 -68.60 45.94 -31.35
C TRP G 546 -68.71 46.45 -29.92
N LEU G 547 -67.86 47.41 -29.54
CA LEU G 547 -67.94 47.97 -28.20
C LEU G 547 -68.95 49.11 -28.12
N VAL G 548 -69.04 49.93 -29.15
CA VAL G 548 -69.92 51.09 -29.11
C VAL G 548 -71.38 50.66 -29.16
N SER G 549 -71.70 49.65 -29.97
CA SER G 549 -73.10 49.26 -30.16
C SER G 549 -73.73 48.68 -28.91
N LYS G 550 -72.93 48.31 -27.90
CA LYS G 550 -73.45 47.70 -26.68
C LYS G 550 -73.77 48.71 -25.59
N LEU G 551 -73.57 50.01 -25.83
CA LEU G 551 -73.90 51.01 -24.82
C LEU G 551 -75.39 51.08 -24.54
N ASP G 552 -76.23 50.66 -25.49
CA ASP G 552 -77.67 50.67 -25.27
C ASP G 552 -78.08 49.66 -24.20
N ARG G 553 -77.38 48.55 -24.09
CA ARG G 553 -77.73 47.50 -23.14
C ARG G 553 -77.77 48.05 -21.73
N LEU G 554 -78.81 47.67 -20.98
CA LEU G 554 -79.10 48.27 -19.68
C LEU G 554 -78.82 47.33 -18.51
N GLU G 555 -78.11 46.23 -18.73
CA GLU G 555 -77.79 45.35 -17.60
C GLU G 555 -76.45 45.70 -16.97
N ALA G 556 -75.46 46.07 -17.79
CA ALA G 556 -74.11 46.33 -17.30
C ALA G 556 -73.53 47.59 -17.95
N SER G 557 -74.32 48.67 -18.00
CA SER G 557 -73.90 49.86 -18.72
C SER G 557 -72.63 50.47 -18.15
N SER G 558 -72.50 50.50 -16.82
CA SER G 558 -71.32 51.12 -16.21
C SER G 558 -70.03 50.41 -16.58
N GLY G 559 -70.05 49.08 -16.63
CA GLY G 559 -68.85 48.34 -17.02
C GLY G 559 -68.42 48.66 -18.45
N ILE G 560 -69.39 48.71 -19.38
CA ILE G 560 -69.07 49.05 -20.75
C ILE G 560 -68.51 50.45 -20.85
N LEU G 561 -69.10 51.40 -20.12
CA LEU G 561 -68.59 52.77 -20.14
C LEU G 561 -67.18 52.84 -19.59
N GLU G 562 -66.89 52.10 -18.51
CA GLU G 562 -65.56 52.09 -17.94
C GLU G 562 -64.55 51.48 -18.91
N VAL G 563 -64.93 50.41 -19.60
CA VAL G 563 -64.05 49.79 -20.58
C VAL G 563 -63.74 50.78 -21.70
N LEU G 564 -64.77 51.47 -22.19
CA LEU G 564 -64.55 52.46 -23.25
C LEU G 564 -63.65 53.59 -22.78
N TYR G 565 -63.85 54.05 -21.54
CA TYR G 565 -62.99 55.10 -21.01
C TYR G 565 -61.54 54.66 -20.92
N CYS G 566 -61.30 53.44 -20.44
CA CYS G 566 -59.94 52.92 -20.35
C CYS G 566 -59.30 52.81 -21.73
N VAL G 567 -60.06 52.31 -22.71
CA VAL G 567 -59.53 52.15 -24.06
C VAL G 567 -59.17 53.52 -24.64
N LEU G 568 -60.05 54.51 -24.46
CA LEU G 568 -59.79 55.84 -24.99
C LEU G 568 -58.59 56.50 -24.32
N ILE G 569 -58.43 56.31 -23.01
CA ILE G 569 -57.33 56.94 -22.31
C ILE G 569 -55.99 56.30 -22.71
N GLU G 570 -55.94 54.96 -22.76
CA GLU G 570 -54.66 54.30 -22.94
C GLU G 570 -54.11 54.41 -24.36
N SER G 571 -54.97 54.34 -25.39
CA SER G 571 -54.53 54.30 -26.78
C SER G 571 -55.12 55.49 -27.53
N PRO G 572 -54.41 56.62 -27.54
CA PRO G 572 -54.92 57.81 -28.26
C PRO G 572 -55.02 57.63 -29.76
N GLU G 573 -54.31 56.66 -30.35
CA GLU G 573 -54.37 56.47 -31.80
C GLU G 573 -55.78 56.18 -32.27
N VAL G 574 -56.57 55.45 -31.46
CA VAL G 574 -57.94 55.13 -31.82
C VAL G 574 -58.78 56.39 -32.04
N LEU G 575 -58.30 57.55 -31.58
CA LEU G 575 -59.02 58.79 -31.81
C LEU G 575 -59.09 59.15 -33.29
N ASN G 576 -58.27 58.52 -34.14
CA ASN G 576 -58.26 58.87 -35.55
C ASN G 576 -59.28 58.10 -36.37
N ILE G 577 -60.01 57.15 -35.76
CA ILE G 577 -61.02 56.39 -36.47
C ILE G 577 -62.43 56.66 -35.96
N ILE G 578 -62.59 57.56 -34.99
CA ILE G 578 -63.92 57.90 -34.50
C ILE G 578 -64.71 58.63 -35.58
N GLN G 579 -65.96 58.25 -35.76
CA GLN G 579 -66.83 58.87 -36.76
C GLN G 579 -68.02 59.53 -36.06
N GLU G 580 -68.89 60.12 -36.88
CA GLU G 580 -70.00 60.91 -36.34
C GLU G 580 -71.00 60.05 -35.60
N ASN G 581 -71.29 58.85 -36.12
CA ASN G 581 -72.33 58.02 -35.53
C ASN G 581 -71.97 57.59 -34.12
N HIS G 582 -70.69 57.34 -33.85
CA HIS G 582 -70.27 56.97 -32.49
C HIS G 582 -70.53 58.12 -31.52
N ILE G 583 -70.20 59.35 -31.93
CA ILE G 583 -70.44 60.51 -31.07
C ILE G 583 -71.92 60.70 -30.84
N LYS G 584 -72.74 60.54 -31.89
CA LYS G 584 -74.18 60.67 -31.72
C LYS G 584 -74.73 59.57 -30.80
N SER G 585 -74.17 58.37 -30.88
CA SER G 585 -74.59 57.30 -29.98
C SER G 585 -74.25 57.63 -28.53
N ILE G 586 -73.07 58.21 -28.29
CA ILE G 586 -72.69 58.59 -26.93
C ILE G 586 -73.63 59.70 -26.42
N ILE G 587 -73.94 60.67 -27.25
CA ILE G 587 -74.84 61.74 -26.84
C ILE G 587 -76.24 61.21 -26.58
N SER G 588 -76.69 60.25 -27.40
CA SER G 588 -77.98 59.62 -27.16
C SER G 588 -77.99 58.83 -25.86
N LEU G 589 -76.86 58.18 -25.52
CA LEU G 589 -76.75 57.52 -24.23
C LEU G 589 -76.88 58.53 -23.09
N LEU G 590 -76.24 59.69 -23.23
CA LEU G 590 -76.39 60.74 -22.23
C LEU G 590 -77.85 61.17 -22.11
N ASP G 591 -78.53 61.30 -23.24
CA ASP G 591 -79.94 61.69 -23.22
C ASP G 591 -80.81 60.63 -22.55
N LYS G 592 -80.56 59.36 -22.83
CA LYS G 592 -81.45 58.30 -22.37
C LYS G 592 -81.21 57.90 -20.92
N HIS G 593 -79.97 57.94 -20.44
CA HIS G 593 -79.67 57.40 -19.11
C HIS G 593 -79.59 58.46 -18.02
N GLY G 594 -79.81 59.72 -18.34
CA GLY G 594 -79.80 60.77 -17.34
C GLY G 594 -78.48 61.54 -17.34
N ARG G 595 -78.39 62.46 -16.38
CA ARG G 595 -77.23 63.34 -16.28
C ARG G 595 -76.14 62.62 -15.50
N ASN G 596 -75.08 62.21 -16.19
CA ASN G 596 -73.95 61.52 -15.59
C ASN G 596 -72.66 62.15 -16.10
N HIS G 597 -71.73 62.43 -15.18
CA HIS G 597 -70.51 63.14 -15.54
C HIS G 597 -69.46 62.21 -16.16
N LYS G 598 -69.62 60.90 -16.04
CA LYS G 598 -68.70 59.98 -16.70
C LYS G 598 -68.78 60.13 -18.21
N VAL G 599 -69.99 60.33 -18.74
CA VAL G 599 -70.14 60.58 -20.17
C VAL G 599 -69.46 61.88 -20.55
N LEU G 600 -69.52 62.89 -19.69
CA LEU G 600 -68.82 64.14 -19.97
C LEU G 600 -67.31 63.93 -20.01
N ASP G 601 -66.78 63.12 -19.09
CA ASP G 601 -65.35 62.81 -19.13
C ASP G 601 -64.98 62.08 -20.41
N VAL G 602 -65.82 61.12 -20.82
CA VAL G 602 -65.55 60.37 -22.05
C VAL G 602 -65.53 61.32 -23.24
N LEU G 603 -66.48 62.26 -23.29
CA LEU G 603 -66.51 63.23 -24.38
C LEU G 603 -65.28 64.14 -24.33
N CYS G 604 -64.84 64.52 -23.13
CA CYS G 604 -63.66 65.36 -22.99
C CYS G 604 -62.42 64.64 -23.51
N SER G 605 -62.36 63.32 -23.31
CA SER G 605 -61.17 62.57 -23.69
C SER G 605 -60.97 62.48 -25.20
N LEU G 606 -61.94 62.91 -25.99
CA LEU G 606 -61.89 62.73 -27.44
C LEU G 606 -61.37 63.96 -28.19
N CYS G 607 -60.80 64.95 -27.51
CA CYS G 607 -60.45 66.20 -28.17
C CYS G 607 -58.96 66.36 -28.43
N VAL G 608 -58.10 65.85 -27.56
CA VAL G 608 -56.66 66.07 -27.66
C VAL G 608 -55.96 64.73 -27.73
N CYS G 609 -55.02 64.61 -28.68
CA CYS G 609 -54.24 63.39 -28.89
C CYS G 609 -52.78 63.69 -28.57
N ASN G 610 -52.37 63.35 -27.35
CA ASN G 610 -50.98 63.45 -26.87
C ASN G 610 -50.29 64.73 -27.31
N GLY G 611 -50.99 65.86 -27.19
CA GLY G 611 -50.40 67.16 -27.44
C GLY G 611 -50.95 67.90 -28.65
N VAL G 612 -51.65 67.23 -29.56
CA VAL G 612 -52.26 67.88 -30.72
C VAL G 612 -53.77 67.76 -30.61
N ALA G 613 -54.42 68.84 -31.04
CA ALA G 613 -55.88 68.91 -30.91
C ALA G 613 -56.52 68.35 -32.17
N VAL G 614 -57.48 67.45 -32.00
CA VAL G 614 -58.12 66.81 -33.17
C VAL G 614 -59.42 67.56 -33.45
N CYS G 615 -59.37 68.54 -34.36
CA CYS G 615 -60.54 69.44 -34.65
C CYS G 615 -61.84 68.68 -34.92
N SER G 616 -61.93 67.92 -36.02
CA SER G 616 -63.18 67.22 -36.40
C SER G 616 -63.98 66.86 -35.15
N ASN G 617 -63.42 66.03 -34.28
CA ASN G 617 -64.10 65.61 -33.05
C ASN G 617 -64.69 66.81 -32.33
N GLN G 618 -63.90 67.87 -32.16
CA GLN G 618 -64.38 69.07 -31.48
C GLN G 618 -65.54 69.70 -32.25
N ASP G 619 -65.40 69.79 -33.58
CA ASP G 619 -66.46 70.39 -34.39
C ASP G 619 -67.74 69.59 -34.29
N LEU G 620 -67.65 68.26 -34.37
CA LEU G 620 -68.84 67.42 -34.29
C LEU G 620 -69.51 67.52 -32.94
N ILE G 621 -68.72 67.51 -31.85
CA ILE G 621 -69.30 67.63 -30.52
C ILE G 621 -70.00 68.96 -30.37
N THR G 622 -69.37 70.05 -30.81
CA THR G 622 -69.99 71.37 -30.71
C THR G 622 -71.27 71.45 -31.52
N GLU G 623 -71.26 70.87 -32.73
CA GLU G 623 -72.43 70.97 -33.60
C GLU G 623 -73.59 70.11 -33.10
N ASN G 624 -73.30 68.97 -32.47
CA ASN G 624 -74.35 68.03 -32.09
C ASN G 624 -74.85 68.20 -30.67
N LEU G 625 -74.06 68.81 -29.78
CA LEU G 625 -74.48 68.92 -28.38
C LEU G 625 -75.00 70.30 -28.01
N LEU G 626 -74.38 71.37 -28.52
CA LEU G 626 -74.65 72.73 -28.06
C LEU G 626 -75.94 73.34 -28.61
N PRO G 627 -76.16 73.39 -29.93
CA PRO G 627 -77.22 74.27 -30.46
C PRO G 627 -78.60 73.98 -29.91
N GLY G 628 -78.94 72.72 -29.68
CA GLY G 628 -80.22 72.41 -29.08
C GLY G 628 -80.14 72.46 -27.56
N ARG G 629 -80.55 73.58 -26.98
CA ARG G 629 -80.36 73.81 -25.55
C ARG G 629 -81.37 73.03 -24.74
N GLU G 630 -81.21 71.71 -24.68
CA GLU G 630 -82.15 70.84 -23.98
C GLU G 630 -81.50 69.90 -22.97
N LEU G 631 -80.18 69.73 -23.02
CA LEU G 631 -79.53 68.77 -22.14
C LEU G 631 -78.77 69.45 -20.99
N LEU G 632 -77.88 70.37 -21.32
CA LEU G 632 -77.08 71.04 -20.30
C LEU G 632 -77.88 72.16 -19.64
N LEU G 633 -77.56 72.41 -18.36
CA LEU G 633 -78.23 73.47 -17.62
C LEU G 633 -77.82 74.83 -18.17
N GLN G 634 -78.76 75.78 -18.15
CA GLN G 634 -78.51 77.10 -18.72
C GLN G 634 -78.26 78.11 -17.61
N THR G 635 -77.62 79.23 -17.97
CA THR G 635 -77.34 80.31 -17.02
C THR G 635 -77.63 81.66 -17.66
N ASN G 636 -78.00 82.63 -16.82
CA ASN G 636 -78.23 83.99 -17.30
C ASN G 636 -78.23 84.95 -16.12
N LEU G 637 -78.43 86.23 -16.43
CA LEU G 637 -78.53 87.29 -15.43
C LEU G 637 -79.90 87.93 -15.52
N ILE G 638 -80.59 88.04 -14.39
CA ILE G 638 -81.96 88.53 -14.36
C ILE G 638 -82.12 89.56 -13.25
N ASN G 639 -83.19 90.34 -13.34
CA ASN G 639 -83.50 91.37 -12.36
C ASN G 639 -84.47 90.86 -11.31
N TYR G 640 -84.52 91.57 -10.18
CA TYR G 640 -85.53 91.31 -9.17
C TYR G 640 -86.78 92.15 -9.44
N VAL G 641 -87.94 91.58 -9.16
CA VAL G 641 -89.22 92.29 -9.27
C VAL G 641 -89.99 92.10 -7.97
N THR G 642 -90.96 92.98 -7.74
CA THR G 642 -91.76 92.95 -6.53
C THR G 642 -93.13 93.53 -6.79
N SER G 643 -94.06 93.24 -5.88
CA SER G 643 -95.47 93.60 -6.03
C SER G 643 -95.93 94.42 -4.83
N ILE G 644 -96.91 95.29 -5.07
CA ILE G 644 -97.48 96.16 -4.06
C ILE G 644 -98.99 96.20 -4.24
N ARG G 645 -99.71 96.14 -3.11
CA ARG G 645 -101.16 96.14 -3.06
C ARG G 645 -101.64 97.03 -1.94
N PRO G 646 -102.87 97.53 -2.03
CA PRO G 646 -103.56 98.05 -0.84
C PRO G 646 -104.27 96.92 -0.11
N ASN G 647 -104.90 97.28 1.01
CA ASN G 647 -105.55 96.30 1.89
C ASN G 647 -107.04 96.21 1.65
N ILE G 648 -107.49 96.37 0.41
CA ILE G 648 -108.90 96.27 0.04
C ILE G 648 -109.15 94.87 -0.50
N PHE G 649 -110.14 94.18 0.04
CA PHE G 649 -110.48 92.82 -0.35
C PHE G 649 -111.95 92.74 -0.74
N VAL G 650 -112.23 92.04 -1.83
CA VAL G 650 -113.57 91.94 -2.39
C VAL G 650 -113.79 90.51 -2.87
N GLY G 651 -114.98 89.96 -2.60
CA GLY G 651 -115.31 88.62 -3.01
C GLY G 651 -116.80 88.47 -3.28
N ARG G 652 -117.18 87.25 -3.66
CA ARG G 652 -118.57 86.93 -3.95
C ARG G 652 -118.90 85.56 -3.40
N ALA G 653 -120.11 85.42 -2.85
CA ALA G 653 -120.58 84.15 -2.32
C ALA G 653 -122.10 84.21 -2.21
N GLU G 654 -122.69 83.10 -1.77
CA GLU G 654 -124.13 83.03 -1.60
C GLU G 654 -124.53 83.72 -0.30
N GLY G 655 -125.41 84.71 -0.39
CA GLY G 655 -125.84 85.44 0.78
C GLY G 655 -124.82 86.42 1.32
N THR G 656 -123.83 86.80 0.51
CA THR G 656 -122.79 87.71 0.98
C THR G 656 -123.33 89.13 1.11
N THR G 657 -122.60 89.95 1.86
CA THR G 657 -123.00 91.33 2.12
C THR G 657 -122.22 92.34 1.29
N GLN G 658 -121.50 91.90 0.26
CA GLN G 658 -120.60 92.77 -0.49
C GLN G 658 -121.18 93.13 -1.85
N TYR G 659 -120.78 94.31 -2.35
CA TYR G 659 -121.21 94.76 -3.66
C TYR G 659 -120.42 94.02 -4.75
N SER G 660 -120.85 94.18 -6.00
CA SER G 660 -120.40 93.29 -7.07
C SER G 660 -119.51 93.95 -8.11
N LYS G 661 -119.43 95.28 -8.16
CA LYS G 661 -118.68 95.96 -9.21
C LYS G 661 -117.71 96.97 -8.60
N TRP G 662 -116.49 97.03 -9.14
CA TRP G 662 -115.47 97.89 -8.56
C TRP G 662 -114.57 98.46 -9.66
N TYR G 663 -113.84 99.52 -9.31
CA TYR G 663 -113.10 100.32 -10.26
C TYR G 663 -111.98 101.06 -9.53
N PHE G 664 -110.82 101.18 -10.18
CA PHE G 664 -109.71 101.94 -9.59
C PHE G 664 -108.77 102.39 -10.70
N GLU G 665 -107.82 103.26 -10.36
CA GLU G 665 -106.93 103.83 -11.37
C GLU G 665 -105.50 103.93 -10.88
N VAL G 666 -104.58 103.92 -11.84
CA VAL G 666 -103.14 104.03 -11.58
C VAL G 666 -102.56 105.05 -12.56
N MET G 667 -101.66 105.89 -12.06
CA MET G 667 -100.99 106.91 -12.86
C MET G 667 -99.48 106.69 -12.81
N VAL G 668 -98.82 106.86 -13.94
CA VAL G 668 -97.37 106.63 -14.07
C VAL G 668 -96.69 107.98 -14.15
N ASP G 669 -95.63 108.18 -13.36
CA ASP G 669 -94.90 109.43 -13.34
C ASP G 669 -93.55 109.36 -14.04
N GLU G 670 -92.79 108.29 -13.82
CA GLU G 670 -91.44 108.18 -14.35
C GLU G 670 -91.08 106.73 -14.55
N VAL G 671 -90.34 106.44 -15.63
CA VAL G 671 -89.87 105.09 -15.90
C VAL G 671 -88.64 105.16 -16.80
N VAL G 672 -87.61 104.38 -16.46
CA VAL G 672 -86.38 104.31 -17.23
C VAL G 672 -86.44 103.05 -18.10
N PRO G 673 -86.47 103.18 -19.42
CA PRO G 673 -86.66 101.97 -20.27
C PRO G 673 -85.60 100.91 -20.07
N PHE G 674 -84.33 101.29 -19.92
CA PHE G 674 -83.23 100.34 -19.75
C PHE G 674 -82.30 100.85 -18.65
N LEU G 675 -82.60 100.49 -17.40
CA LEU G 675 -81.66 100.76 -16.32
C LEU G 675 -80.50 99.76 -16.31
N THR G 676 -80.78 98.52 -16.71
CA THR G 676 -79.76 97.48 -16.80
C THR G 676 -79.86 96.90 -18.21
N ALA G 677 -79.14 95.81 -18.50
CA ALA G 677 -79.21 95.22 -19.84
C ALA G 677 -80.56 94.58 -20.15
N GLN G 678 -81.43 94.44 -19.15
CA GLN G 678 -82.75 93.85 -19.32
C GLN G 678 -83.81 94.93 -19.16
N ALA G 679 -84.91 94.77 -19.90
CA ALA G 679 -85.94 95.81 -19.93
C ALA G 679 -86.67 95.91 -18.59
N THR G 680 -87.19 97.11 -18.33
CA THR G 680 -87.90 97.37 -17.08
C THR G 680 -89.26 96.68 -17.08
N HIS G 681 -89.68 96.22 -15.90
CA HIS G 681 -90.94 95.49 -15.74
C HIS G 681 -91.95 96.38 -15.04
N LEU G 682 -93.17 96.40 -15.55
CA LEU G 682 -94.26 97.19 -14.95
C LEU G 682 -95.58 96.63 -15.44
N ARG G 683 -96.39 96.08 -14.53
CA ARG G 683 -97.69 95.53 -14.85
C ARG G 683 -98.69 95.89 -13.77
N VAL G 684 -99.97 96.00 -14.15
CA VAL G 684 -101.03 96.41 -13.24
C VAL G 684 -102.22 95.46 -13.43
N GLY G 685 -102.86 95.07 -12.32
CA GLY G 685 -104.02 94.21 -12.49
C GLY G 685 -104.63 93.77 -11.17
N TRP G 686 -105.32 92.63 -11.22
CA TRP G 686 -106.03 92.06 -10.09
C TRP G 686 -105.39 90.75 -9.68
N ALA G 687 -105.53 90.39 -8.41
CA ALA G 687 -104.95 89.17 -7.89
C ALA G 687 -105.89 88.54 -6.86
N LEU G 688 -105.66 87.27 -6.57
CA LEU G 688 -106.48 86.49 -5.68
C LEU G 688 -105.66 86.08 -4.46
N THR G 689 -106.29 86.05 -3.29
CA THR G 689 -105.55 85.87 -2.04
C THR G 689 -105.06 84.45 -1.85
N GLU G 690 -105.76 83.45 -2.40
CA GLU G 690 -105.49 82.07 -2.04
C GLU G 690 -104.21 81.53 -2.69
N GLY G 691 -103.90 81.93 -3.91
CA GLY G 691 -102.80 81.28 -4.62
C GLY G 691 -101.67 82.18 -5.07
N TYR G 692 -101.91 83.50 -5.12
CA TYR G 692 -100.89 84.42 -5.59
C TYR G 692 -99.87 84.63 -4.48
N SER G 693 -98.65 84.15 -4.68
CA SER G 693 -97.60 84.24 -3.67
C SER G 693 -96.25 84.22 -4.36
N PRO G 694 -95.77 85.37 -4.82
CA PRO G 694 -94.45 85.42 -5.45
C PRO G 694 -93.33 85.65 -4.45
N TYR G 695 -92.26 84.90 -4.60
CA TYR G 695 -91.08 85.04 -3.76
C TYR G 695 -89.92 85.60 -4.56
N PRO G 696 -89.06 86.42 -3.94
CA PRO G 696 -87.90 86.95 -4.66
C PRO G 696 -86.98 85.84 -5.13
N GLY G 697 -86.42 86.01 -6.33
CA GLY G 697 -85.48 85.06 -6.86
C GLY G 697 -86.02 84.20 -8.00
N GLY G 698 -85.91 82.89 -7.85
CA GLY G 698 -86.31 81.99 -8.90
C GLY G 698 -87.81 81.76 -8.96
N GLY G 699 -88.23 81.00 -9.97
CA GLY G 699 -89.64 80.73 -10.17
C GLY G 699 -89.87 80.04 -11.49
N GLU G 700 -91.05 80.30 -12.06
CA GLU G 700 -91.40 79.73 -13.35
C GLU G 700 -90.61 80.41 -14.47
N GLY G 701 -90.35 79.64 -15.53
CA GLY G 701 -89.65 80.20 -16.67
C GLY G 701 -88.25 80.67 -16.31
N TRP G 702 -87.97 81.94 -16.62
CA TRP G 702 -86.68 82.54 -16.32
C TRP G 702 -86.74 83.51 -15.14
N GLY G 703 -87.60 83.23 -14.17
CA GLY G 703 -87.68 84.07 -12.99
C GLY G 703 -88.38 85.40 -13.27
N GLY G 704 -88.27 86.29 -12.28
CA GLY G 704 -88.88 87.60 -12.38
C GLY G 704 -90.39 87.54 -12.47
N ASN G 705 -91.01 86.73 -11.62
CA ASN G 705 -92.44 86.50 -11.68
C ASN G 705 -93.20 87.67 -11.08
N GLY G 706 -94.20 88.16 -11.82
CA GLY G 706 -95.03 89.28 -11.39
C GLY G 706 -96.50 88.96 -11.58
N VAL G 707 -97.25 89.97 -12.00
CA VAL G 707 -98.69 89.82 -12.20
C VAL G 707 -98.92 89.14 -13.55
N GLY G 708 -99.70 88.06 -13.53
CA GLY G 708 -100.02 87.33 -14.73
C GLY G 708 -99.11 86.16 -15.05
N ASP G 709 -98.27 85.74 -14.12
CA ASP G 709 -97.35 84.64 -14.34
C ASP G 709 -97.85 83.34 -13.73
N ASP G 710 -99.10 83.29 -13.31
CA ASP G 710 -99.75 82.06 -12.88
C ASP G 710 -101.23 82.16 -13.25
N LEU G 711 -102.05 81.26 -12.69
CA LEU G 711 -103.49 81.29 -12.91
C LEU G 711 -104.23 81.86 -11.72
N TYR G 712 -103.60 82.78 -10.98
CA TYR G 712 -104.24 83.46 -9.85
C TYR G 712 -104.20 84.96 -9.98
N SER G 713 -103.67 85.49 -11.08
CA SER G 713 -103.56 86.93 -11.26
C SER G 713 -103.86 87.26 -12.72
N TYR G 714 -104.31 88.49 -12.94
CA TYR G 714 -104.67 88.96 -14.28
C TYR G 714 -104.18 90.39 -14.43
N GLY G 715 -103.27 90.62 -15.39
CA GLY G 715 -102.57 91.88 -15.47
C GLY G 715 -102.50 92.41 -16.89
N PHE G 716 -102.05 93.67 -16.97
CA PHE G 716 -101.95 94.41 -18.22
C PHE G 716 -100.72 95.29 -18.16
N ASP G 717 -100.11 95.52 -19.33
CA ASP G 717 -98.86 96.27 -19.39
C ASP G 717 -98.76 97.27 -20.53
N GLY G 718 -99.82 97.45 -21.34
CA GLY G 718 -99.84 98.41 -22.42
C GLY G 718 -99.94 97.79 -23.79
N LEU G 719 -99.42 96.58 -23.97
CA LEU G 719 -99.44 95.92 -25.28
C LEU G 719 -100.06 94.54 -25.19
N HIS G 720 -99.89 93.86 -24.07
CA HIS G 720 -100.27 92.47 -23.94
C HIS G 720 -101.18 92.26 -22.73
N LEU G 721 -102.02 91.24 -22.83
CA LEU G 721 -102.74 90.69 -21.68
C LEU G 721 -101.96 89.46 -21.22
N TRP G 722 -101.61 89.43 -19.94
CA TRP G 722 -100.75 88.39 -19.38
C TRP G 722 -101.56 87.46 -18.49
N THR G 723 -101.46 86.16 -18.75
CA THR G 723 -102.05 85.18 -17.85
C THR G 723 -101.41 83.82 -18.11
N GLY G 724 -101.27 83.04 -17.04
CA GLY G 724 -100.63 81.74 -17.15
C GLY G 724 -99.22 81.79 -17.69
N HIS G 725 -98.47 82.86 -17.41
CA HIS G 725 -97.14 83.10 -17.96
C HIS G 725 -97.15 83.19 -19.47
N VAL G 726 -98.27 83.60 -20.06
CA VAL G 726 -98.42 83.72 -21.50
C VAL G 726 -98.95 85.12 -21.81
N PRO G 727 -98.32 85.88 -22.71
CA PRO G 727 -98.89 87.13 -23.19
C PRO G 727 -99.67 86.96 -24.48
N ARG G 728 -100.69 87.78 -24.64
CA ARG G 728 -101.50 87.81 -25.86
C ARG G 728 -101.72 89.26 -26.29
N LEU G 729 -101.50 89.53 -27.58
CA LEU G 729 -101.52 90.89 -28.09
C LEU G 729 -102.96 91.41 -28.18
N VAL G 730 -103.13 92.71 -27.90
CA VAL G 730 -104.42 93.36 -27.97
C VAL G 730 -104.28 94.63 -28.81
N THR G 731 -105.42 95.12 -29.31
CA THR G 731 -105.44 96.29 -30.16
C THR G 731 -105.98 97.49 -29.39
N SER G 732 -105.29 98.62 -29.50
CA SER G 732 -105.68 99.86 -28.84
C SER G 732 -105.24 101.03 -29.71
N PRO G 733 -105.97 102.15 -29.69
CA PRO G 733 -105.55 103.31 -30.48
C PRO G 733 -104.27 103.93 -29.95
N GLY G 734 -103.19 103.82 -30.72
CA GLY G 734 -101.91 104.34 -30.30
C GLY G 734 -101.18 103.40 -29.35
N GLN G 735 -100.95 102.17 -29.81
CA GLN G 735 -100.31 101.16 -28.96
C GLN G 735 -98.89 101.56 -28.63
N HIS G 736 -98.52 101.43 -27.36
CA HIS G 736 -97.15 101.61 -26.91
C HIS G 736 -97.03 101.03 -25.51
N LEU G 737 -95.80 100.71 -25.13
CA LEU G 737 -95.53 100.27 -23.77
C LEU G 737 -95.81 101.41 -22.80
N LEU G 738 -96.07 101.06 -21.54
CA LEU G 738 -96.44 102.06 -20.55
C LEU G 738 -95.36 103.13 -20.44
N ALA G 739 -95.79 104.39 -20.49
CA ALA G 739 -94.94 105.56 -20.59
C ALA G 739 -95.40 106.59 -19.57
N PRO G 740 -94.55 107.56 -19.24
CA PRO G 740 -94.96 108.61 -18.30
C PRO G 740 -96.19 109.36 -18.79
N GLU G 741 -96.97 109.86 -17.84
CA GLU G 741 -98.22 110.59 -18.03
C GLU G 741 -99.36 109.70 -18.52
N ASP G 742 -99.23 108.38 -18.39
CA ASP G 742 -100.30 107.47 -18.76
C ASP G 742 -101.19 107.18 -17.55
N VAL G 743 -102.47 106.96 -17.82
CA VAL G 743 -103.47 106.64 -16.81
C VAL G 743 -104.16 105.35 -17.20
N VAL G 744 -104.21 104.38 -16.27
CA VAL G 744 -104.81 103.08 -16.52
C VAL G 744 -105.95 102.90 -15.53
N SER G 745 -107.13 102.53 -16.04
CA SER G 745 -108.30 102.30 -15.21
C SER G 745 -108.72 100.86 -15.33
N CYS G 746 -108.94 100.22 -14.18
CA CYS G 746 -109.32 98.81 -14.12
C CYS G 746 -110.71 98.67 -13.53
N CYS G 747 -111.52 97.82 -14.16
CA CYS G 747 -112.91 97.57 -13.76
C CYS G 747 -113.10 96.08 -13.56
N LEU G 748 -113.75 95.70 -12.45
CA LEU G 748 -114.02 94.32 -12.12
C LEU G 748 -115.52 94.13 -11.89
N ASP G 749 -116.07 93.07 -12.46
CA ASP G 749 -117.50 92.74 -12.19
C ASP G 749 -117.56 91.32 -11.62
N LEU G 750 -117.82 91.18 -10.31
CA LEU G 750 -117.96 89.83 -9.71
C LEU G 750 -119.06 89.08 -10.46
N SER G 751 -120.24 89.71 -10.61
CA SER G 751 -121.31 89.10 -11.42
C SER G 751 -120.71 88.74 -12.78
N VAL G 752 -121.01 87.55 -13.32
CA VAL G 752 -120.41 87.07 -14.60
C VAL G 752 -118.92 87.49 -14.64
N PRO G 753 -118.02 86.76 -13.94
CA PRO G 753 -116.60 87.09 -13.88
C PRO G 753 -116.09 87.90 -15.09
N SER G 754 -115.82 89.20 -14.90
CA SER G 754 -115.36 90.04 -16.03
C SER G 754 -114.33 91.08 -15.54
N ILE G 755 -113.20 91.19 -16.24
CA ILE G 755 -112.21 92.19 -15.92
C ILE G 755 -111.93 93.00 -17.18
N SER G 756 -111.95 94.33 -17.06
CA SER G 756 -111.79 95.20 -18.21
C SER G 756 -110.81 96.32 -17.88
N PHE G 757 -110.17 96.84 -18.92
CA PHE G 757 -109.16 97.88 -18.79
C PHE G 757 -109.47 99.02 -19.73
N ARG G 758 -109.08 100.22 -19.33
CA ARG G 758 -109.11 101.39 -20.20
C ARG G 758 -107.81 102.16 -20.05
N ILE G 759 -107.31 102.69 -21.15
CA ILE G 759 -106.08 103.47 -21.17
C ILE G 759 -106.39 104.84 -21.75
N ASN G 760 -106.14 105.89 -20.97
CA ASN G 760 -106.38 107.27 -21.40
C ASN G 760 -107.81 107.48 -21.86
N GLY G 761 -108.75 106.72 -21.30
CA GLY G 761 -110.15 106.81 -21.65
C GLY G 761 -110.57 105.97 -22.83
N CYS G 762 -109.62 105.48 -23.62
CA CYS G 762 -109.94 104.64 -24.78
C CYS G 762 -109.96 103.18 -24.35
N PRO G 763 -111.05 102.46 -24.59
CA PRO G 763 -111.12 101.07 -24.15
C PRO G 763 -110.20 100.16 -24.95
N VAL G 764 -109.77 99.08 -24.30
CA VAL G 764 -108.97 98.05 -24.96
C VAL G 764 -109.88 96.91 -25.34
N GLN G 765 -109.55 96.24 -26.44
CA GLN G 765 -110.42 95.23 -27.05
C GLN G 765 -110.04 93.81 -26.63
N GLY G 766 -110.12 93.52 -25.34
CA GLY G 766 -109.88 92.16 -24.85
C GLY G 766 -110.37 92.03 -23.43
N VAL G 767 -110.83 90.82 -23.08
CA VAL G 767 -111.43 90.59 -21.77
C VAL G 767 -111.04 89.21 -21.24
N PHE G 768 -110.89 89.14 -19.91
CA PHE G 768 -110.83 87.88 -19.19
C PHE G 768 -112.24 87.53 -18.73
N GLU G 769 -112.54 86.23 -18.63
CA GLU G 769 -113.85 85.80 -18.16
C GLU G 769 -113.80 84.34 -17.76
N ALA G 770 -114.89 83.90 -17.13
CA ALA G 770 -115.11 82.50 -16.76
C ALA G 770 -113.99 81.94 -15.88
N PHE G 771 -113.56 82.72 -14.90
CA PHE G 771 -112.54 82.24 -13.98
C PHE G 771 -113.17 81.81 -12.65
N ASN G 772 -112.35 81.18 -11.82
CA ASN G 772 -112.82 80.69 -10.53
C ASN G 772 -113.17 81.86 -9.61
N LEU G 773 -114.05 81.58 -8.64
CA LEU G 773 -114.59 82.62 -7.78
C LEU G 773 -114.30 82.41 -6.30
N ASN G 774 -113.59 81.35 -5.92
CA ASN G 774 -113.24 81.17 -4.52
C ASN G 774 -112.12 82.12 -4.11
N GLY G 775 -112.21 82.64 -2.90
CA GLY G 775 -111.24 83.59 -2.42
C GLY G 775 -111.64 85.03 -2.67
N LEU G 776 -110.76 85.94 -2.27
CA LEU G 776 -110.99 87.37 -2.38
C LEU G 776 -110.04 87.98 -3.40
N PHE G 777 -110.45 89.10 -3.98
CA PHE G 777 -109.69 89.80 -5.00
C PHE G 777 -109.14 91.11 -4.46
N PHE G 778 -107.96 91.49 -4.93
CA PHE G 778 -107.38 92.76 -4.55
C PHE G 778 -106.59 93.33 -5.73
N PRO G 779 -106.49 94.66 -5.84
CA PRO G 779 -105.62 95.24 -6.87
C PRO G 779 -104.16 95.04 -6.53
N VAL G 780 -103.32 95.07 -7.57
CA VAL G 780 -101.90 94.81 -7.41
C VAL G 780 -101.15 95.47 -8.55
N VAL G 781 -99.94 95.93 -8.27
CA VAL G 781 -99.02 96.45 -9.27
C VAL G 781 -97.66 95.82 -9.03
N SER G 782 -97.04 95.32 -10.11
CA SER G 782 -95.74 94.68 -10.03
C SER G 782 -94.74 95.47 -10.87
N PHE G 783 -93.50 95.53 -10.38
CA PHE G 783 -92.51 96.40 -11.02
C PHE G 783 -91.12 95.92 -10.64
N SER G 784 -90.14 96.48 -11.33
CA SER G 784 -88.72 96.34 -11.02
C SER G 784 -88.17 97.72 -10.68
N ALA G 785 -86.84 97.79 -10.52
CA ALA G 785 -86.21 99.02 -10.07
C ALA G 785 -86.32 100.11 -11.13
N GLY G 786 -86.61 101.33 -10.66
CA GLY G 786 -86.60 102.49 -11.53
C GLY G 786 -87.97 102.95 -12.00
N VAL G 787 -88.96 102.96 -11.11
CA VAL G 787 -90.32 103.35 -11.47
C VAL G 787 -90.89 104.26 -10.39
N LYS G 788 -91.88 105.06 -10.80
CA LYS G 788 -92.69 105.88 -9.88
C LYS G 788 -94.13 105.87 -10.36
N VAL G 789 -95.03 105.43 -9.48
CA VAL G 789 -96.46 105.34 -9.80
C VAL G 789 -97.27 105.88 -8.65
N ARG G 790 -98.55 106.15 -8.92
CA ARG G 790 -99.49 106.61 -7.92
C ARG G 790 -100.82 105.86 -8.05
N PHE G 791 -101.32 105.41 -6.92
CA PHE G 791 -102.64 104.79 -6.80
C PHE G 791 -103.70 105.85 -6.62
N LEU G 792 -104.80 105.74 -7.38
CA LEU G 792 -105.98 106.59 -7.26
C LEU G 792 -107.17 105.68 -6.98
N LEU G 793 -107.81 105.89 -5.83
CA LEU G 793 -108.89 105.04 -5.36
C LEU G 793 -110.21 105.77 -5.20
N GLY G 794 -110.26 107.06 -5.49
CA GLY G 794 -111.47 107.84 -5.35
C GLY G 794 -111.61 108.47 -3.98
N GLY G 795 -112.69 109.23 -3.81
CA GLY G 795 -112.94 109.91 -2.56
C GLY G 795 -111.82 110.91 -2.26
N ARG G 796 -111.36 110.88 -1.01
CA ARG G 796 -110.24 111.70 -0.57
C ARG G 796 -108.91 110.96 -0.63
N HIS G 797 -108.83 109.89 -1.43
CA HIS G 797 -107.60 109.16 -1.62
C HIS G 797 -107.18 109.21 -3.08
N GLY G 798 -107.28 110.38 -3.69
CA GLY G 798 -106.95 110.55 -5.09
C GLY G 798 -108.16 110.71 -5.97
N GLU G 799 -108.22 111.80 -6.74
CA GLU G 799 -109.37 112.06 -7.59
C GLU G 799 -109.22 111.33 -8.92
N PHE G 800 -110.29 110.68 -9.37
CA PHE G 800 -110.27 110.02 -10.66
C PHE G 800 -110.15 111.04 -11.79
N LYS G 801 -109.42 110.66 -12.84
CA LYS G 801 -109.29 111.51 -14.02
C LYS G 801 -110.38 111.24 -15.06
N PHE G 802 -111.20 110.21 -14.85
CA PHE G 802 -112.26 109.86 -15.79
C PHE G 802 -113.47 109.36 -15.01
N LEU G 803 -114.62 109.43 -15.66
CA LEU G 803 -115.86 109.01 -15.03
C LEU G 803 -115.95 107.48 -15.02
N PRO G 804 -116.17 106.86 -13.87
CA PRO G 804 -116.32 105.40 -13.82
C PRO G 804 -117.58 104.96 -14.55
N PRO G 805 -117.62 103.73 -15.03
CA PRO G 805 -118.83 103.23 -15.70
C PRO G 805 -120.04 103.32 -14.79
N PRO G 806 -121.25 103.27 -15.35
CA PRO G 806 -122.44 103.68 -14.56
C PRO G 806 -122.64 102.91 -13.26
N GLY G 807 -122.38 101.61 -13.24
CA GLY G 807 -122.68 100.79 -12.08
C GLY G 807 -121.51 100.42 -11.19
N TYR G 808 -120.35 101.05 -11.39
CA TYR G 808 -119.15 100.65 -10.66
C TYR G 808 -118.87 101.63 -9.53
N ALA G 809 -118.46 101.07 -8.36
CA ALA G 809 -118.22 101.85 -7.16
C ALA G 809 -116.74 102.09 -6.94
N PRO G 810 -116.37 103.22 -6.33
CA PRO G 810 -114.97 103.47 -6.01
C PRO G 810 -114.44 102.47 -4.99
N CYS G 811 -113.12 102.26 -5.03
CA CYS G 811 -112.52 101.23 -4.19
C CYS G 811 -112.45 101.65 -2.72
N HIS G 812 -112.32 102.96 -2.46
CA HIS G 812 -112.15 103.43 -1.08
C HIS G 812 -113.36 103.12 -0.20
N GLU G 813 -114.51 102.79 -0.81
CA GLU G 813 -115.69 102.42 -0.05
C GLU G 813 -115.58 101.03 0.56
N ALA G 814 -114.57 100.25 0.19
CA ALA G 814 -114.47 98.86 0.63
C ALA G 814 -113.64 98.68 1.89
N VAL G 815 -113.19 99.76 2.52
CA VAL G 815 -112.39 99.65 3.73
C VAL G 815 -113.25 99.14 4.88
N LEU G 816 -112.74 98.15 5.60
CA LEU G 816 -113.48 97.60 6.73
C LEU G 816 -113.52 98.61 7.88
N PRO G 817 -114.54 98.54 8.73
CA PRO G 817 -114.66 99.54 9.81
C PRO G 817 -113.50 99.51 10.79
N ARG G 818 -112.89 98.36 11.04
CA ARG G 818 -111.83 98.26 12.03
C ARG G 818 -110.45 98.57 11.48
N GLU G 819 -110.31 98.82 10.18
CA GLU G 819 -109.01 98.99 9.55
C GLU G 819 -108.84 100.41 9.02
N ARG G 820 -107.63 100.71 8.58
CA ARG G 820 -107.28 101.98 7.95
C ARG G 820 -106.51 101.70 6.66
N LEU G 821 -106.70 102.56 5.67
CA LEU G 821 -106.10 102.35 4.36
C LEU G 821 -104.58 102.51 4.44
N ARG G 822 -103.87 101.63 3.75
CA ARG G 822 -102.41 101.68 3.72
C ARG G 822 -101.91 100.80 2.58
N LEU G 823 -100.59 100.84 2.36
CA LEU G 823 -99.93 100.06 1.33
C LEU G 823 -98.96 99.08 1.99
N GLU G 824 -98.97 97.84 1.51
CA GLU G 824 -98.23 96.76 2.15
C GLU G 824 -97.75 95.79 1.08
N PRO G 825 -96.69 95.03 1.35
CA PRO G 825 -96.28 93.96 0.44
C PRO G 825 -97.14 92.72 0.66
N ILE G 826 -96.88 91.71 -0.16
CA ILE G 826 -97.69 90.49 -0.18
C ILE G 826 -96.83 89.32 0.30
N LYS G 827 -97.24 88.72 1.42
CA LYS G 827 -96.66 87.48 1.93
C LYS G 827 -95.14 87.59 2.08
N GLU G 828 -94.71 88.47 2.97
CA GLU G 828 -93.28 88.62 3.22
C GLU G 828 -92.83 87.71 4.36
N TYR G 829 -91.54 87.41 4.37
CA TYR G 829 -90.92 86.65 5.44
C TYR G 829 -89.76 87.40 6.09
N ARG G 830 -89.62 88.69 5.82
CA ARG G 830 -88.52 89.49 6.34
C ARG G 830 -88.95 90.94 6.40
N ARG G 831 -88.41 91.67 7.36
CA ARG G 831 -88.75 93.08 7.55
C ARG G 831 -87.53 93.84 8.04
N GLU G 832 -87.55 95.15 7.86
CA GLU G 832 -86.48 96.02 8.35
C GLU G 832 -86.86 96.57 9.72
N GLY G 833 -85.90 96.51 10.65
CA GLY G 833 -86.14 96.95 12.00
C GLY G 833 -85.10 97.95 12.48
N PRO G 834 -85.25 98.42 13.73
CA PRO G 834 -84.32 99.42 14.23
C PRO G 834 -82.92 98.88 14.49
N ARG G 835 -82.80 97.73 15.16
CA ARG G 835 -81.51 97.13 15.47
C ARG G 835 -81.07 96.11 14.44
N GLY G 836 -81.87 95.87 13.40
CA GLY G 836 -81.55 94.89 12.40
C GLY G 836 -82.78 94.27 11.79
N PRO G 837 -82.59 93.29 10.90
CA PRO G 837 -83.73 92.65 10.25
C PRO G 837 -84.57 91.83 11.22
N HIS G 838 -85.86 91.77 10.94
CA HIS G 838 -86.81 90.95 11.70
C HIS G 838 -87.32 89.82 10.80
N LEU G 839 -87.52 88.66 11.41
CA LEU G 839 -88.12 87.52 10.71
C LEU G 839 -89.61 87.47 11.02
N VAL G 840 -90.40 87.19 9.99
CA VAL G 840 -91.86 87.25 10.09
C VAL G 840 -92.43 85.89 9.73
N GLY G 841 -93.40 85.44 10.52
CA GLY G 841 -94.09 84.20 10.24
C GLY G 841 -95.27 84.40 9.31
N PRO G 842 -96.02 83.33 9.11
CA PRO G 842 -97.20 83.41 8.23
C PRO G 842 -98.24 84.38 8.77
N SER G 843 -99.04 84.93 7.87
CA SER G 843 -100.03 85.93 8.22
C SER G 843 -101.43 85.36 8.07
N ARG G 844 -102.28 85.61 9.05
CA ARG G 844 -103.68 85.21 8.97
C ARG G 844 -104.43 86.07 7.98
N CYS G 845 -105.34 85.46 7.23
CA CYS G 845 -106.10 86.15 6.20
C CYS G 845 -107.56 85.76 6.27
N LEU G 846 -108.42 86.66 5.77
CA LEU G 846 -109.84 86.42 5.75
C LEU G 846 -110.22 85.51 4.57
N SER G 847 -111.45 85.02 4.61
CA SER G 847 -112.01 84.18 3.56
C SER G 847 -113.34 84.76 3.11
N HIS G 848 -113.75 84.40 1.89
CA HIS G 848 -114.98 84.95 1.33
C HIS G 848 -116.22 84.42 2.04
N THR G 849 -116.07 83.41 2.90
CA THR G 849 -117.20 82.93 3.69
C THR G 849 -117.34 83.65 5.02
N ASP G 850 -116.48 84.64 5.30
CA ASP G 850 -116.59 85.43 6.51
C ASP G 850 -117.51 86.63 6.36
N PHE G 851 -118.09 86.84 5.18
CA PHE G 851 -118.97 87.97 4.92
C PHE G 851 -120.42 87.57 4.75
N VAL G 852 -120.76 86.32 5.05
CA VAL G 852 -122.13 85.83 4.99
C VAL G 852 -122.62 85.58 6.41
N PRO G 853 -123.68 86.23 6.86
CA PRO G 853 -124.16 86.01 8.23
C PRO G 853 -124.92 84.70 8.35
N CYS G 854 -124.63 83.97 9.43
CA CYS G 854 -125.24 82.67 9.70
C CYS G 854 -125.86 82.69 11.09
N PRO G 855 -127.15 83.00 11.20
CA PRO G 855 -127.80 83.00 12.51
C PRO G 855 -128.17 81.59 12.95
N VAL G 856 -128.69 81.50 14.18
CA VAL G 856 -129.08 80.20 14.73
C VAL G 856 -130.38 79.70 14.13
N ASP G 857 -131.15 80.58 13.48
CA ASP G 857 -132.39 80.20 12.79
C ASP G 857 -133.38 79.49 13.72
N THR G 858 -133.58 80.04 14.92
CA THR G 858 -134.51 79.46 15.89
C THR G 858 -135.92 80.05 15.69
N VAL G 859 -136.48 79.78 14.52
CA VAL G 859 -137.83 80.24 14.23
C VAL G 859 -138.87 79.31 14.85
N GLN G 860 -138.82 78.03 14.44
CA GLN G 860 -139.79 77.03 14.96
C GLN G 860 -139.86 77.10 16.48
N ILE G 861 -138.75 77.44 17.14
CA ILE G 861 -138.72 77.47 18.63
C ILE G 861 -139.93 78.27 19.14
N VAL G 862 -140.60 77.76 20.17
CA VAL G 862 -141.77 78.49 20.75
C VAL G 862 -141.57 78.59 22.26
N LEU G 863 -141.75 79.78 22.81
CA LEU G 863 -141.53 79.98 24.27
C LEU G 863 -142.40 78.98 25.05
N PRO G 864 -141.81 78.22 25.99
CA PRO G 864 -142.58 77.32 26.85
C PRO G 864 -143.77 77.99 27.53
N PRO G 865 -144.89 77.29 27.86
CA PRO G 865 -145.97 77.89 28.65
C PRO G 865 -145.52 78.48 29.99
N HIS G 866 -144.58 77.83 30.69
CA HIS G 866 -144.17 78.31 32.01
C HIS G 866 -143.34 79.60 31.94
N LEU G 867 -143.02 80.07 30.73
CA LEU G 867 -142.29 81.34 30.60
C LEU G 867 -143.17 82.49 30.09
N GLU G 868 -144.47 82.25 29.94
CA GLU G 868 -145.36 83.29 29.43
C GLU G 868 -145.54 84.45 30.41
N ARG G 869 -145.62 84.18 31.72
CA ARG G 869 -145.77 85.27 32.69
C ARG G 869 -144.53 86.15 32.68
N ILE G 870 -143.36 85.51 32.67
CA ILE G 870 -142.16 86.30 32.76
C ILE G 870 -141.98 87.07 31.43
N ARG G 871 -142.49 86.56 30.32
CA ARG G 871 -142.43 87.33 29.06
C ARG G 871 -143.09 88.70 29.25
N GLU G 872 -144.27 88.70 29.87
CA GLU G 872 -145.02 89.95 30.15
C GLU G 872 -144.25 90.88 31.10
N LYS G 873 -143.78 90.33 32.22
CA LYS G 873 -143.06 91.16 33.18
C LYS G 873 -141.76 91.70 32.60
N LEU G 874 -141.06 90.90 31.77
CA LEU G 874 -139.86 91.35 31.11
C LEU G 874 -140.18 92.53 30.17
N ALA G 875 -141.22 92.38 29.37
CA ALA G 875 -141.57 93.46 28.44
C ALA G 875 -141.89 94.74 29.22
N GLU G 876 -142.58 94.61 30.35
CA GLU G 876 -142.94 95.79 31.16
C GLU G 876 -141.66 96.48 31.65
N ASN G 877 -140.69 95.73 32.17
CA ASN G 877 -139.52 96.40 32.68
C ASN G 877 -138.65 96.99 31.58
N ILE G 878 -138.57 96.30 30.44
CA ILE G 878 -137.84 96.85 29.31
C ILE G 878 -138.43 98.20 28.87
N HIS G 879 -139.75 98.31 28.90
CA HIS G 879 -140.42 99.58 28.58
C HIS G 879 -140.06 100.68 29.58
N GLU G 880 -140.09 100.36 30.87
CA GLU G 880 -139.73 101.33 31.88
C GLU G 880 -138.31 101.81 31.71
N LEU G 881 -137.39 100.89 31.39
CA LEU G 881 -136.01 101.27 31.17
C LEU G 881 -135.84 102.15 29.93
N TRP G 882 -136.57 101.79 28.88
CA TRP G 882 -136.52 102.56 27.63
C TRP G 882 -137.02 103.96 27.86
N ALA G 883 -138.16 104.06 28.57
CA ALA G 883 -138.74 105.37 28.82
C ALA G 883 -137.79 106.24 29.66
N LEU G 884 -137.18 105.64 30.69
CA LEU G 884 -136.19 106.37 31.48
C LEU G 884 -135.05 106.92 30.60
N THR G 885 -134.52 106.13 29.68
CA THR G 885 -133.44 106.64 28.84
C THR G 885 -133.90 107.83 27.99
N ARG G 886 -135.07 107.71 27.38
CA ARG G 886 -135.63 108.80 26.59
C ARG G 886 -135.78 110.06 27.44
N ILE G 887 -136.34 109.90 28.63
CA ILE G 887 -136.64 111.05 29.48
C ILE G 887 -135.34 111.71 29.96
N GLU G 888 -134.31 110.90 30.26
CA GLU G 888 -133.00 111.48 30.57
C GLU G 888 -132.45 112.34 29.45
N GLN G 889 -132.74 111.94 28.21
CA GLN G 889 -132.29 112.70 27.05
C GLN G 889 -133.26 113.78 26.57
N GLY G 890 -134.16 114.23 27.45
CA GLY G 890 -134.98 115.39 27.17
C GLY G 890 -136.28 115.06 26.45
N TRP G 891 -136.61 113.79 26.27
CA TRP G 891 -137.88 113.44 25.63
C TRP G 891 -139.03 113.62 26.60
N THR G 892 -140.14 114.05 26.05
CA THR G 892 -141.38 114.24 26.82
C THR G 892 -142.55 113.70 26.01
N TYR G 893 -143.71 113.58 26.65
CA TYR G 893 -144.87 113.01 25.96
C TYR G 893 -145.51 113.95 24.95
N GLY G 894 -145.85 113.37 23.81
CA GLY G 894 -146.81 114.02 22.95
C GLY G 894 -147.49 112.98 22.06
N PRO G 895 -148.70 113.28 21.57
CA PRO G 895 -149.45 112.23 20.87
C PRO G 895 -148.91 111.92 19.49
N VAL G 896 -148.13 112.83 18.92
CA VAL G 896 -147.49 112.59 17.63
C VAL G 896 -145.99 112.79 17.81
N ARG G 897 -145.22 111.82 17.38
CA ARG G 897 -143.79 111.90 17.48
C ARG G 897 -143.22 113.14 16.79
N ASP G 898 -142.28 113.80 17.46
CA ASP G 898 -141.58 114.96 16.89
C ASP G 898 -140.15 114.88 17.35
N ASP G 899 -139.21 114.56 16.46
CA ASP G 899 -137.84 114.31 16.90
C ASP G 899 -137.07 115.61 17.16
N ASN G 900 -137.52 116.74 16.65
CA ASN G 900 -136.88 118.02 16.96
C ASN G 900 -137.26 118.52 18.36
N LYS G 901 -138.55 118.49 18.66
CA LYS G 901 -139.05 118.82 20.01
C LYS G 901 -138.91 117.66 21.03
N ARG G 902 -138.49 116.49 20.56
CA ARG G 902 -138.32 115.28 21.34
C ARG G 902 -139.61 114.92 22.07
N LEU G 903 -140.68 114.81 21.29
CA LEU G 903 -141.97 114.36 21.77
C LEU G 903 -142.20 112.92 21.31
N HIS G 904 -142.68 112.05 22.19
CA HIS G 904 -142.89 110.65 21.83
C HIS G 904 -144.16 110.13 22.48
N PRO G 905 -145.01 109.46 21.70
CA PRO G 905 -146.27 108.96 22.28
C PRO G 905 -146.12 107.72 23.13
N CYS G 906 -144.95 107.07 23.15
CA CYS G 906 -144.83 105.85 23.94
C CYS G 906 -144.46 106.17 25.37
N LEU G 907 -144.33 107.43 25.72
CA LEU G 907 -144.01 107.78 27.12
C LEU G 907 -145.30 107.81 27.95
N VAL G 908 -145.83 106.60 28.14
CA VAL G 908 -147.09 106.28 28.77
C VAL G 908 -146.88 104.99 29.55
N ASP G 909 -147.80 104.65 30.44
CA ASP G 909 -147.80 103.33 31.07
C ASP G 909 -147.82 102.24 30.03
N PHE G 910 -147.12 101.14 30.28
CA PHE G 910 -147.08 100.03 29.33
C PHE G 910 -148.48 99.60 28.90
N HIS G 911 -149.38 99.47 29.85
CA HIS G 911 -150.75 99.01 29.63
C HIS G 911 -151.57 100.02 28.83
N SER G 912 -151.05 101.24 28.73
CA SER G 912 -151.71 102.30 27.96
C SER G 912 -151.18 102.46 26.52
N LEU G 913 -150.14 101.72 26.17
CA LEU G 913 -149.72 101.68 24.78
C LEU G 913 -150.81 101.11 23.90
N PRO G 914 -150.85 101.54 22.63
CA PRO G 914 -151.70 100.88 21.62
C PRO G 914 -151.42 99.39 21.56
N GLU G 915 -152.46 98.59 21.29
CA GLU G 915 -152.32 97.13 21.35
C GLU G 915 -151.22 96.63 20.44
N PRO G 916 -151.08 97.18 19.21
CA PRO G 916 -150.02 96.67 18.34
C PRO G 916 -148.61 96.93 18.88
N GLU G 917 -148.42 98.02 19.62
CA GLU G 917 -147.13 98.35 20.19
C GLU G 917 -146.86 97.45 21.38
N ARG G 918 -147.87 97.24 22.21
CA ARG G 918 -147.76 96.28 23.32
C ARG G 918 -147.40 94.89 22.76
N ASN G 919 -148.08 94.49 21.70
CA ASN G 919 -147.85 93.16 21.14
C ASN G 919 -146.42 93.06 20.57
N TYR G 920 -145.95 94.09 19.88
CA TYR G 920 -144.57 94.09 19.41
C TYR G 920 -143.57 93.93 20.58
N ASN G 921 -143.80 94.66 21.68
CA ASN G 921 -142.93 94.58 22.82
C ASN G 921 -142.93 93.18 23.44
N LEU G 922 -144.10 92.57 23.49
CA LEU G 922 -144.24 91.22 24.04
C LEU G 922 -143.55 90.24 23.10
N GLN G 923 -143.67 90.45 21.80
CA GLN G 923 -142.98 89.57 20.85
C GLN G 923 -141.47 89.65 21.03
N MET G 924 -140.95 90.86 21.22
CA MET G 924 -139.50 91.05 21.37
C MET G 924 -138.97 90.41 22.67
N SER G 925 -139.72 90.61 23.77
CA SER G 925 -139.38 89.95 25.03
C SER G 925 -139.39 88.43 24.88
N GLY G 926 -140.38 87.90 24.19
CA GLY G 926 -140.47 86.47 23.94
C GLY G 926 -139.31 86.01 23.09
N GLU G 927 -138.87 86.83 22.14
CA GLU G 927 -137.76 86.36 21.31
C GLU G 927 -136.42 86.47 22.05
N THR G 928 -136.28 87.33 23.07
CA THR G 928 -135.10 87.26 23.93
C THR G 928 -135.08 85.91 24.65
N LEU G 929 -136.22 85.54 25.19
CA LEU G 929 -136.35 84.29 25.91
C LEU G 929 -136.11 83.10 24.97
N LYS G 930 -136.72 83.11 23.78
CA LYS G 930 -136.54 82.00 22.84
C LYS G 930 -135.10 81.91 22.37
N THR G 931 -134.42 83.04 22.23
CA THR G 931 -133.02 83.00 21.79
C THR G 931 -132.12 82.45 22.93
N LEU G 932 -132.41 82.82 24.18
CA LEU G 932 -131.72 82.17 25.30
C LEU G 932 -131.87 80.67 25.25
N LEU G 933 -133.09 80.19 25.03
CA LEU G 933 -133.31 78.75 24.95
C LEU G 933 -132.60 78.11 23.74
N ALA G 934 -132.53 78.83 22.61
CA ALA G 934 -131.89 78.29 21.42
C ALA G 934 -130.39 78.19 21.65
N LEU G 935 -129.87 79.09 22.48
CA LEU G 935 -128.45 79.05 22.88
C LEU G 935 -128.19 77.99 23.93
N GLY G 936 -129.22 77.23 24.30
CA GLY G 936 -129.05 76.10 25.21
C GLY G 936 -129.18 76.43 26.69
N CYS G 937 -129.57 77.67 27.04
CA CYS G 937 -129.76 78.01 28.45
C CYS G 937 -130.90 77.22 29.05
N HIS G 938 -130.71 76.90 30.34
CA HIS G 938 -131.76 76.35 31.20
C HIS G 938 -132.33 77.54 31.95
N VAL G 939 -133.62 77.81 31.80
CA VAL G 939 -134.26 78.97 32.44
C VAL G 939 -135.44 78.47 33.25
N GLY G 940 -135.39 78.69 34.56
CA GLY G 940 -136.41 78.13 35.44
C GLY G 940 -136.49 78.84 36.77
N MET G 941 -137.66 78.81 37.40
CA MET G 941 -137.82 79.47 38.69
C MET G 941 -136.96 78.82 39.75
N ALA G 942 -136.22 79.65 40.49
CA ALA G 942 -135.37 79.17 41.58
C ALA G 942 -135.69 79.79 42.94
N ASP G 943 -136.10 81.05 42.97
CA ASP G 943 -136.38 81.74 44.22
C ASP G 943 -137.77 82.36 44.13
N GLU G 944 -138.76 81.64 44.68
CA GLU G 944 -140.14 82.10 44.58
C GLU G 944 -140.40 83.35 45.42
N LYS G 945 -139.48 83.70 46.32
CA LYS G 945 -139.63 84.91 47.15
C LYS G 945 -139.09 86.17 46.48
N ALA G 946 -138.32 86.01 45.41
CA ALA G 946 -137.62 87.16 44.86
C ALA G 946 -138.56 88.24 44.34
N GLU G 947 -139.62 87.83 43.66
CA GLU G 947 -140.52 88.82 43.03
C GLU G 947 -141.14 89.77 44.09
N ASP G 948 -141.66 89.25 45.19
CA ASP G 948 -142.32 90.17 46.13
C ASP G 948 -141.32 90.94 46.98
N ASN G 949 -140.03 90.64 46.83
CA ASN G 949 -138.99 91.48 47.44
C ASN G 949 -138.42 92.52 46.50
N LEU G 950 -138.81 92.50 45.23
CA LEU G 950 -138.36 93.54 44.29
C LEU G 950 -138.93 94.92 44.66
N ARG G 951 -138.12 95.92 44.46
CA ARG G 951 -138.54 97.32 44.57
C ARG G 951 -138.30 98.06 43.28
N LYS G 952 -139.06 99.10 43.08
CA LYS G 952 -138.85 99.92 41.90
C LYS G 952 -138.01 101.14 42.25
N THR G 953 -137.24 101.60 41.25
CA THR G 953 -136.51 102.87 41.38
C THR G 953 -137.48 104.02 41.47
N LYS G 954 -137.28 104.88 42.47
CA LYS G 954 -138.14 106.05 42.70
C LYS G 954 -137.48 107.31 42.18
N LEU G 955 -137.93 107.76 41.03
CA LEU G 955 -137.37 108.93 40.38
C LEU G 955 -138.02 110.20 40.87
N PRO G 956 -137.29 111.35 40.84
CA PRO G 956 -137.94 112.59 41.22
C PRO G 956 -138.97 113.07 40.20
N LYS G 957 -139.76 114.07 40.60
CA LYS G 957 -140.92 114.51 39.82
C LYS G 957 -140.50 115.12 38.49
N THR G 958 -139.21 115.43 38.37
CA THR G 958 -138.65 115.92 37.12
C THR G 958 -138.62 114.87 36.01
N TYR G 959 -138.96 113.63 36.36
CA TYR G 959 -139.08 112.55 35.40
C TYR G 959 -140.54 112.24 35.02
N MET G 960 -141.45 113.08 35.52
CA MET G 960 -142.88 112.94 35.29
C MET G 960 -143.32 113.57 33.96
N MET G 961 -144.10 112.82 33.17
CA MET G 961 -144.65 113.37 31.94
C MET G 961 -145.97 114.08 32.21
N SER G 962 -146.44 114.83 31.22
CA SER G 962 -147.65 115.64 31.39
C SER G 962 -148.92 114.82 31.56
N ASN G 963 -148.82 113.55 31.20
CA ASN G 963 -149.95 112.62 31.32
C ASN G 963 -149.90 111.85 32.63
N GLY G 964 -148.98 112.23 33.52
CA GLY G 964 -148.85 111.56 34.81
C GLY G 964 -147.95 110.34 34.86
N TYR G 965 -147.46 109.90 33.71
CA TYR G 965 -146.57 108.76 33.64
C TYR G 965 -145.18 109.13 34.12
N LYS G 966 -144.65 108.34 35.05
CA LYS G 966 -143.26 108.43 35.48
C LYS G 966 -142.68 107.02 35.45
N PRO G 967 -141.58 106.82 34.76
CA PRO G 967 -141.06 105.46 34.74
C PRO G 967 -140.61 104.99 36.09
N ALA G 968 -140.70 103.67 36.30
CA ALA G 968 -140.32 103.06 37.56
C ALA G 968 -139.70 101.69 37.27
N PRO G 969 -138.54 101.68 36.67
CA PRO G 969 -137.90 100.41 36.42
C PRO G 969 -137.51 99.73 37.70
N LEU G 970 -137.40 98.40 37.63
CA LEU G 970 -136.95 97.66 38.80
C LEU G 970 -135.57 98.09 39.28
N ASP G 971 -135.38 98.14 40.59
CA ASP G 971 -134.06 98.30 41.17
C ASP G 971 -133.40 96.93 41.17
N LEU G 972 -132.49 96.74 40.20
CA LEU G 972 -131.77 95.49 40.08
C LEU G 972 -130.33 95.61 40.57
N SER G 973 -130.08 96.59 41.45
CA SER G 973 -128.70 96.84 41.88
C SER G 973 -128.05 95.65 42.60
N HIS G 974 -128.86 94.78 43.19
CA HIS G 974 -128.37 93.61 43.89
C HIS G 974 -128.02 92.43 42.98
N VAL G 975 -128.46 92.48 41.73
CA VAL G 975 -128.27 91.37 40.81
C VAL G 975 -126.85 91.37 40.26
N ARG G 976 -126.22 90.21 40.26
CA ARG G 976 -124.89 90.04 39.70
C ARG G 976 -124.88 88.85 38.73
N LEU G 977 -124.65 89.11 37.44
CA LEU G 977 -124.50 88.02 36.45
C LEU G 977 -123.34 87.10 36.85
N THR G 978 -123.57 85.78 36.76
CA THR G 978 -122.50 84.79 36.90
C THR G 978 -121.66 84.82 35.61
N PRO G 979 -120.49 84.17 35.61
CA PRO G 979 -119.74 84.12 34.35
C PRO G 979 -120.51 83.48 33.19
N ALA G 980 -121.22 82.39 33.45
CA ALA G 980 -122.01 81.76 32.39
C ALA G 980 -123.10 82.68 31.88
N GLN G 981 -123.68 83.49 32.78
CA GLN G 981 -124.72 84.43 32.36
C GLN G 981 -124.17 85.62 31.55
N THR G 982 -123.01 86.12 31.93
CA THR G 982 -122.33 87.13 31.17
C THR G 982 -122.07 86.61 29.75
N THR G 983 -121.64 85.36 29.68
CA THR G 983 -121.37 84.75 28.39
C THR G 983 -122.64 84.62 27.58
N LEU G 984 -123.75 84.25 28.23
CA LEU G 984 -125.01 84.21 27.50
C LEU G 984 -125.44 85.59 27.00
N VAL G 985 -125.21 86.63 27.81
CA VAL G 985 -125.53 88.01 27.29
C VAL G 985 -124.74 88.22 26.01
N ASP G 986 -123.44 87.97 26.08
CA ASP G 986 -122.52 88.22 24.94
C ASP G 986 -122.98 87.42 23.71
N ARG G 987 -123.38 86.16 23.92
CA ARG G 987 -123.85 85.33 22.82
C ARG G 987 -125.19 85.76 22.27
N LEU G 988 -126.08 86.25 23.12
CA LEU G 988 -127.45 86.66 22.69
C LEU G 988 -127.32 87.77 21.66
N ALA G 989 -126.51 88.80 21.95
CA ALA G 989 -126.39 89.98 21.05
C ALA G 989 -125.98 89.56 19.63
N GLU G 990 -124.85 88.87 19.47
CA GLU G 990 -124.34 88.54 18.11
C GLU G 990 -125.47 87.95 17.25
N ASN G 991 -126.18 86.95 17.77
CA ASN G 991 -127.25 86.28 17.02
C ASN G 991 -128.28 87.28 16.54
N GLY G 992 -128.66 88.24 17.38
CA GLY G 992 -129.63 89.24 16.96
C GLY G 992 -129.11 90.10 15.81
N HIS G 993 -127.86 90.55 15.93
CA HIS G 993 -127.30 91.36 14.83
C HIS G 993 -127.19 90.54 13.55
N ASN G 994 -126.80 89.27 13.66
CA ASN G 994 -126.68 88.43 12.47
C ASN G 994 -128.02 88.22 11.79
N VAL G 995 -129.07 87.97 12.57
CA VAL G 995 -130.38 87.75 11.94
C VAL G 995 -130.89 89.06 11.33
N TRP G 996 -130.64 90.20 11.98
CA TRP G 996 -131.04 91.48 11.38
C TRP G 996 -130.29 91.71 10.06
N ALA G 997 -129.00 91.41 10.05
CA ALA G 997 -128.21 91.60 8.83
C ALA G 997 -128.68 90.70 7.71
N ARG G 998 -129.01 89.44 8.03
CA ARG G 998 -129.53 88.52 7.01
C ARG G 998 -130.86 89.02 6.46
N ASP G 999 -131.74 89.50 7.34
CA ASP G 999 -133.02 90.04 6.89
C ASP G 999 -132.82 91.24 5.96
N ARG G 1000 -131.90 92.14 6.33
CA ARG G 1000 -131.63 93.30 5.46
C ARG G 1000 -131.03 92.87 4.13
N VAL G 1001 -130.12 91.90 4.14
CA VAL G 1001 -129.50 91.44 2.91
C VAL G 1001 -130.52 90.80 1.99
N ALA G 1002 -131.50 90.10 2.56
CA ALA G 1002 -132.53 89.46 1.74
C ALA G 1002 -133.30 90.46 0.89
N GLN G 1003 -133.32 91.73 1.27
CA GLN G 1003 -134.02 92.77 0.52
C GLN G 1003 -133.13 93.51 -0.46
N GLY G 1004 -131.85 93.14 -0.56
CA GLY G 1004 -130.97 93.71 -1.55
C GLY G 1004 -130.03 94.80 -1.07
N TRP G 1005 -129.86 94.96 0.25
CA TRP G 1005 -128.94 95.95 0.75
C TRP G 1005 -127.50 95.44 0.70
N SER G 1006 -126.55 96.36 0.90
CA SER G 1006 -125.14 96.03 0.80
C SER G 1006 -124.34 96.93 1.74
N TYR G 1007 -123.06 96.60 1.90
CA TYR G 1007 -122.17 97.37 2.75
C TYR G 1007 -121.47 98.46 1.94
N SER G 1008 -121.15 99.55 2.63
CA SER G 1008 -120.40 100.66 2.04
C SER G 1008 -119.84 101.52 3.17
N ALA G 1009 -118.65 102.06 2.95
CA ALA G 1009 -118.03 102.91 3.96
C ALA G 1009 -118.74 104.25 4.13
N VAL G 1010 -119.55 104.65 3.16
CA VAL G 1010 -120.33 105.88 3.22
C VAL G 1010 -121.80 105.55 3.01
N GLN G 1011 -122.67 106.22 3.75
CA GLN G 1011 -124.09 105.90 3.72
C GLN G 1011 -124.74 106.49 2.48
N ASP G 1012 -125.63 105.72 1.87
CA ASP G 1012 -126.40 106.15 0.69
C ASP G 1012 -127.76 105.47 0.76
N ILE G 1013 -128.75 106.17 1.31
CA ILE G 1013 -130.08 105.59 1.49
C ILE G 1013 -130.72 105.20 0.15
N PRO G 1014 -130.77 106.07 -0.87
CA PRO G 1014 -131.37 105.63 -2.13
C PRO G 1014 -130.63 104.46 -2.78
N ALA G 1015 -129.32 104.36 -2.58
CA ALA G 1015 -128.55 103.25 -3.12
C ALA G 1015 -128.62 102.01 -2.25
N ARG G 1016 -129.24 102.09 -1.08
CA ARG G 1016 -129.42 100.95 -0.17
C ARG G 1016 -128.08 100.36 0.25
N ARG G 1017 -127.18 101.21 0.75
CA ARG G 1017 -125.88 100.80 1.25
C ARG G 1017 -125.68 101.41 2.64
N ASN G 1018 -125.31 100.58 3.61
CA ASN G 1018 -125.27 100.99 5.00
C ASN G 1018 -123.89 100.68 5.59
N PRO G 1019 -123.34 101.58 6.42
CA PRO G 1019 -122.00 101.35 6.96
C PRO G 1019 -121.91 100.31 8.07
N ARG G 1020 -122.99 99.58 8.38
CA ARG G 1020 -122.93 98.57 9.42
C ARG G 1020 -123.55 97.25 8.98
N LEU G 1021 -123.57 96.97 7.68
CA LEU G 1021 -124.15 95.72 7.17
C LEU G 1021 -123.05 94.66 7.00
N VAL G 1022 -122.44 94.30 8.12
CA VAL G 1022 -121.42 93.27 8.16
C VAL G 1022 -121.74 92.33 9.32
N PRO G 1023 -121.25 91.09 9.30
CA PRO G 1023 -121.48 90.20 10.45
C PRO G 1023 -120.90 90.79 11.72
N TYR G 1024 -121.45 90.32 12.86
CA TYR G 1024 -121.14 90.94 14.15
C TYR G 1024 -119.66 90.88 14.49
N ARG G 1025 -118.93 89.91 13.94
CA ARG G 1025 -117.52 89.76 14.28
C ARG G 1025 -116.69 90.94 13.79
N LEU G 1026 -117.07 91.54 12.67
CA LEU G 1026 -116.28 92.61 12.06
C LEU G 1026 -116.71 94.00 12.50
N LEU G 1027 -117.65 94.12 13.43
CA LEU G 1027 -118.15 95.43 13.83
C LEU G 1027 -117.14 96.17 14.70
N ASP G 1028 -117.41 97.45 14.90
CA ASP G 1028 -116.58 98.28 15.76
C ASP G 1028 -116.97 98.07 17.23
N GLU G 1029 -116.02 98.39 18.13
CA GLU G 1029 -116.24 98.14 19.54
C GLU G 1029 -117.40 98.95 20.09
N ALA G 1030 -117.51 100.22 19.69
CA ALA G 1030 -118.58 101.07 20.21
C ALA G 1030 -119.95 100.53 19.83
N THR G 1031 -120.12 100.13 18.57
CA THR G 1031 -121.40 99.58 18.13
C THR G 1031 -121.72 98.28 18.85
N LYS G 1032 -120.71 97.42 19.05
CA LYS G 1032 -120.94 96.17 19.76
C LYS G 1032 -121.39 96.42 21.19
N ARG G 1033 -120.73 97.36 21.88
CA ARG G 1033 -121.12 97.67 23.25
C ARG G 1033 -122.50 98.29 23.31
N SER G 1034 -122.83 99.16 22.35
CA SER G 1034 -124.15 99.77 22.32
C SER G 1034 -125.24 98.72 22.12
N ASN G 1035 -124.99 97.75 21.24
CA ASN G 1035 -125.97 96.68 21.05
C ASN G 1035 -126.03 95.75 22.26
N ARG G 1036 -124.90 95.59 22.96
CA ARG G 1036 -124.85 94.67 24.10
C ARG G 1036 -125.53 95.26 25.32
N ASP G 1037 -125.59 96.59 25.43
CA ASP G 1037 -126.10 97.22 26.64
C ASP G 1037 -127.56 96.83 26.92
N SER G 1038 -128.41 96.89 25.91
CA SER G 1038 -129.83 96.59 26.12
C SER G 1038 -130.04 95.13 26.51
N LEU G 1039 -129.34 94.22 25.84
CA LEU G 1039 -129.46 92.81 26.18
C LEU G 1039 -128.96 92.53 27.59
N CYS G 1040 -127.88 93.19 28.01
CA CYS G 1040 -127.38 93.02 29.36
C CYS G 1040 -128.39 93.54 30.38
N GLN G 1041 -129.02 94.68 30.08
CA GLN G 1041 -130.08 95.21 30.95
C GLN G 1041 -131.22 94.20 31.07
N ALA G 1042 -131.64 93.62 29.95
CA ALA G 1042 -132.71 92.62 29.99
C ALA G 1042 -132.28 91.40 30.80
N VAL G 1043 -131.00 91.03 30.74
CA VAL G 1043 -130.52 89.87 31.50
C VAL G 1043 -130.56 90.16 33.00
N ARG G 1044 -130.13 91.36 33.41
CA ARG G 1044 -130.26 91.69 34.83
C ARG G 1044 -131.72 91.68 35.26
N THR G 1045 -132.61 92.21 34.41
CA THR G 1045 -134.03 92.22 34.75
C THR G 1045 -134.57 90.80 34.93
N LEU G 1046 -134.18 89.91 34.01
CA LEU G 1046 -134.63 88.52 34.11
C LEU G 1046 -134.09 87.85 35.37
N LEU G 1047 -132.82 88.10 35.71
CA LEU G 1047 -132.27 87.52 36.93
C LEU G 1047 -132.90 88.13 38.17
N GLY G 1048 -133.49 89.32 38.05
CA GLY G 1048 -134.15 89.93 39.19
C GLY G 1048 -135.34 89.14 39.69
N TYR G 1049 -136.03 88.43 38.79
CA TYR G 1049 -137.22 87.66 39.15
C TYR G 1049 -136.90 86.28 39.73
N GLY G 1050 -135.66 86.05 40.16
CA GLY G 1050 -135.33 84.80 40.80
C GLY G 1050 -135.10 83.63 39.89
N TYR G 1051 -135.09 83.85 38.58
CA TYR G 1051 -134.79 82.77 37.64
C TYR G 1051 -133.30 82.44 37.64
N ASN G 1052 -133.00 81.17 37.37
CA ASN G 1052 -131.63 80.70 37.27
C ASN G 1052 -131.38 80.18 35.86
N ILE G 1053 -130.30 80.67 35.25
CA ILE G 1053 -129.93 80.30 33.89
C ILE G 1053 -128.54 79.68 33.92
N GLU G 1054 -128.40 78.51 33.31
CA GLU G 1054 -127.12 77.79 33.33
C GLU G 1054 -126.78 77.21 31.95
N ARG G 1068 -96.99 72.06 9.62
CA ARG G 1068 -96.64 72.36 8.23
C ARG G 1068 -97.78 73.09 7.53
N TRP G 1069 -97.78 73.01 6.21
CA TRP G 1069 -98.81 73.60 5.34
C TRP G 1069 -99.17 75.02 5.78
N ASP G 1070 -98.18 75.91 5.63
CA ASP G 1070 -98.26 77.34 5.86
C ASP G 1070 -98.81 77.71 7.24
N ARG G 1071 -98.77 76.79 8.20
CA ARG G 1071 -99.13 77.11 9.58
C ARG G 1071 -97.91 77.42 10.43
N VAL G 1072 -96.71 77.28 9.89
CA VAL G 1072 -95.47 77.54 10.62
C VAL G 1072 -94.37 77.76 9.59
N ARG G 1073 -93.32 78.47 10.02
CA ARG G 1073 -92.17 78.72 9.16
C ARG G 1073 -90.90 78.45 9.93
N ILE G 1074 -89.92 77.82 9.27
CA ILE G 1074 -88.68 77.40 9.91
C ILE G 1074 -87.51 78.09 9.23
N PHE G 1075 -86.63 78.68 10.04
CA PHE G 1075 -85.39 79.28 9.55
C PHE G 1075 -84.23 78.56 10.21
N ARG G 1076 -83.14 78.39 9.47
CA ARG G 1076 -81.96 77.72 10.02
C ARG G 1076 -80.71 78.21 9.34
N ALA G 1077 -79.57 77.96 10.00
CA ALA G 1077 -78.29 78.28 9.38
C ALA G 1077 -77.99 77.32 8.25
N GLU G 1078 -76.97 77.65 7.46
CA GLU G 1078 -76.60 76.82 6.32
C GLU G 1078 -75.77 75.62 6.79
N LYS G 1079 -75.72 74.59 5.94
CA LYS G 1079 -75.08 73.33 6.32
C LYS G 1079 -73.58 73.49 6.52
N SER G 1080 -72.95 74.43 5.80
CA SER G 1080 -71.51 74.56 5.85
C SER G 1080 -71.00 75.09 7.19
N TYR G 1081 -71.89 75.57 8.05
CA TYR G 1081 -71.50 76.18 9.32
C TYR G 1081 -71.64 75.23 10.50
N ALA G 1082 -71.82 73.94 10.26
CA ALA G 1082 -71.97 72.97 11.34
C ALA G 1082 -70.71 72.92 12.19
N VAL G 1083 -70.89 72.88 13.50
CA VAL G 1083 -69.79 72.86 14.47
C VAL G 1083 -69.73 71.51 15.13
N GLN G 1084 -68.52 70.98 15.30
CA GLN G 1084 -68.30 69.68 15.91
C GLN G 1084 -67.46 69.73 17.17
N SER G 1085 -67.03 70.92 17.61
CA SER G 1085 -66.23 71.06 18.82
C SER G 1085 -66.36 72.48 19.33
N GLY G 1086 -65.98 72.67 20.59
CA GLY G 1086 -65.99 73.99 21.18
C GLY G 1086 -67.24 74.29 21.98
N ARG G 1087 -67.37 75.56 22.35
CA ARG G 1087 -68.50 76.05 23.13
C ARG G 1087 -69.04 77.29 22.44
N TRP G 1088 -70.35 77.33 22.18
CA TRP G 1088 -70.94 78.37 21.34
C TRP G 1088 -72.19 78.95 21.98
N TYR G 1089 -72.52 80.18 21.56
CA TYR G 1089 -73.56 81.00 22.15
C TYR G 1089 -74.21 81.87 21.08
N PHE G 1090 -75.52 82.09 21.23
CA PHE G 1090 -76.22 83.05 20.38
C PHE G 1090 -77.50 83.50 21.07
N GLU G 1091 -78.17 84.51 20.48
CA GLU G 1091 -79.29 85.16 21.15
C GLU G 1091 -80.51 85.26 20.24
N PHE G 1092 -81.68 85.23 20.87
CA PHE G 1092 -82.97 85.34 20.19
C PHE G 1092 -83.87 86.27 20.97
N GLU G 1093 -84.48 87.24 20.29
CA GLU G 1093 -85.38 88.20 20.91
C GLU G 1093 -86.79 88.01 20.37
N ALA G 1094 -87.76 87.95 21.28
CA ALA G 1094 -89.16 87.78 20.92
C ALA G 1094 -89.83 89.15 20.90
N VAL G 1095 -90.20 89.61 19.70
CA VAL G 1095 -90.91 90.88 19.59
C VAL G 1095 -92.37 90.71 19.99
N THR G 1096 -92.97 89.57 19.69
CA THR G 1096 -94.33 89.25 20.09
C THR G 1096 -94.34 87.98 20.93
N THR G 1097 -95.37 87.85 21.76
CA THR G 1097 -95.53 86.68 22.61
C THR G 1097 -96.49 85.70 21.93
N GLY G 1098 -96.01 84.49 21.67
CA GLY G 1098 -96.83 83.53 20.98
C GLY G 1098 -96.08 82.23 20.77
N GLU G 1099 -96.56 81.44 19.80
CA GLU G 1099 -95.99 80.13 19.51
C GLU G 1099 -94.71 80.31 18.71
N MET G 1100 -93.57 80.30 19.40
CA MET G 1100 -92.26 80.36 18.76
C MET G 1100 -91.34 79.36 19.42
N ARG G 1101 -90.37 78.85 18.66
CA ARG G 1101 -89.44 77.86 19.16
C ARG G 1101 -88.03 78.19 18.71
N VAL G 1102 -87.03 77.82 19.52
CA VAL G 1102 -85.65 78.16 19.20
C VAL G 1102 -84.72 77.09 19.74
N GLY G 1103 -83.66 76.78 18.99
CA GLY G 1103 -82.70 75.82 19.52
C GLY G 1103 -81.68 75.40 18.46
N TRP G 1104 -81.23 74.16 18.62
CA TRP G 1104 -80.16 73.59 17.78
C TRP G 1104 -80.72 72.42 16.98
N ALA G 1105 -80.16 72.22 15.78
CA ALA G 1105 -80.67 71.21 14.87
C ALA G 1105 -79.54 70.48 14.16
N ARG G 1106 -79.85 69.28 13.66
CA ARG G 1106 -78.93 68.49 12.86
C ARG G 1106 -78.94 68.97 11.41
N PRO G 1107 -77.85 68.73 10.68
CA PRO G 1107 -77.81 69.18 9.27
C PRO G 1107 -78.89 68.57 8.39
N GLU G 1108 -79.32 67.33 8.69
CA GLU G 1108 -80.29 66.64 7.87
C GLU G 1108 -81.74 66.85 8.33
N LEU G 1109 -82.03 68.01 8.91
CA LEU G 1109 -83.38 68.29 9.38
C LEU G 1109 -84.38 68.29 8.22
N ARG G 1110 -85.61 67.86 8.51
CA ARG G 1110 -86.69 67.79 7.53
C ARG G 1110 -87.58 69.03 7.63
N PRO G 1111 -88.13 69.50 6.51
CA PRO G 1111 -88.91 70.75 6.54
C PRO G 1111 -90.38 70.57 6.87
N ASP G 1112 -90.94 69.36 6.76
CA ASP G 1112 -92.36 69.15 6.93
C ASP G 1112 -92.75 68.59 8.30
N VAL G 1113 -91.80 68.48 9.23
CA VAL G 1113 -92.04 67.93 10.55
C VAL G 1113 -91.96 69.06 11.58
N GLU G 1114 -92.86 69.04 12.56
CA GLU G 1114 -92.84 70.04 13.62
C GLU G 1114 -91.50 69.99 14.34
N LEU G 1115 -90.99 71.18 14.67
CA LEU G 1115 -89.65 71.30 15.23
C LEU G 1115 -89.61 70.65 16.62
N GLY G 1116 -88.69 69.71 16.80
CA GLY G 1116 -88.52 69.02 18.07
C GLY G 1116 -89.35 67.76 18.23
N ALA G 1117 -90.26 67.48 17.30
CA ALA G 1117 -91.08 66.27 17.41
C ALA G 1117 -90.30 64.99 17.14
N ASP G 1118 -89.10 65.09 16.58
CA ASP G 1118 -88.26 63.92 16.34
C ASP G 1118 -86.88 64.12 16.94
N GLU G 1119 -85.96 63.20 16.64
CA GLU G 1119 -84.65 63.19 17.28
C GLU G 1119 -83.62 64.08 16.59
N LEU G 1120 -84.05 64.96 15.68
CA LEU G 1120 -83.12 65.77 14.91
C LEU G 1120 -82.96 67.19 15.44
N ALA G 1121 -83.58 67.54 16.56
CA ALA G 1121 -83.47 68.90 17.07
C ALA G 1121 -83.64 68.92 18.58
N TYR G 1122 -83.10 69.96 19.20
CA TYR G 1122 -83.26 70.24 20.62
C TYR G 1122 -83.75 71.67 20.74
N VAL G 1123 -84.97 71.86 21.26
CA VAL G 1123 -85.68 73.11 21.10
C VAL G 1123 -86.31 73.54 22.42
N PHE G 1124 -86.37 74.85 22.63
CA PHE G 1124 -87.10 75.46 23.73
C PHE G 1124 -88.28 76.25 23.18
N ASN G 1125 -89.44 76.09 23.83
CA ASN G 1125 -90.65 76.85 23.41
C ASN G 1125 -91.01 77.80 24.55
N GLY G 1126 -91.24 79.07 24.23
CA GLY G 1126 -91.48 80.06 25.30
C GLY G 1126 -92.95 80.39 25.52
N HIS G 1127 -93.77 80.29 24.47
CA HIS G 1127 -95.23 80.48 24.67
C HIS G 1127 -95.66 79.79 25.96
N ARG G 1128 -95.38 78.49 26.07
CA ARG G 1128 -95.68 77.75 27.31
C ARG G 1128 -94.39 77.01 27.68
N GLY G 1129 -93.68 77.49 28.71
CA GLY G 1129 -92.38 76.90 29.05
C GLY G 1129 -92.32 75.40 28.79
N GLN G 1130 -91.65 74.99 27.70
CA GLN G 1130 -91.48 73.57 27.40
C GLN G 1130 -90.15 73.36 26.70
N ARG G 1131 -89.65 72.13 26.81
CA ARG G 1131 -88.49 71.69 26.06
C ARG G 1131 -88.89 70.50 25.18
N TRP G 1132 -88.39 70.51 23.94
CA TRP G 1132 -88.77 69.56 22.91
C TRP G 1132 -87.54 68.84 22.38
N HIS G 1133 -87.52 67.52 22.59
CA HIS G 1133 -86.63 66.62 21.84
C HIS G 1133 -87.26 65.24 21.93
N LEU G 1134 -87.82 64.76 20.82
CA LEU G 1134 -88.56 63.50 20.74
C LEU G 1134 -89.76 63.49 21.68
N GLY G 1135 -90.26 64.65 22.06
CA GLY G 1135 -91.36 64.76 23.00
C GLY G 1135 -91.35 66.12 23.65
N SER G 1136 -92.34 66.32 24.53
CA SER G 1136 -92.52 67.59 25.22
C SER G 1136 -92.36 67.38 26.72
N GLU G 1137 -91.60 68.29 27.36
CA GLU G 1137 -91.43 68.27 28.81
C GLU G 1137 -91.60 69.68 29.36
N LEU G 1138 -92.09 69.78 30.59
CA LEU G 1138 -92.24 71.07 31.23
C LEU G 1138 -90.88 71.61 31.64
N PHE G 1139 -90.69 72.92 31.48
CA PHE G 1139 -89.38 73.54 31.68
C PHE G 1139 -89.53 75.05 31.69
N GLY G 1140 -88.70 75.71 32.50
CA GLY G 1140 -88.63 77.16 32.46
C GLY G 1140 -89.94 77.82 32.84
N ARG G 1141 -90.11 79.05 32.35
CA ARG G 1141 -91.29 79.87 32.60
C ARG G 1141 -91.62 80.66 31.34
N PRO G 1142 -92.87 81.08 31.19
CA PRO G 1142 -93.24 81.84 29.99
C PRO G 1142 -92.54 83.18 29.91
N TRP G 1143 -92.40 83.69 28.69
CA TRP G 1143 -91.69 84.94 28.43
C TRP G 1143 -92.68 86.09 28.21
N GLN G 1144 -92.12 87.27 27.99
CA GLN G 1144 -92.90 88.47 27.68
C GLN G 1144 -92.25 89.19 26.51
N SER G 1145 -92.95 90.24 26.04
CA SER G 1145 -92.44 91.02 24.91
C SER G 1145 -91.12 91.68 25.28
N GLY G 1146 -90.15 91.59 24.37
CA GLY G 1146 -88.84 92.15 24.60
C GLY G 1146 -87.86 91.26 25.32
N ASP G 1147 -88.29 90.06 25.74
CA ASP G 1147 -87.39 89.16 26.45
C ASP G 1147 -86.34 88.61 25.49
N VAL G 1148 -85.17 88.28 26.04
CA VAL G 1148 -84.04 87.76 25.28
C VAL G 1148 -83.67 86.39 25.81
N VAL G 1149 -83.56 85.42 24.92
CA VAL G 1149 -83.17 84.06 25.26
C VAL G 1149 -81.79 83.80 24.69
N GLY G 1150 -80.87 83.36 25.54
CA GLY G 1150 -79.52 83.01 25.15
C GLY G 1150 -79.35 81.51 25.13
N CYS G 1151 -78.86 80.99 24.00
CA CYS G 1151 -78.64 79.57 23.81
C CYS G 1151 -77.15 79.28 23.82
N MET G 1152 -76.75 78.28 24.62
CA MET G 1152 -75.35 77.88 24.75
C MET G 1152 -75.24 76.38 24.53
N ILE G 1153 -74.22 75.96 23.80
CA ILE G 1153 -73.93 74.55 23.58
C ILE G 1153 -72.48 74.30 23.97
N ASP G 1154 -72.25 73.18 24.66
CA ASP G 1154 -70.92 72.75 25.09
C ASP G 1154 -70.70 71.35 24.53
N LEU G 1155 -69.74 71.22 23.61
CA LEU G 1155 -69.44 69.95 22.96
C LEU G 1155 -68.31 69.19 23.65
N THR G 1156 -67.75 69.74 24.73
CA THR G 1156 -66.80 68.99 25.53
C THR G 1156 -67.50 68.20 26.63
N GLU G 1157 -68.50 68.79 27.28
CA GLU G 1157 -69.36 68.08 28.21
C GLU G 1157 -70.65 67.59 27.59
N ASN G 1158 -70.93 67.96 26.34
CA ASN G 1158 -72.12 67.55 25.61
C ASN G 1158 -73.39 67.98 26.36
N THR G 1159 -73.55 69.29 26.51
CA THR G 1159 -74.69 69.86 27.22
C THR G 1159 -75.24 71.05 26.47
N ILE G 1160 -76.50 71.37 26.73
CA ILE G 1160 -77.20 72.51 26.14
C ILE G 1160 -77.85 73.29 27.27
N ILE G 1161 -77.67 74.61 27.26
CA ILE G 1161 -78.16 75.49 28.32
C ILE G 1161 -78.93 76.65 27.71
N PHE G 1162 -80.07 76.98 28.33
CA PHE G 1162 -80.87 78.12 27.94
C PHE G 1162 -80.91 79.12 29.09
N THR G 1163 -80.83 80.41 28.75
CA THR G 1163 -80.92 81.47 29.74
C THR G 1163 -81.94 82.51 29.29
N LEU G 1164 -82.64 83.10 30.26
CA LEU G 1164 -83.65 84.10 30.00
C LEU G 1164 -83.29 85.37 30.76
N ASN G 1165 -82.99 86.43 30.01
CA ASN G 1165 -82.61 87.73 30.59
C ASN G 1165 -81.44 87.60 31.55
N GLY G 1166 -80.48 86.73 31.20
CA GLY G 1166 -79.31 86.51 32.01
C GLY G 1166 -79.49 85.53 33.14
N GLU G 1167 -80.69 84.99 33.33
CA GLU G 1167 -80.95 84.02 34.38
C GLU G 1167 -81.04 82.62 33.79
N VAL G 1168 -80.36 81.68 34.43
CA VAL G 1168 -80.33 80.30 33.95
C VAL G 1168 -81.67 79.64 34.26
N LEU G 1169 -82.26 79.01 33.26
CA LEU G 1169 -83.51 78.29 33.46
C LEU G 1169 -83.22 76.87 33.92
N MET G 1170 -84.01 76.40 34.88
CA MET G 1170 -83.82 75.09 35.48
C MET G 1170 -85.15 74.36 35.53
N SER G 1171 -85.07 73.03 35.54
CA SER G 1171 -86.24 72.18 35.55
C SER G 1171 -86.75 71.99 36.98
N ASP G 1172 -87.75 71.13 37.14
CA ASP G 1172 -88.29 70.84 38.47
C ASP G 1172 -87.26 70.14 39.35
N SER G 1173 -86.45 69.25 38.76
CA SER G 1173 -85.42 68.56 39.53
C SER G 1173 -84.29 69.50 39.97
N GLY G 1174 -84.24 70.72 39.47
CA GLY G 1174 -83.18 71.63 39.83
C GLY G 1174 -81.93 71.52 39.00
N SER G 1175 -81.94 70.69 37.96
CA SER G 1175 -80.78 70.55 37.10
C SER G 1175 -80.54 71.83 36.29
N GLU G 1176 -79.27 72.20 36.17
CA GLU G 1176 -78.93 73.40 35.42
C GLU G 1176 -79.02 73.20 33.91
N THR G 1177 -78.65 72.02 33.42
CA THR G 1177 -78.67 71.75 31.99
C THR G 1177 -80.05 71.28 31.55
N ALA G 1178 -80.46 71.71 30.36
CA ALA G 1178 -81.72 71.27 29.78
C ALA G 1178 -81.59 69.91 29.11
N PHE G 1179 -80.46 69.65 28.45
CA PHE G 1179 -80.22 68.37 27.80
C PHE G 1179 -78.80 67.93 28.09
N ARG G 1180 -78.59 66.62 28.14
CA ARG G 1180 -77.27 66.05 28.39
C ARG G 1180 -77.16 64.71 27.69
N ASP G 1181 -75.92 64.25 27.54
CA ASP G 1181 -75.60 62.99 26.86
C ASP G 1181 -76.15 63.08 25.43
N ILE G 1182 -75.51 63.94 24.65
CA ILE G 1182 -75.85 64.14 23.24
C ILE G 1182 -74.68 63.69 22.39
N GLU G 1183 -74.96 62.85 21.40
CA GLU G 1183 -73.91 62.34 20.52
C GLU G 1183 -73.60 63.38 19.44
N VAL G 1184 -72.31 63.60 19.18
CA VAL G 1184 -71.89 64.71 18.33
C VAL G 1184 -72.41 64.52 16.90
N GLY G 1185 -72.18 63.35 16.33
CA GLY G 1185 -72.64 63.08 14.98
C GLY G 1185 -71.96 64.00 13.98
N ASP G 1186 -72.76 64.69 13.17
CA ASP G 1186 -72.26 65.54 12.12
C ASP G 1186 -72.10 67.00 12.56
N GLY G 1187 -72.76 67.41 13.62
CA GLY G 1187 -72.71 68.79 14.10
C GLY G 1187 -74.09 69.33 14.39
N PHE G 1188 -74.12 70.62 14.70
CA PHE G 1188 -75.36 71.31 15.07
C PHE G 1188 -75.38 72.70 14.45
N LEU G 1189 -76.60 73.20 14.22
CA LEU G 1189 -76.82 74.49 13.60
C LEU G 1189 -77.90 75.26 14.36
N PRO G 1190 -77.83 76.58 14.35
CA PRO G 1190 -78.92 77.38 14.93
C PRO G 1190 -80.19 77.25 14.10
N VAL G 1191 -81.32 77.11 14.78
CA VAL G 1191 -82.62 76.95 14.13
C VAL G 1191 -83.69 77.66 14.95
N CYS G 1192 -84.67 78.23 14.26
CA CYS G 1192 -85.80 78.87 14.91
C CYS G 1192 -87.05 78.60 14.09
N SER G 1193 -88.21 78.69 14.77
CA SER G 1193 -89.49 78.41 14.14
C SER G 1193 -90.51 79.42 14.63
N LEU G 1194 -91.27 79.99 13.70
CA LEU G 1194 -92.23 81.05 13.98
C LEU G 1194 -93.61 80.62 13.52
N GLY G 1195 -94.62 80.90 14.35
CA GLY G 1195 -95.98 80.57 14.05
C GLY G 1195 -96.69 81.70 13.31
N PRO G 1196 -98.01 81.60 13.19
CA PRO G 1196 -98.77 82.63 12.47
C PRO G 1196 -98.78 83.95 13.22
N GLY G 1197 -98.39 85.01 12.53
CA GLY G 1197 -98.46 86.35 13.07
C GLY G 1197 -97.35 86.74 14.01
N GLN G 1198 -96.32 85.90 14.17
CA GLN G 1198 -95.26 86.18 15.13
C GLN G 1198 -94.09 86.89 14.44
N VAL G 1199 -93.32 87.62 15.25
CA VAL G 1199 -92.14 88.35 14.80
C VAL G 1199 -91.02 88.10 15.79
N GLY G 1200 -89.82 87.85 15.28
CA GLY G 1200 -88.67 87.61 16.13
C GLY G 1200 -87.40 88.16 15.51
N HIS G 1201 -86.37 88.25 16.34
CA HIS G 1201 -85.06 88.76 15.93
C HIS G 1201 -83.99 87.77 16.36
N LEU G 1202 -83.00 87.56 15.50
CA LEU G 1202 -81.94 86.59 15.75
C LEU G 1202 -80.59 87.29 15.71
N ASN G 1203 -79.72 86.97 16.66
CA ASN G 1203 -78.39 87.56 16.73
C ASN G 1203 -77.35 86.46 16.91
N LEU G 1204 -76.48 86.31 15.91
CA LEU G 1204 -75.41 85.33 15.94
C LEU G 1204 -74.09 85.91 16.43
N GLY G 1205 -74.07 87.20 16.76
CA GLY G 1205 -72.89 87.80 17.36
C GLY G 1205 -71.77 88.16 16.42
N GLN G 1206 -72.09 88.74 15.26
CA GLN G 1206 -71.04 89.29 14.41
C GLN G 1206 -70.34 90.46 15.09
N ASP G 1207 -71.11 91.32 15.75
CA ASP G 1207 -70.58 92.42 16.54
C ASP G 1207 -70.82 92.09 18.01
N VAL G 1208 -69.74 91.98 18.78
CA VAL G 1208 -69.86 91.58 20.18
C VAL G 1208 -70.61 92.64 20.99
N SER G 1209 -70.43 93.92 20.65
CA SER G 1209 -71.08 94.98 21.40
C SER G 1209 -72.60 94.95 21.25
N SER G 1210 -73.11 94.31 20.19
CA SER G 1210 -74.56 94.25 19.99
C SER G 1210 -75.25 93.30 20.95
N LEU G 1211 -74.55 92.29 21.45
CA LEU G 1211 -75.13 91.37 22.42
C LEU G 1211 -75.39 92.08 23.74
N ARG G 1212 -76.47 91.71 24.41
CA ARG G 1212 -76.92 92.41 25.61
C ARG G 1212 -76.63 91.65 26.90
N PHE G 1213 -76.72 90.32 26.89
CA PHE G 1213 -76.50 89.54 28.09
C PHE G 1213 -75.33 88.56 27.96
N PHE G 1214 -74.45 88.76 26.98
CA PHE G 1214 -73.30 87.88 26.83
C PHE G 1214 -72.33 88.01 28.01
N ALA G 1215 -72.06 89.26 28.42
CA ALA G 1215 -71.11 89.47 29.51
C ALA G 1215 -71.67 89.00 30.85
N ILE G 1216 -72.98 89.11 31.05
CA ILE G 1216 -73.58 88.71 32.32
C ILE G 1216 -73.41 87.21 32.56
N CYS G 1217 -73.64 86.39 31.55
CA CYS G 1217 -73.54 84.94 31.69
C CYS G 1217 -73.04 84.36 30.38
N GLY G 1218 -71.84 83.78 30.39
CA GLY G 1218 -71.30 83.14 29.20
C GLY G 1218 -69.88 83.54 28.87
N LEU G 1219 -69.53 84.80 29.15
CA LEU G 1219 -68.19 85.27 28.83
C LEU G 1219 -67.13 84.57 29.67
N GLN G 1220 -67.33 84.55 30.99
CA GLN G 1220 -66.34 83.96 31.88
C GLN G 1220 -66.32 82.44 31.81
N GLU G 1221 -67.42 81.81 31.41
CA GLU G 1221 -67.46 80.36 31.30
C GLU G 1221 -66.68 79.84 30.09
N GLY G 1222 -66.24 80.71 29.20
CA GLY G 1222 -65.47 80.29 28.05
C GLY G 1222 -66.27 80.06 26.79
N PHE G 1223 -67.43 80.70 26.65
CA PHE G 1223 -68.26 80.55 25.46
C PHE G 1223 -67.97 81.68 24.48
N GLU G 1224 -68.16 81.38 23.19
CA GLU G 1224 -67.86 82.32 22.13
C GLU G 1224 -69.09 82.57 21.27
N PRO G 1225 -69.24 83.78 20.73
CA PRO G 1225 -70.35 84.02 19.77
C PRO G 1225 -70.18 83.16 18.53
N PHE G 1226 -71.31 82.78 17.95
CA PHE G 1226 -71.30 81.84 16.83
C PHE G 1226 -70.60 82.43 15.61
N ALA G 1227 -70.90 83.68 15.27
CA ALA G 1227 -70.41 84.29 14.05
C ALA G 1227 -69.24 85.24 14.29
N ILE G 1228 -68.37 84.93 15.24
CA ILE G 1228 -67.22 85.80 15.51
C ILE G 1228 -66.15 85.56 14.45
N ASN G 1229 -65.39 86.62 14.17
CA ASN G 1229 -64.29 86.58 13.19
C ASN G 1229 -64.78 86.13 11.82
N MET G 1230 -65.89 86.69 11.37
CA MET G 1230 -66.45 86.40 10.05
C MET G 1230 -66.59 87.70 9.27
N GLN G 1231 -66.19 87.65 7.99
CA GLN G 1231 -66.21 88.85 7.17
C GLN G 1231 -67.61 89.22 6.69
N ARG G 1232 -68.46 88.22 6.46
CA ARG G 1232 -69.78 88.44 5.88
C ARG G 1232 -70.85 87.79 6.74
N PRO G 1233 -72.08 88.31 6.70
CA PRO G 1233 -73.16 87.72 7.50
C PRO G 1233 -73.45 86.28 7.10
N VAL G 1234 -73.91 85.50 8.07
CA VAL G 1234 -74.16 84.08 7.86
C VAL G 1234 -75.37 83.90 6.95
N THR G 1235 -75.25 82.99 5.98
CA THR G 1235 -76.36 82.70 5.08
C THR G 1235 -77.41 81.87 5.80
N THR G 1236 -78.68 82.13 5.49
CA THR G 1236 -79.81 81.51 6.16
C THR G 1236 -80.71 80.83 5.14
N TRP G 1237 -81.24 79.67 5.49
CA TRP G 1237 -82.21 78.96 4.67
C TRP G 1237 -83.54 78.89 5.42
N PHE G 1238 -84.63 78.78 4.64
CA PHE G 1238 -85.96 78.76 5.25
C PHE G 1238 -86.84 77.75 4.53
N SER G 1239 -87.93 77.39 5.20
CA SER G 1239 -88.86 76.39 4.68
C SER G 1239 -89.87 77.07 3.76
N LYS G 1240 -89.97 76.59 2.53
CA LYS G 1240 -90.84 77.16 1.51
C LYS G 1240 -92.02 76.22 1.28
N SER G 1241 -93.24 76.74 1.43
CA SER G 1241 -94.45 75.94 1.31
C SER G 1241 -95.06 76.08 -0.08
N LEU G 1242 -94.37 75.52 -1.07
CA LEU G 1242 -94.86 75.46 -2.43
C LEU G 1242 -94.70 74.03 -2.94
N PRO G 1243 -95.80 73.30 -3.21
CA PRO G 1243 -95.66 71.90 -3.59
C PRO G 1243 -94.86 71.72 -4.87
N GLN G 1244 -94.05 70.66 -4.90
CA GLN G 1244 -93.22 70.35 -6.06
C GLN G 1244 -93.21 68.84 -6.28
N PHE G 1245 -92.96 68.44 -7.52
CA PHE G 1245 -92.92 67.01 -7.84
C PHE G 1245 -91.51 66.46 -7.61
N GLU G 1246 -91.43 65.36 -6.88
CA GLU G 1246 -90.15 64.75 -6.56
C GLU G 1246 -90.25 63.24 -6.70
N ALA G 1247 -89.11 62.60 -6.93
CA ALA G 1247 -89.06 61.16 -7.11
C ALA G 1247 -89.40 60.44 -5.81
N VAL G 1248 -90.04 59.29 -5.93
CA VAL G 1248 -90.43 58.47 -4.79
C VAL G 1248 -89.19 57.84 -4.18
N PRO G 1249 -88.97 57.99 -2.88
CA PRO G 1249 -87.78 57.38 -2.26
C PRO G 1249 -87.81 55.86 -2.36
N LEU G 1250 -86.62 55.27 -2.44
CA LEU G 1250 -86.50 53.83 -2.60
C LEU G 1250 -86.92 53.07 -1.34
N GLU G 1251 -87.01 53.75 -0.20
CA GLU G 1251 -87.37 53.12 1.07
C GLU G 1251 -88.51 53.86 1.76
N HIS G 1252 -89.55 54.20 0.99
CA HIS G 1252 -90.70 54.88 1.58
C HIS G 1252 -91.48 53.91 2.47
N PRO G 1253 -91.96 54.37 3.62
CA PRO G 1253 -92.68 53.46 4.53
C PRO G 1253 -93.94 52.85 3.96
N HIS G 1254 -94.66 53.55 3.08
CA HIS G 1254 -96.00 53.12 2.71
C HIS G 1254 -96.16 52.75 1.23
N TYR G 1255 -95.40 53.35 0.33
CA TYR G 1255 -95.62 53.18 -1.10
C TYR G 1255 -94.45 52.45 -1.73
N GLU G 1256 -94.74 51.64 -2.75
CA GLU G 1256 -93.71 50.91 -3.48
C GLU G 1256 -93.97 51.01 -4.97
N VAL G 1257 -92.92 51.27 -5.74
CA VAL G 1257 -93.00 51.40 -7.20
C VAL G 1257 -92.18 50.27 -7.82
N SER G 1258 -92.78 49.58 -8.79
CA SER G 1258 -92.13 48.44 -9.44
C SER G 1258 -92.11 48.64 -10.95
N ARG G 1259 -91.04 48.18 -11.58
CA ARG G 1259 -90.89 48.20 -13.03
C ARG G 1259 -91.10 46.79 -13.56
N VAL G 1260 -91.98 46.65 -14.55
CA VAL G 1260 -92.33 45.35 -15.11
C VAL G 1260 -91.93 45.34 -16.59
N ASP G 1261 -91.17 44.32 -16.97
CA ASP G 1261 -90.70 44.18 -18.34
C ASP G 1261 -91.83 43.68 -19.25
N GLY G 1262 -91.64 43.88 -20.55
CA GLY G 1262 -92.69 43.52 -21.49
C GLY G 1262 -92.53 42.08 -21.95
N THR G 1263 -93.63 41.33 -21.90
CA THR G 1263 -93.66 39.95 -22.37
C THR G 1263 -94.09 39.91 -23.84
N VAL G 1264 -94.38 38.70 -24.32
CA VAL G 1264 -94.77 38.54 -25.72
C VAL G 1264 -96.13 39.19 -25.99
N ASP G 1265 -96.93 39.39 -24.95
CA ASP G 1265 -98.27 39.94 -25.11
C ASP G 1265 -98.52 41.18 -24.26
N THR G 1266 -97.54 41.65 -23.50
CA THR G 1266 -97.72 42.79 -22.64
C THR G 1266 -96.61 43.81 -22.86
N PRO G 1267 -96.90 45.09 -22.67
CA PRO G 1267 -95.87 46.12 -22.76
C PRO G 1267 -95.21 46.36 -21.42
N PRO G 1268 -94.09 47.07 -21.38
CA PRO G 1268 -93.50 47.43 -20.09
C PRO G 1268 -94.43 48.33 -19.29
N CYS G 1269 -94.38 48.20 -17.97
CA CYS G 1269 -95.33 48.87 -17.10
C CYS G 1269 -94.64 49.40 -15.85
N LEU G 1270 -95.26 50.40 -15.25
CA LEU G 1270 -94.85 50.93 -13.96
C LEU G 1270 -96.01 50.79 -12.97
N ARG G 1271 -95.81 49.97 -11.95
CA ARG G 1271 -96.90 49.55 -11.07
C ARG G 1271 -96.72 50.17 -9.69
N LEU G 1272 -97.82 50.63 -9.09
CA LEU G 1272 -97.78 51.21 -7.75
C LEU G 1272 -98.49 50.25 -6.79
N THR G 1273 -97.94 50.09 -5.59
CA THR G 1273 -98.53 49.22 -4.58
C THR G 1273 -98.39 49.83 -3.19
N HIS G 1274 -99.32 49.43 -2.32
CA HIS G 1274 -99.39 49.91 -0.94
C HIS G 1274 -98.81 48.85 -0.02
N ARG G 1275 -97.95 49.27 0.91
CA ARG G 1275 -97.23 48.32 1.75
C ARG G 1275 -97.98 47.93 3.01
N THR G 1276 -98.72 48.87 3.61
CA THR G 1276 -99.32 48.67 4.93
C THR G 1276 -100.82 48.92 4.89
N TRP G 1277 -101.51 48.32 3.93
CA TRP G 1277 -102.93 48.60 3.73
C TRP G 1277 -103.77 48.20 4.94
N GLY G 1278 -103.47 47.04 5.54
CA GLY G 1278 -104.30 46.51 6.60
C GLY G 1278 -103.81 46.74 8.01
N SER G 1279 -102.62 47.31 8.19
CA SER G 1279 -102.06 47.46 9.53
C SER G 1279 -102.77 48.58 10.29
N GLN G 1280 -102.43 48.70 11.58
CA GLN G 1280 -103.04 49.73 12.42
C GLN G 1280 -102.51 51.11 12.07
N ASN G 1281 -101.25 51.22 11.65
CA ASN G 1281 -100.62 52.49 11.33
C ASN G 1281 -100.72 52.83 9.85
N SER G 1282 -101.78 52.39 9.18
CA SER G 1282 -101.95 52.68 7.77
C SER G 1282 -102.21 54.16 7.54
N LEU G 1283 -101.70 54.68 6.43
CA LEU G 1283 -101.89 56.06 6.03
C LEU G 1283 -102.68 56.09 4.72
N VAL G 1284 -103.81 56.77 4.72
CA VAL G 1284 -104.69 56.85 3.56
C VAL G 1284 -104.95 58.31 3.26
N GLU G 1285 -104.55 58.78 2.08
CA GLU G 1285 -104.77 60.14 1.66
C GLU G 1285 -104.55 60.23 0.15
N MET G 1286 -104.90 61.39 -0.41
CA MET G 1286 -104.82 61.58 -1.85
C MET G 1286 -103.37 61.53 -2.32
N LEU G 1287 -103.17 61.03 -3.55
CA LEU G 1287 -101.85 60.91 -4.15
C LEU G 1287 -101.89 61.56 -5.53
N PHE G 1288 -100.92 62.44 -5.79
CA PHE G 1288 -100.75 63.10 -7.07
C PHE G 1288 -99.45 62.62 -7.70
N LEU G 1289 -99.55 61.82 -8.76
CA LEU G 1289 -98.40 61.19 -9.39
C LEU G 1289 -98.30 61.64 -10.84
N ARG G 1290 -97.07 61.76 -11.32
CA ARG G 1290 -96.81 62.14 -12.70
C ARG G 1290 -95.57 61.41 -13.22
N LEU G 1291 -95.38 61.46 -14.52
CA LEU G 1291 -94.17 60.91 -15.12
C LEU G 1291 -93.09 61.99 -15.23
N SER G 1292 -91.87 61.54 -15.55
CA SER G 1292 -90.71 62.40 -15.42
C SER G 1292 -90.43 63.26 -16.64
N LEU G 1293 -90.85 62.83 -17.83
CA LEU G 1293 -90.47 63.57 -19.03
C LEU G 1293 -91.70 63.97 -19.82
N PRO G 1294 -91.68 65.16 -20.43
CA PRO G 1294 -92.86 65.67 -21.13
C PRO G 1294 -92.84 65.35 -22.62
N VAL G 1295 -93.96 65.66 -23.27
CA VAL G 1295 -94.07 65.70 -24.71
C VAL G 1295 -94.33 67.14 -25.13
N GLN G 1296 -93.93 67.48 -26.35
CA GLN G 1296 -93.99 68.85 -26.84
C GLN G 1296 -94.70 68.90 -28.18
N PHE G 1297 -95.56 69.89 -28.35
CA PHE G 1297 -96.26 70.09 -29.61
C PHE G 1297 -95.39 70.89 -30.58
N HIS G 1298 -95.75 70.82 -31.86
CA HIS G 1298 -94.97 71.46 -32.90
C HIS G 1298 -95.17 72.98 -32.86
N GLN G 1299 -94.32 73.68 -33.62
CA GLN G 1299 -94.42 75.13 -33.71
C GLN G 1299 -95.58 75.57 -34.60
N HIS G 1300 -95.87 74.81 -35.64
CA HIS G 1300 -96.93 75.14 -36.58
C HIS G 1300 -97.97 74.02 -36.60
N PHE G 1301 -99.22 74.40 -36.83
CA PHE G 1301 -100.33 73.45 -36.95
C PHE G 1301 -100.80 73.41 -38.40
N ARG G 1302 -100.92 72.21 -38.94
CA ARG G 1302 -101.37 72.04 -40.32
C ARG G 1302 -101.98 70.65 -40.52
N ARG G 1421 -99.42 44.22 -37.59
CA ARG G 1421 -100.46 44.45 -38.58
C ARG G 1421 -100.40 45.88 -39.13
N ASP G 1422 -99.38 46.62 -38.69
CA ASP G 1422 -99.23 48.00 -39.14
C ASP G 1422 -98.53 48.04 -40.49
N ASP G 1423 -99.05 48.88 -41.39
CA ASP G 1423 -98.38 49.11 -42.66
C ASP G 1423 -97.40 50.26 -42.50
N PRO G 1424 -96.15 50.09 -42.94
CA PRO G 1424 -95.13 51.12 -42.66
C PRO G 1424 -95.45 52.48 -43.25
N ASP G 1425 -96.12 52.54 -44.39
CA ASP G 1425 -96.37 53.83 -45.05
C ASP G 1425 -97.18 54.76 -44.15
N ILE G 1426 -98.21 54.24 -43.50
CA ILE G 1426 -99.00 55.06 -42.58
C ILE G 1426 -98.20 55.36 -41.31
N ILE G 1427 -97.52 54.37 -40.75
CA ILE G 1427 -96.98 54.51 -39.40
C ILE G 1427 -95.70 55.33 -39.38
N LEU G 1428 -95.06 55.53 -40.54
CA LEU G 1428 -93.83 56.33 -40.54
C LEU G 1428 -94.08 57.82 -40.46
N ASN G 1429 -95.31 58.29 -40.71
CA ASN G 1429 -95.60 59.72 -40.65
C ASN G 1429 -96.93 59.97 -39.96
N THR G 1430 -97.16 59.29 -38.83
CA THR G 1430 -98.47 59.35 -38.19
C THR G 1430 -98.61 60.56 -37.27
N THR G 1431 -97.60 60.84 -36.45
CA THR G 1431 -97.58 61.94 -35.48
C THR G 1431 -98.74 61.87 -34.49
N THR G 1432 -99.20 60.68 -34.13
CA THR G 1432 -100.22 60.49 -33.10
C THR G 1432 -99.69 59.49 -32.08
N TYR G 1433 -99.90 59.79 -30.79
CA TYR G 1433 -99.28 59.00 -29.72
C TYR G 1433 -100.31 58.60 -28.69
N TYR G 1434 -100.04 57.45 -28.04
CA TYR G 1434 -101.00 56.75 -27.20
C TYR G 1434 -100.36 56.36 -25.88
N TYR G 1435 -101.19 56.23 -24.84
CA TYR G 1435 -100.75 55.95 -23.49
C TYR G 1435 -101.89 55.32 -22.72
N SER G 1436 -101.59 54.46 -21.74
CA SER G 1436 -102.67 53.73 -21.09
C SER G 1436 -102.47 53.64 -19.58
N VAL G 1437 -103.58 53.49 -18.86
CA VAL G 1437 -103.58 53.31 -17.41
C VAL G 1437 -104.53 52.16 -17.08
N ARG G 1438 -104.09 51.26 -16.22
CA ARG G 1438 -104.89 50.14 -15.75
C ARG G 1438 -105.18 50.27 -14.27
N VAL G 1439 -106.46 50.15 -13.91
CA VAL G 1439 -106.92 50.15 -12.53
C VAL G 1439 -107.39 48.74 -12.19
N PHE G 1440 -106.80 48.16 -11.16
CA PHE G 1440 -107.08 46.79 -10.78
C PHE G 1440 -108.43 46.67 -10.08
N ALA G 1441 -108.98 45.45 -10.12
CA ALA G 1441 -110.21 45.17 -9.39
C ALA G 1441 -109.96 45.28 -7.90
N GLY G 1442 -110.90 45.92 -7.19
CA GLY G 1442 -110.77 46.23 -5.78
C GLY G 1442 -110.56 47.71 -5.51
N GLN G 1443 -109.85 48.39 -6.40
CA GLN G 1443 -109.70 49.84 -6.31
C GLN G 1443 -110.94 50.49 -6.94
N GLU G 1444 -111.59 51.36 -6.19
CA GLU G 1444 -112.84 51.97 -6.65
C GLU G 1444 -112.56 52.88 -7.84
N PRO G 1445 -113.21 52.68 -8.99
CA PRO G 1445 -113.01 53.60 -10.11
C PRO G 1445 -113.57 54.99 -9.86
N SER G 1446 -114.32 55.19 -8.79
CA SER G 1446 -114.87 56.51 -8.48
C SER G 1446 -113.85 57.44 -7.84
N CYS G 1447 -112.64 56.96 -7.54
CA CYS G 1447 -111.62 57.75 -6.87
C CYS G 1447 -110.34 57.87 -7.70
N VAL G 1448 -110.45 57.89 -9.03
CA VAL G 1448 -109.29 57.97 -9.91
C VAL G 1448 -109.55 59.03 -10.97
N TRP G 1449 -108.56 59.90 -11.18
CA TRP G 1449 -108.57 60.87 -12.25
C TRP G 1449 -107.31 60.67 -13.09
N VAL G 1450 -107.47 60.66 -14.42
CA VAL G 1450 -106.39 60.30 -15.33
C VAL G 1450 -106.24 61.38 -16.39
N GLY G 1451 -105.00 61.79 -16.68
CA GLY G 1451 -104.80 62.72 -17.77
C GLY G 1451 -103.43 63.34 -17.90
N TRP G 1452 -103.39 64.63 -18.20
CA TRP G 1452 -102.15 65.36 -18.41
C TRP G 1452 -102.12 66.63 -17.56
N VAL G 1453 -100.92 67.05 -17.21
CA VAL G 1453 -100.70 68.27 -16.44
C VAL G 1453 -99.63 69.10 -17.14
N THR G 1454 -99.63 70.40 -16.83
CA THR G 1454 -98.63 71.31 -17.36
C THR G 1454 -97.52 71.49 -16.33
N PRO G 1455 -96.40 72.12 -16.72
CA PRO G 1455 -95.29 72.27 -15.76
C PRO G 1455 -95.62 73.08 -14.52
N ASP G 1456 -96.71 73.85 -14.53
CA ASP G 1456 -97.01 74.79 -13.45
C ASP G 1456 -98.19 74.35 -12.58
N TYR G 1457 -98.32 73.06 -12.30
CA TYR G 1457 -99.35 72.59 -11.38
C TYR G 1457 -98.77 72.52 -9.96
N HIS G 1458 -99.44 73.18 -9.02
CA HIS G 1458 -98.91 73.28 -7.66
C HIS G 1458 -100.01 73.15 -6.60
N GLN G 1459 -101.05 72.36 -6.86
CA GLN G 1459 -102.17 72.24 -5.94
C GLN G 1459 -102.09 70.93 -5.17
N HIS G 1460 -101.81 71.03 -3.88
CA HIS G 1460 -101.85 69.89 -2.96
C HIS G 1460 -103.15 69.92 -2.17
N ASP G 1461 -104.24 69.51 -2.81
CA ASP G 1461 -105.57 69.60 -2.24
C ASP G 1461 -106.03 68.21 -1.79
N MET G 1462 -106.52 68.13 -0.55
CA MET G 1462 -106.95 66.84 -0.01
C MET G 1462 -108.41 66.55 -0.31
N ASN G 1463 -109.14 67.49 -0.91
CA ASN G 1463 -110.53 67.29 -1.27
C ASN G 1463 -110.71 67.53 -2.77
N PHE G 1464 -109.82 66.95 -3.57
CA PHE G 1464 -109.78 67.26 -5.00
C PHE G 1464 -111.08 66.86 -5.70
N ASP G 1465 -111.45 67.66 -6.70
CA ASP G 1465 -112.62 67.42 -7.52
C ASP G 1465 -112.40 68.15 -8.84
N LEU G 1466 -113.11 67.71 -9.88
CA LEU G 1466 -112.92 68.30 -11.20
C LEU G 1466 -113.40 69.74 -11.26
N THR G 1467 -114.12 70.21 -10.25
CA THR G 1467 -114.52 71.60 -10.18
C THR G 1467 -113.48 72.49 -9.53
N LYS G 1468 -112.39 71.92 -9.02
CA LYS G 1468 -111.32 72.69 -8.39
C LYS G 1468 -110.25 73.12 -9.38
N VAL G 1469 -110.35 72.72 -10.65
CA VAL G 1469 -109.31 72.99 -11.62
C VAL G 1469 -109.35 74.45 -12.05
N ARG G 1470 -108.19 75.11 -12.02
CA ARG G 1470 -108.10 76.48 -12.48
C ARG G 1470 -108.39 76.57 -13.97
N ALA G 1471 -109.16 77.59 -14.36
CA ALA G 1471 -109.48 77.80 -15.76
C ALA G 1471 -109.80 79.27 -15.99
N VAL G 1472 -109.62 79.72 -17.23
CA VAL G 1472 -109.91 81.09 -17.61
C VAL G 1472 -110.17 81.13 -19.11
N THR G 1473 -110.83 82.19 -19.56
CA THR G 1473 -111.10 82.40 -20.98
C THR G 1473 -110.69 83.82 -21.35
N VAL G 1474 -109.93 83.95 -22.44
CA VAL G 1474 -109.49 85.24 -22.94
C VAL G 1474 -110.18 85.46 -24.28
N THR G 1475 -110.88 86.59 -24.41
CA THR G 1475 -111.67 86.89 -25.59
C THR G 1475 -111.17 88.18 -26.22
N MET G 1476 -110.96 88.16 -27.53
CA MET G 1476 -110.54 89.33 -28.29
C MET G 1476 -111.69 89.77 -29.19
N GLY G 1477 -111.87 91.08 -29.32
CA GLY G 1477 -112.97 91.63 -30.09
C GLY G 1477 -112.51 92.79 -30.96
N ASP G 1478 -113.44 93.27 -31.76
CA ASP G 1478 -113.21 94.40 -32.65
C ASP G 1478 -113.88 95.66 -32.10
N GLU G 1479 -113.66 96.77 -32.79
CA GLU G 1479 -114.24 98.04 -32.37
C GLU G 1479 -115.77 98.03 -32.50
N GLN G 1480 -116.30 97.34 -33.49
CA GLN G 1480 -117.74 97.30 -33.72
C GLN G 1480 -118.45 96.26 -32.87
N GLY G 1481 -117.72 95.50 -32.05
CA GLY G 1481 -118.33 94.50 -31.20
C GLY G 1481 -118.22 93.08 -31.70
N ASN G 1482 -117.60 92.85 -32.85
CA ASN G 1482 -117.42 91.49 -33.33
C ASN G 1482 -116.19 90.86 -32.69
N ILE G 1483 -116.38 89.64 -32.17
CA ILE G 1483 -115.32 88.92 -31.47
C ILE G 1483 -114.55 88.09 -32.47
N HIS G 1484 -113.22 88.14 -32.40
CA HIS G 1484 -112.37 87.40 -33.31
C HIS G 1484 -112.03 86.00 -32.79
N SER G 1485 -111.60 85.91 -31.53
CA SER G 1485 -111.17 84.64 -30.98
C SER G 1485 -111.48 84.59 -29.49
N SER G 1486 -111.64 83.36 -28.99
CA SER G 1486 -111.81 83.10 -27.58
C SER G 1486 -111.04 81.84 -27.24
N LEU G 1487 -110.08 81.94 -26.31
CA LEU G 1487 -109.20 80.84 -25.97
C LEU G 1487 -109.39 80.48 -24.50
N LYS G 1488 -109.28 79.18 -24.22
CA LYS G 1488 -109.43 78.67 -22.86
C LYS G 1488 -108.07 78.22 -22.34
N CYS G 1489 -107.72 78.66 -21.13
CA CYS G 1489 -106.46 78.35 -20.50
C CYS G 1489 -106.69 77.60 -19.20
N SER G 1490 -105.88 76.56 -18.99
CA SER G 1490 -105.94 75.72 -17.80
C SER G 1490 -104.59 75.06 -17.61
N ASN G 1491 -104.48 74.27 -16.54
CA ASN G 1491 -103.25 73.54 -16.25
C ASN G 1491 -103.48 72.08 -15.89
N CYS G 1492 -104.64 71.51 -16.22
CA CYS G 1492 -104.96 70.13 -15.91
C CYS G 1492 -106.03 69.65 -16.88
N TYR G 1493 -105.73 68.58 -17.61
CA TYR G 1493 -106.66 68.02 -18.59
C TYR G 1493 -106.87 66.56 -18.21
N MET G 1494 -107.98 66.27 -17.52
CA MET G 1494 -108.18 64.95 -16.94
C MET G 1494 -109.61 64.48 -17.16
N VAL G 1495 -109.80 63.19 -16.95
CA VAL G 1495 -111.11 62.55 -16.97
C VAL G 1495 -111.28 61.77 -15.67
N TRP G 1496 -112.54 61.63 -15.27
CA TRP G 1496 -112.90 60.98 -14.01
C TRP G 1496 -113.37 59.56 -14.27
N GLY G 1497 -112.95 58.63 -13.41
CA GLY G 1497 -113.32 57.24 -13.56
C GLY G 1497 -114.81 56.97 -13.43
N GLY G 1498 -115.50 57.75 -12.60
CA GLY G 1498 -116.92 57.53 -12.38
C GLY G 1498 -117.77 57.67 -13.62
N ASP G 1499 -117.26 58.35 -14.65
CA ASP G 1499 -117.99 58.46 -15.90
C ASP G 1499 -118.06 57.14 -16.66
N PHE G 1500 -117.17 56.19 -16.35
CA PHE G 1500 -117.12 54.92 -17.08
C PHE G 1500 -117.62 53.74 -16.27
N VAL G 1501 -118.21 53.98 -15.09
CA VAL G 1501 -118.76 52.88 -14.32
C VAL G 1501 -120.07 52.43 -14.96
N SER G 1502 -120.39 51.14 -14.78
CA SER G 1502 -121.63 50.61 -15.35
C SER G 1502 -122.83 51.22 -14.64
N PRO G 1503 -123.90 51.54 -15.36
CA PRO G 1503 -125.10 52.09 -14.71
C PRO G 1503 -125.67 51.11 -13.68
N GLY G 1504 -126.09 51.65 -12.54
CA GLY G 1504 -126.66 50.83 -11.49
C GLY G 1504 -125.70 49.84 -10.87
N GLN G 1505 -124.39 50.07 -10.99
CA GLN G 1505 -123.41 49.14 -10.43
C GLN G 1505 -123.48 49.15 -8.91
N GLN G 1506 -123.39 47.96 -8.32
CA GLN G 1506 -123.46 47.82 -6.87
C GLN G 1506 -122.08 47.90 -6.23
N GLY G 1507 -121.39 49.02 -6.43
CA GLY G 1507 -120.10 49.21 -5.81
C GLY G 1507 -119.03 48.31 -6.42
N ARG G 1508 -118.05 47.96 -5.59
CA ARG G 1508 -116.90 47.17 -6.03
C ARG G 1508 -117.21 45.68 -6.03
N ILE G 1509 -118.51 45.34 -6.05
CA ILE G 1509 -118.91 43.93 -6.08
C ILE G 1509 -118.35 43.23 -7.31
N SER G 1510 -118.35 43.92 -8.46
CA SER G 1510 -117.83 43.36 -9.70
C SER G 1510 -116.31 43.44 -9.67
N HIS G 1511 -115.65 42.29 -9.84
CA HIS G 1511 -114.19 42.23 -9.80
C HIS G 1511 -113.66 42.21 -11.24
N THR G 1512 -113.64 43.40 -11.84
CA THR G 1512 -113.14 43.57 -13.19
C THR G 1512 -112.23 44.78 -13.26
N ASP G 1513 -111.15 44.66 -14.03
CA ASP G 1513 -110.19 45.74 -14.18
C ASP G 1513 -110.70 46.76 -15.20
N LEU G 1514 -110.18 47.98 -15.09
CA LEU G 1514 -110.56 49.07 -15.99
C LEU G 1514 -109.32 49.59 -16.70
N VAL G 1515 -109.45 49.82 -18.01
CA VAL G 1515 -108.33 50.31 -18.82
C VAL G 1515 -108.77 51.60 -19.49
N ILE G 1516 -107.98 52.66 -19.31
CA ILE G 1516 -108.27 53.97 -19.89
C ILE G 1516 -107.09 54.37 -20.76
N GLY G 1517 -107.38 54.76 -21.99
CA GLY G 1517 -106.35 55.14 -22.95
C GLY G 1517 -106.47 56.60 -23.34
N CYS G 1518 -105.33 57.24 -23.55
CA CYS G 1518 -105.25 58.64 -23.95
C CYS G 1518 -104.48 58.75 -25.24
N LEU G 1519 -105.00 59.57 -26.16
CA LEU G 1519 -104.40 59.81 -27.46
C LEU G 1519 -104.17 61.30 -27.65
N VAL G 1520 -103.00 61.65 -28.20
CA VAL G 1520 -102.66 63.04 -28.47
C VAL G 1520 -102.13 63.16 -29.89
N ASP G 1521 -102.50 64.25 -30.57
CA ASP G 1521 -101.99 64.56 -31.90
C ASP G 1521 -101.09 65.79 -31.77
N LEU G 1522 -99.79 65.59 -31.98
CA LEU G 1522 -98.83 66.67 -31.81
C LEU G 1522 -98.84 67.69 -32.95
N ALA G 1523 -99.52 67.39 -34.05
CA ALA G 1523 -99.56 68.29 -35.20
C ALA G 1523 -100.80 69.16 -35.26
N THR G 1524 -101.87 68.77 -34.58
CA THR G 1524 -103.10 69.55 -34.56
C THR G 1524 -103.51 70.03 -33.17
N GLY G 1525 -102.90 69.51 -32.11
CA GLY G 1525 -103.23 69.94 -30.76
C GLY G 1525 -104.50 69.34 -30.19
N LEU G 1526 -104.89 68.14 -30.61
CA LEU G 1526 -106.12 67.51 -30.16
C LEU G 1526 -105.81 66.34 -29.25
N MET G 1527 -106.51 66.29 -28.11
CA MET G 1527 -106.36 65.23 -27.12
C MET G 1527 -107.70 64.56 -26.90
N THR G 1528 -107.71 63.22 -26.93
CA THR G 1528 -108.93 62.44 -26.80
C THR G 1528 -108.68 61.26 -25.86
N PHE G 1529 -109.78 60.67 -25.40
CA PHE G 1529 -109.74 59.58 -24.42
C PHE G 1529 -110.64 58.44 -24.87
N THR G 1530 -110.27 57.21 -24.50
CA THR G 1530 -111.07 56.03 -24.74
C THR G 1530 -111.11 55.18 -23.47
N ALA G 1531 -112.19 54.42 -23.31
CA ALA G 1531 -112.37 53.54 -22.16
C ALA G 1531 -112.87 52.19 -22.63
N ASN G 1532 -112.12 51.13 -22.31
CA ASN G 1532 -112.49 49.75 -22.65
C ASN G 1532 -112.76 49.60 -24.14
N GLY G 1533 -111.99 50.30 -24.96
CA GLY G 1533 -112.16 50.26 -26.40
C GLY G 1533 -113.28 51.13 -26.94
N LYS G 1534 -113.97 51.86 -26.08
CA LYS G 1534 -115.08 52.72 -26.51
C LYS G 1534 -114.66 54.18 -26.48
N GLU G 1535 -115.22 54.96 -27.39
CA GLU G 1535 -114.92 56.38 -27.46
C GLU G 1535 -115.56 57.13 -26.30
N SER G 1536 -115.11 58.36 -26.10
CA SER G 1536 -115.68 59.25 -25.09
C SER G 1536 -115.98 60.60 -25.73
N ASN G 1537 -116.93 61.32 -25.14
CA ASN G 1537 -117.35 62.59 -25.70
C ASN G 1537 -116.42 63.75 -25.32
N THR G 1538 -115.55 63.56 -24.34
CA THR G 1538 -114.67 64.63 -23.92
C THR G 1538 -113.46 64.73 -24.83
N PHE G 1539 -113.02 65.96 -25.08
CA PHE G 1539 -111.85 66.22 -25.92
C PHE G 1539 -111.26 67.56 -25.51
N PHE G 1540 -109.98 67.75 -25.86
CA PHE G 1540 -109.29 68.98 -25.50
C PHE G 1540 -108.48 69.50 -26.67
N GLN G 1541 -108.30 70.82 -26.71
CA GLN G 1541 -107.56 71.53 -27.73
C GLN G 1541 -106.56 72.46 -27.07
N VAL G 1542 -105.32 72.45 -27.54
CA VAL G 1542 -104.24 73.23 -26.95
C VAL G 1542 -103.51 74.01 -28.02
N GLU G 1543 -102.74 75.00 -27.57
CA GLU G 1543 -101.98 75.88 -28.45
C GLU G 1543 -100.61 75.27 -28.78
N PRO G 1544 -99.96 75.75 -29.84
CA PRO G 1544 -98.64 75.22 -30.19
C PRO G 1544 -97.61 75.52 -29.12
N ASN G 1545 -96.55 74.71 -29.12
CA ASN G 1545 -95.41 74.86 -28.20
C ASN G 1545 -95.80 74.65 -26.75
N THR G 1546 -96.52 73.56 -26.47
CA THR G 1546 -96.98 73.27 -25.12
C THR G 1546 -96.35 71.98 -24.61
N LYS G 1547 -96.03 71.94 -23.32
CA LYS G 1547 -95.46 70.77 -22.68
C LYS G 1547 -96.53 70.09 -21.82
N LEU G 1548 -96.58 68.76 -21.86
CA LEU G 1548 -97.55 67.99 -21.10
C LEU G 1548 -96.87 66.81 -20.44
N PHE G 1549 -97.32 66.49 -19.21
CA PHE G 1549 -96.86 65.36 -18.42
C PHE G 1549 -98.01 64.41 -18.15
N PRO G 1550 -97.83 63.11 -18.41
CA PRO G 1550 -98.84 62.14 -17.97
C PRO G 1550 -98.96 62.13 -16.45
N ALA G 1551 -100.20 62.05 -15.96
CA ALA G 1551 -100.45 62.19 -14.54
C ALA G 1551 -101.71 61.45 -14.13
N VAL G 1552 -101.70 60.98 -12.88
CA VAL G 1552 -102.82 60.26 -12.27
C VAL G 1552 -103.00 60.78 -10.85
N PHE G 1553 -104.24 61.07 -10.47
CA PHE G 1553 -104.60 61.43 -9.11
C PHE G 1553 -105.47 60.32 -8.54
N VAL G 1554 -105.11 59.81 -7.37
CA VAL G 1554 -105.73 58.60 -6.85
C VAL G 1554 -105.97 58.71 -5.35
N LEU G 1555 -106.87 57.88 -4.84
CA LEU G 1555 -107.08 57.70 -3.41
C LEU G 1555 -107.13 56.21 -3.14
N PRO G 1556 -106.12 55.63 -2.48
CA PRO G 1556 -106.04 54.17 -2.36
C PRO G 1556 -107.20 53.59 -1.58
N THR G 1557 -107.71 52.45 -2.06
CA THR G 1557 -108.73 51.67 -1.37
C THR G 1557 -108.45 50.18 -1.39
N HIS G 1558 -107.26 49.77 -1.84
CA HIS G 1558 -106.95 48.36 -2.00
C HIS G 1558 -105.43 48.19 -2.01
N GLN G 1559 -104.99 46.93 -1.87
CA GLN G 1559 -103.56 46.65 -1.85
C GLN G 1559 -102.90 47.04 -3.16
N ASN G 1560 -103.52 46.71 -4.28
CA ASN G 1560 -103.01 47.05 -5.60
C ASN G 1560 -103.83 48.20 -6.16
N VAL G 1561 -103.17 49.26 -6.62
CA VAL G 1561 -103.88 50.47 -6.98
C VAL G 1561 -103.92 50.74 -8.48
N ILE G 1562 -102.77 51.00 -9.10
CA ILE G 1562 -102.73 51.45 -10.49
C ILE G 1562 -101.46 50.98 -11.19
N GLN G 1563 -101.51 51.00 -12.52
CA GLN G 1563 -100.39 50.62 -13.38
C GLN G 1563 -100.35 51.52 -14.60
N PHE G 1564 -99.20 52.15 -14.84
CA PHE G 1564 -98.94 52.90 -16.06
C PHE G 1564 -98.51 51.92 -17.14
N GLU G 1565 -99.13 52.00 -18.32
CA GLU G 1565 -98.84 51.12 -19.43
C GLU G 1565 -98.41 51.96 -20.64
N LEU G 1566 -97.17 51.75 -21.07
CA LEU G 1566 -96.59 52.41 -22.23
C LEU G 1566 -96.77 51.56 -23.48
N GLY G 1567 -98.02 51.21 -23.79
CA GLY G 1567 -98.31 50.30 -24.87
C GLY G 1567 -98.31 50.97 -26.22
N LYS G 1568 -99.07 50.38 -27.14
CA LYS G 1568 -99.13 50.86 -28.51
C LYS G 1568 -100.36 50.28 -29.19
N GLN G 1569 -101.02 51.09 -29.99
CA GLN G 1569 -102.19 50.69 -30.76
C GLN G 1569 -101.82 50.55 -32.22
N LYS G 1570 -102.79 50.11 -33.03
CA LYS G 1570 -102.55 49.95 -34.45
C LYS G 1570 -102.36 51.30 -35.12
N ASN G 1571 -101.30 51.41 -35.93
CA ASN G 1571 -100.95 52.61 -36.68
C ASN G 1571 -100.71 53.82 -35.79
N ILE G 1572 -100.36 53.60 -34.52
CA ILE G 1572 -100.08 54.67 -33.58
C ILE G 1572 -98.79 54.34 -32.84
N MET G 1573 -97.86 55.31 -32.81
CA MET G 1573 -96.56 55.09 -32.18
C MET G 1573 -96.67 55.16 -30.66
N PRO G 1574 -95.77 54.50 -29.94
CA PRO G 1574 -95.80 54.56 -28.48
C PRO G 1574 -95.24 55.89 -27.97
N LEU G 1575 -95.27 56.04 -26.66
CA LEU G 1575 -94.82 57.28 -26.03
C LEU G 1575 -93.32 57.48 -26.17
N SER G 1576 -92.55 56.38 -26.16
CA SER G 1576 -91.09 56.50 -26.23
C SER G 1576 -90.63 57.18 -27.51
N ALA G 1577 -91.42 57.08 -28.59
CA ALA G 1577 -91.04 57.72 -29.85
C ALA G 1577 -91.20 59.23 -29.79
N ALA G 1578 -91.87 59.77 -28.77
CA ALA G 1578 -92.07 61.20 -28.66
C ALA G 1578 -91.13 61.85 -27.65
N MET G 1579 -90.63 61.08 -26.67
CA MET G 1579 -89.80 61.65 -25.63
C MET G 1579 -88.34 61.75 -26.04
N PHE G 1580 -87.83 60.75 -26.76
CA PHE G 1580 -86.41 60.66 -27.10
C PHE G 1580 -86.21 60.86 -28.59
N LEU G 1581 -85.22 61.68 -28.94
CA LEU G 1581 -85.00 62.03 -30.33
C LEU G 1581 -84.46 60.84 -31.13
N SER G 1582 -83.61 60.02 -30.53
CA SER G 1582 -83.02 58.91 -31.27
C SER G 1582 -84.04 57.83 -31.61
N GLU G 1583 -85.15 57.78 -30.88
CA GLU G 1583 -86.20 56.80 -31.12
C GLU G 1583 -87.38 57.39 -31.89
N ARG G 1584 -87.16 58.42 -32.70
CA ARG G 1584 -88.26 59.09 -33.38
C ARG G 1584 -88.96 58.17 -34.38
N LYS G 1585 -88.23 57.23 -34.97
CA LYS G 1585 -88.80 56.33 -35.97
C LYS G 1585 -88.81 54.88 -35.53
N ASN G 1586 -88.70 54.61 -34.23
CA ASN G 1586 -88.68 53.24 -33.74
C ASN G 1586 -90.05 52.89 -33.16
N PRO G 1587 -90.80 51.98 -33.79
CA PRO G 1587 -92.14 51.65 -33.27
C PRO G 1587 -92.14 50.61 -32.16
N ALA G 1588 -90.99 50.28 -31.59
CA ALA G 1588 -90.94 49.30 -30.51
C ALA G 1588 -91.00 50.01 -29.16
N PRO G 1589 -92.01 49.74 -28.33
CA PRO G 1589 -92.10 50.39 -27.03
C PRO G 1589 -90.96 49.99 -26.11
N GLN G 1590 -90.54 50.93 -25.26
CA GLN G 1590 -89.45 50.68 -24.32
C GLN G 1590 -89.55 51.69 -23.19
N CYS G 1591 -88.85 51.39 -22.09
CA CYS G 1591 -88.86 52.24 -20.89
C CYS G 1591 -87.42 52.43 -20.42
N PRO G 1592 -86.76 53.48 -20.89
CA PRO G 1592 -85.37 53.74 -20.48
C PRO G 1592 -85.29 54.10 -19.01
N PRO G 1593 -84.10 54.01 -18.40
CA PRO G 1593 -83.99 54.28 -16.95
C PRO G 1593 -84.32 55.71 -16.56
N ARG G 1594 -84.25 56.67 -17.48
CA ARG G 1594 -84.52 58.05 -17.12
C ARG G 1594 -85.99 58.30 -16.84
N LEU G 1595 -86.88 57.40 -17.26
CA LEU G 1595 -88.31 57.56 -17.07
C LEU G 1595 -88.71 56.90 -15.75
N GLU G 1596 -89.21 57.71 -14.82
CA GLU G 1596 -89.61 57.21 -13.50
C GLU G 1596 -90.78 58.03 -12.99
N MET G 1597 -91.44 57.50 -11.96
CA MET G 1597 -92.65 58.07 -11.40
C MET G 1597 -92.29 59.07 -10.30
N GLN G 1598 -93.04 60.17 -10.23
CA GLN G 1598 -92.82 61.20 -9.21
C GLN G 1598 -94.14 61.54 -8.53
N MET G 1599 -94.05 61.99 -7.29
CA MET G 1599 -95.21 62.35 -6.50
C MET G 1599 -95.07 63.77 -5.98
N LEU G 1600 -96.21 64.39 -5.66
CA LEU G 1600 -96.21 65.76 -5.18
C LEU G 1600 -95.86 65.84 -3.70
N MET G 1601 -95.02 66.83 -3.32
CA MET G 1601 -94.53 67.17 -1.99
C MET G 1601 -94.98 68.56 -1.59
N PRO G 1602 -95.32 68.77 -0.30
CA PRO G 1602 -95.89 70.05 0.11
C PRO G 1602 -94.87 71.17 0.34
N VAL G 1603 -93.72 70.87 0.93
CA VAL G 1603 -92.76 71.90 1.33
C VAL G 1603 -91.36 71.49 0.93
N SER G 1604 -90.44 72.46 0.94
CA SER G 1604 -89.04 72.22 0.61
C SER G 1604 -88.19 73.27 1.30
N TRP G 1605 -86.89 73.28 0.99
CA TRP G 1605 -85.95 74.25 1.51
C TRP G 1605 -85.62 75.29 0.45
N SER G 1606 -85.35 76.52 0.88
CA SER G 1606 -85.00 77.58 -0.05
C SER G 1606 -83.98 78.51 0.60
N ARG G 1607 -83.19 79.18 -0.25
CA ARG G 1607 -82.14 80.06 0.21
C ARG G 1607 -82.61 81.50 0.23
N MET G 1608 -82.28 82.21 1.30
CA MET G 1608 -82.65 83.61 1.44
C MET G 1608 -81.62 84.50 0.73
N PRO G 1609 -82.05 85.48 -0.05
CA PRO G 1609 -81.11 86.37 -0.71
C PRO G 1609 -80.35 87.23 0.30
N ASN G 1610 -79.24 87.81 -0.18
CA ASN G 1610 -78.41 88.64 0.69
C ASN G 1610 -78.89 90.08 0.72
N HIS G 1611 -79.45 90.57 -0.39
CA HIS G 1611 -79.93 91.94 -0.47
C HIS G 1611 -81.34 91.96 -1.04
N PHE G 1612 -82.08 93.01 -0.70
CA PHE G 1612 -83.47 93.16 -1.10
C PHE G 1612 -83.71 94.57 -1.64
N LEU G 1613 -84.75 94.69 -2.45
CA LEU G 1613 -85.08 95.97 -3.06
C LEU G 1613 -85.58 96.95 -2.00
N ARG G 1614 -85.25 98.23 -2.17
CA ARG G 1614 -85.76 99.27 -1.30
C ARG G 1614 -86.93 99.97 -1.98
N VAL G 1615 -88.10 99.92 -1.36
CA VAL G 1615 -89.31 100.53 -1.89
C VAL G 1615 -89.88 101.45 -0.83
N GLU G 1616 -90.24 102.67 -1.22
CA GLU G 1616 -90.75 103.68 -0.30
C GLU G 1616 -92.18 104.03 -0.68
N THR G 1617 -93.06 104.02 0.32
CA THR G 1617 -94.47 104.35 0.12
C THR G 1617 -94.88 105.44 1.08
N ARG G 1618 -95.74 106.34 0.61
CA ARG G 1618 -96.24 107.43 1.43
C ARG G 1618 -97.54 107.93 0.80
N ARG G 1619 -98.31 108.66 1.60
CA ARG G 1619 -99.52 109.31 1.09
C ARG G 1619 -99.12 110.55 0.33
N ALA G 1620 -99.17 110.49 -1.00
CA ALA G 1620 -98.75 111.62 -1.81
C ALA G 1620 -99.62 112.84 -1.55
N GLY G 1621 -100.93 112.65 -1.43
CA GLY G 1621 -101.79 113.75 -1.09
C GLY G 1621 -103.25 113.40 -1.19
N GLU G 1622 -104.08 114.33 -0.73
CA GLU G 1622 -105.52 114.16 -0.81
C GLU G 1622 -106.01 114.15 -2.25
N ARG G 1623 -105.41 114.97 -3.11
CA ARG G 1623 -105.72 114.97 -4.54
C ARG G 1623 -104.80 114.06 -5.33
N LEU G 1624 -103.53 113.97 -4.94
CA LEU G 1624 -102.56 113.19 -5.70
C LEU G 1624 -102.71 111.69 -5.51
N GLY G 1625 -103.23 111.26 -4.35
CA GLY G 1625 -103.37 109.84 -4.10
C GLY G 1625 -102.22 109.26 -3.31
N TRP G 1626 -101.86 108.01 -3.58
CA TRP G 1626 -100.77 107.34 -2.88
C TRP G 1626 -99.61 107.12 -3.85
N ALA G 1627 -98.39 107.10 -3.33
CA ALA G 1627 -97.19 107.07 -4.17
C ALA G 1627 -96.34 105.84 -3.87
N VAL G 1628 -95.78 105.26 -4.94
CA VAL G 1628 -94.85 104.13 -4.86
C VAL G 1628 -93.66 104.45 -5.75
N GLN G 1629 -92.45 104.14 -5.27
CA GLN G 1629 -91.22 104.53 -5.96
C GLN G 1629 -90.11 103.52 -5.70
N CYS G 1630 -89.35 103.19 -6.75
CA CYS G 1630 -88.21 102.30 -6.64
C CYS G 1630 -87.09 102.79 -7.54
N GLN G 1631 -85.85 102.77 -7.04
CA GLN G 1631 -84.74 103.40 -7.74
C GLN G 1631 -83.51 102.52 -7.93
N GLU G 1632 -83.16 101.70 -6.92
CA GLU G 1632 -81.85 101.04 -6.95
C GLU G 1632 -81.96 99.66 -7.60
N PRO G 1633 -81.14 99.38 -8.61
CA PRO G 1633 -81.23 98.10 -9.30
C PRO G 1633 -80.53 96.97 -8.56
N LEU G 1634 -81.03 95.75 -8.79
CA LEU G 1634 -80.42 94.54 -8.26
C LEU G 1634 -80.46 93.46 -9.34
N THR G 1635 -79.47 92.57 -9.31
CA THR G 1635 -79.33 91.53 -10.32
C THR G 1635 -78.90 90.23 -9.67
N MET G 1636 -79.29 89.11 -10.28
CA MET G 1636 -78.88 87.80 -9.79
C MET G 1636 -78.58 86.90 -10.97
N MET G 1637 -77.79 85.86 -10.69
CA MET G 1637 -77.41 84.86 -11.69
C MET G 1637 -78.31 83.64 -11.52
N ALA G 1638 -79.02 83.29 -12.59
CA ALA G 1638 -80.04 82.25 -12.55
C ALA G 1638 -79.62 81.04 -13.35
N LEU G 1639 -79.87 79.86 -12.79
CA LEU G 1639 -79.62 78.58 -13.43
C LEU G 1639 -80.97 77.97 -13.83
N HIS G 1640 -81.07 77.52 -15.07
CA HIS G 1640 -82.32 77.10 -15.67
C HIS G 1640 -82.27 75.63 -16.05
N ILE G 1641 -83.27 74.88 -15.60
CA ILE G 1641 -83.47 73.48 -15.97
C ILE G 1641 -84.49 73.46 -17.11
N PRO G 1642 -84.12 72.96 -18.30
CA PRO G 1642 -85.02 73.13 -19.46
C PRO G 1642 -86.22 72.20 -19.46
N GLU G 1643 -86.03 70.92 -19.15
CA GLU G 1643 -87.13 69.97 -19.32
C GLU G 1643 -88.28 70.26 -18.36
N GLU G 1644 -87.97 70.75 -17.16
CA GLU G 1644 -89.00 71.16 -16.21
C GLU G 1644 -89.40 72.61 -16.38
N ASN G 1645 -88.74 73.34 -17.29
CA ASN G 1645 -89.01 74.76 -17.53
C ASN G 1645 -88.94 75.55 -16.23
N ARG G 1646 -87.85 75.37 -15.50
CA ARG G 1646 -87.75 75.92 -14.16
C ARG G 1646 -86.44 76.68 -13.98
N CYS G 1647 -86.41 77.57 -13.00
CA CYS G 1647 -85.26 78.40 -12.72
C CYS G 1647 -84.97 78.41 -11.21
N MET G 1648 -83.71 78.66 -10.87
CA MET G 1648 -83.28 78.71 -9.47
C MET G 1648 -82.04 79.58 -9.37
N ASP G 1649 -81.69 79.95 -8.14
CA ASP G 1649 -80.46 80.69 -7.90
C ASP G 1649 -79.28 79.74 -7.98
N ILE G 1650 -78.19 80.20 -8.62
CA ILE G 1650 -77.01 79.35 -8.78
C ILE G 1650 -76.32 79.08 -7.45
N LEU G 1651 -76.37 80.03 -6.51
CA LEU G 1651 -75.75 79.82 -5.20
C LEU G 1651 -76.38 78.64 -4.45
N GLU G 1652 -77.60 78.25 -4.80
CA GLU G 1652 -78.22 77.09 -4.19
C GLU G 1652 -77.44 75.81 -4.45
N LEU G 1653 -76.53 75.83 -5.43
CA LEU G 1653 -75.65 74.68 -5.63
C LEU G 1653 -74.67 74.49 -4.49
N SER G 1654 -74.73 75.32 -3.44
CA SER G 1654 -73.88 75.09 -2.27
C SER G 1654 -74.33 73.85 -1.51
N GLU G 1655 -75.59 73.44 -1.68
CA GLU G 1655 -76.12 72.28 -0.98
C GLU G 1655 -76.62 71.18 -1.91
N ARG G 1656 -76.67 71.43 -3.22
CA ARG G 1656 -77.10 70.42 -4.19
C ARG G 1656 -75.84 69.94 -4.91
N LEU G 1657 -75.25 68.86 -4.39
CA LEU G 1657 -73.92 68.44 -4.80
C LEU G 1657 -73.91 67.82 -6.19
N ASP G 1658 -74.94 67.06 -6.55
CA ASP G 1658 -74.97 66.41 -7.85
C ASP G 1658 -75.00 67.43 -8.98
N LEU G 1659 -75.85 68.45 -8.87
CA LEU G 1659 -75.90 69.50 -9.88
C LEU G 1659 -74.58 70.26 -9.94
N GLN G 1660 -73.96 70.49 -8.79
CA GLN G 1660 -72.67 71.18 -8.76
C GLN G 1660 -71.61 70.38 -9.51
N GLN G 1661 -71.55 69.07 -9.26
CA GLN G 1661 -70.58 68.22 -9.95
C GLN G 1661 -70.84 68.22 -11.46
N PHE G 1662 -72.10 68.10 -11.85
CA PHE G 1662 -72.44 68.08 -13.28
C PHE G 1662 -72.06 69.39 -13.95
N HIS G 1663 -72.33 70.52 -13.29
CA HIS G 1663 -72.03 71.81 -13.88
C HIS G 1663 -70.52 72.05 -13.96
N SER G 1664 -69.77 71.62 -12.95
CA SER G 1664 -68.32 71.74 -13.01
C SER G 1664 -67.74 70.93 -14.16
N HIS G 1665 -68.24 69.70 -14.35
CA HIS G 1665 -67.75 68.91 -15.47
C HIS G 1665 -68.21 69.49 -16.81
N THR G 1666 -69.37 70.15 -16.83
CA THR G 1666 -69.81 70.84 -18.04
C THR G 1666 -68.86 71.98 -18.40
N LEU G 1667 -68.44 72.76 -17.40
CA LEU G 1667 -67.44 73.80 -17.65
C LEU G 1667 -66.12 73.20 -18.12
N ARG G 1668 -65.73 72.07 -17.55
CA ARG G 1668 -64.51 71.40 -18.03
C ARG G 1668 -64.63 71.01 -19.49
N LEU G 1669 -65.80 70.49 -19.89
CA LEU G 1669 -66.02 70.16 -21.30
C LEU G 1669 -65.97 71.41 -22.18
N TYR G 1670 -66.58 72.50 -21.71
CA TYR G 1670 -66.49 73.77 -22.44
C TYR G 1670 -65.04 74.15 -22.70
N ARG G 1671 -64.19 74.04 -21.67
CA ARG G 1671 -62.77 74.32 -21.87
C ARG G 1671 -62.13 73.33 -22.83
N ALA G 1672 -62.52 72.06 -22.74
CA ALA G 1672 -61.90 71.02 -23.55
C ALA G 1672 -62.15 71.23 -25.04
N VAL G 1673 -63.38 71.60 -25.40
CA VAL G 1673 -63.69 71.74 -26.83
C VAL G 1673 -63.08 72.98 -27.46
N CYS G 1674 -62.42 73.84 -26.67
CA CYS G 1674 -61.83 75.06 -27.18
C CYS G 1674 -60.31 75.04 -27.18
N ALA G 1675 -59.69 73.92 -26.80
CA ALA G 1675 -58.26 73.90 -26.54
C ALA G 1675 -57.45 73.99 -27.83
N LEU G 1676 -56.30 74.66 -27.73
CA LEU G 1676 -55.26 74.65 -28.76
C LEU G 1676 -55.76 75.22 -30.09
N GLY G 1677 -56.15 76.49 -30.06
CA GLY G 1677 -56.42 77.22 -31.28
C GLY G 1677 -57.80 77.06 -31.87
N ASN G 1678 -58.78 76.57 -31.10
CA ASN G 1678 -60.16 76.50 -31.57
C ASN G 1678 -60.82 77.88 -31.45
N ASN G 1679 -60.45 78.76 -32.37
CA ASN G 1679 -60.95 80.13 -32.33
C ASN G 1679 -62.40 80.22 -32.80
N ARG G 1680 -62.77 79.45 -33.82
CA ARG G 1680 -64.16 79.42 -34.27
C ARG G 1680 -65.06 78.86 -33.18
N VAL G 1681 -64.63 77.81 -32.49
CA VAL G 1681 -65.41 77.26 -31.39
C VAL G 1681 -65.48 78.27 -30.23
N ALA G 1682 -64.41 79.04 -30.02
CA ALA G 1682 -64.47 80.09 -29.01
C ALA G 1682 -65.52 81.15 -29.37
N HIS G 1683 -65.56 81.54 -30.64
CA HIS G 1683 -66.57 82.50 -31.09
C HIS G 1683 -67.97 81.93 -30.90
N ALA G 1684 -68.16 80.65 -31.19
CA ALA G 1684 -69.45 80.01 -30.94
C ALA G 1684 -69.79 79.98 -29.45
N LEU G 1685 -68.80 79.69 -28.61
CA LEU G 1685 -69.03 79.61 -27.17
C LEU G 1685 -69.36 80.97 -26.57
N CYS G 1686 -68.89 82.05 -27.21
CA CYS G 1686 -69.15 83.38 -26.69
C CYS G 1686 -70.63 83.72 -26.62
N SER G 1687 -71.51 82.87 -27.15
CA SER G 1687 -72.95 83.10 -27.07
C SER G 1687 -73.62 82.30 -25.97
N HIS G 1688 -72.94 81.31 -25.39
CA HIS G 1688 -73.51 80.53 -24.30
C HIS G 1688 -73.12 81.09 -22.94
N VAL G 1689 -71.91 81.62 -22.81
CA VAL G 1689 -71.44 82.28 -21.60
C VAL G 1689 -70.93 83.64 -22.04
N ASP G 1690 -71.78 84.67 -21.92
CA ASP G 1690 -71.44 85.98 -22.44
C ASP G 1690 -70.52 86.74 -21.49
N GLN G 1691 -70.16 87.96 -21.90
CA GLN G 1691 -69.16 88.74 -21.18
C GLN G 1691 -69.66 89.16 -19.80
N ALA G 1692 -70.93 89.56 -19.71
CA ALA G 1692 -71.47 90.04 -18.43
C ALA G 1692 -71.46 88.95 -17.38
N GLN G 1693 -71.77 87.71 -17.76
CA GLN G 1693 -71.77 86.61 -16.81
C GLN G 1693 -70.38 86.38 -16.26
N LEU G 1694 -69.36 86.40 -17.12
CA LEU G 1694 -67.99 86.20 -16.66
C LEU G 1694 -67.54 87.33 -15.73
N LEU G 1695 -67.83 88.57 -16.12
CA LEU G 1695 -67.41 89.69 -15.29
C LEU G 1695 -68.15 89.71 -13.95
N HIS G 1696 -69.39 89.23 -13.93
CA HIS G 1696 -70.13 89.13 -12.67
C HIS G 1696 -69.57 88.01 -11.80
N ALA G 1697 -69.26 86.86 -12.41
CA ALA G 1697 -68.76 85.72 -11.65
C ALA G 1697 -67.35 85.93 -11.13
N LEU G 1698 -66.58 86.82 -11.75
CA LEU G 1698 -65.24 87.12 -11.23
C LEU G 1698 -65.29 87.73 -9.84
N GLU G 1699 -66.36 88.46 -9.52
CA GLU G 1699 -66.42 89.20 -8.26
C GLU G 1699 -67.34 88.57 -7.21
N ASP G 1700 -68.06 87.50 -7.55
CA ASP G 1700 -69.00 86.92 -6.60
C ASP G 1700 -68.25 86.22 -5.48
N ALA G 1701 -68.55 86.61 -4.24
CA ALA G 1701 -67.85 86.09 -3.08
C ALA G 1701 -68.53 84.87 -2.46
N HIS G 1702 -69.71 84.49 -2.93
CA HIS G 1702 -70.45 83.39 -2.34
C HIS G 1702 -70.46 82.13 -3.22
N LEU G 1703 -69.75 82.15 -4.33
CA LEU G 1703 -69.73 80.99 -5.22
C LEU G 1703 -68.98 79.83 -4.56
N PRO G 1704 -69.39 78.59 -4.81
CA PRO G 1704 -68.57 77.45 -4.40
C PRO G 1704 -67.24 77.44 -5.13
N GLY G 1705 -66.23 76.88 -4.47
CA GLY G 1705 -64.87 76.90 -4.98
C GLY G 1705 -64.69 76.33 -6.38
N PRO G 1706 -65.19 75.11 -6.63
CA PRO G 1706 -65.05 74.53 -7.97
C PRO G 1706 -65.63 75.40 -9.06
N LEU G 1707 -66.79 76.03 -8.83
CA LEU G 1707 -67.37 76.89 -9.86
C LEU G 1707 -66.53 78.15 -10.07
N ARG G 1708 -66.00 78.71 -8.99
CA ARG G 1708 -65.12 79.87 -9.09
C ARG G 1708 -63.89 79.56 -9.94
N ALA G 1709 -63.21 78.45 -9.63
CA ALA G 1709 -62.05 78.06 -10.41
C ALA G 1709 -62.41 77.76 -11.85
N GLY G 1710 -63.55 77.07 -12.07
CA GLY G 1710 -63.96 76.76 -13.42
C GLY G 1710 -64.24 77.99 -14.25
N TYR G 1711 -64.88 79.00 -13.65
CA TYR G 1711 -65.20 80.21 -14.39
C TYR G 1711 -63.95 81.02 -14.69
N TYR G 1712 -63.01 81.10 -13.73
CA TYR G 1712 -61.75 81.78 -14.03
C TYR G 1712 -61.01 81.09 -15.17
N ASP G 1713 -60.93 79.75 -15.12
CA ASP G 1713 -60.26 79.01 -16.17
C ASP G 1713 -60.97 79.16 -17.51
N LEU G 1714 -62.30 79.19 -17.49
CA LEU G 1714 -63.06 79.37 -18.73
C LEU G 1714 -62.78 80.73 -19.36
N LEU G 1715 -62.75 81.78 -18.55
CA LEU G 1715 -62.40 83.10 -19.07
C LEU G 1715 -61.02 83.09 -19.70
N ILE G 1716 -60.04 82.53 -18.97
CA ILE G 1716 -58.66 82.50 -19.48
C ILE G 1716 -58.59 81.72 -20.79
N SER G 1717 -59.23 80.56 -20.84
CA SER G 1717 -59.15 79.72 -22.03
C SER G 1717 -59.86 80.33 -23.22
N ILE G 1718 -61.00 80.98 -22.99
CA ILE G 1718 -61.75 81.56 -24.11
C ILE G 1718 -61.02 82.77 -24.68
N HIS G 1719 -60.51 83.65 -23.82
CA HIS G 1719 -60.09 84.95 -24.31
C HIS G 1719 -58.58 85.15 -24.40
N LEU G 1720 -57.78 84.52 -23.53
CA LEU G 1720 -56.39 84.96 -23.38
C LEU G 1720 -55.33 83.90 -23.66
N GLU G 1721 -55.72 82.67 -24.02
CA GLU G 1721 -54.74 81.60 -24.07
C GLU G 1721 -53.80 81.71 -25.27
N SER G 1722 -54.35 81.97 -26.47
CA SER G 1722 -53.54 81.89 -27.68
C SER G 1722 -52.51 83.01 -27.77
N ALA G 1723 -52.93 84.25 -27.49
CA ALA G 1723 -52.00 85.37 -27.54
C ALA G 1723 -50.89 85.21 -26.52
N CYS G 1724 -51.24 84.75 -25.32
CA CYS G 1724 -50.23 84.50 -24.29
C CYS G 1724 -49.26 83.41 -24.75
N ARG G 1725 -49.77 82.35 -25.36
CA ARG G 1725 -48.89 81.29 -25.85
C ARG G 1725 -47.93 81.82 -26.89
N SER G 1726 -48.42 82.62 -27.85
CA SER G 1726 -47.54 83.14 -28.89
C SER G 1726 -46.49 84.08 -28.29
N ARG G 1727 -46.91 85.01 -27.43
CA ARG G 1727 -45.98 85.96 -26.84
C ARG G 1727 -44.92 85.24 -26.03
N ARG G 1728 -45.33 84.23 -25.26
CA ARG G 1728 -44.36 83.44 -24.48
C ARG G 1728 -43.42 82.69 -25.41
N SER G 1729 -43.93 82.13 -26.51
CA SER G 1729 -43.08 81.44 -27.46
C SER G 1729 -42.05 82.35 -28.10
N MET G 1730 -42.35 83.65 -28.22
CA MET G 1730 -41.40 84.60 -28.78
C MET G 1730 -40.83 85.56 -27.74
N LEU G 1731 -40.54 85.09 -26.53
CA LEU G 1731 -39.91 85.92 -25.51
C LEU G 1731 -38.44 85.57 -25.28
N SER G 1732 -37.91 84.56 -25.95
CA SER G 1732 -36.55 84.11 -25.70
C SER G 1732 -35.51 84.83 -26.53
N GLU G 1733 -35.91 85.81 -27.35
CA GLU G 1733 -34.99 86.50 -28.25
C GLU G 1733 -35.09 88.00 -28.05
N TYR G 1734 -33.94 88.68 -28.14
CA TYR G 1734 -33.85 90.12 -27.96
C TYR G 1734 -33.38 90.74 -29.28
N ILE G 1735 -34.18 91.65 -29.83
CA ILE G 1735 -33.81 92.43 -31.01
C ILE G 1735 -33.98 93.90 -30.65
N VAL G 1736 -32.91 94.67 -30.73
CA VAL G 1736 -32.89 96.07 -30.31
C VAL G 1736 -32.66 96.93 -31.55
N PRO G 1737 -33.54 97.88 -31.84
CA PRO G 1737 -33.27 98.82 -32.94
C PRO G 1737 -32.44 99.99 -32.47
N LEU G 1738 -31.56 100.47 -33.34
CA LEU G 1738 -30.68 101.60 -33.02
C LEU G 1738 -31.48 102.88 -33.21
N THR G 1739 -32.05 103.39 -32.13
CA THR G 1739 -32.92 104.54 -32.14
C THR G 1739 -32.48 105.50 -31.04
N PRO G 1740 -32.87 106.77 -31.13
CA PRO G 1740 -32.55 107.71 -30.03
C PRO G 1740 -33.09 107.27 -28.69
N GLU G 1741 -34.23 106.56 -28.66
CA GLU G 1741 -34.75 106.04 -27.40
C GLU G 1741 -33.80 105.01 -26.80
N THR G 1742 -33.13 104.22 -27.64
CA THR G 1742 -32.20 103.21 -27.14
C THR G 1742 -30.99 103.86 -26.48
N ARG G 1743 -30.52 104.97 -27.03
CA ARG G 1743 -29.29 105.59 -26.53
C ARG G 1743 -29.42 106.05 -25.09
N ALA G 1744 -30.64 106.39 -24.64
CA ALA G 1744 -30.81 106.97 -23.32
C ALA G 1744 -30.86 105.92 -22.21
N ILE G 1745 -30.83 104.63 -22.56
CA ILE G 1745 -30.95 103.59 -21.55
C ILE G 1745 -29.65 103.48 -20.76
N THR G 1746 -29.76 103.45 -19.44
CA THR G 1746 -28.62 103.30 -18.55
C THR G 1746 -28.93 102.25 -17.49
N LEU G 1747 -27.88 101.65 -16.95
CA LEU G 1747 -28.07 100.58 -15.96
C LEU G 1747 -28.74 101.10 -14.70
N PHE G 1748 -28.33 102.27 -14.23
CA PHE G 1748 -28.86 102.84 -12.99
C PHE G 1748 -29.65 104.11 -13.27
N PRO G 1749 -30.60 104.45 -12.41
CA PRO G 1749 -31.31 105.72 -12.57
C PRO G 1749 -30.37 106.88 -12.50
N PRO G 1750 -30.65 107.98 -13.21
CA PRO G 1750 -29.66 109.06 -13.35
C PRO G 1750 -29.29 109.74 -12.05
N GLY G 1751 -30.13 109.68 -11.02
CA GLY G 1751 -29.87 110.41 -9.79
C GLY G 1751 -28.58 109.95 -9.13
N LYS G 1752 -27.66 110.88 -8.88
CA LYS G 1752 -26.39 110.59 -8.24
C LYS G 1752 -26.31 111.13 -6.82
N ARG G 1753 -27.41 111.62 -6.26
CA ARG G 1753 -27.38 112.20 -4.93
C ARG G 1753 -27.03 111.16 -3.87
N THR G 1754 -27.43 109.91 -4.09
CA THR G 1754 -27.09 108.81 -3.19
C THR G 1754 -25.84 108.12 -3.71
N GLU G 1755 -24.77 108.17 -2.92
CA GLU G 1755 -23.49 107.57 -3.29
C GLU G 1755 -23.13 106.39 -2.39
N ASN G 1756 -24.08 105.84 -1.64
CA ASN G 1756 -23.81 104.68 -0.82
C ASN G 1756 -23.65 103.44 -1.68
N GLY G 1757 -23.31 102.33 -1.02
CA GLY G 1757 -23.09 101.06 -1.69
C GLY G 1757 -24.24 100.63 -2.60
N PRO G 1758 -25.43 100.44 -2.03
CA PRO G 1758 -26.57 100.01 -2.85
C PRO G 1758 -26.97 101.01 -3.93
N ARG G 1759 -26.62 102.29 -3.78
CA ARG G 1759 -27.06 103.36 -4.70
C ARG G 1759 -28.59 103.30 -4.77
N ARG G 1760 -29.19 103.37 -5.95
CA ARG G 1760 -30.62 103.15 -6.14
C ARG G 1760 -30.76 102.13 -7.26
N HIS G 1761 -31.15 100.91 -6.92
CA HIS G 1761 -31.15 99.84 -7.91
C HIS G 1761 -32.26 100.03 -8.94
N GLY G 1762 -33.42 100.50 -8.50
CA GLY G 1762 -34.55 100.66 -9.40
C GLY G 1762 -35.50 99.47 -9.32
N LEU G 1763 -36.77 99.74 -9.58
CA LEU G 1763 -37.78 98.69 -9.48
C LEU G 1763 -37.76 97.80 -10.73
N PRO G 1764 -37.87 96.48 -10.55
CA PRO G 1764 -37.90 95.59 -11.72
C PRO G 1764 -39.15 95.80 -12.55
N GLY G 1765 -38.99 95.68 -13.86
CA GLY G 1765 -40.11 95.79 -14.77
C GLY G 1765 -40.63 97.19 -15.00
N VAL G 1766 -39.96 98.21 -14.47
CA VAL G 1766 -40.39 99.60 -14.62
C VAL G 1766 -39.30 100.35 -15.39
N GLY G 1767 -39.69 100.97 -16.50
CA GLY G 1767 -38.78 101.70 -17.34
C GLY G 1767 -39.10 101.54 -18.81
N VAL G 1768 -38.15 101.93 -19.64
CA VAL G 1768 -38.33 101.89 -21.09
C VAL G 1768 -37.64 100.63 -21.64
N THR G 1769 -38.34 99.90 -22.49
CA THR G 1769 -37.80 98.74 -23.19
C THR G 1769 -38.07 98.89 -24.67
N THR G 1770 -37.12 98.46 -25.50
CA THR G 1770 -37.20 98.64 -26.94
C THR G 1770 -37.12 97.34 -27.74
N SER G 1771 -37.10 96.17 -27.08
CA SER G 1771 -37.05 94.92 -27.81
C SER G 1771 -38.33 94.73 -28.61
N LEU G 1772 -38.19 94.20 -29.82
CA LEU G 1772 -39.33 94.08 -30.73
C LEU G 1772 -40.23 92.92 -30.31
N ARG G 1773 -41.53 93.17 -30.25
CA ARG G 1773 -42.53 92.15 -29.98
C ARG G 1773 -43.78 92.54 -30.76
N PRO G 1774 -44.31 91.64 -31.59
CA PRO G 1774 -45.50 91.98 -32.37
C PRO G 1774 -46.72 92.14 -31.46
N PRO G 1775 -47.69 92.93 -31.87
CA PRO G 1775 -48.87 93.16 -31.04
C PRO G 1775 -49.85 92.01 -31.13
N HIS G 1776 -51.01 92.19 -30.50
CA HIS G 1776 -52.07 91.19 -30.47
C HIS G 1776 -53.19 91.59 -31.41
N HIS G 1777 -53.96 90.61 -31.87
CA HIS G 1777 -55.07 90.82 -32.78
C HIS G 1777 -56.30 90.09 -32.26
N PHE G 1778 -57.44 90.78 -32.26
CA PHE G 1778 -58.69 90.23 -31.78
C PHE G 1778 -59.83 90.63 -32.72
N SER G 1779 -60.96 89.95 -32.56
CA SER G 1779 -62.17 90.24 -33.31
C SER G 1779 -63.36 90.36 -32.37
N ALA G 1780 -64.32 91.18 -32.75
CA ALA G 1780 -65.51 91.37 -31.94
C ALA G 1780 -66.57 90.34 -32.30
N PRO G 1781 -67.13 89.62 -31.33
CA PRO G 1781 -68.17 88.64 -31.64
C PRO G 1781 -69.44 89.31 -32.15
N CYS G 1782 -70.11 88.64 -33.08
CA CYS G 1782 -71.36 89.12 -33.64
C CYS G 1782 -72.06 87.96 -34.33
N PHE G 1783 -73.35 87.79 -34.04
CA PHE G 1783 -74.11 86.66 -34.54
C PHE G 1783 -75.23 87.06 -35.49
N VAL G 1784 -75.16 88.25 -36.07
CA VAL G 1784 -76.07 88.68 -37.12
C VAL G 1784 -75.35 89.05 -38.40
N ALA G 1785 -74.04 88.79 -38.49
CA ALA G 1785 -73.29 89.09 -39.69
C ALA G 1785 -73.68 88.14 -40.82
N ALA G 1786 -73.56 88.63 -42.05
CA ALA G 1786 -73.92 87.82 -43.21
C ALA G 1786 -72.99 86.62 -43.33
N LEU G 1787 -73.54 85.52 -43.82
CA LEU G 1787 -72.77 84.29 -44.00
C LEU G 1787 -71.71 84.51 -45.08
N PRO G 1788 -70.50 84.01 -44.90
CA PRO G 1788 -69.46 84.20 -45.92
C PRO G 1788 -69.65 83.23 -47.08
N ALA G 1789 -68.69 83.27 -48.01
CA ALA G 1789 -68.69 82.36 -49.15
C ALA G 1789 -68.65 80.92 -48.68
N VAL G 1790 -69.72 80.17 -48.96
CA VAL G 1790 -69.84 78.80 -48.47
C VAL G 1790 -68.83 77.92 -49.17
N GLY G 1791 -68.06 77.16 -48.39
CA GLY G 1791 -67.07 76.26 -48.95
C GLY G 1791 -65.83 76.91 -49.50
N ALA G 1792 -65.62 78.19 -49.24
CA ALA G 1792 -64.46 78.89 -49.78
C ALA G 1792 -63.19 78.44 -49.08
N ALA G 1793 -62.30 77.80 -49.83
CA ALA G 1793 -61.03 77.38 -49.28
C ALA G 1793 -60.09 78.57 -49.12
N GLU G 1794 -59.01 78.34 -48.35
CA GLU G 1794 -58.01 79.37 -48.08
C GLU G 1794 -58.63 80.59 -47.39
N ALA G 1795 -59.67 80.38 -46.60
CA ALA G 1795 -60.26 81.48 -45.85
C ALA G 1795 -59.29 81.93 -44.77
N PRO G 1796 -59.28 83.22 -44.40
CA PRO G 1796 -58.32 83.69 -43.40
C PRO G 1796 -58.57 83.07 -42.04
N ALA G 1797 -57.60 83.25 -41.14
CA ALA G 1797 -57.70 82.71 -39.80
C ALA G 1797 -58.85 83.39 -39.05
N ARG G 1798 -59.36 82.69 -38.03
CA ARG G 1798 -60.55 83.14 -37.33
C ARG G 1798 -60.25 84.20 -36.26
N LEU G 1799 -58.99 84.50 -36.03
CA LEU G 1799 -58.56 85.55 -35.07
C LEU G 1799 -59.00 85.09 -33.68
N SER G 1800 -59.57 85.98 -32.84
CA SER G 1800 -59.91 85.58 -31.48
C SER G 1800 -60.95 86.54 -30.94
N PRO G 1801 -61.82 86.10 -30.03
CA PRO G 1801 -62.82 87.00 -29.46
C PRO G 1801 -62.17 88.13 -28.66
N SER G 1802 -62.85 89.26 -28.61
CA SER G 1802 -62.33 90.45 -27.96
C SER G 1802 -63.00 90.69 -26.61
N ILE G 1803 -62.27 91.41 -25.75
CA ILE G 1803 -62.79 91.80 -24.43
C ILE G 1803 -62.02 93.02 -23.94
N PRO G 1804 -62.74 93.96 -23.32
CA PRO G 1804 -62.05 95.16 -22.78
C PRO G 1804 -60.96 94.78 -21.79
N LEU G 1805 -59.79 95.38 -21.96
CA LEU G 1805 -58.62 94.95 -21.21
C LEU G 1805 -58.33 95.87 -20.01
N GLU G 1806 -58.55 97.18 -20.17
CA GLU G 1806 -58.28 98.11 -19.08
C GLU G 1806 -59.19 97.85 -17.88
N ALA G 1807 -60.49 97.66 -18.13
CA ALA G 1807 -61.41 97.32 -17.06
C ALA G 1807 -61.04 95.98 -16.44
N LEU G 1808 -60.63 95.01 -17.26
CA LEU G 1808 -60.25 93.70 -16.75
C LEU G 1808 -59.06 93.79 -15.81
N ARG G 1809 -58.04 94.58 -16.19
CA ARG G 1809 -56.85 94.68 -15.35
C ARG G 1809 -57.15 95.48 -14.08
N ASP G 1810 -57.99 96.51 -14.17
CA ASP G 1810 -58.38 97.23 -12.96
C ASP G 1810 -59.14 96.32 -12.00
N LYS G 1811 -60.07 95.52 -12.55
CA LYS G 1811 -60.80 94.56 -11.72
C LYS G 1811 -59.86 93.54 -11.08
N ALA G 1812 -58.89 93.04 -11.85
CA ALA G 1812 -57.94 92.07 -11.31
C ALA G 1812 -57.12 92.66 -10.17
N LEU G 1813 -56.65 93.89 -10.35
CA LEU G 1813 -55.90 94.55 -9.27
C LEU G 1813 -56.75 94.72 -8.03
N ARG G 1814 -58.00 95.16 -8.21
CA ARG G 1814 -58.89 95.36 -7.07
C ARG G 1814 -59.16 94.05 -6.35
N MET G 1815 -59.41 92.97 -7.09
CA MET G 1815 -59.67 91.68 -6.47
C MET G 1815 -58.45 91.15 -5.73
N LEU G 1816 -57.26 91.32 -6.31
CA LEU G 1816 -56.05 90.87 -5.62
C LEU G 1816 -55.83 91.63 -4.32
N GLY G 1817 -56.02 92.96 -4.34
CA GLY G 1817 -55.92 93.71 -3.11
C GLY G 1817 -56.93 93.29 -2.07
N GLU G 1818 -58.17 93.06 -2.50
CA GLU G 1818 -59.20 92.60 -1.59
C GLU G 1818 -58.85 91.25 -0.99
N ALA G 1819 -58.31 90.33 -1.79
CA ALA G 1819 -57.94 89.03 -1.29
C ALA G 1819 -56.80 89.12 -0.29
N VAL G 1820 -55.82 90.00 -0.56
CA VAL G 1820 -54.72 90.18 0.39
C VAL G 1820 -55.24 90.70 1.71
N ARG G 1821 -56.11 91.71 1.66
CA ARG G 1821 -56.68 92.25 2.90
C ARG G 1821 -57.49 91.18 3.64
N ASP G 1822 -58.26 90.38 2.91
CA ASP G 1822 -59.07 89.34 3.53
C ASP G 1822 -58.19 88.30 4.22
N GLY G 1823 -57.10 87.90 3.56
CA GLY G 1823 -56.20 86.92 4.16
C GLY G 1823 -55.38 87.47 5.31
N GLY G 1824 -55.20 88.80 5.37
CA GLY G 1824 -54.44 89.37 6.46
C GLY G 1824 -55.12 89.30 7.82
N GLN G 1825 -56.45 89.15 7.86
CA GLN G 1825 -57.19 89.21 9.10
C GLN G 1825 -57.48 87.84 9.71
N HIS G 1826 -57.08 86.75 9.07
CA HIS G 1826 -57.34 85.39 9.56
C HIS G 1826 -58.83 85.15 9.78
N ALA G 1827 -59.61 85.42 8.75
CA ALA G 1827 -61.06 85.20 8.83
C ALA G 1827 -61.36 83.70 8.85
N ARG G 1828 -62.51 83.36 9.42
CA ARG G 1828 -62.93 81.96 9.51
C ARG G 1828 -63.74 81.50 8.30
N ASP G 1829 -64.05 82.39 7.37
CA ASP G 1829 -64.83 82.05 6.18
C ASP G 1829 -64.12 82.56 4.93
N PRO G 1830 -63.08 81.85 4.50
CA PRO G 1830 -62.37 82.25 3.28
C PRO G 1830 -63.27 82.12 2.05
N VAL G 1831 -63.02 82.97 1.06
CA VAL G 1831 -63.78 82.94 -0.18
C VAL G 1831 -63.49 81.62 -0.89
N GLY G 1832 -64.56 80.91 -1.26
CA GLY G 1832 -64.43 79.61 -1.89
C GLY G 1832 -64.31 78.45 -0.93
N GLY G 1833 -64.25 78.70 0.38
CA GLY G 1833 -64.19 77.65 1.37
C GLY G 1833 -62.79 77.31 1.86
N SER G 1834 -61.75 77.80 1.20
CA SER G 1834 -60.38 77.52 1.61
C SER G 1834 -59.46 78.59 1.04
N VAL G 1835 -58.24 78.62 1.59
CA VAL G 1835 -57.24 79.60 1.15
C VAL G 1835 -56.83 79.36 -0.30
N GLU G 1836 -56.66 78.10 -0.69
CA GLU G 1836 -56.25 77.78 -2.06
C GLU G 1836 -57.27 78.27 -3.07
N PHE G 1837 -58.54 77.99 -2.83
CA PHE G 1837 -59.59 78.48 -3.72
C PHE G 1837 -59.68 79.99 -3.71
N GLN G 1838 -59.29 80.63 -2.61
CA GLN G 1838 -59.30 82.09 -2.55
C GLN G 1838 -58.19 82.68 -3.40
N PHE G 1839 -57.01 82.06 -3.39
CA PHE G 1839 -55.83 82.72 -3.92
C PHE G 1839 -55.43 82.28 -5.32
N VAL G 1840 -55.57 81.00 -5.65
CA VAL G 1840 -54.97 80.49 -6.90
C VAL G 1840 -55.52 81.17 -8.14
N PRO G 1841 -56.84 81.27 -8.36
CA PRO G 1841 -57.32 81.86 -9.62
C PRO G 1841 -56.87 83.30 -9.85
N VAL G 1842 -56.86 84.12 -8.80
CA VAL G 1842 -56.47 85.51 -8.95
C VAL G 1842 -55.00 85.62 -9.35
N LEU G 1843 -54.14 84.82 -8.71
CA LEU G 1843 -52.74 84.82 -9.08
C LEU G 1843 -52.53 84.32 -10.50
N LYS G 1844 -53.28 83.31 -10.92
CA LYS G 1844 -53.17 82.82 -12.30
C LYS G 1844 -53.54 83.91 -13.30
N LEU G 1845 -54.66 84.60 -13.06
CA LEU G 1845 -55.09 85.66 -13.95
C LEU G 1845 -54.06 86.80 -13.98
N VAL G 1846 -53.54 87.18 -12.81
CA VAL G 1846 -52.57 88.26 -12.74
C VAL G 1846 -51.30 87.89 -13.50
N SER G 1847 -50.85 86.65 -13.34
CA SER G 1847 -49.65 86.20 -14.04
C SER G 1847 -49.86 86.22 -15.55
N THR G 1848 -51.02 85.75 -16.01
CA THR G 1848 -51.30 85.78 -17.44
C THR G 1848 -51.31 87.21 -17.97
N LEU G 1849 -51.98 88.12 -17.26
CA LEU G 1849 -52.04 89.50 -17.72
C LEU G 1849 -50.67 90.17 -17.70
N LEU G 1850 -49.84 89.83 -16.72
CA LEU G 1850 -48.49 90.36 -16.66
C LEU G 1850 -47.64 89.87 -17.83
N VAL G 1851 -47.72 88.57 -18.12
CA VAL G 1851 -46.95 88.02 -19.23
C VAL G 1851 -47.39 88.62 -20.55
N MET G 1852 -48.70 88.81 -20.73
CA MET G 1852 -49.18 89.38 -21.98
C MET G 1852 -48.79 90.85 -22.16
N GLY G 1853 -48.34 91.51 -21.10
CA GLY G 1853 -47.88 92.88 -21.22
C GLY G 1853 -48.95 93.94 -21.21
N ILE G 1854 -49.91 93.84 -20.30
CA ILE G 1854 -51.02 94.78 -20.26
C ILE G 1854 -50.79 95.88 -19.22
N PHE G 1855 -50.19 95.54 -18.09
CA PHE G 1855 -50.09 96.48 -16.98
C PHE G 1855 -49.10 97.61 -17.29
N GLY G 1856 -49.33 98.76 -16.65
CA GLY G 1856 -48.45 99.90 -16.77
C GLY G 1856 -47.50 100.01 -15.57
N ASP G 1857 -46.83 101.16 -15.50
CA ASP G 1857 -45.85 101.39 -14.43
C ASP G 1857 -46.53 101.44 -13.06
N GLU G 1858 -47.64 102.17 -12.94
CA GLU G 1858 -48.32 102.29 -11.66
C GLU G 1858 -48.86 100.95 -11.19
N ASP G 1859 -49.43 100.16 -12.12
CA ASP G 1859 -49.94 98.85 -11.75
C ASP G 1859 -48.82 97.93 -11.30
N VAL G 1860 -47.68 97.97 -11.97
CA VAL G 1860 -46.53 97.16 -11.56
C VAL G 1860 -46.05 97.59 -10.18
N LYS G 1861 -46.03 98.90 -9.92
CA LYS G 1861 -45.65 99.37 -8.59
C LYS G 1861 -46.62 98.87 -7.53
N GLN G 1862 -47.92 98.89 -7.83
CA GLN G 1862 -48.90 98.39 -6.87
C GLN G 1862 -48.72 96.91 -6.60
N ILE G 1863 -48.47 96.12 -7.65
CA ILE G 1863 -48.26 94.69 -7.48
C ILE G 1863 -47.01 94.44 -6.64
N LEU G 1864 -45.92 95.17 -6.93
CA LEU G 1864 -44.69 95.01 -6.18
C LEU G 1864 -44.90 95.36 -4.70
N LYS G 1865 -45.64 96.45 -4.43
CA LYS G 1865 -45.95 96.80 -3.05
C LYS G 1865 -46.79 95.74 -2.37
N MET G 1866 -47.69 95.10 -3.13
CA MET G 1866 -48.46 94.00 -2.56
C MET G 1866 -47.58 92.79 -2.24
N ILE G 1867 -46.55 92.56 -3.05
CA ILE G 1867 -45.69 91.40 -2.82
C ILE G 1867 -44.91 91.56 -1.51
N GLU G 1868 -44.27 92.71 -1.32
CA GLU G 1868 -43.48 92.96 -0.12
C GLU G 1868 -43.38 94.47 0.09
N PRO G 1869 -44.18 95.03 0.99
CA PRO G 1869 -44.17 96.49 1.15
C PRO G 1869 -42.84 97.06 1.61
N GLU G 1870 -42.07 96.33 2.43
CA GLU G 1870 -40.86 96.91 3.01
C GLU G 1870 -39.76 97.06 1.98
N VAL G 1871 -39.53 96.03 1.16
CA VAL G 1871 -38.41 96.06 0.22
C VAL G 1871 -38.64 97.09 -0.88
N PHE G 1872 -39.82 97.10 -1.48
CA PHE G 1872 -40.12 97.99 -2.60
C PHE G 1872 -40.76 99.29 -2.13
N THR G 1873 -39.99 100.08 -1.39
CA THR G 1873 -40.44 101.37 -0.85
C THR G 1873 -41.72 101.23 -0.02
N GLU G 1925 -49.18 93.82 5.42
CA GLU G 1925 -48.66 92.65 6.12
C GLU G 1925 -47.78 91.83 5.20
N GLY G 1926 -47.89 92.06 3.90
CA GLY G 1926 -47.09 91.34 2.93
C GLY G 1926 -47.72 90.04 2.48
N LEU G 1927 -47.32 89.55 1.31
CA LEU G 1927 -47.88 88.30 0.80
C LEU G 1927 -46.89 87.15 0.91
N LEU G 1928 -45.59 87.43 0.82
CA LEU G 1928 -44.58 86.38 0.86
C LEU G 1928 -44.37 85.81 2.27
N GLN G 1929 -44.73 86.55 3.31
CA GLN G 1929 -44.48 86.12 4.68
C GLN G 1929 -45.71 85.54 5.35
N MET G 1930 -46.77 85.25 4.59
CA MET G 1930 -47.90 84.54 5.13
C MET G 1930 -47.66 83.03 5.09
N LYS G 1931 -48.56 82.28 5.70
CA LYS G 1931 -48.50 80.83 5.69
C LYS G 1931 -49.42 80.30 4.60
N LEU G 1932 -48.85 79.60 3.63
CA LEU G 1932 -49.57 79.19 2.43
C LEU G 1932 -49.30 77.72 2.12
N PRO G 1933 -50.22 77.06 1.42
CA PRO G 1933 -49.93 75.73 0.88
C PRO G 1933 -49.05 75.82 -0.36
N GLU G 1934 -48.83 74.65 -0.97
CA GLU G 1934 -47.90 74.55 -2.10
C GLU G 1934 -48.47 75.20 -3.36
N SER G 1935 -49.79 75.11 -3.55
CA SER G 1935 -50.40 75.61 -4.78
C SER G 1935 -50.19 77.11 -4.94
N VAL G 1936 -50.31 77.87 -3.85
CA VAL G 1936 -50.06 79.30 -3.92
C VAL G 1936 -48.59 79.58 -4.16
N LYS G 1937 -47.71 78.76 -3.58
CA LYS G 1937 -46.28 78.95 -3.74
C LYS G 1937 -45.84 78.76 -5.18
N LEU G 1938 -46.51 77.87 -5.92
CA LEU G 1938 -46.19 77.72 -7.34
C LEU G 1938 -46.42 79.01 -8.10
N GLN G 1939 -47.57 79.65 -7.88
CA GLN G 1939 -47.87 80.91 -8.56
C GLN G 1939 -46.91 82.02 -8.13
N MET G 1940 -46.55 82.03 -6.84
CA MET G 1940 -45.56 83.00 -6.38
C MET G 1940 -44.23 82.81 -7.12
N CYS G 1941 -43.81 81.56 -7.30
CA CYS G 1941 -42.59 81.29 -8.06
C CYS G 1941 -42.72 81.79 -9.50
N ASN G 1942 -43.89 81.62 -10.11
CA ASN G 1942 -44.10 82.11 -11.47
C ASN G 1942 -43.91 83.62 -11.54
N LEU G 1943 -44.49 84.35 -10.58
CA LEU G 1943 -44.35 85.81 -10.57
C LEU G 1943 -42.90 86.23 -10.43
N LEU G 1944 -42.18 85.58 -9.50
CA LEU G 1944 -40.77 85.90 -9.30
C LEU G 1944 -39.96 85.62 -10.57
N GLU G 1945 -40.30 84.54 -11.27
CA GLU G 1945 -39.63 84.21 -12.52
C GLU G 1945 -39.83 85.31 -13.55
N TYR G 1946 -41.05 85.83 -13.66
CA TYR G 1946 -41.31 86.93 -14.59
C TYR G 1946 -40.44 88.14 -14.26
N PHE G 1947 -40.37 88.51 -12.98
CA PHE G 1947 -39.58 89.68 -12.62
C PHE G 1947 -38.09 89.49 -12.89
N CYS G 1948 -37.58 88.28 -12.64
CA CYS G 1948 -36.17 88.01 -12.95
C CYS G 1948 -35.91 88.11 -14.46
N ASP G 1949 -36.82 87.60 -15.28
CA ASP G 1949 -36.66 87.73 -16.72
C ASP G 1949 -36.61 89.20 -17.13
N GLN G 1950 -37.45 90.03 -16.51
CA GLN G 1950 -37.41 91.46 -16.81
C GLN G 1950 -36.05 92.07 -16.46
N GLU G 1951 -35.49 91.69 -15.30
CA GLU G 1951 -34.16 92.17 -14.94
C GLU G 1951 -33.12 91.83 -16.00
N LEU G 1952 -33.13 90.56 -16.44
CA LEU G 1952 -32.15 90.14 -17.46
C LEU G 1952 -32.32 90.93 -18.75
N GLN G 1953 -33.56 91.14 -19.18
CA GLN G 1953 -33.79 91.91 -20.40
C GLN G 1953 -33.26 93.34 -20.28
N HIS G 1954 -33.46 93.95 -19.10
CA HIS G 1954 -32.94 95.31 -18.89
C HIS G 1954 -31.42 95.34 -19.00
N ARG G 1955 -30.75 94.35 -18.40
CA ARG G 1955 -29.29 94.31 -18.51
C ARG G 1955 -28.83 94.20 -19.96
N VAL G 1956 -29.49 93.34 -20.74
CA VAL G 1956 -29.10 93.17 -22.15
C VAL G 1956 -29.28 94.48 -22.91
N GLU G 1957 -30.40 95.16 -22.71
CA GLU G 1957 -30.65 96.40 -23.43
C GLU G 1957 -29.64 97.49 -23.05
N SER G 1958 -29.28 97.59 -21.77
CA SER G 1958 -28.27 98.56 -21.38
C SER G 1958 -26.93 98.27 -22.04
N LEU G 1959 -26.54 97.00 -22.11
CA LEU G 1959 -25.30 96.65 -22.79
C LEU G 1959 -25.34 97.06 -24.26
N ALA G 1960 -26.46 96.82 -24.93
CA ALA G 1960 -26.57 97.21 -26.35
C ALA G 1960 -26.45 98.72 -26.53
N ALA G 1961 -27.09 99.50 -25.66
CA ALA G 1961 -27.01 100.95 -25.77
C ALA G 1961 -25.57 101.44 -25.59
N PHE G 1962 -24.86 100.91 -24.59
CA PHE G 1962 -23.47 101.30 -24.40
C PHE G 1962 -22.63 100.91 -25.60
N ALA G 1963 -22.90 99.74 -26.19
CA ALA G 1963 -22.18 99.33 -27.38
C ALA G 1963 -22.35 100.34 -28.51
N GLU G 1964 -23.59 100.78 -28.74
CA GLU G 1964 -23.83 101.76 -29.79
C GLU G 1964 -23.04 103.04 -29.55
N ARG G 1965 -23.14 103.60 -28.34
CA ARG G 1965 -22.45 104.86 -28.06
C ARG G 1965 -20.94 104.70 -28.21
N TYR G 1966 -20.39 103.59 -27.70
CA TYR G 1966 -18.95 103.38 -27.74
C TYR G 1966 -18.45 103.26 -29.17
N VAL G 1967 -19.16 102.52 -30.02
CA VAL G 1967 -18.75 102.38 -31.41
C VAL G 1967 -18.78 103.72 -32.12
N ASP G 1968 -19.86 104.50 -31.90
CA ASP G 1968 -19.95 105.81 -32.52
C ASP G 1968 -18.80 106.70 -32.11
N LYS G 1969 -18.42 106.66 -30.83
CA LYS G 1969 -17.28 107.46 -30.38
C LYS G 1969 -15.97 106.97 -30.98
N LEU G 1970 -15.79 105.64 -31.10
CA LEU G 1970 -14.48 105.09 -31.43
C LEU G 1970 -14.16 105.25 -32.91
N GLN G 1971 -15.15 105.07 -33.80
CA GLN G 1971 -14.82 105.03 -35.22
C GLN G 1971 -14.34 106.38 -35.74
N ALA G 1972 -14.88 107.48 -35.23
CA ALA G 1972 -14.40 108.80 -35.63
C ALA G 1972 -12.94 109.01 -35.21
N ASN G 1973 -12.59 108.56 -34.00
CA ASN G 1973 -11.20 108.66 -33.57
C ASN G 1973 -10.28 107.83 -34.45
N GLN G 1974 -10.73 106.64 -34.85
CA GLN G 1974 -9.93 105.83 -35.78
C GLN G 1974 -9.72 106.56 -37.10
N ARG G 1975 -10.78 107.18 -37.63
CA ARG G 1975 -10.66 107.91 -38.88
C ARG G 1975 -9.68 109.07 -38.75
N ASP G 1976 -9.76 109.81 -37.65
CA ASP G 1976 -8.84 110.93 -37.45
C ASP G 1976 -7.40 110.44 -37.34
N ARG G 1977 -7.18 109.35 -36.60
CA ARG G 1977 -5.84 108.80 -36.45
C ARG G 1977 -5.27 108.33 -37.78
N TYR G 1978 -6.10 107.70 -38.62
CA TYR G 1978 -5.62 107.33 -39.95
C TYR G 1978 -5.32 108.56 -40.79
N GLY G 1979 -6.13 109.61 -40.65
CA GLY G 1979 -5.88 110.83 -41.38
C GLY G 1979 -4.55 111.47 -41.01
N ILE G 1980 -4.19 111.42 -39.73
CA ILE G 1980 -2.92 111.97 -39.29
C ILE G 1980 -1.72 111.27 -39.92
N LEU G 1981 -1.72 109.93 -39.95
CA LEU G 1981 -0.61 109.18 -40.51
C LEU G 1981 -0.48 109.41 -42.01
N GLU G 1998 -1.26 96.57 -39.95
CA GLU G 1998 -1.94 97.67 -39.27
C GLU G 1998 -3.39 97.79 -39.74
N PHE G 1999 -3.58 98.37 -40.92
CA PHE G 1999 -4.90 98.51 -41.51
C PHE G 1999 -5.24 97.41 -42.50
N ARG G 2000 -4.34 96.44 -42.70
CA ARG G 2000 -4.60 95.35 -43.62
C ARG G 2000 -5.41 94.22 -43.00
N SER G 2001 -5.58 94.24 -41.68
CA SER G 2001 -6.32 93.18 -41.00
C SER G 2001 -7.83 93.34 -41.21
N PRO G 2002 -8.58 92.26 -41.13
CA PRO G 2002 -10.03 92.37 -41.23
C PRO G 2002 -10.59 93.13 -40.05
N PRO G 2003 -11.78 93.73 -40.20
CA PRO G 2003 -12.31 94.59 -39.13
C PRO G 2003 -12.48 93.88 -37.79
N GLN G 2004 -12.79 92.57 -37.80
CA GLN G 2004 -12.90 91.83 -36.55
C GLN G 2004 -11.57 91.84 -35.79
N GLU G 2005 -10.46 91.62 -36.50
CA GLU G 2005 -9.16 91.69 -35.85
C GLU G 2005 -8.87 93.10 -35.36
N GLN G 2006 -9.29 94.12 -36.09
CA GLN G 2006 -9.09 95.49 -35.63
C GLN G 2006 -9.83 95.74 -34.33
N ILE G 2007 -11.10 95.34 -34.24
CA ILE G 2007 -11.87 95.59 -33.02
C ILE G 2007 -11.35 94.72 -31.88
N ASN G 2008 -10.79 93.54 -32.20
CA ASN G 2008 -10.16 92.74 -31.16
C ASN G 2008 -8.91 93.43 -30.61
N MET G 2009 -8.10 94.02 -31.50
CA MET G 2009 -6.87 94.66 -31.08
C MET G 2009 -7.14 95.95 -30.30
N LEU G 2010 -8.17 96.70 -30.69
CA LEU G 2010 -8.44 97.98 -30.04
C LEU G 2010 -8.88 97.80 -28.59
N LEU G 2011 -9.40 96.63 -28.23
CA LEU G 2011 -9.95 96.40 -26.90
C LEU G 2011 -8.99 95.66 -25.98
N HIS G 2012 -7.73 95.47 -26.37
CA HIS G 2012 -6.80 94.66 -25.60
C HIS G 2012 -6.09 95.53 -24.56
N PHE G 2013 -6.88 95.98 -23.57
CA PHE G 2013 -6.27 96.64 -22.41
C PHE G 2013 -6.96 96.24 -21.10
N LYS G 2014 -7.53 95.04 -21.02
CA LYS G 2014 -8.21 94.61 -19.80
C LYS G 2014 -7.23 94.45 -18.64
N ASP G 2015 -5.98 94.10 -18.94
CA ASP G 2015 -4.99 93.83 -17.89
C ASP G 2015 -4.64 95.07 -17.07
N GLY G 2016 -5.02 96.26 -17.51
CA GLY G 2016 -4.77 97.48 -16.78
C GLY G 2016 -3.46 98.16 -17.09
N GLU G 2017 -2.63 97.57 -17.96
CA GLU G 2017 -1.38 98.19 -18.36
C GLU G 2017 -1.55 98.93 -19.68
N ASP G 2018 -0.73 99.95 -19.87
CA ASP G 2018 -0.78 100.79 -21.08
C ASP G 2018 -0.08 100.06 -22.25
N GLU G 2019 -0.78 99.05 -22.76
CA GLU G 2019 -0.27 98.27 -23.89
C GLU G 2019 -0.07 99.15 -25.10
N GLU G 2020 1.19 99.27 -25.55
CA GLU G 2020 1.48 100.06 -26.75
C GLU G 2020 0.86 99.47 -28.00
N ASP G 2021 0.47 98.18 -27.95
CA ASP G 2021 -0.19 97.55 -29.09
C ASP G 2021 -1.51 98.20 -29.43
N CYS G 2022 -2.13 98.88 -28.47
CA CYS G 2022 -3.39 99.59 -28.71
C CYS G 2022 -3.17 101.09 -28.65
N PRO G 2023 -3.61 101.83 -29.66
CA PRO G 2023 -3.43 103.30 -29.68
C PRO G 2023 -4.54 104.08 -29.00
N LEU G 2024 -5.37 103.46 -28.18
CA LEU G 2024 -6.52 104.14 -27.60
C LEU G 2024 -6.08 105.22 -26.62
N PRO G 2025 -6.62 106.43 -26.71
CA PRO G 2025 -6.33 107.45 -25.70
C PRO G 2025 -6.90 107.06 -24.34
N ASP G 2026 -6.62 107.93 -23.35
CA ASP G 2026 -6.97 107.61 -21.97
C ASP G 2026 -8.49 107.65 -21.74
N GLU G 2027 -9.17 108.63 -22.32
CA GLU G 2027 -10.58 108.84 -21.98
C GLU G 2027 -11.47 107.71 -22.47
N ILE G 2028 -11.18 107.14 -23.64
CA ILE G 2028 -11.97 106.01 -24.14
C ILE G 2028 -11.84 104.81 -23.20
N ARG G 2029 -10.60 104.52 -22.78
CA ARG G 2029 -10.39 103.46 -21.81
C ARG G 2029 -11.09 103.76 -20.50
N GLN G 2030 -11.10 105.03 -20.08
CA GLN G 2030 -11.79 105.40 -18.85
C GLN G 2030 -13.28 105.11 -18.96
N ASP G 2031 -13.88 105.47 -20.08
CA ASP G 2031 -15.30 105.18 -20.28
C ASP G 2031 -15.58 103.68 -20.22
N LEU G 2032 -14.77 102.88 -20.92
CA LEU G 2032 -15.00 101.44 -20.92
C LEU G 2032 -14.83 100.85 -19.52
N LEU G 2033 -13.80 101.28 -18.79
CA LEU G 2033 -13.58 100.76 -17.45
C LEU G 2033 -14.70 101.15 -16.49
N GLU G 2034 -15.20 102.39 -16.60
CA GLU G 2034 -16.30 102.81 -15.75
C GLU G 2034 -17.55 101.97 -16.04
N PHE G 2035 -17.84 101.73 -17.32
CA PHE G 2035 -19.00 100.91 -17.64
C PHE G 2035 -18.83 99.49 -17.13
N HIS G 2036 -17.62 98.93 -17.24
CA HIS G 2036 -17.39 97.58 -16.75
C HIS G 2036 -17.58 97.51 -15.24
N GLN G 2037 -17.08 98.51 -14.51
CA GLN G 2037 -17.28 98.54 -13.06
C GLN G 2037 -18.76 98.63 -12.71
N ASP G 2038 -19.52 99.47 -13.44
CA ASP G 2038 -20.95 99.58 -13.19
C ASP G 2038 -21.67 98.27 -13.46
N LEU G 2039 -21.30 97.58 -14.54
CA LEU G 2039 -21.91 96.29 -14.84
C LEU G 2039 -21.59 95.27 -13.76
N LEU G 2040 -20.34 95.27 -13.27
CA LEU G 2040 -19.97 94.34 -12.21
C LEU G 2040 -20.75 94.61 -10.93
N THR G 2041 -20.90 95.88 -10.54
CA THR G 2041 -21.59 96.16 -9.29
C THR G 2041 -23.11 96.00 -9.43
N HIS G 2042 -23.63 96.05 -10.66
CA HIS G 2042 -25.07 95.83 -10.85
C HIS G 2042 -25.44 94.38 -10.57
N CYS G 2043 -24.55 93.45 -10.90
CA CYS G 2043 -24.81 92.03 -10.69
C CYS G 2043 -24.52 91.58 -9.26
N GLY G 2044 -24.03 92.47 -8.40
CA GLY G 2044 -23.84 92.13 -7.00
C GLY G 2044 -22.60 91.33 -6.69
N ILE G 2045 -21.67 91.21 -7.63
CA ILE G 2045 -20.44 90.46 -7.37
C ILE G 2045 -19.56 91.21 -6.38
N GLN G 2046 -19.41 92.52 -6.56
CA GLN G 2046 -18.55 93.33 -5.71
C GLN G 2046 -19.09 93.42 -4.28
N GLN G 2093 -33.26 93.67 1.17
CA GLN G 2093 -32.81 94.97 0.72
C GLN G 2093 -32.92 95.09 -0.79
N SER G 2094 -32.76 93.96 -1.48
CA SER G 2094 -32.84 93.90 -2.93
C SER G 2094 -33.63 92.67 -3.33
N LEU G 2095 -33.82 92.51 -4.64
CA LEU G 2095 -34.61 91.39 -5.15
C LEU G 2095 -33.91 90.06 -4.91
N GLN G 2096 -32.60 89.99 -5.20
CA GLN G 2096 -31.88 88.74 -5.09
C GLN G 2096 -31.87 88.21 -3.65
N GLU G 2097 -31.58 89.10 -2.70
CA GLU G 2097 -31.55 88.70 -1.30
C GLU G 2097 -32.93 88.23 -0.84
N LEU G 2098 -33.98 88.95 -1.24
CA LEU G 2098 -35.34 88.57 -0.86
C LEU G 2098 -35.69 87.19 -1.40
N VAL G 2099 -35.41 86.96 -2.68
CA VAL G 2099 -35.76 85.66 -3.28
C VAL G 2099 -34.98 84.53 -2.62
N SER G 2100 -33.68 84.73 -2.42
CA SER G 2100 -32.86 83.68 -1.82
C SER G 2100 -33.32 83.37 -0.40
N HIS G 2101 -33.57 84.41 0.40
CA HIS G 2101 -34.01 84.19 1.77
C HIS G 2101 -35.36 83.49 1.81
N THR G 2102 -36.29 83.91 0.95
CA THR G 2102 -37.62 83.30 0.93
C THR G 2102 -37.53 81.82 0.55
N VAL G 2103 -36.75 81.50 -0.48
CA VAL G 2103 -36.63 80.11 -0.91
C VAL G 2103 -35.98 79.25 0.19
N VAL G 2104 -34.92 79.77 0.81
CA VAL G 2104 -34.24 79.01 1.85
C VAL G 2104 -35.17 78.78 3.03
N ARG G 2105 -35.92 79.81 3.43
CA ARG G 2105 -36.85 79.65 4.55
C ARG G 2105 -37.94 78.65 4.22
N TRP G 2106 -38.48 78.71 3.00
CA TRP G 2106 -39.49 77.73 2.59
C TRP G 2106 -38.96 76.32 2.65
N ALA G 2107 -37.73 76.11 2.16
CA ALA G 2107 -37.14 74.78 2.20
C ALA G 2107 -36.89 74.32 3.63
N GLN G 2108 -36.45 75.22 4.52
CA GLN G 2108 -36.20 74.85 5.90
C GLN G 2108 -37.48 74.48 6.64
N GLU G 2109 -38.56 75.21 6.39
CA GLU G 2109 -39.75 75.08 7.24
C GLU G 2109 -40.38 73.69 7.13
N ASP G 2110 -40.48 73.14 5.92
CA ASP G 2110 -41.24 71.91 5.74
C ASP G 2110 -40.61 71.04 4.68
N PHE G 2111 -41.02 69.78 4.65
CA PHE G 2111 -40.55 68.80 3.68
C PHE G 2111 -41.46 68.87 2.46
N VAL G 2112 -40.96 69.45 1.37
CA VAL G 2112 -41.78 69.67 0.18
C VAL G 2112 -42.10 68.33 -0.47
N GLN G 2113 -43.31 68.22 -1.02
CA GLN G 2113 -43.79 66.97 -1.59
C GLN G 2113 -43.88 67.00 -3.12
N SER G 2114 -44.35 68.11 -3.70
CA SER G 2114 -44.55 68.16 -5.14
C SER G 2114 -43.22 68.41 -5.85
N PRO G 2115 -42.84 67.55 -6.80
CA PRO G 2115 -41.56 67.77 -7.50
C PRO G 2115 -41.47 69.08 -8.25
N GLU G 2116 -42.58 69.55 -8.84
CA GLU G 2116 -42.53 70.77 -9.65
C GLU G 2116 -42.16 71.98 -8.82
N LEU G 2117 -42.69 72.08 -7.60
CA LEU G 2117 -42.34 73.19 -6.71
C LEU G 2117 -40.85 73.17 -6.39
N VAL G 2118 -40.31 71.99 -6.10
CA VAL G 2118 -38.88 71.87 -5.81
C VAL G 2118 -38.05 72.33 -7.01
N ARG G 2119 -38.42 71.86 -8.19
CA ARG G 2119 -37.67 72.24 -9.40
C ARG G 2119 -37.72 73.74 -9.62
N ALA G 2120 -38.91 74.34 -9.49
CA ALA G 2120 -39.05 75.78 -9.72
C ALA G 2120 -38.24 76.59 -8.71
N MET G 2121 -38.33 76.24 -7.43
CA MET G 2121 -37.65 77.03 -6.42
C MET G 2121 -36.14 76.90 -6.55
N PHE G 2122 -35.64 75.70 -6.87
CA PHE G 2122 -34.20 75.56 -7.02
C PHE G 2122 -33.69 76.23 -8.29
N SER G 2123 -34.48 76.23 -9.36
CA SER G 2123 -34.11 77.02 -10.54
C SER G 2123 -34.04 78.51 -10.20
N LEU G 2124 -35.01 79.00 -9.43
CA LEU G 2124 -34.98 80.40 -9.02
C LEU G 2124 -33.73 80.71 -8.19
N LEU G 2125 -33.40 79.82 -7.25
CA LEU G 2125 -32.21 80.05 -6.42
C LEU G 2125 -30.94 80.05 -7.26
N HIS G 2126 -30.83 79.11 -8.19
CA HIS G 2126 -29.64 79.06 -9.05
C HIS G 2126 -29.52 80.31 -9.90
N ARG G 2127 -30.65 80.79 -10.44
CA ARG G 2127 -30.61 82.03 -11.20
C ARG G 2127 -30.18 83.20 -10.33
N GLN G 2128 -30.68 83.27 -9.10
CA GLN G 2128 -30.32 84.37 -8.22
C GLN G 2128 -28.84 84.37 -7.83
N TYR G 2129 -28.27 83.20 -7.54
CA TYR G 2129 -26.89 83.20 -7.07
C TYR G 2129 -25.89 83.56 -8.16
N ASP G 2130 -26.05 83.00 -9.37
CA ASP G 2130 -25.09 83.24 -10.45
C ASP G 2130 -25.65 84.28 -11.42
N GLY G 2131 -25.43 85.54 -11.06
CA GLY G 2131 -25.95 86.63 -11.88
C GLY G 2131 -25.25 86.78 -13.21
N LEU G 2132 -23.91 86.71 -13.22
CA LEU G 2132 -23.16 87.03 -14.43
C LEU G 2132 -23.20 85.90 -15.45
N GLY G 2133 -23.25 84.64 -15.00
CA GLY G 2133 -23.29 83.53 -15.94
C GLY G 2133 -24.54 83.53 -16.79
N GLU G 2134 -25.67 83.95 -16.21
CA GLU G 2134 -26.91 84.02 -16.97
C GLU G 2134 -26.82 85.06 -18.09
N LEU G 2135 -26.25 86.22 -17.79
CA LEU G 2135 -26.05 87.24 -18.82
C LEU G 2135 -25.07 86.75 -19.87
N LEU G 2136 -24.03 86.03 -19.45
CA LEU G 2136 -23.08 85.47 -20.41
C LEU G 2136 -23.76 84.49 -21.36
N ARG G 2137 -24.64 83.64 -20.83
CA ARG G 2137 -25.34 82.67 -21.65
C ARG G 2137 -26.43 83.29 -22.51
N ALA G 2138 -26.97 84.44 -22.10
CA ALA G 2138 -28.05 85.06 -22.86
C ALA G 2138 -27.55 85.88 -24.05
N LEU G 2139 -26.30 86.34 -24.00
CA LEU G 2139 -25.78 87.19 -25.08
C LEU G 2139 -25.80 86.56 -26.47
N PRO G 2140 -25.46 85.28 -26.68
CA PRO G 2140 -25.40 84.75 -28.06
C PRO G 2140 -26.70 84.89 -28.86
N ARG G 2141 -27.78 85.39 -28.25
CA ARG G 2141 -29.03 85.55 -28.97
C ARG G 2141 -29.27 86.99 -29.41
N ALA G 2142 -28.81 87.96 -28.61
CA ALA G 2142 -29.08 89.37 -28.87
C ALA G 2142 -28.61 89.79 -30.24
N TYR G 2143 -29.27 90.82 -30.80
CA TYR G 2143 -29.00 91.27 -32.15
C TYR G 2143 -29.47 92.71 -32.30
N THR G 2144 -28.78 93.46 -33.15
CA THR G 2144 -29.09 94.87 -33.41
C THR G 2144 -29.37 95.06 -34.89
N ILE G 2145 -30.32 95.93 -35.21
CA ILE G 2145 -30.70 96.22 -36.59
C ILE G 2145 -30.82 97.73 -36.76
N SER G 2146 -30.75 98.15 -38.02
CA SER G 2146 -30.94 99.56 -38.35
C SER G 2146 -32.41 99.93 -38.15
N PRO G 2147 -32.71 101.17 -37.75
CA PRO G 2147 -34.11 101.57 -37.57
C PRO G 2147 -34.93 101.54 -38.84
N SER G 2148 -34.29 101.56 -40.01
CA SER G 2148 -35.02 101.56 -41.27
C SER G 2148 -35.62 100.20 -41.62
N SER G 2149 -35.14 99.12 -41.00
CA SER G 2149 -35.60 97.78 -41.32
C SER G 2149 -36.70 97.28 -40.40
N VAL G 2150 -37.11 98.08 -39.41
CA VAL G 2150 -38.01 97.60 -38.36
C VAL G 2150 -39.30 97.07 -38.96
N GLU G 2151 -39.93 97.87 -39.84
CA GLU G 2151 -41.19 97.45 -40.43
C GLU G 2151 -41.06 96.15 -41.21
N ASP G 2152 -39.87 95.90 -41.78
CA ASP G 2152 -39.67 94.65 -42.50
C ASP G 2152 -39.53 93.47 -41.54
N THR G 2153 -38.91 93.70 -40.37
CA THR G 2153 -38.70 92.60 -39.44
C THR G 2153 -40.01 92.13 -38.82
N MET G 2154 -40.84 93.07 -38.36
CA MET G 2154 -42.07 92.72 -37.66
C MET G 2154 -42.91 91.76 -38.49
N SER G 2155 -43.15 92.10 -39.76
CA SER G 2155 -43.92 91.23 -40.64
C SER G 2155 -43.36 89.81 -40.65
N LEU G 2156 -42.04 89.67 -40.81
CA LEU G 2156 -41.44 88.34 -40.80
C LEU G 2156 -41.77 87.62 -39.51
N LEU G 2157 -41.66 88.31 -38.37
CA LEU G 2157 -42.03 87.70 -37.10
C LEU G 2157 -43.48 87.24 -37.12
N GLU G 2158 -44.38 88.08 -37.63
CA GLU G 2158 -45.78 87.69 -37.67
C GLU G 2158 -45.99 86.48 -38.57
N CYS G 2159 -45.11 86.29 -39.56
CA CYS G 2159 -45.15 85.06 -40.33
C CYS G 2159 -44.69 83.88 -39.50
N LEU G 2160 -43.56 84.02 -38.79
CA LEU G 2160 -43.02 82.91 -38.01
C LEU G 2160 -43.99 82.46 -36.94
N GLY G 2161 -44.54 83.41 -36.18
CA GLY G 2161 -45.52 83.06 -35.15
C GLY G 2161 -46.75 82.38 -35.73
N GLN G 2162 -47.01 82.57 -37.03
CA GLN G 2162 -48.09 81.83 -37.67
C GLN G 2162 -47.77 80.34 -37.71
N ILE G 2163 -46.57 79.99 -38.19
CA ILE G 2163 -46.23 78.58 -38.39
C ILE G 2163 -46.23 77.84 -37.07
N ARG G 2164 -45.65 78.43 -36.03
CA ARG G 2164 -45.62 77.79 -34.72
C ARG G 2164 -47.04 77.55 -34.19
N SER G 2165 -48.01 78.35 -34.62
CA SER G 2165 -49.38 78.14 -34.17
C SER G 2165 -50.01 76.93 -34.83
N LEU G 2166 -49.54 76.56 -36.02
CA LEU G 2166 -50.12 75.44 -36.76
C LEU G 2166 -49.38 74.13 -36.55
N LEU G 2167 -48.35 74.09 -35.70
CA LEU G 2167 -47.67 72.85 -35.41
C LEU G 2167 -48.34 72.04 -34.31
N ILE G 2168 -49.19 72.66 -33.51
CA ILE G 2168 -49.92 71.96 -32.45
C ILE G 2168 -51.33 71.58 -32.87
N VAL G 2169 -51.59 71.53 -34.17
CA VAL G 2169 -52.93 71.30 -34.70
C VAL G 2169 -52.86 70.17 -35.70
N GLN G 2170 -53.94 69.38 -35.79
CA GLN G 2170 -53.98 68.28 -36.73
C GLN G 2170 -54.06 68.81 -38.15
N MET G 2171 -53.45 68.06 -39.07
CA MET G 2171 -53.13 68.60 -40.39
C MET G 2171 -54.34 68.49 -41.32
N GLY G 2172 -54.52 69.51 -42.16
CA GLY G 2172 -55.63 69.53 -43.09
C GLY G 2172 -55.36 70.39 -44.32
N PRO G 2173 -56.34 70.45 -45.22
CA PRO G 2173 -56.13 71.23 -46.47
C PRO G 2173 -55.95 72.71 -46.23
N GLN G 2174 -56.81 73.33 -45.41
CA GLN G 2174 -56.65 74.74 -45.11
C GLN G 2174 -55.34 75.01 -44.38
N GLU G 2175 -54.95 74.11 -43.48
CA GLU G 2175 -53.64 74.21 -42.85
C GLU G 2175 -52.52 74.14 -43.87
N GLU G 2176 -52.67 73.26 -44.87
CA GLU G 2176 -51.67 73.17 -45.94
C GLU G 2176 -51.56 74.49 -46.70
N ASN G 2177 -52.71 75.07 -47.04
CA ASN G 2177 -52.71 76.34 -47.76
C ASN G 2177 -52.03 77.43 -46.93
N LEU G 2178 -52.35 77.49 -45.64
CA LEU G 2178 -51.74 78.51 -44.78
C LEU G 2178 -50.24 78.31 -44.64
N MET G 2179 -49.79 77.07 -44.49
CA MET G 2179 -48.36 76.79 -44.43
C MET G 2179 -47.65 77.23 -45.70
N ILE G 2180 -48.22 76.88 -46.86
CA ILE G 2180 -47.57 77.22 -48.12
C ILE G 2180 -47.50 78.73 -48.28
N GLN G 2181 -48.60 79.43 -47.96
CA GLN G 2181 -48.61 80.88 -48.09
C GLN G 2181 -47.61 81.54 -47.15
N SER G 2182 -47.53 81.06 -45.91
CA SER G 2182 -46.59 81.63 -44.96
C SER G 2182 -45.15 81.41 -45.39
N ILE G 2183 -44.83 80.20 -45.86
CA ILE G 2183 -43.47 79.92 -46.31
C ILE G 2183 -43.11 80.76 -47.52
N GLY G 2184 -44.05 80.92 -48.45
CA GLY G 2184 -43.80 81.80 -49.59
C GLY G 2184 -43.57 83.23 -49.18
N ASN G 2185 -44.37 83.72 -48.23
CA ASN G 2185 -44.19 85.09 -47.74
C ASN G 2185 -42.84 85.27 -47.09
N ILE G 2186 -42.40 84.29 -46.29
CA ILE G 2186 -41.09 84.36 -45.68
C ILE G 2186 -40.00 84.38 -46.75
N MET G 2187 -40.14 83.53 -47.77
CA MET G 2187 -39.15 83.49 -48.85
C MET G 2187 -39.10 84.80 -49.61
N ASN G 2188 -40.23 85.50 -49.72
CA ASN G 2188 -40.27 86.72 -50.53
C ASN G 2188 -39.70 87.94 -49.80
N ASN G 2189 -39.53 87.87 -48.48
CA ASN G 2189 -38.99 88.99 -47.73
C ASN G 2189 -37.52 89.19 -48.07
N LYS G 2190 -37.06 90.45 -48.06
CA LYS G 2190 -35.70 90.74 -48.47
C LYS G 2190 -34.69 90.56 -47.34
N VAL G 2191 -35.05 90.90 -46.10
CA VAL G 2191 -34.11 90.77 -44.99
C VAL G 2191 -33.69 89.32 -44.80
N PHE G 2192 -34.46 88.37 -45.34
CA PHE G 2192 -34.09 86.96 -45.25
C PHE G 2192 -32.72 86.71 -45.86
N TYR G 2193 -32.34 87.51 -46.85
CA TYR G 2193 -31.00 87.39 -47.42
C TYR G 2193 -30.09 88.58 -47.08
N GLN G 2194 -30.41 89.32 -46.03
CA GLN G 2194 -29.54 90.40 -45.58
C GLN G 2194 -28.98 90.17 -44.17
N HIS G 2195 -29.67 89.39 -43.35
CA HIS G 2195 -29.23 89.10 -41.98
C HIS G 2195 -29.33 87.60 -41.72
N PRO G 2196 -28.50 86.79 -42.39
CA PRO G 2196 -28.59 85.33 -42.19
C PRO G 2196 -28.31 84.90 -40.76
N ASN G 2197 -27.44 85.61 -40.05
CA ASN G 2197 -27.12 85.24 -38.68
C ASN G 2197 -28.36 85.34 -37.77
N LEU G 2198 -29.16 86.38 -37.97
CA LEU G 2198 -30.41 86.50 -37.21
C LEU G 2198 -31.36 85.35 -37.54
N MET G 2199 -31.44 84.98 -38.82
CA MET G 2199 -32.31 83.87 -39.21
C MET G 2199 -31.86 82.57 -38.55
N ARG G 2200 -30.56 82.32 -38.51
CA ARG G 2200 -30.05 81.13 -37.83
C ARG G 2200 -30.33 81.20 -36.33
N ALA G 2201 -30.18 82.38 -35.73
CA ALA G 2201 -30.44 82.52 -34.30
C ALA G 2201 -31.89 82.23 -33.96
N LEU G 2202 -32.83 82.68 -34.81
CA LEU G 2202 -34.23 82.39 -34.58
C LEU G 2202 -34.54 80.91 -34.75
N GLY G 2203 -33.71 80.17 -35.48
CA GLY G 2203 -33.91 78.74 -35.63
C GLY G 2203 -35.14 78.34 -36.40
N MET G 2204 -35.46 79.02 -37.50
CA MET G 2204 -36.61 78.66 -38.31
C MET G 2204 -36.37 77.44 -39.18
N HIS G 2205 -35.12 77.17 -39.56
CA HIS G 2205 -34.85 75.94 -40.30
C HIS G 2205 -35.19 74.71 -39.47
N GLU G 2206 -34.99 74.78 -38.16
CA GLU G 2206 -35.43 73.70 -37.28
C GLU G 2206 -36.94 73.52 -37.34
N THR G 2207 -37.68 74.62 -37.37
CA THR G 2207 -39.14 74.54 -37.46
C THR G 2207 -39.58 73.91 -38.78
N VAL G 2208 -38.94 74.30 -39.89
CA VAL G 2208 -39.31 73.73 -41.18
C VAL G 2208 -38.95 72.25 -41.22
N MET G 2209 -37.81 71.87 -40.65
CA MET G 2209 -37.45 70.46 -40.57
C MET G 2209 -38.44 69.69 -39.72
N GLU G 2210 -38.93 70.30 -38.63
CA GLU G 2210 -39.95 69.66 -37.81
C GLU G 2210 -41.24 69.45 -38.60
N VAL G 2211 -41.63 70.44 -39.40
CA VAL G 2211 -42.82 70.31 -40.23
C VAL G 2211 -42.64 69.15 -41.22
N MET G 2212 -41.47 69.08 -41.85
CA MET G 2212 -41.19 68.01 -42.80
C MET G 2212 -41.20 66.65 -42.13
N VAL G 2213 -40.61 66.56 -40.93
CA VAL G 2213 -40.58 65.30 -40.19
C VAL G 2213 -42.00 64.86 -39.84
N ASN G 2214 -42.83 65.81 -39.39
CA ASN G 2214 -44.22 65.47 -39.06
C ASN G 2214 -44.97 64.99 -40.30
N VAL G 2215 -44.74 65.64 -41.44
CA VAL G 2215 -45.47 65.26 -42.65
C VAL G 2215 -45.03 63.88 -43.12
N LEU G 2216 -43.72 63.64 -43.20
CA LEU G 2216 -43.22 62.38 -43.73
C LEU G 2216 -43.54 61.21 -42.80
N GLY G 2217 -43.44 61.40 -41.49
CA GLY G 2217 -43.71 60.34 -40.55
C GLY G 2217 -45.16 59.91 -40.50
N GLU G 2223 -46.92 56.40 -49.33
CA GLU G 2223 -48.25 56.47 -48.74
C GLU G 2223 -48.50 57.83 -48.10
N ILE G 2224 -47.66 58.81 -48.46
CA ILE G 2224 -47.78 60.15 -47.89
C ILE G 2224 -49.12 60.76 -48.29
N ARG G 2225 -49.63 61.64 -47.44
CA ARG G 2225 -50.97 62.20 -47.66
C ARG G 2225 -50.90 63.55 -48.35
N PHE G 2226 -49.93 64.39 -47.99
CA PHE G 2226 -49.81 65.75 -48.51
C PHE G 2226 -48.49 65.87 -49.27
N PRO G 2227 -48.51 65.75 -50.60
CA PRO G 2227 -47.25 65.81 -51.36
C PRO G 2227 -46.73 67.22 -51.63
N LYS G 2228 -47.59 68.24 -51.58
CA LYS G 2228 -47.15 69.59 -51.95
C LYS G 2228 -46.25 70.19 -50.88
N MET G 2229 -46.55 69.92 -49.60
CA MET G 2229 -45.76 70.48 -48.51
C MET G 2229 -44.33 69.97 -48.55
N VAL G 2230 -44.13 68.72 -48.98
CA VAL G 2230 -42.78 68.19 -49.06
C VAL G 2230 -41.95 69.01 -50.04
N THR G 2231 -42.52 69.29 -51.22
CA THR G 2231 -41.83 70.10 -52.21
C THR G 2231 -41.57 71.52 -51.69
N SER G 2232 -42.57 72.10 -51.02
CA SER G 2232 -42.39 73.45 -50.49
C SER G 2232 -41.25 73.51 -49.48
N CYS G 2233 -41.23 72.58 -48.53
CA CYS G 2233 -40.18 72.57 -47.52
C CYS G 2233 -38.82 72.29 -48.16
N CYS G 2234 -38.78 71.38 -49.13
CA CYS G 2234 -37.51 71.06 -49.79
C CYS G 2234 -36.94 72.28 -50.50
N ARG G 2235 -37.79 73.00 -51.23
CA ARG G 2235 -37.29 74.17 -51.96
C ARG G 2235 -36.90 75.28 -51.00
N PHE G 2236 -37.64 75.46 -49.89
CA PHE G 2236 -37.25 76.46 -48.91
C PHE G 2236 -35.90 76.14 -48.30
N LEU G 2237 -35.68 74.86 -47.96
CA LEU G 2237 -34.40 74.47 -47.36
C LEU G 2237 -33.26 74.60 -48.36
N CYS G 2238 -33.49 74.28 -49.64
CA CYS G 2238 -32.45 74.49 -50.63
C CYS G 2238 -32.10 75.96 -50.76
N TYR G 2239 -33.11 76.84 -50.81
CA TYR G 2239 -32.86 78.27 -50.89
C TYR G 2239 -32.10 78.76 -49.66
N PHE G 2240 -32.46 78.25 -48.47
CA PHE G 2240 -31.75 78.61 -47.25
C PHE G 2240 -30.29 78.17 -47.31
N CYS G 2241 -30.05 76.96 -47.83
CA CYS G 2241 -28.68 76.46 -47.93
C CYS G 2241 -27.85 77.26 -48.94
N ARG G 2242 -28.50 77.80 -49.97
CA ARG G 2242 -27.77 78.52 -51.01
C ARG G 2242 -27.29 79.89 -50.57
N ILE G 2243 -27.49 80.28 -49.32
CA ILE G 2243 -27.19 81.64 -48.87
C ILE G 2243 -25.76 81.77 -48.36
N SER G 2244 -25.40 81.06 -47.29
CA SER G 2244 -24.11 81.28 -46.66
C SER G 2244 -23.50 79.96 -46.24
N ARG G 2245 -22.19 80.00 -46.00
CA ARG G 2245 -21.46 78.78 -45.60
C ARG G 2245 -21.93 78.26 -44.25
N GLN G 2246 -22.19 79.17 -43.31
CA GLN G 2246 -22.64 78.74 -41.98
C GLN G 2246 -23.98 78.03 -42.05
N ASN G 2247 -24.90 78.51 -42.88
CA ASN G 2247 -26.18 77.82 -43.06
C ASN G 2247 -25.96 76.42 -43.64
N GLN G 2248 -25.03 76.30 -44.59
CA GLN G 2248 -24.71 75.00 -45.17
C GLN G 2248 -24.18 74.04 -44.10
N ARG G 2249 -23.27 74.53 -43.25
CA ARG G 2249 -22.73 73.69 -42.19
C ARG G 2249 -23.81 73.31 -41.18
N SER G 2250 -24.71 74.24 -40.87
CA SER G 2250 -25.80 73.93 -39.95
C SER G 2250 -26.72 72.88 -40.51
N MET G 2251 -27.04 72.96 -41.81
CA MET G 2251 -27.91 71.96 -42.42
C MET G 2251 -27.21 70.63 -42.66
N PHE G 2252 -25.87 70.63 -42.66
CA PHE G 2252 -25.14 69.40 -42.95
C PHE G 2252 -25.38 68.31 -41.90
N ASP G 2253 -25.83 68.69 -40.69
CA ASP G 2253 -25.92 67.71 -39.62
C ASP G 2253 -27.14 66.80 -39.73
N HIS G 2254 -28.06 67.08 -40.64
CA HIS G 2254 -29.23 66.23 -40.84
C HIS G 2254 -29.09 65.33 -42.06
N LEU G 2255 -27.86 65.12 -42.53
CA LEU G 2255 -27.62 64.36 -43.75
C LEU G 2255 -28.08 62.91 -43.62
N SER G 2256 -27.81 62.30 -42.47
CA SER G 2256 -28.19 60.90 -42.28
C SER G 2256 -29.71 60.74 -42.38
N TYR G 2257 -30.46 61.61 -41.71
CA TYR G 2257 -31.93 61.54 -41.78
C TYR G 2257 -32.41 61.81 -43.20
N LEU G 2258 -31.84 62.81 -43.87
CA LEU G 2258 -32.29 63.14 -45.22
C LEU G 2258 -32.06 61.98 -46.18
N LEU G 2259 -30.90 61.32 -46.07
CA LEU G 2259 -30.63 60.16 -46.91
C LEU G 2259 -31.51 58.97 -46.51
N GLU G 2260 -31.84 58.85 -45.22
CA GLU G 2260 -32.72 57.78 -44.79
C GLU G 2260 -34.11 57.92 -45.41
N ASN G 2261 -34.61 59.14 -45.50
CA ASN G 2261 -35.94 59.36 -46.08
C ASN G 2261 -35.90 59.63 -47.58
N SER G 2262 -34.73 59.57 -48.22
CA SER G 2262 -34.64 59.89 -49.63
C SER G 2262 -34.98 58.72 -50.54
N GLY G 2263 -35.15 57.52 -49.98
CA GLY G 2263 -35.36 56.33 -50.79
C GLY G 2263 -36.78 56.13 -51.30
N ILE G 2264 -37.53 57.23 -51.46
CA ILE G 2264 -38.91 57.11 -51.92
C ILE G 2264 -38.93 56.59 -53.36
N GLY G 2265 -40.00 55.85 -53.69
CA GLY G 2265 -40.12 55.24 -55.00
C GLY G 2265 -40.70 56.14 -56.06
N LEU G 2266 -41.25 57.29 -55.67
CA LEU G 2266 -41.90 58.18 -56.65
C LEU G 2266 -40.89 59.14 -57.28
N GLY G 2267 -40.27 59.99 -56.47
CA GLY G 2267 -39.20 60.84 -56.96
C GLY G 2267 -39.66 62.05 -57.76
N MET G 2268 -40.65 61.84 -58.63
CA MET G 2268 -41.05 62.88 -59.59
C MET G 2268 -42.06 63.86 -59.00
N GLN G 2269 -42.11 63.95 -57.67
CA GLN G 2269 -43.02 64.90 -57.03
C GLN G 2269 -42.59 66.34 -57.27
N GLY G 2270 -41.36 66.58 -57.69
CA GLY G 2270 -40.83 67.92 -57.81
C GLY G 2270 -39.49 68.02 -57.09
N SER G 2271 -39.44 68.81 -56.02
CA SER G 2271 -38.26 68.83 -55.18
C SER G 2271 -38.33 67.70 -54.16
N THR G 2272 -37.16 67.15 -53.83
CA THR G 2272 -37.05 65.98 -52.98
C THR G 2272 -35.91 66.20 -52.00
N PRO G 2273 -35.94 65.54 -50.85
CA PRO G 2273 -34.86 65.72 -49.86
C PRO G 2273 -33.47 65.37 -50.39
N LEU G 2274 -33.38 64.55 -51.43
CA LEU G 2274 -32.08 64.31 -52.06
C LEU G 2274 -31.50 65.60 -52.61
N ASP G 2275 -32.35 66.48 -53.16
CA ASP G 2275 -31.89 67.79 -53.59
C ASP G 2275 -31.38 68.61 -52.41
N VAL G 2276 -32.04 68.50 -51.25
CA VAL G 2276 -31.59 69.20 -50.05
C VAL G 2276 -30.21 68.72 -49.66
N ALA G 2277 -29.99 67.40 -49.68
CA ALA G 2277 -28.67 66.86 -49.36
C ALA G 2277 -27.61 67.33 -50.35
N ALA G 2278 -27.94 67.31 -51.64
CA ALA G 2278 -26.99 67.75 -52.66
C ALA G 2278 -26.61 69.21 -52.48
N ALA G 2279 -27.60 70.05 -52.17
CA ALA G 2279 -27.31 71.46 -51.89
C ALA G 2279 -26.49 71.61 -50.62
N SER G 2280 -26.71 70.74 -49.64
CA SER G 2280 -25.93 70.80 -48.41
C SER G 2280 -24.46 70.47 -48.64
N VAL G 2281 -24.18 69.52 -49.53
CA VAL G 2281 -22.81 69.05 -49.74
C VAL G 2281 -22.05 69.85 -50.80
N ILE G 2282 -22.75 70.44 -51.79
CA ILE G 2282 -22.10 70.90 -53.01
C ILE G 2282 -21.01 71.92 -52.75
N ASP G 2283 -19.92 71.82 -53.51
CA ASP G 2283 -18.84 72.81 -53.64
C ASP G 2283 -18.28 73.29 -52.31
N ASN G 2284 -18.22 72.42 -51.30
CA ASN G 2284 -17.61 72.77 -50.02
C ASN G 2284 -16.52 71.75 -49.71
N ASN G 2285 -15.26 72.20 -49.78
CA ASN G 2285 -14.14 71.29 -49.57
C ASN G 2285 -14.15 70.71 -48.15
N GLU G 2286 -14.31 71.57 -47.15
CA GLU G 2286 -14.31 71.11 -45.76
C GLU G 2286 -15.47 70.16 -45.50
N LEU G 2287 -16.65 70.49 -46.01
CA LEU G 2287 -17.81 69.63 -45.81
C LEU G 2287 -17.67 68.33 -46.60
N ALA G 2288 -17.11 68.38 -47.81
CA ALA G 2288 -16.90 67.17 -48.58
C ALA G 2288 -15.92 66.22 -47.90
N LEU G 2289 -14.84 66.76 -47.34
CA LEU G 2289 -13.85 65.93 -46.68
C LEU G 2289 -14.38 65.28 -45.41
N ALA G 2290 -15.45 65.83 -44.82
CA ALA G 2290 -16.01 65.29 -43.59
C ALA G 2290 -17.07 64.23 -43.83
N LEU G 2291 -17.31 63.85 -45.08
CA LEU G 2291 -18.36 62.88 -45.39
C LEU G 2291 -17.99 61.49 -44.86
N GLN G 2292 -18.97 60.81 -44.28
CA GLN G 2292 -18.78 59.47 -43.77
C GLN G 2292 -19.06 58.44 -44.86
N GLU G 2293 -18.55 57.23 -44.65
CA GLU G 2293 -18.71 56.17 -45.65
C GLU G 2293 -20.06 55.47 -45.57
N GLN G 2294 -20.75 55.55 -44.42
CA GLN G 2294 -22.05 54.90 -44.29
C GLN G 2294 -23.07 55.53 -45.23
N ASP G 2295 -23.05 56.85 -45.38
CA ASP G 2295 -23.96 57.52 -46.30
C ASP G 2295 -23.72 57.08 -47.74
N LEU G 2296 -22.45 56.99 -48.14
CA LEU G 2296 -22.12 56.53 -49.48
C LEU G 2296 -22.59 55.09 -49.68
N GLU G 2297 -22.42 54.25 -48.67
CA GLU G 2297 -22.87 52.87 -48.78
C GLU G 2297 -24.38 52.80 -48.92
N LYS G 2298 -25.10 53.64 -48.17
CA LYS G 2298 -26.55 53.69 -48.30
C LYS G 2298 -26.97 54.11 -49.71
N VAL G 2299 -26.30 55.12 -50.26
CA VAL G 2299 -26.62 55.58 -51.61
C VAL G 2299 -26.34 54.47 -52.63
N VAL G 2300 -25.22 53.76 -52.46
CA VAL G 2300 -24.89 52.69 -53.39
C VAL G 2300 -25.92 51.56 -53.30
N SER G 2301 -26.37 51.25 -52.09
CA SER G 2301 -27.43 50.24 -51.94
C SER G 2301 -28.71 50.68 -52.62
N TYR G 2302 -29.09 51.94 -52.48
CA TYR G 2302 -30.25 52.46 -53.21
C TYR G 2302 -30.07 52.31 -54.71
N LEU G 2303 -28.87 52.62 -55.21
CA LEU G 2303 -28.62 52.52 -56.64
C LEU G 2303 -28.72 51.08 -57.13
N ALA G 2304 -28.18 50.13 -56.35
CA ALA G 2304 -28.29 48.73 -56.73
C ALA G 2304 -29.74 48.27 -56.74
N GLY G 2305 -30.51 48.64 -55.70
CA GLY G 2305 -31.91 48.28 -55.67
C GLY G 2305 -32.66 48.85 -56.86
N CYS G 2306 -32.34 50.08 -57.24
CA CYS G 2306 -32.95 50.68 -58.44
C CYS G 2306 -32.55 49.91 -59.70
N GLY G 2307 -31.30 49.47 -59.78
CA GLY G 2307 -30.84 48.74 -60.95
C GLY G 2307 -31.30 47.31 -61.03
N LEU G 2308 -31.89 46.77 -59.96
CA LEU G 2308 -32.39 45.40 -59.99
C LEU G 2308 -33.87 45.29 -60.29
N GLN G 2309 -34.66 46.35 -60.08
CA GLN G 2309 -36.10 46.25 -60.16
C GLN G 2309 -36.66 47.24 -61.18
N SER G 2310 -37.85 46.94 -61.68
CA SER G 2310 -38.53 47.79 -62.65
C SER G 2310 -39.12 49.02 -61.98
N CYS G 2311 -39.41 50.03 -62.79
CA CYS G 2311 -39.99 51.27 -62.28
C CYS G 2311 -41.48 51.07 -62.03
N PRO G 2312 -41.98 51.34 -60.81
CA PRO G 2312 -43.41 51.09 -60.54
C PRO G 2312 -44.33 52.07 -61.24
N MET G 2313 -44.02 53.37 -61.20
CA MET G 2313 -44.91 54.36 -61.78
C MET G 2313 -44.99 54.25 -63.29
N LEU G 2314 -43.89 53.87 -63.94
CA LEU G 2314 -43.93 53.66 -65.39
C LEU G 2314 -44.82 52.49 -65.75
N LEU G 2315 -44.73 51.40 -64.98
CA LEU G 2315 -45.58 50.23 -65.22
C LEU G 2315 -47.05 50.57 -64.96
N ALA G 2316 -47.31 51.38 -63.93
CA ALA G 2316 -48.68 51.76 -63.63
C ALA G 2316 -49.32 52.57 -64.76
N LYS G 2317 -48.48 53.24 -65.58
CA LYS G 2317 -49.00 54.04 -66.68
C LYS G 2317 -49.14 53.25 -67.97
N GLY G 2318 -48.92 51.94 -67.95
CA GLY G 2318 -49.00 51.14 -69.15
C GLY G 2318 -47.79 51.30 -70.06
N TYR G 2319 -46.63 50.88 -69.57
CA TYR G 2319 -45.38 50.94 -70.30
C TYR G 2319 -44.86 49.54 -70.50
N PRO G 2320 -44.05 49.31 -71.53
CA PRO G 2320 -43.44 47.99 -71.72
C PRO G 2320 -42.55 47.62 -70.53
N ASP G 2321 -42.55 46.34 -70.19
CA ASP G 2321 -41.81 45.88 -69.02
C ASP G 2321 -40.31 45.89 -69.32
N ILE G 2322 -39.54 46.40 -68.36
CA ILE G 2322 -38.09 46.44 -68.44
C ILE G 2322 -37.52 45.94 -67.13
N GLY G 2323 -36.46 45.13 -67.20
CA GLY G 2323 -35.94 44.47 -66.02
C GLY G 2323 -35.23 45.37 -65.02
N TRP G 2324 -35.10 46.65 -65.35
CA TRP G 2324 -34.42 47.59 -64.47
C TRP G 2324 -35.07 48.96 -64.59
N ASN G 2325 -34.62 49.88 -63.74
CA ASN G 2325 -35.23 51.21 -63.61
C ASN G 2325 -34.20 52.26 -64.00
N PRO G 2326 -34.19 52.72 -65.26
CA PRO G 2326 -33.19 53.71 -65.65
C PRO G 2326 -33.48 55.12 -65.17
N CYS G 2327 -34.76 55.50 -65.05
CA CYS G 2327 -35.08 56.87 -64.68
C CYS G 2327 -34.83 57.15 -63.20
N GLY G 2328 -34.53 56.13 -62.41
CA GLY G 2328 -34.34 56.29 -60.99
C GLY G 2328 -32.90 56.46 -60.55
N GLY G 2329 -31.99 55.65 -61.11
CA GLY G 2329 -30.62 55.66 -60.64
C GLY G 2329 -29.84 56.91 -61.01
N GLU G 2330 -30.37 57.70 -61.95
CA GLU G 2330 -29.68 58.91 -62.38
C GLU G 2330 -29.53 59.91 -61.25
N ARG G 2331 -30.55 60.01 -60.38
CA ARG G 2331 -30.48 60.93 -59.25
C ARG G 2331 -29.36 60.54 -58.29
N TYR G 2332 -29.26 59.25 -57.96
CA TYR G 2332 -28.19 58.80 -57.08
C TYR G 2332 -26.83 58.97 -57.73
N LEU G 2333 -26.74 58.72 -59.03
CA LEU G 2333 -25.48 58.92 -59.74
C LEU G 2333 -25.06 60.38 -59.70
N ASP G 2334 -26.00 61.31 -59.89
CA ASP G 2334 -25.64 62.72 -59.85
C ASP G 2334 -25.27 63.17 -58.44
N PHE G 2335 -25.92 62.63 -57.41
CA PHE G 2335 -25.52 62.94 -56.05
C PHE G 2335 -24.10 62.46 -55.78
N LEU G 2336 -23.77 61.24 -56.23
CA LEU G 2336 -22.40 60.75 -56.07
C LEU G 2336 -21.42 61.63 -56.85
N ARG G 2337 -21.80 62.08 -58.03
CA ARG G 2337 -20.94 62.97 -58.82
C ARG G 2337 -20.66 64.26 -58.06
N PHE G 2338 -21.70 64.84 -57.44
CA PHE G 2338 -21.49 66.00 -56.61
C PHE G 2338 -20.60 65.68 -55.41
N ALA G 2339 -20.71 64.47 -54.86
CA ALA G 2339 -19.90 64.10 -53.71
C ALA G 2339 -18.43 63.93 -54.06
N VAL G 2340 -18.13 63.56 -55.31
CA VAL G 2340 -16.75 63.21 -55.67
C VAL G 2340 -15.97 64.40 -56.21
N PHE G 2341 -16.61 65.29 -56.98
CA PHE G 2341 -15.91 66.33 -57.73
C PHE G 2341 -16.17 67.68 -57.08
N VAL G 2342 -15.09 68.43 -56.82
CA VAL G 2342 -15.18 69.72 -56.16
C VAL G 2342 -14.28 70.72 -56.87
N ASN G 2343 -14.87 71.82 -57.36
CA ASN G 2343 -14.13 72.99 -57.84
C ASN G 2343 -13.12 72.64 -58.93
N GLY G 2344 -13.44 71.63 -59.74
CA GLY G 2344 -12.57 71.27 -60.84
C GLY G 2344 -11.49 70.27 -60.51
N GLU G 2345 -11.39 69.82 -59.26
CA GLU G 2345 -10.42 68.80 -58.87
C GLU G 2345 -11.13 67.70 -58.12
N SER G 2346 -10.51 66.52 -58.12
CA SER G 2346 -11.08 65.34 -57.47
C SER G 2346 -10.48 65.17 -56.08
N VAL G 2347 -11.27 64.60 -55.17
CA VAL G 2347 -10.81 64.23 -53.85
C VAL G 2347 -10.55 62.73 -53.86
N GLU G 2348 -9.32 62.34 -53.53
CA GLU G 2348 -8.90 60.96 -53.73
C GLU G 2348 -9.67 59.99 -52.83
N GLU G 2349 -9.90 60.37 -51.56
CA GLU G 2349 -10.49 59.44 -50.61
C GLU G 2349 -11.91 59.05 -51.04
N ASN G 2350 -12.75 60.04 -51.35
CA ASN G 2350 -14.12 59.75 -51.74
C ASN G 2350 -14.16 58.95 -53.03
N ALA G 2351 -13.31 59.28 -53.99
CA ALA G 2351 -13.28 58.54 -55.25
C ALA G 2351 -12.91 57.08 -55.03
N ASN G 2352 -11.88 56.84 -54.22
CA ASN G 2352 -11.48 55.46 -53.93
C ASN G 2352 -12.59 54.70 -53.23
N VAL G 2353 -13.24 55.33 -52.24
CA VAL G 2353 -14.30 54.67 -51.51
C VAL G 2353 -15.46 54.33 -52.45
N VAL G 2354 -15.83 55.28 -53.32
CA VAL G 2354 -16.95 55.05 -54.22
C VAL G 2354 -16.64 53.93 -55.19
N VAL G 2355 -15.43 53.92 -55.75
CA VAL G 2355 -15.07 52.89 -56.72
C VAL G 2355 -15.07 51.52 -56.05
N ARG G 2356 -14.47 51.43 -54.86
CA ARG G 2356 -14.41 50.15 -54.16
C ARG G 2356 -15.79 49.65 -53.79
N LEU G 2357 -16.69 50.57 -53.40
CA LEU G 2357 -18.06 50.17 -53.10
C LEU G 2357 -18.79 49.70 -54.35
N LEU G 2358 -18.55 50.38 -55.47
CA LEU G 2358 -19.27 50.05 -56.71
C LEU G 2358 -18.83 48.70 -57.27
N ILE G 2359 -17.53 48.42 -57.28
CA ILE G 2359 -17.05 47.21 -57.94
C ILE G 2359 -17.56 45.94 -57.27
N ARG G 2360 -17.96 46.02 -56.00
CA ARG G 2360 -18.43 44.84 -55.29
C ARG G 2360 -19.92 44.58 -55.46
N LYS G 2361 -20.64 45.46 -56.15
CA LYS G 2361 -22.05 45.28 -56.50
C LYS G 2361 -22.19 45.55 -57.99
N PRO G 2362 -21.85 44.58 -58.84
CA PRO G 2362 -21.83 44.84 -60.29
C PRO G 2362 -23.18 45.22 -60.88
N GLU G 2363 -24.28 44.83 -60.24
CA GLU G 2363 -25.60 45.11 -60.79
C GLU G 2363 -25.91 46.60 -60.85
N CYS G 2364 -25.11 47.44 -60.17
CA CYS G 2364 -25.25 48.88 -60.31
C CYS G 2364 -24.92 49.37 -61.70
N PHE G 2365 -24.19 48.58 -62.49
CA PHE G 2365 -23.75 49.02 -63.82
C PHE G 2365 -24.80 48.80 -64.90
N GLY G 2366 -25.92 48.16 -64.59
CA GLY G 2366 -26.94 47.92 -65.58
C GLY G 2366 -26.64 46.69 -66.42
N PRO G 2367 -27.58 46.35 -67.32
CA PRO G 2367 -27.40 45.12 -68.12
C PRO G 2367 -26.18 45.15 -69.04
N ALA G 2368 -25.76 46.32 -69.51
CA ALA G 2368 -24.73 46.38 -70.53
C ALA G 2368 -23.40 45.81 -70.04
N LEU G 2369 -22.99 46.18 -68.82
CA LEU G 2369 -21.69 45.78 -68.30
C LEU G 2369 -21.74 44.47 -67.52
N ARG G 2370 -22.82 43.69 -67.66
CA ARG G 2370 -22.86 42.37 -67.06
C ARG G 2370 -21.88 41.44 -67.76
N GLY G 2371 -21.24 40.58 -66.98
CA GLY G 2371 -20.31 39.62 -67.56
C GLY G 2371 -20.98 38.40 -68.14
N GLU G 2372 -22.19 38.09 -67.68
CA GLU G 2372 -22.91 36.90 -68.13
C GLU G 2372 -23.76 37.14 -69.38
N GLY G 2373 -23.13 37.45 -70.51
CA GLY G 2373 -23.84 37.63 -71.76
C GLY G 2373 -24.30 39.04 -72.06
N GLY G 2374 -23.92 40.02 -71.26
CA GLY G 2374 -24.35 41.38 -71.50
C GLY G 2374 -23.53 42.01 -72.62
N SER G 2375 -24.22 42.53 -73.63
CA SER G 2375 -23.55 43.19 -74.75
C SER G 2375 -23.00 44.53 -74.32
N GLY G 2376 -21.98 45.00 -75.05
CA GLY G 2376 -21.26 46.20 -74.68
C GLY G 2376 -22.07 47.48 -74.77
N LEU G 2377 -21.42 48.61 -74.48
CA LEU G 2377 -22.12 49.89 -74.47
C LEU G 2377 -22.60 50.27 -75.85
N LEU G 2378 -21.79 50.03 -76.89
CA LEU G 2378 -22.16 50.44 -78.23
C LEU G 2378 -23.43 49.75 -78.70
N ALA G 2379 -23.54 48.44 -78.46
CA ALA G 2379 -24.71 47.70 -78.90
C ALA G 2379 -25.99 48.19 -78.22
N THR G 2380 -25.93 48.43 -76.90
CA THR G 2380 -27.13 48.87 -76.21
C THR G 2380 -27.48 50.32 -76.56
N ILE G 2381 -26.48 51.16 -76.84
CA ILE G 2381 -26.77 52.51 -77.28
C ILE G 2381 -27.45 52.49 -78.66
N GLU G 2382 -26.96 51.65 -79.57
CA GLU G 2382 -27.61 51.51 -80.87
C GLU G 2382 -29.02 50.97 -80.72
N GLU G 2383 -29.22 50.01 -79.82
CA GLU G 2383 -30.56 49.47 -79.57
C GLU G 2383 -31.49 50.56 -79.04
N ALA G 2384 -30.99 51.39 -78.12
CA ALA G 2384 -31.81 52.50 -77.62
C ALA G 2384 -32.15 53.48 -78.73
N ILE G 2385 -31.18 53.77 -79.60
CA ILE G 2385 -31.44 54.67 -80.73
C ILE G 2385 -32.54 54.10 -81.62
N ARG G 2386 -32.48 52.79 -81.89
CA ARG G 2386 -33.54 52.14 -82.67
C ARG G 2386 -34.87 52.21 -81.93
N ILE G 2387 -34.84 52.04 -80.61
CA ILE G 2387 -36.07 52.08 -79.82
C ILE G 2387 -36.73 53.45 -79.95
N SER G 2388 -35.94 54.52 -79.89
CA SER G 2388 -36.49 55.86 -79.98
C SER G 2388 -37.18 56.13 -81.31
N GLU G 2389 -36.91 55.32 -82.33
CA GLU G 2389 -37.57 55.48 -83.63
C GLU G 2389 -38.92 54.78 -83.70
N ASP G 2390 -39.24 53.92 -82.75
CA ASP G 2390 -40.49 53.16 -82.77
C ASP G 2390 -41.42 53.64 -81.67
N PRO G 2391 -42.53 54.30 -81.99
CA PRO G 2391 -43.48 54.70 -80.94
C PRO G 2391 -44.08 53.53 -80.18
N ALA G 2392 -44.17 52.35 -80.79
CA ALA G 2392 -44.76 51.20 -80.11
C ALA G 2392 -43.92 50.78 -78.91
N ARG G 2393 -42.60 50.72 -79.06
CA ARG G 2393 -41.72 50.36 -77.96
C ARG G 2393 -41.43 51.53 -77.05
N ASP G 2394 -41.84 52.74 -77.41
CA ASP G 2394 -41.77 53.90 -76.53
C ASP G 2394 -43.15 54.16 -75.95
N GLY G 2395 -43.27 55.20 -75.12
CA GLY G 2395 -44.55 55.59 -74.55
C GLY G 2395 -45.24 54.49 -73.75
N ARG G 2416 -43.71 63.96 -70.02
CA ARG G 2416 -43.67 62.55 -70.35
C ARG G 2416 -42.24 62.01 -70.29
N VAL G 2417 -42.12 60.69 -70.31
CA VAL G 2417 -40.83 60.01 -70.23
C VAL G 2417 -40.70 59.06 -71.42
N HIS G 2418 -39.56 59.10 -72.09
CA HIS G 2418 -39.27 58.21 -73.21
C HIS G 2418 -38.18 57.23 -72.81
N LEU G 2419 -38.31 55.98 -73.30
CA LEU G 2419 -37.42 54.93 -72.85
C LEU G 2419 -35.99 55.14 -73.34
N GLY G 2420 -35.83 55.44 -74.63
CA GLY G 2420 -34.49 55.56 -75.19
C GLY G 2420 -33.70 56.69 -74.57
N HIS G 2421 -34.36 57.83 -74.34
CA HIS G 2421 -33.67 58.97 -73.72
C HIS G 2421 -33.19 58.63 -72.32
N ALA G 2422 -34.05 57.97 -71.53
CA ALA G 2422 -33.64 57.59 -70.18
C ALA G 2422 -32.49 56.59 -70.20
N ILE G 2423 -32.56 55.61 -71.11
CA ILE G 2423 -31.48 54.62 -71.20
C ILE G 2423 -30.18 55.29 -71.57
N MET G 2424 -30.22 56.24 -72.50
CA MET G 2424 -29.01 56.96 -72.88
C MET G 2424 -28.47 57.79 -71.72
N SER G 2425 -29.36 58.50 -71.02
CA SER G 2425 -28.95 59.39 -69.95
C SER G 2425 -28.33 58.64 -68.78
N PHE G 2426 -28.86 57.48 -68.44
CA PHE G 2426 -28.29 56.68 -67.35
C PHE G 2426 -26.82 56.38 -67.62
N TYR G 2427 -26.52 55.86 -68.82
CA TYR G 2427 -25.15 55.48 -69.12
C TYR G 2427 -24.26 56.70 -69.28
N ALA G 2428 -24.81 57.81 -69.80
CA ALA G 2428 -24.03 59.04 -69.88
C ALA G 2428 -23.60 59.50 -68.50
N ALA G 2429 -24.54 59.50 -67.54
CA ALA G 2429 -24.21 59.92 -66.18
C ALA G 2429 -23.22 58.96 -65.53
N LEU G 2430 -23.40 57.66 -65.74
CA LEU G 2430 -22.47 56.69 -65.16
C LEU G 2430 -21.06 56.88 -65.70
N ILE G 2431 -20.92 57.08 -67.01
CA ILE G 2431 -19.60 57.29 -67.59
C ILE G 2431 -19.00 58.60 -67.09
N ASP G 2432 -19.82 59.64 -66.92
CA ASP G 2432 -19.31 60.90 -66.38
C ASP G 2432 -18.78 60.71 -64.97
N LEU G 2433 -19.52 59.98 -64.13
CA LEU G 2433 -19.06 59.75 -62.76
C LEU G 2433 -17.76 58.94 -62.74
N LEU G 2434 -17.70 57.88 -63.54
CA LEU G 2434 -16.50 57.06 -63.58
C LEU G 2434 -15.29 57.86 -64.08
N GLY G 2435 -15.50 58.73 -65.08
CA GLY G 2435 -14.42 59.59 -65.54
C GLY G 2435 -13.97 60.58 -64.48
N ARG G 2436 -14.91 61.11 -63.70
CA ARG G 2436 -14.54 62.01 -62.61
C ARG G 2436 -13.86 61.28 -61.45
N CYS G 2437 -14.04 59.96 -61.34
CA CYS G 2437 -13.36 59.22 -60.27
C CYS G 2437 -11.90 58.92 -60.58
N ALA G 2438 -11.43 59.28 -61.77
CA ALA G 2438 -10.07 58.93 -62.17
C ALA G 2438 -9.04 59.72 -61.35
N PRO G 2439 -7.84 59.18 -61.13
CA PRO G 2439 -6.84 59.90 -60.36
C PRO G 2439 -6.19 61.02 -61.15
N GLU G 2440 -5.47 61.88 -60.43
CA GLU G 2440 -4.78 63.00 -61.06
C GLU G 2440 -3.48 62.54 -61.72
N MET G 2441 -2.92 63.41 -62.56
CA MET G 2441 -1.76 63.04 -63.34
C MET G 2441 -0.49 62.99 -62.49
N HIS G 2442 -0.32 63.94 -61.57
CA HIS G 2442 0.91 63.99 -60.80
C HIS G 2442 1.05 62.80 -59.85
N LEU G 2443 -0.07 62.23 -59.39
CA LEU G 2443 0.01 60.99 -58.62
C LEU G 2443 0.56 59.85 -59.46
N ILE G 2444 0.15 59.76 -60.74
CA ILE G 2444 0.70 58.75 -61.64
C ILE G 2444 2.18 59.03 -61.88
N GLN G 2445 2.56 60.31 -62.00
CA GLN G 2445 3.96 60.67 -62.18
C GLN G 2445 4.79 60.22 -60.99
N ALA G 2446 4.26 60.40 -59.77
CA ALA G 2446 4.94 59.92 -58.58
C ALA G 2446 5.01 58.41 -58.49
N GLY G 2447 4.18 57.69 -59.24
CA GLY G 2447 4.23 56.25 -59.26
C GLY G 2447 3.60 55.55 -58.07
N LYS G 2448 2.60 56.18 -57.45
CA LYS G 2448 1.91 55.53 -56.34
C LYS G 2448 1.10 54.33 -56.84
N GLY G 2449 1.15 53.24 -56.09
CA GLY G 2449 0.48 52.02 -56.51
C GLY G 2449 -1.03 52.12 -56.55
N GLU G 2450 -1.62 52.85 -55.60
CA GLU G 2450 -3.07 52.92 -55.50
C GLU G 2450 -3.67 53.56 -56.76
N ALA G 2451 -3.08 54.66 -57.23
CA ALA G 2451 -3.60 55.31 -58.44
C ALA G 2451 -3.48 54.41 -59.65
N LEU G 2452 -2.35 53.70 -59.78
CA LEU G 2452 -2.19 52.78 -60.90
C LEU G 2452 -3.22 51.66 -60.85
N ARG G 2453 -3.47 51.12 -59.65
CA ARG G 2453 -4.46 50.07 -59.50
C ARG G 2453 -5.85 50.55 -59.88
N ILE G 2454 -6.22 51.74 -59.42
CA ILE G 2454 -7.55 52.29 -59.72
C ILE G 2454 -7.68 52.53 -61.22
N ARG G 2455 -6.65 53.10 -61.84
CA ARG G 2455 -6.69 53.37 -63.27
C ARG G 2455 -6.76 52.07 -64.07
N ALA G 2456 -6.06 51.03 -63.62
CA ALA G 2456 -6.14 49.74 -64.29
C ALA G 2456 -7.55 49.17 -64.21
N ILE G 2457 -8.18 49.29 -63.04
CA ILE G 2457 -9.56 48.82 -62.90
C ILE G 2457 -10.48 49.59 -63.86
N LEU G 2458 -10.34 50.92 -63.89
CA LEU G 2458 -11.19 51.74 -64.75
C LEU G 2458 -10.99 51.39 -66.22
N ARG G 2459 -9.73 51.20 -66.62
CA ARG G 2459 -9.46 50.80 -68.01
C ARG G 2459 -10.05 49.44 -68.33
N SER G 2460 -9.96 48.49 -67.39
CA SER G 2460 -10.53 47.17 -67.63
C SER G 2460 -12.05 47.22 -67.73
N LEU G 2461 -12.69 48.18 -67.05
CA LEU G 2461 -14.15 48.25 -67.10
C LEU G 2461 -14.65 48.69 -68.47
N VAL G 2462 -14.07 49.74 -69.03
CA VAL G 2462 -14.59 50.33 -70.27
C VAL G 2462 -13.52 50.27 -71.36
N PRO G 2463 -13.73 49.48 -72.41
CA PRO G 2463 -12.77 49.45 -73.52
C PRO G 2463 -12.78 50.73 -74.34
N LEU G 2464 -11.64 51.00 -74.97
CA LEU G 2464 -11.47 52.21 -75.77
C LEU G 2464 -12.32 52.19 -77.03
N ASP G 2465 -12.43 51.03 -77.69
CA ASP G 2465 -13.18 50.94 -78.93
C ASP G 2465 -14.64 51.33 -78.73
N ASP G 2466 -15.21 51.02 -77.57
CA ASP G 2466 -16.59 51.42 -77.30
C ASP G 2466 -16.72 52.94 -77.27
N LEU G 2467 -15.78 53.63 -76.62
CA LEU G 2467 -15.80 55.08 -76.58
C LEU G 2467 -15.66 55.66 -77.97
N VAL G 2468 -14.74 55.12 -78.76
CA VAL G 2468 -14.51 55.63 -80.11
C VAL G 2468 -15.75 55.43 -80.98
N GLY G 2469 -16.40 54.27 -80.85
CA GLY G 2469 -17.61 54.03 -81.60
C GLY G 2469 -18.75 54.93 -81.18
N ILE G 2470 -18.88 55.19 -79.87
CA ILE G 2470 -19.92 56.07 -79.38
C ILE G 2470 -19.73 57.48 -79.92
N ILE G 2471 -18.48 57.96 -79.91
CA ILE G 2471 -18.21 59.32 -80.37
C ILE G 2471 -18.54 59.47 -81.86
N SER G 2472 -18.43 58.39 -82.63
CA SER G 2472 -18.57 58.45 -84.08
C SER G 2472 -20.01 58.30 -84.56
N LEU G 2473 -20.98 58.18 -83.65
CA LEU G 2473 -22.37 58.04 -84.07
C LEU G 2473 -22.89 59.35 -84.67
N PRO G 2474 -23.76 59.27 -85.67
CA PRO G 2474 -24.27 60.49 -86.31
C PRO G 2474 -25.31 61.21 -85.47
N LEU G 2475 -25.64 62.43 -85.91
CA LEU G 2475 -26.62 63.27 -85.24
C LEU G 2475 -27.63 63.79 -86.25
N GLN G 2476 -28.81 64.16 -85.75
CA GLN G 2476 -29.89 64.65 -86.60
C GLN G 2476 -29.88 66.18 -86.57
N ILE G 2477 -29.36 66.78 -87.63
CA ILE G 2477 -29.27 68.24 -87.72
C ILE G 2477 -30.57 68.79 -88.28
N PRO G 2478 -30.94 70.04 -87.96
CA PRO G 2478 -32.17 70.61 -88.52
C PRO G 2478 -32.06 70.77 -90.03
N THR G 2479 -33.21 70.70 -90.69
CA THR G 2479 -33.28 70.83 -92.14
C THR G 2479 -34.58 71.52 -92.53
N LEU G 2480 -34.60 72.05 -93.75
CA LEU G 2480 -35.75 72.77 -94.28
C LEU G 2480 -36.43 71.90 -95.34
N GLY G 2481 -37.76 71.81 -95.26
CA GLY G 2481 -38.52 70.99 -96.19
C GLY G 2481 -38.75 71.62 -97.55
N LYS G 2482 -38.38 72.90 -97.72
CA LYS G 2482 -38.50 73.62 -98.99
C LYS G 2482 -39.95 73.81 -99.41
N ASP G 2483 -40.89 73.37 -98.58
CA ASP G 2483 -42.32 73.56 -98.83
C ASP G 2483 -42.99 74.37 -97.71
N GLY G 2484 -42.64 74.08 -96.46
CA GLY G 2484 -43.15 74.79 -95.32
C GLY G 2484 -42.01 75.24 -94.41
N ALA G 2485 -42.25 75.13 -93.10
CA ALA G 2485 -41.24 75.50 -92.14
C ALA G 2485 -40.14 74.43 -92.06
N LEU G 2486 -39.07 74.77 -91.36
CA LEU G 2486 -37.95 73.85 -91.20
C LEU G 2486 -38.33 72.70 -90.27
N VAL G 2487 -37.73 71.54 -90.50
CA VAL G 2487 -37.95 70.37 -89.67
C VAL G 2487 -36.94 70.37 -88.54
N GLN G 2488 -37.41 70.17 -87.30
CA GLN G 2488 -36.57 70.28 -86.13
C GLN G 2488 -36.71 69.03 -85.27
N PRO G 2489 -35.60 68.47 -84.79
CA PRO G 2489 -35.69 67.27 -83.95
C PRO G 2489 -36.23 67.59 -82.57
N LYS G 2490 -36.77 66.54 -81.92
CA LYS G 2490 -37.26 66.66 -80.55
C LYS G 2490 -36.09 66.45 -79.60
N MET G 2491 -35.76 67.48 -78.80
CA MET G 2491 -34.57 67.42 -77.97
C MET G 2491 -34.72 66.43 -76.81
N SER G 2492 -35.94 66.22 -76.33
CA SER G 2492 -36.17 65.38 -75.17
C SER G 2492 -36.33 63.90 -75.50
N ALA G 2493 -36.26 63.54 -76.79
CA ALA G 2493 -36.43 62.14 -77.16
C ALA G 2493 -35.43 61.68 -78.23
N SER G 2494 -34.20 62.13 -78.21
CA SER G 2494 -33.24 61.78 -79.25
C SER G 2494 -31.82 61.91 -78.71
N PHE G 2495 -30.86 61.55 -79.56
CA PHE G 2495 -29.45 61.64 -79.20
C PHE G 2495 -29.03 63.10 -79.08
N VAL G 2496 -28.20 63.39 -78.08
CA VAL G 2496 -27.83 64.77 -77.76
C VAL G 2496 -26.31 64.84 -77.57
N PRO G 2497 -25.65 65.93 -78.00
CA PRO G 2497 -24.19 66.03 -77.81
C PRO G 2497 -23.76 65.96 -76.35
N ASP G 2498 -24.63 66.34 -75.41
CA ASP G 2498 -24.30 66.21 -74.00
C ASP G 2498 -23.99 64.78 -73.61
N HIS G 2499 -24.48 63.80 -74.37
CA HIS G 2499 -24.11 62.41 -74.15
C HIS G 2499 -22.67 62.16 -74.59
N LYS G 2500 -22.26 62.79 -75.69
CA LYS G 2500 -20.90 62.59 -76.20
C LYS G 2500 -19.87 63.32 -75.34
N ALA G 2501 -20.30 64.38 -74.65
CA ALA G 2501 -19.38 65.13 -73.80
C ALA G 2501 -18.81 64.27 -72.69
N SER G 2502 -19.65 63.43 -72.07
CA SER G 2502 -19.16 62.55 -71.00
C SER G 2502 -18.14 61.56 -71.53
N MET G 2503 -18.39 60.99 -72.71
CA MET G 2503 -17.43 60.07 -73.31
C MET G 2503 -16.11 60.78 -73.59
N VAL G 2504 -16.17 62.01 -74.09
CA VAL G 2504 -14.94 62.76 -74.34
C VAL G 2504 -14.19 63.00 -73.05
N LEU G 2505 -14.89 63.36 -71.97
CA LEU G 2505 -14.25 63.58 -70.69
C LEU G 2505 -13.59 62.32 -70.17
N PHE G 2506 -14.28 61.18 -70.26
CA PHE G 2506 -13.70 59.92 -69.81
C PHE G 2506 -12.46 59.56 -70.61
N LEU G 2507 -12.53 59.72 -71.94
CA LEU G 2507 -11.38 59.41 -72.79
C LEU G 2507 -10.20 60.30 -72.45
N ASP G 2508 -10.46 61.58 -72.18
CA ASP G 2508 -9.37 62.50 -71.83
C ASP G 2508 -8.73 62.11 -70.51
N ARG G 2509 -9.55 61.87 -69.48
CA ARG G 2509 -9.01 61.69 -68.14
C ARG G 2509 -8.40 60.32 -67.91
N VAL G 2510 -8.92 59.27 -68.53
CA VAL G 2510 -8.46 57.91 -68.27
C VAL G 2510 -7.39 57.48 -69.26
N TYR G 2511 -7.72 57.40 -70.54
CA TYR G 2511 -6.79 56.89 -71.53
C TYR G 2511 -5.78 57.93 -71.97
N GLY G 2512 -6.22 59.13 -72.33
CA GLY G 2512 -5.33 60.16 -72.81
C GLY G 2512 -4.92 59.93 -74.26
N ILE G 2513 -4.20 60.87 -74.84
CA ILE G 2513 -3.73 60.78 -76.22
C ILE G 2513 -2.20 60.89 -76.19
N GLU G 2514 -1.54 59.92 -76.81
CA GLU G 2514 -0.08 59.86 -76.78
C GLU G 2514 0.51 59.67 -78.16
N ASN G 2515 -0.27 59.09 -79.09
CA ASN G 2515 0.21 58.77 -80.41
C ASN G 2515 -0.35 59.74 -81.45
N GLN G 2516 0.49 60.08 -82.42
CA GLN G 2516 0.02 60.91 -83.54
C GLN G 2516 -1.02 60.18 -84.36
N ASP G 2517 -0.81 58.88 -84.61
CA ASP G 2517 -1.75 58.12 -85.43
C ASP G 2517 -3.12 58.00 -84.78
N PHE G 2518 -3.16 57.76 -83.47
CA PHE G 2518 -4.45 57.69 -82.78
C PHE G 2518 -5.18 59.01 -82.82
N LEU G 2519 -4.47 60.12 -82.62
CA LEU G 2519 -5.09 61.44 -82.71
C LEU G 2519 -5.62 61.69 -84.12
N LEU G 2520 -4.86 61.31 -85.14
CA LEU G 2520 -5.32 61.48 -86.52
C LEU G 2520 -6.57 60.65 -86.78
N HIS G 2521 -6.60 59.42 -86.29
CA HIS G 2521 -7.79 58.58 -86.47
C HIS G 2521 -9.01 59.18 -85.78
N VAL G 2522 -8.82 59.65 -84.54
CA VAL G 2522 -9.94 60.25 -83.81
C VAL G 2522 -10.45 61.49 -84.53
N LEU G 2523 -9.54 62.33 -85.02
CA LEU G 2523 -9.96 63.50 -85.79
C LEU G 2523 -10.67 63.08 -87.07
N ASP G 2524 -10.22 61.99 -87.69
CA ASP G 2524 -10.82 61.52 -88.94
C ASP G 2524 -12.27 61.10 -88.73
N VAL G 2525 -12.53 60.34 -87.67
CA VAL G 2525 -13.87 59.76 -87.51
C VAL G 2525 -14.69 60.52 -86.47
N GLY G 2526 -14.03 61.10 -85.48
CA GLY G 2526 -14.73 61.67 -84.35
C GLY G 2526 -15.31 63.07 -84.49
N PHE G 2527 -14.45 64.07 -84.67
CA PHE G 2527 -14.84 65.45 -84.41
C PHE G 2527 -15.11 66.27 -85.67
N LEU G 2528 -14.41 65.98 -86.76
CA LEU G 2528 -14.51 66.76 -87.99
C LEU G 2528 -15.92 66.82 -88.54
N PRO G 2529 -16.68 65.71 -88.59
CA PRO G 2529 -18.09 65.82 -89.02
C PRO G 2529 -18.92 66.76 -88.17
N ASP G 2530 -18.72 66.76 -86.85
CA ASP G 2530 -19.48 67.66 -85.99
C ASP G 2530 -19.08 69.11 -86.20
N MET G 2531 -17.78 69.37 -86.36
CA MET G 2531 -17.34 70.73 -86.66
C MET G 2531 -17.91 71.22 -87.98
N ARG G 2532 -17.91 70.35 -89.00
CA ARG G 2532 -18.51 70.72 -90.28
C ARG G 2532 -20.00 70.98 -90.14
N ALA G 2533 -20.69 70.17 -89.34
CA ALA G 2533 -22.13 70.37 -89.14
C ALA G 2533 -22.40 71.72 -88.48
N ALA G 2534 -21.61 72.08 -87.47
CA ALA G 2534 -21.79 73.38 -86.83
C ALA G 2534 -21.51 74.52 -87.80
N ALA G 2535 -20.43 74.40 -88.59
CA ALA G 2535 -20.11 75.43 -89.56
C ALA G 2535 -21.22 75.60 -90.59
N SER G 2536 -21.82 74.48 -91.02
CA SER G 2536 -22.95 74.56 -91.95
C SER G 2536 -24.16 75.19 -91.28
N LEU G 2537 -24.41 74.87 -90.02
CA LEU G 2537 -25.55 75.42 -89.28
C LEU G 2537 -25.35 76.88 -88.91
N ASP G 2538 -24.16 77.44 -89.10
CA ASP G 2538 -23.93 78.86 -88.83
C ASP G 2538 -24.85 79.79 -89.62
N THR G 2539 -25.61 79.26 -90.60
CA THR G 2539 -26.45 80.12 -91.43
C THR G 2539 -27.50 80.83 -90.60
N ALA G 2540 -28.02 81.94 -91.13
CA ALA G 2540 -28.93 82.80 -90.38
C ALA G 2540 -30.24 82.09 -90.03
N THR G 2541 -30.79 81.30 -90.96
CA THR G 2541 -32.05 80.62 -90.69
C THR G 2541 -31.93 79.56 -89.61
N PHE G 2542 -30.72 79.05 -89.36
CA PHE G 2542 -30.50 78.01 -88.37
C PHE G 2542 -29.65 78.47 -87.19
N SER G 2543 -29.26 79.74 -87.14
CA SER G 2543 -28.29 80.20 -86.16
C SER G 2543 -28.78 80.05 -84.72
N THR G 2544 -30.04 80.39 -84.47
CA THR G 2544 -30.57 80.44 -83.12
C THR G 2544 -31.31 79.17 -82.71
N THR G 2545 -31.30 78.13 -83.53
CA THR G 2545 -31.98 76.91 -83.18
C THR G 2545 -31.29 76.21 -82.01
N GLU G 2546 -32.03 75.32 -81.35
CA GLU G 2546 -31.53 74.67 -80.13
C GLU G 2546 -30.32 73.80 -80.41
N MET G 2547 -30.36 73.03 -81.50
CA MET G 2547 -29.27 72.11 -81.80
C MET G 2547 -27.97 72.86 -82.09
N ALA G 2548 -28.06 74.03 -82.72
CA ALA G 2548 -26.87 74.82 -82.98
C ALA G 2548 -26.21 75.27 -81.68
N LEU G 2549 -27.03 75.72 -80.72
CA LEU G 2549 -26.49 76.13 -79.42
C LEU G 2549 -25.89 74.93 -78.68
N ALA G 2550 -26.55 73.78 -78.74
CA ALA G 2550 -26.02 72.59 -78.09
C ALA G 2550 -24.68 72.18 -78.70
N LEU G 2551 -24.58 72.23 -80.03
CA LEU G 2551 -23.33 71.90 -80.69
C LEU G 2551 -22.24 72.90 -80.33
N ASN G 2552 -22.59 74.19 -80.24
CA ASN G 2552 -21.61 75.19 -79.84
C ASN G 2552 -21.07 74.91 -78.45
N ARG G 2553 -21.97 74.61 -77.50
CA ARG G 2553 -21.53 74.29 -76.15
C ARG G 2553 -20.65 73.04 -76.12
N TYR G 2554 -21.06 72.01 -76.85
CA TYR G 2554 -20.30 70.77 -76.89
C TYR G 2554 -18.90 70.99 -77.45
N LEU G 2555 -18.80 71.76 -78.53
CA LEU G 2555 -17.50 72.01 -79.14
C LEU G 2555 -16.63 72.87 -78.23
N CYS G 2556 -17.21 73.88 -77.59
CA CYS G 2556 -16.40 74.82 -76.83
C CYS G 2556 -16.06 74.32 -75.44
N LEU G 2557 -16.73 73.27 -74.96
CA LEU G 2557 -16.44 72.77 -73.62
C LEU G 2557 -15.55 71.54 -73.60
N ALA G 2558 -15.62 70.68 -74.63
CA ALA G 2558 -14.93 69.40 -74.59
C ALA G 2558 -13.90 69.23 -75.69
N VAL G 2559 -14.27 69.45 -76.95
CA VAL G 2559 -13.42 69.04 -78.06
C VAL G 2559 -12.22 69.98 -78.21
N LEU G 2560 -12.48 71.28 -78.37
CA LEU G 2560 -11.45 72.25 -78.70
C LEU G 2560 -10.34 72.33 -77.65
N PRO G 2561 -10.65 72.36 -76.34
CA PRO G 2561 -9.56 72.31 -75.36
C PRO G 2561 -8.71 71.06 -75.47
N LEU G 2562 -9.33 69.92 -75.74
CA LEU G 2562 -8.57 68.68 -75.90
C LEU G 2562 -7.66 68.75 -77.11
N ILE G 2563 -8.14 69.31 -78.22
CA ILE G 2563 -7.30 69.47 -79.40
C ILE G 2563 -6.16 70.45 -79.11
N THR G 2564 -6.46 71.51 -78.37
CA THR G 2564 -5.42 72.50 -78.04
C THR G 2564 -4.33 71.88 -77.19
N LYS G 2565 -4.69 71.05 -76.21
CA LYS G 2565 -3.69 70.42 -75.36
C LYS G 2565 -2.77 69.50 -76.16
N CYS G 2566 -3.26 68.93 -77.26
CA CYS G 2566 -2.48 67.98 -78.05
C CYS G 2566 -1.86 68.60 -79.28
N ALA G 2567 -1.64 69.92 -79.30
CA ALA G 2567 -1.04 70.58 -80.46
C ALA G 2567 0.35 70.08 -80.82
N PRO G 2568 1.30 69.92 -79.88
CA PRO G 2568 2.66 69.53 -80.30
C PRO G 2568 2.75 68.22 -81.05
N LEU G 2569 1.69 67.41 -81.02
CA LEU G 2569 1.68 66.15 -81.77
C LEU G 2569 1.57 66.36 -83.26
N PHE G 2570 1.33 67.58 -83.73
CA PHE G 2570 1.09 67.83 -85.15
C PHE G 2570 2.36 68.04 -85.96
N ALA G 2571 3.53 67.89 -85.37
CA ALA G 2571 4.76 68.05 -86.13
C ALA G 2571 5.04 66.82 -86.98
N GLY G 2572 5.39 67.05 -88.24
CA GLY G 2572 5.74 65.96 -89.14
C GLY G 2572 4.58 65.17 -89.69
N THR G 2573 3.42 65.79 -89.89
CA THR G 2573 2.25 65.10 -90.42
C THR G 2573 2.11 65.31 -91.92
N GLU G 2574 3.23 65.33 -92.64
CA GLU G 2574 3.20 65.64 -94.06
C GLU G 2574 2.41 64.62 -94.86
N HIS G 2575 2.19 63.43 -94.31
CA HIS G 2575 1.52 62.37 -95.06
C HIS G 2575 0.00 62.50 -95.05
N ARG G 2576 -0.57 63.42 -94.27
CA ARG G 2576 -2.02 63.57 -94.15
C ARG G 2576 -2.47 64.99 -94.48
N ALA G 2577 -1.73 65.67 -95.37
CA ALA G 2577 -1.94 67.09 -95.62
C ALA G 2577 -3.39 67.41 -95.95
N ILE G 2578 -4.01 66.57 -96.80
CA ILE G 2578 -5.37 66.84 -97.25
C ILE G 2578 -6.31 66.98 -96.06
N MET G 2579 -6.14 66.14 -95.04
CA MET G 2579 -6.97 66.26 -93.85
C MET G 2579 -6.70 67.57 -93.12
N VAL G 2580 -5.43 67.92 -92.94
CA VAL G 2580 -5.07 69.03 -92.06
C VAL G 2580 -5.71 70.33 -92.55
N ASP G 2581 -5.60 70.60 -93.85
CA ASP G 2581 -6.23 71.79 -94.41
C ASP G 2581 -7.71 71.82 -94.11
N SER G 2582 -8.39 70.67 -94.28
CA SER G 2582 -9.83 70.62 -94.02
C SER G 2582 -10.15 71.02 -92.59
N MET G 2583 -9.24 70.74 -91.65
CA MET G 2583 -9.44 71.22 -90.29
C MET G 2583 -9.25 72.73 -90.22
N LEU G 2584 -8.15 73.24 -90.79
CA LEU G 2584 -7.76 74.63 -90.56
C LEU G 2584 -8.81 75.59 -91.11
N HIS G 2585 -9.44 75.23 -92.22
CA HIS G 2585 -10.55 76.04 -92.72
C HIS G 2585 -11.70 76.04 -91.72
N THR G 2586 -12.15 74.85 -91.31
CA THR G 2586 -13.40 74.74 -90.56
C THR G 2586 -13.35 75.54 -89.27
N VAL G 2587 -12.30 75.33 -88.46
CA VAL G 2587 -12.17 76.08 -87.21
C VAL G 2587 -12.15 77.57 -87.50
N TYR G 2588 -11.46 77.98 -88.57
CA TYR G 2588 -11.44 79.40 -88.92
C TYR G 2588 -12.85 79.92 -89.15
N ARG G 2589 -13.67 79.16 -89.87
CA ARG G 2589 -15.05 79.57 -90.08
C ARG G 2589 -15.80 79.66 -88.76
N LEU G 2590 -15.51 78.72 -87.84
CA LEU G 2590 -16.15 78.76 -86.53
C LEU G 2590 -15.79 80.04 -85.78
N SER G 2591 -14.62 80.61 -86.09
CA SER G 2591 -14.21 81.85 -85.43
C SER G 2591 -15.06 83.04 -85.88
N ARG G 2592 -15.78 82.91 -87.00
CA ARG G 2592 -16.56 84.02 -87.53
C ARG G 2592 -18.07 83.80 -87.39
N GLY G 2593 -18.49 82.99 -86.42
CA GLY G 2593 -19.90 82.78 -86.20
C GLY G 2593 -20.57 84.04 -85.66
N ARG G 2594 -21.90 84.11 -85.85
CA ARG G 2594 -22.64 85.29 -85.43
C ARG G 2594 -23.18 85.14 -84.00
N SER G 2595 -23.81 84.02 -83.68
CA SER G 2595 -24.43 83.81 -82.38
C SER G 2595 -23.51 83.02 -81.45
N LEU G 2596 -22.43 83.69 -81.04
CA LEU G 2596 -21.46 83.12 -80.12
C LEU G 2596 -21.14 84.10 -79.01
N THR G 2597 -21.01 83.60 -77.79
CA THR G 2597 -20.59 84.44 -76.68
C THR G 2597 -19.10 84.74 -76.78
N LYS G 2598 -18.65 85.68 -75.94
CA LYS G 2598 -17.26 86.11 -76.00
C LYS G 2598 -16.31 84.99 -75.60
N ALA G 2599 -16.66 84.22 -74.57
CA ALA G 2599 -15.78 83.16 -74.09
C ALA G 2599 -15.57 82.09 -75.16
N GLN G 2600 -16.62 81.71 -75.88
CA GLN G 2600 -16.49 80.72 -76.93
C GLN G 2600 -15.59 81.22 -78.05
N ARG G 2601 -15.74 82.49 -78.43
CA ARG G 2601 -14.87 83.07 -79.44
C ARG G 2601 -13.42 83.08 -78.98
N ASP G 2602 -13.19 83.42 -77.70
CA ASP G 2602 -11.84 83.41 -77.16
C ASP G 2602 -11.25 82.00 -77.22
N VAL G 2603 -12.05 80.99 -76.86
CA VAL G 2603 -11.57 79.61 -76.89
C VAL G 2603 -11.20 79.20 -78.32
N ILE G 2604 -12.07 79.54 -79.28
CA ILE G 2604 -11.80 79.17 -80.67
C ILE G 2604 -10.54 79.86 -81.18
N GLU G 2605 -10.40 81.15 -80.90
CA GLU G 2605 -9.21 81.88 -81.35
C GLU G 2605 -7.95 81.31 -80.72
N GLU G 2606 -8.00 80.98 -79.42
CA GLU G 2606 -6.85 80.38 -78.76
C GLU G 2606 -6.49 79.03 -79.36
N CYS G 2607 -7.50 78.23 -79.68
CA CYS G 2607 -7.24 76.93 -80.29
C CYS G 2607 -6.57 77.10 -81.65
N LEU G 2608 -7.06 78.03 -82.47
CA LEU G 2608 -6.45 78.26 -83.77
C LEU G 2608 -5.01 78.75 -83.63
N MET G 2609 -4.78 79.70 -82.71
CA MET G 2609 -3.43 80.24 -82.53
C MET G 2609 -2.47 79.17 -82.04
N ALA G 2610 -2.93 78.29 -81.15
CA ALA G 2610 -2.10 77.18 -80.71
C ALA G 2610 -1.81 76.21 -81.84
N LEU G 2611 -2.81 75.94 -82.68
CA LEU G 2611 -2.63 75.01 -83.79
C LEU G 2611 -1.60 75.54 -84.79
N CYS G 2612 -1.64 76.83 -85.07
CA CYS G 2612 -0.76 77.38 -86.11
C CYS G 2612 0.70 77.44 -85.68
N ARG G 2613 1.00 77.19 -84.40
CA ARG G 2613 2.36 77.35 -83.90
C ARG G 2613 3.25 76.15 -84.22
N TYR G 2614 2.69 74.99 -84.54
CA TYR G 2614 3.48 73.79 -84.73
C TYR G 2614 3.40 73.19 -86.13
N ILE G 2615 2.51 73.67 -86.99
CA ILE G 2615 2.42 73.13 -88.34
C ILE G 2615 3.60 73.62 -89.18
N ARG G 2616 4.02 72.80 -90.13
CA ARG G 2616 5.10 73.20 -91.03
C ARG G 2616 4.66 74.41 -91.85
N PRO G 2617 5.59 75.33 -92.15
CA PRO G 2617 5.20 76.54 -92.90
C PRO G 2617 4.62 76.25 -94.27
N SER G 2618 5.04 75.17 -94.92
CA SER G 2618 4.55 74.88 -96.27
C SER G 2618 3.12 74.37 -96.27
N MET G 2619 2.54 74.06 -95.10
CA MET G 2619 1.19 73.54 -95.02
C MET G 2619 0.14 74.60 -94.77
N LEU G 2620 0.53 75.87 -94.64
CA LEU G 2620 -0.40 76.94 -94.31
C LEU G 2620 -0.73 77.83 -95.50
N GLN G 2621 -0.52 77.35 -96.74
CA GLN G 2621 -0.68 78.20 -97.90
C GLN G 2621 -2.13 78.59 -98.13
N HIS G 2622 -3.07 77.64 -98.02
CA HIS G 2622 -4.47 77.95 -98.29
C HIS G 2622 -5.05 78.90 -97.25
N LEU G 2623 -4.69 78.71 -95.98
CA LEU G 2623 -5.13 79.65 -94.95
C LEU G 2623 -4.59 81.05 -95.23
N LEU G 2624 -3.35 81.14 -95.69
CA LEU G 2624 -2.80 82.43 -96.08
C LEU G 2624 -3.57 83.03 -97.26
N ARG G 2625 -3.98 82.18 -98.20
CA ARG G 2625 -4.77 82.67 -99.33
C ARG G 2625 -6.09 83.27 -98.87
N ARG G 2626 -6.76 82.58 -97.93
CA ARG G 2626 -8.00 83.13 -97.37
C ARG G 2626 -7.75 84.42 -96.60
N LEU G 2627 -6.66 84.46 -95.82
CA LEU G 2627 -6.35 85.62 -95.01
C LEU G 2627 -6.04 86.84 -95.88
N VAL G 2628 -5.40 86.61 -97.03
CA VAL G 2628 -5.09 87.72 -97.94
C VAL G 2628 -6.36 88.41 -98.39
N PHE G 2629 -7.42 87.65 -98.65
CA PHE G 2629 -8.70 88.27 -98.99
C PHE G 2629 -9.35 88.92 -97.79
N ASP G 2630 -9.33 88.24 -96.63
CA ASP G 2630 -10.12 88.72 -95.50
C ASP G 2630 -9.52 89.97 -94.83
N VAL G 2631 -8.21 89.97 -94.57
CA VAL G 2631 -7.59 90.95 -93.67
C VAL G 2631 -7.68 92.41 -94.15
N PRO G 2632 -7.27 92.76 -95.38
CA PRO G 2632 -7.01 94.17 -95.68
C PRO G 2632 -8.22 95.08 -95.62
N ILE G 2633 -9.41 94.58 -95.27
CA ILE G 2633 -10.55 95.47 -95.10
C ILE G 2633 -10.49 96.20 -93.76
N LEU G 2634 -9.84 95.61 -92.75
CA LEU G 2634 -9.65 96.24 -91.45
C LEU G 2634 -10.99 96.55 -90.78
N ASN G 2635 -11.84 95.54 -90.66
CA ASN G 2635 -13.10 95.68 -89.95
C ASN G 2635 -12.90 95.46 -88.46
N GLU G 2636 -14.00 95.37 -87.73
CA GLU G 2636 -13.92 95.04 -86.31
C GLU G 2636 -13.55 93.59 -86.08
N PHE G 2637 -13.68 92.74 -87.11
CA PHE G 2637 -13.35 91.33 -86.99
C PHE G 2637 -11.89 91.03 -87.24
N ALA G 2638 -11.08 92.04 -87.59
CA ALA G 2638 -9.69 91.82 -87.98
C ALA G 2638 -8.71 91.87 -86.83
N LYS G 2639 -9.19 92.01 -85.58
CA LYS G 2639 -8.28 92.08 -84.44
C LYS G 2639 -7.52 90.78 -84.27
N MET G 2640 -8.20 89.64 -84.46
CA MET G 2640 -7.53 88.36 -84.24
C MET G 2640 -6.60 87.96 -85.38
N PRO G 2641 -7.02 88.04 -86.66
CA PRO G 2641 -6.13 87.57 -87.73
C PRO G 2641 -4.75 88.22 -87.75
N LEU G 2642 -4.68 89.53 -87.51
CA LEU G 2642 -3.40 90.24 -87.56
C LEU G 2642 -2.38 89.59 -86.65
N LYS G 2643 -2.74 89.40 -85.38
CA LYS G 2643 -1.85 88.75 -84.43
C LYS G 2643 -1.33 87.43 -84.98
N LEU G 2644 -2.21 86.63 -85.59
CA LEU G 2644 -1.79 85.35 -86.16
C LEU G 2644 -0.64 85.56 -87.13
N LEU G 2645 -0.82 86.47 -88.09
CA LEU G 2645 0.25 86.73 -89.05
C LEU G 2645 1.51 87.21 -88.34
N THR G 2646 1.33 88.04 -87.32
CA THR G 2646 2.48 88.56 -86.57
C THR G 2646 3.29 87.42 -85.97
N ASN G 2647 2.61 86.38 -85.50
CA ASN G 2647 3.32 85.27 -84.90
C ASN G 2647 3.92 84.35 -85.97
N HIS G 2648 3.38 84.40 -87.19
CA HIS G 2648 3.85 83.48 -88.22
C HIS G 2648 5.19 83.95 -88.80
N TYR G 2649 5.20 85.15 -89.38
CA TYR G 2649 6.39 85.62 -90.08
C TYR G 2649 7.55 85.84 -89.12
N GLU G 2650 7.26 86.14 -87.85
CA GLU G 2650 8.33 86.26 -86.86
C GLU G 2650 9.01 84.92 -86.60
N ARG G 2651 8.28 83.81 -86.77
CA ARG G 2651 8.84 82.50 -86.47
C ARG G 2651 9.54 81.91 -87.69
N CYS G 2652 8.99 82.12 -88.88
CA CYS G 2652 9.46 81.47 -90.10
C CYS G 2652 10.11 82.44 -91.08
N TRP G 2653 10.89 83.40 -90.57
CA TRP G 2653 11.52 84.38 -91.47
C TRP G 2653 12.63 83.75 -92.30
N LYS G 2654 13.34 82.76 -91.74
CA LYS G 2654 14.37 82.07 -92.51
C LYS G 2654 13.78 81.30 -93.68
N TYR G 2655 12.54 80.83 -93.55
CA TYR G 2655 11.92 80.06 -94.63
C TYR G 2655 11.69 80.92 -95.86
N TYR G 2656 11.50 82.22 -95.68
CA TYR G 2656 11.25 83.12 -96.80
C TYR G 2656 12.45 83.93 -97.22
N CYS G 2657 13.39 84.19 -96.32
CA CYS G 2657 14.48 85.13 -96.61
C CYS G 2657 15.70 84.43 -97.23
N LEU G 2658 16.29 83.48 -96.50
CA LEU G 2658 17.57 82.91 -96.91
C LEU G 2658 17.42 82.08 -98.18
N PRO G 2659 18.39 82.13 -99.10
CA PRO G 2659 18.33 81.28 -100.29
C PRO G 2659 18.32 79.79 -99.96
N THR G 2660 19.03 79.36 -98.93
CA THR G 2660 19.02 77.96 -98.53
C THR G 2660 17.80 77.61 -97.69
N GLY G 2661 17.05 78.60 -97.23
CA GLY G 2661 15.84 78.33 -96.47
C GLY G 2661 16.13 77.87 -95.06
N TRP G 2662 15.09 77.31 -94.43
CA TRP G 2662 15.16 76.83 -93.07
C TRP G 2662 15.54 75.35 -93.08
N ALA G 2663 16.35 74.94 -92.10
CA ALA G 2663 16.84 73.57 -92.06
C ALA G 2663 15.67 72.60 -91.85
N ASN G 2664 15.63 71.57 -92.69
CA ASN G 2664 14.62 70.51 -92.72
C ASN G 2664 13.23 71.00 -93.11
N PHE G 2665 13.08 72.26 -93.52
CA PHE G 2665 11.79 72.78 -93.97
C PHE G 2665 11.80 73.23 -95.42
N GLY G 2666 12.96 73.28 -96.08
CA GLY G 2666 13.00 73.66 -97.47
C GLY G 2666 12.98 75.16 -97.68
N VAL G 2667 12.57 75.55 -98.89
CA VAL G 2667 12.53 76.95 -99.29
C VAL G 2667 11.13 77.27 -99.78
N THR G 2668 10.81 78.57 -99.78
CA THR G 2668 9.49 79.01 -100.22
C THR G 2668 9.36 78.95 -101.73
N SER G 2669 8.13 79.08 -102.20
CA SER G 2669 7.85 79.12 -103.63
C SER G 2669 7.49 80.55 -104.05
N GLU G 2670 7.29 80.72 -105.37
CA GLU G 2670 6.99 82.04 -105.91
C GLU G 2670 5.63 82.55 -105.43
N GLU G 2671 4.64 81.65 -105.38
CA GLU G 2671 3.28 82.07 -105.04
C GLU G 2671 3.19 82.61 -103.61
N GLU G 2672 3.92 81.99 -102.67
CA GLU G 2672 3.90 82.46 -101.30
C GLU G 2672 4.48 83.87 -101.19
N LEU G 2673 5.58 84.13 -101.89
CA LEU G 2673 6.17 85.46 -101.88
C LEU G 2673 5.23 86.48 -102.52
N HIS G 2674 4.57 86.09 -103.61
CA HIS G 2674 3.59 86.98 -104.24
C HIS G 2674 2.46 87.32 -103.29
N LEU G 2675 1.94 86.31 -102.58
CA LEU G 2675 0.88 86.54 -101.61
C LEU G 2675 1.34 87.46 -100.49
N THR G 2676 2.57 87.26 -100.00
CA THR G 2676 3.09 88.12 -98.94
C THR G 2676 3.21 89.57 -99.39
N ARG G 2677 3.73 89.78 -100.60
CA ARG G 2677 3.86 91.14 -101.13
C ARG G 2677 2.49 91.79 -101.30
N LYS G 2678 1.52 91.04 -101.83
CA LYS G 2678 0.18 91.58 -101.98
C LYS G 2678 -0.43 91.95 -100.63
N LEU G 2679 -0.27 91.08 -99.63
CA LEU G 2679 -0.80 91.37 -98.30
C LEU G 2679 -0.16 92.62 -97.72
N PHE G 2680 1.16 92.74 -97.83
CA PHE G 2680 1.84 93.91 -97.28
C PHE G 2680 1.34 95.20 -97.93
N TRP G 2681 1.31 95.23 -99.26
CA TRP G 2681 0.90 96.46 -99.94
C TRP G 2681 -0.57 96.78 -99.69
N GLY G 2682 -1.43 95.75 -99.64
CA GLY G 2682 -2.83 95.99 -99.34
C GLY G 2682 -3.03 96.58 -97.95
N ILE G 2683 -2.35 96.01 -96.95
CA ILE G 2683 -2.48 96.52 -95.59
C ILE G 2683 -1.97 97.96 -95.52
N PHE G 2684 -0.82 98.24 -96.16
CA PHE G 2684 -0.27 99.59 -96.13
C PHE G 2684 -1.23 100.60 -96.77
N ASP G 2685 -1.75 100.27 -97.95
CA ASP G 2685 -2.67 101.19 -98.62
C ASP G 2685 -3.95 101.38 -97.83
N SER G 2686 -4.48 100.31 -97.24
CA SER G 2686 -5.71 100.43 -96.46
C SER G 2686 -5.49 101.30 -95.22
N LEU G 2687 -4.36 101.11 -94.53
CA LEU G 2687 -4.09 101.88 -93.33
C LEU G 2687 -3.72 103.32 -93.64
N ALA G 2688 -3.30 103.61 -94.88
CA ALA G 2688 -2.94 104.98 -95.22
C ALA G 2688 -4.11 105.94 -95.06
N HIS G 2689 -5.31 105.52 -95.48
CA HIS G 2689 -6.46 106.43 -95.52
C HIS G 2689 -7.33 106.40 -94.27
N LYS G 2690 -7.17 105.39 -93.41
CA LYS G 2690 -8.06 105.24 -92.26
C LYS G 2690 -7.85 106.35 -91.25
N LYS G 2691 -8.92 106.69 -90.53
CA LYS G 2691 -8.83 107.68 -89.48
C LYS G 2691 -8.07 107.12 -88.27
N TYR G 2692 -7.65 108.02 -87.39
CA TYR G 2692 -6.82 107.62 -86.27
C TYR G 2692 -7.60 106.77 -85.27
N ASP G 2693 -6.95 105.70 -84.80
CA ASP G 2693 -7.48 104.83 -83.76
C ASP G 2693 -6.29 104.16 -83.06
N PRO G 2694 -6.05 104.46 -81.77
CA PRO G 2694 -4.86 103.92 -81.11
C PRO G 2694 -4.79 102.40 -81.13
N GLU G 2695 -5.91 101.72 -80.89
CA GLU G 2695 -5.90 100.26 -80.87
C GLU G 2695 -5.55 99.69 -82.23
N LEU G 2696 -6.12 100.26 -83.30
CA LEU G 2696 -5.84 99.76 -84.65
C LEU G 2696 -4.36 99.92 -84.98
N TYR G 2697 -3.77 101.07 -84.66
CA TYR G 2697 -2.35 101.28 -84.93
C TYR G 2697 -1.48 100.33 -84.11
N ARG G 2698 -1.81 100.15 -82.82
CA ARG G 2698 -1.03 99.26 -81.97
C ARG G 2698 -1.10 97.82 -82.48
N MET G 2699 -2.25 97.42 -83.01
CA MET G 2699 -2.38 96.06 -83.53
C MET G 2699 -1.72 95.91 -84.89
N ALA G 2700 -1.68 96.97 -85.70
CA ALA G 2700 -1.25 96.83 -87.07
C ALA G 2700 0.26 97.04 -87.27
N MET G 2701 0.90 97.87 -86.43
CA MET G 2701 2.31 98.18 -86.66
C MET G 2701 3.20 96.95 -86.59
N PRO G 2702 3.13 96.08 -85.56
CA PRO G 2702 4.02 94.91 -85.55
C PRO G 2702 3.82 93.98 -86.73
N CYS G 2703 2.57 93.85 -87.22
CA CYS G 2703 2.33 93.00 -88.38
C CYS G 2703 3.06 93.52 -89.61
N LEU G 2704 2.99 94.82 -89.84
CA LEU G 2704 3.72 95.42 -90.96
C LEU G 2704 5.23 95.21 -90.81
N CYS G 2705 5.75 95.43 -89.60
CA CYS G 2705 7.19 95.23 -89.40
C CYS G 2705 7.60 93.79 -89.67
N ALA G 2706 6.83 92.82 -89.18
CA ALA G 2706 7.17 91.42 -89.39
C ALA G 2706 7.10 91.05 -90.87
N ILE G 2707 6.05 91.47 -91.57
CA ILE G 2707 5.92 91.16 -92.98
C ILE G 2707 7.06 91.77 -93.78
N ALA G 2708 7.40 93.03 -93.47
CA ALA G 2708 8.52 93.67 -94.16
C ALA G 2708 9.83 92.95 -93.90
N GLY G 2709 10.06 92.53 -92.65
CA GLY G 2709 11.30 91.85 -92.33
C GLY G 2709 11.39 90.44 -92.87
N ALA G 2710 10.26 89.81 -93.18
CA ALA G 2710 10.29 88.44 -93.67
C ALA G 2710 10.47 88.34 -95.19
N LEU G 2711 10.56 89.48 -95.89
CA LEU G 2711 10.61 89.44 -97.35
C LEU G 2711 12.00 89.80 -97.85
N PRO G 2712 12.52 89.08 -98.84
CA PRO G 2712 13.84 89.45 -99.42
C PRO G 2712 13.79 90.83 -100.04
N PRO G 2713 14.89 91.59 -99.94
CA PRO G 2713 14.88 92.95 -100.46
C PRO G 2713 14.94 93.03 -101.98
N ASP G 2714 15.50 92.03 -102.64
CA ASP G 2714 15.68 92.06 -104.09
C ASP G 2714 14.66 91.21 -104.83
N TYR G 2715 13.59 90.79 -104.17
CA TYR G 2715 12.59 89.97 -104.83
C TYR G 2715 11.88 90.74 -105.94
N VAL G 2716 11.67 90.06 -107.07
CA VAL G 2716 11.00 90.64 -108.23
C VAL G 2716 9.79 89.77 -108.54
N ASP G 2717 8.61 90.38 -108.58
CA ASP G 2717 7.40 89.64 -108.87
C ASP G 2717 7.26 89.39 -110.36
N ALA G 2718 6.94 88.15 -110.73
CA ALA G 2718 6.78 87.80 -112.13
C ALA G 2718 5.51 88.40 -112.72
N ASN G 2735 -13.15 87.64 -103.87
CA ASN G 2735 -14.07 88.48 -104.63
C ASN G 2735 -13.89 88.26 -106.16
N PHE G 2736 -13.80 86.97 -106.59
CA PHE G 2736 -13.57 86.50 -107.97
C PHE G 2736 -14.60 86.94 -109.02
N ASP G 2737 -14.19 87.87 -109.87
CA ASP G 2737 -15.00 88.37 -110.98
C ASP G 2737 -14.24 88.01 -112.29
N PRO G 2738 -14.38 86.75 -112.82
CA PRO G 2738 -13.66 86.40 -114.05
C PRO G 2738 -14.15 87.18 -115.28
N ARG G 2739 -13.22 87.91 -115.90
CA ARG G 2739 -13.53 88.66 -117.10
C ARG G 2739 -12.63 88.15 -118.25
N PRO G 2740 -13.01 87.02 -118.91
CA PRO G 2740 -12.19 86.55 -120.04
C PRO G 2740 -12.36 87.53 -121.22
N VAL G 2741 -11.38 87.53 -122.14
CA VAL G 2741 -11.40 88.43 -123.28
C VAL G 2741 -12.64 88.11 -124.16
N GLU G 2742 -13.29 89.14 -124.73
CA GLU G 2742 -14.48 88.96 -125.57
C GLU G 2742 -14.07 88.40 -126.93
N THR G 2743 -14.60 87.21 -127.26
CA THR G 2743 -14.26 86.51 -128.51
C THR G 2743 -15.44 86.36 -129.51
N LEU G 2744 -16.71 86.57 -129.07
CA LEU G 2744 -17.91 86.37 -129.90
C LEU G 2744 -17.89 87.07 -131.28
N ASN G 2745 -17.37 88.29 -131.36
CA ASN G 2745 -17.32 89.05 -132.62
C ASN G 2745 -15.95 88.92 -133.35
N VAL G 2746 -15.02 88.07 -132.81
CA VAL G 2746 -13.68 87.88 -133.37
C VAL G 2746 -13.73 86.93 -134.58
N ILE G 2747 -13.24 87.41 -135.74
CA ILE G 2747 -13.19 86.63 -136.98
C ILE G 2747 -11.78 86.02 -137.13
N ILE G 2748 -11.71 84.70 -137.33
CA ILE G 2748 -10.42 84.04 -137.57
C ILE G 2748 -10.17 84.10 -139.09
N PRO G 2749 -8.98 84.54 -139.58
CA PRO G 2749 -8.74 84.52 -141.04
C PRO G 2749 -8.82 83.08 -141.55
N GLU G 2750 -9.46 82.93 -142.73
CA GLU G 2750 -9.67 81.67 -143.44
C GLU G 2750 -8.38 80.90 -143.68
N LYS G 2751 -7.23 81.61 -143.83
CA LYS G 2751 -5.92 81.00 -144.04
C LYS G 2751 -5.47 80.11 -142.84
N LEU G 2752 -6.13 80.24 -141.65
CA LEU G 2752 -5.86 79.43 -140.47
C LEU G 2752 -6.70 78.13 -140.42
N ASP G 2753 -7.69 77.95 -141.34
CA ASP G 2753 -8.57 76.76 -141.38
C ASP G 2753 -7.81 75.43 -141.49
N SER G 2754 -6.71 75.40 -142.26
CA SER G 2754 -5.90 74.20 -142.46
C SER G 2754 -5.18 73.88 -141.17
N PHE G 2755 -4.65 74.95 -140.47
CA PHE G 2755 -3.99 74.81 -139.18
C PHE G 2755 -4.98 74.23 -138.15
N ILE G 2756 -6.23 74.77 -138.09
CA ILE G 2756 -7.31 74.34 -137.18
C ILE G 2756 -7.60 72.83 -137.38
N ASN G 2757 -7.77 72.40 -138.65
CA ASN G 2757 -8.00 71.01 -139.07
C ASN G 2757 -6.86 70.08 -138.65
N LYS G 2758 -5.57 70.51 -138.87
CA LYS G 2758 -4.36 69.73 -138.52
C LYS G 2758 -4.25 69.56 -137.02
N PHE G 2759 -4.48 70.65 -136.25
CA PHE G 2759 -4.41 70.62 -134.80
C PHE G 2759 -5.56 69.82 -134.20
N ALA G 2760 -6.76 69.86 -134.82
CA ALA G 2760 -7.94 69.08 -134.38
C ALA G 2760 -7.66 67.59 -134.52
N GLU G 2761 -7.09 67.19 -135.67
CA GLU G 2761 -6.72 65.80 -135.93
C GLU G 2761 -5.64 65.37 -134.92
N TYR G 2762 -4.64 66.25 -134.68
CA TYR G 2762 -3.57 65.98 -133.72
C TYR G 2762 -4.15 65.72 -132.32
N THR G 2763 -5.02 66.63 -131.84
CA THR G 2763 -5.71 66.59 -130.54
C THR G 2763 -6.45 65.23 -130.39
N HIS G 2764 -7.19 64.81 -131.44
CA HIS G 2764 -7.91 63.54 -131.50
C HIS G 2764 -6.93 62.37 -131.37
N GLU G 2765 -5.89 62.36 -132.23
CA GLU G 2765 -4.85 61.33 -132.28
C GLU G 2765 -4.16 61.16 -130.93
N LYS G 2766 -3.87 62.29 -130.20
CA LYS G 2766 -3.26 62.29 -128.87
C LYS G 2766 -4.22 61.66 -127.84
N TRP G 2767 -5.50 62.09 -127.85
CA TRP G 2767 -6.54 61.54 -126.98
C TRP G 2767 -6.73 60.03 -127.26
N ALA G 2768 -6.77 59.64 -128.55
CA ALA G 2768 -6.94 58.26 -128.97
C ALA G 2768 -5.75 57.41 -128.59
N PHE G 2769 -4.51 57.91 -128.81
CA PHE G 2769 -3.24 57.23 -128.48
C PHE G 2769 -3.20 56.85 -126.98
N ASP G 2770 -3.47 57.84 -126.09
CA ASP G 2770 -3.46 57.66 -124.64
C ASP G 2770 -4.43 56.57 -124.19
N LYS G 2771 -5.64 56.54 -124.78
CA LYS G 2771 -6.70 55.56 -124.52
C LYS G 2771 -6.31 54.15 -125.01
N ILE G 2772 -5.88 54.02 -126.30
CA ILE G 2772 -5.46 52.77 -126.96
C ILE G 2772 -4.27 52.11 -126.21
N GLN G 2773 -3.34 52.93 -125.67
CA GLN G 2773 -2.18 52.47 -124.89
C GLN G 2773 -2.62 52.06 -123.47
N ASN G 2774 -3.77 52.60 -123.04
CA ASN G 2774 -4.37 52.20 -121.74
C ASN G 2774 -5.33 51.04 -122.04
N ASN G 2775 -5.26 50.46 -123.25
CA ASN G 2775 -6.03 49.24 -123.69
C ASN G 2775 -7.51 49.52 -124.03
N TRP G 2776 -7.82 50.75 -124.44
CA TRP G 2776 -9.21 51.07 -124.87
C TRP G 2776 -9.36 50.78 -126.36
N SER G 2777 -10.54 50.32 -126.79
CA SER G 2777 -10.77 49.96 -128.20
C SER G 2777 -12.12 50.49 -128.70
N TYR G 2778 -12.35 50.48 -130.02
CA TYR G 2778 -13.60 50.93 -130.63
C TYR G 2778 -14.75 49.98 -130.27
N GLY G 2779 -15.95 50.53 -130.19
CA GLY G 2779 -17.21 49.85 -129.89
C GLY G 2779 -18.30 50.87 -129.79
N GLU G 2780 -19.52 50.49 -130.19
CA GLU G 2780 -20.74 51.32 -130.24
C GLU G 2780 -20.98 52.20 -128.99
N ASN G 2781 -20.69 51.67 -127.78
CA ASN G 2781 -20.91 52.32 -126.49
C ASN G 2781 -19.65 52.86 -125.79
N ILE G 2782 -19.87 53.83 -124.86
CA ILE G 2782 -18.88 54.37 -123.94
C ILE G 2782 -18.89 53.62 -122.63
N ASP G 2783 -18.07 52.56 -122.52
CA ASP G 2783 -18.05 51.70 -121.33
C ASP G 2783 -16.70 51.73 -120.61
N GLU G 2784 -16.70 52.24 -119.36
CA GLU G 2784 -15.56 52.39 -118.46
C GLU G 2784 -14.96 51.04 -118.05
N GLU G 2785 -15.82 50.02 -117.85
CA GLU G 2785 -15.44 48.68 -117.43
C GLU G 2785 -14.77 47.89 -118.57
N LEU G 2786 -15.46 47.76 -119.73
CA LEU G 2786 -15.00 47.01 -120.91
C LEU G 2786 -13.94 47.74 -121.75
N LYS G 2787 -13.61 49.02 -121.40
CA LYS G 2787 -12.65 49.92 -122.07
C LYS G 2787 -13.04 50.14 -123.57
N THR G 2788 -14.26 50.62 -123.80
CA THR G 2788 -14.74 50.85 -125.16
C THR G 2788 -15.27 52.29 -125.33
N HIS G 2789 -15.05 52.89 -126.51
CA HIS G 2789 -15.47 54.25 -126.88
C HIS G 2789 -15.71 54.33 -128.41
N PRO G 2790 -16.87 54.87 -128.88
CA PRO G 2790 -17.12 54.91 -130.33
C PRO G 2790 -16.27 55.94 -131.11
N MET G 2791 -15.54 56.81 -130.40
CA MET G 2791 -14.70 57.83 -131.04
C MET G 2791 -13.27 57.35 -131.28
N LEU G 2792 -12.95 56.11 -130.85
CA LEU G 2792 -11.64 55.50 -131.05
C LEU G 2792 -11.55 54.94 -132.47
N ARG G 2793 -11.56 55.87 -133.44
CA ARG G 2793 -11.53 55.63 -134.88
C ARG G 2793 -10.78 56.78 -135.60
N PRO G 2794 -10.35 56.66 -136.89
CA PRO G 2794 -9.63 57.79 -137.52
C PRO G 2794 -10.47 59.07 -137.59
N TYR G 2795 -9.80 60.25 -137.44
CA TYR G 2795 -10.41 61.57 -137.49
C TYR G 2795 -11.11 61.82 -138.84
N LYS G 2796 -10.62 61.14 -139.91
CA LYS G 2796 -11.15 61.16 -141.28
C LYS G 2796 -12.55 60.56 -141.34
N THR G 2797 -12.88 59.65 -140.42
CA THR G 2797 -14.19 58.98 -140.36
C THR G 2797 -15.26 59.84 -139.65
N PHE G 2798 -14.86 60.99 -139.07
CA PHE G 2798 -15.79 61.89 -138.40
C PHE G 2798 -16.44 62.81 -139.40
N SER G 2799 -17.68 63.22 -139.14
CA SER G 2799 -18.40 64.17 -139.98
C SER G 2799 -17.86 65.57 -139.60
N GLU G 2800 -18.15 66.61 -140.40
CA GLU G 2800 -17.72 67.98 -140.12
C GLU G 2800 -18.26 68.50 -138.77
N LYS G 2801 -19.54 68.19 -138.47
CA LYS G 2801 -20.20 68.56 -137.19
C LYS G 2801 -19.50 67.83 -136.02
N ASP G 2802 -19.16 66.53 -136.19
CA ASP G 2802 -18.43 65.77 -135.18
C ASP G 2802 -17.01 66.30 -134.93
N LYS G 2803 -16.34 66.78 -136.00
CA LYS G 2803 -14.99 67.37 -135.91
C LYS G 2803 -14.99 68.64 -135.06
N GLU G 2804 -16.18 69.26 -134.84
CA GLU G 2804 -16.35 70.46 -133.99
C GLU G 2804 -16.06 70.17 -132.53
N ILE G 2805 -16.14 68.89 -132.07
CA ILE G 2805 -15.76 68.49 -130.71
C ILE G 2805 -14.29 68.99 -130.50
N TYR G 2806 -13.45 68.93 -131.56
CA TYR G 2806 -12.04 69.37 -131.47
C TYR G 2806 -11.81 70.81 -131.96
N ARG G 2807 -12.47 71.20 -133.04
CA ARG G 2807 -12.25 72.55 -133.64
C ARG G 2807 -12.79 73.66 -132.73
N TRP G 2808 -13.95 73.47 -132.10
CA TRP G 2808 -14.59 74.53 -131.26
C TRP G 2808 -13.66 75.00 -130.13
N PRO G 2809 -13.00 74.12 -129.34
CA PRO G 2809 -12.03 74.59 -128.34
C PRO G 2809 -10.84 75.32 -128.95
N ILE G 2810 -10.36 74.87 -130.12
CA ILE G 2810 -9.15 75.47 -130.78
C ILE G 2810 -9.46 76.88 -131.27
N LYS G 2811 -10.59 77.05 -131.95
CA LYS G 2811 -10.96 78.39 -132.48
C LYS G 2811 -11.05 79.40 -131.33
N GLU G 2812 -11.71 79.01 -130.24
CA GLU G 2812 -11.85 79.82 -129.03
C GLU G 2812 -10.49 80.30 -128.56
N SER G 2813 -9.48 79.41 -128.59
CA SER G 2813 -8.09 79.73 -128.24
C SER G 2813 -7.57 80.76 -129.22
N LEU G 2814 -7.73 80.49 -130.53
CA LEU G 2814 -7.27 81.36 -131.61
C LEU G 2814 -7.92 82.72 -131.56
N LYS G 2815 -9.24 82.76 -131.26
CA LYS G 2815 -10.00 84.01 -131.12
C LYS G 2815 -9.45 84.88 -130.00
N ALA G 2816 -9.08 84.25 -128.85
CA ALA G 2816 -8.50 84.95 -127.69
C ALA G 2816 -7.16 85.62 -128.08
N MET G 2817 -6.31 84.88 -128.82
CA MET G 2817 -5.01 85.34 -129.32
C MET G 2817 -5.20 86.53 -130.26
N ILE G 2818 -6.21 86.47 -131.16
CA ILE G 2818 -6.53 87.52 -132.11
C ILE G 2818 -7.11 88.76 -131.38
N ALA G 2819 -8.02 88.55 -130.38
CA ALA G 2819 -8.57 89.68 -129.61
C ALA G 2819 -7.44 90.46 -128.88
N TRP G 2820 -6.37 89.76 -128.44
CA TRP G 2820 -5.21 90.39 -127.78
C TRP G 2820 -4.23 91.01 -128.78
N GLU G 2821 -4.55 90.96 -130.10
CA GLU G 2821 -3.75 91.50 -131.21
C GLU G 2821 -2.37 90.84 -131.28
N TRP G 2822 -2.33 89.53 -130.98
CA TRP G 2822 -1.13 88.73 -131.13
C TRP G 2822 -1.06 88.40 -132.62
N THR G 2823 0.14 88.24 -133.15
CA THR G 2823 0.34 87.90 -134.56
C THR G 2823 0.57 86.39 -134.68
N ILE G 2824 -0.06 85.77 -135.70
CA ILE G 2824 0.06 84.36 -136.03
C ILE G 2824 0.37 84.34 -137.55
N GLU G 2825 1.62 84.07 -137.91
CA GLU G 2825 2.03 84.08 -139.32
C GLU G 2825 2.92 82.91 -139.66
N LYS G 2826 2.61 82.23 -140.78
CA LYS G 2826 3.39 81.10 -141.28
C LYS G 2826 4.73 81.66 -141.80
N ALA G 2827 5.86 81.16 -141.30
CA ALA G 2827 7.19 81.66 -141.64
C ALA G 2827 8.18 80.58 -142.09
N ARG G 2828 7.86 79.30 -141.83
CA ARG G 2828 8.73 78.15 -142.17
C ARG G 2828 7.84 77.03 -142.69
N GLU G 2829 8.46 75.95 -143.20
CA GLU G 2829 7.77 74.75 -143.67
C GLU G 2829 7.14 74.05 -142.45
N GLY G 2830 5.94 73.49 -142.62
CA GLY G 2830 5.24 72.84 -141.50
C GLY G 2830 5.93 71.58 -141.02
N GLU G 2831 7.14 71.72 -140.46
CA GLU G 2831 7.91 70.55 -139.96
C GLU G 2831 7.04 69.72 -139.01
N ALA G 2852 1.82 47.69 -131.34
CA ALA G 2852 0.79 47.94 -132.35
C ALA G 2852 -0.45 47.14 -132.07
N ARG G 2853 -1.55 47.81 -131.66
CA ARG G 2853 -2.83 47.20 -131.29
C ARG G 2853 -3.67 46.81 -132.51
N GLU G 2854 -4.80 46.12 -132.25
CA GLU G 2854 -5.77 45.66 -133.23
C GLU G 2854 -6.62 46.85 -133.74
N GLY G 2855 -6.54 47.12 -135.04
CA GLY G 2855 -7.29 48.18 -135.70
C GLY G 2855 -6.63 49.54 -135.75
N TYR G 2856 -7.33 50.59 -135.26
CA TYR G 2856 -6.87 51.98 -135.25
C TYR G 2856 -5.64 52.15 -134.36
N ASN G 2857 -4.54 52.64 -134.97
CA ASN G 2857 -3.28 52.89 -134.25
C ASN G 2857 -2.74 54.27 -134.57
N PRO G 2858 -3.24 55.33 -133.88
CA PRO G 2858 -2.73 56.68 -134.16
C PRO G 2858 -1.34 56.84 -133.56
N GLN G 2859 -0.42 57.43 -134.34
CA GLN G 2859 0.94 57.69 -133.87
C GLN G 2859 1.16 59.22 -133.98
N PRO G 2860 0.63 60.03 -133.03
CA PRO G 2860 0.81 61.47 -133.14
C PRO G 2860 2.25 61.90 -132.89
N PRO G 2861 2.74 63.03 -133.47
CA PRO G 2861 4.11 63.45 -133.17
C PRO G 2861 4.28 63.79 -131.69
N ASP G 2862 5.49 63.57 -131.15
CA ASP G 2862 5.84 63.86 -129.77
C ASP G 2862 6.17 65.35 -129.66
N LEU G 2863 5.44 66.08 -128.81
CA LEU G 2863 5.61 67.52 -128.58
C LEU G 2863 6.52 67.83 -127.38
N SER G 2864 7.14 66.79 -126.79
CA SER G 2864 8.09 66.90 -125.66
C SER G 2864 9.45 67.47 -126.13
N GLY G 2865 9.78 67.28 -127.42
CA GLY G 2865 11.01 67.79 -128.04
C GLY G 2865 10.87 69.20 -128.58
N VAL G 2866 9.63 69.74 -128.60
CA VAL G 2866 9.34 71.10 -129.06
C VAL G 2866 9.56 72.02 -127.85
N THR G 2867 10.49 72.98 -128.00
CA THR G 2867 10.90 73.92 -126.97
C THR G 2867 10.25 75.27 -127.20
N LEU G 2868 9.67 75.83 -126.13
CA LEU G 2868 9.07 77.15 -126.14
C LEU G 2868 10.04 78.14 -125.50
N SER G 2869 10.18 79.32 -126.12
CA SER G 2869 11.01 80.40 -125.58
C SER G 2869 10.31 80.92 -124.30
N ARG G 2870 11.00 81.81 -123.54
CA ARG G 2870 10.45 82.45 -122.34
C ARG G 2870 9.18 83.21 -122.72
N GLU G 2871 9.21 83.88 -123.88
CA GLU G 2871 8.11 84.66 -124.41
C GLU G 2871 6.87 83.79 -124.69
N LEU G 2872 7.04 82.64 -125.37
CA LEU G 2872 5.93 81.75 -125.71
C LEU G 2872 5.38 81.09 -124.46
N GLN G 2873 6.22 80.81 -123.45
CA GLN G 2873 5.77 80.25 -122.17
C GLN G 2873 4.93 81.27 -121.40
N ALA G 2874 5.31 82.59 -121.49
CA ALA G 2874 4.54 83.69 -120.88
C ALA G 2874 3.18 83.79 -121.59
N MET G 2875 3.17 83.60 -122.93
CA MET G 2875 1.95 83.60 -123.76
C MET G 2875 1.06 82.42 -123.42
N ALA G 2876 1.66 81.24 -123.17
CA ALA G 2876 0.91 80.03 -122.77
C ALA G 2876 0.21 80.29 -121.42
N GLU G 2877 0.91 80.97 -120.48
CA GLU G 2877 0.40 81.34 -119.14
C GLU G 2877 -0.80 82.29 -119.28
N GLN G 2878 -0.71 83.26 -120.20
CA GLN G 2878 -1.82 84.18 -120.48
C GLN G 2878 -3.04 83.43 -121.10
N LEU G 2879 -2.81 82.47 -122.02
CA LEU G 2879 -3.89 81.66 -122.60
C LEU G 2879 -4.55 80.80 -121.50
N ALA G 2880 -3.71 80.15 -120.66
CA ALA G 2880 -4.12 79.29 -119.53
C ALA G 2880 -5.04 80.05 -118.56
N GLU G 2881 -4.66 81.31 -118.20
CA GLU G 2881 -5.44 82.19 -117.34
C GLU G 2881 -6.80 82.47 -117.98
N ASN G 2882 -6.81 82.68 -119.31
CA ASN G 2882 -8.04 82.93 -120.04
C ASN G 2882 -8.95 81.69 -120.04
N TYR G 2883 -8.36 80.46 -120.09
CA TYR G 2883 -9.14 79.21 -120.03
C TYR G 2883 -9.82 79.11 -118.67
N HIS G 2884 -9.07 79.50 -117.63
CA HIS G 2884 -9.53 79.54 -116.24
C HIS G 2884 -10.67 80.54 -116.07
N ASN G 2885 -10.52 81.74 -116.66
CA ASN G 2885 -11.52 82.80 -116.58
C ASN G 2885 -12.79 82.48 -117.37
N THR G 2886 -12.63 81.79 -118.54
CA THR G 2886 -13.72 81.35 -119.43
C THR G 2886 -14.58 80.35 -118.68
N TRP G 2887 -13.94 79.30 -118.15
CA TRP G 2887 -14.57 78.26 -117.36
C TRP G 2887 -15.19 78.89 -116.09
N GLY G 2888 -14.46 79.80 -115.41
CA GLY G 2888 -14.90 80.47 -114.19
C GLY G 2888 -16.17 81.28 -114.36
N ARG G 2889 -16.23 82.09 -115.44
CA ARG G 2889 -17.42 82.91 -115.77
C ARG G 2889 -18.61 82.02 -116.08
N LYS G 2890 -18.39 80.95 -116.86
CA LYS G 2890 -19.42 79.97 -117.22
C LYS G 2890 -19.95 79.28 -115.97
N LYS G 2891 -19.04 78.80 -115.09
CA LYS G 2891 -19.38 78.11 -113.85
C LYS G 2891 -20.16 79.03 -112.87
N LYS G 2892 -19.69 80.27 -112.66
CA LYS G 2892 -20.33 81.27 -111.79
C LYS G 2892 -21.76 81.54 -112.28
N GLN G 2893 -21.97 81.72 -113.60
CA GLN G 2893 -23.29 81.96 -114.21
C GLN G 2893 -24.22 80.74 -114.03
N GLU G 2894 -23.67 79.51 -114.25
CA GLU G 2894 -24.39 78.25 -114.08
C GLU G 2894 -24.87 78.12 -112.64
N LEU G 2895 -23.95 78.29 -111.65
CA LEU G 2895 -24.30 78.19 -110.22
C LEU G 2895 -25.34 79.22 -109.82
N GLU G 2896 -25.24 80.47 -110.32
CA GLU G 2896 -26.17 81.58 -110.04
C GLU G 2896 -27.57 81.30 -110.55
N ALA G 2897 -27.65 80.74 -111.76
CA ALA G 2897 -28.89 80.38 -112.44
C ALA G 2897 -29.52 79.14 -111.83
N LYS G 2898 -28.71 78.08 -111.60
CA LYS G 2898 -29.17 76.78 -111.11
C LYS G 2898 -29.19 76.69 -109.57
N GLY G 2899 -29.00 77.84 -108.90
CA GLY G 2899 -29.02 78.01 -107.45
C GLY G 2899 -28.00 77.20 -106.67
N GLY G 2900 -26.97 76.72 -107.39
CA GLY G 2900 -25.89 75.89 -106.86
C GLY G 2900 -25.03 76.54 -105.80
N GLY G 2901 -24.22 75.72 -105.16
CA GLY G 2901 -23.32 76.15 -104.11
C GLY G 2901 -22.07 76.87 -104.61
N THR G 2902 -20.91 76.30 -104.27
CA THR G 2902 -19.61 76.85 -104.64
C THR G 2902 -18.69 75.82 -105.32
N HIS G 2903 -17.47 76.27 -105.68
CA HIS G 2903 -16.45 75.49 -106.35
C HIS G 2903 -15.05 76.00 -105.98
N PRO G 2904 -14.12 75.10 -105.57
CA PRO G 2904 -12.75 75.54 -105.20
C PRO G 2904 -11.95 76.22 -106.31
N LEU G 2905 -12.35 76.06 -107.58
CA LEU G 2905 -11.64 76.69 -108.69
C LEU G 2905 -12.18 78.09 -108.99
N LEU G 2906 -13.23 78.53 -108.25
CA LEU G 2906 -13.77 79.88 -108.44
C LEU G 2906 -13.01 80.84 -107.57
N VAL G 2907 -11.76 81.06 -107.97
CA VAL G 2907 -10.76 81.92 -107.30
C VAL G 2907 -9.86 82.50 -108.41
N PRO G 2908 -9.15 83.64 -108.21
CA PRO G 2908 -8.30 84.15 -109.31
C PRO G 2908 -7.20 83.13 -109.68
N TYR G 2909 -6.86 83.08 -110.98
CA TYR G 2909 -5.80 82.22 -111.53
C TYR G 2909 -4.46 82.42 -110.81
N ASP G 2910 -4.12 83.66 -110.44
CA ASP G 2910 -2.85 83.97 -109.78
C ASP G 2910 -2.79 83.48 -108.30
N THR G 2911 -3.88 82.87 -107.75
CA THR G 2911 -3.87 82.32 -106.39
C THR G 2911 -3.62 80.79 -106.42
N LEU G 2912 -3.54 80.19 -107.64
CA LEU G 2912 -3.36 78.74 -107.85
C LEU G 2912 -1.88 78.36 -107.86
N THR G 2913 -1.57 77.10 -107.47
CA THR G 2913 -0.19 76.59 -107.49
C THR G 2913 0.15 76.13 -108.91
N ALA G 2914 1.44 75.82 -109.19
CA ALA G 2914 1.90 75.31 -110.51
C ALA G 2914 1.12 74.05 -110.91
N LYS G 2915 0.89 73.13 -109.94
CA LYS G 2915 0.17 71.87 -110.14
C LYS G 2915 -1.34 72.11 -110.41
N GLU G 2916 -1.97 73.07 -109.69
CA GLU G 2916 -3.39 73.39 -109.91
C GLU G 2916 -3.59 74.04 -111.30
N LYS G 2917 -2.56 74.72 -111.82
CA LYS G 2917 -2.57 75.40 -113.13
C LYS G 2917 -2.21 74.48 -114.29
N ALA G 2918 -1.56 73.35 -114.00
CA ALA G 2918 -1.00 72.39 -114.97
C ALA G 2918 -1.92 72.05 -116.14
N ARG G 2919 -3.19 71.66 -115.89
CA ARG G 2919 -4.18 71.30 -116.94
C ARG G 2919 -4.35 72.40 -118.00
N ASP G 2920 -4.59 73.66 -117.56
CA ASP G 2920 -4.79 74.79 -118.47
C ASP G 2920 -3.47 75.18 -119.12
N ARG G 2921 -2.35 75.12 -118.37
CA ARG G 2921 -0.99 75.42 -118.87
C ARG G 2921 -0.61 74.47 -120.01
N GLU G 2922 -0.82 73.16 -119.80
CA GLU G 2922 -0.52 72.11 -120.79
C GLU G 2922 -1.35 72.27 -122.05
N LYS G 2923 -2.65 72.66 -121.91
CA LYS G 2923 -3.52 72.90 -123.07
C LYS G 2923 -2.95 74.06 -123.93
N ALA G 2924 -2.59 75.18 -123.27
CA ALA G 2924 -2.04 76.37 -123.93
C ALA G 2924 -0.69 76.05 -124.58
N GLN G 2925 0.21 75.33 -123.86
CA GLN G 2925 1.53 74.92 -124.33
C GLN G 2925 1.44 74.01 -125.56
N GLU G 2926 0.53 73.03 -125.55
CA GLU G 2926 0.31 72.10 -126.67
C GLU G 2926 -0.02 72.87 -127.96
N LEU G 2927 -0.84 73.94 -127.85
CA LEU G 2927 -1.26 74.78 -128.98
C LEU G 2927 -0.07 75.56 -129.55
N LEU G 2928 0.70 76.24 -128.70
CA LEU G 2928 1.86 77.04 -129.14
C LEU G 2928 2.99 76.17 -129.68
N LYS G 2929 3.14 74.92 -129.15
CA LYS G 2929 4.14 73.96 -129.63
C LYS G 2929 3.76 73.46 -131.03
N PHE G 2930 2.49 73.10 -131.23
CA PHE G 2930 1.99 72.65 -132.54
C PHE G 2930 2.08 73.80 -133.57
N LEU G 2931 1.71 75.04 -133.19
CA LEU G 2931 1.85 76.22 -134.05
C LEU G 2931 3.32 76.33 -134.50
N GLN G 2932 4.27 76.28 -133.53
CA GLN G 2932 5.73 76.36 -133.79
C GLN G 2932 6.21 75.21 -134.69
N MET G 2933 5.82 73.96 -134.36
CA MET G 2933 6.17 72.76 -135.11
C MET G 2933 5.75 72.88 -136.58
N ASN G 2934 4.63 73.54 -136.83
CA ASN G 2934 4.05 73.75 -138.16
C ASN G 2934 4.50 75.05 -138.85
N GLY G 2935 5.59 75.63 -138.39
CA GLY G 2935 6.22 76.80 -138.98
C GLY G 2935 5.61 78.17 -138.76
N TYR G 2936 4.73 78.30 -137.76
CA TYR G 2936 4.10 79.57 -137.42
C TYR G 2936 4.93 80.34 -136.41
N ALA G 2937 5.09 81.64 -136.67
CA ALA G 2937 5.76 82.62 -135.82
C ALA G 2937 4.61 83.32 -135.11
N VAL G 2938 4.55 83.20 -133.77
CA VAL G 2938 3.51 83.75 -132.90
C VAL G 2938 4.14 84.77 -131.95
N THR G 2939 3.62 86.01 -131.93
CA THR G 2939 4.18 87.06 -131.07
C THR G 2939 3.07 87.85 -130.42
N ARG G 2940 3.35 88.50 -129.27
CA ARG G 2940 2.42 89.36 -128.53
C ARG G 2940 2.30 90.75 -129.14
N GLY G 2941 3.10 91.00 -130.19
CA GLY G 2941 3.16 92.25 -130.94
C GLY G 2941 3.72 93.43 -130.16
N GLU G 2953 14.98 97.93 -111.75
CA GLU G 2953 13.87 98.35 -110.92
C GLU G 2953 12.97 97.15 -110.58
N LYS G 2954 11.72 97.44 -110.22
CA LYS G 2954 10.70 96.45 -109.87
C LYS G 2954 11.05 95.71 -108.59
N ARG G 2955 12.17 96.06 -107.95
CA ARG G 2955 12.52 95.45 -106.69
C ARG G 2955 11.65 96.02 -105.57
N PHE G 2956 11.48 95.22 -104.51
CA PHE G 2956 10.66 95.64 -103.38
C PHE G 2956 11.25 96.87 -102.70
N ALA G 2957 12.57 96.88 -102.49
CA ALA G 2957 13.22 98.01 -101.85
C ALA G 2957 13.09 99.29 -102.65
N PHE G 2958 13.08 99.18 -103.99
CA PHE G 2958 12.94 100.36 -104.83
C PHE G 2958 11.63 101.09 -104.55
N GLY G 2959 10.51 100.35 -104.63
CA GLY G 2959 9.22 100.95 -104.35
C GLY G 2959 9.10 101.42 -102.91
N PHE G 2960 9.61 100.62 -101.97
CA PHE G 2960 9.58 101.02 -100.57
C PHE G 2960 10.28 102.36 -100.36
N LEU G 2961 11.48 102.50 -100.91
CA LEU G 2961 12.26 103.71 -100.74
C LEU G 2961 11.61 104.91 -101.42
N GLN G 2962 11.06 104.71 -102.62
CA GLN G 2962 10.44 105.85 -103.31
C GLN G 2962 9.16 106.30 -102.60
N GLN G 2963 8.38 105.35 -102.05
CA GLN G 2963 7.23 105.73 -101.25
C GLN G 2963 7.66 106.48 -100.00
N LEU G 2964 8.75 106.03 -99.37
CA LEU G 2964 9.27 106.73 -98.20
C LEU G 2964 9.69 108.15 -98.54
N LEU G 2965 10.34 108.35 -99.68
CA LEU G 2965 10.74 109.69 -100.10
C LEU G 2965 9.53 110.57 -100.36
N ARG G 2966 8.51 110.02 -101.01
CA ARG G 2966 7.29 110.79 -101.25
C ARG G 2966 6.66 111.24 -99.93
N TRP G 2967 6.53 110.31 -98.98
CA TRP G 2967 5.98 110.67 -97.68
C TRP G 2967 6.87 111.66 -96.95
N MET G 2968 8.18 111.58 -97.16
CA MET G 2968 9.09 112.54 -96.53
C MET G 2968 8.84 113.95 -97.05
N ASP G 2969 8.68 114.11 -98.36
CA ASP G 2969 8.40 115.46 -98.86
C ASP G 2969 7.01 115.94 -98.44
N ILE G 2970 6.02 115.05 -98.38
CA ILE G 2970 4.71 115.43 -97.86
C ILE G 2970 4.81 115.92 -96.43
N SER G 2971 5.56 115.20 -95.59
CA SER G 2971 5.73 115.60 -94.20
C SER G 2971 6.50 116.91 -94.08
N GLN G 2972 7.47 117.13 -94.97
CA GLN G 2972 8.18 118.41 -94.98
C GLN G 2972 7.23 119.56 -95.27
N GLU G 2973 6.35 119.38 -96.26
CA GLU G 2973 5.35 120.41 -96.54
C GLU G 2973 4.41 120.61 -95.36
N PHE G 2974 3.97 119.53 -94.73
CA PHE G 2974 3.06 119.64 -93.59
C PHE G 2974 3.72 120.38 -92.43
N ILE G 2975 4.99 120.08 -92.16
CA ILE G 2975 5.71 120.79 -91.10
C ILE G 2975 5.93 122.26 -91.47
N ALA G 2976 6.18 122.56 -92.74
CA ALA G 2976 6.28 123.95 -93.16
C ALA G 2976 4.96 124.68 -92.94
N HIS G 2977 3.83 123.98 -93.10
CA HIS G 2977 2.54 124.60 -92.84
C HIS G 2977 2.39 125.04 -91.40
N LEU G 2978 2.98 124.31 -90.46
CA LEU G 2978 2.89 124.66 -89.04
C LEU G 2978 3.73 125.89 -88.73
N GLN G 2994 -3.66 114.76 -89.30
CA GLN G 2994 -3.83 113.31 -89.40
C GLN G 2994 -2.56 112.65 -89.93
N GLU G 2995 -2.02 113.20 -91.02
CA GLU G 2995 -0.81 112.64 -91.62
C GLU G 2995 0.37 112.66 -90.67
N ILE G 2996 0.41 113.65 -89.76
CA ILE G 2996 1.48 113.70 -88.77
C ILE G 2996 1.43 112.48 -87.86
N LYS G 2997 0.22 112.11 -87.44
CA LYS G 2997 0.07 110.94 -86.58
C LYS G 2997 0.54 109.68 -87.28
N PHE G 2998 0.09 109.47 -88.52
CA PHE G 2998 0.51 108.28 -89.26
C PHE G 2998 2.01 108.26 -89.45
N PHE G 2999 2.59 109.40 -89.85
CA PHE G 2999 4.04 109.51 -89.98
C PHE G 2999 4.74 109.06 -88.70
N ALA G 3000 4.48 109.77 -87.60
CA ALA G 3000 5.25 109.55 -86.37
C ALA G 3000 4.97 108.19 -85.76
N LYS G 3001 3.82 107.59 -86.05
CA LYS G 3001 3.45 106.34 -85.40
C LYS G 3001 3.73 105.11 -86.25
N ILE G 3002 4.00 105.26 -87.54
CA ILE G 3002 4.24 104.14 -88.42
C ILE G 3002 5.62 104.19 -89.06
N LEU G 3003 5.95 105.32 -89.70
CA LEU G 3003 7.12 105.34 -90.59
C LEU G 3003 8.42 105.15 -89.81
N LEU G 3004 8.54 105.80 -88.65
CA LEU G 3004 9.79 105.72 -87.90
C LEU G 3004 10.12 104.29 -87.43
N PRO G 3005 9.22 103.57 -86.73
CA PRO G 3005 9.56 102.20 -86.35
C PRO G 3005 9.80 101.28 -87.54
N LEU G 3006 9.06 101.48 -88.63
CA LEU G 3006 9.25 100.64 -89.81
C LEU G 3006 10.64 100.84 -90.41
N ILE G 3007 11.05 102.09 -90.56
CA ILE G 3007 12.40 102.39 -91.06
C ILE G 3007 13.43 101.79 -90.12
N ASN G 3008 13.26 102.02 -88.81
CA ASN G 3008 14.15 101.45 -87.80
C ASN G 3008 14.35 99.96 -88.03
N GLN G 3009 13.26 99.19 -87.96
CA GLN G 3009 13.35 97.74 -88.02
C GLN G 3009 13.92 97.27 -89.36
N TYR G 3010 13.40 97.83 -90.46
CA TYR G 3010 13.79 97.36 -91.78
C TYR G 3010 15.28 97.57 -92.03
N PHE G 3011 15.79 98.78 -91.75
CA PHE G 3011 17.19 99.02 -92.01
C PHE G 3011 18.11 98.36 -91.00
N THR G 3012 17.69 98.23 -89.74
CA THR G 3012 18.46 97.44 -88.79
C THR G 3012 18.61 96.00 -89.27
N ASN G 3013 17.55 95.45 -89.88
CA ASN G 3013 17.63 94.10 -90.40
C ASN G 3013 18.50 94.01 -91.65
N HIS G 3014 18.37 94.97 -92.56
CA HIS G 3014 18.93 94.83 -93.90
C HIS G 3014 20.09 95.78 -94.20
N CYS G 3015 20.82 96.26 -93.19
CA CYS G 3015 21.99 97.08 -93.45
C CYS G 3015 23.02 96.39 -94.34
N LEU G 3016 23.27 95.09 -94.11
CA LEU G 3016 24.33 94.40 -94.83
C LEU G 3016 24.06 94.35 -96.34
N TYR G 3017 22.79 94.20 -96.74
CA TYR G 3017 22.48 94.16 -98.16
C TYR G 3017 22.85 95.48 -98.85
N PHE G 3018 22.60 96.59 -98.18
CA PHE G 3018 22.97 97.89 -98.74
C PHE G 3018 24.46 98.15 -98.68
N LEU G 3019 25.16 97.60 -97.68
CA LEU G 3019 26.59 97.84 -97.57
C LEU G 3019 27.42 96.96 -98.49
N SER G 3020 26.83 95.95 -99.12
CA SER G 3020 27.59 95.04 -99.96
C SER G 3020 27.97 95.71 -101.27
N THR G 3021 29.04 95.20 -101.89
CA THR G 3021 29.54 95.67 -103.17
C THR G 3021 29.75 94.47 -104.09
N PRO G 3022 29.68 94.68 -105.41
CA PRO G 3022 29.96 93.57 -106.33
C PRO G 3022 31.35 92.99 -106.17
N ALA G 3023 32.35 93.82 -105.86
CA ALA G 3023 33.71 93.34 -105.69
C ALA G 3023 33.97 92.76 -104.31
N LYS G 3024 33.06 92.98 -103.34
CA LYS G 3024 33.25 92.48 -101.99
C LYS G 3024 31.85 92.33 -101.39
N VAL G 3025 31.40 91.09 -101.25
CA VAL G 3025 30.08 90.79 -100.72
C VAL G 3025 30.19 90.55 -99.23
N LEU G 3026 29.29 91.16 -98.46
CA LEU G 3026 29.29 91.05 -97.01
C LEU G 3026 28.24 90.08 -96.48
N GLY G 3027 27.03 90.12 -97.01
CA GLY G 3027 25.93 89.34 -96.49
C GLY G 3027 25.82 87.97 -97.14
N SER G 3028 24.64 87.37 -97.01
CA SER G 3028 24.40 86.04 -97.57
C SER G 3028 24.42 86.07 -99.09
N GLY G 3029 23.87 87.11 -99.70
CA GLY G 3029 23.86 87.22 -101.15
C GLY G 3029 23.19 88.47 -101.65
N GLY G 3030 23.49 88.85 -102.89
CA GLY G 3030 22.91 90.04 -103.49
C GLY G 3030 23.49 91.34 -102.97
N HIS G 3031 23.36 92.41 -103.75
CA HIS G 3031 23.86 93.71 -103.34
C HIS G 3031 23.01 94.78 -104.00
N ALA G 3032 22.83 95.90 -103.29
CA ALA G 3032 21.98 96.97 -103.78
C ALA G 3032 22.59 97.65 -104.99
N SER G 3033 21.72 98.17 -105.85
CA SER G 3033 22.17 98.94 -107.00
C SER G 3033 22.55 100.36 -106.58
N ASN G 3034 23.20 101.08 -107.50
CA ASN G 3034 23.64 102.44 -107.20
C ASN G 3034 22.45 103.35 -106.93
N LYS G 3035 21.32 103.14 -107.62
CA LYS G 3035 20.15 103.99 -107.42
C LYS G 3035 19.62 103.88 -105.99
N GLU G 3036 19.62 102.66 -105.44
CA GLU G 3036 19.15 102.48 -104.07
C GLU G 3036 20.06 103.20 -103.07
N LYS G 3037 21.38 103.14 -103.29
CA LYS G 3037 22.31 103.86 -102.42
C LYS G 3037 22.09 105.38 -102.51
N GLU G 3038 21.88 105.89 -103.72
CA GLU G 3038 21.59 107.31 -103.88
C GLU G 3038 20.29 107.68 -103.15
N MET G 3039 19.27 106.83 -103.27
CA MET G 3039 18.00 107.10 -102.59
C MET G 3039 18.16 107.12 -101.08
N ILE G 3040 18.91 106.17 -100.53
CA ILE G 3040 19.06 106.14 -99.07
C ILE G 3040 19.89 107.32 -98.59
N THR G 3041 20.91 107.73 -99.35
CA THR G 3041 21.68 108.92 -98.98
C THR G 3041 20.80 110.17 -99.01
N SER G 3042 19.96 110.29 -100.05
CA SER G 3042 19.06 111.44 -100.14
C SER G 3042 18.06 111.44 -99.00
N LEU G 3043 17.55 110.27 -98.63
CA LEU G 3043 16.61 110.17 -97.51
C LEU G 3043 17.26 110.61 -96.20
N PHE G 3044 18.50 110.15 -95.96
CA PHE G 3044 19.22 110.57 -94.76
C PHE G 3044 19.43 112.07 -94.73
N CYS G 3045 19.84 112.65 -95.87
CA CYS G 3045 20.07 114.09 -95.93
C CYS G 3045 18.78 114.86 -95.69
N LYS G 3046 17.68 114.39 -96.29
CA LYS G 3046 16.40 115.08 -96.13
C LYS G 3046 15.92 115.03 -94.69
N LEU G 3047 16.04 113.87 -94.04
CA LEU G 3047 15.62 113.79 -92.65
C LEU G 3047 16.49 114.67 -91.75
N ALA G 3048 17.80 114.66 -91.98
CA ALA G 3048 18.69 115.51 -91.19
C ALA G 3048 18.36 116.98 -91.37
N ALA G 3049 18.07 117.40 -92.60
CA ALA G 3049 17.68 118.78 -92.84
C ALA G 3049 16.35 119.12 -92.16
N LEU G 3050 15.40 118.18 -92.19
CA LEU G 3050 14.09 118.44 -91.60
C LEU G 3050 14.18 118.59 -90.09
N VAL G 3051 14.99 117.76 -89.43
CA VAL G 3051 15.00 117.76 -87.97
C VAL G 3051 15.73 118.97 -87.39
N ARG G 3052 16.45 119.74 -88.21
CA ARG G 3052 17.28 120.82 -87.70
C ARG G 3052 16.46 121.88 -86.99
N HIS G 3053 16.94 122.30 -85.81
CA HIS G 3053 16.42 123.41 -85.03
C HIS G 3053 14.94 123.27 -84.68
N ARG G 3054 14.40 122.05 -84.71
CA ARG G 3054 13.00 121.81 -84.37
C ARG G 3054 12.83 120.57 -83.51
N VAL G 3055 13.77 120.29 -82.62
CA VAL G 3055 13.67 119.11 -81.76
C VAL G 3055 12.47 119.22 -80.83
N SER G 3056 12.26 120.40 -80.25
CA SER G 3056 11.14 120.58 -79.33
C SER G 3056 9.80 120.48 -80.04
N LEU G 3057 9.74 120.89 -81.32
CA LEU G 3057 8.49 120.86 -82.06
C LEU G 3057 7.95 119.44 -82.23
N PHE G 3058 8.81 118.42 -82.14
CA PHE G 3058 8.37 117.04 -82.22
C PHE G 3058 7.93 116.47 -80.88
N GLY G 3059 8.18 117.20 -79.79
CA GLY G 3059 7.71 116.77 -78.48
C GLY G 3059 8.23 115.40 -78.11
N THR G 3060 7.33 114.54 -77.63
CA THR G 3060 7.71 113.20 -77.21
C THR G 3060 8.20 112.34 -78.38
N ASP G 3061 7.95 112.77 -79.61
CA ASP G 3061 8.47 112.05 -80.77
C ASP G 3061 9.93 112.39 -81.05
N ALA G 3062 10.50 113.34 -80.31
CA ALA G 3062 11.88 113.76 -80.56
C ALA G 3062 12.91 112.64 -80.43
N PRO G 3063 12.90 111.80 -79.39
CA PRO G 3063 13.97 110.77 -79.30
C PRO G 3063 13.95 109.78 -80.46
N ALA G 3064 12.78 109.23 -80.79
CA ALA G 3064 12.72 108.18 -81.81
C ALA G 3064 13.34 108.62 -83.12
N VAL G 3065 13.04 109.84 -83.56
CA VAL G 3065 13.62 110.35 -84.81
C VAL G 3065 15.14 110.25 -84.76
N VAL G 3066 15.73 110.71 -83.65
CA VAL G 3066 17.19 110.64 -83.52
C VAL G 3066 17.67 109.21 -83.72
N ASN G 3067 16.99 108.25 -83.10
CA ASN G 3067 17.38 106.85 -83.26
C ASN G 3067 17.44 106.47 -84.73
N CYS G 3068 16.41 106.85 -85.49
CA CYS G 3068 16.38 106.51 -86.91
C CYS G 3068 17.64 107.01 -87.61
N LEU G 3069 18.05 108.26 -87.30
CA LEU G 3069 19.25 108.81 -87.93
C LEU G 3069 20.44 107.89 -87.71
N HIS G 3070 20.63 107.43 -86.47
CA HIS G 3070 21.74 106.51 -86.19
C HIS G 3070 21.69 105.33 -87.13
N ILE G 3071 20.53 104.68 -87.25
CA ILE G 3071 20.42 103.49 -88.06
C ILE G 3071 20.65 103.81 -89.53
N LEU G 3072 20.29 105.03 -89.95
CA LEU G 3072 20.62 105.44 -91.31
C LEU G 3072 22.11 105.70 -91.45
N ALA G 3073 22.72 106.35 -90.46
CA ALA G 3073 24.13 106.70 -90.56
C ALA G 3073 25.00 105.45 -90.64
N ARG G 3074 24.58 104.38 -89.99
CA ARG G 3074 25.29 103.11 -90.01
C ARG G 3074 25.05 102.32 -91.29
N SER G 3075 24.41 102.88 -92.31
CA SER G 3075 24.13 102.15 -93.54
C SER G 3075 24.50 102.90 -94.81
N LEU G 3076 25.22 104.01 -94.70
CA LEU G 3076 25.59 104.77 -95.89
C LEU G 3076 26.80 104.16 -96.58
N ASP G 3077 26.69 103.95 -97.89
CA ASP G 3077 27.84 103.58 -98.72
C ASP G 3077 28.36 104.82 -99.42
N ALA G 3078 29.10 105.62 -98.65
CA ALA G 3078 29.52 106.94 -99.12
C ALA G 3078 30.53 106.83 -100.26
N ARG G 3079 31.37 105.80 -100.26
CA ARG G 3079 32.42 105.68 -101.27
C ARG G 3079 31.83 105.57 -102.66
N THR G 3080 30.84 104.70 -102.85
CA THR G 3080 30.28 104.48 -104.17
C THR G 3080 29.56 105.72 -104.69
N VAL G 3081 28.76 106.37 -103.84
CA VAL G 3081 28.01 107.53 -104.28
C VAL G 3081 28.93 108.71 -104.55
N MET G 3082 29.97 108.89 -103.74
CA MET G 3082 30.90 109.99 -103.97
C MET G 3082 31.78 109.76 -105.20
N LYS G 3083 32.15 108.50 -105.47
CA LYS G 3083 32.96 108.20 -106.65
C LYS G 3083 32.19 108.51 -107.93
N SER G 3084 30.89 108.19 -107.95
CA SER G 3084 30.07 108.42 -109.14
C SER G 3084 28.62 108.56 -108.70
N GLY G 3085 28.02 109.71 -109.00
CA GLY G 3085 26.65 109.95 -108.65
C GLY G 3085 26.16 111.30 -109.12
N PRO G 3086 24.85 111.54 -109.02
CA PRO G 3086 24.30 112.84 -109.40
C PRO G 3086 24.83 113.95 -108.49
N GLU G 3087 24.87 115.16 -109.04
CA GLU G 3087 25.38 116.30 -108.28
C GLU G 3087 24.48 116.67 -107.11
N ILE G 3088 23.20 116.29 -107.19
CA ILE G 3088 22.24 116.72 -106.17
C ILE G 3088 22.58 116.11 -104.82
N VAL G 3089 22.85 114.80 -104.78
CA VAL G 3089 23.13 114.14 -103.51
C VAL G 3089 24.47 114.60 -102.93
N LYS G 3090 25.47 114.80 -103.79
CA LYS G 3090 26.75 115.31 -103.33
C LYS G 3090 26.60 116.71 -102.74
N ALA G 3091 25.81 117.57 -103.40
CA ALA G 3091 25.56 118.89 -102.87
C ALA G 3091 24.84 118.81 -101.52
N GLY G 3092 23.88 117.90 -101.41
CA GLY G 3092 23.17 117.75 -100.14
C GLY G 3092 24.10 117.33 -99.01
N LEU G 3093 24.97 116.35 -99.27
CA LEU G 3093 25.91 115.89 -98.25
C LEU G 3093 26.88 116.99 -97.86
N ARG G 3094 27.42 117.73 -98.84
CA ARG G 3094 28.33 118.82 -98.54
C ARG G 3094 27.63 119.91 -97.73
N SER G 3095 26.38 120.23 -98.08
CA SER G 3095 25.62 121.20 -97.31
C SER G 3095 25.37 120.72 -95.89
N PHE G 3096 25.11 119.43 -95.70
CA PHE G 3096 24.93 118.90 -94.36
C PHE G 3096 26.20 119.07 -93.52
N PHE G 3097 27.35 118.74 -94.10
CA PHE G 3097 28.60 118.91 -93.37
C PHE G 3097 28.87 120.38 -93.05
N GLU G 3098 28.63 121.27 -94.02
CA GLU G 3098 28.84 122.70 -93.78
C GLU G 3098 27.91 123.22 -92.69
N SER G 3099 26.65 122.79 -92.70
CA SER G 3099 25.71 123.23 -91.68
C SER G 3099 26.11 122.72 -90.30
N ALA G 3100 26.59 121.48 -90.22
CA ALA G 3100 27.07 120.96 -88.94
C ALA G 3100 28.24 121.78 -88.43
N SER G 3101 29.20 122.09 -89.31
CA SER G 3101 30.34 122.90 -88.89
C SER G 3101 29.89 124.29 -88.42
N GLU G 3102 28.97 124.91 -89.15
CA GLU G 3102 28.47 126.23 -88.76
C GLU G 3102 27.76 126.18 -87.42
N ASP G 3103 26.97 125.14 -87.19
CA ASP G 3103 26.29 125.00 -85.90
C ASP G 3103 27.28 124.84 -84.76
N ILE G 3104 28.33 124.03 -84.98
CA ILE G 3104 29.34 123.87 -83.94
C ILE G 3104 30.04 125.20 -83.65
N GLU G 3105 30.41 125.94 -84.71
CA GLU G 3105 31.08 127.22 -84.52
C GLU G 3105 30.18 128.21 -83.78
N LYS G 3106 28.89 128.22 -84.09
CA LYS G 3106 27.97 129.07 -83.36
C LYS G 3106 27.82 128.64 -81.91
N MET G 3107 27.88 127.33 -81.66
CA MET G 3107 27.71 126.83 -80.30
C MET G 3107 28.91 127.18 -79.41
N VAL G 3108 30.12 127.05 -79.93
CA VAL G 3108 31.29 127.27 -79.07
C VAL G 3108 31.40 128.73 -78.67
N GLU G 3109 30.81 129.64 -79.44
CA GLU G 3109 30.85 131.07 -79.12
C GLU G 3109 30.09 131.37 -77.84
N THR G 3131 21.61 123.60 -76.77
CA THR G 3131 20.23 123.16 -76.57
C THR G 3131 19.85 122.08 -77.58
N TYR G 3132 20.27 122.26 -78.82
CA TYR G 3132 20.00 121.32 -79.89
C TYR G 3132 21.22 120.51 -80.30
N THR G 3133 22.40 121.14 -80.37
CA THR G 3133 23.60 120.42 -80.75
C THR G 3133 23.98 119.36 -79.74
N THR G 3134 23.66 119.58 -78.46
CA THR G 3134 24.04 118.63 -77.43
C THR G 3134 23.15 117.38 -77.46
N VAL G 3135 21.97 117.47 -78.06
CA VAL G 3135 21.03 116.36 -78.02
C VAL G 3135 21.04 115.56 -79.31
N ALA G 3136 21.09 116.22 -80.47
CA ALA G 3136 20.90 115.57 -81.75
C ALA G 3136 22.16 115.53 -82.61
N LEU G 3137 22.86 116.65 -82.73
CA LEU G 3137 23.96 116.74 -83.70
C LEU G 3137 25.14 115.86 -83.31
N LEU G 3138 25.58 115.96 -82.05
CA LEU G 3138 26.80 115.29 -81.64
C LEU G 3138 26.74 113.77 -81.76
N PRO G 3139 25.71 113.08 -81.25
CA PRO G 3139 25.70 111.62 -81.40
C PRO G 3139 25.67 111.16 -82.85
N VAL G 3140 24.88 111.83 -83.69
CA VAL G 3140 24.80 111.44 -85.10
C VAL G 3140 26.13 111.66 -85.79
N LEU G 3141 26.77 112.80 -85.52
CA LEU G 3141 28.08 113.08 -86.12
C LEU G 3141 29.12 112.07 -85.67
N THR G 3142 29.10 111.72 -84.38
CA THR G 3142 30.05 110.74 -83.86
C THR G 3142 29.84 109.38 -84.51
N THR G 3143 28.57 108.96 -84.63
CA THR G 3143 28.29 107.68 -85.27
C THR G 3143 28.73 107.66 -86.73
N LEU G 3144 28.47 108.76 -87.45
CA LEU G 3144 28.88 108.83 -88.86
C LEU G 3144 30.40 108.76 -88.99
N PHE G 3145 31.12 109.50 -88.14
CA PHE G 3145 32.57 109.47 -88.20
C PHE G 3145 33.11 108.09 -87.85
N GLN G 3146 32.52 107.44 -86.85
CA GLN G 3146 32.97 106.10 -86.48
C GLN G 3146 32.73 105.11 -87.62
N HIS G 3147 31.57 105.20 -88.27
CA HIS G 3147 31.29 104.32 -89.40
C HIS G 3147 32.28 104.54 -90.53
N ILE G 3148 32.55 105.81 -90.86
CA ILE G 3148 33.48 106.13 -91.93
C ILE G 3148 34.88 105.59 -91.60
N ALA G 3149 35.33 105.82 -90.37
CA ALA G 3149 36.66 105.37 -89.98
C ALA G 3149 36.76 103.84 -89.98
N GLN G 3150 35.72 103.16 -89.49
CA GLN G 3150 35.79 101.71 -89.37
C GLN G 3150 35.72 101.03 -90.73
N HIS G 3151 34.89 101.56 -91.64
CA HIS G 3151 34.81 100.97 -92.97
C HIS G 3151 35.87 101.50 -93.93
N GLN G 3152 36.74 102.41 -93.46
CA GLN G 3152 37.86 102.91 -94.26
C GLN G 3152 37.40 103.62 -95.52
N PHE G 3153 36.46 104.56 -95.37
CA PHE G 3153 36.04 105.43 -96.46
C PHE G 3153 36.69 106.80 -96.38
N GLY G 3154 37.64 107.01 -95.47
CA GLY G 3154 38.18 108.34 -95.26
C GLY G 3154 38.90 108.90 -96.47
N ASP G 3155 39.67 108.05 -97.16
CA ASP G 3155 40.46 108.52 -98.29
C ASP G 3155 39.62 108.89 -99.50
N ASP G 3156 38.33 108.55 -99.50
CA ASP G 3156 37.46 108.79 -100.65
C ASP G 3156 36.33 109.78 -100.39
N VAL G 3157 36.02 110.08 -99.14
CA VAL G 3157 34.87 110.92 -98.82
C VAL G 3157 35.30 112.31 -98.38
N ILE G 3158 36.21 112.40 -97.41
CA ILE G 3158 36.59 113.70 -96.83
C ILE G 3158 37.62 114.31 -97.78
N LEU G 3159 37.11 115.07 -98.75
CA LEU G 3159 37.94 115.74 -99.74
C LEU G 3159 37.37 117.11 -100.04
N ASP G 3160 38.22 117.98 -100.58
CA ASP G 3160 37.85 119.33 -101.04
C ASP G 3160 37.25 120.10 -99.87
N ASP G 3161 36.09 120.74 -100.02
CA ASP G 3161 35.53 121.58 -98.97
C ASP G 3161 35.15 120.79 -97.72
N VAL G 3162 34.93 119.48 -97.85
CA VAL G 3162 34.68 118.65 -96.66
C VAL G 3162 35.87 118.72 -95.72
N GLN G 3163 37.09 118.72 -96.28
CA GLN G 3163 38.28 118.87 -95.45
C GLN G 3163 38.29 120.23 -94.77
N VAL G 3164 37.84 121.28 -95.45
CA VAL G 3164 37.77 122.60 -94.84
C VAL G 3164 36.79 122.57 -93.66
N SER G 3165 35.63 121.95 -93.84
CA SER G 3165 34.67 121.84 -92.75
C SER G 3165 35.25 121.06 -91.57
N CYS G 3166 35.97 119.98 -91.86
CA CYS G 3166 36.60 119.20 -90.80
C CYS G 3166 37.66 120.02 -90.07
N TYR G 3167 38.43 120.82 -90.79
CA TYR G 3167 39.41 121.69 -90.15
C TYR G 3167 38.73 122.70 -89.24
N ARG G 3168 37.62 123.30 -89.71
CA ARG G 3168 36.87 124.22 -88.86
C ARG G 3168 36.38 123.53 -87.60
N THR G 3169 35.86 122.31 -87.73
CA THR G 3169 35.39 121.57 -86.56
C THR G 3169 36.54 121.27 -85.60
N LEU G 3170 37.69 120.86 -86.13
CA LEU G 3170 38.86 120.60 -85.30
C LEU G 3170 39.25 121.84 -84.49
N CYS G 3171 39.40 122.97 -85.18
CA CYS G 3171 39.80 124.19 -84.49
C CYS G 3171 38.77 124.62 -83.46
N SER G 3172 37.48 124.56 -83.81
CA SER G 3172 36.45 124.98 -82.87
C SER G 3172 36.42 124.09 -81.64
N ILE G 3173 36.58 122.78 -81.82
CA ILE G 3173 36.56 121.86 -80.68
C ILE G 3173 37.78 122.09 -79.80
N TYR G 3174 38.96 122.20 -80.39
CA TYR G 3174 40.16 122.38 -79.59
C TYR G 3174 40.25 123.78 -78.98
N SER G 3175 39.42 124.73 -79.45
CA SER G 3175 39.49 126.10 -78.94
C SER G 3175 38.98 126.22 -77.51
N LEU G 3176 38.38 125.17 -76.95
CA LEU G 3176 37.89 125.25 -75.58
C LEU G 3176 39.01 125.64 -74.61
N GLY G 3177 40.14 124.96 -74.71
CA GLY G 3177 41.36 125.33 -74.01
C GLY G 3177 41.23 125.72 -72.55
N THR G 3178 41.61 126.96 -72.23
CA THR G 3178 41.69 127.43 -70.86
C THR G 3178 40.34 127.89 -70.30
N THR G 3179 39.29 127.89 -71.11
CA THR G 3179 37.98 128.30 -70.61
C THR G 3179 37.49 127.32 -69.54
N ARG G 3180 36.97 127.87 -68.44
CA ARG G 3180 36.50 127.08 -67.32
C ARG G 3180 35.09 127.50 -66.96
N ASN G 3181 34.19 126.54 -66.88
CA ASN G 3181 32.78 126.77 -66.56
C ASN G 3181 32.13 125.42 -66.28
N PRO G 3182 31.10 125.40 -65.43
CA PRO G 3182 30.41 124.13 -65.17
C PRO G 3182 29.79 123.51 -66.41
N TYR G 3183 29.32 124.33 -67.36
CA TYR G 3183 28.77 123.79 -68.60
C TYR G 3183 29.82 123.02 -69.37
N VAL G 3184 31.03 123.56 -69.46
CA VAL G 3184 32.12 122.86 -70.13
C VAL G 3184 32.47 121.58 -69.39
N GLU G 3185 32.43 121.63 -68.06
CA GLU G 3185 32.70 120.43 -67.26
C GLU G 3185 31.70 119.34 -67.55
N LYS G 3186 30.43 119.70 -67.73
CA LYS G 3186 29.42 118.69 -68.07
C LYS G 3186 29.53 118.26 -69.52
N LEU G 3187 30.02 119.12 -70.40
CA LEU G 3187 29.96 118.85 -71.84
C LEU G 3187 31.22 118.16 -72.36
N ARG G 3188 32.31 118.14 -71.59
CA ARG G 3188 33.59 117.66 -72.09
C ARG G 3188 33.59 116.24 -72.67
N PRO G 3189 33.00 115.22 -72.03
CA PRO G 3189 33.16 113.85 -72.56
C PRO G 3189 32.65 113.66 -73.98
N ALA G 3190 31.51 114.25 -74.32
CA ALA G 3190 30.98 114.11 -75.68
C ALA G 3190 31.90 114.74 -76.70
N LEU G 3191 32.43 115.93 -76.38
CA LEU G 3191 33.39 116.57 -77.27
C LEU G 3191 34.64 115.73 -77.44
N GLY G 3192 35.13 115.13 -76.34
CA GLY G 3192 36.29 114.27 -76.44
C GLY G 3192 36.06 113.06 -77.33
N GLU G 3193 34.92 112.40 -77.17
CA GLU G 3193 34.60 111.25 -78.01
C GLU G 3193 34.48 111.64 -79.48
N CYS G 3194 33.80 112.76 -79.75
CA CYS G 3194 33.65 113.23 -81.12
C CYS G 3194 35.00 113.55 -81.74
N LEU G 3195 35.87 114.23 -80.99
CA LEU G 3195 37.20 114.56 -81.50
C LEU G 3195 38.02 113.31 -81.75
N ALA G 3196 37.91 112.31 -80.88
CA ALA G 3196 38.64 111.06 -81.09
C ALA G 3196 38.18 110.38 -82.37
N ARG G 3197 36.87 110.28 -82.58
CA ARG G 3197 36.36 109.66 -83.81
C ARG G 3197 36.80 110.45 -85.04
N LEU G 3198 36.72 111.78 -84.98
CA LEU G 3198 37.09 112.60 -86.14
C LEU G 3198 38.57 112.45 -86.46
N ALA G 3199 39.42 112.42 -85.42
CA ALA G 3199 40.85 112.19 -85.64
C ALA G 3199 41.09 110.80 -86.21
N ALA G 3200 40.26 109.82 -85.84
CA ALA G 3200 40.36 108.50 -86.46
C ALA G 3200 40.02 108.57 -87.94
N ALA G 3201 39.03 109.38 -88.31
CA ALA G 3201 38.53 109.39 -89.69
C ALA G 3201 39.27 110.36 -90.62
N MET G 3202 40.04 111.30 -90.07
CA MET G 3202 40.66 112.32 -90.91
C MET G 3202 41.73 111.68 -91.80
N PRO G 3203 41.82 112.06 -93.07
CA PRO G 3203 42.80 111.47 -93.98
C PRO G 3203 44.15 112.18 -94.06
N VAL G 3204 44.28 113.35 -93.45
CA VAL G 3204 45.51 114.14 -93.55
C VAL G 3204 46.12 114.28 -92.15
N ALA G 3205 47.44 114.07 -92.07
CA ALA G 3205 48.17 114.16 -90.80
C ALA G 3205 48.33 115.63 -90.42
N PHE G 3206 47.28 116.15 -89.76
CA PHE G 3206 47.26 117.56 -89.39
C PHE G 3206 48.24 117.88 -88.27
N LEU G 3207 48.74 116.87 -87.55
CA LEU G 3207 49.68 117.12 -86.47
C LEU G 3207 51.13 117.22 -86.94
N GLU G 3208 51.41 116.89 -88.20
CA GLU G 3208 52.76 116.95 -88.75
C GLU G 3208 52.72 117.71 -90.07
N PRO G 3209 52.60 119.04 -90.02
CA PRO G 3209 52.50 119.81 -91.27
C PRO G 3209 53.75 119.74 -92.14
N GLN G 3210 54.92 119.45 -91.55
CA GLN G 3210 56.18 119.54 -92.27
C GLN G 3210 56.20 118.60 -93.47
N LEU G 3211 55.72 117.37 -93.29
CA LEU G 3211 55.68 116.39 -94.37
C LEU G 3211 54.43 116.51 -95.22
N ASN G 3212 53.63 117.57 -95.05
CA ASN G 3212 52.37 117.70 -95.77
C ASN G 3212 52.55 117.69 -97.28
N GLU G 3213 53.75 118.02 -97.77
CA GLU G 3213 53.99 118.01 -99.21
C GLU G 3213 53.93 116.61 -99.80
N TYR G 3214 54.10 115.57 -98.98
CA TYR G 3214 54.11 114.20 -99.47
C TYR G 3214 52.74 113.55 -99.48
N ASN G 3215 51.71 114.21 -98.97
CA ASN G 3215 50.37 113.64 -98.93
C ASN G 3215 49.67 113.88 -100.25
N ALA G 3216 49.14 112.80 -100.84
CA ALA G 3216 48.46 112.91 -102.13
C ALA G 3216 46.98 113.27 -101.99
N CYS G 3217 46.42 113.20 -100.79
CA CYS G 3217 45.02 113.51 -100.57
C CYS G 3217 44.80 114.90 -99.99
N SER G 3218 45.86 115.67 -99.77
CA SER G 3218 45.72 117.00 -99.21
C SER G 3218 45.08 117.95 -100.21
N VAL G 3219 44.34 118.94 -99.70
CA VAL G 3219 43.71 119.92 -100.57
C VAL G 3219 44.74 120.80 -101.26
N TYR G 3220 45.88 121.04 -100.61
CA TYR G 3220 46.91 121.91 -101.18
C TYR G 3220 47.60 121.28 -102.39
N THR G 3221 47.48 119.97 -102.58
CA THR G 3221 47.99 119.30 -103.77
C THR G 3221 46.93 119.10 -104.85
N THR G 3222 45.72 119.60 -104.61
CA THR G 3222 44.63 119.46 -105.58
C THR G 3222 43.89 120.78 -105.76
N PRO G 3242 45.76 125.43 -87.60
CA PRO G 3242 46.79 126.47 -87.63
C PRO G 3242 47.09 127.04 -86.24
N ASP G 3243 46.46 126.46 -85.21
CA ASP G 3243 46.78 126.87 -83.84
C ASP G 3243 46.94 125.68 -82.90
N ILE G 3244 46.94 124.46 -83.40
CA ILE G 3244 47.17 123.26 -82.59
C ILE G 3244 48.66 122.96 -82.59
N PRO G 3245 49.28 122.77 -81.43
CA PRO G 3245 50.73 122.56 -81.38
C PRO G 3245 51.14 121.25 -82.05
N VAL G 3246 52.42 121.20 -82.42
CA VAL G 3246 52.94 120.06 -83.18
C VAL G 3246 53.01 118.82 -82.28
N LEU G 3247 53.20 117.67 -82.91
CA LEU G 3247 53.19 116.39 -82.20
C LEU G 3247 54.31 116.30 -81.18
N GLU G 3248 55.51 116.77 -81.55
CA GLU G 3248 56.64 116.69 -80.62
C GLU G 3248 56.39 117.50 -79.36
N ARG G 3249 55.81 118.70 -79.52
CA ARG G 3249 55.47 119.51 -78.35
C ARG G 3249 54.43 118.79 -77.48
N LEU G 3250 53.44 118.16 -78.09
CA LEU G 3250 52.43 117.44 -77.33
C LEU G 3250 53.06 116.30 -76.53
N MET G 3251 53.93 115.52 -77.16
CA MET G 3251 54.58 114.41 -76.48
C MET G 3251 55.47 114.91 -75.35
N ALA G 3252 56.21 115.99 -75.60
CA ALA G 3252 57.07 116.55 -74.55
C ALA G 3252 56.26 117.06 -73.37
N ASP G 3253 55.13 117.72 -73.65
CA ASP G 3253 54.27 118.21 -72.58
C ASP G 3253 53.69 117.05 -71.78
N ILE G 3254 53.25 115.99 -72.46
CA ILE G 3254 52.71 114.83 -71.75
C ILE G 3254 53.78 114.21 -70.87
N GLY G 3255 55.00 114.06 -71.40
CA GLY G 3255 56.06 113.47 -70.61
C GLY G 3255 56.44 114.31 -69.41
N GLY G 3256 56.53 115.62 -69.59
CA GLY G 3256 56.87 116.51 -68.49
C GLY G 3256 55.76 116.70 -67.48
N LEU G 3257 54.50 116.49 -67.87
CA LEU G 3257 53.38 116.60 -66.96
C LEU G 3257 53.06 115.29 -66.25
N ALA G 3258 53.48 114.16 -66.80
CA ALA G 3258 53.31 112.88 -66.10
C ALA G 3258 54.09 112.87 -64.80
N GLU G 3259 55.33 113.36 -64.82
CA GLU G 3259 56.12 113.47 -63.62
C GLU G 3259 55.83 114.77 -62.90
N SER G 3260 55.78 114.72 -61.57
CA SER G 3260 55.50 115.87 -60.72
C SER G 3260 54.15 116.49 -61.07
N GLY G 3261 53.20 115.64 -61.44
CA GLY G 3261 51.82 116.05 -61.69
C GLY G 3261 50.88 115.49 -60.65
N ALA G 3262 50.20 114.40 -60.99
CA ALA G 3262 49.43 113.56 -60.08
C ALA G 3262 48.18 114.25 -59.54
N ARG G 3263 47.51 115.06 -60.35
CA ARG G 3263 46.24 115.68 -59.97
C ARG G 3263 45.34 115.76 -61.19
N TYR G 3264 44.18 115.08 -61.13
CA TYR G 3264 43.20 115.21 -62.20
C TYR G 3264 42.69 116.63 -62.29
N THR G 3265 42.45 117.28 -61.16
CA THR G 3265 42.14 118.70 -61.15
C THR G 3265 43.34 119.49 -61.61
N GLU G 3266 43.07 120.70 -62.12
CA GLU G 3266 44.08 121.61 -62.66
C GLU G 3266 44.70 121.06 -63.94
N MET G 3267 44.17 119.93 -64.43
CA MET G 3267 44.56 119.37 -65.73
C MET G 3267 43.44 118.49 -66.30
N PRO G 3268 42.23 119.04 -66.42
CA PRO G 3268 41.14 118.21 -66.97
C PRO G 3268 41.12 118.17 -68.49
N HIS G 3269 41.56 119.25 -69.14
CA HIS G 3269 41.51 119.32 -70.59
C HIS G 3269 42.42 118.29 -71.24
N VAL G 3270 43.62 118.10 -70.67
CA VAL G 3270 44.56 117.14 -71.23
C VAL G 3270 44.01 115.72 -71.14
N ILE G 3271 43.45 115.38 -69.97
CA ILE G 3271 42.96 114.02 -69.76
C ILE G 3271 41.71 113.75 -70.60
N GLU G 3272 40.77 114.68 -70.60
CA GLU G 3272 39.45 114.39 -71.16
C GLU G 3272 39.38 114.58 -72.67
N ILE G 3273 40.35 115.26 -73.28
CA ILE G 3273 40.29 115.59 -74.70
C ILE G 3273 41.53 115.12 -75.44
N THR G 3274 42.71 115.57 -74.99
CA THR G 3274 43.94 115.33 -75.75
C THR G 3274 44.30 113.85 -75.81
N LEU G 3275 44.22 113.15 -74.67
CA LEU G 3275 44.66 111.75 -74.64
C LEU G 3275 43.86 110.85 -75.57
N PRO G 3276 42.53 110.89 -75.60
CA PRO G 3276 41.82 110.09 -76.61
C PRO G 3276 42.17 110.47 -78.04
N MET G 3277 42.39 111.76 -78.30
CA MET G 3277 42.76 112.18 -79.65
C MET G 3277 44.09 111.57 -80.07
N LEU G 3278 45.08 111.58 -79.18
CA LEU G 3278 46.36 110.96 -79.51
C LEU G 3278 46.23 109.45 -79.64
N CYS G 3279 45.48 108.81 -78.74
CA CYS G 3279 45.32 107.36 -78.77
C CYS G 3279 44.59 106.91 -80.03
N SER G 3280 43.80 107.79 -80.63
CA SER G 3280 43.15 107.45 -81.88
C SER G 3280 44.02 107.84 -83.09
N TYR G 3281 44.84 108.87 -82.94
CA TYR G 3281 45.65 109.36 -84.05
C TYR G 3281 46.82 108.43 -84.35
N LEU G 3282 47.53 107.99 -83.31
CA LEU G 3282 48.79 107.26 -83.50
C LEU G 3282 48.63 105.93 -84.24
N PRO G 3283 47.70 105.05 -83.84
CA PRO G 3283 47.60 103.76 -84.54
C PRO G 3283 47.27 103.87 -86.02
N ARG G 3284 46.48 104.87 -86.42
CA ARG G 3284 46.15 105.03 -87.83
C ARG G 3284 47.38 105.33 -88.66
N TRP G 3285 48.26 106.20 -88.16
CA TRP G 3285 49.42 106.62 -88.93
C TRP G 3285 50.64 105.74 -88.72
N TRP G 3286 50.60 104.84 -87.73
CA TRP G 3286 51.72 103.91 -87.58
C TRP G 3286 51.80 102.96 -88.77
N GLU G 3287 50.65 102.54 -89.30
CA GLU G 3287 50.61 101.56 -90.38
C GLU G 3287 51.30 102.05 -91.64
N ARG G 3288 51.28 103.34 -91.92
CA ARG G 3288 51.83 103.89 -93.16
C ARG G 3288 53.01 104.80 -92.85
N GLY G 3289 53.87 104.36 -91.94
CA GLY G 3289 55.07 105.10 -91.59
C GLY G 3289 56.35 104.39 -91.95
N VAL G 3308 56.57 108.62 -87.57
CA VAL G 3308 56.03 107.96 -86.39
C VAL G 3308 56.56 106.52 -86.33
N THR G 3309 56.57 105.95 -85.12
CA THR G 3309 57.07 104.60 -84.92
C THR G 3309 56.52 104.07 -83.60
N SER G 3310 56.84 102.81 -83.31
CA SER G 3310 56.34 102.16 -82.11
C SER G 3310 56.86 102.80 -80.83
N ASP G 3311 57.97 103.55 -80.90
CA ASP G 3311 58.49 104.21 -79.71
C ASP G 3311 57.49 105.21 -79.15
N HIS G 3312 56.81 105.95 -80.03
CA HIS G 3312 55.78 106.88 -79.57
C HIS G 3312 54.66 106.15 -78.84
N LEU G 3313 54.22 105.01 -79.37
CA LEU G 3313 53.17 104.24 -78.73
C LEU G 3313 53.61 103.74 -77.36
N ASN G 3314 54.85 103.23 -77.26
CA ASN G 3314 55.34 102.76 -75.98
C ASN G 3314 55.40 103.89 -74.96
N SER G 3315 55.91 105.05 -75.37
CA SER G 3315 55.97 106.20 -74.47
C SER G 3315 54.59 106.63 -74.02
N LEU G 3316 53.63 106.65 -74.95
CA LEU G 3316 52.27 107.06 -74.60
C LEU G 3316 51.64 106.08 -73.62
N LEU G 3317 51.84 104.77 -73.84
CA LEU G 3317 51.29 103.79 -72.90
C LEU G 3317 51.91 103.93 -71.52
N GLY G 3318 53.23 104.15 -71.46
CA GLY G 3318 53.86 104.36 -70.16
C GLY G 3318 53.35 105.59 -69.45
N ASN G 3319 53.19 106.69 -70.18
CA ASN G 3319 52.67 107.91 -69.59
C ASN G 3319 51.24 107.71 -69.10
N ILE G 3320 50.42 107.00 -69.87
CA ILE G 3320 49.05 106.74 -69.46
C ILE G 3320 49.02 105.93 -68.17
N LEU G 3321 49.87 104.90 -68.09
CA LEU G 3321 49.92 104.09 -66.87
C LEU G 3321 50.35 104.94 -65.68
N ARG G 3322 51.35 105.79 -65.86
CA ARG G 3322 51.80 106.66 -64.77
C ARG G 3322 50.69 107.61 -64.32
N ILE G 3323 49.96 108.20 -65.28
CA ILE G 3323 48.87 109.10 -64.94
C ILE G 3323 47.79 108.36 -64.17
N ILE G 3324 47.46 107.14 -64.60
CA ILE G 3324 46.43 106.37 -63.91
C ILE G 3324 46.87 106.05 -62.48
N VAL G 3325 48.13 105.64 -62.31
CA VAL G 3325 48.59 105.26 -60.98
C VAL G 3325 48.74 106.47 -60.07
N ASN G 3326 48.92 107.67 -60.64
CA ASN G 3326 49.12 108.85 -59.82
C ASN G 3326 47.86 109.30 -59.08
N ASN G 3327 46.69 108.79 -59.46
CA ASN G 3327 45.43 109.21 -58.84
C ASN G 3327 44.71 108.07 -58.14
N LEU G 3328 45.43 107.24 -57.37
CA LEU G 3328 44.80 106.10 -56.73
C LEU G 3328 43.94 106.51 -55.54
N GLY G 3329 44.38 107.51 -54.78
CA GLY G 3329 43.68 107.91 -53.56
C GLY G 3329 42.46 108.79 -53.77
N ILE G 3330 42.22 109.27 -54.99
CA ILE G 3330 41.09 110.14 -55.24
C ILE G 3330 39.79 109.37 -55.04
N ASP G 3331 38.73 110.09 -54.64
CA ASP G 3331 37.44 109.48 -54.38
C ASP G 3331 36.58 109.45 -55.64
N GLU G 3332 36.33 110.63 -56.23
CA GLU G 3332 35.52 110.72 -57.44
C GLU G 3332 36.43 110.71 -58.65
N ALA G 3333 36.59 109.55 -59.27
CA ALA G 3333 37.50 109.40 -60.40
C ALA G 3333 36.81 108.60 -61.51
N SER G 3334 35.57 108.97 -61.84
CA SER G 3334 34.82 108.26 -62.86
C SER G 3334 35.53 108.25 -64.21
N TRP G 3335 36.25 109.34 -64.53
CA TRP G 3335 36.89 109.46 -65.84
C TRP G 3335 37.80 108.29 -66.16
N MET G 3336 38.42 107.68 -65.14
CA MET G 3336 39.29 106.53 -65.38
C MET G 3336 38.56 105.43 -66.14
N LYS G 3337 37.30 105.16 -65.80
CA LYS G 3337 36.56 104.11 -66.49
C LYS G 3337 36.51 104.36 -67.98
N ARG G 3338 36.46 105.63 -68.39
CA ARG G 3338 36.51 105.95 -69.81
C ARG G 3338 37.92 105.76 -70.38
N LEU G 3339 38.92 106.24 -69.65
CA LEU G 3339 40.27 106.32 -70.21
C LEU G 3339 40.81 104.95 -70.57
N ALA G 3340 40.62 103.97 -69.68
CA ALA G 3340 41.12 102.62 -69.95
C ALA G 3340 40.52 102.05 -71.23
N VAL G 3341 39.33 102.52 -71.62
CA VAL G 3341 38.73 102.06 -72.88
C VAL G 3341 39.51 102.61 -74.07
N PHE G 3342 39.91 103.88 -74.00
CA PHE G 3342 40.53 104.51 -75.16
C PHE G 3342 41.95 104.00 -75.41
N ALA G 3343 42.64 103.55 -74.38
CA ALA G 3343 44.03 103.12 -74.52
C ALA G 3343 44.16 101.66 -74.93
N GLN G 3344 43.05 100.93 -75.04
CA GLN G 3344 43.14 99.51 -75.34
C GLN G 3344 43.81 99.19 -76.67
N PRO G 3345 43.48 99.84 -77.80
CA PRO G 3345 44.13 99.47 -79.06
C PRO G 3345 45.63 99.71 -79.07
N ILE G 3346 46.15 100.59 -78.20
CA ILE G 3346 47.58 100.85 -78.17
C ILE G 3346 48.35 99.64 -77.65
N VAL G 3347 47.80 98.94 -76.66
CA VAL G 3347 48.56 97.92 -75.93
C VAL G 3347 49.02 96.78 -76.83
N SER G 3348 48.48 96.66 -78.04
CA SER G 3348 48.91 95.60 -78.94
C SER G 3348 50.34 95.82 -79.44
N ARG G 3349 50.83 97.05 -79.38
CA ARG G 3349 52.16 97.39 -79.89
C ARG G 3349 53.19 97.62 -78.79
N ALA G 3350 52.91 97.19 -77.56
CA ALA G 3350 53.83 97.43 -76.47
C ALA G 3350 55.09 96.59 -76.61
N ARG G 3351 56.19 97.11 -76.05
CA ARG G 3351 57.47 96.43 -76.03
C ARG G 3351 57.68 95.71 -74.70
N PRO G 3352 58.48 94.63 -74.69
CA PRO G 3352 58.60 93.82 -73.47
C PRO G 3352 59.14 94.57 -72.27
N GLU G 3353 60.05 95.54 -72.46
CA GLU G 3353 60.65 96.24 -71.34
C GLU G 3353 59.62 96.89 -70.42
N LEU G 3354 58.49 97.34 -70.97
CA LEU G 3354 57.45 97.99 -70.18
C LEU G 3354 56.92 97.06 -69.09
N LEU G 3355 57.09 95.75 -69.23
CA LEU G 3355 56.70 94.83 -68.16
C LEU G 3355 57.48 95.12 -66.88
N HIS G 3356 58.79 95.32 -67.00
CA HIS G 3356 59.60 95.49 -65.81
C HIS G 3356 59.44 96.88 -65.20
N SER G 3357 59.37 97.91 -66.06
CA SER G 3357 59.46 99.27 -65.57
C SER G 3357 58.15 99.76 -64.93
N HIS G 3358 57.01 99.37 -65.48
CA HIS G 3358 55.75 100.02 -65.14
C HIS G 3358 54.76 99.13 -64.43
N PHE G 3359 54.45 97.95 -64.98
CA PHE G 3359 53.37 97.14 -64.43
C PHE G 3359 53.67 96.66 -63.02
N ILE G 3360 54.91 96.24 -62.77
CA ILE G 3360 55.25 95.68 -61.46
C ILE G 3360 55.05 96.68 -60.32
N PRO G 3361 55.57 97.93 -60.40
CA PRO G 3361 55.31 98.86 -59.28
C PRO G 3361 53.84 99.14 -59.04
N THR G 3362 53.04 99.27 -60.10
CA THR G 3362 51.62 99.55 -59.93
C THR G 3362 50.91 98.38 -59.26
N ILE G 3363 51.19 97.16 -59.71
CA ILE G 3363 50.55 96.00 -59.07
C ILE G 3363 51.04 95.85 -57.64
N GLY G 3364 52.30 96.18 -57.37
CA GLY G 3364 52.79 96.13 -55.99
C GLY G 3364 52.08 97.11 -55.09
N ARG G 3365 51.87 98.34 -55.59
CA ARG G 3365 51.12 99.33 -54.82
C ARG G 3365 49.69 98.87 -54.57
N LEU G 3366 49.04 98.31 -55.59
CA LEU G 3366 47.68 97.80 -55.40
C LEU G 3366 47.65 96.68 -54.36
N ARG G 3367 48.62 95.78 -54.41
CA ARG G 3367 48.67 94.68 -53.45
C ARG G 3367 48.92 95.20 -52.03
N LYS G 3368 49.79 96.19 -51.88
CA LYS G 3368 50.04 96.76 -50.56
C LYS G 3368 48.79 97.42 -50.01
N ARG G 3369 48.08 98.18 -50.84
CA ARG G 3369 46.83 98.81 -50.39
C ARG G 3369 45.80 97.76 -49.98
N ALA G 3370 45.66 96.70 -50.79
CA ALA G 3370 44.70 95.65 -50.46
C ALA G 3370 45.07 94.95 -49.15
N GLY G 3371 46.36 94.69 -48.96
CA GLY G 3371 46.80 94.05 -47.72
C GLY G 3371 46.52 94.91 -46.50
N LYS G 3372 46.82 96.21 -46.61
CA LYS G 3372 46.53 97.11 -45.49
C LYS G 3372 45.04 97.14 -45.19
N VAL G 3373 44.21 97.21 -46.24
CA VAL G 3373 42.76 97.29 -46.04
C VAL G 3373 42.24 96.01 -45.38
N VAL G 3374 42.71 94.86 -45.85
CA VAL G 3374 42.23 93.59 -45.28
C VAL G 3374 42.73 93.41 -43.85
N ALA G 3375 43.95 93.88 -43.55
CA ALA G 3375 44.43 93.82 -42.17
C ALA G 3375 43.59 94.69 -41.26
N GLU G 3376 43.23 95.89 -41.71
CA GLU G 3376 42.35 96.75 -40.93
C GLU G 3376 40.99 96.10 -40.71
N GLU G 3377 40.45 95.47 -41.76
CA GLU G 3377 39.16 94.79 -41.64
C GLU G 3377 39.22 93.66 -40.63
N GLU G 3378 40.29 92.85 -40.68
CA GLU G 3378 40.45 91.76 -39.72
C GLU G 3378 40.56 92.29 -38.29
N GLN G 3379 41.35 93.35 -38.10
CA GLN G 3379 41.48 93.94 -36.77
C GLN G 3379 40.14 94.45 -36.25
N LEU G 3380 39.36 95.09 -37.12
CA LEU G 3380 38.05 95.59 -36.70
C LEU G 3380 37.11 94.45 -36.37
N ARG G 3381 37.09 93.41 -37.20
CA ARG G 3381 36.19 92.28 -36.97
C ARG G 3381 36.60 91.44 -35.77
N LEU G 3382 37.86 91.54 -35.33
CA LEU G 3382 38.29 90.79 -34.15
C LEU G 3382 37.49 91.18 -32.90
N GLU G 3383 37.14 92.47 -32.76
CA GLU G 3383 36.43 92.92 -31.58
C GLU G 3383 35.04 92.27 -31.49
N ALA G 3384 34.31 92.23 -32.59
CA ALA G 3384 32.99 91.60 -32.67
C ALA G 3384 32.01 92.19 -31.66
N LYS G 3385 32.21 93.45 -31.29
CA LYS G 3385 31.32 94.12 -30.35
C LYS G 3385 30.17 94.80 -31.08
N ALA G 3386 29.28 95.42 -30.31
CA ALA G 3386 28.17 96.15 -30.89
C ALA G 3386 28.63 97.39 -31.65
N GLU G 3387 29.84 97.88 -31.39
CA GLU G 3387 30.37 99.03 -32.09
C GLU G 3387 30.87 98.70 -33.49
N ALA G 3388 30.89 97.40 -33.86
CA ALA G 3388 31.39 97.00 -35.16
C ALA G 3388 30.60 97.65 -36.29
N GLU G 3389 29.32 97.93 -36.08
CA GLU G 3389 28.51 98.61 -37.09
C GLU G 3389 29.10 99.96 -37.47
N GLU G 3390 29.79 100.63 -36.54
CA GLU G 3390 30.47 101.88 -36.89
C GLU G 3390 31.63 101.61 -37.84
N GLY G 3391 32.38 100.54 -37.61
CA GLY G 3391 33.56 100.28 -38.42
C GLY G 3391 33.28 99.60 -39.74
N GLU G 3392 32.22 98.78 -39.80
CA GLU G 3392 31.95 98.00 -41.01
C GLU G 3392 31.78 98.89 -42.22
N LEU G 3393 30.89 99.88 -42.13
CA LEU G 3393 30.72 100.82 -43.24
C LEU G 3393 32.05 101.44 -43.65
N LEU G 3394 32.92 101.71 -42.68
CA LEU G 3394 34.22 102.31 -42.98
C LEU G 3394 35.00 101.47 -43.97
N VAL G 3395 34.98 100.14 -43.80
CA VAL G 3395 35.70 99.31 -44.77
C VAL G 3395 34.84 99.10 -46.00
N ARG G 3396 33.51 99.13 -45.85
CA ARG G 3396 32.64 98.96 -47.01
C ARG G 3396 32.87 100.04 -48.04
N ASP G 3397 33.23 101.25 -47.61
CA ASP G 3397 33.69 102.27 -48.54
C ASP G 3397 34.99 101.87 -49.20
N GLU G 3398 35.99 101.50 -48.39
CA GLU G 3398 37.34 101.31 -48.91
C GLU G 3398 37.39 100.27 -50.01
N PHE G 3399 36.79 99.10 -49.76
CA PHE G 3399 36.75 98.05 -50.76
C PHE G 3399 36.23 98.59 -52.09
N SER G 3400 35.13 99.36 -52.04
CA SER G 3400 34.55 99.91 -53.25
C SER G 3400 35.60 100.69 -54.05
N VAL G 3401 36.35 101.57 -53.37
CA VAL G 3401 37.38 102.33 -54.05
C VAL G 3401 38.37 101.40 -54.73
N LEU G 3402 38.81 100.37 -54.01
CA LEU G 3402 39.72 99.40 -54.60
C LEU G 3402 39.06 98.71 -55.79
N CYS G 3403 37.78 98.34 -55.65
CA CYS G 3403 37.07 97.66 -56.73
C CYS G 3403 37.00 98.55 -57.97
N ARG G 3404 37.19 99.85 -57.79
CA ARG G 3404 37.32 100.73 -58.94
C ARG G 3404 38.69 100.58 -59.59
N ASP G 3405 39.75 100.79 -58.80
CA ASP G 3405 41.08 100.98 -59.37
C ASP G 3405 41.53 99.76 -60.17
N LEU G 3406 41.35 98.57 -59.61
CA LEU G 3406 41.74 97.36 -60.32
C LEU G 3406 40.96 97.22 -61.63
N TYR G 3407 39.68 97.56 -61.62
CA TYR G 3407 38.90 97.46 -62.84
C TYR G 3407 39.34 98.46 -63.90
N ALA G 3408 40.19 99.42 -63.55
CA ALA G 3408 40.79 100.29 -64.55
C ALA G 3408 42.08 99.70 -65.09
N LEU G 3409 42.81 98.96 -64.26
CA LEU G 3409 44.12 98.45 -64.67
C LEU G 3409 44.02 97.04 -65.25
N TYR G 3410 43.20 96.20 -64.63
CA TYR G 3410 43.18 94.78 -65.00
C TYR G 3410 42.78 94.53 -66.45
N PRO G 3411 41.73 95.16 -67.02
CA PRO G 3411 41.46 94.96 -68.44
C PRO G 3411 42.59 95.40 -69.35
N LEU G 3412 43.41 96.36 -68.91
CA LEU G 3412 44.55 96.77 -69.71
C LEU G 3412 45.68 95.73 -69.64
N LEU G 3413 45.81 95.07 -68.48
CA LEU G 3413 46.89 94.11 -68.30
C LEU G 3413 46.60 92.79 -69.01
N ILE G 3414 45.34 92.36 -69.00
CA ILE G 3414 45.00 91.03 -69.50
C ILE G 3414 45.30 90.92 -71.00
N ARG G 3415 45.10 92.01 -71.74
CA ARG G 3415 45.44 91.99 -73.16
C ARG G 3415 46.94 91.90 -73.39
N TYR G 3416 47.74 92.40 -72.46
CA TYR G 3416 49.19 92.37 -72.63
C TYR G 3416 49.71 90.94 -72.62
N VAL G 3417 49.36 90.17 -71.59
CA VAL G 3417 49.96 88.84 -71.43
C VAL G 3417 49.54 87.91 -72.57
N ASP G 3418 48.33 88.07 -73.09
CA ASP G 3418 47.87 87.23 -74.19
C ASP G 3418 48.75 87.39 -75.42
N ASN G 3419 49.51 88.49 -75.50
CA ASN G 3419 50.41 88.67 -76.62
C ASN G 3419 51.80 88.14 -76.31
N ASN G 3420 52.18 88.09 -75.04
CA ASN G 3420 53.57 87.78 -74.67
C ASN G 3420 53.74 86.40 -74.04
N ARG G 3421 52.66 85.79 -73.55
CA ARG G 3421 52.78 84.60 -72.71
C ARG G 3421 53.61 83.51 -73.36
N ALA G 3422 53.43 83.29 -74.67
CA ALA G 3422 54.17 82.25 -75.37
C ALA G 3422 55.67 82.40 -75.15
N HIS G 3423 56.19 83.61 -75.34
CA HIS G 3423 57.62 83.83 -75.12
C HIS G 3423 58.02 83.47 -73.70
N TRP G 3424 57.20 83.87 -72.72
CA TRP G 3424 57.50 83.54 -71.33
C TRP G 3424 57.56 82.03 -71.11
N LEU G 3425 56.76 81.27 -71.87
CA LEU G 3425 56.84 79.81 -71.76
C LEU G 3425 58.07 79.26 -72.48
N THR G 3426 58.52 79.93 -73.55
CA THR G 3426 59.68 79.45 -74.28
C THR G 3426 60.97 79.70 -73.49
N GLU G 3427 61.09 80.88 -72.90
CA GLU G 3427 62.24 81.24 -72.09
C GLU G 3427 61.76 81.71 -70.73
N PRO G 3428 62.17 81.08 -69.63
CA PRO G 3428 61.70 81.49 -68.30
C PRO G 3428 62.13 82.92 -67.98
N ASN G 3429 61.26 83.64 -67.28
CA ASN G 3429 61.50 85.02 -66.89
C ASN G 3429 61.05 85.24 -65.45
N PRO G 3430 61.94 85.69 -64.55
CA PRO G 3430 61.55 85.89 -63.15
C PRO G 3430 60.44 86.92 -62.95
N SER G 3431 60.38 87.95 -63.79
CA SER G 3431 59.36 88.98 -63.62
C SER G 3431 57.96 88.41 -63.77
N ALA G 3432 57.77 87.48 -64.72
CA ALA G 3432 56.48 86.83 -64.86
C ALA G 3432 56.09 86.06 -63.60
N GLU G 3433 57.06 85.35 -63.01
CA GLU G 3433 56.78 84.64 -61.76
C GLU G 3433 56.40 85.59 -60.64
N GLU G 3434 57.11 86.72 -60.53
CA GLU G 3434 56.79 87.70 -59.49
C GLU G 3434 55.38 88.26 -59.68
N LEU G 3435 55.03 88.62 -60.92
CA LEU G 3435 53.71 89.17 -61.17
C LEU G 3435 52.63 88.13 -60.94
N PHE G 3436 52.93 86.87 -61.24
CA PHE G 3436 52.02 85.78 -60.88
C PHE G 3436 51.82 85.69 -59.37
N ARG G 3437 52.91 85.86 -58.60
CA ARG G 3437 52.78 85.86 -57.15
C ARG G 3437 51.84 86.97 -56.68
N MET G 3438 52.01 88.18 -57.25
CA MET G 3438 51.14 89.29 -56.88
C MET G 3438 49.68 88.99 -57.22
N VAL G 3439 49.45 88.45 -58.42
CA VAL G 3439 48.07 88.14 -58.83
C VAL G 3439 47.47 87.08 -57.92
N GLY G 3440 48.26 86.07 -57.54
CA GLY G 3440 47.76 85.05 -56.64
C GLY G 3440 47.42 85.61 -55.26
N GLU G 3441 48.25 86.52 -54.76
CA GLU G 3441 47.94 87.18 -53.48
C GLU G 3441 46.63 87.93 -53.57
N ILE G 3442 46.42 88.68 -54.67
CA ILE G 3442 45.18 89.41 -54.84
C ILE G 3442 44.00 88.44 -54.91
N PHE G 3443 44.18 87.30 -55.60
CA PHE G 3443 43.10 86.33 -55.74
C PHE G 3443 42.71 85.72 -54.40
N ILE G 3444 43.70 85.36 -53.58
CA ILE G 3444 43.36 84.76 -52.29
C ILE G 3444 42.72 85.79 -51.37
N TYR G 3445 43.20 87.04 -51.42
CA TYR G 3445 42.53 88.09 -50.66
C TYR G 3445 41.07 88.24 -51.09
N TRP G 3446 40.82 88.20 -52.40
CA TRP G 3446 39.44 88.29 -52.88
C TRP G 3446 38.62 87.10 -52.41
N SER G 3447 39.22 85.91 -52.40
CA SER G 3447 38.47 84.71 -52.05
C SER G 3447 38.13 84.65 -50.56
N LYS G 3448 38.98 85.22 -49.70
CA LYS G 3448 38.74 85.09 -48.27
C LYS G 3448 37.49 85.84 -47.82
N SER G 3449 37.36 87.10 -48.23
CA SER G 3449 36.34 87.99 -47.68
C SER G 3449 35.08 87.97 -48.54
N HIS G 3450 33.92 88.06 -47.88
CA HIS G 3450 32.65 88.15 -48.59
C HIS G 3450 32.27 89.59 -48.93
N ASN G 3451 32.71 90.56 -48.13
CA ASN G 3451 32.46 91.96 -48.45
C ASN G 3451 33.11 92.33 -49.77
N PHE G 3452 34.27 91.74 -50.08
CA PHE G 3452 34.90 91.96 -51.37
C PHE G 3452 33.98 91.54 -52.52
N LYS G 3453 33.40 90.34 -52.41
CA LYS G 3453 32.51 89.86 -53.46
C LYS G 3453 31.26 90.72 -53.56
N ARG G 3454 30.70 91.12 -52.41
CA ARG G 3454 29.50 91.97 -52.43
C ARG G 3454 29.79 93.30 -53.09
N GLU G 3455 30.91 93.94 -52.74
CA GLU G 3455 31.27 95.21 -53.34
C GLU G 3455 31.53 95.07 -54.84
N GLU G 3456 32.20 93.99 -55.24
CA GLU G 3456 32.48 93.77 -56.66
C GLU G 3456 31.17 93.60 -57.44
N GLN G 3457 30.24 92.81 -56.89
CA GLN G 3457 28.96 92.62 -57.56
C GLN G 3457 28.18 93.93 -57.65
N ASN G 3458 28.17 94.71 -56.57
CA ASN G 3458 27.48 95.99 -56.58
C ASN G 3458 28.08 96.94 -57.62
N PHE G 3459 29.40 97.00 -57.68
CA PHE G 3459 30.07 97.86 -58.66
C PHE G 3459 29.78 97.41 -60.08
N VAL G 3460 29.80 96.10 -60.32
CA VAL G 3460 29.51 95.59 -61.67
C VAL G 3460 28.08 95.92 -62.07
N VAL G 3461 27.13 95.76 -61.14
CA VAL G 3461 25.74 96.06 -61.44
C VAL G 3461 25.56 97.55 -61.71
N GLN G 3462 26.16 98.40 -60.87
CA GLN G 3462 25.95 99.84 -61.00
C GLN G 3462 26.60 100.41 -62.25
N ASN G 3463 27.86 100.05 -62.50
CA ASN G 3463 28.59 100.64 -63.62
C ASN G 3463 28.15 100.09 -64.98
N GLU G 3464 27.38 98.99 -64.98
CA GLU G 3464 26.90 98.36 -66.22
C GLU G 3464 28.05 98.01 -67.16
N ILE G 3465 29.17 97.55 -66.60
CA ILE G 3465 30.33 97.16 -67.40
C ILE G 3465 30.12 95.74 -67.93
N ASN G 3466 30.91 95.35 -68.91
CA ASN G 3466 30.81 94.00 -69.48
C ASN G 3466 32.15 93.29 -69.44
N THR G 3509 38.82 84.55 -61.48
CA THR G 3509 38.65 85.70 -62.36
C THR G 3509 39.55 85.61 -63.58
N LEU G 3510 40.78 86.11 -63.45
CA LEU G 3510 41.77 86.10 -64.53
C LEU G 3510 42.89 85.15 -64.11
N LYS G 3511 42.79 83.89 -64.59
CA LYS G 3511 43.78 82.87 -64.32
C LYS G 3511 44.47 82.39 -65.60
N LYS G 3512 44.65 83.29 -66.57
CA LYS G 3512 45.41 82.94 -67.76
C LYS G 3512 46.89 82.76 -67.46
N MET G 3513 47.34 83.18 -66.28
CA MET G 3513 48.75 83.11 -65.91
C MET G 3513 49.09 81.88 -65.06
N LEU G 3514 48.14 80.98 -64.83
CA LEU G 3514 48.44 79.79 -64.04
C LEU G 3514 49.53 78.93 -64.66
N PRO G 3515 49.58 78.69 -65.99
CA PRO G 3515 50.71 77.92 -66.54
C PRO G 3515 52.07 78.54 -66.26
N ILE G 3516 52.17 79.86 -66.19
CA ILE G 3516 53.45 80.50 -65.89
C ILE G 3516 53.92 80.09 -64.50
N GLY G 3517 53.01 80.10 -63.52
CA GLY G 3517 53.37 79.65 -62.19
C GLY G 3517 53.69 78.16 -62.14
N LEU G 3518 52.90 77.36 -62.86
CA LEU G 3518 53.13 75.92 -62.87
C LEU G 3518 54.48 75.55 -63.48
N ASN G 3519 54.96 76.36 -64.44
CA ASN G 3519 56.24 76.09 -65.07
C ASN G 3519 57.41 76.25 -64.10
N MET G 3520 57.20 76.89 -62.96
CA MET G 3520 58.30 77.17 -62.04
C MET G 3520 58.76 75.92 -61.30
N CYS G 3521 57.87 74.95 -61.10
CA CYS G 3521 58.17 73.79 -60.27
C CYS G 3521 58.48 72.57 -61.14
N ALA G 3522 59.56 71.88 -60.79
CA ALA G 3522 59.93 70.67 -61.51
C ALA G 3522 58.90 69.56 -61.25
N PRO G 3523 58.78 68.59 -62.16
CA PRO G 3523 57.81 67.51 -61.96
C PRO G 3523 58.05 66.68 -60.71
N THR G 3524 59.30 66.59 -60.25
CA THR G 3524 59.60 65.78 -59.07
C THR G 3524 58.82 66.25 -57.84
N ASP G 3525 58.58 67.55 -57.73
CA ASP G 3525 57.83 68.11 -56.61
C ASP G 3525 56.33 67.83 -56.68
N GLN G 3526 55.88 67.11 -57.71
CA GLN G 3526 54.44 66.88 -57.88
C GLN G 3526 53.84 66.19 -56.66
N GLU G 3527 54.52 65.17 -56.14
CA GLU G 3527 54.02 64.47 -54.96
C GLU G 3527 53.85 65.41 -53.78
N LEU G 3528 54.69 66.46 -53.70
CA LEU G 3528 54.52 67.45 -52.65
C LEU G 3528 53.23 68.25 -52.83
N ILE G 3529 52.91 68.59 -54.08
CA ILE G 3529 51.83 69.56 -54.35
C ILE G 3529 50.52 69.06 -53.79
N THR G 3530 50.19 67.78 -54.00
CA THR G 3530 48.97 67.23 -53.45
C THR G 3530 48.99 67.22 -51.92
N LEU G 3531 50.14 66.88 -51.33
CA LEU G 3531 50.21 66.72 -49.87
C LEU G 3531 49.84 68.02 -49.17
N ALA G 3532 50.50 69.12 -49.54
CA ALA G 3532 50.14 70.42 -48.98
C ALA G 3532 48.69 70.78 -49.30
N LYS G 3533 48.18 70.32 -50.44
CA LYS G 3533 46.80 70.58 -50.79
C LYS G 3533 45.84 70.00 -49.76
N THR G 3534 46.26 68.93 -49.08
CA THR G 3534 45.44 68.39 -47.99
C THR G 3534 45.53 69.26 -46.75
N ARG G 3535 46.70 69.85 -46.49
CA ARG G 3535 46.86 70.66 -45.28
C ARG G 3535 45.94 71.87 -45.29
N TYR G 3536 45.83 72.54 -46.44
CA TYR G 3536 44.89 73.64 -46.56
C TYR G 3536 43.45 73.18 -46.46
N ALA G 3537 43.18 71.89 -46.70
CA ALA G 3537 41.85 71.35 -46.45
C ALA G 3537 41.50 71.35 -44.97
N LEU G 3538 42.51 71.40 -44.09
CA LEU G 3538 42.29 71.42 -42.65
C LEU G 3538 42.32 72.83 -42.09
N LYS G 3539 42.22 73.85 -42.95
CA LYS G 3539 42.22 75.26 -42.53
C LYS G 3539 43.49 75.63 -41.76
N ASP G 3540 44.61 75.00 -42.10
CA ASP G 3540 45.88 75.32 -41.46
C ASP G 3540 46.39 76.68 -41.96
N THR G 3541 47.21 77.31 -41.13
CA THR G 3541 47.82 78.58 -41.49
C THR G 3541 48.99 78.36 -42.44
N ASP G 3542 49.34 79.42 -43.16
CA ASP G 3542 50.41 79.32 -44.15
C ASP G 3542 51.75 79.03 -43.49
N GLU G 3543 52.03 79.64 -42.33
CA GLU G 3543 53.30 79.44 -41.66
C GLU G 3543 53.49 77.99 -41.24
N GLU G 3544 52.45 77.36 -40.69
CA GLU G 3544 52.56 75.96 -40.29
C GLU G 3544 52.81 75.05 -41.49
N VAL G 3545 52.09 75.29 -42.59
CA VAL G 3545 52.27 74.48 -43.78
C VAL G 3545 53.68 74.67 -44.34
N ARG G 3546 54.21 75.88 -44.27
CA ARG G 3546 55.61 76.09 -44.65
C ARG G 3546 56.55 75.33 -43.74
N GLU G 3547 56.28 75.31 -42.43
CA GLU G 3547 57.08 74.53 -41.51
C GLU G 3547 56.82 73.03 -41.65
N PHE G 3548 55.56 72.64 -41.82
CA PHE G 3548 55.21 71.23 -41.97
C PHE G 3548 55.77 70.70 -43.28
N LEU G 3549 56.73 69.80 -43.19
CA LEU G 3549 57.36 69.23 -44.37
C LEU G 3549 57.61 67.73 -44.20
N TRP G 3567 60.07 60.90 -69.01
CA TRP G 3567 60.21 61.77 -70.18
C TRP G 3567 59.95 63.23 -69.82
N GLN G 3568 59.15 63.44 -68.77
CA GLN G 3568 58.88 64.79 -68.31
C GLN G 3568 60.15 65.47 -67.81
N MET G 3569 60.98 64.73 -67.07
CA MET G 3569 62.24 65.30 -66.59
C MET G 3569 63.19 65.62 -67.74
N ALA G 3570 63.22 64.77 -68.77
CA ALA G 3570 64.09 65.02 -69.91
C ALA G 3570 63.71 66.31 -70.63
N LEU G 3571 62.41 66.55 -70.80
CA LEU G 3571 61.97 67.79 -71.42
C LEU G 3571 62.19 68.99 -70.51
N TYR G 3572 61.98 68.81 -69.20
CA TYR G 3572 62.16 69.91 -68.26
C TYR G 3572 63.62 70.36 -68.23
N ARG G 3573 64.55 69.40 -68.24
CA ARG G 3573 65.97 69.73 -68.20
C ARG G 3573 66.48 70.38 -69.48
N GLY G 3574 65.70 70.35 -70.56
CA GLY G 3574 66.13 70.96 -71.80
C GLY G 3574 66.11 72.48 -71.80
N LEU G 3575 65.32 73.08 -70.92
CA LEU G 3575 65.24 74.53 -70.84
C LEU G 3575 66.50 75.10 -70.20
N PRO G 3576 66.89 76.33 -70.57
CA PRO G 3576 68.05 77.01 -69.98
C PRO G 3576 67.93 77.18 -68.47
N GLN G 3593 53.88 74.26 -53.15
CA GLN G 3593 53.99 75.23 -52.07
C GLN G 3593 52.92 76.32 -52.20
N GLU G 3594 53.34 77.50 -52.64
CA GLU G 3594 52.41 78.61 -52.81
C GLU G 3594 51.37 78.32 -53.87
N VAL G 3595 51.69 77.47 -54.85
CA VAL G 3595 50.75 77.15 -55.91
C VAL G 3595 49.58 76.35 -55.36
N SER G 3596 49.87 75.43 -54.43
CA SER G 3596 48.83 74.56 -53.89
C SER G 3596 47.70 75.35 -53.25
N ALA G 3597 48.03 76.48 -52.61
CA ALA G 3597 46.98 77.35 -52.08
C ALA G 3597 46.07 77.85 -53.19
N VAL G 3598 46.65 78.22 -54.33
CA VAL G 3598 45.85 78.72 -55.45
C VAL G 3598 44.93 77.63 -55.98
N LEU G 3599 45.47 76.41 -56.16
CA LEU G 3599 44.60 75.33 -56.66
C LEU G 3599 43.52 74.98 -55.65
N TYR G 3600 43.86 74.96 -54.36
CA TYR G 3600 42.87 74.65 -53.34
C TYR G 3600 41.75 75.68 -53.32
N HIS G 3601 42.11 76.96 -53.41
CA HIS G 3601 41.11 78.01 -53.44
C HIS G 3601 40.24 77.92 -54.69
N LEU G 3602 40.86 77.65 -55.84
CA LEU G 3602 40.10 77.57 -57.09
C LEU G 3602 39.28 76.29 -57.19
N GLU G 3603 39.55 75.30 -56.34
CA GLU G 3603 38.81 74.04 -56.40
C GLU G 3603 37.34 74.24 -56.04
N GLN G 3604 37.02 75.29 -55.31
CA GLN G 3604 35.64 75.56 -54.91
C GLN G 3604 34.80 76.00 -56.10
N ASN G 3639 -17.20 104.24 -42.49
CA ASN G 3639 -16.25 103.14 -42.59
C ASN G 3639 -16.96 101.80 -42.69
N LEU G 3640 -18.02 101.64 -41.90
CA LEU G 3640 -18.78 100.40 -41.83
C LEU G 3640 -20.16 100.71 -41.28
N PRO G 3641 -21.17 99.94 -41.65
CA PRO G 3641 -22.50 100.13 -41.05
C PRO G 3641 -22.47 99.95 -39.54
N THR G 3642 -23.27 100.76 -38.84
CA THR G 3642 -23.19 100.83 -37.39
C THR G 3642 -23.61 99.52 -36.72
N HIS G 3643 -24.67 98.88 -37.23
CA HIS G 3643 -25.19 97.70 -36.57
C HIS G 3643 -24.21 96.53 -36.61
N ARG G 3644 -23.54 96.34 -37.74
CA ARG G 3644 -22.51 95.30 -37.81
C ARG G 3644 -21.38 95.57 -36.83
N ALA G 3645 -20.94 96.83 -36.76
CA ALA G 3645 -19.89 97.19 -35.82
C ALA G 3645 -20.31 96.91 -34.39
N CYS G 3646 -21.58 97.21 -34.06
CA CYS G 3646 -22.09 96.91 -32.73
C CYS G 3646 -22.10 95.40 -32.47
N ASN G 3647 -22.44 94.60 -33.48
CA ASN G 3647 -22.46 93.15 -33.28
C ASN G 3647 -21.05 92.61 -33.04
N MET G 3648 -20.07 93.04 -33.84
CA MET G 3648 -18.69 92.63 -33.57
C MET G 3648 -18.19 93.14 -32.22
N PHE G 3649 -18.59 94.35 -31.83
CA PHE G 3649 -18.19 94.84 -30.51
C PHE G 3649 -18.78 93.97 -29.41
N LEU G 3650 -20.04 93.57 -29.56
CA LEU G 3650 -20.67 92.70 -28.57
C LEU G 3650 -19.93 91.38 -28.45
N GLU G 3651 -19.65 90.74 -29.58
CA GLU G 3651 -18.97 89.45 -29.53
C GLU G 3651 -17.55 89.58 -28.96
N SER G 3652 -16.84 90.65 -29.34
CA SER G 3652 -15.48 90.84 -28.83
C SER G 3652 -15.49 91.13 -27.33
N TYR G 3653 -16.43 91.95 -26.86
CA TYR G 3653 -16.52 92.23 -25.43
C TYR G 3653 -16.89 90.99 -24.65
N LYS G 3654 -17.77 90.16 -25.19
CA LYS G 3654 -18.09 88.89 -24.54
C LYS G 3654 -16.86 88.00 -24.45
N ALA G 3655 -16.08 87.92 -25.54
CA ALA G 3655 -14.94 87.03 -25.56
C ALA G 3655 -13.82 87.51 -24.63
N ALA G 3656 -13.60 88.83 -24.57
CA ALA G 3656 -12.39 89.35 -23.93
C ALA G 3656 -12.59 89.66 -22.45
N TRP G 3657 -13.61 90.42 -22.09
CA TRP G 3657 -13.75 90.97 -20.74
C TRP G 3657 -14.62 90.13 -19.82
N ILE G 3658 -15.73 89.59 -20.31
CA ILE G 3658 -16.65 88.87 -19.42
C ILE G 3658 -16.05 87.54 -18.97
N LEU G 3659 -15.44 86.79 -19.88
CA LEU G 3659 -14.90 85.48 -19.52
C LEU G 3659 -13.71 85.58 -18.58
N THR G 3660 -13.03 86.72 -18.57
CA THR G 3660 -11.84 86.86 -17.72
C THR G 3660 -12.21 86.92 -16.24
N GLU G 3661 -13.41 87.41 -15.92
CA GLU G 3661 -13.81 87.57 -14.53
C GLU G 3661 -13.98 86.20 -13.86
N ASP G 3662 -13.88 86.21 -12.53
CA ASP G 3662 -13.95 85.00 -11.73
C ASP G 3662 -14.97 85.15 -10.61
N HIS G 3663 -15.58 84.03 -10.23
CA HIS G 3663 -16.55 83.99 -9.14
C HIS G 3663 -16.28 82.77 -8.27
N SER G 3664 -16.62 82.89 -6.99
CA SER G 3664 -16.40 81.83 -6.00
C SER G 3664 -17.62 81.62 -5.14
N PHE G 3665 -18.80 81.54 -5.77
CA PHE G 3665 -20.05 81.45 -5.01
C PHE G 3665 -20.41 80.02 -4.63
N GLU G 3666 -19.64 79.03 -5.09
CA GLU G 3666 -20.03 77.64 -4.86
C GLU G 3666 -19.99 77.29 -3.38
N ASP G 3667 -18.88 77.60 -2.71
CA ASP G 3667 -18.76 77.29 -1.29
C ASP G 3667 -19.80 78.02 -0.46
N ARG G 3668 -20.03 79.30 -0.76
CA ARG G 3668 -21.04 80.07 -0.03
C ARG G 3668 -22.43 79.47 -0.22
N MET G 3669 -22.76 79.08 -1.46
CA MET G 3669 -24.07 78.49 -1.72
C MET G 3669 -24.24 77.18 -0.97
N ILE G 3670 -23.21 76.32 -0.99
CA ILE G 3670 -23.31 75.04 -0.27
C ILE G 3670 -23.45 75.28 1.23
N ASP G 3671 -22.67 76.22 1.78
CA ASP G 3671 -22.74 76.51 3.20
C ASP G 3671 -24.12 77.02 3.58
N ASP G 3672 -24.70 77.89 2.75
CA ASP G 3672 -26.04 78.40 3.02
C ASP G 3672 -27.07 77.29 2.96
N LEU G 3673 -26.94 76.39 1.98
CA LEU G 3673 -27.90 75.29 1.84
C LEU G 3673 -27.74 74.21 2.90
N SER G 3674 -26.61 74.18 3.61
CA SER G 3674 -26.36 73.14 4.60
C SER G 3674 -26.78 73.53 6.02
N LYS G 3675 -27.48 74.65 6.19
CA LYS G 3675 -27.73 75.16 7.55
C LYS G 3675 -28.77 74.33 8.28
N ALA G 3676 -30.00 74.30 7.75
CA ALA G 3676 -31.15 73.64 8.39
C ALA G 3676 -31.44 74.20 9.78
N GLY G 3677 -31.25 75.50 9.98
CA GLY G 3677 -31.53 76.10 11.27
C GLY G 3677 -33.00 76.42 11.46
N GLU G 3678 -33.31 76.92 12.65
CA GLU G 3678 -34.68 77.33 12.98
C GLU G 3678 -34.68 78.46 14.01
N LYS G 3690 -36.44 65.29 9.76
CA LYS G 3690 -36.73 66.15 8.61
C LYS G 3690 -35.44 66.63 7.96
N PRO G 3691 -35.29 66.37 6.67
CA PRO G 3691 -34.03 66.66 5.99
C PRO G 3691 -33.83 68.14 5.69
N ASP G 3692 -32.57 68.50 5.48
CA ASP G 3692 -32.19 69.85 5.08
C ASP G 3692 -32.36 70.00 3.57
N PRO G 3693 -32.39 71.23 3.06
CA PRO G 3693 -32.66 71.43 1.62
C PRO G 3693 -31.71 70.70 0.70
N LEU G 3694 -30.42 70.61 1.04
CA LEU G 3694 -29.48 69.88 0.20
C LEU G 3694 -29.86 68.40 0.14
N HIS G 3695 -30.30 67.85 1.26
CA HIS G 3695 -30.78 66.47 1.28
C HIS G 3695 -31.97 66.29 0.34
N GLN G 3696 -32.89 67.25 0.35
CA GLN G 3696 -34.04 67.18 -0.55
C GLN G 3696 -33.63 67.26 -2.02
N LEU G 3697 -32.66 68.12 -2.34
CA LEU G 3697 -32.17 68.20 -3.70
C LEU G 3697 -31.56 66.87 -4.15
N VAL G 3698 -30.73 66.28 -3.28
CA VAL G 3698 -30.10 65.00 -3.61
C VAL G 3698 -31.16 63.92 -3.79
N LEU G 3699 -32.17 63.90 -2.91
CA LEU G 3699 -33.23 62.91 -3.02
C LEU G 3699 -34.04 63.09 -4.30
N HIS G 3700 -34.31 64.34 -4.70
CA HIS G 3700 -35.03 64.58 -5.94
C HIS G 3700 -34.23 64.08 -7.14
N PHE G 3701 -32.93 64.35 -7.16
CA PHE G 3701 -32.12 63.86 -8.28
C PHE G 3701 -32.04 62.33 -8.28
N SER G 3702 -31.97 61.70 -7.11
CA SER G 3702 -31.98 60.24 -7.05
C SER G 3702 -33.30 59.68 -7.57
N ARG G 3703 -34.42 60.30 -7.18
CA ARG G 3703 -35.72 59.86 -7.69
C ARG G 3703 -35.80 60.00 -9.20
N THR G 3704 -35.27 61.09 -9.74
CA THR G 3704 -35.25 61.26 -11.19
C THR G 3704 -34.41 60.18 -11.86
N ALA G 3705 -33.27 59.84 -11.24
CA ALA G 3705 -32.41 58.81 -11.80
C ALA G 3705 -33.01 57.42 -11.76
N LEU G 3706 -33.77 57.09 -10.71
CA LEU G 3706 -34.24 55.73 -10.52
C LEU G 3706 -35.48 55.39 -11.35
N THR G 3707 -36.06 56.34 -12.06
CA THR G 3707 -37.27 56.06 -12.82
C THR G 3707 -36.96 55.11 -13.98
N GLU G 3708 -37.97 54.36 -14.41
CA GLU G 3708 -37.81 53.38 -15.49
C GLU G 3708 -38.10 54.05 -16.82
N LYS G 3709 -37.09 54.18 -17.67
CA LYS G 3709 -37.25 54.79 -18.98
C LYS G 3709 -36.22 54.18 -19.93
N SER G 3710 -36.53 54.27 -21.23
CA SER G 3710 -35.64 53.69 -22.24
C SER G 3710 -34.39 54.53 -22.47
N LYS G 3711 -34.43 55.83 -22.14
CA LYS G 3711 -33.31 56.71 -22.42
C LYS G 3711 -33.25 57.78 -21.34
N LEU G 3712 -32.04 58.30 -21.12
CA LEU G 3712 -31.80 59.36 -20.15
C LEU G 3712 -31.81 60.71 -20.87
N ASP G 3713 -32.88 61.47 -20.70
CA ASP G 3713 -32.98 62.77 -21.32
C ASP G 3713 -32.09 63.78 -20.59
N GLU G 3714 -31.67 64.81 -21.33
CA GLU G 3714 -30.80 65.83 -20.74
C GLU G 3714 -31.56 66.64 -19.70
N ASP G 3715 -30.83 67.13 -18.71
CA ASP G 3715 -31.41 67.93 -17.62
C ASP G 3715 -30.36 68.96 -17.21
N TYR G 3716 -30.56 70.21 -17.64
CA TYR G 3716 -29.57 71.26 -17.39
C TYR G 3716 -29.45 71.61 -15.92
N LEU G 3717 -30.56 71.53 -15.16
CA LEU G 3717 -30.50 71.79 -13.73
C LEU G 3717 -29.54 70.82 -13.04
N TYR G 3718 -29.63 69.53 -13.39
CA TYR G 3718 -28.73 68.55 -12.80
C TYR G 3718 -27.28 68.85 -13.15
N MET G 3719 -27.01 69.21 -14.40
CA MET G 3719 -25.63 69.49 -14.79
C MET G 3719 -25.07 70.69 -14.04
N ALA G 3720 -25.86 71.76 -13.93
CA ALA G 3720 -25.40 72.96 -13.23
C ALA G 3720 -25.15 72.66 -11.76
N TYR G 3721 -26.07 71.95 -11.10
CA TYR G 3721 -25.91 71.72 -9.67
C TYR G 3721 -24.80 70.71 -9.41
N ALA G 3722 -24.59 69.74 -10.31
CA ALA G 3722 -23.47 68.83 -10.18
C ALA G 3722 -22.15 69.57 -10.33
N ASP G 3723 -22.08 70.52 -11.27
CA ASP G 3723 -20.88 71.33 -11.40
C ASP G 3723 -20.61 72.12 -10.13
N ILE G 3724 -21.67 72.71 -9.55
CA ILE G 3724 -21.51 73.48 -8.32
C ILE G 3724 -20.99 72.58 -7.19
N MET G 3725 -21.59 71.41 -7.03
CA MET G 3725 -21.15 70.49 -5.97
C MET G 3725 -19.71 70.04 -6.19
N ALA G 3726 -19.34 69.74 -7.44
CA ALA G 3726 -17.98 69.32 -7.72
C ALA G 3726 -16.98 70.42 -7.42
N LYS G 3727 -17.30 71.66 -7.78
CA LYS G 3727 -16.39 72.77 -7.50
C LYS G 3727 -16.36 73.13 -6.02
N SER G 3728 -17.38 72.75 -5.26
CA SER G 3728 -17.40 73.10 -3.84
C SER G 3728 -16.33 72.36 -3.04
N CYS G 3729 -15.80 71.24 -3.56
CA CYS G 3729 -14.87 70.41 -2.81
C CYS G 3729 -13.40 70.69 -3.12
N HIS G 3730 -13.12 71.70 -3.92
CA HIS G 3730 -11.73 72.02 -4.26
C HIS G 3730 -10.96 72.52 -3.04
N SER G 3747 5.52 72.22 5.33
CA SER G 3747 5.14 72.19 6.74
C SER G 3747 4.13 71.07 7.02
N PHE G 3748 4.44 70.24 8.00
CA PHE G 3748 3.60 69.09 8.33
C PHE G 3748 2.21 69.53 8.79
N GLU G 3749 2.15 70.56 9.65
CA GLU G 3749 0.87 71.02 10.17
C GLU G 3749 -0.03 71.53 9.06
N GLU G 3750 0.54 72.25 8.09
CA GLU G 3750 -0.26 72.76 6.98
C GLU G 3750 -0.85 71.61 6.16
N LYS G 3751 -0.06 70.57 5.92
CA LYS G 3751 -0.56 69.42 5.17
C LYS G 3751 -1.70 68.75 5.93
N GLU G 3752 -1.54 68.58 7.24
CA GLU G 3752 -2.60 67.96 8.03
C GLU G 3752 -3.87 68.81 8.00
N MET G 3753 -3.72 70.13 8.11
CA MET G 3753 -4.88 71.02 8.06
C MET G 3753 -5.59 70.93 6.73
N GLU G 3754 -4.83 70.88 5.63
CA GLU G 3754 -5.43 70.74 4.32
C GLU G 3754 -6.19 69.43 4.19
N LYS G 3755 -5.60 68.34 4.69
CA LYS G 3755 -6.28 67.04 4.66
C LYS G 3755 -7.59 67.09 5.43
N GLN G 3756 -7.57 67.68 6.62
CA GLN G 3756 -8.78 67.75 7.43
C GLN G 3756 -9.85 68.61 6.77
N ARG G 3757 -9.46 69.74 6.18
CA ARG G 3757 -10.42 70.59 5.49
C ARG G 3757 -11.06 69.85 4.32
N LEU G 3758 -10.26 69.15 3.53
CA LEU G 3758 -10.80 68.39 2.41
C LEU G 3758 -11.74 67.29 2.89
N LEU G 3759 -11.37 66.60 3.98
CA LEU G 3759 -12.24 65.56 4.51
C LEU G 3759 -13.58 66.13 4.99
N TYR G 3760 -13.55 67.28 5.65
CA TYR G 3760 -14.79 67.91 6.10
C TYR G 3760 -15.66 68.29 4.91
N GLN G 3761 -15.06 68.88 3.87
CA GLN G 3761 -15.83 69.28 2.70
C GLN G 3761 -16.45 68.08 2.00
N GLN G 3762 -15.70 66.98 1.89
CA GLN G 3762 -16.25 65.78 1.26
C GLN G 3762 -17.34 65.16 2.13
N ALA G 3763 -17.18 65.21 3.44
CA ALA G 3763 -18.20 64.68 4.35
C ALA G 3763 -19.51 65.45 4.20
N ARG G 3764 -19.42 66.77 4.00
CA ARG G 3764 -20.63 67.57 3.81
C ARG G 3764 -21.54 66.97 2.75
N LEU G 3765 -20.96 66.49 1.65
CA LEU G 3765 -21.75 65.92 0.57
C LEU G 3765 -22.06 64.44 0.78
N HIS G 3766 -21.08 63.65 1.25
CA HIS G 3766 -21.33 62.22 1.28
C HIS G 3766 -22.14 61.80 2.50
N ASN G 3767 -22.45 62.74 3.40
CA ASN G 3767 -23.39 62.42 4.48
C ASN G 3767 -24.84 62.55 4.04
N ARG G 3768 -25.09 62.99 2.81
CA ARG G 3768 -26.45 63.23 2.35
C ARG G 3768 -26.84 62.35 1.17
N GLY G 3769 -25.97 61.44 0.73
CA GLY G 3769 -26.34 60.48 -0.30
C GLY G 3769 -25.86 60.79 -1.70
N ALA G 3770 -24.67 61.37 -1.84
CA ALA G 3770 -24.18 61.71 -3.18
C ALA G 3770 -23.66 60.49 -3.92
N ALA G 3771 -23.03 59.54 -3.21
CA ALA G 3771 -22.40 58.40 -3.88
C ALA G 3771 -23.44 57.50 -4.54
N GLU G 3772 -24.55 57.23 -3.86
CA GLU G 3772 -25.61 56.44 -4.47
C GLU G 3772 -26.20 57.14 -5.69
N MET G 3773 -26.35 58.46 -5.61
CA MET G 3773 -26.82 59.21 -6.77
C MET G 3773 -25.86 59.08 -7.94
N VAL G 3774 -24.56 59.17 -7.67
CA VAL G 3774 -23.56 59.05 -8.73
C VAL G 3774 -23.64 57.68 -9.38
N LEU G 3775 -23.72 56.62 -8.56
CA LEU G 3775 -23.80 55.27 -9.09
C LEU G 3775 -25.07 55.08 -9.92
N GLN G 3776 -26.20 55.59 -9.43
CA GLN G 3776 -27.46 55.45 -10.16
C GLN G 3776 -27.42 56.20 -11.49
N MET G 3777 -26.86 57.41 -11.49
CA MET G 3777 -26.75 58.17 -12.74
C MET G 3777 -25.84 57.49 -13.73
N ILE G 3778 -24.73 56.91 -13.25
CA ILE G 3778 -23.84 56.18 -14.15
C ILE G 3778 -24.55 54.96 -14.73
N SER G 3779 -25.29 54.23 -13.90
CA SER G 3779 -25.98 53.04 -14.37
C SER G 3779 -27.11 53.38 -15.34
N ALA G 3780 -27.71 54.57 -15.19
CA ALA G 3780 -28.87 54.92 -15.99
C ALA G 3780 -28.50 55.40 -17.39
N CYS G 3781 -27.23 55.69 -17.66
CA CYS G 3781 -26.86 56.18 -18.98
C CYS G 3781 -26.83 55.08 -20.02
N LYS G 3782 -26.66 53.81 -19.60
CA LYS G 3782 -26.66 52.66 -20.49
C LYS G 3782 -25.60 52.76 -21.59
N GLY G 3783 -24.43 53.29 -21.25
CA GLY G 3783 -23.31 53.29 -22.16
C GLY G 3783 -23.30 54.37 -23.22
N GLU G 3784 -24.17 55.38 -23.11
CA GLU G 3784 -24.21 56.44 -24.10
C GLU G 3784 -23.43 57.65 -23.61
N THR G 3785 -22.42 58.06 -24.38
CA THR G 3785 -21.59 59.19 -24.00
C THR G 3785 -22.35 60.49 -24.17
N GLY G 3786 -21.96 61.49 -23.37
CA GLY G 3786 -22.62 62.77 -23.40
C GLY G 3786 -22.14 63.65 -22.27
N ALA G 3787 -22.88 64.74 -22.06
CA ALA G 3787 -22.54 65.69 -21.01
C ALA G 3787 -22.91 65.20 -19.62
N MET G 3788 -24.03 64.48 -19.50
CA MET G 3788 -24.49 64.04 -18.18
C MET G 3788 -23.49 63.07 -17.55
N VAL G 3789 -22.97 62.12 -18.33
CA VAL G 3789 -22.02 61.17 -17.79
C VAL G 3789 -20.71 61.86 -17.42
N SER G 3790 -20.31 62.86 -18.21
CA SER G 3790 -19.09 63.61 -17.88
C SER G 3790 -19.26 64.36 -16.56
N SER G 3791 -20.40 65.02 -16.37
CA SER G 3791 -20.65 65.72 -15.11
C SER G 3791 -20.68 64.75 -13.93
N THR G 3792 -21.31 63.58 -14.12
CA THR G 3792 -21.36 62.59 -13.06
C THR G 3792 -19.97 62.10 -12.69
N LEU G 3793 -19.14 61.83 -13.71
CA LEU G 3793 -17.78 61.38 -13.45
C LEU G 3793 -16.97 62.45 -12.72
N LYS G 3794 -17.13 63.72 -13.13
CA LYS G 3794 -16.41 64.80 -12.45
C LYS G 3794 -16.84 64.92 -11.00
N LEU G 3795 -18.14 64.80 -10.72
CA LEU G 3795 -18.61 64.86 -9.34
C LEU G 3795 -18.05 63.68 -8.52
N GLY G 3796 -18.04 62.49 -9.11
CA GLY G 3796 -17.50 61.33 -8.42
C GLY G 3796 -16.02 61.51 -8.10
N ILE G 3797 -15.25 62.00 -9.07
CA ILE G 3797 -13.83 62.26 -8.84
C ILE G 3797 -13.65 63.32 -7.75
N SER G 3798 -14.51 64.34 -7.76
CA SER G 3798 -14.42 65.39 -6.76
C SER G 3798 -14.65 64.85 -5.35
N ILE G 3799 -15.63 63.96 -5.18
CA ILE G 3799 -15.92 63.45 -3.84
C ILE G 3799 -15.04 62.27 -3.46
N LEU G 3800 -14.33 61.66 -4.41
CA LEU G 3800 -13.46 60.53 -4.09
C LEU G 3800 -11.99 60.91 -3.97
N ASN G 3801 -11.65 62.19 -4.13
CA ASN G 3801 -10.24 62.60 -4.17
C ASN G 3801 -9.55 62.30 -2.85
N GLY G 3802 -8.31 61.82 -2.95
CA GLY G 3802 -7.51 61.51 -1.79
C GLY G 3802 -7.66 60.10 -1.25
N GLY G 3803 -8.59 59.32 -1.80
CA GLY G 3803 -8.81 57.97 -1.31
C GLY G 3803 -9.66 57.93 -0.05
N ASN G 3804 -10.87 58.48 -0.14
CA ASN G 3804 -11.78 58.52 1.01
C ASN G 3804 -12.33 57.12 1.27
N ALA G 3805 -12.11 56.61 2.48
CA ALA G 3805 -12.51 55.23 2.77
C ALA G 3805 -14.01 55.11 2.96
N ASP G 3806 -14.66 56.12 3.56
CA ASP G 3806 -16.09 56.04 3.81
C ASP G 3806 -16.88 55.98 2.51
N VAL G 3807 -16.50 56.79 1.53
CA VAL G 3807 -17.19 56.78 0.24
C VAL G 3807 -17.03 55.42 -0.44
N GLN G 3808 -15.82 54.87 -0.40
CA GLN G 3808 -15.58 53.55 -0.98
C GLN G 3808 -16.44 52.48 -0.30
N GLN G 3809 -16.50 52.52 1.03
CA GLN G 3809 -17.29 51.54 1.77
C GLN G 3809 -18.77 51.65 1.41
N LYS G 3810 -19.29 52.88 1.35
CA LYS G 3810 -20.70 53.06 1.02
C LYS G 3810 -20.99 52.59 -0.40
N MET G 3811 -20.13 52.92 -1.35
CA MET G 3811 -20.33 52.50 -2.73
C MET G 3811 -20.32 50.98 -2.85
N LEU G 3812 -19.34 50.33 -2.19
CA LEU G 3812 -19.25 48.88 -2.24
C LEU G 3812 -20.47 48.22 -1.61
N ASP G 3813 -20.93 48.75 -0.48
CA ASP G 3813 -22.11 48.18 0.17
C ASP G 3813 -23.33 48.32 -0.72
N TYR G 3814 -23.53 49.48 -1.33
CA TYR G 3814 -24.67 49.67 -2.22
C TYR G 3814 -24.60 48.72 -3.42
N LEU G 3815 -23.42 48.60 -4.02
CA LEU G 3815 -23.28 47.73 -5.19
C LEU G 3815 -23.54 46.27 -4.84
N LYS G 3816 -23.00 45.81 -3.71
CA LYS G 3816 -23.23 44.42 -3.33
C LYS G 3816 -24.67 44.17 -2.90
N ASP G 3817 -25.36 45.20 -2.39
CA ASP G 3817 -26.75 45.02 -2.00
C ASP G 3817 -27.68 44.96 -3.20
N LYS G 3818 -27.46 45.84 -4.20
CA LYS G 3818 -28.43 45.94 -5.29
C LYS G 3818 -28.36 44.75 -6.25
N LYS G 3819 -27.20 44.13 -6.43
CA LYS G 3819 -27.02 42.99 -7.32
C LYS G 3819 -27.40 43.31 -8.77
N GLU G 3820 -27.18 44.55 -9.20
CA GLU G 3820 -27.54 44.94 -10.57
C GLU G 3820 -26.36 44.75 -11.51
N VAL G 3821 -26.68 44.39 -12.76
CA VAL G 3821 -25.63 44.18 -13.76
C VAL G 3821 -25.48 45.37 -14.71
N GLY G 3822 -26.34 46.39 -14.59
CA GLY G 3822 -26.27 47.51 -15.51
C GLY G 3822 -25.00 48.34 -15.35
N PHE G 3823 -24.49 48.44 -14.12
CA PHE G 3823 -23.36 49.33 -13.84
C PHE G 3823 -22.12 48.92 -14.64
N PHE G 3824 -21.72 47.66 -14.53
CA PHE G 3824 -20.49 47.23 -15.19
C PHE G 3824 -20.66 47.11 -16.69
N GLN G 3825 -21.87 46.76 -17.15
CA GLN G 3825 -22.14 46.77 -18.59
C GLN G 3825 -22.01 48.17 -19.15
N SER G 3826 -22.54 49.17 -18.45
CA SER G 3826 -22.40 50.55 -18.89
C SER G 3826 -20.94 50.98 -18.88
N ILE G 3827 -20.19 50.59 -17.85
CA ILE G 3827 -18.77 50.93 -17.80
C ILE G 3827 -18.03 50.33 -18.99
N GLN G 3828 -18.30 49.06 -19.29
CA GLN G 3828 -17.63 48.40 -20.42
C GLN G 3828 -18.00 49.05 -21.74
N ALA G 3829 -19.28 49.40 -21.90
CA ALA G 3829 -19.71 50.06 -23.13
C ALA G 3829 -19.05 51.42 -23.29
N LEU G 3830 -18.91 52.16 -22.19
CA LEU G 3830 -18.22 53.44 -22.24
C LEU G 3830 -16.75 53.27 -22.59
N MET G 3831 -16.11 52.24 -22.03
CA MET G 3831 -14.71 51.97 -22.33
C MET G 3831 -14.51 51.60 -23.80
N GLN G 3832 -15.42 50.82 -24.37
CA GLN G 3832 -15.22 50.33 -25.74
C GLN G 3832 -15.32 51.44 -26.79
N THR G 3833 -15.77 52.64 -26.42
CA THR G 3833 -15.95 53.72 -27.38
C THR G 3833 -14.91 54.82 -27.25
N CYS G 3834 -13.91 54.67 -26.38
CA CYS G 3834 -12.85 55.65 -26.28
C CYS G 3834 -12.00 55.62 -27.53
N SER G 3835 -11.61 56.80 -28.02
CA SER G 3835 -10.92 56.92 -29.29
C SER G 3835 -9.42 56.89 -29.11
N VAL G 3836 -8.72 56.71 -30.23
CA VAL G 3836 -7.25 56.70 -30.27
C VAL G 3836 -6.81 57.55 -31.45
N LEU G 3837 -5.50 57.59 -31.67
CA LEU G 3837 -4.95 58.37 -32.78
C LEU G 3837 -5.37 57.75 -34.12
N ASP G 3838 -5.78 58.61 -35.04
CA ASP G 3838 -6.19 58.20 -36.38
C ASP G 3838 -5.33 58.94 -37.39
N LEU G 3839 -4.77 58.21 -38.35
CA LEU G 3839 -3.84 58.80 -39.30
C LEU G 3839 -4.54 59.39 -40.52
N ASN G 3840 -5.58 58.71 -41.03
CA ASN G 3840 -6.30 59.23 -42.19
C ASN G 3840 -6.99 60.56 -41.85
N ALA G 3841 -7.60 60.66 -40.67
CA ALA G 3841 -8.19 61.92 -40.24
C ALA G 3841 -7.12 62.99 -40.09
N PHE G 3842 -5.94 62.63 -39.59
CA PHE G 3842 -4.85 63.61 -39.49
C PHE G 3842 -4.46 64.12 -40.87
N GLU G 3843 -4.35 63.24 -41.86
CA GLU G 3843 -4.02 63.67 -43.22
C GLU G 3843 -5.12 64.56 -43.78
N ARG G 3844 -6.39 64.19 -43.56
CA ARG G 3844 -7.49 65.01 -44.05
C ARG G 3844 -7.46 66.41 -43.46
N GLN G 3845 -7.22 66.51 -42.14
CA GLN G 3845 -7.12 67.82 -41.51
C GLN G 3845 -5.90 68.58 -42.01
N ASN G 3846 -4.79 67.87 -42.25
CA ASN G 3846 -3.58 68.53 -42.74
C ASN G 3846 -3.78 69.13 -44.11
N LYS G 3847 -4.52 68.43 -45.00
CA LYS G 3847 -4.77 68.98 -46.32
C LYS G 3847 -5.57 70.27 -46.29
N ALA G 3848 -6.33 70.51 -45.22
CA ALA G 3848 -7.11 71.74 -45.10
C ALA G 3848 -6.21 72.94 -44.82
N LYS G 3868 -9.60 67.41 -34.03
CA LYS G 3868 -10.51 66.37 -34.49
C LYS G 3868 -9.82 65.01 -34.54
N VAL G 3869 -8.53 64.98 -34.17
CA VAL G 3869 -7.80 63.73 -34.14
C VAL G 3869 -8.17 62.92 -32.92
N MET G 3870 -8.00 63.51 -31.73
CA MET G 3870 -8.40 62.89 -30.46
C MET G 3870 -9.21 63.92 -29.70
N ALA G 3871 -10.53 63.87 -29.87
CA ALA G 3871 -11.41 64.89 -29.30
C ALA G 3871 -11.93 64.54 -27.92
N ASP G 3872 -11.92 63.27 -27.54
CA ASP G 3872 -12.51 62.82 -26.28
C ASP G 3872 -11.45 62.33 -25.29
N ASP G 3873 -10.30 63.01 -25.24
CA ASP G 3873 -9.23 62.58 -24.33
C ASP G 3873 -9.58 62.87 -22.88
N GLU G 3874 -10.23 64.02 -22.63
CA GLU G 3874 -10.59 64.39 -21.26
C GLU G 3874 -11.56 63.39 -20.64
N PHE G 3875 -12.53 62.91 -21.42
CA PHE G 3875 -13.47 61.92 -20.92
C PHE G 3875 -12.76 60.61 -20.56
N THR G 3876 -11.81 60.19 -21.40
CA THR G 3876 -11.03 58.99 -21.11
C THR G 3876 -10.23 59.14 -19.82
N GLN G 3877 -9.58 60.30 -19.67
CA GLN G 3877 -8.82 60.54 -18.44
C GLN G 3877 -9.74 60.53 -17.22
N ASP G 3878 -10.91 61.13 -17.34
CA ASP G 3878 -11.86 61.14 -16.23
C ASP G 3878 -12.30 59.73 -15.86
N LEU G 3879 -12.60 58.90 -16.87
CA LEU G 3879 -13.04 57.53 -16.61
C LEU G 3879 -11.96 56.73 -15.90
N PHE G 3880 -10.73 56.78 -16.41
CA PHE G 3880 -9.68 55.99 -15.79
C PHE G 3880 -9.27 56.54 -14.43
N ARG G 3881 -9.34 57.86 -14.24
CA ARG G 3881 -9.12 58.44 -12.93
C ARG G 3881 -10.17 57.98 -11.93
N PHE G 3882 -11.43 57.91 -12.37
CA PHE G 3882 -12.49 57.40 -11.51
C PHE G 3882 -12.23 55.97 -11.08
N LEU G 3883 -11.82 55.13 -12.03
CA LEU G 3883 -11.51 53.73 -11.68
C LEU G 3883 -10.33 53.66 -10.71
N GLN G 3884 -9.27 54.43 -10.97
CA GLN G 3884 -8.12 54.41 -10.07
C GLN G 3884 -8.50 54.86 -8.67
N LEU G 3885 -9.28 55.93 -8.55
CA LEU G 3885 -9.74 56.37 -7.24
C LEU G 3885 -10.66 55.34 -6.59
N LEU G 3886 -11.37 54.55 -7.41
CA LEU G 3886 -12.15 53.45 -6.86
C LEU G 3886 -11.23 52.42 -6.22
N CYS G 3887 -10.08 52.14 -6.84
CA CYS G 3887 -9.13 51.18 -6.27
C CYS G 3887 -8.09 51.81 -5.35
N GLU G 3888 -8.14 53.13 -5.13
CA GLU G 3888 -7.09 53.81 -4.40
C GLU G 3888 -7.05 53.37 -2.93
N GLY G 3889 -5.84 53.32 -2.37
CA GLY G 3889 -5.65 53.04 -0.97
C GLY G 3889 -5.39 51.59 -0.61
N HIS G 3890 -5.06 50.74 -1.58
CA HIS G 3890 -4.90 49.30 -1.37
C HIS G 3890 -6.16 48.69 -0.76
N ASN G 3891 -7.32 49.04 -1.32
CA ASN G 3891 -8.59 48.47 -0.88
C ASN G 3891 -8.79 47.11 -1.54
N ASN G 3892 -8.49 46.03 -0.81
CA ASN G 3892 -8.51 44.69 -1.39
C ASN G 3892 -9.90 44.29 -1.85
N ASP G 3893 -10.93 44.64 -1.07
CA ASP G 3893 -12.29 44.21 -1.39
C ASP G 3893 -12.73 44.75 -2.75
N PHE G 3894 -12.45 46.03 -3.02
CA PHE G 3894 -12.89 46.61 -4.28
C PHE G 3894 -12.08 46.07 -5.45
N GLN G 3895 -10.80 45.77 -5.24
CA GLN G 3895 -10.02 45.13 -6.29
C GLN G 3895 -10.60 43.77 -6.66
N ASN G 3896 -10.89 42.94 -5.66
CA ASN G 3896 -11.46 41.63 -5.93
C ASN G 3896 -12.84 41.76 -6.58
N TYR G 3897 -13.65 42.73 -6.14
CA TYR G 3897 -14.95 42.94 -6.75
C TYR G 3897 -14.83 43.40 -8.19
N LEU G 3898 -13.85 44.24 -8.50
CA LEU G 3898 -13.62 44.65 -9.88
C LEU G 3898 -13.17 43.49 -10.75
N ARG G 3899 -12.41 42.55 -10.20
CA ARG G 3899 -12.03 41.40 -11.03
C ARG G 3899 -13.21 40.46 -11.27
N THR G 3900 -14.03 40.23 -10.25
CA THR G 3900 -15.11 39.25 -10.36
C THR G 3900 -16.25 39.62 -9.43
N GLN G 3901 -17.47 39.64 -9.95
CA GLN G 3901 -18.68 39.87 -9.15
C GLN G 3901 -19.27 38.53 -8.78
N THR G 3902 -19.17 38.16 -7.51
CA THR G 3902 -19.58 36.82 -7.08
C THR G 3902 -21.10 36.65 -7.11
N GLY G 3903 -21.84 37.61 -6.56
CA GLY G 3903 -23.26 37.44 -6.37
C GLY G 3903 -24.13 37.70 -7.58
N ASN G 3904 -23.57 38.26 -8.65
CA ASN G 3904 -24.38 38.59 -9.81
C ASN G 3904 -24.60 37.37 -10.69
N THR G 3905 -25.54 37.51 -11.63
CA THR G 3905 -25.81 36.42 -12.56
C THR G 3905 -24.75 36.32 -13.64
N THR G 3906 -24.08 37.44 -13.95
CA THR G 3906 -23.02 37.47 -14.95
C THR G 3906 -21.86 38.28 -14.40
N THR G 3907 -20.69 38.10 -15.01
CA THR G 3907 -19.45 38.70 -14.53
C THR G 3907 -18.73 39.39 -15.67
N ILE G 3908 -18.04 40.49 -15.36
CA ILE G 3908 -17.25 41.24 -16.32
C ILE G 3908 -15.90 41.55 -15.69
N ASN G 3909 -14.83 41.40 -16.47
CA ASN G 3909 -13.46 41.61 -16.00
C ASN G 3909 -12.96 42.93 -16.55
N ILE G 3910 -12.85 43.94 -15.68
CA ILE G 3910 -12.44 45.27 -16.08
C ILE G 3910 -10.96 45.34 -16.46
N ILE G 3911 -10.12 44.54 -15.80
CA ILE G 3911 -8.68 44.59 -16.03
C ILE G 3911 -8.37 44.27 -17.49
N ILE G 3912 -9.04 43.25 -18.03
CA ILE G 3912 -8.80 42.86 -19.42
C ILE G 3912 -9.25 43.96 -20.37
N CYS G 3913 -10.34 44.65 -20.04
CA CYS G 3913 -10.77 45.78 -20.86
C CYS G 3913 -9.73 46.88 -20.88
N THR G 3914 -9.16 47.20 -19.72
CA THR G 3914 -8.10 48.19 -19.67
C THR G 3914 -6.90 47.77 -20.51
N VAL G 3915 -6.55 46.48 -20.45
CA VAL G 3915 -5.43 45.98 -21.24
C VAL G 3915 -5.72 46.11 -22.74
N ASP G 3916 -6.96 45.82 -23.14
CA ASP G 3916 -7.32 45.94 -24.55
C ASP G 3916 -7.20 47.38 -25.04
N TYR G 3917 -7.70 48.33 -24.23
CA TYR G 3917 -7.57 49.73 -24.62
C TYR G 3917 -6.11 50.15 -24.71
N LEU G 3918 -5.28 49.67 -23.78
CA LEU G 3918 -3.85 49.96 -23.83
C LEU G 3918 -3.22 49.43 -25.11
N LEU G 3919 -3.61 48.21 -25.51
CA LEU G 3919 -3.09 47.64 -26.75
C LEU G 3919 -3.46 48.49 -27.95
N ARG G 3920 -4.72 48.92 -28.02
CA ARG G 3920 -5.16 49.75 -29.14
C ARG G 3920 -4.37 51.05 -29.20
N LEU G 3921 -4.20 51.71 -28.04
CA LEU G 3921 -3.47 52.96 -28.00
C LEU G 3921 -2.02 52.78 -28.42
N GLN G 3922 -1.40 51.68 -27.98
CA GLN G 3922 -0.01 51.42 -28.34
C GLN G 3922 0.13 51.21 -29.85
N GLU G 3923 -0.81 50.47 -30.45
CA GLU G 3923 -0.75 50.27 -31.90
C GLU G 3923 -0.90 51.59 -32.64
N SER G 3924 -1.81 52.45 -32.18
CA SER G 3924 -1.97 53.76 -32.82
C SER G 3924 -0.69 54.59 -32.73
N ILE G 3925 -0.05 54.58 -31.56
CA ILE G 3925 1.20 55.35 -31.39
C ILE G 3925 2.29 54.79 -32.30
N SER G 3926 2.38 53.47 -32.42
CA SER G 3926 3.37 52.87 -33.30
C SER G 3926 3.14 53.28 -34.75
N ASP G 3927 1.87 53.29 -35.19
CA ASP G 3927 1.58 53.73 -36.55
C ASP G 3927 1.98 55.18 -36.75
N PHE G 3928 1.72 56.04 -35.75
CA PHE G 3928 2.14 57.43 -35.87
C PHE G 3928 3.65 57.56 -36.02
N TYR G 3929 4.41 56.83 -35.20
CA TYR G 3929 5.86 56.88 -35.33
C TYR G 3929 6.32 56.40 -36.69
N TRP G 3930 5.72 55.31 -37.19
CA TRP G 3930 6.06 54.83 -38.52
C TRP G 3930 5.79 55.90 -39.58
N TYR G 3931 4.70 56.65 -39.43
CA TYR G 3931 4.44 57.74 -40.37
C TYR G 3931 5.52 58.81 -40.29
N TYR G 3932 5.96 59.16 -39.08
CA TYR G 3932 6.91 60.27 -38.94
C TYR G 3932 8.37 59.85 -38.95
N SER G 3933 8.67 58.58 -39.26
CA SER G 3933 10.06 58.13 -39.23
C SER G 3933 10.90 58.82 -40.30
N GLY G 3934 10.36 58.96 -41.52
CA GLY G 3934 11.16 59.45 -42.62
C GLY G 3934 11.50 60.93 -42.58
N LYS G 3935 10.65 61.75 -41.97
CA LYS G 3935 10.89 63.18 -41.95
C LYS G 3935 12.07 63.54 -41.06
N ASP G 3936 12.65 64.71 -41.32
CA ASP G 3936 13.79 65.18 -40.53
C ASP G 3936 13.37 66.00 -39.32
N VAL G 3937 12.25 66.74 -39.42
CA VAL G 3937 11.73 67.53 -38.31
C VAL G 3937 10.24 67.27 -38.19
N ILE G 3938 9.70 67.58 -37.02
CA ILE G 3938 8.30 67.29 -36.69
C ILE G 3938 7.56 68.61 -36.55
N GLU G 3939 6.40 68.71 -37.20
CA GLU G 3939 5.59 69.91 -37.13
C GLU G 3939 4.82 69.97 -35.80
N GLU G 3940 4.28 71.14 -35.50
CA GLU G 3940 3.69 71.38 -34.19
C GLU G 3940 2.50 70.46 -33.91
N GLN G 3941 1.67 70.21 -34.93
CA GLN G 3941 0.47 69.41 -34.72
C GLN G 3941 0.82 67.99 -34.28
N GLY G 3942 1.84 67.40 -34.90
CA GLY G 3942 2.30 66.09 -34.47
C GLY G 3942 2.77 66.11 -33.03
N LYS G 3943 3.47 67.17 -32.63
CA LYS G 3943 3.95 67.29 -31.26
C LYS G 3943 2.79 67.31 -30.27
N ARG G 3944 1.76 68.10 -30.57
CA ARG G 3944 0.63 68.19 -29.65
C ARG G 3944 -0.16 66.88 -29.60
N ASN G 3945 -0.30 66.20 -30.75
CA ASN G 3945 -0.96 64.90 -30.75
C ASN G 3945 -0.18 63.89 -29.92
N PHE G 3946 1.14 63.86 -30.06
CA PHE G 3946 1.96 62.97 -29.26
C PHE G 3946 1.81 63.28 -27.77
N SER G 3947 1.79 64.57 -27.44
CA SER G 3947 1.68 64.97 -26.04
C SER G 3947 0.38 64.49 -25.43
N LYS G 3948 -0.74 64.66 -26.14
CA LYS G 3948 -2.02 64.23 -25.56
C LYS G 3948 -2.11 62.71 -25.49
N ALA G 3949 -1.57 62.00 -26.49
CA ALA G 3949 -1.58 60.53 -26.43
C ALA G 3949 -0.79 60.03 -25.24
N MET G 3950 0.40 60.58 -25.00
CA MET G 3950 1.20 60.16 -23.86
C MET G 3950 0.55 60.57 -22.54
N SER G 3951 -0.17 61.69 -22.52
CA SER G 3951 -0.90 62.08 -21.32
C SER G 3951 -1.97 61.04 -20.99
N VAL G 3952 -2.62 60.47 -22.01
CA VAL G 3952 -3.60 59.42 -21.75
C VAL G 3952 -2.91 58.14 -21.28
N ALA G 3953 -1.77 57.80 -21.91
CA ALA G 3953 -1.07 56.57 -21.56
C ALA G 3953 -0.60 56.59 -20.11
N LYS G 3954 -0.17 57.75 -19.62
CA LYS G 3954 0.23 57.87 -18.22
C LYS G 3954 -0.88 57.44 -17.28
N GLN G 3955 -2.09 57.96 -17.53
CA GLN G 3955 -3.23 57.62 -16.68
C GLN G 3955 -3.58 56.15 -16.76
N VAL G 3956 -3.49 55.56 -17.95
CA VAL G 3956 -3.78 54.13 -18.07
C VAL G 3956 -2.79 53.31 -17.25
N PHE G 3957 -1.49 53.65 -17.34
CA PHE G 3957 -0.48 52.94 -16.56
C PHE G 3957 -0.72 53.10 -15.07
N ASN G 3958 -1.08 54.30 -14.63
CA ASN G 3958 -1.35 54.52 -13.21
C ASN G 3958 -2.55 53.70 -12.75
N SER G 3959 -3.58 53.60 -13.58
CA SER G 3959 -4.74 52.78 -13.22
C SER G 3959 -4.36 51.31 -13.05
N LEU G 3960 -3.55 50.78 -13.96
CA LEU G 3960 -3.10 49.39 -13.80
C LEU G 3960 -2.28 49.21 -12.53
N THR G 3961 -1.36 50.15 -12.27
CA THR G 3961 -0.54 50.06 -11.07
C THR G 3961 -1.41 50.05 -9.81
N GLU G 3962 -2.42 50.92 -9.76
CA GLU G 3962 -3.32 50.90 -8.62
C GLU G 3962 -4.14 49.62 -8.56
N TYR G 3963 -4.41 49.00 -9.72
CA TYR G 3963 -5.07 47.70 -9.69
C TYR G 3963 -4.22 46.64 -8.99
N ILE G 3964 -2.91 46.59 -9.26
CA ILE G 3964 -2.10 45.49 -8.73
C ILE G 3964 -1.20 45.89 -7.56
N GLN G 3965 -1.53 46.94 -6.83
CA GLN G 3965 -0.62 47.46 -5.80
C GLN G 3965 -0.85 46.84 -4.42
N GLY G 3966 -1.75 45.87 -4.29
CA GLY G 3966 -2.15 45.36 -2.99
C GLY G 3966 -1.03 44.94 -2.05
N PRO G 3967 -0.31 43.86 -2.39
CA PRO G 3967 -0.45 42.99 -3.57
C PRO G 3967 -1.73 42.15 -3.57
N CYS G 3968 -2.51 42.26 -4.63
CA CYS G 3968 -3.69 41.43 -4.85
C CYS G 3968 -3.25 40.31 -5.79
N THR G 3969 -3.06 39.11 -5.23
CA THR G 3969 -2.47 38.02 -6.00
C THR G 3969 -3.35 37.64 -7.19
N GLY G 3970 -4.67 37.67 -7.02
CA GLY G 3970 -5.56 37.35 -8.13
C GLY G 3970 -5.37 38.28 -9.31
N ASN G 3971 -5.24 39.58 -9.05
CA ASN G 3971 -5.03 40.54 -10.13
C ASN G 3971 -3.69 40.31 -10.81
N GLN G 3972 -2.64 40.00 -10.03
CA GLN G 3972 -1.33 39.71 -10.62
C GLN G 3972 -1.40 38.49 -11.53
N GLN G 3973 -2.07 37.43 -11.07
CA GLN G 3973 -2.20 36.23 -11.89
C GLN G 3973 -3.02 36.50 -13.14
N SER G 3974 -4.08 37.31 -13.03
CA SER G 3974 -4.88 37.66 -14.20
C SER G 3974 -4.06 38.45 -15.21
N LEU G 3975 -3.26 39.41 -14.73
CA LEU G 3975 -2.46 40.22 -15.65
C LEU G 3975 -1.34 39.43 -16.28
N ALA G 3976 -0.76 38.47 -15.55
CA ALA G 3976 0.39 37.74 -16.07
C ALA G 3976 0.02 36.88 -17.28
N HIS G 3977 -1.24 36.48 -17.39
CA HIS G 3977 -1.68 35.61 -18.47
C HIS G 3977 -2.38 36.38 -19.59
N SER G 3978 -2.37 37.71 -19.56
CA SER G 3978 -3.04 38.52 -20.56
C SER G 3978 -2.09 38.88 -21.70
N ARG G 3979 -2.54 39.80 -22.55
CA ARG G 3979 -1.74 40.29 -23.68
C ARG G 3979 -0.77 41.40 -23.28
N LEU G 3980 -0.76 41.79 -22.01
CA LEU G 3980 -0.01 42.96 -21.58
C LEU G 3980 1.43 42.93 -22.05
N TRP G 3981 2.09 41.77 -21.95
CA TRP G 3981 3.49 41.66 -22.34
C TRP G 3981 3.70 42.22 -23.75
N ASP G 3982 2.88 41.79 -24.71
CA ASP G 3982 3.03 42.28 -26.07
C ASP G 3982 3.03 43.80 -26.12
N ALA G 3983 2.06 44.42 -25.45
CA ALA G 3983 2.00 45.88 -25.44
C ALA G 3983 3.31 46.48 -24.99
N VAL G 3984 3.87 45.96 -23.89
CA VAL G 3984 5.12 46.52 -23.38
C VAL G 3984 6.18 46.48 -24.46
N VAL G 3985 6.29 45.36 -25.16
CA VAL G 3985 7.31 45.23 -26.21
C VAL G 3985 7.17 46.36 -27.21
N GLY G 3986 5.94 46.63 -27.66
CA GLY G 3986 5.74 47.69 -28.62
C GLY G 3986 6.26 49.02 -28.13
N PHE G 3987 5.97 49.33 -26.87
CA PHE G 3987 6.46 50.60 -26.32
C PHE G 3987 7.97 50.65 -26.34
N LEU G 3988 8.63 49.54 -25.98
CA LEU G 3988 10.09 49.54 -25.97
C LEU G 3988 10.66 49.77 -27.36
N HIS G 3989 9.88 49.46 -28.40
CA HIS G 3989 10.34 49.73 -29.76
C HIS G 3989 10.33 51.23 -30.03
N VAL G 3990 9.26 51.92 -29.59
CA VAL G 3990 9.14 53.34 -29.91
C VAL G 3990 10.18 54.15 -29.14
N PHE G 3991 10.26 53.93 -27.83
CA PHE G 3991 11.11 54.75 -26.98
C PHE G 3991 12.54 54.76 -27.48
N ALA G 3992 13.12 53.58 -27.71
CA ALA G 3992 14.50 53.49 -28.15
C ALA G 3992 14.73 54.26 -29.43
N HIS G 3993 13.74 54.27 -30.32
CA HIS G 3993 13.91 54.98 -31.58
C HIS G 3993 13.59 56.47 -31.44
N MET G 3994 12.78 56.84 -30.45
CA MET G 3994 12.31 58.22 -30.38
C MET G 3994 13.38 59.16 -29.85
N MET G 3995 13.98 58.82 -28.70
CA MET G 3995 14.94 59.74 -28.07
C MET G 3995 16.10 60.04 -29.01
N MET G 3996 16.65 58.99 -29.63
CA MET G 3996 17.74 59.19 -30.59
C MET G 3996 17.37 60.19 -31.66
N LYS G 3997 16.10 60.18 -32.08
CA LYS G 3997 15.65 61.17 -33.06
C LYS G 3997 15.46 62.53 -32.41
N LEU G 3998 14.90 62.55 -31.19
CA LEU G 3998 14.57 63.83 -30.56
C LEU G 3998 15.80 64.52 -29.98
N ALA G 3999 16.82 63.74 -29.59
CA ALA G 3999 18.01 64.33 -28.97
C ALA G 3999 18.84 65.14 -29.97
N GLN G 4000 18.63 64.95 -31.27
CA GLN G 4000 19.46 65.62 -32.26
C GLN G 4000 19.01 67.07 -32.53
N ASP G 4001 17.85 67.47 -32.02
CA ASP G 4001 17.37 68.83 -32.20
C ASP G 4001 16.94 69.39 -30.86
N SER G 4002 17.37 70.63 -30.56
CA SER G 4002 17.02 71.24 -29.29
C SER G 4002 15.57 71.72 -29.26
N SER G 4003 15.02 72.07 -30.42
CA SER G 4003 13.68 72.67 -30.46
C SER G 4003 12.61 71.73 -29.91
N GLN G 4004 12.87 70.43 -29.86
CA GLN G 4004 11.92 69.45 -29.37
C GLN G 4004 12.20 69.01 -27.94
N ILE G 4005 13.06 69.74 -27.21
CA ILE G 4005 13.49 69.28 -25.89
C ILE G 4005 12.29 69.08 -24.97
N GLU G 4006 11.35 70.02 -24.98
CA GLU G 4006 10.19 69.93 -24.09
C GLU G 4006 9.38 68.66 -24.35
N LEU G 4007 9.39 68.17 -25.60
CA LEU G 4007 8.74 66.89 -25.85
C LEU G 4007 9.51 65.74 -25.24
N LEU G 4008 10.83 65.72 -25.42
CA LEU G 4008 11.64 64.59 -24.98
C LEU G 4008 11.46 64.31 -23.50
N LYS G 4009 11.50 65.37 -22.68
CA LYS G 4009 11.29 65.21 -21.24
C LYS G 4009 10.01 64.42 -20.97
N GLU G 4010 8.90 64.84 -21.61
CA GLU G 4010 7.64 64.13 -21.41
C GLU G 4010 7.80 62.65 -21.70
N LEU G 4011 8.44 62.32 -22.82
CA LEU G 4011 8.65 60.91 -23.17
C LEU G 4011 9.33 60.17 -22.03
N LEU G 4012 10.38 60.77 -21.47
CA LEU G 4012 11.09 60.11 -20.37
C LEU G 4012 10.17 59.92 -19.18
N ASP G 4013 9.35 60.92 -18.87
CA ASP G 4013 8.42 60.78 -17.75
C ASP G 4013 7.43 59.65 -17.99
N LEU G 4014 7.14 59.34 -19.26
CA LEU G 4014 6.31 58.19 -19.55
C LEU G 4014 7.03 56.90 -19.18
N GLN G 4015 8.32 56.78 -19.55
CA GLN G 4015 9.02 55.52 -19.37
C GLN G 4015 9.04 55.08 -17.91
N LYS G 4016 9.36 56.01 -17.01
CA LYS G 4016 9.34 55.69 -15.58
C LYS G 4016 7.99 55.12 -15.17
N ASP G 4017 6.89 55.74 -15.63
CA ASP G 4017 5.57 55.28 -15.23
C ASP G 4017 5.33 53.85 -15.67
N MET G 4018 5.95 53.42 -16.77
CA MET G 4018 5.86 52.00 -17.13
C MET G 4018 6.68 51.15 -16.18
N VAL G 4019 7.93 51.54 -15.92
CA VAL G 4019 8.84 50.68 -15.18
C VAL G 4019 8.31 50.43 -13.77
N VAL G 4020 7.75 51.45 -13.14
CA VAL G 4020 7.17 51.29 -11.80
C VAL G 4020 6.14 50.17 -11.81
N MET G 4021 5.26 50.16 -12.82
CA MET G 4021 4.25 49.11 -12.89
C MET G 4021 4.89 47.74 -12.94
N LEU G 4022 5.99 47.60 -13.69
CA LEU G 4022 6.70 46.34 -13.73
C LEU G 4022 7.17 45.93 -12.34
N LEU G 4023 7.70 46.87 -11.57
CA LEU G 4023 8.10 46.58 -10.21
C LEU G 4023 6.90 46.13 -9.38
N SER G 4024 5.74 46.71 -9.65
CA SER G 4024 4.54 46.31 -8.92
C SER G 4024 4.17 44.86 -9.18
N LEU G 4025 4.64 44.30 -10.30
CA LEU G 4025 4.38 42.89 -10.58
C LEU G 4025 5.31 41.97 -9.83
N LEU G 4026 6.37 42.50 -9.22
CA LEU G 4026 7.36 41.67 -8.53
C LEU G 4026 7.20 41.69 -7.01
N GLU G 4027 6.12 42.27 -6.49
CA GLU G 4027 5.89 42.25 -5.05
C GLU G 4027 5.59 40.84 -4.59
N GLY G 4028 6.21 40.44 -3.48
CA GLY G 4028 5.99 39.10 -2.96
C GLY G 4028 6.48 37.98 -3.85
N ASN G 4029 7.52 38.22 -4.65
CA ASN G 4029 8.00 37.22 -5.60
C ASN G 4029 9.08 36.38 -4.95
N VAL G 4030 8.91 35.05 -5.00
CA VAL G 4030 9.89 34.12 -4.46
C VAL G 4030 11.01 33.92 -5.46
N VAL G 4031 12.10 33.30 -5.02
CA VAL G 4031 13.21 33.00 -5.92
C VAL G 4031 12.74 32.02 -6.98
N ASN G 4032 13.13 32.28 -8.23
CA ASN G 4032 12.73 31.48 -9.39
C ASN G 4032 11.21 31.46 -9.58
N GLY G 4033 10.54 32.58 -9.32
CA GLY G 4033 9.12 32.66 -9.60
C GLY G 4033 8.84 32.71 -11.09
N MET G 4034 7.61 32.37 -11.46
CA MET G 4034 7.26 32.31 -12.88
C MET G 4034 7.14 33.70 -13.49
N ILE G 4035 6.70 34.69 -12.72
CA ILE G 4035 6.54 36.03 -13.26
C ILE G 4035 7.89 36.63 -13.62
N ALA G 4036 8.90 36.41 -12.79
CA ALA G 4036 10.23 36.92 -13.09
C ALA G 4036 10.81 36.26 -14.34
N ARG G 4037 10.59 34.96 -14.51
CA ARG G 4037 11.05 34.28 -15.71
C ARG G 4037 10.34 34.80 -16.95
N GLN G 4038 9.04 35.07 -16.84
CA GLN G 4038 8.31 35.67 -17.95
C GLN G 4038 8.87 37.06 -18.29
N MET G 4039 9.20 37.85 -17.26
CA MET G 4039 9.80 39.16 -17.50
C MET G 4039 11.15 39.04 -18.20
N VAL G 4040 11.95 38.06 -17.79
CA VAL G 4040 13.25 37.86 -18.43
C VAL G 4040 13.06 37.46 -19.90
N ASP G 4041 12.09 36.60 -20.19
CA ASP G 4041 11.81 36.25 -21.57
C ASP G 4041 11.37 37.47 -22.38
N MET G 4042 10.52 38.31 -21.79
CA MET G 4042 10.07 39.52 -22.47
C MET G 4042 11.25 40.45 -22.76
N LEU G 4043 12.17 40.59 -21.82
CA LEU G 4043 13.34 41.43 -22.04
C LEU G 4043 14.25 40.84 -23.12
N VAL G 4044 14.39 39.52 -23.13
CA VAL G 4044 15.19 38.88 -24.17
C VAL G 4044 14.59 39.14 -25.54
N GLU G 4045 13.26 39.19 -25.61
CA GLU G 4045 12.60 39.45 -26.89
C GLU G 4045 12.92 40.84 -27.45
N SER G 4046 13.16 41.84 -26.60
CA SER G 4046 13.42 43.21 -27.03
C SER G 4046 14.84 43.67 -26.68
N SER G 4047 15.72 42.68 -26.48
CA SER G 4047 17.15 42.93 -26.24
C SER G 4047 17.71 44.10 -27.05
N SER G 4048 17.36 44.19 -28.34
CA SER G 4048 17.97 45.23 -29.19
C SER G 4048 17.62 46.63 -28.69
N ASN G 4049 16.33 46.90 -28.49
CA ASN G 4049 15.91 48.21 -27.99
C ASN G 4049 16.41 48.46 -26.57
N VAL G 4050 16.44 47.41 -25.74
CA VAL G 4050 16.97 47.57 -24.39
C VAL G 4050 18.43 48.01 -24.44
N GLU G 4051 19.22 47.37 -25.32
CA GLU G 4051 20.62 47.72 -25.47
C GLU G 4051 20.78 49.15 -25.98
N MET G 4052 19.92 49.56 -26.93
CA MET G 4052 19.98 50.93 -27.41
C MET G 4052 19.72 51.93 -26.29
N ILE G 4053 18.73 51.67 -25.44
CA ILE G 4053 18.42 52.57 -24.33
C ILE G 4053 19.59 52.63 -23.35
N LEU G 4054 20.16 51.47 -23.03
CA LEU G 4054 21.29 51.43 -22.11
C LEU G 4054 22.48 52.22 -22.66
N LYS G 4055 22.75 52.07 -23.96
CA LYS G 4055 23.82 52.85 -24.58
C LYS G 4055 23.52 54.33 -24.52
N PHE G 4056 22.26 54.72 -24.75
CA PHE G 4056 21.89 56.13 -24.70
C PHE G 4056 22.20 56.71 -23.32
N PHE G 4057 21.86 55.98 -22.26
CA PHE G 4057 22.18 56.48 -20.92
C PHE G 4057 23.69 56.53 -20.68
N ASP G 4058 24.40 55.46 -21.05
CA ASP G 4058 25.83 55.36 -20.73
C ASP G 4058 26.64 56.44 -21.44
N MET G 4059 26.29 56.75 -22.69
CA MET G 4059 27.04 57.74 -23.45
C MET G 4059 27.08 59.09 -22.73
N PHE G 4060 25.91 59.58 -22.30
CA PHE G 4060 25.89 60.87 -21.63
C PHE G 4060 26.46 60.79 -20.21
N LEU G 4061 26.25 59.67 -19.52
CA LEU G 4061 26.86 59.53 -18.20
C LEU G 4061 28.38 59.61 -18.28
N LYS G 4062 28.97 59.03 -19.33
CA LYS G 4062 30.42 59.11 -19.49
C LYS G 4062 30.85 60.49 -19.97
N LEU G 4063 30.05 61.11 -20.84
CA LEU G 4063 30.40 62.44 -21.36
C LEU G 4063 30.46 63.48 -20.24
N LYS G 4064 29.52 63.40 -19.30
CA LYS G 4064 29.50 64.37 -18.20
C LYS G 4064 30.80 64.34 -17.41
N ASP G 4065 31.34 63.14 -17.16
CA ASP G 4065 32.59 63.04 -16.42
C ASP G 4065 33.79 63.38 -17.30
N ILE G 4066 33.73 63.04 -18.60
CA ILE G 4066 34.88 63.28 -19.47
C ILE G 4066 35.09 64.77 -19.70
N VAL G 4067 34.00 65.53 -19.87
CA VAL G 4067 34.12 66.96 -20.15
C VAL G 4067 34.84 67.67 -19.00
N GLY G 4068 34.55 67.28 -17.76
CA GLY G 4068 35.17 67.91 -16.61
C GLY G 4068 36.58 67.47 -16.31
N SER G 4069 37.12 66.53 -17.07
CA SER G 4069 38.48 66.06 -16.85
C SER G 4069 39.48 67.17 -17.16
N GLU G 4070 40.59 67.18 -16.41
CA GLU G 4070 41.62 68.19 -16.61
C GLU G 4070 42.30 68.04 -17.97
N ALA G 4071 42.41 66.81 -18.48
CA ALA G 4071 43.02 66.60 -19.79
C ALA G 4071 42.21 67.27 -20.89
N PHE G 4072 40.88 67.18 -20.81
CA PHE G 4072 40.03 67.83 -21.81
C PHE G 4072 40.16 69.34 -21.74
N GLN G 4073 40.36 69.89 -20.54
CA GLN G 4073 40.50 71.33 -20.37
C GLN G 4073 41.75 71.87 -21.05
N ASP G 4074 42.71 71.02 -21.42
CA ASP G 4074 43.88 71.49 -22.13
C ASP G 4074 43.53 71.95 -23.54
N TYR G 4075 42.60 71.26 -24.21
CA TYR G 4075 42.27 71.57 -25.60
C TYR G 4075 41.46 72.85 -25.76
N VAL G 4076 40.64 73.22 -24.78
CA VAL G 4076 39.88 74.46 -24.88
C VAL G 4076 40.80 75.63 -24.63
N THR G 4077 40.83 76.57 -25.57
CA THR G 4077 41.76 77.70 -25.50
C THR G 4077 41.11 79.06 -25.71
N ASP G 4078 39.91 79.14 -26.30
CA ASP G 4078 39.27 80.43 -26.47
C ASP G 4078 38.94 81.04 -25.12
N PRO G 4079 39.10 82.36 -24.96
CA PRO G 4079 38.78 82.99 -23.66
C PRO G 4079 37.31 82.84 -23.29
N ARG G 4080 36.41 82.79 -24.26
CA ARG G 4080 34.99 82.62 -23.97
C ARG G 4080 34.64 81.21 -23.49
N GLY G 4081 35.54 80.25 -23.66
CA GLY G 4081 35.30 78.91 -23.19
C GLY G 4081 34.70 77.95 -24.20
N LEU G 4082 34.47 78.39 -25.44
CA LEU G 4082 33.92 77.51 -26.46
C LEU G 4082 35.04 76.80 -27.21
N ILE G 4083 34.69 75.65 -27.80
CA ILE G 4083 35.66 74.75 -28.42
C ILE G 4083 35.21 74.44 -29.83
N SER G 4084 36.17 74.35 -30.75
CA SER G 4084 35.85 74.05 -32.14
C SER G 4084 35.46 72.58 -32.30
N LYS G 4085 34.72 72.29 -33.37
CA LYS G 4085 34.32 70.92 -33.65
C LYS G 4085 35.52 70.04 -33.94
N LYS G 4086 36.48 70.56 -34.71
CA LYS G 4086 37.69 69.80 -34.98
C LYS G 4086 38.47 69.53 -33.70
N ASP G 4087 38.58 70.52 -32.82
CA ASP G 4087 39.24 70.31 -31.54
C ASP G 4087 38.47 69.32 -30.69
N PHE G 4088 37.15 69.38 -30.71
CA PHE G 4088 36.34 68.42 -29.96
C PHE G 4088 36.58 67.00 -30.44
N GLN G 4089 36.59 66.79 -31.77
CA GLN G 4089 36.85 65.47 -32.31
C GLN G 4089 38.27 65.00 -31.98
N LYS G 4090 39.24 65.91 -32.05
CA LYS G 4090 40.62 65.55 -31.71
C LYS G 4090 40.73 65.11 -30.26
N ALA G 4091 40.09 65.86 -29.35
CA ALA G 4091 40.14 65.50 -27.93
C ALA G 4091 39.45 64.16 -27.68
N MET G 4092 38.28 63.96 -28.30
CA MET G 4092 37.56 62.70 -28.11
C MET G 4092 38.37 61.52 -28.61
N ASP G 4093 39.02 61.67 -29.77
CA ASP G 4093 39.85 60.60 -30.31
C ASP G 4093 41.08 60.37 -29.44
N SER G 4094 41.64 61.45 -28.89
CA SER G 4094 42.80 61.31 -28.00
C SER G 4094 42.46 60.56 -26.73
N GLN G 4095 41.28 60.82 -26.15
CA GLN G 4095 40.87 60.08 -24.96
C GLN G 4095 40.70 58.60 -25.24
N LYS G 4096 40.16 58.26 -26.41
CA LYS G 4096 40.03 56.87 -26.88
C LYS G 4096 39.08 56.06 -25.99
N GLN G 4097 37.86 56.57 -25.79
CA GLN G 4097 36.82 55.84 -25.09
C GLN G 4097 35.59 55.57 -25.94
N PHE G 4098 35.37 56.35 -26.99
CA PHE G 4098 34.23 56.19 -27.88
C PHE G 4098 34.67 55.71 -29.25
N THR G 4099 33.75 55.06 -29.95
CA THR G 4099 33.97 54.73 -31.34
C THR G 4099 33.66 55.94 -32.22
N GLY G 4100 34.00 55.81 -33.50
CA GLY G 4100 33.77 56.87 -34.46
C GLY G 4100 32.33 57.29 -34.59
N PRO G 4101 31.42 56.34 -34.83
CA PRO G 4101 30.00 56.68 -34.90
C PRO G 4101 29.47 57.35 -33.66
N GLU G 4102 29.95 56.96 -32.48
CA GLU G 4102 29.51 57.60 -31.24
C GLU G 4102 29.92 59.07 -31.22
N ILE G 4103 31.17 59.36 -31.59
CA ILE G 4103 31.63 60.74 -31.62
C ILE G 4103 30.85 61.54 -32.66
N GLN G 4104 30.55 60.92 -33.80
CA GLN G 4104 29.72 61.60 -34.80
C GLN G 4104 28.33 61.91 -34.26
N PHE G 4105 27.77 60.98 -33.46
CA PHE G 4105 26.47 61.21 -32.87
C PHE G 4105 26.51 62.35 -31.87
N LEU G 4106 27.56 62.42 -31.05
CA LEU G 4106 27.73 63.57 -30.16
C LEU G 4106 27.83 64.87 -30.95
N LEU G 4107 28.58 64.87 -32.05
CA LEU G 4107 28.68 66.06 -32.88
C LEU G 4107 27.32 66.46 -33.45
N SER G 4108 26.54 65.47 -33.88
CA SER G 4108 25.20 65.76 -34.38
C SER G 4108 24.30 66.34 -33.29
N CYS G 4109 24.40 65.82 -32.07
CA CYS G 4109 23.61 66.36 -30.97
C CYS G 4109 24.14 67.70 -30.47
N SER G 4110 25.38 68.05 -30.79
CA SER G 4110 25.93 69.32 -30.38
C SER G 4110 25.24 70.47 -31.11
N GLU G 4111 24.94 71.53 -30.37
CA GLU G 4111 24.27 72.70 -30.93
C GLU G 4111 25.29 73.75 -31.38
N ALA G 4112 26.13 73.33 -32.32
CA ALA G 4112 27.15 74.22 -32.86
C ALA G 4112 26.51 75.37 -33.62
N ASP G 4113 27.06 76.57 -33.44
CA ASP G 4113 26.53 77.75 -34.11
C ASP G 4113 27.09 77.84 -35.53
N GLU G 4114 26.85 78.99 -36.17
CA GLU G 4114 27.39 79.23 -37.50
C GLU G 4114 28.91 79.32 -37.51
N ASN G 4115 29.54 79.54 -36.36
CA ASN G 4115 30.99 79.60 -36.26
C ASN G 4115 31.62 78.29 -35.83
N GLU G 4116 30.86 77.20 -35.85
CA GLU G 4116 31.33 75.89 -35.41
C GLU G 4116 31.85 75.93 -33.98
N MET G 4117 31.21 76.75 -33.13
CA MET G 4117 31.63 76.93 -31.75
C MET G 4117 30.71 76.11 -30.84
N ILE G 4118 31.31 75.33 -29.94
CA ILE G 4118 30.56 74.42 -29.08
C ILE G 4118 30.70 74.86 -27.64
N ASP G 4119 29.56 75.00 -26.96
CA ASP G 4119 29.50 75.32 -25.54
C ASP G 4119 29.42 74.01 -24.76
N CYS G 4120 30.58 73.57 -24.27
CA CYS G 4120 30.64 72.28 -23.55
C CYS G 4120 29.90 72.33 -22.23
N GLU G 4121 29.93 73.48 -21.54
CA GLU G 4121 29.30 73.58 -20.22
C GLU G 4121 27.79 73.33 -20.32
N GLU G 4122 27.14 73.91 -21.32
CA GLU G 4122 25.71 73.68 -21.51
C GLU G 4122 25.45 72.29 -22.09
N PHE G 4123 26.35 71.81 -22.93
CA PHE G 4123 26.18 70.50 -23.56
C PHE G 4123 26.18 69.39 -22.53
N ALA G 4124 27.09 69.47 -21.55
CA ALA G 4124 27.21 68.39 -20.58
C ALA G 4124 25.99 68.28 -19.66
N ASN G 4125 25.38 69.41 -19.31
CA ASN G 4125 24.33 69.44 -18.30
C ASN G 4125 22.92 69.35 -18.88
N ARG G 4126 22.78 69.13 -20.19
CA ARG G 4126 21.45 69.18 -20.79
C ARG G 4126 20.58 68.02 -20.35
N PHE G 4127 21.14 66.82 -20.26
CA PHE G 4127 20.35 65.61 -20.02
C PHE G 4127 20.61 64.97 -18.65
N GLN G 4128 20.71 65.78 -17.59
CA GLN G 4128 21.07 65.24 -16.29
C GLN G 4128 19.85 64.68 -15.55
N GLU G 4129 18.89 65.55 -15.22
CA GLU G 4129 17.82 65.23 -14.29
C GLU G 4129 16.86 64.13 -14.77
N PRO G 4130 16.28 64.23 -15.98
CA PRO G 4130 15.33 63.19 -16.39
C PRO G 4130 16.00 61.85 -16.62
N ALA G 4131 17.18 61.85 -17.24
CA ALA G 4131 17.92 60.62 -17.41
C ALA G 4131 18.27 59.99 -16.07
N ARG G 4132 18.63 60.81 -15.07
CA ARG G 4132 18.83 60.30 -13.72
C ARG G 4132 17.58 59.62 -13.19
N ASP G 4133 16.43 60.30 -13.32
CA ASP G 4133 15.20 59.78 -12.73
C ASP G 4133 14.81 58.45 -13.35
N ILE G 4134 14.94 58.30 -14.67
CA ILE G 4134 14.57 57.04 -15.30
C ILE G 4134 15.64 55.97 -15.03
N GLY G 4135 16.91 56.36 -15.06
CA GLY G 4135 17.98 55.39 -14.91
C GLY G 4135 18.02 54.76 -13.53
N PHE G 4136 17.65 55.51 -12.50
CA PHE G 4136 17.62 54.92 -11.17
C PHE G 4136 16.63 53.76 -11.10
N ASN G 4137 15.44 53.95 -11.66
CA ASN G 4137 14.45 52.89 -11.68
C ASN G 4137 14.90 51.73 -12.55
N VAL G 4138 15.56 52.02 -13.68
CA VAL G 4138 16.06 50.95 -14.54
C VAL G 4138 17.08 50.10 -13.78
N ALA G 4139 17.99 50.75 -13.06
CA ALA G 4139 18.99 50.03 -12.28
C ALA G 4139 18.34 49.21 -11.17
N VAL G 4140 17.33 49.76 -10.51
CA VAL G 4140 16.63 49.02 -9.47
C VAL G 4140 16.01 47.75 -10.05
N LEU G 4141 15.35 47.89 -11.20
CA LEU G 4141 14.72 46.73 -11.84
C LEU G 4141 15.76 45.68 -12.20
N LEU G 4142 16.88 46.11 -12.78
CA LEU G 4142 17.92 45.15 -13.16
C LEU G 4142 18.49 44.44 -11.94
N THR G 4143 18.75 45.17 -10.87
CA THR G 4143 19.28 44.55 -9.66
C THR G 4143 18.30 43.53 -9.07
N ASN G 4144 17.02 43.89 -9.02
CA ASN G 4144 16.01 42.97 -8.49
C ASN G 4144 15.95 41.70 -9.32
N LEU G 4145 15.88 41.85 -10.65
CA LEU G 4145 15.81 40.67 -11.52
C LEU G 4145 17.06 39.81 -11.38
N SER G 4146 18.23 40.44 -11.28
CA SER G 4146 19.47 39.69 -11.11
C SER G 4146 19.46 38.89 -9.81
N GLU G 4147 19.02 39.51 -8.72
CA GLU G 4147 19.07 38.83 -7.43
C GLU G 4147 18.02 37.75 -7.29
N HIS G 4148 16.89 37.87 -8.00
CA HIS G 4148 15.83 36.88 -7.85
C HIS G 4148 15.85 35.79 -8.90
N VAL G 4149 16.63 35.93 -9.97
CA VAL G 4149 16.73 34.88 -10.98
C VAL G 4149 18.20 34.59 -11.26
N PRO G 4150 18.90 33.89 -10.38
CA PRO G 4150 20.31 33.58 -10.64
C PRO G 4150 20.46 32.48 -11.68
N HIS G 4151 21.69 32.36 -12.20
CA HIS G 4151 22.12 31.33 -13.14
C HIS G 4151 21.51 31.49 -14.53
N ASP G 4152 21.19 32.72 -14.95
CA ASP G 4152 20.71 32.95 -16.30
C ASP G 4152 21.73 33.79 -17.07
N PRO G 4153 22.36 33.25 -18.12
CA PRO G 4153 23.39 34.02 -18.83
C PRO G 4153 22.90 35.27 -19.54
N ARG G 4154 21.65 35.28 -20.02
CA ARG G 4154 21.14 36.44 -20.74
C ARG G 4154 21.00 37.66 -19.83
N LEU G 4155 20.47 37.46 -18.62
CA LEU G 4155 20.41 38.55 -17.66
C LEU G 4155 21.82 38.99 -17.27
N ARG G 4156 22.77 38.05 -17.23
CA ARG G 4156 24.16 38.40 -16.98
C ARG G 4156 24.72 39.31 -18.06
N ASN G 4157 24.40 39.01 -19.33
CA ASN G 4157 24.84 39.88 -20.42
C ASN G 4157 24.20 41.26 -20.30
N PHE G 4158 22.92 41.32 -19.98
CA PHE G 4158 22.25 42.61 -19.80
C PHE G 4158 22.90 43.40 -18.66
N LEU G 4159 23.25 42.73 -17.57
CA LEU G 4159 23.95 43.40 -16.47
C LEU G 4159 25.32 43.90 -16.91
N GLU G 4160 26.03 43.09 -17.71
CA GLU G 4160 27.35 43.50 -18.19
C GLU G 4160 27.26 44.74 -19.06
N LEU G 4161 26.19 44.86 -19.85
CA LEU G 4161 26.03 46.04 -20.69
C LEU G 4161 25.78 47.30 -19.87
N ALA G 4162 25.27 47.13 -18.65
CA ALA G 4162 24.89 48.27 -17.81
C ALA G 4162 25.82 48.49 -16.63
N GLU G 4163 27.12 48.27 -16.78
CA GLU G 4163 28.04 48.44 -15.66
C GLU G 4163 28.13 49.89 -15.20
N SER G 4164 28.15 50.84 -16.15
CA SER G 4164 28.34 52.24 -15.81
C SER G 4164 27.20 52.77 -14.95
N ILE G 4165 25.96 52.43 -15.31
CA ILE G 4165 24.81 52.94 -14.57
C ILE G 4165 24.83 52.41 -13.13
N LEU G 4166 25.09 51.12 -12.98
CA LEU G 4166 25.16 50.53 -11.64
C LEU G 4166 26.29 51.15 -10.82
N GLU G 4167 27.46 51.34 -11.44
CA GLU G 4167 28.58 51.95 -10.73
C GLU G 4167 28.24 53.37 -10.28
N TYR G 4168 27.56 54.14 -11.14
CA TYR G 4168 27.19 55.50 -10.77
C TYR G 4168 26.15 55.51 -9.65
N PHE G 4169 25.15 54.63 -9.72
CA PHE G 4169 24.04 54.69 -8.78
C PHE G 4169 24.24 53.83 -7.54
N ARG G 4170 25.38 53.15 -7.40
CA ARG G 4170 25.63 52.34 -6.21
C ARG G 4170 25.48 53.08 -4.89
N PRO G 4171 26.02 54.29 -4.69
CA PRO G 4171 25.88 54.93 -3.38
C PRO G 4171 24.46 55.29 -3.00
N TYR G 4172 23.54 55.37 -3.97
CA TYR G 4172 22.17 55.81 -3.69
C TYR G 4172 21.17 54.67 -3.58
N LEU G 4173 21.61 53.42 -3.64
CA LEU G 4173 20.71 52.28 -3.55
C LEU G 4173 20.68 51.77 -2.11
N GLY G 4174 19.53 51.87 -1.45
CA GLY G 4174 19.38 51.32 -0.12
C GLY G 4174 18.60 50.02 -0.15
N ARG G 4175 19.14 49.01 0.52
CA ARG G 4175 18.58 47.67 0.53
C ARG G 4175 18.36 47.23 1.97
N ILE G 4176 17.16 46.75 2.28
CA ILE G 4176 16.86 46.22 3.60
C ILE G 4176 16.07 44.93 3.45
N GLU G 4177 15.95 44.20 4.55
CA GLU G 4177 15.13 43.00 4.61
C GLU G 4177 14.12 43.14 5.73
N ILE G 4178 12.86 42.80 5.42
CA ILE G 4178 11.77 42.89 6.38
C ILE G 4178 11.09 41.54 6.50
N MET G 4179 10.26 41.42 7.54
CA MET G 4179 9.57 40.19 7.88
C MET G 4179 8.10 40.39 7.54
N GLY G 4180 7.65 39.79 6.44
CA GLY G 4180 6.32 40.06 5.93
C GLY G 4180 5.21 39.36 6.68
N ALA G 4181 3.98 39.73 6.33
CA ALA G 4181 2.81 39.10 6.93
C ALA G 4181 2.63 37.66 6.46
N SER G 4182 3.21 37.32 5.31
CA SER G 4182 3.15 35.98 4.74
C SER G 4182 4.09 35.00 5.43
N ARG G 4183 4.65 35.38 6.59
CA ARG G 4183 5.59 34.55 7.34
C ARG G 4183 6.84 34.23 6.53
N ARG G 4184 7.32 35.19 5.74
CA ARG G 4184 8.51 35.02 4.94
C ARG G 4184 9.31 36.31 4.94
N ILE G 4185 10.59 36.19 4.60
CA ILE G 4185 11.51 37.32 4.56
C ILE G 4185 11.48 37.94 3.16
N GLU G 4186 11.37 39.27 3.10
CA GLU G 4186 11.35 39.98 1.83
C GLU G 4186 12.47 41.01 1.80
N ARG G 4187 12.91 41.35 0.59
CA ARG G 4187 13.95 42.35 0.39
C ARG G 4187 13.35 43.57 -0.29
N ILE G 4188 13.73 44.76 0.18
CA ILE G 4188 13.15 46.03 -0.25
C ILE G 4188 14.27 46.95 -0.68
N TYR G 4189 14.09 47.59 -1.84
CA TYR G 4189 15.03 48.55 -2.39
C TYR G 4189 14.41 49.94 -2.39
N PHE G 4190 15.24 50.95 -2.16
CA PHE G 4190 14.75 52.33 -2.16
C PHE G 4190 15.92 53.27 -2.44
N GLU G 4191 15.61 54.56 -2.45
CA GLU G 4191 16.57 55.61 -2.78
C GLU G 4191 17.01 56.33 -1.53
N ILE G 4192 18.30 56.67 -1.47
CA ILE G 4192 18.87 57.46 -0.37
C ILE G 4192 19.26 58.82 -0.93
N SER G 4193 18.74 59.87 -0.33
CA SER G 4193 19.02 61.22 -0.81
C SER G 4193 20.44 61.64 -0.49
N GLU G 4194 20.97 62.54 -1.31
CA GLU G 4194 22.34 63.02 -1.12
C GLU G 4194 22.49 63.80 0.19
N THR G 4195 21.51 64.65 0.50
CA THR G 4195 21.59 65.48 1.70
C THR G 4195 21.62 64.62 2.96
N ASN G 4196 20.83 63.55 2.99
CA ASN G 4196 20.82 62.67 4.15
C ASN G 4196 22.18 62.02 4.37
N ARG G 4197 22.79 61.52 3.29
CA ARG G 4197 24.11 60.91 3.39
C ARG G 4197 25.15 61.93 3.84
N ALA G 4198 25.06 63.15 3.33
CA ALA G 4198 25.98 64.21 3.75
C ALA G 4198 25.83 64.52 5.23
N GLN G 4199 24.58 64.60 5.72
CA GLN G 4199 24.34 64.93 7.12
C GLN G 4199 24.70 63.79 8.05
N TRP G 4200 24.73 62.55 7.53
CA TRP G 4200 25.00 61.40 8.36
C TRP G 4200 26.40 61.41 8.98
N GLU G 4201 27.31 62.24 8.50
CA GLU G 4201 28.72 62.14 8.86
C GLU G 4201 29.18 63.21 9.85
N MET G 4202 28.26 63.92 10.50
CA MET G 4202 28.67 64.97 11.43
C MET G 4202 29.23 64.36 12.72
N PRO G 4203 30.14 65.07 13.39
CA PRO G 4203 30.77 64.49 14.60
C PRO G 4203 29.80 64.23 15.74
N GLN G 4204 28.81 65.10 15.96
CA GLN G 4204 27.90 64.89 17.09
C GLN G 4204 27.07 63.63 16.93
N VAL G 4205 26.65 63.31 15.71
CA VAL G 4205 25.94 62.05 15.51
C VAL G 4205 26.86 60.86 15.72
N LYS G 4206 28.16 61.02 15.44
CA LYS G 4206 29.11 59.97 15.75
C LYS G 4206 29.23 59.76 17.26
N GLU G 4207 29.27 60.84 18.02
CA GLU G 4207 29.28 60.73 19.48
C GLU G 4207 28.01 60.07 19.98
N SER G 4208 26.87 60.43 19.40
CA SER G 4208 25.60 59.80 19.78
C SER G 4208 25.60 58.31 19.47
N LYS G 4209 26.15 57.92 18.32
CA LYS G 4209 26.26 56.51 17.98
C LYS G 4209 27.14 55.77 18.97
N ARG G 4210 28.27 56.38 19.35
CA ARG G 4210 29.14 55.75 20.34
C ARG G 4210 28.43 55.59 21.68
N GLN G 4211 27.69 56.61 22.10
CA GLN G 4211 26.99 56.53 23.38
C GLN G 4211 25.91 55.47 23.32
N PHE G 4212 25.21 55.35 22.19
CA PHE G 4212 24.20 54.32 22.02
C PHE G 4212 24.82 52.92 22.09
N ILE G 4213 25.96 52.74 21.42
CA ILE G 4213 26.67 51.47 21.51
C ILE G 4213 27.05 51.18 22.95
N PHE G 4214 27.41 52.22 23.69
CA PHE G 4214 27.75 52.06 25.11
C PHE G 4214 26.56 51.53 25.91
N ASP G 4215 25.40 52.20 25.81
CA ASP G 4215 24.37 51.92 26.80
C ASP G 4215 23.35 50.87 26.36
N VAL G 4216 23.30 50.53 25.06
CA VAL G 4216 22.23 49.66 24.58
C VAL G 4216 22.35 48.26 25.19
N VAL G 4217 23.57 47.78 25.40
CA VAL G 4217 23.75 46.43 25.91
C VAL G 4217 24.15 46.41 27.38
N ASN G 4218 24.60 47.55 27.92
CA ASN G 4218 25.05 47.58 29.31
C ASN G 4218 23.93 47.33 30.30
N GLU G 4219 22.74 47.89 30.06
CA GLU G 4219 21.64 47.76 31.01
C GLU G 4219 20.35 47.31 30.33
N GLY G 4220 20.21 47.60 29.05
CA GLY G 4220 18.98 47.30 28.35
C GLY G 4220 18.74 45.79 28.24
N GLY G 4221 17.46 45.42 28.35
CA GLY G 4221 17.10 44.02 28.20
C GLY G 4221 16.98 43.61 26.74
N GLU G 4222 17.01 42.30 26.51
CA GLU G 4222 16.94 41.79 25.14
C GLU G 4222 15.56 41.98 24.53
N SER G 4223 14.51 42.04 25.36
CA SER G 4223 13.15 42.15 24.84
C SER G 4223 12.86 43.52 24.24
N GLU G 4224 13.50 44.57 24.73
CA GLU G 4224 13.23 45.93 24.27
C GLU G 4224 14.34 46.51 23.42
N LYS G 4225 15.32 45.70 23.01
CA LYS G 4225 16.48 46.22 22.30
C LYS G 4225 16.08 46.98 21.05
N MET G 4226 15.10 46.46 20.30
CA MET G 4226 14.63 47.17 19.11
C MET G 4226 14.02 48.51 19.49
N GLU G 4227 13.17 48.54 20.52
CA GLU G 4227 12.46 49.76 20.86
C GLU G 4227 13.43 50.92 21.09
N LEU G 4228 14.43 50.71 21.96
CA LEU G 4228 15.44 51.73 22.19
C LEU G 4228 16.02 52.21 20.86
N PHE G 4229 16.41 51.27 20.00
CA PHE G 4229 16.97 51.65 18.71
C PHE G 4229 16.05 52.60 17.97
N VAL G 4230 14.75 52.25 17.90
CA VAL G 4230 13.80 53.12 17.21
C VAL G 4230 13.82 54.51 17.81
N SER G 4231 13.79 54.59 19.14
CA SER G 4231 13.83 55.90 19.79
C SER G 4231 15.08 56.65 19.37
N PHE G 4232 16.22 55.97 19.35
CA PHE G 4232 17.46 56.61 18.89
C PHE G 4232 17.27 57.19 17.50
N CYS G 4233 16.69 56.39 16.59
CA CYS G 4233 16.51 56.85 15.22
C CYS G 4233 15.69 58.14 15.18
N GLU G 4234 14.75 58.30 16.11
CA GLU G 4234 14.01 59.55 16.16
C GLU G 4234 14.92 60.71 16.56
N ASP G 4235 15.64 60.55 17.67
CA ASP G 4235 16.39 61.67 18.23
C ASP G 4235 17.42 62.20 17.23
N THR G 4236 18.21 61.29 16.65
CA THR G 4236 19.20 61.69 15.65
C THR G 4236 18.57 62.55 14.57
N ILE G 4237 17.38 62.18 14.10
CA ILE G 4237 16.73 62.96 13.04
C ILE G 4237 16.58 64.40 13.48
N PHE G 4238 16.03 64.61 14.68
CA PHE G 4238 15.87 65.97 15.18
C PHE G 4238 17.22 66.68 15.22
N GLU G 4239 18.25 66.00 15.74
CA GLU G 4239 19.57 66.60 15.78
C GLU G 4239 19.98 67.07 14.38
N MET G 4240 19.86 66.20 13.39
CA MET G 4240 20.27 66.58 12.04
C MET G 4240 19.51 67.82 11.58
N GLN G 4241 18.22 67.90 11.90
CA GLN G 4241 17.44 69.05 11.50
C GLN G 4241 18.03 70.33 12.08
N ILE G 4242 18.35 70.32 13.37
CA ILE G 4242 18.95 71.52 13.96
C ILE G 4242 20.36 71.71 13.43
N ALA G 4243 21.02 70.62 13.05
CA ALA G 4243 22.32 70.75 12.40
C ALA G 4243 22.21 71.48 11.08
N ALA G 4244 21.05 71.43 10.45
CA ALA G 4244 20.84 72.19 9.22
C ALA G 4244 20.77 73.69 9.47
N GLN G 4245 20.58 74.10 10.73
CA GLN G 4245 20.53 75.53 11.04
C GLN G 4245 21.89 76.19 10.98
N ILE G 4246 22.98 75.43 10.89
CA ILE G 4246 24.32 76.00 10.84
C ILE G 4246 25.01 75.60 9.54
N LEU G 4542 23.48 94.17 13.69
CA LEU G 4542 24.50 93.56 14.53
C LEU G 4542 24.09 92.16 14.98
N GLU G 4543 22.81 91.84 14.79
CA GLU G 4543 22.30 90.53 15.16
C GLU G 4543 22.95 89.42 14.33
N VAL G 4544 23.34 89.73 13.10
CA VAL G 4544 24.02 88.74 12.26
C VAL G 4544 25.34 88.32 12.89
N GLN G 4545 26.10 89.29 13.42
CA GLN G 4545 27.36 88.97 14.08
C GLN G 4545 27.13 88.08 15.29
N ARG G 4546 26.10 88.38 16.09
CA ARG G 4546 25.79 87.56 17.25
C ARG G 4546 25.40 86.15 16.86
N VAL G 4547 24.60 86.01 15.79
CA VAL G 4547 24.18 84.68 15.34
C VAL G 4547 25.39 83.89 14.86
N LYS G 4548 26.29 84.54 14.10
CA LYS G 4548 27.49 83.86 13.64
C LYS G 4548 28.37 83.44 14.80
N PHE G 4549 28.51 84.32 15.81
CA PHE G 4549 29.30 83.98 16.99
C PHE G 4549 28.72 82.77 17.73
N LEU G 4550 27.40 82.75 17.89
CA LEU G 4550 26.76 81.63 18.58
C LEU G 4550 26.92 80.34 17.79
N ASN G 4551 26.79 80.41 16.46
CA ASN G 4551 26.98 79.21 15.65
C ASN G 4551 28.41 78.70 15.74
N TYR G 4552 29.38 79.62 15.71
CA TYR G 4552 30.77 79.21 15.84
C TYR G 4552 31.04 78.57 17.19
N LEU G 4553 30.45 79.12 18.26
CA LEU G 4553 30.60 78.52 19.58
C LEU G 4553 29.99 77.13 19.60
N SER G 4554 28.80 76.96 19.02
CA SER G 4554 28.12 75.68 19.04
C SER G 4554 28.87 74.64 18.23
N ARG G 4555 29.63 75.07 17.21
CA ARG G 4555 30.30 74.11 16.34
C ARG G 4555 31.52 73.46 16.99
N ASN G 4556 32.12 74.12 17.99
CA ASN G 4556 33.40 73.67 18.54
C ASN G 4556 33.35 73.39 20.04
N PHE G 4557 32.24 72.81 20.52
CA PHE G 4557 32.06 72.55 21.94
C PHE G 4557 33.13 71.59 22.47
N TYR G 4558 33.36 70.49 21.76
CA TYR G 4558 34.32 69.49 22.25
C TYR G 4558 35.75 69.99 22.16
N THR G 4559 36.06 70.80 21.14
CA THR G 4559 37.37 71.43 21.07
C THR G 4559 37.59 72.37 22.25
N LEU G 4560 36.55 73.15 22.60
CA LEU G 4560 36.66 74.01 23.78
C LEU G 4560 36.90 73.19 25.05
N ARG G 4561 36.21 72.04 25.16
CA ARG G 4561 36.41 71.17 26.31
C ARG G 4561 37.84 70.65 26.37
N PHE G 4562 38.38 70.23 25.22
CA PHE G 4562 39.77 69.78 25.16
C PHE G 4562 40.72 70.89 25.62
N LEU G 4563 40.51 72.11 25.14
CA LEU G 4563 41.36 73.22 25.53
C LEU G 4563 41.28 73.50 27.02
N ALA G 4564 40.06 73.44 27.58
CA ALA G 4564 39.90 73.66 29.00
C ALA G 4564 40.67 72.62 29.81
N LEU G 4565 40.56 71.35 29.43
CA LEU G 4565 41.30 70.31 30.15
C LEU G 4565 42.80 70.52 30.02
N PHE G 4566 43.28 70.90 28.84
CA PHE G 4566 44.71 71.12 28.66
C PHE G 4566 45.20 72.26 29.55
N LEU G 4567 44.45 73.37 29.61
CA LEU G 4567 44.85 74.48 30.47
C LEU G 4567 44.84 74.07 31.94
N ALA G 4568 43.83 73.31 32.35
CA ALA G 4568 43.78 72.84 33.74
C ALA G 4568 44.98 71.97 34.06
N PHE G 4569 45.36 71.09 33.14
CA PHE G 4569 46.55 70.27 33.35
C PHE G 4569 47.81 71.13 33.42
N ALA G 4570 47.88 72.19 32.60
CA ALA G 4570 49.08 73.02 32.58
C ALA G 4570 49.23 73.83 33.87
N ILE G 4571 48.12 74.21 34.49
CA ILE G 4571 48.17 75.05 35.69
C ILE G 4571 48.91 74.34 36.83
N ASN G 4572 48.58 73.07 37.05
CA ASN G 4572 49.10 72.37 38.24
C ASN G 4572 50.60 72.14 38.18
N PHE G 4573 51.16 71.98 36.98
CA PHE G 4573 52.61 71.84 36.87
C PHE G 4573 53.33 73.07 37.38
N ILE G 4574 52.81 74.26 37.04
CA ILE G 4574 53.35 75.50 37.59
C ILE G 4574 53.09 75.58 39.09
N LEU G 4575 51.90 75.15 39.52
CA LEU G 4575 51.59 75.13 40.94
C LEU G 4575 52.58 74.28 41.74
N LEU G 4576 53.16 73.26 41.13
CA LEU G 4576 54.09 72.37 41.83
C LEU G 4576 55.39 73.05 42.27
N PHE G 4577 55.56 74.35 41.99
CA PHE G 4577 56.79 75.06 42.33
C PHE G 4577 56.62 76.04 43.49
N TYR G 4578 55.53 75.94 44.24
CA TYR G 4578 55.29 76.90 45.31
C TYR G 4578 56.26 76.71 46.47
N LYS G 4579 56.35 77.74 47.31
CA LYS G 4579 57.22 77.73 48.46
C LYS G 4579 56.67 78.68 49.51
N VAL G 4580 57.00 78.40 50.77
CA VAL G 4580 56.53 79.21 51.89
C VAL G 4580 57.73 79.75 52.64
N SER G 4581 57.53 80.91 53.29
CA SER G 4581 58.58 81.51 54.10
C SER G 4581 57.94 82.42 55.14
N ASP G 4582 58.68 82.67 56.22
CA ASP G 4582 58.22 83.56 57.29
C ASP G 4582 58.48 85.03 56.97
N SER G 4583 59.61 85.33 56.36
CA SER G 4583 59.93 86.69 55.96
C SER G 4583 59.27 87.03 54.63
N PRO G 4584 59.08 88.32 54.35
CA PRO G 4584 58.56 88.72 53.03
C PRO G 4584 59.51 88.31 51.93
N PRO G 4585 58.99 88.05 50.72
CA PRO G 4585 59.87 87.60 49.64
C PRO G 4585 60.96 88.61 49.31
N GLY G 4586 62.13 88.10 48.98
CA GLY G 4586 63.28 88.93 48.67
C GLY G 4586 63.15 89.71 47.39
N ASN G 4624 52.67 86.25 59.85
CA ASN G 4624 51.90 85.61 58.79
C ASN G 4624 52.83 85.00 57.74
N MET G 4625 52.46 83.82 57.24
CA MET G 4625 53.27 83.13 56.26
C MET G 4625 53.13 83.79 54.88
N VAL G 4626 54.18 83.65 54.08
CA VAL G 4626 54.21 84.19 52.73
C VAL G 4626 54.43 83.06 51.73
N TYR G 4627 53.56 83.00 50.73
CA TYR G 4627 53.65 82.01 49.66
C TYR G 4627 54.18 82.68 48.40
N TYR G 4628 55.11 82.02 47.72
CA TYR G 4628 55.72 82.58 46.52
C TYR G 4628 56.36 81.47 45.71
N PHE G 4629 57.16 81.85 44.72
CA PHE G 4629 57.75 80.93 43.77
C PHE G 4629 59.26 80.84 43.95
N LEU G 4630 59.84 79.74 43.46
CA LEU G 4630 61.27 79.52 43.49
C LEU G 4630 61.82 79.20 42.10
N GLU G 4631 61.21 79.76 41.06
CA GLU G 4631 61.65 79.48 39.70
C GLU G 4631 63.01 80.11 39.42
N GLU G 4632 63.86 79.37 38.72
CA GLU G 4632 65.19 79.88 38.37
C GLU G 4632 65.11 81.02 37.37
N SER G 4633 64.33 80.85 36.30
CA SER G 4633 64.11 81.90 35.31
C SER G 4633 63.17 82.92 35.93
N THR G 4634 63.75 84.01 36.44
CA THR G 4634 62.99 85.02 37.17
C THR G 4634 61.92 85.64 36.29
N GLY G 4635 60.70 85.72 36.82
CA GLY G 4635 59.59 86.35 36.13
C GLY G 4635 58.98 85.54 35.01
N TYR G 4636 59.40 84.29 34.81
CA TYR G 4636 58.88 83.51 33.70
C TYR G 4636 57.50 82.93 34.01
N MET G 4637 57.26 82.54 35.26
CA MET G 4637 56.07 81.79 35.62
C MET G 4637 54.98 82.66 36.26
N GLU G 4638 55.37 83.74 36.92
CA GLU G 4638 54.41 84.56 37.65
C GLU G 4638 53.33 85.16 36.75
N PRO G 4639 53.65 85.77 35.59
CA PRO G 4639 52.56 86.24 34.71
C PRO G 4639 51.91 85.15 33.89
N ALA G 4640 52.64 84.06 33.62
CA ALA G 4640 52.05 82.93 32.90
C ALA G 4640 50.90 82.33 33.70
N LEU G 4641 51.06 82.27 35.03
CA LEU G 4641 49.97 81.79 35.88
C LEU G 4641 48.70 82.62 35.68
N ARG G 4642 48.83 83.94 35.73
CA ARG G 4642 47.67 84.82 35.55
C ARG G 4642 47.04 84.65 34.18
N CYS G 4643 47.87 84.60 33.13
CA CYS G 4643 47.35 84.46 31.78
C CYS G 4643 46.58 83.15 31.63
N LEU G 4644 47.15 82.04 32.12
CA LEU G 4644 46.50 80.75 31.98
C LEU G 4644 45.21 80.68 32.80
N SER G 4645 45.19 81.29 33.99
CA SER G 4645 43.97 81.30 34.78
C SER G 4645 42.85 82.08 34.07
N LEU G 4646 43.18 83.25 33.52
CA LEU G 4646 42.18 84.01 32.78
C LEU G 4646 41.65 83.23 31.58
N LEU G 4647 42.56 82.58 30.84
CA LEU G 4647 42.14 81.78 29.70
C LEU G 4647 41.23 80.64 30.13
N HIS G 4648 41.56 79.99 31.24
CA HIS G 4648 40.74 78.89 31.74
C HIS G 4648 39.33 79.35 32.07
N THR G 4649 39.22 80.49 32.77
CA THR G 4649 37.90 81.00 33.11
C THR G 4649 37.09 81.34 31.85
N LEU G 4650 37.74 81.99 30.88
CA LEU G 4650 37.04 82.34 29.65
C LEU G 4650 36.56 81.10 28.91
N VAL G 4651 37.40 80.07 28.86
CA VAL G 4651 37.02 78.84 28.16
C VAL G 4651 35.86 78.17 28.86
N ALA G 4652 35.85 78.20 30.20
CA ALA G 4652 34.71 77.63 30.93
C ALA G 4652 33.41 78.35 30.59
N PHE G 4653 33.46 79.69 30.55
CA PHE G 4653 32.27 80.45 30.16
C PHE G 4653 31.81 80.08 28.75
N LEU G 4654 32.75 80.00 27.81
CA LEU G 4654 32.39 79.65 26.44
C LEU G 4654 31.79 78.25 26.35
N CYS G 4655 32.32 77.31 27.14
CA CYS G 4655 31.77 75.95 27.15
C CYS G 4655 30.34 75.95 27.66
N ILE G 4656 30.06 76.73 28.72
CA ILE G 4656 28.69 76.81 29.22
C ILE G 4656 27.75 77.36 28.15
N ILE G 4657 28.19 78.43 27.48
CA ILE G 4657 27.34 79.03 26.44
C ILE G 4657 27.09 78.04 25.30
N GLY G 4658 28.14 77.33 24.87
CA GLY G 4658 27.98 76.37 23.80
C GLY G 4658 27.04 75.23 24.16
N TYR G 4659 27.17 74.69 25.38
CA TYR G 4659 26.27 73.63 25.79
C TYR G 4659 24.84 74.12 25.87
N ASN G 4660 24.63 75.35 26.33
CA ASN G 4660 23.27 75.91 26.32
C ASN G 4660 22.74 76.01 24.90
N CYS G 4661 23.59 76.39 23.94
CA CYS G 4661 23.12 76.60 22.58
C CYS G 4661 22.99 75.30 21.79
N LEU G 4662 23.54 74.18 22.29
CA LEU G 4662 23.56 72.96 21.49
C LEU G 4662 22.63 71.86 22.01
N LYS G 4663 22.76 71.45 23.26
CA LYS G 4663 22.15 70.21 23.73
C LYS G 4663 20.81 70.39 24.43
N VAL G 4664 20.46 71.61 24.83
CA VAL G 4664 19.18 71.82 25.53
C VAL G 4664 17.97 71.42 24.69
N PRO G 4665 17.87 71.79 23.41
CA PRO G 4665 16.67 71.41 22.65
C PRO G 4665 16.44 69.91 22.59
N LEU G 4666 17.51 69.11 22.54
CA LEU G 4666 17.33 67.66 22.54
C LEU G 4666 16.70 67.18 23.86
N VAL G 4667 17.14 67.75 24.98
CA VAL G 4667 16.55 67.38 26.27
C VAL G 4667 15.07 67.75 26.30
N ILE G 4668 14.74 68.95 25.84
CA ILE G 4668 13.34 69.38 25.82
C ILE G 4668 12.52 68.46 24.92
N PHE G 4669 13.08 68.10 23.77
CA PHE G 4669 12.41 67.21 22.83
C PHE G 4669 12.12 65.85 23.47
N LYS G 4670 13.12 65.27 24.14
CA LYS G 4670 12.91 63.97 24.77
C LYS G 4670 11.87 64.05 25.89
N ARG G 4671 11.92 65.11 26.70
CA ARG G 4671 10.94 65.27 27.77
C ARG G 4671 9.53 65.36 27.21
N GLU G 4672 9.33 66.20 26.19
CA GLU G 4672 8.01 66.34 25.59
C GLU G 4672 7.54 65.04 24.95
N LYS G 4673 8.44 64.33 24.27
CA LYS G 4673 8.08 63.07 23.64
C LYS G 4673 7.62 62.06 24.68
N GLU G 4674 8.38 61.90 25.76
CA GLU G 4674 8.00 60.95 26.80
C GLU G 4674 6.66 61.33 27.41
N LEU G 4675 6.47 62.61 27.74
CA LEU G 4675 5.22 63.03 28.36
C LEU G 4675 4.03 62.76 27.44
N ALA G 4676 4.15 63.13 26.17
CA ALA G 4676 3.04 62.95 25.24
C ALA G 4676 2.73 61.47 25.03
N ARG G 4677 3.77 60.64 24.87
CA ARG G 4677 3.55 59.21 24.67
C ARG G 4677 2.86 58.59 25.86
N LYS G 4678 3.36 58.87 27.06
CA LYS G 4678 2.75 58.30 28.26
C LYS G 4678 1.30 58.78 28.43
N LEU G 4679 1.06 60.07 28.23
CA LEU G 4679 -0.28 60.60 28.41
C LEU G 4679 -1.26 60.00 27.41
N GLU G 4680 -0.85 59.83 26.15
CA GLU G 4680 -1.76 59.28 25.15
C GLU G 4680 -2.02 57.80 25.40
N PHE G 4681 -0.96 57.02 25.61
CA PHE G 4681 -1.13 55.57 25.65
C PHE G 4681 -1.66 55.06 26.99
N ASP G 4682 -1.35 55.74 28.10
CA ASP G 4682 -1.78 55.25 29.40
C ASP G 4682 -2.72 56.19 30.14
N GLY G 4683 -2.87 57.44 29.71
CA GLY G 4683 -3.74 58.36 30.41
C GLY G 4683 -3.37 58.56 31.86
N LEU G 4684 -2.08 58.79 32.14
CA LEU G 4684 -1.61 58.82 33.52
C LEU G 4684 -2.19 59.99 34.30
N TYR G 4685 -2.65 61.05 33.62
CA TYR G 4685 -3.37 62.13 34.27
C TYR G 4685 -4.88 62.03 34.11
N ILE G 4686 -5.36 60.94 33.50
CA ILE G 4686 -6.79 60.75 33.25
C ILE G 4686 -7.37 59.62 34.10
N THR G 4687 -6.86 58.40 33.91
CA THR G 4687 -7.35 57.25 34.67
C THR G 4687 -6.53 57.04 35.94
N GLU G 4688 -5.22 56.83 35.78
CA GLU G 4688 -4.33 56.63 36.92
C GLU G 4688 -3.90 57.99 37.45
N GLN G 4689 -2.98 58.00 38.42
CA GLN G 4689 -2.43 59.22 38.96
C GLN G 4689 -0.95 58.98 39.27
N PRO G 4690 -0.12 60.02 39.18
CA PRO G 4690 1.30 59.85 39.52
C PRO G 4690 1.50 59.59 41.01
N GLU G 4691 2.54 58.83 41.31
CA GLU G 4691 2.88 58.56 42.70
C GLU G 4691 3.36 59.83 43.39
N ASP G 4692 3.14 59.88 44.72
CA ASP G 4692 3.56 61.05 45.48
C ASP G 4692 5.08 61.21 45.52
N ASP G 4693 5.83 60.13 45.38
CA ASP G 4693 7.29 60.21 45.41
C ASP G 4693 7.89 60.59 44.07
N ASP G 4694 7.11 60.55 42.99
CA ASP G 4694 7.61 60.85 41.65
C ASP G 4694 7.47 62.34 41.40
N VAL G 4695 8.53 63.09 41.72
CA VAL G 4695 8.55 64.52 41.48
C VAL G 4695 8.51 64.85 40.00
N LYS G 4696 8.91 63.90 39.16
CA LYS G 4696 8.91 64.11 37.71
C LYS G 4696 7.52 64.49 37.21
N GLY G 4697 6.55 63.60 37.41
CA GLY G 4697 5.19 63.89 36.97
C GLY G 4697 4.56 65.07 37.68
N GLN G 4698 4.88 65.24 38.97
CA GLN G 4698 4.32 66.37 39.72
C GLN G 4698 4.77 67.70 39.11
N TRP G 4699 6.03 67.80 38.72
CA TRP G 4699 6.50 69.01 38.04
C TRP G 4699 5.93 69.11 36.64
N ASP G 4700 5.82 67.98 35.94
CA ASP G 4700 5.31 67.99 34.56
C ASP G 4700 3.84 68.40 34.50
N ARG G 4701 3.11 68.21 35.61
CA ARG G 4701 1.68 68.55 35.61
C ARG G 4701 1.41 70.01 35.31
N LEU G 4702 2.40 70.89 35.50
CA LEU G 4702 2.18 72.32 35.27
C LEU G 4702 1.99 72.65 33.80
N VAL G 4703 2.61 71.87 32.90
CA VAL G 4703 2.68 72.26 31.50
C VAL G 4703 1.45 71.84 30.69
N LEU G 4704 0.56 71.02 31.27
CA LEU G 4704 -0.58 70.52 30.51
C LEU G 4704 -1.51 71.64 30.06
N ASN G 4705 -1.65 72.69 30.88
CA ASN G 4705 -2.54 73.80 30.52
C ASN G 4705 -1.92 74.70 29.46
N THR G 4706 -0.63 74.59 29.21
CA THR G 4706 0.08 75.55 28.37
C THR G 4706 -0.47 75.54 26.94
N PRO G 4707 -0.77 76.70 26.36
CA PRO G 4707 -1.22 76.73 24.96
C PRO G 4707 -0.19 76.20 23.97
N SER G 4708 1.09 76.36 24.27
CA SER G 4708 2.16 76.01 23.35
C SER G 4708 2.95 74.79 23.83
N PHE G 4709 2.25 73.79 24.35
CA PHE G 4709 2.87 72.62 24.98
C PHE G 4709 3.81 71.87 24.02
N PRO G 4710 3.36 71.47 22.81
CA PRO G 4710 4.32 70.73 21.97
C PRO G 4710 5.18 71.64 21.10
N SER G 4711 6.11 72.34 21.73
CA SER G 4711 6.94 73.31 21.00
C SER G 4711 7.98 72.61 20.14
N ASN G 4712 8.64 71.58 20.66
CA ASN G 4712 9.68 70.88 19.93
C ASN G 4712 9.23 69.56 19.35
N TYR G 4713 8.36 68.83 20.04
CA TYR G 4713 7.81 67.60 19.50
C TYR G 4713 6.99 67.88 18.24
N TRP G 4714 7.12 66.99 17.25
CA TRP G 4714 6.48 67.25 15.97
C TRP G 4714 4.96 67.12 16.03
N ASP G 4715 4.45 66.18 16.82
CA ASP G 4715 3.02 65.87 16.84
C ASP G 4715 2.29 66.97 17.58
N LYS G 4716 1.70 67.89 16.80
CA LYS G 4716 0.95 68.99 17.36
C LYS G 4716 -0.55 68.73 17.40
N PHE G 4717 -0.97 67.46 17.42
CA PHE G 4717 -2.37 67.09 17.58
C PHE G 4717 -2.57 66.06 18.68
N VAL G 4718 -1.66 65.98 19.63
CA VAL G 4718 -1.76 64.96 20.68
C VAL G 4718 -2.96 65.24 21.58
N LYS G 4719 -3.21 66.52 21.88
CA LYS G 4719 -4.35 66.87 22.72
C LYS G 4719 -5.67 66.50 22.06
N ARG G 4720 -5.79 66.75 20.75
CA ARG G 4720 -7.02 66.42 20.04
C ARG G 4720 -7.30 64.92 20.10
N LYS G 4721 -6.28 64.11 19.80
CA LYS G 4721 -6.49 62.67 19.75
C LYS G 4721 -6.69 62.07 21.14
N VAL G 4722 -6.03 62.61 22.16
CA VAL G 4722 -6.26 62.10 23.51
C VAL G 4722 -7.66 62.48 23.99
N LEU G 4723 -8.14 63.67 23.61
CA LEU G 4723 -9.52 64.04 23.90
C LEU G 4723 -10.50 63.09 23.22
N ASP G 4724 -10.23 62.78 21.95
CA ASP G 4724 -11.11 61.86 21.22
C ASP G 4724 -11.11 60.48 21.85
N LYS G 4725 -9.94 59.99 22.27
CA LYS G 4725 -9.84 58.64 22.80
C LYS G 4725 -10.47 58.54 24.19
N HIS G 4726 -10.17 59.48 25.08
CA HIS G 4726 -10.60 59.38 26.47
C HIS G 4726 -11.80 60.26 26.81
N GLY G 4727 -12.40 60.91 25.82
CA GLY G 4727 -13.55 61.76 26.07
C GLY G 4727 -14.89 61.06 26.11
N ASP G 4728 -14.92 59.75 25.86
CA ASP G 4728 -16.20 59.03 25.82
C ASP G 4728 -16.67 58.64 27.22
N ILE G 4729 -15.87 57.83 27.92
CA ILE G 4729 -16.26 57.30 29.21
C ILE G 4729 -16.08 58.34 30.30
N TYR G 4730 -15.53 59.50 29.94
CA TYR G 4730 -15.25 60.55 30.89
C TYR G 4730 -15.78 61.87 30.36
N GLY G 4731 -16.06 62.79 31.28
CA GLY G 4731 -16.67 64.06 30.91
C GLY G 4731 -15.78 64.86 29.97
N ARG G 4732 -16.35 65.31 28.85
CA ARG G 4732 -15.58 66.06 27.87
C ARG G 4732 -15.19 67.44 28.39
N GLU G 4733 -16.10 68.09 29.12
CA GLU G 4733 -15.84 69.47 29.55
C GLU G 4733 -14.64 69.53 30.51
N ARG G 4734 -14.57 68.61 31.46
CA ARG G 4734 -13.46 68.62 32.41
C ARG G 4734 -12.15 68.23 31.72
N ILE G 4735 -12.23 67.34 30.72
CA ILE G 4735 -11.05 67.01 29.93
C ILE G 4735 -10.54 68.25 29.19
N ALA G 4736 -11.44 69.01 28.58
CA ALA G 4736 -11.05 70.23 27.88
C ALA G 4736 -10.46 71.24 28.86
N GLU G 4737 -11.03 71.33 30.06
CA GLU G 4737 -10.47 72.22 31.08
C GLU G 4737 -9.07 71.78 31.49
N LEU G 4738 -8.85 70.47 31.58
CA LEU G 4738 -7.54 69.95 31.99
C LEU G 4738 -6.47 70.30 30.96
N LEU G 4739 -6.78 70.15 29.67
CA LEU G 4739 -5.85 70.48 28.61
C LEU G 4739 -5.87 71.95 28.22
N GLY G 4740 -6.84 72.71 28.70
CA GLY G 4740 -6.91 74.13 28.40
C GLY G 4740 -7.11 74.44 26.94
N MET G 4741 -8.03 73.74 26.28
CA MET G 4741 -8.32 73.95 24.86
C MET G 4741 -9.75 74.43 24.70
N ASP G 4742 -9.98 75.24 23.67
CA ASP G 4742 -11.30 75.81 23.40
C ASP G 4742 -12.18 74.74 22.77
N LEU G 4743 -13.19 74.28 23.51
CA LEU G 4743 -14.09 73.25 23.04
C LEU G 4743 -15.00 73.72 21.92
N ALA G 4744 -15.12 75.04 21.70
CA ALA G 4744 -16.01 75.57 20.69
C ALA G 4744 -15.38 75.66 19.30
N THR G 4745 -14.13 75.25 19.14
CA THR G 4745 -13.44 75.33 17.86
C THR G 4745 -13.34 73.94 17.23
N LEU G 4746 -13.57 73.88 15.92
CA LEU G 4746 -13.50 72.62 15.18
C LEU G 4746 -13.04 72.92 13.77
N GLU G 4747 -12.58 71.86 13.09
CA GLU G 4747 -12.08 71.99 11.72
C GLU G 4747 -13.24 72.30 10.78
N ILE G 4748 -13.22 73.49 10.18
CA ILE G 4748 -14.27 73.91 9.26
C ILE G 4748 -13.74 75.09 8.45
N THR G 4749 -14.17 75.16 7.20
CA THR G 4749 -13.79 76.24 6.29
C THR G 4749 -12.27 76.39 6.16
N SER G 4768 2.05 87.41 25.68
CA SER G 4768 2.76 87.17 24.44
C SER G 4768 4.06 86.42 24.68
N ILE G 4769 4.25 85.96 25.92
CA ILE G 4769 5.49 85.29 26.31
C ILE G 4769 5.18 83.90 26.83
N ASP G 4770 3.97 83.73 27.38
CA ASP G 4770 3.52 82.43 27.93
C ASP G 4770 4.47 81.95 29.02
N VAL G 4771 4.48 82.71 30.11
CA VAL G 4771 5.50 82.58 31.15
C VAL G 4771 5.47 81.20 31.80
N LYS G 4772 4.31 80.53 31.80
CA LYS G 4772 4.24 79.20 32.43
C LYS G 4772 5.15 78.21 31.72
N TYR G 4773 5.16 78.25 30.37
CA TYR G 4773 6.04 77.37 29.62
C TYR G 4773 7.51 77.67 29.91
N GLN G 4774 7.86 78.95 30.02
CA GLN G 4774 9.24 79.31 30.35
C GLN G 4774 9.63 78.82 31.74
N ILE G 4775 8.70 78.91 32.70
CA ILE G 4775 8.98 78.41 34.04
C ILE G 4775 9.22 76.91 34.01
N TRP G 4776 8.37 76.18 33.29
CA TRP G 4776 8.55 74.74 33.17
C TRP G 4776 9.87 74.39 32.51
N LYS G 4777 10.23 75.14 31.45
CA LYS G 4777 11.47 74.88 30.75
C LYS G 4777 12.68 75.12 31.65
N PHE G 4778 12.66 76.21 32.41
CA PHE G 4778 13.78 76.47 33.32
C PHE G 4778 13.85 75.42 34.41
N GLY G 4779 12.69 74.98 34.92
CA GLY G 4779 12.69 73.95 35.94
C GLY G 4779 13.26 72.63 35.44
N VAL G 4780 12.91 72.24 34.21
CA VAL G 4780 13.41 70.99 33.68
C VAL G 4780 14.88 71.13 33.27
N ILE G 4781 15.31 72.34 32.91
CA ILE G 4781 16.71 72.56 32.54
C ILE G 4781 17.60 72.47 33.78
N PHE G 4782 17.19 73.10 34.87
CA PHE G 4782 18.04 73.19 36.06
C PHE G 4782 18.15 71.88 36.83
N THR G 4783 17.63 70.77 36.29
CA THR G 4783 17.83 69.46 36.89
C THR G 4783 18.66 68.54 36.02
N ASP G 4784 19.28 69.05 34.97
CA ASP G 4784 20.12 68.23 34.11
C ASP G 4784 21.51 68.09 34.73
N ASN G 4785 22.05 66.88 34.66
CA ASN G 4785 23.35 66.60 35.30
C ASN G 4785 24.48 67.38 34.64
N SER G 4786 24.48 67.42 33.30
CA SER G 4786 25.58 68.08 32.59
C SER G 4786 25.61 69.57 32.86
N PHE G 4787 24.44 70.21 32.89
CA PHE G 4787 24.39 71.65 33.16
C PHE G 4787 24.90 71.96 34.56
N LEU G 4788 24.50 71.16 35.55
CA LEU G 4788 24.99 71.35 36.91
C LEU G 4788 26.49 71.11 37.00
N TYR G 4789 27.01 70.11 36.29
CA TYR G 4789 28.44 69.86 36.30
C TYR G 4789 29.20 71.03 35.70
N LEU G 4790 28.71 71.59 34.60
CA LEU G 4790 29.36 72.74 34.01
C LEU G 4790 29.31 73.95 34.94
N GLY G 4791 28.18 74.13 35.63
CA GLY G 4791 28.11 75.20 36.61
C GLY G 4791 29.11 75.04 37.74
N TRP G 4792 29.26 73.81 38.24
CA TRP G 4792 30.25 73.54 39.27
C TRP G 4792 31.66 73.79 38.76
N TYR G 4793 31.94 73.40 37.52
CA TYR G 4793 33.24 73.68 36.91
C TYR G 4793 33.51 75.18 36.88
N MET G 4794 32.52 75.96 36.46
CA MET G 4794 32.68 77.42 36.41
C MET G 4794 32.90 78.00 37.80
N VAL G 4795 32.15 77.51 38.79
CA VAL G 4795 32.29 78.04 40.14
C VAL G 4795 33.69 77.76 40.69
N MET G 4796 34.18 76.54 40.48
CA MET G 4796 35.53 76.21 40.93
C MET G 4796 36.57 77.06 40.21
N SER G 4797 36.41 77.25 38.90
CA SER G 4797 37.36 78.08 38.16
C SER G 4797 37.36 79.51 38.67
N LEU G 4798 36.18 80.05 38.98
CA LEU G 4798 36.10 81.40 39.53
C LEU G 4798 36.76 81.48 40.90
N LEU G 4799 36.50 80.49 41.76
CA LEU G 4799 37.12 80.48 43.08
C LEU G 4799 38.62 80.32 43.00
N GLY G 4800 39.13 79.77 41.88
CA GLY G 4800 40.57 79.62 41.73
C GLY G 4800 41.34 80.92 41.83
N HIS G 4801 40.70 82.04 41.49
CA HIS G 4801 41.38 83.33 41.54
C HIS G 4801 41.59 83.84 42.96
N TYR G 4802 40.72 83.47 43.90
CA TYR G 4802 40.90 83.87 45.29
C TYR G 4802 41.99 83.04 45.97
N ASN G 4803 42.13 81.78 45.59
CA ASN G 4803 43.20 80.92 46.07
C ASN G 4803 43.55 79.95 44.97
N ASN G 4804 44.82 79.92 44.57
CA ASN G 4804 45.22 79.22 43.35
C ASN G 4804 44.96 77.71 43.44
N PHE G 4805 45.20 77.11 44.61
CA PHE G 4805 45.15 75.66 44.72
C PHE G 4805 43.80 75.06 44.39
N PHE G 4806 42.73 75.87 44.39
CA PHE G 4806 41.42 75.37 43.99
C PHE G 4806 41.44 74.80 42.57
N PHE G 4807 42.31 75.31 41.71
CA PHE G 4807 42.40 74.77 40.35
C PHE G 4807 42.68 73.27 40.36
N ALA G 4808 43.36 72.77 41.39
CA ALA G 4808 43.63 71.34 41.48
C ALA G 4808 42.37 70.50 41.38
N ALA G 4809 41.23 71.02 41.85
CA ALA G 4809 39.98 70.27 41.77
C ALA G 4809 39.66 69.86 40.34
N HIS G 4810 39.98 70.72 39.37
CA HIS G 4810 39.68 70.40 37.98
C HIS G 4810 40.39 69.14 37.50
N LEU G 4811 41.47 68.73 38.18
CA LEU G 4811 42.14 67.50 37.81
C LEU G 4811 41.21 66.29 37.90
N LEU G 4812 40.17 66.37 38.73
CA LEU G 4812 39.23 65.26 38.82
C LEU G 4812 38.55 64.96 37.48
N ASP G 4813 38.56 65.91 36.54
CA ASP G 4813 37.97 65.65 35.23
C ASP G 4813 38.69 64.52 34.50
N ILE G 4814 39.95 64.25 34.85
CA ILE G 4814 40.66 63.16 34.17
C ILE G 4814 40.21 61.82 34.73
N ALA G 4815 39.59 61.81 35.91
CA ALA G 4815 39.20 60.55 36.52
C ALA G 4815 38.11 59.84 35.73
N MET G 4816 37.12 60.59 35.23
CA MET G 4816 36.01 60.01 34.50
C MET G 4816 36.23 59.98 32.99
N GLY G 4817 37.41 60.36 32.52
CA GLY G 4817 37.64 60.50 31.10
C GLY G 4817 37.71 59.20 30.31
N VAL G 4818 38.02 58.08 30.96
CA VAL G 4818 38.19 56.81 30.27
C VAL G 4818 37.42 55.73 30.99
N LYS G 4819 37.19 54.62 30.29
CA LYS G 4819 36.33 53.56 30.82
C LYS G 4819 36.95 52.83 32.01
N THR G 4820 38.25 52.57 31.96
CA THR G 4820 38.89 51.75 32.99
C THR G 4820 38.85 52.45 34.35
N LEU G 4821 39.17 53.75 34.38
CA LEU G 4821 39.15 54.48 35.63
C LEU G 4821 37.72 54.60 36.17
N ARG G 4822 36.74 54.74 35.27
CA ARG G 4822 35.34 54.76 35.70
C ARG G 4822 34.95 53.43 36.32
N THR G 4823 35.41 52.32 35.74
CA THR G 4823 35.14 51.01 36.31
C THR G 4823 35.78 50.88 37.69
N ILE G 4824 37.01 51.36 37.83
CA ILE G 4824 37.70 51.31 39.12
C ILE G 4824 36.91 52.10 40.16
N LEU G 4825 36.43 53.28 39.78
CA LEU G 4825 35.65 54.10 40.70
C LEU G 4825 34.32 53.45 41.06
N SER G 4826 33.66 52.83 40.08
CA SER G 4826 32.37 52.20 40.33
C SER G 4826 32.48 50.92 41.15
N SER G 4827 33.65 50.28 41.14
CA SER G 4827 33.82 49.07 41.94
C SER G 4827 33.59 49.32 43.41
N VAL G 4828 33.88 50.54 43.89
CA VAL G 4828 33.68 50.85 45.29
C VAL G 4828 32.18 50.90 45.62
N THR G 4829 31.40 51.57 44.78
CA THR G 4829 29.98 51.75 45.08
C THR G 4829 29.11 50.62 44.57
N HIS G 4830 29.70 49.61 43.93
CA HIS G 4830 28.91 48.49 43.43
C HIS G 4830 28.23 47.72 44.57
N ASN G 4831 28.93 47.57 45.69
CA ASN G 4831 28.45 46.79 46.83
C ASN G 4831 28.39 47.61 48.12
N GLY G 4832 27.81 48.80 48.07
CA GLY G 4832 27.91 49.71 49.20
C GLY G 4832 27.28 49.21 50.48
N LYS G 4833 26.08 48.61 50.38
CA LYS G 4833 25.33 48.25 51.57
C LYS G 4833 26.07 47.24 52.44
N GLN G 4834 26.60 46.18 51.81
CA GLN G 4834 27.34 45.17 52.55
C GLN G 4834 28.60 45.77 53.18
N LEU G 4835 29.27 46.67 52.46
CA LEU G 4835 30.46 47.32 53.00
C LEU G 4835 30.12 48.12 54.25
N VAL G 4836 29.03 48.89 54.21
CA VAL G 4836 28.66 49.71 55.36
C VAL G 4836 28.30 48.83 56.54
N MET G 4837 27.54 47.76 56.30
CA MET G 4837 27.21 46.86 57.40
C MET G 4837 28.44 46.20 57.99
N THR G 4838 29.41 45.82 57.15
CA THR G 4838 30.63 45.21 57.65
C THR G 4838 31.43 46.18 58.50
N VAL G 4839 31.55 47.44 58.07
CA VAL G 4839 32.31 48.38 58.90
C VAL G 4839 31.58 48.67 60.21
N GLY G 4840 30.24 48.65 60.19
CA GLY G 4840 29.50 48.79 61.45
C GLY G 4840 29.78 47.64 62.40
N LEU G 4841 29.81 46.41 61.87
CA LEU G 4841 30.13 45.26 62.71
C LEU G 4841 31.54 45.38 63.28
N LEU G 4842 32.48 45.84 62.47
CA LEU G 4842 33.85 46.06 62.96
C LEU G 4842 33.87 47.06 64.10
N ALA G 4843 33.12 48.15 63.95
CA ALA G 4843 33.05 49.15 65.01
C ALA G 4843 32.47 48.57 66.30
N VAL G 4844 31.44 47.73 66.18
CA VAL G 4844 30.84 47.13 67.36
C VAL G 4844 31.86 46.23 68.08
N VAL G 4845 32.59 45.41 67.32
CA VAL G 4845 33.58 44.52 67.94
C VAL G 4845 34.66 45.32 68.65
N VAL G 4846 35.14 46.39 67.99
CA VAL G 4846 36.17 47.21 68.62
C VAL G 4846 35.63 47.88 69.88
N TYR G 4847 34.35 48.26 69.89
CA TYR G 4847 33.75 48.83 71.09
C TYR G 4847 33.75 47.83 72.24
N LEU G 4848 33.41 46.57 71.96
CA LEU G 4848 33.43 45.56 73.02
C LEU G 4848 34.84 45.38 73.57
N TYR G 4849 35.83 45.33 72.67
CA TYR G 4849 37.22 45.22 73.13
C TYR G 4849 37.62 46.41 73.99
N THR G 4850 37.17 47.62 73.60
CA THR G 4850 37.47 48.81 74.38
C THR G 4850 36.85 48.73 75.76
N VAL G 4851 35.62 48.22 75.85
CA VAL G 4851 34.97 48.08 77.16
C VAL G 4851 35.81 47.17 78.05
N VAL G 4852 36.23 46.01 77.52
CA VAL G 4852 37.00 45.08 78.34
C VAL G 4852 38.32 45.72 78.77
N ALA G 4853 39.01 46.39 77.83
CA ALA G 4853 40.30 47.00 78.15
C ALA G 4853 40.16 48.08 79.20
N PHE G 4854 39.13 48.93 79.08
CA PHE G 4854 38.92 49.98 80.05
C PHE G 4854 38.59 49.42 81.43
N ASN G 4855 37.88 48.30 81.49
CA ASN G 4855 37.55 47.74 82.79
C ASN G 4855 38.74 47.07 83.45
N PHE G 4856 39.60 46.39 82.70
CA PHE G 4856 40.61 45.54 83.34
C PHE G 4856 42.06 45.94 83.11
N PHE G 4857 42.42 46.47 81.94
CA PHE G 4857 43.83 46.62 81.58
C PHE G 4857 44.28 48.07 81.47
N ARG G 4858 43.93 48.92 82.44
CA ARG G 4858 44.26 50.34 82.34
C ARG G 4858 45.76 50.60 82.51
N LYS G 4859 46.44 49.75 83.29
CA LYS G 4859 47.81 50.06 83.68
C LYS G 4859 48.79 49.91 82.52
N PHE G 4860 48.37 49.27 81.42
CA PHE G 4860 49.29 48.97 80.33
C PHE G 4860 49.27 50.00 79.22
N TYR G 4861 48.52 51.09 79.37
CA TYR G 4861 48.33 52.06 78.29
C TYR G 4861 49.10 53.36 78.54
N ASN G 4862 50.31 53.28 79.07
CA ASN G 4862 51.15 54.46 79.28
C ASN G 4862 51.99 54.68 78.04
N LYS G 4863 51.78 55.81 77.37
CA LYS G 4863 52.50 56.14 76.14
C LYS G 4863 53.58 57.19 76.36
N SER G 4864 53.94 57.48 77.61
CA SER G 4864 54.93 58.48 77.93
C SER G 4864 56.26 57.80 78.28
N GLU G 4865 57.32 58.19 77.57
CA GLU G 4865 58.64 57.63 77.82
C GLU G 4865 59.41 58.37 78.90
N ASP G 4866 58.90 59.51 79.38
CA ASP G 4866 59.55 60.31 80.40
C ASP G 4866 58.74 60.22 81.69
N GLU G 4867 59.41 59.91 82.80
CA GLU G 4867 58.74 59.82 84.09
C GLU G 4867 58.27 61.21 84.54
N ASP G 4868 57.40 61.20 85.54
CA ASP G 4868 56.80 62.39 86.14
C ASP G 4868 55.95 63.18 85.15
N GLU G 4869 55.61 62.58 84.00
CA GLU G 4869 54.71 63.21 83.02
C GLU G 4869 53.98 62.11 82.26
N PRO G 4870 53.11 61.37 82.94
CA PRO G 4870 52.44 60.24 82.29
C PRO G 4870 51.40 60.70 81.28
N ASP G 4871 51.14 59.83 80.29
CA ASP G 4871 50.13 60.07 79.26
C ASP G 4871 49.24 58.84 79.19
N MET G 4872 48.20 58.81 80.02
CA MET G 4872 47.25 57.71 80.02
C MET G 4872 46.38 57.78 78.77
N LYS G 4873 46.11 56.63 78.15
CA LYS G 4873 45.28 56.60 76.96
C LYS G 4873 43.90 56.03 77.23
N CYS G 4874 43.70 55.34 78.35
CA CYS G 4874 42.41 54.72 78.67
C CYS G 4874 41.94 55.09 80.06
N ASP G 4875 42.08 56.35 80.43
CA ASP G 4875 41.41 56.86 81.63
C ASP G 4875 40.01 57.38 81.31
N ASP G 4876 39.66 57.50 80.02
CA ASP G 4876 38.32 57.82 79.58
C ASP G 4876 37.89 56.77 78.56
N MET G 4877 36.57 56.59 78.44
CA MET G 4877 36.08 55.64 77.45
C MET G 4877 36.25 56.18 76.04
N MET G 4878 36.04 57.47 75.84
CA MET G 4878 36.17 58.06 74.50
C MET G 4878 37.60 58.01 74.00
N THR G 4879 38.57 58.37 74.87
CA THR G 4879 39.96 58.36 74.46
C THR G 4879 40.43 56.94 74.14
N CYS G 4880 40.06 55.97 74.99
CA CYS G 4880 40.41 54.59 74.75
C CYS G 4880 39.80 54.07 73.45
N TYR G 4881 38.54 54.42 73.20
CA TYR G 4881 37.86 53.98 71.98
C TYR G 4881 38.52 54.56 70.73
N LEU G 4882 38.86 55.85 70.77
CA LEU G 4882 39.55 56.46 69.65
C LEU G 4882 40.94 55.85 69.45
N PHE G 4883 41.64 55.57 70.55
CA PHE G 4883 42.95 54.92 70.44
C PHE G 4883 42.83 53.55 69.81
N HIS G 4884 41.81 52.78 70.19
CA HIS G 4884 41.66 51.44 69.63
C HIS G 4884 41.30 51.49 68.15
N MET G 4885 40.42 52.42 67.76
CA MET G 4885 40.01 52.47 66.36
C MET G 4885 41.11 53.09 65.47
N TYR G 4886 41.95 53.96 66.03
CA TYR G 4886 42.88 54.70 65.20
C TYR G 4886 44.22 53.98 65.07
N VAL G 4887 44.75 53.49 66.18
CA VAL G 4887 46.09 52.89 66.17
C VAL G 4887 46.02 51.38 66.00
N GLY G 4888 45.07 50.72 66.66
CA GLY G 4888 45.02 49.28 66.65
C GLY G 4888 44.72 48.67 65.29
N VAL G 4889 43.82 49.29 64.54
CA VAL G 4889 43.42 48.72 63.25
C VAL G 4889 44.56 48.76 62.25
N ARG G 4890 45.33 49.84 62.22
CA ARG G 4890 46.41 50.00 61.26
C ARG G 4890 47.73 49.38 61.72
N ALA G 4891 47.76 48.75 62.90
CA ALA G 4891 49.01 48.25 63.44
C ALA G 4891 49.60 47.14 62.58
N GLY G 4892 48.76 46.26 62.04
CA GLY G 4892 49.25 45.14 61.25
C GLY G 4892 49.48 43.90 62.09
N GLY G 4893 49.94 44.10 63.32
CA GLY G 4893 50.09 43.03 64.29
C GLY G 4893 49.10 43.05 65.42
N GLY G 4894 48.05 43.86 65.34
CA GLY G 4894 47.10 43.97 66.42
C GLY G 4894 47.51 45.01 67.44
N ILE G 4895 46.66 45.16 68.47
CA ILE G 4895 46.93 46.13 69.52
C ILE G 4895 48.08 45.69 70.41
N GLY G 4896 48.52 44.44 70.29
CA GLY G 4896 49.51 43.90 71.21
C GLY G 4896 50.89 44.51 71.06
N ASP G 4897 51.20 45.11 69.93
CA ASP G 4897 52.53 45.67 69.69
C ASP G 4897 52.60 47.18 69.92
N GLU G 4898 51.57 47.77 70.51
CA GLU G 4898 51.55 49.19 70.78
C GLU G 4898 51.40 49.52 72.27
N ILE G 4899 51.30 48.52 73.13
CA ILE G 4899 51.14 48.73 74.57
C ILE G 4899 52.27 47.99 75.30
N GLU G 4900 52.23 48.08 76.63
CA GLU G 4900 53.33 47.60 77.44
C GLU G 4900 53.42 46.08 77.42
N ASP G 4901 54.61 45.56 77.68
CA ASP G 4901 54.85 44.13 77.72
C ASP G 4901 54.24 43.53 78.98
N PRO G 4902 53.34 42.54 78.87
CA PRO G 4902 52.71 41.96 80.06
C PRO G 4902 53.54 40.90 80.77
N ALA G 4903 54.84 40.81 80.50
CA ALA G 4903 55.67 39.79 81.13
C ALA G 4903 55.80 40.05 82.63
N GLY G 4904 55.69 38.99 83.42
CA GLY G 4904 55.87 39.07 84.85
C GLY G 4904 54.65 39.57 85.63
N ASP G 4905 53.55 39.85 84.97
CA ASP G 4905 52.37 40.37 85.65
C ASP G 4905 51.43 39.25 86.06
N GLU G 4906 50.54 39.57 87.00
CA GLU G 4906 49.54 38.60 87.45
C GLU G 4906 48.56 38.27 86.33
N TYR G 4907 48.26 39.23 85.46
CA TYR G 4907 47.28 39.07 84.40
C TYR G 4907 47.91 38.73 83.05
N GLU G 4908 49.02 37.98 83.06
CA GLU G 4908 49.77 37.75 81.83
C GLU G 4908 48.98 36.93 80.81
N LEU G 4909 48.39 35.82 81.26
CA LEU G 4909 47.67 34.94 80.34
C LEU G 4909 46.45 35.63 79.75
N TYR G 4910 45.73 36.41 80.57
CA TYR G 4910 44.58 37.15 80.06
C TYR G 4910 45.01 38.15 78.98
N ARG G 4911 46.14 38.84 79.20
CA ARG G 4911 46.65 39.76 78.20
C ARG G 4911 47.03 39.03 76.92
N VAL G 4912 47.65 37.86 77.05
CA VAL G 4912 48.05 37.09 75.87
C VAL G 4912 46.82 36.69 75.06
N VAL G 4913 45.79 36.19 75.74
CA VAL G 4913 44.56 35.81 75.05
C VAL G 4913 43.91 37.01 74.41
N PHE G 4914 43.90 38.14 75.12
CA PHE G 4914 43.35 39.39 74.58
C PHE G 4914 44.03 39.77 73.26
N ASP G 4915 45.36 39.81 73.28
CA ASP G 4915 46.11 40.21 72.09
C ASP G 4915 45.88 39.24 70.94
N ILE G 4916 45.94 37.93 71.23
CA ILE G 4916 45.79 36.94 70.16
C ILE G 4916 44.40 37.00 69.55
N THR G 4917 43.37 37.12 70.40
CA THR G 4917 42.01 37.15 69.89
C THR G 4917 41.74 38.42 69.09
N PHE G 4918 42.26 39.56 69.55
CA PHE G 4918 42.14 40.78 68.76
C PHE G 4918 42.79 40.62 67.40
N PHE G 4919 44.02 40.10 67.38
CA PHE G 4919 44.74 39.93 66.12
C PHE G 4919 43.99 39.02 65.17
N PHE G 4920 43.42 37.93 65.69
CA PHE G 4920 42.73 36.98 64.83
C PHE G 4920 41.43 37.56 64.30
N PHE G 4921 40.60 38.15 65.17
CA PHE G 4921 39.27 38.55 64.74
C PHE G 4921 39.28 39.84 63.93
N VAL G 4922 40.11 40.81 64.28
CA VAL G 4922 40.02 42.12 63.66
C VAL G 4922 40.90 42.21 62.41
N ILE G 4923 42.16 41.79 62.51
CA ILE G 4923 43.10 42.01 61.42
C ILE G 4923 42.94 40.94 60.34
N VAL G 4924 42.90 39.66 60.74
CA VAL G 4924 42.96 38.57 59.77
C VAL G 4924 41.66 38.48 58.97
N ILE G 4925 40.52 38.62 59.64
CA ILE G 4925 39.25 38.25 59.02
C ILE G 4925 38.53 39.44 58.40
N LEU G 4926 38.19 40.44 59.22
CA LEU G 4926 37.27 41.48 58.78
C LEU G 4926 37.88 42.35 57.68
N LEU G 4927 39.15 42.76 57.85
CA LEU G 4927 39.80 43.57 56.83
C LEU G 4927 39.91 42.83 55.51
N ALA G 4928 40.21 41.53 55.57
CA ALA G 4928 40.29 40.73 54.35
C ALA G 4928 38.95 40.67 53.63
N ILE G 4929 37.86 40.52 54.39
CA ILE G 4929 36.53 40.50 53.77
C ILE G 4929 36.22 41.85 53.13
N ILE G 4930 36.55 42.95 53.82
CA ILE G 4930 36.27 44.28 53.30
C ILE G 4930 37.02 44.49 51.99
N GLN G 4931 38.29 44.11 51.94
CA GLN G 4931 39.08 44.24 50.72
C GLN G 4931 38.53 43.34 49.62
N GLY G 4932 38.18 42.10 49.97
CA GLY G 4932 37.76 41.13 48.97
C GLY G 4932 36.46 41.52 48.30
N LEU G 4933 35.55 42.17 49.04
CA LEU G 4933 34.32 42.63 48.42
C LEU G 4933 34.60 43.54 47.22
N ILE G 4934 35.43 44.56 47.43
CA ILE G 4934 35.73 45.50 46.36
C ILE G 4934 36.50 44.82 45.23
N ILE G 4935 37.46 43.95 45.57
CA ILE G 4935 38.24 43.29 44.53
C ILE G 4935 37.35 42.40 43.66
N ASP G 4936 36.44 41.65 44.28
CA ASP G 4936 35.53 40.79 43.53
C ASP G 4936 34.58 41.61 42.68
N ALA G 4937 34.11 42.75 43.20
CA ALA G 4937 33.25 43.62 42.38
C ALA G 4937 33.98 44.11 41.14
N PHE G 4938 35.24 44.52 41.29
CA PHE G 4938 36.02 44.97 40.14
C PHE G 4938 36.18 43.84 39.12
N GLY G 4939 36.51 42.64 39.59
CA GLY G 4939 36.66 41.51 38.67
C GLY G 4939 35.38 41.18 37.94
N GLU G 4940 34.25 41.19 38.65
CA GLU G 4940 32.96 40.89 38.02
C GLU G 4940 32.62 41.94 36.97
N LEU G 4941 32.87 43.22 37.26
CA LEU G 4941 32.60 44.27 36.28
C LEU G 4941 33.44 44.07 35.02
N ARG G 4942 34.73 43.75 35.19
CA ARG G 4942 35.57 43.51 34.02
C ARG G 4942 35.08 42.32 33.20
N ASP G 4943 34.67 41.25 33.88
CA ASP G 4943 34.17 40.07 33.17
C ASP G 4943 32.91 40.40 32.38
N GLN G 4944 31.98 41.15 32.99
CA GLN G 4944 30.77 41.54 32.28
C GLN G 4944 31.08 42.37 31.05
N GLN G 4945 31.98 43.34 31.18
CA GLN G 4945 32.33 44.18 30.03
C GLN G 4945 32.95 43.36 28.90
N GLU G 4946 33.86 42.43 29.26
CA GLU G 4946 34.48 41.60 28.23
C GLU G 4946 33.46 40.72 27.52
N GLN G 4947 32.53 40.13 28.29
CA GLN G 4947 31.50 39.29 27.69
C GLN G 4947 30.62 40.10 26.74
N VAL G 4948 30.24 41.31 27.15
CA VAL G 4948 29.41 42.16 26.30
C VAL G 4948 30.14 42.49 25.01
N ARG G 4949 31.42 42.86 25.11
CA ARG G 4949 32.18 43.21 23.91
C ARG G 4949 32.31 42.02 22.97
N GLU G 4950 32.58 40.82 23.51
CA GLU G 4950 32.71 39.65 22.67
C GLU G 4950 31.40 39.32 21.96
N ASP G 4951 30.29 39.37 22.70
CA ASP G 4951 29.00 39.07 22.09
C ASP G 4951 28.65 40.08 21.01
N MET G 4952 28.98 41.36 21.23
CA MET G 4952 28.74 42.37 20.21
C MET G 4952 29.58 42.09 18.97
N GLU G 4953 30.83 41.68 19.17
CA GLU G 4953 31.74 41.52 18.04
C GLU G 4953 31.60 40.18 17.32
N THR G 4954 30.84 39.23 17.87
CA THR G 4954 30.76 37.91 17.26
C THR G 4954 29.40 37.55 16.68
N LYS G 4955 28.39 38.42 16.79
CA LYS G 4955 27.05 38.11 16.30
C LYS G 4955 26.47 39.30 15.56
N CYS G 4956 25.52 39.01 14.67
CA CYS G 4956 24.81 40.06 13.96
C CYS G 4956 23.83 40.75 14.90
N PHE G 4957 23.76 42.08 14.80
CA PHE G 4957 22.98 42.85 15.76
C PHE G 4957 21.48 42.60 15.61
N ILE G 4958 21.00 42.44 14.38
CA ILE G 4958 19.55 42.43 14.14
C ILE G 4958 18.97 41.03 14.28
N CYS G 4959 19.39 40.11 13.42
CA CYS G 4959 18.82 38.77 13.42
C CYS G 4959 19.43 37.85 14.47
N GLY G 4960 20.55 38.24 15.06
CA GLY G 4960 21.16 37.45 16.11
C GLY G 4960 21.64 36.08 15.68
N ILE G 4961 22.35 36.00 14.55
CA ILE G 4961 22.92 34.74 14.07
C ILE G 4961 24.43 34.85 14.11
N GLY G 4962 25.08 33.83 14.65
CA GLY G 4962 26.51 33.88 14.85
C GLY G 4962 27.29 33.90 13.55
N SER G 4963 28.54 34.33 13.64
CA SER G 4963 29.42 34.45 12.49
C SER G 4963 29.94 33.11 12.00
N ASP G 4964 29.47 32.00 12.57
CA ASP G 4964 29.86 30.68 12.12
C ASP G 4964 28.98 30.13 11.01
N TYR G 4965 27.70 30.49 10.99
CA TYR G 4965 26.85 30.18 9.84
C TYR G 4965 27.37 30.88 8.60
N PHE G 4966 27.62 32.18 8.70
CA PHE G 4966 28.40 32.88 7.69
C PHE G 4966 29.87 32.48 7.81
N ASP G 4967 30.69 33.03 6.93
CA ASP G 4967 32.12 32.76 6.77
C ASP G 4967 32.35 31.36 6.22
N THR G 4968 31.30 30.57 5.97
CA THR G 4968 31.46 29.38 5.15
C THR G 4968 31.91 29.72 3.74
N THR G 4969 31.65 30.95 3.30
CA THR G 4969 32.22 31.55 2.11
C THR G 4969 33.05 32.75 2.55
N PRO G 4970 34.08 33.12 1.79
CA PRO G 4970 34.98 34.19 2.24
C PRO G 4970 34.24 35.50 2.49
N HIS G 4971 34.56 36.13 3.62
CA HIS G 4971 34.04 37.45 3.99
C HIS G 4971 32.52 37.50 4.05
N ARG G 4972 31.87 36.38 4.37
CA ARG G 4972 30.40 36.36 4.34
C ARG G 4972 29.81 37.22 5.45
N PHE G 4973 30.37 37.17 6.65
CA PHE G 4973 29.82 37.96 7.76
C PHE G 4973 29.95 39.45 7.49
N GLU G 4974 31.08 39.87 6.94
CA GLU G 4974 31.28 41.29 6.62
C GLU G 4974 30.25 41.76 5.59
N THR G 4975 30.01 40.96 4.55
CA THR G 4975 29.01 41.32 3.55
C THR G 4975 27.61 41.34 4.16
N HIS G 4976 27.30 40.38 5.04
CA HIS G 4976 25.98 40.37 5.68
C HIS G 4976 25.78 41.62 6.50
N THR G 4977 26.81 42.06 7.23
CA THR G 4977 26.66 43.23 8.08
C THR G 4977 26.72 44.53 7.30
N LEU G 4978 27.35 44.53 6.12
CA LEU G 4978 27.53 45.77 5.38
C LEU G 4978 26.48 45.99 4.29
N GLU G 4979 25.84 44.94 3.80
CA GLU G 4979 24.90 45.05 2.68
C GLU G 4979 23.49 44.64 3.05
N GLU G 4980 23.32 43.49 3.69
CA GLU G 4980 21.99 42.92 3.92
C GLU G 4980 21.40 43.36 5.26
N HIS G 4981 22.24 43.69 6.23
CA HIS G 4981 21.80 43.98 7.60
C HIS G 4981 22.34 45.31 8.11
N ASN G 4982 22.69 46.23 7.21
CA ASN G 4982 23.28 47.49 7.63
C ASN G 4982 22.31 48.30 8.47
N LEU G 4983 22.81 48.86 9.58
CA LEU G 4983 21.94 49.52 10.54
C LEU G 4983 21.47 50.88 10.09
N ALA G 4984 22.32 51.64 9.39
CA ALA G 4984 21.94 52.99 8.97
C ALA G 4984 20.86 52.97 7.90
N ASN G 4985 20.75 51.86 7.17
CA ASN G 4985 19.76 51.76 6.11
C ASN G 4985 18.34 51.83 6.66
N TYR G 4986 18.11 51.30 7.87
CA TYR G 4986 16.78 51.38 8.46
C TYR G 4986 16.40 52.81 8.80
N MET G 4987 17.34 53.59 9.35
CA MET G 4987 17.09 54.99 9.61
C MET G 4987 16.86 55.77 8.33
N PHE G 4988 17.65 55.48 7.29
CA PHE G 4988 17.41 56.11 5.99
C PHE G 4988 16.03 55.77 5.46
N PHE G 4989 15.61 54.51 5.63
CA PHE G 4989 14.28 54.10 5.20
C PHE G 4989 13.19 54.83 5.97
N LEU G 4990 13.39 55.03 7.27
CA LEU G 4990 12.39 55.75 8.06
C LEU G 4990 12.25 57.19 7.58
N MET G 4991 13.38 57.87 7.34
CA MET G 4991 13.29 59.24 6.83
C MET G 4991 12.69 59.28 5.43
N TYR G 4992 13.02 58.29 4.59
CA TYR G 4992 12.44 58.21 3.26
C TYR G 4992 10.93 58.04 3.31
N LEU G 4993 10.44 57.20 4.24
CA LEU G 4993 9.01 57.07 4.44
C LEU G 4993 8.39 58.37 4.94
N ILE G 4994 9.10 59.08 5.81
CA ILE G 4994 8.59 60.36 6.31
C ILE G 4994 8.42 61.36 5.17
N ASN G 4995 9.40 61.45 4.27
CA ASN G 4995 9.34 62.46 3.21
C ASN G 4995 8.28 62.14 2.17
N LYS G 4996 8.07 60.87 1.85
CA LYS G 4996 7.20 60.49 0.74
C LYS G 4996 5.73 60.77 1.07
N ASP G 4997 4.94 60.95 0.01
CA ASP G 4997 3.51 61.16 0.18
C ASP G 4997 2.80 59.83 0.46
N GLU G 4998 1.67 59.91 1.16
CA GLU G 4998 0.95 58.71 1.53
C GLU G 4998 0.32 58.02 0.32
N THR G 4999 -0.13 58.80 -0.68
CA THR G 4999 -0.78 58.21 -1.83
C THR G 4999 0.20 57.50 -2.76
N GLU G 5000 1.49 57.77 -2.63
CA GLU G 5000 2.50 57.15 -3.47
C GLU G 5000 3.18 55.97 -2.80
N HIS G 5001 2.78 55.61 -1.59
CA HIS G 5001 3.38 54.46 -0.91
C HIS G 5001 3.01 53.17 -1.62
N THR G 5002 3.99 52.27 -1.74
CA THR G 5002 3.72 50.93 -2.25
C THR G 5002 3.14 50.06 -1.14
N GLY G 5003 2.85 48.81 -1.47
CA GLY G 5003 2.23 47.93 -0.50
C GLY G 5003 3.12 47.67 0.72
N GLN G 5004 4.39 47.35 0.46
CA GLN G 5004 5.31 47.08 1.56
C GLN G 5004 5.57 48.33 2.38
N GLU G 5005 5.73 49.47 1.71
CA GLU G 5005 5.98 50.73 2.41
C GLU G 5005 4.79 51.10 3.29
N SER G 5006 3.58 50.96 2.75
CA SER G 5006 2.39 51.25 3.55
C SER G 5006 2.24 50.27 4.70
N TYR G 5007 2.58 48.99 4.48
CA TYR G 5007 2.56 48.00 5.55
C TYR G 5007 3.50 48.40 6.69
N VAL G 5008 4.74 48.77 6.35
CA VAL G 5008 5.71 49.15 7.37
C VAL G 5008 5.28 50.44 8.06
N TRP G 5009 4.75 51.40 7.30
CA TRP G 5009 4.28 52.65 7.88
C TRP G 5009 3.16 52.41 8.87
N LYS G 5010 2.19 51.56 8.49
CA LYS G 5010 1.07 51.24 9.36
C LYS G 5010 1.54 50.59 10.65
N MET G 5011 2.41 49.59 10.55
CA MET G 5011 2.86 48.94 11.78
C MET G 5011 3.77 49.85 12.61
N TYR G 5012 4.46 50.80 11.98
CA TYR G 5012 5.25 51.77 12.74
C TYR G 5012 4.34 52.69 13.53
N GLN G 5013 3.24 53.16 12.92
CA GLN G 5013 2.35 54.08 13.61
C GLN G 5013 1.64 53.42 14.79
N GLU G 5014 1.56 52.09 14.79
CA GLU G 5014 0.99 51.36 15.92
C GLU G 5014 2.06 50.95 16.93
N ARG G 5015 3.32 51.30 16.70
CA ARG G 5015 4.43 50.93 17.57
C ARG G 5015 4.49 49.42 17.79
N CYS G 5016 4.40 48.68 16.69
CA CYS G 5016 4.60 47.24 16.68
C CYS G 5016 5.84 46.92 15.85
N TRP G 5017 6.76 46.16 16.43
CA TRP G 5017 8.06 45.92 15.84
C TRP G 5017 8.22 44.50 15.31
N ASP G 5018 7.15 43.92 14.74
CA ASP G 5018 7.23 42.56 14.22
C ASP G 5018 7.86 42.47 12.84
N PHE G 5019 8.14 43.59 12.17
CA PHE G 5019 8.72 43.53 10.83
C PHE G 5019 10.23 43.34 10.86
N PHE G 5020 10.86 43.46 12.02
CA PHE G 5020 12.29 43.19 12.12
C PHE G 5020 12.53 41.68 12.07
N PRO G 5021 13.49 41.21 11.28
CA PRO G 5021 13.80 39.77 11.28
C PRO G 5021 14.27 39.31 12.65
N ALA G 5022 13.84 38.10 13.03
CA ALA G 5022 14.16 37.53 14.33
C ALA G 5022 14.64 36.09 14.12
N GLY G 5023 15.95 35.89 14.13
CA GLY G 5023 16.52 34.58 13.90
C GLY G 5023 16.29 34.03 12.52
N ASP G 5024 16.30 34.89 11.51
CA ASP G 5024 16.10 34.47 10.13
C ASP G 5024 16.78 35.45 9.20
N CYS G 5025 17.03 35.01 7.97
CA CYS G 5025 17.69 35.85 6.98
C CYS G 5025 17.34 35.34 5.59
N PHE G 5026 17.68 36.15 4.59
CA PHE G 5026 17.38 35.81 3.20
C PHE G 5026 18.14 34.55 2.77
N ARG G 5027 19.41 34.45 3.16
CA ARG G 5027 20.21 33.30 2.76
C ARG G 5027 19.69 32.01 3.38
N LYS G 5028 19.32 32.05 4.66
CA LYS G 5028 18.83 30.85 5.32
C LYS G 5028 17.51 30.37 4.72
N GLN G 5029 16.62 31.31 4.40
CA GLN G 5029 15.33 30.93 3.83
C GLN G 5029 15.50 30.26 2.48
N TYR G 5030 16.41 30.76 1.65
CA TYR G 5030 16.64 30.24 0.30
C TYR G 5030 17.97 29.51 0.19
N GLU G 5031 18.35 28.74 1.21
CA GLU G 5031 19.61 27.99 1.15
C GLU G 5031 19.59 26.95 0.03
N ASP G 5032 18.44 26.32 -0.21
CA ASP G 5032 18.31 25.33 -1.27
C ASP G 5032 18.02 25.98 -2.63
N GLN G 5033 17.90 27.29 -2.69
CA GLN G 5033 17.62 28.01 -3.93
C GLN G 5033 16.33 27.52 -4.58
N GLY H 5 -91.47 87.32 -46.00
CA GLY H 5 -90.72 88.52 -45.69
C GLY H 5 -90.48 88.69 -44.21
N VAL H 6 -90.61 89.92 -43.72
CA VAL H 6 -90.41 90.24 -42.32
C VAL H 6 -91.64 90.99 -41.81
N GLU H 7 -92.01 90.71 -40.57
CA GLU H 7 -93.11 91.39 -39.90
C GLU H 7 -92.54 92.32 -38.83
N ILE H 8 -93.09 93.53 -38.76
CA ILE H 8 -92.62 94.56 -37.83
C ILE H 8 -93.79 95.01 -36.99
N GLU H 9 -93.60 95.03 -35.66
CA GLU H 9 -94.59 95.54 -34.73
C GLU H 9 -93.94 96.60 -33.85
N THR H 10 -94.66 97.68 -33.62
CA THR H 10 -94.12 98.83 -32.89
C THR H 10 -94.26 98.62 -31.39
N ILE H 11 -93.17 98.85 -30.66
CA ILE H 11 -93.18 98.83 -29.21
C ILE H 11 -93.21 100.24 -28.64
N SER H 12 -92.37 101.13 -29.17
CA SER H 12 -92.32 102.52 -28.74
C SER H 12 -92.15 103.39 -29.97
N PRO H 13 -93.01 104.39 -30.15
CA PRO H 13 -92.93 105.23 -31.36
C PRO H 13 -91.71 106.13 -31.34
N GLY H 14 -91.28 106.52 -32.55
CA GLY H 14 -90.12 107.34 -32.74
C GLY H 14 -90.45 108.69 -33.37
N ASP H 15 -89.47 109.21 -34.12
CA ASP H 15 -89.64 110.52 -34.75
C ASP H 15 -90.76 110.47 -35.78
N GLY H 16 -90.73 109.52 -36.69
CA GLY H 16 -91.72 109.40 -37.73
C GLY H 16 -91.43 110.17 -39.00
N ARG H 17 -90.37 110.97 -39.02
CA ARG H 17 -89.99 111.74 -40.21
C ARG H 17 -88.67 111.29 -40.81
N THR H 18 -87.63 111.15 -39.97
CA THR H 18 -86.31 110.78 -40.45
C THR H 18 -86.26 109.27 -40.67
N PHE H 19 -85.74 108.85 -41.82
CA PHE H 19 -85.57 107.45 -42.16
C PHE H 19 -84.16 107.22 -42.69
N PRO H 20 -83.62 106.00 -42.54
CA PRO H 20 -82.28 105.74 -43.06
C PRO H 20 -82.25 105.79 -44.58
N LYS H 21 -81.31 106.56 -45.11
CA LYS H 21 -81.14 106.75 -46.54
C LYS H 21 -79.86 106.07 -47.01
N LYS H 22 -79.70 106.02 -48.34
CA LYS H 22 -78.56 105.35 -48.94
C LYS H 22 -77.26 106.04 -48.55
N GLY H 23 -76.25 105.23 -48.22
CA GLY H 23 -74.94 105.74 -47.87
C GLY H 23 -74.73 106.10 -46.42
N GLN H 24 -75.75 105.95 -45.58
CA GLN H 24 -75.64 106.28 -44.17
C GLN H 24 -75.25 105.06 -43.36
N THR H 25 -74.94 105.30 -42.08
CA THR H 25 -74.57 104.26 -41.14
C THR H 25 -75.56 104.28 -39.98
N CYS H 26 -76.07 103.11 -39.61
CA CYS H 26 -77.04 103.00 -38.53
C CYS H 26 -76.36 102.47 -37.28
N VAL H 27 -76.71 103.06 -36.13
CA VAL H 27 -76.26 102.63 -34.83
C VAL H 27 -77.47 102.14 -34.06
N VAL H 28 -77.47 100.86 -33.68
CA VAL H 28 -78.64 100.22 -33.08
C VAL H 28 -78.22 99.42 -31.86
N HIS H 29 -79.20 99.16 -31.00
CA HIS H 29 -79.10 98.20 -29.91
C HIS H 29 -80.14 97.10 -30.14
N TYR H 30 -79.72 95.85 -30.06
CA TYR H 30 -80.59 94.74 -30.44
C TYR H 30 -80.45 93.60 -29.44
N THR H 31 -81.43 92.69 -29.50
CA THR H 31 -81.43 91.47 -28.72
C THR H 31 -82.16 90.40 -29.52
N GLY H 32 -81.51 89.26 -29.72
CA GLY H 32 -82.04 88.22 -30.59
C GLY H 32 -82.19 86.90 -29.87
N MET H 33 -83.35 86.29 -30.05
CA MET H 33 -83.69 85.02 -29.41
C MET H 33 -84.40 84.14 -30.43
N LEU H 34 -84.38 82.84 -30.16
CA LEU H 34 -85.03 81.88 -31.04
C LEU H 34 -86.55 81.93 -30.86
N GLN H 35 -87.26 81.22 -31.74
CA GLN H 35 -88.71 81.19 -31.67
C GLN H 35 -89.20 80.51 -30.40
N ASN H 36 -88.47 79.52 -29.91
CA ASN H 36 -88.84 78.82 -28.69
C ASN H 36 -88.73 79.70 -27.44
N GLY H 37 -88.11 80.87 -27.53
CA GLY H 37 -87.97 81.75 -26.39
C GLY H 37 -86.61 81.73 -25.73
N LYS H 38 -85.58 81.22 -26.40
CA LYS H 38 -84.24 81.11 -25.84
C LYS H 38 -83.36 82.19 -26.45
N LYS H 39 -82.79 83.04 -25.59
CA LYS H 39 -81.93 84.11 -26.07
C LYS H 39 -80.62 83.55 -26.61
N PHE H 40 -80.15 84.11 -27.72
CA PHE H 40 -78.87 83.71 -28.28
C PHE H 40 -77.91 84.87 -28.53
N ASP H 41 -78.38 86.12 -28.53
CA ASP H 41 -77.45 87.23 -28.70
C ASP H 41 -78.05 88.50 -28.11
N SER H 42 -77.16 89.41 -27.69
CA SER H 42 -77.57 90.69 -27.15
C SER H 42 -76.38 91.63 -27.17
N SER H 43 -76.55 92.80 -27.78
CA SER H 43 -75.48 93.78 -27.83
C SER H 43 -75.39 94.62 -26.56
N ARG H 44 -76.44 94.60 -25.72
CA ARG H 44 -76.40 95.36 -24.48
C ARG H 44 -75.52 94.68 -23.43
N ASP H 45 -75.31 93.36 -23.57
CA ASP H 45 -74.41 92.66 -22.65
C ASP H 45 -72.97 93.13 -22.82
N ARG H 46 -72.55 93.38 -24.06
CA ARG H 46 -71.21 93.88 -24.33
C ARG H 46 -71.08 95.39 -24.13
N ASN H 47 -72.20 96.07 -23.85
CA ASN H 47 -72.20 97.51 -23.55
C ASN H 47 -71.58 98.33 -24.67
N LYS H 48 -71.87 97.97 -25.93
CA LYS H 48 -71.38 98.70 -27.08
C LYS H 48 -72.41 98.60 -28.20
N PRO H 49 -72.91 99.74 -28.68
CA PRO H 49 -73.91 99.70 -29.77
C PRO H 49 -73.33 99.13 -31.04
N PHE H 50 -74.20 98.50 -31.83
CA PHE H 50 -73.82 97.89 -33.09
C PHE H 50 -73.96 98.91 -34.22
N LYS H 51 -73.01 98.89 -35.13
CA LYS H 51 -72.92 99.89 -36.20
C LYS H 51 -72.80 99.19 -37.53
N PHE H 52 -73.65 99.54 -38.49
CA PHE H 52 -73.56 98.90 -39.79
C PHE H 52 -74.02 99.85 -40.90
N ARG H 53 -73.52 99.60 -42.10
CA ARG H 53 -73.83 100.42 -43.27
C ARG H 53 -74.84 99.68 -44.14
N ILE H 54 -75.87 100.41 -44.57
CA ILE H 54 -77.00 99.81 -45.27
C ILE H 54 -76.68 99.67 -46.75
N GLY H 55 -77.01 98.52 -47.32
CA GLY H 55 -76.84 98.27 -48.74
C GLY H 55 -75.54 97.62 -49.14
N LYS H 56 -74.67 97.28 -48.18
CA LYS H 56 -73.37 96.71 -48.47
C LYS H 56 -73.27 95.25 -48.06
N GLN H 57 -74.39 94.50 -48.08
CA GLN H 57 -74.47 93.11 -47.62
C GLN H 57 -73.56 92.85 -46.41
N GLU H 58 -73.76 93.61 -45.34
CA GLU H 58 -72.99 93.41 -44.13
C GLU H 58 -73.68 92.47 -43.15
N VAL H 59 -75.02 92.47 -43.12
CA VAL H 59 -75.79 91.64 -42.21
C VAL H 59 -76.78 90.82 -43.02
N ILE H 60 -77.54 89.99 -42.30
CA ILE H 60 -78.56 89.17 -42.96
C ILE H 60 -79.66 90.07 -43.52
N LYS H 61 -80.45 89.51 -44.44
CA LYS H 61 -81.43 90.32 -45.17
C LYS H 61 -82.49 90.90 -44.24
N GLY H 62 -83.05 90.05 -43.36
CA GLY H 62 -84.17 90.47 -42.54
C GLY H 62 -83.86 91.62 -41.61
N PHE H 63 -82.67 91.61 -41.01
CA PHE H 63 -82.27 92.72 -40.15
C PHE H 63 -82.26 94.04 -40.92
N GLU H 64 -81.69 94.03 -42.12
CA GLU H 64 -81.61 95.24 -42.93
C GLU H 64 -83.00 95.71 -43.37
N GLU H 65 -83.84 94.78 -43.83
CA GLU H 65 -85.18 95.17 -44.27
C GLU H 65 -86.00 95.72 -43.11
N GLY H 66 -85.87 95.13 -41.92
CA GLY H 66 -86.56 95.66 -40.77
C GLY H 66 -86.07 97.03 -40.36
N ALA H 67 -84.74 97.22 -40.38
CA ALA H 67 -84.18 98.50 -39.98
C ALA H 67 -84.47 99.59 -41.00
N ALA H 68 -84.71 99.21 -42.26
CA ALA H 68 -84.98 100.22 -43.29
C ALA H 68 -86.31 100.92 -43.07
N GLN H 69 -87.25 100.27 -42.39
CA GLN H 69 -88.60 100.83 -42.23
C GLN H 69 -88.81 101.55 -40.92
N MET H 70 -87.77 101.67 -40.09
CA MET H 70 -87.92 102.29 -38.78
C MET H 70 -87.43 103.73 -38.78
N SER H 71 -88.10 104.56 -37.99
CA SER H 71 -87.73 105.96 -37.84
C SER H 71 -86.71 106.13 -36.71
N LEU H 72 -86.23 107.37 -36.57
CA LEU H 72 -85.23 107.66 -35.55
C LEU H 72 -85.86 107.59 -34.16
N GLY H 73 -85.22 106.82 -33.27
CA GLY H 73 -85.69 106.67 -31.91
C GLY H 73 -86.77 105.63 -31.71
N GLN H 74 -87.26 105.01 -32.79
CA GLN H 74 -88.31 104.00 -32.67
C GLN H 74 -87.75 102.72 -32.07
N ARG H 75 -88.60 102.00 -31.34
CA ARG H 75 -88.27 100.70 -30.78
C ARG H 75 -89.31 99.69 -31.26
N ALA H 76 -88.86 98.63 -31.93
CA ALA H 76 -89.78 97.72 -32.58
C ALA H 76 -89.29 96.29 -32.46
N LYS H 77 -90.10 95.37 -32.96
CA LYS H 77 -89.80 93.94 -32.97
C LYS H 77 -89.90 93.41 -34.40
N LEU H 78 -88.94 92.57 -34.78
CA LEU H 78 -88.87 92.00 -36.11
C LEU H 78 -88.89 90.47 -36.05
N THR H 79 -89.48 89.85 -37.06
CA THR H 79 -89.53 88.40 -37.20
C THR H 79 -88.98 88.01 -38.56
N CYS H 80 -88.09 87.02 -38.58
CA CYS H 80 -87.42 86.59 -39.80
C CYS H 80 -87.63 85.10 -40.01
N THR H 81 -88.04 84.73 -41.21
CA THR H 81 -88.25 83.34 -41.60
C THR H 81 -86.91 82.68 -41.95
N PRO H 82 -86.86 81.34 -41.93
CA PRO H 82 -85.57 80.67 -42.18
C PRO H 82 -84.96 81.01 -43.54
N ASP H 83 -85.76 81.15 -44.59
CA ASP H 83 -85.20 81.43 -45.91
C ASP H 83 -84.53 82.80 -46.00
N VAL H 84 -84.76 83.66 -45.02
CA VAL H 84 -84.12 84.97 -44.98
C VAL H 84 -82.86 84.98 -44.11
N ALA H 85 -82.83 84.19 -43.04
CA ALA H 85 -81.73 84.19 -42.09
C ALA H 85 -81.14 82.79 -41.98
N TYR H 86 -79.95 82.60 -42.56
CA TYR H 86 -79.12 81.41 -42.39
C TYR H 86 -79.69 80.15 -43.03
N GLY H 87 -80.89 80.25 -43.61
CA GLY H 87 -81.42 79.16 -44.43
C GLY H 87 -81.49 77.84 -43.69
N ALA H 88 -81.11 76.78 -44.41
CA ALA H 88 -81.14 75.42 -43.88
C ALA H 88 -79.78 74.97 -43.33
N THR H 89 -78.76 75.82 -43.39
CA THR H 89 -77.46 75.48 -42.84
C THR H 89 -77.29 75.95 -41.40
N GLY H 90 -77.88 77.09 -41.04
CA GLY H 90 -77.77 77.58 -39.69
C GLY H 90 -76.39 78.13 -39.39
N HIS H 91 -76.18 78.43 -38.12
CA HIS H 91 -74.89 78.91 -37.64
C HIS H 91 -74.27 77.81 -36.77
N PRO H 92 -73.19 77.17 -37.22
CA PRO H 92 -72.67 75.99 -36.50
C PRO H 92 -72.37 76.24 -35.04
N GLY H 93 -73.10 75.54 -34.16
CA GLY H 93 -72.93 75.67 -32.74
C GLY H 93 -73.76 76.74 -32.07
N VAL H 94 -74.51 77.53 -32.84
CA VAL H 94 -75.29 78.62 -32.26
C VAL H 94 -76.76 78.46 -32.62
N ILE H 95 -77.06 78.36 -33.91
CA ILE H 95 -78.44 78.36 -34.41
C ILE H 95 -78.67 77.05 -35.14
N PRO H 96 -79.69 76.28 -34.77
CA PRO H 96 -79.98 75.03 -35.49
C PRO H 96 -80.57 75.31 -36.86
N PRO H 97 -80.53 74.33 -37.77
CA PRO H 97 -81.07 74.56 -39.11
C PRO H 97 -82.57 74.81 -39.09
N ASN H 98 -83.02 75.60 -40.08
CA ASN H 98 -84.45 75.91 -40.26
C ASN H 98 -85.04 76.60 -39.03
N ALA H 99 -84.42 77.69 -38.61
CA ALA H 99 -84.89 78.40 -37.42
C ALA H 99 -85.47 79.76 -37.78
N THR H 100 -86.54 80.13 -37.06
CA THR H 100 -87.18 81.43 -37.22
C THR H 100 -86.68 82.35 -36.10
N LEU H 101 -86.28 83.56 -36.47
CA LEU H 101 -85.60 84.46 -35.55
C LEU H 101 -86.50 85.63 -35.16
N ILE H 102 -86.35 86.09 -33.92
CA ILE H 102 -87.09 87.22 -33.39
C ILE H 102 -86.09 88.22 -32.81
N PHE H 103 -86.22 89.48 -33.22
CA PHE H 103 -85.29 90.53 -32.82
C PHE H 103 -86.05 91.67 -32.17
N ASP H 104 -85.43 92.33 -31.20
CA ASP H 104 -85.96 93.53 -30.57
C ASP H 104 -84.95 94.65 -30.84
N VAL H 105 -85.34 95.61 -31.68
CA VAL H 105 -84.39 96.58 -32.23
C VAL H 105 -84.78 97.98 -31.81
N GLU H 106 -83.78 98.77 -31.42
CA GLU H 106 -83.92 100.20 -31.14
C GLU H 106 -82.92 100.94 -32.01
N LEU H 107 -83.40 101.97 -32.72
CA LEU H 107 -82.57 102.76 -33.62
C LEU H 107 -82.12 104.00 -32.87
N LEU H 108 -80.81 104.15 -32.71
CA LEU H 108 -80.26 105.23 -31.89
C LEU H 108 -79.82 106.43 -32.71
N ASN H 109 -78.98 106.21 -33.73
CA ASN H 109 -78.41 107.33 -34.46
C ASN H 109 -78.12 106.91 -35.90
N LEU H 110 -78.09 107.90 -36.78
CA LEU H 110 -77.85 107.71 -38.21
C LEU H 110 -76.55 108.40 -38.60
N GLU H 111 -75.68 107.69 -39.29
CA GLU H 111 -74.39 108.20 -39.73
C GLU H 111 -73.56 108.75 -38.57
N1 CFF I . -8.62 20.33 61.71
C2 CFF I . -9.52 19.27 61.61
C10 CFF I . -8.92 21.38 62.69
C6 CFF I . -7.46 20.51 60.97
N3 CFF I . -9.24 18.29 60.69
O11 CFF I . -10.51 19.21 62.32
C12 CFF I . -10.11 17.14 60.52
C4 CFF I . -8.12 18.39 59.93
C5 CFF I . -7.25 19.45 60.05
N9 CFF I . -7.72 17.52 58.99
O13 CFF I . -6.75 21.48 61.13
N7 CFF I . -6.26 19.20 59.12
C8 CFF I . -6.60 18.04 58.54
C14 CFF I . -5.11 20.00 58.83
CA CA J . -23.84 13.50 48.13
C17 117 K . 24.70 47.37 60.88
C12 117 K . 23.79 48.36 61.27
C13 117 K . 23.81 48.87 62.56
C14 117 K . 24.75 48.40 63.46
C15 117 K . 25.68 47.42 63.09
C16 117 K . 25.65 46.90 61.80
C83 117 K . 20.50 45.29 61.53
C82 117 K . 21.25 46.22 60.81
C81 117 K . 20.80 47.54 60.69
C86 117 K . 19.60 47.93 61.30
C85 117 K . 18.84 46.99 62.01
C84 117 K . 19.30 45.68 62.13
F1 117 K . 18.59 44.79 62.82
C8 117 K . 21.63 48.53 59.98
C19 117 K . 26.46 51.84 59.32
C20 117 K . 27.65 51.18 59.64
C21 117 K . 28.69 51.90 60.24
C22 117 K . 28.57 53.27 60.47
C23 117 K . 27.40 53.93 60.11
C24 117 K . 26.34 53.22 59.54
O1B 117 K . 14.39 45.21 54.86
O1A 117 K . 15.76 43.64 54.25
O3 117 K . 18.34 43.94 54.97
C1 117 K . 15.52 44.65 54.91
C2 117 K . 16.51 45.31 55.83
C3 117 K . 17.91 45.29 55.20
C4 117 K . 18.99 45.89 56.10
C5 117 K . 18.81 47.32 56.60
C6 117 K . 20.09 47.72 57.33
C7 117 K . 19.98 49.01 58.13
N1 117 K . 21.23 49.27 58.86
C10 117 K . 22.93 48.93 60.26
C11 117 K . 23.21 50.08 59.48
C18 117 K . 24.28 51.03 59.79
N2 117 K . 25.34 51.09 58.91
O18 117 K . 24.21 51.66 60.85
C9 117 K . 22.22 50.18 58.50
C91 117 K . 22.13 51.11 57.32
C93 117 K . 23.03 50.64 56.18
C92 117 K . 22.41 52.57 57.70
O5 117 K . 18.59 48.25 55.55
C17 117 L . 17.50 47.79 64.71
C12 117 L . 16.12 47.76 64.51
C13 117 L . 15.27 48.59 65.26
C14 117 L . 15.82 49.46 66.20
C15 117 L . 17.20 49.51 66.38
C16 117 L . 18.03 48.67 65.64
C83 117 L . 16.55 42.91 65.87
C82 117 L . 16.37 43.70 64.73
C81 117 L . 15.47 44.77 64.75
C86 117 L . 14.76 45.05 65.93
C85 117 L . 14.95 44.26 67.07
C84 117 L . 15.84 43.20 67.03
F1 117 L . 16.03 42.45 68.12
C8 117 L . 15.28 45.62 63.56
C19 117 L . 15.82 51.10 61.91
C20 117 L . 15.78 51.98 63.02
C21 117 L . 15.62 53.35 62.81
C22 117 L . 15.57 53.85 61.51
C23 117 L . 15.65 52.99 60.42
C24 117 L . 15.77 51.61 60.62
O1B 117 L . 15.47 37.25 60.68
O1A 117 L . 16.61 37.46 58.86
O3 117 L . 12.52 39.85 59.25
C1 117 L . 15.60 37.68 59.52
C2 117 L . 14.41 38.40 58.95
C3 117 L . 13.71 39.39 59.89
C4 117 L . 14.60 40.60 60.28
C5 117 L . 13.87 41.64 61.15
C6 117 L . 14.77 42.83 61.49
C7 117 L . 13.98 43.93 62.22
N1 117 L . 14.69 45.19 62.38
C10 117 L . 15.56 46.97 63.42
C11 117 L . 15.15 47.40 62.10
C18 117 L . 15.15 48.76 61.52
N2 117 L . 15.90 49.72 62.19
O18 117 L . 14.46 49.04 60.54
C9 117 L . 14.69 46.24 61.45
C91 117 L . 14.20 46.03 60.03
C93 117 L . 15.18 46.55 58.98
C92 117 L . 12.77 46.54 59.83
O5 117 L . 12.72 42.13 60.45
C17 117 M . 13.80 35.66 69.56
C12 117 M . 13.51 36.04 68.25
C13 117 M . 12.19 35.99 67.80
C14 117 M . 11.17 35.56 68.67
C15 117 M . 11.48 35.16 69.97
C16 117 M . 12.80 35.20 70.41
C83 117 M . 15.92 32.20 68.15
C82 117 M . 15.49 33.40 67.60
C81 117 M . 16.22 34.58 67.80
C86 117 M . 17.35 34.56 68.63
C85 117 M . 17.79 33.35 69.17
C84 117 M . 17.07 32.18 68.92
F1 117 M . 17.52 31.02 69.42
C8 117 M . 15.78 35.82 67.15
C19 117 M . 12.15 40.09 65.22
C20 117 M . 12.26 41.26 65.98
C21 117 M . 11.48 42.38 65.70
C22 117 M . 10.56 42.33 64.66
C23 117 M . 10.43 41.17 63.89
C24 117 M . 11.24 40.06 64.16
O1B 117 M . 16.06 33.98 61.19
O1A 117 M . 17.58 32.96 60.05
O3 117 M . 14.84 32.92 63.15
C1 117 M . 16.83 33.02 61.02
C2 117 M . 16.68 31.86 61.99
C3 117 M . 16.04 32.16 63.34
C4 117 M . 16.95 32.82 64.36
C5 117 M . 17.29 34.31 64.20
C6 117 M . 18.17 34.78 65.36
C7 117 M . 17.89 36.22 65.80
N1 117 M . 16.53 36.55 66.23
C10 117 M . 14.58 36.48 67.34
C11 117 M . 14.62 37.68 66.56
C18 117 M . 13.62 38.73 66.64
N2 117 M . 12.96 38.97 65.46
O18 117 M . 13.38 39.28 67.71
C9 117 M . 15.85 37.72 65.87
C91 117 M . 16.48 38.86 65.08
C93 117 M . 16.98 39.95 66.03
C92 117 M . 15.60 39.45 63.98
O5 117 M . 18.04 34.48 63.01
ZN ZN N . 2.88 26.94 37.79
N1 CFF O . 43.68 -20.29 44.46
C2 CFF O . 43.66 -21.36 43.55
C10 CFF O . 44.07 -20.58 45.83
C6 CFF O . 43.38 -18.96 44.17
N3 CFF O . 43.28 -21.07 42.26
O11 CFF O . 43.93 -22.49 43.90
C12 CFF O . 43.23 -22.12 41.25
C4 CFF O . 42.98 -19.79 41.91
C5 CFF O . 43.02 -18.76 42.82
N9 CFF O . 42.61 -19.38 40.69
O13 CFF O . 43.44 -18.11 45.05
N7 CFF O . 42.65 -17.65 42.10
C8 CFF O . 42.42 -18.08 40.85
C14 CFF O . 42.53 -16.29 42.58
CA CA P . 28.86 -32.30 34.51
C17 117 Q . 45.37 17.48 64.78
C12 117 Q . 45.04 16.75 65.95
C13 117 Q . 46.00 16.54 66.93
C14 117 Q . 47.28 17.05 66.75
C15 117 Q . 47.61 17.77 65.62
C16 117 Q . 46.66 17.98 64.62
C83 117 Q . 45.17 12.88 63.66
C82 117 Q . 44.48 14.00 64.12
C81 117 Q . 43.77 13.95 65.31
C86 117 Q . 43.75 12.75 66.05
C85 117 Q . 44.42 11.62 65.57
C84 117 Q . 45.13 11.70 64.38
F1 117 Q . 45.80 10.62 63.94
C8 117 Q . 43.10 15.15 65.84
C19 117 Q . 43.08 20.63 68.00
C20 117 Q . 44.01 21.49 67.40
C21 117 Q . 44.65 22.47 68.17
C22 117 Q . 44.34 22.61 69.53
C23 117 Q . 43.38 21.78 70.12
C24 117 Q . 42.76 20.79 69.35
O1B 117 Q . 37.25 9.05 61.57
O1A 117 Q . 37.74 10.11 59.75
O3 117 Q . 39.16 12.37 60.02
C1 117 Q . 37.87 9.94 60.96
C2 117 Q . 38.80 10.77 61.82
C3 117 Q . 38.75 12.24 61.38
C4 117 Q . 39.70 13.15 62.16
C5 117 Q . 39.59 13.18 63.69
C6 117 Q . 40.53 14.27 64.20
C7 117 Q . 40.75 14.25 65.71
N1 117 Q . 41.73 15.28 66.09
C10 117 Q . 43.66 16.38 66.16
C11 117 Q . 42.68 17.14 66.85
C18 117 Q . 43.01 18.28 67.71
N2 117 Q . 42.59 19.53 67.29
O18 117 Q . 43.69 18.07 68.72
C9 117 Q . 41.45 16.51 66.66
C91 117 Q . 40.07 16.98 67.04
C93 117 Q . 39.56 18.03 66.04
C92 117 Q . 40.00 17.50 68.48
O5 117 Q . 38.27 13.50 64.12
C17 117 R . 46.01 9.81 67.55
C12 117 R . 45.37 8.58 67.60
C13 117 R . 45.44 7.79 68.76
C14 117 R . 46.15 8.24 69.87
C15 117 R . 46.78 9.48 69.83
C16 117 R . 46.72 10.27 68.67
C83 117 R . 48.38 7.42 63.70
C82 117 R . 47.05 7.76 63.98
C81 117 R . 46.38 7.18 65.07
C86 117 R . 47.07 6.27 65.88
C85 117 R . 48.39 5.93 65.61
C84 117 R . 49.04 6.52 64.52
F1 117 R . 50.31 6.20 64.26
C8 117 R . 44.99 7.55 65.38
C19 117 R . 41.85 9.83 69.62
C20 117 R . 42.50 9.71 70.86
C21 117 R . 41.79 9.96 72.03
C22 117 R . 40.47 10.39 71.97
C23 117 R . 39.85 10.56 70.74
C24 117 R . 40.54 10.27 69.57
O1B 117 R . 45.44 6.49 56.59
O1A 117 R . 44.17 8.11 55.92
O3 117 R . 42.25 4.78 58.71
C1 117 R . 44.31 7.05 56.50
C2 117 R . 43.15 6.27 57.07
C3 117 R . 43.39 5.61 58.42
C4 117 R . 43.62 6.62 59.57
C5 117 R . 43.76 5.94 60.95
C6 117 R . 43.96 6.97 62.07
C7 117 R . 43.95 6.30 63.45
N1 117 R . 43.90 7.22 64.58
C10 117 R . 44.50 8.18 66.50
C11 117 R . 43.06 8.27 66.41
C18 117 R . 42.08 8.76 67.41
N2 117 R . 42.59 9.50 68.47
O18 117 R . 40.90 8.47 67.35
C9 117 R . 42.73 7.74 65.15
C91 117 R . 41.39 7.63 64.44
C93 117 R . 40.65 8.96 64.37
C92 117 R . 40.54 6.48 64.99
O5 117 R . 42.58 5.19 61.24
C17 117 S . 53.12 2.08 58.94
C12 117 S . 51.75 2.27 58.79
C13 117 S . 50.91 1.15 58.72
C14 117 S . 51.45 -0.14 58.79
C15 117 S . 52.83 -0.31 58.92
C16 117 S . 53.66 0.79 58.99
C83 117 S . 53.83 3.60 54.99
C82 117 S . 52.79 3.65 55.91
C81 117 S . 52.81 4.55 56.97
C86 117 S . 53.94 5.36 57.16
C85 117 S . 54.98 5.33 56.24
C84 117 S . 54.91 4.46 55.15
F1 117 S . 55.90 4.45 54.25
C8 117 S . 51.66 4.63 57.89
C19 117 S . 47.24 2.82 61.40
C20 117 S . 47.53 3.02 62.75
C21 117 S . 46.63 2.64 63.74
C22 117 S . 45.42 2.06 63.38
C23 117 S . 45.10 1.87 62.04
C24 117 S . 46.00 2.28 61.04
O1B 117 S . 47.21 6.10 53.77
O1A 117 S . 47.11 7.59 52.20
O3 117 S . 48.85 4.17 53.74
C1 117 S . 47.67 6.64 52.74
C2 117 S . 48.85 5.94 52.10
C3 117 S . 49.70 5.04 52.99
C4 117 S . 50.68 5.77 53.89
C5 117 S . 50.14 6.48 55.15
C6 117 S . 51.30 7.10 55.94
C7 117 S . 51.10 7.06 57.46
N1 117 S . 50.87 5.76 58.09
C10 117 S . 51.18 3.62 58.70
C11 117 S . 50.10 4.16 59.47
C18 117 S . 49.46 3.47 60.57
N2 117 S . 48.11 3.24 60.38
O18 117 S . 50.12 3.08 61.53
C9 117 S . 49.92 5.50 59.09
C91 117 S . 49.06 6.59 59.72
C93 117 S . 49.69 7.06 61.03
C92 117 S . 47.59 6.22 59.91
O5 117 S . 49.31 7.55 54.74
ZN ZN T . 24.63 -1.33 39.42
N1 CFF U . 61.05 23.25 -5.42
C2 CFF U . 60.61 23.21 -6.75
C10 CFF U . 62.47 23.15 -5.17
C6 CFF U . 60.23 23.37 -4.29
N3 CFF U . 59.27 23.31 -6.97
O11 CFF U . 61.41 23.10 -7.66
C12 CFF U . 58.72 23.27 -8.31
C4 CFF U . 58.41 23.42 -5.92
C5 CFF U . 58.86 23.46 -4.62
N9 CFF U . 57.07 23.53 -5.99
O13 CFF U . 60.73 23.38 -3.17
N7 CFF U . 57.72 23.59 -3.86
C8 CFF U . 56.70 23.62 -4.72
C14 CFF U . 57.63 23.67 -2.42
CA CA V . 51.31 9.33 -18.62
C17 117 W . 66.32 28.32 36.87
C12 117 W . 67.46 27.52 36.73
C13 117 W . 68.74 28.08 36.82
C14 117 W . 68.86 29.44 37.08
C15 117 W . 67.73 30.25 37.23
C16 117 W . 66.46 29.69 37.11
C83 117 W . 66.86 27.34 32.27
C82 117 W . 66.63 26.84 33.55
C81 117 W . 67.44 25.82 34.08
C86 117 W . 68.48 25.32 33.29
C85 117 W . 68.70 25.80 32.00
C84 117 W . 67.88 26.81 31.51
F1 117 W . 68.10 27.29 30.27
C8 117 W . 67.24 25.35 35.46
C19 117 W . 67.23 26.07 41.30
C20 117 W . 66.74 27.30 41.74
C21 117 W . 67.30 27.91 42.86
C22 117 W . 68.32 27.28 43.58
C23 117 W . 68.78 26.02 43.18
C24 117 W . 68.24 25.43 42.03
O1B 117 W . 63.58 19.63 28.87
O1A 117 W . 61.80 20.84 29.03
O3 117 W . 61.75 22.64 31.03
C1 117 W . 62.96 20.59 29.36
C2 117 W . 63.74 21.41 30.36
C3 117 W . 62.84 21.84 31.52
C4 117 W . 63.54 22.74 32.54
C5 117 W . 64.82 22.21 33.20
C6 117 W . 65.22 23.21 34.29
C7 117 W . 66.61 22.98 34.86
N1 117 W . 66.94 24.04 35.83
C10 117 W . 67.29 26.08 36.64
C11 117 W . 67.29 25.16 37.72
C18 117 W . 67.77 25.51 39.06
N2 117 W . 66.82 25.54 40.07
O18 117 W . 68.96 25.80 39.21
C9 117 W . 66.91 23.92 37.21
C91 117 W . 66.59 22.64 37.96
C93 117 W . 65.18 22.71 38.56
C92 117 W . 67.65 22.31 39.01
O5 117 W . 64.62 20.95 33.82
C17 117 X . 71.61 26.29 30.98
C12 117 X . 71.84 25.37 29.95
C13 117 X . 73.14 24.93 29.69
C14 117 X . 74.20 25.38 30.48
C15 117 X . 73.95 26.28 31.52
C16 117 X . 72.67 26.74 31.77
C83 117 X . 69.90 28.97 26.98
C82 117 X . 69.56 27.74 27.55
C81 117 X . 70.47 26.69 27.54
C86 117 X . 71.74 26.87 26.96
C85 117 X . 72.08 28.10 26.39
C84 117 X . 71.16 29.14 26.41
F1 117 X . 71.49 30.32 25.87
C8 117 X . 70.12 25.40 28.15
C19 117 X . 71.93 21.85 32.31
C20 117 X . 73.28 22.07 32.63
C21 117 X . 73.97 21.14 33.41
C22 117 X . 73.30 20.04 33.93
C23 117 X . 71.95 19.84 33.66
C24 117 X . 71.27 20.74 32.84
O1B 117 X . 63.00 28.00 23.59
O1A 117 X . 61.41 27.41 24.92
O3 117 X . 64.31 24.03 23.27
C1 117 X . 62.34 27.12 24.18
C2 117 X . 62.69 25.69 23.84
C3 117 X . 64.18 25.37 23.77
C4 117 X . 64.91 25.51 25.11
C5 117 X . 66.40 25.09 25.05
C6 117 X . 67.09 25.22 26.41
C7 117 X . 68.51 24.66 26.36
N1 117 X . 69.16 24.52 27.67
C10 117 X . 70.72 24.77 29.25
C11 117 X . 70.10 23.48 29.46
C18 117 X . 70.47 22.42 30.42
N2 117 X . 71.31 22.78 31.45
O18 117 X . 70.09 21.26 30.26
C9 117 X . 69.07 23.40 28.50
C91 117 X . 68.02 22.33 28.26
C93 117 X . 67.23 21.98 29.54
C92 117 X . 68.59 21.11 27.55
O5 117 X . 66.50 23.73 24.63
C17 117 Y . 69.27 33.42 19.65
C12 117 Y . 68.58 32.22 19.92
C13 117 Y . 68.62 31.19 18.97
C14 117 Y . 69.32 31.36 17.78
C15 117 Y . 69.97 32.56 17.52
C16 117 Y . 69.95 33.59 18.44
C83 117 Y . 65.56 35.54 19.35
C82 117 Y . 65.97 34.33 19.88
C81 117 Y . 66.59 34.27 21.13
C86 117 Y . 66.87 35.46 21.82
C85 117 Y . 66.44 36.68 21.29
C84 117 Y . 65.78 36.71 20.06
F1 117 Y . 65.35 37.87 19.58
C8 117 Y . 66.96 32.97 21.70
C19 117 Y . 69.08 27.43 22.01
C20 117 Y . 70.30 27.39 22.69
C21 117 Y . 70.97 26.18 22.85
C22 117 Y . 70.43 25.02 22.32
C23 117 Y . 69.21 25.05 21.64
C24 117 Y . 68.52 26.27 21.50
O1B 117 Y . 61.30 30.33 21.88
O1A 117 Y . 59.39 31.05 22.61
O3 117 Y . 62.52 31.40 19.93
C1 117 Y . 60.38 31.18 21.89
C2 117 Y . 60.47 32.29 20.87
C3 117 Y . 61.86 32.61 20.32
C4 117 Y . 62.75 33.45 21.23
C5 117 Y . 63.40 32.78 22.45
C6 117 Y . 64.28 33.77 23.20
C7 117 Y . 65.55 33.15 23.80
N1 117 Y . 66.47 32.46 22.90
C10 117 Y . 67.84 32.04 21.18
C11 117 Y . 67.94 30.96 22.11
C18 117 Y . 68.91 29.89 22.00
N2 117 Y . 68.36 28.63 21.87
O18 117 Y . 70.12 30.15 21.95
C9 117 Y . 67.09 31.23 23.18
C91 117 Y . 66.97 30.52 24.52
C93 117 Y . 68.17 30.84 25.41
C92 117 Y . 66.73 29.02 24.44
O5 117 Y . 62.39 32.38 23.35
ZN ZN Z . 43.44 11.56 11.94
N1 CFF AA . 8.73 63.87 11.84
C2 CFF AA . 7.44 63.84 11.31
C10 CFF AA . 9.49 65.10 11.69
C6 CFF AA . 9.39 62.84 12.50
N3 CFF AA . 6.73 62.66 11.46
O11 CFF AA . 6.95 64.80 10.75
C12 CFF AA . 5.38 62.53 10.96
C4 CFF AA . 7.32 61.61 12.10
C5 CFF AA . 8.59 61.67 12.61
N9 CFF AA . 6.75 60.41 12.31
O13 CFF AA . 10.52 62.99 12.92
N7 CFF AA . 8.81 60.44 13.16
C8 CFF AA . 7.68 59.73 12.96
C14 CFF AA . 9.99 59.96 13.83
CA CA BA . -1.40 55.14 -5.01
C17 117 CA . 45.66 58.21 32.98
C12 117 CA . 46.21 59.12 32.06
C13 117 CA . 46.54 60.41 32.46
C14 117 CA . 46.33 60.78 33.78
C15 117 CA . 45.80 59.89 34.70
C16 117 CA . 45.45 58.60 34.30
C83 117 CA . 42.18 59.75 30.16
C82 117 CA . 43.39 59.06 30.26
C81 117 CA . 44.48 59.42 29.44
C86 117 CA . 44.34 60.49 28.55
C85 117 CA . 43.12 61.17 28.44
C84 117 CA . 42.05 60.79 29.25
F1 117 CA . 40.89 61.45 29.16
C8 117 CA . 45.77 58.73 29.61
C19 117 CA . 50.61 57.28 32.62
C20 117 CA . 50.38 56.99 33.98
C21 117 CA . 51.35 57.35 34.92
C22 117 CA . 52.55 57.94 34.52
C23 117 CA . 52.80 58.17 33.17
C24 117 CA . 51.82 57.85 32.22
O1B 117 CA . 40.72 55.78 22.16
O1A 117 CA . 39.82 54.38 23.54
O3 117 CA . 40.92 54.21 25.99
C1 117 CA . 40.60 55.30 23.31
C2 117 CA . 41.45 55.95 24.37
C3 117 CA . 41.99 54.89 25.34
C4 117 CA . 42.83 55.48 26.47
C5 117 CA . 44.04 56.35 26.12
C6 117 CA . 44.78 56.66 27.42
C7 117 CA . 45.84 57.75 27.28
N1 117 CA . 46.44 58.04 28.60
C10 117 CA . 46.57 58.63 30.74
C11 117 CA . 47.82 58.11 30.35
C18 117 CA . 49.04 58.26 31.14
N2 117 CA . 49.58 57.10 31.69
O18 117 CA . 49.48 59.40 31.33
C9 117 CA . 47.68 57.59 29.06
C91 117 CA . 48.65 56.77 28.24
C93 117 CA . 48.66 55.32 28.70
C92 117 CA . 50.05 57.38 28.24
O5 117 CA . 44.94 55.69 25.24
C17 117 DA . 43.08 64.27 28.13
C12 117 DA . 42.59 64.55 26.86
C13 117 DA . 42.98 65.73 26.20
C14 117 DA . 43.87 66.60 26.81
C15 117 DA . 44.38 66.31 28.07
C16 117 DA . 43.99 65.14 28.73
C83 117 DA . 38.08 64.45 29.13
C82 117 DA . 38.88 63.68 28.30
C81 117 DA . 39.55 64.27 27.23
C86 117 DA . 39.43 65.66 27.01
C85 117 DA . 38.63 66.43 27.86
C84 117 DA . 37.97 65.82 28.91
F1 117 DA . 37.21 66.57 29.73
C8 117 DA . 40.41 63.46 26.35
C19 117 DA . 45.89 63.12 24.61
C20 117 DA . 46.57 64.34 24.78
C21 117 DA . 47.81 64.53 24.18
C22 117 DA . 48.41 63.50 23.46
C23 117 DA . 47.76 62.27 23.34
C24 117 DA . 46.50 62.08 23.90
O1B 117 DA . 33.04 58.75 27.68
O1A 117 DA . 33.84 56.76 27.87
O3 117 DA . 34.59 59.10 23.80
C1 117 DA . 33.62 57.75 27.20
C2 117 DA . 33.94 57.83 25.73
C3 117 DA . 34.51 59.15 25.22
C4 117 DA . 35.89 59.50 25.82
C5 117 DA . 36.50 60.79 25.25
C6 117 DA . 37.88 61.08 25.83
C7 117 DA . 38.54 62.28 25.14
N1 117 DA . 39.95 62.49 25.47
C10 117 DA . 41.78 63.57 26.16
C11 117 DA . 42.20 62.61 25.14
C18 117 DA . 43.53 62.42 24.53
N2 117 DA . 44.60 63.00 25.18
O18 117 DA . 43.66 61.84 23.45
C9 117 DA . 41.02 61.90 24.81
C91 117 DA . 40.82 60.73 23.85
C93 117 DA . 41.78 59.56 24.14
C92 117 DA . 40.82 61.17 22.39
O5 117 DA . 36.64 60.67 23.83
C17 117 EA . 29.94 66.98 30.28
C12 117 EA . 30.35 65.98 29.38
C13 117 EA . 29.89 66.03 28.06
C14 117 EA . 29.03 67.06 27.64
C15 117 EA . 28.62 68.04 28.55
C16 117 EA . 29.07 68.00 29.87
C83 117 EA . 27.64 64.15 32.50
C82 117 EA . 28.67 64.09 31.57
C81 117 EA . 30.00 64.30 31.96
C86 117 EA . 30.28 64.65 33.29
C85 117 EA . 29.26 64.70 34.22
C84 117 EA . 27.94 64.44 33.83
F1 117 EA . 26.97 64.45 34.74
C8 117 EA . 31.07 64.16 30.97
C19 117 EA . 33.99 64.70 25.83
C20 117 EA . 35.03 65.63 25.91
C21 117 EA . 35.83 65.92 24.81
C22 117 EA . 35.57 65.29 23.60
C23 117 EA . 34.54 64.35 23.50
C24 117 EA . 33.76 64.05 24.62
O1B 117 EA . 30.15 58.21 29.31
O1A 117 EA . 29.87 56.41 30.46
O3 117 EA . 28.51 60.15 29.33
C1 117 EA . 29.55 57.57 30.18
C2 117 EA . 28.31 58.20 30.76
C3 117 EA . 28.20 59.73 30.67
C4 117 EA . 29.02 60.50 31.70
C5 117 EA . 30.54 60.60 31.51
C6 117 EA . 31.16 61.46 32.61
C7 117 EA . 32.34 62.31 32.15
N1 117 EA . 32.12 63.25 31.05
C10 117 EA . 31.25 64.90 29.81
C11 117 EA . 32.46 64.48 29.20
C18 117 EA . 33.07 65.15 28.07
N2 117 EA . 33.20 64.36 26.95
O18 117 EA . 33.37 66.34 28.15
C9 117 EA . 33.00 63.45 29.98
C91 117 EA . 34.38 62.78 29.89
C93 117 EA . 35.46 63.74 30.40
C92 117 EA . 34.74 62.23 28.51
O5 117 EA . 31.10 59.31 31.63
ZN ZN FA . 21.68 39.83 10.31
#